data_2Q4E
#
_entry.id   2Q4E
#
_cell.length_a   58.197
_cell.length_b   107.663
_cell.length_c   129.748
_cell.angle_alpha   90.000
_cell.angle_beta   90.000
_cell.angle_gamma   90.000
#
_symmetry.space_group_name_H-M   'P 21 21 21'
#
loop_
_entity.id
_entity.type
_entity.pdbx_description
1 polymer 'Probable oxidoreductase At4g09670'
2 water water
#
_entity_poly.entity_id   1
_entity_poly.type   'polypeptide(L)'
_entity_poly.pdbx_seq_one_letter_code
;SATETQIRIGV(MSE)GCADIARKVSRAIHLAPNATISGVASRSLEKAKAFATANNYPESTKIHGSYESLLEDPEIDALY
VPLPTSLHVEWAIKAAEKGKHILLEKPVA(MSE)NVTEFDKIVDACEANGVQI(MSE)DGT(MSE)WVHNPRTALLKEFL
SDSERFGQLKTVQSCFSFAGDEDFLKNDIRVKPGLDGLGALGDAGWYAIRATLLANNFELPKTVTAFPGAVLNEAGVILS
CGASLSWEDGRTATIYCSFLANLT(MSE)EITAIGTKGTLRVHDFIIPYKETEASFTTSTKAWFNDLVTAWVSPPSEHTV
KTELPQEAC(MSE)VREFARLVGEIKNNGAKPDGYWPSISRKTQLVVDAVKESVDKNYQQISLSGR
;
_entity_poly.pdbx_strand_id   A,B
#
# COMPACT_ATOMS: atom_id res chain seq x y z
N GLN A 6 23.80 23.41 -26.46
CA GLN A 6 25.09 24.02 -26.01
C GLN A 6 26.00 22.92 -25.48
N ILE A 7 25.51 22.17 -24.49
CA ILE A 7 26.27 21.07 -23.92
C ILE A 7 26.26 19.89 -24.90
N ARG A 8 27.44 19.55 -25.41
CA ARG A 8 27.58 18.46 -26.37
C ARG A 8 27.39 17.13 -25.65
N ILE A 9 26.33 16.42 -25.99
CA ILE A 9 26.02 15.16 -25.34
C ILE A 9 26.38 13.93 -26.17
N GLY A 10 27.04 12.98 -25.50
CA GLY A 10 27.43 11.75 -26.16
C GLY A 10 26.72 10.55 -25.54
N VAL A 11 26.05 9.77 -26.37
CA VAL A 11 25.34 8.59 -25.91
C VAL A 11 26.25 7.36 -25.93
N MSE A 12 26.68 6.91 -24.76
CA MSE A 12 27.55 5.75 -24.69
C MSE A 12 26.72 4.49 -24.44
O MSE A 12 26.35 4.19 -23.31
CB MSE A 12 28.59 5.93 -23.58
CG MSE A 12 29.65 4.85 -23.56
SE MSE A 12 31.18 5.43 -22.57
CE MSE A 12 32.12 6.35 -23.98
N GLY A 13 26.45 3.76 -25.52
CA GLY A 13 25.66 2.55 -25.42
C GLY A 13 24.40 2.65 -26.27
N CYS A 14 24.18 1.67 -27.13
CA CYS A 14 23.00 1.65 -27.97
C CYS A 14 21.85 0.92 -27.28
N ALA A 15 21.43 1.46 -26.15
CA ALA A 15 20.34 0.89 -25.36
C ALA A 15 18.98 1.36 -25.88
N ASP A 16 17.97 0.50 -25.78
CA ASP A 16 16.64 0.86 -26.25
C ASP A 16 16.10 2.11 -25.57
N ILE A 17 16.46 2.32 -24.30
CA ILE A 17 15.98 3.50 -23.57
C ILE A 17 16.66 4.77 -24.04
N ALA A 18 17.63 4.62 -24.94
CA ALA A 18 18.34 5.77 -25.47
C ALA A 18 17.45 6.45 -26.50
N ARG A 19 16.41 5.73 -26.94
CA ARG A 19 15.48 6.27 -27.92
C ARG A 19 14.61 7.35 -27.28
N LYS A 20 14.34 7.19 -25.99
CA LYS A 20 13.53 8.17 -25.26
C LYS A 20 14.39 9.34 -24.80
N VAL A 21 15.59 9.05 -24.32
CA VAL A 21 16.47 10.11 -23.84
C VAL A 21 16.97 11.03 -24.95
N SER A 22 17.18 10.50 -26.15
CA SER A 22 17.63 11.35 -27.26
C SER A 22 16.60 12.47 -27.40
N ARG A 23 15.33 12.11 -27.20
CA ARG A 23 14.23 13.07 -27.25
C ARG A 23 14.47 14.10 -26.13
N ALA A 24 14.75 13.61 -24.92
CA ALA A 24 15.02 14.49 -23.79
C ALA A 24 16.08 15.48 -24.25
N ILE A 25 17.27 14.96 -24.53
CA ILE A 25 18.37 15.78 -25.02
C ILE A 25 17.86 16.77 -26.07
N HIS A 26 17.27 16.23 -27.13
CA HIS A 26 16.74 17.04 -28.22
C HIS A 26 15.92 18.21 -27.67
N LEU A 27 14.76 17.89 -27.10
CA LEU A 27 13.83 18.87 -26.54
C LEU A 27 14.44 19.81 -25.51
N ALA A 28 15.58 19.44 -24.93
CA ALA A 28 16.24 20.30 -23.96
C ALA A 28 16.92 21.42 -24.76
N PRO A 29 16.35 22.63 -24.73
CA PRO A 29 16.87 23.81 -25.44
C PRO A 29 18.32 24.15 -25.14
N ASN A 30 18.87 23.57 -24.09
CA ASN A 30 20.25 23.84 -23.70
C ASN A 30 21.15 22.65 -23.96
N ALA A 31 20.67 21.68 -24.73
CA ALA A 31 21.46 20.50 -25.02
C ALA A 31 21.23 20.00 -26.44
N THR A 32 22.26 19.34 -26.96
CA THR A 32 22.22 18.78 -28.31
C THR A 32 22.91 17.42 -28.29
N ILE A 33 22.48 16.53 -29.16
CA ILE A 33 23.06 15.19 -29.24
C ILE A 33 24.28 15.26 -30.18
N SER A 34 25.46 15.35 -29.58
CA SER A 34 26.71 15.48 -30.34
C SER A 34 27.40 14.18 -30.72
N GLY A 35 27.56 13.28 -29.76
CA GLY A 35 28.23 12.02 -30.03
C GLY A 35 27.44 10.80 -29.61
N VAL A 36 27.90 9.62 -30.04
CA VAL A 36 27.24 8.35 -29.71
C VAL A 36 28.10 7.17 -30.17
N ALA A 37 28.24 6.17 -29.31
CA ALA A 37 29.05 5.01 -29.64
C ALA A 37 28.30 3.68 -29.53
N SER A 38 29.06 2.59 -29.60
CA SER A 38 28.52 1.24 -29.51
C SER A 38 29.67 0.25 -29.63
N ARG A 39 29.35 -1.03 -29.45
CA ARG A 39 30.36 -2.08 -29.58
C ARG A 39 30.76 -2.18 -31.05
N SER A 40 29.83 -1.83 -31.93
CA SER A 40 30.07 -1.85 -33.37
C SER A 40 29.44 -0.60 -33.98
N LEU A 41 30.21 0.20 -34.71
CA LEU A 41 29.66 1.42 -35.30
C LEU A 41 28.56 1.04 -36.27
N GLU A 42 28.48 -0.24 -36.58
CA GLU A 42 27.45 -0.77 -37.47
C GLU A 42 26.11 -0.48 -36.81
N LYS A 43 26.00 -0.85 -35.54
CA LYS A 43 24.80 -0.66 -34.75
C LYS A 43 24.57 0.82 -34.42
N ALA A 44 25.66 1.54 -34.15
CA ALA A 44 25.58 2.96 -33.84
C ALA A 44 25.04 3.73 -35.03
N LYS A 45 25.39 3.28 -36.23
CA LYS A 45 24.95 3.90 -37.46
C LYS A 45 23.45 3.71 -37.62
N ALA A 46 23.00 2.48 -37.37
CA ALA A 46 21.59 2.14 -37.48
C ALA A 46 20.78 2.87 -36.40
N PHE A 47 21.31 2.92 -35.18
CA PHE A 47 20.62 3.60 -34.10
C PHE A 47 20.47 5.08 -34.44
N ALA A 48 21.58 5.68 -34.89
CA ALA A 48 21.61 7.08 -35.27
C ALA A 48 20.67 7.38 -36.43
N THR A 49 20.42 6.38 -37.27
CA THR A 49 19.52 6.56 -38.41
C THR A 49 18.10 6.69 -37.89
N ALA A 50 17.54 5.56 -37.46
CA ALA A 50 16.18 5.51 -36.93
C ALA A 50 15.90 6.60 -35.91
N ASN A 51 16.86 6.87 -35.04
CA ASN A 51 16.68 7.88 -34.00
C ASN A 51 16.67 9.34 -34.47
N ASN A 52 16.75 9.55 -35.79
CA ASN A 52 16.71 10.91 -36.31
C ASN A 52 17.92 11.76 -35.86
N TYR A 53 19.03 11.10 -35.57
CA TYR A 53 20.23 11.81 -35.14
C TYR A 53 20.71 12.75 -36.25
N PRO A 54 21.02 14.00 -35.89
CA PRO A 54 21.50 14.97 -36.88
C PRO A 54 22.72 14.45 -37.63
N GLU A 55 23.19 15.22 -38.60
CA GLU A 55 24.33 14.81 -39.40
C GLU A 55 25.68 15.02 -38.72
N SER A 56 25.85 16.17 -38.05
CA SER A 56 27.11 16.46 -37.36
C SER A 56 27.43 15.42 -36.29
N THR A 57 26.39 14.77 -35.76
CA THR A 57 26.58 13.74 -34.74
C THR A 57 27.60 12.72 -35.18
N LYS A 58 28.67 12.56 -34.41
CA LYS A 58 29.71 11.61 -34.76
C LYS A 58 29.35 10.20 -34.27
N ILE A 59 29.65 9.22 -35.11
CA ILE A 59 29.37 7.82 -34.79
C ILE A 59 30.65 7.09 -34.44
N HIS A 60 30.67 6.45 -33.28
CA HIS A 60 31.85 5.71 -32.82
C HIS A 60 31.60 4.20 -32.72
N GLY A 61 32.67 3.43 -32.95
CA GLY A 61 32.57 1.99 -32.90
C GLY A 61 33.27 1.38 -31.69
N SER A 62 33.32 2.15 -30.60
CA SER A 62 33.95 1.69 -29.36
C SER A 62 33.67 2.70 -28.25
N TYR A 63 33.74 2.25 -27.01
CA TYR A 63 33.50 3.15 -25.89
C TYR A 63 34.75 3.99 -25.66
N GLU A 64 35.91 3.37 -25.83
CA GLU A 64 37.17 4.07 -25.66
C GLU A 64 37.24 5.24 -26.62
N SER A 65 36.81 4.99 -27.85
CA SER A 65 36.82 6.03 -28.87
C SER A 65 36.12 7.27 -28.35
N LEU A 66 34.85 7.10 -27.98
CA LEU A 66 34.03 8.18 -27.47
C LEU A 66 34.61 8.87 -26.24
N LEU A 67 35.21 8.12 -25.32
CA LEU A 67 35.78 8.71 -24.11
C LEU A 67 36.99 9.58 -24.42
N GLU A 68 37.69 9.25 -25.51
CA GLU A 68 38.86 10.01 -25.90
C GLU A 68 38.49 11.09 -26.91
N ASP A 69 37.21 11.15 -27.27
CA ASP A 69 36.73 12.15 -28.20
C ASP A 69 36.78 13.47 -27.46
N PRO A 70 37.78 14.32 -27.75
CA PRO A 70 37.91 15.61 -27.08
C PRO A 70 36.69 16.52 -27.16
N GLU A 71 35.83 16.28 -28.15
CA GLU A 71 34.63 17.09 -28.34
C GLU A 71 33.46 16.68 -27.43
N ILE A 72 33.71 15.79 -26.46
CA ILE A 72 32.64 15.34 -25.57
C ILE A 72 32.59 16.10 -24.24
N ASP A 73 31.65 17.03 -24.14
CA ASP A 73 31.47 17.81 -22.92
C ASP A 73 30.83 17.02 -21.78
N ALA A 74 29.93 16.10 -22.12
CA ALA A 74 29.26 15.28 -21.13
C ALA A 74 28.73 13.98 -21.74
N LEU A 75 28.33 13.03 -20.89
CA LEU A 75 27.84 11.74 -21.36
C LEU A 75 26.59 11.19 -20.62
N TYR A 76 25.80 10.41 -21.36
CA TYR A 76 24.63 9.72 -20.82
C TYR A 76 25.04 8.26 -20.96
N VAL A 77 25.02 7.51 -19.87
CA VAL A 77 25.44 6.12 -19.92
C VAL A 77 24.31 5.09 -19.72
N PRO A 78 23.69 4.63 -20.83
CA PRO A 78 22.60 3.64 -20.80
C PRO A 78 23.10 2.19 -20.74
N LEU A 79 24.27 1.97 -20.15
CA LEU A 79 24.81 0.62 -20.09
C LEU A 79 24.26 -0.21 -18.94
N PRO A 80 24.26 -1.55 -19.09
CA PRO A 80 23.76 -2.45 -18.05
C PRO A 80 24.45 -2.05 -16.75
N THR A 81 23.82 -2.38 -15.63
CA THR A 81 24.35 -2.04 -14.31
C THR A 81 25.81 -2.46 -14.13
N SER A 82 26.20 -3.57 -14.75
CA SER A 82 27.56 -4.09 -14.60
C SER A 82 28.70 -3.30 -15.26
N LEU A 83 28.39 -2.45 -16.25
CA LEU A 83 29.44 -1.68 -16.91
C LEU A 83 29.61 -0.25 -16.38
N HIS A 84 29.00 0.03 -15.23
CA HIS A 84 29.11 1.37 -14.67
C HIS A 84 30.42 1.58 -13.93
N VAL A 85 30.71 0.69 -12.97
CA VAL A 85 31.91 0.83 -12.18
C VAL A 85 33.17 0.99 -13.02
N GLU A 86 33.15 0.45 -14.25
CA GLU A 86 34.29 0.53 -15.16
C GLU A 86 34.23 1.70 -16.15
N TRP A 87 33.10 1.85 -16.83
CA TRP A 87 32.95 2.90 -17.83
C TRP A 87 32.63 4.27 -17.29
N ALA A 88 32.20 4.33 -16.03
CA ALA A 88 31.90 5.60 -15.40
C ALA A 88 33.23 6.22 -14.92
N ILE A 89 34.09 5.40 -14.33
CA ILE A 89 35.39 5.88 -13.87
C ILE A 89 36.19 6.38 -15.07
N LYS A 90 36.12 5.63 -16.18
CA LYS A 90 36.82 5.98 -17.41
C LYS A 90 36.22 7.18 -18.13
N ALA A 91 35.01 7.55 -17.77
CA ALA A 91 34.39 8.71 -18.41
C ALA A 91 34.87 9.99 -17.73
N ALA A 92 34.91 9.97 -16.41
CA ALA A 92 35.33 11.12 -15.63
C ALA A 92 36.84 11.40 -15.79
N GLU A 93 37.63 10.34 -15.79
CA GLU A 93 39.08 10.50 -15.94
C GLU A 93 39.40 11.24 -17.23
N LYS A 94 38.47 11.21 -18.18
CA LYS A 94 38.63 11.89 -19.46
C LYS A 94 37.88 13.23 -19.41
N GLY A 95 37.68 13.74 -18.20
CA GLY A 95 37.01 15.01 -17.99
C GLY A 95 35.59 15.16 -18.52
N LYS A 96 34.84 14.07 -18.56
CA LYS A 96 33.47 14.18 -19.06
C LYS A 96 32.44 13.95 -17.97
N HIS A 97 31.41 14.81 -17.97
CA HIS A 97 30.34 14.74 -16.98
C HIS A 97 29.39 13.60 -17.33
N ILE A 98 28.87 12.92 -16.32
CA ILE A 98 28.00 11.76 -16.55
C ILE A 98 26.56 11.82 -16.06
N LEU A 99 25.67 11.33 -16.93
CA LEU A 99 24.26 11.19 -16.61
C LEU A 99 24.20 9.66 -16.57
N LEU A 100 24.32 9.09 -15.36
CA LEU A 100 24.35 7.64 -15.18
C LEU A 100 23.00 6.98 -14.88
N GLU A 101 22.60 6.03 -15.74
CA GLU A 101 21.34 5.32 -15.56
C GLU A 101 21.41 4.52 -14.27
N LYS A 102 20.25 4.25 -13.66
CA LYS A 102 20.22 3.50 -12.41
C LYS A 102 19.61 2.13 -12.62
N PRO A 103 19.85 1.19 -11.68
CA PRO A 103 20.66 1.39 -10.48
C PRO A 103 22.06 1.84 -10.87
N VAL A 104 22.60 2.82 -10.15
CA VAL A 104 23.92 3.36 -10.47
C VAL A 104 25.07 2.35 -10.48
N ALA A 105 24.99 1.32 -9.66
CA ALA A 105 26.04 0.33 -9.61
C ALA A 105 25.56 -0.89 -8.83
N MSE A 106 26.37 -1.94 -8.82
CA MSE A 106 26.02 -3.17 -8.12
C MSE A 106 26.10 -3.00 -6.60
O MSE A 106 25.80 -3.93 -5.86
CB MSE A 106 26.94 -4.31 -8.56
CG MSE A 106 26.82 -4.69 -10.03
SE MSE A 106 25.06 -5.32 -10.49
CE MSE A 106 25.00 -6.85 -9.32
N ASN A 107 26.50 -1.81 -6.15
CA ASN A 107 26.59 -1.52 -4.72
C ASN A 107 27.20 -0.15 -4.48
N VAL A 108 26.91 0.43 -3.32
CA VAL A 108 27.42 1.75 -2.96
C VAL A 108 28.94 1.81 -3.07
N THR A 109 29.62 0.72 -2.69
CA THR A 109 31.07 0.64 -2.76
C THR A 109 31.54 1.05 -4.17
N GLU A 110 30.92 0.47 -5.19
CA GLU A 110 31.25 0.78 -6.58
C GLU A 110 30.83 2.20 -6.93
N PHE A 111 29.68 2.64 -6.43
CA PHE A 111 29.21 3.99 -6.73
C PHE A 111 30.18 5.02 -6.16
N ASP A 112 30.55 4.88 -4.89
CA ASP A 112 31.48 5.84 -4.29
C ASP A 112 32.73 5.96 -5.14
N LYS A 113 33.25 4.82 -5.60
CA LYS A 113 34.44 4.85 -6.44
C LYS A 113 34.19 5.73 -7.66
N ILE A 114 32.96 5.70 -8.17
CA ILE A 114 32.60 6.50 -9.34
C ILE A 114 32.38 7.94 -8.92
N VAL A 115 31.94 8.14 -7.68
CA VAL A 115 31.70 9.48 -7.17
C VAL A 115 33.05 10.14 -6.98
N ASP A 116 33.90 9.52 -6.17
CA ASP A 116 35.23 10.04 -5.92
C ASP A 116 35.97 10.35 -7.21
N ALA A 117 35.94 9.41 -8.16
CA ALA A 117 36.60 9.58 -9.44
C ALA A 117 36.07 10.82 -10.15
N CYS A 118 34.76 11.07 -10.06
CA CYS A 118 34.16 12.24 -10.68
C CYS A 118 34.60 13.49 -9.91
N GLU A 119 34.85 13.33 -8.62
CA GLU A 119 35.30 14.40 -7.74
C GLU A 119 36.74 14.77 -8.06
N ALA A 120 37.60 13.75 -8.10
CA ALA A 120 39.01 13.96 -8.39
C ALA A 120 39.17 14.75 -9.69
N ASN A 121 38.27 14.51 -10.62
CA ASN A 121 38.28 15.16 -11.94
C ASN A 121 37.30 16.33 -12.03
N GLY A 122 36.66 16.67 -10.91
CA GLY A 122 35.71 17.77 -10.90
C GLY A 122 34.60 17.73 -11.94
N VAL A 123 33.93 16.60 -12.11
CA VAL A 123 32.83 16.54 -13.07
C VAL A 123 31.49 16.31 -12.37
N GLN A 124 30.41 16.66 -13.06
CA GLN A 124 29.06 16.53 -12.53
C GLN A 124 28.41 15.21 -12.90
N ILE A 125 27.96 14.46 -11.90
CA ILE A 125 27.28 13.19 -12.17
C ILE A 125 25.83 13.23 -11.66
N MSE A 126 24.92 12.68 -12.45
CA MSE A 126 23.50 12.63 -12.11
C MSE A 126 22.89 11.30 -12.57
O MSE A 126 23.05 10.92 -13.73
CB MSE A 126 22.77 13.81 -12.77
CG MSE A 126 21.27 13.85 -12.51
SE MSE A 126 20.40 15.47 -13.14
CE MSE A 126 19.50 14.80 -14.69
N ASP A 127 22.20 10.60 -11.66
CA ASP A 127 21.58 9.32 -12.01
C ASP A 127 20.47 9.54 -13.00
N GLY A 128 19.93 8.45 -13.55
CA GLY A 128 18.86 8.56 -14.53
C GLY A 128 17.42 8.58 -14.05
N THR A 129 17.19 8.62 -12.73
CA THR A 129 15.82 8.66 -12.21
C THR A 129 15.18 9.94 -12.76
N MSE A 130 14.25 9.78 -13.69
CA MSE A 130 13.61 10.92 -14.33
C MSE A 130 12.54 11.68 -13.55
O MSE A 130 12.62 12.89 -13.42
CB MSE A 130 13.01 10.48 -15.67
CG MSE A 130 13.74 9.33 -16.31
SE MSE A 130 12.86 8.69 -17.89
CE MSE A 130 14.37 8.55 -19.11
N TRP A 131 11.54 10.95 -13.04
CA TRP A 131 10.40 11.55 -12.35
C TRP A 131 10.64 12.63 -11.30
N VAL A 132 11.79 12.61 -10.64
CA VAL A 132 12.07 13.61 -9.63
C VAL A 132 12.24 14.98 -10.28
N HIS A 133 12.33 15.00 -11.62
CA HIS A 133 12.47 16.27 -12.32
C HIS A 133 11.16 16.79 -12.90
N ASN A 134 10.11 15.98 -12.83
CA ASN A 134 8.81 16.41 -13.31
C ASN A 134 8.34 17.56 -12.41
N PRO A 135 7.73 18.60 -13.00
CA PRO A 135 7.23 19.75 -12.22
C PRO A 135 6.36 19.32 -11.02
N ARG A 136 5.50 18.33 -11.25
CA ARG A 136 4.61 17.81 -10.20
C ARG A 136 5.36 17.48 -8.93
N THR A 137 6.63 17.09 -9.07
CA THR A 137 7.44 16.73 -7.92
C THR A 137 7.82 17.92 -7.07
N ALA A 138 7.56 19.12 -7.58
CA ALA A 138 7.86 20.33 -6.84
C ALA A 138 6.65 20.65 -5.95
N LEU A 139 5.48 20.80 -6.58
CA LEU A 139 4.24 21.09 -5.88
C LEU A 139 3.70 19.78 -5.36
N LEU A 140 4.36 19.25 -4.33
CA LEU A 140 3.99 17.99 -3.71
C LEU A 140 5.12 17.68 -2.73
N LYS A 141 6.34 18.04 -3.12
CA LYS A 141 7.49 17.85 -2.26
C LYS A 141 7.21 18.91 -1.21
N GLU A 142 6.49 19.94 -1.63
CA GLU A 142 6.10 21.04 -0.77
C GLU A 142 4.78 20.72 -0.07
N PHE A 143 3.89 20.03 -0.78
CA PHE A 143 2.60 19.64 -0.22
C PHE A 143 2.81 18.80 1.03
N LEU A 144 3.97 18.17 1.13
CA LEU A 144 4.29 17.32 2.26
C LEU A 144 5.17 18.08 3.26
N SER A 145 5.46 19.34 2.96
CA SER A 145 6.27 20.17 3.84
C SER A 145 5.37 21.07 4.72
N ASP A 146 4.07 21.01 4.48
CA ASP A 146 3.11 21.81 5.23
C ASP A 146 2.77 21.10 6.55
N SER A 147 3.32 21.59 7.65
CA SER A 147 3.10 20.98 8.95
C SER A 147 1.64 21.13 9.42
N GLU A 148 0.82 21.77 8.58
CA GLU A 148 -0.58 21.97 8.90
C GLU A 148 -1.46 21.21 7.90
N ARG A 149 -1.31 21.54 6.62
CA ARG A 149 -2.09 20.89 5.57
C ARG A 149 -1.70 19.42 5.40
N PHE A 150 -0.56 19.03 5.96
CA PHE A 150 -0.10 17.65 5.86
C PHE A 150 0.31 17.09 7.21
N GLY A 151 0.94 17.94 8.02
CA GLY A 151 1.38 17.51 9.35
C GLY A 151 2.69 16.77 9.41
N GLN A 152 2.85 15.94 10.43
CA GLN A 152 4.06 15.14 10.63
C GLN A 152 3.94 13.78 9.96
N LEU A 153 4.89 13.48 9.07
CA LEU A 153 4.89 12.20 8.35
C LEU A 153 4.92 11.04 9.32
N LYS A 154 4.06 10.05 9.09
CA LYS A 154 4.03 8.89 9.96
C LYS A 154 4.63 7.69 9.23
N THR A 155 4.09 7.38 8.06
CA THR A 155 4.59 6.27 7.26
C THR A 155 4.43 6.58 5.78
N VAL A 156 5.13 5.82 4.95
CA VAL A 156 5.03 6.03 3.51
C VAL A 156 5.24 4.73 2.74
N GLN A 157 4.23 4.36 1.97
CA GLN A 157 4.27 3.16 1.15
C GLN A 157 4.70 3.52 -0.27
N SER A 158 5.16 2.52 -1.02
CA SER A 158 5.58 2.70 -2.40
C SER A 158 5.62 1.37 -3.14
N CYS A 159 4.88 1.29 -4.24
CA CYS A 159 4.83 0.07 -5.04
C CYS A 159 5.18 0.30 -6.50
N PHE A 160 5.48 -0.81 -7.19
CA PHE A 160 5.84 -0.78 -8.62
C PHE A 160 6.18 -2.19 -9.12
N SER A 161 5.47 -2.65 -10.15
CA SER A 161 5.72 -3.98 -10.70
C SER A 161 5.06 -4.16 -12.05
N PHE A 162 5.86 -4.37 -13.10
CA PHE A 162 5.24 -4.57 -14.40
C PHE A 162 5.20 -6.06 -14.61
N ALA A 163 4.59 -6.51 -15.70
CA ALA A 163 4.44 -7.94 -15.94
C ALA A 163 5.38 -8.50 -17.01
N GLY A 164 6.56 -8.95 -16.57
CA GLY A 164 7.50 -9.52 -17.50
C GLY A 164 6.92 -10.73 -18.20
N ASP A 165 6.72 -10.62 -19.51
CA ASP A 165 6.19 -11.75 -20.26
C ASP A 165 7.28 -12.83 -20.31
N GLU A 166 7.08 -13.83 -21.15
CA GLU A 166 8.05 -14.92 -21.26
C GLU A 166 9.41 -14.48 -21.80
N ASP A 167 9.40 -13.77 -22.92
CA ASP A 167 10.62 -13.29 -23.54
C ASP A 167 11.47 -12.46 -22.58
N PHE A 168 10.80 -11.61 -21.80
CA PHE A 168 11.47 -10.76 -20.82
C PHE A 168 12.14 -11.58 -19.70
N LEU A 169 11.33 -12.36 -18.99
CA LEU A 169 11.82 -13.18 -17.90
C LEU A 169 12.96 -14.10 -18.31
N LYS A 170 13.08 -14.31 -19.61
CA LYS A 170 14.11 -15.18 -20.13
C LYS A 170 15.30 -14.45 -20.75
N ASN A 171 15.04 -13.40 -21.53
CA ASN A 171 16.13 -12.70 -22.20
C ASN A 171 16.53 -11.29 -21.74
N ASP A 172 15.60 -10.52 -21.20
CA ASP A 172 15.95 -9.17 -20.76
C ASP A 172 17.19 -9.16 -19.85
N ILE A 173 17.96 -8.08 -19.88
CA ILE A 173 19.17 -8.01 -19.05
C ILE A 173 18.90 -7.87 -17.55
N ARG A 174 17.68 -7.47 -17.21
CA ARG A 174 17.30 -7.28 -15.82
C ARG A 174 17.01 -8.59 -15.06
N VAL A 175 17.37 -9.72 -15.64
CA VAL A 175 17.22 -11.02 -14.99
C VAL A 175 18.58 -11.71 -15.03
N LYS A 176 19.51 -11.11 -15.78
CA LYS A 176 20.87 -11.64 -15.91
C LYS A 176 21.76 -11.19 -14.75
N PRO A 177 22.25 -12.14 -13.95
CA PRO A 177 23.11 -11.82 -12.81
C PRO A 177 24.37 -11.05 -13.18
N GLY A 178 24.87 -11.27 -14.39
CA GLY A 178 26.07 -10.59 -14.85
C GLY A 178 25.86 -9.22 -15.44
N LEU A 179 24.62 -8.89 -15.82
CA LEU A 179 24.30 -7.60 -16.42
C LEU A 179 23.61 -6.70 -15.40
N ASP A 180 22.28 -6.68 -15.42
CA ASP A 180 21.54 -5.89 -14.44
C ASP A 180 21.12 -6.84 -13.32
N GLY A 181 22.12 -7.35 -12.62
CA GLY A 181 21.91 -8.30 -11.55
C GLY A 181 21.08 -7.93 -10.34
N LEU A 182 20.65 -6.67 -10.21
CA LEU A 182 19.84 -6.29 -9.05
C LEU A 182 18.37 -6.64 -9.27
N GLY A 183 18.05 -7.13 -10.47
CA GLY A 183 16.69 -7.51 -10.79
C GLY A 183 15.60 -6.48 -10.54
N ALA A 184 14.47 -6.95 -10.04
CA ALA A 184 13.33 -6.07 -9.76
C ALA A 184 13.72 -4.97 -8.78
N LEU A 185 14.57 -5.31 -7.82
CA LEU A 185 15.03 -4.36 -6.81
C LEU A 185 15.72 -3.17 -7.46
N GLY A 186 16.79 -3.45 -8.19
CA GLY A 186 17.52 -2.38 -8.85
C GLY A 186 16.72 -1.57 -9.86
N ASP A 187 15.94 -2.25 -10.70
CA ASP A 187 15.16 -1.55 -11.71
C ASP A 187 13.84 -0.95 -11.22
N ALA A 188 13.15 -1.64 -10.32
CA ALA A 188 11.88 -1.14 -9.82
C ALA A 188 11.91 -0.64 -8.37
N GLY A 189 12.46 -1.46 -7.49
CA GLY A 189 12.51 -1.07 -6.08
C GLY A 189 13.13 0.31 -5.93
N TRP A 190 14.11 0.59 -6.76
CA TRP A 190 14.83 1.85 -6.81
C TRP A 190 13.89 3.05 -6.73
N TYR A 191 12.89 3.08 -7.60
CA TYR A 191 11.94 4.17 -7.64
C TYR A 191 11.20 4.29 -6.31
N ALA A 192 10.66 3.17 -5.84
CA ALA A 192 9.94 3.15 -4.58
C ALA A 192 10.85 3.73 -3.51
N ILE A 193 12.04 3.15 -3.40
CA ILE A 193 13.03 3.61 -2.43
C ILE A 193 13.24 5.10 -2.55
N ARG A 194 13.34 5.58 -3.80
CA ARG A 194 13.55 6.99 -4.05
C ARG A 194 12.44 7.86 -3.47
N ALA A 195 11.18 7.48 -3.72
CA ALA A 195 10.04 8.25 -3.21
C ALA A 195 10.03 8.20 -1.69
N THR A 196 10.35 7.03 -1.14
CA THR A 196 10.41 6.84 0.29
C THR A 196 11.40 7.82 0.92
N LEU A 197 12.24 8.42 0.05
CA LEU A 197 13.21 9.39 0.51
C LEU A 197 12.69 10.80 0.29
N LEU A 198 12.04 11.02 -0.85
CA LEU A 198 11.49 12.34 -1.14
C LEU A 198 10.40 12.73 -0.13
N ALA A 199 9.66 11.74 0.36
CA ALA A 199 8.61 11.99 1.34
C ALA A 199 9.23 12.38 2.68
N ASN A 200 10.41 11.87 2.97
CA ASN A 200 11.11 12.15 4.22
C ASN A 200 12.20 13.22 4.09
N ASN A 201 12.06 14.09 3.09
CA ASN A 201 13.01 15.17 2.85
C ASN A 201 14.37 14.65 2.42
N PHE A 202 14.41 13.38 2.01
CA PHE A 202 15.62 12.72 1.54
C PHE A 202 16.62 12.42 2.66
N GLU A 203 16.12 11.90 3.77
CA GLU A 203 16.94 11.54 4.91
C GLU A 203 16.96 10.03 5.09
N LEU A 204 18.14 9.44 5.15
CA LEU A 204 18.23 7.99 5.33
C LEU A 204 17.42 7.54 6.55
N PRO A 205 16.72 6.41 6.42
CA PRO A 205 15.90 5.86 7.51
C PRO A 205 16.78 5.20 8.57
N LYS A 206 16.23 4.94 9.75
CA LYS A 206 17.01 4.31 10.81
C LYS A 206 17.52 2.95 10.39
N THR A 207 16.59 2.04 10.10
CA THR A 207 16.95 0.70 9.67
C THR A 207 16.13 0.36 8.44
N VAL A 208 16.25 -0.89 7.98
CA VAL A 208 15.54 -1.36 6.79
C VAL A 208 15.37 -2.87 6.91
N THR A 209 14.14 -3.34 6.78
CA THR A 209 13.85 -4.77 6.89
C THR A 209 12.99 -5.27 5.74
N ALA A 210 13.40 -6.37 5.11
CA ALA A 210 12.67 -6.95 3.99
C ALA A 210 11.59 -7.93 4.45
N PHE A 211 10.53 -8.06 3.66
CA PHE A 211 9.46 -8.99 4.01
C PHE A 211 9.85 -10.35 3.45
N PRO A 212 9.49 -11.43 4.16
CA PRO A 212 9.84 -12.75 3.64
C PRO A 212 8.99 -12.99 2.38
N GLY A 213 9.28 -14.06 1.65
CA GLY A 213 8.52 -14.35 0.44
C GLY A 213 9.05 -13.73 -0.84
N ALA A 214 10.34 -13.43 -0.88
CA ALA A 214 10.96 -12.85 -2.06
C ALA A 214 11.03 -13.93 -3.14
N VAL A 215 11.12 -13.51 -4.41
CA VAL A 215 11.19 -14.46 -5.52
C VAL A 215 12.42 -14.19 -6.39
N LEU A 216 13.33 -15.16 -6.41
CA LEU A 216 14.56 -15.06 -7.19
C LEU A 216 14.55 -16.15 -8.27
N ASN A 217 15.04 -15.82 -9.46
CA ASN A 217 15.09 -16.82 -10.52
C ASN A 217 16.17 -17.83 -10.17
N GLU A 218 16.36 -18.87 -10.99
CA GLU A 218 17.37 -19.88 -10.70
C GLU A 218 18.75 -19.28 -10.41
N ALA A 219 19.15 -18.30 -11.21
CA ALA A 219 20.44 -17.65 -11.04
C ALA A 219 20.45 -16.79 -9.78
N GLY A 220 19.32 -16.76 -9.09
CA GLY A 220 19.22 -15.99 -7.87
C GLY A 220 18.92 -14.50 -8.02
N VAL A 221 18.42 -14.10 -9.18
CA VAL A 221 18.07 -12.70 -9.41
C VAL A 221 16.65 -12.45 -8.92
N ILE A 222 16.48 -11.36 -8.18
CA ILE A 222 15.18 -11.00 -7.61
C ILE A 222 14.13 -10.67 -8.66
N LEU A 223 12.93 -11.20 -8.44
CA LEU A 223 11.79 -10.99 -9.33
C LEU A 223 10.69 -10.23 -8.58
N SER A 224 10.70 -10.35 -7.26
CA SER A 224 9.72 -9.65 -6.43
C SER A 224 10.13 -9.68 -4.96
N CYS A 225 9.96 -8.54 -4.29
CA CYS A 225 10.29 -8.43 -2.87
C CYS A 225 9.96 -7.01 -2.40
N GLY A 226 9.77 -6.86 -1.09
CA GLY A 226 9.47 -5.56 -0.51
C GLY A 226 10.24 -5.34 0.78
N ALA A 227 9.94 -4.26 1.51
CA ALA A 227 10.65 -4.01 2.77
C ALA A 227 10.12 -2.80 3.53
N SER A 228 10.29 -2.82 4.84
CA SER A 228 9.86 -1.70 5.69
C SER A 228 11.11 -0.97 6.16
N LEU A 229 11.06 0.36 6.16
CA LEU A 229 12.20 1.17 6.57
C LEU A 229 11.75 2.16 7.64
N SER A 230 11.90 1.79 8.90
CA SER A 230 11.46 2.65 10.00
C SER A 230 12.53 3.58 10.57
N TRP A 231 12.20 4.87 10.62
CA TRP A 231 13.11 5.87 11.16
C TRP A 231 13.10 5.79 12.69
N GLU A 232 12.54 4.69 13.21
CA GLU A 232 12.47 4.41 14.64
C GLU A 232 11.89 5.51 15.54
N ASP A 233 11.46 6.62 14.96
CA ASP A 233 10.89 7.71 15.76
C ASP A 233 9.41 7.90 15.52
N GLY A 234 8.74 6.82 15.11
CA GLY A 234 7.32 6.91 14.84
C GLY A 234 7.07 6.80 13.34
N ARG A 235 8.15 6.99 12.57
CA ARG A 235 8.08 6.90 11.11
C ARG A 235 8.51 5.52 10.60
N THR A 236 7.80 5.06 9.58
CA THR A 236 8.09 3.77 8.96
C THR A 236 7.74 3.93 7.49
N ALA A 237 7.96 2.89 6.70
CA ALA A 237 7.65 2.96 5.29
C ALA A 237 7.80 1.59 4.67
N THR A 238 7.31 1.44 3.46
CA THR A 238 7.42 0.17 2.76
C THR A 238 7.52 0.43 1.27
N ILE A 239 8.21 -0.46 0.57
CA ILE A 239 8.33 -0.34 -0.88
C ILE A 239 7.88 -1.68 -1.36
N TYR A 240 7.78 -1.84 -2.67
CA TYR A 240 7.36 -3.12 -3.23
C TYR A 240 7.61 -3.06 -4.72
N CYS A 241 8.35 -4.06 -5.21
CA CYS A 241 8.68 -4.15 -6.61
C CYS A 241 8.56 -5.59 -7.10
N SER A 242 8.25 -5.76 -8.39
CA SER A 242 8.10 -7.09 -8.99
C SER A 242 8.08 -7.02 -10.50
N PHE A 243 8.58 -8.08 -11.13
CA PHE A 243 8.60 -8.22 -12.59
C PHE A 243 7.47 -9.20 -12.96
N LEU A 244 6.72 -9.63 -11.95
CA LEU A 244 5.66 -10.62 -12.16
C LEU A 244 4.24 -10.11 -11.98
N ALA A 245 4.07 -8.83 -11.68
CA ALA A 245 2.72 -8.29 -11.48
C ALA A 245 2.37 -7.15 -12.43
N ASN A 246 1.08 -6.90 -12.60
CA ASN A 246 0.57 -5.87 -13.49
C ASN A 246 1.05 -4.46 -13.13
N LEU A 247 1.30 -3.67 -14.17
CA LEU A 247 1.77 -2.29 -14.04
C LEU A 247 1.01 -1.57 -12.93
N THR A 248 1.75 -1.03 -11.97
CA THR A 248 1.17 -0.32 -10.84
C THR A 248 2.29 0.59 -10.35
N MSE A 249 1.96 1.85 -10.08
CA MSE A 249 2.95 2.82 -9.61
C MSE A 249 2.31 3.71 -8.57
O MSE A 249 1.71 4.73 -8.90
CB MSE A 249 3.46 3.66 -10.79
CG MSE A 249 3.97 2.86 -11.97
SE MSE A 249 4.40 3.96 -13.53
CE MSE A 249 2.88 5.10 -13.50
N GLU A 250 2.45 3.33 -7.29
CA GLU A 250 1.85 4.11 -6.22
C GLU A 250 2.81 4.59 -5.15
N ILE A 251 2.45 5.72 -4.57
CA ILE A 251 3.21 6.31 -3.47
C ILE A 251 2.15 6.56 -2.40
N THR A 252 2.28 5.94 -1.23
CA THR A 252 1.34 6.20 -0.16
C THR A 252 2.10 6.92 0.94
N ALA A 253 1.65 8.12 1.30
CA ALA A 253 2.29 8.91 2.35
C ALA A 253 1.23 9.27 3.38
N ILE A 254 1.43 8.81 4.60
CA ILE A 254 0.47 9.09 5.67
C ILE A 254 1.06 10.06 6.70
N GLY A 255 0.56 11.28 6.70
CA GLY A 255 1.06 12.28 7.64
C GLY A 255 0.09 12.48 8.78
N THR A 256 0.50 13.30 9.74
CA THR A 256 -0.31 13.61 10.92
C THR A 256 -1.60 14.35 10.58
N LYS A 257 -1.56 15.22 9.57
CA LYS A 257 -2.75 15.99 9.21
C LYS A 257 -3.16 15.84 7.77
N GLY A 258 -2.32 15.17 6.98
CA GLY A 258 -2.63 14.97 5.58
C GLY A 258 -2.26 13.61 5.03
N THR A 259 -2.80 13.31 3.85
CA THR A 259 -2.55 12.05 3.18
C THR A 259 -2.25 12.35 1.72
N LEU A 260 -1.12 11.85 1.22
CA LEU A 260 -0.76 12.07 -0.17
C LEU A 260 -0.72 10.76 -0.93
N ARG A 261 -1.26 10.77 -2.15
CA ARG A 261 -1.26 9.57 -2.98
C ARG A 261 -0.94 9.86 -4.43
N VAL A 262 -0.16 8.98 -5.05
CA VAL A 262 0.19 9.14 -6.45
C VAL A 262 -0.02 7.81 -7.17
N HIS A 263 -0.96 7.79 -8.10
CA HIS A 263 -1.27 6.58 -8.86
C HIS A 263 -0.27 6.31 -9.97
N ASP A 264 0.52 7.33 -10.30
CA ASP A 264 1.57 7.20 -11.28
C ASP A 264 2.87 7.53 -10.56
N PHE A 265 3.50 8.64 -10.92
CA PHE A 265 4.74 9.09 -10.30
C PHE A 265 5.97 8.69 -11.10
N ILE A 266 5.98 7.49 -11.66
CA ILE A 266 7.08 7.06 -12.52
C ILE A 266 6.42 7.13 -13.90
N ILE A 267 6.85 8.04 -14.76
CA ILE A 267 6.18 8.13 -16.06
C ILE A 267 4.69 8.41 -15.86
N PRO A 268 4.25 9.67 -15.99
CA PRO A 268 2.84 9.96 -15.82
C PRO A 268 2.00 9.37 -16.95
N TYR A 269 0.68 9.52 -16.86
CA TYR A 269 -0.23 9.01 -17.87
C TYR A 269 0.01 9.69 -19.21
N LYS A 270 0.23 11.01 -19.16
CA LYS A 270 0.49 11.82 -20.33
C LYS A 270 1.66 12.74 -19.99
N GLU A 271 2.66 12.80 -20.86
CA GLU A 271 3.83 13.63 -20.58
C GLU A 271 3.51 15.11 -20.44
N THR A 272 2.29 15.49 -20.81
CA THR A 272 1.86 16.88 -20.74
C THR A 272 1.39 17.30 -19.35
N GLU A 273 0.55 16.48 -18.73
CA GLU A 273 0.04 16.79 -17.39
C GLU A 273 0.40 15.73 -16.35
N ALA A 274 0.35 16.13 -15.08
CA ALA A 274 0.67 15.25 -13.97
C ALA A 274 -0.23 15.56 -12.76
N SER A 275 -0.80 14.51 -12.16
CA SER A 275 -1.69 14.68 -11.01
C SER A 275 -1.40 13.80 -9.81
N PHE A 276 -1.94 14.20 -8.65
CA PHE A 276 -1.76 13.45 -7.40
C PHE A 276 -2.93 13.75 -6.45
N THR A 277 -3.12 12.87 -5.46
CA THR A 277 -4.21 13.03 -4.49
C THR A 277 -3.85 14.08 -3.44
N THR A 278 -4.83 14.43 -2.60
CA THR A 278 -4.63 15.43 -1.54
C THR A 278 -5.76 15.33 -0.51
N SER A 279 -5.40 15.22 0.77
CA SER A 279 -6.40 15.12 1.84
C SER A 279 -5.90 15.64 3.18
N THR A 280 -6.72 16.47 3.82
CA THR A 280 -6.39 17.04 5.12
C THR A 280 -7.65 17.17 5.97
N LYS A 281 -7.48 17.10 7.29
CA LYS A 281 -8.60 17.22 8.23
C LYS A 281 -9.79 16.38 7.77
N ALA A 282 -9.50 15.25 7.13
CA ALA A 282 -10.58 14.39 6.64
C ALA A 282 -11.21 13.62 7.80
N TRP A 283 -12.54 13.48 7.75
CA TRP A 283 -13.26 12.76 8.78
C TRP A 283 -14.62 12.32 8.28
N PHE A 284 -15.43 11.77 9.19
CA PHE A 284 -16.78 11.32 8.86
C PHE A 284 -17.78 12.26 9.53
N ASN A 285 -19.04 12.17 9.14
CA ASN A 285 -20.05 12.99 9.77
C ASN A 285 -20.40 12.30 11.09
N ASP A 286 -21.17 12.96 11.94
CA ASP A 286 -21.56 12.43 13.24
C ASP A 286 -21.90 10.95 13.32
N LEU A 287 -22.67 10.45 12.37
CA LEU A 287 -23.07 9.05 12.40
C LEU A 287 -22.13 8.13 11.60
N VAL A 288 -20.98 8.68 11.21
CA VAL A 288 -20.01 7.93 10.43
C VAL A 288 -20.74 7.25 9.29
N THR A 289 -21.69 7.97 8.70
CA THR A 289 -22.47 7.46 7.60
C THR A 289 -21.81 7.89 6.28
N ALA A 290 -20.82 8.77 6.37
CA ALA A 290 -20.12 9.26 5.18
C ALA A 290 -18.92 10.17 5.49
N TRP A 291 -18.12 10.46 4.46
CA TRP A 291 -16.95 11.33 4.58
C TRP A 291 -17.42 12.77 4.50
N VAL A 292 -16.97 13.61 5.42
CA VAL A 292 -17.39 15.01 5.44
C VAL A 292 -16.70 15.85 4.36
N SER A 293 -15.40 15.65 4.19
CA SER A 293 -14.64 16.35 3.15
C SER A 293 -13.60 15.40 2.58
N PRO A 294 -13.96 14.67 1.51
CA PRO A 294 -13.08 13.71 0.84
C PRO A 294 -11.86 14.35 0.17
N PRO A 295 -10.79 13.56 -0.01
CA PRO A 295 -9.55 14.04 -0.63
C PRO A 295 -9.72 14.60 -2.04
N SER A 296 -8.96 15.66 -2.32
CA SER A 296 -9.00 16.33 -3.62
C SER A 296 -7.78 16.00 -4.47
N GLU A 297 -7.96 16.07 -5.79
CA GLU A 297 -6.87 15.77 -6.73
C GLU A 297 -6.38 17.04 -7.41
N HIS A 298 -5.12 17.41 -7.17
CA HIS A 298 -4.54 18.59 -7.78
C HIS A 298 -4.09 18.32 -9.21
N THR A 299 -3.27 19.21 -9.76
CA THR A 299 -2.74 19.08 -11.12
C THR A 299 -1.80 20.21 -11.52
N VAL A 300 -0.81 19.88 -12.34
CA VAL A 300 0.14 20.87 -12.82
C VAL A 300 0.50 20.58 -14.27
N LYS A 301 0.66 21.62 -15.06
CA LYS A 301 1.02 21.46 -16.46
C LYS A 301 2.52 21.32 -16.59
N THR A 302 2.95 20.39 -17.44
CA THR A 302 4.37 20.16 -17.69
C THR A 302 4.57 20.30 -19.18
N GLU A 303 4.75 21.54 -19.65
CA GLU A 303 4.92 21.80 -21.07
C GLU A 303 6.10 21.03 -21.67
N LEU A 304 7.07 20.69 -20.83
CA LEU A 304 8.26 19.96 -21.24
C LEU A 304 8.31 18.62 -20.49
N PRO A 305 8.43 17.49 -21.21
CA PRO A 305 8.48 16.16 -20.58
C PRO A 305 9.52 16.10 -19.45
N GLN A 306 9.36 15.14 -18.55
CA GLN A 306 10.28 15.01 -17.43
C GLN A 306 11.70 14.65 -17.87
N GLU A 307 11.81 13.74 -18.83
CA GLU A 307 13.12 13.35 -19.34
C GLU A 307 13.70 14.59 -20.02
N ALA A 308 12.81 15.44 -20.49
CA ALA A 308 13.20 16.69 -21.16
C ALA A 308 13.65 17.68 -20.10
N CYS A 309 12.82 17.84 -19.07
CA CYS A 309 13.12 18.74 -17.96
C CYS A 309 14.36 18.26 -17.24
N MSE A 310 14.62 16.95 -17.32
CA MSE A 310 15.77 16.34 -16.68
C MSE A 310 17.03 16.79 -17.41
O MSE A 310 17.88 17.44 -16.81
CB MSE A 310 15.67 14.81 -16.74
CG MSE A 310 16.95 14.08 -16.30
SE MSE A 310 16.81 12.15 -16.35
CE MSE A 310 16.32 11.92 -18.20
N VAL A 311 17.13 16.42 -18.69
CA VAL A 311 18.27 16.79 -19.51
C VAL A 311 18.46 18.30 -19.56
N ARG A 312 17.36 19.06 -19.43
CA ARG A 312 17.44 20.51 -19.46
C ARG A 312 18.01 20.99 -18.13
N GLU A 313 18.24 20.03 -17.23
CA GLU A 313 18.80 20.37 -15.93
C GLU A 313 20.18 19.77 -15.80
N PHE A 314 20.54 18.88 -16.72
CA PHE A 314 21.85 18.24 -16.66
C PHE A 314 22.93 19.31 -16.76
N ALA A 315 22.60 20.42 -17.40
CA ALA A 315 23.52 21.53 -17.53
C ALA A 315 23.89 22.10 -16.17
N ARG A 316 24.90 21.48 -15.54
CA ARG A 316 25.38 21.91 -14.23
C ARG A 316 26.84 22.34 -14.39
N LEU A 317 27.07 23.28 -15.30
CA LEU A 317 28.39 23.83 -15.59
C LEU A 317 29.59 23.03 -15.13
N VAL A 318 30.08 23.35 -13.93
CA VAL A 318 31.25 22.69 -13.35
C VAL A 318 32.32 22.42 -14.39
N TYR A 331 24.35 16.92 -4.11
CA TYR A 331 23.01 16.38 -3.92
C TYR A 331 22.73 15.19 -4.84
N TRP A 332 22.75 15.43 -6.15
CA TRP A 332 22.47 14.38 -7.11
C TRP A 332 23.30 13.15 -6.84
N PRO A 333 24.64 13.28 -6.83
CA PRO A 333 25.37 12.04 -6.57
C PRO A 333 25.11 11.58 -5.15
N SER A 334 24.68 12.52 -4.30
CA SER A 334 24.38 12.19 -2.91
C SER A 334 23.09 11.38 -2.75
N ILE A 335 21.97 11.91 -3.24
CA ILE A 335 20.69 11.20 -3.15
C ILE A 335 20.73 9.91 -3.95
N SER A 336 21.66 9.82 -4.90
CA SER A 336 21.80 8.60 -5.68
C SER A 336 22.36 7.53 -4.74
N ARG A 337 23.40 7.91 -4.00
CA ARG A 337 24.04 7.01 -3.04
C ARG A 337 23.09 6.71 -1.90
N LYS A 338 22.15 7.61 -1.66
CA LYS A 338 21.20 7.39 -0.59
C LYS A 338 20.27 6.26 -0.95
N THR A 339 19.77 6.26 -2.19
CA THR A 339 18.88 5.21 -2.63
C THR A 339 19.66 3.95 -2.99
N GLN A 340 20.83 4.11 -3.59
CA GLN A 340 21.65 2.95 -3.92
C GLN A 340 21.93 2.22 -2.61
N LEU A 341 22.21 2.99 -1.57
CA LEU A 341 22.48 2.43 -0.25
C LEU A 341 21.28 1.63 0.25
N VAL A 342 20.12 2.27 0.33
CA VAL A 342 18.91 1.58 0.79
C VAL A 342 18.69 0.36 -0.09
N VAL A 343 19.08 0.49 -1.35
CA VAL A 343 18.96 -0.61 -2.30
C VAL A 343 19.72 -1.83 -1.76
N ASP A 344 20.97 -1.63 -1.36
CA ASP A 344 21.80 -2.71 -0.83
C ASP A 344 21.24 -3.24 0.49
N ALA A 345 20.82 -2.33 1.36
CA ALA A 345 20.26 -2.70 2.64
C ALA A 345 19.15 -3.71 2.40
N VAL A 346 18.25 -3.38 1.48
CA VAL A 346 17.14 -4.27 1.14
C VAL A 346 17.63 -5.59 0.56
N LYS A 347 18.68 -5.53 -0.26
CA LYS A 347 19.26 -6.72 -0.88
C LYS A 347 20.04 -7.53 0.16
N GLU A 348 20.74 -6.84 1.04
CA GLU A 348 21.52 -7.50 2.08
C GLU A 348 20.56 -8.27 2.99
N SER A 349 19.45 -7.61 3.32
CA SER A 349 18.44 -8.21 4.19
C SER A 349 17.80 -9.46 3.61
N VAL A 350 17.52 -9.45 2.32
CA VAL A 350 16.92 -10.61 1.67
C VAL A 350 17.78 -11.84 1.91
N ASP A 351 19.08 -11.70 1.69
CA ASP A 351 20.01 -12.81 1.88
C ASP A 351 20.64 -12.92 3.27
N LYS A 352 20.62 -11.83 4.03
CA LYS A 352 21.16 -11.86 5.39
C LYS A 352 20.02 -12.19 6.34
N ASN A 353 19.25 -13.21 5.95
CA ASN A 353 18.12 -13.70 6.73
C ASN A 353 17.19 -12.60 7.24
N TYR A 354 16.56 -11.89 6.31
CA TYR A 354 15.64 -10.81 6.62
C TYR A 354 15.94 -10.00 7.89
N GLN A 355 17.22 -9.76 8.15
CA GLN A 355 17.65 -8.98 9.30
C GLN A 355 17.38 -7.51 9.04
N GLN A 356 17.31 -6.73 10.12
CA GLN A 356 17.09 -5.30 10.02
C GLN A 356 18.43 -4.68 9.65
N ILE A 357 18.48 -3.94 8.55
CA ILE A 357 19.73 -3.33 8.14
C ILE A 357 19.85 -1.86 8.53
N SER A 358 20.26 -1.63 9.78
CA SER A 358 20.44 -0.30 10.33
C SER A 358 21.38 0.49 9.43
N LEU A 359 20.98 1.72 9.11
CA LEU A 359 21.80 2.59 8.28
C LEU A 359 22.46 3.66 9.17
N SER A 360 23.60 3.29 9.76
CA SER A 360 24.39 4.13 10.66
C SER A 360 23.63 5.14 11.52
N GLN B 6 -39.91 -8.88 11.23
CA GLN B 6 -40.29 -10.17 11.88
C GLN B 6 -39.21 -10.68 12.84
N ILE B 7 -37.95 -10.40 12.52
CA ILE B 7 -36.83 -10.83 13.38
C ILE B 7 -36.60 -9.81 14.49
N ARG B 8 -36.96 -10.18 15.72
CA ARG B 8 -36.81 -9.28 16.86
C ARG B 8 -35.37 -9.24 17.34
N ILE B 9 -34.79 -8.03 17.33
CA ILE B 9 -33.41 -7.83 17.75
C ILE B 9 -33.29 -6.95 18.98
N GLY B 10 -32.35 -7.30 19.85
CA GLY B 10 -32.10 -6.53 21.06
C GLY B 10 -30.70 -5.98 20.98
N VAL B 11 -30.46 -4.84 21.64
CA VAL B 11 -29.14 -4.22 21.63
C VAL B 11 -28.56 -4.19 23.04
N MSE B 12 -27.50 -4.97 23.26
CA MSE B 12 -26.86 -5.01 24.58
C MSE B 12 -25.70 -4.03 24.70
O MSE B 12 -24.63 -4.26 24.15
CB MSE B 12 -26.36 -6.42 24.91
CG MSE B 12 -25.69 -6.51 26.28
SE MSE B 12 -25.57 -8.29 27.03
CE MSE B 12 -27.45 -8.64 27.26
N GLY B 13 -25.92 -2.94 25.44
CA GLY B 13 -24.89 -1.94 25.60
C GLY B 13 -25.19 -0.75 24.69
N CYS B 14 -25.56 0.38 25.27
CA CYS B 14 -25.88 1.56 24.48
C CYS B 14 -24.63 2.30 23.99
N ALA B 15 -23.85 1.62 23.13
CA ALA B 15 -22.63 2.18 22.57
C ALA B 15 -22.98 3.16 21.47
N ASP B 16 -22.08 4.10 21.22
CA ASP B 16 -22.30 5.11 20.19
C ASP B 16 -22.48 4.50 18.80
N ILE B 17 -21.80 3.39 18.53
CA ILE B 17 -21.91 2.74 17.22
C ILE B 17 -23.28 2.07 17.07
N ALA B 18 -24.01 1.98 18.17
CA ALA B 18 -25.33 1.36 18.14
C ALA B 18 -26.34 2.25 17.40
N ARG B 19 -26.06 3.56 17.35
CA ARG B 19 -26.96 4.49 16.67
C ARG B 19 -27.03 4.20 15.18
N LYS B 20 -25.87 4.02 14.56
CA LYS B 20 -25.80 3.74 13.13
C LYS B 20 -26.44 2.39 12.81
N VAL B 21 -26.10 1.36 13.58
CA VAL B 21 -26.65 0.02 13.33
C VAL B 21 -28.17 -0.01 13.56
N SER B 22 -28.66 0.87 14.42
CA SER B 22 -30.09 0.92 14.69
C SER B 22 -30.82 1.35 13.41
N ARG B 23 -30.24 2.27 12.65
CA ARG B 23 -30.87 2.72 11.42
C ARG B 23 -30.83 1.59 10.38
N ALA B 24 -29.79 0.77 10.49
CA ALA B 24 -29.61 -0.36 9.58
C ALA B 24 -30.65 -1.39 9.95
N ILE B 25 -30.91 -1.53 11.25
CA ILE B 25 -31.87 -2.52 11.68
C ILE B 25 -33.27 -2.33 11.06
N HIS B 26 -33.85 -1.13 11.10
CA HIS B 26 -35.16 -1.07 10.47
C HIS B 26 -35.25 -0.57 9.03
N LEU B 27 -34.10 -0.44 8.36
CA LEU B 27 -34.12 -0.10 6.94
C LEU B 27 -34.23 -1.51 6.36
N ALA B 28 -34.33 -2.47 7.28
CA ALA B 28 -34.46 -3.91 7.04
C ALA B 28 -34.83 -4.37 5.63
N PRO B 29 -36.11 -4.68 5.34
CA PRO B 29 -37.39 -4.66 6.06
C PRO B 29 -37.73 -6.00 6.75
N ASN B 30 -36.73 -6.85 6.96
CA ASN B 30 -36.94 -8.14 7.60
C ASN B 30 -36.38 -8.17 9.02
N ALA B 31 -36.28 -7.00 9.65
CA ALA B 31 -35.75 -6.90 11.00
C ALA B 31 -36.26 -5.62 11.64
N THR B 32 -36.35 -5.59 12.96
CA THR B 32 -36.84 -4.40 13.64
C THR B 32 -36.21 -4.28 15.04
N ILE B 33 -36.41 -3.14 15.69
CA ILE B 33 -35.88 -2.91 17.02
C ILE B 33 -36.92 -3.33 18.04
N SER B 34 -36.66 -4.43 18.75
CA SER B 34 -37.60 -4.94 19.74
C SER B 34 -37.12 -4.74 21.18
N GLY B 35 -35.83 -4.49 21.35
CA GLY B 35 -35.30 -4.32 22.69
C GLY B 35 -33.91 -3.71 22.75
N VAL B 36 -33.62 -3.13 23.91
CA VAL B 36 -32.34 -2.50 24.17
C VAL B 36 -32.08 -2.60 25.67
N ALA B 37 -30.82 -2.78 26.03
CA ALA B 37 -30.44 -2.91 27.43
C ALA B 37 -29.33 -1.93 27.80
N SER B 38 -28.82 -2.07 29.02
CA SER B 38 -27.74 -1.24 29.53
C SER B 38 -27.51 -1.57 30.99
N ARG B 39 -26.30 -1.30 31.48
CA ARG B 39 -25.98 -1.57 32.88
C ARG B 39 -26.85 -0.62 33.71
N SER B 40 -27.31 0.45 33.06
CA SER B 40 -28.14 1.47 33.69
C SER B 40 -29.45 1.67 32.93
N LEU B 41 -30.57 1.54 33.64
CA LEU B 41 -31.87 1.72 33.02
C LEU B 41 -32.02 3.17 32.58
N GLU B 42 -31.46 4.08 33.37
CA GLU B 42 -31.52 5.50 33.08
C GLU B 42 -30.85 5.80 31.75
N LYS B 43 -29.68 5.21 31.53
CA LYS B 43 -28.93 5.40 30.30
C LYS B 43 -29.62 4.71 29.12
N ALA B 44 -30.33 3.62 29.42
CA ALA B 44 -31.05 2.90 28.37
C ALA B 44 -32.36 3.61 28.05
N LYS B 45 -32.95 4.24 29.05
CA LYS B 45 -34.19 4.96 28.87
C LYS B 45 -33.91 6.17 27.99
N ALA B 46 -32.76 6.79 28.22
CA ALA B 46 -32.34 7.96 27.46
C ALA B 46 -32.00 7.57 26.02
N PHE B 47 -31.32 6.43 25.88
CA PHE B 47 -30.93 5.95 24.56
C PHE B 47 -32.13 5.66 23.65
N ALA B 48 -33.06 4.85 24.16
CA ALA B 48 -34.25 4.49 23.40
C ALA B 48 -35.02 5.68 22.82
N THR B 49 -35.26 6.70 23.65
CA THR B 49 -35.99 7.89 23.22
C THR B 49 -35.15 8.79 22.34
N ALA B 50 -33.89 8.98 22.71
CA ALA B 50 -32.99 9.83 21.93
C ALA B 50 -32.96 9.40 20.48
N ASN B 51 -32.65 8.13 20.25
CA ASN B 51 -32.54 7.58 18.90
C ASN B 51 -33.87 7.19 18.27
N ASN B 52 -34.96 7.66 18.87
CA ASN B 52 -36.30 7.41 18.36
C ASN B 52 -36.70 5.93 18.25
N TYR B 53 -36.61 5.20 19.36
CA TYR B 53 -36.97 3.79 19.40
C TYR B 53 -38.48 3.68 19.59
N PRO B 54 -39.09 2.65 19.02
CA PRO B 54 -40.55 2.48 19.15
C PRO B 54 -41.04 2.11 20.54
N GLU B 55 -42.17 2.69 20.93
CA GLU B 55 -42.80 2.45 22.23
C GLU B 55 -42.79 0.97 22.59
N SER B 56 -42.92 0.12 21.58
CA SER B 56 -42.94 -1.32 21.76
C SER B 56 -41.61 -1.88 22.30
N THR B 57 -40.52 -1.17 22.07
CA THR B 57 -39.20 -1.63 22.54
C THR B 57 -39.15 -1.76 24.06
N LYS B 58 -38.82 -2.94 24.55
CA LYS B 58 -38.73 -3.14 26.00
C LYS B 58 -37.40 -2.60 26.53
N ILE B 59 -37.44 -1.47 27.20
CA ILE B 59 -36.24 -0.85 27.74
C ILE B 59 -35.69 -1.61 28.95
N HIS B 60 -34.52 -2.22 28.76
CA HIS B 60 -33.86 -3.01 29.79
C HIS B 60 -32.75 -2.31 30.57
N GLY B 61 -32.91 -2.30 31.89
CA GLY B 61 -31.91 -1.67 32.74
C GLY B 61 -30.85 -2.65 33.18
N SER B 62 -30.62 -3.68 32.37
CA SER B 62 -29.60 -4.68 32.68
C SER B 62 -29.36 -5.68 31.56
N TYR B 63 -28.12 -6.16 31.48
CA TYR B 63 -27.73 -7.13 30.46
C TYR B 63 -28.48 -8.46 30.63
N GLU B 64 -28.18 -9.16 31.72
CA GLU B 64 -28.82 -10.46 31.99
C GLU B 64 -30.32 -10.37 31.76
N SER B 65 -30.91 -9.25 32.17
CA SER B 65 -32.34 -9.05 32.00
C SER B 65 -32.76 -9.12 30.53
N LEU B 66 -31.99 -8.49 29.64
CA LEU B 66 -32.31 -8.52 28.21
C LEU B 66 -32.16 -9.91 27.61
N LEU B 67 -31.16 -10.66 28.05
CA LEU B 67 -30.93 -12.01 27.53
C LEU B 67 -32.07 -12.95 27.89
N GLU B 68 -32.52 -12.86 29.14
CA GLU B 68 -33.59 -13.70 29.64
C GLU B 68 -34.96 -13.25 29.14
N ASP B 69 -34.96 -12.38 28.14
CA ASP B 69 -36.19 -11.85 27.56
C ASP B 69 -36.65 -12.77 26.42
N PRO B 70 -37.66 -13.61 26.69
CA PRO B 70 -38.18 -14.54 25.68
C PRO B 70 -38.73 -13.93 24.39
N GLU B 71 -38.95 -12.62 24.36
CA GLU B 71 -39.47 -11.97 23.15
C GLU B 71 -38.40 -11.22 22.34
N ILE B 72 -37.17 -11.74 22.36
CA ILE B 72 -36.05 -11.14 21.64
C ILE B 72 -35.29 -12.22 20.87
N ASP B 73 -35.61 -12.37 19.60
CA ASP B 73 -34.96 -13.36 18.74
C ASP B 73 -33.43 -13.27 18.71
N ALA B 74 -32.88 -12.12 18.33
CA ALA B 74 -31.44 -11.97 18.23
C ALA B 74 -30.90 -10.71 18.88
N LEU B 75 -29.57 -10.63 18.96
CA LEU B 75 -28.91 -9.49 19.57
C LEU B 75 -27.75 -8.91 18.77
N TYR B 76 -27.57 -7.60 18.92
CA TYR B 76 -26.48 -6.86 18.29
C TYR B 76 -25.64 -6.51 19.51
N VAL B 77 -24.39 -6.92 19.52
CA VAL B 77 -23.55 -6.70 20.70
C VAL B 77 -22.35 -5.77 20.50
N PRO B 78 -22.57 -4.45 20.54
CA PRO B 78 -21.48 -3.50 20.36
C PRO B 78 -20.73 -3.32 21.68
N LEU B 79 -20.49 -4.44 22.36
CA LEU B 79 -19.80 -4.41 23.64
C LEU B 79 -18.29 -4.40 23.52
N PRO B 80 -17.58 -3.91 24.55
CA PRO B 80 -16.12 -3.86 24.54
C PRO B 80 -15.59 -5.27 24.28
N THR B 81 -14.45 -5.36 23.61
CA THR B 81 -13.84 -6.65 23.28
C THR B 81 -13.81 -7.64 24.44
N SER B 82 -13.24 -7.20 25.56
CA SER B 82 -13.12 -8.05 26.76
C SER B 82 -14.42 -8.64 27.31
N LEU B 83 -15.55 -7.96 27.10
CA LEU B 83 -16.82 -8.47 27.59
C LEU B 83 -17.46 -9.48 26.64
N HIS B 84 -16.82 -9.73 25.51
CA HIS B 84 -17.39 -10.67 24.54
C HIS B 84 -17.49 -12.13 24.94
N VAL B 85 -16.37 -12.73 25.30
CA VAL B 85 -16.36 -14.14 25.66
C VAL B 85 -17.34 -14.49 26.77
N GLU B 86 -17.54 -13.59 27.72
CA GLU B 86 -18.47 -13.85 28.81
C GLU B 86 -19.94 -13.68 28.40
N TRP B 87 -20.27 -12.47 27.96
CA TRP B 87 -21.64 -12.13 27.59
C TRP B 87 -22.18 -12.66 26.26
N ALA B 88 -21.30 -12.99 25.32
CA ALA B 88 -21.77 -13.54 24.06
C ALA B 88 -22.29 -14.94 24.38
N ILE B 89 -21.44 -15.73 25.03
CA ILE B 89 -21.75 -17.09 25.42
C ILE B 89 -23.08 -17.17 26.17
N LYS B 90 -23.22 -16.38 27.23
CA LYS B 90 -24.46 -16.36 27.98
C LYS B 90 -25.62 -16.14 27.02
N ALA B 91 -25.43 -15.24 26.07
CA ALA B 91 -26.45 -14.94 25.06
C ALA B 91 -26.82 -16.17 24.24
N ALA B 92 -25.80 -16.88 23.76
CA ALA B 92 -26.02 -18.09 22.98
C ALA B 92 -26.81 -19.07 23.84
N GLU B 93 -26.47 -19.11 25.12
CA GLU B 93 -27.13 -20.01 26.07
C GLU B 93 -28.60 -19.70 26.30
N LYS B 94 -29.03 -18.49 25.97
CA LYS B 94 -30.43 -18.12 26.15
C LYS B 94 -31.19 -18.14 24.83
N GLY B 95 -30.61 -18.82 23.84
CA GLY B 95 -31.25 -18.91 22.54
C GLY B 95 -31.20 -17.61 21.75
N LYS B 96 -30.21 -16.78 22.01
CA LYS B 96 -30.09 -15.51 21.29
C LYS B 96 -29.01 -15.59 20.22
N HIS B 97 -29.39 -15.31 18.98
CA HIS B 97 -28.44 -15.31 17.87
C HIS B 97 -27.50 -14.13 18.15
N ILE B 98 -26.39 -14.03 17.41
CA ILE B 98 -25.48 -12.94 17.72
C ILE B 98 -24.82 -12.17 16.58
N LEU B 99 -24.91 -10.84 16.67
CA LEU B 99 -24.27 -9.93 15.73
C LEU B 99 -23.25 -9.28 16.65
N LEU B 100 -22.05 -9.87 16.68
CA LEU B 100 -20.95 -9.43 17.54
C LEU B 100 -20.00 -8.45 16.86
N GLU B 101 -19.67 -7.36 17.55
CA GLU B 101 -18.78 -6.35 17.00
C GLU B 101 -17.34 -6.83 16.96
N LYS B 102 -16.63 -6.38 15.93
CA LYS B 102 -15.23 -6.73 15.74
C LYS B 102 -14.33 -5.72 16.43
N PRO B 103 -13.14 -6.16 16.90
CA PRO B 103 -12.63 -7.54 16.82
C PRO B 103 -13.42 -8.43 17.79
N VAL B 104 -13.92 -9.56 17.29
CA VAL B 104 -14.72 -10.48 18.09
C VAL B 104 -14.21 -10.79 19.50
N ALA B 105 -12.91 -10.98 19.67
CA ALA B 105 -12.37 -11.28 21.01
C ALA B 105 -10.89 -10.95 21.19
N MSE B 106 -10.39 -11.13 22.40
CA MSE B 106 -8.99 -10.85 22.71
C MSE B 106 -8.06 -11.90 22.09
O MSE B 106 -6.85 -11.72 22.07
CB MSE B 106 -8.76 -10.80 24.23
CG MSE B 106 -9.44 -9.63 24.92
SE MSE B 106 -8.80 -7.89 24.34
CE MSE B 106 -7.27 -7.74 25.53
N ASN B 107 -8.63 -13.01 21.60
CA ASN B 107 -7.87 -14.07 20.96
C ASN B 107 -8.81 -15.17 20.46
N VAL B 108 -8.33 -15.96 19.50
CA VAL B 108 -9.12 -17.02 18.90
C VAL B 108 -9.57 -18.11 19.87
N THR B 109 -8.80 -18.36 20.93
CA THR B 109 -9.19 -19.38 21.90
C THR B 109 -10.53 -18.99 22.51
N GLU B 110 -10.63 -17.73 22.92
CA GLU B 110 -11.85 -17.22 23.50
C GLU B 110 -12.93 -17.20 22.44
N PHE B 111 -12.53 -16.95 21.20
CA PHE B 111 -13.52 -16.91 20.12
C PHE B 111 -14.02 -18.29 19.74
N ASP B 112 -13.18 -19.31 19.91
CA ASP B 112 -13.60 -20.67 19.57
C ASP B 112 -14.72 -21.05 20.52
N LYS B 113 -14.55 -20.70 21.79
CA LYS B 113 -15.56 -20.99 22.80
C LYS B 113 -16.88 -20.37 22.38
N ILE B 114 -16.88 -19.07 22.15
CA ILE B 114 -18.08 -18.36 21.73
C ILE B 114 -18.75 -19.11 20.59
N VAL B 115 -17.96 -19.49 19.59
CA VAL B 115 -18.45 -20.22 18.43
C VAL B 115 -19.04 -21.56 18.79
N ASP B 116 -18.32 -22.34 19.59
CA ASP B 116 -18.80 -23.66 20.00
C ASP B 116 -20.06 -23.52 20.84
N ALA B 117 -20.19 -22.40 21.55
CA ALA B 117 -21.37 -22.16 22.36
C ALA B 117 -22.52 -21.93 21.39
N CYS B 118 -22.26 -21.14 20.35
CA CYS B 118 -23.28 -20.85 19.33
C CYS B 118 -23.72 -22.13 18.60
N GLU B 119 -22.75 -22.96 18.22
CA GLU B 119 -23.06 -24.22 17.53
C GLU B 119 -23.97 -25.02 18.44
N ALA B 120 -23.54 -25.20 19.67
CA ALA B 120 -24.28 -25.95 20.68
C ALA B 120 -25.74 -25.52 20.80
N ASN B 121 -26.06 -24.31 20.36
CA ASN B 121 -27.42 -23.83 20.44
C ASN B 121 -28.03 -23.54 19.07
N GLY B 122 -27.33 -23.97 18.03
CA GLY B 122 -27.81 -23.77 16.67
C GLY B 122 -27.94 -22.34 16.18
N VAL B 123 -27.92 -21.36 17.09
CA VAL B 123 -28.05 -19.97 16.68
C VAL B 123 -26.93 -19.53 15.76
N GLN B 124 -27.17 -18.42 15.06
CA GLN B 124 -26.20 -17.85 14.14
C GLN B 124 -25.40 -16.77 14.82
N ILE B 125 -24.12 -16.65 14.46
CA ILE B 125 -23.26 -15.62 15.00
C ILE B 125 -22.59 -14.94 13.81
N MSE B 126 -22.36 -13.64 13.93
CA MSE B 126 -21.72 -12.87 12.86
C MSE B 126 -21.00 -11.67 13.50
O MSE B 126 -21.33 -11.27 14.60
CB MSE B 126 -22.79 -12.39 11.87
CG MSE B 126 -22.21 -11.61 10.69
SE MSE B 126 -23.56 -10.91 9.47
CE MSE B 126 -24.07 -12.57 8.62
N ASP B 127 -20.02 -11.11 12.79
CA ASP B 127 -19.32 -9.94 13.33
C ASP B 127 -19.79 -8.70 12.62
N GLY B 128 -19.42 -7.53 13.13
CA GLY B 128 -19.84 -6.27 12.53
C GLY B 128 -19.15 -5.78 11.26
N THR B 129 -18.36 -6.62 10.60
CA THR B 129 -17.66 -6.21 9.39
C THR B 129 -18.66 -5.98 8.24
N MSE B 130 -19.25 -4.78 8.22
CA MSE B 130 -20.25 -4.43 7.23
C MSE B 130 -19.83 -4.15 5.78
O MSE B 130 -20.67 -4.27 4.87
CB MSE B 130 -21.07 -3.23 7.76
CG MSE B 130 -20.25 -2.13 8.45
SE MSE B 130 -21.31 -0.54 8.87
CE MSE B 130 -21.30 -0.63 10.81
N TRP B 131 -18.58 -3.79 5.53
CA TRP B 131 -18.16 -3.49 4.16
C TRP B 131 -18.26 -4.67 3.18
N VAL B 132 -18.36 -5.89 3.69
CA VAL B 132 -18.43 -7.06 2.82
C VAL B 132 -19.85 -7.31 2.31
N HIS B 133 -20.83 -6.70 2.97
CA HIS B 133 -22.22 -6.85 2.55
C HIS B 133 -22.55 -5.86 1.44
N ASN B 134 -21.68 -4.86 1.27
CA ASN B 134 -21.87 -3.84 0.25
C ASN B 134 -21.83 -4.50 -1.13
N PRO B 135 -22.77 -4.13 -2.02
CA PRO B 135 -22.79 -4.73 -3.36
C PRO B 135 -21.43 -4.70 -4.04
N ARG B 136 -20.78 -3.53 -4.00
CA ARG B 136 -19.47 -3.36 -4.61
C ARG B 136 -18.57 -4.57 -4.36
N THR B 137 -18.52 -5.01 -3.10
CA THR B 137 -17.70 -6.13 -2.70
C THR B 137 -17.96 -7.39 -3.54
N ALA B 138 -19.16 -7.54 -4.06
CA ALA B 138 -19.46 -8.70 -4.90
C ALA B 138 -18.69 -8.56 -6.21
N LEU B 139 -18.62 -7.33 -6.71
CA LEU B 139 -17.90 -7.05 -7.94
C LEU B 139 -16.38 -7.09 -7.70
N LEU B 140 -15.94 -6.66 -6.52
CA LEU B 140 -14.51 -6.69 -6.20
C LEU B 140 -14.06 -8.15 -6.29
N LYS B 141 -14.76 -9.04 -5.59
CA LYS B 141 -14.43 -10.46 -5.61
C LYS B 141 -14.63 -11.00 -7.03
N GLU B 142 -15.60 -10.45 -7.73
CA GLU B 142 -15.88 -10.86 -9.11
C GLU B 142 -14.60 -10.66 -9.93
N PHE B 143 -14.02 -9.46 -9.80
CA PHE B 143 -12.80 -9.10 -10.51
C PHE B 143 -11.62 -9.99 -10.08
N LEU B 144 -11.31 -9.99 -8.80
CA LEU B 144 -10.19 -10.79 -8.29
C LEU B 144 -10.36 -12.28 -8.64
N SER B 145 -11.59 -12.69 -8.95
CA SER B 145 -11.88 -14.09 -9.29
C SER B 145 -11.55 -14.44 -10.74
N ASP B 146 -11.74 -13.49 -11.65
CA ASP B 146 -11.46 -13.71 -13.07
C ASP B 146 -9.96 -13.79 -13.34
N SER B 147 -9.52 -14.93 -13.84
CA SER B 147 -8.10 -15.14 -14.12
C SER B 147 -7.66 -14.62 -15.48
N GLU B 148 -8.48 -13.80 -16.11
CA GLU B 148 -8.13 -13.25 -17.43
C GLU B 148 -7.84 -11.76 -17.40
N ARG B 149 -8.59 -11.00 -16.60
CA ARG B 149 -8.38 -9.57 -16.52
C ARG B 149 -7.57 -9.21 -15.25
N PHE B 150 -7.08 -10.24 -14.55
CA PHE B 150 -6.31 -10.06 -13.31
C PHE B 150 -5.25 -11.15 -13.20
N GLY B 151 -5.66 -12.40 -13.35
CA GLY B 151 -4.73 -13.52 -13.26
C GLY B 151 -4.48 -14.01 -11.83
N GLN B 152 -3.27 -14.46 -11.57
CA GLN B 152 -2.89 -14.94 -10.26
C GLN B 152 -2.56 -13.76 -9.35
N LEU B 153 -3.08 -13.79 -8.12
CA LEU B 153 -2.86 -12.73 -7.13
C LEU B 153 -1.42 -12.68 -6.63
N LYS B 154 -0.94 -11.47 -6.34
CA LYS B 154 0.43 -11.28 -5.85
C LYS B 154 0.44 -10.36 -4.63
N THR B 155 -0.07 -9.15 -4.79
CA THR B 155 -0.12 -8.25 -3.66
C THR B 155 -1.55 -7.71 -3.50
N VAL B 156 -1.90 -7.38 -2.27
CA VAL B 156 -3.21 -6.84 -2.00
C VAL B 156 -3.15 -6.05 -0.71
N GLN B 157 -2.04 -5.32 -0.56
CA GLN B 157 -1.79 -4.49 0.61
C GLN B 157 -3.05 -3.72 0.99
N SER B 158 -3.19 -3.45 2.28
CA SER B 158 -4.33 -2.71 2.77
C SER B 158 -3.98 -2.04 4.08
N CYS B 159 -4.52 -0.85 4.28
CA CYS B 159 -4.24 -0.12 5.49
C CYS B 159 -5.46 0.67 5.91
N PHE B 160 -5.46 1.09 7.16
CA PHE B 160 -6.55 1.90 7.69
C PHE B 160 -6.02 2.75 8.84
N SER B 161 -6.23 4.06 8.73
CA SER B 161 -5.79 4.99 9.76
C SER B 161 -6.70 6.19 9.84
N PHE B 162 -6.48 7.01 10.87
CA PHE B 162 -7.25 8.23 11.07
C PHE B 162 -6.65 8.99 12.25
N ALA B 163 -6.95 10.27 12.34
CA ALA B 163 -6.40 11.10 13.41
C ALA B 163 -7.37 11.25 14.58
N GLY B 164 -7.05 10.60 15.69
CA GLY B 164 -7.89 10.70 16.87
C GLY B 164 -7.46 11.87 17.72
N ASP B 165 -8.42 12.67 18.15
CA ASP B 165 -8.12 13.84 18.98
C ASP B 165 -7.50 13.43 20.31
N GLU B 166 -6.95 14.40 21.03
CA GLU B 166 -6.32 14.15 22.32
C GLU B 166 -7.28 13.48 23.30
N ASP B 167 -8.57 13.78 23.17
CA ASP B 167 -9.59 13.17 24.03
C ASP B 167 -9.68 11.66 23.75
N PHE B 168 -9.56 11.30 22.47
CA PHE B 168 -9.63 9.91 22.07
C PHE B 168 -8.40 9.18 22.57
N LEU B 169 -7.22 9.71 22.23
CA LEU B 169 -5.96 9.11 22.62
C LEU B 169 -5.82 8.90 24.12
N LYS B 170 -6.66 9.57 24.90
CA LYS B 170 -6.59 9.46 26.35
C LYS B 170 -7.75 8.71 27.02
N ASN B 171 -8.95 8.81 26.45
CA ASN B 171 -10.10 8.19 27.09
C ASN B 171 -10.91 7.14 26.34
N ASP B 172 -10.60 6.88 25.07
CA ASP B 172 -11.36 5.91 24.30
C ASP B 172 -11.11 4.48 24.78
N ILE B 173 -12.13 3.63 24.67
CA ILE B 173 -12.01 2.24 25.10
C ILE B 173 -10.97 1.48 24.28
N ARG B 174 -10.58 2.05 23.14
CA ARG B 174 -9.61 1.41 22.25
C ARG B 174 -8.15 1.60 22.66
N VAL B 175 -7.90 2.54 23.56
CA VAL B 175 -6.52 2.76 24.01
C VAL B 175 -6.27 2.01 25.31
N LYS B 176 -7.36 1.59 25.94
CA LYS B 176 -7.31 0.85 27.20
C LYS B 176 -6.97 -0.62 26.93
N PRO B 177 -6.26 -1.28 27.86
CA PRO B 177 -5.88 -2.69 27.69
C PRO B 177 -6.91 -3.71 28.17
N GLY B 178 -8.14 -3.25 28.39
CA GLY B 178 -9.18 -4.16 28.86
C GLY B 178 -10.33 -4.36 27.88
N LEU B 179 -11.29 -3.44 27.90
CA LEU B 179 -12.45 -3.50 27.00
C LEU B 179 -11.99 -3.84 25.59
N ASP B 180 -11.57 -2.83 24.84
CA ASP B 180 -11.08 -3.01 23.48
C ASP B 180 -9.56 -2.85 23.55
N GLY B 181 -8.90 -3.81 24.18
CA GLY B 181 -7.46 -3.76 24.37
C GLY B 181 -6.53 -4.11 23.22
N LEU B 182 -7.06 -4.42 22.04
CA LEU B 182 -6.20 -4.77 20.92
C LEU B 182 -5.75 -3.51 20.17
N GLY B 183 -6.29 -2.37 20.59
CA GLY B 183 -5.91 -1.11 19.96
C GLY B 183 -6.27 -0.93 18.51
N ALA B 184 -5.36 -0.27 17.78
CA ALA B 184 -5.55 0.01 16.36
C ALA B 184 -5.61 -1.25 15.49
N LEU B 185 -5.12 -2.37 16.03
CA LEU B 185 -5.11 -3.65 15.32
C LEU B 185 -6.52 -4.23 15.19
N GLY B 186 -7.24 -4.23 16.30
CA GLY B 186 -8.59 -4.78 16.29
C GLY B 186 -9.60 -3.80 15.71
N ASP B 187 -9.36 -2.51 15.87
CA ASP B 187 -10.28 -1.50 15.37
C ASP B 187 -10.02 -1.15 13.91
N ALA B 188 -8.75 -1.14 13.52
CA ALA B 188 -8.39 -0.81 12.16
C ALA B 188 -7.72 -1.96 11.40
N GLY B 189 -6.65 -2.52 11.96
CA GLY B 189 -5.96 -3.61 11.31
C GLY B 189 -6.94 -4.69 10.90
N TRP B 190 -7.94 -4.91 11.75
CA TRP B 190 -8.99 -5.90 11.51
C TRP B 190 -9.39 -5.97 10.03
N TYR B 191 -9.94 -4.87 9.52
CA TYR B 191 -10.39 -4.83 8.13
C TYR B 191 -9.26 -5.22 7.19
N ALA B 192 -8.26 -4.35 7.09
CA ALA B 192 -7.11 -4.59 6.23
C ALA B 192 -6.80 -6.08 6.10
N ILE B 193 -6.92 -6.81 7.19
CA ILE B 193 -6.67 -8.23 7.21
C ILE B 193 -7.80 -8.96 6.46
N ARG B 194 -9.03 -8.52 6.68
CA ARG B 194 -10.20 -9.12 6.03
C ARG B 194 -10.01 -8.95 4.52
N ALA B 195 -9.70 -7.73 4.10
CA ALA B 195 -9.50 -7.44 2.70
C ALA B 195 -8.43 -8.34 2.09
N THR B 196 -7.41 -8.71 2.86
CA THR B 196 -6.37 -9.58 2.32
C THR B 196 -6.93 -11.00 2.24
N LEU B 197 -7.40 -11.52 3.36
CA LEU B 197 -7.96 -12.87 3.37
C LEU B 197 -8.99 -12.99 2.27
N LEU B 198 -9.84 -11.98 2.13
CA LEU B 198 -10.87 -11.98 1.10
C LEU B 198 -10.24 -12.10 -0.30
N ALA B 199 -9.21 -11.29 -0.56
CA ALA B 199 -8.54 -11.35 -1.85
C ALA B 199 -7.91 -12.74 -2.07
N ASN B 200 -7.41 -13.34 -1.00
CA ASN B 200 -6.76 -14.63 -1.08
C ASN B 200 -7.72 -15.80 -0.90
N ASN B 201 -8.90 -15.66 -1.49
CA ASN B 201 -9.93 -16.68 -1.43
C ASN B 201 -10.15 -17.26 -0.03
N PHE B 202 -9.99 -16.39 0.97
CA PHE B 202 -10.20 -16.76 2.36
C PHE B 202 -9.18 -17.75 2.88
N GLU B 203 -8.01 -17.77 2.26
CA GLU B 203 -6.94 -18.66 2.68
C GLU B 203 -5.93 -17.89 3.53
N LEU B 204 -5.77 -18.31 4.78
CA LEU B 204 -4.83 -17.67 5.70
C LEU B 204 -3.42 -17.72 5.12
N PRO B 205 -2.49 -16.93 5.66
CA PRO B 205 -1.13 -17.00 5.10
C PRO B 205 -0.42 -18.18 5.74
N LYS B 206 0.79 -18.50 5.30
CA LYS B 206 1.54 -19.61 5.91
C LYS B 206 2.06 -19.11 7.23
N THR B 207 2.65 -17.91 7.20
CA THR B 207 3.22 -17.29 8.39
C THR B 207 2.96 -15.80 8.41
N VAL B 208 3.18 -15.19 9.56
CA VAL B 208 2.98 -13.75 9.77
C VAL B 208 4.20 -13.16 10.45
N THR B 209 4.63 -11.97 10.03
CA THR B 209 5.79 -11.33 10.64
C THR B 209 5.52 -9.84 10.81
N ALA B 210 5.26 -9.41 12.03
CA ALA B 210 5.00 -7.99 12.29
C ALA B 210 6.19 -7.13 11.85
N PHE B 211 5.91 -5.90 11.42
CA PHE B 211 6.98 -4.99 10.99
C PHE B 211 7.66 -4.32 12.19
N PRO B 212 8.87 -3.78 11.99
CA PRO B 212 9.56 -3.11 13.11
C PRO B 212 8.96 -1.72 13.29
N GLY B 213 9.09 -1.16 14.48
CA GLY B 213 8.57 0.17 14.73
C GLY B 213 7.12 0.24 15.20
N ALA B 214 6.64 -0.82 15.82
CA ALA B 214 5.27 -0.83 16.32
C ALA B 214 5.21 0.15 17.50
N VAL B 215 4.16 0.97 17.56
CA VAL B 215 4.02 1.93 18.65
C VAL B 215 3.00 1.49 19.70
N LEU B 216 3.51 0.95 20.81
CA LEU B 216 2.67 0.51 21.91
C LEU B 216 2.68 1.60 22.98
N ASN B 217 1.55 1.79 23.67
CA ASN B 217 1.50 2.82 24.70
C ASN B 217 2.24 2.38 25.97
N GLU B 218 2.02 3.10 27.06
CA GLU B 218 2.66 2.78 28.32
C GLU B 218 2.04 1.50 28.93
N ALA B 219 0.83 1.19 28.49
CA ALA B 219 0.11 0.01 28.97
C ALA B 219 0.23 -1.20 28.04
N GLY B 220 1.03 -1.07 26.99
CA GLY B 220 1.21 -2.19 26.06
C GLY B 220 0.12 -2.34 25.02
N VAL B 221 -0.73 -1.33 24.88
CA VAL B 221 -1.80 -1.36 23.90
C VAL B 221 -1.27 -0.74 22.60
N ILE B 222 -1.60 -1.37 21.47
CA ILE B 222 -1.16 -0.92 20.15
C ILE B 222 -1.83 0.36 19.66
N LEU B 223 -1.02 1.33 19.25
CA LEU B 223 -1.54 2.58 18.72
C LEU B 223 -1.42 2.59 17.19
N SER B 224 -0.49 1.80 16.67
CA SER B 224 -0.29 1.71 15.23
C SER B 224 0.71 0.59 14.92
N CYS B 225 0.49 -0.13 13.83
CA CYS B 225 1.41 -1.20 13.45
C CYS B 225 1.07 -1.86 12.12
N GLY B 226 1.99 -2.66 11.61
CA GLY B 226 1.78 -3.36 10.35
C GLY B 226 2.57 -4.66 10.25
N ALA B 227 2.56 -5.27 9.06
CA ALA B 227 3.27 -6.52 8.84
C ALA B 227 3.01 -7.05 7.44
N SER B 228 3.69 -8.13 7.09
CA SER B 228 3.50 -8.75 5.78
C SER B 228 3.01 -10.19 5.96
N LEU B 229 2.41 -10.74 4.93
CA LEU B 229 1.93 -12.11 4.98
C LEU B 229 2.49 -12.90 3.79
N SER B 230 2.70 -14.19 3.97
CA SER B 230 3.24 -15.00 2.88
C SER B 230 2.55 -16.34 2.74
N TRP B 231 2.49 -16.83 1.51
CA TRP B 231 1.87 -18.11 1.22
C TRP B 231 2.87 -19.03 0.49
N GLU B 232 4.06 -18.50 0.23
CA GLU B 232 5.13 -19.23 -0.47
C GLU B 232 4.64 -19.50 -1.90
N ASP B 233 4.42 -18.42 -2.63
CA ASP B 233 3.95 -18.47 -4.02
C ASP B 233 4.50 -17.23 -4.71
N GLY B 234 3.95 -16.11 -4.26
CA GLY B 234 4.29 -14.78 -4.73
C GLY B 234 3.29 -13.96 -3.95
N ARG B 235 2.17 -14.61 -3.67
CA ARG B 235 1.10 -13.99 -2.91
C ARG B 235 1.67 -13.45 -1.62
N THR B 236 1.87 -12.14 -1.59
CA THR B 236 2.40 -11.47 -0.42
C THR B 236 1.57 -10.20 -0.27
N ALA B 237 1.20 -9.89 0.97
CA ALA B 237 0.41 -8.69 1.22
C ALA B 237 0.90 -7.94 2.45
N THR B 238 0.31 -6.77 2.69
CA THR B 238 0.67 -5.99 3.86
C THR B 238 -0.52 -5.21 4.42
N ILE B 239 -0.57 -5.11 5.74
CA ILE B 239 -1.64 -4.34 6.38
C ILE B 239 -1.00 -3.29 7.26
N TYR B 240 -1.65 -2.13 7.35
CA TYR B 240 -1.15 -1.06 8.20
C TYR B 240 -2.33 -0.42 8.95
N CYS B 241 -2.10 -0.09 10.22
CA CYS B 241 -3.14 0.50 11.05
C CYS B 241 -2.58 1.54 12.01
N SER B 242 -3.28 2.65 12.16
CA SER B 242 -2.82 3.70 13.06
C SER B 242 -3.97 4.53 13.62
N PHE B 243 -3.89 4.81 14.90
CA PHE B 243 -4.89 5.62 15.60
C PHE B 243 -4.41 7.08 15.66
N LEU B 244 -3.17 7.32 15.24
CA LEU B 244 -2.58 8.64 15.28
C LEU B 244 -1.98 9.05 13.93
N ALA B 245 -2.75 8.90 12.86
CA ALA B 245 -2.30 9.24 11.53
C ALA B 245 -3.52 9.46 10.64
N ASN B 246 -3.57 10.65 10.03
CA ASN B 246 -4.66 11.06 9.14
C ASN B 246 -5.52 9.93 8.55
N LEU B 247 -6.83 10.18 8.47
CA LEU B 247 -7.76 9.22 7.91
C LEU B 247 -7.32 8.82 6.50
N THR B 248 -7.26 7.51 6.25
CA THR B 248 -6.85 6.96 4.96
C THR B 248 -7.17 5.47 4.95
N MSE B 249 -7.91 5.02 3.96
CA MSE B 249 -8.29 3.62 3.83
C MSE B 249 -8.24 3.25 2.36
O MSE B 249 -8.43 4.11 1.50
CB MSE B 249 -9.70 3.40 4.36
CG MSE B 249 -10.76 4.11 3.53
SE MSE B 249 -12.48 4.25 4.38
CE MSE B 249 -11.94 5.41 5.83
N GLU B 250 -7.99 1.97 2.08
CA GLU B 250 -7.91 1.51 0.70
C GLU B 250 -7.43 0.05 0.58
N ILE B 251 -7.66 -0.50 -0.60
CA ILE B 251 -7.22 -1.85 -0.92
C ILE B 251 -6.47 -1.68 -2.23
N THR B 252 -5.29 -2.29 -2.32
CA THR B 252 -4.50 -2.25 -3.54
C THR B 252 -4.01 -3.65 -3.89
N ALA B 253 -4.78 -4.34 -4.72
CA ALA B 253 -4.46 -5.69 -5.15
C ALA B 253 -3.91 -5.66 -6.58
N ILE B 254 -2.98 -6.56 -6.86
CA ILE B 254 -2.38 -6.61 -8.19
C ILE B 254 -2.03 -8.04 -8.60
N GLY B 255 -2.39 -8.39 -9.83
CA GLY B 255 -2.08 -9.70 -10.34
C GLY B 255 -1.29 -9.61 -11.64
N THR B 256 -0.96 -10.76 -12.22
CA THR B 256 -0.22 -10.82 -13.47
C THR B 256 -0.89 -10.00 -14.60
N LYS B 257 -2.23 -9.90 -14.55
CA LYS B 257 -2.98 -9.19 -15.57
C LYS B 257 -3.87 -8.08 -15.04
N GLY B 258 -4.12 -8.07 -13.74
CA GLY B 258 -4.99 -7.05 -13.17
C GLY B 258 -4.48 -6.29 -11.96
N THR B 259 -5.14 -5.19 -11.67
CA THR B 259 -4.80 -4.33 -10.52
C THR B 259 -6.10 -3.75 -10.00
N LEU B 260 -6.36 -3.92 -8.71
CA LEU B 260 -7.59 -3.40 -8.11
C LEU B 260 -7.32 -2.28 -7.13
N ARG B 261 -8.16 -1.26 -7.17
CA ARG B 261 -7.99 -0.13 -6.28
C ARG B 261 -9.30 0.49 -5.78
N VAL B 262 -9.39 0.62 -4.46
CA VAL B 262 -10.53 1.22 -3.81
C VAL B 262 -9.99 1.94 -2.59
N HIS B 263 -10.31 3.23 -2.46
CA HIS B 263 -9.84 4.06 -1.35
C HIS B 263 -10.89 4.40 -0.29
N ASP B 264 -11.99 3.67 -0.30
CA ASP B 264 -13.07 3.89 0.65
C ASP B 264 -13.77 2.56 0.89
N PHE B 265 -12.98 1.49 0.97
CA PHE B 265 -13.52 0.14 1.13
C PHE B 265 -14.17 -0.16 2.49
N ILE B 266 -13.85 0.64 3.51
CA ILE B 266 -14.43 0.42 4.83
C ILE B 266 -15.67 1.30 5.09
N ILE B 267 -15.57 2.57 4.69
CA ILE B 267 -16.66 3.53 4.85
C ILE B 267 -16.75 4.30 3.55
N PRO B 268 -17.66 3.89 2.66
CA PRO B 268 -17.83 4.56 1.36
C PRO B 268 -18.00 6.06 1.51
N TYR B 269 -17.56 6.82 0.51
CA TYR B 269 -17.70 8.27 0.53
C TYR B 269 -19.17 8.59 0.74
N LYS B 270 -20.01 8.01 -0.11
CA LYS B 270 -21.46 8.18 -0.04
C LYS B 270 -22.11 6.80 0.02
N GLU B 271 -23.07 6.65 0.94
CA GLU B 271 -23.76 5.37 1.10
C GLU B 271 -24.58 5.01 -0.13
N THR B 272 -24.88 6.01 -0.95
CA THR B 272 -25.66 5.82 -2.16
C THR B 272 -24.99 4.93 -3.21
N GLU B 273 -23.71 5.17 -3.47
CA GLU B 273 -22.98 4.39 -4.46
C GLU B 273 -21.61 3.97 -3.92
N ALA B 274 -20.89 3.18 -4.71
CA ALA B 274 -19.56 2.70 -4.34
C ALA B 274 -18.72 2.55 -5.61
N SER B 275 -17.48 3.03 -5.59
CA SER B 275 -16.61 2.94 -6.75
C SER B 275 -15.32 2.17 -6.49
N PHE B 276 -14.82 1.52 -7.55
CA PHE B 276 -13.58 0.76 -7.49
C PHE B 276 -12.92 0.91 -8.86
N THR B 277 -11.60 1.03 -8.86
CA THR B 277 -10.86 1.20 -10.09
C THR B 277 -10.18 -0.10 -10.53
N THR B 278 -10.21 -0.34 -11.84
CA THR B 278 -9.64 -1.54 -12.41
C THR B 278 -8.65 -1.27 -13.55
N SER B 279 -7.59 -2.09 -13.61
CA SER B 279 -6.56 -1.97 -14.63
C SER B 279 -6.17 -3.37 -15.08
N THR B 280 -6.29 -3.63 -16.38
CA THR B 280 -5.97 -4.95 -16.93
C THR B 280 -4.89 -4.88 -18.02
N LYS B 281 -3.81 -5.63 -17.81
CA LYS B 281 -2.70 -5.68 -18.75
C LYS B 281 -2.32 -4.27 -19.24
N ALA B 282 -1.92 -3.39 -18.32
CA ALA B 282 -1.55 -2.03 -18.69
C ALA B 282 -0.11 -1.93 -19.20
N TRP B 283 0.10 -1.01 -20.13
CA TRP B 283 1.44 -0.81 -20.66
C TRP B 283 1.66 0.61 -21.16
N PHE B 284 2.82 0.84 -21.76
CA PHE B 284 3.19 2.14 -22.28
C PHE B 284 3.22 2.13 -23.82
N ASN B 285 3.26 3.32 -24.42
CA ASN B 285 3.34 3.44 -25.86
C ASN B 285 4.80 3.12 -26.22
N ASP B 286 5.04 2.67 -27.44
CA ASP B 286 6.39 2.31 -27.88
C ASP B 286 7.56 3.04 -27.21
N LEU B 287 7.44 4.36 -27.05
CA LEU B 287 8.52 5.15 -26.47
C LEU B 287 8.43 5.41 -24.96
N VAL B 288 7.39 4.89 -24.33
CA VAL B 288 7.16 5.04 -22.88
C VAL B 288 7.01 6.51 -22.46
N THR B 289 6.26 7.29 -23.24
CA THR B 289 6.03 8.68 -22.91
C THR B 289 4.61 8.84 -22.36
N ALA B 290 3.91 7.72 -22.25
CA ALA B 290 2.54 7.68 -21.74
C ALA B 290 2.02 6.25 -21.61
N TRP B 291 1.00 6.05 -20.77
CA TRP B 291 0.36 4.74 -20.60
C TRP B 291 -0.53 4.59 -21.81
N VAL B 292 -0.64 3.39 -22.36
CA VAL B 292 -1.51 3.20 -23.52
C VAL B 292 -2.96 3.35 -23.08
N SER B 293 -3.23 3.01 -21.82
CA SER B 293 -4.59 3.11 -21.28
C SER B 293 -4.63 3.15 -19.75
N PRO B 294 -4.98 4.32 -19.17
CA PRO B 294 -5.07 4.51 -17.72
C PRO B 294 -6.21 3.71 -17.08
N PRO B 295 -6.08 3.37 -15.78
CA PRO B 295 -7.09 2.61 -15.06
C PRO B 295 -8.54 3.01 -15.36
N SER B 296 -9.47 2.12 -15.06
CA SER B 296 -10.90 2.35 -15.27
C SER B 296 -11.64 2.53 -13.94
N GLU B 297 -12.44 3.58 -13.85
CA GLU B 297 -13.21 3.84 -12.63
C GLU B 297 -14.62 3.29 -12.84
N HIS B 298 -15.08 2.48 -11.89
CA HIS B 298 -16.40 1.88 -11.95
C HIS B 298 -17.26 2.46 -10.85
N THR B 299 -18.57 2.28 -10.96
CA THR B 299 -19.50 2.80 -9.95
C THR B 299 -20.73 1.92 -9.84
N VAL B 300 -21.05 1.52 -8.61
CA VAL B 300 -22.19 0.64 -8.36
C VAL B 300 -23.29 1.33 -7.55
N LYS B 301 -24.53 1.12 -7.98
CA LYS B 301 -25.68 1.68 -7.29
C LYS B 301 -25.88 0.85 -6.04
N THR B 302 -26.14 1.51 -4.91
CA THR B 302 -26.39 0.81 -3.65
C THR B 302 -27.51 1.53 -2.91
N GLU B 303 -28.76 1.36 -3.38
CA GLU B 303 -29.88 2.04 -2.75
C GLU B 303 -30.00 1.71 -1.27
N LEU B 304 -29.47 0.55 -0.88
CA LEU B 304 -29.52 0.13 0.51
C LEU B 304 -28.09 0.14 1.08
N PRO B 305 -27.83 0.97 2.10
CA PRO B 305 -26.49 1.04 2.70
C PRO B 305 -26.01 -0.33 3.16
N GLN B 306 -24.69 -0.53 3.14
CA GLN B 306 -24.06 -1.79 3.50
C GLN B 306 -24.38 -2.35 4.89
N GLU B 307 -24.44 -1.49 5.91
CA GLU B 307 -24.74 -1.98 7.25
C GLU B 307 -26.14 -2.56 7.26
N ALA B 308 -27.06 -1.88 6.59
CA ALA B 308 -28.45 -2.36 6.54
C ALA B 308 -28.49 -3.63 5.71
N CYS B 309 -27.61 -3.72 4.72
CA CYS B 309 -27.55 -4.91 3.89
C CYS B 309 -27.06 -6.03 4.80
N MSE B 310 -26.21 -5.67 5.76
CA MSE B 310 -25.63 -6.63 6.71
C MSE B 310 -26.71 -7.20 7.61
O MSE B 310 -26.97 -8.41 7.60
CB MSE B 310 -24.54 -5.96 7.55
CG MSE B 310 -24.00 -6.83 8.68
SE MSE B 310 -22.59 -6.00 9.70
CE MSE B 310 -23.54 -5.55 11.30
N VAL B 311 -27.32 -6.34 8.42
CA VAL B 311 -28.38 -6.72 9.33
C VAL B 311 -29.43 -7.48 8.51
N ARG B 312 -29.60 -7.05 7.26
CA ARG B 312 -30.55 -7.65 6.36
C ARG B 312 -30.23 -9.13 6.11
N GLU B 313 -28.95 -9.46 5.98
CA GLU B 313 -28.51 -10.84 5.75
C GLU B 313 -28.56 -11.64 7.05
N PHE B 314 -28.02 -11.07 8.13
CA PHE B 314 -28.02 -11.73 9.42
C PHE B 314 -29.46 -12.14 9.77
N ALA B 315 -30.38 -11.18 9.66
CA ALA B 315 -31.78 -11.41 9.95
C ALA B 315 -32.34 -12.47 9.01
N ILE B 321 -34.01 -21.16 9.48
CA ILE B 321 -33.62 -21.70 10.78
C ILE B 321 -34.78 -21.72 11.78
N LYS B 322 -35.21 -20.54 12.22
CA LYS B 322 -36.32 -20.43 13.16
C LYS B 322 -37.66 -20.71 12.48
N ASN B 323 -37.70 -20.58 11.16
CA ASN B 323 -38.93 -20.82 10.41
C ASN B 323 -38.87 -22.00 9.44
N ASN B 324 -37.67 -22.31 8.95
CA ASN B 324 -37.50 -23.42 8.00
C ASN B 324 -36.66 -24.59 8.51
N GLY B 325 -36.02 -24.41 9.67
CA GLY B 325 -35.24 -25.48 10.25
C GLY B 325 -33.81 -25.61 9.76
N ALA B 326 -33.27 -24.55 9.18
CA ALA B 326 -31.90 -24.56 8.69
C ALA B 326 -30.93 -24.37 9.86
N LYS B 327 -29.69 -24.79 9.68
CA LYS B 327 -28.69 -24.63 10.73
C LYS B 327 -28.00 -23.28 10.55
N PRO B 328 -27.15 -22.89 11.51
CA PRO B 328 -26.47 -21.60 11.35
C PRO B 328 -25.45 -21.68 10.21
N ASP B 329 -25.22 -20.53 9.56
CA ASP B 329 -24.27 -20.46 8.46
C ASP B 329 -22.86 -20.45 9.02
N GLY B 330 -22.06 -21.42 8.60
CA GLY B 330 -20.70 -21.52 9.09
C GLY B 330 -19.68 -20.58 8.44
N TYR B 331 -20.04 -19.97 7.32
CA TYR B 331 -19.12 -19.07 6.64
C TYR B 331 -18.78 -17.87 7.52
N TRP B 332 -19.78 -17.34 8.21
CA TRP B 332 -19.53 -16.17 9.03
C TRP B 332 -18.63 -16.47 10.22
N PRO B 333 -19.03 -17.39 11.11
CA PRO B 333 -18.13 -17.65 12.23
C PRO B 333 -16.74 -18.04 11.71
N SER B 334 -16.72 -18.60 10.50
CA SER B 334 -15.47 -19.01 9.88
C SER B 334 -14.74 -17.84 9.20
N ILE B 335 -15.49 -16.89 8.65
CA ILE B 335 -14.84 -15.73 8.04
C ILE B 335 -14.53 -14.79 9.19
N SER B 336 -14.89 -15.21 10.39
CA SER B 336 -14.64 -14.41 11.57
C SER B 336 -13.44 -14.99 12.31
N ARG B 337 -13.33 -16.31 12.33
CA ARG B 337 -12.21 -16.94 13.01
C ARG B 337 -10.93 -16.70 12.21
N LYS B 338 -11.03 -16.73 10.89
CA LYS B 338 -9.85 -16.50 10.06
C LYS B 338 -9.26 -15.11 10.27
N THR B 339 -10.12 -14.10 10.23
CA THR B 339 -9.69 -12.72 10.42
C THR B 339 -9.25 -12.50 11.86
N GLN B 340 -10.01 -13.05 12.81
CA GLN B 340 -9.68 -12.92 14.21
C GLN B 340 -8.54 -13.85 14.58
N LEU B 341 -8.22 -14.78 13.68
CA LEU B 341 -7.13 -15.70 13.97
C LEU B 341 -5.79 -15.06 13.62
N VAL B 342 -5.80 -14.19 12.61
CA VAL B 342 -4.57 -13.53 12.18
C VAL B 342 -4.32 -12.24 12.95
N VAL B 343 -5.39 -11.55 13.32
CA VAL B 343 -5.23 -10.32 14.08
C VAL B 343 -4.37 -10.61 15.31
N ASP B 344 -4.49 -11.83 15.83
CA ASP B 344 -3.71 -12.25 16.98
C ASP B 344 -2.42 -12.95 16.56
N ALA B 345 -2.03 -12.75 15.30
CA ALA B 345 -0.79 -13.31 14.78
C ALA B 345 0.20 -12.15 14.75
N VAL B 346 -0.32 -10.97 14.44
CA VAL B 346 0.52 -9.77 14.40
C VAL B 346 1.07 -9.52 15.79
N LYS B 347 0.21 -9.11 16.73
CA LYS B 347 0.65 -8.84 18.10
C LYS B 347 1.47 -9.99 18.64
N GLU B 348 1.27 -11.18 18.07
CA GLU B 348 1.99 -12.37 18.49
C GLU B 348 3.46 -12.27 18.04
N SER B 349 3.73 -11.29 17.17
CA SER B 349 5.08 -11.05 16.67
C SER B 349 5.62 -9.71 17.19
N VAL B 350 4.72 -8.76 17.41
CA VAL B 350 5.12 -7.43 17.92
C VAL B 350 5.63 -7.56 19.35
N ASP B 351 5.31 -8.66 20.00
CA ASP B 351 5.73 -8.93 21.37
C ASP B 351 6.23 -10.37 21.42
N LYS B 352 7.22 -10.67 20.60
CA LYS B 352 7.81 -12.00 20.52
C LYS B 352 9.07 -11.96 19.66
N ASN B 353 9.74 -10.80 19.69
CA ASN B 353 10.98 -10.51 18.96
C ASN B 353 10.82 -10.50 17.44
N TYR B 354 9.70 -9.99 16.97
CA TYR B 354 9.43 -9.90 15.54
C TYR B 354 9.55 -11.25 14.86
N GLN B 355 9.03 -12.28 15.51
CA GLN B 355 9.06 -13.65 15.01
C GLN B 355 8.06 -13.84 13.87
N GLN B 356 8.46 -14.61 12.87
CA GLN B 356 7.57 -14.89 11.75
C GLN B 356 6.53 -15.93 12.17
N ILE B 357 5.57 -15.49 12.99
CA ILE B 357 4.49 -16.35 13.46
C ILE B 357 4.08 -17.38 12.41
N SER B 358 4.13 -18.66 12.79
CA SER B 358 3.77 -19.74 11.88
C SER B 358 2.32 -20.15 12.09
N LEU B 359 1.45 -19.77 11.17
CA LEU B 359 0.04 -20.10 11.30
C LEU B 359 -0.23 -21.53 10.83
N SER B 360 0.24 -22.49 11.61
CA SER B 360 0.05 -23.92 11.32
C SER B 360 -0.53 -24.67 12.50
N GLN A 6 23.13 23.69 -27.35
CA GLN A 6 23.96 24.57 -26.46
C GLN A 6 24.96 23.72 -25.67
N ILE A 7 24.68 22.43 -25.56
CA ILE A 7 25.55 21.50 -24.84
C ILE A 7 25.73 20.20 -25.61
N ARG A 8 26.99 19.93 -25.98
CA ARG A 8 27.38 18.75 -26.73
C ARG A 8 27.27 17.49 -25.89
N ILE A 9 26.29 16.66 -26.20
CA ILE A 9 26.07 15.44 -25.45
C ILE A 9 26.23 14.17 -26.26
N GLY A 10 26.84 13.17 -25.64
CA GLY A 10 27.05 11.90 -26.31
C GLY A 10 26.29 10.75 -25.67
N VAL A 11 26.04 9.71 -26.45
CA VAL A 11 25.33 8.54 -25.95
C VAL A 11 26.22 7.31 -25.95
N MSE A 12 26.69 6.92 -24.78
CA MSE A 12 27.55 5.74 -24.69
C MSE A 12 26.71 4.49 -24.44
O MSE A 12 26.30 4.21 -23.31
CB MSE A 12 28.57 5.93 -23.57
CG MSE A 12 29.61 4.82 -23.50
SE MSE A 12 31.11 5.38 -22.45
CE MSE A 12 32.12 6.29 -23.82
N GLY A 13 26.46 3.74 -25.51
CA GLY A 13 25.66 2.54 -25.41
C GLY A 13 24.41 2.63 -26.27
N CYS A 14 24.20 1.65 -27.13
CA CYS A 14 23.03 1.64 -28.00
C CYS A 14 21.87 0.93 -27.29
N ALA A 15 21.51 1.44 -26.12
CA ALA A 15 20.42 0.88 -25.33
C ALA A 15 19.07 1.36 -25.83
N ASP A 16 18.08 0.47 -25.87
CA ASP A 16 16.75 0.84 -26.34
C ASP A 16 16.19 2.03 -25.56
N ILE A 17 16.52 2.13 -24.27
CA ILE A 17 16.02 3.22 -23.47
C ILE A 17 16.77 4.52 -23.72
N ALA A 18 17.87 4.43 -24.47
CA ALA A 18 18.64 5.62 -24.79
C ALA A 18 17.93 6.35 -25.93
N ARG A 19 16.88 5.73 -26.45
CA ARG A 19 16.11 6.34 -27.53
C ARG A 19 15.32 7.50 -26.97
N LYS A 20 14.32 7.18 -26.14
CA LYS A 20 13.48 8.18 -25.50
C LYS A 20 14.30 9.35 -24.98
N VAL A 21 15.46 9.06 -24.40
CA VAL A 21 16.30 10.12 -23.88
C VAL A 21 16.88 11.01 -24.98
N SER A 22 17.11 10.45 -26.17
CA SER A 22 17.64 11.26 -27.26
C SER A 22 16.67 12.43 -27.45
N ARG A 23 15.37 12.14 -27.33
CA ARG A 23 14.34 13.18 -27.43
C ARG A 23 14.50 14.12 -26.22
N ALA A 24 14.83 13.56 -25.06
CA ALA A 24 15.02 14.36 -23.85
C ALA A 24 16.13 15.35 -24.15
N ILE A 25 17.29 14.83 -24.51
CA ILE A 25 18.43 15.68 -24.85
C ILE A 25 18.01 16.68 -25.92
N HIS A 26 17.35 16.17 -26.96
CA HIS A 26 16.86 17.00 -28.06
C HIS A 26 16.03 18.17 -27.54
N LEU A 27 14.85 17.84 -27.00
CA LEU A 27 13.91 18.83 -26.46
C LEU A 27 14.46 19.72 -25.35
N ALA A 28 15.52 19.28 -24.69
CA ALA A 28 16.10 20.09 -23.63
C ALA A 28 16.57 21.39 -24.28
N PRO A 29 16.48 22.52 -23.55
CA PRO A 29 16.92 23.80 -24.10
C PRO A 29 18.41 23.96 -24.35
N ASN A 30 19.22 23.78 -23.31
CA ASN A 30 20.67 23.92 -23.45
C ASN A 30 21.36 22.59 -23.68
N ALA A 31 20.81 21.77 -24.56
CA ALA A 31 21.40 20.47 -24.85
C ALA A 31 21.17 20.01 -26.27
N THR A 32 22.17 19.32 -26.81
CA THR A 32 22.11 18.80 -28.18
C THR A 32 22.81 17.44 -28.24
N ILE A 33 22.34 16.56 -29.11
CA ILE A 33 22.92 15.24 -29.26
C ILE A 33 24.11 15.35 -30.23
N SER A 34 25.32 15.42 -29.67
CA SER A 34 26.53 15.58 -30.46
C SER A 34 27.24 14.28 -30.84
N GLY A 35 27.17 13.27 -29.98
CA GLY A 35 27.83 12.02 -30.26
C GLY A 35 27.08 10.81 -29.75
N VAL A 36 27.47 9.63 -30.23
CA VAL A 36 26.85 8.36 -29.84
C VAL A 36 27.72 7.18 -30.30
N ALA A 37 28.12 6.34 -29.36
CA ALA A 37 28.96 5.19 -29.69
C ALA A 37 28.28 3.83 -29.50
N SER A 38 29.08 2.78 -29.69
CA SER A 38 28.62 1.41 -29.55
C SER A 38 29.83 0.49 -29.67
N ARG A 39 29.59 -0.81 -29.73
CA ARG A 39 30.67 -1.78 -29.88
C ARG A 39 30.87 -2.06 -31.37
N SER A 40 29.84 -1.83 -32.16
CA SER A 40 29.89 -2.02 -33.61
C SER A 40 29.14 -0.84 -34.23
N LEU A 41 29.79 -0.13 -35.15
CA LEU A 41 29.13 1.02 -35.77
C LEU A 41 28.02 0.62 -36.76
N GLU A 42 27.58 -0.62 -36.69
CA GLU A 42 26.50 -1.08 -37.55
C GLU A 42 25.20 -0.51 -37.01
N LYS A 43 24.85 -0.91 -35.78
CA LYS A 43 23.63 -0.44 -35.12
C LYS A 43 23.73 1.04 -34.77
N ALA A 44 24.94 1.48 -34.44
CA ALA A 44 25.19 2.88 -34.09
C ALA A 44 24.80 3.78 -35.26
N LYS A 45 24.89 3.24 -36.46
CA LYS A 45 24.54 3.98 -37.67
C LYS A 45 23.02 4.03 -37.83
N ALA A 46 22.38 2.86 -37.76
CA ALA A 46 20.93 2.78 -37.90
C ALA A 46 20.21 3.44 -36.73
N PHE A 47 20.79 3.31 -35.53
CA PHE A 47 20.18 3.92 -34.35
C PHE A 47 20.06 5.42 -34.62
N ALA A 48 21.16 6.02 -35.07
CA ALA A 48 21.21 7.44 -35.38
C ALA A 48 20.18 7.81 -36.43
N THR A 49 20.13 7.01 -37.50
CA THR A 49 19.17 7.26 -38.57
C THR A 49 17.76 7.07 -38.02
N ALA A 50 17.44 5.83 -37.65
CA ALA A 50 16.14 5.49 -37.10
C ALA A 50 15.69 6.47 -36.02
N ASN A 51 16.63 7.15 -35.39
CA ASN A 51 16.30 8.10 -34.33
C ASN A 51 16.39 9.60 -34.68
N ASN A 52 16.38 9.92 -35.96
CA ASN A 52 16.42 11.31 -36.39
C ASN A 52 17.67 12.07 -35.95
N TYR A 53 18.75 11.35 -35.65
CA TYR A 53 19.99 11.99 -35.23
C TYR A 53 20.52 12.94 -36.30
N PRO A 54 20.96 14.14 -35.89
CA PRO A 54 21.49 15.11 -36.86
C PRO A 54 22.70 14.52 -37.59
N GLU A 55 23.31 15.32 -38.46
CA GLU A 55 24.44 14.86 -39.24
C GLU A 55 25.81 15.04 -38.57
N SER A 56 25.98 16.12 -37.82
CA SER A 56 27.25 16.38 -37.14
C SER A 56 27.59 15.32 -36.09
N THR A 57 26.60 14.57 -35.64
CA THR A 57 26.83 13.53 -34.63
C THR A 57 27.79 12.48 -35.18
N LYS A 58 28.82 12.16 -34.40
CA LYS A 58 29.80 11.16 -34.81
C LYS A 58 29.34 9.76 -34.40
N ILE A 59 29.19 8.88 -35.38
CA ILE A 59 28.75 7.51 -35.10
C ILE A 59 29.94 6.62 -34.79
N HIS A 60 30.52 6.82 -33.61
CA HIS A 60 31.67 6.06 -33.15
C HIS A 60 31.39 4.55 -33.17
N GLY A 61 32.42 3.77 -33.49
CA GLY A 61 32.28 2.33 -33.53
C GLY A 61 32.81 1.66 -32.28
N SER A 62 33.13 2.48 -31.28
CA SER A 62 33.64 1.98 -29.99
C SER A 62 33.35 3.01 -28.90
N TYR A 63 33.09 2.55 -27.67
CA TYR A 63 32.81 3.48 -26.59
C TYR A 63 34.08 4.29 -26.36
N GLU A 64 35.22 3.61 -26.47
CA GLU A 64 36.52 4.25 -26.28
C GLU A 64 36.66 5.42 -27.24
N SER A 65 36.12 5.25 -28.45
CA SER A 65 36.17 6.28 -29.46
C SER A 65 35.48 7.55 -28.94
N LEU A 66 34.60 7.37 -27.96
CA LEU A 66 33.88 8.48 -27.38
C LEU A 66 34.63 9.13 -26.21
N LEU A 67 35.38 8.34 -25.45
CA LEU A 67 36.12 8.89 -24.31
C LEU A 67 37.44 9.52 -24.74
N GLU A 68 37.53 9.92 -26.01
CA GLU A 68 38.75 10.53 -26.52
C GLU A 68 38.41 11.75 -27.37
N ASP A 69 37.12 11.93 -27.65
CA ASP A 69 36.71 13.08 -28.44
C ASP A 69 36.53 14.28 -27.52
N PRO A 70 37.30 15.34 -27.74
CA PRO A 70 37.23 16.56 -26.93
C PRO A 70 36.06 17.45 -27.31
N GLU A 71 35.29 17.00 -28.30
CA GLU A 71 34.13 17.76 -28.76
C GLU A 71 32.86 17.39 -27.97
N ILE A 72 33.03 16.63 -26.89
CA ILE A 72 31.91 16.21 -26.05
C ILE A 72 32.10 16.60 -24.58
N ASP A 73 31.16 17.38 -24.04
CA ASP A 73 31.23 17.83 -22.65
C ASP A 73 30.83 16.77 -21.64
N ALA A 74 29.74 16.05 -21.93
CA ALA A 74 29.26 15.02 -21.00
C ALA A 74 28.69 13.80 -21.70
N LEU A 75 28.42 12.75 -20.93
CA LEU A 75 27.89 11.51 -21.48
C LEU A 75 26.63 10.99 -20.78
N TYR A 76 25.77 10.32 -21.56
CA TYR A 76 24.57 9.66 -21.05
C TYR A 76 25.00 8.20 -21.10
N VAL A 77 24.96 7.52 -19.97
CA VAL A 77 25.40 6.13 -19.94
C VAL A 77 24.28 5.08 -19.70
N PRO A 78 23.59 4.66 -20.77
CA PRO A 78 22.50 3.66 -20.69
C PRO A 78 23.05 2.24 -20.70
N LEU A 79 24.13 2.01 -19.97
CA LEU A 79 24.75 0.69 -19.95
C LEU A 79 24.25 -0.21 -18.83
N PRO A 80 24.27 -1.54 -19.04
CA PRO A 80 23.82 -2.49 -18.01
C PRO A 80 24.52 -2.13 -16.73
N THR A 81 23.84 -2.36 -15.60
CA THR A 81 24.38 -2.04 -14.29
C THR A 81 25.84 -2.48 -14.10
N SER A 82 26.20 -3.61 -14.68
CA SER A 82 27.54 -4.15 -14.54
C SER A 82 28.69 -3.36 -15.20
N LEU A 83 28.39 -2.54 -16.20
CA LEU A 83 29.45 -1.77 -16.85
C LEU A 83 29.61 -0.35 -16.31
N HIS A 84 29.04 -0.07 -15.15
CA HIS A 84 29.15 1.26 -14.58
C HIS A 84 30.47 1.46 -13.82
N VAL A 85 30.76 0.55 -12.90
CA VAL A 85 31.98 0.69 -12.11
C VAL A 85 33.22 0.89 -12.99
N GLU A 86 33.19 0.33 -14.20
CA GLU A 86 34.30 0.44 -15.14
C GLU A 86 34.23 1.66 -16.07
N TRP A 87 33.14 1.76 -16.82
CA TRP A 87 32.98 2.86 -17.76
C TRP A 87 32.71 4.22 -17.16
N ALA A 88 32.25 4.24 -15.91
CA ALA A 88 31.98 5.49 -15.22
C ALA A 88 33.31 6.08 -14.76
N ILE A 89 34.19 5.26 -14.18
CA ILE A 89 35.49 5.75 -13.73
C ILE A 89 36.27 6.25 -14.95
N LYS A 90 36.21 5.48 -16.04
CA LYS A 90 36.90 5.82 -17.29
C LYS A 90 36.31 7.03 -18.00
N ALA A 91 35.12 7.44 -17.60
CA ALA A 91 34.52 8.60 -18.23
C ALA A 91 35.01 9.86 -17.50
N ALA A 92 35.07 9.76 -16.18
CA ALA A 92 35.51 10.86 -15.34
C ALA A 92 37.01 11.12 -15.50
N GLU A 93 37.78 10.04 -15.62
CA GLU A 93 39.22 10.16 -15.77
C GLU A 93 39.53 10.91 -17.06
N LYS A 94 38.57 10.92 -17.97
CA LYS A 94 38.72 11.64 -19.24
C LYS A 94 38.01 13.00 -19.11
N GLY A 95 37.70 13.36 -17.87
CA GLY A 95 37.05 14.64 -17.59
C GLY A 95 35.69 14.88 -18.22
N LYS A 96 34.85 13.86 -18.30
CA LYS A 96 33.54 14.05 -18.89
C LYS A 96 32.45 13.87 -17.84
N HIS A 97 31.45 14.75 -17.87
CA HIS A 97 30.34 14.71 -16.94
C HIS A 97 29.42 13.54 -17.30
N ILE A 98 28.85 12.90 -16.28
CA ILE A 98 28.00 11.73 -16.53
C ILE A 98 26.54 11.76 -16.08
N LEU A 99 25.66 11.41 -17.01
CA LEU A 99 24.24 11.28 -16.73
C LEU A 99 24.15 9.74 -16.74
N LEU A 100 24.32 9.14 -15.55
CA LEU A 100 24.31 7.69 -15.38
C LEU A 100 22.92 7.06 -15.18
N GLU A 101 22.54 6.15 -16.08
CA GLU A 101 21.25 5.47 -15.99
C GLU A 101 21.11 4.70 -14.69
N LYS A 102 19.91 4.69 -14.13
CA LYS A 102 19.64 4.00 -12.88
C LYS A 102 19.47 2.50 -13.12
N PRO A 103 19.90 1.66 -12.16
CA PRO A 103 20.53 2.08 -10.91
C PRO A 103 21.96 2.54 -11.18
N VAL A 104 22.61 3.15 -10.19
CA VAL A 104 23.97 3.65 -10.37
C VAL A 104 25.07 2.62 -10.46
N ALA A 105 24.97 1.54 -9.69
CA ALA A 105 25.98 0.50 -9.71
C ALA A 105 25.49 -0.74 -8.96
N MSE A 106 26.31 -1.78 -8.96
CA MSE A 106 25.96 -3.03 -8.29
C MSE A 106 26.00 -2.90 -6.76
O MSE A 106 25.63 -3.83 -6.05
CB MSE A 106 26.90 -4.16 -8.74
CG MSE A 106 26.83 -4.51 -10.22
SE MSE A 106 25.10 -5.20 -10.75
CE MSE A 106 24.95 -6.63 -9.45
N ASN A 107 26.48 -1.77 -6.27
CA ASN A 107 26.55 -1.52 -4.83
C ASN A 107 27.18 -0.15 -4.54
N VAL A 108 26.90 0.39 -3.36
CA VAL A 108 27.42 1.69 -2.97
C VAL A 108 28.94 1.74 -3.07
N THR A 109 29.60 0.64 -2.70
CA THR A 109 31.06 0.56 -2.78
C THR A 109 31.54 0.99 -4.17
N GLU A 110 30.94 0.40 -5.21
CA GLU A 110 31.28 0.73 -6.59
C GLU A 110 30.86 2.16 -6.92
N PHE A 111 29.72 2.59 -6.41
CA PHE A 111 29.24 3.95 -6.70
C PHE A 111 30.20 4.98 -6.11
N ASP A 112 30.58 4.80 -4.85
CA ASP A 112 31.50 5.76 -4.22
C ASP A 112 32.77 5.88 -5.05
N LYS A 113 33.25 4.76 -5.57
CA LYS A 113 34.44 4.78 -6.41
C LYS A 113 34.19 5.67 -7.63
N ILE A 114 32.97 5.65 -8.14
CA ILE A 114 32.58 6.45 -9.30
C ILE A 114 32.39 7.90 -8.87
N VAL A 115 31.94 8.09 -7.64
CA VAL A 115 31.72 9.44 -7.13
C VAL A 115 33.08 10.10 -6.94
N ASP A 116 33.92 9.48 -6.12
CA ASP A 116 35.26 9.98 -5.86
C ASP A 116 36.00 10.29 -7.16
N ALA A 117 35.94 9.36 -8.10
CA ALA A 117 36.60 9.54 -9.40
C ALA A 117 36.07 10.78 -10.11
N CYS A 118 34.76 11.03 -9.99
CA CYS A 118 34.16 12.21 -10.61
C CYS A 118 34.62 13.46 -9.84
N GLU A 119 34.86 13.28 -8.54
CA GLU A 119 35.32 14.35 -7.67
C GLU A 119 36.77 14.70 -7.97
N ALA A 120 37.62 13.68 -8.01
CA ALA A 120 39.03 13.86 -8.30
C ALA A 120 39.22 14.64 -9.60
N ASN A 121 38.30 14.42 -10.53
CA ASN A 121 38.33 15.07 -11.84
C ASN A 121 37.35 16.23 -11.94
N GLY A 122 36.75 16.60 -10.82
CA GLY A 122 35.81 17.70 -10.79
C GLY A 122 34.68 17.69 -11.81
N VAL A 123 34.00 16.56 -12.00
CA VAL A 123 32.88 16.55 -12.93
C VAL A 123 31.54 16.28 -12.25
N GLN A 124 30.47 16.60 -12.95
CA GLN A 124 29.11 16.44 -12.43
C GLN A 124 28.51 15.08 -12.81
N ILE A 125 27.89 14.43 -11.84
CA ILE A 125 27.24 13.14 -12.11
C ILE A 125 25.79 13.17 -11.62
N MSE A 126 24.89 12.68 -12.45
CA MSE A 126 23.46 12.64 -12.14
C MSE A 126 22.83 11.34 -12.69
O MSE A 126 23.00 11.02 -13.87
CB MSE A 126 22.76 13.86 -12.74
CG MSE A 126 21.24 13.91 -12.52
SE MSE A 126 20.44 15.60 -13.04
CE MSE A 126 19.58 15.10 -14.66
N ASP A 127 22.12 10.60 -11.83
CA ASP A 127 21.48 9.36 -12.27
C ASP A 127 20.35 9.69 -13.22
N GLY A 128 19.87 8.67 -13.93
CA GLY A 128 18.79 8.87 -14.88
C GLY A 128 17.34 8.80 -14.39
N THR A 129 17.11 9.02 -13.10
CA THR A 129 15.74 9.01 -12.57
C THR A 129 15.04 10.24 -13.16
N MSE A 130 13.94 10.03 -13.86
CA MSE A 130 13.25 11.14 -14.51
C MSE A 130 12.20 11.86 -13.67
O MSE A 130 12.25 13.09 -13.55
CB MSE A 130 12.61 10.66 -15.82
CG MSE A 130 13.33 9.48 -16.47
SE MSE A 130 12.50 8.94 -18.14
CE MSE A 130 14.10 8.62 -19.21
N TRP A 131 11.27 11.11 -13.09
CA TRP A 131 10.16 11.67 -12.32
C TRP A 131 10.49 12.72 -11.26
N VAL A 132 11.66 12.63 -10.65
CA VAL A 132 12.02 13.61 -9.63
C VAL A 132 12.21 14.97 -10.28
N HIS A 133 12.31 14.99 -11.61
CA HIS A 133 12.48 16.27 -12.32
C HIS A 133 11.17 16.80 -12.88
N ASN A 134 10.12 16.00 -12.80
CA ASN A 134 8.81 16.44 -13.29
C ASN A 134 8.35 17.58 -12.38
N PRO A 135 7.75 18.63 -12.97
CA PRO A 135 7.28 19.79 -12.19
C PRO A 135 6.39 19.37 -11.00
N ARG A 136 5.56 18.36 -11.20
CA ARG A 136 4.67 17.85 -10.16
C ARG A 136 5.41 17.50 -8.88
N THR A 137 6.64 17.03 -9.03
CA THR A 137 7.42 16.63 -7.87
C THR A 137 7.77 17.81 -6.99
N ALA A 138 7.61 19.02 -7.53
CA ALA A 138 7.88 20.23 -6.78
C ALA A 138 6.60 20.66 -6.04
N LEU A 139 5.51 20.79 -6.79
CA LEU A 139 4.24 21.20 -6.23
C LEU A 139 3.57 19.98 -5.60
N LEU A 140 4.33 19.31 -4.76
CA LEU A 140 3.90 18.10 -4.05
C LEU A 140 4.94 17.80 -2.98
N LYS A 141 6.17 18.19 -3.24
CA LYS A 141 7.26 18.01 -2.29
C LYS A 141 6.97 19.05 -1.22
N GLU A 142 6.28 20.10 -1.64
CA GLU A 142 5.89 21.19 -0.76
C GLU A 142 4.73 20.73 0.13
N PHE A 143 3.82 19.94 -0.45
CA PHE A 143 2.67 19.44 0.29
C PHE A 143 3.09 18.59 1.48
N LEU A 144 4.21 17.90 1.34
CA LEU A 144 4.73 17.05 2.42
C LEU A 144 5.60 17.87 3.37
N SER A 145 5.73 19.16 3.08
CA SER A 145 6.54 20.06 3.92
C SER A 145 5.66 20.89 4.87
N ASP A 146 4.37 20.97 4.58
CA ASP A 146 3.45 21.74 5.41
C ASP A 146 3.27 21.02 6.74
N SER A 147 3.35 21.76 7.85
CA SER A 147 3.22 21.15 9.16
C SER A 147 1.76 21.08 9.63
N GLU A 148 0.85 21.66 8.85
CA GLU A 148 -0.55 21.62 9.20
C GLU A 148 -1.41 21.01 8.10
N ARG A 149 -0.89 21.03 6.87
CA ARG A 149 -1.62 20.45 5.74
C ARG A 149 -1.31 18.96 5.65
N PHE A 150 -0.13 18.57 6.12
CA PHE A 150 0.27 17.17 6.09
C PHE A 150 0.66 16.68 7.48
N GLY A 151 1.40 17.51 8.21
CA GLY A 151 1.80 17.16 9.57
C GLY A 151 3.12 16.44 9.69
N GLN A 152 3.23 15.59 10.71
CA GLN A 152 4.44 14.81 10.95
C GLN A 152 4.32 13.42 10.30
N LEU A 153 5.13 13.18 9.27
CA LEU A 153 5.11 11.90 8.55
C LEU A 153 5.14 10.70 9.50
N LYS A 154 4.36 9.68 9.17
CA LYS A 154 4.31 8.47 9.99
C LYS A 154 4.84 7.25 9.25
N THR A 155 4.29 7.01 8.05
CA THR A 155 4.71 5.87 7.25
C THR A 155 4.61 6.20 5.77
N VAL A 156 5.58 5.76 4.99
CA VAL A 156 5.56 6.04 3.56
C VAL A 156 5.42 4.74 2.79
N GLN A 157 4.35 4.64 2.00
CA GLN A 157 4.07 3.46 1.20
C GLN A 157 4.32 3.73 -0.28
N SER A 158 5.09 2.85 -0.92
CA SER A 158 5.37 3.01 -2.34
C SER A 158 5.77 1.69 -2.99
N CYS A 159 5.33 1.47 -4.22
CA CYS A 159 5.67 0.25 -4.92
C CYS A 159 5.73 0.45 -6.44
N PHE A 160 6.27 -0.56 -7.11
CA PHE A 160 6.37 -0.56 -8.56
C PHE A 160 6.59 -1.99 -9.08
N SER A 161 6.03 -2.28 -10.24
CA SER A 161 6.15 -3.60 -10.84
C SER A 161 5.37 -3.65 -12.13
N PHE A 162 5.80 -4.52 -13.03
CA PHE A 162 5.10 -4.67 -14.29
C PHE A 162 5.00 -6.17 -14.56
N ALA A 163 4.45 -6.54 -15.70
CA ALA A 163 4.28 -7.96 -15.99
C ALA A 163 5.24 -8.50 -17.03
N GLY A 164 6.41 -8.94 -16.56
CA GLY A 164 7.38 -9.50 -17.48
C GLY A 164 6.81 -10.70 -18.22
N ASP A 165 6.79 -10.63 -19.54
CA ASP A 165 6.28 -11.75 -20.34
C ASP A 165 7.35 -12.84 -20.38
N GLU A 166 7.08 -13.91 -21.12
CA GLU A 166 8.01 -15.03 -21.22
C GLU A 166 9.40 -14.65 -21.73
N ASP A 167 9.44 -13.95 -22.86
CA ASP A 167 10.71 -13.53 -23.44
C ASP A 167 11.55 -12.69 -22.47
N PHE A 168 10.92 -11.69 -21.87
CA PHE A 168 11.60 -10.82 -20.92
C PHE A 168 12.23 -11.68 -19.81
N LEU A 169 11.51 -12.72 -19.39
CA LEU A 169 11.99 -13.58 -18.33
C LEU A 169 13.03 -14.59 -18.79
N LYS A 170 13.28 -14.65 -20.08
CA LYS A 170 14.25 -15.59 -20.63
C LYS A 170 15.35 -14.89 -21.44
N ASN A 171 15.56 -13.60 -21.19
CA ASN A 171 16.57 -12.86 -21.94
C ASN A 171 16.94 -11.47 -21.43
N ASP A 172 15.95 -10.64 -21.11
CA ASP A 172 16.22 -9.28 -20.63
C ASP A 172 17.42 -9.20 -19.68
N ILE A 173 18.21 -8.13 -19.79
CA ILE A 173 19.39 -7.98 -18.94
C ILE A 173 19.06 -7.81 -17.46
N ARG A 174 17.80 -7.50 -17.16
CA ARG A 174 17.35 -7.32 -15.79
C ARG A 174 17.05 -8.62 -15.05
N VAL A 175 17.34 -9.76 -15.68
CA VAL A 175 17.15 -11.06 -15.06
C VAL A 175 18.50 -11.78 -15.14
N LYS A 176 19.51 -11.11 -15.70
CA LYS A 176 20.86 -11.65 -15.84
C LYS A 176 21.76 -11.21 -14.69
N PRO A 177 22.26 -12.17 -13.89
CA PRO A 177 23.14 -11.87 -12.77
C PRO A 177 24.41 -11.11 -13.14
N GLY A 178 24.97 -11.45 -14.30
CA GLY A 178 26.19 -10.80 -14.75
C GLY A 178 26.01 -9.40 -15.30
N LEU A 179 24.78 -9.06 -15.69
CA LEU A 179 24.48 -7.74 -16.26
C LEU A 179 23.77 -6.86 -15.22
N ASP A 180 22.47 -6.64 -15.43
CA ASP A 180 21.68 -5.86 -14.47
C ASP A 180 21.25 -6.79 -13.36
N GLY A 181 22.24 -7.30 -12.63
CA GLY A 181 21.99 -8.25 -11.57
C GLY A 181 21.12 -7.89 -10.37
N LEU A 182 20.72 -6.62 -10.23
CA LEU A 182 19.87 -6.27 -9.08
C LEU A 182 18.40 -6.61 -9.31
N GLY A 183 18.08 -7.01 -10.54
CA GLY A 183 16.72 -7.38 -10.89
C GLY A 183 15.62 -6.38 -10.57
N ALA A 184 14.50 -6.89 -10.09
CA ALA A 184 13.36 -6.04 -9.76
C ALA A 184 13.67 -5.07 -8.62
N LEU A 185 14.68 -5.39 -7.83
CA LEU A 185 15.06 -4.53 -6.72
C LEU A 185 15.70 -3.26 -7.24
N GLY A 186 16.75 -3.42 -8.05
CA GLY A 186 17.44 -2.26 -8.59
C GLY A 186 16.66 -1.54 -9.68
N ASP A 187 15.96 -2.30 -10.51
CA ASP A 187 15.21 -1.71 -11.61
C ASP A 187 13.90 -1.04 -11.18
N ALA A 188 13.17 -1.68 -10.26
CA ALA A 188 11.91 -1.11 -9.81
C ALA A 188 11.94 -0.59 -8.37
N GLY A 189 12.60 -1.32 -7.48
CA GLY A 189 12.67 -0.89 -6.09
C GLY A 189 13.16 0.55 -6.01
N TRP A 190 14.23 0.82 -6.75
CA TRP A 190 14.85 2.13 -6.85
C TRP A 190 13.82 3.27 -6.79
N TYR A 191 12.94 3.31 -7.78
CA TYR A 191 11.90 4.35 -7.86
C TYR A 191 11.08 4.50 -6.59
N ALA A 192 10.63 3.38 -6.03
CA ALA A 192 9.84 3.43 -4.81
C ALA A 192 10.72 3.94 -3.69
N ILE A 193 11.83 3.26 -3.44
CA ILE A 193 12.77 3.66 -2.41
C ILE A 193 13.10 5.14 -2.53
N ARG A 194 13.18 5.62 -3.77
CA ARG A 194 13.51 7.02 -4.02
C ARG A 194 12.41 7.94 -3.48
N ALA A 195 11.16 7.54 -3.64
CA ALA A 195 10.04 8.36 -3.17
C ALA A 195 10.03 8.32 -1.64
N THR A 196 10.38 7.16 -1.10
CA THR A 196 10.43 6.94 0.33
C THR A 196 11.48 7.84 0.98
N LEU A 197 12.52 8.19 0.22
CA LEU A 197 13.58 9.04 0.73
C LEU A 197 13.21 10.51 0.57
N LEU A 198 12.52 10.82 -0.53
CA LEU A 198 12.10 12.18 -0.81
C LEU A 198 11.06 12.63 0.25
N ALA A 199 10.09 11.76 0.53
CA ALA A 199 9.06 12.06 1.51
C ALA A 199 9.62 12.11 2.92
N ASN A 200 10.66 11.32 3.19
CA ASN A 200 11.29 11.26 4.52
C ASN A 200 12.40 12.29 4.72
N ASN A 201 12.38 13.37 3.95
CA ASN A 201 13.37 14.42 4.07
C ASN A 201 14.83 13.97 3.88
N PHE A 202 15.04 13.06 2.95
CA PHE A 202 16.38 12.57 2.61
C PHE A 202 17.11 11.77 3.69
N GLU A 203 16.40 11.35 4.72
CA GLU A 203 17.02 10.58 5.78
C GLU A 203 17.18 9.12 5.38
N LEU A 204 17.92 8.37 6.19
CA LEU A 204 18.15 6.95 5.96
C LEU A 204 17.57 6.16 7.13
N PRO A 205 16.84 5.08 6.85
CA PRO A 205 16.29 4.30 7.95
C PRO A 205 17.40 3.69 8.80
N LYS A 206 17.09 3.28 10.03
CA LYS A 206 18.10 2.67 10.88
C LYS A 206 18.25 1.19 10.50
N THR A 207 17.13 0.53 10.23
CA THR A 207 17.18 -0.87 9.87
C THR A 207 16.32 -1.24 8.67
N VAL A 208 16.64 -2.37 8.06
CA VAL A 208 15.90 -2.83 6.91
C VAL A 208 15.63 -4.31 7.08
N THR A 209 14.44 -4.73 6.64
CA THR A 209 14.05 -6.13 6.72
C THR A 209 13.13 -6.48 5.56
N ALA A 210 13.60 -7.38 4.71
CA ALA A 210 12.83 -7.81 3.55
C ALA A 210 11.57 -8.55 4.01
N PHE A 211 10.61 -8.70 3.10
CA PHE A 211 9.36 -9.40 3.39
C PHE A 211 9.57 -10.87 3.08
N PRO A 212 9.28 -11.76 4.04
CA PRO A 212 9.47 -13.18 3.71
C PRO A 212 8.58 -13.54 2.51
N GLY A 213 9.17 -14.20 1.50
CA GLY A 213 8.40 -14.57 0.33
C GLY A 213 8.97 -14.06 -0.99
N ALA A 214 10.14 -13.43 -0.92
CA ALA A 214 10.80 -12.91 -2.11
C ALA A 214 10.90 -13.97 -3.19
N VAL A 215 11.06 -13.56 -4.45
CA VAL A 215 11.17 -14.49 -5.56
C VAL A 215 12.40 -14.20 -6.42
N LEU A 216 13.47 -14.97 -6.20
CA LEU A 216 14.69 -14.80 -6.96
C LEU A 216 14.77 -15.90 -8.02
N ASN A 217 15.12 -15.54 -9.26
CA ASN A 217 15.21 -16.53 -10.32
C ASN A 217 16.24 -17.60 -9.95
N GLU A 218 16.38 -18.62 -10.80
CA GLU A 218 17.34 -19.70 -10.55
C GLU A 218 18.73 -19.15 -10.22
N ALA A 219 19.18 -18.17 -11.00
CA ALA A 219 20.50 -17.57 -10.80
C ALA A 219 20.51 -16.71 -9.53
N GLY A 220 19.33 -16.49 -8.96
CA GLY A 220 19.24 -15.71 -7.74
C GLY A 220 18.82 -14.26 -7.89
N VAL A 221 18.83 -13.73 -9.13
CA VAL A 221 18.42 -12.35 -9.35
C VAL A 221 16.98 -12.16 -8.86
N ILE A 222 16.75 -11.04 -8.17
CA ILE A 222 15.43 -10.75 -7.64
C ILE A 222 14.43 -10.33 -8.71
N LEU A 223 13.32 -11.05 -8.78
CA LEU A 223 12.28 -10.73 -9.74
C LEU A 223 11.19 -10.00 -8.99
N SER A 224 11.06 -10.28 -7.69
CA SER A 224 10.08 -9.61 -6.83
C SER A 224 10.62 -9.59 -5.41
N CYS A 225 10.26 -8.55 -4.65
CA CYS A 225 10.71 -8.43 -3.27
C CYS A 225 10.00 -7.27 -2.57
N GLY A 226 10.05 -7.27 -1.24
CA GLY A 226 9.42 -6.23 -0.45
C GLY A 226 10.14 -6.04 0.87
N ALA A 227 9.79 -4.99 1.63
CA ALA A 227 10.47 -4.75 2.90
C ALA A 227 9.88 -3.57 3.66
N SER A 228 10.47 -3.27 4.81
CA SER A 228 10.04 -2.15 5.63
C SER A 228 11.27 -1.39 6.13
N LEU A 229 11.14 -0.08 6.25
CA LEU A 229 12.23 0.77 6.73
C LEU A 229 11.77 1.37 8.05
N SER A 230 12.65 1.38 9.05
CA SER A 230 12.28 1.92 10.35
C SER A 230 13.21 3.01 10.87
N TRP A 231 12.62 4.13 11.26
CA TRP A 231 13.38 5.26 11.79
C TRP A 231 13.36 5.28 13.33
N GLU A 232 12.78 4.23 13.92
CA GLU A 232 12.70 4.08 15.37
C GLU A 232 12.00 5.21 16.14
N ASP A 233 11.56 6.25 15.44
CA ASP A 233 10.89 7.37 16.09
C ASP A 233 9.39 7.39 15.82
N GLY A 234 8.87 6.24 15.38
CA GLY A 234 7.45 6.15 15.08
C GLY A 234 7.24 6.08 13.58
N ARG A 235 8.30 6.39 12.83
CA ARG A 235 8.25 6.35 11.36
C ARG A 235 8.73 5.01 10.83
N THR A 236 7.98 4.49 9.87
CA THR A 236 8.30 3.22 9.23
C THR A 236 8.04 3.42 7.75
N ALA A 237 8.35 2.41 6.94
CA ALA A 237 8.11 2.51 5.52
C ALA A 237 8.06 1.12 4.90
N THR A 238 7.19 0.95 3.90
CA THR A 238 7.10 -0.33 3.22
C THR A 238 7.42 -0.13 1.74
N ILE A 239 7.97 -1.16 1.13
CA ILE A 239 8.30 -1.08 -0.27
C ILE A 239 8.14 -2.43 -0.91
N TYR A 240 7.54 -2.43 -2.10
CA TYR A 240 7.31 -3.65 -2.84
C TYR A 240 7.72 -3.40 -4.28
N CYS A 241 8.17 -4.45 -4.95
CA CYS A 241 8.58 -4.35 -6.33
C CYS A 241 8.52 -5.73 -6.96
N SER A 242 8.15 -5.80 -8.24
CA SER A 242 8.03 -7.07 -8.93
C SER A 242 8.14 -6.95 -10.44
N PHE A 243 8.64 -8.00 -11.06
CA PHE A 243 8.77 -8.09 -12.53
C PHE A 243 7.67 -9.03 -13.03
N LEU A 244 6.77 -9.41 -12.13
CA LEU A 244 5.71 -10.35 -12.45
C LEU A 244 4.29 -9.82 -12.20
N ALA A 245 4.18 -8.61 -11.66
CA ALA A 245 2.86 -8.06 -11.38
C ALA A 245 2.48 -6.85 -12.24
N ASN A 246 1.24 -6.88 -12.74
CA ASN A 246 0.69 -5.85 -13.59
C ASN A 246 1.12 -4.43 -13.21
N LEU A 247 1.40 -3.62 -14.24
CA LEU A 247 1.84 -2.24 -14.09
C LEU A 247 1.08 -1.54 -12.96
N THR A 248 1.84 -1.05 -11.98
CA THR A 248 1.27 -0.36 -10.83
C THR A 248 2.38 0.55 -10.30
N MSE A 249 2.03 1.81 -10.06
CA MSE A 249 3.00 2.79 -9.57
C MSE A 249 2.30 3.62 -8.50
O MSE A 249 1.58 4.56 -8.82
CB MSE A 249 3.46 3.70 -10.71
CG MSE A 249 3.96 2.94 -11.93
SE MSE A 249 4.29 4.10 -13.45
CE MSE A 249 2.63 5.06 -13.44
N GLU A 250 2.51 3.27 -7.24
CA GLU A 250 1.84 3.98 -6.17
C GLU A 250 2.75 4.66 -5.16
N ILE A 251 2.29 5.80 -4.68
CA ILE A 251 2.97 6.56 -3.64
C ILE A 251 1.89 6.93 -2.63
N THR A 252 2.04 6.45 -1.41
CA THR A 252 1.10 6.81 -0.35
C THR A 252 1.91 7.20 0.88
N ALA A 253 1.63 8.38 1.40
CA ALA A 253 2.33 8.89 2.58
C ALA A 253 1.29 9.46 3.51
N ILE A 254 1.54 9.35 4.82
CA ILE A 254 0.61 9.87 5.82
C ILE A 254 1.41 10.50 6.96
N GLY A 255 1.13 11.76 7.24
CA GLY A 255 1.83 12.46 8.30
C GLY A 255 1.06 12.66 9.58
N THR A 256 0.40 13.81 9.70
CA THR A 256 -0.40 14.12 10.87
C THR A 256 -1.74 14.76 10.53
N LYS A 257 -1.78 15.57 9.47
CA LYS A 257 -3.01 16.24 9.10
C LYS A 257 -3.41 16.02 7.65
N GLY A 258 -2.57 15.31 6.91
CA GLY A 258 -2.87 15.05 5.52
C GLY A 258 -2.44 13.69 5.01
N THR A 259 -2.97 13.33 3.84
CA THR A 259 -2.66 12.06 3.20
C THR A 259 -2.24 12.35 1.77
N LEU A 260 -1.12 11.79 1.35
CA LEU A 260 -0.65 12.00 -0.02
C LEU A 260 -0.64 10.71 -0.81
N ARG A 261 -1.17 10.75 -2.03
CA ARG A 261 -1.20 9.56 -2.87
C ARG A 261 -0.85 9.89 -4.32
N VAL A 262 -0.13 8.97 -4.98
CA VAL A 262 0.22 9.16 -6.37
C VAL A 262 -0.03 7.84 -7.12
N HIS A 263 -0.96 7.88 -8.07
CA HIS A 263 -1.31 6.69 -8.85
C HIS A 263 -0.28 6.39 -9.94
N ASP A 264 0.52 7.40 -10.26
CA ASP A 264 1.59 7.24 -11.24
C ASP A 264 2.88 7.54 -10.49
N PHE A 265 3.54 8.63 -10.85
CA PHE A 265 4.79 9.06 -10.22
C PHE A 265 6.01 8.66 -11.02
N ILE A 266 5.97 7.50 -11.66
CA ILE A 266 7.06 7.07 -12.54
C ILE A 266 6.42 7.14 -13.92
N ILE A 267 6.83 8.07 -14.77
CA ILE A 267 6.17 8.15 -16.07
C ILE A 267 4.67 8.41 -15.86
N PRO A 268 4.22 9.66 -16.03
CA PRO A 268 2.79 9.95 -15.85
C PRO A 268 1.97 9.34 -16.97
N TYR A 269 0.64 9.43 -16.86
CA TYR A 269 -0.26 8.88 -17.86
C TYR A 269 -0.03 9.55 -19.21
N LYS A 270 0.06 10.88 -19.18
CA LYS A 270 0.30 11.67 -20.38
C LYS A 270 1.36 12.72 -20.07
N GLU A 271 2.47 12.69 -20.79
CA GLU A 271 3.58 13.61 -20.55
C GLU A 271 3.14 15.08 -20.50
N THR A 272 1.99 15.36 -21.11
CA THR A 272 1.46 16.71 -21.16
C THR A 272 0.85 17.19 -19.86
N GLU A 273 1.01 16.41 -18.79
CA GLU A 273 0.48 16.80 -17.48
C GLU A 273 0.70 15.73 -16.40
N ALA A 274 0.60 16.15 -15.14
CA ALA A 274 0.79 15.27 -14.00
C ALA A 274 -0.25 15.53 -12.90
N SER A 275 -0.98 14.48 -12.52
CA SER A 275 -2.02 14.60 -11.50
C SER A 275 -1.66 13.95 -10.16
N PHE A 276 -2.50 14.19 -9.16
CA PHE A 276 -2.31 13.62 -7.83
C PHE A 276 -3.48 14.03 -6.91
N THR A 277 -3.71 13.23 -5.87
CA THR A 277 -4.80 13.48 -4.94
C THR A 277 -4.28 13.94 -3.58
N THR A 278 -5.05 14.80 -2.91
CA THR A 278 -4.66 15.33 -1.61
C THR A 278 -5.82 15.28 -0.61
N SER A 279 -5.49 15.18 0.67
CA SER A 279 -6.52 15.12 1.71
C SER A 279 -6.00 15.58 3.07
N THR A 280 -6.72 16.52 3.68
CA THR A 280 -6.35 17.06 4.98
C THR A 280 -7.62 17.22 5.84
N LYS A 281 -7.46 17.15 7.16
CA LYS A 281 -8.60 17.31 8.07
C LYS A 281 -9.79 16.51 7.55
N ALA A 282 -9.56 15.24 7.22
CA ALA A 282 -10.63 14.42 6.70
C ALA A 282 -11.30 13.61 7.79
N TRP A 283 -12.62 13.46 7.70
CA TRP A 283 -13.37 12.72 8.69
C TRP A 283 -14.73 12.27 8.14
N PHE A 284 -15.58 11.76 9.02
CA PHE A 284 -16.91 11.29 8.64
C PHE A 284 -17.91 12.23 9.29
N ASN A 285 -19.18 12.11 8.91
CA ASN A 285 -20.20 12.93 9.53
C ASN A 285 -20.55 12.25 10.85
N ASP A 286 -21.39 12.89 11.66
CA ASP A 286 -21.77 12.37 12.97
C ASP A 286 -22.09 10.88 13.08
N LEU A 287 -22.84 10.36 12.11
CA LEU A 287 -23.21 8.94 12.19
C LEU A 287 -22.28 8.03 11.40
N VAL A 288 -21.13 8.56 10.99
CA VAL A 288 -20.16 7.80 10.22
C VAL A 288 -20.88 7.11 9.07
N THR A 289 -21.77 7.85 8.43
CA THR A 289 -22.54 7.35 7.31
C THR A 289 -21.96 7.90 6.00
N ALA A 290 -20.92 8.72 6.11
CA ALA A 290 -20.28 9.32 4.94
C ALA A 290 -19.05 10.16 5.27
N TRP A 291 -18.28 10.49 4.24
CA TRP A 291 -17.07 11.32 4.37
C TRP A 291 -17.51 12.78 4.33
N VAL A 292 -17.03 13.58 5.28
CA VAL A 292 -17.42 14.99 5.32
C VAL A 292 -16.74 15.80 4.22
N SER A 293 -15.44 15.57 4.03
CA SER A 293 -14.69 16.25 2.96
C SER A 293 -13.64 15.29 2.40
N PRO A 294 -13.99 14.57 1.33
CA PRO A 294 -13.11 13.61 0.67
C PRO A 294 -11.91 14.26 -0.01
N PRO A 295 -10.91 13.45 -0.41
CA PRO A 295 -9.69 13.93 -1.07
C PRO A 295 -9.92 14.67 -2.39
N SER A 296 -9.04 15.62 -2.67
CA SER A 296 -9.13 16.44 -3.87
C SER A 296 -8.17 15.99 -4.96
N GLU A 297 -8.49 16.34 -6.20
CA GLU A 297 -7.67 15.99 -7.36
C GLU A 297 -6.97 17.22 -7.95
N HIS A 298 -5.66 17.11 -8.16
CA HIS A 298 -4.85 18.20 -8.71
C HIS A 298 -4.10 17.77 -9.97
N THR A 299 -4.24 18.54 -11.04
CA THR A 299 -3.55 18.25 -12.30
C THR A 299 -2.74 19.44 -12.78
N VAL A 300 -1.49 19.19 -13.16
CA VAL A 300 -0.63 20.26 -13.65
C VAL A 300 -0.23 19.99 -15.11
N LYS A 301 -0.48 20.97 -15.97
CA LYS A 301 -0.16 20.86 -17.39
C LYS A 301 1.36 20.85 -17.57
N THR A 302 1.84 20.04 -18.51
CA THR A 302 3.28 19.97 -18.78
C THR A 302 3.56 19.90 -20.29
N GLU A 303 3.68 21.08 -20.91
CA GLU A 303 3.94 21.22 -22.33
C GLU A 303 5.33 20.72 -22.72
N LEU A 304 6.11 20.35 -21.72
CA LEU A 304 7.47 19.85 -21.93
C LEU A 304 7.66 18.53 -21.21
N PRO A 305 8.02 17.46 -21.93
CA PRO A 305 8.22 16.15 -21.30
C PRO A 305 9.10 16.30 -20.05
N GLN A 306 9.09 15.30 -19.18
CA GLN A 306 9.89 15.38 -17.97
C GLN A 306 11.34 14.94 -18.16
N GLU A 307 11.56 13.90 -18.94
CA GLU A 307 12.92 13.42 -19.18
C GLU A 307 13.76 14.53 -19.77
N ALA A 308 13.14 15.40 -20.56
CA ALA A 308 13.84 16.52 -21.17
C ALA A 308 14.17 17.54 -20.09
N CYS A 309 13.25 17.70 -19.15
CA CYS A 309 13.42 18.63 -18.04
C CYS A 309 14.57 18.14 -17.18
N MSE A 310 14.86 16.84 -17.29
CA MSE A 310 15.95 16.22 -16.57
C MSE A 310 17.26 16.63 -17.24
O MSE A 310 18.11 17.23 -16.61
CB MSE A 310 15.83 14.69 -16.60
CG MSE A 310 17.08 13.94 -16.14
SE MSE A 310 16.92 12.00 -16.19
CE MSE A 310 16.96 11.73 -18.11
N VAL A 311 17.38 16.29 -18.53
CA VAL A 311 18.57 16.63 -19.30
C VAL A 311 18.92 18.10 -19.11
N ARG A 312 17.94 18.97 -19.31
CA ARG A 312 18.15 20.41 -19.15
C ARG A 312 18.91 20.68 -17.85
N GLU A 313 18.35 20.22 -16.74
CA GLU A 313 18.98 20.41 -15.44
C GLU A 313 20.40 19.86 -15.40
N PHE A 314 20.63 18.77 -16.14
CA PHE A 314 21.96 18.17 -16.18
C PHE A 314 22.91 19.15 -16.84
N ALA A 315 22.48 19.71 -17.96
CA ALA A 315 23.28 20.67 -18.70
C ALA A 315 23.40 22.01 -17.95
N ARG A 316 24.64 22.42 -17.70
CA ARG A 316 24.92 23.67 -16.98
C ARG A 316 26.38 24.13 -17.21
N LEU A 317 27.15 23.28 -17.87
CA LEU A 317 28.55 23.57 -18.18
C LEU A 317 29.46 23.61 -16.95
N VAL A 318 29.94 24.81 -16.61
CA VAL A 318 30.85 25.03 -15.49
C VAL A 318 32.08 24.13 -15.58
N TYR A 331 25.12 16.34 -3.89
CA TYR A 331 23.67 16.31 -3.84
C TYR A 331 23.12 15.10 -4.58
N TRP A 332 23.15 15.15 -5.91
CA TRP A 332 22.64 14.06 -6.71
C TRP A 332 23.39 12.78 -6.41
N PRO A 333 24.73 12.83 -6.37
CA PRO A 333 25.42 11.58 -6.06
C PRO A 333 25.10 11.15 -4.64
N SER A 334 24.78 12.12 -3.80
CA SER A 334 24.44 11.83 -2.41
C SER A 334 23.14 11.02 -2.32
N ILE A 335 22.07 11.56 -2.91
CA ILE A 335 20.78 10.87 -2.88
C ILE A 335 20.88 9.54 -3.64
N SER A 336 21.65 9.53 -4.72
CA SER A 336 21.83 8.31 -5.49
C SER A 336 22.44 7.24 -4.58
N ARG A 337 23.40 7.67 -3.77
CA ARG A 337 24.09 6.78 -2.84
C ARG A 337 23.14 6.33 -1.73
N LYS A 338 22.25 7.21 -1.31
CA LYS A 338 21.31 6.83 -0.26
C LYS A 338 20.35 5.75 -0.77
N THR A 339 19.90 5.89 -2.00
CA THR A 339 18.99 4.91 -2.56
C THR A 339 19.73 3.60 -2.87
N GLN A 340 20.93 3.71 -3.41
CA GLN A 340 21.71 2.50 -3.71
C GLN A 340 21.88 1.76 -2.37
N LEU A 341 22.27 2.51 -1.34
CA LEU A 341 22.47 1.95 0.00
C LEU A 341 21.19 1.27 0.49
N VAL A 342 20.05 1.91 0.30
CA VAL A 342 18.79 1.31 0.73
C VAL A 342 18.57 0.05 -0.09
N VAL A 343 19.01 0.07 -1.33
CA VAL A 343 18.90 -1.07 -2.23
C VAL A 343 19.75 -2.22 -1.70
N ASP A 344 20.96 -1.92 -1.26
CA ASP A 344 21.86 -2.94 -0.73
C ASP A 344 21.33 -3.53 0.58
N ALA A 345 20.79 -2.66 1.43
CA ALA A 345 20.25 -3.11 2.71
C ALA A 345 19.17 -4.15 2.43
N VAL A 346 18.21 -3.80 1.58
CA VAL A 346 17.12 -4.71 1.22
C VAL A 346 17.66 -6.04 0.71
N LYS A 347 18.59 -5.96 -0.25
CA LYS A 347 19.21 -7.13 -0.84
C LYS A 347 19.95 -7.93 0.23
N GLU A 348 20.68 -7.24 1.09
CA GLU A 348 21.43 -7.87 2.17
C GLU A 348 20.46 -8.64 3.07
N SER A 349 19.34 -8.00 3.40
CA SER A 349 18.33 -8.60 4.26
C SER A 349 17.78 -9.90 3.67
N VAL A 350 17.57 -9.91 2.36
CA VAL A 350 17.08 -11.11 1.69
C VAL A 350 18.16 -12.18 1.81
N ASP A 351 19.38 -11.83 1.43
CA ASP A 351 20.51 -12.75 1.49
C ASP A 351 20.66 -13.39 2.88
N LYS A 352 20.44 -12.60 3.93
CA LYS A 352 20.57 -13.12 5.29
C LYS A 352 19.23 -13.64 5.82
N ASN A 353 18.46 -14.25 4.93
CA ASN A 353 17.16 -14.82 5.25
C ASN A 353 16.17 -13.90 5.95
N TYR A 354 16.00 -12.70 5.39
CA TYR A 354 15.05 -11.72 5.92
C TYR A 354 15.37 -11.25 7.33
N GLN A 355 16.60 -11.49 7.77
CA GLN A 355 17.02 -11.03 9.09
C GLN A 355 17.03 -9.51 9.01
N GLN A 356 16.93 -8.85 10.16
CA GLN A 356 16.97 -7.39 10.15
C GLN A 356 18.40 -7.00 9.79
N ILE A 357 18.57 -5.82 9.19
CA ILE A 357 19.88 -5.35 8.79
C ILE A 357 20.03 -3.90 9.21
N SER A 358 21.16 -3.58 9.84
CA SER A 358 21.41 -2.21 10.29
C SER A 358 22.01 -1.37 9.19
N LEU A 359 21.63 -0.09 9.14
CA LEU A 359 22.15 0.84 8.13
C LEU A 359 23.04 1.91 8.72
N SER A 360 23.30 1.82 10.02
CA SER A 360 24.14 2.80 10.71
C SER A 360 23.72 4.23 10.40
N GLN B 6 -39.29 -8.07 11.00
CA GLN B 6 -39.79 -9.44 11.30
C GLN B 6 -38.98 -10.07 12.44
N ILE B 7 -37.65 -10.16 12.28
CA ILE B 7 -36.79 -10.72 13.32
C ILE B 7 -36.59 -9.68 14.42
N ARG B 8 -36.98 -10.02 15.64
CA ARG B 8 -36.85 -9.10 16.77
C ARG B 8 -35.42 -9.05 17.28
N ILE B 9 -34.79 -7.88 17.17
CA ILE B 9 -33.41 -7.70 17.62
C ILE B 9 -33.30 -6.80 18.84
N GLY B 10 -32.37 -7.15 19.73
CA GLY B 10 -32.17 -6.37 20.93
C GLY B 10 -30.77 -5.79 20.92
N VAL B 11 -30.60 -4.63 21.55
CA VAL B 11 -29.29 -3.99 21.60
C VAL B 11 -28.67 -4.26 22.97
N MSE B 12 -27.65 -5.11 23.01
CA MSE B 12 -26.97 -5.44 24.27
C MSE B 12 -25.78 -4.54 24.54
O MSE B 12 -24.62 -4.98 24.46
CB MSE B 12 -26.53 -6.91 24.26
CG MSE B 12 -25.93 -7.40 25.58
SE MSE B 12 -26.31 -9.29 25.90
CE MSE B 12 -24.71 -10.07 25.13
N GLY B 13 -26.05 -3.29 24.88
CA GLY B 13 -25.00 -2.32 25.13
C GLY B 13 -25.30 -1.05 24.36
N CYS B 14 -25.47 0.06 25.05
CA CYS B 14 -25.78 1.31 24.39
C CYS B 14 -24.56 2.11 23.93
N ALA B 15 -23.80 1.50 23.00
CA ALA B 15 -22.61 2.12 22.43
C ALA B 15 -23.04 3.13 21.39
N ASP B 16 -22.17 4.08 21.09
CA ASP B 16 -22.48 5.12 20.11
C ASP B 16 -22.64 4.54 18.70
N ILE B 17 -21.97 3.42 18.43
CA ILE B 17 -22.06 2.79 17.12
C ILE B 17 -23.41 2.09 16.95
N ALA B 18 -24.17 2.03 18.03
CA ALA B 18 -25.48 1.39 17.99
C ALA B 18 -26.50 2.26 17.27
N ARG B 19 -26.22 3.56 17.17
CA ARG B 19 -27.13 4.48 16.50
C ARG B 19 -27.19 4.20 14.99
N LYS B 20 -26.03 4.00 14.38
CA LYS B 20 -25.94 3.72 12.95
C LYS B 20 -26.51 2.35 12.62
N VAL B 21 -26.09 1.33 13.38
CA VAL B 21 -26.58 -0.03 13.13
C VAL B 21 -28.10 -0.15 13.28
N SER B 22 -28.67 0.62 14.20
CA SER B 22 -30.11 0.60 14.40
C SER B 22 -30.83 1.07 13.14
N ARG B 23 -30.32 2.14 12.52
CA ARG B 23 -30.94 2.65 11.31
C ARG B 23 -30.89 1.55 10.25
N ALA B 24 -29.86 0.72 10.36
CA ALA B 24 -29.66 -0.39 9.44
C ALA B 24 -30.71 -1.42 9.77
N ILE B 25 -31.02 -1.54 11.05
CA ILE B 25 -32.01 -2.53 11.44
C ILE B 25 -33.41 -2.33 10.85
N HIS B 26 -33.97 -1.12 10.85
CA HIS B 26 -35.29 -1.06 10.23
C HIS B 26 -35.38 -0.59 8.78
N LEU B 27 -34.24 -0.53 8.11
CA LEU B 27 -34.23 -0.22 6.68
C LEU B 27 -34.23 -1.66 6.15
N ALA B 28 -34.63 -2.57 7.04
CA ALA B 28 -34.71 -4.02 6.83
C ALA B 28 -35.18 -4.51 5.46
N PRO B 29 -36.47 -4.89 5.28
CA PRO B 29 -37.68 -4.96 6.09
C PRO B 29 -37.91 -6.33 6.76
N ASN B 30 -36.84 -7.07 7.00
CA ASN B 30 -36.94 -8.38 7.63
C ASN B 30 -36.31 -8.41 9.01
N ALA B 31 -36.34 -7.28 9.71
CA ALA B 31 -35.78 -7.16 11.04
C ALA B 31 -36.27 -5.85 11.65
N THR B 32 -36.36 -5.78 12.97
CA THR B 32 -36.83 -4.57 13.63
C THR B 32 -36.20 -4.43 15.02
N ILE B 33 -36.39 -3.27 15.63
CA ILE B 33 -35.85 -3.00 16.96
C ILE B 33 -36.93 -3.32 17.98
N SER B 34 -36.74 -4.40 18.73
CA SER B 34 -37.72 -4.83 19.72
C SER B 34 -37.22 -4.71 21.16
N GLY B 35 -35.92 -4.47 21.33
CA GLY B 35 -35.38 -4.36 22.67
C GLY B 35 -34.03 -3.70 22.76
N VAL B 36 -33.78 -3.09 23.91
CA VAL B 36 -32.54 -2.39 24.18
C VAL B 36 -32.14 -2.68 25.62
N ALA B 37 -30.87 -3.03 25.80
CA ALA B 37 -30.37 -3.34 27.14
C ALA B 37 -29.13 -2.51 27.46
N SER B 38 -29.13 -1.88 28.63
CA SER B 38 -28.01 -1.07 29.08
C SER B 38 -27.61 -1.51 30.48
N ARG B 39 -26.55 -0.91 31.00
CA ARG B 39 -26.06 -1.21 32.35
C ARG B 39 -26.93 -0.43 33.33
N SER B 40 -27.33 0.77 32.90
CA SER B 40 -28.17 1.63 33.71
C SER B 40 -29.52 1.82 33.03
N LEU B 41 -30.60 1.67 33.80
CA LEU B 41 -31.93 1.85 33.23
C LEU B 41 -32.00 3.28 32.71
N GLU B 42 -31.41 4.21 33.47
CA GLU B 42 -31.40 5.62 33.09
C GLU B 42 -30.74 5.76 31.73
N LYS B 43 -29.89 4.79 31.38
CA LYS B 43 -29.20 4.79 30.10
C LYS B 43 -30.07 4.27 28.97
N ALA B 44 -30.57 3.04 29.11
CA ALA B 44 -31.42 2.47 28.07
C ALA B 44 -32.63 3.40 27.93
N LYS B 45 -32.83 4.20 28.97
CA LYS B 45 -33.92 5.17 29.01
C LYS B 45 -33.57 6.29 28.05
N ALA B 46 -32.45 6.95 28.31
CA ALA B 46 -31.97 8.06 27.50
C ALA B 46 -31.69 7.62 26.06
N PHE B 47 -30.93 6.52 25.91
CA PHE B 47 -30.57 6.03 24.60
C PHE B 47 -31.77 5.83 23.68
N ALA B 48 -32.75 5.06 24.15
CA ALA B 48 -33.94 4.79 23.36
C ALA B 48 -34.61 6.08 22.90
N THR B 49 -34.49 7.13 23.71
CA THR B 49 -35.08 8.43 23.40
C THR B 49 -34.40 9.10 22.22
N ALA B 50 -33.08 8.92 22.15
CA ALA B 50 -32.29 9.51 21.08
C ALA B 50 -32.34 8.68 19.81
N ASN B 51 -32.35 7.35 19.96
CA ASN B 51 -32.39 6.50 18.78
C ASN B 51 -33.83 6.43 18.30
N ASN B 52 -34.72 7.10 19.02
CA ASN B 52 -36.12 7.15 18.66
C ASN B 52 -36.66 5.75 18.29
N TYR B 53 -36.35 4.76 19.13
CA TYR B 53 -36.81 3.40 18.88
C TYR B 53 -38.32 3.46 18.78
N PRO B 54 -38.93 2.53 18.03
CA PRO B 54 -40.39 2.54 17.88
C PRO B 54 -41.12 2.42 19.22
N GLU B 55 -42.42 2.16 19.16
CA GLU B 55 -43.20 2.01 20.39
C GLU B 55 -43.20 0.54 20.78
N SER B 56 -42.40 -0.25 20.07
CA SER B 56 -42.29 -1.67 20.34
C SER B 56 -40.87 -2.07 20.71
N THR B 57 -40.35 -1.45 21.77
CA THR B 57 -39.01 -1.77 22.26
C THR B 57 -39.04 -1.93 23.77
N LYS B 58 -38.59 -3.07 24.26
CA LYS B 58 -38.57 -3.31 25.70
C LYS B 58 -37.27 -2.74 26.28
N ILE B 59 -37.39 -1.81 27.21
CA ILE B 59 -36.21 -1.20 27.83
C ILE B 59 -35.72 -1.99 29.03
N HIS B 60 -34.45 -2.40 28.98
CA HIS B 60 -33.84 -3.22 30.02
C HIS B 60 -32.63 -2.58 30.72
N GLY B 61 -32.60 -2.73 32.05
CA GLY B 61 -31.51 -2.17 32.83
C GLY B 61 -30.43 -3.18 33.19
N SER B 62 -30.31 -4.24 32.39
CA SER B 62 -29.30 -5.27 32.65
C SER B 62 -29.12 -6.21 31.47
N TYR B 63 -27.87 -6.64 31.26
CA TYR B 63 -27.56 -7.56 30.18
C TYR B 63 -28.32 -8.86 30.41
N GLU B 64 -28.25 -9.36 31.64
CA GLU B 64 -28.92 -10.61 32.00
C GLU B 64 -30.39 -10.55 31.63
N SER B 65 -31.07 -9.51 32.10
CA SER B 65 -32.50 -9.33 31.80
C SER B 65 -32.77 -9.43 30.30
N LEU B 66 -31.88 -8.88 29.49
CA LEU B 66 -32.05 -8.93 28.04
C LEU B 66 -32.26 -10.37 27.58
N LEU B 67 -31.37 -11.26 28.02
CA LEU B 67 -31.45 -12.67 27.66
C LEU B 67 -32.58 -13.34 28.43
N GLU B 68 -33.61 -12.57 28.78
CA GLU B 68 -34.74 -13.10 29.53
C GLU B 68 -36.08 -12.61 28.98
N ASP B 69 -36.13 -12.37 27.66
CA ASP B 69 -37.37 -11.91 27.04
C ASP B 69 -37.70 -12.78 25.84
N PRO B 70 -38.94 -13.32 25.81
CA PRO B 70 -39.41 -14.19 24.72
C PRO B 70 -40.01 -13.45 23.53
N GLU B 71 -39.56 -12.22 23.30
CA GLU B 71 -40.06 -11.44 22.18
C GLU B 71 -38.91 -10.85 21.34
N ILE B 72 -37.73 -11.43 21.51
CA ILE B 72 -36.52 -11.03 20.81
C ILE B 72 -35.79 -12.28 20.33
N ASP B 73 -35.45 -12.34 19.05
CA ASP B 73 -34.76 -13.49 18.50
C ASP B 73 -33.22 -13.34 18.51
N ALA B 74 -32.74 -12.15 18.18
CA ALA B 74 -31.29 -11.94 18.13
C ALA B 74 -30.79 -10.65 18.78
N LEU B 75 -29.48 -10.59 18.98
CA LEU B 75 -28.85 -9.44 19.61
C LEU B 75 -27.69 -8.87 18.81
N TYR B 76 -27.49 -7.57 18.94
CA TYR B 76 -26.40 -6.83 18.33
C TYR B 76 -25.59 -6.45 19.55
N VAL B 77 -24.34 -6.88 19.59
CA VAL B 77 -23.51 -6.63 20.77
C VAL B 77 -22.32 -5.71 20.57
N PRO B 78 -22.56 -4.38 20.59
CA PRO B 78 -21.48 -3.41 20.40
C PRO B 78 -20.68 -3.23 21.69
N LEU B 79 -20.64 -4.26 22.51
CA LEU B 79 -19.92 -4.21 23.77
C LEU B 79 -18.42 -4.08 23.55
N PRO B 80 -17.68 -3.55 24.54
CA PRO B 80 -16.23 -3.41 24.40
C PRO B 80 -15.64 -4.76 24.04
N THR B 81 -14.44 -4.75 23.46
CA THR B 81 -13.76 -5.98 23.05
C THR B 81 -13.59 -6.98 24.19
N SER B 82 -12.81 -6.58 25.20
CA SER B 82 -12.53 -7.43 26.36
C SER B 82 -13.75 -7.68 27.23
N LEU B 83 -14.88 -7.94 26.59
CA LEU B 83 -16.10 -8.19 27.32
C LEU B 83 -17.09 -8.96 26.44
N HIS B 84 -16.56 -9.85 25.60
CA HIS B 84 -17.41 -10.64 24.70
C HIS B 84 -17.54 -12.11 25.07
N VAL B 85 -16.42 -12.75 25.36
CA VAL B 85 -16.41 -14.17 25.70
C VAL B 85 -17.40 -14.52 26.81
N GLU B 86 -17.61 -13.61 27.75
CA GLU B 86 -18.54 -13.87 28.83
C GLU B 86 -19.99 -13.68 28.42
N TRP B 87 -20.31 -12.49 27.94
CA TRP B 87 -21.67 -12.13 27.55
C TRP B 87 -22.19 -12.69 26.23
N ALA B 88 -21.30 -13.02 25.30
CA ALA B 88 -21.75 -13.58 24.03
C ALA B 88 -22.24 -14.99 24.36
N ILE B 89 -21.40 -15.75 25.05
CA ILE B 89 -21.72 -17.11 25.45
C ILE B 89 -23.05 -17.18 26.21
N LYS B 90 -23.19 -16.37 27.24
CA LYS B 90 -24.43 -16.34 28.00
C LYS B 90 -25.59 -16.13 27.04
N ALA B 91 -25.39 -15.23 26.07
CA ALA B 91 -26.41 -14.92 25.07
C ALA B 91 -26.76 -16.19 24.27
N ALA B 92 -25.73 -16.93 23.87
CA ALA B 92 -25.95 -18.16 23.12
C ALA B 92 -26.72 -19.13 24.02
N GLU B 93 -26.37 -19.10 25.31
CA GLU B 93 -27.01 -19.97 26.29
C GLU B 93 -28.51 -19.72 26.49
N LYS B 94 -29.03 -18.66 25.88
CA LYS B 94 -30.45 -18.36 26.02
C LYS B 94 -31.18 -18.46 24.69
N GLY B 95 -30.48 -18.96 23.67
CA GLY B 95 -31.09 -19.11 22.36
C GLY B 95 -31.21 -17.81 21.58
N LYS B 96 -30.40 -16.82 21.92
CA LYS B 96 -30.43 -15.54 21.21
C LYS B 96 -29.33 -15.48 20.17
N HIS B 97 -29.70 -15.44 18.89
CA HIS B 97 -28.72 -15.34 17.82
C HIS B 97 -27.97 -14.04 18.08
N ILE B 98 -26.66 -14.03 17.83
CA ILE B 98 -25.87 -12.84 18.13
C ILE B 98 -24.89 -12.33 17.07
N LEU B 99 -24.86 -11.01 16.93
CA LEU B 99 -23.96 -10.33 16.01
C LEU B 99 -22.91 -9.60 16.86
N LEU B 100 -21.74 -10.22 16.99
CA LEU B 100 -20.64 -9.68 17.80
C LEU B 100 -19.78 -8.64 17.08
N GLU B 101 -19.49 -7.55 17.78
CA GLU B 101 -18.67 -6.48 17.22
C GLU B 101 -17.21 -6.89 17.24
N LYS B 102 -16.46 -6.36 16.29
CA LYS B 102 -15.04 -6.66 16.19
C LYS B 102 -14.27 -5.56 16.93
N PRO B 103 -13.07 -5.89 17.45
CA PRO B 103 -12.44 -7.21 17.40
C PRO B 103 -13.05 -8.15 18.44
N VAL B 104 -13.22 -9.43 18.09
CA VAL B 104 -13.80 -10.42 18.99
C VAL B 104 -13.25 -10.44 20.42
N ALA B 105 -12.22 -11.24 20.63
CA ALA B 105 -11.61 -11.38 21.95
C ALA B 105 -10.25 -10.72 22.11
N MSE B 106 -9.31 -11.49 22.65
CA MSE B 106 -7.94 -11.07 22.91
C MSE B 106 -7.00 -12.22 22.58
O MSE B 106 -5.90 -12.33 23.11
CB MSE B 106 -7.77 -10.69 24.38
CG MSE B 106 -8.18 -9.26 24.67
SE MSE B 106 -7.05 -7.98 23.75
CE MSE B 106 -5.79 -7.67 25.19
N ASN B 107 -7.48 -13.08 21.67
CA ASN B 107 -6.79 -14.26 21.18
C ASN B 107 -7.88 -15.13 20.58
N VAL B 108 -7.51 -16.16 19.83
CA VAL B 108 -8.49 -17.02 19.18
C VAL B 108 -9.09 -18.11 20.10
N THR B 109 -8.53 -18.28 21.29
CA THR B 109 -9.04 -19.28 22.22
C THR B 109 -10.40 -18.84 22.77
N GLU B 110 -10.50 -17.55 23.09
CA GLU B 110 -11.74 -17.02 23.62
C GLU B 110 -12.81 -17.09 22.55
N PHE B 111 -12.47 -16.69 21.33
CA PHE B 111 -13.46 -16.73 20.26
C PHE B 111 -13.88 -18.17 20.03
N ASP B 112 -12.90 -19.04 19.76
CA ASP B 112 -13.18 -20.45 19.52
C ASP B 112 -14.05 -20.96 20.67
N LYS B 113 -13.87 -20.39 21.85
CA LYS B 113 -14.66 -20.81 23.00
C LYS B 113 -16.09 -20.33 22.86
N ILE B 114 -16.25 -19.05 22.53
CA ILE B 114 -17.61 -18.52 22.36
C ILE B 114 -18.27 -19.31 21.24
N VAL B 115 -17.51 -19.61 20.20
CA VAL B 115 -18.02 -20.36 19.05
C VAL B 115 -18.57 -21.71 19.48
N ASP B 116 -18.05 -22.25 20.58
CA ASP B 116 -18.50 -23.55 21.09
C ASP B 116 -19.94 -23.44 21.56
N ALA B 117 -20.20 -22.51 22.48
CA ALA B 117 -21.54 -22.29 23.00
C ALA B 117 -22.46 -22.10 21.81
N CYS B 118 -22.06 -21.19 20.93
CA CYS B 118 -22.82 -20.88 19.73
C CYS B 118 -23.21 -22.11 18.91
N GLU B 119 -22.22 -22.92 18.54
CA GLU B 119 -22.47 -24.14 17.77
C GLU B 119 -23.37 -25.07 18.58
N ALA B 120 -23.21 -25.03 19.90
CA ALA B 120 -23.98 -25.88 20.81
C ALA B 120 -25.46 -25.53 20.92
N ASN B 121 -25.79 -24.26 20.77
CA ASN B 121 -27.19 -23.83 20.89
C ASN B 121 -27.90 -23.61 19.56
N GLY B 122 -27.21 -23.95 18.47
CA GLY B 122 -27.80 -23.79 17.16
C GLY B 122 -28.12 -22.37 16.76
N VAL B 123 -27.41 -21.39 17.32
CA VAL B 123 -27.68 -20.01 16.94
C VAL B 123 -26.65 -19.48 15.96
N GLN B 124 -27.11 -18.57 15.11
CA GLN B 124 -26.27 -17.94 14.11
C GLN B 124 -25.45 -16.84 14.74
N ILE B 125 -24.18 -16.73 14.35
CA ILE B 125 -23.32 -15.67 14.86
C ILE B 125 -22.62 -15.01 13.67
N MSE B 126 -22.49 -13.69 13.75
CA MSE B 126 -21.84 -12.91 12.71
C MSE B 126 -21.15 -11.71 13.38
O MSE B 126 -21.60 -11.26 14.42
CB MSE B 126 -22.88 -12.42 11.69
CG MSE B 126 -22.28 -11.67 10.51
SE MSE B 126 -23.60 -11.01 9.26
CE MSE B 126 -24.18 -12.71 8.55
N ASP B 127 -20.06 -11.22 12.79
CA ASP B 127 -19.37 -10.08 13.37
C ASP B 127 -19.83 -8.79 12.72
N GLY B 128 -19.48 -7.66 13.31
CA GLY B 128 -19.90 -6.38 12.78
C GLY B 128 -19.25 -5.79 11.53
N THR B 129 -18.40 -6.56 10.85
CA THR B 129 -17.75 -6.07 9.64
C THR B 129 -18.82 -5.71 8.61
N MSE B 130 -18.90 -4.43 8.28
CA MSE B 130 -19.91 -3.92 7.35
C MSE B 130 -19.58 -3.97 5.86
O MSE B 130 -20.35 -4.54 5.06
CB MSE B 130 -20.25 -2.48 7.72
CG MSE B 130 -20.25 -2.20 9.23
SE MSE B 130 -20.89 -0.42 9.62
CE MSE B 130 -20.77 -0.43 11.55
N TRP B 131 -18.45 -3.38 5.47
CA TRP B 131 -18.08 -3.32 4.05
C TRP B 131 -18.16 -4.64 3.29
N VAL B 132 -18.15 -5.77 4.01
CA VAL B 132 -18.19 -7.06 3.34
C VAL B 132 -19.60 -7.36 2.82
N HIS B 133 -20.55 -6.50 3.16
CA HIS B 133 -21.92 -6.67 2.71
C HIS B 133 -22.30 -5.68 1.60
N ASN B 134 -21.44 -4.68 1.37
CA ASN B 134 -21.70 -3.69 0.34
C ASN B 134 -21.66 -4.37 -1.04
N PRO B 135 -22.67 -4.10 -1.87
CA PRO B 135 -22.69 -4.73 -3.20
C PRO B 135 -21.34 -4.64 -3.93
N ARG B 136 -20.54 -3.64 -3.56
CA ARG B 136 -19.24 -3.44 -4.17
C ARG B 136 -18.33 -4.65 -3.96
N THR B 137 -18.39 -5.23 -2.77
CA THR B 137 -17.57 -6.39 -2.44
C THR B 137 -17.81 -7.53 -3.42
N ALA B 138 -19.06 -7.72 -3.83
CA ALA B 138 -19.37 -8.78 -4.78
C ALA B 138 -18.64 -8.49 -6.10
N LEU B 139 -18.60 -7.21 -6.47
CA LEU B 139 -17.92 -6.79 -7.68
C LEU B 139 -16.39 -6.88 -7.48
N LEU B 140 -15.91 -6.55 -6.28
CA LEU B 140 -14.47 -6.64 -6.00
C LEU B 140 -14.04 -8.11 -6.11
N LYS B 141 -14.73 -8.99 -5.39
CA LYS B 141 -14.41 -10.41 -5.41
C LYS B 141 -14.66 -11.00 -6.79
N GLU B 142 -15.44 -10.27 -7.59
CA GLU B 142 -15.75 -10.70 -8.94
C GLU B 142 -14.53 -10.47 -9.84
N PHE B 143 -13.97 -9.27 -9.75
CA PHE B 143 -12.78 -8.94 -10.54
C PHE B 143 -11.59 -9.82 -10.15
N LEU B 144 -11.33 -9.93 -8.85
CA LEU B 144 -10.22 -10.75 -8.38
C LEU B 144 -10.39 -12.21 -8.82
N SER B 145 -11.62 -12.62 -9.09
CA SER B 145 -11.91 -13.99 -9.52
C SER B 145 -11.69 -14.21 -11.02
N ASP B 146 -11.81 -13.14 -11.79
CA ASP B 146 -11.63 -13.22 -13.24
C ASP B 146 -10.16 -13.50 -13.55
N SER B 147 -9.89 -14.67 -14.11
CA SER B 147 -8.52 -15.07 -14.42
C SER B 147 -7.92 -14.39 -15.64
N GLU B 148 -8.75 -13.72 -16.43
CA GLU B 148 -8.24 -13.05 -17.63
C GLU B 148 -8.05 -11.55 -17.42
N ARG B 149 -8.88 -10.97 -16.55
CA ARG B 149 -8.80 -9.54 -16.26
C ARG B 149 -7.86 -9.21 -15.10
N PHE B 150 -7.58 -10.21 -14.25
CA PHE B 150 -6.71 -10.02 -13.08
C PHE B 150 -5.58 -11.04 -13.03
N GLY B 151 -5.93 -12.32 -13.25
CA GLY B 151 -4.94 -13.38 -13.21
C GLY B 151 -4.70 -13.95 -11.81
N GLN B 152 -3.50 -14.48 -11.60
CA GLN B 152 -3.14 -15.05 -10.31
C GLN B 152 -2.67 -13.94 -9.36
N LEU B 153 -3.11 -14.01 -8.11
CA LEU B 153 -2.74 -13.02 -7.10
C LEU B 153 -1.26 -13.15 -6.75
N LYS B 154 -0.65 -12.02 -6.38
CA LYS B 154 0.76 -11.97 -6.02
C LYS B 154 0.89 -11.38 -4.62
N THR B 155 0.43 -10.14 -4.47
CA THR B 155 0.49 -9.48 -3.18
C THR B 155 -0.81 -8.71 -2.96
N VAL B 156 -0.87 -7.94 -1.88
CA VAL B 156 -2.05 -7.13 -1.60
C VAL B 156 -1.78 -6.29 -0.37
N GLN B 157 -1.83 -4.98 -0.56
CA GLN B 157 -1.60 -4.02 0.50
C GLN B 157 -2.91 -3.38 0.98
N SER B 158 -3.18 -3.48 2.28
CA SER B 158 -4.39 -2.90 2.86
C SER B 158 -4.04 -2.00 4.03
N CYS B 159 -4.72 -0.86 4.13
CA CYS B 159 -4.43 0.05 5.20
C CYS B 159 -5.65 0.83 5.68
N PHE B 160 -5.60 1.25 6.95
CA PHE B 160 -6.66 2.04 7.56
C PHE B 160 -6.05 2.96 8.61
N SER B 161 -6.42 4.24 8.53
CA SER B 161 -5.94 5.25 9.45
C SER B 161 -6.94 6.38 9.62
N PHE B 162 -6.77 7.15 10.68
CA PHE B 162 -7.63 8.30 10.96
C PHE B 162 -7.05 9.09 12.14
N ALA B 163 -7.40 10.36 12.26
CA ALA B 163 -6.87 11.19 13.34
C ALA B 163 -7.78 11.26 14.56
N GLY B 164 -7.30 10.70 15.67
CA GLY B 164 -8.07 10.71 16.89
C GLY B 164 -7.70 11.90 17.75
N ASP B 165 -8.70 12.63 18.23
CA ASP B 165 -8.47 13.80 19.08
C ASP B 165 -7.75 13.39 20.36
N GLU B 166 -7.28 14.40 21.10
CA GLU B 166 -6.57 14.17 22.36
C GLU B 166 -7.44 13.43 23.37
N ASP B 167 -8.76 13.63 23.29
CA ASP B 167 -9.69 12.95 24.19
C ASP B 167 -9.72 11.45 23.86
N PHE B 168 -9.61 11.13 22.58
CA PHE B 168 -9.62 9.75 22.13
C PHE B 168 -8.35 9.06 22.62
N LEU B 169 -7.21 9.63 22.25
CA LEU B 169 -5.92 9.06 22.64
C LEU B 169 -5.77 8.87 24.13
N LYS B 170 -6.64 9.51 24.91
CA LYS B 170 -6.55 9.40 26.36
C LYS B 170 -7.72 8.67 27.03
N ASN B 171 -8.91 8.75 26.46
CA ASN B 171 -10.06 8.13 27.10
C ASN B 171 -10.93 7.14 26.33
N ASP B 172 -10.61 6.87 25.07
CA ASP B 172 -11.41 5.94 24.28
C ASP B 172 -11.23 4.50 24.74
N ILE B 173 -12.29 3.70 24.60
CA ILE B 173 -12.22 2.30 25.01
C ILE B 173 -11.13 1.56 24.26
N ARG B 174 -10.79 2.05 23.07
CA ARG B 174 -9.76 1.43 22.24
C ARG B 174 -8.36 1.69 22.77
N VAL B 175 -8.25 2.64 23.70
CA VAL B 175 -6.96 2.94 24.30
C VAL B 175 -7.03 2.52 25.76
N LYS B 176 -7.57 1.33 25.97
CA LYS B 176 -7.74 0.74 27.30
C LYS B 176 -7.57 -0.78 27.22
N PRO B 177 -6.50 -1.33 27.81
CA PRO B 177 -6.24 -2.77 27.77
C PRO B 177 -7.40 -3.62 28.30
N GLY B 178 -8.28 -3.00 29.08
CA GLY B 178 -9.42 -3.71 29.64
C GLY B 178 -10.67 -3.60 28.79
N LEU B 179 -10.72 -2.58 27.93
CA LEU B 179 -11.87 -2.38 27.04
C LEU B 179 -11.50 -2.89 25.66
N ASP B 180 -10.34 -2.46 25.18
CA ASP B 180 -9.80 -2.88 23.89
C ASP B 180 -8.30 -3.05 24.03
N GLY B 181 -7.88 -4.23 24.49
CA GLY B 181 -6.48 -4.50 24.67
C GLY B 181 -5.68 -4.52 23.38
N LEU B 182 -6.19 -5.23 22.39
CA LEU B 182 -5.53 -5.34 21.09
C LEU B 182 -5.21 -3.97 20.48
N GLY B 183 -6.06 -2.99 20.76
CA GLY B 183 -5.82 -1.66 20.24
C GLY B 183 -6.07 -1.45 18.75
N ALA B 184 -5.18 -0.66 18.13
CA ALA B 184 -5.30 -0.36 16.70
C ALA B 184 -5.32 -1.63 15.85
N LEU B 185 -4.59 -2.65 16.30
CA LEU B 185 -4.52 -3.92 15.58
C LEU B 185 -5.91 -4.53 15.44
N GLY B 186 -6.59 -4.70 16.56
CA GLY B 186 -7.93 -5.29 16.55
C GLY B 186 -9.05 -4.38 16.05
N ASP B 187 -8.86 -3.06 16.17
CA ASP B 187 -9.88 -2.11 15.74
C ASP B 187 -9.73 -1.70 14.30
N ALA B 188 -8.52 -1.40 13.88
CA ALA B 188 -8.26 -0.98 12.51
C ALA B 188 -7.59 -2.06 11.66
N GLY B 189 -6.48 -2.60 12.14
CA GLY B 189 -5.79 -3.65 11.38
C GLY B 189 -6.78 -4.69 10.92
N TRP B 190 -7.74 -4.98 11.78
CA TRP B 190 -8.82 -5.94 11.50
C TRP B 190 -9.29 -5.84 10.05
N TYR B 191 -9.73 -4.64 9.65
CA TYR B 191 -10.23 -4.39 8.31
C TYR B 191 -9.18 -4.65 7.24
N ALA B 192 -7.92 -4.41 7.59
CA ALA B 192 -6.82 -4.64 6.65
C ALA B 192 -6.53 -6.14 6.52
N ILE B 193 -6.95 -6.91 7.52
CA ILE B 193 -6.74 -8.35 7.52
C ILE B 193 -7.91 -9.07 6.83
N ARG B 194 -9.10 -8.48 6.90
CA ARG B 194 -10.28 -9.09 6.28
C ARG B 194 -10.15 -8.98 4.77
N ALA B 195 -9.60 -7.85 4.33
CA ALA B 195 -9.42 -7.60 2.92
C ALA B 195 -8.36 -8.49 2.28
N THR B 196 -7.20 -8.66 2.93
CA THR B 196 -6.18 -9.50 2.33
C THR B 196 -6.55 -10.96 2.48
N LEU B 197 -7.73 -11.22 3.05
CA LEU B 197 -8.20 -12.58 3.23
C LEU B 197 -9.30 -12.83 2.20
N LEU B 198 -10.07 -11.79 1.89
CA LEU B 198 -11.14 -11.92 0.89
C LEU B 198 -10.48 -12.04 -0.49
N ALA B 199 -9.41 -11.26 -0.70
CA ALA B 199 -8.70 -11.30 -1.96
C ALA B 199 -8.07 -12.67 -2.18
N ASN B 200 -7.45 -13.21 -1.13
CA ASN B 200 -6.77 -14.50 -1.19
C ASN B 200 -7.73 -15.67 -1.07
N ASN B 201 -8.96 -15.47 -1.51
CA ASN B 201 -10.00 -16.49 -1.46
C ASN B 201 -10.04 -17.22 -0.12
N PHE B 202 -9.94 -16.45 0.95
CA PHE B 202 -10.00 -16.95 2.31
C PHE B 202 -8.87 -17.87 2.71
N GLU B 203 -7.80 -17.85 1.93
CA GLU B 203 -6.64 -18.67 2.24
C GLU B 203 -5.84 -18.02 3.36
N LEU B 204 -5.62 -18.78 4.42
CA LEU B 204 -4.87 -18.29 5.57
C LEU B 204 -3.38 -18.28 5.23
N PRO B 205 -2.67 -17.17 5.55
CA PRO B 205 -1.24 -17.15 5.24
C PRO B 205 -0.49 -18.12 6.13
N LYS B 206 0.82 -18.21 5.97
CA LYS B 206 1.64 -19.11 6.79
C LYS B 206 2.53 -18.35 7.78
N THR B 207 2.92 -17.13 7.45
CA THR B 207 3.77 -16.37 8.36
C THR B 207 3.41 -14.89 8.44
N VAL B 208 3.28 -14.39 9.66
CA VAL B 208 2.93 -13.00 9.91
C VAL B 208 4.03 -12.26 10.68
N THR B 209 4.86 -11.50 9.97
CA THR B 209 5.94 -10.75 10.62
C THR B 209 5.54 -9.27 10.67
N ALA B 210 5.63 -8.65 11.84
CA ALA B 210 5.26 -7.24 11.97
C ALA B 210 6.39 -6.29 11.60
N PHE B 211 6.07 -5.04 11.25
CA PHE B 211 7.12 -4.08 10.92
C PHE B 211 7.65 -3.47 12.21
N PRO B 212 8.98 -3.41 12.37
CA PRO B 212 9.43 -2.80 13.63
C PRO B 212 9.00 -1.35 13.60
N GLY B 213 8.71 -0.78 14.77
CA GLY B 213 8.30 0.61 14.83
C GLY B 213 6.86 0.86 15.22
N ALA B 214 6.15 -0.17 15.66
CA ALA B 214 4.77 0.03 16.08
C ALA B 214 4.76 1.06 17.21
N VAL B 215 3.73 1.91 17.24
CA VAL B 215 3.62 2.92 18.29
C VAL B 215 2.67 2.46 19.39
N LEU B 216 3.22 2.24 20.59
CA LEU B 216 2.43 1.78 21.74
C LEU B 216 2.24 2.93 22.73
N ASN B 217 1.08 2.97 23.38
CA ASN B 217 0.84 4.02 24.37
C ASN B 217 1.38 3.53 25.71
N GLU B 218 1.52 4.43 26.67
CA GLU B 218 2.07 4.07 27.99
C GLU B 218 1.49 2.79 28.58
N ALA B 219 0.19 2.57 28.41
CA ALA B 219 -0.47 1.38 28.94
C ALA B 219 -0.32 0.14 28.04
N GLY B 220 0.32 0.31 26.89
CA GLY B 220 0.53 -0.81 25.99
C GLY B 220 -0.58 -0.99 24.98
N VAL B 221 -1.27 0.09 24.64
CA VAL B 221 -2.35 0.05 23.68
C VAL B 221 -1.83 0.45 22.30
N ILE B 222 -1.98 -0.46 21.33
CA ILE B 222 -1.51 -0.22 19.97
C ILE B 222 -2.19 0.96 19.27
N LEU B 223 -1.38 1.88 18.76
CA LEU B 223 -1.90 3.05 18.05
C LEU B 223 -1.44 2.96 16.59
N SER B 224 -0.46 2.10 16.33
CA SER B 224 0.08 1.90 15.00
C SER B 224 0.81 0.56 14.90
N CYS B 225 0.51 -0.22 13.86
CA CYS B 225 1.18 -1.50 13.68
C CYS B 225 1.15 -1.92 12.21
N GLY B 226 2.20 -2.59 11.77
CA GLY B 226 2.29 -3.06 10.40
C GLY B 226 2.76 -4.50 10.31
N ALA B 227 2.56 -5.14 9.16
CA ALA B 227 2.98 -6.53 9.01
C ALA B 227 2.99 -7.01 7.58
N SER B 228 3.63 -8.16 7.37
CA SER B 228 3.68 -8.76 6.06
C SER B 228 3.25 -10.21 6.21
N LEU B 229 2.19 -10.61 5.51
CA LEU B 229 1.70 -11.98 5.59
C LEU B 229 2.33 -12.74 4.42
N SER B 230 2.56 -14.04 4.58
CA SER B 230 3.20 -14.77 3.50
C SER B 230 2.62 -16.16 3.26
N TRP B 231 2.43 -16.49 1.99
CA TRP B 231 1.89 -17.80 1.61
C TRP B 231 3.00 -18.71 1.07
N GLU B 232 4.24 -18.21 1.14
CA GLU B 232 5.40 -18.96 0.68
C GLU B 232 5.28 -19.52 -0.74
N ASP B 233 4.64 -18.76 -1.62
CA ASP B 233 4.46 -19.16 -3.01
C ASP B 233 4.74 -17.97 -3.90
N GLY B 234 5.41 -16.97 -3.34
CA GLY B 234 5.69 -15.77 -4.09
C GLY B 234 4.41 -14.96 -4.01
N ARG B 235 3.79 -15.06 -2.84
CA ARG B 235 2.53 -14.39 -2.56
C ARG B 235 2.53 -13.96 -1.08
N THR B 236 2.96 -12.73 -0.84
CA THR B 236 3.00 -12.19 0.51
C THR B 236 1.84 -11.23 0.69
N ALA B 237 2.01 -10.26 1.59
CA ALA B 237 0.97 -9.27 1.83
C ALA B 237 1.35 -8.35 2.98
N THR B 238 0.79 -7.15 2.97
CA THR B 238 1.05 -6.20 4.04
C THR B 238 -0.23 -5.51 4.51
N ILE B 239 -0.21 -5.06 5.75
CA ILE B 239 -1.34 -4.35 6.32
C ILE B 239 -0.77 -3.15 7.06
N TYR B 240 -1.64 -2.24 7.48
CA TYR B 240 -1.24 -1.06 8.23
C TYR B 240 -2.49 -0.35 8.81
N CYS B 241 -2.39 0.03 10.08
CA CYS B 241 -3.49 0.69 10.76
C CYS B 241 -3.02 1.77 11.71
N SER B 242 -3.66 2.94 11.67
CA SER B 242 -3.24 4.02 12.56
C SER B 242 -4.34 4.96 13.05
N PHE B 243 -4.05 5.56 14.19
CA PHE B 243 -4.93 6.53 14.83
C PHE B 243 -4.18 7.86 14.91
N LEU B 244 -3.05 7.91 14.22
CA LEU B 244 -2.21 9.10 14.23
C LEU B 244 -1.99 9.72 12.85
N ALA B 245 -2.82 9.35 11.89
CA ALA B 245 -2.67 9.89 10.55
C ALA B 245 -4.00 10.30 9.92
N ASN B 246 -3.95 11.15 8.91
CA ASN B 246 -5.18 11.59 8.24
C ASN B 246 -5.93 10.37 7.70
N LEU B 247 -7.26 10.41 7.79
CA LEU B 247 -8.07 9.31 7.29
C LEU B 247 -7.51 8.81 5.97
N THR B 248 -7.44 7.49 5.84
CA THR B 248 -6.93 6.81 4.65
C THR B 248 -7.23 5.33 4.81
N MSE B 249 -7.93 4.75 3.85
CA MSE B 249 -8.30 3.34 3.90
C MSE B 249 -8.12 2.71 2.52
O MSE B 249 -9.08 2.55 1.78
CB MSE B 249 -9.76 3.21 4.35
CG MSE B 249 -10.73 4.01 3.53
SE MSE B 249 -12.49 4.19 4.30
CE MSE B 249 -12.02 5.35 5.76
N GLU B 250 -6.89 2.34 2.21
CA GLU B 250 -6.61 1.76 0.91
C GLU B 250 -6.57 0.24 0.89
N ILE B 251 -6.76 -0.29 -0.32
CA ILE B 251 -6.70 -1.71 -0.61
C ILE B 251 -6.12 -1.80 -2.00
N THR B 252 -4.95 -2.42 -2.13
CA THR B 252 -4.34 -2.60 -3.42
C THR B 252 -4.10 -4.09 -3.60
N ALA B 253 -4.58 -4.64 -4.71
CA ALA B 253 -4.43 -6.06 -5.00
C ALA B 253 -3.91 -6.24 -6.43
N ILE B 254 -2.66 -6.67 -6.55
CA ILE B 254 -2.06 -6.81 -7.87
C ILE B 254 -1.89 -8.25 -8.34
N GLY B 255 -2.42 -8.52 -9.53
CA GLY B 255 -2.32 -9.83 -10.11
C GLY B 255 -1.51 -9.81 -11.38
N THR B 256 -1.43 -10.95 -12.06
CA THR B 256 -0.67 -11.07 -13.31
C THR B 256 -1.30 -10.32 -14.49
N LYS B 257 -2.63 -10.16 -14.45
CA LYS B 257 -3.35 -9.51 -15.54
C LYS B 257 -3.94 -8.15 -15.18
N GLY B 258 -4.07 -7.87 -13.89
CA GLY B 258 -4.65 -6.59 -13.49
C GLY B 258 -4.22 -6.02 -12.16
N THR B 259 -4.98 -5.03 -11.70
CA THR B 259 -4.71 -4.35 -10.44
C THR B 259 -6.04 -3.82 -9.93
N LEU B 260 -6.29 -3.97 -8.63
CA LEU B 260 -7.54 -3.50 -8.05
C LEU B 260 -7.28 -2.38 -7.06
N ARG B 261 -8.10 -1.33 -7.12
CA ARG B 261 -7.93 -0.20 -6.22
C ARG B 261 -9.24 0.37 -5.67
N VAL B 262 -9.31 0.44 -4.35
CA VAL B 262 -10.46 1.00 -3.68
C VAL B 262 -9.86 1.94 -2.64
N HIS B 263 -10.36 3.17 -2.61
CA HIS B 263 -9.86 4.19 -1.68
C HIS B 263 -10.77 4.49 -0.49
N ASP B 264 -11.94 3.88 -0.47
CA ASP B 264 -12.91 4.08 0.60
C ASP B 264 -13.54 2.72 0.91
N PHE B 265 -12.70 1.71 1.08
CA PHE B 265 -13.18 0.34 1.32
C PHE B 265 -14.01 0.08 2.57
N ILE B 266 -13.80 0.86 3.62
CA ILE B 266 -14.53 0.66 4.87
C ILE B 266 -15.90 1.36 4.92
N ILE B 267 -15.89 2.65 4.60
CA ILE B 267 -17.09 3.47 4.59
C ILE B 267 -17.00 4.21 3.27
N PRO B 268 -17.84 3.86 2.29
CA PRO B 268 -17.77 4.53 0.99
C PRO B 268 -17.91 6.03 1.13
N TYR B 269 -17.49 6.78 0.10
CA TYR B 269 -17.61 8.23 0.14
C TYR B 269 -19.09 8.55 0.31
N LYS B 270 -19.92 7.89 -0.49
CA LYS B 270 -21.38 8.07 -0.45
C LYS B 270 -22.02 6.72 -0.07
N GLU B 271 -22.99 6.75 0.83
CA GLU B 271 -23.66 5.51 1.24
C GLU B 271 -24.52 5.04 0.08
N THR B 272 -24.70 5.92 -0.90
CA THR B 272 -25.51 5.63 -2.08
C THR B 272 -24.74 4.95 -3.20
N GLU B 273 -23.45 5.22 -3.32
CA GLU B 273 -22.63 4.60 -4.38
C GLU B 273 -21.43 3.90 -3.80
N ALA B 274 -20.66 3.25 -4.67
CA ALA B 274 -19.45 2.52 -4.32
C ALA B 274 -18.57 2.43 -5.56
N SER B 275 -17.46 3.15 -5.57
CA SER B 275 -16.56 3.15 -6.73
C SER B 275 -15.29 2.34 -6.52
N PHE B 276 -14.73 1.85 -7.62
CA PHE B 276 -13.49 1.07 -7.60
C PHE B 276 -12.88 1.13 -9.00
N THR B 277 -11.55 1.25 -9.06
CA THR B 277 -10.86 1.33 -10.34
C THR B 277 -9.98 0.10 -10.61
N THR B 278 -9.47 0.00 -11.83
CA THR B 278 -8.61 -1.12 -12.21
C THR B 278 -8.10 -1.05 -13.66
N SER B 279 -7.25 -2.01 -14.04
CA SER B 279 -6.68 -2.06 -15.37
C SER B 279 -6.05 -3.42 -15.70
N THR B 280 -6.58 -4.08 -16.73
CA THR B 280 -6.09 -5.40 -17.14
C THR B 280 -4.96 -5.34 -18.19
N LYS B 281 -3.78 -5.81 -17.82
CA LYS B 281 -2.62 -5.81 -18.72
C LYS B 281 -2.31 -4.40 -19.24
N ALA B 282 -1.88 -3.51 -18.35
CA ALA B 282 -1.56 -2.15 -18.75
C ALA B 282 -0.11 -1.99 -19.21
N TRP B 283 0.10 -1.09 -20.16
CA TRP B 283 1.45 -0.88 -20.65
C TRP B 283 1.67 0.54 -21.13
N PHE B 284 2.84 0.78 -21.71
CA PHE B 284 3.21 2.10 -22.21
C PHE B 284 3.22 2.08 -23.75
N ASN B 285 3.25 3.26 -24.35
CA ASN B 285 3.32 3.34 -25.80
C ASN B 285 4.74 2.95 -26.19
N ASP B 286 5.11 3.16 -27.45
CA ASP B 286 6.44 2.79 -27.92
C ASP B 286 7.60 3.38 -27.11
N LEU B 287 7.69 4.71 -27.11
CA LEU B 287 8.77 5.41 -26.43
C LEU B 287 8.61 5.49 -24.90
N VAL B 288 7.48 5.00 -24.40
CA VAL B 288 7.18 5.01 -22.96
C VAL B 288 7.03 6.45 -22.47
N THR B 289 6.28 7.26 -23.22
CA THR B 289 6.05 8.65 -22.86
C THR B 289 4.62 8.81 -22.33
N ALA B 290 3.91 7.69 -22.23
CA ALA B 290 2.54 7.67 -21.75
C ALA B 290 2.01 6.24 -21.61
N TRP B 291 1.00 6.05 -20.77
CA TRP B 291 0.35 4.74 -20.58
C TRP B 291 -0.53 4.58 -21.82
N VAL B 292 -0.65 3.38 -22.35
CA VAL B 292 -1.51 3.19 -23.52
C VAL B 292 -2.96 3.33 -23.07
N SER B 293 -3.23 3.03 -21.81
CA SER B 293 -4.59 3.12 -21.27
C SER B 293 -4.63 3.17 -19.73
N PRO B 294 -4.92 4.35 -19.16
CA PRO B 294 -5.00 4.56 -17.72
C PRO B 294 -6.20 3.84 -17.09
N PRO B 295 -6.07 3.40 -15.82
CA PRO B 295 -7.12 2.69 -15.07
C PRO B 295 -8.56 3.12 -15.38
N SER B 296 -9.50 2.24 -15.05
CA SER B 296 -10.93 2.49 -15.25
C SER B 296 -11.66 2.62 -13.92
N GLU B 297 -12.40 3.72 -13.73
CA GLU B 297 -13.15 3.89 -12.49
C GLU B 297 -14.57 3.33 -12.67
N HIS B 298 -14.97 2.49 -11.73
CA HIS B 298 -16.29 1.87 -11.75
C HIS B 298 -16.99 2.24 -10.46
N THR B 299 -18.15 2.89 -10.57
CA THR B 299 -18.93 3.26 -9.40
C THR B 299 -20.29 2.55 -9.51
N VAL B 300 -20.78 2.04 -8.40
CA VAL B 300 -22.04 1.32 -8.39
C VAL B 300 -23.08 1.92 -7.43
N LYS B 301 -24.34 1.87 -7.82
CA LYS B 301 -25.40 2.40 -6.98
C LYS B 301 -25.72 1.37 -5.92
N THR B 302 -25.80 1.83 -4.67
CA THR B 302 -26.13 0.95 -3.54
C THR B 302 -27.41 1.47 -2.90
N GLU B 303 -28.54 1.07 -3.48
CA GLU B 303 -29.86 1.51 -3.01
C GLU B 303 -30.01 1.40 -1.50
N LEU B 304 -29.50 0.31 -0.93
CA LEU B 304 -29.55 0.09 0.51
C LEU B 304 -28.14 0.09 1.06
N PRO B 305 -27.87 0.92 2.09
CA PRO B 305 -26.52 0.98 2.68
C PRO B 305 -26.03 -0.41 3.09
N GLN B 306 -24.71 -0.58 3.07
CA GLN B 306 -24.08 -1.85 3.40
C GLN B 306 -24.39 -2.43 4.78
N GLU B 307 -24.43 -1.57 5.81
CA GLU B 307 -24.74 -2.06 7.15
C GLU B 307 -26.15 -2.64 7.15
N ALA B 308 -27.06 -2.00 6.44
CA ALA B 308 -28.43 -2.48 6.36
C ALA B 308 -28.46 -3.76 5.55
N CYS B 309 -27.60 -3.83 4.54
CA CYS B 309 -27.53 -5.03 3.72
C CYS B 309 -27.07 -6.15 4.67
N MSE B 310 -26.19 -5.79 5.61
CA MSE B 310 -25.63 -6.72 6.59
C MSE B 310 -26.71 -7.28 7.51
O MSE B 310 -26.99 -8.48 7.52
CB MSE B 310 -24.55 -6.03 7.44
CG MSE B 310 -24.03 -6.88 8.59
SE MSE B 310 -22.82 -5.96 9.78
CE MSE B 310 -24.10 -5.24 11.02
N VAL B 311 -27.32 -6.38 8.29
CA VAL B 311 -28.39 -6.74 9.21
C VAL B 311 -29.45 -7.56 8.45
N ARG B 312 -29.75 -7.11 7.23
CA ARG B 312 -30.73 -7.80 6.39
C ARG B 312 -30.36 -9.27 6.22
N GLU B 313 -29.12 -9.54 5.81
CA GLU B 313 -28.64 -10.92 5.62
C GLU B 313 -28.78 -11.68 6.94
N PHE B 314 -28.05 -11.21 7.97
CA PHE B 314 -28.09 -11.82 9.29
C PHE B 314 -29.53 -12.18 9.65
N ALA B 315 -30.42 -11.19 9.61
CA ALA B 315 -31.82 -11.40 9.92
C ALA B 315 -32.42 -12.46 8.99
N ILE B 321 -34.07 -21.28 9.36
CA ILE B 321 -33.59 -21.82 10.63
C ILE B 321 -34.67 -21.82 11.72
N LYS B 322 -35.06 -20.64 12.17
CA LYS B 322 -36.11 -20.53 13.20
C LYS B 322 -37.49 -20.80 12.60
N ASN B 323 -37.61 -20.63 11.28
CA ASN B 323 -38.87 -20.87 10.60
C ASN B 323 -38.82 -22.08 9.66
N ASN B 324 -37.64 -22.36 9.09
CA ASN B 324 -37.48 -23.49 8.18
C ASN B 324 -36.56 -24.60 8.68
N GLY B 325 -35.96 -24.38 9.85
CA GLY B 325 -35.09 -25.39 10.43
C GLY B 325 -33.76 -25.62 9.74
N ALA B 326 -33.13 -24.54 9.29
CA ALA B 326 -31.84 -24.64 8.61
C ALA B 326 -30.73 -24.57 9.64
N LYS B 327 -29.53 -25.00 9.25
CA LYS B 327 -28.40 -24.95 10.15
C LYS B 327 -27.75 -23.57 10.04
N PRO B 328 -27.23 -23.03 11.15
CA PRO B 328 -26.60 -21.72 11.01
C PRO B 328 -25.50 -21.76 9.95
N ASP B 329 -25.22 -20.60 9.35
CA ASP B 329 -24.21 -20.49 8.32
C ASP B 329 -22.84 -20.42 8.99
N GLY B 330 -21.99 -21.40 8.69
CA GLY B 330 -20.67 -21.44 9.27
C GLY B 330 -19.64 -20.53 8.63
N TYR B 331 -19.97 -19.96 7.47
CA TYR B 331 -19.04 -19.09 6.78
C TYR B 331 -18.66 -17.89 7.64
N TRP B 332 -19.66 -17.30 8.31
CA TRP B 332 -19.38 -16.13 9.11
C TRP B 332 -18.46 -16.39 10.29
N PRO B 333 -18.87 -17.28 11.22
CA PRO B 333 -17.97 -17.52 12.36
C PRO B 333 -16.58 -17.95 11.87
N SER B 334 -16.55 -18.65 10.74
CA SER B 334 -15.29 -19.12 10.16
C SER B 334 -14.38 -17.98 9.69
N ILE B 335 -14.95 -16.99 8.99
CA ILE B 335 -14.12 -15.87 8.53
C ILE B 335 -13.66 -15.07 9.74
N SER B 336 -14.49 -15.01 10.77
CA SER B 336 -14.14 -14.26 11.98
C SER B 336 -12.96 -14.88 12.73
N ARG B 337 -12.99 -16.20 12.88
CA ARG B 337 -11.90 -16.89 13.58
C ARG B 337 -10.58 -16.65 12.86
N LYS B 338 -10.59 -16.73 11.54
CA LYS B 338 -9.37 -16.49 10.77
C LYS B 338 -8.85 -15.08 10.96
N THR B 339 -9.75 -14.09 10.87
CA THR B 339 -9.33 -12.71 11.05
C THR B 339 -8.61 -12.57 12.39
N GLN B 340 -9.26 -12.97 13.48
CA GLN B 340 -8.67 -12.90 14.82
C GLN B 340 -7.39 -13.73 14.93
N LEU B 341 -7.32 -14.83 14.17
CA LEU B 341 -6.14 -15.69 14.19
C LEU B 341 -4.94 -14.96 13.63
N VAL B 342 -5.16 -14.10 12.64
CA VAL B 342 -4.05 -13.35 12.06
C VAL B 342 -3.75 -12.19 13.01
N VAL B 343 -4.78 -11.76 13.72
CA VAL B 343 -4.64 -10.69 14.69
C VAL B 343 -3.55 -11.06 15.68
N ASP B 344 -3.75 -12.16 16.42
CA ASP B 344 -2.79 -12.62 17.41
C ASP B 344 -1.37 -12.71 16.87
N ALA B 345 -1.23 -13.24 15.65
CA ALA B 345 0.08 -13.37 15.04
C ALA B 345 0.78 -12.01 15.00
N VAL B 346 0.03 -10.95 14.76
CA VAL B 346 0.61 -9.61 14.73
C VAL B 346 0.95 -9.16 16.14
N LYS B 347 0.51 -9.93 17.13
CA LYS B 347 0.79 -9.62 18.53
C LYS B 347 1.93 -10.49 19.00
N GLU B 348 1.83 -11.79 18.74
CA GLU B 348 2.86 -12.74 19.15
C GLU B 348 4.15 -12.44 18.41
N SER B 349 4.05 -11.74 17.28
CA SER B 349 5.23 -11.36 16.50
C SER B 349 5.85 -10.13 17.16
N VAL B 350 5.02 -9.13 17.45
CA VAL B 350 5.51 -7.92 18.10
C VAL B 350 6.01 -8.25 19.51
N ASP B 351 5.23 -9.01 20.29
CA ASP B 351 5.67 -9.38 21.63
C ASP B 351 7.05 -10.02 21.49
N LYS B 352 7.16 -10.99 20.60
CA LYS B 352 8.43 -11.67 20.36
C LYS B 352 9.47 -10.82 19.62
N ASN B 353 9.34 -9.49 19.72
CA ASN B 353 10.28 -8.58 19.07
C ASN B 353 10.34 -8.71 17.53
N TYR B 354 9.17 -8.81 16.90
CA TYR B 354 9.06 -8.93 15.45
C TYR B 354 9.60 -10.22 14.86
N GLN B 355 9.20 -11.34 15.46
CA GLN B 355 9.61 -12.68 15.02
C GLN B 355 8.60 -13.18 13.99
N GLN B 356 9.06 -14.01 13.06
CA GLN B 356 8.15 -14.56 12.06
C GLN B 356 7.27 -15.59 12.76
N ILE B 357 5.95 -15.41 12.68
CA ILE B 357 5.01 -16.31 13.33
C ILE B 357 4.37 -17.31 12.36
N SER B 358 4.49 -18.59 12.68
CA SER B 358 3.90 -19.65 11.87
C SER B 358 2.46 -19.82 12.31
N LEU B 359 1.59 -20.25 11.39
CA LEU B 359 0.18 -20.41 11.71
C LEU B 359 -0.30 -21.87 11.65
N SER B 360 0.60 -22.78 11.35
CA SER B 360 0.28 -24.21 11.26
C SER B 360 -0.43 -24.75 12.50
N GLN A 6 23.70 24.16 -26.57
CA GLN A 6 25.17 24.47 -26.47
C GLN A 6 25.91 23.29 -25.82
N ILE A 7 25.17 22.40 -25.18
CA ILE A 7 25.76 21.23 -24.53
C ILE A 7 25.59 20.00 -25.42
N ARG A 8 26.73 19.43 -25.82
CA ARG A 8 26.79 18.27 -26.71
C ARG A 8 26.85 16.98 -25.91
N ILE A 9 25.81 16.15 -26.02
CA ILE A 9 25.75 14.90 -25.28
C ILE A 9 26.24 13.70 -26.07
N GLY A 10 27.03 12.86 -25.41
CA GLY A 10 27.56 11.67 -26.06
C GLY A 10 26.89 10.42 -25.49
N VAL A 11 26.11 9.74 -26.32
CA VAL A 11 25.41 8.53 -25.91
C VAL A 11 26.29 7.30 -25.96
N MSE A 12 26.72 6.81 -24.81
CA MSE A 12 27.55 5.62 -24.76
C MSE A 12 26.67 4.37 -24.70
O MSE A 12 26.35 3.88 -23.61
CB MSE A 12 28.46 5.67 -23.54
CG MSE A 12 29.30 4.41 -23.34
SE MSE A 12 30.58 4.67 -21.95
CE MSE A 12 31.88 5.66 -22.97
N GLY A 13 26.30 3.86 -25.86
CA GLY A 13 25.46 2.68 -25.93
C GLY A 13 24.13 2.95 -26.59
N CYS A 14 23.76 2.10 -27.54
CA CYS A 14 22.49 2.26 -28.24
C CYS A 14 21.43 1.36 -27.62
N ALA A 15 21.20 1.55 -26.33
CA ALA A 15 20.21 0.77 -25.59
C ALA A 15 18.81 1.18 -26.03
N ASP A 16 17.83 0.31 -25.83
CA ASP A 16 16.46 0.64 -26.22
C ASP A 16 16.01 1.90 -25.47
N ILE A 17 16.24 1.93 -24.17
CA ILE A 17 15.83 3.08 -23.37
C ILE A 17 16.73 4.26 -23.67
N ALA A 18 17.76 4.02 -24.47
CA ALA A 18 18.66 5.08 -24.86
C ALA A 18 17.92 5.96 -25.86
N ARG A 19 16.89 5.39 -26.49
CA ARG A 19 16.09 6.13 -27.46
C ARG A 19 15.36 7.28 -26.79
N LYS A 20 14.56 6.95 -25.78
CA LYS A 20 13.79 7.96 -25.05
C LYS A 20 14.72 9.03 -24.50
N VAL A 21 15.82 8.61 -23.89
CA VAL A 21 16.76 9.57 -23.34
C VAL A 21 17.58 10.18 -24.48
N SER A 22 17.31 9.73 -25.71
CA SER A 22 17.99 10.24 -26.90
C SER A 22 17.12 11.34 -27.48
N ARG A 23 15.82 11.22 -27.20
CA ARG A 23 14.83 12.19 -27.65
C ARG A 23 14.66 13.26 -26.55
N ALA A 24 15.10 12.94 -25.32
CA ALA A 24 15.00 13.90 -24.24
C ALA A 24 15.96 15.03 -24.64
N ILE A 25 17.22 14.67 -24.80
CA ILE A 25 18.26 15.62 -25.21
C ILE A 25 17.73 16.61 -26.23
N HIS A 26 17.14 16.10 -27.30
CA HIS A 26 16.59 16.94 -28.36
C HIS A 26 15.78 18.10 -27.79
N LEU A 27 14.64 17.78 -27.18
CA LEU A 27 13.74 18.77 -26.58
C LEU A 27 14.40 19.70 -25.56
N ALA A 28 15.51 19.27 -24.97
CA ALA A 28 16.19 20.12 -24.00
C ALA A 28 16.79 21.27 -24.81
N PRO A 29 16.44 22.52 -24.44
CA PRO A 29 16.91 23.74 -25.11
C PRO A 29 18.41 23.99 -25.04
N ASN A 30 19.02 23.54 -23.94
CA ASN A 30 20.45 23.76 -23.73
C ASN A 30 21.26 22.50 -24.02
N ALA A 31 20.72 21.61 -24.85
CA ALA A 31 21.40 20.37 -25.20
C ALA A 31 21.08 19.97 -26.62
N THR A 32 22.05 19.36 -27.29
CA THR A 32 21.89 18.93 -28.67
C THR A 32 22.31 17.49 -28.95
N ILE A 33 21.66 16.88 -29.95
CA ILE A 33 21.96 15.51 -30.34
C ILE A 33 23.12 15.48 -31.32
N SER A 34 24.25 14.91 -30.88
CA SER A 34 25.45 14.82 -31.70
C SER A 34 26.06 13.41 -31.71
N GLY A 35 27.02 13.20 -30.81
CA GLY A 35 27.69 11.92 -30.72
C GLY A 35 26.88 10.84 -30.04
N VAL A 36 26.95 9.62 -30.59
CA VAL A 36 26.24 8.47 -30.06
C VAL A 36 26.87 7.18 -30.60
N ALA A 37 27.73 6.57 -29.78
CA ALA A 37 28.45 5.35 -30.16
C ALA A 37 27.69 4.03 -29.98
N SER A 38 28.44 2.93 -30.06
CA SER A 38 27.88 1.58 -29.91
C SER A 38 28.98 0.52 -29.93
N ARG A 39 28.67 -0.64 -29.36
CA ARG A 39 29.64 -1.73 -29.35
C ARG A 39 29.76 -2.21 -30.80
N SER A 40 28.65 -2.11 -31.53
CA SER A 40 28.63 -2.51 -32.92
C SER A 40 29.40 -1.50 -33.75
N LEU A 41 28.97 -1.34 -34.99
CA LEU A 41 29.60 -0.40 -35.91
C LEU A 41 28.57 0.04 -36.94
N GLU A 42 27.59 -0.84 -37.19
CA GLU A 42 26.54 -0.54 -38.16
C GLU A 42 25.25 -0.13 -37.44
N LYS A 43 25.01 -0.68 -36.26
CA LYS A 43 23.80 -0.35 -35.50
C LYS A 43 23.82 1.08 -34.95
N ALA A 44 25.02 1.56 -34.63
CA ALA A 44 25.18 2.90 -34.11
C ALA A 44 24.60 3.90 -35.10
N LYS A 45 24.75 3.60 -36.38
CA LYS A 45 24.24 4.47 -37.45
C LYS A 45 22.72 4.32 -37.63
N ALA A 46 22.25 3.08 -37.66
CA ALA A 46 20.82 2.84 -37.83
C ALA A 46 20.04 3.47 -36.67
N PHE A 47 20.60 3.38 -35.46
CA PHE A 47 19.98 3.97 -34.28
C PHE A 47 19.78 5.46 -34.59
N ALA A 48 20.84 6.08 -35.09
CA ALA A 48 20.84 7.50 -35.45
C ALA A 48 19.74 7.78 -36.48
N THR A 49 19.80 7.08 -37.60
CA THR A 49 18.81 7.25 -38.65
C THR A 49 17.43 7.03 -38.04
N ALA A 50 17.15 5.79 -37.67
CA ALA A 50 15.87 5.42 -37.07
C ALA A 50 15.42 6.39 -35.97
N ASN A 51 16.36 7.04 -35.31
CA ASN A 51 16.01 7.96 -34.24
C ASN A 51 16.12 9.45 -34.54
N ASN A 52 15.69 9.86 -35.74
CA ASN A 52 15.71 11.26 -36.14
C ASN A 52 17.06 11.96 -36.10
N TYR A 53 18.13 11.27 -36.49
CA TYR A 53 19.44 11.92 -36.49
C TYR A 53 19.77 12.54 -37.84
N PRO A 54 20.35 13.75 -37.81
CA PRO A 54 20.73 14.46 -39.04
C PRO A 54 21.50 13.55 -40.00
N GLU A 55 21.56 13.96 -41.27
CA GLU A 55 22.24 13.17 -42.29
C GLU A 55 23.72 12.92 -42.00
N SER A 56 24.39 13.88 -41.38
CA SER A 56 25.80 13.72 -41.07
C SER A 56 26.09 13.82 -39.57
N THR A 57 25.40 12.99 -38.79
CA THR A 57 25.60 12.99 -37.34
C THR A 57 26.91 12.28 -37.03
N LYS A 58 27.47 12.56 -35.86
CA LYS A 58 28.71 11.93 -35.45
C LYS A 58 28.44 10.51 -35.00
N ILE A 59 28.39 9.60 -35.97
CA ILE A 59 28.13 8.19 -35.68
C ILE A 59 29.42 7.38 -35.72
N HIS A 60 29.92 7.01 -34.55
CA HIS A 60 31.14 6.21 -34.45
C HIS A 60 30.81 4.80 -33.97
N GLY A 61 31.28 3.80 -34.70
CA GLY A 61 31.02 2.42 -34.32
C GLY A 61 31.97 1.93 -33.26
N SER A 62 32.25 2.78 -32.27
CA SER A 62 33.15 2.46 -31.17
C SER A 62 32.88 3.33 -29.93
N TYR A 63 32.95 2.72 -28.75
CA TYR A 63 32.73 3.45 -27.50
C TYR A 63 33.86 4.41 -27.20
N GLU A 64 35.09 3.94 -27.36
CA GLU A 64 36.26 4.76 -27.11
C GLU A 64 36.35 5.85 -28.18
N SER A 65 35.77 5.55 -29.33
CA SER A 65 35.74 6.47 -30.46
C SER A 65 34.75 7.60 -30.23
N LEU A 66 33.97 7.47 -29.16
CA LEU A 66 32.99 8.49 -28.82
C LEU A 66 33.55 9.41 -27.74
N LEU A 67 34.48 8.87 -26.94
CA LEU A 67 35.11 9.64 -25.89
C LEU A 67 36.30 10.43 -26.45
N GLU A 68 36.74 10.06 -27.63
CA GLU A 68 37.86 10.74 -28.26
C GLU A 68 37.46 12.16 -28.63
N ASP A 69 36.25 12.31 -29.16
CA ASP A 69 35.75 13.62 -29.57
C ASP A 69 35.87 14.59 -28.41
N PRO A 70 36.79 15.56 -28.53
CA PRO A 70 36.97 16.54 -27.46
C PRO A 70 35.85 17.58 -27.44
N GLU A 71 34.86 17.38 -28.30
CA GLU A 71 33.72 18.28 -28.38
C GLU A 71 32.64 17.89 -27.36
N ILE A 72 32.57 16.61 -27.02
CA ILE A 72 31.58 16.11 -26.08
C ILE A 72 31.89 16.50 -24.63
N ASP A 73 30.96 17.22 -24.00
CA ASP A 73 31.13 17.66 -22.62
C ASP A 73 30.77 16.56 -21.61
N ALA A 74 29.71 15.81 -21.90
CA ALA A 74 29.28 14.75 -20.99
C ALA A 74 28.62 13.58 -21.70
N LEU A 75 28.44 12.49 -20.96
CA LEU A 75 27.84 11.27 -21.49
C LEU A 75 26.60 10.79 -20.72
N TYR A 76 25.76 10.04 -21.42
CA TYR A 76 24.59 9.40 -20.83
C TYR A 76 25.05 7.95 -20.79
N VAL A 77 24.93 7.28 -19.66
CA VAL A 77 25.39 5.90 -19.59
C VAL A 77 24.31 4.86 -19.24
N PRO A 78 23.86 4.08 -20.22
CA PRO A 78 22.84 3.05 -20.01
C PRO A 78 23.49 1.68 -19.77
N LEU A 79 24.82 1.65 -19.78
CA LEU A 79 25.59 0.41 -19.58
C LEU A 79 24.95 -0.58 -18.61
N PRO A 80 25.23 -1.87 -18.79
CA PRO A 80 24.67 -2.92 -17.91
C PRO A 80 25.14 -2.65 -16.49
N THR A 81 24.19 -2.41 -15.58
CA THR A 81 24.51 -2.13 -14.19
C THR A 81 25.92 -2.54 -13.78
N SER A 82 26.29 -3.77 -14.08
CA SER A 82 27.60 -4.30 -13.73
C SER A 82 28.78 -3.68 -14.49
N LEU A 83 28.49 -2.85 -15.50
CA LEU A 83 29.55 -2.20 -16.27
C LEU A 83 29.83 -0.78 -15.80
N HIS A 84 29.04 -0.29 -14.85
CA HIS A 84 29.23 1.06 -14.37
C HIS A 84 30.58 1.24 -13.66
N VAL A 85 30.88 0.36 -12.72
CA VAL A 85 32.13 0.46 -11.98
C VAL A 85 33.32 0.72 -12.91
N GLU A 86 33.27 0.16 -14.12
CA GLU A 86 34.35 0.34 -15.10
C GLU A 86 34.27 1.62 -15.92
N TRP A 87 33.33 1.66 -16.87
CA TRP A 87 33.18 2.82 -17.73
C TRP A 87 32.90 4.13 -17.04
N ALA A 88 32.43 4.06 -15.80
CA ALA A 88 32.16 5.27 -15.03
C ALA A 88 33.49 5.85 -14.55
N ILE A 89 34.36 5.02 -13.96
CA ILE A 89 35.65 5.52 -13.51
C ILE A 89 36.44 5.98 -14.73
N LYS A 90 36.34 5.22 -15.82
CA LYS A 90 37.03 5.54 -17.08
C LYS A 90 36.43 6.73 -17.80
N ALA A 91 35.37 7.31 -17.24
CA ALA A 91 34.76 8.48 -17.85
C ALA A 91 35.23 9.69 -17.05
N ALA A 92 35.23 9.55 -15.74
CA ALA A 92 35.67 10.61 -14.85
C ALA A 92 37.16 10.86 -15.07
N GLU A 93 37.92 9.76 -15.10
CA GLU A 93 39.36 9.85 -15.32
C GLU A 93 39.63 10.33 -16.74
N LYS A 94 38.56 10.58 -17.49
CA LYS A 94 38.64 11.09 -18.86
C LYS A 94 38.18 12.54 -18.82
N GLY A 95 37.72 12.96 -17.64
CA GLY A 95 37.25 14.32 -17.45
C GLY A 95 35.88 14.60 -18.02
N LYS A 96 35.05 13.57 -18.11
CA LYS A 96 33.70 13.78 -18.65
C LYS A 96 32.66 13.54 -17.56
N HIS A 97 31.71 14.47 -17.47
CA HIS A 97 30.64 14.39 -16.48
C HIS A 97 29.70 13.23 -16.80
N ILE A 98 29.46 12.37 -15.81
CA ILE A 98 28.63 11.21 -15.99
C ILE A 98 27.18 11.31 -15.55
N LEU A 99 26.29 10.87 -16.44
CA LEU A 99 24.86 10.80 -16.21
C LEU A 99 24.67 9.28 -16.27
N LEU A 100 24.80 8.64 -15.12
CA LEU A 100 24.70 7.18 -14.99
C LEU A 100 23.26 6.68 -14.86
N GLU A 101 23.01 5.44 -15.27
CA GLU A 101 21.65 4.88 -15.17
C GLU A 101 21.47 4.17 -13.82
N LYS A 102 20.24 3.76 -13.55
CA LYS A 102 19.96 3.08 -12.29
C LYS A 102 19.57 1.61 -12.48
N PRO A 103 19.95 0.75 -11.53
CA PRO A 103 20.72 1.14 -10.33
C PRO A 103 22.10 1.59 -10.76
N VAL A 104 22.69 2.53 -10.02
CA VAL A 104 24.01 3.06 -10.36
C VAL A 104 25.21 2.17 -10.03
N ALA A 105 24.95 0.93 -9.67
CA ALA A 105 26.02 -0.02 -9.34
C ALA A 105 25.45 -1.26 -8.69
N MSE A 106 26.16 -2.37 -8.84
CA MSE A 106 25.72 -3.63 -8.27
C MSE A 106 25.69 -3.55 -6.74
O MSE A 106 24.96 -4.29 -6.09
CB MSE A 106 26.65 -4.77 -8.72
CG MSE A 106 26.68 -5.00 -10.23
SE MSE A 106 25.00 -5.67 -10.96
CE MSE A 106 24.67 -7.05 -9.64
N ASN A 107 26.49 -2.64 -6.18
CA ASN A 107 26.50 -2.44 -4.73
C ASN A 107 27.00 -1.05 -4.35
N VAL A 108 27.15 -0.81 -3.05
CA VAL A 108 27.60 0.48 -2.55
C VAL A 108 29.12 0.58 -2.53
N THR A 109 29.80 -0.55 -2.67
CA THR A 109 31.25 -0.54 -2.70
C THR A 109 31.70 0.00 -4.05
N GLU A 110 31.21 -0.60 -5.13
CA GLU A 110 31.56 -0.15 -6.47
C GLU A 110 31.23 1.32 -6.62
N PHE A 111 29.96 1.68 -6.44
CA PHE A 111 29.54 3.07 -6.57
C PHE A 111 30.43 3.97 -5.72
N ASP A 112 30.97 3.42 -4.62
CA ASP A 112 31.86 4.19 -3.76
C ASP A 112 33.06 4.59 -4.61
N LYS A 113 33.50 3.67 -5.47
CA LYS A 113 34.64 3.94 -6.33
C LYS A 113 34.31 4.87 -7.49
N ILE A 114 33.05 4.85 -7.93
CA ILE A 114 32.63 5.71 -9.04
C ILE A 114 32.70 7.17 -8.64
N VAL A 115 31.88 7.56 -7.68
CA VAL A 115 31.83 8.94 -7.21
C VAL A 115 33.21 9.44 -6.81
N ASP A 116 34.04 8.54 -6.31
CA ASP A 116 35.39 8.92 -5.90
C ASP A 116 36.09 9.56 -7.07
N ALA A 117 36.12 8.84 -8.19
CA ALA A 117 36.76 9.33 -9.42
C ALA A 117 36.07 10.58 -9.94
N CYS A 118 34.85 10.81 -9.49
CA CYS A 118 34.09 12.00 -9.91
C CYS A 118 34.57 13.23 -9.13
N GLU A 119 35.07 12.97 -7.93
CA GLU A 119 35.59 14.02 -7.06
C GLU A 119 37.07 14.22 -7.37
N ALA A 120 37.75 13.13 -7.70
CA ALA A 120 39.17 13.18 -8.03
C ALA A 120 39.38 13.53 -9.50
N ASN A 121 38.43 14.29 -10.05
CA ASN A 121 38.51 14.71 -11.46
C ASN A 121 37.52 15.82 -11.76
N GLY A 122 36.82 16.29 -10.73
CA GLY A 122 35.86 17.36 -10.92
C GLY A 122 34.74 17.06 -11.91
N VAL A 123 34.14 15.88 -11.84
CA VAL A 123 33.05 15.57 -12.76
C VAL A 123 31.70 15.40 -12.05
N GLN A 124 30.64 15.72 -12.77
CA GLN A 124 29.27 15.62 -12.27
C GLN A 124 28.74 14.20 -12.49
N ILE A 125 28.07 13.66 -11.48
CA ILE A 125 27.49 12.33 -11.60
C ILE A 125 26.04 12.36 -11.11
N MSE A 126 25.12 11.95 -11.99
CA MSE A 126 23.70 11.91 -11.67
C MSE A 126 23.01 10.77 -12.42
O MSE A 126 23.22 10.61 -13.63
CB MSE A 126 23.03 13.23 -12.04
CG MSE A 126 21.53 13.27 -11.77
SE MSE A 126 20.71 14.92 -12.34
CE MSE A 126 20.16 14.41 -14.10
N ASP A 127 22.19 9.99 -11.71
CA ASP A 127 21.47 8.89 -12.34
C ASP A 127 20.35 9.47 -13.18
N GLY A 128 19.82 8.66 -14.10
CA GLY A 128 18.75 9.11 -14.96
C GLY A 128 17.31 8.93 -14.51
N THR A 129 16.99 9.32 -13.27
CA THR A 129 15.62 9.23 -12.75
C THR A 129 14.83 10.43 -13.32
N MSE A 130 13.85 10.14 -14.15
CA MSE A 130 13.08 11.21 -14.80
C MSE A 130 12.05 11.94 -13.94
O MSE A 130 12.24 13.11 -13.62
CB MSE A 130 12.39 10.66 -16.06
CG MSE A 130 13.12 9.49 -16.70
SE MSE A 130 12.32 8.98 -18.40
CE MSE A 130 13.94 8.68 -19.43
N TRP A 131 10.98 11.24 -13.58
CA TRP A 131 9.88 11.83 -12.81
C TRP A 131 10.21 12.90 -11.77
N VAL A 132 11.27 12.71 -10.98
CA VAL A 132 11.62 13.71 -9.97
C VAL A 132 11.86 15.08 -10.59
N HIS A 133 12.11 15.13 -11.90
CA HIS A 133 12.32 16.42 -12.54
C HIS A 133 11.02 17.03 -13.04
N ASN A 134 9.95 16.25 -12.96
CA ASN A 134 8.64 16.74 -13.37
C ASN A 134 8.31 17.95 -12.48
N PRO A 135 7.79 19.03 -13.09
CA PRO A 135 7.42 20.26 -12.38
C PRO A 135 6.69 19.98 -11.06
N ARG A 136 5.93 18.88 -11.05
CA ARG A 136 5.18 18.48 -9.86
C ARG A 136 6.09 18.11 -8.69
N THR A 137 7.09 17.28 -8.95
CA THR A 137 7.99 16.83 -7.90
C THR A 137 8.24 17.86 -6.80
N ALA A 138 8.32 19.13 -7.20
CA ALA A 138 8.54 20.23 -6.26
C ALA A 138 7.32 20.46 -5.36
N LEU A 139 6.17 20.70 -5.98
CA LEU A 139 4.92 20.92 -5.25
C LEU A 139 4.44 19.62 -4.64
N LEU A 140 4.94 18.52 -5.20
CA LEU A 140 4.61 17.17 -4.74
C LEU A 140 5.49 16.93 -3.54
N LYS A 141 6.09 18.01 -3.07
CA LYS A 141 6.98 18.05 -1.90
C LYS A 141 6.46 19.23 -1.08
N GLU A 142 5.90 20.20 -1.78
CA GLU A 142 5.35 21.37 -1.14
C GLU A 142 4.13 20.95 -0.31
N PHE A 143 3.22 20.19 -0.93
CA PHE A 143 2.04 19.70 -0.24
C PHE A 143 2.45 18.93 1.00
N LEU A 144 3.48 18.10 0.86
CA LEU A 144 4.00 17.29 1.95
C LEU A 144 4.72 18.19 2.94
N SER A 145 4.79 19.49 2.63
CA SER A 145 5.43 20.46 3.50
C SER A 145 4.39 21.37 4.16
N ASP A 146 3.14 21.24 3.75
CA ASP A 146 2.05 22.04 4.29
C ASP A 146 1.65 21.56 5.69
N SER A 147 2.22 22.21 6.71
CA SER A 147 1.93 21.84 8.09
C SER A 147 0.44 21.94 8.41
N GLU A 148 -0.35 22.41 7.45
CA GLU A 148 -1.79 22.55 7.62
C GLU A 148 -2.55 21.57 6.71
N ARG A 149 -2.38 21.72 5.41
CA ARG A 149 -3.06 20.85 4.47
C ARG A 149 -2.54 19.42 4.51
N PHE A 150 -1.36 19.22 5.09
CA PHE A 150 -0.77 17.90 5.19
C PHE A 150 -0.21 17.61 6.59
N GLY A 151 0.45 18.61 7.17
CA GLY A 151 1.02 18.46 8.49
C GLY A 151 2.34 17.73 8.52
N GLN A 152 2.41 16.66 9.31
CA GLN A 152 3.64 15.87 9.41
C GLN A 152 3.40 14.45 8.91
N LEU A 153 4.32 13.98 8.06
CA LEU A 153 4.26 12.65 7.47
C LEU A 153 4.61 11.56 8.48
N LYS A 154 3.67 10.64 8.69
CA LYS A 154 3.88 9.55 9.63
C LYS A 154 4.15 8.28 8.83
N THR A 155 3.66 8.26 7.60
CA THR A 155 3.83 7.09 6.75
C THR A 155 3.75 7.39 5.26
N VAL A 156 4.49 6.61 4.48
CA VAL A 156 4.51 6.76 3.03
C VAL A 156 4.78 5.38 2.42
N GLN A 157 3.89 4.94 1.54
CA GLN A 157 4.00 3.66 0.87
C GLN A 157 4.30 3.89 -0.60
N SER A 158 4.93 2.91 -1.25
CA SER A 158 5.24 3.05 -2.67
C SER A 158 5.63 1.71 -3.33
N CYS A 159 5.43 1.62 -4.64
CA CYS A 159 5.79 0.40 -5.36
C CYS A 159 5.81 0.52 -6.87
N PHE A 160 6.32 -0.53 -7.50
CA PHE A 160 6.41 -0.64 -8.95
C PHE A 160 6.53 -2.11 -9.35
N SER A 161 5.80 -2.51 -10.39
CA SER A 161 5.83 -3.88 -10.88
C SER A 161 5.11 -4.01 -12.21
N PHE A 162 5.82 -4.47 -13.24
CA PHE A 162 5.15 -4.63 -14.52
C PHE A 162 5.00 -6.12 -14.77
N ALA A 163 4.48 -6.48 -15.94
CA ALA A 163 4.26 -7.88 -16.25
C ALA A 163 5.30 -8.49 -17.17
N GLY A 164 6.41 -8.93 -16.59
CA GLY A 164 7.43 -9.56 -17.41
C GLY A 164 6.83 -10.78 -18.08
N ASP A 165 6.72 -10.76 -19.41
CA ASP A 165 6.17 -11.91 -20.10
C ASP A 165 7.30 -12.89 -20.38
N GLU A 166 7.04 -13.85 -21.26
CA GLU A 166 8.04 -14.86 -21.59
C GLU A 166 9.34 -14.28 -22.14
N ASP A 167 9.26 -13.52 -23.22
CA ASP A 167 10.44 -12.91 -23.83
C ASP A 167 11.29 -12.19 -22.77
N PHE A 168 10.64 -11.60 -21.78
CA PHE A 168 11.34 -10.89 -20.72
C PHE A 168 11.89 -11.82 -19.64
N LEU A 169 11.06 -12.74 -19.16
CA LEU A 169 11.49 -13.65 -18.11
C LEU A 169 12.69 -14.45 -18.56
N LYS A 170 12.86 -14.56 -19.88
CA LYS A 170 13.97 -15.28 -20.44
C LYS A 170 15.03 -14.29 -20.92
N ASN A 171 14.62 -13.32 -21.74
CA ASN A 171 15.57 -12.37 -22.27
C ASN A 171 15.57 -10.96 -21.67
N ASP A 172 16.76 -10.55 -21.22
CA ASP A 172 17.03 -9.23 -20.65
C ASP A 172 18.11 -9.20 -19.57
N ILE A 173 18.87 -8.11 -19.56
CA ILE A 173 19.94 -7.93 -18.60
C ILE A 173 19.42 -7.79 -17.18
N ARG A 174 18.11 -7.53 -17.06
CA ARG A 174 17.46 -7.37 -15.77
C ARG A 174 17.13 -8.69 -15.06
N VAL A 175 17.36 -9.80 -15.75
CA VAL A 175 17.15 -11.13 -15.16
C VAL A 175 18.50 -11.88 -15.24
N LYS A 176 19.55 -11.15 -15.58
CA LYS A 176 20.90 -11.71 -15.70
C LYS A 176 21.79 -11.25 -14.54
N PRO A 177 22.34 -12.22 -13.78
CA PRO A 177 23.21 -11.93 -12.64
C PRO A 177 24.50 -11.16 -12.96
N GLY A 178 25.21 -11.60 -13.98
CA GLY A 178 26.45 -10.95 -14.36
C GLY A 178 26.31 -9.51 -14.85
N LEU A 179 25.07 -9.09 -15.10
CA LEU A 179 24.81 -7.74 -15.62
C LEU A 179 23.92 -6.98 -14.64
N ASP A 180 22.75 -6.52 -15.10
CA ASP A 180 21.82 -5.81 -14.24
C ASP A 180 21.27 -6.81 -13.23
N GLY A 181 22.19 -7.39 -12.47
CA GLY A 181 21.83 -8.39 -11.49
C GLY A 181 21.03 -7.97 -10.26
N LEU A 182 20.61 -6.72 -10.17
CA LEU A 182 19.83 -6.31 -9.01
C LEU A 182 18.35 -6.63 -9.22
N GLY A 183 18.04 -7.15 -10.42
CA GLY A 183 16.68 -7.52 -10.75
C GLY A 183 15.59 -6.48 -10.51
N ALA A 184 14.45 -6.94 -10.03
CA ALA A 184 13.32 -6.05 -9.76
C ALA A 184 13.72 -4.94 -8.80
N LEU A 185 14.52 -5.29 -7.80
CA LEU A 185 14.98 -4.34 -6.79
C LEU A 185 15.69 -3.15 -7.44
N GLY A 186 16.78 -3.43 -8.15
CA GLY A 186 17.52 -2.38 -8.80
C GLY A 186 16.75 -1.62 -9.87
N ASP A 187 15.94 -2.32 -10.66
CA ASP A 187 15.18 -1.68 -11.72
C ASP A 187 13.89 -1.00 -11.25
N ALA A 188 13.16 -1.67 -10.35
CA ALA A 188 11.89 -1.11 -9.88
C ALA A 188 11.94 -0.60 -8.43
N GLY A 189 12.55 -1.37 -7.54
CA GLY A 189 12.63 -0.94 -6.14
C GLY A 189 13.18 0.47 -6.06
N TRP A 190 14.24 0.70 -6.82
CA TRP A 190 14.91 2.00 -6.91
C TRP A 190 13.94 3.17 -6.84
N TYR A 191 12.90 3.12 -7.67
CA TYR A 191 11.91 4.19 -7.72
C TYR A 191 11.13 4.35 -6.42
N ALA A 192 10.51 3.26 -5.97
CA ALA A 192 9.74 3.32 -4.74
C ALA A 192 10.65 3.92 -3.68
N ILE A 193 11.86 3.38 -3.56
CA ILE A 193 12.84 3.88 -2.60
C ILE A 193 12.96 5.40 -2.77
N ARG A 194 13.21 5.84 -4.00
CA ARG A 194 13.34 7.26 -4.28
C ARG A 194 12.03 8.01 -4.05
N ALA A 195 10.91 7.31 -4.19
CA ALA A 195 9.61 7.93 -3.99
C ALA A 195 9.51 8.38 -2.55
N THR A 196 10.01 7.54 -1.65
CA THR A 196 10.01 7.81 -0.21
C THR A 196 10.88 8.99 0.18
N LEU A 197 12.14 8.97 -0.25
CA LEU A 197 13.07 10.03 0.07
C LEU A 197 12.52 11.37 -0.43
N LEU A 198 11.82 11.33 -1.56
CA LEU A 198 11.20 12.51 -2.14
C LEU A 198 9.93 12.84 -1.35
N ALA A 199 9.80 12.24 -0.18
CA ALA A 199 8.65 12.45 0.69
C ALA A 199 9.09 12.62 2.13
N ASN A 200 10.33 12.22 2.44
CA ASN A 200 10.87 12.34 3.78
C ASN A 200 12.00 13.37 3.88
N ASN A 201 11.98 14.34 2.98
CA ASN A 201 12.99 15.39 2.94
C ASN A 201 14.36 14.85 2.55
N PHE A 202 14.35 13.65 1.96
CA PHE A 202 15.58 13.00 1.51
C PHE A 202 16.50 12.63 2.66
N GLU A 203 15.91 12.16 3.76
CA GLU A 203 16.66 11.75 4.93
C GLU A 203 16.69 10.24 5.10
N LEU A 204 17.88 9.67 5.02
CA LEU A 204 18.06 8.23 5.17
C LEU A 204 17.40 7.69 6.43
N PRO A 205 16.72 6.53 6.32
CA PRO A 205 16.05 5.91 7.47
C PRO A 205 17.10 5.33 8.42
N LYS A 206 16.70 4.93 9.61
CA LYS A 206 17.65 4.39 10.58
C LYS A 206 18.02 2.97 10.21
N THR A 207 17.03 2.08 10.17
CA THR A 207 17.25 0.70 9.80
C THR A 207 16.40 0.39 8.57
N VAL A 208 16.53 -0.83 8.07
CA VAL A 208 15.81 -1.28 6.90
C VAL A 208 15.68 -2.79 6.98
N THR A 209 14.44 -3.27 7.04
CA THR A 209 14.19 -4.70 7.14
C THR A 209 13.51 -5.17 5.86
N ALA A 210 13.63 -6.45 5.56
CA ALA A 210 13.00 -7.02 4.37
C ALA A 210 11.86 -7.93 4.78
N PHE A 211 10.80 -7.97 3.99
CA PHE A 211 9.67 -8.83 4.31
C PHE A 211 9.89 -10.15 3.57
N PRO A 212 9.55 -11.26 4.22
CA PRO A 212 9.72 -12.57 3.57
C PRO A 212 8.92 -12.61 2.26
N GLY A 213 9.15 -13.64 1.45
CA GLY A 213 8.43 -13.78 0.19
C GLY A 213 9.19 -13.35 -1.05
N ALA A 214 10.48 -13.01 -0.91
CA ALA A 214 11.28 -12.61 -2.07
C ALA A 214 11.23 -13.78 -3.05
N VAL A 215 11.42 -13.50 -4.35
CA VAL A 215 11.36 -14.54 -5.36
C VAL A 215 12.54 -14.53 -6.34
N LEU A 216 13.59 -15.26 -5.99
CA LEU A 216 14.77 -15.36 -6.83
C LEU A 216 14.50 -16.30 -8.01
N ASN A 217 15.02 -15.96 -9.19
CA ASN A 217 14.84 -16.83 -10.35
C ASN A 217 15.92 -17.90 -10.28
N GLU A 218 15.95 -18.81 -11.24
CA GLU A 218 16.97 -19.88 -11.23
C GLU A 218 18.40 -19.39 -11.16
N ALA A 219 18.68 -18.22 -11.74
CA ALA A 219 20.04 -17.66 -11.71
C ALA A 219 20.21 -16.78 -10.48
N GLY A 220 19.23 -16.85 -9.57
CA GLY A 220 19.30 -16.09 -8.34
C GLY A 220 18.93 -14.62 -8.42
N VAL A 221 18.28 -14.21 -9.51
CA VAL A 221 17.87 -12.82 -9.68
C VAL A 221 16.49 -12.59 -9.06
N ILE A 222 16.38 -11.52 -8.28
CA ILE A 222 15.14 -11.17 -7.62
C ILE A 222 14.03 -10.82 -8.62
N LEU A 223 12.82 -11.33 -8.34
CA LEU A 223 11.67 -11.09 -9.19
C LEU A 223 10.57 -10.34 -8.43
N SER A 224 10.67 -10.32 -7.10
CA SER A 224 9.71 -9.60 -6.27
C SER A 224 10.14 -9.61 -4.81
N CYS A 225 10.22 -8.43 -4.21
CA CYS A 225 10.63 -8.29 -2.81
C CYS A 225 9.88 -7.16 -2.11
N GLY A 226 9.75 -7.26 -0.79
CA GLY A 226 9.08 -6.23 -0.01
C GLY A 226 9.90 -5.85 1.21
N ALA A 227 9.66 -4.68 1.79
CA ALA A 227 10.43 -4.25 2.94
C ALA A 227 9.94 -2.94 3.56
N SER A 228 10.10 -2.80 4.87
CA SER A 228 9.69 -1.58 5.56
C SER A 228 10.91 -0.81 6.03
N LEU A 229 10.73 0.49 6.24
CA LEU A 229 11.81 1.34 6.71
C LEU A 229 11.36 1.95 8.02
N SER A 230 12.29 2.12 8.95
CA SER A 230 11.97 2.71 10.25
C SER A 230 12.93 3.80 10.70
N TRP A 231 12.40 5.00 10.84
CA TRP A 231 13.17 6.16 11.28
C TRP A 231 13.16 6.26 12.82
N GLU A 232 12.46 5.33 13.45
CA GLU A 232 12.36 5.26 14.91
C GLU A 232 11.76 6.51 15.55
N ASP A 233 10.45 6.66 15.39
CA ASP A 233 9.71 7.79 15.95
C ASP A 233 8.24 7.75 15.50
N GLY A 234 7.77 6.57 15.11
CA GLY A 234 6.38 6.42 14.68
C GLY A 234 6.16 6.44 13.18
N ARG A 235 7.18 6.83 12.41
CA ARG A 235 7.07 6.89 10.95
C ARG A 235 7.73 5.69 10.27
N THR A 236 6.96 5.00 9.42
CA THR A 236 7.49 3.85 8.69
C THR A 236 7.10 3.97 7.23
N ALA A 237 7.77 3.20 6.38
CA ALA A 237 7.48 3.23 4.97
C ALA A 237 7.63 1.83 4.41
N THR A 238 7.30 1.66 3.13
CA THR A 238 7.43 0.37 2.48
C THR A 238 7.56 0.57 0.98
N ILE A 239 8.23 -0.36 0.33
CA ILE A 239 8.38 -0.29 -1.11
C ILE A 239 8.14 -1.70 -1.62
N TYR A 240 7.59 -1.82 -2.81
CA TYR A 240 7.34 -3.13 -3.37
C TYR A 240 7.74 -3.07 -4.83
N CYS A 241 8.39 -4.14 -5.30
CA CYS A 241 8.81 -4.22 -6.69
C CYS A 241 8.64 -5.65 -7.20
N SER A 242 8.27 -5.78 -8.47
CA SER A 242 8.07 -7.10 -9.09
C SER A 242 8.11 -7.03 -10.61
N PHE A 243 8.64 -8.08 -11.21
CA PHE A 243 8.72 -8.21 -12.66
C PHE A 243 7.63 -9.17 -13.11
N LEU A 244 6.62 -9.39 -12.26
CA LEU A 244 5.57 -10.35 -12.58
C LEU A 244 4.15 -9.92 -12.24
N ALA A 245 3.92 -8.62 -12.06
CA ALA A 245 2.58 -8.14 -11.74
C ALA A 245 2.20 -6.89 -12.54
N ASN A 246 0.92 -6.80 -12.91
CA ASN A 246 0.38 -5.69 -13.69
C ASN A 246 0.94 -4.32 -13.31
N LEU A 247 1.22 -3.51 -14.33
CA LEU A 247 1.77 -2.18 -14.16
C LEU A 247 1.18 -1.49 -12.92
N THR A 248 2.06 -1.13 -12.00
CA THR A 248 1.65 -0.46 -10.77
C THR A 248 2.81 0.40 -10.30
N MSE A 249 2.64 1.71 -10.40
CA MSE A 249 3.65 2.67 -9.99
C MSE A 249 2.93 3.71 -9.12
O MSE A 249 2.45 4.73 -9.63
CB MSE A 249 4.28 3.32 -11.24
CG MSE A 249 4.76 2.30 -12.30
SE MSE A 249 5.57 2.98 -13.98
CE MSE A 249 3.97 3.70 -14.80
N GLU A 250 2.83 3.45 -7.81
CA GLU A 250 2.13 4.35 -6.89
C GLU A 250 2.84 4.81 -5.63
N ILE A 251 2.35 5.94 -5.10
CA ILE A 251 2.86 6.51 -3.86
C ILE A 251 1.64 6.88 -3.02
N THR A 252 1.78 6.72 -1.72
CA THR A 252 0.75 7.07 -0.75
C THR A 252 1.44 7.59 0.50
N ALA A 253 1.27 8.87 0.79
CA ALA A 253 1.88 9.47 1.98
C ALA A 253 0.77 9.98 2.90
N ILE A 254 0.79 9.51 4.14
CA ILE A 254 -0.21 9.92 5.12
C ILE A 254 0.36 10.76 6.25
N GLY A 255 -0.31 11.87 6.52
CA GLY A 255 0.12 12.75 7.59
C GLY A 255 -0.95 12.88 8.65
N THR A 256 -0.62 13.58 9.73
CA THR A 256 -1.55 13.80 10.82
C THR A 256 -2.79 14.58 10.34
N LYS A 257 -2.67 15.28 9.21
CA LYS A 257 -3.79 16.05 8.70
C LYS A 257 -4.01 15.97 7.19
N GLY A 258 -3.18 15.20 6.49
CA GLY A 258 -3.34 15.09 5.05
C GLY A 258 -2.78 13.81 4.47
N THR A 259 -3.20 13.51 3.24
CA THR A 259 -2.74 12.33 2.54
C THR A 259 -2.60 12.70 1.07
N LEU A 260 -1.63 12.11 0.38
CA LEU A 260 -1.40 12.40 -1.03
C LEU A 260 -1.21 11.12 -1.84
N ARG A 261 -2.05 10.93 -2.85
CA ARG A 261 -1.95 9.74 -3.68
C ARG A 261 -1.56 10.03 -5.14
N VAL A 262 -0.58 9.27 -5.62
CA VAL A 262 -0.11 9.38 -7.00
C VAL A 262 -0.07 7.94 -7.49
N HIS A 263 -0.81 7.64 -8.55
CA HIS A 263 -0.86 6.29 -9.09
C HIS A 263 -0.09 6.13 -10.38
N ASP A 264 0.69 7.15 -10.71
CA ASP A 264 1.51 7.13 -11.91
C ASP A 264 2.77 7.96 -11.67
N PHE A 265 3.29 7.91 -10.43
CA PHE A 265 4.48 8.68 -10.08
C PHE A 265 5.67 8.33 -10.97
N ILE A 266 5.87 7.06 -11.26
CA ILE A 266 6.94 6.70 -12.19
C ILE A 266 6.14 6.71 -13.50
N ILE A 267 6.55 7.53 -14.46
CA ILE A 267 5.83 7.59 -15.73
C ILE A 267 4.38 8.04 -15.56
N PRO A 268 4.08 9.32 -15.88
CA PRO A 268 2.72 9.84 -15.77
C PRO A 268 1.86 9.42 -16.95
N TYR A 269 0.55 9.34 -16.74
CA TYR A 269 -0.39 8.94 -17.78
C TYR A 269 -0.06 9.61 -19.12
N LYS A 270 0.14 10.92 -19.09
CA LYS A 270 0.46 11.70 -20.29
C LYS A 270 1.55 12.71 -19.94
N GLU A 271 2.60 12.78 -20.77
CA GLU A 271 3.71 13.70 -20.49
C GLU A 271 3.27 15.15 -20.39
N THR A 272 2.15 15.47 -21.02
CA THR A 272 1.62 16.83 -21.03
C THR A 272 1.02 17.27 -19.69
N GLU A 273 0.54 16.32 -18.89
CA GLU A 273 -0.05 16.67 -17.60
C GLU A 273 0.35 15.66 -16.50
N ALA A 274 0.27 16.10 -15.25
CA ALA A 274 0.62 15.27 -14.10
C ALA A 274 -0.30 15.54 -12.91
N SER A 275 -0.87 14.48 -12.34
CA SER A 275 -1.78 14.63 -11.21
C SER A 275 -1.42 13.85 -9.94
N PHE A 276 -1.99 14.29 -8.82
CA PHE A 276 -1.78 13.68 -7.52
C PHE A 276 -3.02 13.92 -6.68
N THR A 277 -3.26 13.07 -5.68
CA THR A 277 -4.42 13.20 -4.81
C THR A 277 -4.09 14.04 -3.58
N THR A 278 -5.07 14.75 -3.06
CA THR A 278 -4.89 15.59 -1.88
C THR A 278 -6.07 15.45 -0.92
N SER A 279 -5.76 15.19 0.35
CA SER A 279 -6.79 15.03 1.37
C SER A 279 -6.53 15.88 2.61
N THR A 280 -7.34 16.90 2.80
CA THR A 280 -7.17 17.76 3.95
C THR A 280 -8.33 17.53 4.91
N LYS A 281 -8.01 17.37 6.19
CA LYS A 281 -9.04 17.15 7.21
C LYS A 281 -9.96 16.02 6.75
N ALA A 282 -9.59 14.79 7.10
CA ALA A 282 -10.41 13.66 6.69
C ALA A 282 -11.24 13.14 7.84
N TRP A 283 -12.56 13.13 7.65
CA TRP A 283 -13.46 12.64 8.66
C TRP A 283 -14.82 12.28 8.07
N PHE A 284 -15.69 11.74 8.92
CA PHE A 284 -17.04 11.36 8.51
C PHE A 284 -18.00 12.29 9.24
N ASN A 285 -19.29 12.15 8.94
CA ASN A 285 -20.27 12.97 9.63
C ASN A 285 -20.54 12.27 10.96
N ASP A 286 -21.19 12.96 11.89
CA ASP A 286 -21.48 12.42 13.22
C ASP A 286 -21.88 10.95 13.32
N LEU A 287 -22.60 10.46 12.32
CA LEU A 287 -23.04 9.07 12.36
C LEU A 287 -22.12 8.13 11.57
N VAL A 288 -20.98 8.66 11.14
CA VAL A 288 -20.02 7.89 10.36
C VAL A 288 -20.79 7.18 9.26
N THR A 289 -21.77 7.88 8.71
CA THR A 289 -22.59 7.34 7.65
C THR A 289 -21.98 7.68 6.29
N ALA A 290 -21.01 8.61 6.28
CA ALA A 290 -20.36 9.02 5.05
C ALA A 290 -19.15 9.93 5.26
N TRP A 291 -18.39 10.16 4.19
CA TRP A 291 -17.21 11.02 4.20
C TRP A 291 -17.63 12.47 4.02
N VAL A 292 -16.99 13.37 4.76
CA VAL A 292 -17.31 14.77 4.65
C VAL A 292 -17.05 15.21 3.19
N SER A 293 -15.97 14.69 2.60
CA SER A 293 -15.62 15.01 1.23
C SER A 293 -14.46 14.17 0.68
N PRO A 294 -14.65 13.54 -0.48
CA PRO A 294 -13.67 12.70 -1.18
C PRO A 294 -12.50 13.50 -1.74
N PRO A 295 -11.37 13.52 -1.03
CA PRO A 295 -10.16 14.25 -1.44
C PRO A 295 -9.87 14.26 -2.94
N SER A 296 -10.27 15.34 -3.60
CA SER A 296 -10.05 15.50 -5.05
C SER A 296 -8.56 15.58 -5.36
N GLU A 297 -8.21 15.38 -6.62
CA GLU A 297 -6.81 15.43 -7.05
C GLU A 297 -6.48 16.73 -7.77
N HIS A 298 -5.19 17.07 -7.80
CA HIS A 298 -4.73 18.28 -8.49
C HIS A 298 -3.94 17.92 -9.75
N THR A 299 -3.97 18.81 -10.72
CA THR A 299 -3.25 18.59 -11.97
C THR A 299 -2.31 19.75 -12.27
N VAL A 300 -1.09 19.44 -12.70
CA VAL A 300 -0.12 20.47 -13.04
C VAL A 300 0.19 20.42 -14.53
N LYS A 301 0.35 21.58 -15.15
CA LYS A 301 0.66 21.63 -16.57
C LYS A 301 2.14 21.35 -16.73
N THR A 302 2.48 20.50 -17.70
CA THR A 302 3.86 20.14 -17.97
C THR A 302 4.09 20.17 -19.49
N GLU A 303 4.35 21.35 -20.02
CA GLU A 303 4.56 21.52 -21.46
C GLU A 303 5.90 20.97 -21.95
N LEU A 304 6.78 20.65 -21.02
CA LEU A 304 8.10 20.10 -21.34
C LEU A 304 8.28 18.77 -20.62
N PRO A 305 8.39 17.65 -21.38
CA PRO A 305 8.57 16.33 -20.80
C PRO A 305 9.52 16.32 -19.60
N GLN A 306 9.31 15.39 -18.68
CA GLN A 306 10.15 15.31 -17.49
C GLN A 306 11.58 14.84 -17.74
N GLU A 307 11.75 13.86 -18.63
CA GLU A 307 13.09 13.36 -18.95
C GLU A 307 13.94 14.52 -19.42
N ALA A 308 13.37 15.35 -20.28
CA ALA A 308 14.06 16.50 -20.83
C ALA A 308 14.41 17.50 -19.71
N CYS A 309 13.53 17.59 -18.69
CA CYS A 309 13.75 18.47 -17.56
C CYS A 309 14.99 18.00 -16.81
N MSE A 310 15.23 16.69 -16.86
CA MSE A 310 16.37 16.09 -16.21
C MSE A 310 17.65 16.43 -16.94
O MSE A 310 18.63 16.86 -16.31
CB MSE A 310 16.18 14.57 -16.14
CG MSE A 310 17.43 13.77 -15.89
SE MSE A 310 17.06 11.87 -15.95
CE MSE A 310 16.02 11.80 -17.57
N VAL A 311 17.65 16.21 -18.26
CA VAL A 311 18.81 16.51 -19.07
C VAL A 311 19.13 17.99 -18.86
N ARG A 312 18.13 18.84 -19.05
CA ARG A 312 18.28 20.28 -18.87
C ARG A 312 19.02 20.55 -17.56
N GLU A 313 18.52 20.00 -16.46
CA GLU A 313 19.16 20.19 -15.16
C GLU A 313 20.57 19.61 -15.13
N PHE A 314 20.72 18.33 -15.49
CA PHE A 314 22.03 17.68 -15.52
C PHE A 314 23.02 18.70 -16.08
N ALA A 315 22.59 19.42 -17.10
CA ALA A 315 23.41 20.43 -17.72
C ALA A 315 23.70 21.53 -16.70
N ARG A 316 24.61 21.22 -15.78
CA ARG A 316 25.04 22.13 -14.72
C ARG A 316 26.50 22.50 -14.98
N LEU A 317 26.68 23.69 -15.53
CA LEU A 317 27.98 24.26 -15.88
C LEU A 317 29.20 23.47 -15.46
N VAL A 318 29.84 23.92 -14.38
CA VAL A 318 31.05 23.29 -13.84
C VAL A 318 32.08 23.02 -14.94
N TYR A 331 23.84 17.81 -4.77
CA TYR A 331 22.65 17.06 -4.42
C TYR A 331 22.46 15.86 -5.33
N TRP A 332 22.54 16.10 -6.63
CA TRP A 332 22.33 15.05 -7.61
C TRP A 332 23.18 13.82 -7.41
N PRO A 333 24.47 13.99 -7.12
CA PRO A 333 25.25 12.78 -6.93
C PRO A 333 25.00 12.19 -5.55
N SER A 334 24.57 13.04 -4.63
CA SER A 334 24.28 12.61 -3.27
C SER A 334 22.95 11.89 -3.11
N ILE A 335 21.90 12.41 -3.74
CA ILE A 335 20.59 11.79 -3.65
C ILE A 335 20.57 10.47 -4.41
N SER A 336 21.71 10.13 -5.00
CA SER A 336 21.83 8.87 -5.72
C SER A 336 22.42 7.85 -4.76
N ARG A 337 23.33 8.29 -3.90
CA ARG A 337 23.97 7.41 -2.92
C ARG A 337 23.00 6.95 -1.85
N LYS A 338 22.18 7.85 -1.35
CA LYS A 338 21.23 7.47 -0.31
C LYS A 338 20.26 6.46 -0.91
N THR A 339 19.91 6.66 -2.17
CA THR A 339 19.01 5.74 -2.85
C THR A 339 19.76 4.46 -3.15
N GLN A 340 20.97 4.59 -3.68
CA GLN A 340 21.80 3.43 -4.00
C GLN A 340 22.11 2.68 -2.70
N LEU A 341 22.33 3.43 -1.63
CA LEU A 341 22.62 2.83 -0.34
C LEU A 341 21.37 2.10 0.16
N VAL A 342 20.25 2.82 0.18
CA VAL A 342 18.99 2.22 0.63
C VAL A 342 18.79 0.96 -0.20
N VAL A 343 19.15 1.06 -1.47
CA VAL A 343 19.04 -0.06 -2.40
C VAL A 343 19.71 -1.30 -1.82
N ASP A 344 21.02 -1.20 -1.53
CA ASP A 344 21.77 -2.33 -0.96
C ASP A 344 21.20 -2.73 0.39
N ALA A 345 20.72 -1.74 1.13
CA ALA A 345 20.13 -1.99 2.44
C ALA A 345 19.02 -3.01 2.26
N VAL A 346 18.16 -2.78 1.27
CA VAL A 346 17.06 -3.70 1.00
C VAL A 346 17.55 -5.04 0.46
N LYS A 347 18.73 -5.04 -0.15
CA LYS A 347 19.30 -6.28 -0.69
C LYS A 347 20.21 -7.00 0.31
N GLU A 348 20.64 -6.29 1.35
CA GLU A 348 21.49 -6.91 2.36
C GLU A 348 20.60 -7.54 3.42
N SER A 349 19.30 -7.32 3.30
CA SER A 349 18.34 -7.88 4.23
C SER A 349 17.77 -9.16 3.65
N VAL A 350 17.45 -9.13 2.36
CA VAL A 350 16.91 -10.31 1.68
C VAL A 350 17.88 -11.46 1.84
N ASP A 351 19.17 -11.18 1.64
CA ASP A 351 20.20 -12.21 1.76
C ASP A 351 20.56 -12.57 3.20
N LYS A 352 20.60 -11.58 4.09
CA LYS A 352 20.93 -11.83 5.50
C LYS A 352 19.73 -12.41 6.23
N ASN A 353 18.89 -13.12 5.49
CA ASN A 353 17.70 -13.78 6.03
C ASN A 353 16.64 -12.83 6.61
N TYR A 354 16.49 -11.67 6.00
CA TYR A 354 15.51 -10.67 6.42
C TYR A 354 15.82 -9.93 7.72
N GLN A 355 17.11 -9.81 8.04
CA GLN A 355 17.54 -9.10 9.25
C GLN A 355 17.24 -7.62 9.07
N GLN A 356 17.02 -6.94 10.20
CA GLN A 356 16.76 -5.51 10.18
C GLN A 356 18.10 -4.81 10.02
N ILE A 357 18.50 -4.61 8.76
CA ILE A 357 19.77 -3.97 8.46
C ILE A 357 19.79 -2.53 8.98
N SER A 358 20.73 -2.24 9.87
CA SER A 358 20.85 -0.92 10.44
C SER A 358 21.74 -0.07 9.56
N LEU A 359 21.21 1.05 9.09
CA LEU A 359 21.96 1.97 8.25
C LEU A 359 22.73 2.93 9.17
N SER A 360 23.61 2.35 9.99
CA SER A 360 24.45 3.08 10.93
C SER A 360 23.82 4.34 11.54
N GLN B 6 -39.77 -8.87 11.31
CA GLN B 6 -40.16 -10.19 11.89
C GLN B 6 -39.09 -10.75 12.84
N ILE B 7 -37.82 -10.52 12.53
CA ILE B 7 -36.73 -10.99 13.39
C ILE B 7 -36.46 -10.00 14.51
N ARG B 8 -37.06 -10.23 15.66
CA ARG B 8 -36.90 -9.34 16.81
C ARG B 8 -35.46 -9.30 17.30
N ILE B 9 -34.88 -8.09 17.32
CA ILE B 9 -33.50 -7.88 17.75
C ILE B 9 -33.40 -6.91 18.92
N GLY B 10 -32.47 -7.19 19.83
CA GLY B 10 -32.26 -6.33 20.97
C GLY B 10 -30.86 -5.74 20.87
N VAL B 11 -30.60 -4.70 21.65
CA VAL B 11 -29.27 -4.08 21.65
C VAL B 11 -28.68 -4.12 23.04
N MSE B 12 -27.59 -4.86 23.20
CA MSE B 12 -26.94 -4.99 24.49
C MSE B 12 -25.76 -4.03 24.65
O MSE B 12 -24.65 -4.30 24.20
CB MSE B 12 -26.45 -6.42 24.72
CG MSE B 12 -25.75 -6.60 26.05
SE MSE B 12 -25.65 -8.45 26.58
CE MSE B 12 -27.53 -8.75 26.87
N GLY B 13 -25.99 -2.92 25.35
CA GLY B 13 -24.95 -1.94 25.56
C GLY B 13 -25.22 -0.75 24.64
N CYS B 14 -25.59 0.38 25.23
CA CYS B 14 -25.88 1.57 24.44
C CYS B 14 -24.64 2.30 23.93
N ALA B 15 -23.88 1.62 23.08
CA ALA B 15 -22.67 2.16 22.49
C ALA B 15 -23.04 3.18 21.41
N ASP B 16 -22.14 4.12 21.15
CA ASP B 16 -22.41 5.14 20.15
C ASP B 16 -22.57 4.55 18.75
N ILE B 17 -21.87 3.44 18.47
CA ILE B 17 -21.98 2.80 17.17
C ILE B 17 -23.32 2.10 17.02
N ALA B 18 -24.06 2.00 18.12
CA ALA B 18 -25.37 1.36 18.09
C ALA B 18 -26.39 2.25 17.38
N ARG B 19 -26.16 3.56 17.38
CA ARG B 19 -27.08 4.48 16.72
C ARG B 19 -27.16 4.18 15.23
N LYS B 20 -26.00 4.03 14.60
CA LYS B 20 -25.92 3.74 13.18
C LYS B 20 -26.53 2.37 12.86
N VAL B 21 -26.27 1.38 13.71
CA VAL B 21 -26.81 0.04 13.47
C VAL B 21 -28.32 0.00 13.74
N SER B 22 -28.77 0.82 14.68
CA SER B 22 -30.20 0.87 14.98
C SER B 22 -30.93 1.36 13.73
N ARG B 23 -30.30 2.29 13.02
CA ARG B 23 -30.90 2.83 11.80
C ARG B 23 -31.10 1.72 10.79
N ALA B 24 -30.55 0.55 11.09
CA ALA B 24 -30.67 -0.58 10.19
C ALA B 24 -31.02 -1.90 10.87
N ILE B 25 -31.24 -1.87 12.19
CA ILE B 25 -31.58 -3.12 12.88
C ILE B 25 -32.98 -3.59 12.45
N HIS B 26 -33.81 -2.67 11.97
CA HIS B 26 -35.14 -3.06 11.49
C HIS B 26 -35.14 -3.03 9.97
N LEU B 27 -33.97 -2.82 9.39
CA LEU B 27 -33.85 -2.80 7.94
C LEU B 27 -33.20 -4.12 7.57
N ALA B 28 -33.95 -5.02 6.95
CA ALA B 28 -33.39 -6.31 6.57
C ALA B 28 -33.90 -6.88 5.23
N PRO B 29 -35.19 -6.69 4.91
CA PRO B 29 -36.24 -6.01 5.66
C PRO B 29 -36.97 -6.96 6.61
N ASN B 30 -36.25 -7.96 7.09
CA ASN B 30 -36.82 -8.91 8.02
C ASN B 30 -36.04 -8.98 9.33
N ALA B 31 -36.32 -8.00 10.20
CA ALA B 31 -35.69 -7.88 11.51
C ALA B 31 -36.28 -6.66 12.22
N THR B 32 -36.54 -6.77 13.51
CA THR B 32 -37.12 -5.65 14.25
C THR B 32 -36.30 -5.18 15.44
N ILE B 33 -36.60 -3.96 15.91
CA ILE B 33 -35.94 -3.37 17.07
C ILE B 33 -36.96 -3.42 18.21
N SER B 34 -36.78 -4.37 19.12
CA SER B 34 -37.69 -4.52 20.25
C SER B 34 -36.96 -4.96 21.51
N GLY B 35 -35.83 -4.32 21.78
CA GLY B 35 -35.06 -4.66 22.95
C GLY B 35 -33.85 -3.77 23.09
N VAL B 36 -33.80 -3.03 24.18
CA VAL B 36 -32.71 -2.11 24.46
C VAL B 36 -32.36 -2.17 25.94
N ALA B 37 -31.09 -2.00 26.25
CA ALA B 37 -30.64 -2.05 27.63
C ALA B 37 -29.17 -1.68 27.75
N SER B 38 -28.81 -1.16 28.91
CA SER B 38 -27.43 -0.78 29.19
C SER B 38 -27.15 -1.27 30.59
N ARG B 39 -26.26 -0.59 31.29
CA ARG B 39 -25.93 -0.93 32.66
C ARG B 39 -26.89 -0.13 33.54
N SER B 40 -27.28 1.04 33.04
CA SER B 40 -28.20 1.94 33.73
C SER B 40 -29.54 1.99 33.00
N LEU B 41 -30.62 1.71 33.73
CA LEU B 41 -31.95 1.73 33.14
C LEU B 41 -32.23 3.06 32.43
N GLU B 42 -31.84 4.16 33.06
CA GLU B 42 -32.06 5.50 32.51
C GLU B 42 -31.38 5.70 31.16
N LYS B 43 -30.08 5.41 31.10
CA LYS B 43 -29.29 5.55 29.89
C LYS B 43 -30.00 4.85 28.73
N ALA B 44 -30.54 3.66 28.99
CA ALA B 44 -31.25 2.92 27.97
C ALA B 44 -32.51 3.70 27.55
N LYS B 45 -33.20 4.22 28.54
CA LYS B 45 -34.42 5.00 28.30
C LYS B 45 -34.14 6.17 27.38
N ALA B 46 -33.13 6.97 27.74
CA ALA B 46 -32.74 8.13 26.95
C ALA B 46 -32.38 7.69 25.53
N PHE B 47 -31.53 6.67 25.44
CA PHE B 47 -31.08 6.13 24.16
C PHE B 47 -32.26 5.83 23.24
N ALA B 48 -33.20 5.03 23.73
CA ALA B 48 -34.38 4.65 22.94
C ALA B 48 -35.18 5.85 22.41
N THR B 49 -35.48 6.81 23.29
CA THR B 49 -36.24 8.00 22.91
C THR B 49 -35.48 8.87 21.92
N ALA B 50 -34.21 9.11 22.21
CA ALA B 50 -33.35 9.93 21.35
C ALA B 50 -33.18 9.34 19.95
N ASN B 51 -33.04 8.02 19.88
CA ASN B 51 -32.82 7.37 18.61
C ASN B 51 -34.09 6.87 17.91
N ASN B 52 -35.18 7.63 18.08
CA ASN B 52 -36.46 7.33 17.45
C ASN B 52 -36.88 5.86 17.57
N TYR B 53 -36.45 5.21 18.64
CA TYR B 53 -36.78 3.81 18.88
C TYR B 53 -38.28 3.72 19.05
N PRO B 54 -38.91 2.65 18.52
CA PRO B 54 -40.36 2.49 18.62
C PRO B 54 -40.89 2.47 20.05
N GLU B 55 -42.16 2.12 20.20
CA GLU B 55 -42.80 2.09 21.52
C GLU B 55 -42.87 0.69 22.13
N SER B 56 -42.85 -0.33 21.29
CA SER B 56 -42.93 -1.71 21.74
C SER B 56 -41.58 -2.28 22.22
N THR B 57 -40.56 -1.43 22.25
CA THR B 57 -39.22 -1.86 22.68
C THR B 57 -39.10 -1.82 24.21
N LYS B 58 -38.68 -2.92 24.82
CA LYS B 58 -38.51 -2.95 26.26
C LYS B 58 -37.22 -2.21 26.62
N ILE B 59 -37.14 -1.67 27.83
CA ILE B 59 -35.94 -0.95 28.25
C ILE B 59 -35.37 -1.59 29.52
N HIS B 60 -34.36 -2.45 29.33
CA HIS B 60 -33.72 -3.17 30.42
C HIS B 60 -32.51 -2.49 31.07
N GLY B 61 -32.33 -2.73 32.35
CA GLY B 61 -31.22 -2.15 33.08
C GLY B 61 -30.16 -3.20 33.39
N SER B 62 -30.12 -4.26 32.58
CA SER B 62 -29.15 -5.34 32.76
C SER B 62 -29.09 -6.22 31.51
N TYR B 63 -27.91 -6.74 31.22
CA TYR B 63 -27.74 -7.60 30.06
C TYR B 63 -28.51 -8.90 30.31
N GLU B 64 -28.42 -9.40 31.53
CA GLU B 64 -29.09 -10.63 31.91
C GLU B 64 -30.59 -10.55 31.60
N SER B 65 -31.25 -9.55 32.18
CA SER B 65 -32.68 -9.35 31.97
C SER B 65 -33.00 -9.25 30.48
N LEU B 66 -32.08 -8.63 29.74
CA LEU B 66 -32.23 -8.45 28.30
C LEU B 66 -32.04 -9.76 27.53
N LEU B 67 -31.25 -10.67 28.09
CA LEU B 67 -31.01 -11.97 27.45
C LEU B 67 -32.15 -12.92 27.75
N GLU B 68 -32.60 -12.90 29.01
CA GLU B 68 -33.68 -13.75 29.47
C GLU B 68 -35.05 -13.28 28.99
N ASP B 69 -35.04 -12.43 27.97
CA ASP B 69 -36.28 -11.90 27.40
C ASP B 69 -36.77 -12.80 26.28
N PRO B 70 -37.87 -13.52 26.50
CA PRO B 70 -38.42 -14.41 25.48
C PRO B 70 -39.01 -13.76 24.23
N GLU B 71 -38.63 -12.50 23.95
CA GLU B 71 -39.13 -11.82 22.76
C GLU B 71 -38.05 -11.14 21.88
N ILE B 72 -36.81 -11.61 21.98
CA ILE B 72 -35.69 -11.10 21.19
C ILE B 72 -34.67 -12.21 20.95
N ASP B 73 -34.70 -12.78 19.75
CA ASP B 73 -33.80 -13.86 19.40
C ASP B 73 -32.38 -13.49 18.99
N ALA B 74 -31.99 -12.23 19.22
CA ALA B 74 -30.65 -11.78 18.85
C ALA B 74 -30.38 -10.39 19.39
N LEU B 75 -29.36 -10.29 20.24
CA LEU B 75 -28.98 -9.04 20.85
C LEU B 75 -27.71 -8.47 20.25
N TYR B 76 -27.83 -7.32 19.59
CA TYR B 76 -26.66 -6.69 19.00
C TYR B 76 -25.70 -6.41 20.15
N VAL B 77 -24.47 -6.89 20.04
CA VAL B 77 -23.50 -6.72 21.11
C VAL B 77 -22.30 -5.86 20.74
N PRO B 78 -22.28 -4.60 21.19
CA PRO B 78 -21.17 -3.68 20.90
C PRO B 78 -20.26 -3.49 22.13
N LEU B 79 -20.23 -4.50 22.99
CA LEU B 79 -19.43 -4.42 24.22
C LEU B 79 -17.92 -4.41 24.03
N PRO B 80 -17.18 -3.92 25.05
CA PRO B 80 -15.72 -3.88 24.92
C PRO B 80 -15.24 -5.30 24.64
N THR B 81 -14.25 -5.42 23.77
CA THR B 81 -13.69 -6.71 23.39
C THR B 81 -13.36 -7.57 24.60
N SER B 82 -13.02 -6.92 25.72
CA SER B 82 -12.70 -7.64 26.94
C SER B 82 -13.89 -8.29 27.64
N LEU B 83 -15.10 -8.00 27.18
CA LEU B 83 -16.29 -8.57 27.79
C LEU B 83 -17.04 -9.47 26.79
N HIS B 84 -16.41 -9.79 25.67
CA HIS B 84 -17.07 -10.62 24.68
C HIS B 84 -17.28 -12.09 25.01
N VAL B 85 -16.20 -12.77 25.39
CA VAL B 85 -16.31 -14.19 25.69
C VAL B 85 -17.32 -14.52 26.80
N GLU B 86 -17.43 -13.67 27.80
CA GLU B 86 -18.39 -13.90 28.87
C GLU B 86 -19.84 -13.72 28.44
N TRP B 87 -20.19 -12.48 28.14
CA TRP B 87 -21.56 -12.11 27.77
C TRP B 87 -22.10 -12.62 26.44
N ALA B 88 -21.23 -12.92 25.49
CA ALA B 88 -21.70 -13.44 24.21
C ALA B 88 -22.21 -14.87 24.47
N ILE B 89 -21.38 -15.67 25.13
CA ILE B 89 -21.71 -17.04 25.45
C ILE B 89 -23.05 -17.13 26.20
N LYS B 90 -23.21 -16.32 27.24
CA LYS B 90 -24.44 -16.31 27.99
C LYS B 90 -25.60 -16.10 27.02
N ALA B 91 -25.39 -15.22 26.03
CA ALA B 91 -26.40 -14.93 25.02
C ALA B 91 -26.74 -16.21 24.24
N ALA B 92 -25.70 -16.97 23.89
CA ALA B 92 -25.91 -18.22 23.17
C ALA B 92 -26.65 -19.19 24.10
N GLU B 93 -26.30 -19.12 25.38
CA GLU B 93 -26.91 -20.00 26.37
C GLU B 93 -28.41 -19.75 26.57
N LYS B 94 -28.91 -18.65 26.00
CA LYS B 94 -30.32 -18.35 26.10
C LYS B 94 -30.98 -18.58 24.74
N GLY B 95 -30.23 -19.21 23.85
CA GLY B 95 -30.74 -19.50 22.53
C GLY B 95 -30.85 -18.28 21.62
N LYS B 96 -30.01 -17.28 21.84
CA LYS B 96 -30.04 -16.08 21.00
C LYS B 96 -29.02 -16.14 19.87
N HIS B 97 -29.38 -15.59 18.72
CA HIS B 97 -28.48 -15.55 17.58
C HIS B 97 -27.62 -14.32 17.82
N ILE B 98 -26.34 -14.37 17.44
CA ILE B 98 -25.48 -13.23 17.71
C ILE B 98 -24.84 -12.51 16.54
N LEU B 99 -24.89 -11.18 16.62
CA LEU B 99 -24.29 -10.28 15.64
C LEU B 99 -23.31 -9.48 16.50
N LEU B 100 -22.12 -10.06 16.68
CA LEU B 100 -21.04 -9.51 17.50
C LEU B 100 -20.19 -8.50 16.71
N GLU B 101 -19.95 -7.34 17.32
CA GLU B 101 -19.14 -6.31 16.67
C GLU B 101 -17.71 -6.81 16.59
N LYS B 102 -16.88 -6.10 15.85
CA LYS B 102 -15.49 -6.48 15.71
C LYS B 102 -14.64 -5.58 16.63
N PRO B 103 -13.50 -6.09 17.12
CA PRO B 103 -13.06 -7.47 16.85
C PRO B 103 -13.96 -8.40 17.65
N VAL B 104 -14.12 -9.64 17.20
CA VAL B 104 -14.99 -10.59 17.89
C VAL B 104 -14.52 -11.01 19.28
N ALA B 105 -13.22 -10.99 19.53
CA ALA B 105 -12.69 -11.39 20.83
C ALA B 105 -11.23 -11.00 21.03
N MSE B 106 -10.79 -10.96 22.29
CA MSE B 106 -9.42 -10.61 22.62
C MSE B 106 -8.42 -11.61 22.05
O MSE B 106 -7.21 -11.39 22.09
CB MSE B 106 -9.26 -10.53 24.15
CG MSE B 106 -10.13 -9.48 24.83
SE MSE B 106 -9.71 -7.67 24.28
CE MSE B 106 -8.07 -7.43 25.29
N ASN B 107 -8.92 -12.74 21.55
CA ASN B 107 -8.09 -13.79 20.97
C ASN B 107 -8.96 -14.88 20.38
N VAL B 108 -8.38 -15.68 19.49
CA VAL B 108 -9.09 -16.76 18.82
C VAL B 108 -9.40 -17.97 19.71
N THR B 109 -8.54 -18.24 20.70
CA THR B 109 -8.79 -19.37 21.61
C THR B 109 -10.00 -19.02 22.47
N GLU B 110 -9.86 -17.94 23.23
CA GLU B 110 -10.94 -17.49 24.09
C GLU B 110 -12.12 -17.11 23.21
N PHE B 111 -11.93 -17.22 21.90
CA PHE B 111 -12.98 -16.92 20.95
C PHE B 111 -13.64 -18.19 20.41
N ASP B 112 -12.87 -19.27 20.35
CA ASP B 112 -13.42 -20.54 19.85
C ASP B 112 -14.60 -20.92 20.70
N LYS B 113 -14.56 -20.53 21.98
CA LYS B 113 -15.65 -20.84 22.89
C LYS B 113 -16.96 -20.28 22.36
N ILE B 114 -17.02 -18.97 22.19
CA ILE B 114 -18.21 -18.29 21.68
C ILE B 114 -18.84 -19.07 20.54
N VAL B 115 -18.01 -19.45 19.56
CA VAL B 115 -18.47 -20.19 18.40
C VAL B 115 -19.07 -21.55 18.76
N ASP B 116 -18.38 -22.32 19.59
CA ASP B 116 -18.90 -23.63 20.00
C ASP B 116 -20.12 -23.50 20.90
N ALA B 117 -20.30 -22.32 21.49
CA ALA B 117 -21.47 -22.10 22.34
C ALA B 117 -22.65 -21.83 21.42
N CYS B 118 -22.42 -21.05 20.37
CA CYS B 118 -23.48 -20.74 19.40
C CYS B 118 -23.93 -21.99 18.65
N GLU B 119 -22.97 -22.81 18.20
CA GLU B 119 -23.28 -24.04 17.48
C GLU B 119 -24.10 -24.94 18.39
N ALA B 120 -23.59 -25.15 19.60
CA ALA B 120 -24.23 -25.98 20.60
C ALA B 120 -25.70 -25.60 20.84
N ASN B 121 -26.03 -24.34 20.59
CA ASN B 121 -27.41 -23.89 20.81
C ASN B 121 -28.19 -23.60 19.53
N GLY B 122 -27.56 -23.82 18.38
CA GLY B 122 -28.23 -23.58 17.12
C GLY B 122 -28.47 -22.13 16.75
N VAL B 123 -27.52 -21.26 17.08
CA VAL B 123 -27.66 -19.85 16.73
C VAL B 123 -26.50 -19.35 15.89
N GLN B 124 -26.80 -18.95 14.66
CA GLN B 124 -25.79 -18.43 13.75
C GLN B 124 -25.16 -17.20 14.38
N ILE B 125 -23.86 -17.02 14.16
CA ILE B 125 -23.16 -15.85 14.67
C ILE B 125 -22.49 -15.15 13.50
N MSE B 126 -22.51 -13.83 13.53
CA MSE B 126 -21.91 -12.99 12.49
C MSE B 126 -21.23 -11.80 13.17
O MSE B 126 -21.65 -11.38 14.25
CB MSE B 126 -23.00 -12.47 11.55
CG MSE B 126 -22.46 -11.79 10.29
SE MSE B 126 -23.75 -10.70 9.33
CE MSE B 126 -24.73 -12.09 8.42
N ASP B 127 -20.17 -11.26 12.56
CA ASP B 127 -19.48 -10.13 13.16
C ASP B 127 -19.87 -8.84 12.47
N GLY B 128 -19.66 -7.71 13.16
CA GLY B 128 -20.02 -6.42 12.61
C GLY B 128 -19.30 -5.85 11.39
N THR B 129 -18.45 -6.66 10.74
CA THR B 129 -17.72 -6.18 9.56
C THR B 129 -18.72 -5.82 8.47
N MSE B 130 -18.94 -4.51 8.30
CA MSE B 130 -19.89 -3.98 7.34
C MSE B 130 -19.54 -4.07 5.85
O MSE B 130 -20.26 -4.72 5.07
CB MSE B 130 -20.18 -2.53 7.68
CG MSE B 130 -20.25 -2.24 9.17
SE MSE B 130 -20.86 -0.43 9.53
CE MSE B 130 -20.87 -0.44 11.47
N TRP B 131 -18.45 -3.42 5.45
CA TRP B 131 -18.07 -3.39 4.04
C TRP B 131 -18.19 -4.70 3.26
N VAL B 132 -18.05 -5.83 3.96
CA VAL B 132 -18.13 -7.12 3.28
C VAL B 132 -19.54 -7.42 2.82
N HIS B 133 -20.48 -6.55 3.19
CA HIS B 133 -21.87 -6.73 2.79
C HIS B 133 -22.29 -5.71 1.73
N ASN B 134 -21.43 -4.71 1.50
CA ASN B 134 -21.71 -3.69 0.51
C ASN B 134 -21.70 -4.32 -0.87
N PRO B 135 -22.60 -3.88 -1.77
CA PRO B 135 -22.61 -4.47 -3.11
C PRO B 135 -21.24 -4.33 -3.79
N ARG B 136 -20.40 -3.47 -3.24
CA ARG B 136 -19.07 -3.24 -3.80
C ARG B 136 -18.14 -4.43 -3.59
N THR B 137 -18.36 -5.16 -2.50
CA THR B 137 -17.54 -6.33 -2.18
C THR B 137 -17.78 -7.44 -3.19
N ALA B 138 -19.02 -7.59 -3.64
CA ALA B 138 -19.33 -8.63 -4.62
C ALA B 138 -18.67 -8.27 -5.97
N LEU B 139 -18.65 -6.97 -6.26
CA LEU B 139 -18.03 -6.49 -7.50
C LEU B 139 -16.51 -6.59 -7.37
N LEU B 140 -15.99 -6.42 -6.15
CA LEU B 140 -14.55 -6.51 -5.93
C LEU B 140 -14.12 -7.99 -6.06
N LYS B 141 -14.87 -8.89 -5.45
CA LYS B 141 -14.55 -10.32 -5.51
C LYS B 141 -14.73 -10.91 -6.90
N GLU B 142 -15.57 -10.28 -7.71
CA GLU B 142 -15.79 -10.79 -9.06
C GLU B 142 -14.53 -10.54 -9.90
N PHE B 143 -13.93 -9.37 -9.73
CA PHE B 143 -12.72 -9.00 -10.44
C PHE B 143 -11.56 -9.92 -10.02
N LEU B 144 -11.28 -9.96 -8.73
CA LEU B 144 -10.20 -10.80 -8.22
C LEU B 144 -10.34 -12.26 -8.67
N SER B 145 -11.58 -12.68 -8.95
CA SER B 145 -11.86 -14.05 -9.38
C SER B 145 -11.65 -14.24 -10.88
N ASP B 146 -11.78 -13.16 -11.64
CA ASP B 146 -11.61 -13.20 -13.09
C ASP B 146 -10.15 -13.47 -13.44
N SER B 147 -9.89 -14.68 -13.95
CA SER B 147 -8.53 -15.07 -14.29
C SER B 147 -8.00 -14.41 -15.56
N GLU B 148 -8.84 -13.65 -16.24
CA GLU B 148 -8.39 -12.99 -17.47
C GLU B 148 -8.14 -11.50 -17.33
N ARG B 149 -8.96 -10.81 -16.54
CA ARG B 149 -8.81 -9.38 -16.34
C ARG B 149 -7.93 -9.05 -15.12
N PHE B 150 -7.53 -10.09 -14.38
CA PHE B 150 -6.70 -9.92 -13.19
C PHE B 150 -5.61 -10.99 -13.08
N GLY B 151 -5.98 -12.26 -13.30
CA GLY B 151 -5.04 -13.35 -13.23
C GLY B 151 -4.77 -13.87 -11.82
N GLN B 152 -3.64 -14.53 -11.64
CA GLN B 152 -3.25 -15.06 -10.34
C GLN B 152 -2.78 -13.91 -9.42
N LEU B 153 -3.24 -13.93 -8.18
CA LEU B 153 -2.87 -12.91 -7.20
C LEU B 153 -1.39 -12.95 -6.84
N LYS B 154 -0.69 -11.85 -7.07
CA LYS B 154 0.73 -11.79 -6.74
C LYS B 154 0.85 -11.38 -5.28
N THR B 155 0.24 -10.25 -4.93
CA THR B 155 0.24 -9.76 -3.56
C THR B 155 -0.90 -8.79 -3.32
N VAL B 156 -1.09 -8.37 -2.08
CA VAL B 156 -2.15 -7.41 -1.76
C VAL B 156 -1.72 -6.57 -0.56
N GLN B 157 -2.09 -5.29 -0.58
CA GLN B 157 -1.75 -4.37 0.50
C GLN B 157 -2.99 -3.64 1.04
N SER B 158 -3.24 -3.78 2.34
CA SER B 158 -4.39 -3.12 2.95
C SER B 158 -3.94 -2.27 4.12
N CYS B 159 -4.54 -1.10 4.26
CA CYS B 159 -4.18 -0.21 5.35
C CYS B 159 -5.36 0.57 5.88
N PHE B 160 -5.27 0.98 7.14
CA PHE B 160 -6.32 1.77 7.77
C PHE B 160 -5.75 2.54 8.97
N SER B 161 -5.94 3.86 8.95
CA SER B 161 -5.46 4.69 10.05
C SER B 161 -6.27 5.97 10.12
N PHE B 162 -6.38 6.52 11.32
CA PHE B 162 -7.09 7.77 11.50
C PHE B 162 -6.36 8.58 12.58
N ALA B 163 -6.60 9.88 12.61
CA ALA B 163 -5.94 10.75 13.58
C ALA B 163 -6.54 10.64 14.98
N GLY B 164 -5.73 10.18 15.93
CA GLY B 164 -6.19 10.05 17.29
C GLY B 164 -5.75 11.21 18.17
N ASP B 165 -6.64 12.18 18.39
CA ASP B 165 -6.32 13.34 19.22
C ASP B 165 -6.24 12.96 20.71
N GLU B 166 -5.49 13.75 21.48
CA GLU B 166 -5.31 13.53 22.90
C GLU B 166 -6.62 13.15 23.57
N ASP B 167 -7.68 13.88 23.24
CA ASP B 167 -8.99 13.59 23.79
C ASP B 167 -9.36 12.13 23.48
N PHE B 168 -8.88 11.64 22.34
CA PHE B 168 -9.13 10.26 21.94
C PHE B 168 -8.08 9.37 22.58
N LEU B 169 -6.82 9.76 22.43
CA LEU B 169 -5.71 9.00 22.96
C LEU B 169 -5.80 8.64 24.44
N LYS B 170 -6.64 9.34 25.19
CA LYS B 170 -6.79 9.03 26.61
C LYS B 170 -8.18 8.61 27.06
N ASN B 171 -9.22 9.20 26.47
CA ASN B 171 -10.59 8.91 26.87
C ASN B 171 -11.31 7.96 25.93
N ASP B 172 -10.65 6.85 25.56
CA ASP B 172 -11.23 5.87 24.65
C ASP B 172 -11.00 4.43 25.08
N ILE B 173 -11.96 3.55 24.79
CA ILE B 173 -11.84 2.15 25.16
C ILE B 173 -10.78 1.47 24.30
N ARG B 174 -10.54 1.98 23.09
CA ARG B 174 -9.56 1.40 22.18
C ARG B 174 -8.12 1.63 22.58
N VAL B 175 -7.89 2.35 23.67
CA VAL B 175 -6.53 2.59 24.12
C VAL B 175 -6.32 1.92 25.47
N LYS B 176 -7.43 1.52 26.08
CA LYS B 176 -7.43 0.84 27.38
C LYS B 176 -7.09 -0.64 27.22
N PRO B 177 -6.14 -1.14 28.02
CA PRO B 177 -5.74 -2.55 27.93
C PRO B 177 -6.73 -3.52 28.58
N GLY B 178 -7.58 -3.01 29.46
CA GLY B 178 -8.55 -3.84 30.15
C GLY B 178 -9.84 -4.04 29.39
N LEU B 179 -10.11 -3.17 28.41
CA LEU B 179 -11.33 -3.27 27.60
C LEU B 179 -10.93 -3.70 26.20
N ASP B 180 -10.69 -2.74 25.31
CA ASP B 180 -10.26 -3.05 23.94
C ASP B 180 -8.74 -3.04 23.96
N GLY B 181 -8.16 -4.09 24.52
CA GLY B 181 -6.73 -4.19 24.63
C GLY B 181 -5.95 -4.33 23.33
N LEU B 182 -6.53 -5.00 22.34
CA LEU B 182 -5.85 -5.20 21.06
C LEU B 182 -5.46 -3.87 20.42
N GLY B 183 -6.16 -2.81 20.79
CA GLY B 183 -5.84 -1.50 20.24
C GLY B 183 -6.00 -1.34 18.74
N ALA B 184 -5.01 -0.70 18.12
CA ALA B 184 -5.04 -0.45 16.68
C ALA B 184 -5.03 -1.76 15.88
N LEU B 185 -4.30 -2.76 16.38
CA LEU B 185 -4.23 -4.03 15.70
C LEU B 185 -5.60 -4.67 15.56
N GLY B 186 -6.28 -4.86 16.69
CA GLY B 186 -7.60 -5.47 16.69
C GLY B 186 -8.77 -4.60 16.24
N ASP B 187 -8.61 -3.28 16.33
CA ASP B 187 -9.67 -2.36 15.93
C ASP B 187 -9.49 -1.85 14.51
N ALA B 188 -8.25 -1.51 14.16
CA ALA B 188 -7.94 -0.99 12.83
C ALA B 188 -7.42 -2.10 11.89
N GLY B 189 -6.28 -2.69 12.25
CA GLY B 189 -5.70 -3.75 11.43
C GLY B 189 -6.77 -4.72 10.96
N TRP B 190 -7.67 -5.08 11.87
CA TRP B 190 -8.78 -5.99 11.57
C TRP B 190 -9.27 -5.86 10.12
N TYR B 191 -9.65 -4.64 9.74
CA TYR B 191 -10.17 -4.37 8.41
C TYR B 191 -9.15 -4.64 7.31
N ALA B 192 -7.88 -4.35 7.59
CA ALA B 192 -6.82 -4.56 6.62
C ALA B 192 -6.53 -6.06 6.45
N ILE B 193 -6.89 -6.84 7.47
CA ILE B 193 -6.68 -8.27 7.45
C ILE B 193 -7.82 -8.99 6.72
N ARG B 194 -9.04 -8.50 6.92
CA ARG B 194 -10.20 -9.12 6.28
C ARG B 194 -10.09 -8.99 4.77
N ALA B 195 -9.56 -7.85 4.34
CA ALA B 195 -9.41 -7.59 2.93
C ALA B 195 -8.33 -8.48 2.29
N THR B 196 -7.17 -8.60 2.93
CA THR B 196 -6.12 -9.43 2.32
C THR B 196 -6.50 -10.90 2.47
N LEU B 197 -7.64 -11.17 3.09
CA LEU B 197 -8.09 -12.53 3.26
C LEU B 197 -9.15 -12.82 2.21
N LEU B 198 -10.00 -11.83 1.94
CA LEU B 198 -11.04 -11.98 0.93
C LEU B 198 -10.37 -12.14 -0.45
N ALA B 199 -9.36 -11.31 -0.70
CA ALA B 199 -8.64 -11.38 -1.96
C ALA B 199 -8.05 -12.78 -2.16
N ASN B 200 -7.33 -13.26 -1.15
CA ASN B 200 -6.68 -14.56 -1.19
C ASN B 200 -7.66 -15.72 -1.03
N ASN B 201 -8.86 -15.52 -1.55
CA ASN B 201 -9.91 -16.52 -1.50
C ASN B 201 -10.02 -17.21 -0.14
N PHE B 202 -9.90 -16.41 0.92
CA PHE B 202 -10.02 -16.89 2.29
C PHE B 202 -8.94 -17.84 2.73
N GLU B 203 -7.82 -17.83 2.01
CA GLU B 203 -6.70 -18.68 2.36
C GLU B 203 -5.88 -18.01 3.46
N LEU B 204 -5.55 -18.76 4.50
CA LEU B 204 -4.74 -18.23 5.58
C LEU B 204 -3.30 -18.11 5.09
N PRO B 205 -2.53 -17.17 5.65
CA PRO B 205 -1.14 -17.09 5.17
C PRO B 205 -0.33 -18.18 5.85
N LYS B 206 0.94 -18.30 5.50
CA LYS B 206 1.81 -19.31 6.14
C LYS B 206 2.51 -18.64 7.31
N THR B 207 2.92 -17.40 7.13
CA THR B 207 3.61 -16.68 8.19
C THR B 207 3.21 -15.22 8.25
N VAL B 208 3.44 -14.62 9.42
CA VAL B 208 3.12 -13.22 9.67
C VAL B 208 4.32 -12.58 10.39
N THR B 209 4.76 -11.43 9.90
CA THR B 209 5.89 -10.74 10.51
C THR B 209 5.53 -9.26 10.67
N ALA B 210 5.58 -8.74 11.88
CA ALA B 210 5.23 -7.34 12.12
C ALA B 210 6.30 -6.35 11.64
N PHE B 211 5.85 -5.16 11.24
CA PHE B 211 6.77 -4.11 10.80
C PHE B 211 7.59 -3.63 11.99
N PRO B 212 8.92 -3.61 11.86
CA PRO B 212 9.65 -3.12 13.04
C PRO B 212 9.20 -1.70 13.33
N GLY B 213 9.23 -1.30 14.59
CA GLY B 213 8.83 0.05 14.95
C GLY B 213 7.35 0.28 15.21
N ALA B 214 6.69 -0.68 15.86
CA ALA B 214 5.27 -0.50 16.17
C ALA B 214 5.18 0.45 17.37
N VAL B 215 4.18 1.33 17.36
CA VAL B 215 4.01 2.28 18.46
C VAL B 215 3.06 1.77 19.55
N LEU B 216 3.63 1.20 20.61
CA LEU B 216 2.84 0.71 21.75
C LEU B 216 2.94 1.73 22.88
N ASN B 217 2.04 1.63 23.86
CA ASN B 217 2.08 2.56 25.00
C ASN B 217 2.71 1.88 26.22
N GLU B 218 2.71 2.60 27.35
CA GLU B 218 3.28 2.03 28.57
C GLU B 218 2.40 0.93 29.15
N ALA B 219 1.28 0.65 28.47
CA ALA B 219 0.34 -0.38 28.92
C ALA B 219 0.28 -1.59 27.98
N GLY B 220 0.86 -1.46 26.79
CA GLY B 220 0.84 -2.56 25.84
C GLY B 220 -0.33 -2.52 24.88
N VAL B 221 -0.92 -1.34 24.73
CA VAL B 221 -2.04 -1.15 23.82
C VAL B 221 -1.50 -0.54 22.53
N ILE B 222 -1.68 -1.26 21.43
CA ILE B 222 -1.20 -0.84 20.11
C ILE B 222 -1.80 0.44 19.54
N LEU B 223 -0.93 1.31 19.05
CA LEU B 223 -1.35 2.57 18.45
C LEU B 223 -1.00 2.56 16.95
N SER B 224 -0.13 1.64 16.55
CA SER B 224 0.29 1.53 15.15
C SER B 224 1.12 0.28 14.94
N CYS B 225 0.94 -0.39 13.80
CA CYS B 225 1.71 -1.59 13.50
C CYS B 225 1.35 -2.16 12.12
N GLY B 226 2.19 -3.07 11.63
CA GLY B 226 1.97 -3.72 10.35
C GLY B 226 2.46 -5.17 10.34
N ALA B 227 2.18 -5.90 9.27
CA ALA B 227 2.60 -7.30 9.16
C ALA B 227 3.16 -7.64 7.78
N SER B 228 3.39 -8.92 7.53
CA SER B 228 3.88 -9.38 6.25
C SER B 228 3.39 -10.82 6.01
N LEU B 229 2.07 -11.01 6.11
CA LEU B 229 1.48 -12.33 5.91
C LEU B 229 2.11 -12.93 4.67
N SER B 230 2.52 -14.19 4.73
CA SER B 230 3.18 -14.79 3.58
C SER B 230 2.69 -16.20 3.29
N TRP B 231 2.35 -16.46 2.03
CA TRP B 231 1.87 -17.79 1.64
C TRP B 231 3.03 -18.64 1.10
N GLU B 232 4.25 -18.15 1.33
CA GLU B 232 5.46 -18.85 0.88
C GLU B 232 5.34 -19.52 -0.48
N ASP B 233 4.90 -18.75 -1.48
CA ASP B 233 4.74 -19.24 -2.83
C ASP B 233 4.77 -18.03 -3.76
N GLY B 234 5.36 -16.94 -3.28
CA GLY B 234 5.38 -15.73 -4.07
C GLY B 234 3.97 -15.18 -3.97
N ARG B 235 3.68 -14.55 -2.85
CA ARG B 235 2.36 -14.01 -2.60
C ARG B 235 2.28 -13.64 -1.13
N THR B 236 3.04 -12.60 -0.76
CA THR B 236 3.07 -12.14 0.62
C THR B 236 1.85 -11.29 0.93
N ALA B 237 1.87 -10.58 2.05
CA ALA B 237 0.74 -9.75 2.43
C ALA B 237 0.98 -8.81 3.60
N THR B 238 1.31 -7.55 3.27
CA THR B 238 1.54 -6.55 4.28
C THR B 238 0.21 -5.87 4.61
N ILE B 239 0.13 -5.30 5.82
CA ILE B 239 -1.06 -4.58 6.24
C ILE B 239 -0.57 -3.43 7.12
N TYR B 240 -1.41 -2.42 7.34
CA TYR B 240 -1.02 -1.30 8.18
C TYR B 240 -2.19 -0.70 8.97
N CYS B 241 -1.89 -0.22 10.18
CA CYS B 241 -2.90 0.38 11.04
C CYS B 241 -2.28 1.37 12.01
N SER B 242 -3.07 2.32 12.47
CA SER B 242 -2.58 3.34 13.40
C SER B 242 -3.65 4.36 13.77
N PHE B 243 -3.50 4.96 14.95
CA PHE B 243 -4.42 5.99 15.43
C PHE B 243 -3.73 7.34 15.40
N LEU B 244 -2.80 7.55 14.46
CA LEU B 244 -2.06 8.80 14.42
C LEU B 244 -1.92 9.46 13.05
N ALA B 245 -2.79 9.12 12.11
CA ALA B 245 -2.67 9.74 10.78
C ALA B 245 -3.99 9.92 10.06
N ASN B 246 -4.07 10.97 9.26
CA ASN B 246 -5.26 11.29 8.49
C ASN B 246 -6.04 10.05 8.03
N LEU B 247 -7.36 10.14 8.07
CA LEU B 247 -8.23 9.05 7.67
C LEU B 247 -7.75 8.40 6.37
N THR B 248 -7.18 7.20 6.47
CA THR B 248 -6.69 6.47 5.31
C THR B 248 -7.19 5.02 5.38
N MSE B 249 -7.77 4.54 4.30
CA MSE B 249 -8.28 3.18 4.25
C MSE B 249 -8.13 2.63 2.84
O MSE B 249 -9.08 2.63 2.04
CB MSE B 249 -9.75 3.13 4.68
CG MSE B 249 -10.60 4.26 4.18
SE MSE B 249 -12.47 4.13 4.69
CE MSE B 249 -12.29 4.43 6.61
N GLU B 250 -6.93 2.15 2.54
CA GLU B 250 -6.64 1.64 1.22
C GLU B 250 -6.57 0.12 1.09
N ILE B 251 -6.73 -0.32 -0.15
CA ILE B 251 -6.64 -1.73 -0.53
C ILE B 251 -6.08 -1.75 -1.94
N THR B 252 -4.93 -2.39 -2.10
CA THR B 252 -4.32 -2.52 -3.42
C THR B 252 -4.00 -4.01 -3.60
N ALA B 253 -4.58 -4.62 -4.64
CA ALA B 253 -4.37 -6.04 -4.92
C ALA B 253 -3.84 -6.22 -6.33
N ILE B 254 -2.61 -6.74 -6.45
CA ILE B 254 -2.00 -6.93 -7.75
C ILE B 254 -1.86 -8.38 -8.18
N GLY B 255 -2.45 -8.68 -9.34
CA GLY B 255 -2.38 -10.03 -9.88
C GLY B 255 -1.51 -10.11 -11.10
N THR B 256 -1.35 -11.32 -11.64
CA THR B 256 -0.54 -11.55 -12.83
C THR B 256 -1.01 -10.80 -14.09
N LYS B 257 -2.28 -10.42 -14.14
CA LYS B 257 -2.83 -9.73 -15.31
C LYS B 257 -3.65 -8.48 -14.95
N GLY B 258 -3.98 -8.35 -13.66
CA GLY B 258 -4.79 -7.21 -13.25
C GLY B 258 -4.40 -6.53 -11.95
N THR B 259 -4.90 -5.32 -11.76
CA THR B 259 -4.63 -4.52 -10.57
C THR B 259 -5.94 -3.92 -10.08
N LEU B 260 -6.10 -3.82 -8.77
CA LEU B 260 -7.33 -3.27 -8.19
C LEU B 260 -7.04 -2.42 -6.95
N ARG B 261 -7.84 -1.37 -6.77
CA ARG B 261 -7.65 -0.44 -5.64
C ARG B 261 -8.95 0.11 -5.07
N VAL B 262 -8.87 0.68 -3.87
CA VAL B 262 -10.01 1.30 -3.20
C VAL B 262 -9.40 2.29 -2.23
N HIS B 263 -9.98 3.49 -2.17
CA HIS B 263 -9.46 4.54 -1.31
C HIS B 263 -10.29 4.83 -0.08
N ASP B 264 -11.33 4.03 0.14
CA ASP B 264 -12.21 4.23 1.29
C ASP B 264 -13.04 2.97 1.52
N PHE B 265 -12.38 1.82 1.40
CA PHE B 265 -13.01 0.51 1.52
C PHE B 265 -13.92 0.22 2.72
N ILE B 266 -13.80 1.01 3.78
CA ILE B 266 -14.61 0.76 4.99
C ILE B 266 -16.02 1.36 5.04
N ILE B 267 -16.14 2.62 4.65
CA ILE B 267 -17.43 3.32 4.65
C ILE B 267 -17.24 4.33 3.53
N PRO B 268 -17.80 4.06 2.34
CA PRO B 268 -17.67 4.96 1.19
C PRO B 268 -17.79 6.45 1.51
N TYR B 269 -17.48 7.28 0.52
CA TYR B 269 -17.57 8.73 0.69
C TYR B 269 -18.99 9.07 1.12
N LYS B 270 -19.94 8.26 0.66
CA LYS B 270 -21.35 8.42 0.99
C LYS B 270 -22.04 7.05 0.96
N GLU B 271 -23.08 6.91 1.77
CA GLU B 271 -23.80 5.65 1.84
C GLU B 271 -24.69 5.43 0.62
N THR B 272 -24.65 6.37 -0.32
CA THR B 272 -25.48 6.27 -1.52
C THR B 272 -24.76 5.65 -2.72
N GLU B 273 -23.46 5.39 -2.59
CA GLU B 273 -22.69 4.80 -3.69
C GLU B 273 -21.24 4.50 -3.32
N ALA B 274 -20.61 3.63 -4.10
CA ALA B 274 -19.22 3.24 -3.90
C ALA B 274 -18.54 3.02 -5.26
N SER B 275 -17.22 2.88 -5.25
CA SER B 275 -16.48 2.64 -6.50
C SER B 275 -15.26 1.73 -6.35
N PHE B 276 -14.28 1.94 -7.23
CA PHE B 276 -13.02 1.19 -7.27
C PHE B 276 -12.47 1.28 -8.70
N THR B 277 -11.16 1.46 -8.82
CA THR B 277 -10.54 1.56 -10.13
C THR B 277 -10.09 0.16 -10.59
N THR B 278 -10.06 -0.05 -11.89
CA THR B 278 -9.66 -1.35 -12.44
C THR B 278 -8.70 -1.22 -13.64
N SER B 279 -7.58 -1.91 -13.53
CA SER B 279 -6.55 -1.89 -14.57
C SER B 279 -6.25 -3.31 -15.01
N THR B 280 -6.29 -3.54 -16.33
CA THR B 280 -6.04 -4.86 -16.87
C THR B 280 -4.97 -4.85 -17.97
N LYS B 281 -3.98 -5.73 -17.82
CA LYS B 281 -2.87 -5.82 -18.79
C LYS B 281 -2.40 -4.42 -19.22
N ALA B 282 -2.13 -3.55 -18.25
CA ALA B 282 -1.68 -2.20 -18.57
C ALA B 282 -0.25 -2.21 -19.11
N TRP B 283 0.07 -1.21 -19.92
CA TRP B 283 1.41 -1.13 -20.48
C TRP B 283 1.67 0.25 -21.06
N PHE B 284 2.89 0.45 -21.55
CA PHE B 284 3.29 1.71 -22.16
C PHE B 284 3.41 1.46 -23.66
N ASN B 285 3.44 2.54 -24.44
CA ASN B 285 3.60 2.40 -25.88
C ASN B 285 5.09 2.08 -26.15
N ASP B 286 5.54 2.40 -27.36
CA ASP B 286 6.92 2.13 -27.76
C ASP B 286 8.01 2.86 -26.97
N LEU B 287 7.93 4.19 -26.92
CA LEU B 287 8.93 5.01 -26.26
C LEU B 287 8.72 5.28 -24.76
N VAL B 288 7.57 4.87 -24.24
CA VAL B 288 7.22 5.08 -22.82
C VAL B 288 6.95 6.56 -22.48
N THR B 289 6.18 7.22 -23.34
CA THR B 289 5.84 8.63 -23.11
C THR B 289 4.45 8.73 -22.50
N ALA B 290 3.78 7.58 -22.40
CA ALA B 290 2.44 7.50 -21.84
C ALA B 290 1.94 6.04 -21.75
N TRP B 291 0.92 5.82 -20.92
CA TRP B 291 0.29 4.50 -20.78
C TRP B 291 -0.58 4.44 -22.02
N VAL B 292 -0.91 3.25 -22.51
CA VAL B 292 -1.77 3.18 -23.68
C VAL B 292 -3.20 3.44 -23.19
N SER B 293 -3.42 3.15 -21.91
CA SER B 293 -4.72 3.35 -21.30
C SER B 293 -4.73 3.24 -19.78
N PRO B 294 -5.32 4.22 -19.09
CA PRO B 294 -5.41 4.24 -17.63
C PRO B 294 -6.47 3.24 -17.13
N PRO B 295 -6.51 2.97 -15.81
CA PRO B 295 -7.50 2.03 -15.29
C PRO B 295 -8.94 2.49 -15.56
N SER B 296 -9.85 1.53 -15.65
CA SER B 296 -11.26 1.82 -15.91
C SER B 296 -11.95 2.16 -14.59
N GLU B 297 -12.92 3.06 -14.65
CA GLU B 297 -13.64 3.48 -13.47
C GLU B 297 -15.01 2.83 -13.40
N HIS B 298 -15.39 2.40 -12.20
CA HIS B 298 -16.66 1.73 -11.97
C HIS B 298 -17.34 2.35 -10.77
N THR B 299 -18.67 2.26 -10.72
CA THR B 299 -19.43 2.82 -9.61
C THR B 299 -20.68 1.99 -9.30
N VAL B 300 -21.03 1.93 -8.01
CA VAL B 300 -22.19 1.17 -7.57
C VAL B 300 -23.11 2.01 -6.67
N LYS B 301 -24.40 2.00 -6.99
CA LYS B 301 -25.36 2.76 -6.20
C LYS B 301 -25.83 1.98 -4.99
N THR B 302 -26.04 2.68 -3.88
CA THR B 302 -26.50 2.03 -2.65
C THR B 302 -27.60 2.82 -1.93
N GLU B 303 -28.83 2.38 -2.15
CA GLU B 303 -30.00 3.00 -1.54
C GLU B 303 -30.00 2.72 -0.04
N LEU B 304 -29.67 1.47 0.30
CA LEU B 304 -29.62 1.05 1.70
C LEU B 304 -28.16 0.88 2.10
N PRO B 305 -27.67 1.72 3.03
CA PRO B 305 -26.27 1.65 3.49
C PRO B 305 -25.84 0.25 3.95
N GLN B 306 -24.54 0.09 4.17
CA GLN B 306 -23.95 -1.18 4.59
C GLN B 306 -24.24 -1.64 6.02
N GLU B 307 -25.00 -0.84 6.76
CA GLU B 307 -25.35 -1.20 8.12
C GLU B 307 -26.70 -1.90 8.09
N ALA B 308 -27.24 -2.03 6.88
CA ALA B 308 -28.53 -2.68 6.69
C ALA B 308 -28.32 -4.00 5.98
N CYS B 309 -27.56 -3.97 4.89
CA CYS B 309 -27.29 -5.21 4.16
C CYS B 309 -26.74 -6.20 5.19
N MSE B 310 -26.09 -5.66 6.22
CA MSE B 310 -25.53 -6.50 7.26
C MSE B 310 -26.63 -7.29 7.97
O MSE B 310 -26.77 -8.50 7.74
CB MSE B 310 -24.75 -5.66 8.27
CG MSE B 310 -24.21 -6.46 9.43
SE MSE B 310 -22.79 -5.56 10.36
CE MSE B 310 -23.85 -4.40 11.49
N VAL B 311 -27.42 -6.61 8.80
CA VAL B 311 -28.49 -7.29 9.51
C VAL B 311 -29.36 -8.04 8.49
N ARG B 312 -29.51 -7.47 7.30
CA ARG B 312 -30.28 -8.10 6.23
C ARG B 312 -29.93 -9.58 6.09
N GLU B 313 -28.67 -9.86 5.77
CA GLU B 313 -28.20 -11.25 5.63
C GLU B 313 -28.38 -11.98 6.95
N PHE B 314 -27.84 -11.42 8.02
CA PHE B 314 -27.95 -11.99 9.35
C PHE B 314 -29.40 -12.35 9.65
N ALA B 315 -30.26 -11.33 9.69
CA ALA B 315 -31.69 -11.52 9.96
C ALA B 315 -32.29 -12.50 8.95
N ILE B 321 -34.01 -21.57 9.16
CA ILE B 321 -33.42 -21.88 10.46
C ILE B 321 -34.48 -21.99 11.56
N LYS B 322 -35.00 -20.83 12.01
CA LYS B 322 -36.02 -20.81 13.05
C LYS B 322 -37.42 -20.98 12.48
N ASN B 323 -37.56 -20.76 11.17
CA ASN B 323 -38.85 -20.90 10.50
C ASN B 323 -38.85 -22.07 9.53
N ASN B 324 -37.68 -22.42 8.99
CA ASN B 324 -37.56 -23.52 8.04
C ASN B 324 -36.67 -24.66 8.53
N GLY B 325 -36.00 -24.46 9.65
CA GLY B 325 -35.16 -25.51 10.20
C GLY B 325 -33.78 -25.68 9.59
N ALA B 326 -33.26 -24.62 8.98
CA ALA B 326 -31.94 -24.69 8.37
C ALA B 326 -30.86 -24.63 9.44
N LYS B 327 -29.66 -25.12 9.12
CA LYS B 327 -28.57 -25.07 10.07
C LYS B 327 -27.82 -23.77 9.90
N PRO B 328 -27.25 -23.23 10.99
CA PRO B 328 -26.53 -21.97 10.83
C PRO B 328 -25.41 -22.07 9.79
N ASP B 329 -25.17 -20.95 9.11
CA ASP B 329 -24.14 -20.84 8.08
C ASP B 329 -22.79 -20.65 8.78
N GLY B 330 -21.90 -21.62 8.61
CA GLY B 330 -20.60 -21.54 9.24
C GLY B 330 -19.60 -20.60 8.59
N TYR B 331 -19.96 -20.01 7.45
CA TYR B 331 -19.05 -19.10 6.78
C TYR B 331 -18.69 -17.89 7.64
N TRP B 332 -19.68 -17.30 8.28
CA TRP B 332 -19.42 -16.12 9.08
C TRP B 332 -18.51 -16.40 10.28
N PRO B 333 -18.93 -17.29 11.19
CA PRO B 333 -18.03 -17.54 12.33
C PRO B 333 -16.63 -17.95 11.85
N SER B 334 -16.59 -18.64 10.71
CA SER B 334 -15.32 -19.08 10.13
C SER B 334 -14.44 -17.94 9.65
N ILE B 335 -15.02 -16.92 9.00
CA ILE B 335 -14.22 -15.79 8.53
C ILE B 335 -13.71 -15.02 9.74
N SER B 336 -14.51 -14.98 10.81
CA SER B 336 -14.12 -14.26 12.02
C SER B 336 -12.94 -14.88 12.73
N ARG B 337 -12.96 -16.21 12.88
CA ARG B 337 -11.87 -16.91 13.55
C ARG B 337 -10.55 -16.66 12.82
N LYS B 338 -10.56 -16.75 11.49
CA LYS B 338 -9.34 -16.51 10.72
C LYS B 338 -8.89 -15.05 10.87
N THR B 339 -9.80 -14.11 10.64
CA THR B 339 -9.48 -12.70 10.76
C THR B 339 -8.88 -12.42 12.13
N GLN B 340 -9.39 -13.11 13.15
CA GLN B 340 -8.90 -12.94 14.52
C GLN B 340 -7.57 -13.67 14.72
N LEU B 341 -7.35 -14.73 13.95
CA LEU B 341 -6.12 -15.51 14.04
C LEU B 341 -4.94 -14.73 13.52
N VAL B 342 -5.12 -14.02 12.41
CA VAL B 342 -4.03 -13.22 11.87
C VAL B 342 -3.75 -12.12 12.88
N VAL B 343 -4.80 -11.70 13.58
CA VAL B 343 -4.67 -10.67 14.60
C VAL B 343 -3.73 -11.14 15.70
N ASP B 344 -3.98 -12.32 16.26
CA ASP B 344 -3.14 -12.84 17.33
C ASP B 344 -1.70 -13.07 16.88
N ALA B 345 -1.53 -13.52 15.62
CA ALA B 345 -0.20 -13.76 15.08
C ALA B 345 0.55 -12.43 14.98
N VAL B 346 -0.13 -11.40 14.49
CA VAL B 346 0.49 -10.09 14.35
C VAL B 346 0.82 -9.51 15.71
N LYS B 347 -0.04 -9.75 16.69
CA LYS B 347 0.16 -9.26 18.05
C LYS B 347 1.23 -10.07 18.76
N GLU B 348 1.39 -11.32 18.31
CA GLU B 348 2.39 -12.19 18.91
C GLU B 348 3.76 -11.96 18.28
N SER B 349 3.77 -11.37 17.10
CA SER B 349 5.02 -11.08 16.41
C SER B 349 5.71 -9.91 17.12
N VAL B 350 4.92 -8.89 17.47
CA VAL B 350 5.47 -7.73 18.16
C VAL B 350 5.96 -8.14 19.56
N ASP B 351 5.15 -8.87 20.33
CA ASP B 351 5.57 -9.31 21.66
C ASP B 351 6.95 -9.98 21.53
N LYS B 352 7.05 -10.95 20.61
CA LYS B 352 8.32 -11.65 20.39
C LYS B 352 9.38 -10.83 19.65
N ASN B 353 9.27 -9.50 19.73
CA ASN B 353 10.24 -8.61 19.08
C ASN B 353 10.31 -8.78 17.55
N TYR B 354 9.15 -8.84 16.91
CA TYR B 354 9.03 -8.96 15.45
C TYR B 354 9.56 -10.28 14.89
N GLN B 355 9.08 -11.39 15.45
CA GLN B 355 9.46 -12.73 15.03
C GLN B 355 8.45 -13.23 13.99
N GLN B 356 8.89 -14.14 13.13
CA GLN B 356 8.00 -14.67 12.11
C GLN B 356 7.07 -15.72 12.76
N ILE B 357 5.77 -15.59 12.52
CA ILE B 357 4.81 -16.53 13.10
C ILE B 357 4.15 -17.41 12.05
N SER B 358 4.20 -18.72 12.28
CA SER B 358 3.57 -19.68 11.37
C SER B 358 2.20 -20.05 11.90
N LEU B 359 1.17 -19.79 11.11
CA LEU B 359 -0.20 -20.06 11.54
C LEU B 359 -0.57 -21.54 11.60
N SER B 360 0.40 -22.41 11.37
CA SER B 360 0.17 -23.86 11.39
C SER B 360 -0.71 -24.32 12.56
N GLN A 6 23.87 23.21 -26.36
CA GLN A 6 25.13 23.92 -25.96
C GLN A 6 26.08 22.91 -25.33
N ILE A 7 25.58 22.19 -24.33
CA ILE A 7 26.37 21.15 -23.67
C ILE A 7 26.45 19.94 -24.58
N ARG A 8 27.64 19.69 -25.12
CA ARG A 8 27.85 18.57 -26.02
C ARG A 8 27.79 17.26 -25.24
N ILE A 9 26.80 16.44 -25.58
CA ILE A 9 26.61 15.16 -24.89
C ILE A 9 26.62 13.98 -25.85
N GLY A 10 27.23 12.89 -25.41
CA GLY A 10 27.30 11.70 -26.23
C GLY A 10 26.54 10.55 -25.62
N VAL A 11 26.11 9.60 -26.45
CA VAL A 11 25.37 8.44 -25.97
C VAL A 11 26.24 7.20 -25.99
N MSE A 12 26.77 6.83 -24.83
CA MSE A 12 27.62 5.65 -24.75
C MSE A 12 26.75 4.41 -24.60
O MSE A 12 26.41 3.99 -23.49
CB MSE A 12 28.57 5.79 -23.56
CG MSE A 12 29.59 4.66 -23.47
SE MSE A 12 31.06 5.22 -22.37
CE MSE A 12 32.08 6.16 -23.72
N GLY A 13 26.39 3.82 -25.74
CA GLY A 13 25.55 2.63 -25.74
C GLY A 13 24.23 2.93 -26.43
N CYS A 14 23.88 2.09 -27.41
CA CYS A 14 22.63 2.29 -28.12
C CYS A 14 21.52 1.44 -27.51
N ALA A 15 21.24 1.70 -26.24
CA ALA A 15 20.22 0.99 -25.48
C ALA A 15 18.83 1.44 -25.94
N ASP A 16 17.85 0.56 -25.81
CA ASP A 16 16.49 0.89 -26.21
C ASP A 16 15.97 2.15 -25.52
N ILE A 17 16.40 2.39 -24.29
CA ILE A 17 15.95 3.58 -23.54
C ILE A 17 16.63 4.84 -24.06
N ALA A 18 17.67 4.66 -24.87
CA ALA A 18 18.38 5.80 -25.43
C ALA A 18 17.48 6.46 -26.48
N ARG A 19 16.46 5.72 -26.92
CA ARG A 19 15.54 6.25 -27.92
C ARG A 19 14.65 7.33 -27.30
N LYS A 20 14.44 7.22 -25.98
CA LYS A 20 13.62 8.19 -25.26
C LYS A 20 14.47 9.35 -24.75
N VAL A 21 15.64 9.03 -24.20
CA VAL A 21 16.50 10.07 -23.67
C VAL A 21 17.10 10.98 -24.75
N SER A 22 17.22 10.49 -25.97
CA SER A 22 17.75 11.32 -27.05
C SER A 22 16.78 12.49 -27.22
N ARG A 23 15.49 12.20 -27.16
CA ARG A 23 14.46 13.23 -27.28
C ARG A 23 14.62 14.19 -26.10
N ALA A 24 14.93 13.63 -24.92
CA ALA A 24 15.12 14.44 -23.72
C ALA A 24 16.29 15.39 -24.00
N ILE A 25 17.43 14.83 -24.37
CA ILE A 25 18.60 15.63 -24.69
C ILE A 25 18.24 16.63 -25.79
N HIS A 26 17.48 16.16 -26.78
CA HIS A 26 17.06 17.00 -27.89
C HIS A 26 16.27 18.21 -27.37
N LEU A 27 15.11 17.93 -26.77
CA LEU A 27 14.23 18.95 -26.21
C LEU A 27 14.86 19.78 -25.11
N ALA A 28 16.10 19.46 -24.75
CA ALA A 28 16.81 20.20 -23.72
C ALA A 28 17.72 21.23 -24.41
N PRO A 29 17.43 22.53 -24.21
CA PRO A 29 18.21 23.61 -24.81
C PRO A 29 19.70 23.63 -24.47
N ASN A 30 20.03 23.85 -23.21
CA ASN A 30 21.42 23.91 -22.77
C ASN A 30 22.20 22.63 -23.01
N ALA A 31 21.64 21.70 -23.77
CA ALA A 31 22.31 20.42 -24.06
C ALA A 31 22.34 20.18 -25.56
N THR A 32 22.97 19.08 -25.95
CA THR A 32 23.06 18.73 -27.36
C THR A 32 23.57 17.31 -27.57
N ILE A 33 23.06 16.64 -28.59
CA ILE A 33 23.45 15.28 -28.90
C ILE A 33 24.62 15.33 -29.90
N SER A 34 25.83 15.35 -29.37
CA SER A 34 27.04 15.42 -30.19
C SER A 34 27.59 14.10 -30.70
N GLY A 35 28.02 13.25 -29.78
CA GLY A 35 28.56 11.96 -30.17
C GLY A 35 27.71 10.78 -29.74
N VAL A 36 28.18 9.57 -30.04
CA VAL A 36 27.49 8.33 -29.68
C VAL A 36 28.37 7.12 -29.99
N ALA A 37 28.49 6.22 -29.02
CA ALA A 37 29.32 5.04 -29.20
C ALA A 37 28.54 3.74 -29.00
N SER A 38 28.67 2.84 -29.96
CA SER A 38 28.00 1.54 -29.93
C SER A 38 29.04 0.44 -30.09
N ARG A 39 28.72 -0.75 -29.57
CA ARG A 39 29.63 -1.88 -29.68
C ARG A 39 29.76 -2.28 -31.15
N SER A 40 28.87 -1.72 -31.97
CA SER A 40 28.85 -1.96 -33.40
C SER A 40 28.50 -0.66 -34.10
N LEU A 41 29.42 -0.14 -34.91
CA LEU A 41 29.18 1.11 -35.61
C LEU A 41 28.03 0.97 -36.59
N GLU A 42 27.92 -0.21 -37.23
CA GLU A 42 26.83 -0.43 -38.15
C GLU A 42 25.56 -0.24 -37.35
N LYS A 43 25.64 -0.64 -36.08
CA LYS A 43 24.53 -0.52 -35.13
C LYS A 43 24.34 0.92 -34.67
N ALA A 44 25.46 1.61 -34.43
CA ALA A 44 25.42 3.00 -33.99
C ALA A 44 24.84 3.86 -35.11
N LYS A 45 25.18 3.49 -36.34
CA LYS A 45 24.70 4.20 -37.52
C LYS A 45 23.19 4.00 -37.67
N ALA A 46 22.76 2.76 -37.47
CA ALA A 46 21.34 2.42 -37.58
C ALA A 46 20.54 3.13 -36.48
N PHE A 47 21.08 3.16 -35.27
CA PHE A 47 20.38 3.81 -34.16
C PHE A 47 20.26 5.29 -34.48
N ALA A 48 21.36 5.89 -34.95
CA ALA A 48 21.41 7.31 -35.30
C ALA A 48 20.39 7.66 -36.39
N THR A 49 20.32 6.83 -37.42
CA THR A 49 19.37 7.07 -38.50
C THR A 49 17.96 6.84 -37.98
N ALA A 50 17.69 5.63 -37.54
CA ALA A 50 16.39 5.25 -37.01
C ALA A 50 15.86 6.26 -36.00
N ASN A 51 16.75 7.03 -35.39
CA ASN A 51 16.33 8.01 -34.40
C ASN A 51 16.41 9.49 -34.78
N ASN A 52 16.47 9.80 -36.07
CA ASN A 52 16.50 11.18 -36.53
C ASN A 52 17.70 11.97 -35.99
N TYR A 53 18.80 11.28 -35.71
CA TYR A 53 20.00 11.94 -35.20
C TYR A 53 20.45 13.11 -36.08
N PRO A 54 21.15 14.09 -35.47
CA PRO A 54 21.64 15.24 -36.25
C PRO A 54 22.68 14.80 -37.27
N GLU A 55 22.91 15.64 -38.27
CA GLU A 55 23.87 15.33 -39.30
C GLU A 55 25.31 15.31 -38.79
N SER A 56 25.74 16.39 -38.14
CA SER A 56 27.09 16.48 -37.62
C SER A 56 27.36 15.50 -36.48
N THR A 57 26.31 14.84 -35.99
CA THR A 57 26.47 13.87 -34.89
C THR A 57 27.51 12.81 -35.27
N LYS A 58 28.63 12.82 -34.56
CA LYS A 58 29.67 11.83 -34.83
C LYS A 58 29.19 10.45 -34.41
N ILE A 59 29.74 9.43 -35.07
CA ILE A 59 29.39 8.04 -34.77
C ILE A 59 30.65 7.26 -34.43
N HIS A 60 30.67 6.65 -33.25
CA HIS A 60 31.83 5.88 -32.82
C HIS A 60 31.58 4.36 -32.74
N GLY A 61 32.65 3.59 -32.88
CA GLY A 61 32.54 2.14 -32.83
C GLY A 61 33.28 1.51 -31.66
N SER A 62 33.34 2.24 -30.55
CA SER A 62 34.00 1.75 -29.35
C SER A 62 33.73 2.73 -28.21
N TYR A 63 33.84 2.25 -26.97
CA TYR A 63 33.61 3.12 -25.83
C TYR A 63 34.83 4.01 -25.62
N GLU A 64 36.00 3.44 -25.91
CA GLU A 64 37.24 4.19 -25.77
C GLU A 64 37.23 5.36 -26.73
N SER A 65 36.76 5.11 -27.94
CA SER A 65 36.69 6.15 -28.96
C SER A 65 36.02 7.40 -28.39
N LEU A 66 34.78 7.23 -27.93
CA LEU A 66 34.01 8.33 -27.37
C LEU A 66 34.68 9.01 -26.18
N LEU A 67 35.30 8.23 -25.29
CA LEU A 67 35.95 8.81 -24.11
C LEU A 67 37.20 9.61 -24.48
N GLU A 68 37.64 9.48 -25.73
CA GLU A 68 38.81 10.19 -26.20
C GLU A 68 38.43 11.33 -27.13
N ASP A 69 37.15 11.39 -27.49
CA ASP A 69 36.66 12.45 -28.35
C ASP A 69 36.67 13.74 -27.51
N PRO A 70 37.63 14.63 -27.79
CA PRO A 70 37.73 15.90 -27.04
C PRO A 70 36.52 16.82 -27.20
N GLU A 71 35.64 16.50 -28.13
CA GLU A 71 34.46 17.32 -28.37
C GLU A 71 33.24 16.91 -27.53
N ILE A 72 33.46 16.14 -26.47
CA ILE A 72 32.34 15.71 -25.62
C ILE A 72 32.45 16.18 -24.18
N ASP A 73 31.54 17.06 -23.77
CA ASP A 73 31.52 17.61 -22.41
C ASP A 73 30.98 16.61 -21.40
N ALA A 74 29.88 15.94 -21.75
CA ALA A 74 29.27 14.98 -20.85
C ALA A 74 28.71 13.77 -21.58
N LEU A 75 28.47 12.70 -20.83
CA LEU A 75 27.95 11.45 -21.40
C LEU A 75 26.71 10.91 -20.69
N TYR A 76 25.83 10.29 -21.47
CA TYR A 76 24.63 9.63 -20.96
C TYR A 76 25.06 8.17 -21.01
N VAL A 77 24.97 7.45 -19.91
CA VAL A 77 25.40 6.06 -19.89
C VAL A 77 24.28 5.03 -19.66
N PRO A 78 23.64 4.55 -20.74
CA PRO A 78 22.55 3.56 -20.65
C PRO A 78 23.10 2.12 -20.65
N LEU A 79 24.22 1.90 -19.99
CA LEU A 79 24.81 0.58 -19.96
C LEU A 79 24.27 -0.31 -18.84
N PRO A 80 24.31 -1.64 -19.02
CA PRO A 80 23.82 -2.57 -18.00
C PRO A 80 24.46 -2.17 -16.68
N THR A 81 23.88 -2.64 -15.58
CA THR A 81 24.37 -2.30 -14.26
C THR A 81 25.86 -2.63 -14.03
N SER A 82 26.16 -3.91 -13.81
CA SER A 82 27.52 -4.36 -13.53
C SER A 82 28.61 -3.85 -14.47
N LEU A 83 28.23 -3.15 -15.53
CA LEU A 83 29.20 -2.61 -16.48
C LEU A 83 29.29 -1.10 -16.34
N HIS A 84 28.98 -0.59 -15.15
CA HIS A 84 29.03 0.86 -14.93
C HIS A 84 30.36 1.36 -14.38
N VAL A 85 30.87 0.68 -13.37
CA VAL A 85 32.13 1.10 -12.78
C VAL A 85 33.20 1.37 -13.85
N GLU A 86 33.48 0.37 -14.68
CA GLU A 86 34.49 0.47 -15.73
C GLU A 86 34.36 1.65 -16.67
N TRP A 87 33.14 1.97 -17.08
CA TRP A 87 32.94 3.06 -18.02
C TRP A 87 32.59 4.40 -17.39
N ALA A 88 32.20 4.38 -16.13
CA ALA A 88 31.89 5.60 -15.41
C ALA A 88 33.22 6.20 -14.96
N ILE A 89 34.10 5.36 -14.41
CA ILE A 89 35.41 5.81 -13.95
C ILE A 89 36.19 6.37 -15.15
N LYS A 90 36.13 5.63 -16.26
CA LYS A 90 36.83 6.02 -17.49
C LYS A 90 36.19 7.20 -18.21
N ALA A 91 35.00 7.60 -17.78
CA ALA A 91 34.35 8.74 -18.41
C ALA A 91 34.85 10.03 -17.74
N ALA A 92 34.89 10.03 -16.41
CA ALA A 92 35.32 11.19 -15.66
C ALA A 92 36.81 11.48 -15.83
N GLU A 93 37.62 10.43 -15.80
CA GLU A 93 39.06 10.57 -15.96
C GLU A 93 39.39 11.31 -17.26
N LYS A 94 38.46 11.26 -18.21
CA LYS A 94 38.62 11.93 -19.49
C LYS A 94 37.86 13.26 -19.48
N GLY A 95 37.68 13.81 -18.28
CA GLY A 95 37.01 15.08 -18.11
C GLY A 95 35.57 15.21 -18.60
N LYS A 96 34.82 14.11 -18.59
CA LYS A 96 33.46 14.17 -19.07
C LYS A 96 32.45 13.93 -17.94
N HIS A 97 31.43 14.78 -17.89
CA HIS A 97 30.37 14.69 -16.88
C HIS A 97 29.46 13.51 -17.22
N ILE A 98 28.94 12.84 -16.20
CA ILE A 98 28.10 11.67 -16.43
C ILE A 98 26.65 11.68 -15.94
N LEU A 99 25.76 11.34 -16.87
CA LEU A 99 24.34 11.20 -16.56
C LEU A 99 24.26 9.67 -16.56
N LEU A 100 24.42 9.06 -15.39
CA LEU A 100 24.42 7.61 -15.23
C LEU A 100 23.04 6.99 -15.01
N GLU A 101 22.64 6.09 -15.92
CA GLU A 101 21.34 5.42 -15.84
C GLU A 101 21.19 4.65 -14.54
N LYS A 102 19.97 4.59 -14.02
CA LYS A 102 19.70 3.88 -12.78
C LYS A 102 19.46 2.41 -13.06
N PRO A 103 19.87 1.52 -12.14
CA PRO A 103 20.52 1.87 -10.87
C PRO A 103 21.96 2.27 -11.17
N VAL A 104 22.58 3.02 -10.24
CA VAL A 104 23.95 3.47 -10.45
C VAL A 104 24.98 2.36 -10.56
N ALA A 105 25.08 1.52 -9.54
CA ALA A 105 26.06 0.44 -9.56
C ALA A 105 25.52 -0.80 -8.86
N MSE A 106 26.30 -1.87 -8.87
CA MSE A 106 25.91 -3.13 -8.24
C MSE A 106 25.91 -3.02 -6.71
O MSE A 106 25.37 -3.89 -6.02
CB MSE A 106 26.84 -4.27 -8.67
CG MSE A 106 26.80 -4.60 -10.16
SE MSE A 106 25.10 -5.35 -10.73
CE MSE A 106 24.96 -6.75 -9.42
N ASN A 107 26.53 -1.96 -6.19
CA ASN A 107 26.58 -1.72 -4.75
C ASN A 107 27.20 -0.36 -4.46
N VAL A 108 26.92 0.17 -3.27
CA VAL A 108 27.43 1.49 -2.89
C VAL A 108 28.96 1.58 -3.02
N THR A 109 29.65 0.46 -2.75
CA THR A 109 31.10 0.42 -2.88
C THR A 109 31.50 0.81 -4.30
N GLU A 110 30.82 0.21 -5.29
CA GLU A 110 31.07 0.47 -6.70
C GLU A 110 30.64 1.90 -7.06
N PHE A 111 29.71 2.46 -6.30
CA PHE A 111 29.26 3.82 -6.58
C PHE A 111 30.23 4.85 -5.98
N ASP A 112 30.62 4.64 -4.74
CA ASP A 112 31.55 5.57 -4.09
C ASP A 112 32.86 5.63 -4.86
N LYS A 113 33.23 4.53 -5.50
CA LYS A 113 34.45 4.52 -6.30
C LYS A 113 34.24 5.41 -7.52
N ILE A 114 33.01 5.45 -8.03
CA ILE A 114 32.68 6.26 -9.19
C ILE A 114 32.51 7.71 -8.76
N VAL A 115 32.00 7.91 -7.54
CA VAL A 115 31.80 9.26 -7.03
C VAL A 115 33.16 9.92 -6.81
N ASP A 116 33.98 9.30 -5.97
CA ASP A 116 35.31 9.81 -5.69
C ASP A 116 36.06 10.08 -6.99
N ALA A 117 35.98 9.14 -7.92
CA ALA A 117 36.63 9.27 -9.22
C ALA A 117 36.08 10.48 -9.99
N CYS A 118 34.88 10.91 -9.65
CA CYS A 118 34.24 12.07 -10.29
C CYS A 118 34.71 13.37 -9.63
N GLU A 119 34.96 13.30 -8.33
CA GLU A 119 35.43 14.46 -7.57
C GLU A 119 36.89 14.74 -7.93
N ALA A 120 37.69 13.68 -7.96
CA ALA A 120 39.10 13.81 -8.28
C ALA A 120 39.27 14.58 -9.58
N ASN A 121 38.35 14.34 -10.52
CA ASN A 121 38.37 14.98 -11.82
C ASN A 121 37.39 16.16 -11.89
N GLY A 122 36.80 16.49 -10.76
CA GLY A 122 35.87 17.60 -10.69
C GLY A 122 34.69 17.61 -11.66
N VAL A 123 34.07 16.47 -11.95
CA VAL A 123 32.92 16.49 -12.84
C VAL A 123 31.59 16.21 -12.15
N GLN A 124 30.51 16.55 -12.85
CA GLN A 124 29.16 16.39 -12.35
C GLN A 124 28.57 15.03 -12.69
N ILE A 125 28.07 14.32 -11.69
CA ILE A 125 27.44 13.03 -11.94
C ILE A 125 26.01 13.05 -11.41
N MSE A 126 25.14 12.30 -12.07
CA MSE A 126 23.73 12.20 -11.68
C MSE A 126 23.13 10.91 -12.23
O MSE A 126 23.40 10.54 -13.38
CB MSE A 126 22.95 13.41 -12.21
CG MSE A 126 21.47 13.42 -11.82
SE MSE A 126 20.53 14.90 -12.64
CE MSE A 126 20.28 14.14 -14.37
N ASP A 127 22.33 10.23 -11.41
CA ASP A 127 21.70 8.99 -11.84
C ASP A 127 20.59 9.30 -12.82
N GLY A 128 20.04 8.27 -13.45
CA GLY A 128 18.97 8.45 -14.41
C GLY A 128 17.53 8.49 -13.89
N THR A 129 17.34 8.55 -12.58
CA THR A 129 15.99 8.61 -12.01
C THR A 129 15.33 9.88 -12.53
N MSE A 130 14.67 9.75 -13.67
CA MSE A 130 14.02 10.88 -14.34
C MSE A 130 12.69 11.38 -13.82
O MSE A 130 12.22 12.41 -14.30
CB MSE A 130 13.87 10.56 -15.83
CG MSE A 130 13.19 9.22 -16.11
SE MSE A 130 12.58 8.96 -17.93
CE MSE A 130 14.18 8.20 -18.72
N TRP A 131 12.06 10.69 -12.87
CA TRP A 131 10.73 11.17 -12.44
C TRP A 131 10.71 12.40 -11.56
N VAL A 132 11.75 12.59 -10.75
CA VAL A 132 11.82 13.74 -9.86
C VAL A 132 11.92 15.10 -10.58
N HIS A 133 12.08 15.11 -11.91
CA HIS A 133 12.17 16.39 -12.62
C HIS A 133 10.84 16.87 -13.20
N ASN A 134 9.83 16.01 -13.17
CA ASN A 134 8.52 16.38 -13.67
C ASN A 134 7.93 17.49 -12.81
N PRO A 135 7.20 18.44 -13.43
CA PRO A 135 6.57 19.57 -12.73
C PRO A 135 5.69 19.16 -11.55
N ARG A 136 5.19 17.92 -11.57
CA ARG A 136 4.33 17.42 -10.50
C ARG A 136 5.11 17.22 -9.22
N THR A 137 6.41 17.04 -9.35
CA THR A 137 7.27 16.82 -8.19
C THR A 137 7.66 18.11 -7.50
N ALA A 138 7.23 19.23 -8.09
CA ALA A 138 7.51 20.54 -7.51
C ALA A 138 6.44 20.77 -6.43
N LEU A 139 5.20 20.92 -6.88
CA LEU A 139 4.08 21.12 -5.98
C LEU A 139 3.56 19.76 -5.56
N LEU A 140 4.43 19.05 -4.85
CA LEU A 140 4.18 17.71 -4.33
C LEU A 140 4.98 17.62 -3.05
N LYS A 141 6.25 18.00 -3.13
CA LYS A 141 7.12 18.01 -1.97
C LYS A 141 6.60 19.16 -1.12
N GLU A 142 6.00 20.14 -1.79
CA GLU A 142 5.44 21.30 -1.11
C GLU A 142 4.24 20.86 -0.27
N PHE A 143 3.35 20.07 -0.86
CA PHE A 143 2.18 19.59 -0.16
C PHE A 143 2.61 18.82 1.07
N LEU A 144 3.64 17.99 0.90
CA LEU A 144 4.19 17.19 1.99
C LEU A 144 4.86 18.10 3.00
N SER A 145 4.93 19.40 2.68
CA SER A 145 5.53 20.39 3.57
C SER A 145 4.48 21.28 4.23
N ASP A 146 3.22 21.11 3.81
CA ASP A 146 2.12 21.89 4.36
C ASP A 146 1.76 21.46 5.78
N SER A 147 2.32 22.17 6.76
CA SER A 147 2.06 21.85 8.15
C SER A 147 0.57 21.88 8.49
N GLU A 148 -0.23 22.33 7.52
CA GLU A 148 -1.68 22.40 7.71
C GLU A 148 -2.41 21.50 6.70
N ARG A 149 -2.14 21.69 5.42
CA ARG A 149 -2.78 20.89 4.40
C ARG A 149 -2.36 19.42 4.50
N PHE A 150 -1.18 19.18 5.06
CA PHE A 150 -0.66 17.82 5.20
C PHE A 150 -0.27 17.44 6.63
N GLY A 151 0.40 18.37 7.32
CA GLY A 151 0.80 18.10 8.70
C GLY A 151 2.13 17.40 8.87
N GLN A 152 2.13 16.31 9.63
CA GLN A 152 3.35 15.55 9.88
C GLN A 152 3.29 14.13 9.28
N LEU A 153 4.38 13.75 8.62
CA LEU A 153 4.50 12.43 7.99
C LEU A 153 4.61 11.33 9.04
N LYS A 154 3.89 10.24 8.82
CA LYS A 154 3.94 9.13 9.75
C LYS A 154 4.18 7.86 8.93
N THR A 155 3.72 7.89 7.68
CA THR A 155 3.86 6.74 6.81
C THR A 155 3.77 7.10 5.34
N VAL A 156 4.52 6.37 4.52
CA VAL A 156 4.54 6.59 3.09
C VAL A 156 4.80 5.23 2.43
N GLN A 157 3.88 4.81 1.56
CA GLN A 157 3.98 3.54 0.85
C GLN A 157 4.27 3.83 -0.61
N SER A 158 4.90 2.88 -1.31
CA SER A 158 5.21 3.05 -2.71
C SER A 158 5.62 1.76 -3.43
N CYS A 159 5.51 1.76 -4.75
CA CYS A 159 5.90 0.58 -5.52
C CYS A 159 5.81 0.73 -7.04
N PHE A 160 6.56 -0.13 -7.72
CA PHE A 160 6.54 -0.19 -9.17
C PHE A 160 6.43 -1.67 -9.57
N SER A 161 5.67 -1.93 -10.62
CA SER A 161 5.45 -3.29 -11.12
C SER A 161 5.06 -3.25 -12.59
N PHE A 162 5.06 -4.43 -13.23
CA PHE A 162 4.68 -4.54 -14.63
C PHE A 162 4.74 -5.98 -15.12
N ALA A 163 4.27 -6.22 -16.34
CA ALA A 163 4.24 -7.57 -16.90
C ALA A 163 5.50 -7.98 -17.65
N GLY A 164 6.14 -9.05 -17.17
CA GLY A 164 7.34 -9.55 -17.81
C GLY A 164 7.08 -10.84 -18.56
N ASP A 165 6.54 -10.73 -19.76
CA ASP A 165 6.24 -11.90 -20.59
C ASP A 165 7.44 -12.86 -20.67
N GLU A 166 7.20 -14.04 -21.23
CA GLU A 166 8.23 -15.05 -21.37
C GLU A 166 9.54 -14.50 -21.93
N ASP A 167 9.45 -13.77 -23.04
CA ASP A 167 10.63 -13.19 -23.66
C ASP A 167 11.46 -12.37 -22.66
N PHE A 168 10.77 -11.66 -21.78
CA PHE A 168 11.42 -10.85 -20.75
C PHE A 168 12.08 -11.71 -19.67
N LEU A 169 11.29 -12.59 -19.06
CA LEU A 169 11.80 -13.45 -17.99
C LEU A 169 12.94 -14.35 -18.44
N LYS A 170 13.14 -14.43 -19.74
CA LYS A 170 14.21 -15.25 -20.27
C LYS A 170 15.41 -14.45 -20.78
N ASN A 171 15.16 -13.56 -21.74
CA ASN A 171 16.23 -12.79 -22.37
C ASN A 171 16.58 -11.39 -21.85
N ASP A 172 15.70 -10.77 -21.07
CA ASP A 172 15.99 -9.43 -20.57
C ASP A 172 17.25 -9.36 -19.71
N ILE A 173 17.98 -8.24 -19.80
CA ILE A 173 19.21 -8.10 -19.02
C ILE A 173 18.94 -7.89 -17.52
N ARG A 174 17.71 -7.50 -17.21
CA ARG A 174 17.29 -7.26 -15.83
C ARG A 174 17.01 -8.52 -15.02
N VAL A 175 17.49 -9.67 -15.51
CA VAL A 175 17.34 -10.94 -14.82
C VAL A 175 18.72 -11.60 -14.84
N LYS A 176 19.55 -11.16 -15.78
CA LYS A 176 20.92 -11.66 -15.93
C LYS A 176 21.80 -11.21 -14.77
N PRO A 177 22.27 -12.15 -13.95
CA PRO A 177 23.13 -11.80 -12.81
C PRO A 177 24.37 -11.00 -13.18
N GLY A 178 24.82 -11.15 -14.43
CA GLY A 178 26.00 -10.45 -14.89
C GLY A 178 25.77 -9.11 -15.58
N LEU A 179 24.50 -8.74 -15.78
CA LEU A 179 24.18 -7.48 -16.46
C LEU A 179 23.47 -6.57 -15.46
N ASP A 180 22.14 -6.69 -15.36
CA ASP A 180 21.40 -5.90 -14.39
C ASP A 180 21.02 -6.84 -13.27
N GLY A 181 22.05 -7.35 -12.60
CA GLY A 181 21.87 -8.32 -11.53
C GLY A 181 21.05 -7.94 -10.31
N LEU A 182 20.63 -6.67 -10.19
CA LEU A 182 19.82 -6.30 -9.03
C LEU A 182 18.35 -6.62 -9.25
N GLY A 183 18.05 -7.10 -10.46
CA GLY A 183 16.68 -7.47 -10.80
C GLY A 183 15.59 -6.45 -10.54
N ALA A 184 14.46 -6.93 -10.04
CA ALA A 184 13.32 -6.06 -9.75
C ALA A 184 13.66 -5.04 -8.66
N LEU A 185 14.61 -5.38 -7.81
CA LEU A 185 15.02 -4.49 -6.72
C LEU A 185 15.68 -3.23 -7.28
N GLY A 186 16.74 -3.41 -8.05
CA GLY A 186 17.45 -2.28 -8.62
C GLY A 186 16.67 -1.56 -9.71
N ASP A 187 15.94 -2.30 -10.52
CA ASP A 187 15.18 -1.69 -11.61
C ASP A 187 13.87 -1.04 -11.18
N ALA A 188 13.16 -1.66 -10.25
CA ALA A 188 11.89 -1.12 -9.80
C ALA A 188 11.88 -0.62 -8.35
N GLY A 189 12.40 -1.42 -7.44
CA GLY A 189 12.44 -1.01 -6.04
C GLY A 189 13.04 0.37 -5.88
N TRP A 190 14.03 0.65 -6.72
CA TRP A 190 14.74 1.92 -6.77
C TRP A 190 13.78 3.11 -6.75
N TYR A 191 12.87 3.15 -7.71
CA TYR A 191 11.91 4.24 -7.83
C TYR A 191 11.08 4.44 -6.56
N ALA A 192 10.63 3.34 -5.97
CA ALA A 192 9.85 3.42 -4.75
C ALA A 192 10.76 3.95 -3.66
N ILE A 193 11.93 3.36 -3.54
CA ILE A 193 12.92 3.79 -2.55
C ILE A 193 13.19 5.29 -2.68
N ARG A 194 13.16 5.79 -3.91
CA ARG A 194 13.42 7.20 -4.14
C ARG A 194 12.20 8.04 -3.77
N ALA A 195 11.05 7.37 -3.63
CA ALA A 195 9.83 8.07 -3.27
C ALA A 195 9.80 8.21 -1.75
N THR A 196 10.16 7.13 -1.07
CA THR A 196 10.18 7.12 0.39
C THR A 196 11.33 7.98 0.91
N LEU A 197 12.07 8.61 0.01
CA LEU A 197 13.18 9.47 0.40
C LEU A 197 12.84 10.92 0.08
N LEU A 198 12.42 11.17 -1.15
CA LEU A 198 12.05 12.51 -1.56
C LEU A 198 11.03 13.01 -0.54
N ALA A 199 10.12 12.12 -0.15
CA ALA A 199 9.11 12.42 0.84
C ALA A 199 9.56 11.85 2.18
N ASN A 200 10.58 12.46 2.78
CA ASN A 200 11.12 12.03 4.08
C ASN A 200 12.40 12.76 4.50
N ASN A 201 12.74 13.81 3.76
CA ASN A 201 13.93 14.62 4.03
C ASN A 201 15.28 13.94 3.79
N PHE A 202 15.27 12.84 3.05
CA PHE A 202 16.50 12.12 2.71
C PHE A 202 17.24 11.44 3.86
N GLU A 203 16.48 10.93 4.81
CA GLU A 203 17.06 10.26 5.96
C GLU A 203 17.15 8.75 5.78
N LEU A 204 18.36 8.20 5.83
CA LEU A 204 18.53 6.76 5.71
C LEU A 204 17.85 6.11 6.91
N PRO A 205 17.10 5.02 6.68
CA PRO A 205 16.46 4.38 7.83
C PRO A 205 17.53 3.72 8.71
N LYS A 206 17.18 3.39 9.94
CA LYS A 206 18.14 2.74 10.82
C LYS A 206 18.19 1.24 10.52
N THR A 207 17.05 0.66 10.21
CA THR A 207 17.01 -0.76 9.91
C THR A 207 16.18 -1.10 8.68
N VAL A 208 16.53 -2.19 8.04
CA VAL A 208 15.82 -2.64 6.86
C VAL A 208 15.54 -4.12 7.02
N THR A 209 14.35 -4.55 6.61
CA THR A 209 13.98 -5.94 6.70
C THR A 209 13.05 -6.34 5.56
N ALA A 210 13.52 -7.26 4.72
CA ALA A 210 12.75 -7.72 3.57
C ALA A 210 11.52 -8.49 4.04
N PHE A 211 10.53 -8.64 3.16
CA PHE A 211 9.31 -9.37 3.48
C PHE A 211 9.53 -10.82 3.11
N PRO A 212 9.20 -11.77 4.00
CA PRO A 212 9.40 -13.17 3.61
C PRO A 212 8.50 -13.46 2.39
N GLY A 213 9.04 -14.21 1.43
CA GLY A 213 8.26 -14.54 0.24
C GLY A 213 8.88 -14.07 -1.06
N ALA A 214 9.94 -13.27 -0.95
CA ALA A 214 10.64 -12.75 -2.13
C ALA A 214 10.87 -13.86 -3.15
N VAL A 215 10.67 -13.55 -4.43
CA VAL A 215 10.86 -14.51 -5.51
C VAL A 215 12.21 -14.34 -6.19
N LEU A 216 12.83 -15.46 -6.53
CA LEU A 216 14.12 -15.49 -7.19
C LEU A 216 14.04 -16.34 -8.46
N ASN A 217 14.90 -16.05 -9.44
CA ASN A 217 14.93 -16.83 -10.67
C ASN A 217 15.94 -17.95 -10.43
N GLU A 218 16.15 -18.81 -11.41
CA GLU A 218 17.11 -19.90 -11.26
C GLU A 218 18.57 -19.46 -11.33
N ALA A 219 18.82 -18.17 -11.12
CA ALA A 219 20.19 -17.64 -11.15
C ALA A 219 20.43 -16.74 -9.95
N GLY A 220 19.44 -16.67 -9.05
CA GLY A 220 19.59 -15.87 -7.85
C GLY A 220 19.22 -14.39 -7.93
N VAL A 221 18.66 -13.96 -9.06
CA VAL A 221 18.24 -12.57 -9.20
C VAL A 221 16.80 -12.40 -8.71
N ILE A 222 16.54 -11.28 -8.05
CA ILE A 222 15.22 -11.01 -7.50
C ILE A 222 14.16 -10.70 -8.57
N LEU A 223 13.00 -11.32 -8.40
CA LEU A 223 11.88 -11.13 -9.31
C LEU A 223 10.77 -10.35 -8.60
N SER A 224 10.76 -10.43 -7.27
CA SER A 224 9.79 -9.71 -6.47
C SER A 224 10.24 -9.71 -5.02
N CYS A 225 10.12 -8.57 -4.36
CA CYS A 225 10.51 -8.44 -2.96
C CYS A 225 9.96 -7.14 -2.40
N GLY A 226 9.86 -7.07 -1.07
CA GLY A 226 9.38 -5.87 -0.40
C GLY A 226 10.12 -5.63 0.90
N ALA A 227 9.78 -4.58 1.63
CA ALA A 227 10.45 -4.29 2.89
C ALA A 227 9.88 -3.07 3.60
N SER A 228 10.11 -2.98 4.89
CA SER A 228 9.63 -1.84 5.68
C SER A 228 10.84 -1.02 6.14
N LEU A 229 10.64 0.28 6.28
CA LEU A 229 11.71 1.17 6.71
C LEU A 229 11.33 1.76 8.06
N SER A 230 12.30 1.86 8.96
CA SER A 230 12.02 2.41 10.29
C SER A 230 12.98 3.51 10.72
N TRP A 231 12.44 4.69 10.97
CA TRP A 231 13.22 5.85 11.40
C TRP A 231 13.18 5.97 12.93
N GLU A 232 12.51 5.02 13.58
CA GLU A 232 12.39 4.99 15.04
C GLU A 232 11.81 6.27 15.65
N ASP A 233 10.49 6.40 15.53
CA ASP A 233 9.78 7.57 16.07
C ASP A 233 8.32 7.58 15.62
N GLY A 234 7.84 6.45 15.10
CA GLY A 234 6.46 6.36 14.64
C GLY A 234 6.29 6.40 13.14
N ARG A 235 7.35 6.80 12.42
CA ARG A 235 7.32 6.87 10.96
C ARG A 235 7.90 5.62 10.32
N THR A 236 7.11 4.97 9.46
CA THR A 236 7.59 3.77 8.76
C THR A 236 7.18 3.88 7.30
N ALA A 237 7.89 3.13 6.46
CA ALA A 237 7.59 3.15 5.04
C ALA A 237 7.73 1.74 4.50
N THR A 238 7.28 1.54 3.27
CA THR A 238 7.39 0.25 2.64
C THR A 238 7.52 0.45 1.14
N ILE A 239 8.13 -0.52 0.48
CA ILE A 239 8.27 -0.46 -0.97
C ILE A 239 7.97 -1.85 -1.47
N TYR A 240 7.73 -1.96 -2.76
CA TYR A 240 7.44 -3.25 -3.36
C TYR A 240 7.86 -3.15 -4.81
N CYS A 241 8.57 -4.18 -5.30
CA CYS A 241 9.02 -4.21 -6.68
C CYS A 241 8.86 -5.63 -7.23
N SER A 242 8.81 -5.78 -8.55
CA SER A 242 8.63 -7.08 -9.18
C SER A 242 8.49 -7.02 -10.71
N PHE A 243 8.52 -8.21 -11.31
CA PHE A 243 8.37 -8.37 -12.76
C PHE A 243 7.23 -9.39 -12.97
N LEU A 244 6.47 -9.68 -11.91
CA LEU A 244 5.42 -10.68 -11.99
C LEU A 244 3.98 -10.23 -11.71
N ALA A 245 3.63 -9.00 -12.10
CA ALA A 245 2.28 -8.49 -11.89
C ALA A 245 1.96 -7.28 -12.79
N ASN A 246 0.69 -6.90 -12.85
CA ASN A 246 0.24 -5.78 -13.67
C ASN A 246 0.83 -4.43 -13.30
N LEU A 247 1.07 -3.61 -14.31
CA LEU A 247 1.64 -2.27 -14.13
C LEU A 247 0.95 -1.56 -12.96
N THR A 248 1.75 -1.05 -12.04
CA THR A 248 1.23 -0.36 -10.87
C THR A 248 2.39 0.43 -10.30
N MSE A 249 2.21 1.75 -10.18
CA MSE A 249 3.25 2.63 -9.65
C MSE A 249 2.56 3.71 -8.82
O MSE A 249 2.07 4.71 -9.35
CB MSE A 249 4.05 3.27 -10.80
CG MSE A 249 3.20 3.97 -11.87
SE MSE A 249 4.21 4.38 -13.48
CE MSE A 249 3.44 6.07 -13.93
N GLU A 250 2.53 3.51 -7.51
CA GLU A 250 1.87 4.45 -6.63
C GLU A 250 2.63 4.89 -5.40
N ILE A 251 2.29 6.10 -4.94
CA ILE A 251 2.86 6.67 -3.73
C ILE A 251 1.67 7.12 -2.91
N THR A 252 1.66 6.73 -1.63
CA THR A 252 0.61 7.14 -0.70
C THR A 252 1.30 7.70 0.53
N ALA A 253 1.14 9.00 0.75
CA ALA A 253 1.75 9.65 1.92
C ALA A 253 0.63 10.12 2.83
N ILE A 254 0.61 9.62 4.06
CA ILE A 254 -0.41 9.97 5.04
C ILE A 254 0.06 10.98 6.08
N GLY A 255 -0.69 12.07 6.21
CA GLY A 255 -0.35 13.08 7.18
C GLY A 255 -1.30 13.04 8.35
N THR A 256 -1.08 13.92 9.32
CA THR A 256 -1.93 13.99 10.49
C THR A 256 -3.15 14.85 10.17
N LYS A 257 -2.98 15.78 9.23
CA LYS A 257 -4.04 16.70 8.83
C LYS A 257 -4.73 16.27 7.55
N GLY A 258 -3.99 16.35 6.44
CA GLY A 258 -4.54 15.95 5.16
C GLY A 258 -3.73 14.79 4.62
N THR A 259 -3.98 14.42 3.37
CA THR A 259 -3.26 13.32 2.76
C THR A 259 -3.06 13.52 1.25
N LEU A 260 -2.05 12.85 0.71
CA LEU A 260 -1.70 12.93 -0.71
C LEU A 260 -1.40 11.57 -1.33
N ARG A 261 -1.85 11.36 -2.56
CA ARG A 261 -1.63 10.10 -3.27
C ARG A 261 -1.31 10.32 -4.76
N VAL A 262 -0.38 9.53 -5.28
CA VAL A 262 -0.02 9.61 -6.69
C VAL A 262 -0.10 8.21 -7.30
N HIS A 263 -0.74 8.10 -8.45
CA HIS A 263 -0.88 6.80 -9.11
C HIS A 263 0.08 6.59 -10.27
N ASP A 264 0.87 7.61 -10.57
CA ASP A 264 1.88 7.56 -11.62
C ASP A 264 3.21 7.70 -10.87
N PHE A 265 3.79 8.90 -10.92
CA PHE A 265 5.03 9.20 -10.21
C PHE A 265 6.34 8.74 -10.86
N ILE A 266 6.24 7.88 -11.87
CA ILE A 266 7.40 7.40 -12.64
C ILE A 266 6.97 7.59 -14.09
N ILE A 267 7.01 8.82 -14.58
CA ILE A 267 6.54 9.09 -15.93
C ILE A 267 5.02 8.81 -15.92
N PRO A 268 4.20 9.87 -15.95
CA PRO A 268 2.73 9.78 -15.93
C PRO A 268 2.10 8.98 -17.07
N TYR A 269 0.76 8.99 -17.11
CA TYR A 269 0.01 8.29 -18.16
C TYR A 269 0.26 9.02 -19.46
N LYS A 270 0.16 10.35 -19.40
CA LYS A 270 0.38 11.24 -20.53
C LYS A 270 1.49 12.21 -20.14
N GLU A 271 2.21 12.77 -21.11
CA GLU A 271 3.28 13.69 -20.76
C GLU A 271 2.79 15.14 -20.66
N THR A 272 1.71 15.44 -21.36
CA THR A 272 1.15 16.78 -21.38
C THR A 272 0.81 17.30 -19.98
N GLU A 273 0.77 16.42 -18.99
CA GLU A 273 0.44 16.84 -17.64
C GLU A 273 0.69 15.77 -16.56
N ALA A 274 0.53 16.16 -15.31
CA ALA A 274 0.73 15.26 -14.18
C ALA A 274 -0.31 15.53 -13.08
N SER A 275 -1.16 14.54 -12.84
CA SER A 275 -2.22 14.65 -11.84
C SER A 275 -1.83 14.00 -10.50
N PHE A 276 -2.61 14.30 -9.47
CA PHE A 276 -2.38 13.75 -8.14
C PHE A 276 -3.55 14.14 -7.22
N THR A 277 -3.84 13.29 -6.24
CA THR A 277 -4.95 13.54 -5.34
C THR A 277 -4.51 14.04 -3.97
N THR A 278 -5.36 14.86 -3.35
CA THR A 278 -5.09 15.42 -2.04
C THR A 278 -6.39 15.54 -1.24
N SER A 279 -6.31 15.26 0.06
CA SER A 279 -7.49 15.34 0.91
C SER A 279 -7.16 16.05 2.23
N THR A 280 -8.09 16.88 2.69
CA THR A 280 -7.88 17.60 3.94
C THR A 280 -9.05 17.50 4.91
N LYS A 281 -8.75 17.77 6.18
CA LYS A 281 -9.73 17.72 7.27
C LYS A 281 -10.42 16.37 7.35
N ALA A 282 -10.23 15.57 6.30
CA ALA A 282 -10.81 14.23 6.19
C ALA A 282 -11.25 13.65 7.53
N TRP A 283 -12.56 13.52 7.69
CA TRP A 283 -13.15 12.97 8.91
C TRP A 283 -14.53 12.49 8.53
N PHE A 284 -15.31 12.11 9.55
CA PHE A 284 -16.68 11.65 9.33
C PHE A 284 -17.65 12.67 9.91
N ASN A 285 -18.83 12.78 9.30
CA ASN A 285 -19.82 13.73 9.78
C ASN A 285 -20.16 13.55 11.26
N ASP A 286 -20.91 12.48 11.57
CA ASP A 286 -21.30 12.18 12.96
C ASP A 286 -21.81 10.75 13.15
N LEU A 287 -22.53 10.25 12.16
CA LEU A 287 -23.05 8.90 12.25
C LEU A 287 -22.25 7.92 11.40
N VAL A 288 -21.23 8.44 10.73
CA VAL A 288 -20.36 7.65 9.87
C VAL A 288 -21.19 7.08 8.73
N THR A 289 -21.97 7.95 8.09
CA THR A 289 -22.81 7.55 6.97
C THR A 289 -22.14 7.96 5.67
N ALA A 290 -21.06 8.74 5.78
CA ALA A 290 -20.32 9.21 4.61
C ALA A 290 -19.14 10.08 4.99
N TRP A 291 -18.32 10.42 3.98
CA TRP A 291 -17.14 11.26 4.17
C TRP A 291 -17.58 12.72 4.11
N VAL A 292 -17.09 13.55 5.02
CA VAL A 292 -17.47 14.95 5.02
C VAL A 292 -16.77 15.67 3.86
N SER A 293 -15.43 15.64 3.85
CA SER A 293 -14.68 16.26 2.77
C SER A 293 -13.66 15.26 2.24
N PRO A 294 -14.03 14.52 1.18
CA PRO A 294 -13.17 13.51 0.56
C PRO A 294 -12.01 14.12 -0.22
N PRO A 295 -11.10 13.27 -0.73
CA PRO A 295 -9.95 13.75 -1.49
C PRO A 295 -10.34 14.49 -2.76
N SER A 296 -9.42 15.33 -3.24
CA SER A 296 -9.66 16.12 -4.44
C SER A 296 -8.55 15.89 -5.46
N GLU A 297 -8.85 16.20 -6.71
CA GLU A 297 -7.89 16.02 -7.81
C GLU A 297 -7.11 17.30 -8.13
N HIS A 298 -5.83 17.13 -8.45
CA HIS A 298 -4.94 18.24 -8.80
C HIS A 298 -4.09 17.88 -10.01
N THR A 299 -4.12 18.73 -11.03
CA THR A 299 -3.33 18.50 -12.22
C THR A 299 -2.41 19.67 -12.49
N VAL A 300 -1.14 19.38 -12.80
CA VAL A 300 -0.18 20.43 -13.09
C VAL A 300 0.17 20.39 -14.57
N LYS A 301 0.34 21.56 -15.16
CA LYS A 301 0.69 21.63 -16.58
C LYS A 301 2.18 21.35 -16.70
N THR A 302 2.52 20.45 -17.62
CA THR A 302 3.91 20.07 -17.86
C THR A 302 4.20 20.23 -19.35
N GLU A 303 4.58 21.45 -19.75
CA GLU A 303 4.85 21.73 -21.16
C GLU A 303 6.07 21.00 -21.71
N LEU A 304 7.03 20.69 -20.83
CA LEU A 304 8.26 20.00 -21.21
C LEU A 304 8.37 18.67 -20.46
N PRO A 305 8.49 17.54 -21.18
CA PRO A 305 8.59 16.22 -20.56
C PRO A 305 9.62 16.22 -19.41
N GLN A 306 9.36 15.39 -18.40
CA GLN A 306 10.26 15.31 -17.24
C GLN A 306 11.67 14.83 -17.55
N GLU A 307 11.80 13.88 -18.49
CA GLU A 307 13.12 13.37 -18.85
C GLU A 307 13.97 14.52 -19.36
N ALA A 308 13.39 15.31 -20.26
CA ALA A 308 14.08 16.46 -20.82
C ALA A 308 14.43 17.46 -19.73
N CYS A 309 13.56 17.56 -18.72
CA CYS A 309 13.78 18.46 -17.59
C CYS A 309 15.00 17.99 -16.82
N MSE A 310 15.24 16.67 -16.88
CA MSE A 310 16.36 16.04 -16.19
C MSE A 310 17.65 16.41 -16.90
O MSE A 310 18.61 16.87 -16.27
CB MSE A 310 16.18 14.53 -16.17
CG MSE A 310 17.41 13.74 -15.79
SE MSE A 310 17.10 11.83 -15.81
CE MSE A 310 17.23 11.51 -17.71
N VAL A 311 17.69 16.19 -18.22
CA VAL A 311 18.86 16.51 -19.01
C VAL A 311 19.19 17.98 -18.79
N ARG A 312 18.18 18.83 -18.97
CA ARG A 312 18.33 20.26 -18.79
C ARG A 312 19.09 20.54 -17.50
N GLU A 313 18.56 20.05 -16.39
CA GLU A 313 19.19 20.26 -15.09
C GLU A 313 20.62 19.72 -15.08
N PHE A 314 20.81 18.48 -15.54
CA PHE A 314 22.15 17.88 -15.59
C PHE A 314 23.08 18.88 -16.25
N ALA A 315 22.66 19.39 -17.41
CA ALA A 315 23.45 20.37 -18.14
C ALA A 315 23.73 21.57 -17.22
N ARG A 316 24.88 21.50 -16.54
CA ARG A 316 25.29 22.56 -15.61
C ARG A 316 26.70 23.07 -15.91
N LEU A 317 27.33 22.50 -16.94
CA LEU A 317 28.65 22.92 -17.36
C LEU A 317 29.75 22.85 -16.28
N VAL A 318 29.77 23.85 -15.40
CA VAL A 318 30.78 23.94 -14.33
C VAL A 318 32.16 23.54 -14.80
N TYR A 331 24.71 16.36 -3.76
CA TYR A 331 23.32 15.94 -3.59
C TYR A 331 22.95 14.75 -4.44
N TRP A 332 22.94 14.94 -5.75
CA TRP A 332 22.57 13.87 -6.67
C TRP A 332 23.35 12.61 -6.34
N PRO A 333 24.68 12.72 -6.17
CA PRO A 333 25.41 11.51 -5.85
C PRO A 333 25.05 11.05 -4.44
N SER A 334 24.78 12.01 -3.58
CA SER A 334 24.41 11.70 -2.20
C SER A 334 23.12 10.90 -2.16
N ILE A 335 22.06 11.44 -2.77
CA ILE A 335 20.77 10.74 -2.79
C ILE A 335 20.89 9.42 -3.56
N SER A 336 21.66 9.42 -4.65
CA SER A 336 21.88 8.22 -5.43
C SER A 336 22.49 7.15 -4.55
N ARG A 337 23.44 7.57 -3.72
CA ARG A 337 24.13 6.67 -2.79
C ARG A 337 23.16 6.22 -1.71
N LYS A 338 22.28 7.10 -1.27
CA LYS A 338 21.32 6.74 -0.24
C LYS A 338 20.36 5.65 -0.74
N THR A 339 19.95 5.76 -2.00
CA THR A 339 19.03 4.78 -2.55
C THR A 339 19.74 3.44 -2.81
N GLN A 340 20.97 3.50 -3.31
CA GLN A 340 21.71 2.26 -3.55
C GLN A 340 21.84 1.55 -2.19
N LEU A 341 22.17 2.32 -1.16
CA LEU A 341 22.31 1.80 0.19
C LEU A 341 21.03 1.14 0.67
N VAL A 342 19.90 1.70 0.29
CA VAL A 342 18.62 1.13 0.69
C VAL A 342 18.42 -0.18 -0.09
N VAL A 343 18.92 -0.20 -1.33
CA VAL A 343 18.83 -1.38 -2.18
C VAL A 343 19.74 -2.48 -1.62
N ASP A 344 20.96 -2.11 -1.22
CA ASP A 344 21.90 -3.08 -0.68
C ASP A 344 21.37 -3.67 0.63
N ALA A 345 20.77 -2.81 1.46
CA ALA A 345 20.22 -3.25 2.73
C ALA A 345 19.19 -4.35 2.45
N VAL A 346 18.17 -4.00 1.65
CA VAL A 346 17.12 -4.96 1.29
C VAL A 346 17.72 -6.26 0.79
N LYS A 347 18.62 -6.16 -0.18
CA LYS A 347 19.30 -7.30 -0.76
C LYS A 347 20.01 -8.11 0.32
N GLU A 348 20.79 -7.42 1.16
CA GLU A 348 21.51 -8.08 2.24
C GLU A 348 20.51 -8.83 3.12
N SER A 349 19.43 -8.16 3.47
CA SER A 349 18.38 -8.74 4.30
C SER A 349 17.83 -10.02 3.69
N VAL A 350 17.59 -10.00 2.38
CA VAL A 350 17.10 -11.18 1.70
C VAL A 350 18.18 -12.25 1.76
N ASP A 351 19.38 -11.91 1.28
CA ASP A 351 20.50 -12.84 1.27
C ASP A 351 20.64 -13.58 2.61
N LYS A 352 20.43 -12.87 3.72
CA LYS A 352 20.55 -13.50 5.03
C LYS A 352 19.21 -13.75 5.72
N ASN A 353 18.35 -14.48 5.02
CA ASN A 353 17.03 -14.87 5.49
C ASN A 353 16.15 -13.79 6.14
N TYR A 354 16.03 -12.66 5.46
CA TYR A 354 15.19 -11.56 5.92
C TYR A 354 15.55 -11.01 7.29
N GLN A 355 16.84 -10.94 7.58
CA GLN A 355 17.32 -10.41 8.85
C GLN A 355 17.16 -8.90 8.83
N GLN A 356 17.04 -8.30 10.02
CA GLN A 356 16.94 -6.85 10.13
C GLN A 356 18.35 -6.33 9.88
N ILE A 357 18.50 -5.45 8.89
CA ILE A 357 19.80 -4.90 8.55
C ILE A 357 19.93 -3.49 9.07
N SER A 358 21.00 -3.23 9.80
CA SER A 358 21.23 -1.89 10.34
C SER A 358 21.98 -1.03 9.36
N LEU A 359 21.62 0.25 9.31
CA LEU A 359 22.29 1.20 8.41
C LEU A 359 23.15 2.17 9.23
N SER A 360 23.61 1.71 10.40
CA SER A 360 24.47 2.50 11.28
C SER A 360 23.84 3.80 11.78
N GLN B 6 -39.99 -8.80 10.86
CA GLN B 6 -40.36 -10.01 11.66
C GLN B 6 -39.26 -10.43 12.65
N ILE B 7 -38.00 -10.27 12.26
CA ILE B 7 -36.88 -10.62 13.14
C ILE B 7 -36.70 -9.57 14.22
N ARG B 8 -36.87 -10.00 15.47
CA ARG B 8 -36.78 -9.11 16.62
C ARG B 8 -35.38 -9.08 17.21
N ILE B 9 -34.75 -7.90 17.18
CA ILE B 9 -33.39 -7.73 17.69
C ILE B 9 -33.33 -6.85 18.93
N GLY B 10 -32.38 -7.17 19.80
CA GLY B 10 -32.19 -6.41 21.01
C GLY B 10 -30.78 -5.83 20.99
N VAL B 11 -30.60 -4.65 21.57
CA VAL B 11 -29.30 -4.02 21.59
C VAL B 11 -28.71 -4.13 22.98
N MSE B 12 -27.61 -4.88 23.11
CA MSE B 12 -26.95 -5.07 24.39
C MSE B 12 -25.77 -4.14 24.60
O MSE B 12 -24.64 -4.44 24.20
CB MSE B 12 -26.48 -6.52 24.53
CG MSE B 12 -25.81 -6.83 25.86
SE MSE B 12 -26.04 -8.68 26.37
CE MSE B 12 -27.86 -8.57 27.00
N GLY B 13 -26.02 -3.01 25.24
CA GLY B 13 -24.97 -2.02 25.47
C GLY B 13 -25.23 -0.81 24.60
N CYS B 14 -25.58 0.32 25.21
CA CYS B 14 -25.87 1.53 24.46
C CYS B 14 -24.62 2.26 23.97
N ALA B 15 -23.86 1.60 23.09
CA ALA B 15 -22.64 2.15 22.52
C ALA B 15 -23.00 3.15 21.44
N ASP B 16 -22.10 4.10 21.18
CA ASP B 16 -22.35 5.11 20.16
C ASP B 16 -22.51 4.50 18.77
N ILE B 17 -21.83 3.40 18.50
CA ILE B 17 -21.94 2.74 17.20
C ILE B 17 -23.30 2.07 17.04
N ALA B 18 -24.03 1.95 18.14
CA ALA B 18 -25.34 1.32 18.10
C ALA B 18 -26.35 2.23 17.37
N ARG B 19 -26.08 3.52 17.35
CA ARG B 19 -26.97 4.47 16.69
C ARG B 19 -27.06 4.19 15.19
N LYS B 20 -25.89 4.03 14.56
CA LYS B 20 -25.83 3.75 13.14
C LYS B 20 -26.47 2.40 12.81
N VAL B 21 -26.14 1.37 13.58
CA VAL B 21 -26.70 0.04 13.34
C VAL B 21 -28.21 0.00 13.60
N SER B 22 -28.69 0.88 14.47
CA SER B 22 -30.11 0.93 14.73
C SER B 22 -30.85 1.40 13.48
N ARG B 23 -30.26 2.34 12.75
CA ARG B 23 -30.90 2.83 11.53
C ARG B 23 -30.88 1.75 10.46
N ALA B 24 -29.82 0.94 10.51
CA ALA B 24 -29.65 -0.14 9.56
C ALA B 24 -30.65 -1.21 9.93
N ILE B 25 -30.98 -1.30 11.21
CA ILE B 25 -31.93 -2.32 11.63
C ILE B 25 -33.31 -2.19 11.00
N HIS B 26 -33.91 -1.00 10.94
CA HIS B 26 -35.23 -1.00 10.29
C HIS B 26 -35.32 -0.55 8.84
N LEU B 27 -34.19 -0.52 8.15
CA LEU B 27 -34.18 -0.22 6.72
C LEU B 27 -34.21 -1.66 6.18
N ALA B 28 -34.59 -2.56 7.09
CA ALA B 28 -34.69 -4.01 6.89
C ALA B 28 -35.08 -4.52 5.49
N PRO B 29 -36.33 -4.95 5.26
CA PRO B 29 -37.59 -5.09 6.00
C PRO B 29 -37.80 -6.41 6.74
N ASN B 30 -36.72 -7.12 7.04
CA ASN B 30 -36.83 -8.40 7.74
C ASN B 30 -36.28 -8.36 9.16
N ALA B 31 -36.30 -7.19 9.79
CA ALA B 31 -35.79 -7.04 11.15
C ALA B 31 -36.28 -5.72 11.73
N THR B 32 -36.33 -5.63 13.05
CA THR B 32 -36.80 -4.42 13.72
C THR B 32 -36.18 -4.30 15.11
N ILE B 33 -36.36 -3.14 15.75
CA ILE B 33 -35.82 -2.94 17.09
C ILE B 33 -36.87 -3.38 18.10
N SER B 34 -36.57 -4.43 18.85
CA SER B 34 -37.49 -4.95 19.84
C SER B 34 -36.95 -4.89 21.26
N GLY B 35 -35.82 -4.23 21.45
CA GLY B 35 -35.25 -4.15 22.78
C GLY B 35 -33.84 -3.59 22.83
N VAL B 36 -33.50 -3.03 23.99
CA VAL B 36 -32.21 -2.44 24.24
C VAL B 36 -31.91 -2.60 25.72
N ALA B 37 -30.63 -2.73 26.07
CA ALA B 37 -30.23 -2.91 27.46
C ALA B 37 -29.08 -1.99 27.84
N SER B 38 -28.79 -1.94 29.14
CA SER B 38 -27.70 -1.11 29.64
C SER B 38 -27.50 -1.40 31.12
N ARG B 39 -26.25 -1.31 31.57
CA ARG B 39 -25.95 -1.53 32.98
C ARG B 39 -26.82 -0.58 33.79
N SER B 40 -27.29 0.47 33.13
CA SER B 40 -28.14 1.48 33.75
C SER B 40 -29.44 1.68 32.98
N LEU B 41 -30.56 1.54 33.69
CA LEU B 41 -31.87 1.71 33.04
C LEU B 41 -31.96 3.16 32.56
N GLU B 42 -31.38 4.06 33.35
CA GLU B 42 -31.37 5.48 33.04
C GLU B 42 -30.82 5.75 31.64
N LYS B 43 -29.62 5.23 31.40
CA LYS B 43 -28.94 5.41 30.12
C LYS B 43 -29.69 4.70 28.99
N ALA B 44 -30.29 3.55 29.29
CA ALA B 44 -31.03 2.81 28.27
C ALA B 44 -32.28 3.61 27.89
N LYS B 45 -32.97 4.13 28.90
CA LYS B 45 -34.16 4.92 28.69
C LYS B 45 -33.81 6.13 27.82
N ALA B 46 -32.71 6.79 28.19
CA ALA B 46 -32.24 7.96 27.47
C ALA B 46 -31.90 7.59 26.03
N PHE B 47 -31.21 6.45 25.87
CA PHE B 47 -30.80 5.99 24.55
C PHE B 47 -32.00 5.74 23.64
N ALA B 48 -32.96 4.95 24.13
CA ALA B 48 -34.15 4.62 23.35
C ALA B 48 -34.90 5.84 22.82
N THR B 49 -35.01 6.88 23.64
CA THR B 49 -35.71 8.10 23.26
C THR B 49 -34.90 8.91 22.26
N ALA B 50 -33.62 9.11 22.58
CA ALA B 50 -32.73 9.87 21.71
C ALA B 50 -32.74 9.33 20.29
N ASN B 51 -32.57 8.02 20.16
CA ASN B 51 -32.53 7.39 18.85
C ASN B 51 -33.90 6.98 18.34
N ASN B 52 -34.94 7.52 18.99
CA ASN B 52 -36.32 7.28 18.61
C ASN B 52 -36.69 5.82 18.30
N TYR B 53 -36.56 4.95 19.30
CA TYR B 53 -36.92 3.55 19.13
C TYR B 53 -38.44 3.46 19.15
N PRO B 54 -39.01 2.46 18.49
CA PRO B 54 -40.47 2.35 18.48
C PRO B 54 -41.11 2.41 19.87
N GLU B 55 -42.45 2.43 19.91
CA GLU B 55 -43.18 2.51 21.17
C GLU B 55 -43.08 1.29 22.08
N SER B 56 -43.33 0.11 21.53
CA SER B 56 -43.28 -1.12 22.29
C SER B 56 -41.85 -1.63 22.50
N THR B 57 -40.88 -0.72 22.47
CA THR B 57 -39.48 -1.08 22.68
C THR B 57 -39.20 -1.64 24.07
N LYS B 58 -38.98 -2.94 24.17
CA LYS B 58 -38.69 -3.58 25.45
C LYS B 58 -37.41 -2.96 26.02
N ILE B 59 -37.56 -2.19 27.10
CA ILE B 59 -36.43 -1.51 27.72
C ILE B 59 -35.92 -2.21 28.98
N HIS B 60 -34.69 -2.72 28.89
CA HIS B 60 -34.06 -3.45 29.99
C HIS B 60 -33.01 -2.66 30.75
N GLY B 61 -33.05 -2.78 32.08
CA GLY B 61 -32.09 -2.08 32.91
C GLY B 61 -30.87 -2.93 33.23
N SER B 62 -30.68 -4.01 32.48
CA SER B 62 -29.53 -4.89 32.68
C SER B 62 -29.30 -5.79 31.48
N TYR B 63 -28.07 -6.26 31.32
CA TYR B 63 -27.76 -7.15 30.23
C TYR B 63 -28.35 -8.54 30.52
N GLU B 64 -28.15 -9.01 31.75
CA GLU B 64 -28.66 -10.32 32.15
C GLU B 64 -30.15 -10.40 31.84
N SER B 65 -30.87 -9.33 32.13
CA SER B 65 -32.31 -9.28 31.90
C SER B 65 -32.66 -9.36 30.41
N LEU B 66 -31.98 -8.55 29.59
CA LEU B 66 -32.26 -8.55 28.15
C LEU B 66 -32.17 -9.96 27.54
N LEU B 67 -31.17 -10.73 27.95
CA LEU B 67 -31.00 -12.08 27.44
C LEU B 67 -32.18 -12.96 27.82
N GLU B 68 -32.62 -12.83 29.06
CA GLU B 68 -33.73 -13.60 29.60
C GLU B 68 -35.07 -13.21 29.00
N ASP B 69 -35.05 -12.27 28.06
CA ASP B 69 -36.28 -11.80 27.41
C ASP B 69 -36.69 -12.79 26.32
N PRO B 70 -37.73 -13.58 26.56
CA PRO B 70 -38.20 -14.57 25.59
C PRO B 70 -38.80 -14.03 24.29
N GLU B 71 -39.18 -12.75 24.25
CA GLU B 71 -39.76 -12.18 23.04
C GLU B 71 -38.74 -11.51 22.10
N ILE B 72 -37.45 -11.79 22.33
CA ILE B 72 -36.36 -11.25 21.54
C ILE B 72 -35.67 -12.35 20.74
N ASP B 73 -35.66 -12.21 19.42
CA ASP B 73 -35.03 -13.20 18.56
C ASP B 73 -33.49 -13.16 18.58
N ALA B 74 -32.91 -12.03 18.19
CA ALA B 74 -31.45 -11.92 18.15
C ALA B 74 -30.89 -10.66 18.80
N LEU B 75 -29.57 -10.63 18.96
CA LEU B 75 -28.90 -9.51 19.58
C LEU B 75 -27.74 -8.93 18.77
N TYR B 76 -27.51 -7.63 18.97
CA TYR B 76 -26.43 -6.89 18.35
C TYR B 76 -25.60 -6.49 19.56
N VAL B 77 -24.35 -6.95 19.62
CA VAL B 77 -23.52 -6.68 20.78
C VAL B 77 -22.31 -5.78 20.54
N PRO B 78 -22.47 -4.47 20.76
CA PRO B 78 -21.37 -3.51 20.56
C PRO B 78 -20.55 -3.35 21.83
N LEU B 79 -20.51 -4.39 22.66
CA LEU B 79 -19.77 -4.35 23.91
C LEU B 79 -18.26 -4.32 23.71
N PRO B 80 -17.51 -3.80 24.71
CA PRO B 80 -16.05 -3.75 24.60
C PRO B 80 -15.55 -5.15 24.30
N THR B 81 -14.41 -5.25 23.63
CA THR B 81 -13.81 -6.52 23.25
C THR B 81 -13.66 -7.51 24.42
N SER B 82 -13.19 -7.00 25.56
CA SER B 82 -12.97 -7.83 26.74
C SER B 82 -14.22 -8.47 27.37
N LEU B 83 -15.41 -8.01 27.00
CA LEU B 83 -16.64 -8.57 27.56
C LEU B 83 -17.31 -9.59 26.63
N HIS B 84 -16.78 -9.74 25.42
CA HIS B 84 -17.40 -10.66 24.47
C HIS B 84 -17.52 -12.13 24.91
N VAL B 85 -16.40 -12.73 25.29
CA VAL B 85 -16.40 -14.12 25.68
C VAL B 85 -17.40 -14.46 26.79
N GLU B 86 -17.69 -13.51 27.67
CA GLU B 86 -18.65 -13.77 28.74
C GLU B 86 -20.11 -13.64 28.31
N TRP B 87 -20.43 -12.54 27.62
CA TRP B 87 -21.81 -12.31 27.19
C TRP B 87 -22.21 -12.89 25.84
N ALA B 88 -21.24 -13.32 25.04
CA ALA B 88 -21.56 -13.94 23.76
C ALA B 88 -21.91 -15.40 24.09
N ILE B 89 -21.37 -15.88 25.20
CA ILE B 89 -21.61 -17.24 25.64
C ILE B 89 -22.95 -17.33 26.39
N LYS B 90 -23.17 -16.40 27.30
CA LYS B 90 -24.43 -16.38 28.03
C LYS B 90 -25.58 -16.17 27.06
N ALA B 91 -25.39 -15.26 26.10
CA ALA B 91 -26.42 -14.96 25.10
C ALA B 91 -26.77 -16.20 24.28
N ALA B 92 -25.75 -16.92 23.83
CA ALA B 92 -25.98 -18.14 23.05
C ALA B 92 -26.79 -19.11 23.89
N GLU B 93 -26.47 -19.16 25.18
CA GLU B 93 -27.16 -20.06 26.11
C GLU B 93 -28.63 -19.72 26.35
N LYS B 94 -29.04 -18.50 25.98
CA LYS B 94 -30.42 -18.10 26.16
C LYS B 94 -31.21 -18.07 24.86
N GLY B 95 -30.69 -18.74 23.84
CA GLY B 95 -31.36 -18.78 22.56
C GLY B 95 -31.27 -17.48 21.78
N LYS B 96 -30.26 -16.67 22.09
CA LYS B 96 -30.08 -15.40 21.40
C LYS B 96 -29.00 -15.50 20.33
N HIS B 97 -29.39 -15.27 19.08
CA HIS B 97 -28.44 -15.31 17.96
C HIS B 97 -27.48 -14.14 18.21
N ILE B 98 -26.40 -14.03 17.44
CA ILE B 98 -25.47 -12.95 17.72
C ILE B 98 -24.82 -12.17 16.58
N LEU B 99 -24.91 -10.85 16.67
CA LEU B 99 -24.28 -9.94 15.73
C LEU B 99 -23.24 -9.30 16.66
N LEU B 100 -22.06 -9.91 16.70
CA LEU B 100 -20.96 -9.47 17.56
C LEU B 100 -20.03 -8.46 16.90
N GLU B 101 -19.79 -7.34 17.58
CA GLU B 101 -18.92 -6.30 17.05
C GLU B 101 -17.49 -6.78 16.93
N LYS B 102 -16.78 -6.22 15.95
CA LYS B 102 -15.39 -6.58 15.74
C LYS B 102 -14.51 -5.68 16.61
N PRO B 103 -13.36 -6.19 17.08
CA PRO B 103 -12.90 -7.57 16.82
C PRO B 103 -13.78 -8.49 17.68
N VAL B 104 -13.99 -9.73 17.22
CA VAL B 104 -14.83 -10.65 17.97
C VAL B 104 -14.36 -11.04 19.36
N ALA B 105 -13.05 -11.02 19.62
CA ALA B 105 -12.54 -11.39 20.94
C ALA B 105 -11.07 -11.02 21.15
N MSE B 106 -10.60 -11.14 22.38
CA MSE B 106 -9.21 -10.83 22.71
C MSE B 106 -8.24 -11.83 22.08
O MSE B 106 -7.04 -11.57 22.00
CB MSE B 106 -9.01 -10.82 24.24
CG MSE B 106 -9.84 -9.78 24.98
SE MSE B 106 -9.43 -7.93 24.52
CE MSE B 106 -7.81 -7.71 25.57
N ASN B 107 -8.76 -12.99 21.65
CA ASN B 107 -7.94 -14.01 20.99
C ASN B 107 -8.82 -15.14 20.45
N VAL B 108 -8.27 -15.90 19.50
CA VAL B 108 -8.98 -16.99 18.86
C VAL B 108 -9.47 -18.09 19.80
N THR B 109 -8.76 -18.32 20.90
CA THR B 109 -9.17 -19.36 21.85
C THR B 109 -10.52 -18.96 22.45
N GLU B 110 -10.62 -17.71 22.90
CA GLU B 110 -11.85 -17.22 23.48
C GLU B 110 -12.93 -17.21 22.42
N PHE B 111 -12.54 -16.96 21.17
CA PHE B 111 -13.53 -16.92 20.10
C PHE B 111 -14.02 -18.30 19.72
N ASP B 112 -13.17 -19.32 19.90
CA ASP B 112 -13.59 -20.68 19.57
C ASP B 112 -14.72 -21.05 20.51
N LYS B 113 -14.55 -20.71 21.78
CA LYS B 113 -15.57 -21.01 22.78
C LYS B 113 -16.89 -20.38 22.36
N ILE B 114 -16.89 -19.07 22.14
CA ILE B 114 -18.08 -18.35 21.72
C ILE B 114 -18.77 -19.10 20.57
N VAL B 115 -17.97 -19.48 19.56
CA VAL B 115 -18.48 -20.20 18.40
C VAL B 115 -19.06 -21.56 18.76
N ASP B 116 -18.34 -22.33 19.57
CA ASP B 116 -18.83 -23.65 19.98
C ASP B 116 -20.09 -23.52 20.84
N ALA B 117 -20.24 -22.36 21.49
CA ALA B 117 -21.43 -22.14 22.30
C ALA B 117 -22.59 -21.92 21.35
N CYS B 118 -22.39 -21.04 20.36
CA CYS B 118 -23.44 -20.76 19.38
C CYS B 118 -23.83 -22.02 18.60
N GLU B 119 -22.84 -22.77 18.14
CA GLU B 119 -23.09 -24.01 17.39
C GLU B 119 -23.91 -24.95 18.27
N ALA B 120 -23.47 -25.08 19.52
CA ALA B 120 -24.13 -25.95 20.49
C ALA B 120 -25.60 -25.56 20.67
N ASN B 121 -25.97 -24.37 20.24
CA ASN B 121 -27.36 -23.93 20.38
C ASN B 121 -28.02 -23.64 19.03
N GLY B 122 -27.33 -23.98 17.95
CA GLY B 122 -27.87 -23.77 16.63
C GLY B 122 -27.96 -22.34 16.11
N VAL B 123 -28.09 -21.37 17.01
CA VAL B 123 -28.19 -19.97 16.60
C VAL B 123 -27.08 -19.56 15.66
N GLN B 124 -27.26 -18.40 15.04
CA GLN B 124 -26.28 -17.85 14.11
C GLN B 124 -25.46 -16.77 14.79
N ILE B 125 -24.19 -16.66 14.40
CA ILE B 125 -23.31 -15.62 14.94
C ILE B 125 -22.63 -14.95 13.75
N MSE B 126 -22.44 -13.65 13.85
CA MSE B 126 -21.79 -12.87 12.80
C MSE B 126 -21.09 -11.67 13.44
O MSE B 126 -21.52 -11.21 14.49
CB MSE B 126 -22.83 -12.40 11.78
CG MSE B 126 -22.25 -11.64 10.60
SE MSE B 126 -23.58 -11.00 9.35
CE MSE B 126 -24.11 -12.71 8.60
N ASP B 127 -20.03 -11.17 12.81
CA ASP B 127 -19.34 -10.02 13.36
C ASP B 127 -19.81 -8.74 12.67
N GLY B 128 -19.44 -7.59 13.22
CA GLY B 128 -19.88 -6.33 12.65
C GLY B 128 -19.22 -5.77 11.40
N THR B 129 -18.37 -6.56 10.74
CA THR B 129 -17.70 -6.09 9.52
C THR B 129 -18.75 -5.78 8.45
N MSE B 130 -19.01 -4.48 8.25
CA MSE B 130 -20.02 -4.01 7.30
C MSE B 130 -19.67 -4.04 5.81
O MSE B 130 -20.44 -4.53 4.99
CB MSE B 130 -20.42 -2.59 7.67
CG MSE B 130 -20.23 -2.23 9.14
SE MSE B 130 -20.82 -0.42 9.48
CE MSE B 130 -21.04 -0.49 11.41
N TRP B 131 -18.50 -3.51 5.46
CA TRP B 131 -18.09 -3.41 4.05
C TRP B 131 -18.17 -4.70 3.23
N VAL B 132 -18.26 -5.85 3.89
CA VAL B 132 -18.31 -7.11 3.16
C VAL B 132 -19.72 -7.38 2.64
N HIS B 133 -20.68 -6.56 3.06
CA HIS B 133 -22.05 -6.72 2.60
C HIS B 133 -22.41 -5.75 1.47
N ASN B 134 -21.54 -4.77 1.23
CA ASN B 134 -21.77 -3.78 0.18
C ASN B 134 -21.72 -4.47 -1.19
N PRO B 135 -22.80 -4.33 -1.99
CA PRO B 135 -22.81 -4.97 -3.31
C PRO B 135 -21.47 -4.85 -4.06
N ARG B 136 -20.87 -3.67 -3.99
CA ARG B 136 -19.58 -3.43 -4.65
C ARG B 136 -18.64 -4.61 -4.40
N THR B 137 -18.58 -5.04 -3.15
CA THR B 137 -17.71 -6.14 -2.74
C THR B 137 -17.96 -7.41 -3.56
N ALA B 138 -19.18 -7.58 -4.08
CA ALA B 138 -19.47 -8.74 -4.91
C ALA B 138 -18.69 -8.62 -6.22
N LEU B 139 -18.60 -7.40 -6.72
CA LEU B 139 -17.86 -7.13 -7.95
C LEU B 139 -16.34 -7.15 -7.70
N LEU B 140 -15.90 -6.70 -6.53
CA LEU B 140 -14.48 -6.71 -6.19
C LEU B 140 -14.01 -8.18 -6.27
N LYS B 141 -14.66 -9.05 -5.49
CA LYS B 141 -14.31 -10.46 -5.49
C LYS B 141 -14.50 -11.04 -6.88
N GLU B 142 -15.45 -10.47 -7.62
CA GLU B 142 -15.73 -10.92 -8.97
C GLU B 142 -14.53 -10.60 -9.89
N PHE B 143 -14.00 -9.39 -9.76
CA PHE B 143 -12.86 -8.98 -10.56
C PHE B 143 -11.61 -9.79 -10.21
N LEU B 144 -11.40 -10.02 -8.92
CA LEU B 144 -10.24 -10.78 -8.46
C LEU B 144 -10.38 -12.26 -8.81
N SER B 145 -11.61 -12.71 -9.05
CA SER B 145 -11.88 -14.11 -9.40
C SER B 145 -11.60 -14.44 -10.86
N ASP B 146 -11.68 -13.44 -11.73
CA ASP B 146 -11.45 -13.64 -13.16
C ASP B 146 -9.96 -13.74 -13.44
N SER B 147 -9.54 -14.88 -13.98
CA SER B 147 -8.14 -15.13 -14.28
C SER B 147 -7.66 -14.50 -15.58
N GLU B 148 -8.53 -13.76 -16.24
CA GLU B 148 -8.15 -13.11 -17.50
C GLU B 148 -8.03 -11.60 -17.34
N ARG B 149 -8.79 -11.03 -16.40
CA ARG B 149 -8.78 -9.60 -16.16
C ARG B 149 -7.82 -9.24 -15.01
N PHE B 150 -7.55 -10.21 -14.14
CA PHE B 150 -6.68 -10.01 -12.99
C PHE B 150 -5.57 -11.06 -12.95
N GLY B 151 -5.94 -12.32 -13.14
CA GLY B 151 -4.97 -13.40 -13.12
C GLY B 151 -4.70 -13.95 -11.71
N GLN B 152 -3.51 -14.51 -11.53
CA GLN B 152 -3.12 -15.05 -10.23
C GLN B 152 -2.68 -13.90 -9.31
N LEU B 153 -3.14 -13.94 -8.06
CA LEU B 153 -2.81 -12.91 -7.08
C LEU B 153 -1.32 -12.91 -6.73
N LYS B 154 -0.79 -11.73 -6.47
CA LYS B 154 0.62 -11.58 -6.13
C LYS B 154 0.75 -10.73 -4.86
N THR B 155 0.13 -9.56 -4.87
CA THR B 155 0.19 -8.69 -3.72
C THR B 155 -1.15 -7.98 -3.49
N VAL B 156 -1.49 -7.77 -2.24
CA VAL B 156 -2.73 -7.08 -1.91
C VAL B 156 -2.55 -6.29 -0.62
N GLN B 157 -1.94 -5.11 -0.76
CA GLN B 157 -1.69 -4.22 0.37
C GLN B 157 -2.95 -3.47 0.81
N SER B 158 -3.10 -3.30 2.12
CA SER B 158 -4.25 -2.59 2.65
C SER B 158 -3.94 -1.95 4.00
N CYS B 159 -4.64 -0.86 4.31
CA CYS B 159 -4.39 -0.19 5.57
C CYS B 159 -5.56 0.67 6.00
N PHE B 160 -5.58 1.03 7.27
CA PHE B 160 -6.62 1.90 7.81
C PHE B 160 -6.05 2.83 8.89
N SER B 161 -6.35 4.12 8.73
CA SER B 161 -5.90 5.13 9.67
C SER B 161 -6.94 6.24 9.77
N PHE B 162 -6.87 6.97 10.88
CA PHE B 162 -7.77 8.11 11.12
C PHE B 162 -7.15 8.96 12.22
N ALA B 163 -7.50 10.24 12.26
CA ALA B 163 -6.91 11.13 13.26
C ALA B 163 -7.71 11.22 14.54
N GLY B 164 -7.17 10.66 15.61
CA GLY B 164 -7.84 10.70 16.90
C GLY B 164 -7.33 11.87 17.71
N ASP B 165 -8.24 12.76 18.10
CA ASP B 165 -7.86 13.93 18.89
C ASP B 165 -7.36 13.52 20.27
N GLU B 166 -6.79 14.48 21.00
CA GLU B 166 -6.26 14.23 22.34
C GLU B 166 -7.33 13.62 23.24
N ASP B 167 -8.58 13.97 22.99
CA ASP B 167 -9.69 13.42 23.77
C ASP B 167 -9.83 11.92 23.52
N PHE B 168 -9.63 11.51 22.27
CA PHE B 168 -9.74 10.11 21.91
C PHE B 168 -8.54 9.35 22.47
N LEU B 169 -7.35 9.87 22.24
CA LEU B 169 -6.12 9.23 22.71
C LEU B 169 -6.08 8.98 24.21
N LYS B 170 -6.92 9.67 24.96
CA LYS B 170 -6.92 9.49 26.42
C LYS B 170 -8.12 8.73 27.00
N ASN B 171 -9.29 8.88 26.41
CA ASN B 171 -10.48 8.23 26.97
C ASN B 171 -11.14 7.07 26.24
N ASP B 172 -10.95 6.97 24.93
CA ASP B 172 -11.58 5.91 24.16
C ASP B 172 -11.21 4.52 24.67
N ILE B 173 -12.18 3.60 24.63
CA ILE B 173 -11.95 2.24 25.08
C ILE B 173 -10.90 1.51 24.26
N ARG B 174 -10.61 2.04 23.07
CA ARG B 174 -9.62 1.41 22.18
C ARG B 174 -8.18 1.61 22.63
N VAL B 175 -7.98 2.35 23.71
CA VAL B 175 -6.63 2.56 24.21
C VAL B 175 -6.55 1.96 25.60
N LYS B 176 -7.66 1.35 26.01
CA LYS B 176 -7.78 0.71 27.31
C LYS B 176 -7.56 -0.80 27.22
N PRO B 177 -6.41 -1.28 27.74
CA PRO B 177 -6.05 -2.70 27.72
C PRO B 177 -7.04 -3.63 28.41
N GLY B 178 -7.90 -3.06 29.24
CA GLY B 178 -8.89 -3.86 29.96
C GLY B 178 -10.16 -4.10 29.18
N LEU B 179 -10.49 -3.22 28.24
CA LEU B 179 -11.70 -3.36 27.43
C LEU B 179 -11.30 -3.74 26.00
N ASP B 180 -11.27 -2.77 25.10
CA ASP B 180 -10.86 -3.03 23.72
C ASP B 180 -9.34 -2.91 23.71
N GLY B 181 -8.68 -3.88 24.36
CA GLY B 181 -7.24 -3.87 24.47
C GLY B 181 -6.37 -4.17 23.26
N LEU B 182 -6.98 -4.47 22.12
CA LEU B 182 -6.19 -4.77 20.93
C LEU B 182 -5.76 -3.50 20.21
N GLY B 183 -6.34 -2.38 20.62
CA GLY B 183 -5.98 -1.11 20.03
C GLY B 183 -6.27 -0.93 18.55
N ALA B 184 -5.29 -0.37 17.84
CA ALA B 184 -5.41 -0.11 16.40
C ALA B 184 -5.46 -1.40 15.58
N LEU B 185 -4.82 -2.46 16.08
CA LEU B 185 -4.79 -3.74 15.38
C LEU B 185 -6.18 -4.35 15.28
N GLY B 186 -6.84 -4.49 16.42
CA GLY B 186 -8.17 -5.07 16.45
C GLY B 186 -9.26 -4.14 15.92
N ASP B 187 -9.05 -2.83 16.00
CA ASP B 187 -10.02 -1.86 15.55
C ASP B 187 -9.83 -1.46 14.10
N ALA B 188 -8.57 -1.29 13.71
CA ALA B 188 -8.24 -0.90 12.35
C ALA B 188 -7.58 -2.03 11.55
N GLY B 189 -6.52 -2.62 12.08
CA GLY B 189 -5.84 -3.70 11.39
C GLY B 189 -6.86 -4.73 10.91
N TRP B 190 -7.79 -5.07 11.81
CA TRP B 190 -8.87 -6.02 11.51
C TRP B 190 -9.34 -5.89 10.06
N TYR B 191 -9.68 -4.66 9.67
CA TYR B 191 -10.18 -4.38 8.33
C TYR B 191 -9.15 -4.65 7.24
N ALA B 192 -7.90 -4.28 7.50
CA ALA B 192 -6.83 -4.48 6.54
C ALA B 192 -6.56 -5.97 6.35
N ILE B 193 -6.88 -6.75 7.38
CA ILE B 193 -6.68 -8.18 7.34
C ILE B 193 -7.81 -8.87 6.57
N ARG B 194 -9.05 -8.44 6.83
CA ARG B 194 -10.21 -9.05 6.16
C ARG B 194 -10.04 -8.92 4.66
N ALA B 195 -9.60 -7.74 4.23
CA ALA B 195 -9.40 -7.49 2.82
C ALA B 195 -8.33 -8.39 2.21
N THR B 196 -7.17 -8.51 2.87
CA THR B 196 -6.13 -9.36 2.31
C THR B 196 -6.62 -10.80 2.32
N LEU B 197 -7.32 -11.20 3.38
CA LEU B 197 -7.83 -12.55 3.46
C LEU B 197 -8.80 -12.78 2.32
N LEU B 198 -9.78 -11.88 2.19
CA LEU B 198 -10.78 -12.00 1.13
C LEU B 198 -10.12 -12.09 -0.25
N ALA B 199 -9.16 -11.21 -0.51
CA ALA B 199 -8.45 -11.20 -1.78
C ALA B 199 -7.78 -12.54 -2.05
N ASN B 200 -7.47 -13.27 -0.99
CA ASN B 200 -6.79 -14.56 -1.12
C ASN B 200 -7.75 -15.73 -0.98
N ASN B 201 -8.96 -15.53 -1.50
CA ASN B 201 -10.01 -16.53 -1.46
C ASN B 201 -10.16 -17.19 -0.09
N PHE B 202 -10.03 -16.38 0.96
CA PHE B 202 -10.19 -16.83 2.34
C PHE B 202 -9.11 -17.78 2.81
N GLU B 203 -8.00 -17.83 2.08
CA GLU B 203 -6.90 -18.71 2.47
C GLU B 203 -6.07 -17.99 3.54
N LEU B 204 -5.60 -18.75 4.52
CA LEU B 204 -4.79 -18.17 5.58
C LEU B 204 -3.35 -18.03 5.08
N PRO B 205 -2.59 -17.06 5.63
CA PRO B 205 -1.21 -16.96 5.13
C PRO B 205 -0.44 -18.10 5.79
N LYS B 206 0.80 -18.32 5.36
CA LYS B 206 1.61 -19.38 5.96
C LYS B 206 2.32 -18.77 7.15
N THR B 207 2.77 -17.52 6.99
CA THR B 207 3.49 -16.83 8.06
C THR B 207 3.10 -15.38 8.14
N VAL B 208 3.48 -14.74 9.25
CA VAL B 208 3.19 -13.34 9.51
C VAL B 208 4.39 -12.68 10.20
N THR B 209 4.65 -11.42 9.90
CA THR B 209 5.77 -10.70 10.52
C THR B 209 5.40 -9.21 10.62
N ALA B 210 5.46 -8.66 11.83
CA ALA B 210 5.11 -7.24 12.02
C ALA B 210 6.25 -6.31 11.62
N PHE B 211 5.93 -5.08 11.24
CA PHE B 211 6.98 -4.12 10.88
C PHE B 211 7.56 -3.52 12.15
N PRO B 212 8.89 -3.45 12.25
CA PRO B 212 9.42 -2.87 13.48
C PRO B 212 8.99 -1.42 13.52
N GLY B 213 8.72 -0.89 14.71
CA GLY B 213 8.31 0.49 14.83
C GLY B 213 6.86 0.74 15.19
N ALA B 214 6.18 -0.26 15.71
CA ALA B 214 4.79 -0.07 16.10
C ALA B 214 4.77 0.95 17.25
N VAL B 215 3.77 1.84 17.25
CA VAL B 215 3.64 2.84 18.31
C VAL B 215 2.69 2.36 19.40
N LEU B 216 3.22 2.20 20.62
CA LEU B 216 2.43 1.75 21.75
C LEU B 216 2.22 2.90 22.74
N ASN B 217 1.05 2.94 23.39
CA ASN B 217 0.81 3.99 24.37
C ASN B 217 1.40 3.52 25.71
N GLU B 218 1.53 4.42 26.67
CA GLU B 218 2.08 4.08 27.97
C GLU B 218 1.52 2.78 28.57
N ALA B 219 0.23 2.54 28.37
CA ALA B 219 -0.42 1.34 28.89
C ALA B 219 -0.17 0.10 28.03
N GLY B 220 0.61 0.25 26.96
CA GLY B 220 0.92 -0.88 26.09
C GLY B 220 -0.14 -1.18 25.05
N VAL B 221 -1.03 -0.21 24.80
CA VAL B 221 -2.08 -0.37 23.81
C VAL B 221 -1.61 0.14 22.44
N ILE B 222 -1.80 -0.70 21.41
CA ILE B 222 -1.40 -0.38 20.05
C ILE B 222 -2.12 0.82 19.43
N LEU B 223 -1.35 1.84 19.04
CA LEU B 223 -1.92 3.03 18.40
C LEU B 223 -1.66 2.97 16.90
N SER B 224 -0.67 2.18 16.49
CA SER B 224 -0.34 2.03 15.08
C SER B 224 0.59 0.84 14.88
N CYS B 225 0.48 0.17 13.75
CA CYS B 225 1.34 -0.97 13.46
C CYS B 225 1.21 -1.41 12.01
N GLY B 226 2.06 -2.34 11.59
CA GLY B 226 2.02 -2.86 10.23
C GLY B 226 2.47 -4.31 10.17
N ALA B 227 2.40 -4.92 8.99
CA ALA B 227 2.82 -6.32 8.86
C ALA B 227 2.71 -6.89 7.46
N SER B 228 3.62 -7.78 7.11
CA SER B 228 3.60 -8.45 5.81
C SER B 228 3.20 -9.88 6.07
N LEU B 229 2.29 -10.42 5.25
CA LEU B 229 1.85 -11.82 5.41
C LEU B 229 2.46 -12.61 4.24
N SER B 230 2.67 -13.91 4.43
CA SER B 230 3.28 -14.70 3.36
C SER B 230 2.65 -16.07 3.14
N TRP B 231 2.47 -16.44 1.88
CA TRP B 231 1.89 -17.73 1.53
C TRP B 231 2.93 -18.71 0.97
N GLU B 232 4.19 -18.28 0.94
CA GLU B 232 5.26 -19.15 0.43
C GLU B 232 4.88 -19.75 -0.93
N ASP B 233 4.14 -18.97 -1.70
CA ASP B 233 3.69 -19.36 -3.04
C ASP B 233 4.11 -18.25 -3.99
N GLY B 234 4.47 -17.12 -3.40
CA GLY B 234 4.85 -15.97 -4.19
C GLY B 234 3.81 -14.89 -3.94
N ARG B 235 2.74 -15.27 -3.26
CA ARG B 235 1.67 -14.34 -2.89
C ARG B 235 2.10 -13.66 -1.59
N THR B 236 1.88 -12.36 -1.50
CA THR B 236 2.24 -11.62 -0.29
C THR B 236 1.33 -10.42 -0.12
N ALA B 237 1.21 -9.95 1.12
CA ALA B 237 0.38 -8.80 1.40
C ALA B 237 0.88 -8.02 2.60
N THR B 238 0.36 -6.81 2.77
CA THR B 238 0.72 -6.00 3.91
C THR B 238 -0.47 -5.22 4.47
N ILE B 239 -0.53 -5.10 5.79
CA ILE B 239 -1.60 -4.35 6.41
C ILE B 239 -0.98 -3.27 7.29
N TYR B 240 -1.66 -2.13 7.40
CA TYR B 240 -1.19 -1.04 8.24
C TYR B 240 -2.40 -0.37 8.90
N CYS B 241 -2.24 0.00 10.17
CA CYS B 241 -3.31 0.64 10.92
C CYS B 241 -2.79 1.67 11.90
N SER B 242 -3.49 2.81 12.01
CA SER B 242 -3.04 3.85 12.94
C SER B 242 -4.14 4.78 13.41
N PHE B 243 -3.93 5.30 14.61
CA PHE B 243 -4.84 6.26 15.25
C PHE B 243 -4.20 7.65 15.18
N LEU B 244 -3.06 7.72 14.51
CA LEU B 244 -2.30 8.96 14.40
C LEU B 244 -2.16 9.45 12.97
N ALA B 245 -2.91 8.87 12.03
CA ALA B 245 -2.78 9.28 10.65
C ALA B 245 -4.12 9.63 10.01
N ASN B 246 -4.11 10.65 9.17
CA ASN B 246 -5.33 11.10 8.49
C ASN B 246 -6.15 9.89 8.00
N LEU B 247 -7.46 10.07 7.90
CA LEU B 247 -8.36 9.00 7.47
C LEU B 247 -7.92 8.29 6.18
N THR B 248 -7.10 7.26 6.34
CA THR B 248 -6.62 6.49 5.19
C THR B 248 -7.17 5.07 5.27
N MSE B 249 -7.72 4.57 4.17
CA MSE B 249 -8.27 3.22 4.14
C MSE B 249 -8.12 2.64 2.74
O MSE B 249 -9.08 2.57 1.97
CB MSE B 249 -9.74 3.21 4.56
CG MSE B 249 -10.61 4.23 3.85
SE MSE B 249 -12.49 4.13 4.31
CE MSE B 249 -12.38 4.56 6.19
N GLU B 250 -6.90 2.22 2.41
CA GLU B 250 -6.64 1.67 1.09
C GLU B 250 -6.64 0.15 0.97
N ILE B 251 -6.87 -0.29 -0.26
CA ILE B 251 -6.84 -1.69 -0.65
C ILE B 251 -6.21 -1.69 -2.03
N THR B 252 -5.05 -2.32 -2.15
CA THR B 252 -4.38 -2.42 -3.44
C THR B 252 -4.05 -3.90 -3.68
N ALA B 253 -4.69 -4.48 -4.69
CA ALA B 253 -4.47 -5.88 -5.03
C ALA B 253 -3.96 -5.99 -6.46
N ILE B 254 -2.77 -6.56 -6.63
CA ILE B 254 -2.17 -6.69 -7.96
C ILE B 254 -1.97 -8.11 -8.42
N GLY B 255 -2.52 -8.42 -9.60
CA GLY B 255 -2.38 -9.75 -10.16
C GLY B 255 -1.51 -9.74 -11.39
N THR B 256 -1.55 -10.83 -12.15
CA THR B 256 -0.75 -10.96 -13.38
C THR B 256 -1.37 -10.25 -14.58
N LYS B 257 -2.69 -10.06 -14.54
CA LYS B 257 -3.40 -9.43 -15.65
C LYS B 257 -3.96 -8.05 -15.34
N GLY B 258 -4.07 -7.73 -14.05
CA GLY B 258 -4.61 -6.44 -13.66
C GLY B 258 -4.36 -6.07 -12.22
N THR B 259 -5.19 -5.17 -11.69
CA THR B 259 -5.05 -4.71 -10.32
C THR B 259 -6.28 -3.92 -9.88
N LEU B 260 -6.83 -4.26 -8.73
CA LEU B 260 -8.01 -3.59 -8.19
C LEU B 260 -7.67 -2.37 -7.37
N ARG B 261 -8.55 -1.36 -7.39
CA ARG B 261 -8.30 -0.15 -6.61
C ARG B 261 -9.53 0.49 -5.99
N VAL B 262 -9.52 0.52 -4.66
CA VAL B 262 -10.60 1.14 -3.89
C VAL B 262 -9.99 1.89 -2.71
N HIS B 263 -10.38 3.16 -2.57
CA HIS B 263 -9.86 4.03 -1.51
C HIS B 263 -10.86 4.35 -0.39
N ASP B 264 -12.03 3.72 -0.43
CA ASP B 264 -13.04 3.95 0.59
C ASP B 264 -13.70 2.61 0.88
N PHE B 265 -12.87 1.58 1.05
CA PHE B 265 -13.36 0.22 1.26
C PHE B 265 -14.08 -0.06 2.58
N ILE B 266 -13.79 0.72 3.62
CA ILE B 266 -14.44 0.50 4.92
C ILE B 266 -15.76 1.29 5.07
N ILE B 267 -15.73 2.54 4.61
CA ILE B 267 -16.89 3.42 4.67
C ILE B 267 -16.85 4.16 3.33
N PRO B 268 -17.80 3.87 2.45
CA PRO B 268 -17.80 4.56 1.14
C PRO B 268 -17.91 6.06 1.32
N TYR B 269 -17.52 6.81 0.29
CA TYR B 269 -17.61 8.27 0.35
C TYR B 269 -19.06 8.65 0.64
N LYS B 270 -19.99 8.06 -0.10
CA LYS B 270 -21.42 8.29 0.07
C LYS B 270 -22.06 6.96 0.45
N GLU B 271 -23.00 6.97 1.38
CA GLU B 271 -23.67 5.72 1.78
C GLU B 271 -24.56 5.24 0.65
N THR B 272 -24.77 6.10 -0.33
CA THR B 272 -25.61 5.78 -1.48
C THR B 272 -24.79 5.50 -2.73
N GLU B 273 -23.55 5.03 -2.56
CA GLU B 273 -22.71 4.78 -3.73
C GLU B 273 -21.30 4.30 -3.38
N ALA B 274 -20.73 3.48 -4.26
CA ALA B 274 -19.37 2.94 -4.09
C ALA B 274 -18.71 2.72 -5.45
N SER B 275 -17.39 2.86 -5.50
CA SER B 275 -16.64 2.67 -6.75
C SER B 275 -15.42 1.76 -6.62
N PHE B 276 -14.75 1.53 -7.75
CA PHE B 276 -13.53 0.72 -7.80
C PHE B 276 -12.88 0.87 -9.17
N THR B 277 -11.55 0.95 -9.20
CA THR B 277 -10.82 1.13 -10.43
C THR B 277 -9.85 -0.02 -10.71
N THR B 278 -9.39 -0.12 -11.95
CA THR B 278 -8.47 -1.18 -12.37
C THR B 278 -8.01 -1.02 -13.83
N SER B 279 -6.94 -1.74 -14.19
CA SER B 279 -6.38 -1.66 -15.54
C SER B 279 -5.78 -3.01 -15.95
N THR B 280 -6.55 -3.82 -16.66
CA THR B 280 -6.08 -5.13 -17.11
C THR B 280 -5.01 -5.03 -18.21
N LYS B 281 -3.89 -5.72 -17.99
CA LYS B 281 -2.79 -5.72 -18.95
C LYS B 281 -2.36 -4.30 -19.34
N ALA B 282 -2.01 -3.49 -18.33
CA ALA B 282 -1.58 -2.12 -18.60
C ALA B 282 -0.15 -2.06 -19.12
N TRP B 283 0.08 -1.21 -20.10
CA TRP B 283 1.43 -1.09 -20.65
C TRP B 283 1.67 0.32 -21.15
N PHE B 284 2.88 0.54 -21.67
CA PHE B 284 3.27 1.84 -22.20
C PHE B 284 3.36 1.68 -23.73
N ASN B 285 3.36 2.80 -24.45
CA ASN B 285 3.50 2.75 -25.89
C ASN B 285 4.98 2.45 -26.18
N ASP B 286 5.30 2.12 -27.43
CA ASP B 286 6.67 1.78 -27.83
C ASP B 286 7.77 2.61 -27.17
N LEU B 287 7.57 3.92 -27.13
CA LEU B 287 8.58 4.83 -26.57
C LEU B 287 8.47 5.09 -25.06
N VAL B 288 7.51 4.42 -24.43
CA VAL B 288 7.28 4.57 -22.98
C VAL B 288 7.12 6.03 -22.57
N THR B 289 6.38 6.80 -23.38
CA THR B 289 6.13 8.20 -23.10
C THR B 289 4.66 8.38 -22.77
N ALA B 290 3.97 7.25 -22.66
CA ALA B 290 2.54 7.22 -22.34
C ALA B 290 2.06 5.79 -22.14
N TRP B 291 1.10 5.61 -21.21
CA TRP B 291 0.50 4.31 -20.94
C TRP B 291 -0.37 4.04 -22.17
N VAL B 292 -0.55 2.78 -22.53
CA VAL B 292 -1.38 2.46 -23.69
C VAL B 292 -2.86 2.41 -23.31
N SER B 293 -3.14 2.69 -22.04
CA SER B 293 -4.50 2.68 -21.50
C SER B 293 -4.53 2.73 -19.96
N PRO B 294 -4.88 3.89 -19.38
CA PRO B 294 -4.93 4.05 -17.92
C PRO B 294 -6.04 3.20 -17.26
N PRO B 295 -6.09 3.19 -15.91
CA PRO B 295 -7.10 2.43 -15.19
C PRO B 295 -8.53 2.88 -15.51
N SER B 296 -9.51 2.09 -15.06
CA SER B 296 -10.92 2.39 -15.29
C SER B 296 -11.69 2.53 -13.96
N GLU B 297 -12.26 3.71 -13.73
CA GLU B 297 -13.03 3.92 -12.51
C GLU B 297 -14.48 3.48 -12.78
N HIS B 298 -14.82 2.29 -12.31
CA HIS B 298 -16.15 1.73 -12.49
C HIS B 298 -16.93 1.85 -11.19
N THR B 299 -18.11 2.45 -11.27
CA THR B 299 -18.95 2.61 -10.09
C THR B 299 -20.37 2.13 -10.29
N VAL B 300 -20.79 1.21 -9.43
CA VAL B 300 -22.13 0.66 -9.50
C VAL B 300 -23.00 1.41 -8.50
N LYS B 301 -24.32 1.26 -8.61
CA LYS B 301 -25.22 1.92 -7.70
C LYS B 301 -25.82 0.86 -6.78
N THR B 302 -26.12 1.26 -5.55
CA THR B 302 -26.69 0.37 -4.55
C THR B 302 -27.66 1.14 -3.62
N GLU B 303 -28.95 1.16 -3.96
CA GLU B 303 -29.93 1.90 -3.19
C GLU B 303 -29.99 1.58 -1.69
N LEU B 304 -29.42 0.45 -1.29
CA LEU B 304 -29.42 0.05 0.11
C LEU B 304 -28.02 0.04 0.71
N PRO B 305 -27.82 0.73 1.85
CA PRO B 305 -26.51 0.77 2.50
C PRO B 305 -26.01 -0.63 2.85
N GLN B 306 -24.69 -0.80 2.91
CA GLN B 306 -24.11 -2.11 3.19
C GLN B 306 -24.36 -2.64 4.60
N GLU B 307 -24.33 -1.77 5.62
CA GLU B 307 -24.57 -2.23 6.98
C GLU B 307 -26.01 -2.74 7.07
N ALA B 308 -26.92 -2.06 6.38
CA ALA B 308 -28.31 -2.48 6.39
C ALA B 308 -28.37 -3.86 5.73
N CYS B 309 -27.48 -4.09 4.78
CA CYS B 309 -27.42 -5.39 4.12
C CYS B 309 -26.89 -6.38 5.16
N MSE B 310 -26.26 -5.84 6.21
CA MSE B 310 -25.69 -6.67 7.26
C MSE B 310 -26.64 -6.93 8.43
O MSE B 310 -26.59 -7.98 9.07
CB MSE B 310 -24.40 -6.04 7.81
CG MSE B 310 -23.83 -6.79 9.00
SE MSE B 310 -22.31 -5.90 9.79
CE MSE B 310 -22.99 -5.56 11.55
N VAL B 311 -27.52 -5.97 8.71
CA VAL B 311 -28.47 -6.13 9.79
C VAL B 311 -29.73 -6.73 9.19
N ARG B 312 -29.57 -7.27 7.99
CA ARG B 312 -30.64 -7.90 7.23
C ARG B 312 -30.24 -9.32 6.83
N GLU B 313 -28.97 -9.49 6.46
CA GLU B 313 -28.45 -10.80 6.06
C GLU B 313 -28.23 -11.65 7.30
N PHE B 314 -28.13 -11.01 8.46
CA PHE B 314 -27.97 -11.72 9.72
C PHE B 314 -29.38 -12.01 10.21
N ALA B 315 -30.36 -11.34 9.62
CA ALA B 315 -31.76 -11.49 9.97
C ALA B 315 -32.43 -12.51 9.05
N ILE B 321 -33.95 -20.65 10.04
CA ILE B 321 -33.68 -21.22 11.36
C ILE B 321 -34.93 -21.27 12.24
N LYS B 322 -35.62 -20.14 12.39
CA LYS B 322 -36.82 -20.08 13.21
C LYS B 322 -38.05 -20.50 12.42
N ASN B 323 -38.21 -19.92 11.24
CA ASN B 323 -39.36 -20.20 10.39
C ASN B 323 -39.15 -21.35 9.41
N ASN B 324 -38.13 -21.27 8.57
CA ASN B 324 -37.84 -22.32 7.60
C ASN B 324 -37.01 -23.43 8.24
N GLY B 325 -36.37 -23.11 9.36
CA GLY B 325 -35.57 -24.08 10.09
C GLY B 325 -34.47 -24.80 9.33
N ALA B 326 -33.22 -24.44 9.63
CA ALA B 326 -32.06 -25.07 8.98
C ALA B 326 -30.78 -24.84 9.79
N LYS B 327 -29.64 -25.28 9.25
CA LYS B 327 -28.37 -25.12 9.94
C LYS B 327 -27.78 -23.74 9.66
N PRO B 328 -27.32 -23.05 10.71
CA PRO B 328 -26.73 -21.71 10.50
C PRO B 328 -25.58 -21.74 9.50
N ASP B 329 -25.31 -20.58 8.92
CA ASP B 329 -24.25 -20.44 7.93
C ASP B 329 -22.92 -20.36 8.69
N GLY B 330 -22.08 -21.38 8.49
CA GLY B 330 -20.80 -21.41 9.17
C GLY B 330 -19.73 -20.52 8.55
N TYR B 331 -20.03 -19.94 7.40
CA TYR B 331 -19.07 -19.07 6.73
C TYR B 331 -18.70 -17.88 7.59
N TRP B 332 -19.69 -17.29 8.25
CA TRP B 332 -19.41 -16.11 9.07
C TRP B 332 -18.50 -16.40 10.25
N PRO B 333 -18.92 -17.29 11.17
CA PRO B 333 -18.02 -17.55 12.30
C PRO B 333 -16.63 -17.97 11.81
N SER B 334 -16.61 -18.65 10.66
CA SER B 334 -15.35 -19.12 10.08
C SER B 334 -14.47 -17.98 9.56
N ILE B 335 -15.05 -17.03 8.83
CA ILE B 335 -14.25 -15.91 8.32
C ILE B 335 -13.77 -15.10 9.52
N SER B 336 -14.62 -15.01 10.55
CA SER B 336 -14.29 -14.25 11.75
C SER B 336 -13.10 -14.85 12.49
N ARG B 337 -13.02 -16.18 12.54
CA ARG B 337 -11.92 -16.84 13.22
C ARG B 337 -10.62 -16.62 12.45
N LYS B 338 -10.69 -16.59 11.13
CA LYS B 338 -9.49 -16.37 10.33
C LYS B 338 -8.84 -15.02 10.56
N THR B 339 -9.65 -13.95 10.54
CA THR B 339 -9.10 -12.61 10.76
C THR B 339 -8.68 -12.40 12.21
N GLN B 340 -9.36 -13.08 13.12
CA GLN B 340 -9.03 -12.96 14.55
C GLN B 340 -7.75 -13.75 14.81
N LEU B 341 -7.54 -14.81 14.02
CA LEU B 341 -6.35 -15.64 14.16
C LEU B 341 -5.14 -14.92 13.63
N VAL B 342 -5.33 -14.04 12.66
CA VAL B 342 -4.20 -13.29 12.11
C VAL B 342 -3.84 -12.14 13.04
N VAL B 343 -4.86 -11.52 13.62
CA VAL B 343 -4.61 -10.43 14.55
C VAL B 343 -3.76 -10.91 15.72
N ASP B 344 -3.94 -12.17 16.12
CA ASP B 344 -3.16 -12.72 17.23
C ASP B 344 -1.71 -12.98 16.81
N ALA B 345 -1.53 -13.51 15.60
CA ALA B 345 -0.18 -13.77 15.10
C ALA B 345 0.56 -12.44 14.99
N VAL B 346 -0.11 -11.43 14.48
CA VAL B 346 0.50 -10.11 14.34
C VAL B 346 0.85 -9.59 15.72
N LYS B 347 -0.14 -9.50 16.60
CA LYS B 347 0.06 -9.02 17.97
C LYS B 347 1.11 -9.85 18.70
N GLU B 348 1.28 -11.09 18.28
CA GLU B 348 2.25 -11.96 18.92
C GLU B 348 3.63 -11.80 18.29
N SER B 349 3.67 -11.26 17.08
CA SER B 349 4.94 -11.04 16.40
C SER B 349 5.67 -9.90 17.11
N VAL B 350 4.92 -8.86 17.48
CA VAL B 350 5.49 -7.73 18.18
C VAL B 350 6.01 -8.15 19.56
N ASP B 351 5.17 -8.86 20.34
CA ASP B 351 5.60 -9.31 21.66
C ASP B 351 6.97 -9.97 21.53
N LYS B 352 7.07 -10.95 20.63
CA LYS B 352 8.33 -11.65 20.39
C LYS B 352 9.39 -10.81 19.66
N ASN B 353 9.29 -9.49 19.75
CA ASN B 353 10.24 -8.60 19.10
C ASN B 353 10.30 -8.72 17.58
N TYR B 354 9.13 -8.82 16.95
CA TYR B 354 9.00 -8.94 15.49
C TYR B 354 9.52 -10.25 14.92
N GLN B 355 9.05 -11.35 15.48
CA GLN B 355 9.42 -12.70 15.05
C GLN B 355 8.41 -13.17 14.01
N GLN B 356 8.84 -14.02 13.10
CA GLN B 356 7.95 -14.54 12.07
C GLN B 356 7.09 -15.68 12.64
N ILE B 357 5.77 -15.52 12.56
CA ILE B 357 4.85 -16.53 13.09
C ILE B 357 4.20 -17.39 12.01
N SER B 358 4.20 -18.70 12.24
CA SER B 358 3.59 -19.65 11.32
C SER B 358 2.23 -20.04 11.90
N LEU B 359 1.18 -19.89 11.09
CA LEU B 359 -0.17 -20.20 11.56
C LEU B 359 -0.51 -21.69 11.61
N SER B 360 0.48 -22.54 11.37
CA SER B 360 0.28 -24.00 11.39
C SER B 360 -0.55 -24.50 12.58
N GLN A 6 24.24 23.69 -26.70
CA GLN A 6 25.15 24.17 -25.62
C GLN A 6 26.03 23.02 -25.14
N ILE A 7 25.55 22.27 -24.14
CA ILE A 7 26.31 21.14 -23.62
C ILE A 7 26.34 20.00 -24.64
N ARG A 8 27.54 19.66 -25.09
CA ARG A 8 27.74 18.61 -26.09
C ARG A 8 27.74 17.25 -25.39
N ILE A 9 26.81 16.39 -25.78
CA ILE A 9 26.71 15.05 -25.19
C ILE A 9 26.33 14.03 -26.24
N GLY A 10 26.75 12.79 -26.01
CA GLY A 10 26.44 11.72 -26.94
C GLY A 10 25.56 10.66 -26.30
N VAL A 11 25.98 9.41 -26.40
CA VAL A 11 25.23 8.29 -25.83
C VAL A 11 26.18 7.14 -25.52
N MSE A 12 26.62 7.05 -24.27
CA MSE A 12 27.52 5.99 -23.88
C MSE A 12 26.82 4.64 -23.86
O MSE A 12 26.33 4.19 -22.81
CB MSE A 12 28.11 6.27 -22.49
CG MSE A 12 29.38 5.50 -22.22
SE MSE A 12 30.77 5.97 -23.46
CE MSE A 12 30.19 4.99 -25.01
N GLY A 13 26.78 3.99 -25.02
CA GLY A 13 26.13 2.70 -25.15
C GLY A 13 24.82 2.84 -25.88
N CYS A 14 24.51 1.91 -26.79
CA CYS A 14 23.27 1.98 -27.53
C CYS A 14 22.18 1.12 -26.88
N ALA A 15 21.46 1.71 -25.94
CA ALA A 15 20.39 1.04 -25.23
C ALA A 15 19.04 1.49 -25.77
N ASP A 16 18.07 0.57 -25.77
CA ASP A 16 16.73 0.90 -26.27
C ASP A 16 16.14 2.12 -25.58
N ILE A 17 16.53 2.36 -24.31
CA ILE A 17 16.01 3.51 -23.58
C ILE A 17 16.66 4.81 -24.01
N ALA A 18 17.71 4.72 -24.81
CA ALA A 18 18.39 5.92 -25.30
C ALA A 18 17.52 6.52 -26.39
N ARG A 19 16.50 5.79 -26.82
CA ARG A 19 15.60 6.28 -27.86
C ARG A 19 14.70 7.36 -27.27
N LYS A 20 14.41 7.23 -25.98
CA LYS A 20 13.57 8.19 -25.28
C LYS A 20 14.42 9.36 -24.78
N VAL A 21 15.61 9.06 -24.29
CA VAL A 21 16.48 10.13 -23.80
C VAL A 21 16.99 11.06 -24.89
N SER A 22 17.22 10.54 -26.10
CA SER A 22 17.68 11.40 -27.18
C SER A 22 16.66 12.52 -27.32
N ARG A 23 15.39 12.15 -27.14
CA ARG A 23 14.27 13.10 -27.18
C ARG A 23 14.52 14.13 -26.07
N ALA A 24 14.79 13.64 -24.86
CA ALA A 24 15.07 14.52 -23.73
C ALA A 24 16.14 15.50 -24.18
N ILE A 25 17.35 14.98 -24.41
CA ILE A 25 18.46 15.81 -24.86
C ILE A 25 17.98 16.77 -25.95
N HIS A 26 17.34 16.22 -26.98
CA HIS A 26 16.83 17.03 -28.09
C HIS A 26 16.00 18.20 -27.57
N LEU A 27 14.85 17.88 -26.99
CA LEU A 27 13.91 18.87 -26.46
C LEU A 27 14.51 19.81 -25.41
N ALA A 28 15.68 19.47 -24.88
CA ALA A 28 16.33 20.32 -23.89
C ALA A 28 17.01 21.45 -24.69
N PRO A 29 16.40 22.64 -24.69
CA PRO A 29 16.91 23.81 -25.41
C PRO A 29 18.35 24.18 -25.11
N ASN A 30 18.92 23.59 -24.07
CA ASN A 30 20.29 23.89 -23.67
C ASN A 30 21.21 22.69 -23.92
N ALA A 31 20.74 21.74 -24.71
CA ALA A 31 21.53 20.55 -25.00
C ALA A 31 21.27 20.02 -26.39
N THR A 32 22.27 19.32 -26.92
CA THR A 32 22.20 18.74 -28.25
C THR A 32 22.96 17.41 -28.22
N ILE A 33 22.54 16.47 -29.05
CA ILE A 33 23.20 15.16 -29.11
C ILE A 33 24.35 15.25 -30.12
N SER A 34 25.57 15.39 -29.58
CA SER A 34 26.76 15.54 -30.39
C SER A 34 27.37 14.24 -30.92
N GLY A 35 27.71 13.33 -30.02
CA GLY A 35 28.30 12.06 -30.44
C GLY A 35 27.46 10.86 -30.06
N VAL A 36 28.05 9.66 -30.14
CA VAL A 36 27.37 8.41 -29.81
C VAL A 36 28.31 7.22 -29.99
N ALA A 37 28.06 6.13 -29.28
CA ALA A 37 28.91 4.96 -29.40
C ALA A 37 28.24 3.63 -29.07
N SER A 38 28.56 2.62 -29.87
CA SER A 38 28.04 1.27 -29.70
C SER A 38 29.24 0.34 -29.60
N ARG A 39 29.00 -0.91 -29.24
CA ARG A 39 30.08 -1.88 -29.14
C ARG A 39 30.69 -2.09 -30.53
N SER A 40 29.91 -1.76 -31.56
CA SER A 40 30.35 -1.87 -32.95
C SER A 40 29.77 -0.70 -33.70
N LEU A 41 30.61 0.06 -34.43
CA LEU A 41 30.09 1.20 -35.18
C LEU A 41 29.04 0.70 -36.17
N GLU A 42 29.00 -0.61 -36.32
CA GLU A 42 28.04 -1.26 -37.20
C GLU A 42 26.67 -0.93 -36.60
N LYS A 43 26.57 -1.11 -35.28
CA LYS A 43 25.35 -0.84 -34.55
C LYS A 43 25.17 0.65 -34.26
N ALA A 44 26.26 1.34 -33.90
CA ALA A 44 26.20 2.77 -33.62
C ALA A 44 25.58 3.50 -34.80
N LYS A 45 26.03 3.14 -36.00
CA LYS A 45 25.55 3.73 -37.23
C LYS A 45 24.06 3.41 -37.37
N ALA A 46 23.69 2.21 -36.98
CA ALA A 46 22.31 1.78 -37.06
C ALA A 46 21.43 2.54 -36.06
N PHE A 47 21.90 2.71 -34.83
CA PHE A 47 21.12 3.43 -33.84
C PHE A 47 21.00 4.91 -34.24
N ALA A 48 22.12 5.49 -34.67
CA ALA A 48 22.14 6.89 -35.08
C ALA A 48 21.27 7.10 -36.30
N THR A 49 21.00 6.00 -37.02
CA THR A 49 20.14 6.05 -38.20
C THR A 49 18.70 5.75 -37.77
N ALA A 50 18.54 4.72 -36.97
CA ALA A 50 17.22 4.33 -36.50
C ALA A 50 16.50 5.45 -35.76
N ASN A 51 17.23 6.25 -35.00
CA ASN A 51 16.59 7.34 -34.26
C ASN A 51 16.89 8.73 -34.78
N ASN A 52 17.09 8.83 -36.08
CA ASN A 52 17.35 10.09 -36.77
C ASN A 52 18.21 11.09 -35.99
N TYR A 53 19.51 10.83 -35.94
CA TYR A 53 20.43 11.72 -35.24
C TYR A 53 20.81 12.91 -36.11
N PRO A 54 21.41 13.95 -35.50
CA PRO A 54 21.82 15.13 -36.24
C PRO A 54 22.87 14.76 -37.30
N GLU A 55 23.11 15.67 -38.23
CA GLU A 55 24.07 15.43 -39.28
C GLU A 55 25.49 15.27 -38.75
N SER A 56 25.98 16.27 -38.00
CA SER A 56 27.33 16.21 -37.46
C SER A 56 27.50 15.31 -36.23
N THR A 57 26.53 14.44 -35.97
CA THR A 57 26.61 13.55 -34.83
C THR A 57 27.79 12.59 -34.95
N LYS A 58 28.74 12.70 -34.03
CA LYS A 58 29.90 11.82 -34.03
C LYS A 58 29.50 10.38 -33.75
N ILE A 59 29.66 9.53 -34.76
CA ILE A 59 29.32 8.10 -34.63
C ILE A 59 30.60 7.31 -34.42
N HIS A 60 30.71 6.67 -33.26
CA HIS A 60 31.90 5.90 -32.94
C HIS A 60 31.64 4.39 -32.84
N GLY A 61 32.70 3.61 -33.04
CA GLY A 61 32.60 2.16 -32.98
C GLY A 61 33.25 1.56 -31.76
N SER A 62 33.34 2.35 -30.69
CA SER A 62 33.92 1.91 -29.43
C SER A 62 33.57 2.93 -28.36
N TYR A 63 33.66 2.54 -27.10
CA TYR A 63 33.34 3.46 -26.02
C TYR A 63 34.55 4.39 -25.83
N GLU A 64 35.74 3.84 -26.02
CA GLU A 64 36.97 4.61 -25.89
C GLU A 64 37.01 5.76 -26.90
N SER A 65 36.65 5.46 -28.13
CA SER A 65 36.64 6.47 -29.19
C SER A 65 35.77 7.65 -28.81
N LEU A 66 34.58 7.37 -28.29
CA LEU A 66 33.65 8.41 -27.89
C LEU A 66 34.18 9.17 -26.68
N LEU A 67 34.93 8.48 -25.82
CA LEU A 67 35.48 9.11 -24.63
C LEU A 67 36.65 10.03 -24.97
N GLU A 68 37.34 9.72 -26.06
CA GLU A 68 38.49 10.50 -26.50
C GLU A 68 38.06 11.65 -27.39
N ASP A 69 36.82 11.60 -27.86
CA ASP A 69 36.32 12.67 -28.71
C ASP A 69 36.43 13.95 -27.87
N PRO A 70 36.96 15.03 -28.47
CA PRO A 70 37.10 16.28 -27.73
C PRO A 70 35.91 17.22 -27.81
N GLU A 71 35.00 16.94 -28.75
CA GLU A 71 33.81 17.76 -28.92
C GLU A 71 32.64 17.30 -28.05
N ILE A 72 32.94 16.63 -26.93
CA ILE A 72 31.89 16.13 -26.04
C ILE A 72 32.10 16.57 -24.59
N ASP A 73 31.18 17.38 -24.08
CA ASP A 73 31.26 17.87 -22.69
C ASP A 73 30.84 16.84 -21.66
N ALA A 74 29.83 16.06 -21.98
CA ALA A 74 29.33 15.04 -21.05
C ALA A 74 28.74 13.83 -21.78
N LEU A 75 28.31 12.84 -21.02
CA LEU A 75 27.75 11.62 -21.59
C LEU A 75 26.53 11.06 -20.83
N TYR A 76 25.66 10.38 -21.57
CA TYR A 76 24.50 9.70 -21.00
C TYR A 76 24.94 8.25 -21.08
N VAL A 77 24.91 7.54 -19.95
CA VAL A 77 25.36 6.14 -19.95
C VAL A 77 24.26 5.10 -19.66
N PRO A 78 23.62 4.57 -20.71
CA PRO A 78 22.55 3.56 -20.59
C PRO A 78 23.10 2.13 -20.60
N LEU A 79 24.21 1.90 -19.91
CA LEU A 79 24.81 0.57 -19.90
C LEU A 79 24.30 -0.31 -18.78
N PRO A 80 24.40 -1.65 -18.96
CA PRO A 80 23.93 -2.58 -17.92
C PRO A 80 24.54 -2.16 -16.60
N THR A 81 23.97 -2.66 -15.50
CA THR A 81 24.45 -2.30 -14.18
C THR A 81 25.92 -2.62 -13.90
N SER A 82 26.26 -3.90 -13.77
CA SER A 82 27.63 -4.31 -13.45
C SER A 82 28.71 -3.83 -14.41
N LEU A 83 28.36 -2.94 -15.34
CA LEU A 83 29.31 -2.41 -16.30
C LEU A 83 29.50 -0.90 -16.09
N HIS A 84 28.99 -0.38 -14.97
CA HIS A 84 29.09 1.04 -14.70
C HIS A 84 30.38 1.46 -14.01
N VAL A 85 30.74 0.76 -12.94
CA VAL A 85 31.93 1.11 -12.18
C VAL A 85 33.14 1.34 -13.08
N GLU A 86 33.20 0.61 -14.20
CA GLU A 86 34.31 0.71 -15.13
C GLU A 86 34.22 1.91 -16.08
N TRP A 87 33.12 2.00 -16.82
CA TRP A 87 32.93 3.06 -17.79
C TRP A 87 32.49 4.42 -17.26
N ALA A 88 31.85 4.44 -16.11
CA ALA A 88 31.40 5.70 -15.52
C ALA A 88 32.60 6.58 -15.20
N ILE A 89 33.50 6.08 -14.36
CA ILE A 89 34.69 6.85 -14.00
C ILE A 89 35.57 6.98 -15.24
N LYS A 90 35.23 6.19 -16.27
CA LYS A 90 35.96 6.17 -17.52
C LYS A 90 35.48 7.24 -18.48
N ALA A 91 34.64 8.14 -17.99
CA ALA A 91 34.11 9.23 -18.80
C ALA A 91 34.56 10.55 -18.19
N ALA A 92 34.68 10.57 -16.86
CA ALA A 92 35.09 11.77 -16.14
C ALA A 92 36.56 12.10 -16.41
N GLU A 93 37.42 11.08 -16.28
CA GLU A 93 38.85 11.25 -16.51
C GLU A 93 39.08 11.85 -17.90
N LYS A 94 38.13 11.61 -18.80
CA LYS A 94 38.20 12.13 -20.16
C LYS A 94 37.51 13.50 -20.19
N GLY A 95 37.44 14.15 -19.04
CA GLY A 95 36.83 15.46 -18.92
C GLY A 95 35.33 15.58 -19.20
N LYS A 96 34.60 14.49 -19.16
CA LYS A 96 33.18 14.58 -19.44
C LYS A 96 32.28 14.27 -18.26
N HIS A 97 31.19 15.03 -18.15
CA HIS A 97 30.21 14.87 -17.09
C HIS A 97 29.30 13.70 -17.46
N ILE A 98 28.57 13.17 -16.48
CA ILE A 98 27.74 12.01 -16.75
C ILE A 98 26.25 12.04 -16.39
N LEU A 99 25.43 11.61 -17.33
CA LEU A 99 24.00 11.49 -17.13
C LEU A 99 23.92 9.97 -17.12
N LEU A 100 24.19 9.38 -15.95
CA LEU A 100 24.20 7.93 -15.75
C LEU A 100 22.81 7.35 -15.50
N GLU A 101 22.65 6.05 -15.75
CA GLU A 101 21.36 5.37 -15.53
C GLU A 101 21.37 4.55 -14.25
N LYS A 102 20.20 4.33 -13.68
CA LYS A 102 20.08 3.58 -12.44
C LYS A 102 19.61 2.16 -12.73
N PRO A 103 19.89 1.20 -11.82
CA PRO A 103 20.63 1.44 -10.57
C PRO A 103 22.07 1.80 -10.90
N VAL A 104 22.67 2.66 -10.10
CA VAL A 104 24.04 3.11 -10.34
C VAL A 104 25.08 1.99 -10.44
N ALA A 105 25.25 1.24 -9.36
CA ALA A 105 26.23 0.16 -9.34
C ALA A 105 25.63 -1.08 -8.69
N MSE A 106 26.42 -2.15 -8.62
CA MSE A 106 25.97 -3.40 -8.02
C MSE A 106 25.92 -3.31 -6.50
O MSE A 106 25.24 -4.12 -5.84
CB MSE A 106 26.87 -4.55 -8.46
CG MSE A 106 26.80 -4.88 -9.95
SE MSE A 106 25.05 -5.51 -10.48
CE MSE A 106 24.94 -7.06 -9.35
N ASN A 107 26.62 -2.34 -5.93
CA ASN A 107 26.64 -2.13 -4.48
C ASN A 107 27.18 -0.74 -4.15
N VAL A 108 27.00 -0.30 -2.92
CA VAL A 108 27.45 1.03 -2.53
C VAL A 108 28.97 1.21 -2.56
N THR A 109 29.70 0.16 -2.21
CA THR A 109 31.17 0.23 -2.24
C THR A 109 31.57 0.55 -3.67
N GLU A 110 31.02 -0.21 -4.61
CA GLU A 110 31.30 -0.03 -6.04
C GLU A 110 30.92 1.38 -6.49
N PHE A 111 29.85 1.93 -5.92
CA PHE A 111 29.41 3.27 -6.30
C PHE A 111 30.33 4.34 -5.71
N ASP A 112 30.81 4.13 -4.49
CA ASP A 112 31.72 5.10 -3.88
C ASP A 112 33.00 5.20 -4.70
N LYS A 113 33.33 4.13 -5.41
CA LYS A 113 34.53 4.14 -6.25
C LYS A 113 34.29 5.01 -7.48
N ILE A 114 33.02 5.15 -7.87
CA ILE A 114 32.66 5.97 -9.01
C ILE A 114 32.56 7.43 -8.60
N VAL A 115 32.06 7.67 -7.39
CA VAL A 115 31.90 9.03 -6.90
C VAL A 115 33.28 9.66 -6.69
N ASP A 116 34.15 8.95 -5.99
CA ASP A 116 35.50 9.44 -5.74
C ASP A 116 36.18 9.82 -7.05
N ALA A 117 36.10 8.93 -8.03
CA ALA A 117 36.70 9.17 -9.34
C ALA A 117 36.12 10.41 -10.01
N CYS A 118 34.91 10.79 -9.63
CA CYS A 118 34.25 11.98 -10.20
C CYS A 118 34.73 13.23 -9.45
N GLU A 119 34.99 13.05 -8.16
CA GLU A 119 35.46 14.13 -7.29
C GLU A 119 36.94 14.39 -7.60
N ALA A 120 37.70 13.31 -7.72
CA ALA A 120 39.12 13.42 -8.02
C ALA A 120 39.33 14.15 -9.34
N ASN A 121 38.36 14.04 -10.23
CA ASN A 121 38.42 14.69 -11.53
C ASN A 121 37.50 15.91 -11.59
N GLY A 122 36.89 16.22 -10.46
CA GLY A 122 36.01 17.38 -10.36
C GLY A 122 34.82 17.52 -11.30
N VAL A 123 34.19 16.41 -11.73
CA VAL A 123 33.03 16.56 -12.61
C VAL A 123 31.67 16.29 -11.96
N GLN A 124 30.61 16.49 -12.74
CA GLN A 124 29.23 16.33 -12.29
C GLN A 124 28.64 14.98 -12.66
N ILE A 125 27.93 14.35 -11.72
CA ILE A 125 27.28 13.07 -12.01
C ILE A 125 25.84 13.10 -11.51
N MSE A 126 24.93 12.61 -12.36
CA MSE A 126 23.49 12.56 -12.05
C MSE A 126 22.91 11.25 -12.57
O MSE A 126 23.03 10.94 -13.76
CB MSE A 126 22.78 13.76 -12.69
CG MSE A 126 21.28 13.80 -12.48
SE MSE A 126 20.46 15.42 -13.18
CE MSE A 126 19.50 14.72 -14.68
N ASP A 127 22.27 10.46 -11.69
CA ASP A 127 21.68 9.20 -12.10
C ASP A 127 20.51 9.46 -13.02
N GLY A 128 19.99 8.38 -13.61
CA GLY A 128 18.89 8.51 -14.55
C GLY A 128 17.46 8.47 -14.00
N THR A 129 17.29 8.39 -12.69
CA THR A 129 15.94 8.37 -12.12
C THR A 129 15.24 9.62 -12.65
N MSE A 130 14.45 9.44 -13.71
CA MSE A 130 13.77 10.56 -14.34
C MSE A 130 12.84 11.40 -13.48
O MSE A 130 13.06 12.60 -13.36
CB MSE A 130 12.97 10.07 -15.56
CG MSE A 130 13.73 9.11 -16.45
SE MSE A 130 12.81 8.74 -18.09
CE MSE A 130 14.33 8.51 -19.26
N TRP A 131 11.84 10.77 -12.89
CA TRP A 131 10.79 11.44 -12.11
C TRP A 131 11.19 12.35 -10.95
N VAL A 132 12.22 11.98 -10.19
CA VAL A 132 12.59 12.82 -9.07
C VAL A 132 12.82 14.27 -9.49
N HIS A 133 13.20 14.49 -10.75
CA HIS A 133 13.40 15.85 -11.23
C HIS A 133 12.04 16.51 -11.48
N ASN A 134 11.12 15.73 -12.06
CA ASN A 134 9.74 16.19 -12.34
C ASN A 134 9.26 17.11 -11.22
N PRO A 135 8.65 18.26 -11.59
CA PRO A 135 8.13 19.24 -10.63
C PRO A 135 7.13 18.72 -9.58
N ARG A 136 6.08 18.03 -10.01
CA ARG A 136 5.09 17.52 -9.07
C ARG A 136 5.75 17.10 -7.77
N THR A 137 6.91 16.47 -7.88
CA THR A 137 7.66 16.02 -6.71
C THR A 137 8.01 17.19 -5.79
N ALA A 138 8.27 18.35 -6.38
CA ALA A 138 8.62 19.56 -5.63
C ALA A 138 7.42 20.00 -4.77
N LEU A 139 6.26 20.19 -5.40
CA LEU A 139 5.06 20.58 -4.68
C LEU A 139 4.54 19.39 -3.89
N LEU A 140 5.11 18.21 -4.18
CA LEU A 140 4.77 16.98 -3.49
C LEU A 140 5.63 17.07 -2.24
N LYS A 141 6.81 17.64 -2.42
CA LYS A 141 7.74 17.84 -1.32
C LYS A 141 7.11 19.00 -0.55
N GLU A 142 6.52 19.93 -1.29
CA GLU A 142 5.88 21.08 -0.69
C GLU A 142 4.72 20.61 0.20
N PHE A 143 3.84 19.80 -0.38
CA PHE A 143 2.69 19.29 0.35
C PHE A 143 3.18 18.52 1.57
N LEU A 144 4.20 17.68 1.37
CA LEU A 144 4.77 16.90 2.46
C LEU A 144 5.52 17.81 3.42
N SER A 145 5.54 19.11 3.12
CA SER A 145 6.22 20.09 3.98
C SER A 145 5.21 21.03 4.65
N ASP A 146 3.94 20.91 4.27
CA ASP A 146 2.89 21.75 4.84
C ASP A 146 2.48 21.20 6.21
N SER A 147 3.09 21.73 7.26
CA SER A 147 2.80 21.29 8.62
C SER A 147 1.33 21.47 8.98
N GLU A 148 0.57 22.06 8.05
CA GLU A 148 -0.85 22.31 8.27
C GLU A 148 -1.70 21.50 7.28
N ARG A 149 -1.38 21.60 5.99
CA ARG A 149 -2.15 20.86 4.98
C ARG A 149 -1.83 19.37 5.01
N PHE A 150 -0.64 19.02 5.49
CA PHE A 150 -0.24 17.61 5.55
C PHE A 150 0.15 17.18 6.95
N GLY A 151 0.77 18.08 7.70
CA GLY A 151 1.18 17.77 9.06
C GLY A 151 2.49 17.01 9.18
N GLN A 152 2.53 16.05 10.10
CA GLN A 152 3.74 15.24 10.32
C GLN A 152 3.63 13.86 9.65
N LEU A 153 4.70 13.47 8.96
CA LEU A 153 4.76 12.18 8.28
C LEU A 153 4.77 11.03 9.27
N LYS A 154 4.00 10.00 8.97
CA LYS A 154 3.96 8.85 9.86
C LYS A 154 4.38 7.60 9.08
N THR A 155 3.96 7.52 7.82
CA THR A 155 4.30 6.38 7.00
C THR A 155 4.21 6.72 5.52
N VAL A 156 4.99 6.01 4.71
CA VAL A 156 4.96 6.24 3.28
C VAL A 156 5.03 4.90 2.58
N GLN A 157 4.03 4.62 1.74
CA GLN A 157 3.94 3.39 0.99
C GLN A 157 4.18 3.69 -0.49
N SER A 158 5.00 2.88 -1.14
CA SER A 158 5.29 3.07 -2.56
C SER A 158 5.68 1.77 -3.26
N CYS A 159 5.41 1.69 -4.56
CA CYS A 159 5.77 0.50 -5.30
C CYS A 159 5.70 0.63 -6.81
N PHE A 160 6.45 -0.25 -7.47
CA PHE A 160 6.48 -0.33 -8.92
C PHE A 160 6.41 -1.82 -9.29
N SER A 161 5.46 -2.16 -10.15
CA SER A 161 5.27 -3.53 -10.57
C SER A 161 4.76 -3.64 -11.99
N PHE A 162 5.35 -4.55 -12.76
CA PHE A 162 4.90 -4.77 -14.12
C PHE A 162 5.06 -6.25 -14.39
N ALA A 163 4.33 -6.76 -15.37
CA ALA A 163 4.35 -8.17 -15.68
C ALA A 163 5.23 -8.56 -16.85
N GLY A 164 6.45 -9.00 -16.55
CA GLY A 164 7.35 -9.40 -17.61
C GLY A 164 6.82 -10.64 -18.35
N ASP A 165 6.68 -10.55 -19.66
CA ASP A 165 6.20 -11.69 -20.42
C ASP A 165 7.27 -12.77 -20.44
N GLU A 166 7.11 -13.78 -21.27
CA GLU A 166 8.07 -14.87 -21.35
C GLU A 166 9.42 -14.41 -21.90
N ASP A 167 9.40 -13.69 -23.02
CA ASP A 167 10.62 -13.21 -23.64
C ASP A 167 11.46 -12.40 -22.63
N PHE A 168 10.78 -11.64 -21.79
CA PHE A 168 11.44 -10.82 -20.78
C PHE A 168 12.10 -11.67 -19.68
N LEU A 169 11.31 -12.52 -19.04
CA LEU A 169 11.80 -13.37 -17.97
C LEU A 169 12.92 -14.28 -18.42
N LYS A 170 13.10 -14.40 -19.73
CA LYS A 170 14.13 -15.26 -20.26
C LYS A 170 15.35 -14.50 -20.79
N ASN A 171 15.12 -13.53 -21.67
CA ASN A 171 16.23 -12.80 -22.29
C ASN A 171 16.57 -11.39 -21.81
N ASP A 172 15.72 -10.76 -21.00
CA ASP A 172 16.01 -9.41 -20.53
C ASP A 172 17.28 -9.34 -19.67
N ILE A 173 18.03 -8.24 -19.79
CA ILE A 173 19.25 -8.08 -19.02
C ILE A 173 18.97 -7.89 -17.52
N ARG A 174 17.73 -7.53 -17.21
CA ARG A 174 17.31 -7.30 -15.83
C ARG A 174 17.02 -8.59 -15.06
N VAL A 175 17.39 -9.73 -15.62
CA VAL A 175 17.22 -11.02 -14.97
C VAL A 175 18.59 -11.72 -15.00
N LYS A 176 19.52 -11.13 -15.76
CA LYS A 176 20.87 -11.64 -15.90
C LYS A 176 21.77 -11.20 -14.74
N PRO A 177 22.26 -12.15 -13.93
CA PRO A 177 23.12 -11.83 -12.80
C PRO A 177 24.38 -11.06 -13.18
N GLY A 178 24.85 -11.29 -14.40
CA GLY A 178 26.06 -10.62 -14.86
C GLY A 178 25.85 -9.26 -15.51
N LEU A 179 24.60 -8.89 -15.78
CA LEU A 179 24.28 -7.61 -16.41
C LEU A 179 23.60 -6.70 -15.40
N ASP A 180 22.27 -6.69 -15.40
CA ASP A 180 21.53 -5.90 -14.43
C ASP A 180 21.11 -6.84 -13.32
N GLY A 181 22.12 -7.36 -12.62
CA GLY A 181 21.89 -8.31 -11.54
C GLY A 181 21.07 -7.93 -10.33
N LEU A 182 20.65 -6.67 -10.21
CA LEU A 182 19.84 -6.29 -9.05
C LEU A 182 18.37 -6.63 -9.26
N GLY A 183 18.05 -7.14 -10.46
CA GLY A 183 16.69 -7.51 -10.79
C GLY A 183 15.61 -6.48 -10.53
N ALA A 184 14.46 -6.94 -10.04
CA ALA A 184 13.34 -6.06 -9.77
C ALA A 184 13.72 -4.97 -8.78
N LEU A 185 14.54 -5.33 -7.81
CA LEU A 185 15.00 -4.39 -6.78
C LEU A 185 15.70 -3.19 -7.41
N GLY A 186 16.77 -3.45 -8.16
CA GLY A 186 17.50 -2.38 -8.80
C GLY A 186 16.72 -1.58 -9.83
N ASP A 187 15.93 -2.26 -10.65
CA ASP A 187 15.16 -1.57 -11.68
C ASP A 187 13.84 -0.96 -11.23
N ALA A 188 13.13 -1.63 -10.31
CA ALA A 188 11.85 -1.11 -9.84
C ALA A 188 11.85 -0.65 -8.39
N GLY A 189 12.33 -1.49 -7.48
CA GLY A 189 12.35 -1.11 -6.08
C GLY A 189 13.08 0.20 -5.87
N TRP A 190 14.01 0.48 -6.78
CA TRP A 190 14.82 1.68 -6.77
C TRP A 190 13.99 2.96 -6.80
N TYR A 191 12.76 2.85 -7.28
CA TYR A 191 11.88 4.02 -7.36
C TYR A 191 11.11 4.15 -6.05
N ALA A 192 10.72 3.01 -5.52
CA ALA A 192 9.98 2.96 -4.27
C ALA A 192 10.91 3.40 -3.14
N ILE A 193 12.18 3.04 -3.25
CA ILE A 193 13.17 3.41 -2.24
C ILE A 193 13.47 4.90 -2.32
N ARG A 194 13.68 5.39 -3.54
CA ARG A 194 13.98 6.80 -3.75
C ARG A 194 12.88 7.68 -3.16
N ALA A 195 11.62 7.34 -3.43
CA ALA A 195 10.50 8.12 -2.92
C ALA A 195 10.44 8.01 -1.39
N THR A 196 10.80 6.84 -0.88
CA THR A 196 10.82 6.58 0.55
C THR A 196 11.75 7.56 1.25
N LEU A 197 12.99 7.64 0.75
CA LEU A 197 13.99 8.54 1.31
C LEU A 197 13.55 9.99 1.16
N LEU A 198 13.06 10.33 -0.03
CA LEU A 198 12.60 11.67 -0.33
C LEU A 198 11.50 12.12 0.63
N ALA A 199 10.50 11.27 0.84
CA ALA A 199 9.41 11.61 1.74
C ALA A 199 9.94 11.91 3.13
N ASN A 200 10.96 11.17 3.53
CA ASN A 200 11.58 11.33 4.84
C ASN A 200 12.72 12.35 4.87
N ASN A 201 12.68 13.33 3.97
CA ASN A 201 13.71 14.35 3.91
C ASN A 201 15.13 13.81 3.69
N PHE A 202 15.25 12.79 2.84
CA PHE A 202 16.53 12.20 2.50
C PHE A 202 17.29 11.58 3.68
N GLU A 203 16.53 11.10 4.65
CA GLU A 203 17.11 10.49 5.84
C GLU A 203 17.09 8.97 5.78
N LEU A 204 18.27 8.36 5.74
CA LEU A 204 18.37 6.91 5.71
C LEU A 204 17.67 6.32 6.93
N PRO A 205 17.04 5.15 6.77
CA PRO A 205 16.37 4.53 7.92
C PRO A 205 17.41 3.85 8.80
N LYS A 206 17.03 3.43 10.00
CA LYS A 206 17.97 2.76 10.88
C LYS A 206 18.08 1.27 10.51
N THR A 207 16.94 0.65 10.23
CA THR A 207 16.96 -0.76 9.89
C THR A 207 16.15 -1.12 8.66
N VAL A 208 16.54 -2.22 8.02
CA VAL A 208 15.85 -2.68 6.83
C VAL A 208 15.57 -4.16 7.02
N THR A 209 14.38 -4.57 6.60
CA THR A 209 14.01 -5.98 6.72
C THR A 209 13.10 -6.38 5.55
N ALA A 210 13.59 -7.29 4.72
CA ALA A 210 12.84 -7.76 3.58
C ALA A 210 11.59 -8.50 4.02
N PHE A 211 10.62 -8.63 3.13
CA PHE A 211 9.38 -9.35 3.42
C PHE A 211 9.59 -10.82 3.10
N PRO A 212 9.30 -11.71 4.05
CA PRO A 212 9.51 -13.13 3.72
C PRO A 212 8.64 -13.48 2.50
N GLY A 213 9.20 -14.21 1.54
CA GLY A 213 8.44 -14.58 0.37
C GLY A 213 8.98 -14.03 -0.93
N ALA A 214 10.17 -13.43 -0.88
CA ALA A 214 10.81 -12.87 -2.07
C ALA A 214 10.94 -13.94 -3.15
N VAL A 215 10.99 -13.52 -4.41
CA VAL A 215 11.12 -14.44 -5.53
C VAL A 215 12.37 -14.14 -6.37
N LEU A 216 13.20 -15.17 -6.54
CA LEU A 216 14.43 -15.05 -7.30
C LEU A 216 14.47 -16.14 -8.38
N ASN A 217 15.02 -15.83 -9.55
CA ASN A 217 15.10 -16.83 -10.60
C ASN A 217 16.17 -17.84 -10.20
N GLU A 218 16.37 -18.88 -11.01
CA GLU A 218 17.38 -19.89 -10.68
C GLU A 218 18.75 -19.29 -10.39
N ALA A 219 19.16 -18.31 -11.19
CA ALA A 219 20.46 -17.65 -11.02
C ALA A 219 20.45 -16.79 -9.76
N GLY A 220 19.31 -16.76 -9.08
CA GLY A 220 19.21 -15.98 -7.86
C GLY A 220 18.91 -14.51 -8.02
N VAL A 221 18.42 -14.10 -9.19
CA VAL A 221 18.08 -12.71 -9.43
C VAL A 221 16.65 -12.45 -8.94
N ILE A 222 16.50 -11.36 -8.20
CA ILE A 222 15.21 -11.00 -7.63
C ILE A 222 14.18 -10.62 -8.69
N LEU A 223 13.00 -11.22 -8.59
CA LEU A 223 11.91 -10.95 -9.51
C LEU A 223 10.83 -10.17 -8.76
N SER A 224 10.77 -10.38 -7.45
CA SER A 224 9.83 -9.66 -6.60
C SER A 224 10.36 -9.66 -5.17
N CYS A 225 10.10 -8.58 -4.45
CA CYS A 225 10.54 -8.47 -3.06
C CYS A 225 9.96 -7.20 -2.45
N GLY A 226 9.83 -7.18 -1.12
CA GLY A 226 9.30 -6.03 -0.43
C GLY A 226 10.04 -5.83 0.90
N ALA A 227 9.69 -4.79 1.65
CA ALA A 227 10.37 -4.54 2.92
C ALA A 227 9.83 -3.31 3.63
N SER A 228 10.20 -3.18 4.90
CA SER A 228 9.79 -2.03 5.69
C SER A 228 11.03 -1.30 6.17
N LEU A 229 10.86 -0.06 6.60
CA LEU A 229 11.98 0.73 7.11
C LEU A 229 11.52 1.38 8.40
N SER A 230 12.45 1.98 9.14
CA SER A 230 12.10 2.63 10.40
C SER A 230 13.10 3.69 10.80
N TRP A 231 12.58 4.89 11.05
CA TRP A 231 13.39 6.02 11.46
C TRP A 231 13.37 6.15 12.99
N GLU A 232 12.86 5.12 13.65
CA GLU A 232 12.77 5.09 15.12
C GLU A 232 12.10 6.33 15.70
N ASP A 233 10.78 6.39 15.61
CA ASP A 233 10.01 7.52 16.12
C ASP A 233 8.53 7.46 15.72
N GLY A 234 8.07 6.31 15.24
CA GLY A 234 6.69 6.17 14.83
C GLY A 234 6.51 6.23 13.32
N ARG A 235 7.58 6.54 12.60
CA ARG A 235 7.56 6.62 11.15
C ARG A 235 8.14 5.36 10.52
N THR A 236 7.39 4.76 9.59
CA THR A 236 7.83 3.56 8.90
C THR A 236 7.47 3.70 7.43
N ALA A 237 8.14 2.92 6.60
CA ALA A 237 7.86 2.95 5.18
C ALA A 237 7.95 1.54 4.62
N THR A 238 7.31 1.32 3.48
CA THR A 238 7.35 0.02 2.84
C THR A 238 7.52 0.26 1.34
N ILE A 239 8.12 -0.71 0.67
CA ILE A 239 8.29 -0.59 -0.78
C ILE A 239 8.00 -1.96 -1.33
N TYR A 240 7.63 -2.00 -2.60
CA TYR A 240 7.34 -3.27 -3.24
C TYR A 240 7.70 -3.11 -4.72
N CYS A 241 8.32 -4.16 -5.27
CA CYS A 241 8.72 -4.16 -6.66
C CYS A 241 8.57 -5.57 -7.20
N SER A 242 8.09 -5.68 -8.45
CA SER A 242 7.90 -6.98 -9.07
C SER A 242 7.93 -6.93 -10.58
N PHE A 243 8.40 -8.03 -11.18
CA PHE A 243 8.47 -8.21 -12.62
C PHE A 243 7.37 -9.20 -13.01
N LEU A 244 6.41 -9.43 -12.13
CA LEU A 244 5.34 -10.40 -12.40
C LEU A 244 3.94 -10.04 -11.95
N ALA A 245 3.49 -8.83 -12.29
CA ALA A 245 2.15 -8.37 -11.93
C ALA A 245 1.82 -7.06 -12.66
N ASN A 246 0.56 -6.89 -13.03
CA ASN A 246 0.08 -5.70 -13.76
C ASN A 246 0.72 -4.38 -13.35
N LEU A 247 1.01 -3.55 -14.36
CA LEU A 247 1.63 -2.25 -14.16
C LEU A 247 1.07 -1.54 -12.93
N THR A 248 1.98 -1.14 -12.03
CA THR A 248 1.59 -0.46 -10.81
C THR A 248 2.76 0.41 -10.35
N MSE A 249 2.58 1.72 -10.44
CA MSE A 249 3.60 2.67 -10.02
C MSE A 249 2.88 3.72 -9.15
O MSE A 249 2.44 4.75 -9.65
CB MSE A 249 4.23 3.31 -11.28
CG MSE A 249 4.72 2.29 -12.34
SE MSE A 249 5.62 2.96 -13.98
CE MSE A 249 4.07 3.53 -14.96
N GLU A 250 2.76 3.44 -7.85
CA GLU A 250 2.06 4.34 -6.93
C GLU A 250 2.80 4.79 -5.69
N ILE A 251 2.32 5.90 -5.12
CA ILE A 251 2.86 6.46 -3.89
C ILE A 251 1.67 6.77 -2.97
N THR A 252 1.93 6.67 -1.67
CA THR A 252 0.94 6.98 -0.65
C THR A 252 1.69 7.37 0.62
N ALA A 253 1.54 8.63 1.02
CA ALA A 253 2.19 9.11 2.24
C ALA A 253 1.11 9.49 3.24
N ILE A 254 1.20 8.94 4.44
CA ILE A 254 0.21 9.24 5.48
C ILE A 254 0.71 10.24 6.50
N GLY A 255 0.06 11.39 6.54
CA GLY A 255 0.44 12.42 7.48
C GLY A 255 -0.59 12.56 8.59
N THR A 256 -0.21 13.21 9.67
CA THR A 256 -1.11 13.41 10.80
C THR A 256 -2.28 14.31 10.40
N LYS A 257 -2.12 15.05 9.31
CA LYS A 257 -3.17 15.96 8.87
C LYS A 257 -3.48 15.86 7.38
N GLY A 258 -2.72 15.03 6.66
CA GLY A 258 -2.97 14.88 5.23
C GLY A 258 -2.49 13.56 4.65
N THR A 259 -2.92 13.30 3.42
CA THR A 259 -2.54 12.08 2.70
C THR A 259 -2.10 12.45 1.29
N LEU A 260 -1.20 11.66 0.71
CA LEU A 260 -0.72 11.93 -0.64
C LEU A 260 -0.82 10.67 -1.50
N ARG A 261 -1.52 10.76 -2.62
CA ARG A 261 -1.67 9.62 -3.51
C ARG A 261 -1.26 9.88 -4.95
N VAL A 262 -0.34 9.05 -5.45
CA VAL A 262 0.14 9.15 -6.82
C VAL A 262 -0.03 7.75 -7.42
N HIS A 263 -0.74 7.65 -8.53
CA HIS A 263 -0.97 6.36 -9.17
C HIS A 263 -0.18 6.17 -10.44
N ASP A 264 0.51 7.21 -10.87
CA ASP A 264 1.35 7.16 -12.06
C ASP A 264 2.64 7.91 -11.75
N PHE A 265 3.05 7.81 -10.49
CA PHE A 265 4.25 8.44 -9.96
C PHE A 265 5.47 8.16 -10.83
N ILE A 266 5.68 6.91 -11.23
CA ILE A 266 6.78 6.63 -12.15
C ILE A 266 6.02 6.65 -13.47
N ILE A 267 6.46 7.47 -14.42
CA ILE A 267 5.78 7.55 -15.70
C ILE A 267 4.33 8.02 -15.55
N PRO A 268 4.06 9.31 -15.85
CA PRO A 268 2.70 9.86 -15.74
C PRO A 268 1.83 9.45 -16.92
N TYR A 269 0.53 9.34 -16.68
CA TYR A 269 -0.41 8.95 -17.72
C TYR A 269 -0.13 9.64 -19.04
N LYS A 270 0.29 10.89 -18.98
CA LYS A 270 0.62 11.68 -20.17
C LYS A 270 1.81 12.59 -19.85
N GLU A 271 2.71 12.78 -20.80
CA GLU A 271 3.89 13.61 -20.53
C GLU A 271 3.52 15.08 -20.38
N THR A 272 2.34 15.44 -20.88
CA THR A 272 1.86 16.81 -20.81
C THR A 272 1.31 17.19 -19.44
N GLU A 273 0.40 16.37 -18.91
CA GLU A 273 -0.19 16.65 -17.59
C GLU A 273 0.26 15.63 -16.54
N ALA A 274 0.19 16.04 -15.28
CA ALA A 274 0.60 15.20 -14.16
C ALA A 274 -0.29 15.46 -12.93
N SER A 275 -0.82 14.38 -12.34
CA SER A 275 -1.70 14.51 -11.18
C SER A 275 -1.32 13.74 -9.92
N PHE A 276 -1.73 14.28 -8.78
CA PHE A 276 -1.49 13.69 -7.47
C PHE A 276 -2.71 14.01 -6.60
N THR A 277 -3.12 13.05 -5.77
CA THR A 277 -4.28 13.24 -4.90
C THR A 277 -3.90 13.89 -3.58
N THR A 278 -4.80 14.71 -3.05
CA THR A 278 -4.56 15.39 -1.78
C THR A 278 -5.75 15.27 -0.84
N SER A 279 -5.48 15.22 0.46
CA SER A 279 -6.52 15.13 1.47
C SER A 279 -5.99 15.53 2.84
N THR A 280 -6.57 16.57 3.41
CA THR A 280 -6.15 17.07 4.71
C THR A 280 -7.27 16.84 5.73
N LYS A 281 -6.93 16.19 6.85
CA LYS A 281 -7.93 15.90 7.88
C LYS A 281 -9.08 15.14 7.25
N ALA A 282 -9.10 13.83 7.44
CA ALA A 282 -10.18 13.05 6.85
C ALA A 282 -11.14 12.54 7.90
N TRP A 283 -12.40 12.98 7.81
CA TRP A 283 -13.40 12.54 8.75
C TRP A 283 -14.74 12.25 8.07
N PHE A 284 -15.69 11.77 8.86
CA PHE A 284 -17.03 11.44 8.37
C PHE A 284 -18.00 12.32 9.12
N ASN A 285 -19.27 12.29 8.73
CA ASN A 285 -20.27 13.07 9.45
C ASN A 285 -20.56 12.29 10.72
N ASP A 286 -21.19 12.94 11.69
CA ASP A 286 -21.49 12.31 12.98
C ASP A 286 -21.98 10.87 12.88
N LEU A 287 -22.59 10.50 11.77
CA LEU A 287 -23.11 9.15 11.60
C LEU A 287 -22.21 8.16 10.86
N VAL A 288 -20.99 8.58 10.53
CA VAL A 288 -20.08 7.69 9.81
C VAL A 288 -20.89 7.04 8.70
N THR A 289 -21.74 7.84 8.08
CA THR A 289 -22.60 7.40 6.99
C THR A 289 -22.02 7.93 5.68
N ALA A 290 -20.95 8.72 5.80
CA ALA A 290 -20.29 9.30 4.64
C ALA A 290 -19.09 10.16 5.04
N TRP A 291 -18.23 10.46 4.07
CA TRP A 291 -17.05 11.30 4.30
C TRP A 291 -17.50 12.76 4.25
N VAL A 292 -17.00 13.58 5.18
CA VAL A 292 -17.40 14.97 5.20
C VAL A 292 -16.72 15.75 4.06
N SER A 293 -15.47 15.43 3.78
CA SER A 293 -14.73 16.06 2.68
C SER A 293 -13.73 15.07 2.11
N PRO A 294 -14.11 14.34 1.06
CA PRO A 294 -13.23 13.36 0.43
C PRO A 294 -12.01 14.04 -0.21
N PRO A 295 -10.99 13.24 -0.58
CA PRO A 295 -9.78 13.77 -1.21
C PRO A 295 -10.03 14.52 -2.51
N SER A 296 -9.14 15.47 -2.79
CA SER A 296 -9.22 16.28 -4.00
C SER A 296 -8.07 15.95 -4.92
N GLU A 297 -8.31 16.01 -6.23
CA GLU A 297 -7.29 15.71 -7.22
C GLU A 297 -6.73 16.98 -7.86
N HIS A 298 -5.41 17.01 -8.07
CA HIS A 298 -4.74 18.16 -8.68
C HIS A 298 -4.03 17.74 -9.96
N THR A 299 -4.34 18.41 -11.06
CA THR A 299 -3.72 18.13 -12.34
C THR A 299 -2.88 19.34 -12.77
N VAL A 300 -1.68 19.09 -13.27
CA VAL A 300 -0.81 20.18 -13.71
C VAL A 300 -0.06 19.84 -15.00
N LYS A 301 -0.13 20.76 -15.96
CA LYS A 301 0.56 20.59 -17.23
C LYS A 301 2.01 20.91 -16.97
N THR A 302 2.90 20.10 -17.54
CA THR A 302 4.33 20.31 -17.37
C THR A 302 4.99 20.63 -18.70
N GLU A 303 5.22 21.92 -18.96
CA GLU A 303 5.86 22.38 -20.19
C GLU A 303 6.37 21.25 -21.08
N LEU A 304 7.48 20.62 -20.67
CA LEU A 304 8.07 19.50 -21.42
C LEU A 304 8.16 18.25 -20.55
N PRO A 305 8.35 17.06 -21.18
CA PRO A 305 8.45 15.79 -20.44
C PRO A 305 9.54 15.81 -19.38
N GLN A 306 9.40 14.94 -18.37
CA GLN A 306 10.37 14.86 -17.28
C GLN A 306 11.78 14.50 -17.74
N GLU A 307 11.88 13.69 -18.78
CA GLU A 307 13.18 13.30 -19.30
C GLU A 307 13.78 14.50 -20.02
N ALA A 308 12.91 15.27 -20.68
CA ALA A 308 13.34 16.45 -21.40
C ALA A 308 13.80 17.51 -20.40
N CYS A 309 12.96 17.73 -19.40
CA CYS A 309 13.22 18.69 -18.35
C CYS A 309 14.34 18.18 -17.45
N MSE A 310 14.67 16.90 -17.59
CA MSE A 310 15.74 16.28 -16.82
C MSE A 310 17.07 16.73 -17.41
O MSE A 310 17.83 17.44 -16.76
CB MSE A 310 15.66 14.75 -16.89
CG MSE A 310 16.88 14.03 -16.30
SE MSE A 310 16.82 12.10 -16.39
CE MSE A 310 16.92 11.86 -18.30
N VAL A 311 17.31 16.31 -18.65
CA VAL A 311 18.54 16.67 -19.36
C VAL A 311 18.87 18.14 -19.20
N ARG A 312 17.87 19.00 -19.39
CA ARG A 312 18.07 20.44 -19.24
C ARG A 312 18.83 20.72 -17.94
N GLU A 313 18.25 20.27 -16.83
CA GLU A 313 18.87 20.48 -15.53
C GLU A 313 20.29 19.91 -15.48
N PHE A 314 20.56 18.93 -16.35
CA PHE A 314 21.88 18.33 -16.39
C PHE A 314 22.83 19.23 -17.15
N ALA A 315 22.35 19.78 -18.25
CA ALA A 315 23.14 20.67 -19.08
C ALA A 315 23.36 22.03 -18.42
N ARG A 316 23.48 22.04 -17.09
CA ARG A 316 23.68 23.26 -16.33
C ARG A 316 24.91 24.06 -16.75
N LEU A 317 25.54 23.66 -17.84
CA LEU A 317 26.72 24.35 -18.39
C LEU A 317 27.95 24.28 -17.48
N VAL A 318 28.53 25.45 -17.23
CA VAL A 318 29.73 25.60 -16.40
C VAL A 318 30.82 24.58 -16.74
N TYR A 331 24.85 16.23 -3.72
CA TYR A 331 23.45 15.86 -3.54
C TYR A 331 23.04 14.67 -4.39
N TRP A 332 23.04 14.85 -5.70
CA TRP A 332 22.65 13.79 -6.61
C TRP A 332 23.42 12.52 -6.31
N PRO A 333 24.74 12.61 -6.14
CA PRO A 333 25.47 11.39 -5.85
C PRO A 333 25.15 10.87 -4.45
N SER A 334 24.88 11.81 -3.55
CA SER A 334 24.55 11.45 -2.19
C SER A 334 23.21 10.71 -2.12
N ILE A 335 22.18 11.31 -2.73
CA ILE A 335 20.86 10.69 -2.74
C ILE A 335 20.95 9.35 -3.50
N SER A 336 21.69 9.33 -4.60
CA SER A 336 21.87 8.12 -5.38
C SER A 336 22.47 7.04 -4.49
N ARG A 337 23.45 7.44 -3.69
CA ARG A 337 24.13 6.53 -2.78
C ARG A 337 23.16 6.04 -1.69
N LYS A 338 22.33 6.94 -1.18
CA LYS A 338 21.38 6.56 -0.15
C LYS A 338 20.42 5.49 -0.66
N THR A 339 19.94 5.64 -1.89
CA THR A 339 19.01 4.65 -2.43
C THR A 339 19.74 3.36 -2.78
N GLN A 340 20.93 3.45 -3.36
CA GLN A 340 21.69 2.24 -3.68
C GLN A 340 21.89 1.51 -2.35
N LEU A 341 22.26 2.27 -1.33
CA LEU A 341 22.48 1.74 0.01
C LEU A 341 21.28 0.92 0.45
N VAL A 342 20.12 1.56 0.56
CA VAL A 342 18.91 0.88 0.97
C VAL A 342 18.69 -0.38 0.10
N VAL A 343 19.06 -0.29 -1.16
CA VAL A 343 18.95 -1.41 -2.09
C VAL A 343 19.83 -2.56 -1.61
N ASP A 344 21.07 -2.26 -1.24
CA ASP A 344 21.97 -3.29 -0.77
C ASP A 344 21.46 -3.88 0.56
N ALA A 345 20.85 -3.01 1.37
CA ALA A 345 20.30 -3.44 2.65
C ALA A 345 19.27 -4.54 2.40
N VAL A 346 18.26 -4.21 1.59
CA VAL A 346 17.20 -5.17 1.27
C VAL A 346 17.82 -6.49 0.78
N LYS A 347 18.77 -6.36 -0.13
CA LYS A 347 19.47 -7.51 -0.71
C LYS A 347 20.10 -8.36 0.41
N GLU A 348 20.89 -7.73 1.26
CA GLU A 348 21.54 -8.45 2.36
C GLU A 348 20.50 -9.17 3.20
N SER A 349 19.44 -8.45 3.56
CA SER A 349 18.35 -8.99 4.37
C SER A 349 17.79 -10.26 3.72
N VAL A 350 17.56 -10.20 2.40
CA VAL A 350 17.05 -11.37 1.70
C VAL A 350 18.12 -12.46 1.78
N ASP A 351 19.32 -12.15 1.30
CA ASP A 351 20.43 -13.11 1.31
C ASP A 351 20.56 -13.78 2.69
N LYS A 352 20.28 -13.02 3.75
CA LYS A 352 20.37 -13.57 5.11
C LYS A 352 19.02 -13.95 5.71
N ASN A 353 18.22 -14.69 4.93
CA ASN A 353 16.91 -15.15 5.36
C ASN A 353 16.03 -14.10 6.03
N TYR A 354 16.01 -12.90 5.46
CA TYR A 354 15.17 -11.81 5.96
C TYR A 354 15.52 -11.29 7.34
N GLN A 355 16.82 -11.32 7.66
CA GLN A 355 17.29 -10.82 8.94
C GLN A 355 17.17 -9.30 8.90
N GLN A 356 17.09 -8.66 10.06
CA GLN A 356 17.01 -7.20 10.10
C GLN A 356 18.43 -6.69 9.83
N ILE A 357 18.54 -5.68 8.97
CA ILE A 357 19.84 -5.11 8.63
C ILE A 357 19.92 -3.69 9.13
N SER A 358 21.02 -3.35 9.79
CA SER A 358 21.22 -2.02 10.33
C SER A 358 21.94 -1.12 9.34
N LEU A 359 21.60 0.16 9.34
CA LEU A 359 22.24 1.13 8.46
C LEU A 359 23.13 2.09 9.26
N SER A 360 23.57 1.63 10.43
CA SER A 360 24.44 2.42 11.32
C SER A 360 23.84 3.72 11.82
N GLN B 6 -39.89 -8.90 11.29
CA GLN B 6 -40.28 -10.20 11.91
C GLN B 6 -39.20 -10.73 12.87
N ILE B 7 -37.94 -10.47 12.57
CA ILE B 7 -36.83 -10.92 13.42
C ILE B 7 -36.58 -9.92 14.54
N ARG B 8 -37.00 -10.26 15.75
CA ARG B 8 -36.83 -9.37 16.90
C ARG B 8 -35.39 -9.32 17.38
N ILE B 9 -34.83 -8.12 17.41
CA ILE B 9 -33.44 -7.92 17.85
C ILE B 9 -33.34 -6.95 19.01
N GLY B 10 -32.44 -7.26 19.95
CA GLY B 10 -32.25 -6.40 21.09
C GLY B 10 -30.85 -5.80 21.02
N VAL B 11 -30.67 -4.62 21.59
CA VAL B 11 -29.36 -3.99 21.59
C VAL B 11 -28.72 -4.14 22.96
N MSE B 12 -27.67 -4.96 23.04
CA MSE B 12 -26.97 -5.20 24.30
C MSE B 12 -25.89 -4.17 24.59
O MSE B 12 -24.71 -4.50 24.70
CB MSE B 12 -26.37 -6.61 24.30
CG MSE B 12 -25.82 -7.07 25.65
SE MSE B 12 -26.21 -8.94 25.98
CE MSE B 12 -24.63 -9.74 25.21
N GLY B 13 -26.30 -2.90 24.70
CA GLY B 13 -25.34 -1.83 24.97
C GLY B 13 -25.89 -0.47 24.54
N CYS B 14 -25.10 0.58 24.76
CA CYS B 14 -25.54 1.93 24.37
C CYS B 14 -24.38 2.90 24.07
N ALA B 15 -23.29 2.38 23.50
CA ALA B 15 -22.13 3.22 23.17
C ALA B 15 -22.32 3.98 21.85
N ASP B 16 -21.22 4.35 21.22
CA ASP B 16 -21.27 5.09 19.96
C ASP B 16 -21.88 4.37 18.77
N ILE B 17 -21.31 3.22 18.40
CA ILE B 17 -21.81 2.48 17.25
C ILE B 17 -23.30 2.21 17.38
N ALA B 18 -23.87 2.58 18.52
CA ALA B 18 -25.29 2.37 18.77
C ALA B 18 -26.19 3.10 17.77
N ARG B 19 -25.92 4.38 17.54
CA ARG B 19 -26.76 5.14 16.62
C ARG B 19 -26.75 4.56 15.21
N LYS B 20 -25.56 4.35 14.66
CA LYS B 20 -25.48 3.80 13.31
C LYS B 20 -26.10 2.40 13.32
N VAL B 21 -25.83 1.63 14.38
CA VAL B 21 -26.39 0.28 14.46
C VAL B 21 -27.89 0.32 14.73
N SER B 22 -28.33 1.23 15.60
CA SER B 22 -29.76 1.32 15.88
C SER B 22 -30.51 1.62 14.57
N ARG B 23 -29.88 2.43 13.71
CA ARG B 23 -30.48 2.77 12.43
C ARG B 23 -30.27 1.59 11.50
N ALA B 24 -29.24 0.81 11.78
CA ALA B 24 -28.91 -0.36 10.97
C ALA B 24 -30.04 -1.38 11.04
N ILE B 25 -29.84 -2.43 11.82
CA ILE B 25 -30.80 -3.52 11.99
C ILE B 25 -31.93 -3.55 10.97
N HIS B 26 -33.01 -2.82 11.22
CA HIS B 26 -34.12 -2.83 10.28
C HIS B 26 -33.98 -1.85 9.13
N LEU B 27 -34.06 -2.42 7.94
CA LEU B 27 -33.99 -1.72 6.67
C LEU B 27 -33.77 -2.84 5.68
N ALA B 28 -34.36 -4.00 5.99
CA ALA B 28 -34.23 -5.18 5.15
C ALA B 28 -35.30 -5.31 4.10
N PRO B 29 -36.57 -5.46 4.50
CA PRO B 29 -37.16 -5.50 5.84
C PRO B 29 -37.39 -6.92 6.39
N ASN B 30 -36.61 -7.31 7.39
CA ASN B 30 -36.74 -8.63 8.01
C ASN B 30 -36.22 -8.69 9.45
N ALA B 31 -36.56 -7.69 10.25
CA ALA B 31 -36.15 -7.62 11.67
C ALA B 31 -36.32 -6.20 12.19
N THR B 32 -36.35 -6.07 13.51
CA THR B 32 -36.48 -4.75 14.14
C THR B 32 -35.84 -4.74 15.52
N ILE B 33 -35.80 -3.56 16.14
CA ILE B 33 -35.23 -3.39 17.47
C ILE B 33 -36.33 -3.67 18.48
N SER B 34 -36.03 -4.48 19.49
CA SER B 34 -37.02 -4.83 20.50
C SER B 34 -36.41 -4.84 21.90
N GLY B 35 -35.63 -3.82 22.21
CA GLY B 35 -35.02 -3.77 23.52
C GLY B 35 -33.57 -3.34 23.48
N VAL B 36 -33.11 -2.73 24.57
CA VAL B 36 -31.74 -2.26 24.70
C VAL B 36 -31.33 -2.44 26.14
N ALA B 37 -30.06 -2.80 26.36
CA ALA B 37 -29.57 -2.98 27.71
C ALA B 37 -28.52 -1.95 28.09
N SER B 38 -28.27 -1.86 29.38
CA SER B 38 -27.28 -0.94 29.90
C SER B 38 -27.12 -1.21 31.38
N ARG B 39 -25.89 -1.16 31.86
CA ARG B 39 -25.63 -1.39 33.27
C ARG B 39 -26.48 -0.39 34.07
N SER B 40 -27.15 0.50 33.34
CA SER B 40 -28.02 1.51 33.92
C SER B 40 -29.31 1.65 33.14
N LEU B 41 -30.45 1.55 33.84
CA LEU B 41 -31.73 1.69 33.17
C LEU B 41 -31.83 3.12 32.66
N GLU B 42 -31.31 4.06 33.44
CA GLU B 42 -31.32 5.47 33.10
C GLU B 42 -30.78 5.72 31.70
N LYS B 43 -29.57 5.23 31.46
CA LYS B 43 -28.90 5.40 30.18
C LYS B 43 -29.66 4.69 29.06
N ALA B 44 -30.27 3.55 29.38
CA ALA B 44 -31.03 2.81 28.38
C ALA B 44 -32.28 3.61 28.03
N LYS B 45 -32.84 4.28 29.03
CA LYS B 45 -34.02 5.09 28.84
C LYS B 45 -33.68 6.25 27.91
N ALA B 46 -32.55 6.90 28.20
CA ALA B 46 -32.08 8.02 27.41
C ALA B 46 -31.83 7.58 25.96
N PHE B 47 -31.14 6.44 25.81
CA PHE B 47 -30.83 5.90 24.50
C PHE B 47 -32.06 5.60 23.65
N ALA B 48 -33.00 4.83 24.21
CA ALA B 48 -34.21 4.46 23.49
C ALA B 48 -34.98 5.65 22.91
N THR B 49 -35.14 6.70 23.72
CA THR B 49 -35.86 7.90 23.30
C THR B 49 -35.01 8.79 22.42
N ALA B 50 -33.74 8.93 22.76
CA ALA B 50 -32.82 9.75 21.98
C ALA B 50 -32.85 9.36 20.51
N ASN B 51 -32.55 8.10 20.24
CA ASN B 51 -32.51 7.59 18.88
C ASN B 51 -33.87 7.20 18.32
N ASN B 52 -34.93 7.64 19.00
CA ASN B 52 -36.30 7.39 18.55
C ASN B 52 -36.69 5.92 18.34
N TYR B 53 -36.66 5.15 19.42
CA TYR B 53 -37.02 3.74 19.39
C TYR B 53 -38.53 3.62 19.52
N PRO B 54 -39.15 2.65 18.85
CA PRO B 54 -40.59 2.50 18.95
C PRO B 54 -41.10 2.28 20.37
N GLU B 55 -42.42 2.36 20.55
CA GLU B 55 -43.04 2.17 21.86
C GLU B 55 -42.91 0.74 22.35
N SER B 56 -43.10 -0.21 21.44
CA SER B 56 -43.02 -1.63 21.76
C SER B 56 -41.64 -2.10 22.24
N THR B 57 -40.62 -1.26 22.10
CA THR B 57 -39.27 -1.62 22.53
C THR B 57 -39.18 -1.77 24.04
N LYS B 58 -38.79 -2.95 24.52
CA LYS B 58 -38.67 -3.15 25.97
C LYS B 58 -37.35 -2.55 26.45
N ILE B 59 -37.43 -1.57 27.36
CA ILE B 59 -36.22 -0.93 27.88
C ILE B 59 -35.71 -1.65 29.11
N HIS B 60 -34.57 -2.32 28.96
CA HIS B 60 -33.95 -3.11 30.02
C HIS B 60 -32.82 -2.41 30.79
N GLY B 61 -32.88 -2.51 32.11
CA GLY B 61 -31.87 -1.89 32.95
C GLY B 61 -30.73 -2.85 33.28
N SER B 62 -30.61 -3.94 32.51
CA SER B 62 -29.55 -4.91 32.74
C SER B 62 -29.34 -5.79 31.52
N TYR B 63 -28.10 -6.25 31.35
CA TYR B 63 -27.77 -7.11 30.22
C TYR B 63 -28.36 -8.51 30.48
N GLU B 64 -28.26 -8.98 31.71
CA GLU B 64 -28.77 -10.29 32.08
C GLU B 64 -30.26 -10.39 31.80
N SER B 65 -31.00 -9.34 32.16
CA SER B 65 -32.44 -9.31 31.95
C SER B 65 -32.85 -9.25 30.49
N LEU B 66 -32.06 -8.56 29.67
CA LEU B 66 -32.36 -8.44 28.25
C LEU B 66 -32.32 -9.78 27.52
N LEU B 67 -31.19 -10.47 27.57
CA LEU B 67 -31.09 -11.77 26.91
C LEU B 67 -32.15 -12.71 27.46
N GLU B 68 -32.66 -12.37 28.64
CA GLU B 68 -33.68 -13.16 29.32
C GLU B 68 -35.06 -13.08 28.67
N ASP B 69 -35.43 -11.90 28.19
CA ASP B 69 -36.73 -11.72 27.55
C ASP B 69 -36.93 -12.68 26.39
N PRO B 70 -37.91 -13.60 26.52
CA PRO B 70 -38.21 -14.59 25.48
C PRO B 70 -38.67 -14.03 24.13
N GLU B 71 -39.10 -12.77 24.11
CA GLU B 71 -39.56 -12.13 22.88
C GLU B 71 -38.44 -11.44 22.07
N ILE B 72 -37.24 -12.02 22.12
CA ILE B 72 -36.09 -11.50 21.40
C ILE B 72 -35.33 -12.65 20.75
N ASP B 73 -35.01 -12.52 19.47
CA ASP B 73 -34.29 -13.57 18.77
C ASP B 73 -32.78 -13.33 18.68
N ALA B 74 -32.34 -12.09 18.82
CA ALA B 74 -30.93 -11.78 18.72
C ALA B 74 -30.53 -10.51 19.45
N LEU B 75 -29.34 -10.52 20.04
CA LEU B 75 -28.84 -9.38 20.79
C LEU B 75 -27.59 -8.74 20.19
N TYR B 76 -27.74 -7.53 19.67
CA TYR B 76 -26.60 -6.83 19.09
C TYR B 76 -25.66 -6.50 20.24
N VAL B 77 -24.43 -6.97 20.16
CA VAL B 77 -23.45 -6.76 21.23
C VAL B 77 -22.29 -5.86 20.83
N PRO B 78 -22.25 -4.62 21.34
CA PRO B 78 -21.17 -3.68 21.03
C PRO B 78 -20.23 -3.52 22.22
N LEU B 79 -20.23 -4.50 23.12
CA LEU B 79 -19.39 -4.45 24.33
C LEU B 79 -17.88 -4.43 24.12
N PRO B 80 -17.13 -3.97 25.13
CA PRO B 80 -15.67 -3.95 24.98
C PRO B 80 -15.20 -5.36 24.69
N THR B 81 -14.24 -5.48 23.76
CA THR B 81 -13.68 -6.76 23.36
C THR B 81 -13.43 -7.68 24.56
N SER B 82 -13.00 -7.10 25.66
CA SER B 82 -12.72 -7.87 26.87
C SER B 82 -13.95 -8.55 27.46
N LEU B 83 -15.12 -7.93 27.32
CA LEU B 83 -16.35 -8.51 27.85
C LEU B 83 -17.06 -9.38 26.82
N HIS B 84 -16.37 -9.77 25.75
CA HIS B 84 -17.01 -10.57 24.73
C HIS B 84 -17.22 -12.06 25.03
N VAL B 85 -16.20 -12.72 25.55
CA VAL B 85 -16.31 -14.14 25.83
C VAL B 85 -17.41 -14.47 26.85
N GLU B 86 -17.66 -13.59 27.80
CA GLU B 86 -18.70 -13.85 28.79
C GLU B 86 -20.13 -13.71 28.28
N TRP B 87 -20.43 -12.57 27.66
CA TRP B 87 -21.79 -12.31 27.17
C TRP B 87 -22.17 -12.91 25.81
N ALA B 88 -21.18 -13.35 25.05
CA ALA B 88 -21.48 -13.98 23.77
C ALA B 88 -21.82 -15.42 24.10
N ILE B 89 -21.30 -15.90 25.23
CA ILE B 89 -21.53 -17.25 25.67
C ILE B 89 -22.87 -17.33 26.42
N LYS B 90 -23.12 -16.35 27.27
CA LYS B 90 -24.38 -16.32 28.02
C LYS B 90 -25.51 -16.09 27.01
N ALA B 91 -25.23 -15.28 25.98
CA ALA B 91 -26.22 -14.99 24.95
C ALA B 91 -26.58 -16.28 24.21
N ALA B 92 -25.58 -17.08 23.90
CA ALA B 92 -25.81 -18.35 23.22
C ALA B 92 -26.56 -19.27 24.17
N GLU B 93 -26.21 -19.21 25.45
CA GLU B 93 -26.85 -20.04 26.45
C GLU B 93 -28.35 -19.77 26.59
N LYS B 94 -28.85 -18.83 25.80
CA LYS B 94 -30.27 -18.51 25.82
C LYS B 94 -30.88 -18.87 24.47
N GLY B 95 -30.06 -19.49 23.62
CA GLY B 95 -30.52 -19.92 22.32
C GLY B 95 -30.92 -18.84 21.34
N LYS B 96 -30.27 -17.67 21.38
CA LYS B 96 -30.58 -16.59 20.46
C LYS B 96 -29.39 -16.37 19.52
N HIS B 97 -29.63 -15.70 18.40
CA HIS B 97 -28.57 -15.44 17.42
C HIS B 97 -27.89 -14.11 17.75
N ILE B 98 -26.59 -14.00 17.48
CA ILE B 98 -25.88 -12.76 17.81
C ILE B 98 -24.99 -12.11 16.76
N LEU B 99 -25.13 -10.78 16.66
CA LEU B 99 -24.31 -9.97 15.76
C LEU B 99 -23.28 -9.40 16.72
N LEU B 100 -22.07 -9.96 16.68
CA LEU B 100 -20.98 -9.57 17.56
C LEU B 100 -20.06 -8.52 16.95
N GLU B 101 -19.83 -7.44 17.68
CA GLU B 101 -18.97 -6.36 17.22
C GLU B 101 -17.53 -6.81 17.04
N LYS B 102 -16.84 -6.14 16.13
CA LYS B 102 -15.44 -6.46 15.88
C LYS B 102 -14.55 -5.57 16.76
N PRO B 103 -13.42 -6.11 17.24
CA PRO B 103 -13.01 -7.49 16.98
C PRO B 103 -13.94 -8.43 17.75
N VAL B 104 -14.03 -9.69 17.34
CA VAL B 104 -14.91 -10.63 18.03
C VAL B 104 -14.41 -11.10 19.40
N ALA B 105 -13.12 -11.00 19.66
CA ALA B 105 -12.56 -11.42 20.94
C ALA B 105 -11.12 -10.94 21.16
N MSE B 106 -10.70 -10.90 22.42
CA MSE B 106 -9.35 -10.46 22.78
C MSE B 106 -8.28 -11.32 22.11
O MSE B 106 -7.18 -10.84 21.85
CB MSE B 106 -9.16 -10.49 24.30
CG MSE B 106 -10.03 -9.50 25.05
SE MSE B 106 -9.74 -7.68 24.44
CE MSE B 106 -7.97 -7.42 25.15
N ASN B 107 -8.61 -12.58 21.85
CA ASN B 107 -7.70 -13.54 21.21
C ASN B 107 -8.54 -14.67 20.66
N VAL B 108 -7.92 -15.56 19.88
CA VAL B 108 -8.65 -16.67 19.30
C VAL B 108 -8.94 -17.72 20.36
N THR B 109 -8.41 -17.50 21.56
CA THR B 109 -8.60 -18.39 22.70
C THR B 109 -9.97 -18.11 23.31
N GLU B 110 -10.48 -16.90 23.10
CA GLU B 110 -11.80 -16.52 23.61
C GLU B 110 -12.83 -16.87 22.56
N PHE B 111 -12.55 -16.48 21.31
CA PHE B 111 -13.49 -16.73 20.23
C PHE B 111 -13.88 -18.20 20.09
N ASP B 112 -12.92 -19.11 20.22
CA ASP B 112 -13.23 -20.54 20.10
C ASP B 112 -14.38 -20.90 21.02
N LYS B 113 -14.37 -20.37 22.24
CA LYS B 113 -15.44 -20.68 23.18
C LYS B 113 -16.75 -20.07 22.69
N ILE B 114 -16.70 -18.80 22.31
CA ILE B 114 -17.89 -18.12 21.80
C ILE B 114 -18.56 -18.96 20.73
N VAL B 115 -17.74 -19.47 19.80
CA VAL B 115 -18.24 -20.30 18.72
C VAL B 115 -18.86 -21.58 19.23
N ASP B 116 -18.30 -22.12 20.31
CA ASP B 116 -18.79 -23.35 20.92
C ASP B 116 -20.25 -23.23 21.33
N ALA B 117 -20.54 -22.29 22.22
CA ALA B 117 -21.90 -22.07 22.67
C ALA B 117 -22.83 -21.87 21.49
N CYS B 118 -22.36 -21.13 20.48
CA CYS B 118 -23.17 -20.88 19.29
C CYS B 118 -23.59 -22.19 18.62
N GLU B 119 -22.62 -23.08 18.38
CA GLU B 119 -22.90 -24.37 17.76
C GLU B 119 -23.83 -25.12 18.70
N ALA B 120 -23.39 -25.24 19.94
CA ALA B 120 -24.14 -25.94 20.99
C ALA B 120 -25.61 -25.55 21.05
N ASN B 121 -25.89 -24.25 20.97
CA ASN B 121 -27.27 -23.78 21.04
C ASN B 121 -27.93 -23.63 19.68
N GLY B 122 -27.19 -23.97 18.63
CA GLY B 122 -27.73 -23.89 17.29
C GLY B 122 -28.08 -22.49 16.81
N VAL B 123 -27.33 -21.49 17.24
CA VAL B 123 -27.61 -20.13 16.79
C VAL B 123 -26.56 -19.59 15.85
N GLN B 124 -26.98 -18.62 15.04
CA GLN B 124 -26.12 -17.97 14.07
C GLN B 124 -25.24 -16.94 14.76
N ILE B 125 -23.95 -16.93 14.41
CA ILE B 125 -23.00 -15.97 14.95
C ILE B 125 -22.35 -15.25 13.78
N MSE B 126 -22.28 -13.94 13.87
CA MSE B 126 -21.68 -13.10 12.83
C MSE B 126 -21.05 -11.85 13.47
O MSE B 126 -21.60 -11.31 14.44
CB MSE B 126 -22.76 -12.66 11.82
CG MSE B 126 -22.22 -11.76 10.72
SE MSE B 126 -23.59 -10.73 9.78
CE MSE B 126 -24.28 -12.12 8.62
N ASP B 127 -19.92 -11.39 12.95
CA ASP B 127 -19.27 -10.20 13.49
C ASP B 127 -19.82 -8.97 12.81
N GLY B 128 -19.54 -7.80 13.38
CA GLY B 128 -20.06 -6.56 12.82
C GLY B 128 -19.32 -5.84 11.70
N THR B 129 -18.55 -6.56 10.88
CA THR B 129 -17.83 -5.93 9.77
C THR B 129 -18.87 -5.58 8.72
N MSE B 130 -18.93 -4.30 8.35
CA MSE B 130 -19.91 -3.81 7.40
C MSE B 130 -19.57 -3.85 5.91
O MSE B 130 -20.37 -4.36 5.11
CB MSE B 130 -20.27 -2.37 7.78
CG MSE B 130 -20.27 -2.13 9.29
SE MSE B 130 -20.96 -0.40 9.80
CE MSE B 130 -20.53 -0.42 11.69
N TRP B 131 -18.42 -3.32 5.52
CA TRP B 131 -18.05 -3.27 4.12
C TRP B 131 -18.12 -4.61 3.39
N VAL B 132 -18.02 -5.72 4.12
CA VAL B 132 -18.09 -7.02 3.48
C VAL B 132 -19.52 -7.26 3.01
N HIS B 133 -20.43 -6.40 3.45
CA HIS B 133 -21.82 -6.51 3.06
C HIS B 133 -22.27 -5.42 2.08
N ASN B 134 -21.31 -4.74 1.45
CA ASN B 134 -21.62 -3.70 0.48
C ASN B 134 -21.62 -4.30 -0.92
N PRO B 135 -22.60 -3.93 -1.76
CA PRO B 135 -22.63 -4.48 -3.11
C PRO B 135 -21.28 -4.38 -3.83
N ARG B 136 -20.41 -3.53 -3.31
CA ARG B 136 -19.09 -3.33 -3.91
C ARG B 136 -18.17 -4.53 -3.69
N THR B 137 -18.35 -5.20 -2.56
CA THR B 137 -17.54 -6.36 -2.23
C THR B 137 -17.77 -7.49 -3.24
N ALA B 138 -19.02 -7.65 -3.67
CA ALA B 138 -19.33 -8.69 -4.65
C ALA B 138 -18.65 -8.33 -5.97
N LEU B 139 -18.61 -7.04 -6.27
CA LEU B 139 -17.98 -6.55 -7.48
C LEU B 139 -16.46 -6.66 -7.36
N LEU B 140 -15.94 -6.49 -6.14
CA LEU B 140 -14.50 -6.60 -5.91
C LEU B 140 -14.07 -8.07 -6.05
N LYS B 141 -14.76 -8.97 -5.34
CA LYS B 141 -14.44 -10.40 -5.40
C LYS B 141 -14.67 -10.97 -6.79
N GLU B 142 -15.48 -10.26 -7.58
CA GLU B 142 -15.77 -10.69 -8.94
C GLU B 142 -14.55 -10.45 -9.83
N PHE B 143 -13.96 -9.26 -9.71
CA PHE B 143 -12.79 -8.92 -10.49
C PHE B 143 -11.60 -9.81 -10.11
N LEU B 144 -11.34 -9.94 -8.80
CA LEU B 144 -10.24 -10.77 -8.34
C LEU B 144 -10.38 -12.22 -8.81
N SER B 145 -11.61 -12.66 -9.04
CA SER B 145 -11.88 -14.03 -9.49
C SER B 145 -11.70 -14.18 -10.99
N ASP B 146 -11.78 -13.07 -11.71
CA ASP B 146 -11.63 -13.06 -13.16
C ASP B 146 -10.18 -13.38 -13.52
N SER B 147 -9.97 -14.58 -14.06
CA SER B 147 -8.62 -15.03 -14.42
C SER B 147 -8.02 -14.35 -15.64
N GLU B 148 -8.85 -13.64 -16.41
CA GLU B 148 -8.32 -12.97 -17.61
C GLU B 148 -8.15 -11.47 -17.42
N ARG B 149 -9.03 -10.86 -16.63
CA ARG B 149 -8.98 -9.43 -16.39
C ARG B 149 -8.01 -9.06 -15.25
N PHE B 150 -7.84 -9.98 -14.30
CA PHE B 150 -6.94 -9.76 -13.15
C PHE B 150 -5.82 -10.80 -13.11
N GLY B 151 -6.15 -12.04 -13.49
CA GLY B 151 -5.19 -13.12 -13.49
C GLY B 151 -4.97 -13.74 -12.11
N GLN B 152 -3.74 -14.15 -11.83
CA GLN B 152 -3.42 -14.76 -10.55
C GLN B 152 -2.95 -13.65 -9.59
N LEU B 153 -3.48 -13.68 -8.36
CA LEU B 153 -3.13 -12.68 -7.35
C LEU B 153 -1.67 -12.81 -6.89
N LYS B 154 -0.89 -11.77 -7.16
CA LYS B 154 0.53 -11.78 -6.78
C LYS B 154 0.73 -11.22 -5.37
N THR B 155 0.09 -10.09 -5.09
CA THR B 155 0.19 -9.46 -3.78
C THR B 155 -0.95 -8.46 -3.56
N VAL B 156 -1.37 -8.31 -2.30
CA VAL B 156 -2.41 -7.35 -1.98
C VAL B 156 -1.98 -6.52 -0.78
N GLN B 157 -2.20 -5.22 -0.85
CA GLN B 157 -1.84 -4.31 0.23
C GLN B 157 -3.08 -3.55 0.73
N SER B 158 -3.11 -3.29 2.04
CA SER B 158 -4.23 -2.57 2.64
C SER B 158 -3.86 -2.05 4.01
N CYS B 159 -4.43 -0.92 4.38
CA CYS B 159 -4.14 -0.34 5.68
C CYS B 159 -5.19 0.71 6.03
N PHE B 160 -5.56 0.75 7.31
CA PHE B 160 -6.53 1.72 7.80
C PHE B 160 -5.94 2.54 8.96
N SER B 161 -6.00 3.86 8.83
CA SER B 161 -5.49 4.73 9.87
C SER B 161 -6.37 5.94 10.04
N PHE B 162 -6.24 6.58 11.19
CA PHE B 162 -6.99 7.81 11.47
C PHE B 162 -6.34 8.48 12.68
N ALA B 163 -6.34 9.80 12.68
CA ALA B 163 -5.72 10.55 13.77
C ALA B 163 -6.74 11.00 14.80
N GLY B 164 -6.83 10.23 15.89
CA GLY B 164 -7.77 10.60 16.94
C GLY B 164 -7.27 11.80 17.70
N ASP B 165 -8.18 12.67 18.14
CA ASP B 165 -7.79 13.87 18.88
C ASP B 165 -7.31 13.49 20.28
N GLU B 166 -6.74 14.45 20.99
CA GLU B 166 -6.24 14.24 22.34
C GLU B 166 -7.31 13.62 23.24
N ASP B 167 -8.57 13.98 22.99
CA ASP B 167 -9.67 13.43 23.77
C ASP B 167 -9.83 11.93 23.51
N PHE B 168 -9.61 11.53 22.26
CA PHE B 168 -9.71 10.12 21.89
C PHE B 168 -8.55 9.33 22.49
N LEU B 169 -7.33 9.84 22.29
CA LEU B 169 -6.13 9.19 22.79
C LEU B 169 -6.13 8.96 24.30
N LYS B 170 -7.01 9.63 25.01
CA LYS B 170 -7.07 9.48 26.46
C LYS B 170 -8.26 8.70 27.03
N ASN B 171 -9.45 8.88 26.46
CA ASN B 171 -10.64 8.21 26.99
C ASN B 171 -11.20 6.99 26.26
N ASP B 172 -11.08 6.97 24.94
CA ASP B 172 -11.64 5.87 24.15
C ASP B 172 -11.23 4.48 24.67
N ILE B 173 -12.17 3.56 24.64
CA ILE B 173 -11.92 2.20 25.11
C ILE B 173 -10.86 1.48 24.27
N ARG B 174 -10.55 2.03 23.09
CA ARG B 174 -9.58 1.42 22.20
C ARG B 174 -8.13 1.60 22.62
N VAL B 175 -7.89 2.26 23.74
CA VAL B 175 -6.53 2.46 24.22
C VAL B 175 -6.39 1.78 25.58
N LYS B 176 -7.53 1.38 26.12
CA LYS B 176 -7.62 0.72 27.42
C LYS B 176 -7.37 -0.78 27.29
N PRO B 177 -6.27 -1.27 27.87
CA PRO B 177 -5.92 -2.70 27.82
C PRO B 177 -6.92 -3.62 28.50
N GLY B 178 -7.74 -3.06 29.38
CA GLY B 178 -8.72 -3.86 30.10
C GLY B 178 -9.99 -4.13 29.32
N LEU B 179 -10.30 -3.25 28.37
CA LEU B 179 -11.50 -3.41 27.54
C LEU B 179 -11.09 -3.79 26.12
N ASP B 180 -11.18 -2.84 25.20
CA ASP B 180 -10.76 -3.09 23.82
C ASP B 180 -9.25 -2.98 23.80
N GLY B 181 -8.58 -3.94 24.44
CA GLY B 181 -7.14 -3.92 24.54
C GLY B 181 -6.29 -4.21 23.31
N LEU B 182 -6.91 -4.53 22.18
CA LEU B 182 -6.13 -4.81 20.98
C LEU B 182 -5.73 -3.53 20.27
N GLY B 183 -6.35 -2.42 20.64
CA GLY B 183 -6.02 -1.14 20.05
C GLY B 183 -6.30 -0.97 18.57
N ALA B 184 -5.36 -0.35 17.87
CA ALA B 184 -5.49 -0.08 16.44
C ALA B 184 -5.52 -1.36 15.59
N LEU B 185 -4.91 -2.44 16.10
CA LEU B 185 -4.87 -3.71 15.39
C LEU B 185 -6.26 -4.32 15.28
N GLY B 186 -6.94 -4.45 16.41
CA GLY B 186 -8.27 -5.02 16.42
C GLY B 186 -9.35 -4.10 15.87
N ASP B 187 -9.11 -2.79 15.94
CA ASP B 187 -10.08 -1.80 15.47
C ASP B 187 -9.85 -1.40 14.02
N ALA B 188 -8.57 -1.31 13.64
CA ALA B 188 -8.22 -0.92 12.28
C ALA B 188 -7.55 -2.04 11.48
N GLY B 189 -6.49 -2.63 12.04
CA GLY B 189 -5.80 -3.71 11.35
C GLY B 189 -6.79 -4.74 10.83
N TRP B 190 -7.73 -5.13 11.69
CA TRP B 190 -8.79 -6.08 11.36
C TRP B 190 -9.26 -5.91 9.92
N TYR B 191 -9.69 -4.70 9.59
CA TYR B 191 -10.19 -4.38 8.25
C TYR B 191 -9.15 -4.64 7.19
N ALA B 192 -7.91 -4.27 7.48
CA ALA B 192 -6.82 -4.47 6.54
C ALA B 192 -6.58 -5.96 6.35
N ILE B 193 -6.86 -6.73 7.38
CA ILE B 193 -6.69 -8.16 7.32
C ILE B 193 -7.83 -8.76 6.47
N ARG B 194 -9.06 -8.60 6.96
CA ARG B 194 -10.23 -9.14 6.26
C ARG B 194 -10.10 -8.97 4.75
N ALA B 195 -9.60 -7.81 4.34
CA ALA B 195 -9.42 -7.53 2.93
C ALA B 195 -8.36 -8.42 2.30
N THR B 196 -7.16 -8.49 2.89
CA THR B 196 -6.13 -9.33 2.29
C THR B 196 -6.59 -10.77 2.32
N LEU B 197 -7.30 -11.17 3.37
CA LEU B 197 -7.77 -12.53 3.46
C LEU B 197 -8.76 -12.79 2.34
N LEU B 198 -9.76 -11.92 2.21
CA LEU B 198 -10.78 -12.06 1.17
C LEU B 198 -10.13 -12.10 -0.21
N ALA B 199 -9.24 -11.15 -0.46
CA ALA B 199 -8.55 -11.07 -1.75
C ALA B 199 -7.82 -12.37 -2.07
N ASN B 200 -7.61 -13.20 -1.05
CA ASN B 200 -6.90 -14.46 -1.23
C ASN B 200 -7.81 -15.66 -1.13
N ASN B 201 -9.09 -15.44 -1.42
CA ASN B 201 -10.09 -16.51 -1.38
C ASN B 201 -9.99 -17.30 -0.09
N PHE B 202 -9.89 -16.58 1.02
CA PHE B 202 -9.81 -17.14 2.37
C PHE B 202 -8.58 -17.97 2.65
N GLU B 203 -7.59 -17.92 1.77
CA GLU B 203 -6.38 -18.68 1.99
C GLU B 203 -5.54 -18.05 3.11
N LEU B 204 -5.70 -18.58 4.31
CA LEU B 204 -4.98 -18.10 5.47
C LEU B 204 -3.48 -18.14 5.16
N PRO B 205 -2.73 -17.09 5.52
CA PRO B 205 -1.30 -17.11 5.22
C PRO B 205 -0.58 -18.12 6.10
N LYS B 206 0.72 -18.27 5.91
CA LYS B 206 1.52 -19.20 6.72
C LYS B 206 2.44 -18.46 7.69
N THR B 207 2.86 -17.25 7.33
CA THR B 207 3.75 -16.52 8.22
C THR B 207 3.43 -15.03 8.35
N VAL B 208 3.33 -14.58 9.59
CA VAL B 208 3.05 -13.18 9.89
C VAL B 208 4.25 -12.59 10.63
N THR B 209 4.74 -11.45 10.16
CA THR B 209 5.88 -10.79 10.80
C THR B 209 5.63 -9.28 10.85
N ALA B 210 5.25 -8.78 12.02
CA ALA B 210 4.99 -7.35 12.17
C ALA B 210 6.21 -6.53 11.74
N PHE B 211 6.02 -5.29 11.32
CA PHE B 211 7.16 -4.47 10.92
C PHE B 211 8.02 -4.17 12.15
N PRO B 212 9.33 -4.38 12.05
CA PRO B 212 10.15 -4.08 13.23
C PRO B 212 10.08 -2.58 13.51
N GLY B 213 9.15 -2.18 14.36
CA GLY B 213 9.00 -0.76 14.71
C GLY B 213 7.62 -0.29 15.09
N ALA B 214 6.85 -1.11 15.81
CA ALA B 214 5.51 -0.76 16.24
C ALA B 214 5.47 0.25 17.39
N VAL B 215 4.28 0.60 17.84
CA VAL B 215 4.10 1.56 18.93
C VAL B 215 3.10 1.07 19.97
N LEU B 216 3.57 0.95 21.21
CA LEU B 216 2.72 0.51 22.31
C LEU B 216 2.80 1.51 23.46
N ASN B 217 1.65 1.97 23.94
CA ASN B 217 1.63 2.94 25.03
C ASN B 217 2.23 2.33 26.31
N GLU B 218 2.13 3.05 27.42
CA GLU B 218 2.67 2.56 28.70
C GLU B 218 2.00 1.25 29.10
N ALA B 219 0.77 1.05 28.63
CA ALA B 219 0.00 -0.15 28.95
C ALA B 219 0.20 -1.31 27.98
N GLY B 220 1.02 -1.11 26.96
CA GLY B 220 1.25 -2.17 26.00
C GLY B 220 0.14 -2.35 24.98
N VAL B 221 -0.70 -1.33 24.83
CA VAL B 221 -1.81 -1.36 23.88
C VAL B 221 -1.32 -0.74 22.58
N ILE B 222 -1.66 -1.37 21.46
CA ILE B 222 -1.26 -0.92 20.13
C ILE B 222 -1.96 0.35 19.65
N LEU B 223 -1.17 1.32 19.21
CA LEU B 223 -1.71 2.59 18.69
C LEU B 223 -1.45 2.69 17.18
N SER B 224 -0.33 2.12 16.74
CA SER B 224 0.04 2.18 15.33
C SER B 224 1.08 1.10 14.98
N CYS B 225 0.74 0.21 14.05
CA CYS B 225 1.68 -0.83 13.65
C CYS B 225 1.40 -1.34 12.23
N GLY B 226 2.09 -2.39 11.82
CA GLY B 226 1.88 -2.96 10.50
C GLY B 226 2.62 -4.28 10.33
N ALA B 227 2.50 -4.90 9.15
CA ALA B 227 3.17 -6.18 8.91
C ALA B 227 2.92 -6.78 7.53
N SER B 228 3.73 -7.77 7.19
CA SER B 228 3.57 -8.47 5.91
C SER B 228 3.16 -9.90 6.23
N LEU B 229 2.26 -10.46 5.43
CA LEU B 229 1.80 -11.84 5.62
C LEU B 229 2.41 -12.65 4.47
N SER B 230 2.56 -13.96 4.65
CA SER B 230 3.17 -14.74 3.58
C SER B 230 2.59 -16.13 3.33
N TRP B 231 2.45 -16.46 2.04
CA TRP B 231 1.92 -17.76 1.64
C TRP B 231 3.04 -18.64 1.08
N GLU B 232 4.27 -18.34 1.50
CA GLU B 232 5.45 -19.08 1.07
C GLU B 232 5.44 -19.50 -0.39
N ASP B 233 4.99 -18.60 -1.24
CA ASP B 233 4.93 -18.79 -2.68
C ASP B 233 5.25 -17.44 -3.29
N GLY B 234 5.55 -16.49 -2.43
CA GLY B 234 5.83 -15.15 -2.86
C GLY B 234 4.53 -14.42 -2.60
N ARG B 235 3.46 -14.98 -3.15
CA ARG B 235 2.13 -14.43 -2.96
C ARG B 235 2.05 -13.98 -1.51
N THR B 236 1.81 -12.69 -1.30
CA THR B 236 1.74 -12.16 0.06
C THR B 236 0.90 -10.90 0.15
N ALA B 237 0.93 -10.29 1.32
CA ALA B 237 0.19 -9.07 1.54
C ALA B 237 0.83 -8.20 2.61
N THR B 238 0.50 -6.91 2.59
CA THR B 238 1.01 -6.01 3.59
C THR B 238 -0.17 -5.33 4.28
N ILE B 239 -0.12 -5.24 5.61
CA ILE B 239 -1.17 -4.58 6.36
C ILE B 239 -0.56 -3.42 7.14
N TYR B 240 -1.42 -2.55 7.66
CA TYR B 240 -0.98 -1.41 8.46
C TYR B 240 -2.17 -0.80 9.21
N CYS B 241 -1.88 -0.21 10.37
CA CYS B 241 -2.93 0.41 11.18
C CYS B 241 -2.33 1.44 12.13
N SER B 242 -3.12 2.43 12.49
CA SER B 242 -2.64 3.49 13.38
C SER B 242 -3.75 4.43 13.83
N PHE B 243 -3.64 4.87 15.08
CA PHE B 243 -4.59 5.80 15.67
C PHE B 243 -4.01 7.23 15.58
N LEU B 244 -2.79 7.33 15.08
CA LEU B 244 -2.10 8.60 14.97
C LEU B 244 -1.69 9.04 13.57
N ALA B 245 -2.67 9.18 12.68
CA ALA B 245 -2.39 9.58 11.30
C ALA B 245 -3.66 9.65 10.46
N ASN B 246 -3.80 10.75 9.71
CA ASN B 246 -4.94 11.01 8.84
C ASN B 246 -5.75 9.77 8.41
N LEU B 247 -7.07 9.93 8.38
CA LEU B 247 -7.97 8.86 7.97
C LEU B 247 -7.57 8.28 6.63
N THR B 248 -6.99 7.07 6.65
CA THR B 248 -6.55 6.38 5.44
C THR B 248 -7.13 4.98 5.44
N MSE B 249 -7.62 4.52 4.30
CA MSE B 249 -8.20 3.18 4.20
C MSE B 249 -8.05 2.64 2.79
O MSE B 249 -9.02 2.58 2.03
CB MSE B 249 -9.68 3.20 4.60
CG MSE B 249 -10.53 4.20 3.86
SE MSE B 249 -12.40 4.15 4.36
CE MSE B 249 -12.23 4.76 6.19
N GLU B 250 -6.84 2.24 2.44
CA GLU B 250 -6.57 1.71 1.12
C GLU B 250 -6.65 0.21 0.95
N ILE B 251 -6.94 -0.20 -0.28
CA ILE B 251 -7.01 -1.58 -0.69
C ILE B 251 -6.37 -1.63 -2.06
N THR B 252 -5.22 -2.29 -2.15
CA THR B 252 -4.51 -2.44 -3.41
C THR B 252 -4.19 -3.92 -3.61
N ALA B 253 -4.70 -4.49 -4.69
CA ALA B 253 -4.47 -5.90 -5.01
C ALA B 253 -3.91 -6.00 -6.42
N ILE B 254 -2.77 -6.66 -6.57
CA ILE B 254 -2.15 -6.77 -7.88
C ILE B 254 -1.98 -8.20 -8.36
N GLY B 255 -2.54 -8.48 -9.53
CA GLY B 255 -2.42 -9.80 -10.11
C GLY B 255 -1.57 -9.78 -11.36
N THR B 256 -1.53 -10.91 -12.07
CA THR B 256 -0.73 -11.03 -13.29
C THR B 256 -1.34 -10.28 -14.49
N LYS B 257 -2.66 -10.13 -14.50
CA LYS B 257 -3.35 -9.48 -15.61
C LYS B 257 -3.93 -8.12 -15.25
N GLY B 258 -4.08 -7.85 -13.97
CA GLY B 258 -4.65 -6.57 -13.55
C GLY B 258 -4.29 -6.09 -12.16
N THR B 259 -5.06 -5.11 -11.69
CA THR B 259 -4.84 -4.53 -10.38
C THR B 259 -6.14 -3.88 -9.91
N LEU B 260 -6.42 -3.98 -8.62
CA LEU B 260 -7.64 -3.41 -8.05
C LEU B 260 -7.36 -2.30 -7.05
N ARG B 261 -8.21 -1.28 -7.06
CA ARG B 261 -8.03 -0.14 -6.15
C ARG B 261 -9.34 0.48 -5.67
N VAL B 262 -9.43 0.66 -4.37
CA VAL B 262 -10.57 1.29 -3.73
C VAL B 262 -10.07 1.92 -2.44
N HIS B 263 -10.05 3.25 -2.42
CA HIS B 263 -9.55 4.03 -1.29
C HIS B 263 -10.58 4.42 -0.23
N ASP B 264 -11.69 3.70 -0.17
CA ASP B 264 -12.74 3.99 0.81
C ASP B 264 -13.46 2.67 1.09
N PHE B 265 -12.69 1.59 1.15
CA PHE B 265 -13.26 0.26 1.36
C PHE B 265 -13.98 -0.01 2.68
N ILE B 266 -13.63 0.72 3.73
CA ILE B 266 -14.27 0.50 5.04
C ILE B 266 -15.52 1.36 5.24
N ILE B 267 -15.46 2.60 4.76
CA ILE B 267 -16.57 3.54 4.86
C ILE B 267 -16.60 4.30 3.55
N PRO B 268 -17.58 3.99 2.69
CA PRO B 268 -17.70 4.67 1.38
C PRO B 268 -17.78 6.17 1.53
N TYR B 269 -17.42 6.91 0.47
CA TYR B 269 -17.49 8.36 0.51
C TYR B 269 -18.94 8.76 0.81
N LYS B 270 -19.87 8.13 0.10
CA LYS B 270 -21.30 8.36 0.29
C LYS B 270 -22.01 7.02 0.48
N GLU B 271 -22.97 6.97 1.40
CA GLU B 271 -23.69 5.72 1.64
C GLU B 271 -24.67 5.44 0.52
N THR B 272 -24.40 6.00 -0.65
CA THR B 272 -25.27 5.82 -1.82
C THR B 272 -24.62 5.01 -2.93
N GLU B 273 -23.39 5.38 -3.30
CA GLU B 273 -22.68 4.66 -4.37
C GLU B 273 -21.50 3.90 -3.81
N ALA B 274 -20.77 3.22 -4.70
CA ALA B 274 -19.59 2.44 -4.35
C ALA B 274 -18.67 2.38 -5.58
N SER B 275 -17.57 3.12 -5.55
CA SER B 275 -16.65 3.14 -6.67
C SER B 275 -15.36 2.36 -6.40
N PHE B 276 -14.87 1.69 -7.44
CA PHE B 276 -13.63 0.92 -7.36
C PHE B 276 -12.97 1.03 -8.73
N THR B 277 -11.63 1.05 -8.73
CA THR B 277 -10.90 1.17 -9.98
C THR B 277 -10.22 -0.12 -10.41
N THR B 278 -10.25 -0.35 -11.72
CA THR B 278 -9.68 -1.56 -12.32
C THR B 278 -8.70 -1.25 -13.47
N SER B 279 -7.65 -2.06 -13.55
CA SER B 279 -6.62 -1.90 -14.58
C SER B 279 -6.25 -3.30 -15.06
N THR B 280 -6.26 -3.50 -16.37
CA THR B 280 -5.94 -4.81 -16.95
C THR B 280 -4.88 -4.74 -18.05
N LYS B 281 -3.77 -5.45 -17.84
CA LYS B 281 -2.67 -5.49 -18.80
C LYS B 281 -2.35 -4.09 -19.33
N ALA B 282 -1.95 -3.18 -18.43
CA ALA B 282 -1.65 -1.81 -18.82
C ALA B 282 -0.20 -1.56 -19.26
N TRP B 283 0.01 -0.42 -19.90
CA TRP B 283 1.34 -0.05 -20.36
C TRP B 283 1.42 1.27 -21.10
N PHE B 284 2.51 1.47 -21.85
CA PHE B 284 2.75 2.69 -22.60
C PHE B 284 2.95 2.44 -24.10
N ASN B 285 3.13 3.52 -24.84
CA ASN B 285 3.38 3.42 -26.28
C ASN B 285 4.88 3.19 -26.45
N ASP B 286 5.27 2.54 -27.54
CA ASP B 286 6.68 2.23 -27.80
C ASP B 286 7.75 3.12 -27.17
N LEU B 287 7.47 4.43 -27.06
CA LEU B 287 8.44 5.36 -26.49
C LEU B 287 8.38 5.55 -24.97
N VAL B 288 7.24 5.22 -24.36
CA VAL B 288 7.05 5.34 -22.91
C VAL B 288 6.87 6.80 -22.43
N THR B 289 6.11 7.59 -23.18
CA THR B 289 5.85 8.98 -22.80
C THR B 289 4.48 9.12 -22.14
N ALA B 290 3.79 7.98 -21.98
CA ALA B 290 2.47 7.95 -21.36
C ALA B 290 1.90 6.52 -21.34
N TRP B 291 0.86 6.29 -20.54
CA TRP B 291 0.19 4.99 -20.47
C TRP B 291 -0.75 4.89 -21.66
N VAL B 292 -0.74 3.77 -22.36
CA VAL B 292 -1.64 3.60 -23.50
C VAL B 292 -3.08 3.70 -23.02
N SER B 293 -3.33 3.21 -21.81
CA SER B 293 -4.68 3.24 -21.25
C SER B 293 -4.70 3.23 -19.71
N PRO B 294 -5.06 4.36 -19.10
CA PRO B 294 -5.15 4.49 -17.64
C PRO B 294 -6.29 3.66 -17.06
N PRO B 295 -6.16 3.21 -15.80
CA PRO B 295 -7.18 2.40 -15.14
C PRO B 295 -8.62 2.87 -15.40
N SER B 296 -9.58 1.96 -15.20
CA SER B 296 -10.99 2.25 -15.38
C SER B 296 -11.68 2.45 -14.03
N GLU B 297 -12.44 3.54 -13.89
CA GLU B 297 -13.14 3.80 -12.65
C GLU B 297 -14.57 3.24 -12.78
N HIS B 298 -14.97 2.45 -11.81
CA HIS B 298 -16.30 1.84 -11.80
C HIS B 298 -17.01 2.23 -10.52
N THR B 299 -18.25 2.67 -10.64
CA THR B 299 -19.05 3.05 -9.48
C THR B 299 -20.44 2.44 -9.63
N VAL B 300 -20.92 1.83 -8.56
CA VAL B 300 -22.22 1.18 -8.57
C VAL B 300 -23.17 1.83 -7.57
N LYS B 301 -24.47 1.76 -7.84
CA LYS B 301 -25.45 2.35 -6.93
C LYS B 301 -25.78 1.37 -5.82
N THR B 302 -25.98 1.90 -4.61
CA THR B 302 -26.32 1.09 -3.45
C THR B 302 -27.51 1.74 -2.75
N GLU B 303 -28.72 1.44 -3.20
CA GLU B 303 -29.91 2.02 -2.60
C GLU B 303 -30.01 1.72 -1.12
N LEU B 304 -29.53 0.54 -0.74
CA LEU B 304 -29.56 0.12 0.66
C LEU B 304 -28.13 0.16 1.20
N PRO B 305 -27.87 1.04 2.20
CA PRO B 305 -26.52 1.13 2.76
C PRO B 305 -26.01 -0.23 3.23
N GLN B 306 -24.68 -0.40 3.19
CA GLN B 306 -24.02 -1.65 3.57
C GLN B 306 -24.38 -2.25 4.93
N GLU B 307 -24.43 -1.42 5.97
CA GLU B 307 -24.77 -1.94 7.29
C GLU B 307 -26.18 -2.52 7.25
N ALA B 308 -27.07 -1.86 6.52
CA ALA B 308 -28.44 -2.33 6.41
C ALA B 308 -28.47 -3.61 5.59
N CYS B 309 -27.58 -3.72 4.62
CA CYS B 309 -27.50 -4.91 3.81
C CYS B 309 -27.01 -6.04 4.72
N MSE B 310 -26.14 -5.70 5.67
CA MSE B 310 -25.57 -6.65 6.61
C MSE B 310 -26.65 -7.20 7.52
O MSE B 310 -26.94 -8.40 7.51
CB MSE B 310 -24.46 -6.00 7.45
CG MSE B 310 -23.94 -6.87 8.58
SE MSE B 310 -22.54 -6.04 9.63
CE MSE B 310 -23.57 -5.44 11.14
N VAL B 311 -27.23 -6.32 8.33
CA VAL B 311 -28.30 -6.66 9.24
C VAL B 311 -29.39 -7.36 8.42
N ARG B 312 -29.45 -7.00 7.14
CA ARG B 312 -30.42 -7.58 6.21
C ARG B 312 -30.17 -9.08 6.03
N GLU B 313 -28.89 -9.45 5.91
CA GLU B 313 -28.49 -10.86 5.75
C GLU B 313 -28.56 -11.63 7.06
N PHE B 314 -27.96 -11.09 8.11
CA PHE B 314 -27.98 -11.74 9.43
C PHE B 314 -29.42 -12.15 9.77
N ALA B 315 -30.33 -11.18 9.71
CA ALA B 315 -31.73 -11.41 10.02
C ALA B 315 -32.32 -12.40 9.02
N ILE B 321 -34.09 -20.95 9.12
CA ILE B 321 -33.44 -21.58 10.27
C ILE B 321 -34.40 -21.79 11.44
N LYS B 322 -35.00 -20.71 11.92
CA LYS B 322 -35.94 -20.78 13.03
C LYS B 322 -37.38 -21.00 12.53
N ASN B 323 -37.61 -20.70 11.25
CA ASN B 323 -38.92 -20.88 10.65
C ASN B 323 -38.95 -22.06 9.67
N ASN B 324 -37.79 -22.39 9.09
CA ASN B 324 -37.70 -23.49 8.13
C ASN B 324 -36.76 -24.63 8.54
N GLY B 325 -36.14 -24.50 9.72
CA GLY B 325 -35.26 -25.55 10.19
C GLY B 325 -33.87 -25.56 9.58
N ALA B 326 -33.43 -24.40 9.09
CA ALA B 326 -32.10 -24.29 8.51
C ALA B 326 -31.07 -24.31 9.63
N LYS B 327 -29.86 -24.74 9.31
CA LYS B 327 -28.79 -24.77 10.30
C LYS B 327 -28.01 -23.46 10.21
N PRO B 328 -27.29 -23.10 11.28
CA PRO B 328 -26.54 -21.84 11.18
C PRO B 328 -25.47 -21.91 10.10
N ASP B 329 -25.21 -20.75 9.48
CA ASP B 329 -24.20 -20.65 8.43
C ASP B 329 -22.83 -20.50 9.08
N GLY B 330 -21.97 -21.49 8.88
CA GLY B 330 -20.64 -21.45 9.47
C GLY B 330 -19.65 -20.54 8.77
N TYR B 331 -20.02 -20.00 7.62
CA TYR B 331 -19.14 -19.12 6.88
C TYR B 331 -18.71 -17.91 7.71
N TRP B 332 -19.68 -17.29 8.39
CA TRP B 332 -19.35 -16.11 9.17
C TRP B 332 -18.40 -16.38 10.32
N PRO B 333 -18.78 -17.28 11.25
CA PRO B 333 -17.84 -17.53 12.36
C PRO B 333 -16.46 -17.93 11.83
N SER B 334 -16.45 -18.68 10.73
CA SER B 334 -15.20 -19.13 10.12
C SER B 334 -14.29 -17.97 9.68
N ILE B 335 -14.87 -16.99 8.98
CA ILE B 335 -14.05 -15.84 8.54
C ILE B 335 -13.60 -15.05 9.76
N SER B 336 -14.45 -14.96 10.77
CA SER B 336 -14.13 -14.21 11.98
C SER B 336 -12.93 -14.80 12.72
N ARG B 337 -12.96 -16.11 12.94
CA ARG B 337 -11.87 -16.78 13.65
C ARG B 337 -10.54 -16.57 12.91
N LYS B 338 -10.57 -16.64 11.58
CA LYS B 338 -9.36 -16.43 10.79
C LYS B 338 -8.77 -15.03 10.94
N THR B 339 -9.61 -14.00 10.93
CA THR B 339 -9.11 -12.63 11.06
C THR B 339 -8.41 -12.49 12.42
N GLN B 340 -9.07 -12.95 13.47
CA GLN B 340 -8.54 -12.88 14.84
C GLN B 340 -7.14 -13.51 14.95
N LEU B 341 -6.90 -14.58 14.19
CA LEU B 341 -5.62 -15.27 14.21
C LEU B 341 -4.54 -14.37 13.66
N VAL B 342 -4.76 -13.85 12.45
CA VAL B 342 -3.78 -12.95 11.85
C VAL B 342 -3.57 -11.82 12.85
N VAL B 343 -4.61 -11.54 13.63
CA VAL B 343 -4.56 -10.50 14.64
C VAL B 343 -3.64 -10.94 15.78
N ASP B 344 -3.83 -12.16 16.27
CA ASP B 344 -2.99 -12.67 17.36
C ASP B 344 -1.54 -12.85 16.91
N ALA B 345 -1.35 -13.41 15.73
CA ALA B 345 -0.01 -13.61 15.19
C ALA B 345 0.67 -12.25 15.05
N VAL B 346 -0.05 -11.26 14.55
CA VAL B 346 0.51 -9.93 14.38
C VAL B 346 0.83 -9.34 15.74
N LYS B 347 0.00 -9.63 16.73
CA LYS B 347 0.19 -9.14 18.10
C LYS B 347 1.38 -9.82 18.74
N GLU B 348 1.41 -11.14 18.66
CA GLU B 348 2.48 -11.92 19.25
C GLU B 348 3.82 -11.62 18.57
N SER B 349 3.82 -11.53 17.25
CA SER B 349 5.04 -11.24 16.50
C SER B 349 5.71 -10.02 17.15
N VAL B 350 4.91 -9.00 17.48
CA VAL B 350 5.44 -7.82 18.13
C VAL B 350 5.96 -8.17 19.53
N ASP B 351 5.18 -8.91 20.31
CA ASP B 351 5.62 -9.32 21.64
C ASP B 351 6.98 -9.98 21.51
N LYS B 352 7.09 -10.95 20.61
CA LYS B 352 8.35 -11.66 20.38
C LYS B 352 9.41 -10.82 19.65
N ASN B 353 9.29 -9.49 19.72
CA ASN B 353 10.25 -8.60 19.08
C ASN B 353 10.32 -8.73 17.55
N TYR B 354 9.16 -8.92 16.91
CA TYR B 354 9.06 -9.02 15.46
C TYR B 354 9.58 -10.34 14.87
N GLN B 355 9.14 -11.44 15.46
CA GLN B 355 9.52 -12.78 15.02
C GLN B 355 8.50 -13.26 13.98
N GLN B 356 8.93 -14.16 13.10
CA GLN B 356 8.03 -14.69 12.08
C GLN B 356 7.10 -15.72 12.74
N ILE B 357 5.80 -15.59 12.52
CA ILE B 357 4.85 -16.50 13.12
C ILE B 357 4.18 -17.41 12.09
N SER B 358 4.24 -18.72 12.34
CA SER B 358 3.63 -19.70 11.45
C SER B 358 2.24 -20.05 11.99
N LEU B 359 1.22 -19.92 11.14
CA LEU B 359 -0.14 -20.19 11.58
C LEU B 359 -0.52 -21.68 11.61
N SER B 360 0.46 -22.55 11.34
CA SER B 360 0.23 -23.99 11.33
C SER B 360 -0.58 -24.51 12.54
N GLN A 6 23.91 23.85 -26.28
CA GLN A 6 25.22 24.35 -25.76
C GLN A 6 26.04 23.15 -25.27
N ILE A 7 25.44 22.34 -24.41
CA ILE A 7 26.11 21.14 -23.89
C ILE A 7 25.99 19.99 -24.87
N ARG A 8 27.13 19.40 -25.21
CA ARG A 8 27.21 18.29 -26.16
C ARG A 8 27.18 16.95 -25.43
N ILE A 9 26.08 16.22 -25.58
CA ILE A 9 25.95 14.93 -24.92
C ILE A 9 26.41 13.77 -25.77
N GLY A 10 27.15 12.86 -25.14
CA GLY A 10 27.65 11.69 -25.85
C GLY A 10 26.99 10.42 -25.36
N VAL A 11 26.04 9.91 -26.13
CA VAL A 11 25.33 8.68 -25.78
C VAL A 11 26.27 7.48 -25.86
N MSE A 12 26.64 6.94 -24.71
CA MSE A 12 27.51 5.77 -24.68
C MSE A 12 26.68 4.50 -24.51
O MSE A 12 26.24 4.17 -23.41
CB MSE A 12 28.52 5.89 -23.55
CG MSE A 12 29.55 4.79 -23.52
SE MSE A 12 31.04 5.28 -22.43
CE MSE A 12 32.08 6.23 -23.77
N GLY A 13 26.46 3.81 -25.63
CA GLY A 13 25.66 2.59 -25.61
C GLY A 13 24.35 2.82 -26.34
N CYS A 14 24.03 1.96 -27.29
CA CYS A 14 22.80 2.10 -28.04
C CYS A 14 21.70 1.26 -27.42
N ALA A 15 21.32 1.62 -26.20
CA ALA A 15 20.27 0.94 -25.45
C ALA A 15 18.90 1.40 -25.93
N ASP A 16 17.90 0.52 -25.82
CA ASP A 16 16.56 0.87 -26.25
C ASP A 16 16.02 2.13 -25.56
N ILE A 17 16.42 2.35 -24.30
CA ILE A 17 15.96 3.52 -23.57
C ILE A 17 16.65 4.79 -24.05
N ALA A 18 17.65 4.64 -24.91
CA ALA A 18 18.35 5.78 -25.45
C ALA A 18 17.45 6.45 -26.49
N ARG A 19 16.42 5.73 -26.92
CA ARG A 19 15.49 6.27 -27.92
C ARG A 19 14.62 7.35 -27.28
N LYS A 20 14.32 7.18 -26.00
CA LYS A 20 13.50 8.15 -25.28
C LYS A 20 14.36 9.34 -24.83
N VAL A 21 15.55 9.05 -24.31
CA VAL A 21 16.42 10.12 -23.85
C VAL A 21 16.98 11.01 -24.97
N SER A 22 17.14 10.44 -26.17
CA SER A 22 17.63 11.25 -27.28
C SER A 22 16.67 12.42 -27.47
N ARG A 23 15.37 12.12 -27.42
CA ARG A 23 14.35 13.16 -27.52
C ARG A 23 14.46 14.07 -26.30
N ALA A 24 14.79 13.47 -25.15
CA ALA A 24 14.94 14.23 -23.91
C ALA A 24 16.05 15.25 -24.15
N ILE A 25 17.14 14.79 -24.75
CA ILE A 25 18.26 15.66 -25.06
C ILE A 25 17.80 16.69 -26.10
N HIS A 26 17.22 16.20 -27.19
CA HIS A 26 16.72 17.05 -28.26
C HIS A 26 15.89 18.20 -27.70
N LEU A 27 14.72 17.87 -27.16
CA LEU A 27 13.78 18.84 -26.59
C LEU A 27 14.39 19.81 -25.58
N ALA A 28 15.49 19.42 -24.94
CA ALA A 28 16.14 20.28 -23.98
C ALA A 28 16.81 21.40 -24.79
N PRO A 29 16.26 22.62 -24.73
CA PRO A 29 16.78 23.79 -25.45
C PRO A 29 18.24 24.13 -25.19
N ASN A 30 18.80 23.58 -24.12
CA ASN A 30 20.19 23.85 -23.76
C ASN A 30 21.07 22.64 -24.00
N ALA A 31 20.57 21.66 -24.75
CA ALA A 31 21.34 20.46 -25.01
C ALA A 31 21.16 19.96 -26.42
N THR A 32 22.19 19.28 -26.92
CA THR A 32 22.18 18.72 -28.26
C THR A 32 22.94 17.38 -28.23
N ILE A 33 22.54 16.46 -29.09
CA ILE A 33 23.17 15.16 -29.15
C ILE A 33 24.38 15.24 -30.12
N SER A 34 25.58 15.22 -29.54
CA SER A 34 26.80 15.37 -30.33
C SER A 34 27.62 14.10 -30.57
N GLY A 35 27.49 13.13 -29.68
CA GLY A 35 28.25 11.90 -29.85
C GLY A 35 27.47 10.66 -29.45
N VAL A 36 27.87 9.51 -29.98
CA VAL A 36 27.22 8.23 -29.68
C VAL A 36 28.17 7.07 -29.94
N ALA A 37 28.05 6.01 -29.15
CA ALA A 37 28.92 4.86 -29.32
C ALA A 37 28.24 3.51 -29.07
N SER A 38 28.65 2.52 -29.86
CA SER A 38 28.14 1.16 -29.75
C SER A 38 29.35 0.24 -29.86
N ARG A 39 29.17 -1.03 -29.53
CA ARG A 39 30.28 -1.97 -29.61
C ARG A 39 30.66 -2.20 -31.07
N SER A 40 29.74 -1.87 -31.98
CA SER A 40 29.96 -2.01 -33.42
C SER A 40 29.36 -0.78 -34.08
N LEU A 41 30.14 -0.05 -34.88
CA LEU A 41 29.61 1.14 -35.52
C LEU A 41 28.45 0.81 -36.47
N GLU A 42 28.34 -0.46 -36.84
CA GLU A 42 27.25 -0.88 -37.70
C GLU A 42 25.98 -0.51 -36.95
N LYS A 43 25.97 -0.88 -35.67
CA LYS A 43 24.85 -0.63 -34.77
C LYS A 43 24.71 0.87 -34.46
N ALA A 44 25.84 1.53 -34.22
CA ALA A 44 25.84 2.96 -33.90
C ALA A 44 25.18 3.75 -35.02
N LYS A 45 25.59 3.48 -36.25
CA LYS A 45 25.02 4.16 -37.41
C LYS A 45 23.56 3.77 -37.54
N ALA A 46 23.26 2.52 -37.22
CA ALA A 46 21.89 2.02 -37.29
C ALA A 46 21.02 2.74 -36.25
N PHE A 47 21.54 2.88 -35.04
CA PHE A 47 20.79 3.56 -33.99
C PHE A 47 20.63 5.03 -34.36
N ALA A 48 21.72 5.62 -34.84
CA ALA A 48 21.73 7.03 -35.24
C ALA A 48 20.80 7.30 -36.42
N THR A 49 20.56 6.27 -37.22
CA THR A 49 19.66 6.42 -38.37
C THR A 49 18.22 6.53 -37.87
N ALA A 50 17.70 5.40 -37.39
CA ALA A 50 16.34 5.33 -36.89
C ALA A 50 16.01 6.43 -35.88
N ASN A 51 16.97 6.80 -35.04
CA ASN A 51 16.74 7.81 -34.02
C ASN A 51 16.73 9.26 -34.51
N ASN A 52 16.78 9.48 -35.81
CA ASN A 52 16.73 10.84 -36.35
C ASN A 52 17.91 11.68 -35.88
N TYR A 53 19.05 11.02 -35.63
CA TYR A 53 20.25 11.73 -35.18
C TYR A 53 20.64 12.82 -36.18
N PRO A 54 21.02 14.00 -35.69
CA PRO A 54 21.41 15.10 -36.57
C PRO A 54 22.56 14.68 -37.48
N GLU A 55 22.76 15.43 -38.55
CA GLU A 55 23.80 15.13 -39.52
C GLU A 55 25.20 15.21 -38.92
N SER A 56 25.54 16.35 -38.33
CA SER A 56 26.84 16.56 -37.73
C SER A 56 27.18 15.56 -36.62
N THR A 57 26.15 14.94 -36.05
CA THR A 57 26.34 13.97 -34.98
C THR A 57 27.39 12.92 -35.36
N LYS A 58 28.51 12.92 -34.65
CA LYS A 58 29.57 11.97 -34.93
C LYS A 58 29.12 10.57 -34.51
N ILE A 59 29.63 9.56 -35.20
CA ILE A 59 29.30 8.17 -34.89
C ILE A 59 30.56 7.38 -34.60
N HIS A 60 30.61 6.74 -33.44
CA HIS A 60 31.78 5.97 -33.06
C HIS A 60 31.51 4.46 -33.01
N GLY A 61 32.55 3.67 -33.27
CA GLY A 61 32.43 2.22 -33.25
C GLY A 61 33.01 1.60 -31.99
N SER A 62 33.14 2.41 -30.95
CA SER A 62 33.67 1.95 -29.66
C SER A 62 33.36 3.01 -28.60
N TYR A 63 33.27 2.59 -27.34
CA TYR A 63 32.99 3.56 -26.29
C TYR A 63 34.26 4.38 -26.10
N GLU A 64 35.40 3.70 -26.25
CA GLU A 64 36.70 4.34 -26.11
C GLU A 64 36.81 5.51 -27.08
N SER A 65 36.32 5.29 -28.30
CA SER A 65 36.35 6.33 -29.33
C SER A 65 35.64 7.58 -28.80
N LEU A 66 34.67 7.36 -27.92
CA LEU A 66 33.91 8.46 -27.35
C LEU A 66 34.61 9.14 -26.17
N LEU A 67 35.32 8.37 -25.35
CA LEU A 67 36.02 8.95 -24.20
C LEU A 67 37.31 9.66 -24.60
N GLU A 68 37.55 9.78 -25.90
CA GLU A 68 38.74 10.44 -26.40
C GLU A 68 38.38 11.64 -27.28
N ASP A 69 37.10 11.78 -27.58
CA ASP A 69 36.64 12.90 -28.39
C ASP A 69 36.59 14.12 -27.48
N PRO A 70 37.39 15.14 -27.77
CA PRO A 70 37.41 16.37 -26.96
C PRO A 70 36.22 17.30 -27.24
N GLU A 71 35.42 16.94 -28.24
CA GLU A 71 34.27 17.74 -28.61
C GLU A 71 33.01 17.33 -27.83
N ILE A 72 33.19 16.59 -26.73
CA ILE A 72 32.07 16.13 -25.91
C ILE A 72 32.23 16.53 -24.44
N ASP A 73 31.30 17.35 -23.95
CA ASP A 73 31.32 17.81 -22.56
C ASP A 73 30.89 16.75 -21.55
N ALA A 74 29.80 16.06 -21.86
CA ALA A 74 29.29 15.03 -20.94
C ALA A 74 28.73 13.83 -21.67
N LEU A 75 28.36 12.80 -20.91
CA LEU A 75 27.83 11.56 -21.49
C LEU A 75 26.59 11.02 -20.76
N TYR A 76 25.74 10.34 -21.52
CA TYR A 76 24.56 9.67 -21.00
C TYR A 76 25.00 8.22 -21.06
N VAL A 77 24.93 7.51 -19.95
CA VAL A 77 25.37 6.11 -19.93
C VAL A 77 24.26 5.06 -19.67
N PRO A 78 23.59 4.60 -20.74
CA PRO A 78 22.52 3.61 -20.65
C PRO A 78 23.07 2.18 -20.66
N LEU A 79 24.16 1.96 -19.93
CA LEU A 79 24.78 0.64 -19.90
C LEU A 79 24.27 -0.27 -18.78
N PRO A 80 24.26 -1.59 -19.02
CA PRO A 80 23.81 -2.54 -18.00
C PRO A 80 24.51 -2.20 -16.70
N THR A 81 23.80 -2.36 -15.59
CA THR A 81 24.33 -2.05 -14.27
C THR A 81 25.80 -2.46 -14.08
N SER A 82 26.17 -3.61 -14.63
CA SER A 82 27.53 -4.12 -14.49
C SER A 82 28.67 -3.32 -15.12
N LEU A 83 28.39 -2.59 -16.20
CA LEU A 83 29.44 -1.81 -16.85
C LEU A 83 29.61 -0.40 -16.29
N HIS A 84 29.07 -0.14 -15.11
CA HIS A 84 29.19 1.18 -14.53
C HIS A 84 30.50 1.38 -13.78
N VAL A 85 30.80 0.48 -12.84
CA VAL A 85 32.01 0.61 -12.06
C VAL A 85 33.24 0.82 -12.94
N GLU A 86 33.22 0.29 -14.16
CA GLU A 86 34.33 0.42 -15.10
C GLU A 86 34.24 1.63 -16.03
N TRP A 87 33.15 1.74 -16.77
CA TRP A 87 32.98 2.83 -17.72
C TRP A 87 32.70 4.19 -17.12
N ALA A 88 32.24 4.20 -15.86
CA ALA A 88 31.98 5.46 -15.18
C ALA A 88 33.31 6.05 -14.72
N ILE A 89 34.18 5.23 -14.13
CA ILE A 89 35.48 5.72 -13.69
C ILE A 89 36.27 6.20 -14.90
N LYS A 90 36.20 5.43 -15.99
CA LYS A 90 36.91 5.77 -17.24
C LYS A 90 36.32 6.98 -17.96
N ALA A 91 35.13 7.40 -17.56
CA ALA A 91 34.55 8.58 -18.20
C ALA A 91 35.04 9.82 -17.45
N ALA A 92 35.12 9.69 -16.13
CA ALA A 92 35.56 10.79 -15.28
C ALA A 92 37.06 11.03 -15.45
N GLU A 93 37.83 9.96 -15.59
CA GLU A 93 39.27 10.07 -15.76
C GLU A 93 39.56 10.85 -17.02
N LYS A 94 38.61 10.83 -17.96
CA LYS A 94 38.74 11.58 -19.21
C LYS A 94 38.05 12.93 -19.07
N GLY A 95 37.73 13.27 -17.82
CA GLY A 95 37.08 14.55 -17.52
C GLY A 95 35.73 14.81 -18.16
N LYS A 96 34.88 13.79 -18.25
CA LYS A 96 33.57 13.99 -18.84
C LYS A 96 32.49 13.81 -17.79
N HIS A 97 31.50 14.71 -17.81
CA HIS A 97 30.38 14.68 -16.87
C HIS A 97 29.46 13.50 -17.22
N ILE A 98 28.95 12.82 -16.20
CA ILE A 98 28.10 11.66 -16.43
C ILE A 98 26.65 11.68 -15.94
N LEU A 99 25.76 11.31 -16.84
CA LEU A 99 24.34 11.17 -16.54
C LEU A 99 24.27 9.63 -16.52
N LEU A 100 24.38 9.05 -15.32
CA LEU A 100 24.38 7.59 -15.15
C LEU A 100 23.01 6.96 -14.89
N GLU A 101 22.62 6.01 -15.76
CA GLU A 101 21.33 5.33 -15.60
C GLU A 101 21.29 4.54 -14.30
N LYS A 102 20.10 4.37 -13.74
CA LYS A 102 19.96 3.65 -12.49
C LYS A 102 19.57 2.20 -12.75
N PRO A 103 19.89 1.28 -11.82
CA PRO A 103 20.60 1.59 -10.58
C PRO A 103 22.03 2.03 -10.92
N VAL A 104 22.62 2.87 -10.07
CA VAL A 104 23.97 3.37 -10.34
C VAL A 104 25.07 2.32 -10.39
N ALA A 105 24.99 1.31 -9.54
CA ALA A 105 26.01 0.27 -9.51
C ALA A 105 25.51 -0.96 -8.77
N MSE A 106 26.32 -2.01 -8.77
CA MSE A 106 25.94 -3.25 -8.10
C MSE A 106 25.96 -3.14 -6.57
O MSE A 106 25.45 -4.02 -5.88
CB MSE A 106 26.87 -4.39 -8.55
CG MSE A 106 26.82 -4.71 -10.03
SE MSE A 106 25.07 -5.36 -10.57
CE MSE A 106 24.95 -6.87 -9.38
N ASN A 107 26.55 -2.06 -6.06
CA ASN A 107 26.61 -1.82 -4.62
C ASN A 107 27.23 -0.45 -4.32
N VAL A 108 26.94 0.08 -3.14
CA VAL A 108 27.45 1.40 -2.77
C VAL A 108 28.98 1.47 -2.84
N THR A 109 29.64 0.36 -2.55
CA THR A 109 31.10 0.30 -2.61
C THR A 109 31.57 0.71 -4.01
N GLU A 110 31.07 0.03 -5.03
CA GLU A 110 31.44 0.36 -6.41
C GLU A 110 31.06 1.80 -6.72
N PHE A 111 29.86 2.21 -6.28
CA PHE A 111 29.42 3.58 -6.55
C PHE A 111 30.33 4.61 -5.88
N ASP A 112 30.77 4.34 -4.65
CA ASP A 112 31.65 5.28 -3.97
C ASP A 112 32.92 5.46 -4.79
N LYS A 113 33.32 4.42 -5.51
CA LYS A 113 34.51 4.49 -6.35
C LYS A 113 34.24 5.41 -7.55
N ILE A 114 33.00 5.40 -8.03
CA ILE A 114 32.61 6.23 -9.17
C ILE A 114 32.46 7.68 -8.73
N VAL A 115 31.98 7.88 -7.51
CA VAL A 115 31.81 9.23 -6.99
C VAL A 115 33.16 9.87 -6.79
N ASP A 116 34.01 9.22 -5.98
CA ASP A 116 35.35 9.73 -5.73
C ASP A 116 36.08 10.00 -7.04
N ALA A 117 35.97 9.06 -7.97
CA ALA A 117 36.61 9.19 -9.27
C ALA A 117 36.09 10.42 -10.03
N CYS A 118 34.86 10.83 -9.72
CA CYS A 118 34.26 12.01 -10.35
C CYS A 118 34.73 13.27 -9.61
N GLU A 119 34.95 13.11 -8.31
CA GLU A 119 35.41 14.20 -7.47
C GLU A 119 36.88 14.49 -7.78
N ALA A 120 37.68 13.43 -7.87
CA ALA A 120 39.09 13.56 -8.18
C ALA A 120 39.29 14.33 -9.48
N ASN A 121 38.33 14.18 -10.38
CA ASN A 121 38.38 14.84 -11.69
C ASN A 121 37.43 16.02 -11.77
N GLY A 122 36.82 16.37 -10.64
CA GLY A 122 35.90 17.49 -10.59
C GLY A 122 34.73 17.53 -11.57
N VAL A 123 34.10 16.41 -11.88
CA VAL A 123 32.96 16.47 -12.80
C VAL A 123 31.61 16.21 -12.12
N GLN A 124 30.55 16.53 -12.84
CA GLN A 124 29.18 16.38 -12.36
C GLN A 124 28.58 15.03 -12.72
N ILE A 125 27.91 14.39 -11.76
CA ILE A 125 27.26 13.12 -12.03
C ILE A 125 25.82 13.13 -11.52
N MSE A 126 24.90 12.67 -12.38
CA MSE A 126 23.48 12.62 -12.05
C MSE A 126 22.88 11.28 -12.54
O MSE A 126 23.05 10.92 -13.70
CB MSE A 126 22.74 13.79 -12.70
CG MSE A 126 21.24 13.82 -12.47
SE MSE A 126 20.38 15.43 -13.16
CE MSE A 126 19.48 14.72 -14.69
N ASP A 127 22.21 10.55 -11.64
CA ASP A 127 21.60 9.28 -12.01
C ASP A 127 20.48 9.53 -13.00
N GLY A 128 19.96 8.45 -13.58
CA GLY A 128 18.89 8.56 -14.55
C GLY A 128 17.45 8.56 -14.05
N THR A 129 17.23 8.59 -12.74
CA THR A 129 15.87 8.61 -12.20
C THR A 129 15.19 9.86 -12.76
N MSE A 130 14.28 9.67 -13.71
CA MSE A 130 13.61 10.78 -14.35
C MSE A 130 12.60 11.57 -13.53
O MSE A 130 12.79 12.76 -13.29
CB MSE A 130 12.91 10.29 -15.63
CG MSE A 130 13.71 9.29 -16.42
SE MSE A 130 12.81 8.74 -18.03
CE MSE A 130 14.35 8.54 -19.21
N TRP A 131 11.52 10.90 -13.10
CA TRP A 131 10.42 11.52 -12.36
C TRP A 131 10.69 12.57 -11.31
N VAL A 132 11.82 12.49 -10.63
CA VAL A 132 12.12 13.48 -9.60
C VAL A 132 12.30 14.86 -10.22
N HIS A 133 12.41 14.91 -11.55
CA HIS A 133 12.56 16.19 -12.23
C HIS A 133 11.25 16.72 -12.81
N ASN A 134 10.18 15.95 -12.67
CA ASN A 134 8.89 16.40 -13.17
C ASN A 134 8.44 17.59 -12.31
N PRO A 135 7.87 18.62 -12.94
CA PRO A 135 7.40 19.81 -12.20
C PRO A 135 6.54 19.47 -10.98
N ARG A 136 5.70 18.44 -11.13
CA ARG A 136 4.84 17.98 -10.04
C ARG A 136 5.64 17.59 -8.82
N THR A 137 6.87 17.15 -9.02
CA THR A 137 7.70 16.73 -7.91
C THR A 137 7.72 17.80 -6.83
N ALA A 138 8.08 19.03 -7.21
CA ALA A 138 8.13 20.15 -6.28
C ALA A 138 6.80 20.25 -5.54
N LEU A 139 5.71 19.91 -6.24
CA LEU A 139 4.36 19.94 -5.67
C LEU A 139 4.09 18.58 -5.03
N LEU A 140 4.91 18.21 -4.05
CA LEU A 140 4.79 16.96 -3.35
C LEU A 140 5.79 17.00 -2.20
N LYS A 141 6.93 17.62 -2.47
CA LYS A 141 7.96 17.78 -1.46
C LYS A 141 7.37 18.90 -0.59
N GLU A 142 6.67 19.80 -1.25
CA GLU A 142 6.03 20.93 -0.60
C GLU A 142 4.97 20.46 0.41
N PHE A 143 4.19 19.45 0.02
CA PHE A 143 3.14 18.92 0.88
C PHE A 143 3.74 18.18 2.06
N LEU A 144 4.68 17.28 1.78
CA LEU A 144 5.32 16.53 2.85
C LEU A 144 6.10 17.43 3.80
N SER A 145 6.19 18.71 3.46
CA SER A 145 6.89 19.69 4.29
C SER A 145 5.89 20.60 4.99
N ASP A 146 4.61 20.27 4.86
CA ASP A 146 3.55 21.07 5.46
C ASP A 146 3.19 20.49 6.83
N SER A 147 3.66 21.16 7.89
CA SER A 147 3.41 20.71 9.25
C SER A 147 1.95 20.93 9.66
N GLU A 148 1.23 21.69 8.86
CA GLU A 148 -0.18 21.95 9.14
C GLU A 148 -1.04 21.09 8.22
N ARG A 149 -0.51 20.78 7.04
CA ARG A 149 -1.23 19.97 6.07
C ARG A 149 -0.78 18.51 6.09
N PHE A 150 0.36 18.23 6.72
CA PHE A 150 0.88 16.87 6.79
C PHE A 150 1.29 16.49 8.22
N GLY A 151 2.00 17.40 8.89
CA GLY A 151 2.41 17.13 10.25
C GLY A 151 3.66 16.27 10.30
N GLN A 152 3.71 15.34 11.24
CA GLN A 152 4.86 14.46 11.36
C GLN A 152 4.61 13.20 10.53
N LEU A 153 5.55 12.87 9.64
CA LEU A 153 5.43 11.70 8.78
C LEU A 153 5.33 10.41 9.59
N LYS A 154 4.26 9.66 9.37
CA LYS A 154 4.08 8.41 10.09
C LYS A 154 4.58 7.21 9.30
N THR A 155 4.27 7.18 8.01
CA THR A 155 4.72 6.07 7.16
C THR A 155 4.53 6.40 5.69
N VAL A 156 5.35 5.80 4.84
CA VAL A 156 5.25 6.05 3.42
C VAL A 156 5.24 4.72 2.67
N GLN A 157 4.16 4.49 1.92
CA GLN A 157 3.99 3.28 1.14
C GLN A 157 4.28 3.59 -0.33
N SER A 158 5.12 2.77 -0.95
CA SER A 158 5.43 2.97 -2.36
C SER A 158 5.83 1.67 -3.03
N CYS A 159 5.37 1.48 -4.26
CA CYS A 159 5.69 0.27 -4.99
C CYS A 159 5.68 0.48 -6.50
N PHE A 160 6.35 -0.43 -7.20
CA PHE A 160 6.39 -0.40 -8.65
C PHE A 160 6.56 -1.83 -9.18
N SER A 161 6.00 -2.06 -10.36
CA SER A 161 6.08 -3.37 -10.98
C SER A 161 5.45 -3.33 -12.36
N PHE A 162 5.41 -4.50 -12.99
CA PHE A 162 4.82 -4.68 -14.30
C PHE A 162 4.89 -6.16 -14.59
N ALA A 163 3.97 -6.66 -15.40
CA ALA A 163 3.91 -8.08 -15.71
C ALA A 163 4.70 -8.47 -16.95
N GLY A 164 5.97 -8.81 -16.76
CA GLY A 164 6.80 -9.21 -17.88
C GLY A 164 6.37 -10.53 -18.50
N ASP A 165 6.50 -10.65 -19.82
CA ASP A 165 6.12 -11.87 -20.51
C ASP A 165 7.21 -12.93 -20.44
N GLU A 166 6.95 -14.09 -21.04
CA GLU A 166 7.89 -15.20 -21.03
C GLU A 166 9.28 -14.80 -21.51
N ASP A 167 9.32 -14.05 -22.62
CA ASP A 167 10.58 -13.62 -23.18
C ASP A 167 11.41 -12.75 -22.22
N PHE A 168 10.82 -11.65 -21.77
CA PHE A 168 11.47 -10.75 -20.83
C PHE A 168 12.13 -11.53 -19.68
N LEU A 169 11.34 -12.38 -19.03
CA LEU A 169 11.82 -13.17 -17.91
C LEU A 169 12.97 -14.09 -18.28
N LYS A 170 13.11 -14.35 -19.58
CA LYS A 170 14.15 -15.23 -20.06
C LYS A 170 15.35 -14.50 -20.68
N ASN A 171 15.10 -13.42 -21.42
CA ASN A 171 16.20 -12.72 -22.09
C ASN A 171 16.58 -11.31 -21.65
N ASP A 172 15.64 -10.52 -21.13
CA ASP A 172 15.99 -9.17 -20.72
C ASP A 172 17.20 -9.18 -19.77
N ILE A 173 17.99 -8.10 -19.78
CA ILE A 173 19.17 -8.05 -18.92
C ILE A 173 18.86 -7.98 -17.42
N ARG A 174 17.60 -7.72 -17.09
CA ARG A 174 17.16 -7.61 -15.71
C ARG A 174 17.15 -8.95 -14.97
N VAL A 175 17.05 -10.04 -15.72
CA VAL A 175 17.08 -11.38 -15.12
C VAL A 175 18.49 -11.97 -15.24
N LYS A 176 19.44 -11.19 -15.73
CA LYS A 176 20.82 -11.62 -15.88
C LYS A 176 21.72 -11.15 -14.73
N PRO A 177 22.26 -12.11 -13.95
CA PRO A 177 23.13 -11.77 -12.81
C PRO A 177 24.38 -10.97 -13.17
N GLY A 178 24.85 -11.15 -14.40
CA GLY A 178 26.05 -10.45 -14.83
C GLY A 178 25.82 -9.10 -15.50
N LEU A 179 24.55 -8.77 -15.79
CA LEU A 179 24.23 -7.50 -16.44
C LEU A 179 23.52 -6.59 -15.45
N ASP A 180 22.20 -6.68 -15.39
CA ASP A 180 21.45 -5.90 -14.42
C ASP A 180 21.04 -6.84 -13.31
N GLY A 181 22.05 -7.38 -12.63
CA GLY A 181 21.83 -8.34 -11.57
C GLY A 181 21.04 -7.95 -10.33
N LEU A 182 20.62 -6.69 -10.21
CA LEU A 182 19.84 -6.30 -9.04
C LEU A 182 18.35 -6.62 -9.22
N GLY A 183 18.00 -7.18 -10.37
CA GLY A 183 16.63 -7.54 -10.64
C GLY A 183 15.62 -6.41 -10.46
N ALA A 184 14.41 -6.76 -10.04
CA ALA A 184 13.37 -5.75 -9.84
C ALA A 184 13.75 -4.77 -8.75
N LEU A 185 14.60 -5.20 -7.83
CA LEU A 185 15.05 -4.35 -6.74
C LEU A 185 15.73 -3.11 -7.32
N GLY A 186 16.78 -3.34 -8.10
CA GLY A 186 17.50 -2.23 -8.69
C GLY A 186 16.73 -1.53 -9.80
N ASP A 187 15.97 -2.28 -10.58
CA ASP A 187 15.21 -1.69 -11.68
C ASP A 187 13.90 -1.03 -11.24
N ALA A 188 13.16 -1.67 -10.35
CA ALA A 188 11.90 -1.10 -9.89
C ALA A 188 11.89 -0.62 -8.44
N GLY A 189 12.42 -1.44 -7.53
CA GLY A 189 12.45 -1.06 -6.14
C GLY A 189 13.12 0.29 -5.95
N TRP A 190 14.06 0.57 -6.85
CA TRP A 190 14.83 1.81 -6.87
C TRP A 190 13.95 3.05 -6.88
N TYR A 191 12.70 2.90 -7.31
CA TYR A 191 11.78 4.03 -7.36
C TYR A 191 10.99 4.12 -6.07
N ALA A 192 10.73 2.97 -5.48
CA ALA A 192 10.00 2.89 -4.23
C ALA A 192 10.91 3.36 -3.11
N ILE A 193 12.18 3.03 -3.21
CA ILE A 193 13.17 3.41 -2.20
C ILE A 193 13.51 4.89 -2.32
N ARG A 194 13.66 5.37 -3.55
CA ARG A 194 13.98 6.77 -3.78
C ARG A 194 12.91 7.66 -3.16
N ALA A 195 11.64 7.31 -3.38
CA ALA A 195 10.53 8.10 -2.83
C ALA A 195 10.50 7.97 -1.31
N THR A 196 10.89 6.80 -0.83
CA THR A 196 10.95 6.51 0.60
C THR A 196 11.86 7.53 1.28
N LEU A 197 13.12 7.53 0.87
CA LEU A 197 14.12 8.45 1.41
C LEU A 197 13.65 9.90 1.26
N LEU A 198 13.31 10.25 0.03
CA LEU A 198 12.82 11.59 -0.28
C LEU A 198 11.68 11.97 0.67
N ALA A 199 10.84 10.99 1.01
CA ALA A 199 9.72 11.25 1.90
C ALA A 199 10.26 11.79 3.22
N ASN A 200 11.08 10.99 3.89
CA ASN A 200 11.66 11.38 5.17
C ASN A 200 12.80 12.39 5.04
N ASN A 201 12.70 13.28 4.07
CA ASN A 201 13.72 14.30 3.85
C ASN A 201 15.14 13.75 3.66
N PHE A 202 15.28 12.70 2.85
CA PHE A 202 16.57 12.11 2.55
C PHE A 202 17.31 11.49 3.74
N GLU A 203 16.54 10.98 4.70
CA GLU A 203 17.13 10.39 5.88
C GLU A 203 17.06 8.87 5.88
N LEU A 204 18.22 8.22 5.80
CA LEU A 204 18.28 6.77 5.80
C LEU A 204 17.57 6.21 7.03
N PRO A 205 16.87 5.08 6.88
CA PRO A 205 16.18 4.49 8.02
C PRO A 205 17.21 3.85 8.93
N LYS A 206 16.81 3.42 10.13
CA LYS A 206 17.76 2.78 11.04
C LYS A 206 18.05 1.36 10.56
N THR A 207 17.00 0.60 10.26
CA THR A 207 17.20 -0.77 9.80
C THR A 207 16.31 -1.13 8.63
N VAL A 208 16.64 -2.24 7.99
CA VAL A 208 15.88 -2.71 6.86
C VAL A 208 15.59 -4.19 7.04
N THR A 209 14.41 -4.62 6.62
CA THR A 209 14.03 -6.01 6.73
C THR A 209 13.14 -6.41 5.56
N ALA A 210 13.63 -7.33 4.74
CA ALA A 210 12.89 -7.79 3.58
C ALA A 210 11.62 -8.51 4.01
N PHE A 211 10.67 -8.65 3.08
CA PHE A 211 9.40 -9.33 3.35
C PHE A 211 9.61 -10.81 3.08
N PRO A 212 9.31 -11.68 4.05
CA PRO A 212 9.50 -13.10 3.76
C PRO A 212 8.62 -13.49 2.56
N GLY A 213 9.19 -14.19 1.59
CA GLY A 213 8.42 -14.59 0.43
C GLY A 213 8.95 -14.05 -0.89
N ALA A 214 10.12 -13.42 -0.86
CA ALA A 214 10.73 -12.87 -2.06
C ALA A 214 10.87 -13.94 -3.13
N VAL A 215 10.85 -13.55 -4.39
CA VAL A 215 10.99 -14.49 -5.50
C VAL A 215 12.28 -14.30 -6.28
N LEU A 216 12.98 -15.41 -6.48
CA LEU A 216 14.24 -15.43 -7.21
C LEU A 216 14.10 -16.34 -8.43
N ASN A 217 14.87 -16.05 -9.48
CA ASN A 217 14.83 -16.90 -10.66
C ASN A 217 15.93 -17.93 -10.46
N GLU A 218 16.08 -18.87 -11.39
CA GLU A 218 17.12 -19.89 -11.26
C GLU A 218 18.53 -19.32 -11.18
N ALA A 219 18.78 -18.23 -11.92
CA ALA A 219 20.09 -17.60 -11.92
C ALA A 219 20.25 -16.72 -10.68
N GLY A 220 19.31 -16.85 -9.75
CA GLY A 220 19.35 -16.08 -8.51
C GLY A 220 18.99 -14.61 -8.57
N VAL A 221 18.41 -14.16 -9.68
CA VAL A 221 18.02 -12.76 -9.81
C VAL A 221 16.66 -12.52 -9.14
N ILE A 222 16.62 -11.54 -8.25
CA ILE A 222 15.39 -11.20 -7.56
C ILE A 222 14.37 -10.72 -8.57
N LEU A 223 13.39 -11.57 -8.88
CA LEU A 223 12.34 -11.20 -9.81
C LEU A 223 11.43 -10.22 -9.10
N SER A 224 10.72 -10.68 -8.06
CA SER A 224 9.83 -9.81 -7.28
C SER A 224 10.39 -9.65 -5.87
N CYS A 225 10.14 -8.50 -5.24
CA CYS A 225 10.61 -8.29 -3.88
C CYS A 225 9.96 -7.09 -3.19
N GLY A 226 10.06 -7.07 -1.86
CA GLY A 226 9.49 -6.00 -1.05
C GLY A 226 10.09 -5.99 0.35
N ALA A 227 9.73 -5.00 1.17
CA ALA A 227 10.27 -4.89 2.53
C ALA A 227 9.75 -3.69 3.31
N SER A 228 10.30 -3.48 4.50
CA SER A 228 9.92 -2.34 5.32
C SER A 228 11.16 -1.70 5.98
N LEU A 229 11.14 -0.39 6.11
CA LEU A 229 12.25 0.32 6.72
C LEU A 229 11.82 0.73 8.13
N SER A 230 12.77 1.19 8.95
CA SER A 230 12.43 1.57 10.30
C SER A 230 13.37 2.62 10.90
N TRP A 231 12.77 3.71 11.37
CA TRP A 231 13.53 4.77 12.01
C TRP A 231 13.53 4.55 13.52
N GLU A 232 12.68 3.63 13.98
CA GLU A 232 12.57 3.27 15.39
C GLU A 232 12.02 4.40 16.26
N ASP A 233 11.95 5.62 15.71
CA ASP A 233 11.44 6.75 16.47
C ASP A 233 10.03 7.12 16.04
N GLY A 234 9.17 6.12 15.91
CA GLY A 234 7.80 6.35 15.50
C GLY A 234 7.60 6.07 14.02
N ARG A 235 8.61 6.39 13.22
CA ARG A 235 8.57 6.18 11.78
C ARG A 235 9.09 4.82 11.32
N THR A 236 8.51 4.36 10.22
CA THR A 236 8.82 3.10 9.57
C THR A 236 8.04 3.16 8.27
N ALA A 237 8.39 2.33 7.30
CA ALA A 237 7.67 2.33 6.03
C ALA A 237 7.86 1.01 5.29
N THR A 238 7.06 0.79 4.25
CA THR A 238 7.15 -0.43 3.47
C THR A 238 7.43 -0.15 1.99
N ILE A 239 7.88 -1.16 1.29
CA ILE A 239 8.20 -1.03 -0.11
C ILE A 239 8.02 -2.37 -0.78
N TYR A 240 7.54 -2.34 -2.02
CA TYR A 240 7.31 -3.55 -2.79
C TYR A 240 7.72 -3.27 -4.23
N CYS A 241 8.09 -4.33 -4.95
CA CYS A 241 8.49 -4.21 -6.33
C CYS A 241 8.43 -5.59 -6.96
N SER A 242 8.00 -5.66 -8.22
CA SER A 242 7.88 -6.95 -8.90
C SER A 242 7.98 -6.84 -10.40
N PHE A 243 8.54 -7.88 -11.01
CA PHE A 243 8.69 -7.99 -12.46
C PHE A 243 7.62 -8.98 -12.94
N LEU A 244 6.77 -9.43 -12.02
CA LEU A 244 5.74 -10.43 -12.33
C LEU A 244 4.31 -9.93 -12.16
N ALA A 245 4.14 -8.74 -11.58
CA ALA A 245 2.80 -8.21 -11.35
C ALA A 245 2.45 -7.00 -12.21
N ASN A 246 1.23 -7.00 -12.71
CA ASN A 246 0.69 -5.95 -13.56
C ASN A 246 1.13 -4.53 -13.18
N LEU A 247 1.38 -3.72 -14.21
CA LEU A 247 1.82 -2.33 -14.06
C LEU A 247 1.04 -1.62 -12.96
N THR A 248 1.78 -1.07 -12.00
CA THR A 248 1.19 -0.36 -10.86
C THR A 248 2.30 0.54 -10.34
N MSE A 249 1.97 1.79 -10.05
CA MSE A 249 2.96 2.75 -9.54
C MSE A 249 2.30 3.57 -8.45
O MSE A 249 1.63 4.56 -8.72
CB MSE A 249 3.42 3.68 -10.67
CG MSE A 249 3.91 2.94 -11.92
SE MSE A 249 4.22 4.15 -13.41
CE MSE A 249 2.55 5.09 -13.35
N GLU A 250 2.50 3.17 -7.19
CA GLU A 250 1.88 3.88 -6.09
C GLU A 250 2.83 4.58 -5.14
N ILE A 251 2.33 5.68 -4.58
CA ILE A 251 3.03 6.44 -3.57
C ILE A 251 1.98 6.88 -2.58
N THR A 252 2.02 6.32 -1.38
CA THR A 252 1.09 6.73 -0.33
C THR A 252 1.92 7.16 0.87
N ALA A 253 1.66 8.37 1.36
CA ALA A 253 2.38 8.90 2.51
C ALA A 253 1.34 9.36 3.52
N ILE A 254 1.61 9.12 4.79
CA ILE A 254 0.67 9.53 5.83
C ILE A 254 1.37 10.24 6.98
N GLY A 255 0.97 11.48 7.23
CA GLY A 255 1.56 12.23 8.31
C GLY A 255 0.59 12.30 9.47
N THR A 256 0.90 13.10 10.48
CA THR A 256 0.00 13.22 11.63
C THR A 256 -1.21 14.05 11.22
N LYS A 257 -0.95 15.13 10.50
CA LYS A 257 -2.02 16.01 10.05
C LYS A 257 -2.49 15.75 8.62
N GLY A 258 -1.63 15.15 7.79
CA GLY A 258 -2.01 14.90 6.41
C GLY A 258 -1.72 13.55 5.77
N THR A 259 -2.13 13.43 4.50
CA THR A 259 -1.96 12.20 3.72
C THR A 259 -1.97 12.48 2.21
N LEU A 260 -0.97 11.96 1.49
CA LEU A 260 -0.84 12.15 0.06
C LEU A 260 -0.83 10.84 -0.72
N ARG A 261 -1.30 10.88 -1.97
CA ARG A 261 -1.33 9.70 -2.82
C ARG A 261 -0.82 10.00 -4.23
N VAL A 262 -0.23 9.00 -4.86
CA VAL A 262 0.24 9.14 -6.23
C VAL A 262 0.03 7.82 -6.97
N HIS A 263 -0.92 7.80 -7.90
CA HIS A 263 -1.23 6.62 -8.68
C HIS A 263 -0.21 6.36 -9.77
N ASP A 264 0.60 7.37 -10.05
CA ASP A 264 1.65 7.26 -11.03
C ASP A 264 2.97 7.54 -10.32
N PHE A 265 3.61 8.66 -10.67
CA PHE A 265 4.87 9.10 -10.07
C PHE A 265 6.07 8.68 -10.91
N ILE A 266 5.98 7.53 -11.58
CA ILE A 266 7.05 7.09 -12.49
C ILE A 266 6.36 7.18 -13.85
N ILE A 267 6.83 8.02 -14.75
CA ILE A 267 6.15 8.12 -16.04
C ILE A 267 4.66 8.42 -15.83
N PRO A 268 4.27 9.70 -15.92
CA PRO A 268 2.85 10.03 -15.75
C PRO A 268 2.00 9.52 -16.90
N TYR A 269 0.69 9.64 -16.78
CA TYR A 269 -0.24 9.18 -17.81
C TYR A 269 -0.02 9.89 -19.12
N LYS A 270 0.28 11.18 -19.03
CA LYS A 270 0.55 12.02 -20.21
C LYS A 270 1.83 12.79 -19.96
N GLU A 271 2.68 12.93 -20.98
CA GLU A 271 3.95 13.63 -20.79
C GLU A 271 3.79 15.15 -20.79
N THR A 272 2.60 15.63 -20.45
CA THR A 272 2.33 17.06 -20.43
C THR A 272 1.81 17.54 -19.07
N GLU A 273 1.07 16.67 -18.39
CA GLU A 273 0.52 17.02 -17.08
C GLU A 273 0.73 15.89 -16.07
N ALA A 274 0.76 16.27 -14.79
CA ALA A 274 0.95 15.32 -13.71
C ALA A 274 -0.07 15.56 -12.59
N SER A 275 -0.68 14.49 -12.10
CA SER A 275 -1.69 14.61 -11.05
C SER A 275 -1.46 13.75 -9.81
N PHE A 276 -1.81 14.29 -8.65
CA PHE A 276 -1.69 13.57 -7.39
C PHE A 276 -2.90 13.90 -6.51
N THR A 277 -3.04 13.20 -5.39
CA THR A 277 -4.18 13.43 -4.49
C THR A 277 -3.72 13.68 -3.06
N THR A 278 -4.45 14.54 -2.36
CA THR A 278 -4.11 14.90 -0.98
C THR A 278 -5.32 15.05 -0.07
N SER A 279 -5.10 14.91 1.23
CA SER A 279 -6.17 15.02 2.21
C SER A 279 -5.68 15.50 3.57
N THR A 280 -6.50 16.32 4.23
CA THR A 280 -6.19 16.86 5.54
C THR A 280 -7.49 17.06 6.31
N LYS A 281 -7.44 16.93 7.63
CA LYS A 281 -8.64 17.11 8.47
C LYS A 281 -9.82 16.28 7.96
N ALA A 282 -9.54 15.26 7.17
CA ALA A 282 -10.62 14.43 6.64
C ALA A 282 -11.29 13.63 7.75
N TRP A 283 -12.61 13.49 7.66
CA TRP A 283 -13.35 12.74 8.66
C TRP A 283 -14.70 12.27 8.10
N PHE A 284 -15.56 11.75 8.99
CA PHE A 284 -16.88 11.26 8.62
C PHE A 284 -17.93 12.21 9.16
N ASN A 285 -19.17 12.04 8.72
CA ASN A 285 -20.25 12.88 9.25
C ASN A 285 -20.62 12.29 10.60
N ASP A 286 -21.68 12.81 11.21
CA ASP A 286 -22.10 12.35 12.53
C ASP A 286 -22.36 10.86 12.70
N LEU A 287 -23.14 10.25 11.80
CA LEU A 287 -23.44 8.83 11.93
C LEU A 287 -22.49 7.92 11.15
N VAL A 288 -21.36 8.48 10.71
CA VAL A 288 -20.37 7.71 9.96
C VAL A 288 -21.06 7.01 8.79
N THR A 289 -21.89 7.76 8.08
CA THR A 289 -22.61 7.25 6.93
C THR A 289 -22.05 7.89 5.66
N ALA A 290 -20.98 8.66 5.82
CA ALA A 290 -20.34 9.34 4.69
C ALA A 290 -19.11 10.15 5.11
N TRP A 291 -18.29 10.52 4.12
CA TRP A 291 -17.09 11.33 4.34
C TRP A 291 -17.51 12.80 4.32
N VAL A 292 -17.04 13.59 5.28
CA VAL A 292 -17.41 15.00 5.34
C VAL A 292 -16.70 15.83 4.27
N SER A 293 -15.40 15.62 4.12
CA SER A 293 -14.62 16.33 3.09
C SER A 293 -13.54 15.38 2.56
N PRO A 294 -13.85 14.63 1.50
CA PRO A 294 -12.94 13.68 0.87
C PRO A 294 -11.72 14.33 0.20
N PRO A 295 -10.64 13.56 0.01
CA PRO A 295 -9.41 14.04 -0.60
C PRO A 295 -9.59 14.69 -1.98
N SER A 296 -8.77 15.70 -2.25
CA SER A 296 -8.83 16.45 -3.50
C SER A 296 -7.80 16.04 -4.54
N GLU A 297 -8.17 16.20 -5.81
CA GLU A 297 -7.31 15.88 -6.94
C GLU A 297 -6.67 17.13 -7.54
N HIS A 298 -5.39 17.35 -7.26
CA HIS A 298 -4.69 18.51 -7.79
C HIS A 298 -4.27 18.29 -9.25
N THR A 299 -3.28 19.05 -9.70
CA THR A 299 -2.77 18.96 -11.08
C THR A 299 -1.79 20.07 -11.41
N VAL A 300 -0.85 19.78 -12.31
CA VAL A 300 0.13 20.76 -12.75
C VAL A 300 0.53 20.51 -14.21
N LYS A 301 0.67 21.59 -14.97
CA LYS A 301 1.06 21.47 -16.36
C LYS A 301 2.57 21.39 -16.48
N THR A 302 3.04 20.46 -17.31
CA THR A 302 4.47 20.26 -17.56
C THR A 302 4.65 20.37 -19.06
N GLU A 303 4.76 21.60 -19.56
CA GLU A 303 4.90 21.85 -20.99
C GLU A 303 6.05 21.06 -21.61
N LEU A 304 7.03 20.71 -20.79
CA LEU A 304 8.21 19.95 -21.23
C LEU A 304 8.24 18.61 -20.49
N PRO A 305 8.38 17.48 -21.22
CA PRO A 305 8.43 16.15 -20.61
C PRO A 305 9.45 16.08 -19.47
N GLN A 306 9.34 15.07 -18.61
CA GLN A 306 10.26 14.93 -17.50
C GLN A 306 11.68 14.60 -17.94
N GLU A 307 11.81 13.69 -18.91
CA GLU A 307 13.13 13.35 -19.43
C GLU A 307 13.63 14.58 -20.16
N ALA A 308 12.69 15.43 -20.54
CA ALA A 308 13.00 16.68 -21.24
C ALA A 308 13.44 17.71 -20.20
N CYS A 309 12.66 17.83 -19.14
CA CYS A 309 12.95 18.76 -18.05
C CYS A 309 14.22 18.30 -17.34
N MSE A 310 14.49 17.00 -17.41
CA MSE A 310 15.67 16.40 -16.80
C MSE A 310 16.89 16.86 -17.56
O MSE A 310 17.77 17.51 -16.98
CB MSE A 310 15.60 14.87 -16.85
CG MSE A 310 16.87 14.16 -16.35
SE MSE A 310 16.80 12.23 -16.44
CE MSE A 310 16.86 12.01 -18.37
N VAL A 311 16.95 16.54 -18.85
CA VAL A 311 18.05 16.92 -19.70
C VAL A 311 18.26 18.42 -19.74
N ARG A 312 17.17 19.19 -19.59
CA ARG A 312 17.28 20.64 -19.61
C ARG A 312 17.78 21.11 -18.26
N GLU A 313 18.12 20.17 -17.39
CA GLU A 313 18.63 20.50 -16.08
C GLU A 313 20.01 19.89 -15.92
N PHE A 314 20.39 19.03 -16.85
CA PHE A 314 21.70 18.39 -16.79
C PHE A 314 22.71 19.30 -17.46
N ALA A 315 22.29 19.97 -18.52
CA ALA A 315 23.16 20.89 -19.25
C ALA A 315 23.42 22.18 -18.47
N ARG A 316 23.56 22.05 -17.15
CA ARG A 316 23.82 23.18 -16.26
C ARG A 316 25.00 24.03 -16.72
N LEU A 317 25.70 23.58 -17.76
CA LEU A 317 26.84 24.30 -18.32
C LEU A 317 28.08 24.23 -17.43
N VAL A 318 28.68 25.39 -17.19
CA VAL A 318 29.89 25.53 -16.37
C VAL A 318 30.94 24.48 -16.71
N TYR A 331 25.83 15.89 -3.87
CA TYR A 331 24.40 15.99 -3.63
C TYR A 331 23.60 14.94 -4.39
N TRP A 332 23.59 15.03 -5.72
CA TRP A 332 22.85 14.05 -6.50
C TRP A 332 23.49 12.68 -6.30
N PRO A 333 24.82 12.62 -6.25
CA PRO A 333 25.45 11.31 -6.06
C PRO A 333 25.23 10.76 -4.65
N SER A 334 24.86 11.64 -3.73
CA SER A 334 24.63 11.23 -2.36
C SER A 334 23.25 10.61 -2.19
N ILE A 335 22.23 11.24 -2.80
CA ILE A 335 20.87 10.71 -2.72
C ILE A 335 20.78 9.37 -3.46
N SER A 336 21.31 9.31 -4.68
CA SER A 336 21.28 8.08 -5.47
C SER A 336 22.04 7.00 -4.71
N ARG A 337 22.99 7.46 -3.90
CA ARG A 337 23.82 6.58 -3.10
C ARG A 337 23.04 6.00 -1.93
N LYS A 338 22.25 6.83 -1.27
CA LYS A 338 21.46 6.35 -0.15
C LYS A 338 20.50 5.24 -0.61
N THR A 339 19.88 5.42 -1.77
CA THR A 339 18.96 4.42 -2.27
C THR A 339 19.68 3.13 -2.68
N GLN A 340 20.86 3.28 -3.28
CA GLN A 340 21.62 2.09 -3.67
C GLN A 340 21.85 1.30 -2.38
N LEU A 341 22.26 2.03 -1.33
CA LEU A 341 22.50 1.44 -0.03
C LEU A 341 21.32 0.58 0.38
N VAL A 342 20.20 1.23 0.73
CA VAL A 342 18.99 0.56 1.15
C VAL A 342 18.67 -0.65 0.25
N VAL A 343 18.91 -0.51 -1.05
CA VAL A 343 18.66 -1.57 -2.02
C VAL A 343 19.41 -2.84 -1.61
N ASP A 344 20.74 -2.79 -1.67
CA ASP A 344 21.57 -3.94 -1.32
C ASP A 344 21.39 -4.32 0.15
N ALA A 345 20.80 -3.43 0.93
CA ALA A 345 20.56 -3.72 2.34
C ALA A 345 19.44 -4.76 2.32
N VAL A 346 18.45 -4.52 1.49
CA VAL A 346 17.32 -5.45 1.34
C VAL A 346 17.89 -6.78 0.87
N LYS A 347 18.89 -6.68 -0.01
CA LYS A 347 19.58 -7.83 -0.57
C LYS A 347 20.11 -8.77 0.52
N GLU A 348 20.95 -8.25 1.41
CA GLU A 348 21.52 -9.07 2.48
C GLU A 348 20.42 -9.69 3.35
N SER A 349 19.41 -8.90 3.68
CA SER A 349 18.29 -9.36 4.48
C SER A 349 17.68 -10.61 3.86
N VAL A 350 17.38 -10.55 2.56
CA VAL A 350 16.82 -11.70 1.87
C VAL A 350 17.82 -12.84 1.91
N ASP A 351 19.00 -12.62 1.33
CA ASP A 351 20.03 -13.65 1.30
C ASP A 351 20.31 -14.20 2.71
N LYS A 352 19.95 -13.42 3.73
CA LYS A 352 20.16 -13.83 5.12
C LYS A 352 18.87 -14.16 5.88
N ASN A 353 18.04 -15.00 5.27
CA ASN A 353 16.78 -15.44 5.87
C ASN A 353 15.91 -14.29 6.39
N TYR A 354 15.94 -13.17 5.69
CA TYR A 354 15.15 -12.00 6.04
C TYR A 354 15.44 -11.41 7.41
N GLN A 355 16.71 -11.39 7.79
CA GLN A 355 17.12 -10.83 9.06
C GLN A 355 17.06 -9.31 8.96
N GLN A 356 17.03 -8.64 10.11
CA GLN A 356 17.00 -7.18 10.11
C GLN A 356 18.43 -6.70 9.85
N ILE A 357 18.57 -5.77 8.91
CA ILE A 357 19.88 -5.23 8.57
C ILE A 357 19.99 -3.82 9.11
N SER A 358 21.12 -3.52 9.75
CA SER A 358 21.33 -2.19 10.31
C SER A 358 22.00 -1.26 9.33
N LEU A 359 21.64 0.02 9.38
CA LEU A 359 22.23 1.04 8.51
C LEU A 359 23.10 2.01 9.31
N SER A 360 23.55 1.56 10.48
CA SER A 360 24.42 2.36 11.35
C SER A 360 23.79 3.67 11.84
N GLN B 6 -39.38 -7.98 10.63
CA GLN B 6 -40.07 -9.07 11.36
C GLN B 6 -39.17 -9.74 12.39
N ILE B 7 -37.87 -9.85 12.10
CA ILE B 7 -36.92 -10.45 13.04
C ILE B 7 -36.72 -9.52 14.22
N ARG B 8 -36.93 -10.04 15.42
CA ARG B 8 -36.82 -9.25 16.64
C ARG B 8 -35.39 -9.26 17.19
N ILE B 9 -34.79 -8.07 17.28
CA ILE B 9 -33.43 -7.92 17.77
C ILE B 9 -33.32 -6.98 18.95
N GLY B 10 -32.42 -7.30 19.87
CA GLY B 10 -32.21 -6.47 21.03
C GLY B 10 -30.81 -5.88 20.96
N VAL B 11 -30.65 -4.68 21.52
CA VAL B 11 -29.34 -4.04 21.51
C VAL B 11 -28.75 -4.16 22.91
N MSE B 12 -27.69 -4.94 23.04
CA MSE B 12 -27.04 -5.15 24.34
C MSE B 12 -25.92 -4.15 24.63
O MSE B 12 -24.75 -4.51 24.73
CB MSE B 12 -26.48 -6.58 24.41
CG MSE B 12 -25.87 -6.93 25.77
SE MSE B 12 -26.19 -8.78 26.24
CE MSE B 12 -27.93 -8.56 27.03
N GLY B 13 -26.31 -2.88 24.79
CA GLY B 13 -25.34 -1.84 25.07
C GLY B 13 -25.80 -0.51 24.51
N CYS B 14 -25.19 0.59 24.97
CA CYS B 14 -25.58 1.91 24.48
C CYS B 14 -24.39 2.82 24.15
N ALA B 15 -23.29 2.21 23.70
CA ALA B 15 -22.08 2.96 23.35
C ALA B 15 -22.29 3.65 22.00
N ASP B 16 -21.30 4.44 21.59
CA ASP B 16 -21.37 5.19 20.33
C ASP B 16 -21.87 4.43 19.09
N ILE B 17 -21.20 3.33 18.74
CA ILE B 17 -21.61 2.59 17.55
C ILE B 17 -23.08 2.21 17.59
N ALA B 18 -23.72 2.40 18.74
CA ALA B 18 -25.14 2.08 18.89
C ALA B 18 -26.01 2.88 17.93
N ARG B 19 -25.76 4.18 17.84
CA ARG B 19 -26.57 5.04 16.97
C ARG B 19 -26.62 4.51 15.55
N LYS B 20 -25.47 4.26 14.95
CA LYS B 20 -25.45 3.74 13.59
C LYS B 20 -26.10 2.36 13.57
N VAL B 21 -25.79 1.54 14.56
CA VAL B 21 -26.38 0.20 14.64
C VAL B 21 -27.89 0.30 14.79
N SER B 22 -28.34 1.13 15.72
CA SER B 22 -29.76 1.30 15.94
C SER B 22 -30.49 1.68 14.65
N ARG B 23 -29.89 2.59 13.88
CA ARG B 23 -30.50 3.01 12.62
C ARG B 23 -30.43 1.86 11.64
N ALA B 24 -29.30 1.17 11.66
CA ALA B 24 -29.08 0.04 10.78
C ALA B 24 -30.20 -0.98 10.92
N ILE B 25 -30.48 -1.38 12.16
CA ILE B 25 -31.49 -2.40 12.42
C ILE B 25 -32.76 -2.27 11.59
N HIS B 26 -33.44 -1.13 11.61
CA HIS B 26 -34.64 -1.11 10.78
C HIS B 26 -34.66 -0.30 9.50
N LEU B 27 -33.81 -0.73 8.58
CA LEU B 27 -33.70 -0.18 7.25
C LEU B 27 -33.46 -1.50 6.54
N ALA B 28 -33.17 -2.51 7.37
CA ALA B 28 -32.86 -3.85 6.93
C ALA B 28 -33.72 -4.35 5.76
N PRO B 29 -35.05 -4.36 5.94
CA PRO B 29 -35.83 -3.95 7.10
C PRO B 29 -36.29 -5.16 7.89
N ASN B 30 -36.26 -6.33 7.26
CA ASN B 30 -36.69 -7.59 7.89
C ASN B 30 -36.38 -7.73 9.37
N ALA B 31 -35.56 -6.83 9.90
CA ALA B 31 -35.23 -6.86 11.33
C ALA B 31 -35.98 -5.72 11.98
N THR B 32 -36.04 -5.70 13.31
CA THR B 32 -36.74 -4.62 13.99
C THR B 32 -36.17 -4.43 15.39
N ILE B 33 -36.35 -3.23 15.93
CA ILE B 33 -35.86 -2.91 17.27
C ILE B 33 -36.93 -3.31 18.29
N SER B 34 -36.74 -4.48 18.88
CA SER B 34 -37.68 -4.99 19.86
C SER B 34 -37.18 -4.79 21.30
N GLY B 35 -35.90 -4.45 21.44
CA GLY B 35 -35.36 -4.25 22.77
C GLY B 35 -33.98 -3.67 22.81
N VAL B 36 -33.66 -3.05 23.94
CA VAL B 36 -32.37 -2.42 24.16
C VAL B 36 -31.99 -2.66 25.62
N ALA B 37 -30.71 -2.88 25.87
CA ALA B 37 -30.25 -3.13 27.21
C ALA B 37 -29.02 -2.29 27.59
N SER B 38 -29.05 -1.73 28.78
CA SER B 38 -27.94 -0.93 29.29
C SER B 38 -27.67 -1.44 30.70
N ARG B 39 -26.77 -0.76 31.41
CA ARG B 39 -26.43 -1.14 32.77
C ARG B 39 -27.27 -0.28 33.73
N SER B 40 -27.52 0.95 33.31
CA SER B 40 -28.29 1.91 34.10
C SER B 40 -29.62 2.24 33.44
N LEU B 41 -30.58 2.69 34.24
CA LEU B 41 -31.89 3.05 33.70
C LEU B 41 -31.78 4.38 32.95
N GLU B 42 -31.00 5.29 33.49
CA GLU B 42 -30.82 6.60 32.85
C GLU B 42 -30.53 6.43 31.37
N LYS B 43 -29.47 5.68 31.06
CA LYS B 43 -29.10 5.43 29.68
C LYS B 43 -30.12 4.51 29.01
N ALA B 44 -30.70 3.59 29.78
CA ALA B 44 -31.71 2.69 29.26
C ALA B 44 -32.89 3.50 28.73
N LYS B 45 -33.12 4.65 29.35
CA LYS B 45 -34.22 5.52 28.95
C LYS B 45 -33.71 6.56 27.95
N ALA B 46 -32.53 7.11 28.22
CA ALA B 46 -31.92 8.11 27.37
C ALA B 46 -31.71 7.60 25.94
N PHE B 47 -30.98 6.49 25.82
CA PHE B 47 -30.70 5.91 24.51
C PHE B 47 -31.96 5.65 23.68
N ALA B 48 -32.89 4.87 24.23
CA ALA B 48 -34.13 4.54 23.52
C ALA B 48 -34.83 5.80 23.01
N THR B 49 -34.87 6.85 23.82
CA THR B 49 -35.52 8.10 23.47
C THR B 49 -34.66 8.89 22.49
N ALA B 50 -33.36 8.91 22.75
CA ALA B 50 -32.43 9.63 21.90
C ALA B 50 -32.49 9.15 20.45
N ASN B 51 -32.40 7.84 20.26
CA ASN B 51 -32.43 7.28 18.93
C ASN B 51 -33.83 6.96 18.43
N ASN B 52 -34.83 7.50 19.12
CA ASN B 52 -36.22 7.33 18.75
C ASN B 52 -36.67 5.88 18.52
N TYR B 53 -36.60 5.08 19.59
CA TYR B 53 -37.01 3.68 19.54
C TYR B 53 -38.51 3.58 19.71
N PRO B 54 -39.15 2.62 19.03
CA PRO B 54 -40.61 2.48 19.16
C PRO B 54 -41.08 2.13 20.57
N GLU B 55 -42.20 2.73 20.97
CA GLU B 55 -42.78 2.50 22.29
C GLU B 55 -42.76 1.03 22.68
N SER B 56 -43.07 0.17 21.73
CA SER B 56 -43.10 -1.28 21.98
C SER B 56 -41.74 -1.83 22.36
N THR B 57 -40.67 -1.07 22.12
CA THR B 57 -39.32 -1.53 22.46
C THR B 57 -39.24 -1.96 23.91
N LYS B 58 -38.59 -3.08 24.17
CA LYS B 58 -38.44 -3.56 25.54
C LYS B 58 -37.19 -2.90 26.12
N ILE B 59 -37.39 -1.98 27.08
CA ILE B 59 -36.28 -1.28 27.70
C ILE B 59 -35.77 -1.98 28.95
N HIS B 60 -34.53 -2.45 28.89
CA HIS B 60 -33.90 -3.19 29.98
C HIS B 60 -32.80 -2.45 30.76
N GLY B 61 -32.81 -2.65 32.07
CA GLY B 61 -31.81 -2.01 32.92
C GLY B 61 -30.64 -2.92 33.23
N SER B 62 -30.47 -3.98 32.44
CA SER B 62 -29.36 -4.91 32.62
C SER B 62 -29.27 -5.85 31.44
N TYR B 63 -28.06 -6.36 31.20
CA TYR B 63 -27.88 -7.29 30.09
C TYR B 63 -28.74 -8.53 30.39
N GLU B 64 -28.58 -9.05 31.60
CA GLU B 64 -29.32 -10.23 32.03
C GLU B 64 -30.81 -10.04 31.77
N SER B 65 -31.32 -8.85 32.11
CA SER B 65 -32.73 -8.56 31.89
C SER B 65 -33.13 -8.76 30.43
N LEU B 66 -32.30 -8.28 29.50
CA LEU B 66 -32.59 -8.46 28.08
C LEU B 66 -32.21 -9.88 27.64
N LEU B 67 -31.20 -10.44 28.29
CA LEU B 67 -30.74 -11.79 27.98
C LEU B 67 -31.88 -12.80 28.05
N GLU B 68 -32.49 -12.86 29.23
CA GLU B 68 -33.59 -13.79 29.50
C GLU B 68 -34.96 -13.32 28.99
N ASP B 69 -34.95 -12.52 27.94
CA ASP B 69 -36.20 -12.00 27.36
C ASP B 69 -36.70 -12.93 26.26
N PRO B 70 -37.85 -13.59 26.48
CA PRO B 70 -38.43 -14.50 25.49
C PRO B 70 -38.91 -13.88 24.18
N GLU B 71 -39.19 -12.58 24.17
CA GLU B 71 -39.66 -11.92 22.96
C GLU B 71 -38.56 -11.33 22.06
N ILE B 72 -37.32 -11.75 22.27
CA ILE B 72 -36.18 -11.29 21.50
C ILE B 72 -35.53 -12.47 20.78
N ASP B 73 -35.03 -12.24 19.57
CA ASP B 73 -34.39 -13.30 18.80
C ASP B 73 -32.87 -13.22 18.72
N ALA B 74 -32.30 -12.03 18.92
CA ALA B 74 -30.85 -11.87 18.84
C ALA B 74 -30.31 -10.64 19.56
N LEU B 75 -29.15 -10.81 20.20
CA LEU B 75 -28.49 -9.75 20.95
C LEU B 75 -27.34 -9.09 20.20
N TYR B 76 -26.86 -7.97 20.75
CA TYR B 76 -25.77 -7.22 20.15
C TYR B 76 -24.88 -6.55 21.21
N VAL B 77 -23.65 -7.06 21.36
CA VAL B 77 -22.70 -6.56 22.36
C VAL B 77 -21.65 -5.57 21.85
N PRO B 78 -21.90 -4.26 22.02
CA PRO B 78 -20.94 -3.26 21.57
C PRO B 78 -19.85 -3.04 22.61
N LEU B 79 -19.98 -3.76 23.73
CA LEU B 79 -19.04 -3.67 24.86
C LEU B 79 -17.56 -3.77 24.51
N PRO B 80 -16.69 -3.66 25.53
CA PRO B 80 -15.25 -3.77 25.27
C PRO B 80 -14.93 -5.21 24.88
N THR B 81 -13.96 -5.37 23.99
CA THR B 81 -13.53 -6.68 23.51
C THR B 81 -13.32 -7.65 24.66
N SER B 82 -12.94 -7.11 25.81
CA SER B 82 -12.69 -7.92 26.99
C SER B 82 -13.94 -8.63 27.55
N LEU B 83 -15.11 -8.01 27.40
CA LEU B 83 -16.34 -8.59 27.90
C LEU B 83 -17.05 -9.48 26.87
N HIS B 84 -16.42 -9.73 25.73
CA HIS B 84 -17.06 -10.54 24.71
C HIS B 84 -17.27 -12.02 25.02
N VAL B 85 -16.22 -12.70 25.45
CA VAL B 85 -16.30 -14.12 25.73
C VAL B 85 -17.32 -14.47 26.82
N GLU B 86 -17.59 -13.55 27.74
CA GLU B 86 -18.56 -13.81 28.80
C GLU B 86 -20.01 -13.69 28.35
N TRP B 87 -20.35 -12.55 27.75
CA TRP B 87 -21.72 -12.29 27.31
C TRP B 87 -22.16 -12.86 25.98
N ALA B 88 -21.21 -13.31 25.16
CA ALA B 88 -21.56 -13.91 23.89
C ALA B 88 -21.89 -15.38 24.19
N ILE B 89 -21.39 -15.85 25.32
CA ILE B 89 -21.63 -17.23 25.73
C ILE B 89 -22.92 -17.35 26.54
N LYS B 90 -23.17 -16.36 27.40
CA LYS B 90 -24.39 -16.36 28.20
C LYS B 90 -25.60 -16.20 27.28
N ALA B 91 -25.55 -15.19 26.42
CA ALA B 91 -26.65 -14.94 25.47
C ALA B 91 -26.85 -16.16 24.58
N ALA B 92 -25.76 -16.86 24.29
CA ALA B 92 -25.83 -18.06 23.47
C ALA B 92 -26.57 -19.12 24.28
N GLU B 93 -26.27 -19.18 25.57
CA GLU B 93 -26.90 -20.14 26.47
C GLU B 93 -28.38 -19.82 26.70
N LYS B 94 -28.92 -18.89 25.91
CA LYS B 94 -30.32 -18.52 26.03
C LYS B 94 -31.04 -18.66 24.69
N GLY B 95 -30.30 -19.07 23.67
CA GLY B 95 -30.91 -19.24 22.37
C GLY B 95 -30.99 -17.96 21.56
N LYS B 96 -30.22 -16.94 21.94
CA LYS B 96 -30.22 -15.68 21.22
C LYS B 96 -29.15 -15.66 20.15
N HIS B 97 -29.54 -15.43 18.90
CA HIS B 97 -28.58 -15.36 17.80
C HIS B 97 -27.80 -14.08 18.04
N ILE B 98 -26.58 -13.98 17.52
CA ILE B 98 -25.81 -12.77 17.79
C ILE B 98 -24.92 -12.15 16.71
N LEU B 99 -25.20 -10.90 16.41
CA LEU B 99 -24.40 -10.13 15.46
C LEU B 99 -23.35 -9.53 16.40
N LEU B 100 -22.16 -10.11 16.39
CA LEU B 100 -21.08 -9.68 17.28
C LEU B 100 -20.16 -8.61 16.68
N GLU B 101 -19.88 -7.59 17.49
CA GLU B 101 -19.03 -6.48 17.09
C GLU B 101 -17.60 -6.93 16.89
N LYS B 102 -16.88 -6.25 16.01
CA LYS B 102 -15.49 -6.58 15.74
C LYS B 102 -14.60 -5.67 16.60
N PRO B 103 -13.44 -6.18 17.03
CA PRO B 103 -12.98 -7.55 16.77
C PRO B 103 -13.83 -8.48 17.64
N VAL B 104 -14.02 -9.72 17.19
CA VAL B 104 -14.85 -10.66 17.95
C VAL B 104 -14.35 -11.03 19.35
N ALA B 105 -13.05 -11.06 19.55
CA ALA B 105 -12.51 -11.43 20.87
C ALA B 105 -11.07 -10.96 21.09
N MSE B 106 -10.65 -10.91 22.36
CA MSE B 106 -9.30 -10.49 22.73
C MSE B 106 -8.23 -11.36 22.09
O MSE B 106 -7.12 -10.89 21.84
CB MSE B 106 -9.14 -10.52 24.25
CG MSE B 106 -9.99 -9.51 25.00
SE MSE B 106 -9.62 -7.69 24.45
CE MSE B 106 -7.90 -7.49 25.29
N ASN B 107 -8.56 -12.63 21.83
CA ASN B 107 -7.65 -13.58 21.21
C ASN B 107 -8.48 -14.73 20.65
N VAL B 108 -7.83 -15.63 19.92
CA VAL B 108 -8.54 -16.76 19.33
C VAL B 108 -8.91 -17.79 20.40
N THR B 109 -8.40 -17.58 21.62
CA THR B 109 -8.67 -18.46 22.75
C THR B 109 -10.06 -18.14 23.34
N GLU B 110 -10.51 -16.90 23.14
CA GLU B 110 -11.83 -16.49 23.63
C GLU B 110 -12.84 -16.87 22.58
N PHE B 111 -12.59 -16.45 21.34
CA PHE B 111 -13.52 -16.73 20.25
C PHE B 111 -13.90 -18.20 20.15
N ASP B 112 -12.91 -19.09 20.21
CA ASP B 112 -13.21 -20.52 20.12
C ASP B 112 -14.34 -20.90 21.05
N LYS B 113 -14.33 -20.38 22.27
CA LYS B 113 -15.39 -20.69 23.22
C LYS B 113 -16.69 -20.07 22.73
N ILE B 114 -16.64 -18.79 22.37
CA ILE B 114 -17.81 -18.10 21.88
C ILE B 114 -18.48 -18.93 20.80
N VAL B 115 -17.68 -19.46 19.88
CA VAL B 115 -18.16 -20.28 18.79
C VAL B 115 -18.80 -21.56 19.32
N ASP B 116 -18.19 -22.14 20.36
CA ASP B 116 -18.70 -23.37 20.97
C ASP B 116 -20.16 -23.24 21.37
N ALA B 117 -20.46 -22.26 22.22
CA ALA B 117 -21.83 -22.05 22.66
C ALA B 117 -22.73 -21.87 21.43
N CYS B 118 -22.24 -21.15 20.43
CA CYS B 118 -23.01 -20.92 19.22
C CYS B 118 -23.27 -22.23 18.46
N GLU B 119 -22.23 -23.03 18.27
CA GLU B 119 -22.36 -24.31 17.58
C GLU B 119 -23.27 -25.20 18.41
N ALA B 120 -23.10 -25.11 19.73
CA ALA B 120 -23.87 -25.90 20.68
C ALA B 120 -25.36 -25.58 20.73
N ASN B 121 -25.71 -24.32 20.52
CA ASN B 121 -27.11 -23.93 20.57
C ASN B 121 -27.70 -23.73 19.17
N GLY B 122 -26.92 -24.10 18.16
CA GLY B 122 -27.37 -23.99 16.79
C GLY B 122 -27.70 -22.60 16.29
N VAL B 123 -27.77 -21.62 17.19
CA VAL B 123 -28.08 -20.24 16.79
C VAL B 123 -27.13 -19.68 15.75
N GLN B 124 -27.42 -18.46 15.32
CA GLN B 124 -26.62 -17.77 14.33
C GLN B 124 -25.78 -16.65 14.93
N ILE B 125 -24.60 -16.43 14.36
CA ILE B 125 -23.70 -15.36 14.80
C ILE B 125 -22.93 -14.84 13.60
N MSE B 126 -23.13 -13.56 13.29
CA MSE B 126 -22.48 -12.88 12.18
C MSE B 126 -21.47 -11.88 12.76
O MSE B 126 -21.47 -11.63 13.97
CB MSE B 126 -23.52 -12.14 11.34
CG MSE B 126 -23.08 -11.88 9.89
SE MSE B 126 -24.30 -10.78 8.85
CE MSE B 126 -25.42 -12.13 8.08
N ASP B 127 -20.59 -11.33 11.93
CA ASP B 127 -19.61 -10.39 12.41
C ASP B 127 -19.91 -8.96 11.98
N GLY B 128 -19.88 -8.06 12.96
CA GLY B 128 -20.17 -6.65 12.74
C GLY B 128 -19.45 -5.84 11.66
N THR B 129 -18.61 -6.49 10.84
CA THR B 129 -17.91 -5.77 9.79
C THR B 129 -18.96 -5.46 8.72
N MSE B 130 -19.02 -4.21 8.28
CA MSE B 130 -20.02 -3.77 7.31
C MSE B 130 -19.66 -3.82 5.81
O MSE B 130 -20.46 -4.30 5.00
CB MSE B 130 -20.46 -2.35 7.66
CG MSE B 130 -20.30 -2.02 9.15
SE MSE B 130 -21.03 -0.29 9.60
CE MSE B 130 -20.81 -0.35 11.53
N TRP B 131 -18.49 -3.33 5.45
CA TRP B 131 -18.08 -3.28 4.05
C TRP B 131 -18.13 -4.60 3.29
N VAL B 132 -18.10 -5.72 4.01
CA VAL B 132 -18.13 -7.03 3.35
C VAL B 132 -19.54 -7.35 2.86
N HIS B 133 -20.49 -6.47 3.17
CA HIS B 133 -21.87 -6.68 2.74
C HIS B 133 -22.27 -5.69 1.64
N ASN B 134 -21.42 -4.70 1.40
CA ASN B 134 -21.69 -3.70 0.38
C ASN B 134 -21.67 -4.37 -1.00
N PRO B 135 -22.64 -4.04 -1.86
CA PRO B 135 -22.67 -4.66 -3.19
C PRO B 135 -21.31 -4.58 -3.90
N ARG B 136 -20.51 -3.60 -3.51
CA ARG B 136 -19.19 -3.40 -4.11
C ARG B 136 -18.29 -4.60 -3.91
N THR B 137 -18.38 -5.21 -2.73
CA THR B 137 -17.56 -6.38 -2.41
C THR B 137 -17.81 -7.52 -3.39
N ALA B 138 -19.06 -7.71 -3.80
CA ALA B 138 -19.37 -8.76 -4.76
C ALA B 138 -18.65 -8.47 -6.07
N LEU B 139 -18.61 -7.19 -6.44
CA LEU B 139 -17.94 -6.77 -7.66
C LEU B 139 -16.42 -6.88 -7.48
N LEU B 140 -15.92 -6.58 -6.29
CA LEU B 140 -14.48 -6.67 -6.01
C LEU B 140 -14.04 -8.15 -6.12
N LYS B 141 -14.74 -9.03 -5.41
CA LYS B 141 -14.42 -10.46 -5.44
C LYS B 141 -14.64 -11.03 -6.84
N GLU B 142 -15.47 -10.35 -7.62
CA GLU B 142 -15.75 -10.79 -8.99
C GLU B 142 -14.53 -10.51 -9.86
N PHE B 143 -13.95 -9.32 -9.68
CA PHE B 143 -12.77 -8.92 -10.44
C PHE B 143 -11.57 -9.80 -10.05
N LEU B 144 -11.31 -9.92 -8.75
CA LEU B 144 -10.20 -10.74 -8.27
C LEU B 144 -10.26 -12.18 -8.81
N SER B 145 -11.46 -12.63 -9.16
CA SER B 145 -11.65 -13.99 -9.68
C SER B 145 -11.62 -14.05 -11.20
N ASP B 146 -11.52 -12.89 -11.83
CA ASP B 146 -11.50 -12.80 -13.28
C ASP B 146 -10.09 -13.13 -13.79
N SER B 147 -9.97 -14.17 -14.61
CA SER B 147 -8.67 -14.61 -15.12
C SER B 147 -8.11 -13.75 -16.25
N GLU B 148 -8.94 -12.85 -16.77
CA GLU B 148 -8.49 -11.98 -17.84
C GLU B 148 -8.54 -10.53 -17.37
N ARG B 149 -9.07 -10.32 -16.18
CA ARG B 149 -9.17 -8.97 -15.61
C ARG B 149 -8.15 -8.74 -14.50
N PHE B 150 -7.97 -9.74 -13.64
CA PHE B 150 -7.02 -9.64 -12.55
C PHE B 150 -5.96 -10.74 -12.69
N GLY B 151 -6.39 -11.91 -13.19
CA GLY B 151 -5.48 -13.02 -13.40
C GLY B 151 -5.19 -13.81 -12.13
N GLN B 152 -3.92 -13.87 -11.75
CA GLN B 152 -3.50 -14.58 -10.55
C GLN B 152 -2.96 -13.54 -9.56
N LEU B 153 -3.48 -13.57 -8.34
CA LEU B 153 -3.08 -12.63 -7.30
C LEU B 153 -1.59 -12.74 -6.98
N LYS B 154 -0.93 -11.58 -6.96
CA LYS B 154 0.51 -11.53 -6.66
C LYS B 154 0.76 -10.64 -5.46
N THR B 155 -0.25 -9.86 -5.08
CA THR B 155 -0.10 -8.97 -3.95
C THR B 155 -1.37 -8.17 -3.64
N VAL B 156 -1.74 -8.16 -2.36
CA VAL B 156 -2.88 -7.40 -1.89
C VAL B 156 -2.27 -6.46 -0.85
N GLN B 157 -2.58 -5.18 -0.94
CA GLN B 157 -2.06 -4.17 -0.01
C GLN B 157 -3.22 -3.34 0.54
N SER B 158 -3.26 -3.21 1.86
CA SER B 158 -4.32 -2.45 2.49
C SER B 158 -3.94 -1.96 3.87
N CYS B 159 -4.55 -0.85 4.29
CA CYS B 159 -4.27 -0.29 5.59
C CYS B 159 -5.36 0.70 5.97
N PHE B 160 -5.59 0.83 7.28
CA PHE B 160 -6.60 1.77 7.77
C PHE B 160 -6.02 2.60 8.92
N SER B 161 -6.09 3.91 8.78
CA SER B 161 -5.59 4.80 9.81
C SER B 161 -6.49 6.01 9.97
N PHE B 162 -6.35 6.67 11.10
CA PHE B 162 -7.10 7.88 11.40
C PHE B 162 -6.43 8.56 12.59
N ALA B 163 -6.44 9.88 12.61
CA ALA B 163 -5.80 10.63 13.68
C ALA B 163 -6.81 11.05 14.75
N GLY B 164 -6.86 10.28 15.83
CA GLY B 164 -7.79 10.62 16.91
C GLY B 164 -7.27 11.82 17.68
N ASP B 165 -8.18 12.69 18.12
CA ASP B 165 -7.79 13.88 18.86
C ASP B 165 -7.33 13.50 20.26
N GLU B 166 -6.75 14.46 20.97
CA GLU B 166 -6.25 14.23 22.33
C GLU B 166 -7.33 13.63 23.23
N ASP B 167 -8.58 13.99 22.98
CA ASP B 167 -9.69 13.45 23.75
C ASP B 167 -9.84 11.95 23.50
N PHE B 168 -9.64 11.54 22.25
CA PHE B 168 -9.74 10.14 21.89
C PHE B 168 -8.55 9.36 22.46
N LEU B 169 -7.36 9.89 22.24
CA LEU B 169 -6.14 9.24 22.70
C LEU B 169 -6.09 9.00 24.21
N LYS B 170 -6.94 9.69 24.96
CA LYS B 170 -6.94 9.51 26.41
C LYS B 170 -8.13 8.74 27.01
N ASN B 171 -9.32 8.89 26.42
CA ASN B 171 -10.49 8.24 26.98
C ASN B 171 -11.13 7.06 26.25
N ASP B 172 -10.96 6.97 24.93
CA ASP B 172 -11.56 5.89 24.17
C ASP B 172 -11.18 4.51 24.67
N ILE B 173 -12.14 3.59 24.64
CA ILE B 173 -11.90 2.23 25.10
C ILE B 173 -10.84 1.50 24.27
N ARG B 174 -10.54 2.03 23.09
CA ARG B 174 -9.57 1.42 22.19
C ARG B 174 -8.12 1.61 22.61
N VAL B 175 -7.88 2.34 23.70
CA VAL B 175 -6.52 2.54 24.17
C VAL B 175 -6.37 1.86 25.52
N LYS B 176 -7.50 1.45 26.07
CA LYS B 176 -7.57 0.78 27.37
C LYS B 176 -7.23 -0.70 27.23
N PRO B 177 -6.19 -1.17 27.95
CA PRO B 177 -5.77 -2.57 27.88
C PRO B 177 -6.73 -3.56 28.54
N GLY B 178 -7.66 -3.05 29.34
CA GLY B 178 -8.62 -3.92 30.01
C GLY B 178 -9.95 -4.02 29.30
N LEU B 179 -10.23 -3.09 28.39
CA LEU B 179 -11.48 -3.10 27.64
C LEU B 179 -11.21 -3.57 26.21
N ASP B 180 -11.32 -2.66 25.25
CA ASP B 180 -11.03 -3.01 23.86
C ASP B 180 -9.51 -3.03 23.74
N GLY B 181 -8.88 -3.98 24.44
CA GLY B 181 -7.44 -4.08 24.47
C GLY B 181 -6.69 -4.59 23.24
N LEU B 182 -6.87 -3.91 22.11
CA LEU B 182 -6.18 -4.31 20.89
C LEU B 182 -5.79 -3.09 20.09
N GLY B 183 -6.29 -1.93 20.52
CA GLY B 183 -5.96 -0.69 19.85
C GLY B 183 -6.25 -0.64 18.36
N ALA B 184 -5.29 -0.11 17.61
CA ALA B 184 -5.40 0.06 16.17
C ALA B 184 -5.48 -1.26 15.40
N LEU B 185 -4.89 -2.33 15.94
CA LEU B 185 -4.91 -3.64 15.30
C LEU B 185 -6.31 -4.22 15.23
N GLY B 186 -6.99 -4.28 16.37
CA GLY B 186 -8.34 -4.81 16.41
C GLY B 186 -9.40 -3.90 15.83
N ASP B 187 -9.17 -2.59 15.94
CA ASP B 187 -10.14 -1.61 15.43
C ASP B 187 -9.89 -1.26 13.98
N ALA B 188 -8.63 -1.19 13.59
CA ALA B 188 -8.26 -0.85 12.23
C ALA B 188 -7.61 -2.01 11.46
N GLY B 189 -6.55 -2.58 12.03
CA GLY B 189 -5.88 -3.69 11.38
C GLY B 189 -6.88 -4.73 10.92
N TRP B 190 -7.82 -5.05 11.80
CA TRP B 190 -8.88 -6.01 11.51
C TRP B 190 -9.36 -5.89 10.07
N TYR B 191 -9.69 -4.66 9.67
CA TYR B 191 -10.19 -4.38 8.32
C TYR B 191 -9.17 -4.66 7.26
N ALA B 192 -7.92 -4.28 7.51
CA ALA B 192 -6.85 -4.49 6.55
C ALA B 192 -6.59 -5.98 6.36
N ILE B 193 -6.88 -6.76 7.40
CA ILE B 193 -6.68 -8.19 7.36
C ILE B 193 -7.82 -8.88 6.60
N ARG B 194 -9.05 -8.44 6.83
CA ARG B 194 -10.20 -9.04 6.17
C ARG B 194 -10.04 -8.91 4.67
N ALA B 195 -9.60 -7.74 4.23
CA ALA B 195 -9.40 -7.48 2.82
C ALA B 195 -8.32 -8.38 2.21
N THR B 196 -7.16 -8.48 2.87
CA THR B 196 -6.11 -9.32 2.29
C THR B 196 -6.61 -10.77 2.30
N LEU B 197 -7.24 -11.19 3.38
CA LEU B 197 -7.74 -12.54 3.45
C LEU B 197 -8.74 -12.74 2.33
N LEU B 198 -9.71 -11.83 2.22
CA LEU B 198 -10.73 -11.92 1.17
C LEU B 198 -10.10 -11.91 -0.22
N ALA B 199 -9.08 -11.07 -0.40
CA ALA B 199 -8.40 -10.99 -1.68
C ALA B 199 -7.81 -12.34 -2.07
N ASN B 200 -7.56 -13.19 -1.08
CA ASN B 200 -6.99 -14.50 -1.32
C ASN B 200 -8.07 -15.57 -1.36
N ASN B 201 -9.32 -15.12 -1.24
CA ASN B 201 -10.47 -16.01 -1.27
C ASN B 201 -10.53 -16.91 -0.03
N PHE B 202 -10.07 -16.35 1.09
CA PHE B 202 -10.06 -17.01 2.40
C PHE B 202 -8.85 -17.86 2.71
N GLU B 203 -7.82 -17.77 1.88
CA GLU B 203 -6.61 -18.54 2.13
C GLU B 203 -5.79 -17.90 3.25
N LEU B 204 -5.71 -18.59 4.37
CA LEU B 204 -4.93 -18.09 5.50
C LEU B 204 -3.47 -18.02 5.07
N PRO B 205 -2.71 -17.04 5.59
CA PRO B 205 -1.30 -17.00 5.17
C PRO B 205 -0.55 -18.15 5.84
N LYS B 206 0.69 -18.40 5.40
CA LYS B 206 1.48 -19.47 6.01
C LYS B 206 2.20 -18.85 7.20
N THR B 207 2.70 -17.63 7.02
CA THR B 207 3.43 -16.94 8.06
C THR B 207 3.04 -15.47 8.16
N VAL B 208 3.48 -14.84 9.25
CA VAL B 208 3.20 -13.43 9.52
C VAL B 208 4.40 -12.78 10.22
N THR B 209 4.65 -11.51 9.95
CA THR B 209 5.76 -10.79 10.57
C THR B 209 5.42 -9.31 10.66
N ALA B 210 5.48 -8.74 11.86
CA ALA B 210 5.15 -7.33 12.04
C ALA B 210 6.32 -6.41 11.65
N PHE B 211 6.04 -5.17 11.29
CA PHE B 211 7.10 -4.23 10.94
C PHE B 211 7.66 -3.61 12.22
N PRO B 212 8.98 -3.56 12.37
CA PRO B 212 9.49 -2.95 13.59
C PRO B 212 9.00 -1.51 13.60
N GLY B 213 8.84 -0.92 14.78
CA GLY B 213 8.39 0.46 14.85
C GLY B 213 6.92 0.68 15.19
N ALA B 214 6.26 -0.33 15.76
CA ALA B 214 4.87 -0.16 16.13
C ALA B 214 4.82 0.84 17.29
N VAL B 215 3.86 1.77 17.24
CA VAL B 215 3.71 2.77 18.31
C VAL B 215 2.75 2.27 19.40
N LEU B 216 3.27 2.15 20.62
CA LEU B 216 2.47 1.68 21.76
C LEU B 216 2.24 2.84 22.73
N ASN B 217 1.06 2.90 23.35
CA ASN B 217 0.81 3.96 24.31
C ASN B 217 1.35 3.49 25.67
N GLU B 218 1.49 4.42 26.61
CA GLU B 218 2.03 4.09 27.92
C GLU B 218 1.44 2.82 28.54
N ALA B 219 0.15 2.58 28.31
CA ALA B 219 -0.51 1.40 28.84
C ALA B 219 -0.18 0.12 28.07
N GLY B 220 0.64 0.23 27.03
CA GLY B 220 1.04 -0.94 26.25
C GLY B 220 0.08 -1.34 25.15
N VAL B 221 -0.96 -0.54 24.93
CA VAL B 221 -1.94 -0.82 23.89
C VAL B 221 -1.44 -0.27 22.56
N ILE B 222 -1.66 -1.02 21.48
CA ILE B 222 -1.24 -0.64 20.13
C ILE B 222 -1.95 0.58 19.54
N LEU B 223 -1.18 1.60 19.19
CA LEU B 223 -1.74 2.81 18.59
C LEU B 223 -1.51 2.77 17.07
N SER B 224 -0.51 2.00 16.64
CA SER B 224 -0.21 1.87 15.22
C SER B 224 0.73 0.70 15.00
N CYS B 225 0.59 0.02 13.86
CA CYS B 225 1.44 -1.12 13.55
C CYS B 225 1.24 -1.59 12.11
N GLY B 226 2.09 -2.52 11.68
CA GLY B 226 2.00 -3.07 10.34
C GLY B 226 2.62 -4.45 10.25
N ALA B 227 2.53 -5.08 9.08
CA ALA B 227 3.11 -6.40 8.90
C ALA B 227 2.91 -6.96 7.50
N SER B 228 3.70 -7.97 7.15
CA SER B 228 3.58 -8.61 5.86
C SER B 228 3.14 -10.04 6.10
N LEU B 229 2.26 -10.57 5.25
CA LEU B 229 1.79 -11.94 5.38
C LEU B 229 2.39 -12.74 4.21
N SER B 230 2.62 -14.04 4.41
CA SER B 230 3.21 -14.82 3.34
C SER B 230 2.58 -16.19 3.13
N TRP B 231 2.36 -16.55 1.87
CA TRP B 231 1.76 -17.83 1.52
C TRP B 231 2.80 -18.76 0.89
N GLU B 232 4.03 -18.28 0.78
CA GLU B 232 5.12 -19.07 0.19
C GLU B 232 4.81 -19.35 -1.29
N ASP B 233 3.66 -18.87 -1.76
CA ASP B 233 3.24 -19.02 -3.15
C ASP B 233 4.04 -18.04 -3.98
N GLY B 234 4.43 -16.95 -3.33
CA GLY B 234 5.13 -15.89 -4.01
C GLY B 234 4.15 -14.74 -3.92
N ARG B 235 3.09 -14.99 -3.15
CA ARG B 235 2.01 -14.04 -2.87
C ARG B 235 2.33 -13.46 -1.50
N THR B 236 2.28 -12.15 -1.38
CA THR B 236 2.54 -11.52 -0.11
C THR B 236 1.54 -10.40 0.05
N ALA B 237 1.36 -9.94 1.28
CA ALA B 237 0.44 -8.87 1.56
C ALA B 237 0.94 -7.99 2.70
N THR B 238 0.36 -6.80 2.80
CA THR B 238 0.73 -5.89 3.87
C THR B 238 -0.50 -5.15 4.45
N ILE B 239 -0.54 -5.06 5.77
CA ILE B 239 -1.62 -4.34 6.43
C ILE B 239 -1.01 -3.29 7.35
N TYR B 240 -1.59 -2.10 7.36
CA TYR B 240 -1.10 -1.04 8.23
C TYR B 240 -2.29 -0.40 8.96
N CYS B 241 -2.07 -0.05 10.22
CA CYS B 241 -3.11 0.57 11.03
C CYS B 241 -2.54 1.55 12.03
N SER B 242 -3.26 2.63 12.29
CA SER B 242 -2.76 3.64 13.23
C SER B 242 -3.85 4.59 13.69
N PHE B 243 -3.71 5.05 14.92
CA PHE B 243 -4.64 6.00 15.53
C PHE B 243 -4.02 7.40 15.44
N LEU B 244 -2.83 7.48 14.86
CA LEU B 244 -2.10 8.73 14.76
C LEU B 244 -1.80 9.20 13.33
N ALA B 245 -2.80 9.16 12.45
CA ALA B 245 -2.58 9.60 11.07
C ALA B 245 -3.87 9.73 10.27
N ASN B 246 -3.97 10.83 9.53
CA ASN B 246 -5.12 11.13 8.69
C ASN B 246 -5.92 9.91 8.21
N LEU B 247 -7.24 10.06 8.16
CA LEU B 247 -8.13 9.00 7.72
C LEU B 247 -7.63 8.36 6.43
N THR B 248 -7.19 7.10 6.51
CA THR B 248 -6.69 6.36 5.36
C THR B 248 -7.29 4.96 5.38
N MSE B 249 -7.85 4.54 4.24
CA MSE B 249 -8.47 3.22 4.14
C MSE B 249 -8.62 2.79 2.68
O MSE B 249 -9.66 3.01 2.07
CB MSE B 249 -9.83 3.18 4.85
CG MSE B 249 -10.78 4.29 4.50
SE MSE B 249 -12.56 4.05 5.26
CE MSE B 249 -12.15 4.35 7.14
N GLU B 250 -7.58 2.15 2.16
CA GLU B 250 -7.57 1.71 0.78
C GLU B 250 -7.17 0.24 0.63
N ILE B 251 -7.46 -0.31 -0.54
CA ILE B 251 -7.09 -1.68 -0.87
C ILE B 251 -6.36 -1.57 -2.21
N THR B 252 -5.17 -2.15 -2.30
CA THR B 252 -4.41 -2.15 -3.53
C THR B 252 -3.85 -3.54 -3.82
N ALA B 253 -4.65 -4.33 -4.55
CA ALA B 253 -4.29 -5.69 -4.91
C ALA B 253 -3.81 -5.69 -6.37
N ILE B 254 -2.84 -6.56 -6.67
CA ILE B 254 -2.31 -6.63 -8.02
C ILE B 254 -2.06 -8.04 -8.49
N GLY B 255 -2.53 -8.35 -9.70
CA GLY B 255 -2.34 -9.66 -10.27
C GLY B 255 -1.45 -9.62 -11.49
N THR B 256 -1.44 -10.71 -12.25
CA THR B 256 -0.63 -10.80 -13.46
C THR B 256 -1.31 -10.09 -14.64
N LYS B 257 -2.63 -9.99 -14.58
CA LYS B 257 -3.40 -9.37 -15.67
C LYS B 257 -3.99 -8.02 -15.31
N GLY B 258 -4.01 -7.69 -14.03
CA GLY B 258 -4.59 -6.41 -13.62
C GLY B 258 -4.18 -5.85 -12.28
N THR B 259 -5.00 -4.94 -11.77
CA THR B 259 -4.76 -4.27 -10.50
C THR B 259 -6.11 -3.80 -9.97
N LEU B 260 -6.28 -3.84 -8.65
CA LEU B 260 -7.53 -3.39 -8.04
C LEU B 260 -7.27 -2.33 -6.99
N ARG B 261 -8.09 -1.28 -7.00
CA ARG B 261 -7.94 -0.19 -6.05
C ARG B 261 -9.24 0.42 -5.59
N VAL B 262 -9.33 0.63 -4.27
CA VAL B 262 -10.48 1.26 -3.66
C VAL B 262 -9.97 1.95 -2.41
N HIS B 263 -10.17 3.26 -2.35
CA HIS B 263 -9.69 4.08 -1.25
C HIS B 263 -10.74 4.45 -0.20
N ASP B 264 -11.84 3.72 -0.18
CA ASP B 264 -12.92 3.97 0.77
C ASP B 264 -13.60 2.64 1.02
N PHE B 265 -12.80 1.57 1.08
CA PHE B 265 -13.33 0.21 1.25
C PHE B 265 -14.04 -0.08 2.56
N ILE B 266 -13.73 0.67 3.62
CA ILE B 266 -14.37 0.44 4.91
C ILE B 266 -15.67 1.25 5.06
N ILE B 267 -15.62 2.49 4.59
CA ILE B 267 -16.76 3.39 4.63
C ILE B 267 -16.73 4.03 3.25
N PRO B 268 -17.82 3.89 2.48
CA PRO B 268 -17.79 4.49 1.14
C PRO B 268 -17.94 6.00 1.26
N TYR B 269 -17.56 6.72 0.21
CA TYR B 269 -17.69 8.17 0.22
C TYR B 269 -19.17 8.51 0.38
N LYS B 270 -20.00 7.86 -0.43
CA LYS B 270 -21.45 8.06 -0.39
C LYS B 270 -22.11 6.69 -0.19
N GLU B 271 -23.06 6.61 0.73
CA GLU B 271 -23.74 5.35 1.00
C GLU B 271 -24.54 4.91 -0.24
N THR B 272 -24.86 5.89 -1.08
CA THR B 272 -25.61 5.63 -2.30
C THR B 272 -24.82 4.88 -3.36
N GLU B 273 -23.58 5.29 -3.61
CA GLU B 273 -22.75 4.65 -4.62
C GLU B 273 -21.58 3.90 -3.96
N ALA B 274 -20.77 3.25 -4.80
CA ALA B 274 -19.59 2.51 -4.35
C ALA B 274 -18.66 2.36 -5.55
N SER B 275 -17.53 3.06 -5.51
CA SER B 275 -16.57 3.00 -6.61
C SER B 275 -15.29 2.26 -6.27
N PHE B 276 -14.68 1.67 -7.29
CA PHE B 276 -13.43 0.94 -7.15
C PHE B 276 -12.70 1.09 -8.48
N THR B 277 -11.38 1.25 -8.41
CA THR B 277 -10.57 1.42 -9.60
C THR B 277 -10.10 0.05 -10.10
N THR B 278 -10.23 -0.16 -11.40
CA THR B 278 -9.84 -1.41 -12.02
C THR B 278 -8.94 -1.18 -13.24
N SER B 279 -7.89 -2.00 -13.35
CA SER B 279 -6.94 -1.87 -14.46
C SER B 279 -6.58 -3.26 -14.95
N THR B 280 -6.36 -3.41 -16.26
CA THR B 280 -6.05 -4.70 -16.85
C THR B 280 -4.95 -4.65 -17.93
N LYS B 281 -3.95 -5.51 -17.78
CA LYS B 281 -2.82 -5.59 -18.72
C LYS B 281 -2.38 -4.20 -19.20
N ALA B 282 -1.99 -3.33 -18.26
CA ALA B 282 -1.57 -1.99 -18.62
C ALA B 282 -0.13 -1.93 -19.12
N TRP B 283 0.07 -1.23 -20.22
CA TRP B 283 1.42 -1.10 -20.76
C TRP B 283 1.67 0.34 -21.18
N PHE B 284 2.85 0.59 -21.74
CA PHE B 284 3.23 1.92 -22.19
C PHE B 284 3.21 1.99 -23.72
N ASN B 285 3.22 3.19 -24.27
CA ASN B 285 3.25 3.36 -25.71
C ASN B 285 4.67 3.02 -26.19
N ASP B 286 5.02 3.41 -27.41
CA ASP B 286 6.34 3.12 -27.95
C ASP B 286 7.52 3.68 -27.17
N LEU B 287 7.64 5.00 -27.12
CA LEU B 287 8.74 5.65 -26.42
C LEU B 287 8.60 5.68 -24.90
N VAL B 288 7.42 5.29 -24.41
CA VAL B 288 7.14 5.26 -22.97
C VAL B 288 6.99 6.67 -22.39
N THR B 289 6.21 7.51 -23.07
CA THR B 289 5.99 8.88 -22.61
C THR B 289 4.56 9.01 -22.09
N ALA B 290 3.87 7.88 -21.96
CA ALA B 290 2.50 7.83 -21.47
C ALA B 290 1.97 6.40 -21.39
N TRP B 291 0.90 6.20 -20.60
CA TRP B 291 0.24 4.89 -20.48
C TRP B 291 -0.69 4.78 -21.68
N VAL B 292 -0.69 3.63 -22.34
CA VAL B 292 -1.59 3.47 -23.48
C VAL B 292 -3.04 3.58 -23.00
N SER B 293 -3.28 3.15 -21.76
CA SER B 293 -4.62 3.20 -21.21
C SER B 293 -4.64 3.26 -19.67
N PRO B 294 -4.93 4.44 -19.11
CA PRO B 294 -5.00 4.66 -17.66
C PRO B 294 -6.14 3.89 -16.99
N PRO B 295 -5.99 3.55 -15.70
CA PRO B 295 -7.01 2.81 -14.95
C PRO B 295 -8.45 3.20 -15.26
N SER B 296 -9.39 2.40 -14.77
CA SER B 296 -10.82 2.65 -14.98
C SER B 296 -11.58 2.78 -13.67
N GLU B 297 -12.41 3.81 -13.56
CA GLU B 297 -13.22 4.01 -12.36
C GLU B 297 -14.59 3.37 -12.59
N HIS B 298 -15.03 2.59 -11.62
CA HIS B 298 -16.32 1.91 -11.70
C HIS B 298 -17.09 2.25 -10.43
N THR B 299 -18.33 2.72 -10.59
CA THR B 299 -19.15 3.06 -9.44
C THR B 299 -20.49 2.32 -9.57
N VAL B 300 -20.92 1.71 -8.46
CA VAL B 300 -22.15 0.95 -8.45
C VAL B 300 -23.22 1.60 -7.57
N LYS B 301 -24.47 1.52 -8.02
CA LYS B 301 -25.57 2.09 -7.26
C LYS B 301 -25.86 1.12 -6.12
N THR B 302 -26.10 1.67 -4.93
CA THR B 302 -26.40 0.86 -3.75
C THR B 302 -27.53 1.56 -2.98
N GLU B 303 -28.77 1.37 -3.41
CA GLU B 303 -29.90 2.04 -2.75
C GLU B 303 -29.99 1.71 -1.27
N LEU B 304 -29.47 0.55 -0.88
CA LEU B 304 -29.50 0.13 0.51
C LEU B 304 -28.08 0.16 1.08
N PRO B 305 -27.83 1.01 2.10
CA PRO B 305 -26.50 1.09 2.70
C PRO B 305 -26.00 -0.28 3.18
N GLN B 306 -24.69 -0.45 3.18
CA GLN B 306 -24.04 -1.71 3.57
C GLN B 306 -24.38 -2.28 4.94
N GLU B 307 -24.47 -1.42 5.96
CA GLU B 307 -24.80 -1.93 7.29
C GLU B 307 -26.20 -2.53 7.26
N ALA B 308 -27.09 -1.93 6.47
CA ALA B 308 -28.45 -2.45 6.37
C ALA B 308 -28.42 -3.77 5.63
N CYS B 309 -27.54 -3.89 4.64
CA CYS B 309 -27.42 -5.14 3.90
C CYS B 309 -26.96 -6.19 4.91
N MSE B 310 -26.12 -5.78 5.85
CA MSE B 310 -25.57 -6.67 6.86
C MSE B 310 -26.69 -7.27 7.71
O MSE B 310 -26.95 -8.47 7.66
CB MSE B 310 -24.58 -5.92 7.76
CG MSE B 310 -24.19 -6.67 9.02
SE MSE B 310 -22.87 -5.72 10.08
CE MSE B 310 -24.05 -4.51 11.02
N VAL B 311 -27.34 -6.41 8.50
CA VAL B 311 -28.44 -6.82 9.35
C VAL B 311 -29.43 -7.62 8.49
N ARG B 312 -29.66 -7.12 7.28
CA ARG B 312 -30.55 -7.75 6.32
C ARG B 312 -30.24 -9.24 6.16
N GLU B 313 -28.97 -9.55 5.90
CA GLU B 313 -28.52 -10.93 5.73
C GLU B 313 -28.53 -11.69 7.06
N PHE B 314 -28.32 -10.96 8.15
CA PHE B 314 -28.32 -11.56 9.49
C PHE B 314 -29.69 -12.16 9.79
N ALA B 315 -30.73 -11.62 9.14
CA ALA B 315 -32.10 -12.09 9.34
C ALA B 315 -32.53 -13.02 8.21
N ILE B 321 -34.02 -20.58 9.71
CA ILE B 321 -33.63 -21.06 11.03
C ILE B 321 -34.83 -21.25 11.96
N LYS B 322 -35.40 -20.15 12.45
CA LYS B 322 -36.55 -20.22 13.33
C LYS B 322 -37.77 -20.73 12.59
N ASN B 323 -37.78 -20.55 11.27
CA ASN B 323 -38.89 -20.98 10.44
C ASN B 323 -38.63 -22.24 9.61
N ASN B 324 -37.49 -22.30 8.92
CA ASN B 324 -37.17 -23.46 8.09
C ASN B 324 -36.31 -24.50 8.82
N GLY B 325 -35.75 -24.10 9.95
CA GLY B 325 -34.93 -24.99 10.73
C GLY B 325 -33.71 -25.54 10.04
N ALA B 326 -32.90 -24.67 9.45
CA ALA B 326 -31.70 -25.09 8.76
C ALA B 326 -30.48 -24.87 9.67
N LYS B 327 -29.31 -25.30 9.20
CA LYS B 327 -28.10 -25.12 9.98
C LYS B 327 -27.55 -23.72 9.74
N PRO B 328 -27.22 -22.99 10.81
CA PRO B 328 -26.69 -21.65 10.61
C PRO B 328 -25.56 -21.64 9.58
N ASP B 329 -25.31 -20.47 9.00
CA ASP B 329 -24.25 -20.31 8.02
C ASP B 329 -22.93 -20.26 8.77
N GLY B 330 -22.13 -21.32 8.65
CA GLY B 330 -20.86 -21.36 9.33
C GLY B 330 -19.79 -20.48 8.70
N TYR B 331 -20.10 -19.95 7.52
CA TYR B 331 -19.15 -19.10 6.82
C TYR B 331 -18.75 -17.89 7.66
N TRP B 332 -19.70 -17.31 8.36
CA TRP B 332 -19.40 -16.12 9.15
C TRP B 332 -18.47 -16.39 10.32
N PRO B 333 -18.87 -17.27 11.26
CA PRO B 333 -17.96 -17.50 12.38
C PRO B 333 -16.58 -17.94 11.88
N SER B 334 -16.57 -18.64 10.75
CA SER B 334 -15.32 -19.11 10.14
C SER B 334 -14.42 -17.98 9.63
N ILE B 335 -15.00 -16.97 8.99
CA ILE B 335 -14.19 -15.86 8.51
C ILE B 335 -13.67 -15.03 9.69
N SER B 336 -14.51 -14.85 10.71
CA SER B 336 -14.13 -14.08 11.89
C SER B 336 -12.89 -14.64 12.57
N ARG B 337 -12.79 -15.96 12.63
CA ARG B 337 -11.64 -16.60 13.28
C ARG B 337 -10.38 -16.39 12.43
N LYS B 338 -10.52 -16.53 11.12
CA LYS B 338 -9.37 -16.35 10.22
C LYS B 338 -8.69 -15.01 10.45
N THR B 339 -9.47 -13.95 10.63
CA THR B 339 -8.90 -12.61 10.87
C THR B 339 -8.47 -12.41 12.32
N GLN B 340 -9.16 -13.06 13.25
CA GLN B 340 -8.80 -12.92 14.66
C GLN B 340 -7.43 -13.58 14.89
N LEU B 341 -7.17 -14.65 14.13
CA LEU B 341 -5.92 -15.39 14.22
C LEU B 341 -4.78 -14.54 13.67
N VAL B 342 -5.03 -13.90 12.53
CA VAL B 342 -3.98 -13.07 11.95
C VAL B 342 -3.69 -11.94 12.93
N VAL B 343 -4.74 -11.43 13.56
CA VAL B 343 -4.57 -10.37 14.54
C VAL B 343 -3.69 -10.84 15.69
N ASP B 344 -3.86 -12.10 16.10
CA ASP B 344 -3.05 -12.64 17.20
C ASP B 344 -1.61 -12.86 16.75
N ALA B 345 -1.44 -13.49 15.59
CA ALA B 345 -0.10 -13.74 15.07
C ALA B 345 0.63 -12.41 14.98
N VAL B 346 -0.05 -11.39 14.45
CA VAL B 346 0.55 -10.07 14.32
C VAL B 346 0.92 -9.57 15.71
N LYS B 347 -0.09 -9.36 16.55
CA LYS B 347 0.13 -8.88 17.91
C LYS B 347 1.20 -9.69 18.62
N GLU B 348 1.18 -11.00 18.44
CA GLU B 348 2.16 -11.86 19.09
C GLU B 348 3.53 -11.70 18.44
N SER B 349 3.56 -11.10 17.25
CA SER B 349 4.81 -10.86 16.55
C SER B 349 5.48 -9.64 17.17
N VAL B 350 4.68 -8.63 17.53
CA VAL B 350 5.21 -7.42 18.15
C VAL B 350 5.60 -7.70 19.61
N ASP B 351 4.77 -8.42 20.34
CA ASP B 351 5.07 -8.74 21.73
C ASP B 351 6.42 -9.45 21.82
N LYS B 352 6.80 -10.15 20.74
CA LYS B 352 8.07 -10.87 20.69
C LYS B 352 9.16 -10.16 19.86
N ASN B 353 9.12 -8.83 19.83
CA ASN B 353 10.10 -8.03 19.10
C ASN B 353 10.16 -8.26 17.59
N TYR B 354 9.01 -8.51 16.97
CA TYR B 354 8.90 -8.73 15.53
C TYR B 354 9.45 -10.06 15.03
N GLN B 355 8.89 -11.14 15.55
CA GLN B 355 9.27 -12.50 15.19
C GLN B 355 8.27 -13.02 14.16
N GLN B 356 8.67 -14.00 13.35
CA GLN B 356 7.77 -14.55 12.35
C GLN B 356 6.83 -15.56 13.03
N ILE B 357 5.67 -15.79 12.44
CA ILE B 357 4.70 -16.71 13.00
C ILE B 357 4.02 -17.58 11.95
N SER B 358 4.04 -18.89 12.18
CA SER B 358 3.43 -19.86 11.27
C SER B 358 2.05 -20.19 11.84
N LEU B 359 1.01 -19.92 11.07
CA LEU B 359 -0.36 -20.17 11.52
C LEU B 359 -0.75 -21.65 11.54
N SER B 360 0.19 -22.53 11.19
CA SER B 360 -0.06 -23.97 11.16
C SER B 360 -0.78 -24.49 12.42
N GLN A 6 22.74 22.86 -27.77
CA GLN A 6 23.88 23.64 -27.21
C GLN A 6 24.93 22.72 -26.55
N ILE A 7 24.62 22.21 -25.37
CA ILE A 7 25.56 21.33 -24.69
C ILE A 7 25.74 20.05 -25.51
N ARG A 8 26.99 19.80 -25.91
CA ARG A 8 27.35 18.64 -26.72
C ARG A 8 27.26 17.37 -25.90
N ILE A 9 26.22 16.58 -26.14
CA ILE A 9 26.02 15.35 -25.38
C ILE A 9 26.20 14.11 -26.22
N GLY A 10 26.84 13.11 -25.63
CA GLY A 10 27.07 11.85 -26.34
C GLY A 10 26.35 10.69 -25.69
N VAL A 11 26.01 9.68 -26.50
CA VAL A 11 25.30 8.51 -25.99
C VAL A 11 26.22 7.28 -26.04
N MSE A 12 26.71 6.87 -24.88
CA MSE A 12 27.59 5.71 -24.82
C MSE A 12 26.77 4.43 -24.67
O MSE A 12 26.54 3.95 -23.57
CB MSE A 12 28.56 5.85 -23.65
CG MSE A 12 29.61 4.77 -23.60
SE MSE A 12 31.15 5.37 -22.64
CE MSE A 12 32.01 6.37 -24.05
N GLY A 13 26.34 3.90 -25.82
CA GLY A 13 25.53 2.69 -25.82
C GLY A 13 24.20 2.95 -26.50
N CYS A 14 23.85 2.08 -27.45
CA CYS A 14 22.59 2.24 -28.16
C CYS A 14 21.50 1.38 -27.54
N ALA A 15 21.24 1.64 -26.25
CA ALA A 15 20.23 0.93 -25.50
C ALA A 15 18.83 1.35 -25.96
N ASP A 16 17.84 0.48 -25.79
CA ASP A 16 16.50 0.82 -26.21
C ASP A 16 15.99 2.09 -25.53
N ILE A 17 16.37 2.30 -24.27
CA ILE A 17 15.93 3.48 -23.55
C ILE A 17 16.66 4.72 -24.04
N ALA A 18 17.63 4.52 -24.92
CA ALA A 18 18.38 5.64 -25.49
C ALA A 18 17.47 6.35 -26.48
N ARG A 19 16.44 5.65 -26.93
CA ARG A 19 15.49 6.23 -27.89
C ARG A 19 14.66 7.31 -27.22
N LYS A 20 14.48 7.17 -25.91
CA LYS A 20 13.70 8.16 -25.16
C LYS A 20 14.63 9.23 -24.62
N VAL A 21 15.82 8.82 -24.16
CA VAL A 21 16.77 9.78 -23.62
C VAL A 21 17.31 10.74 -24.69
N SER A 22 17.20 10.36 -25.96
CA SER A 22 17.67 11.22 -27.04
C SER A 22 16.70 12.37 -27.24
N ARG A 23 15.40 12.06 -27.18
CA ARG A 23 14.36 13.08 -27.32
C ARG A 23 14.52 14.07 -26.15
N ALA A 24 14.86 13.54 -24.97
CA ALA A 24 15.06 14.39 -23.80
C ALA A 24 16.15 15.39 -24.16
N ILE A 25 17.32 14.86 -24.47
CA ILE A 25 18.45 15.71 -24.87
C ILE A 25 18.00 16.69 -25.95
N HIS A 26 17.35 16.17 -26.97
CA HIS A 26 16.85 16.98 -28.08
C HIS A 26 16.02 18.16 -27.57
N LEU A 27 14.84 17.83 -27.03
CA LEU A 27 13.90 18.81 -26.50
C LEU A 27 14.43 19.69 -25.36
N ALA A 28 15.48 19.25 -24.68
CA ALA A 28 16.04 20.03 -23.60
C ALA A 28 16.50 21.37 -24.20
N PRO A 29 16.48 22.44 -23.40
CA PRO A 29 16.90 23.75 -23.89
C PRO A 29 18.39 23.91 -24.18
N ASN A 30 19.21 23.79 -23.14
CA ASN A 30 20.66 23.95 -23.31
C ASN A 30 21.38 22.63 -23.59
N ALA A 31 20.78 21.78 -24.42
CA ALA A 31 21.38 20.49 -24.74
C ALA A 31 21.16 20.05 -26.17
N THR A 32 22.15 19.34 -26.69
CA THR A 32 22.10 18.81 -28.05
C THR A 32 22.98 17.54 -28.10
N ILE A 33 22.71 16.67 -29.07
CA ILE A 33 23.48 15.44 -29.21
C ILE A 33 24.79 15.74 -29.95
N SER A 34 25.76 14.83 -29.85
CA SER A 34 27.06 15.04 -30.48
C SER A 34 27.85 13.75 -30.72
N GLY A 35 27.27 12.60 -30.42
CA GLY A 35 27.98 11.35 -30.63
C GLY A 35 27.43 10.11 -29.99
N VAL A 36 26.72 9.30 -30.78
CA VAL A 36 26.14 8.05 -30.31
C VAL A 36 27.08 6.90 -30.66
N ALA A 37 27.63 6.25 -29.64
CA ALA A 37 28.55 5.14 -29.86
C ALA A 37 27.88 3.77 -29.74
N SER A 38 28.67 2.73 -29.98
CA SER A 38 28.18 1.35 -29.90
C SER A 38 29.29 0.36 -30.21
N ARG A 39 29.17 -0.86 -29.69
CA ARG A 39 30.18 -1.88 -29.95
C ARG A 39 30.05 -2.33 -31.41
N SER A 40 29.24 -1.59 -32.16
CA SER A 40 29.01 -1.86 -33.57
C SER A 40 28.37 -0.65 -34.22
N LEU A 41 29.13 0.09 -35.02
CA LEU A 41 28.61 1.27 -35.69
C LEU A 41 27.51 0.87 -36.67
N GLU A 42 27.43 -0.42 -36.95
CA GLU A 42 26.40 -0.94 -37.84
C GLU A 42 25.07 -0.46 -37.29
N LYS A 43 24.83 -0.76 -36.01
CA LYS A 43 23.60 -0.36 -35.32
C LYS A 43 23.66 1.11 -34.92
N ALA A 44 24.85 1.58 -34.59
CA ALA A 44 25.06 2.97 -34.18
C ALA A 44 24.64 3.89 -35.32
N LYS A 45 24.71 3.37 -36.55
CA LYS A 45 24.34 4.14 -37.72
C LYS A 45 22.82 4.19 -37.86
N ALA A 46 22.18 3.02 -37.83
CA ALA A 46 20.73 2.93 -37.95
C ALA A 46 20.02 3.60 -36.77
N PHE A 47 20.58 3.43 -35.57
CA PHE A 47 19.99 4.04 -34.38
C PHE A 47 19.84 5.53 -34.66
N ALA A 48 20.94 6.14 -35.13
CA ALA A 48 20.98 7.57 -35.45
C ALA A 48 19.92 7.90 -36.50
N THR A 49 19.88 7.11 -37.57
CA THR A 49 18.91 7.31 -38.64
C THR A 49 17.52 7.16 -38.04
N ALA A 50 17.18 5.93 -37.67
CA ALA A 50 15.88 5.61 -37.09
C ALA A 50 15.45 6.62 -36.02
N ASN A 51 16.41 7.32 -35.43
CA ASN A 51 16.11 8.29 -34.39
C ASN A 51 16.16 9.76 -34.79
N ASN A 52 16.19 10.05 -36.08
CA ASN A 52 16.21 11.43 -36.57
C ASN A 52 17.42 12.23 -36.08
N TYR A 53 18.51 11.54 -35.79
CA TYR A 53 19.73 12.21 -35.33
C TYR A 53 20.23 13.26 -36.31
N PRO A 54 20.81 14.36 -35.80
CA PRO A 54 21.32 15.41 -36.68
C PRO A 54 22.46 14.87 -37.55
N GLU A 55 22.69 15.54 -38.68
CA GLU A 55 23.74 15.15 -39.60
C GLU A 55 25.12 15.22 -38.97
N SER A 56 25.46 16.38 -38.42
CA SER A 56 26.75 16.59 -37.78
C SER A 56 27.01 15.63 -36.64
N THR A 57 25.95 15.01 -36.11
CA THR A 57 26.08 14.06 -35.01
C THR A 57 27.17 13.05 -35.34
N LYS A 58 28.32 13.17 -34.69
CA LYS A 58 29.41 12.26 -34.94
C LYS A 58 29.01 10.87 -34.48
N ILE A 59 29.04 9.91 -35.41
CA ILE A 59 28.68 8.53 -35.10
C ILE A 59 29.94 7.67 -35.00
N HIS A 60 30.27 7.28 -33.78
CA HIS A 60 31.45 6.46 -33.54
C HIS A 60 31.15 4.97 -33.57
N GLY A 61 32.13 4.18 -33.96
CA GLY A 61 31.96 2.74 -34.04
C GLY A 61 32.36 1.97 -32.78
N SER A 62 32.55 2.69 -31.67
CA SER A 62 32.93 2.08 -30.40
C SER A 62 32.76 3.09 -29.25
N TYR A 63 32.84 2.61 -28.02
CA TYR A 63 32.70 3.49 -26.86
C TYR A 63 33.95 4.33 -26.64
N GLU A 64 35.11 3.70 -26.83
CA GLU A 64 36.39 4.40 -26.67
C GLU A 64 36.48 5.57 -27.64
N SER A 65 35.97 5.36 -28.85
CA SER A 65 35.99 6.39 -29.89
C SER A 65 35.20 7.62 -29.43
N LEU A 66 34.13 7.36 -28.68
CA LEU A 66 33.27 8.42 -28.18
C LEU A 66 33.98 9.18 -27.06
N LEU A 67 34.77 8.46 -26.27
CA LEU A 67 35.51 9.07 -25.16
C LEU A 67 36.66 9.90 -25.73
N GLU A 68 37.38 9.32 -26.69
CA GLU A 68 38.51 9.99 -27.30
C GLU A 68 38.13 11.36 -27.85
N ASP A 69 36.87 11.49 -28.28
CA ASP A 69 36.44 12.77 -28.82
C ASP A 69 36.60 13.84 -27.76
N PRO A 70 37.44 14.86 -28.03
CA PRO A 70 37.67 15.94 -27.09
C PRO A 70 36.51 16.93 -27.04
N GLU A 71 35.63 16.85 -28.04
CA GLU A 71 34.47 17.73 -28.12
C GLU A 71 33.38 17.35 -27.12
N ILE A 72 33.04 16.05 -27.08
CA ILE A 72 32.00 15.55 -26.20
C ILE A 72 32.06 16.16 -24.80
N ASP A 73 31.01 16.89 -24.44
CA ASP A 73 30.93 17.53 -23.13
C ASP A 73 30.55 16.56 -22.00
N ALA A 74 29.62 15.65 -22.28
CA ALA A 74 29.18 14.70 -21.27
C ALA A 74 28.57 13.41 -21.82
N LEU A 75 28.57 12.36 -21.01
CA LEU A 75 28.04 11.06 -21.40
C LEU A 75 26.80 10.59 -20.62
N TYR A 76 26.00 9.73 -21.26
CA TYR A 76 24.81 9.13 -20.67
C TYR A 76 24.99 7.61 -20.70
N VAL A 77 25.59 7.05 -19.67
CA VAL A 77 25.81 5.61 -19.61
C VAL A 77 24.57 4.77 -19.28
N PRO A 78 24.05 4.03 -20.26
CA PRO A 78 22.87 3.18 -20.04
C PRO A 78 23.34 1.74 -19.82
N LEU A 79 24.60 1.47 -20.15
CA LEU A 79 25.18 0.13 -20.02
C LEU A 79 24.63 -0.70 -18.86
N PRO A 80 24.71 -2.03 -18.99
CA PRO A 80 24.21 -2.90 -17.92
C PRO A 80 24.77 -2.39 -16.60
N THR A 81 24.01 -2.60 -15.52
CA THR A 81 24.42 -2.16 -14.20
C THR A 81 25.87 -2.52 -13.88
N SER A 82 26.30 -3.71 -14.27
CA SER A 82 27.65 -4.17 -13.98
C SER A 82 28.78 -3.51 -14.77
N LEU A 83 28.45 -2.56 -15.66
CA LEU A 83 29.48 -1.86 -16.44
C LEU A 83 29.70 -0.41 -16.03
N HIS A 84 28.82 0.12 -15.18
CA HIS A 84 28.94 1.51 -14.76
C HIS A 84 30.26 1.81 -14.06
N VAL A 85 30.53 1.07 -12.99
CA VAL A 85 31.73 1.29 -12.21
C VAL A 85 33.01 1.39 -13.06
N GLU A 86 33.01 0.67 -14.19
CA GLU A 86 34.17 0.66 -15.08
C GLU A 86 34.15 1.78 -16.11
N TRP A 87 33.00 1.99 -16.75
CA TRP A 87 32.89 3.01 -17.78
C TRP A 87 32.60 4.40 -17.27
N ALA A 88 32.00 4.49 -16.08
CA ALA A 88 31.69 5.78 -15.49
C ALA A 88 33.00 6.48 -15.15
N ILE A 89 33.97 5.73 -14.60
CA ILE A 89 35.27 6.30 -14.27
C ILE A 89 35.93 6.78 -15.56
N LYS A 90 35.74 6.01 -16.63
CA LYS A 90 36.33 6.34 -17.93
C LYS A 90 35.82 7.67 -18.48
N ALA A 91 34.56 7.99 -18.21
CA ALA A 91 34.02 9.26 -18.68
C ALA A 91 34.61 10.39 -17.84
N ALA A 92 34.78 10.13 -16.55
CA ALA A 92 35.32 11.12 -15.64
C ALA A 92 36.84 11.28 -15.79
N GLU A 93 37.55 10.16 -15.87
CA GLU A 93 38.99 10.20 -16.03
C GLU A 93 39.34 10.71 -17.43
N LYS A 94 38.31 11.00 -18.20
CA LYS A 94 38.43 11.54 -19.56
C LYS A 94 37.86 12.96 -19.53
N GLY A 95 37.61 13.45 -18.31
CA GLY A 95 37.08 14.78 -18.11
C GLY A 95 35.66 15.08 -18.61
N LYS A 96 34.81 14.07 -18.70
CA LYS A 96 33.46 14.31 -19.18
C LYS A 96 32.41 14.11 -18.10
N HIS A 97 31.39 14.97 -18.13
CA HIS A 97 30.29 14.91 -17.18
C HIS A 97 29.37 13.73 -17.56
N ILE A 98 28.62 13.23 -16.58
CA ILE A 98 27.77 12.08 -16.85
C ILE A 98 26.29 12.21 -16.54
N LEU A 99 25.52 11.31 -17.14
CA LEU A 99 24.09 11.19 -16.96
C LEU A 99 24.01 9.66 -16.95
N LEU A 100 24.26 9.07 -15.79
CA LEU A 100 24.25 7.62 -15.60
C LEU A 100 22.83 7.08 -15.41
N GLU A 101 22.59 5.85 -15.85
CA GLU A 101 21.28 5.21 -15.71
C GLU A 101 21.25 4.46 -14.38
N LYS A 102 20.05 4.19 -13.87
CA LYS A 102 19.92 3.50 -12.59
C LYS A 102 19.56 2.03 -12.80
N PRO A 103 19.89 1.17 -11.83
CA PRO A 103 20.59 1.53 -10.60
C PRO A 103 22.02 1.96 -10.95
N VAL A 104 22.61 2.81 -10.12
CA VAL A 104 23.96 3.31 -10.40
C VAL A 104 25.07 2.27 -10.30
N ALA A 105 24.80 1.15 -9.65
CA ALA A 105 25.80 0.10 -9.50
C ALA A 105 25.24 -1.06 -8.69
N MSE A 106 25.90 -2.21 -8.78
CA MSE A 106 25.47 -3.39 -8.05
C MSE A 106 25.31 -3.09 -6.57
O MSE A 106 24.19 -3.14 -6.04
CB MSE A 106 26.49 -4.52 -8.23
CG MSE A 106 26.58 -5.05 -9.66
SE MSE A 106 24.89 -5.78 -10.25
CE MSE A 106 24.90 -7.42 -9.21
N ASN A 107 26.41 -2.77 -5.89
CA ASN A 107 26.36 -2.42 -4.47
C ASN A 107 26.86 -1.01 -4.23
N VAL A 108 26.98 -0.62 -2.95
CA VAL A 108 27.42 0.73 -2.62
C VAL A 108 28.93 0.91 -2.53
N THR A 109 29.65 -0.15 -2.18
CA THR A 109 31.11 -0.06 -2.12
C THR A 109 31.59 0.22 -3.54
N GLU A 110 31.19 -0.64 -4.46
CA GLU A 110 31.54 -0.50 -5.87
C GLU A 110 31.21 0.92 -6.31
N PHE A 111 30.09 1.44 -5.81
CA PHE A 111 29.67 2.79 -6.18
C PHE A 111 30.50 3.88 -5.49
N ASP A 112 31.04 3.58 -4.30
CA ASP A 112 31.88 4.55 -3.61
C ASP A 112 33.04 4.85 -4.55
N LYS A 113 33.39 3.86 -5.36
CA LYS A 113 34.49 3.98 -6.32
C LYS A 113 34.19 4.97 -7.44
N ILE A 114 32.95 4.99 -7.91
CA ILE A 114 32.56 5.90 -8.98
C ILE A 114 32.49 7.31 -8.44
N VAL A 115 32.13 7.44 -7.17
CA VAL A 115 32.03 8.76 -6.55
C VAL A 115 33.42 9.33 -6.36
N ASP A 116 34.36 8.46 -5.99
CA ASP A 116 35.73 8.87 -5.78
C ASP A 116 36.29 9.49 -7.06
N ALA A 117 36.18 8.76 -8.16
CA ALA A 117 36.67 9.22 -9.45
C ALA A 117 35.98 10.51 -9.92
N CYS A 118 34.79 10.78 -9.40
CA CYS A 118 34.05 11.99 -9.77
C CYS A 118 34.51 13.17 -8.91
N GLU A 119 35.23 12.84 -7.84
CA GLU A 119 35.78 13.83 -6.92
C GLU A 119 37.29 13.96 -7.15
N ALA A 120 37.92 12.85 -7.49
CA ALA A 120 39.36 12.84 -7.76
C ALA A 120 39.61 13.56 -9.07
N ASN A 121 38.62 13.50 -9.95
CA ASN A 121 38.71 14.16 -11.25
C ASN A 121 37.85 15.42 -11.18
N GLY A 122 37.22 15.60 -10.03
CA GLY A 122 36.37 16.77 -9.80
C GLY A 122 35.26 17.01 -10.81
N VAL A 123 34.53 15.96 -11.19
CA VAL A 123 33.43 16.13 -12.14
C VAL A 123 32.06 15.74 -11.56
N GLN A 124 30.99 15.94 -12.32
CA GLN A 124 29.64 15.63 -11.85
C GLN A 124 29.06 14.28 -12.25
N ILE A 125 28.39 13.62 -11.30
CA ILE A 125 27.75 12.34 -11.55
C ILE A 125 26.28 12.45 -11.16
N MSE A 126 25.49 11.50 -11.64
CA MSE A 126 24.04 11.48 -11.37
C MSE A 126 23.40 10.25 -12.01
O MSE A 126 23.92 9.73 -12.99
CB MSE A 126 23.39 12.75 -11.96
CG MSE A 126 21.86 12.82 -11.78
SE MSE A 126 21.02 14.16 -12.92
CE MSE A 126 22.39 14.29 -14.28
N ASP A 127 22.29 9.79 -11.44
CA ASP A 127 21.57 8.65 -11.98
C ASP A 127 20.40 9.18 -12.78
N GLY A 128 19.94 8.40 -13.76
CA GLY A 128 18.83 8.83 -14.60
C GLY A 128 17.40 8.71 -14.09
N THR A 129 17.17 8.85 -12.79
CA THR A 129 15.80 8.77 -12.27
C THR A 129 15.05 9.99 -12.84
N MSE A 130 14.13 9.74 -13.76
CA MSE A 130 13.41 10.82 -14.40
C MSE A 130 12.42 11.60 -13.55
O MSE A 130 12.64 12.78 -13.28
CB MSE A 130 12.69 10.30 -15.66
CG MSE A 130 13.49 9.31 -16.47
SE MSE A 130 12.63 8.85 -18.13
CE MSE A 130 14.21 8.56 -19.24
N TRP A 131 11.34 10.94 -13.14
CA TRP A 131 10.24 11.54 -12.37
C TRP A 131 10.57 12.60 -11.31
N VAL A 132 11.73 12.51 -10.67
CA VAL A 132 12.06 13.50 -9.65
C VAL A 132 12.25 14.88 -10.28
N HIS A 133 12.37 14.92 -11.61
CA HIS A 133 12.52 16.21 -12.30
C HIS A 133 11.22 16.73 -12.88
N ASN A 134 10.17 15.92 -12.81
CA ASN A 134 8.87 16.34 -13.31
C ASN A 134 8.37 17.48 -12.41
N PRO A 135 7.76 18.52 -13.00
CA PRO A 135 7.25 19.65 -12.21
C PRO A 135 6.33 19.19 -11.06
N ARG A 136 5.55 18.15 -11.30
CA ARG A 136 4.64 17.61 -10.30
C ARG A 136 5.36 17.21 -9.02
N THR A 137 6.68 17.11 -9.08
CA THR A 137 7.45 16.70 -7.91
C THR A 137 7.85 17.88 -7.02
N ALA A 138 7.69 19.08 -7.54
CA ALA A 138 8.02 20.29 -6.77
C ALA A 138 6.84 20.61 -5.85
N LEU A 139 5.66 20.76 -6.44
CA LEU A 139 4.45 21.05 -5.70
C LEU A 139 4.03 19.86 -4.85
N LEU A 140 4.53 18.69 -5.24
CA LEU A 140 4.27 17.45 -4.52
C LEU A 140 5.02 17.57 -3.21
N LYS A 141 6.20 18.19 -3.27
CA LYS A 141 7.00 18.41 -2.09
C LYS A 141 6.40 19.62 -1.38
N GLU A 142 5.55 20.34 -2.09
CA GLU A 142 4.88 21.52 -1.56
C GLU A 142 3.74 21.11 -0.62
N PHE A 143 2.94 20.12 -1.05
CA PHE A 143 1.83 19.64 -0.24
C PHE A 143 2.32 18.94 1.02
N LEU A 144 3.21 17.97 0.83
CA LEU A 144 3.76 17.19 1.93
C LEU A 144 4.65 18.02 2.86
N SER A 145 4.87 19.28 2.51
CA SER A 145 5.70 20.15 3.33
C SER A 145 4.88 21.03 4.27
N ASP A 146 3.57 21.09 4.05
CA ASP A 146 2.69 21.90 4.88
C ASP A 146 2.43 21.17 6.21
N SER A 147 3.18 21.53 7.24
CA SER A 147 3.04 20.88 8.55
C SER A 147 1.67 21.17 9.14
N GLU A 148 0.82 21.79 8.33
CA GLU A 148 -0.53 22.12 8.74
C GLU A 148 -1.53 21.33 7.89
N ARG A 149 -1.24 21.21 6.59
CA ARG A 149 -2.12 20.47 5.69
C ARG A 149 -1.69 19.01 5.58
N PHE A 150 -0.49 18.69 6.06
CA PHE A 150 0.00 17.32 5.99
C PHE A 150 0.44 16.81 7.36
N GLY A 151 1.15 17.65 8.11
CA GLY A 151 1.59 17.27 9.45
C GLY A 151 2.93 16.56 9.54
N GLN A 152 3.08 15.73 10.57
CA GLN A 152 4.30 14.97 10.80
C GLN A 152 4.21 13.57 10.18
N LEU A 153 5.03 13.31 9.17
CA LEU A 153 5.04 12.01 8.49
C LEU A 153 5.08 10.83 9.44
N LYS A 154 4.32 9.79 9.12
CA LYS A 154 4.30 8.59 9.95
C LYS A 154 4.67 7.37 9.12
N THR A 155 4.31 7.40 7.84
CA THR A 155 4.61 6.27 6.96
C THR A 155 4.52 6.65 5.50
N VAL A 156 5.02 5.77 4.64
CA VAL A 156 4.98 6.01 3.21
C VAL A 156 5.06 4.67 2.49
N GLN A 157 4.02 4.35 1.75
CA GLN A 157 3.95 3.10 1.00
C GLN A 157 4.22 3.38 -0.48
N SER A 158 5.13 2.61 -1.07
CA SER A 158 5.45 2.77 -2.47
C SER A 158 5.78 1.44 -3.14
N CYS A 159 5.27 1.23 -4.34
CA CYS A 159 5.53 -0.01 -5.06
C CYS A 159 5.78 0.23 -6.54
N PHE A 160 5.87 -0.88 -7.27
CA PHE A 160 6.09 -0.86 -8.71
C PHE A 160 6.15 -2.28 -9.27
N SER A 161 5.18 -2.61 -10.13
CA SER A 161 5.11 -3.91 -10.78
C SER A 161 4.78 -3.68 -12.24
N PHE A 162 5.02 -4.71 -13.05
CA PHE A 162 4.76 -4.65 -14.48
C PHE A 162 5.10 -5.99 -15.09
N ALA A 163 4.61 -7.04 -14.45
CA ALA A 163 4.81 -8.42 -14.88
C ALA A 163 5.27 -8.48 -16.32
N GLY A 164 6.53 -8.86 -16.52
CA GLY A 164 7.04 -8.97 -17.88
C GLY A 164 6.33 -10.09 -18.61
N ASP A 165 6.97 -10.62 -19.65
CA ASP A 165 6.41 -11.72 -20.43
C ASP A 165 7.44 -12.83 -20.52
N GLU A 166 7.05 -13.96 -21.11
CA GLU A 166 7.93 -15.12 -21.26
C GLU A 166 9.35 -14.74 -21.70
N ASP A 167 9.44 -14.02 -22.81
CA ASP A 167 10.73 -13.61 -23.33
C ASP A 167 11.53 -12.74 -22.33
N PHE A 168 10.90 -11.70 -21.84
CA PHE A 168 11.51 -10.79 -20.87
C PHE A 168 12.15 -11.59 -19.72
N LEU A 169 11.35 -12.45 -19.09
CA LEU A 169 11.82 -13.25 -17.98
C LEU A 169 12.96 -14.17 -18.35
N LYS A 170 13.09 -14.45 -19.65
CA LYS A 170 14.12 -15.35 -20.11
C LYS A 170 15.40 -14.64 -20.58
N ASN A 171 15.26 -13.60 -21.39
CA ASN A 171 16.41 -12.90 -21.94
C ASN A 171 16.69 -11.43 -21.57
N ASP A 172 15.88 -10.84 -20.70
CA ASP A 172 16.12 -9.44 -20.34
C ASP A 172 17.38 -9.28 -19.48
N ILE A 173 18.16 -8.23 -19.73
CA ILE A 173 19.38 -8.02 -18.96
C ILE A 173 19.07 -7.83 -17.48
N ARG A 174 17.81 -7.54 -17.19
CA ARG A 174 17.35 -7.33 -15.82
C ARG A 174 17.04 -8.63 -15.07
N VAL A 175 17.29 -9.77 -15.71
CA VAL A 175 17.10 -11.08 -15.09
C VAL A 175 18.44 -11.82 -15.17
N LYS A 176 19.47 -11.12 -15.66
CA LYS A 176 20.81 -11.67 -15.79
C LYS A 176 21.73 -11.24 -14.65
N PRO A 177 22.25 -12.20 -13.87
CA PRO A 177 23.14 -11.88 -12.75
C PRO A 177 24.41 -11.13 -13.13
N GLY A 178 24.96 -11.46 -14.29
CA GLY A 178 26.17 -10.82 -14.75
C GLY A 178 26.00 -9.41 -15.29
N LEU A 179 24.78 -9.07 -15.70
CA LEU A 179 24.49 -7.74 -16.26
C LEU A 179 23.77 -6.87 -15.23
N ASP A 180 22.48 -6.62 -15.43
CA ASP A 180 21.70 -5.84 -14.48
C ASP A 180 21.25 -6.78 -13.37
N GLY A 181 22.24 -7.30 -12.65
CA GLY A 181 21.99 -8.26 -11.59
C GLY A 181 21.14 -7.89 -10.39
N LEU A 182 20.73 -6.63 -10.23
CA LEU A 182 19.90 -6.28 -9.09
C LEU A 182 18.43 -6.65 -9.31
N GLY A 183 18.10 -7.05 -10.53
CA GLY A 183 16.75 -7.45 -10.86
C GLY A 183 15.66 -6.43 -10.58
N ALA A 184 14.51 -6.93 -10.13
CA ALA A 184 13.37 -6.06 -9.82
C ALA A 184 13.68 -5.08 -8.72
N LEU A 185 14.39 -5.55 -7.69
CA LEU A 185 14.75 -4.71 -6.56
C LEU A 185 15.58 -3.52 -7.00
N GLY A 186 16.41 -3.73 -8.00
CA GLY A 186 17.25 -2.65 -8.52
C GLY A 186 16.62 -1.79 -9.60
N ASP A 187 15.79 -2.38 -10.45
CA ASP A 187 15.15 -1.61 -11.51
C ASP A 187 13.82 -0.98 -11.10
N ALA A 188 13.11 -1.64 -10.19
CA ALA A 188 11.82 -1.11 -9.75
C ALA A 188 11.83 -0.59 -8.32
N GLY A 189 12.44 -1.36 -7.41
CA GLY A 189 12.50 -0.94 -6.02
C GLY A 189 13.10 0.45 -5.92
N TRP A 190 14.12 0.68 -6.73
CA TRP A 190 14.84 1.94 -6.81
C TRP A 190 13.89 3.15 -6.75
N TYR A 191 12.88 3.14 -7.60
CA TYR A 191 11.92 4.24 -7.64
C TYR A 191 11.15 4.39 -6.34
N ALA A 192 10.61 3.28 -5.85
CA ALA A 192 9.86 3.31 -4.60
C ALA A 192 10.77 3.83 -3.51
N ILE A 193 11.93 3.19 -3.35
CA ILE A 193 12.89 3.60 -2.34
C ILE A 193 13.18 5.09 -2.42
N ARG A 194 13.36 5.59 -3.64
CA ARG A 194 13.66 7.01 -3.85
C ARG A 194 12.46 7.89 -3.49
N ALA A 195 11.25 7.33 -3.53
CA ALA A 195 10.06 8.10 -3.20
C ALA A 195 9.96 8.27 -1.69
N THR A 196 10.36 7.24 -0.95
CA THR A 196 10.34 7.26 0.49
C THR A 196 11.40 8.22 1.04
N LEU A 197 12.66 7.93 0.73
CA LEU A 197 13.79 8.75 1.17
C LEU A 197 13.43 10.23 0.98
N LEU A 198 12.89 10.54 -0.19
CA LEU A 198 12.49 11.90 -0.52
C LEU A 198 11.44 12.39 0.48
N ALA A 199 10.27 11.77 0.48
CA ALA A 199 9.19 12.14 1.39
C ALA A 199 9.65 12.15 2.84
N ASN A 200 10.76 11.47 3.12
CA ASN A 200 11.33 11.38 4.46
C ASN A 200 12.48 12.36 4.68
N ASN A 201 12.55 13.39 3.85
CA ASN A 201 13.59 14.40 3.96
C ASN A 201 15.02 13.86 3.75
N PHE A 202 15.14 12.85 2.89
CA PHE A 202 16.43 12.26 2.56
C PHE A 202 17.17 11.63 3.73
N GLU A 203 16.42 11.15 4.70
CA GLU A 203 17.01 10.54 5.89
C GLU A 203 16.97 9.02 5.84
N LEU A 204 18.15 8.39 5.71
CA LEU A 204 18.23 6.94 5.69
C LEU A 204 17.53 6.36 6.90
N PRO A 205 16.82 5.23 6.72
CA PRO A 205 16.12 4.62 7.86
C PRO A 205 17.17 4.05 8.81
N LYS A 206 16.79 3.80 10.06
CA LYS A 206 17.76 3.25 11.01
C LYS A 206 18.12 1.85 10.53
N THR A 207 17.12 1.03 10.27
CA THR A 207 17.36 -0.33 9.79
C THR A 207 16.42 -0.64 8.63
N VAL A 208 16.62 -1.81 8.03
CA VAL A 208 15.81 -2.23 6.91
C VAL A 208 15.61 -3.72 7.05
N THR A 209 14.39 -4.19 6.77
CA THR A 209 14.09 -5.60 6.87
C THR A 209 13.27 -6.09 5.69
N ALA A 210 13.83 -7.04 4.94
CA ALA A 210 13.13 -7.60 3.79
C ALA A 210 12.21 -8.70 4.27
N PHE A 211 10.89 -8.49 4.15
CA PHE A 211 9.95 -9.50 4.58
C PHE A 211 9.81 -10.65 3.59
N PRO A 212 9.36 -11.83 4.06
CA PRO A 212 9.16 -13.06 3.27
C PRO A 212 8.36 -12.84 1.99
N GLY A 213 8.52 -13.76 1.03
CA GLY A 213 7.81 -13.67 -0.23
C GLY A 213 8.72 -13.39 -1.43
N ALA A 214 9.85 -12.73 -1.19
CA ALA A 214 10.80 -12.41 -2.24
C ALA A 214 11.02 -13.61 -3.16
N VAL A 215 10.77 -13.43 -4.46
CA VAL A 215 10.96 -14.48 -5.45
C VAL A 215 12.30 -14.37 -6.17
N LEU A 216 12.95 -15.51 -6.33
CA LEU A 216 14.24 -15.61 -7.00
C LEU A 216 14.10 -16.49 -8.23
N ASN A 217 14.82 -16.14 -9.30
CA ASN A 217 14.77 -16.94 -10.52
C ASN A 217 15.86 -18.01 -10.40
N GLU A 218 15.93 -18.92 -11.37
CA GLU A 218 16.94 -19.99 -11.33
C GLU A 218 18.39 -19.53 -11.49
N ALA A 219 18.59 -18.22 -11.62
CA ALA A 219 19.95 -17.68 -11.75
C ALA A 219 20.23 -16.74 -10.58
N GLY A 220 19.33 -16.76 -9.59
CA GLY A 220 19.50 -15.93 -8.42
C GLY A 220 19.03 -14.49 -8.50
N VAL A 221 18.44 -14.11 -9.63
CA VAL A 221 17.95 -12.73 -9.81
C VAL A 221 16.57 -12.55 -9.17
N ILE A 222 16.46 -11.49 -8.37
CA ILE A 222 15.22 -11.17 -7.69
C ILE A 222 14.12 -10.82 -8.68
N LEU A 223 12.95 -11.44 -8.50
CA LEU A 223 11.83 -11.18 -9.37
C LEU A 223 10.85 -10.21 -8.72
N SER A 224 10.56 -10.43 -7.43
CA SER A 224 9.68 -9.55 -6.66
C SER A 224 10.36 -9.25 -5.32
N CYS A 225 9.92 -8.21 -4.62
CA CYS A 225 10.54 -7.90 -3.33
C CYS A 225 9.62 -7.16 -2.35
N GLY A 226 10.14 -6.93 -1.15
CA GLY A 226 9.38 -6.23 -0.14
C GLY A 226 10.19 -6.05 1.14
N ALA A 227 9.94 -4.97 1.88
CA ALA A 227 10.69 -4.72 3.09
C ALA A 227 10.09 -3.59 3.92
N SER A 228 10.74 -3.31 5.05
CA SER A 228 10.32 -2.24 5.93
C SER A 228 11.52 -1.34 6.25
N LEU A 229 11.25 -0.05 6.43
CA LEU A 229 12.29 0.92 6.75
C LEU A 229 11.91 1.52 8.09
N SER A 230 12.59 1.10 9.15
CA SER A 230 12.29 1.61 10.48
C SER A 230 13.20 2.71 10.99
N TRP A 231 12.58 3.80 11.45
CA TRP A 231 13.30 4.95 11.99
C TRP A 231 13.19 5.00 13.52
N GLU A 232 12.46 4.04 14.09
CA GLU A 232 12.25 3.94 15.53
C GLU A 232 11.63 5.15 16.24
N ASP A 233 11.27 6.18 15.49
CA ASP A 233 10.68 7.38 16.09
C ASP A 233 9.19 7.48 15.80
N GLY A 234 8.58 6.34 15.44
CA GLY A 234 7.16 6.34 15.12
C GLY A 234 6.96 6.22 13.63
N ARG A 235 8.04 6.48 12.87
CA ARG A 235 8.01 6.39 11.42
C ARG A 235 8.56 5.05 10.93
N THR A 236 7.93 4.52 9.89
CA THR A 236 8.32 3.25 9.30
C THR A 236 8.08 3.38 7.81
N ALA A 237 8.31 2.31 7.06
CA ALA A 237 8.07 2.34 5.63
C ALA A 237 8.09 0.93 5.03
N THR A 238 7.17 0.67 4.12
CA THR A 238 7.11 -0.62 3.45
C THR A 238 7.32 -0.39 1.96
N ILE A 239 7.97 -1.33 1.30
CA ILE A 239 8.24 -1.19 -0.12
C ILE A 239 8.08 -2.51 -0.82
N TYR A 240 7.55 -2.46 -2.04
CA TYR A 240 7.33 -3.64 -2.86
C TYR A 240 7.82 -3.35 -4.28
N CYS A 241 8.30 -4.38 -4.97
CA CYS A 241 8.76 -4.23 -6.35
C CYS A 241 8.70 -5.62 -6.99
N SER A 242 8.65 -5.67 -8.32
CA SER A 242 8.55 -6.97 -9.01
C SER A 242 8.48 -6.91 -10.53
N PHE A 243 8.79 -8.04 -11.15
CA PHE A 243 8.74 -8.23 -12.60
C PHE A 243 7.64 -9.25 -12.90
N LEU A 244 6.78 -9.53 -11.93
CA LEU A 244 5.74 -10.53 -12.11
C LEU A 244 4.30 -10.09 -11.77
N ALA A 245 4.05 -8.79 -11.72
CA ALA A 245 2.71 -8.31 -11.42
C ALA A 245 2.33 -7.11 -12.29
N ASN A 246 1.06 -7.06 -12.70
CA ASN A 246 0.53 -6.01 -13.55
C ASN A 246 1.04 -4.60 -13.26
N LEU A 247 1.48 -3.93 -14.33
CA LEU A 247 2.00 -2.57 -14.27
C LEU A 247 1.22 -1.71 -13.29
N THR A 248 1.87 -1.36 -12.19
CA THR A 248 1.28 -0.57 -11.11
C THR A 248 2.42 0.01 -10.29
N MSE A 249 2.43 1.34 -10.15
CA MSE A 249 3.46 2.01 -9.36
C MSE A 249 2.86 3.24 -8.68
O MSE A 249 2.49 4.23 -9.33
CB MSE A 249 4.64 2.39 -10.27
CG MSE A 249 4.27 2.69 -11.71
SE MSE A 249 3.47 4.42 -11.86
CE MSE A 249 1.73 3.90 -12.46
N GLU A 250 2.76 3.17 -7.35
CA GLU A 250 2.14 4.25 -6.60
C GLU A 250 2.89 4.75 -5.38
N ILE A 251 2.39 5.86 -4.85
CA ILE A 251 2.93 6.48 -3.65
C ILE A 251 1.75 6.68 -2.70
N THR A 252 2.07 6.82 -1.41
CA THR A 252 1.10 7.07 -0.36
C THR A 252 1.88 7.35 0.90
N ALA A 253 1.68 8.54 1.45
CA ALA A 253 2.37 8.95 2.66
C ALA A 253 1.33 9.48 3.63
N ILE A 254 1.51 9.19 4.91
CA ILE A 254 0.57 9.66 5.91
C ILE A 254 1.35 10.37 7.01
N GLY A 255 1.03 11.66 7.22
CA GLY A 255 1.72 12.43 8.24
C GLY A 255 0.93 12.62 9.51
N THR A 256 0.36 13.81 9.68
CA THR A 256 -0.44 14.10 10.86
C THR A 256 -1.76 14.79 10.50
N LYS A 257 -1.75 15.58 9.44
CA LYS A 257 -2.96 16.30 9.06
C LYS A 257 -3.36 16.08 7.60
N GLY A 258 -2.45 15.51 6.82
CA GLY A 258 -2.76 15.28 5.42
C GLY A 258 -2.37 13.90 4.92
N THR A 259 -2.71 13.66 3.65
CA THR A 259 -2.41 12.39 2.99
C THR A 259 -2.43 12.62 1.48
N LEU A 260 -1.30 12.35 0.84
CA LEU A 260 -1.17 12.53 -0.61
C LEU A 260 -1.02 11.19 -1.31
N ARG A 261 -1.60 11.08 -2.51
CA ARG A 261 -1.52 9.85 -3.28
C ARG A 261 -1.23 10.07 -4.77
N VAL A 262 -0.29 9.31 -5.29
CA VAL A 262 0.07 9.37 -6.71
C VAL A 262 0.05 7.95 -7.25
N HIS A 263 -0.70 7.72 -8.32
CA HIS A 263 -0.80 6.40 -8.90
C HIS A 263 -0.07 6.22 -10.22
N ASP A 264 0.74 7.22 -10.57
CA ASP A 264 1.53 7.17 -11.80
C ASP A 264 2.80 8.00 -11.63
N PHE A 265 3.38 7.96 -10.43
CA PHE A 265 4.58 8.74 -10.15
C PHE A 265 5.75 8.40 -11.05
N ILE A 266 5.92 7.12 -11.40
CA ILE A 266 6.98 6.75 -12.33
C ILE A 266 6.24 6.76 -13.67
N ILE A 267 6.58 7.69 -14.54
CA ILE A 267 5.89 7.78 -15.83
C ILE A 267 4.43 8.19 -15.64
N PRO A 268 4.10 9.47 -15.89
CA PRO A 268 2.72 9.95 -15.75
C PRO A 268 1.86 9.53 -16.92
N TYR A 269 0.56 9.35 -16.67
CA TYR A 269 -0.38 8.93 -17.70
C TYR A 269 -0.12 9.61 -19.03
N LYS A 270 0.28 10.87 -18.99
CA LYS A 270 0.59 11.65 -20.19
C LYS A 270 1.72 12.61 -19.86
N GLU A 271 2.64 12.81 -20.80
CA GLU A 271 3.78 13.68 -20.55
C GLU A 271 3.36 15.15 -20.42
N THR A 272 2.23 15.49 -21.02
CA THR A 272 1.72 16.84 -20.99
C THR A 272 1.10 17.26 -19.65
N GLU A 273 0.51 16.33 -18.94
CA GLU A 273 -0.10 16.64 -17.63
C GLU A 273 0.30 15.64 -16.55
N ALA A 274 0.24 16.09 -15.30
CA ALA A 274 0.60 15.27 -14.15
C ALA A 274 -0.36 15.53 -12.98
N SER A 275 -1.06 14.48 -12.56
CA SER A 275 -2.02 14.59 -11.47
C SER A 275 -1.60 13.89 -10.17
N PHE A 276 -2.34 14.18 -9.11
CA PHE A 276 -2.10 13.59 -7.79
C PHE A 276 -3.29 13.89 -6.88
N THR A 277 -3.49 13.05 -5.88
CA THR A 277 -4.61 13.21 -4.96
C THR A 277 -4.17 13.92 -3.69
N THR A 278 -5.06 14.73 -3.11
CA THR A 278 -4.75 15.47 -1.89
C THR A 278 -5.87 15.35 -0.87
N SER A 279 -5.49 15.24 0.40
CA SER A 279 -6.48 15.13 1.48
C SER A 279 -5.89 15.50 2.84
N THR A 280 -6.48 16.52 3.46
CA THR A 280 -6.05 16.98 4.77
C THR A 280 -7.20 16.82 5.75
N LYS A 281 -6.96 16.13 6.87
CA LYS A 281 -8.00 15.90 7.87
C LYS A 281 -9.19 15.26 7.19
N ALA A 282 -9.35 13.95 7.38
CA ALA A 282 -10.48 13.29 6.75
C ALA A 282 -11.46 12.80 7.81
N TRP A 283 -12.75 12.96 7.54
CA TRP A 283 -13.77 12.50 8.47
C TRP A 283 -15.06 12.09 7.77
N PHE A 284 -16.00 11.56 8.56
CA PHE A 284 -17.29 11.10 8.05
C PHE A 284 -18.37 12.07 8.48
N ASN A 285 -19.64 11.70 8.27
CA ASN A 285 -20.75 12.54 8.70
C ASN A 285 -21.03 12.14 10.14
N ASP A 286 -22.15 12.59 10.68
CA ASP A 286 -22.50 12.29 12.05
C ASP A 286 -22.66 10.82 12.37
N LEU A 287 -23.45 10.10 11.57
CA LEU A 287 -23.66 8.68 11.84
C LEU A 287 -22.67 7.79 11.09
N VAL A 288 -21.70 8.42 10.42
CA VAL A 288 -20.69 7.68 9.68
C VAL A 288 -21.34 6.88 8.55
N THR A 289 -22.09 7.57 7.71
CA THR A 289 -22.77 6.94 6.58
C THR A 289 -22.29 7.53 5.26
N ALA A 290 -21.17 8.24 5.31
CA ALA A 290 -20.55 8.85 4.13
C ALA A 290 -19.49 9.85 4.56
N TRP A 291 -18.54 10.12 3.66
CA TRP A 291 -17.46 11.08 3.92
C TRP A 291 -18.00 12.49 3.77
N VAL A 292 -17.54 13.40 4.61
CA VAL A 292 -18.00 14.79 4.51
C VAL A 292 -17.38 15.41 3.26
N SER A 293 -16.18 14.95 2.93
CA SER A 293 -15.46 15.48 1.78
C SER A 293 -14.31 14.56 1.37
N PRO A 294 -14.53 13.77 0.31
CA PRO A 294 -13.48 12.86 -0.16
C PRO A 294 -12.25 13.63 -0.65
N PRO A 295 -11.17 12.92 -1.00
CA PRO A 295 -9.96 13.59 -1.47
C PRO A 295 -10.20 14.45 -2.71
N SER A 296 -9.23 15.30 -3.02
CA SER A 296 -9.33 16.19 -4.16
C SER A 296 -8.19 15.95 -5.15
N GLU A 297 -8.48 16.14 -6.44
CA GLU A 297 -7.50 15.93 -7.50
C GLU A 297 -6.86 17.23 -7.98
N HIS A 298 -5.57 17.16 -8.28
CA HIS A 298 -4.80 18.31 -8.77
C HIS A 298 -4.00 17.89 -10.00
N THR A 299 -4.15 18.64 -11.08
CA THR A 299 -3.43 18.35 -12.31
C THR A 299 -2.51 19.50 -12.67
N VAL A 300 -1.22 19.22 -12.84
CA VAL A 300 -0.26 20.27 -13.20
C VAL A 300 0.10 20.16 -14.67
N LYS A 301 0.14 21.31 -15.34
CA LYS A 301 0.50 21.34 -16.76
C LYS A 301 2.01 21.21 -16.87
N THR A 302 2.45 20.35 -17.78
CA THR A 302 3.88 20.12 -18.00
C THR A 302 4.19 20.17 -19.50
N GLU A 303 4.72 21.29 -19.96
CA GLU A 303 5.02 21.47 -21.38
C GLU A 303 6.35 20.83 -21.82
N LEU A 304 7.21 20.53 -20.85
CA LEU A 304 8.51 19.91 -21.12
C LEU A 304 8.59 18.57 -20.36
N PRO A 305 8.65 17.44 -21.10
CA PRO A 305 8.72 16.11 -20.48
C PRO A 305 9.76 16.03 -19.36
N GLN A 306 9.43 15.33 -18.28
CA GLN A 306 10.33 15.20 -17.13
C GLN A 306 11.74 14.75 -17.48
N GLU A 307 11.87 13.80 -18.42
CA GLU A 307 13.19 13.32 -18.82
C GLU A 307 14.03 14.50 -19.30
N ALA A 308 13.46 15.29 -20.21
CA ALA A 308 14.15 16.45 -20.75
C ALA A 308 14.49 17.44 -19.63
N CYS A 309 13.64 17.49 -18.60
CA CYS A 309 13.86 18.39 -17.46
C CYS A 309 15.10 17.93 -16.72
N MSE A 310 15.34 16.62 -16.76
CA MSE A 310 16.48 16.02 -16.09
C MSE A 310 17.75 16.38 -16.84
O MSE A 310 18.75 16.78 -16.24
CB MSE A 310 16.30 14.50 -16.03
CG MSE A 310 17.52 13.71 -15.59
SE MSE A 310 17.15 11.80 -15.59
CE MSE A 310 17.42 11.43 -17.46
N VAL A 311 17.71 16.21 -18.16
CA VAL A 311 18.85 16.54 -19.02
C VAL A 311 19.15 18.02 -18.83
N ARG A 312 18.12 18.85 -19.02
CA ARG A 312 18.27 20.29 -18.86
C ARG A 312 19.04 20.59 -17.57
N GLU A 313 18.49 20.17 -16.44
CA GLU A 313 19.12 20.39 -15.16
C GLU A 313 20.57 19.90 -15.14
N PHE A 314 20.82 18.81 -15.85
CA PHE A 314 22.16 18.25 -15.93
C PHE A 314 23.06 19.22 -16.68
N ALA A 315 22.61 19.64 -17.85
CA ALA A 315 23.36 20.56 -18.67
C ALA A 315 23.53 21.92 -17.97
N ARG A 316 24.77 22.24 -17.61
CA ARG A 316 25.09 23.50 -16.93
C ARG A 316 26.58 23.83 -16.98
N LEU A 317 27.38 22.92 -17.53
CA LEU A 317 28.82 23.09 -17.66
C LEU A 317 29.56 22.84 -16.34
N VAL A 318 29.49 23.79 -15.42
CA VAL A 318 30.14 23.68 -14.12
C VAL A 318 31.63 23.38 -14.26
N TYR A 331 24.59 16.42 -3.76
CA TYR A 331 23.20 16.01 -3.59
C TYR A 331 22.86 14.79 -4.43
N TRP A 332 22.85 14.98 -5.75
CA TRP A 332 22.51 13.90 -6.66
C TRP A 332 23.26 12.64 -6.28
N PRO A 333 24.59 12.73 -6.13
CA PRO A 333 25.33 11.52 -5.75
C PRO A 333 24.96 11.11 -4.33
N SER A 334 24.66 12.10 -3.50
CA SER A 334 24.29 11.83 -2.12
C SER A 334 23.03 10.96 -2.06
N ILE A 335 21.91 11.49 -2.55
CA ILE A 335 20.65 10.73 -2.52
C ILE A 335 20.83 9.44 -3.35
N SER A 336 21.59 9.55 -4.44
CA SER A 336 21.87 8.41 -5.30
C SER A 336 22.45 7.28 -4.46
N ARG A 337 23.45 7.63 -3.65
CA ARG A 337 24.12 6.67 -2.79
C ARG A 337 23.17 6.20 -1.69
N LYS A 338 22.27 7.07 -1.26
CA LYS A 338 21.33 6.70 -0.20
C LYS A 338 20.38 5.60 -0.68
N THR A 339 19.89 5.73 -1.92
CA THR A 339 18.98 4.72 -2.43
C THR A 339 19.71 3.43 -2.78
N GLN A 340 20.91 3.54 -3.36
CA GLN A 340 21.68 2.35 -3.68
C GLN A 340 21.87 1.60 -2.37
N LEU A 341 22.26 2.35 -1.33
CA LEU A 341 22.46 1.80 0.00
C LEU A 341 21.22 1.07 0.48
N VAL A 342 20.07 1.72 0.37
CA VAL A 342 18.82 1.10 0.79
C VAL A 342 18.60 -0.19 -0.01
N VAL A 343 18.99 -0.17 -1.29
CA VAL A 343 18.87 -1.33 -2.16
C VAL A 343 19.76 -2.45 -1.62
N ASP A 344 20.97 -2.09 -1.17
CA ASP A 344 21.88 -3.07 -0.62
C ASP A 344 21.35 -3.65 0.68
N ALA A 345 20.81 -2.79 1.53
CA ALA A 345 20.26 -3.22 2.80
C ALA A 345 19.17 -4.25 2.53
N VAL A 346 18.18 -3.86 1.72
CA VAL A 346 17.09 -4.77 1.37
C VAL A 346 17.63 -6.09 0.82
N LYS A 347 18.56 -6.00 -0.12
CA LYS A 347 19.19 -7.17 -0.73
C LYS A 347 19.91 -8.01 0.33
N GLU A 348 20.69 -7.36 1.17
CA GLU A 348 21.43 -8.05 2.23
C GLU A 348 20.46 -8.81 3.12
N SER A 349 19.36 -8.16 3.47
CA SER A 349 18.33 -8.75 4.32
C SER A 349 17.77 -10.04 3.75
N VAL A 350 17.40 -10.03 2.48
CA VAL A 350 16.88 -11.24 1.84
C VAL A 350 17.94 -12.33 1.91
N ASP A 351 19.10 -12.04 1.32
CA ASP A 351 20.21 -12.99 1.28
C ASP A 351 20.49 -13.64 2.65
N LYS A 352 20.25 -12.91 3.72
CA LYS A 352 20.49 -13.47 5.05
C LYS A 352 19.20 -13.76 5.82
N ASN A 353 18.35 -14.56 5.20
CA ASN A 353 17.06 -14.99 5.75
C ASN A 353 16.16 -13.90 6.31
N TYR A 354 16.11 -12.76 5.61
CA TYR A 354 15.25 -11.65 6.00
C TYR A 354 15.57 -11.04 7.35
N GLN A 355 16.86 -10.98 7.68
CA GLN A 355 17.30 -10.40 8.95
C GLN A 355 17.14 -8.89 8.88
N GLN A 356 17.02 -8.26 10.04
CA GLN A 356 16.92 -6.82 10.11
C GLN A 356 18.33 -6.29 9.85
N ILE A 357 18.46 -5.38 8.89
CA ILE A 357 19.76 -4.84 8.54
C ILE A 357 19.90 -3.42 9.06
N SER A 358 20.97 -3.18 9.80
CA SER A 358 21.20 -1.86 10.36
C SER A 358 21.95 -0.99 9.37
N LEU A 359 21.58 0.28 9.32
CA LEU A 359 22.23 1.25 8.42
C LEU A 359 23.12 2.19 9.22
N SER A 360 23.58 1.73 10.40
CA SER A 360 24.45 2.51 11.28
C SER A 360 23.85 3.82 11.79
N GLN B 6 -39.78 -8.86 11.46
CA GLN B 6 -40.20 -10.19 12.00
C GLN B 6 -39.14 -10.79 12.94
N ILE B 7 -37.87 -10.50 12.68
CA ILE B 7 -36.78 -11.01 13.52
C ILE B 7 -36.47 -10.04 14.65
N ARG B 8 -37.09 -10.24 15.80
CA ARG B 8 -36.88 -9.36 16.95
C ARG B 8 -35.41 -9.33 17.38
N ILE B 9 -34.87 -8.12 17.53
CA ILE B 9 -33.47 -7.93 17.93
C ILE B 9 -33.35 -6.97 19.10
N GLY B 10 -32.40 -7.26 19.99
CA GLY B 10 -32.16 -6.40 21.13
C GLY B 10 -30.76 -5.83 21.05
N VAL B 11 -30.56 -4.66 21.66
CA VAL B 11 -29.25 -4.03 21.65
C VAL B 11 -28.58 -4.21 23.00
N MSE B 12 -27.52 -5.03 23.03
CA MSE B 12 -26.80 -5.31 24.27
C MSE B 12 -25.67 -4.31 24.54
O MSE B 12 -24.50 -4.61 24.33
CB MSE B 12 -26.21 -6.72 24.24
CG MSE B 12 -25.60 -7.18 25.55
SE MSE B 12 -26.34 -8.86 26.14
CE MSE B 12 -27.99 -8.20 26.90
N GLY B 13 -26.03 -3.12 25.02
CA GLY B 13 -25.04 -2.10 25.31
C GLY B 13 -25.35 -0.85 24.51
N CYS B 14 -25.46 0.29 25.18
CA CYS B 14 -25.78 1.54 24.51
C CYS B 14 -24.53 2.37 24.15
N ALA B 15 -23.60 1.75 23.42
CA ALA B 15 -22.38 2.41 22.99
C ALA B 15 -22.67 3.27 21.76
N ASP B 16 -21.79 4.22 21.48
CA ASP B 16 -21.95 5.12 20.35
C ASP B 16 -22.21 4.47 18.99
N ILE B 17 -21.51 3.38 18.68
CA ILE B 17 -21.72 2.72 17.40
C ILE B 17 -23.11 2.11 17.29
N ALA B 18 -23.85 2.10 18.39
CA ALA B 18 -25.20 1.54 18.39
C ALA B 18 -26.16 2.40 17.59
N ARG B 19 -25.89 3.71 17.53
CA ARG B 19 -26.75 4.62 16.80
C ARG B 19 -26.82 4.29 15.32
N LYS B 20 -25.66 4.08 14.70
CA LYS B 20 -25.61 3.74 13.29
C LYS B 20 -26.28 2.40 13.03
N VAL B 21 -25.97 1.40 13.86
CA VAL B 21 -26.56 0.07 13.67
C VAL B 21 -28.07 0.09 13.93
N SER B 22 -28.50 0.97 14.83
CA SER B 22 -29.93 1.07 15.11
C SER B 22 -30.68 1.43 13.81
N ARG B 23 -30.08 2.30 13.00
CA ARG B 23 -30.72 2.68 11.74
C ARG B 23 -30.66 1.54 10.74
N ALA B 24 -29.60 0.74 10.83
CA ALA B 24 -29.38 -0.39 9.94
C ALA B 24 -30.45 -1.44 10.15
N ILE B 25 -30.55 -1.94 11.38
CA ILE B 25 -31.52 -2.97 11.68
C ILE B 25 -32.88 -2.66 11.10
N HIS B 26 -33.46 -1.49 11.40
CA HIS B 26 -34.76 -1.27 10.82
C HIS B 26 -34.86 -0.35 9.60
N LEU B 27 -33.78 -0.27 8.83
CA LEU B 27 -33.80 0.49 7.60
C LEU B 27 -33.94 -0.68 6.63
N ALA B 28 -33.46 -1.83 7.11
CA ALA B 28 -33.44 -3.09 6.38
C ALA B 28 -34.66 -3.38 5.50
N PRO B 29 -35.85 -3.54 6.10
CA PRO B 29 -36.13 -3.47 7.52
C PRO B 29 -36.17 -4.86 8.14
N ASN B 30 -36.14 -5.87 7.29
CA ASN B 30 -36.20 -7.29 7.69
C ASN B 30 -36.07 -7.52 9.20
N ALA B 31 -35.09 -6.86 9.83
CA ALA B 31 -34.90 -7.00 11.26
C ALA B 31 -35.90 -6.12 11.98
N THR B 32 -35.68 -5.88 13.26
CA THR B 32 -36.57 -5.05 14.04
C THR B 32 -36.04 -4.83 15.45
N ILE B 33 -36.11 -3.58 15.90
CA ILE B 33 -35.65 -3.20 17.23
C ILE B 33 -36.74 -3.59 18.22
N SER B 34 -36.46 -4.54 19.08
CA SER B 34 -37.44 -5.00 20.06
C SER B 34 -36.87 -4.97 21.48
N GLY B 35 -35.79 -4.22 21.66
CA GLY B 35 -35.20 -4.14 22.98
C GLY B 35 -33.79 -3.58 22.99
N VAL B 36 -33.43 -2.99 24.12
CA VAL B 36 -32.11 -2.39 24.32
C VAL B 36 -31.75 -2.60 25.78
N ALA B 37 -30.46 -2.78 26.06
CA ALA B 37 -30.01 -3.01 27.42
C ALA B 37 -28.86 -2.09 27.82
N SER B 38 -28.71 -1.88 29.12
CA SER B 38 -27.64 -1.05 29.64
C SER B 38 -27.46 -1.36 31.12
N ARG B 39 -26.20 -1.34 31.58
CA ARG B 39 -25.91 -1.58 32.98
C ARG B 39 -26.78 -0.64 33.81
N SER B 40 -27.22 0.44 33.18
CA SER B 40 -28.06 1.44 33.81
C SER B 40 -29.38 1.64 33.07
N LEU B 41 -30.48 1.54 33.80
CA LEU B 41 -31.79 1.73 33.18
C LEU B 41 -31.85 3.19 32.74
N GLU B 42 -31.27 4.06 33.57
CA GLU B 42 -31.24 5.49 33.30
C GLU B 42 -30.67 5.77 31.91
N LYS B 43 -29.51 5.17 31.64
CA LYS B 43 -28.83 5.36 30.36
C LYS B 43 -29.53 4.64 29.21
N ALA B 44 -30.18 3.52 29.50
CA ALA B 44 -30.89 2.78 28.47
C ALA B 44 -32.13 3.57 28.05
N LYS B 45 -32.90 4.00 29.04
CA LYS B 45 -34.10 4.78 28.78
C LYS B 45 -33.70 6.03 28.03
N ALA B 46 -32.58 6.62 28.44
CA ALA B 46 -32.06 7.83 27.81
C ALA B 46 -31.65 7.53 26.37
N PHE B 47 -30.97 6.41 26.17
CA PHE B 47 -30.50 6.02 24.85
C PHE B 47 -31.65 5.85 23.86
N ALA B 48 -32.66 5.08 24.27
CA ALA B 48 -33.81 4.83 23.41
C ALA B 48 -34.50 6.12 22.96
N THR B 49 -34.38 7.18 23.77
CA THR B 49 -35.00 8.46 23.48
C THR B 49 -34.31 9.17 22.31
N ALA B 50 -32.99 9.18 22.33
CA ALA B 50 -32.22 9.85 21.29
C ALA B 50 -32.28 9.11 19.95
N ASN B 51 -32.36 7.79 20.00
CA ASN B 51 -32.41 7.02 18.77
C ASN B 51 -33.85 6.67 18.42
N ASN B 52 -34.78 7.26 19.17
CA ASN B 52 -36.20 7.08 18.96
C ASN B 52 -36.63 5.66 18.57
N TYR B 53 -36.27 4.68 19.38
CA TYR B 53 -36.65 3.30 19.09
C TYR B 53 -38.17 3.30 19.11
N PRO B 54 -38.80 2.34 18.41
CA PRO B 54 -40.27 2.32 18.39
C PRO B 54 -40.91 2.33 19.79
N GLU B 55 -42.23 2.19 19.84
CA GLU B 55 -42.94 2.19 21.11
C GLU B 55 -43.05 0.81 21.76
N SER B 56 -42.69 -0.23 21.01
CA SER B 56 -42.77 -1.60 21.51
C SER B 56 -41.44 -2.10 22.08
N THR B 57 -40.44 -1.22 22.16
CA THR B 57 -39.12 -1.60 22.67
C THR B 57 -39.06 -1.68 24.19
N LYS B 58 -39.01 -2.90 24.72
CA LYS B 58 -38.94 -3.10 26.17
C LYS B 58 -37.55 -2.74 26.70
N ILE B 59 -37.47 -1.77 27.61
CA ILE B 59 -36.20 -1.33 28.18
C ILE B 59 -35.66 -2.33 29.19
N HIS B 60 -34.34 -2.30 29.40
CA HIS B 60 -33.67 -3.20 30.34
C HIS B 60 -32.47 -2.56 31.04
N GLY B 61 -32.49 -2.61 32.37
CA GLY B 61 -31.42 -2.03 33.16
C GLY B 61 -30.34 -3.05 33.49
N SER B 62 -30.25 -4.10 32.69
CA SER B 62 -29.25 -5.14 32.91
C SER B 62 -29.10 -5.99 31.65
N TYR B 63 -27.89 -6.42 31.38
CA TYR B 63 -27.64 -7.27 30.22
C TYR B 63 -28.22 -8.64 30.49
N GLU B 64 -28.15 -9.08 31.75
CA GLU B 64 -28.68 -10.38 32.12
C GLU B 64 -30.16 -10.46 31.80
N SER B 65 -30.88 -9.38 32.09
CA SER B 65 -32.31 -9.33 31.82
C SER B 65 -32.66 -9.45 30.34
N LEU B 66 -32.06 -8.61 29.50
CA LEU B 66 -32.35 -8.66 28.08
C LEU B 66 -32.11 -10.06 27.50
N LEU B 67 -31.10 -10.76 28.02
CA LEU B 67 -30.79 -12.11 27.55
C LEU B 67 -31.96 -13.05 27.78
N GLU B 68 -32.38 -13.13 29.04
CA GLU B 68 -33.49 -13.98 29.47
C GLU B 68 -34.86 -13.49 28.98
N ASP B 69 -34.85 -12.55 28.04
CA ASP B 69 -36.08 -12.00 27.51
C ASP B 69 -36.62 -12.88 26.38
N PRO B 70 -37.69 -13.64 26.65
CA PRO B 70 -38.28 -14.52 25.63
C PRO B 70 -38.83 -13.83 24.38
N GLU B 71 -39.01 -12.51 24.43
CA GLU B 71 -39.54 -11.78 23.28
C GLU B 71 -38.43 -11.05 22.50
N ILE B 72 -37.36 -11.78 22.19
CA ILE B 72 -36.21 -11.25 21.46
C ILE B 72 -35.51 -12.40 20.74
N ASP B 73 -35.42 -12.32 19.42
CA ASP B 73 -34.77 -13.35 18.65
C ASP B 73 -33.23 -13.28 18.63
N ALA B 74 -32.68 -12.06 18.54
CA ALA B 74 -31.22 -11.92 18.49
C ALA B 74 -30.70 -10.66 19.15
N LEU B 75 -29.44 -10.73 19.57
CA LEU B 75 -28.76 -9.63 20.24
C LEU B 75 -27.65 -8.99 19.43
N TYR B 76 -27.52 -7.68 19.56
CA TYR B 76 -26.45 -6.93 18.89
C TYR B 76 -25.53 -6.54 20.04
N VAL B 77 -24.29 -7.01 20.02
CA VAL B 77 -23.36 -6.73 21.10
C VAL B 77 -22.19 -5.83 20.74
N PRO B 78 -22.25 -4.55 21.15
CA PRO B 78 -21.18 -3.60 20.88
C PRO B 78 -20.27 -3.43 22.09
N LEU B 79 -20.23 -4.44 22.95
CA LEU B 79 -19.43 -4.40 24.17
C LEU B 79 -17.92 -4.40 23.98
N PRO B 80 -17.16 -3.99 25.02
CA PRO B 80 -15.71 -3.98 24.90
C PRO B 80 -15.22 -5.40 24.62
N THR B 81 -14.18 -5.51 23.78
CA THR B 81 -13.60 -6.79 23.39
C THR B 81 -13.58 -7.79 24.55
N SER B 82 -13.13 -7.33 25.71
CA SER B 82 -13.05 -8.18 26.90
C SER B 82 -14.37 -8.79 27.39
N LEU B 83 -15.46 -8.04 27.31
CA LEU B 83 -16.75 -8.54 27.75
C LEU B 83 -17.38 -9.51 26.76
N HIS B 84 -16.74 -9.71 25.61
CA HIS B 84 -17.32 -10.61 24.61
C HIS B 84 -17.43 -12.08 24.98
N VAL B 85 -16.32 -12.70 25.36
CA VAL B 85 -16.34 -14.11 25.68
C VAL B 85 -17.32 -14.49 26.79
N GLU B 86 -17.58 -13.57 27.72
CA GLU B 86 -18.52 -13.84 28.80
C GLU B 86 -19.98 -13.66 28.39
N TRP B 87 -20.31 -12.47 27.91
CA TRP B 87 -21.67 -12.14 27.52
C TRP B 87 -22.19 -12.69 26.20
N ALA B 88 -21.30 -13.03 25.27
CA ALA B 88 -21.75 -13.59 24.01
C ALA B 88 -22.25 -15.00 24.35
N ILE B 89 -21.42 -15.76 25.04
CA ILE B 89 -21.74 -17.12 25.44
C ILE B 89 -23.07 -17.19 26.20
N LYS B 90 -23.20 -16.39 27.25
CA LYS B 90 -24.45 -16.37 28.01
C LYS B 90 -25.61 -16.15 27.05
N ALA B 91 -25.43 -15.24 26.09
CA ALA B 91 -26.45 -14.93 25.10
C ALA B 91 -26.82 -16.17 24.28
N ALA B 92 -25.80 -16.87 23.79
CA ALA B 92 -26.03 -18.08 23.00
C ALA B 92 -26.83 -19.06 23.85
N GLU B 93 -26.50 -19.11 25.13
CA GLU B 93 -27.15 -20.02 26.06
C GLU B 93 -28.63 -19.69 26.33
N LYS B 94 -29.07 -18.51 25.91
CA LYS B 94 -30.46 -18.12 26.12
C LYS B 94 -31.25 -18.08 24.81
N GLY B 95 -30.74 -18.74 23.79
CA GLY B 95 -31.42 -18.76 22.51
C GLY B 95 -31.33 -17.44 21.75
N LYS B 96 -30.30 -16.66 22.04
CA LYS B 96 -30.12 -15.38 21.37
C LYS B 96 -29.02 -15.46 20.32
N HIS B 97 -29.38 -15.27 19.05
CA HIS B 97 -28.40 -15.29 17.97
C HIS B 97 -27.45 -14.12 18.23
N ILE B 98 -26.37 -14.00 17.46
CA ILE B 98 -25.44 -12.92 17.75
C ILE B 98 -24.80 -12.15 16.60
N LEU B 99 -24.90 -10.82 16.68
CA LEU B 99 -24.26 -9.92 15.73
C LEU B 99 -23.22 -9.26 16.66
N LEU B 100 -22.04 -9.87 16.70
CA LEU B 100 -20.94 -9.44 17.56
C LEU B 100 -19.99 -8.46 16.88
N GLU B 101 -19.66 -7.37 17.59
CA GLU B 101 -18.77 -6.36 17.05
C GLU B 101 -17.34 -6.84 16.99
N LYS B 102 -16.63 -6.40 15.96
CA LYS B 102 -15.23 -6.76 15.79
C LYS B 102 -14.33 -5.75 16.47
N PRO B 103 -13.14 -6.16 16.92
CA PRO B 103 -12.61 -7.54 16.81
C PRO B 103 -13.36 -8.46 17.78
N VAL B 104 -13.86 -9.58 17.27
CA VAL B 104 -14.64 -10.52 18.08
C VAL B 104 -14.15 -10.76 19.51
N ALA B 105 -12.87 -11.09 19.68
CA ALA B 105 -12.36 -11.33 21.03
C ALA B 105 -10.88 -10.98 21.20
N MSE B 106 -10.37 -11.17 22.41
CA MSE B 106 -8.97 -10.87 22.73
C MSE B 106 -8.03 -11.91 22.12
O MSE B 106 -6.82 -11.71 22.10
CB MSE B 106 -8.76 -10.80 24.24
CG MSE B 106 -9.47 -9.64 24.93
SE MSE B 106 -8.83 -7.90 24.37
CE MSE B 106 -7.30 -7.74 25.55
N ASN B 107 -8.58 -13.02 21.64
CA ASN B 107 -7.78 -14.08 21.01
C ASN B 107 -8.70 -15.17 20.45
N VAL B 108 -8.16 -15.96 19.54
CA VAL B 108 -8.91 -17.02 18.89
C VAL B 108 -9.42 -18.12 19.84
N THR B 109 -8.78 -18.29 20.98
CA THR B 109 -9.21 -19.31 21.95
C THR B 109 -10.57 -18.92 22.52
N GLU B 110 -10.69 -17.65 22.91
CA GLU B 110 -11.94 -17.15 23.47
C GLU B 110 -13.01 -17.19 22.40
N PHE B 111 -12.65 -16.81 21.18
CA PHE B 111 -13.62 -16.81 20.10
C PHE B 111 -14.04 -18.20 19.70
N ASP B 112 -13.10 -19.14 19.71
CA ASP B 112 -13.41 -20.53 19.35
C ASP B 112 -14.44 -21.03 20.34
N LYS B 113 -14.29 -20.62 21.60
CA LYS B 113 -15.20 -21.01 22.66
C LYS B 113 -16.59 -20.46 22.37
N ILE B 114 -16.69 -19.16 22.13
CA ILE B 114 -17.96 -18.51 21.84
C ILE B 114 -18.65 -19.25 20.69
N VAL B 115 -17.89 -19.53 19.64
CA VAL B 115 -18.41 -20.23 18.47
C VAL B 115 -19.01 -21.58 18.81
N ASP B 116 -18.31 -22.36 19.63
CA ASP B 116 -18.81 -23.68 20.03
C ASP B 116 -20.05 -23.53 20.88
N ALA B 117 -20.19 -22.39 21.55
CA ALA B 117 -21.37 -22.13 22.38
C ALA B 117 -22.52 -21.88 21.42
N CYS B 118 -22.25 -21.14 20.36
CA CYS B 118 -23.28 -20.84 19.36
C CYS B 118 -23.74 -22.11 18.62
N GLU B 119 -22.78 -22.97 18.24
CA GLU B 119 -23.11 -24.22 17.55
C GLU B 119 -24.07 -24.99 18.44
N ALA B 120 -23.68 -25.13 19.70
CA ALA B 120 -24.46 -25.85 20.69
C ALA B 120 -25.88 -25.31 20.88
N ASN B 121 -26.12 -24.07 20.46
CA ASN B 121 -27.46 -23.50 20.61
C ASN B 121 -28.07 -23.00 19.30
N GLY B 122 -27.47 -23.39 18.19
CA GLY B 122 -27.99 -22.98 16.89
C GLY B 122 -28.23 -21.50 16.67
N VAL B 123 -27.90 -20.65 17.64
CA VAL B 123 -28.11 -19.22 17.46
C VAL B 123 -26.88 -18.61 16.80
N GLN B 124 -26.83 -18.73 15.48
CA GLN B 124 -25.72 -18.22 14.67
C GLN B 124 -25.12 -16.92 15.16
N ILE B 125 -23.83 -16.76 14.89
CA ILE B 125 -23.10 -15.57 15.27
C ILE B 125 -22.51 -14.96 14.00
N MSE B 126 -22.25 -13.65 14.07
CA MSE B 126 -21.66 -12.91 12.95
C MSE B 126 -20.98 -11.67 13.53
O MSE B 126 -21.39 -11.17 14.57
CB MSE B 126 -22.76 -12.48 11.96
CG MSE B 126 -22.23 -11.70 10.76
SE MSE B 126 -23.58 -10.98 9.58
CE MSE B 126 -24.05 -12.61 8.64
N ASP B 127 -19.93 -11.18 12.88
CA ASP B 127 -19.25 -9.99 13.37
C ASP B 127 -19.78 -8.75 12.67
N GLY B 128 -19.45 -7.58 13.21
CA GLY B 128 -19.94 -6.34 12.63
C GLY B 128 -19.26 -5.76 11.39
N THR B 129 -18.41 -6.54 10.72
CA THR B 129 -17.72 -6.07 9.52
C THR B 129 -18.77 -5.75 8.45
N MSE B 130 -18.99 -4.46 8.22
CA MSE B 130 -19.98 -3.97 7.27
C MSE B 130 -19.64 -4.03 5.78
O MSE B 130 -20.41 -4.58 4.98
CB MSE B 130 -20.36 -2.54 7.63
CG MSE B 130 -20.26 -2.20 9.12
SE MSE B 130 -20.86 -0.39 9.45
CE MSE B 130 -21.10 -0.45 11.37
N TRP B 131 -18.50 -3.45 5.41
CA TRP B 131 -18.10 -3.39 4.00
C TRP B 131 -18.19 -4.68 3.19
N VAL B 132 -18.24 -5.83 3.86
CA VAL B 132 -18.31 -7.09 3.15
C VAL B 132 -19.73 -7.39 2.64
N HIS B 133 -20.68 -6.56 3.04
CA HIS B 133 -22.05 -6.73 2.59
C HIS B 133 -22.41 -5.76 1.46
N ASN B 134 -21.55 -4.76 1.23
CA ASN B 134 -21.78 -3.76 0.19
C ASN B 134 -21.71 -4.44 -1.19
N PRO B 135 -22.81 -4.35 -1.97
CA PRO B 135 -22.83 -4.98 -3.30
C PRO B 135 -21.49 -4.88 -4.04
N ARG B 136 -20.90 -3.69 -4.03
CA ARG B 136 -19.63 -3.46 -4.70
C ARG B 136 -18.67 -4.63 -4.45
N THR B 137 -18.58 -5.05 -3.19
CA THR B 137 -17.70 -6.14 -2.79
C THR B 137 -17.92 -7.41 -3.62
N ALA B 138 -19.15 -7.65 -4.06
CA ALA B 138 -19.43 -8.83 -4.88
C ALA B 138 -18.66 -8.68 -6.20
N LEU B 139 -18.59 -7.44 -6.69
CA LEU B 139 -17.88 -7.14 -7.93
C LEU B 139 -16.36 -7.28 -7.73
N LEU B 140 -15.86 -6.95 -6.54
CA LEU B 140 -14.43 -7.07 -6.25
C LEU B 140 -14.04 -8.54 -6.38
N LYS B 141 -14.86 -9.43 -5.83
CA LYS B 141 -14.58 -10.86 -5.91
C LYS B 141 -14.61 -11.29 -7.37
N GLU B 142 -15.69 -10.94 -8.05
CA GLU B 142 -15.86 -11.26 -9.47
C GLU B 142 -14.60 -10.89 -10.25
N PHE B 143 -13.93 -9.82 -9.81
CA PHE B 143 -12.70 -9.37 -10.45
C PHE B 143 -11.52 -10.23 -9.98
N LEU B 144 -11.19 -10.14 -8.70
CA LEU B 144 -10.09 -10.92 -8.15
C LEU B 144 -10.19 -12.40 -8.50
N SER B 145 -11.41 -12.87 -8.81
CA SER B 145 -11.63 -14.27 -9.17
C SER B 145 -11.50 -14.53 -10.67
N ASP B 146 -11.48 -13.46 -11.46
CA ASP B 146 -11.36 -13.58 -12.92
C ASP B 146 -9.90 -13.70 -13.34
N SER B 147 -9.57 -14.82 -13.97
CA SER B 147 -8.20 -15.07 -14.41
C SER B 147 -7.81 -14.35 -15.69
N GLU B 148 -8.73 -13.58 -16.25
CA GLU B 148 -8.43 -12.85 -17.48
C GLU B 148 -8.42 -11.35 -17.21
N ARG B 149 -9.20 -10.93 -16.21
CA ARG B 149 -9.30 -9.52 -15.84
C ARG B 149 -8.24 -9.15 -14.81
N PHE B 150 -8.09 -10.00 -13.79
CA PHE B 150 -7.13 -9.78 -12.72
C PHE B 150 -5.99 -10.81 -12.79
N GLY B 151 -6.32 -12.03 -13.22
CA GLY B 151 -5.33 -13.08 -13.33
C GLY B 151 -5.06 -13.81 -12.03
N GLN B 152 -3.77 -14.03 -11.74
CA GLN B 152 -3.37 -14.69 -10.50
C GLN B 152 -2.84 -13.63 -9.53
N LEU B 153 -3.31 -13.70 -8.28
CA LEU B 153 -2.90 -12.74 -7.25
C LEU B 153 -1.42 -12.88 -6.93
N LYS B 154 -0.77 -11.74 -6.71
CA LYS B 154 0.67 -11.71 -6.37
C LYS B 154 0.88 -11.07 -5.02
N THR B 155 0.14 -9.98 -4.76
CA THR B 155 0.24 -9.30 -3.49
C THR B 155 -0.99 -8.44 -3.21
N VAL B 156 -1.13 -8.00 -1.97
CA VAL B 156 -2.25 -7.15 -1.60
C VAL B 156 -1.86 -6.33 -0.38
N GLN B 157 -1.81 -5.02 -0.57
CA GLN B 157 -1.46 -4.09 0.49
C GLN B 157 -2.71 -3.40 1.06
N SER B 158 -3.08 -3.75 2.28
CA SER B 158 -4.25 -3.15 2.91
C SER B 158 -3.84 -2.28 4.08
N CYS B 159 -4.43 -1.10 4.16
CA CYS B 159 -4.10 -0.20 5.25
C CYS B 159 -5.31 0.59 5.71
N PHE B 160 -5.28 1.01 6.98
CA PHE B 160 -6.35 1.81 7.56
C PHE B 160 -5.84 2.55 8.80
N SER B 161 -6.03 3.87 8.81
CA SER B 161 -5.60 4.66 9.95
C SER B 161 -6.42 5.93 10.07
N PHE B 162 -6.32 6.57 11.21
CA PHE B 162 -7.03 7.83 11.44
C PHE B 162 -6.34 8.54 12.61
N ALA B 163 -6.44 9.87 12.63
CA ALA B 163 -5.80 10.65 13.69
C ALA B 163 -6.81 11.06 14.75
N GLY B 164 -6.88 10.29 15.83
CA GLY B 164 -7.81 10.62 16.90
C GLY B 164 -7.32 11.83 17.68
N ASP B 165 -8.24 12.66 18.13
CA ASP B 165 -7.88 13.85 18.90
C ASP B 165 -7.36 13.46 20.28
N GLU B 166 -6.81 14.44 21.00
CA GLU B 166 -6.27 14.21 22.34
C GLU B 166 -7.31 13.57 23.26
N ASP B 167 -8.57 13.90 23.05
CA ASP B 167 -9.65 13.32 23.84
C ASP B 167 -9.77 11.82 23.58
N PHE B 168 -9.60 11.43 22.32
CA PHE B 168 -9.70 10.03 21.93
C PHE B 168 -8.48 9.29 22.47
N LEU B 169 -7.29 9.80 22.13
CA LEU B 169 -6.04 9.19 22.55
C LEU B 169 -5.93 8.99 24.05
N LYS B 170 -6.77 9.67 24.82
CA LYS B 170 -6.73 9.55 26.26
C LYS B 170 -7.90 8.81 26.92
N ASN B 171 -9.08 8.88 26.32
CA ASN B 171 -10.23 8.25 26.96
C ASN B 171 -11.10 7.26 26.19
N ASP B 172 -10.73 6.93 24.95
CA ASP B 172 -11.54 5.99 24.17
C ASP B 172 -11.33 4.56 24.65
N ILE B 173 -12.41 3.79 24.67
CA ILE B 173 -12.35 2.40 25.12
C ILE B 173 -11.28 1.54 24.45
N ARG B 174 -10.67 2.06 23.39
CA ARG B 174 -9.63 1.33 22.66
C ARG B 174 -8.32 1.17 23.42
N VAL B 175 -7.52 2.24 23.47
CA VAL B 175 -6.24 2.21 24.16
C VAL B 175 -6.38 1.57 25.54
N LYS B 176 -7.64 1.45 25.97
CA LYS B 176 -8.00 0.86 27.26
C LYS B 176 -7.74 -0.66 27.21
N PRO B 177 -6.59 -1.10 27.75
CA PRO B 177 -6.25 -2.53 27.76
C PRO B 177 -7.36 -3.45 28.22
N GLY B 178 -8.19 -2.98 29.15
CA GLY B 178 -9.28 -3.78 29.67
C GLY B 178 -10.49 -3.84 28.74
N LEU B 179 -10.88 -2.70 28.18
CA LEU B 179 -12.03 -2.65 27.27
C LEU B 179 -11.63 -3.22 25.90
N ASP B 180 -11.71 -2.41 24.85
CA ASP B 180 -11.31 -2.87 23.53
C ASP B 180 -9.79 -2.87 23.52
N GLY B 181 -9.21 -3.84 24.23
CA GLY B 181 -7.76 -3.94 24.36
C GLY B 181 -6.92 -4.45 23.20
N LEU B 182 -6.99 -3.79 22.04
CA LEU B 182 -6.20 -4.20 20.90
C LEU B 182 -5.80 -3.00 20.06
N GLY B 183 -6.27 -1.82 20.49
CA GLY B 183 -5.93 -0.60 19.79
C GLY B 183 -6.22 -0.57 18.30
N ALA B 184 -5.25 -0.06 17.55
CA ALA B 184 -5.35 0.07 16.10
C ALA B 184 -5.45 -1.26 15.36
N LEU B 185 -4.81 -2.31 15.89
CA LEU B 185 -4.83 -3.64 15.27
C LEU B 185 -6.23 -4.22 15.22
N GLY B 186 -6.86 -4.33 16.38
CA GLY B 186 -8.21 -4.89 16.44
C GLY B 186 -9.28 -3.99 15.87
N ASP B 187 -9.10 -2.67 15.99
CA ASP B 187 -10.09 -1.72 15.48
C ASP B 187 -9.88 -1.35 14.03
N ALA B 188 -8.63 -1.24 13.61
CA ALA B 188 -8.31 -0.88 12.23
C ALA B 188 -7.63 -2.01 11.45
N GLY B 189 -6.57 -2.58 12.01
CA GLY B 189 -5.87 -3.67 11.35
C GLY B 189 -6.86 -4.72 10.88
N TRP B 190 -7.81 -5.03 11.75
CA TRP B 190 -8.88 -6.00 11.47
C TRP B 190 -9.36 -5.88 10.02
N TYR B 191 -9.72 -4.66 9.63
CA TYR B 191 -10.22 -4.40 8.28
C TYR B 191 -9.17 -4.63 7.21
N ALA B 192 -7.91 -4.36 7.54
CA ALA B 192 -6.82 -4.54 6.59
C ALA B 192 -6.52 -6.02 6.41
N ILE B 193 -6.90 -6.81 7.40
CA ILE B 193 -6.68 -8.24 7.36
C ILE B 193 -7.82 -8.94 6.62
N ARG B 194 -9.05 -8.49 6.85
CA ARG B 194 -10.20 -9.10 6.20
C ARG B 194 -10.07 -8.95 4.70
N ALA B 195 -9.59 -7.79 4.27
CA ALA B 195 -9.41 -7.52 2.86
C ALA B 195 -8.33 -8.40 2.25
N THR B 196 -7.17 -8.51 2.89
CA THR B 196 -6.12 -9.35 2.31
C THR B 196 -6.60 -10.80 2.30
N LEU B 197 -7.25 -11.21 3.38
CA LEU B 197 -7.76 -12.57 3.44
C LEU B 197 -8.73 -12.78 2.30
N LEU B 198 -9.72 -11.90 2.21
CA LEU B 198 -10.74 -11.98 1.16
C LEU B 198 -10.10 -12.05 -0.23
N ALA B 199 -9.14 -11.17 -0.49
CA ALA B 199 -8.46 -11.16 -1.79
C ALA B 199 -7.78 -12.49 -2.07
N ASN B 200 -7.49 -13.25 -1.02
CA ASN B 200 -6.81 -14.54 -1.16
C ASN B 200 -7.78 -15.70 -1.05
N ASN B 201 -8.99 -15.48 -1.52
CA ASN B 201 -10.04 -16.49 -1.50
C ASN B 201 -10.19 -17.15 -0.13
N PHE B 202 -10.07 -16.34 0.91
CA PHE B 202 -10.23 -16.79 2.28
C PHE B 202 -9.18 -17.77 2.74
N GLU B 203 -8.09 -17.87 1.99
CA GLU B 203 -7.01 -18.76 2.36
C GLU B 203 -6.25 -18.13 3.52
N LEU B 204 -5.80 -18.96 4.45
CA LEU B 204 -5.05 -18.47 5.59
C LEU B 204 -3.56 -18.57 5.30
N PRO B 205 -2.82 -17.45 5.42
CA PRO B 205 -1.37 -17.49 5.15
C PRO B 205 -0.67 -18.55 5.98
N LYS B 206 0.54 -18.93 5.58
CA LYS B 206 1.30 -19.94 6.31
C LYS B 206 1.87 -19.31 7.57
N THR B 207 2.56 -18.18 7.39
CA THR B 207 3.18 -17.47 8.52
C THR B 207 2.93 -15.98 8.42
N VAL B 208 2.99 -15.32 9.57
CA VAL B 208 2.78 -13.87 9.68
C VAL B 208 3.95 -13.27 10.47
N THR B 209 4.63 -12.28 9.91
CA THR B 209 5.76 -11.66 10.59
C THR B 209 5.49 -10.17 10.78
N ALA B 210 5.38 -9.73 12.02
CA ALA B 210 5.11 -8.32 12.30
C ALA B 210 6.29 -7.44 11.86
N PHE B 211 6.00 -6.22 11.40
CA PHE B 211 7.05 -5.30 10.96
C PHE B 211 7.57 -4.50 12.16
N PRO B 212 8.80 -3.96 12.06
CA PRO B 212 9.40 -3.17 13.14
C PRO B 212 8.80 -1.77 13.23
N GLY B 213 8.81 -1.19 14.43
CA GLY B 213 8.28 0.16 14.60
C GLY B 213 6.86 0.27 15.16
N ALA B 214 6.37 -0.77 15.79
CA ALA B 214 5.02 -0.72 16.36
C ALA B 214 5.00 0.28 17.52
N VAL B 215 4.04 1.21 17.50
CA VAL B 215 3.94 2.19 18.57
C VAL B 215 2.95 1.77 19.65
N LEU B 216 3.48 1.49 20.84
CA LEU B 216 2.66 1.09 21.99
C LEU B 216 2.44 2.32 22.85
N ASN B 217 1.25 2.47 23.43
CA ASN B 217 1.00 3.62 24.29
C ASN B 217 1.50 3.24 25.69
N GLU B 218 1.57 4.22 26.60
CA GLU B 218 2.06 3.97 27.95
C GLU B 218 1.45 2.70 28.58
N ALA B 219 0.17 2.47 28.34
CA ALA B 219 -0.51 1.29 28.88
C ALA B 219 -0.16 0.00 28.13
N GLY B 220 0.69 0.12 27.10
CA GLY B 220 1.09 -1.06 26.34
C GLY B 220 0.18 -1.46 25.19
N VAL B 221 -0.92 -0.74 25.02
CA VAL B 221 -1.85 -1.04 23.94
C VAL B 221 -1.31 -0.45 22.63
N ILE B 222 -1.56 -1.16 21.53
CA ILE B 222 -1.10 -0.75 20.20
C ILE B 222 -1.79 0.47 19.61
N LEU B 223 -0.99 1.45 19.20
CA LEU B 223 -1.51 2.67 18.58
C LEU B 223 -1.22 2.63 17.07
N SER B 224 -0.28 1.78 16.68
CA SER B 224 0.08 1.64 15.27
C SER B 224 1.05 0.48 15.08
N CYS B 225 0.92 -0.24 13.98
CA CYS B 225 1.82 -1.35 13.69
C CYS B 225 1.53 -1.93 12.30
N GLY B 226 2.42 -2.82 11.85
CA GLY B 226 2.26 -3.46 10.56
C GLY B 226 2.97 -4.80 10.48
N ALA B 227 2.70 -5.55 9.41
CA ALA B 227 3.31 -6.86 9.23
C ALA B 227 3.12 -7.35 7.80
N SER B 228 3.61 -8.55 7.53
CA SER B 228 3.48 -9.14 6.21
C SER B 228 2.84 -10.51 6.33
N LEU B 229 2.34 -11.02 5.20
CA LEU B 229 1.73 -12.34 5.16
C LEU B 229 2.31 -13.09 3.96
N SER B 230 2.54 -14.39 4.12
CA SER B 230 3.08 -15.16 3.02
C SER B 230 2.34 -16.48 2.83
N TRP B 231 2.10 -16.83 1.58
CA TRP B 231 1.41 -18.06 1.24
C TRP B 231 2.36 -19.03 0.54
N GLU B 232 3.61 -18.59 0.37
CA GLU B 232 4.62 -19.41 -0.30
C GLU B 232 4.23 -19.71 -1.75
N ASP B 233 4.24 -18.68 -2.58
CA ASP B 233 3.90 -18.79 -4.00
C ASP B 233 4.51 -17.60 -4.72
N GLY B 234 4.26 -16.45 -4.10
CA GLY B 234 4.70 -15.17 -4.59
C GLY B 234 3.68 -14.24 -3.97
N ARG B 235 2.54 -14.85 -3.61
CA ARG B 235 1.46 -14.10 -2.96
C ARG B 235 1.98 -13.60 -1.63
N THR B 236 1.76 -12.33 -1.37
CA THR B 236 2.20 -11.72 -0.11
C THR B 236 1.21 -10.62 0.21
N ALA B 237 1.33 -10.08 1.42
CA ALA B 237 0.45 -9.01 1.82
C ALA B 237 0.98 -8.22 3.01
N THR B 238 0.71 -6.93 2.99
CA THR B 238 1.12 -6.07 4.10
C THR B 238 -0.09 -5.37 4.70
N ILE B 239 -0.09 -5.23 6.03
CA ILE B 239 -1.15 -4.53 6.72
C ILE B 239 -0.53 -3.38 7.47
N TYR B 240 -1.26 -2.27 7.60
CA TYR B 240 -0.76 -1.11 8.30
C TYR B 240 -1.92 -0.35 8.95
N CYS B 241 -1.83 -0.15 10.25
CA CYS B 241 -2.87 0.53 11.02
C CYS B 241 -2.30 1.51 12.04
N SER B 242 -3.08 2.51 12.42
CA SER B 242 -2.61 3.52 13.37
C SER B 242 -3.71 4.48 13.80
N PHE B 243 -3.59 5.01 15.01
CA PHE B 243 -4.53 5.98 15.56
C PHE B 243 -3.91 7.38 15.46
N LEU B 244 -2.71 7.46 14.89
CA LEU B 244 -1.98 8.71 14.77
C LEU B 244 -1.69 9.17 13.35
N ALA B 245 -2.71 9.21 12.49
CA ALA B 245 -2.49 9.64 11.11
C ALA B 245 -3.78 9.76 10.32
N ASN B 246 -3.90 10.85 9.56
CA ASN B 246 -5.06 11.15 8.73
C ASN B 246 -5.84 9.92 8.25
N LEU B 247 -7.16 10.05 8.23
CA LEU B 247 -8.03 8.97 7.78
C LEU B 247 -7.55 8.42 6.44
N THR B 248 -7.14 7.15 6.44
CA THR B 248 -6.65 6.48 5.24
C THR B 248 -7.19 5.05 5.26
N MSE B 249 -7.66 4.56 4.12
CA MSE B 249 -8.21 3.21 4.04
C MSE B 249 -8.09 2.65 2.63
O MSE B 249 -9.07 2.58 1.89
CB MSE B 249 -9.68 3.20 4.47
CG MSE B 249 -10.57 4.15 3.71
SE MSE B 249 -12.42 4.15 4.30
CE MSE B 249 -12.17 5.02 5.99
N GLU B 250 -6.88 2.25 2.26
CA GLU B 250 -6.64 1.72 0.93
C GLU B 250 -6.62 0.19 0.86
N ILE B 251 -6.88 -0.30 -0.35
CA ILE B 251 -6.82 -1.71 -0.66
C ILE B 251 -6.17 -1.76 -2.04
N THR B 252 -5.01 -2.38 -2.12
CA THR B 252 -4.33 -2.54 -3.40
C THR B 252 -4.07 -4.02 -3.60
N ALA B 253 -4.59 -4.57 -4.69
CA ALA B 253 -4.41 -5.98 -5.02
C ALA B 253 -3.89 -6.09 -6.44
N ILE B 254 -2.70 -6.66 -6.60
CA ILE B 254 -2.11 -6.77 -7.93
C ILE B 254 -1.95 -8.19 -8.43
N GLY B 255 -2.48 -8.44 -9.62
CA GLY B 255 -2.38 -9.76 -10.21
C GLY B 255 -1.46 -9.75 -11.42
N THR B 256 -1.55 -10.80 -12.23
CA THR B 256 -0.73 -10.92 -13.43
C THR B 256 -1.34 -10.22 -14.65
N LYS B 257 -2.65 -10.04 -14.63
CA LYS B 257 -3.35 -9.43 -15.75
C LYS B 257 -3.92 -8.06 -15.41
N GLY B 258 -4.00 -7.74 -14.12
CA GLY B 258 -4.56 -6.46 -13.72
C GLY B 258 -4.18 -5.98 -12.33
N THR B 259 -4.98 -5.05 -11.82
CA THR B 259 -4.74 -4.45 -10.51
C THR B 259 -6.06 -3.90 -10.01
N LEU B 260 -6.32 -4.02 -8.71
CA LEU B 260 -7.56 -3.51 -8.14
C LEU B 260 -7.31 -2.40 -7.14
N ARG B 261 -8.16 -1.38 -7.17
CA ARG B 261 -8.02 -0.26 -6.25
C ARG B 261 -9.33 0.36 -5.78
N VAL B 262 -9.47 0.43 -4.46
CA VAL B 262 -10.62 1.02 -3.83
C VAL B 262 -10.09 1.87 -2.69
N HIS B 263 -10.40 3.17 -2.73
CA HIS B 263 -9.92 4.12 -1.73
C HIS B 263 -10.87 4.38 -0.56
N ASP B 264 -12.06 3.79 -0.62
CA ASP B 264 -13.05 3.96 0.44
C ASP B 264 -13.68 2.60 0.73
N PHE B 265 -12.84 1.58 0.94
CA PHE B 265 -13.32 0.23 1.15
C PHE B 265 -14.09 -0.05 2.45
N ILE B 266 -13.85 0.74 3.49
CA ILE B 266 -14.54 0.53 4.76
C ILE B 266 -15.87 1.29 4.87
N ILE B 267 -15.82 2.59 4.58
CA ILE B 267 -17.00 3.45 4.62
C ILE B 267 -16.95 4.16 3.28
N PRO B 268 -17.86 3.81 2.36
CA PRO B 268 -17.85 4.46 1.05
C PRO B 268 -18.02 5.96 1.17
N TYR B 269 -17.58 6.71 0.16
CA TYR B 269 -17.73 8.15 0.17
C TYR B 269 -19.21 8.47 0.28
N LYS B 270 -20.01 7.80 -0.55
CA LYS B 270 -21.46 7.98 -0.57
C LYS B 270 -22.12 6.60 -0.41
N GLU B 271 -23.02 6.47 0.56
CA GLU B 271 -23.69 5.20 0.79
C GLU B 271 -24.51 4.80 -0.43
N THR B 272 -24.92 5.80 -1.21
CA THR B 272 -25.70 5.57 -2.41
C THR B 272 -24.92 4.85 -3.52
N GLU B 273 -23.65 5.20 -3.68
CA GLU B 273 -22.81 4.60 -4.72
C GLU B 273 -21.65 3.83 -4.08
N ALA B 274 -20.88 3.17 -4.95
CA ALA B 274 -19.69 2.39 -4.56
C ALA B 274 -18.81 2.32 -5.80
N SER B 275 -17.78 3.17 -5.85
CA SER B 275 -16.89 3.20 -7.00
C SER B 275 -15.49 2.66 -6.78
N PHE B 276 -15.05 1.79 -7.68
CA PHE B 276 -13.72 1.18 -7.62
C PHE B 276 -13.03 1.40 -8.97
N THR B 277 -11.72 1.17 -9.02
CA THR B 277 -10.95 1.35 -10.25
C THR B 277 -10.01 0.17 -10.54
N THR B 278 -9.57 0.07 -11.79
CA THR B 278 -8.67 -1.01 -12.21
C THR B 278 -8.15 -0.85 -13.65
N SER B 279 -7.19 -1.70 -14.03
CA SER B 279 -6.59 -1.67 -15.36
C SER B 279 -6.04 -3.07 -15.66
N THR B 280 -6.46 -3.66 -16.79
CA THR B 280 -6.00 -5.00 -17.18
C THR B 280 -4.93 -4.99 -18.28
N LYS B 281 -3.74 -5.49 -17.94
CA LYS B 281 -2.63 -5.54 -18.90
C LYS B 281 -2.36 -4.15 -19.50
N ALA B 282 -1.92 -3.22 -18.66
CA ALA B 282 -1.66 -1.85 -19.12
C ALA B 282 -0.20 -1.52 -19.42
N TRP B 283 0.01 -0.35 -20.02
CA TRP B 283 1.36 0.10 -20.37
C TRP B 283 1.42 1.43 -21.11
N PHE B 284 2.58 1.71 -21.69
CA PHE B 284 2.81 2.95 -22.44
C PHE B 284 2.93 2.65 -23.93
N ASN B 285 2.84 3.69 -24.76
CA ASN B 285 3.00 3.48 -26.19
C ASN B 285 4.48 3.19 -26.38
N ASP B 286 4.82 2.48 -27.46
CA ASP B 286 6.21 2.10 -27.73
C ASP B 286 7.32 2.99 -27.19
N LEU B 287 7.03 4.28 -26.99
CA LEU B 287 8.06 5.19 -26.51
C LEU B 287 7.84 5.76 -25.10
N VAL B 288 7.47 4.87 -24.17
CA VAL B 288 7.22 5.21 -22.76
C VAL B 288 6.99 6.71 -22.46
N THR B 289 6.16 7.37 -23.27
CA THR B 289 5.89 8.78 -23.05
C THR B 289 4.61 9.02 -22.27
N ALA B 290 3.83 7.96 -22.08
CA ALA B 290 2.57 8.04 -21.34
C ALA B 290 1.90 6.66 -21.26
N TRP B 291 0.86 6.55 -20.44
CA TRP B 291 0.11 5.29 -20.31
C TRP B 291 -0.98 5.22 -21.39
N VAL B 292 -0.91 4.21 -22.24
CA VAL B 292 -1.90 4.04 -23.30
C VAL B 292 -3.32 3.94 -22.72
N SER B 293 -3.51 2.95 -21.86
CA SER B 293 -4.80 2.70 -21.22
C SER B 293 -4.73 2.75 -19.69
N PRO B 294 -4.81 3.96 -19.11
CA PRO B 294 -4.76 4.17 -17.67
C PRO B 294 -5.90 3.46 -16.93
N PRO B 295 -5.84 3.40 -15.58
CA PRO B 295 -6.87 2.75 -14.79
C PRO B 295 -8.28 3.18 -15.20
N SER B 296 -9.29 2.59 -14.56
CA SER B 296 -10.68 2.91 -14.87
C SER B 296 -11.60 2.80 -13.67
N GLU B 297 -12.34 3.86 -13.40
CA GLU B 297 -13.26 3.86 -12.27
C GLU B 297 -14.64 3.31 -12.66
N HIS B 298 -15.14 2.40 -11.83
CA HIS B 298 -16.43 1.77 -12.04
C HIS B 298 -17.38 2.27 -10.96
N THR B 299 -18.68 2.08 -11.18
CA THR B 299 -19.68 2.51 -10.21
C THR B 299 -20.97 1.69 -10.34
N VAL B 300 -21.34 1.00 -9.26
CA VAL B 300 -22.54 0.18 -9.25
C VAL B 300 -23.61 0.86 -8.40
N LYS B 301 -24.84 0.38 -8.49
CA LYS B 301 -25.93 0.93 -7.72
C LYS B 301 -26.06 0.11 -6.45
N THR B 302 -26.42 0.76 -5.35
CA THR B 302 -26.62 0.11 -4.06
C THR B 302 -27.62 0.94 -3.26
N GLU B 303 -28.86 1.00 -3.72
CA GLU B 303 -29.87 1.82 -3.04
C GLU B 303 -29.97 1.56 -1.54
N LEU B 304 -29.44 0.42 -1.09
CA LEU B 304 -29.48 0.08 0.33
C LEU B 304 -28.06 0.06 0.91
N PRO B 305 -27.82 0.85 1.97
CA PRO B 305 -26.49 0.91 2.60
C PRO B 305 -26.02 -0.48 3.05
N GLN B 306 -24.71 -0.68 3.02
CA GLN B 306 -24.10 -1.97 3.37
C GLN B 306 -24.38 -2.48 4.78
N GLU B 307 -24.41 -1.60 5.78
CA GLU B 307 -24.68 -2.05 7.15
C GLU B 307 -26.12 -2.57 7.23
N ALA B 308 -27.03 -1.89 6.53
CA ALA B 308 -28.42 -2.33 6.54
C ALA B 308 -28.49 -3.62 5.75
N CYS B 309 -27.64 -3.73 4.74
CA CYS B 309 -27.60 -4.95 3.94
C CYS B 309 -27.09 -6.04 4.87
N MSE B 310 -26.31 -5.64 5.88
CA MSE B 310 -25.73 -6.58 6.84
C MSE B 310 -26.79 -7.25 7.72
O MSE B 310 -26.97 -8.47 7.64
CB MSE B 310 -24.68 -5.88 7.71
CG MSE B 310 -24.09 -6.75 8.80
SE MSE B 310 -22.61 -5.94 9.74
CE MSE B 310 -23.45 -5.55 11.43
N VAL B 311 -27.48 -6.47 8.55
CA VAL B 311 -28.51 -7.02 9.41
C VAL B 311 -29.48 -7.78 8.49
N ARG B 312 -29.70 -7.22 7.32
CA ARG B 312 -30.58 -7.79 6.32
C ARG B 312 -30.23 -9.27 6.08
N GLU B 313 -28.94 -9.56 5.95
CA GLU B 313 -28.47 -10.94 5.73
C GLU B 313 -28.49 -11.74 7.03
N PHE B 314 -27.95 -11.16 8.10
CA PHE B 314 -27.92 -11.83 9.40
C PHE B 314 -29.35 -12.22 9.78
N ALA B 315 -30.22 -11.22 9.90
CA ALA B 315 -31.61 -11.44 10.27
C ALA B 315 -32.32 -12.24 9.17
N ILE B 321 -33.83 -21.19 8.97
CA ILE B 321 -33.13 -21.79 10.11
C ILE B 321 -34.05 -22.00 11.30
N LYS B 322 -34.64 -20.92 11.80
CA LYS B 322 -35.56 -20.99 12.93
C LYS B 322 -36.98 -21.28 12.44
N ASN B 323 -37.24 -20.98 11.17
CA ASN B 323 -38.55 -21.21 10.57
C ASN B 323 -38.51 -22.37 9.58
N ASN B 324 -37.42 -22.50 8.83
CA ASN B 324 -37.30 -23.58 7.84
C ASN B 324 -36.55 -24.81 8.38
N GLY B 325 -35.81 -24.62 9.47
CA GLY B 325 -35.10 -25.73 10.07
C GLY B 325 -33.64 -25.88 9.73
N ALA B 326 -33.09 -24.96 8.93
CA ALA B 326 -31.69 -25.02 8.55
C ALA B 326 -30.79 -24.71 9.75
N LYS B 327 -29.51 -25.04 9.61
CA LYS B 327 -28.54 -24.78 10.67
C LYS B 327 -27.88 -23.43 10.46
N PRO B 328 -27.15 -22.93 11.47
CA PRO B 328 -26.51 -21.62 11.27
C PRO B 328 -25.46 -21.70 10.15
N ASP B 329 -25.18 -20.55 9.54
CA ASP B 329 -24.21 -20.49 8.45
C ASP B 329 -22.81 -20.46 9.05
N GLY B 330 -21.98 -21.43 8.65
CA GLY B 330 -20.63 -21.51 9.17
C GLY B 330 -19.62 -20.58 8.51
N TYR B 331 -19.98 -19.96 7.39
CA TYR B 331 -19.05 -19.08 6.72
C TYR B 331 -18.68 -17.88 7.58
N TRP B 332 -19.68 -17.30 8.24
CA TRP B 332 -19.41 -16.13 9.05
C TRP B 332 -18.50 -16.41 10.25
N PRO B 333 -18.92 -17.31 11.16
CA PRO B 333 -18.03 -17.56 12.29
C PRO B 333 -16.63 -17.98 11.81
N SER B 334 -16.59 -18.65 10.66
CA SER B 334 -15.33 -19.10 10.08
C SER B 334 -14.46 -17.96 9.55
N ILE B 335 -15.07 -16.97 8.88
CA ILE B 335 -14.29 -15.85 8.38
C ILE B 335 -13.80 -15.04 9.57
N SER B 336 -14.57 -15.06 10.66
CA SER B 336 -14.22 -14.32 11.86
C SER B 336 -13.04 -14.93 12.61
N ARG B 337 -13.04 -16.25 12.76
CA ARG B 337 -11.96 -16.92 13.48
C ARG B 337 -10.62 -16.66 12.77
N LYS B 338 -10.62 -16.73 11.44
CA LYS B 338 -9.39 -16.48 10.70
C LYS B 338 -8.92 -15.04 10.87
N THR B 339 -9.84 -14.09 10.64
CA THR B 339 -9.50 -12.68 10.77
C THR B 339 -8.92 -12.42 12.15
N GLN B 340 -9.46 -13.10 13.16
CA GLN B 340 -8.99 -12.95 14.54
C GLN B 340 -7.66 -13.69 14.73
N LEU B 341 -7.49 -14.79 14.01
CA LEU B 341 -6.28 -15.60 14.10
C LEU B 341 -5.07 -14.84 13.57
N VAL B 342 -5.28 -14.03 12.54
CA VAL B 342 -4.18 -13.25 11.98
C VAL B 342 -3.93 -12.07 12.90
N VAL B 343 -5.00 -11.45 13.36
CA VAL B 343 -4.87 -10.31 14.26
C VAL B 343 -3.97 -10.69 15.43
N ASP B 344 -4.08 -11.94 15.89
CA ASP B 344 -3.27 -12.41 17.01
C ASP B 344 -1.91 -12.93 16.54
N ALA B 345 -1.76 -13.09 15.23
CA ALA B 345 -0.48 -13.55 14.67
C ALA B 345 0.48 -12.37 14.80
N VAL B 346 -0.01 -11.17 14.52
CA VAL B 346 0.81 -9.96 14.61
C VAL B 346 1.27 -9.76 16.05
N LYS B 347 0.33 -9.46 16.95
CA LYS B 347 0.63 -9.25 18.36
C LYS B 347 1.60 -10.31 18.87
N GLU B 348 1.40 -11.54 18.42
CA GLU B 348 2.25 -12.65 18.82
C GLU B 348 3.66 -12.50 18.25
N SER B 349 3.77 -11.73 17.18
CA SER B 349 5.06 -11.49 16.53
C SER B 349 5.73 -10.26 17.17
N VAL B 350 4.94 -9.23 17.47
CA VAL B 350 5.46 -8.03 18.09
C VAL B 350 6.00 -8.36 19.50
N ASP B 351 5.23 -9.09 20.30
CA ASP B 351 5.69 -9.45 21.63
C ASP B 351 7.05 -10.11 21.48
N LYS B 352 7.13 -11.13 20.63
CA LYS B 352 8.38 -11.84 20.38
C LYS B 352 9.43 -11.02 19.62
N ASN B 353 9.33 -9.70 19.71
CA ASN B 353 10.28 -8.82 19.03
C ASN B 353 10.34 -9.03 17.51
N TYR B 354 9.19 -8.91 16.86
CA TYR B 354 9.06 -9.05 15.41
C TYR B 354 9.60 -10.37 14.84
N GLN B 355 9.15 -11.47 15.43
CA GLN B 355 9.54 -12.81 15.00
C GLN B 355 8.53 -13.34 13.97
N GLN B 356 9.01 -14.15 13.03
CA GLN B 356 8.11 -14.71 12.03
C GLN B 356 7.21 -15.73 12.73
N ILE B 357 5.91 -15.50 12.70
CA ILE B 357 4.96 -16.40 13.35
C ILE B 357 4.33 -17.39 12.39
N SER B 358 4.45 -18.68 12.71
CA SER B 358 3.87 -19.74 11.89
C SER B 358 2.41 -19.89 12.31
N LEU B 359 1.54 -20.28 11.38
CA LEU B 359 0.12 -20.42 11.68
C LEU B 359 -0.39 -21.86 11.61
N SER B 360 0.50 -22.79 11.26
CA SER B 360 0.14 -24.20 11.15
C SER B 360 -0.50 -24.76 12.43
N GLN A 6 23.42 22.94 -27.04
CA GLN A 6 24.65 23.60 -26.54
C GLN A 6 25.60 22.57 -25.93
N ILE A 7 25.27 22.09 -24.74
CA ILE A 7 26.10 21.09 -24.08
C ILE A 7 26.14 19.86 -24.99
N ARG A 8 27.33 19.59 -25.53
CA ARG A 8 27.55 18.46 -26.43
C ARG A 8 27.40 17.15 -25.68
N ILE A 9 26.40 16.37 -26.04
CA ILE A 9 26.13 15.11 -25.36
C ILE A 9 26.25 13.89 -26.24
N GLY A 10 26.79 12.81 -25.66
CA GLY A 10 26.96 11.56 -26.39
C GLY A 10 26.27 10.39 -25.69
N VAL A 11 26.30 9.23 -26.32
CA VAL A 11 25.67 8.02 -25.76
C VAL A 11 26.63 6.84 -25.88
N MSE A 12 27.43 6.65 -24.84
CA MSE A 12 28.44 5.58 -24.80
C MSE A 12 27.82 4.19 -24.67
O MSE A 12 28.35 3.32 -23.98
CB MSE A 12 29.39 5.86 -23.63
CG MSE A 12 30.46 4.80 -23.39
SE MSE A 12 31.30 5.03 -21.68
CE MSE A 12 33.14 4.66 -22.20
N GLY A 13 26.68 3.96 -25.34
CA GLY A 13 26.06 2.66 -25.22
C GLY A 13 24.89 2.34 -26.14
N CYS A 14 24.88 1.10 -26.62
CA CYS A 14 23.84 0.60 -27.50
C CYS A 14 22.75 -0.04 -26.64
N ALA A 15 21.79 0.77 -26.20
CA ALA A 15 20.69 0.32 -25.37
C ALA A 15 19.37 0.90 -25.86
N ASP A 16 18.30 0.11 -25.76
CA ASP A 16 17.00 0.58 -26.22
C ASP A 16 16.46 1.80 -25.48
N ILE A 17 16.63 1.84 -24.16
CA ILE A 17 16.13 2.98 -23.41
C ILE A 17 16.94 4.23 -23.74
N ALA A 18 17.52 4.24 -24.92
CA ALA A 18 18.30 5.37 -25.39
C ALA A 18 17.42 6.15 -26.35
N ARG A 19 16.44 5.48 -26.93
CA ARG A 19 15.53 6.13 -27.87
C ARG A 19 14.72 7.20 -27.16
N LYS A 20 14.59 7.07 -25.85
CA LYS A 20 13.84 8.06 -25.06
C LYS A 20 14.78 9.10 -24.48
N VAL A 21 15.91 8.66 -23.94
CA VAL A 21 16.87 9.59 -23.35
C VAL A 21 17.56 10.46 -24.39
N SER A 22 17.54 10.04 -25.66
CA SER A 22 18.17 10.81 -26.73
C SER A 22 17.26 11.99 -27.03
N ARG A 23 15.99 11.70 -27.27
CA ARG A 23 15.03 12.76 -27.52
C ARG A 23 14.97 13.57 -26.21
N ALA A 24 15.17 12.85 -25.10
CA ALA A 24 15.16 13.45 -23.78
C ALA A 24 16.40 14.33 -23.58
N ILE A 25 17.10 14.57 -24.68
CA ILE A 25 18.30 15.41 -24.70
C ILE A 25 18.08 16.54 -25.70
N HIS A 26 17.44 16.23 -26.82
CA HIS A 26 17.16 17.21 -27.85
C HIS A 26 16.33 18.37 -27.30
N LEU A 27 15.16 18.03 -26.76
CA LEU A 27 14.23 19.00 -26.19
C LEU A 27 14.80 19.85 -25.06
N ALA A 28 16.01 19.50 -24.61
CA ALA A 28 16.66 20.26 -23.54
C ALA A 28 17.34 21.48 -24.15
N PRO A 29 16.81 22.68 -23.88
CA PRO A 29 17.33 23.95 -24.40
C PRO A 29 18.83 24.16 -24.28
N ASN A 30 19.39 23.89 -23.11
CA ASN A 30 20.82 24.09 -22.90
C ASN A 30 21.67 22.85 -23.19
N ALA A 31 21.28 22.09 -24.19
CA ALA A 31 22.01 20.88 -24.56
C ALA A 31 21.57 20.36 -25.91
N THR A 32 22.44 19.59 -26.55
CA THR A 32 22.15 19.03 -27.86
C THR A 32 22.91 17.72 -28.03
N ILE A 33 22.44 16.89 -28.96
CA ILE A 33 23.07 15.61 -29.23
C ILE A 33 24.37 15.95 -30.00
N SER A 34 25.38 15.09 -29.91
CA SER A 34 26.64 15.36 -30.59
C SER A 34 27.50 14.12 -30.79
N GLY A 35 27.10 13.01 -30.17
CA GLY A 35 27.86 11.78 -30.31
C GLY A 35 27.08 10.59 -29.79
N VAL A 36 27.43 9.41 -30.30
CA VAL A 36 26.79 8.16 -29.92
C VAL A 36 27.57 6.98 -30.46
N ALA A 37 28.19 6.22 -29.57
CA ALA A 37 28.99 5.06 -29.97
C ALA A 37 28.23 3.74 -29.88
N SER A 38 28.97 2.67 -29.64
CA SER A 38 28.41 1.33 -29.51
C SER A 38 29.57 0.32 -29.39
N ARG A 39 29.22 -0.93 -29.12
CA ARG A 39 30.22 -1.98 -28.99
C ARG A 39 30.62 -2.48 -30.39
N SER A 40 29.72 -2.31 -31.35
CA SER A 40 29.99 -2.73 -32.72
C SER A 40 29.66 -1.57 -33.65
N LEU A 41 30.49 -1.38 -34.67
CA LEU A 41 30.30 -0.30 -35.64
C LEU A 41 28.97 -0.51 -36.39
N GLU A 42 28.46 -1.73 -36.33
CA GLU A 42 27.21 -2.05 -37.00
C GLU A 42 26.07 -1.32 -36.30
N LYS A 43 25.92 -1.58 -35.00
CA LYS A 43 24.88 -0.93 -34.22
C LYS A 43 25.18 0.57 -34.13
N ALA A 44 26.46 0.89 -34.02
CA ALA A 44 26.91 2.28 -33.95
C ALA A 44 26.13 3.15 -34.94
N LYS A 45 26.34 2.89 -36.23
CA LYS A 45 25.65 3.64 -37.28
C LYS A 45 24.18 3.28 -37.31
N ALA A 46 23.86 2.05 -36.91
CA ALA A 46 22.49 1.58 -36.89
C ALA A 46 21.61 2.40 -35.97
N PHE A 47 22.05 2.59 -34.71
CA PHE A 47 21.24 3.36 -33.78
C PHE A 47 21.14 4.82 -34.20
N ALA A 48 22.27 5.40 -34.61
CA ALA A 48 22.30 6.79 -35.04
C ALA A 48 21.43 6.98 -36.28
N THR A 49 21.15 5.88 -36.97
CA THR A 49 20.31 5.90 -38.16
C THR A 49 18.88 5.58 -37.74
N ALA A 50 18.75 4.58 -36.87
CA ALA A 50 17.45 4.15 -36.40
C ALA A 50 16.67 5.29 -35.73
N ASN A 51 17.36 6.12 -34.96
CA ASN A 51 16.68 7.22 -34.29
C ASN A 51 16.99 8.61 -34.82
N ASN A 52 17.22 8.68 -36.12
CA ASN A 52 17.49 9.94 -36.82
C ASN A 52 18.40 10.92 -36.09
N TYR A 53 19.69 10.87 -36.41
CA TYR A 53 20.66 11.76 -35.80
C TYR A 53 21.22 12.75 -36.82
N PRO A 54 21.25 14.04 -36.47
CA PRO A 54 21.75 15.11 -37.35
C PRO A 54 23.14 14.79 -37.92
N GLU A 55 23.77 15.78 -38.53
CA GLU A 55 25.07 15.60 -39.15
C GLU A 55 26.29 15.78 -38.24
N SER A 56 26.14 16.53 -37.15
CA SER A 56 27.27 16.75 -36.25
C SER A 56 27.55 15.57 -35.32
N THR A 57 26.54 14.74 -35.07
CA THR A 57 26.70 13.59 -34.20
C THR A 57 27.86 12.69 -34.61
N LYS A 58 28.86 12.61 -33.73
CA LYS A 58 30.02 11.77 -33.98
C LYS A 58 29.69 10.31 -33.69
N ILE A 59 29.70 9.49 -34.74
CA ILE A 59 29.40 8.07 -34.61
C ILE A 59 30.66 7.27 -34.33
N HIS A 60 30.72 6.62 -33.18
CA HIS A 60 31.89 5.83 -32.81
C HIS A 60 31.60 4.33 -32.71
N GLY A 61 32.64 3.54 -32.89
CA GLY A 61 32.52 2.09 -32.82
C GLY A 61 33.29 1.47 -31.66
N SER A 62 33.40 2.19 -30.56
CA SER A 62 34.09 1.71 -29.38
C SER A 62 33.80 2.61 -28.18
N TYR A 63 34.04 2.09 -26.98
CA TYR A 63 33.78 2.86 -25.77
C TYR A 63 34.96 3.76 -25.44
N GLU A 64 36.15 3.19 -25.35
CA GLU A 64 37.33 3.98 -25.04
C GLU A 64 37.44 5.05 -26.10
N SER A 65 36.98 4.71 -27.31
CA SER A 65 37.01 5.65 -28.43
C SER A 65 36.30 6.93 -28.03
N LEU A 66 34.98 6.83 -27.89
CA LEU A 66 34.14 7.96 -27.54
C LEU A 66 34.63 8.79 -26.35
N LEU A 67 35.37 8.17 -25.43
CA LEU A 67 35.88 8.90 -24.26
C LEU A 67 37.08 9.76 -24.62
N GLU A 68 37.58 9.60 -25.84
CA GLU A 68 38.73 10.37 -26.29
C GLU A 68 38.33 11.50 -27.22
N ASP A 69 37.05 11.54 -27.57
CA ASP A 69 36.55 12.60 -28.43
C ASP A 69 36.52 13.87 -27.58
N PRO A 70 37.36 14.86 -27.94
CA PRO A 70 37.42 16.12 -27.19
C PRO A 70 36.25 17.07 -27.43
N GLU A 71 35.41 16.72 -28.40
CA GLU A 71 34.27 17.56 -28.74
C GLU A 71 33.01 17.17 -27.95
N ILE A 72 33.19 16.46 -26.84
CA ILE A 72 32.05 16.03 -26.02
C ILE A 72 32.22 16.34 -24.53
N ASP A 73 31.24 17.02 -23.95
CA ASP A 73 31.27 17.37 -22.53
C ASP A 73 30.77 16.20 -21.68
N ALA A 74 29.66 15.60 -22.10
CA ALA A 74 29.09 14.48 -21.36
C ALA A 74 28.52 13.38 -22.24
N LEU A 75 28.61 12.16 -21.73
CA LEU A 75 28.13 10.99 -22.44
C LEU A 75 27.14 10.21 -21.60
N TYR A 76 25.85 10.38 -21.87
CA TYR A 76 24.82 9.63 -21.14
C TYR A 76 25.29 8.17 -21.12
N VAL A 77 24.89 7.40 -20.12
CA VAL A 77 25.33 6.02 -20.07
C VAL A 77 24.21 5.00 -19.75
N PRO A 78 23.53 4.46 -20.78
CA PRO A 78 22.47 3.47 -20.58
C PRO A 78 23.03 2.04 -20.60
N LEU A 79 24.17 1.85 -19.94
CA LEU A 79 24.81 0.54 -19.91
C LEU A 79 24.32 -0.34 -18.76
N PRO A 80 24.25 -1.67 -19.00
CA PRO A 80 23.81 -2.62 -17.96
C PRO A 80 24.52 -2.28 -16.68
N THR A 81 23.81 -2.39 -15.56
CA THR A 81 24.35 -2.07 -14.25
C THR A 81 25.80 -2.50 -14.06
N SER A 82 26.13 -3.70 -14.53
CA SER A 82 27.47 -4.25 -14.38
C SER A 82 28.62 -3.42 -14.98
N LEU A 83 28.41 -2.80 -16.14
CA LEU A 83 29.46 -2.01 -16.76
C LEU A 83 29.64 -0.62 -16.15
N HIS A 84 29.28 -0.46 -14.87
CA HIS A 84 29.42 0.84 -14.26
C HIS A 84 30.71 0.96 -13.45
N VAL A 85 30.92 0.06 -12.50
CA VAL A 85 32.11 0.09 -11.67
C VAL A 85 33.37 0.45 -12.46
N GLU A 86 33.42 0.05 -13.72
CA GLU A 86 34.59 0.33 -14.57
C GLU A 86 34.42 1.42 -15.62
N TRP A 87 33.34 1.37 -16.40
CA TRP A 87 33.12 2.36 -17.45
C TRP A 87 32.75 3.74 -16.97
N ALA A 88 32.42 3.85 -15.68
CA ALA A 88 32.08 5.13 -15.09
C ALA A 88 33.38 5.78 -14.58
N ILE A 89 34.24 4.99 -13.93
CA ILE A 89 35.51 5.51 -13.44
C ILE A 89 36.35 5.94 -14.65
N LYS A 90 36.28 5.14 -15.72
CA LYS A 90 37.02 5.41 -16.95
C LYS A 90 36.50 6.63 -17.70
N ALA A 91 35.37 7.16 -17.29
CA ALA A 91 34.83 8.35 -17.95
C ALA A 91 35.30 9.56 -17.15
N ALA A 92 35.49 9.35 -15.86
CA ALA A 92 35.94 10.41 -14.96
C ALA A 92 37.41 10.74 -15.22
N GLU A 93 38.20 9.72 -15.49
CA GLU A 93 39.62 9.91 -15.76
C GLU A 93 39.73 10.89 -16.93
N LYS A 94 38.91 10.67 -17.95
CA LYS A 94 38.89 11.54 -19.12
C LYS A 94 38.16 12.84 -18.78
N GLY A 95 37.77 12.96 -17.52
CA GLY A 95 37.09 14.13 -17.02
C GLY A 95 35.81 14.53 -17.74
N LYS A 96 34.90 13.58 -17.95
CA LYS A 96 33.66 13.93 -18.62
C LYS A 96 32.49 13.76 -17.65
N HIS A 97 31.54 14.69 -17.73
CA HIS A 97 30.35 14.67 -16.87
C HIS A 97 29.45 13.50 -17.26
N ILE A 98 28.89 12.83 -16.24
CA ILE A 98 28.05 11.67 -16.50
C ILE A 98 26.60 11.70 -16.03
N LEU A 99 25.70 11.39 -16.96
CA LEU A 99 24.28 11.27 -16.65
C LEU A 99 24.16 9.75 -16.66
N LEU A 100 24.31 9.14 -15.50
CA LEU A 100 24.27 7.67 -15.34
C LEU A 100 22.86 7.10 -15.24
N GLU A 101 22.50 6.25 -16.20
CA GLU A 101 21.19 5.60 -16.26
C GLU A 101 20.98 4.65 -15.08
N LYS A 102 20.23 5.12 -14.08
CA LYS A 102 19.96 4.34 -12.88
C LYS A 102 19.52 2.92 -13.20
N PRO A 103 19.84 1.95 -12.30
CA PRO A 103 20.57 2.16 -11.05
C PRO A 103 22.01 2.60 -11.32
N VAL A 104 22.63 3.27 -10.34
CA VAL A 104 23.99 3.76 -10.50
C VAL A 104 25.07 2.68 -10.57
N ALA A 105 24.91 1.60 -9.82
CA ALA A 105 25.88 0.51 -9.82
C ALA A 105 25.31 -0.68 -9.07
N MSE A 106 26.00 -1.82 -9.14
CA MSE A 106 25.55 -3.04 -8.47
C MSE A 106 25.37 -2.80 -6.95
O MSE A 106 24.26 -2.97 -6.44
CB MSE A 106 26.54 -4.18 -8.71
CG MSE A 106 26.83 -4.46 -10.20
SE MSE A 106 25.31 -5.20 -11.18
CE MSE A 106 25.89 -7.02 -11.22
N ASN A 107 26.44 -2.43 -6.26
CA ASN A 107 26.37 -2.13 -4.83
C ASN A 107 27.40 -1.12 -4.33
N VAL A 108 27.95 -1.35 -3.15
CA VAL A 108 28.93 -0.46 -2.54
C VAL A 108 30.41 -0.68 -2.93
N THR A 109 30.83 -1.92 -3.11
CA THR A 109 32.22 -2.19 -3.46
C THR A 109 32.58 -1.62 -4.82
N GLU A 110 31.62 -0.97 -5.46
CA GLU A 110 31.84 -0.39 -6.78
C GLU A 110 31.49 1.09 -6.84
N PHE A 111 30.20 1.40 -6.99
CA PHE A 111 29.75 2.79 -7.07
C PHE A 111 30.50 3.69 -6.09
N ASP A 112 30.87 3.14 -4.95
CA ASP A 112 31.61 3.90 -3.96
C ASP A 112 32.89 4.41 -4.62
N LYS A 113 33.47 3.57 -5.47
CA LYS A 113 34.68 3.94 -6.19
C LYS A 113 34.36 4.89 -7.34
N ILE A 114 33.07 4.97 -7.69
CA ILE A 114 32.63 5.84 -8.77
C ILE A 114 32.48 7.26 -8.22
N VAL A 115 32.39 7.36 -6.89
CA VAL A 115 32.24 8.67 -6.27
C VAL A 115 33.60 9.34 -6.09
N ASP A 116 34.52 8.62 -5.45
CA ASP A 116 35.86 9.13 -5.24
C ASP A 116 36.44 9.48 -6.61
N ALA A 117 36.10 8.68 -7.61
CA ALA A 117 36.58 8.88 -8.97
C ALA A 117 36.03 10.15 -9.63
N CYS A 118 34.84 10.57 -9.24
CA CYS A 118 34.22 11.78 -9.79
C CYS A 118 34.69 13.02 -9.02
N GLU A 119 35.17 12.79 -7.80
CA GLU A 119 35.67 13.86 -6.95
C GLU A 119 37.17 14.03 -7.21
N ALA A 120 37.84 12.94 -7.57
CA ALA A 120 39.27 12.98 -7.84
C ALA A 120 39.49 13.74 -9.15
N ASN A 121 38.52 13.65 -10.04
CA ASN A 121 38.60 14.33 -11.33
C ASN A 121 37.72 15.57 -11.28
N GLY A 122 37.10 15.78 -10.12
CA GLY A 122 36.25 16.94 -9.89
C GLY A 122 35.14 17.20 -10.90
N VAL A 123 34.36 16.18 -11.27
CA VAL A 123 33.27 16.38 -12.22
C VAL A 123 31.86 16.15 -11.66
N GLN A 124 30.85 16.26 -12.53
CA GLN A 124 29.45 16.11 -12.14
C GLN A 124 28.83 14.77 -12.52
N ILE A 125 28.20 14.11 -11.55
CA ILE A 125 27.53 12.83 -11.82
C ILE A 125 26.10 12.90 -11.31
N MSE A 126 25.23 12.08 -11.89
CA MSE A 126 23.82 12.04 -11.52
C MSE A 126 23.11 10.89 -12.25
O MSE A 126 23.32 10.70 -13.45
CB MSE A 126 23.17 13.38 -11.87
CG MSE A 126 21.82 13.67 -11.19
SE MSE A 126 21.30 15.55 -11.34
CE MSE A 126 20.33 15.44 -13.01
N ASP A 127 22.31 10.11 -11.52
CA ASP A 127 21.60 9.00 -12.14
C ASP A 127 20.48 9.49 -13.02
N GLY A 128 19.94 8.60 -13.84
CA GLY A 128 18.87 8.96 -14.75
C GLY A 128 17.43 8.85 -14.27
N THR A 129 17.17 9.10 -12.99
CA THR A 129 15.80 9.06 -12.47
C THR A 129 15.09 10.28 -13.06
N MSE A 130 13.93 10.06 -13.67
CA MSE A 130 13.23 11.16 -14.32
C MSE A 130 12.12 11.85 -13.54
O MSE A 130 12.00 13.08 -13.60
CB MSE A 130 12.67 10.66 -15.65
CG MSE A 130 13.58 9.68 -16.37
SE MSE A 130 12.70 8.81 -17.84
CE MSE A 130 14.19 8.60 -19.07
N TRP A 131 11.32 11.08 -12.79
CA TRP A 131 10.19 11.62 -12.05
C TRP A 131 10.51 12.69 -11.02
N VAL A 132 11.73 12.71 -10.50
CA VAL A 132 12.09 13.71 -9.51
C VAL A 132 12.29 15.06 -10.20
N HIS A 133 12.34 15.05 -11.54
CA HIS A 133 12.50 16.29 -12.28
C HIS A 133 11.20 16.81 -12.86
N ASN A 134 10.13 16.00 -12.78
CA ASN A 134 8.83 16.44 -13.27
C ASN A 134 8.37 17.60 -12.38
N PRO A 135 7.79 18.64 -12.99
CA PRO A 135 7.31 19.81 -12.25
C PRO A 135 6.44 19.44 -11.02
N ARG A 136 5.61 18.41 -11.18
CA ARG A 136 4.73 17.93 -10.12
C ARG A 136 5.49 17.56 -8.85
N THR A 137 6.73 17.11 -9.03
CA THR A 137 7.53 16.70 -7.88
C THR A 137 7.67 17.79 -6.84
N ALA A 138 7.97 19.00 -7.28
CA ALA A 138 8.11 20.13 -6.37
C ALA A 138 6.80 20.26 -5.59
N LEU A 139 5.70 19.89 -6.25
CA LEU A 139 4.36 19.93 -5.65
C LEU A 139 4.12 18.57 -4.99
N LEU A 140 5.00 18.20 -4.07
CA LEU A 140 4.91 16.94 -3.35
C LEU A 140 5.84 17.10 -2.16
N LYS A 141 7.03 17.62 -2.43
CA LYS A 141 8.00 17.86 -1.39
C LYS A 141 7.36 18.98 -0.58
N GLU A 142 6.69 19.87 -1.31
CA GLU A 142 6.00 21.00 -0.69
C GLU A 142 4.90 20.52 0.26
N PHE A 143 4.02 19.68 -0.24
CA PHE A 143 2.91 19.16 0.57
C PHE A 143 3.44 18.38 1.77
N LEU A 144 4.45 17.55 1.54
CA LEU A 144 5.03 16.77 2.63
C LEU A 144 5.81 17.67 3.59
N SER A 145 5.87 18.96 3.28
CA SER A 145 6.57 19.93 4.12
C SER A 145 5.58 20.83 4.84
N ASP A 146 4.28 20.59 4.61
CA ASP A 146 3.23 21.39 5.23
C ASP A 146 2.87 20.80 6.59
N SER A 147 3.42 21.39 7.65
CA SER A 147 3.18 20.90 9.00
C SER A 147 1.73 21.09 9.44
N GLU A 148 0.94 21.77 8.61
CA GLU A 148 -0.47 21.98 8.92
C GLU A 148 -1.34 21.18 7.96
N ARG A 149 -0.94 21.13 6.70
CA ARG A 149 -1.70 20.39 5.68
C ARG A 149 -1.33 18.92 5.65
N PHE A 150 -0.14 18.57 6.09
CA PHE A 150 0.29 17.17 6.10
C PHE A 150 0.69 16.74 7.51
N GLY A 151 1.37 17.62 8.23
CA GLY A 151 1.78 17.31 9.59
C GLY A 151 3.07 16.53 9.69
N GLN A 152 3.20 15.74 10.74
CA GLN A 152 4.38 14.91 10.96
C GLN A 152 4.24 13.58 10.21
N LEU A 153 5.16 13.31 9.30
CA LEU A 153 5.13 12.08 8.52
C LEU A 153 5.04 10.84 9.40
N LYS A 154 4.07 9.99 9.14
CA LYS A 154 3.93 8.78 9.92
C LYS A 154 4.37 7.61 9.05
N THR A 155 4.04 7.69 7.77
CA THR A 155 4.41 6.64 6.84
C THR A 155 4.05 6.95 5.40
N VAL A 156 4.67 6.22 4.49
CA VAL A 156 4.44 6.38 3.06
C VAL A 156 4.64 5.00 2.47
N GLN A 157 3.72 4.59 1.59
CA GLN A 157 3.80 3.29 0.94
C GLN A 157 4.14 3.46 -0.53
N SER A 158 5.24 2.85 -0.96
CA SER A 158 5.65 2.93 -2.34
C SER A 158 5.65 1.56 -3.02
N CYS A 159 4.92 1.46 -4.13
CA CYS A 159 4.83 0.21 -4.86
C CYS A 159 5.13 0.42 -6.35
N PHE A 160 5.65 -0.62 -6.98
CA PHE A 160 5.94 -0.58 -8.42
C PHE A 160 6.24 -1.97 -8.97
N SER A 161 5.53 -2.33 -10.04
CA SER A 161 5.71 -3.62 -10.69
C SER A 161 5.12 -3.58 -12.07
N PHE A 162 5.40 -4.62 -12.83
CA PHE A 162 4.88 -4.78 -14.16
C PHE A 162 5.00 -6.26 -14.45
N ALA A 163 4.38 -6.72 -15.53
CA ALA A 163 4.39 -8.15 -15.83
C ALA A 163 5.24 -8.55 -17.03
N GLY A 164 6.42 -9.10 -16.75
CA GLY A 164 7.30 -9.52 -17.83
C GLY A 164 6.78 -10.79 -18.51
N ASP A 165 6.58 -10.72 -19.82
CA ASP A 165 6.12 -11.90 -20.55
C ASP A 165 7.22 -12.96 -20.52
N GLU A 166 6.90 -14.16 -21.00
CA GLU A 166 7.86 -15.26 -21.00
C GLU A 166 9.24 -14.84 -21.52
N ASP A 167 9.25 -14.08 -22.61
CA ASP A 167 10.50 -13.62 -23.20
C ASP A 167 11.32 -12.73 -22.25
N PHE A 168 10.62 -11.88 -21.51
CA PHE A 168 11.25 -10.98 -20.56
C PHE A 168 12.00 -11.79 -19.49
N LEU A 169 11.26 -12.67 -18.83
CA LEU A 169 11.83 -13.48 -17.76
C LEU A 169 12.98 -14.35 -18.23
N LYS A 170 13.13 -14.45 -19.55
CA LYS A 170 14.18 -15.28 -20.11
C LYS A 170 15.36 -14.50 -20.72
N ASN A 171 15.09 -13.59 -21.64
CA ASN A 171 16.17 -12.86 -22.31
C ASN A 171 16.45 -11.42 -21.89
N ASP A 172 15.67 -10.88 -20.96
CA ASP A 172 15.89 -9.50 -20.55
C ASP A 172 17.17 -9.32 -19.69
N ILE A 173 17.87 -8.22 -19.92
CA ILE A 173 19.09 -7.94 -19.19
C ILE A 173 18.86 -7.85 -17.68
N ARG A 174 17.64 -7.43 -17.30
CA ARG A 174 17.28 -7.28 -15.90
C ARG A 174 17.00 -8.57 -15.14
N VAL A 175 17.39 -9.71 -15.71
CA VAL A 175 17.22 -11.00 -15.04
C VAL A 175 18.57 -11.72 -15.09
N LYS A 176 19.56 -11.07 -15.69
CA LYS A 176 20.91 -11.62 -15.81
C LYS A 176 21.80 -11.19 -14.63
N PRO A 177 22.30 -12.17 -13.84
CA PRO A 177 23.16 -11.89 -12.69
C PRO A 177 24.45 -11.13 -13.00
N GLY A 178 25.10 -11.50 -14.10
CA GLY A 178 26.35 -10.85 -14.47
C GLY A 178 26.21 -9.44 -15.02
N LEU A 179 24.98 -9.02 -15.33
CA LEU A 179 24.71 -7.70 -15.89
C LEU A 179 23.95 -6.83 -14.90
N ASP A 180 22.79 -6.30 -15.31
CA ASP A 180 21.97 -5.50 -14.42
C ASP A 180 21.39 -6.51 -13.43
N GLY A 181 22.27 -7.11 -12.64
CA GLY A 181 21.86 -8.14 -11.69
C GLY A 181 21.08 -7.81 -10.44
N LEU A 182 20.65 -6.56 -10.27
CA LEU A 182 19.86 -6.24 -9.07
C LEU A 182 18.39 -6.59 -9.27
N GLY A 183 18.07 -7.05 -10.48
CA GLY A 183 16.70 -7.44 -10.80
C GLY A 183 15.62 -6.41 -10.54
N ALA A 184 14.46 -6.89 -10.10
CA ALA A 184 13.34 -6.01 -9.81
C ALA A 184 13.70 -4.96 -8.76
N LEU A 185 14.42 -5.39 -7.74
CA LEU A 185 14.84 -4.49 -6.66
C LEU A 185 15.62 -3.30 -7.21
N GLY A 186 16.57 -3.59 -8.10
CA GLY A 186 17.37 -2.53 -8.68
C GLY A 186 16.65 -1.68 -9.71
N ASP A 187 15.86 -2.30 -10.57
CA ASP A 187 15.14 -1.54 -11.60
C ASP A 187 13.81 -0.94 -11.14
N ALA A 188 13.11 -1.63 -10.25
CA ALA A 188 11.83 -1.13 -9.78
C ALA A 188 11.86 -0.61 -8.34
N GLY A 189 12.48 -1.37 -7.45
CA GLY A 189 12.55 -0.94 -6.06
C GLY A 189 13.15 0.46 -5.97
N TRP A 190 14.16 0.69 -6.80
CA TRP A 190 14.87 1.95 -6.89
C TRP A 190 13.95 3.17 -6.83
N TYR A 191 12.77 3.04 -7.41
CA TYR A 191 11.81 4.14 -7.43
C TYR A 191 11.03 4.19 -6.13
N ALA A 192 10.86 3.04 -5.52
CA ALA A 192 10.12 2.93 -4.27
C ALA A 192 11.01 3.36 -3.10
N ILE A 193 12.31 3.09 -3.22
CA ILE A 193 13.26 3.45 -2.18
C ILE A 193 13.59 4.94 -2.24
N ARG A 194 13.70 5.46 -3.46
CA ARG A 194 14.00 6.87 -3.66
C ARG A 194 12.80 7.72 -3.26
N ALA A 195 11.61 7.13 -3.29
CA ALA A 195 10.39 7.85 -2.94
C ALA A 195 10.24 8.02 -1.43
N THR A 196 10.44 6.93 -0.68
CA THR A 196 10.34 6.97 0.76
C THR A 196 11.41 7.89 1.33
N LEU A 197 12.65 7.71 0.86
CA LEU A 197 13.78 8.53 1.30
C LEU A 197 13.44 10.01 1.12
N LEU A 198 12.95 10.34 -0.08
CA LEU A 198 12.57 11.70 -0.40
C LEU A 198 11.50 12.18 0.59
N ALA A 199 10.48 11.35 0.79
CA ALA A 199 9.41 11.71 1.72
C ALA A 199 9.99 11.86 3.11
N ASN A 200 10.83 10.91 3.50
CA ASN A 200 11.47 10.90 4.81
C ASN A 200 12.58 11.95 4.99
N ASN A 201 12.47 13.07 4.28
CA ASN A 201 13.46 14.14 4.39
C ASN A 201 14.91 13.71 4.14
N PHE A 202 15.08 12.63 3.38
CA PHE A 202 16.40 12.11 3.00
C PHE A 202 17.22 11.38 4.06
N GLU A 203 16.56 10.76 5.02
CA GLU A 203 17.26 10.04 6.07
C GLU A 203 17.35 8.55 5.81
N LEU A 204 18.52 7.97 5.99
CA LEU A 204 18.69 6.52 5.81
C LEU A 204 17.97 5.86 6.97
N PRO A 205 17.14 4.84 6.68
CA PRO A 205 16.47 4.22 7.82
C PRO A 205 17.52 3.55 8.69
N LYS A 206 17.36 3.61 10.00
CA LYS A 206 18.32 2.97 10.89
C LYS A 206 18.41 1.49 10.51
N THR A 207 17.26 0.89 10.24
CA THR A 207 17.23 -0.51 9.87
C THR A 207 16.30 -0.80 8.71
N VAL A 208 16.52 -1.94 8.07
CA VAL A 208 15.72 -2.36 6.94
C VAL A 208 15.50 -3.85 7.07
N THR A 209 14.30 -4.29 6.73
CA THR A 209 13.98 -5.71 6.79
C THR A 209 13.06 -6.11 5.64
N ALA A 210 13.56 -7.00 4.80
CA ALA A 210 12.81 -7.48 3.65
C ALA A 210 11.61 -8.30 4.09
N PHE A 211 10.58 -8.37 3.26
CA PHE A 211 9.39 -9.17 3.57
C PHE A 211 9.74 -10.60 3.22
N PRO A 212 9.44 -11.54 4.12
CA PRO A 212 9.76 -12.92 3.74
C PRO A 212 8.90 -13.28 2.52
N GLY A 213 9.39 -14.19 1.67
CA GLY A 213 8.63 -14.58 0.50
C GLY A 213 9.11 -14.01 -0.81
N ALA A 214 10.36 -13.55 -0.86
CA ALA A 214 10.94 -13.00 -2.08
C ALA A 214 10.87 -14.03 -3.21
N VAL A 215 11.35 -13.69 -4.39
CA VAL A 215 11.31 -14.62 -5.52
C VAL A 215 12.53 -14.51 -6.44
N LEU A 216 13.61 -15.15 -6.05
CA LEU A 216 14.83 -15.16 -6.86
C LEU A 216 14.64 -16.06 -8.09
N ASN A 217 15.15 -15.64 -9.24
CA ASN A 217 15.03 -16.47 -10.43
C ASN A 217 15.93 -17.69 -10.19
N GLU A 218 15.88 -18.67 -11.09
CA GLU A 218 16.72 -19.85 -10.94
C GLU A 218 18.18 -19.56 -11.27
N ALA A 219 18.55 -18.28 -11.20
CA ALA A 219 19.92 -17.84 -11.47
C ALA A 219 20.42 -16.84 -10.42
N GLY A 220 19.63 -16.64 -9.37
CA GLY A 220 20.04 -15.73 -8.31
C GLY A 220 19.53 -14.30 -8.26
N VAL A 221 18.95 -13.81 -9.35
CA VAL A 221 18.43 -12.45 -9.39
C VAL A 221 17.00 -12.34 -8.87
N ILE A 222 16.71 -11.24 -8.18
CA ILE A 222 15.39 -11.02 -7.61
C ILE A 222 14.35 -10.64 -8.64
N LEU A 223 13.23 -11.35 -8.61
CA LEU A 223 12.14 -11.06 -9.53
C LEU A 223 11.13 -10.17 -8.82
N SER A 224 10.84 -10.48 -7.56
CA SER A 224 9.92 -9.68 -6.75
C SER A 224 10.44 -9.63 -5.32
N CYS A 225 10.12 -8.57 -4.61
CA CYS A 225 10.55 -8.41 -3.22
C CYS A 225 9.96 -7.14 -2.62
N GLY A 226 9.94 -7.08 -1.28
CA GLY A 226 9.42 -5.91 -0.58
C GLY A 226 10.13 -5.72 0.76
N ALA A 227 9.76 -4.69 1.51
CA ALA A 227 10.40 -4.46 2.81
C ALA A 227 9.85 -3.25 3.53
N SER A 228 10.19 -3.13 4.82
CA SER A 228 9.74 -2.00 5.62
C SER A 228 10.97 -1.27 6.15
N LEU A 229 10.92 0.05 6.17
CA LEU A 229 12.02 0.86 6.67
C LEU A 229 11.59 1.40 8.02
N SER A 230 12.44 1.26 9.02
CA SER A 230 12.09 1.74 10.36
C SER A 230 13.08 2.74 10.96
N TRP A 231 12.54 3.82 11.49
CA TRP A 231 13.34 4.86 12.12
C TRP A 231 13.20 4.80 13.64
N GLU A 232 12.05 4.29 14.10
CA GLU A 232 11.72 4.15 15.52
C GLU A 232 11.13 5.38 16.21
N ASP A 233 10.83 6.41 15.44
CA ASP A 233 10.25 7.63 16.01
C ASP A 233 8.79 7.81 15.60
N GLY A 234 8.16 6.71 15.18
CA GLY A 234 6.78 6.77 14.75
C GLY A 234 6.64 6.66 13.24
N ARG A 235 7.74 6.96 12.53
CA ARG A 235 7.75 6.90 11.07
C ARG A 235 8.21 5.54 10.56
N THR A 236 7.60 5.10 9.46
CA THR A 236 7.93 3.83 8.83
C THR A 236 7.54 3.94 7.37
N ALA A 237 7.86 2.92 6.59
CA ALA A 237 7.52 2.94 5.18
C ALA A 237 7.70 1.55 4.60
N THR A 238 7.27 1.38 3.36
CA THR A 238 7.41 0.10 2.68
C THR A 238 7.59 0.33 1.19
N ILE A 239 8.25 -0.59 0.53
CA ILE A 239 8.43 -0.47 -0.92
C ILE A 239 8.22 -1.84 -1.50
N TYR A 240 7.55 -1.90 -2.65
CA TYR A 240 7.30 -3.18 -3.29
C TYR A 240 7.69 -3.05 -4.76
N CYS A 241 8.34 -4.09 -5.26
CA CYS A 241 8.75 -4.12 -6.65
C CYS A 241 8.59 -5.55 -7.19
N SER A 242 8.14 -5.67 -8.43
CA SER A 242 7.94 -6.98 -9.05
C SER A 242 7.92 -6.93 -10.57
N PHE A 243 8.36 -8.03 -11.17
CA PHE A 243 8.39 -8.22 -12.62
C PHE A 243 7.28 -9.21 -12.97
N LEU A 244 6.40 -9.50 -12.01
CA LEU A 244 5.35 -10.50 -12.24
C LEU A 244 3.92 -10.08 -11.85
N ALA A 245 3.53 -8.86 -12.17
CA ALA A 245 2.20 -8.36 -11.86
C ALA A 245 1.90 -7.04 -12.59
N ASN A 246 0.64 -6.85 -12.97
CA ASN A 246 0.17 -5.66 -13.70
C ASN A 246 0.74 -4.33 -13.22
N LEU A 247 0.92 -3.41 -14.16
CA LEU A 247 1.45 -2.09 -13.89
C LEU A 247 0.72 -1.45 -12.70
N THR A 248 1.48 -0.83 -11.81
CA THR A 248 0.91 -0.17 -10.63
C THR A 248 2.02 0.75 -10.16
N MSE A 249 1.66 1.90 -9.58
CA MSE A 249 2.66 2.85 -9.11
C MSE A 249 2.07 3.65 -7.95
O MSE A 249 0.89 4.02 -8.01
CB MSE A 249 3.05 3.82 -10.25
CG MSE A 249 3.59 3.12 -11.50
SE MSE A 249 3.80 4.32 -13.01
CE MSE A 249 5.18 3.37 -13.97
N GLU A 250 2.85 3.92 -6.91
CA GLU A 250 2.31 4.66 -5.78
C GLU A 250 3.34 5.41 -4.91
N ILE A 251 3.06 6.68 -4.63
CA ILE A 251 3.91 7.52 -3.78
C ILE A 251 3.09 7.85 -2.54
N THR A 252 1.86 7.38 -2.53
CA THR A 252 0.90 7.60 -1.45
C THR A 252 1.52 7.74 -0.04
N ALA A 253 1.48 8.95 0.50
CA ALA A 253 2.04 9.20 1.83
C ALA A 253 0.98 9.70 2.81
N ILE A 254 1.12 9.32 4.08
CA ILE A 254 0.17 9.74 5.11
C ILE A 254 0.91 10.23 6.37
N GLY A 255 0.72 11.50 6.69
CA GLY A 255 1.38 12.05 7.86
C GLY A 255 0.40 12.26 9.00
N THR A 256 0.72 13.21 9.87
CA THR A 256 -0.13 13.53 11.01
C THR A 256 -1.58 13.86 10.61
N LYS A 257 -1.76 14.89 9.79
CA LYS A 257 -3.07 15.32 9.36
C LYS A 257 -3.19 15.47 7.86
N GLY A 258 -2.35 14.75 7.12
CA GLY A 258 -2.38 14.82 5.68
C GLY A 258 -2.13 13.49 4.99
N THR A 259 -2.71 13.34 3.80
CA THR A 259 -2.57 12.13 3.00
C THR A 259 -2.40 12.54 1.54
N LEU A 260 -1.29 12.09 0.94
CA LEU A 260 -0.99 12.39 -0.46
C LEU A 260 -1.06 11.13 -1.30
N ARG A 261 -1.71 11.21 -2.46
CA ARG A 261 -1.82 10.06 -3.34
C ARG A 261 -1.44 10.31 -4.80
N VAL A 262 -0.47 9.54 -5.28
CA VAL A 262 -0.04 9.65 -6.65
C VAL A 262 0.06 8.25 -7.25
N HIS A 263 -0.67 8.02 -8.33
CA HIS A 263 -0.65 6.73 -9.00
C HIS A 263 0.02 6.90 -10.35
N ASP A 264 0.51 8.10 -10.61
CA ASP A 264 1.21 8.41 -11.85
C ASP A 264 2.72 8.25 -11.63
N PHE A 265 3.13 8.04 -10.38
CA PHE A 265 4.51 7.83 -9.94
C PHE A 265 5.55 7.94 -11.07
N ILE A 266 6.19 6.82 -11.40
CA ILE A 266 7.17 6.80 -12.48
C ILE A 266 6.34 6.92 -13.76
N ILE A 267 6.77 7.70 -14.73
CA ILE A 267 5.98 7.79 -15.96
C ILE A 267 4.51 8.19 -15.72
N PRO A 268 4.15 9.45 -16.01
CA PRO A 268 2.76 9.89 -15.81
C PRO A 268 1.89 9.39 -16.95
N TYR A 269 0.58 9.40 -16.75
CA TYR A 269 -0.35 8.95 -17.77
C TYR A 269 -0.07 9.60 -19.12
N LYS A 270 0.14 10.91 -19.12
CA LYS A 270 0.44 11.67 -20.32
C LYS A 270 1.54 12.69 -19.99
N GLU A 271 2.60 12.70 -20.80
CA GLU A 271 3.73 13.59 -20.53
C GLU A 271 3.35 15.08 -20.48
N THR A 272 2.18 15.39 -21.00
CA THR A 272 1.71 16.76 -21.03
C THR A 272 1.01 17.23 -19.76
N GLU A 273 0.74 16.30 -18.84
CA GLU A 273 0.10 16.65 -17.58
C GLU A 273 0.43 15.66 -16.46
N ALA A 274 0.34 16.12 -15.21
CA ALA A 274 0.63 15.30 -14.05
C ALA A 274 -0.38 15.57 -12.92
N SER A 275 -1.06 14.52 -12.48
CA SER A 275 -2.06 14.64 -11.43
C SER A 275 -1.69 14.01 -10.08
N PHE A 276 -2.58 14.16 -9.11
CA PHE A 276 -2.40 13.61 -7.78
C PHE A 276 -3.56 14.01 -6.86
N THR A 277 -3.74 13.26 -5.78
CA THR A 277 -4.81 13.51 -4.84
C THR A 277 -4.26 13.91 -3.47
N THR A 278 -5.01 14.73 -2.74
CA THR A 278 -4.57 15.19 -1.42
C THR A 278 -5.73 15.21 -0.43
N SER A 279 -5.41 15.09 0.86
CA SER A 279 -6.43 15.10 1.90
C SER A 279 -5.91 15.56 3.26
N THR A 280 -6.67 16.45 3.89
CA THR A 280 -6.32 16.98 5.20
C THR A 280 -7.59 17.15 6.03
N LYS A 281 -7.45 17.04 7.35
CA LYS A 281 -8.59 17.19 8.27
C LYS A 281 -9.79 16.37 7.76
N ALA A 282 -9.52 15.22 7.17
CA ALA A 282 -10.60 14.40 6.65
C ALA A 282 -11.26 13.61 7.77
N TRP A 283 -12.58 13.48 7.69
CA TRP A 283 -13.32 12.74 8.70
C TRP A 283 -14.68 12.28 8.17
N PHE A 284 -15.51 11.74 9.06
CA PHE A 284 -16.84 11.25 8.69
C PHE A 284 -17.87 12.22 9.27
N ASN A 285 -19.12 12.10 8.83
CA ASN A 285 -20.16 12.94 9.38
C ASN A 285 -20.54 12.33 10.72
N ASP A 286 -21.60 12.83 11.34
CA ASP A 286 -22.01 12.35 12.65
C ASP A 286 -22.30 10.85 12.79
N LEU A 287 -23.06 10.28 11.87
CA LEU A 287 -23.37 8.86 11.97
C LEU A 287 -22.46 7.95 11.16
N VAL A 288 -21.33 8.49 10.73
CA VAL A 288 -20.36 7.72 9.94
C VAL A 288 -21.07 7.03 8.79
N THR A 289 -21.89 7.81 8.09
CA THR A 289 -22.64 7.32 6.94
C THR A 289 -22.05 7.92 5.67
N ALA A 290 -20.98 8.69 5.82
CA ALA A 290 -20.31 9.33 4.69
C ALA A 290 -19.09 10.15 5.10
N TRP A 291 -18.28 10.52 4.12
CA TRP A 291 -17.07 11.35 4.34
C TRP A 291 -17.51 12.80 4.32
N VAL A 292 -17.04 13.60 5.28
CA VAL A 292 -17.42 15.00 5.34
C VAL A 292 -16.72 15.83 4.26
N SER A 293 -15.41 15.61 4.08
CA SER A 293 -14.66 16.30 3.04
C SER A 293 -13.60 15.35 2.48
N PRO A 294 -13.95 14.63 1.41
CA PRO A 294 -13.05 13.65 0.76
C PRO A 294 -11.86 14.31 0.07
N PRO A 295 -10.83 13.51 -0.26
CA PRO A 295 -9.63 14.00 -0.93
C PRO A 295 -9.89 14.64 -2.29
N SER A 296 -9.05 15.62 -2.63
CA SER A 296 -9.18 16.35 -3.89
C SER A 296 -8.11 15.99 -4.91
N GLU A 297 -8.42 16.24 -6.18
CA GLU A 297 -7.51 15.96 -7.29
C GLU A 297 -6.87 17.22 -7.87
N HIS A 298 -5.56 17.16 -8.09
CA HIS A 298 -4.81 18.29 -8.65
C HIS A 298 -4.04 17.85 -9.90
N THR A 299 -4.21 18.59 -10.99
CA THR A 299 -3.52 18.29 -12.24
C THR A 299 -2.63 19.45 -12.63
N VAL A 300 -1.38 19.15 -12.98
CA VAL A 300 -0.45 20.19 -13.39
C VAL A 300 0.10 19.94 -14.79
N LYS A 301 0.07 20.96 -15.62
CA LYS A 301 0.58 20.86 -16.98
C LYS A 301 2.09 20.96 -16.99
N THR A 302 2.72 20.10 -17.79
CA THR A 302 4.16 20.08 -17.92
C THR A 302 4.47 20.24 -19.40
N GLU A 303 4.73 21.48 -19.82
CA GLU A 303 4.99 21.76 -21.23
C GLU A 303 6.22 21.03 -21.76
N LEU A 304 7.16 20.72 -20.85
CA LEU A 304 8.39 20.02 -21.21
C LEU A 304 8.47 18.70 -20.44
N PRO A 305 8.59 17.56 -21.17
CA PRO A 305 8.67 16.24 -20.53
C PRO A 305 9.69 16.20 -19.39
N GLN A 306 9.37 15.46 -18.33
CA GLN A 306 10.23 15.35 -17.17
C GLN A 306 11.66 14.87 -17.45
N GLU A 307 11.81 13.89 -18.35
CA GLU A 307 13.13 13.39 -18.70
C GLU A 307 14.01 14.53 -19.19
N ALA A 308 13.48 15.31 -20.11
CA ALA A 308 14.20 16.45 -20.67
C ALA A 308 14.57 17.45 -19.57
N CYS A 309 13.75 17.51 -18.52
CA CYS A 309 14.00 18.41 -17.40
C CYS A 309 15.22 17.93 -16.63
N MSE A 310 15.44 16.62 -16.67
CA MSE A 310 16.55 16.00 -15.98
C MSE A 310 17.85 16.34 -16.69
O MSE A 310 18.83 16.77 -16.04
CB MSE A 310 16.35 14.49 -15.94
CG MSE A 310 17.56 13.68 -15.53
SE MSE A 310 17.15 11.78 -15.57
CE MSE A 310 17.42 11.44 -17.45
N VAL A 311 17.87 16.16 -18.00
CA VAL A 311 19.04 16.47 -18.81
C VAL A 311 19.31 17.96 -18.64
N ARG A 312 18.27 18.76 -18.82
CA ARG A 312 18.38 20.21 -18.67
C ARG A 312 19.11 20.52 -17.37
N GLU A 313 18.61 20.02 -16.26
CA GLU A 313 19.23 20.26 -14.97
C GLU A 313 20.70 19.84 -14.96
N PHE A 314 20.95 18.55 -15.15
CA PHE A 314 22.32 18.04 -15.18
C PHE A 314 23.17 18.90 -16.10
N ALA A 315 22.56 19.42 -17.17
CA ALA A 315 23.25 20.28 -18.12
C ALA A 315 23.59 21.62 -17.47
N ARG A 316 23.80 21.60 -16.15
CA ARG A 316 24.15 22.79 -15.37
C ARG A 316 25.19 23.63 -16.09
N LEU A 317 25.97 22.98 -16.98
CA LEU A 317 27.03 23.63 -17.76
C LEU A 317 28.35 23.73 -17.00
N VAL A 318 28.81 24.96 -16.78
CA VAL A 318 30.07 25.25 -16.10
C VAL A 318 31.20 24.30 -16.54
N TYR A 331 26.57 16.01 -4.13
CA TYR A 331 25.18 16.06 -3.67
C TYR A 331 24.35 14.91 -4.23
N TRP A 332 24.17 14.87 -5.55
CA TRP A 332 23.38 13.81 -6.17
C TRP A 332 23.97 12.42 -6.01
N PRO A 333 25.30 12.30 -5.92
CA PRO A 333 25.80 10.93 -5.77
C PRO A 333 25.44 10.35 -4.41
N SER A 334 25.09 11.24 -3.48
CA SER A 334 24.74 10.83 -2.13
C SER A 334 23.33 10.26 -2.07
N ILE A 335 22.37 11.01 -2.63
CA ILE A 335 20.99 10.54 -2.66
C ILE A 335 21.00 9.18 -3.39
N SER A 336 21.78 9.11 -4.47
CA SER A 336 21.90 7.90 -5.26
C SER A 336 22.41 6.73 -4.41
N ARG A 337 23.54 6.95 -3.74
CA ARG A 337 24.16 5.94 -2.90
C ARG A 337 23.23 5.46 -1.79
N LYS A 338 22.54 6.39 -1.13
CA LYS A 338 21.62 6.01 -0.05
C LYS A 338 20.64 4.94 -0.56
N THR A 339 19.93 5.23 -1.64
CA THR A 339 18.98 4.26 -2.16
C THR A 339 19.69 2.98 -2.61
N GLN A 340 20.87 3.13 -3.20
CA GLN A 340 21.63 1.96 -3.62
C GLN A 340 21.87 1.12 -2.37
N LEU A 341 22.34 1.78 -1.32
CA LEU A 341 22.59 1.15 -0.03
C LEU A 341 21.39 0.30 0.35
N VAL A 342 20.31 0.96 0.73
CA VAL A 342 19.06 0.32 1.12
C VAL A 342 18.73 -0.92 0.27
N VAL A 343 18.94 -0.81 -1.05
CA VAL A 343 18.69 -1.93 -1.97
C VAL A 343 19.51 -3.15 -1.57
N ASP A 344 20.82 -3.04 -1.70
CA ASP A 344 21.71 -4.14 -1.38
C ASP A 344 21.58 -4.52 0.10
N ALA A 345 20.89 -3.67 0.87
CA ALA A 345 20.66 -3.96 2.27
C ALA A 345 19.45 -4.88 2.28
N VAL A 346 18.53 -4.64 1.35
CA VAL A 346 17.33 -5.45 1.21
C VAL A 346 17.73 -6.87 0.80
N LYS A 347 18.55 -6.96 -0.25
CA LYS A 347 19.00 -8.25 -0.75
C LYS A 347 19.74 -9.00 0.36
N GLU A 348 20.63 -8.29 1.05
CA GLU A 348 21.38 -8.88 2.14
C GLU A 348 20.42 -9.59 3.10
N SER A 349 19.35 -8.88 3.46
CA SER A 349 18.32 -9.41 4.33
C SER A 349 17.65 -10.58 3.62
N VAL A 350 17.40 -10.41 2.33
CA VAL A 350 16.78 -11.48 1.54
C VAL A 350 17.66 -12.72 1.56
N ASP A 351 18.79 -12.66 0.85
CA ASP A 351 19.71 -13.78 0.76
C ASP A 351 20.11 -14.32 2.14
N LYS A 352 19.83 -13.55 3.19
CA LYS A 352 20.16 -13.98 4.55
C LYS A 352 18.94 -14.19 5.46
N ASN A 353 18.15 -15.21 5.13
CA ASN A 353 16.96 -15.59 5.91
C ASN A 353 16.08 -14.42 6.37
N TYR A 354 16.04 -13.35 5.57
CA TYR A 354 15.22 -12.20 5.90
C TYR A 354 15.49 -11.65 7.28
N GLN A 355 16.73 -11.81 7.74
CA GLN A 355 17.11 -11.30 9.06
C GLN A 355 17.07 -9.79 8.97
N GLN A 356 16.99 -9.11 10.10
CA GLN A 356 16.99 -7.66 10.05
C GLN A 356 18.42 -7.24 9.70
N ILE A 357 18.56 -6.08 9.07
CA ILE A 357 19.86 -5.57 8.67
C ILE A 357 20.03 -4.16 9.18
N SER A 358 21.20 -3.87 9.74
CA SER A 358 21.49 -2.55 10.29
C SER A 358 22.05 -1.62 9.21
N LEU A 359 21.55 -0.38 9.18
CA LEU A 359 22.03 0.60 8.21
C LEU A 359 22.85 1.71 8.86
N SER A 360 22.93 1.68 10.19
CA SER A 360 23.68 2.67 10.95
C SER A 360 23.49 4.08 10.37
N GLN B 6 -39.98 -8.78 11.04
CA GLN B 6 -40.38 -10.03 11.76
C GLN B 6 -39.31 -10.51 12.74
N ILE B 7 -38.03 -10.32 12.39
CA ILE B 7 -36.93 -10.73 13.27
C ILE B 7 -36.70 -9.70 14.37
N ARG B 8 -37.11 -10.04 15.59
CA ARG B 8 -36.97 -9.14 16.73
C ARG B 8 -35.53 -9.10 17.22
N ILE B 9 -34.92 -7.92 17.18
CA ILE B 9 -33.53 -7.76 17.61
C ILE B 9 -33.40 -6.93 18.88
N GLY B 10 -32.42 -7.29 19.70
CA GLY B 10 -32.18 -6.57 20.93
C GLY B 10 -30.77 -6.01 20.87
N VAL B 11 -30.55 -4.86 21.50
CA VAL B 11 -29.23 -4.24 21.51
C VAL B 11 -28.74 -4.16 22.94
N MSE B 12 -27.66 -4.89 23.24
CA MSE B 12 -27.10 -4.89 24.59
C MSE B 12 -25.89 -3.96 24.68
O MSE B 12 -24.85 -4.21 24.08
CB MSE B 12 -26.65 -6.30 25.00
CG MSE B 12 -26.25 -6.39 26.46
SE MSE B 12 -25.21 -7.95 26.90
CE MSE B 12 -26.56 -9.28 26.60
N GLY B 13 -26.03 -2.90 25.48
CA GLY B 13 -24.95 -1.94 25.63
C GLY B 13 -25.21 -0.76 24.71
N CYS B 14 -25.60 0.37 25.28
CA CYS B 14 -25.89 1.57 24.50
C CYS B 14 -24.63 2.29 24.01
N ALA B 15 -23.88 1.61 23.15
CA ALA B 15 -22.64 2.15 22.58
C ALA B 15 -22.96 3.14 21.49
N ASP B 16 -22.03 4.07 21.25
CA ASP B 16 -22.22 5.09 20.22
C ASP B 16 -22.42 4.48 18.83
N ILE B 17 -21.74 3.37 18.55
CA ILE B 17 -21.88 2.73 17.24
C ILE B 17 -23.25 2.07 17.09
N ALA B 18 -23.98 1.97 18.19
CA ALA B 18 -25.31 1.36 18.15
C ALA B 18 -26.28 2.27 17.40
N ARG B 19 -25.97 3.56 17.34
CA ARG B 19 -26.83 4.52 16.65
C ARG B 19 -26.89 4.25 15.15
N LYS B 20 -25.73 4.00 14.53
CA LYS B 20 -25.67 3.72 13.11
C LYS B 20 -26.36 2.40 12.79
N VAL B 21 -26.03 1.35 13.56
CA VAL B 21 -26.63 0.04 13.32
C VAL B 21 -28.13 0.07 13.60
N SER B 22 -28.56 1.05 14.39
CA SER B 22 -29.98 1.19 14.69
C SER B 22 -30.74 1.61 13.44
N ARG B 23 -30.12 2.45 12.60
CA ARG B 23 -30.79 2.88 11.37
C ARG B 23 -30.83 1.71 10.38
N ALA B 24 -29.86 0.83 10.51
CA ALA B 24 -29.76 -0.33 9.64
C ALA B 24 -30.89 -1.26 10.05
N ILE B 25 -31.55 -0.93 11.17
CA ILE B 25 -32.64 -1.75 11.65
C ILE B 25 -33.86 -1.79 10.74
N HIS B 26 -34.52 -0.67 10.49
CA HIS B 26 -35.70 -0.79 9.64
C HIS B 26 -35.57 -0.48 8.16
N LEU B 27 -34.35 -0.43 7.65
CA LEU B 27 -34.15 -0.25 6.23
C LEU B 27 -34.03 -1.73 5.86
N ALA B 28 -34.65 -2.56 6.70
CA ALA B 28 -34.66 -4.01 6.60
C ALA B 28 -35.11 -4.64 5.27
N PRO B 29 -36.39 -5.04 5.12
CA PRO B 29 -37.60 -5.06 5.96
C PRO B 29 -37.82 -6.35 6.75
N ASN B 30 -36.74 -7.07 7.06
CA ASN B 30 -36.85 -8.31 7.83
C ASN B 30 -36.32 -8.18 9.26
N ALA B 31 -36.05 -6.96 9.69
CA ALA B 31 -35.54 -6.74 11.04
C ALA B 31 -36.22 -5.51 11.65
N THR B 32 -36.23 -5.44 12.97
CA THR B 32 -36.86 -4.32 13.67
C THR B 32 -36.29 -4.21 15.08
N ILE B 33 -36.56 -3.09 15.76
CA ILE B 33 -36.08 -2.89 17.12
C ILE B 33 -37.07 -3.49 18.12
N SER B 34 -36.59 -4.48 18.87
CA SER B 34 -37.44 -5.16 19.85
C SER B 34 -37.07 -4.76 21.27
N GLY B 35 -35.77 -4.66 21.54
CA GLY B 35 -35.33 -4.31 22.87
C GLY B 35 -33.94 -3.69 22.90
N VAL B 36 -33.65 -3.05 24.02
CA VAL B 36 -32.38 -2.39 24.25
C VAL B 36 -32.04 -2.55 25.72
N ALA B 37 -30.76 -2.60 26.04
CA ALA B 37 -30.34 -2.77 27.42
C ALA B 37 -29.13 -1.91 27.76
N SER B 38 -28.78 -1.88 29.04
CA SER B 38 -27.63 -1.12 29.52
C SER B 38 -27.41 -1.53 30.96
N ARG B 39 -26.25 -1.23 31.52
CA ARG B 39 -25.97 -1.58 32.91
C ARG B 39 -26.65 -0.53 33.79
N SER B 40 -27.32 0.42 33.14
CA SER B 40 -28.02 1.49 33.82
C SER B 40 -29.35 1.80 33.17
N LEU B 41 -30.41 1.83 33.98
CA LEU B 41 -31.73 2.13 33.45
C LEU B 41 -31.72 3.59 33.00
N GLU B 42 -31.15 4.46 33.82
CA GLU B 42 -31.08 5.88 33.48
C GLU B 42 -30.39 6.07 32.14
N LYS B 43 -29.35 5.30 31.89
CA LYS B 43 -28.62 5.41 30.63
C LYS B 43 -29.37 4.74 29.49
N ALA B 44 -29.99 3.60 29.77
CA ALA B 44 -30.77 2.92 28.74
C ALA B 44 -32.04 3.74 28.52
N LYS B 45 -32.30 4.61 29.49
CA LYS B 45 -33.46 5.50 29.44
C LYS B 45 -33.20 6.50 28.33
N ALA B 46 -32.11 7.24 28.47
CA ALA B 46 -31.70 8.26 27.50
C ALA B 46 -31.53 7.73 26.08
N PHE B 47 -30.81 6.62 25.93
CA PHE B 47 -30.54 6.06 24.62
C PHE B 47 -31.77 5.84 23.76
N ALA B 48 -32.73 5.06 24.26
CA ALA B 48 -33.95 4.78 23.50
C ALA B 48 -34.61 6.08 23.03
N THR B 49 -34.50 7.13 23.85
CA THR B 49 -35.09 8.43 23.53
C THR B 49 -34.30 9.14 22.45
N ALA B 50 -32.98 8.97 22.49
CA ALA B 50 -32.11 9.63 21.53
C ALA B 50 -32.23 9.02 20.13
N ASN B 51 -32.21 7.69 20.04
CA ASN B 51 -32.30 7.05 18.75
C ASN B 51 -33.75 6.74 18.39
N ASN B 52 -34.66 7.30 19.19
CA ASN B 52 -36.09 7.13 18.97
C ASN B 52 -36.55 5.70 18.63
N TYR B 53 -36.19 4.74 19.48
CA TYR B 53 -36.59 3.36 19.24
C TYR B 53 -38.11 3.35 19.26
N PRO B 54 -38.73 2.40 18.55
CA PRO B 54 -40.20 2.36 18.54
C PRO B 54 -40.85 2.28 19.92
N GLU B 55 -42.09 2.73 20.01
CA GLU B 55 -42.83 2.73 21.28
C GLU B 55 -42.90 1.33 21.89
N SER B 56 -42.67 0.32 21.06
CA SER B 56 -42.70 -1.07 21.52
C SER B 56 -41.40 -1.55 22.15
N THR B 57 -40.34 -0.77 22.04
CA THR B 57 -39.04 -1.16 22.61
C THR B 57 -38.83 -0.68 24.05
N LYS B 58 -38.78 -1.63 24.97
CA LYS B 58 -38.58 -1.32 26.39
C LYS B 58 -37.19 -0.79 26.68
N ILE B 59 -36.81 -0.83 27.95
CA ILE B 59 -35.50 -0.36 28.42
C ILE B 59 -35.01 -1.21 29.58
N HIS B 60 -33.92 -1.95 29.34
CA HIS B 60 -33.33 -2.83 30.35
C HIS B 60 -32.18 -2.21 31.15
N GLY B 61 -32.32 -2.28 32.47
CA GLY B 61 -31.32 -1.72 33.36
C GLY B 61 -30.12 -2.62 33.55
N SER B 62 -30.01 -3.66 32.72
CA SER B 62 -28.89 -4.59 32.77
C SER B 62 -28.99 -5.70 31.73
N TYR B 63 -27.85 -6.22 31.33
CA TYR B 63 -27.76 -7.26 30.32
C TYR B 63 -28.67 -8.45 30.59
N GLU B 64 -28.57 -9.01 31.80
CA GLU B 64 -29.37 -10.15 32.20
C GLU B 64 -30.83 -9.96 31.85
N SER B 65 -31.37 -8.80 32.20
CA SER B 65 -32.76 -8.49 31.92
C SER B 65 -33.13 -8.64 30.44
N LEU B 66 -32.24 -8.22 29.54
CA LEU B 66 -32.50 -8.34 28.11
C LEU B 66 -32.37 -9.79 27.62
N LEU B 67 -31.29 -10.46 28.03
CA LEU B 67 -31.07 -11.84 27.63
C LEU B 67 -32.23 -12.74 28.04
N GLU B 68 -32.77 -12.47 29.22
CA GLU B 68 -33.88 -13.26 29.76
C GLU B 68 -35.20 -12.99 29.04
N ASP B 69 -35.26 -11.89 28.29
CA ASP B 69 -36.47 -11.53 27.55
C ASP B 69 -36.75 -12.57 26.48
N PRO B 70 -37.75 -13.43 26.71
CA PRO B 70 -38.09 -14.48 25.74
C PRO B 70 -38.66 -14.01 24.39
N GLU B 71 -39.05 -12.75 24.29
CA GLU B 71 -39.61 -12.24 23.03
C GLU B 71 -38.56 -11.52 22.15
N ILE B 72 -37.29 -11.81 22.42
CA ILE B 72 -36.16 -11.23 21.69
C ILE B 72 -35.45 -12.30 20.86
N ASP B 73 -35.66 -12.29 19.55
CA ASP B 73 -35.02 -13.27 18.67
C ASP B 73 -33.49 -13.22 18.65
N ALA B 74 -32.91 -12.07 18.31
CA ALA B 74 -31.47 -11.96 18.23
C ALA B 74 -30.90 -10.68 18.86
N LEU B 75 -29.58 -10.66 19.02
CA LEU B 75 -28.90 -9.53 19.62
C LEU B 75 -27.74 -8.96 18.80
N TYR B 76 -27.53 -7.66 18.98
CA TYR B 76 -26.43 -6.92 18.35
C TYR B 76 -25.61 -6.51 19.56
N VAL B 77 -24.36 -6.96 19.62
CA VAL B 77 -23.52 -6.68 20.77
C VAL B 77 -22.32 -5.78 20.52
N PRO B 78 -22.48 -4.47 20.73
CA PRO B 78 -21.39 -3.51 20.53
C PRO B 78 -20.56 -3.35 21.80
N LEU B 79 -20.51 -4.41 22.61
CA LEU B 79 -19.77 -4.38 23.86
C LEU B 79 -18.25 -4.37 23.66
N PRO B 80 -17.51 -3.86 24.65
CA PRO B 80 -16.04 -3.82 24.56
C PRO B 80 -15.56 -5.24 24.30
N THR B 81 -14.45 -5.36 23.57
CA THR B 81 -13.87 -6.66 23.23
C THR B 81 -13.88 -7.65 24.39
N SER B 82 -13.21 -7.29 25.48
CA SER B 82 -13.11 -8.15 26.67
C SER B 82 -14.42 -8.74 27.21
N LEU B 83 -15.53 -8.04 27.01
CA LEU B 83 -16.82 -8.53 27.50
C LEU B 83 -17.47 -9.53 26.55
N HIS B 84 -16.82 -9.79 25.42
CA HIS B 84 -17.41 -10.71 24.43
C HIS B 84 -17.52 -12.18 24.84
N VAL B 85 -16.37 -12.82 25.03
CA VAL B 85 -16.33 -14.23 25.37
C VAL B 85 -17.29 -14.61 26.50
N GLU B 86 -17.60 -13.66 27.38
CA GLU B 86 -18.50 -13.96 28.48
C GLU B 86 -19.96 -13.73 28.13
N TRP B 87 -20.28 -12.58 27.53
CA TRP B 87 -21.67 -12.27 27.18
C TRP B 87 -22.16 -12.87 25.87
N ALA B 88 -21.24 -13.36 25.05
CA ALA B 88 -21.63 -14.00 23.80
C ALA B 88 -21.92 -15.46 24.14
N ILE B 89 -21.44 -15.88 25.32
CA ILE B 89 -21.64 -17.24 25.77
C ILE B 89 -22.92 -17.36 26.61
N LYS B 90 -23.20 -16.36 27.43
CA LYS B 90 -24.40 -16.38 28.25
C LYS B 90 -25.62 -16.15 27.36
N ALA B 91 -25.46 -15.30 26.34
CA ALA B 91 -26.54 -14.98 25.41
C ALA B 91 -26.86 -16.15 24.48
N ALA B 92 -25.82 -16.80 23.96
CA ALA B 92 -26.02 -17.93 23.07
C ALA B 92 -26.83 -19.01 23.80
N GLU B 93 -26.50 -19.22 25.07
CA GLU B 93 -27.16 -20.23 25.89
C GLU B 93 -28.59 -19.82 26.31
N LYS B 94 -29.26 -19.01 25.48
CA LYS B 94 -30.61 -18.56 25.78
C LYS B 94 -31.48 -18.49 24.52
N GLY B 95 -30.91 -18.86 23.38
CA GLY B 95 -31.67 -18.80 22.14
C GLY B 95 -31.55 -17.45 21.46
N LYS B 96 -30.46 -16.75 21.73
CA LYS B 96 -30.23 -15.44 21.13
C LYS B 96 -29.14 -15.54 20.08
N HIS B 97 -29.51 -15.33 18.82
CA HIS B 97 -28.53 -15.37 17.74
C HIS B 97 -27.64 -14.17 18.00
N ILE B 98 -26.40 -14.21 17.53
CA ILE B 98 -25.50 -13.10 17.80
C ILE B 98 -24.87 -12.34 16.65
N LEU B 99 -24.94 -11.02 16.75
CA LEU B 99 -24.33 -10.12 15.78
C LEU B 99 -23.31 -9.39 16.64
N LEU B 100 -22.12 -9.99 16.74
CA LEU B 100 -21.02 -9.48 17.55
C LEU B 100 -20.16 -8.48 16.78
N GLU B 101 -19.94 -7.30 17.37
CA GLU B 101 -19.13 -6.29 16.72
C GLU B 101 -17.70 -6.79 16.63
N LYS B 102 -16.90 -6.12 15.82
CA LYS B 102 -15.50 -6.51 15.67
C LYS B 102 -14.64 -5.63 16.59
N PRO B 103 -13.52 -6.17 17.10
CA PRO B 103 -13.09 -7.55 16.83
C PRO B 103 -14.02 -8.48 17.62
N VAL B 104 -14.05 -9.76 17.27
CA VAL B 104 -14.93 -10.68 17.97
C VAL B 104 -14.44 -11.13 19.35
N ALA B 105 -13.13 -11.07 19.59
CA ALA B 105 -12.58 -11.48 20.88
C ALA B 105 -11.13 -11.05 21.09
N MSE B 106 -10.67 -11.12 22.33
CA MSE B 106 -9.29 -10.74 22.66
C MSE B 106 -8.26 -11.71 22.06
O MSE B 106 -7.07 -11.41 22.07
CB MSE B 106 -9.12 -10.69 24.19
CG MSE B 106 -10.01 -9.67 24.91
SE MSE B 106 -9.61 -7.83 24.46
CE MSE B 106 -8.03 -7.58 25.54
N ASN B 107 -8.73 -12.85 21.57
CA ASN B 107 -7.85 -13.85 20.94
C ASN B 107 -8.69 -14.87 20.19
N VAL B 108 -8.06 -15.93 19.71
CA VAL B 108 -8.78 -16.96 18.97
C VAL B 108 -9.31 -18.06 19.90
N THR B 109 -8.76 -18.14 21.11
CA THR B 109 -9.19 -19.14 22.09
C THR B 109 -10.54 -18.74 22.70
N GLU B 110 -10.68 -17.44 22.99
CA GLU B 110 -11.93 -16.95 23.55
C GLU B 110 -12.99 -17.06 22.48
N PHE B 111 -12.66 -16.65 21.27
CA PHE B 111 -13.62 -16.71 20.17
C PHE B 111 -13.95 -18.15 19.79
N ASP B 112 -12.92 -18.97 19.67
CA ASP B 112 -13.12 -20.38 19.31
C ASP B 112 -14.02 -20.99 20.35
N LYS B 113 -13.99 -20.42 21.55
CA LYS B 113 -14.82 -20.91 22.65
C LYS B 113 -16.26 -20.45 22.48
N ILE B 114 -16.44 -19.17 22.15
CA ILE B 114 -17.77 -18.63 21.95
C ILE B 114 -18.48 -19.37 20.82
N VAL B 115 -17.74 -19.58 19.72
CA VAL B 115 -18.27 -20.27 18.55
C VAL B 115 -18.88 -21.62 18.90
N ASP B 116 -18.20 -22.41 19.71
CA ASP B 116 -18.70 -23.72 20.11
C ASP B 116 -19.94 -23.55 20.97
N ALA B 117 -20.02 -22.45 21.72
CA ALA B 117 -21.19 -22.18 22.54
C ALA B 117 -22.35 -21.95 21.59
N CYS B 118 -22.10 -21.15 20.55
CA CYS B 118 -23.13 -20.85 19.55
C CYS B 118 -23.62 -22.12 18.83
N GLU B 119 -22.68 -22.99 18.47
CA GLU B 119 -23.04 -24.24 17.78
C GLU B 119 -23.98 -25.02 18.69
N ALA B 120 -23.53 -25.22 19.93
CA ALA B 120 -24.29 -25.95 20.92
C ALA B 120 -25.76 -25.53 21.03
N ASN B 121 -26.04 -24.26 20.85
CA ASN B 121 -27.41 -23.77 20.95
C ASN B 121 -28.12 -23.60 19.61
N GLY B 122 -27.38 -23.83 18.52
CA GLY B 122 -27.97 -23.70 17.20
C GLY B 122 -28.30 -22.28 16.79
N VAL B 123 -27.51 -21.31 17.24
CA VAL B 123 -27.76 -19.92 16.84
C VAL B 123 -26.69 -19.41 15.90
N GLN B 124 -27.09 -18.52 15.02
CA GLN B 124 -26.19 -17.92 14.04
C GLN B 124 -25.28 -16.91 14.73
N ILE B 125 -24.00 -16.93 14.37
CA ILE B 125 -23.03 -15.99 14.93
C ILE B 125 -22.36 -15.28 13.75
N MSE B 126 -22.32 -13.94 13.81
CA MSE B 126 -21.72 -13.12 12.76
C MSE B 126 -21.08 -11.88 13.41
O MSE B 126 -21.58 -11.38 14.41
CB MSE B 126 -22.80 -12.68 11.77
CG MSE B 126 -22.27 -11.79 10.64
SE MSE B 126 -23.60 -10.65 9.80
CE MSE B 126 -24.44 -11.95 8.62
N ASP B 127 -19.98 -11.39 12.84
CA ASP B 127 -19.33 -10.20 13.39
C ASP B 127 -19.85 -8.96 12.69
N GLY B 128 -19.52 -7.79 13.22
CA GLY B 128 -19.99 -6.55 12.64
C GLY B 128 -19.27 -5.89 11.48
N THR B 129 -18.47 -6.65 10.73
CA THR B 129 -17.74 -6.09 9.58
C THR B 129 -18.75 -5.76 8.48
N MSE B 130 -18.99 -4.46 8.28
CA MSE B 130 -19.96 -3.97 7.30
C MSE B 130 -19.58 -4.08 5.81
O MSE B 130 -20.26 -4.77 5.04
CB MSE B 130 -20.29 -2.52 7.61
CG MSE B 130 -20.30 -2.17 9.10
SE MSE B 130 -20.91 -0.35 9.38
CE MSE B 130 -21.26 -0.40 11.29
N TRP B 131 -18.51 -3.39 5.42
CA TRP B 131 -18.09 -3.36 4.03
C TRP B 131 -18.13 -4.68 3.24
N VAL B 132 -18.09 -5.81 3.95
CA VAL B 132 -18.12 -7.10 3.27
C VAL B 132 -19.51 -7.44 2.80
N HIS B 133 -20.45 -6.51 3.03
CA HIS B 133 -21.84 -6.71 2.62
C HIS B 133 -22.25 -5.74 1.50
N ASN B 134 -21.40 -4.75 1.24
CA ASN B 134 -21.68 -3.75 0.20
C ASN B 134 -21.67 -4.41 -1.19
N PRO B 135 -22.78 -4.33 -1.92
CA PRO B 135 -22.86 -4.93 -3.26
C PRO B 135 -21.55 -4.87 -4.03
N ARG B 136 -20.98 -3.68 -4.12
CA ARG B 136 -19.72 -3.46 -4.83
C ARG B 136 -18.77 -4.64 -4.60
N THR B 137 -18.65 -5.05 -3.34
CA THR B 137 -17.77 -6.14 -2.95
C THR B 137 -17.99 -7.42 -3.76
N ALA B 138 -19.22 -7.67 -4.18
CA ALA B 138 -19.51 -8.86 -4.98
C ALA B 138 -18.70 -8.79 -6.27
N LEU B 139 -18.58 -7.58 -6.82
CA LEU B 139 -17.82 -7.36 -8.06
C LEU B 139 -16.31 -7.45 -7.83
N LEU B 140 -15.85 -7.13 -6.63
CA LEU B 140 -14.42 -7.20 -6.30
C LEU B 140 -13.99 -8.66 -6.42
N LYS B 141 -14.80 -9.57 -5.87
CA LYS B 141 -14.51 -10.99 -5.94
C LYS B 141 -14.50 -11.38 -7.42
N GLU B 142 -15.60 -11.06 -8.08
CA GLU B 142 -15.77 -11.31 -9.50
C GLU B 142 -14.48 -10.96 -10.26
N PHE B 143 -13.82 -9.91 -9.79
CA PHE B 143 -12.57 -9.44 -10.37
C PHE B 143 -11.41 -10.33 -9.90
N LEU B 144 -11.08 -10.24 -8.62
CA LEU B 144 -9.99 -11.04 -8.06
C LEU B 144 -10.08 -12.54 -8.36
N SER B 145 -11.25 -13.02 -8.80
CA SER B 145 -11.44 -14.44 -9.11
C SER B 145 -11.42 -14.74 -10.62
N ASP B 146 -11.13 -13.72 -11.43
CA ASP B 146 -11.07 -13.88 -12.88
C ASP B 146 -9.68 -14.33 -13.34
N SER B 147 -9.48 -14.40 -14.66
CA SER B 147 -8.20 -14.82 -15.22
C SER B 147 -7.73 -13.88 -16.33
N GLU B 148 -8.56 -12.90 -16.65
CA GLU B 148 -8.24 -11.92 -17.68
C GLU B 148 -8.65 -10.53 -17.20
N ARG B 149 -9.51 -10.49 -16.19
CA ARG B 149 -9.95 -9.22 -15.62
C ARG B 149 -8.96 -8.78 -14.55
N PHE B 150 -8.42 -9.76 -13.82
CA PHE B 150 -7.44 -9.48 -12.78
C PHE B 150 -6.27 -10.48 -12.85
N GLY B 151 -6.58 -11.73 -13.21
CA GLY B 151 -5.57 -12.76 -13.34
C GLY B 151 -5.26 -13.51 -12.05
N GLN B 152 -3.98 -13.77 -11.81
CA GLN B 152 -3.56 -14.46 -10.61
C GLN B 152 -2.99 -13.44 -9.61
N LEU B 153 -3.55 -13.43 -8.40
CA LEU B 153 -3.14 -12.51 -7.34
C LEU B 153 -1.66 -12.68 -6.97
N LYS B 154 -1.04 -11.59 -6.50
CA LYS B 154 0.37 -11.61 -6.11
C LYS B 154 0.58 -10.83 -4.82
N THR B 155 0.06 -9.62 -4.77
CA THR B 155 0.20 -8.80 -3.60
C THR B 155 -1.11 -8.08 -3.26
N VAL B 156 -1.32 -7.84 -1.98
CA VAL B 156 -2.50 -7.14 -1.51
C VAL B 156 -2.02 -6.15 -0.48
N GLN B 157 -2.28 -4.86 -0.72
CA GLN B 157 -1.89 -3.79 0.17
C GLN B 157 -3.16 -3.22 0.79
N SER B 158 -3.29 -3.33 2.10
CA SER B 158 -4.47 -2.82 2.79
C SER B 158 -4.06 -1.97 3.98
N CYS B 159 -4.69 -0.82 4.13
CA CYS B 159 -4.37 0.06 5.23
C CYS B 159 -5.58 0.84 5.70
N PHE B 160 -5.56 1.22 6.97
CA PHE B 160 -6.63 2.01 7.57
C PHE B 160 -6.05 2.88 8.68
N SER B 161 -6.35 4.17 8.61
CA SER B 161 -5.87 5.11 9.60
C SER B 161 -6.84 6.28 9.76
N PHE B 162 -6.65 7.02 10.85
CA PHE B 162 -7.47 8.21 11.13
C PHE B 162 -6.80 8.97 12.28
N ALA B 163 -7.06 10.28 12.35
CA ALA B 163 -6.44 11.12 13.38
C ALA B 163 -7.07 10.94 14.76
N GLY B 164 -6.24 10.52 15.72
CA GLY B 164 -6.71 10.33 17.07
C GLY B 164 -6.15 11.38 18.02
N ASP B 165 -7.00 12.33 18.46
CA ASP B 165 -6.56 13.37 19.37
C ASP B 165 -6.22 12.82 20.75
N GLU B 166 -5.32 13.50 21.45
CA GLU B 166 -4.87 13.11 22.78
C GLU B 166 -6.03 12.79 23.69
N ASP B 167 -7.15 13.46 23.48
CA ASP B 167 -8.33 13.20 24.27
C ASP B 167 -8.74 11.74 23.99
N PHE B 168 -8.69 11.37 22.71
CA PHE B 168 -9.04 10.04 22.27
C PHE B 168 -8.07 9.00 22.80
N LEU B 169 -6.78 9.23 22.59
CA LEU B 169 -5.76 8.28 23.04
C LEU B 169 -5.47 8.31 24.52
N LYS B 170 -6.29 9.02 25.29
CA LYS B 170 -6.10 9.08 26.73
C LYS B 170 -7.22 8.35 27.45
N ASN B 171 -8.43 8.42 26.90
CA ASN B 171 -9.57 7.81 27.56
C ASN B 171 -10.46 6.84 26.77
N ASP B 172 -10.26 6.75 25.46
CA ASP B 172 -11.11 5.86 24.64
C ASP B 172 -11.00 4.39 25.03
N ILE B 173 -12.05 3.62 24.75
CA ILE B 173 -12.05 2.20 25.08
C ILE B 173 -11.01 1.45 24.25
N ARG B 174 -10.63 2.02 23.10
CA ARG B 174 -9.66 1.38 22.22
C ARG B 174 -8.21 1.60 22.62
N VAL B 175 -7.97 2.47 23.60
CA VAL B 175 -6.59 2.70 24.02
C VAL B 175 -6.35 2.01 25.35
N LYS B 176 -7.44 1.53 25.95
CA LYS B 176 -7.40 0.83 27.24
C LYS B 176 -7.17 -0.66 27.02
N PRO B 177 -6.42 -1.32 27.93
CA PRO B 177 -6.14 -2.75 27.80
C PRO B 177 -7.29 -3.64 28.26
N GLY B 178 -8.20 -3.08 29.06
CA GLY B 178 -9.33 -3.84 29.57
C GLY B 178 -10.52 -3.88 28.61
N LEU B 179 -10.96 -2.71 28.16
CA LEU B 179 -12.08 -2.61 27.23
C LEU B 179 -11.68 -3.18 25.87
N ASP B 180 -11.73 -2.36 24.83
CA ASP B 180 -11.32 -2.82 23.51
C ASP B 180 -9.79 -2.83 23.50
N GLY B 181 -9.21 -3.81 24.20
CA GLY B 181 -7.77 -3.92 24.34
C GLY B 181 -6.92 -4.42 23.18
N LEU B 182 -6.99 -3.74 22.03
CA LEU B 182 -6.20 -4.15 20.88
C LEU B 182 -5.81 -2.93 20.06
N GLY B 183 -6.31 -1.77 20.46
CA GLY B 183 -5.98 -0.54 19.77
C GLY B 183 -6.23 -0.53 18.27
N ALA B 184 -5.23 -0.06 17.53
CA ALA B 184 -5.30 0.05 16.08
C ALA B 184 -5.40 -1.30 15.35
N LEU B 185 -4.75 -2.33 15.89
CA LEU B 185 -4.79 -3.66 15.27
C LEU B 185 -6.19 -4.24 15.22
N GLY B 186 -6.82 -4.37 16.39
CA GLY B 186 -8.16 -4.92 16.46
C GLY B 186 -9.25 -4.01 15.90
N ASP B 187 -9.04 -2.70 15.99
CA ASP B 187 -10.03 -1.74 15.52
C ASP B 187 -9.86 -1.38 14.05
N ALA B 188 -8.59 -1.29 13.62
CA ALA B 188 -8.31 -0.94 12.24
C ALA B 188 -7.60 -2.05 11.46
N GLY B 189 -6.54 -2.62 12.03
CA GLY B 189 -5.82 -3.69 11.36
C GLY B 189 -6.81 -4.73 10.87
N TRP B 190 -7.76 -5.08 11.74
CA TRP B 190 -8.81 -6.04 11.44
C TRP B 190 -9.29 -5.90 9.99
N TYR B 191 -9.71 -4.68 9.64
CA TYR B 191 -10.21 -4.38 8.30
C TYR B 191 -9.16 -4.64 7.23
N ALA B 192 -7.92 -4.33 7.55
CA ALA B 192 -6.82 -4.53 6.60
C ALA B 192 -6.57 -6.02 6.42
N ILE B 193 -6.89 -6.79 7.44
CA ILE B 193 -6.71 -8.23 7.39
C ILE B 193 -7.85 -8.87 6.59
N ARG B 194 -9.09 -8.59 7.00
CA ARG B 194 -10.27 -9.14 6.33
C ARG B 194 -10.13 -9.00 4.82
N ALA B 195 -9.59 -7.88 4.38
CA ALA B 195 -9.42 -7.62 2.97
C ALA B 195 -8.34 -8.50 2.34
N THR B 196 -7.16 -8.61 2.95
CA THR B 196 -6.13 -9.44 2.35
C THR B 196 -6.49 -10.90 2.48
N LEU B 197 -7.63 -11.18 3.10
CA LEU B 197 -8.09 -12.55 3.26
C LEU B 197 -9.13 -12.83 2.20
N LEU B 198 -10.02 -11.87 1.95
CA LEU B 198 -11.05 -12.04 0.94
C LEU B 198 -10.37 -12.08 -0.43
N ALA B 199 -9.38 -11.18 -0.61
CA ALA B 199 -8.65 -11.12 -1.86
C ALA B 199 -7.92 -12.42 -2.14
N ASN B 200 -7.65 -13.19 -1.10
CA ASN B 200 -6.93 -14.45 -1.25
C ASN B 200 -7.85 -15.66 -1.14
N ASN B 201 -9.12 -15.45 -1.43
CA ASN B 201 -10.11 -16.51 -1.38
C ASN B 201 -10.06 -17.28 -0.08
N PHE B 202 -9.95 -16.54 1.02
CA PHE B 202 -9.91 -17.09 2.37
C PHE B 202 -8.69 -17.92 2.69
N GLU B 203 -7.69 -17.86 1.84
CA GLU B 203 -6.47 -18.61 2.10
C GLU B 203 -5.65 -17.94 3.20
N LEU B 204 -5.65 -18.57 4.36
CA LEU B 204 -4.89 -18.05 5.49
C LEU B 204 -3.43 -17.95 5.06
N PRO B 205 -2.67 -16.99 5.61
CA PRO B 205 -1.27 -16.93 5.18
C PRO B 205 -0.52 -18.09 5.83
N LYS B 206 0.73 -18.30 5.42
CA LYS B 206 1.54 -19.37 6.02
C LYS B 206 2.27 -18.78 7.22
N THR B 207 2.76 -17.55 7.06
CA THR B 207 3.48 -16.89 8.14
C THR B 207 3.12 -15.41 8.25
N VAL B 208 3.49 -14.82 9.38
CA VAL B 208 3.23 -13.41 9.67
C VAL B 208 4.46 -12.77 10.30
N THR B 209 4.66 -11.48 10.06
CA THR B 209 5.80 -10.77 10.63
C THR B 209 5.47 -9.27 10.72
N ALA B 210 5.38 -8.73 11.92
CA ALA B 210 5.05 -7.31 12.10
C ALA B 210 6.20 -6.40 11.67
N PHE B 211 5.89 -5.16 11.29
CA PHE B 211 6.93 -4.21 10.89
C PHE B 211 7.61 -3.65 12.14
N PRO B 212 8.95 -3.54 12.11
CA PRO B 212 9.57 -2.98 13.31
C PRO B 212 9.09 -1.54 13.44
N GLY B 213 8.93 -1.06 14.67
CA GLY B 213 8.49 0.31 14.85
C GLY B 213 7.03 0.51 15.21
N ALA B 214 6.40 -0.50 15.81
CA ALA B 214 5.02 -0.35 16.20
C ALA B 214 4.95 0.61 17.39
N VAL B 215 4.00 1.55 17.37
CA VAL B 215 3.86 2.51 18.46
C VAL B 215 2.92 2.01 19.56
N LEU B 216 3.49 1.69 20.72
CA LEU B 216 2.71 1.21 21.86
C LEU B 216 2.46 2.37 22.83
N ASN B 217 1.35 2.32 23.56
CA ASN B 217 1.07 3.38 24.53
C ASN B 217 1.73 2.96 25.84
N GLU B 218 1.60 3.77 26.88
CA GLU B 218 2.22 3.46 28.17
C GLU B 218 1.65 2.16 28.76
N ALA B 219 0.37 1.89 28.47
CA ALA B 219 -0.29 0.68 28.97
C ALA B 219 -0.08 -0.54 28.09
N GLY B 220 0.79 -0.41 27.09
CA GLY B 220 1.09 -1.53 26.21
C GLY B 220 0.11 -1.80 25.08
N VAL B 221 -0.95 -1.00 24.99
CA VAL B 221 -1.92 -1.16 23.93
C VAL B 221 -1.37 -0.56 22.64
N ILE B 222 -1.64 -1.23 21.51
CA ILE B 222 -1.16 -0.79 20.20
C ILE B 222 -1.86 0.45 19.64
N LEU B 223 -1.07 1.45 19.25
CA LEU B 223 -1.62 2.67 18.67
C LEU B 223 -1.45 2.64 17.15
N SER B 224 -0.51 1.82 16.67
CA SER B 224 -0.27 1.70 15.24
C SER B 224 0.80 0.65 14.96
N CYS B 225 0.63 -0.13 13.90
CA CYS B 225 1.62 -1.14 13.55
C CYS B 225 1.29 -1.80 12.20
N GLY B 226 2.21 -2.63 11.70
CA GLY B 226 2.00 -3.32 10.45
C GLY B 226 2.51 -4.75 10.42
N ALA B 227 2.22 -5.47 9.34
CA ALA B 227 2.65 -6.86 9.23
C ALA B 227 3.13 -7.24 7.83
N SER B 228 3.37 -8.53 7.67
CA SER B 228 3.79 -9.12 6.42
C SER B 228 3.12 -10.49 6.43
N LEU B 229 2.50 -10.87 5.30
CA LEU B 229 1.85 -12.17 5.20
C LEU B 229 2.41 -12.90 3.98
N SER B 230 2.65 -14.19 4.11
CA SER B 230 3.19 -14.94 2.99
C SER B 230 2.52 -16.30 2.83
N TRP B 231 2.26 -16.66 1.58
CA TRP B 231 1.64 -17.94 1.28
C TRP B 231 2.70 -18.89 0.72
N GLU B 232 3.90 -18.36 0.50
CA GLU B 232 5.03 -19.13 0.00
C GLU B 232 4.90 -19.64 -1.43
N ASP B 233 4.64 -18.72 -2.36
CA ASP B 233 4.54 -19.04 -3.78
C ASP B 233 4.80 -17.78 -4.57
N GLY B 234 5.40 -16.80 -3.89
CA GLY B 234 5.66 -15.52 -4.52
C GLY B 234 4.38 -14.72 -4.34
N ARG B 235 3.64 -15.10 -3.30
CA ARG B 235 2.38 -14.49 -2.93
C ARG B 235 2.48 -14.02 -1.48
N THR B 236 2.43 -12.71 -1.27
CA THR B 236 2.53 -12.16 0.08
C THR B 236 1.43 -11.16 0.42
N ALA B 237 1.67 -10.37 1.44
CA ALA B 237 0.70 -9.37 1.86
C ALA B 237 1.20 -8.45 2.97
N THR B 238 0.74 -7.20 2.92
CA THR B 238 1.09 -6.21 3.93
C THR B 238 -0.18 -5.55 4.47
N ILE B 239 -0.12 -5.11 5.72
CA ILE B 239 -1.25 -4.41 6.34
C ILE B 239 -0.68 -3.22 7.11
N TYR B 240 -1.56 -2.31 7.49
CA TYR B 240 -1.17 -1.13 8.26
C TYR B 240 -2.39 -0.46 8.91
N CYS B 241 -2.25 -0.10 10.18
CA CYS B 241 -3.33 0.53 10.94
C CYS B 241 -2.81 1.62 11.88
N SER B 242 -3.48 2.76 11.89
CA SER B 242 -3.04 3.84 12.77
C SER B 242 -4.13 4.79 13.26
N PHE B 243 -3.88 5.34 14.43
CA PHE B 243 -4.79 6.30 15.07
C PHE B 243 -4.09 7.66 15.08
N LEU B 244 -3.02 7.77 14.30
CA LEU B 244 -2.23 9.00 14.27
C LEU B 244 -2.04 9.59 12.87
N ALA B 245 -2.84 9.14 11.91
CA ALA B 245 -2.68 9.67 10.55
C ALA B 245 -4.02 10.08 9.93
N ASN B 246 -3.97 11.04 9.02
CA ASN B 246 -5.18 11.51 8.35
C ASN B 246 -5.96 10.32 7.81
N LEU B 247 -7.29 10.42 7.84
CA LEU B 247 -8.13 9.34 7.34
C LEU B 247 -7.59 8.85 6.00
N THR B 248 -7.51 7.53 5.85
CA THR B 248 -7.02 6.88 4.63
C THR B 248 -7.24 5.38 4.81
N MSE B 249 -8.04 4.79 3.94
CA MSE B 249 -8.36 3.37 4.02
C MSE B 249 -8.07 2.75 2.66
O MSE B 249 -8.98 2.53 1.85
CB MSE B 249 -9.83 3.19 4.40
CG MSE B 249 -10.77 3.99 3.53
SE MSE B 249 -12.56 4.18 4.25
CE MSE B 249 -12.08 5.26 5.77
N GLU B 250 -6.80 2.44 2.41
CA GLU B 250 -6.43 1.87 1.12
C GLU B 250 -6.47 0.36 1.02
N ILE B 251 -6.61 -0.10 -0.22
CA ILE B 251 -6.61 -1.51 -0.57
C ILE B 251 -6.14 -1.60 -2.01
N THR B 252 -4.95 -2.18 -2.19
CA THR B 252 -4.38 -2.37 -3.52
C THR B 252 -4.09 -3.85 -3.73
N ALA B 253 -4.69 -4.42 -4.77
CA ALA B 253 -4.49 -5.83 -5.08
C ALA B 253 -3.93 -5.92 -6.51
N ILE B 254 -2.81 -6.61 -6.65
CA ILE B 254 -2.19 -6.72 -7.97
C ILE B 254 -1.98 -8.15 -8.44
N GLY B 255 -2.48 -8.44 -9.63
CA GLY B 255 -2.33 -9.77 -10.20
C GLY B 255 -1.47 -9.76 -11.44
N THR B 256 -1.39 -10.92 -12.10
CA THR B 256 -0.59 -11.07 -13.32
C THR B 256 -1.20 -10.35 -14.52
N LYS B 257 -2.52 -10.25 -14.55
CA LYS B 257 -3.24 -9.63 -15.67
C LYS B 257 -3.78 -8.24 -15.37
N GLY B 258 -3.90 -7.91 -14.09
CA GLY B 258 -4.43 -6.61 -13.74
C GLY B 258 -4.18 -6.13 -12.32
N THR B 259 -4.65 -4.93 -12.05
CA THR B 259 -4.51 -4.29 -10.74
C THR B 259 -5.91 -3.91 -10.29
N LEU B 260 -6.10 -3.79 -8.99
CA LEU B 260 -7.40 -3.41 -8.45
C LEU B 260 -7.21 -2.58 -7.20
N ARG B 261 -7.83 -1.40 -7.17
CA ARG B 261 -7.70 -0.51 -6.03
C ARG B 261 -9.04 0.08 -5.60
N VAL B 262 -9.16 0.34 -4.31
CA VAL B 262 -10.35 0.96 -3.75
C VAL B 262 -9.84 1.91 -2.67
N HIS B 263 -10.43 3.09 -2.60
CA HIS B 263 -10.00 4.10 -1.63
C HIS B 263 -10.98 4.39 -0.50
N ASP B 264 -12.17 3.80 -0.56
CA ASP B 264 -13.17 3.99 0.47
C ASP B 264 -13.79 2.62 0.78
N PHE B 265 -12.92 1.64 0.99
CA PHE B 265 -13.37 0.27 1.22
C PHE B 265 -14.15 0.01 2.51
N ILE B 266 -13.93 0.82 3.54
CA ILE B 266 -14.62 0.63 4.81
C ILE B 266 -15.99 1.33 4.90
N ILE B 267 -15.98 2.63 4.60
CA ILE B 267 -17.18 3.45 4.62
C ILE B 267 -17.09 4.22 3.32
N PRO B 268 -17.86 3.81 2.30
CA PRO B 268 -17.81 4.49 1.01
C PRO B 268 -17.99 6.00 1.15
N TYR B 269 -17.56 6.74 0.14
CA TYR B 269 -17.70 8.19 0.17
C TYR B 269 -19.18 8.51 0.30
N LYS B 270 -19.99 7.83 -0.51
CA LYS B 270 -21.45 7.98 -0.49
C LYS B 270 -22.10 6.61 -0.33
N GLU B 271 -23.02 6.50 0.63
CA GLU B 271 -23.70 5.23 0.86
C GLU B 271 -24.50 4.82 -0.37
N THR B 272 -24.88 5.81 -1.17
CA THR B 272 -25.65 5.60 -2.37
C THR B 272 -24.87 4.84 -3.45
N GLU B 273 -23.63 5.25 -3.69
CA GLU B 273 -22.78 4.61 -4.70
C GLU B 273 -21.62 3.87 -4.03
N ALA B 274 -20.80 3.24 -4.88
CA ALA B 274 -19.62 2.50 -4.44
C ALA B 274 -18.67 2.37 -5.64
N SER B 275 -17.55 3.08 -5.59
CA SER B 275 -16.60 3.04 -6.69
C SER B 275 -15.32 2.27 -6.38
N PHE B 276 -14.75 1.66 -7.41
CA PHE B 276 -13.52 0.90 -7.31
C PHE B 276 -12.78 1.07 -8.63
N THR B 277 -11.46 1.20 -8.57
CA THR B 277 -10.64 1.39 -9.76
C THR B 277 -10.14 0.05 -10.27
N THR B 278 -10.24 -0.16 -11.58
CA THR B 278 -9.81 -1.40 -12.21
C THR B 278 -8.87 -1.17 -13.40
N SER B 279 -7.79 -1.94 -13.43
CA SER B 279 -6.79 -1.82 -14.50
C SER B 279 -6.44 -3.23 -15.00
N THR B 280 -6.32 -3.37 -16.31
CA THR B 280 -6.02 -4.67 -16.91
C THR B 280 -4.95 -4.61 -18.00
N LYS B 281 -3.95 -5.48 -17.89
CA LYS B 281 -2.84 -5.53 -18.85
C LYS B 281 -2.36 -4.13 -19.23
N ALA B 282 -2.02 -3.30 -18.24
CA ALA B 282 -1.56 -1.95 -18.52
C ALA B 282 -0.13 -1.89 -19.05
N TRP B 283 0.05 -1.31 -20.22
CA TRP B 283 1.38 -1.19 -20.78
C TRP B 283 1.65 0.25 -21.19
N PHE B 284 2.82 0.48 -21.77
CA PHE B 284 3.22 1.82 -22.21
C PHE B 284 3.20 1.90 -23.74
N ASN B 285 3.25 3.12 -24.26
CA ASN B 285 3.28 3.32 -25.71
C ASN B 285 4.70 3.04 -26.20
N ASP B 286 5.02 3.46 -27.43
CA ASP B 286 6.35 3.21 -27.98
C ASP B 286 7.53 3.81 -27.24
N LEU B 287 7.58 5.15 -27.13
CA LEU B 287 8.69 5.81 -26.46
C LEU B 287 8.55 5.84 -24.93
N VAL B 288 7.37 5.47 -24.45
CA VAL B 288 7.07 5.42 -23.01
C VAL B 288 6.90 6.83 -22.41
N THR B 289 6.15 7.68 -23.11
CA THR B 289 5.88 9.03 -22.64
C THR B 289 4.46 9.08 -22.12
N ALA B 290 3.82 7.91 -22.08
CA ALA B 290 2.44 7.77 -21.59
C ALA B 290 1.99 6.31 -21.53
N TRP B 291 0.94 6.04 -20.76
CA TRP B 291 0.37 4.70 -20.63
C TRP B 291 -0.51 4.54 -21.87
N VAL B 292 -0.64 3.33 -22.38
CA VAL B 292 -1.50 3.14 -23.55
C VAL B 292 -2.95 3.30 -23.13
N SER B 293 -3.23 2.98 -21.87
CA SER B 293 -4.59 3.09 -21.34
C SER B 293 -4.64 3.09 -19.80
N PRO B 294 -4.93 4.25 -19.20
CA PRO B 294 -5.01 4.41 -17.74
C PRO B 294 -6.20 3.65 -17.13
N PRO B 295 -6.07 3.20 -15.87
CA PRO B 295 -7.11 2.45 -15.16
C PRO B 295 -8.53 2.95 -15.41
N SER B 296 -9.51 2.10 -15.12
CA SER B 296 -10.92 2.42 -15.27
C SER B 296 -11.61 2.55 -13.91
N GLU B 297 -12.29 3.67 -13.68
CA GLU B 297 -12.99 3.85 -12.41
C GLU B 297 -14.44 3.37 -12.61
N HIS B 298 -14.84 2.42 -11.79
CA HIS B 298 -16.19 1.86 -11.85
C HIS B 298 -16.93 2.24 -10.58
N THR B 299 -18.21 2.60 -10.74
CA THR B 299 -19.05 2.95 -9.61
C THR B 299 -20.44 2.38 -9.84
N VAL B 300 -20.90 1.56 -8.90
CA VAL B 300 -22.20 0.93 -9.01
C VAL B 300 -23.18 1.57 -8.03
N LYS B 301 -24.47 1.51 -8.37
CA LYS B 301 -25.50 2.08 -7.51
C LYS B 301 -25.84 1.05 -6.46
N THR B 302 -26.09 1.50 -5.22
CA THR B 302 -26.44 0.62 -4.12
C THR B 302 -27.59 1.24 -3.30
N GLU B 303 -28.82 1.08 -3.77
CA GLU B 303 -29.99 1.66 -3.09
C GLU B 303 -30.02 1.46 -1.58
N LEU B 304 -29.51 0.33 -1.10
CA LEU B 304 -29.51 0.05 0.32
C LEU B 304 -28.09 0.04 0.88
N PRO B 305 -27.84 0.81 1.96
CA PRO B 305 -26.51 0.87 2.58
C PRO B 305 -26.01 -0.50 3.02
N GLN B 306 -24.69 -0.65 3.12
CA GLN B 306 -24.05 -1.90 3.50
C GLN B 306 -24.37 -2.41 4.91
N GLU B 307 -24.49 -1.52 5.89
CA GLU B 307 -24.81 -1.94 7.24
C GLU B 307 -26.25 -2.43 7.25
N ALA B 308 -27.08 -1.87 6.37
CA ALA B 308 -28.46 -2.28 6.29
C ALA B 308 -28.46 -3.68 5.70
N CYS B 309 -27.50 -3.93 4.81
CA CYS B 309 -27.37 -5.26 4.22
C CYS B 309 -26.86 -6.21 5.30
N MSE B 310 -26.25 -5.65 6.34
CA MSE B 310 -25.71 -6.47 7.42
C MSE B 310 -26.81 -7.21 8.17
O MSE B 310 -26.91 -8.43 8.06
CB MSE B 310 -24.89 -5.61 8.39
CG MSE B 310 -24.27 -6.42 9.52
SE MSE B 310 -22.61 -5.66 10.14
CE MSE B 310 -23.03 -5.37 12.00
N VAL B 311 -27.63 -6.48 8.92
CA VAL B 311 -28.73 -7.12 9.66
C VAL B 311 -29.61 -7.85 8.65
N ARG B 312 -29.82 -7.22 7.50
CA ARG B 312 -30.63 -7.77 6.42
C ARG B 312 -30.29 -9.24 6.16
N GLU B 313 -29.03 -9.51 5.85
CA GLU B 313 -28.57 -10.88 5.58
C GLU B 313 -28.60 -11.73 6.84
N PHE B 314 -28.57 -11.07 7.99
CA PHE B 314 -28.61 -11.74 9.28
C PHE B 314 -30.04 -12.25 9.51
N ALA B 315 -30.52 -13.07 8.58
CA ALA B 315 -31.86 -13.67 8.65
C ALA B 315 -32.15 -14.49 7.39
N ILE B 321 -33.96 -21.44 9.40
CA ILE B 321 -33.57 -21.92 10.73
C ILE B 321 -34.73 -21.86 11.73
N LYS B 322 -35.09 -20.65 12.16
CA LYS B 322 -36.20 -20.49 13.10
C LYS B 322 -37.54 -20.71 12.40
N ASN B 323 -37.52 -20.75 11.07
CA ASN B 323 -38.75 -20.95 10.31
C ASN B 323 -38.67 -22.12 9.33
N ASN B 324 -37.49 -22.38 8.77
CA ASN B 324 -37.32 -23.47 7.82
C ASN B 324 -36.57 -24.68 8.40
N GLY B 325 -35.88 -24.45 9.51
CA GLY B 325 -35.16 -25.53 10.16
C GLY B 325 -33.73 -25.77 9.71
N ALA B 326 -33.15 -24.81 8.98
CA ALA B 326 -31.79 -24.95 8.51
C ALA B 326 -30.79 -24.72 9.65
N LYS B 327 -29.55 -25.11 9.44
CA LYS B 327 -28.52 -24.93 10.45
C LYS B 327 -27.84 -23.57 10.26
N PRO B 328 -27.21 -23.05 11.32
CA PRO B 328 -26.56 -21.75 11.13
C PRO B 328 -25.47 -21.83 10.06
N ASP B 329 -25.19 -20.67 9.45
CA ASP B 329 -24.18 -20.58 8.40
C ASP B 329 -22.80 -20.48 9.07
N GLY B 330 -21.95 -21.46 8.82
CA GLY B 330 -20.63 -21.47 9.41
C GLY B 330 -19.62 -20.55 8.74
N TYR B 331 -19.96 -20.02 7.57
CA TYR B 331 -19.06 -19.13 6.86
C TYR B 331 -18.67 -17.92 7.70
N TRP B 332 -19.65 -17.31 8.37
CA TRP B 332 -19.36 -16.13 9.16
C TRP B 332 -18.42 -16.39 10.32
N PRO B 333 -18.79 -17.30 11.24
CA PRO B 333 -17.86 -17.54 12.36
C PRO B 333 -16.48 -17.95 11.83
N SER B 334 -16.48 -18.66 10.71
CA SER B 334 -15.24 -19.12 10.09
C SER B 334 -14.36 -17.97 9.58
N ILE B 335 -14.95 -17.02 8.84
CA ILE B 335 -14.16 -15.90 8.35
C ILE B 335 -13.69 -15.09 9.55
N SER B 336 -14.54 -14.98 10.56
CA SER B 336 -14.20 -14.23 11.77
C SER B 336 -13.02 -14.87 12.49
N ARG B 337 -12.86 -16.18 12.34
CA ARG B 337 -11.75 -16.87 13.00
C ARG B 337 -10.43 -16.54 12.32
N LYS B 338 -10.42 -16.65 11.00
CA LYS B 338 -9.22 -16.37 10.23
C LYS B 338 -8.66 -14.98 10.47
N THR B 339 -9.53 -14.00 10.73
CA THR B 339 -9.08 -12.64 10.96
C THR B 339 -8.39 -12.54 12.34
N GLN B 340 -9.10 -12.94 13.38
CA GLN B 340 -8.58 -12.89 14.75
C GLN B 340 -7.19 -13.54 14.89
N LEU B 341 -6.94 -14.60 14.11
CA LEU B 341 -5.66 -15.30 14.15
C LEU B 341 -4.57 -14.42 13.61
N VAL B 342 -4.79 -13.86 12.42
CA VAL B 342 -3.79 -12.99 11.84
C VAL B 342 -3.59 -11.84 12.82
N VAL B 343 -4.64 -11.58 13.61
CA VAL B 343 -4.59 -10.54 14.62
C VAL B 343 -3.65 -10.95 15.74
N ASP B 344 -3.84 -12.15 16.28
CA ASP B 344 -2.98 -12.64 17.37
C ASP B 344 -1.53 -12.79 16.92
N ALA B 345 -1.34 -13.28 15.70
CA ALA B 345 0.00 -13.47 15.16
C ALA B 345 0.70 -12.11 15.05
N VAL B 346 -0.04 -11.08 14.67
CA VAL B 346 0.53 -9.75 14.54
C VAL B 346 0.90 -9.22 15.92
N LYS B 347 0.33 -9.82 16.96
CA LYS B 347 0.60 -9.43 18.34
C LYS B 347 1.68 -10.31 18.93
N GLU B 348 1.68 -11.58 18.54
CA GLU B 348 2.68 -12.52 19.03
C GLU B 348 4.00 -12.32 18.29
N SER B 349 3.92 -11.77 17.08
CA SER B 349 5.12 -11.53 16.29
C SER B 349 5.93 -10.45 17.00
N VAL B 350 5.25 -9.39 17.43
CA VAL B 350 5.89 -8.31 18.16
C VAL B 350 6.40 -8.83 19.51
N ASP B 351 5.61 -9.66 20.18
CA ASP B 351 6.00 -10.23 21.46
C ASP B 351 7.34 -10.95 21.30
N LYS B 352 7.60 -11.45 20.10
CA LYS B 352 8.86 -12.11 19.83
C LYS B 352 9.83 -11.14 19.16
N ASN B 353 9.72 -9.86 19.55
CA ASN B 353 10.56 -8.81 19.00
C ASN B 353 10.56 -8.77 17.47
N TYR B 354 9.39 -9.08 16.90
CA TYR B 354 9.18 -9.08 15.45
C TYR B 354 9.70 -10.30 14.71
N GLN B 355 9.51 -11.48 15.29
CA GLN B 355 9.95 -12.71 14.64
C GLN B 355 8.83 -13.23 13.73
N GLN B 356 9.19 -14.04 12.74
CA GLN B 356 8.20 -14.59 11.84
C GLN B 356 7.34 -15.54 12.66
N ILE B 357 6.03 -15.49 12.47
CA ILE B 357 5.12 -16.36 13.22
C ILE B 357 4.41 -17.35 12.33
N SER B 358 4.57 -18.64 12.63
CA SER B 358 3.93 -19.71 11.87
C SER B 358 2.47 -19.81 12.33
N LEU B 359 1.61 -20.29 11.45
CA LEU B 359 0.19 -20.42 11.78
C LEU B 359 -0.35 -21.84 11.66
N SER B 360 0.52 -22.78 11.31
CA SER B 360 0.13 -24.18 11.17
C SER B 360 -0.50 -24.76 12.44
N GLN A 6 23.82 23.16 -26.52
CA GLN A 6 25.06 23.89 -26.11
C GLN A 6 25.99 22.92 -25.41
N ILE A 7 25.47 22.21 -24.41
CA ILE A 7 26.26 21.22 -23.68
C ILE A 7 26.39 19.95 -24.54
N ARG A 8 27.60 19.67 -24.96
CA ARG A 8 27.89 18.52 -25.80
C ARG A 8 27.82 17.23 -25.00
N ILE A 9 26.87 16.37 -25.33
CA ILE A 9 26.67 15.11 -24.63
C ILE A 9 26.78 13.91 -25.57
N GLY A 10 27.48 12.89 -25.10
CA GLY A 10 27.64 11.69 -25.90
C GLY A 10 26.77 10.56 -25.39
N VAL A 11 26.44 9.61 -26.25
CA VAL A 11 25.59 8.49 -25.86
C VAL A 11 26.34 7.17 -25.98
N MSE A 12 26.85 6.69 -24.86
CA MSE A 12 27.59 5.43 -24.87
C MSE A 12 26.61 4.25 -24.87
O MSE A 12 26.20 3.79 -23.80
CB MSE A 12 28.50 5.34 -23.67
CG MSE A 12 29.20 4.01 -23.55
SE MSE A 12 30.45 4.00 -22.12
CE MSE A 12 31.62 5.39 -22.76
N GLY A 13 26.26 3.78 -26.05
CA GLY A 13 25.33 2.67 -26.16
C GLY A 13 23.96 3.13 -26.65
N CYS A 14 23.28 2.27 -27.38
CA CYS A 14 21.96 2.61 -27.90
C CYS A 14 20.93 1.50 -27.70
N ALA A 15 20.19 1.56 -26.60
CA ALA A 15 19.14 0.57 -26.32
C ALA A 15 17.79 1.26 -26.30
N ASP A 16 16.85 0.74 -25.50
CA ASP A 16 15.52 1.34 -25.43
C ASP A 16 15.51 2.74 -24.84
N ILE A 17 16.01 2.87 -23.62
CA ILE A 17 16.03 4.17 -22.95
C ILE A 17 16.87 5.14 -23.78
N ALA A 18 17.59 4.59 -24.74
CA ALA A 18 18.40 5.39 -25.63
C ALA A 18 17.46 6.17 -26.54
N ARG A 19 16.41 5.50 -27.01
CA ARG A 19 15.45 6.14 -27.90
C ARG A 19 14.65 7.22 -27.19
N LYS A 20 14.47 7.08 -25.88
CA LYS A 20 13.72 8.07 -25.11
C LYS A 20 14.62 9.20 -24.64
N VAL A 21 15.82 8.85 -24.17
CA VAL A 21 16.73 9.88 -23.68
C VAL A 21 17.33 10.73 -24.81
N SER A 22 17.37 10.19 -26.03
CA SER A 22 17.90 10.94 -27.17
C SER A 22 16.84 11.92 -27.63
N ARG A 23 15.58 11.48 -27.60
CA ARG A 23 14.47 12.33 -27.96
C ARG A 23 14.30 13.39 -26.86
N ALA A 24 14.86 13.10 -25.68
CA ALA A 24 14.79 14.03 -24.58
C ALA A 24 15.82 15.11 -24.89
N ILE A 25 17.08 14.70 -24.96
CA ILE A 25 18.17 15.62 -25.26
C ILE A 25 17.71 16.62 -26.32
N HIS A 26 17.06 16.11 -27.37
CA HIS A 26 16.55 16.94 -28.45
C HIS A 26 15.72 18.09 -27.90
N LEU A 27 14.59 17.75 -27.28
CA LEU A 27 13.66 18.72 -26.70
C LEU A 27 14.29 19.74 -25.74
N ALA A 28 15.36 19.34 -25.05
CA ALA A 28 16.01 20.26 -24.13
C ALA A 28 16.72 21.31 -25.00
N PRO A 29 16.30 22.58 -24.87
CA PRO A 29 16.86 23.70 -25.63
C PRO A 29 18.29 24.11 -25.28
N ASN A 30 18.97 23.33 -24.45
CA ASN A 30 20.34 23.68 -24.05
C ASN A 30 21.30 22.50 -24.07
N ALA A 31 20.95 21.46 -24.81
CA ALA A 31 21.81 20.28 -24.88
C ALA A 31 21.90 19.75 -26.29
N THR A 32 23.02 19.09 -26.59
CA THR A 32 23.23 18.52 -27.91
C THR A 32 23.65 17.06 -27.83
N ILE A 33 23.15 16.27 -28.78
CA ILE A 33 23.49 14.86 -28.84
C ILE A 33 24.75 14.80 -29.72
N SER A 34 25.84 14.27 -29.15
CA SER A 34 27.10 14.21 -29.89
C SER A 34 27.68 12.81 -30.06
N GLY A 35 28.79 12.54 -29.35
CA GLY A 35 29.45 11.25 -29.45
C GLY A 35 28.67 10.03 -29.00
N VAL A 36 28.08 9.32 -29.96
CA VAL A 36 27.31 8.12 -29.65
C VAL A 36 28.11 6.90 -30.11
N ALA A 37 28.02 5.81 -29.35
CA ALA A 37 28.76 4.61 -29.72
C ALA A 37 28.07 3.30 -29.32
N SER A 38 28.38 2.25 -30.08
CA SER A 38 27.85 0.91 -29.85
C SER A 38 29.04 -0.03 -29.98
N ARG A 39 28.85 -1.30 -29.65
CA ARG A 39 29.94 -2.26 -29.76
C ARG A 39 30.47 -2.21 -31.20
N SER A 40 29.58 -1.96 -32.14
CA SER A 40 29.93 -1.87 -33.55
C SER A 40 29.30 -0.59 -34.10
N LEU A 41 30.08 0.23 -34.80
CA LEU A 41 29.53 1.47 -35.35
C LEU A 41 28.43 1.15 -36.35
N GLU A 42 28.37 -0.11 -36.77
CA GLU A 42 27.35 -0.54 -37.70
C GLU A 42 26.01 -0.33 -37.00
N LYS A 43 25.97 -0.73 -35.72
CA LYS A 43 24.78 -0.60 -34.89
C LYS A 43 24.52 0.86 -34.51
N ALA A 44 25.59 1.61 -34.25
CA ALA A 44 25.49 3.02 -33.89
C ALA A 44 24.90 3.83 -35.03
N LYS A 45 25.28 3.46 -36.25
CA LYS A 45 24.80 4.15 -37.45
C LYS A 45 23.30 3.92 -37.62
N ALA A 46 22.87 2.69 -37.40
CA ALA A 46 21.46 2.33 -37.53
C ALA A 46 20.61 3.08 -36.50
N PHE A 47 21.08 3.13 -35.26
CA PHE A 47 20.34 3.84 -34.21
C PHE A 47 20.24 5.32 -34.56
N ALA A 48 21.39 5.91 -34.95
CA ALA A 48 21.47 7.32 -35.31
C ALA A 48 20.47 7.68 -36.39
N THR A 49 20.36 6.83 -37.41
CA THR A 49 19.41 7.08 -38.49
C THR A 49 18.00 6.81 -37.98
N ALA A 50 17.77 5.60 -37.51
CA ALA A 50 16.46 5.21 -36.99
C ALA A 50 15.92 6.21 -35.99
N ASN A 51 16.79 7.05 -35.42
CA ASN A 51 16.35 8.02 -34.44
C ASN A 51 16.40 9.50 -34.82
N ASN A 52 16.50 9.79 -36.11
CA ASN A 52 16.51 11.17 -36.58
C ASN A 52 17.68 12.01 -36.03
N TYR A 53 18.80 11.36 -35.77
CA TYR A 53 19.97 12.06 -35.24
C TYR A 53 20.43 13.23 -36.10
N PRO A 54 21.22 14.14 -35.52
CA PRO A 54 21.73 15.30 -36.24
C PRO A 54 22.76 14.86 -37.28
N GLU A 55 23.08 15.76 -38.21
CA GLU A 55 24.05 15.46 -39.25
C GLU A 55 25.47 15.27 -38.72
N SER A 56 25.96 16.23 -37.94
CA SER A 56 27.31 16.15 -37.39
C SER A 56 27.44 15.31 -36.12
N THR A 57 26.48 14.42 -35.88
CA THR A 57 26.54 13.58 -34.69
C THR A 57 27.77 12.68 -34.70
N LYS A 58 28.53 12.74 -33.61
CA LYS A 58 29.73 11.93 -33.48
C LYS A 58 29.38 10.46 -33.31
N ILE A 59 29.71 9.65 -34.31
CA ILE A 59 29.43 8.21 -34.29
C ILE A 59 30.70 7.42 -34.03
N HIS A 60 30.68 6.56 -33.01
CA HIS A 60 31.85 5.76 -32.67
C HIS A 60 31.58 4.26 -32.60
N GLY A 61 32.65 3.48 -32.72
CA GLY A 61 32.55 2.03 -32.66
C GLY A 61 33.34 1.39 -31.53
N SER A 62 33.34 2.05 -30.38
CA SER A 62 34.05 1.54 -29.21
C SER A 62 33.84 2.49 -28.02
N TYR A 63 34.10 2.01 -26.81
CA TYR A 63 33.92 2.83 -25.63
C TYR A 63 35.16 3.66 -25.33
N GLU A 64 36.33 3.05 -25.50
CA GLU A 64 37.58 3.75 -25.25
C GLU A 64 37.63 4.95 -26.19
N SER A 65 37.19 4.73 -27.43
CA SER A 65 37.17 5.78 -28.42
C SER A 65 36.41 6.98 -27.91
N LEU A 66 35.10 6.80 -27.74
CA LEU A 66 34.21 7.86 -27.28
C LEU A 66 34.75 8.64 -26.07
N LEU A 67 35.38 7.95 -25.13
CA LEU A 67 35.93 8.62 -23.95
C LEU A 67 37.07 9.56 -24.31
N GLU A 68 37.80 9.21 -25.36
CA GLU A 68 38.93 10.02 -25.82
C GLU A 68 38.53 11.06 -26.83
N ASP A 69 37.23 11.18 -27.08
CA ASP A 69 36.72 12.18 -28.03
C ASP A 69 36.70 13.52 -27.29
N PRO A 70 37.70 14.38 -27.56
CA PRO A 70 37.80 15.69 -26.91
C PRO A 70 36.60 16.62 -27.10
N GLU A 71 35.70 16.29 -28.02
CA GLU A 71 34.54 17.11 -28.29
C GLU A 71 33.29 16.80 -27.44
N ILE A 72 33.42 15.93 -26.43
CA ILE A 72 32.27 15.59 -25.60
C ILE A 72 32.44 15.99 -24.14
N ASP A 73 31.47 16.77 -23.62
CA ASP A 73 31.49 17.23 -22.24
C ASP A 73 31.02 16.14 -21.26
N ALA A 74 29.90 15.50 -21.58
CA ALA A 74 29.37 14.46 -20.69
C ALA A 74 28.74 13.29 -21.43
N LEU A 75 28.77 12.13 -20.78
CA LEU A 75 28.22 10.91 -21.35
C LEU A 75 27.06 10.34 -20.54
N TYR A 76 25.98 9.97 -21.23
CA TYR A 76 24.82 9.34 -20.60
C TYR A 76 25.09 7.85 -20.76
N VAL A 77 25.26 7.15 -19.65
CA VAL A 77 25.56 5.72 -19.70
C VAL A 77 24.36 4.76 -19.55
N PRO A 78 23.85 4.23 -20.66
CA PRO A 78 22.71 3.29 -20.64
C PRO A 78 23.20 1.84 -20.47
N LEU A 79 24.49 1.67 -20.23
CA LEU A 79 25.03 0.32 -20.07
C LEU A 79 24.43 -0.46 -18.91
N PRO A 80 24.40 -1.80 -19.04
CA PRO A 80 23.85 -2.63 -17.97
C PRO A 80 24.52 -2.22 -16.67
N THR A 81 23.83 -2.47 -15.56
CA THR A 81 24.32 -2.10 -14.24
C THR A 81 25.80 -2.49 -14.00
N SER A 82 26.18 -3.68 -14.44
CA SER A 82 27.54 -4.17 -14.23
C SER A 82 28.69 -3.41 -14.92
N LEU A 83 28.40 -2.67 -15.99
CA LEU A 83 29.45 -1.93 -16.67
C LEU A 83 29.62 -0.49 -16.18
N HIS A 84 28.94 -0.15 -15.09
CA HIS A 84 29.04 1.20 -14.57
C HIS A 84 30.37 1.49 -13.90
N VAL A 85 30.73 0.69 -12.90
CA VAL A 85 31.97 0.91 -12.19
C VAL A 85 33.16 1.17 -13.13
N GLU A 86 33.24 0.40 -14.21
CA GLU A 86 34.33 0.52 -15.18
C GLU A 86 34.24 1.72 -16.12
N TRP A 87 33.16 1.78 -16.90
CA TRP A 87 32.98 2.85 -17.87
C TRP A 87 32.67 4.21 -17.28
N ALA A 88 32.34 4.22 -15.99
CA ALA A 88 32.06 5.47 -15.30
C ALA A 88 33.40 6.06 -14.84
N ILE A 89 34.22 5.27 -14.16
CA ILE A 89 35.52 5.75 -13.70
C ILE A 89 36.30 6.26 -14.92
N LYS A 90 36.23 5.52 -16.02
CA LYS A 90 36.93 5.88 -17.27
C LYS A 90 36.30 7.07 -17.99
N ALA A 91 35.08 7.43 -17.63
CA ALA A 91 34.45 8.57 -18.28
C ALA A 91 34.94 9.87 -17.65
N ALA A 92 34.93 9.93 -16.33
CA ALA A 92 35.36 11.11 -15.60
C ALA A 92 36.84 11.41 -15.82
N GLU A 93 37.67 10.37 -15.78
CA GLU A 93 39.10 10.52 -15.97
C GLU A 93 39.41 11.21 -17.30
N LYS A 94 38.48 11.12 -18.25
CA LYS A 94 38.65 11.75 -19.56
C LYS A 94 37.89 13.08 -19.65
N GLY A 95 37.80 13.78 -18.53
CA GLY A 95 37.11 15.05 -18.48
C GLY A 95 35.61 15.02 -18.75
N LYS A 96 35.01 13.83 -18.66
CA LYS A 96 33.59 13.70 -18.91
C LYS A 96 32.77 13.49 -17.65
N HIS A 97 31.71 14.28 -17.50
CA HIS A 97 30.81 14.18 -16.37
C HIS A 97 29.85 13.02 -16.62
N ILE A 98 29.75 12.12 -15.65
CA ILE A 98 28.92 10.94 -15.76
C ILE A 98 27.43 11.14 -15.49
N LEU A 99 26.63 10.54 -16.36
CA LEU A 99 25.18 10.55 -16.28
C LEU A 99 24.92 9.04 -16.24
N LEU A 100 25.08 8.48 -15.04
CA LEU A 100 24.92 7.04 -14.83
C LEU A 100 23.47 6.62 -14.62
N GLU A 101 23.10 5.47 -15.17
CA GLU A 101 21.72 4.97 -15.00
C GLU A 101 21.60 4.16 -13.71
N LYS A 102 20.39 3.76 -13.36
CA LYS A 102 20.19 2.99 -12.15
C LYS A 102 19.61 1.61 -12.42
N PRO A 103 19.87 0.64 -11.53
CA PRO A 103 20.69 0.83 -10.33
C PRO A 103 22.10 1.21 -10.74
N VAL A 104 22.72 2.12 -9.99
CA VAL A 104 24.05 2.61 -10.30
C VAL A 104 25.21 1.68 -9.94
N ALA A 105 24.91 0.50 -9.40
CA ALA A 105 25.97 -0.43 -9.04
C ALA A 105 25.44 -1.67 -8.34
N MSE A 106 26.30 -2.68 -8.25
CA MSE A 106 25.93 -3.94 -7.59
C MSE A 106 25.97 -3.82 -6.09
O MSE A 106 25.56 -4.74 -5.37
CB MSE A 106 26.84 -5.06 -8.08
CG MSE A 106 26.62 -5.42 -9.53
SE MSE A 106 24.75 -5.82 -9.80
CE MSE A 106 24.74 -7.63 -9.09
N ASN A 107 26.47 -2.68 -5.60
CA ASN A 107 26.55 -2.41 -4.18
C ASN A 107 27.08 -1.01 -3.96
N VAL A 108 27.04 -0.54 -2.71
CA VAL A 108 27.49 0.81 -2.40
C VAL A 108 29.00 0.96 -2.41
N THR A 109 29.72 -0.12 -2.12
CA THR A 109 31.18 -0.06 -2.12
C THR A 109 31.63 0.23 -3.56
N GLU A 110 31.23 -0.65 -4.48
CA GLU A 110 31.56 -0.49 -5.89
C GLU A 110 31.23 0.92 -6.31
N PHE A 111 30.09 1.43 -5.84
CA PHE A 111 29.67 2.78 -6.19
C PHE A 111 30.49 3.84 -5.46
N ASP A 112 31.03 3.50 -4.30
CA ASP A 112 31.87 4.45 -3.57
C ASP A 112 33.03 4.79 -4.49
N LYS A 113 33.45 3.79 -5.27
CA LYS A 113 34.56 3.96 -6.20
C LYS A 113 34.22 4.88 -7.39
N ILE A 114 32.95 4.88 -7.80
CA ILE A 114 32.53 5.71 -8.91
C ILE A 114 32.51 7.16 -8.46
N VAL A 115 32.07 7.40 -7.23
CA VAL A 115 32.00 8.75 -6.71
C VAL A 115 33.40 9.28 -6.48
N ASP A 116 34.32 8.38 -6.17
CA ASP A 116 35.71 8.76 -5.93
C ASP A 116 36.27 9.46 -7.16
N ALA A 117 36.21 8.79 -8.29
CA ALA A 117 36.73 9.33 -9.55
C ALA A 117 35.99 10.59 -9.99
N CYS A 118 34.81 10.82 -9.42
CA CYS A 118 34.03 12.02 -9.75
C CYS A 118 34.48 13.20 -8.90
N GLU A 119 35.16 12.89 -7.80
CA GLU A 119 35.67 13.90 -6.89
C GLU A 119 37.17 14.07 -7.15
N ALA A 120 37.82 12.99 -7.52
CA ALA A 120 39.26 13.02 -7.80
C ALA A 120 39.52 13.63 -9.17
N ASN A 121 38.48 13.71 -9.99
CA ASN A 121 38.60 14.28 -11.32
C ASN A 121 37.69 15.49 -11.47
N GLY A 122 37.02 15.85 -10.38
CA GLY A 122 36.13 16.99 -10.38
C GLY A 122 35.00 16.92 -11.41
N VAL A 123 34.35 15.76 -11.54
CA VAL A 123 33.25 15.66 -12.49
C VAL A 123 31.89 15.51 -11.80
N GLN A 124 30.84 15.97 -12.49
CA GLN A 124 29.47 15.88 -11.98
C GLN A 124 28.85 14.55 -12.34
N ILE A 125 28.23 13.89 -11.37
CA ILE A 125 27.58 12.62 -11.61
C ILE A 125 26.13 12.68 -11.16
N MSE A 126 25.32 11.77 -11.69
CA MSE A 126 23.90 11.72 -11.38
C MSE A 126 23.28 10.49 -12.05
O MSE A 126 23.75 10.06 -13.11
CB MSE A 126 23.21 12.98 -11.90
CG MSE A 126 21.67 12.98 -11.81
SE MSE A 126 20.85 14.27 -13.02
CE MSE A 126 22.29 14.43 -14.30
N ASP A 127 22.23 9.94 -11.45
CA ASP A 127 21.54 8.79 -12.03
C ASP A 127 20.40 9.30 -12.89
N GLY A 128 19.95 8.49 -13.83
CA GLY A 128 18.88 8.89 -14.72
C GLY A 128 17.43 8.79 -14.26
N THR A 129 17.15 9.05 -12.97
CA THR A 129 15.77 9.02 -12.48
C THR A 129 15.07 10.25 -13.07
N MSE A 130 13.99 10.04 -13.81
CA MSE A 130 13.31 11.16 -14.46
C MSE A 130 12.27 11.92 -13.64
O MSE A 130 12.35 13.14 -13.52
CB MSE A 130 12.65 10.67 -15.76
CG MSE A 130 13.35 9.50 -16.42
SE MSE A 130 12.49 8.92 -18.07
CE MSE A 130 14.07 8.68 -19.18
N TRP A 131 11.32 11.19 -13.05
CA TRP A 131 10.23 11.78 -12.28
C TRP A 131 10.56 12.76 -11.16
N VAL A 132 11.77 12.69 -10.61
CA VAL A 132 12.13 13.61 -9.54
C VAL A 132 12.41 14.98 -10.13
N HIS A 133 12.51 15.07 -11.46
CA HIS A 133 12.75 16.35 -12.10
C HIS A 133 11.50 17.01 -12.66
N ASN A 134 10.42 16.22 -12.79
CA ASN A 134 9.17 16.76 -13.29
C ASN A 134 8.60 17.73 -12.22
N PRO A 135 8.08 18.89 -12.65
CA PRO A 135 7.51 19.90 -11.75
C PRO A 135 6.57 19.35 -10.66
N ARG A 136 5.68 18.43 -11.03
CA ARG A 136 4.74 17.84 -10.08
C ARG A 136 5.42 17.44 -8.79
N THR A 137 6.68 17.00 -8.89
CA THR A 137 7.42 16.56 -7.72
C THR A 137 7.77 17.72 -6.81
N ALA A 138 7.67 18.93 -7.34
CA ALA A 138 7.96 20.13 -6.56
C ALA A 138 6.69 20.60 -5.86
N LEU A 139 5.61 20.75 -6.63
CA LEU A 139 4.32 21.19 -6.10
C LEU A 139 3.62 19.97 -5.51
N LEU A 140 4.36 19.28 -4.66
CA LEU A 140 3.90 18.07 -3.97
C LEU A 140 4.94 17.75 -2.91
N LYS A 141 6.17 18.16 -3.17
CA LYS A 141 7.26 17.96 -2.22
C LYS A 141 6.97 19.02 -1.17
N GLU A 142 6.32 20.08 -1.62
CA GLU A 142 5.95 21.19 -0.75
C GLU A 142 4.76 20.76 0.12
N PHE A 143 3.87 19.95 -0.45
CA PHE A 143 2.70 19.47 0.28
C PHE A 143 3.10 18.59 1.44
N LEU A 144 4.24 17.91 1.32
CA LEU A 144 4.73 17.03 2.37
C LEU A 144 5.53 17.84 3.39
N SER A 145 5.74 19.12 3.10
CA SER A 145 6.48 20.01 4.00
C SER A 145 5.49 20.87 4.79
N ASP A 146 4.21 20.64 4.56
CA ASP A 146 3.14 21.38 5.23
C ASP A 146 2.80 20.74 6.57
N SER A 147 3.42 21.26 7.65
CA SER A 147 3.20 20.73 8.97
C SER A 147 1.77 20.99 9.47
N GLU A 148 0.98 21.66 8.62
CA GLU A 148 -0.40 21.96 8.95
C GLU A 148 -1.35 21.25 7.98
N ARG A 149 -1.11 21.44 6.68
CA ARG A 149 -1.95 20.81 5.66
C ARG A 149 -1.62 19.33 5.49
N PHE A 150 -0.47 18.92 6.02
CA PHE A 150 -0.06 17.52 5.92
C PHE A 150 0.35 16.96 7.28
N GLY A 151 0.98 17.80 8.09
CA GLY A 151 1.40 17.38 9.42
C GLY A 151 2.72 16.67 9.47
N GLN A 152 2.89 15.77 10.44
CA GLN A 152 4.12 15.00 10.59
C GLN A 152 3.99 13.64 9.90
N LEU A 153 4.98 13.31 9.07
CA LEU A 153 5.00 12.03 8.35
C LEU A 153 4.93 10.86 9.32
N LYS A 154 4.11 9.87 9.01
CA LYS A 154 4.01 8.71 9.89
C LYS A 154 4.45 7.43 9.19
N THR A 155 3.90 7.18 8.00
CA THR A 155 4.24 5.97 7.25
C THR A 155 4.46 6.30 5.79
N VAL A 156 5.39 5.59 5.15
CA VAL A 156 5.64 5.84 3.74
C VAL A 156 5.60 4.56 2.93
N GLN A 157 4.57 4.43 2.09
CA GLN A 157 4.41 3.27 1.23
C GLN A 157 4.83 3.63 -0.19
N SER A 158 5.26 2.62 -0.94
CA SER A 158 5.67 2.80 -2.32
C SER A 158 5.68 1.46 -3.06
N CYS A 159 4.88 1.36 -4.11
CA CYS A 159 4.80 0.14 -4.89
C CYS A 159 5.11 0.37 -6.35
N PHE A 160 5.59 -0.67 -7.01
CA PHE A 160 5.90 -0.61 -8.44
C PHE A 160 6.18 -2.01 -9.01
N SER A 161 5.44 -2.36 -10.06
CA SER A 161 5.61 -3.65 -10.70
C SER A 161 5.02 -3.62 -12.10
N PHE A 162 5.35 -4.65 -12.86
CA PHE A 162 4.83 -4.81 -14.21
C PHE A 162 4.99 -6.28 -14.51
N ALA A 163 4.36 -6.75 -15.57
CA ALA A 163 4.41 -8.17 -15.90
C ALA A 163 5.26 -8.55 -17.09
N GLY A 164 6.42 -9.13 -16.83
CA GLY A 164 7.30 -9.53 -17.92
C GLY A 164 6.80 -10.79 -18.61
N ASP A 165 6.60 -10.71 -19.92
CA ASP A 165 6.15 -11.87 -20.69
C ASP A 165 7.22 -12.97 -20.60
N GLU A 166 6.89 -14.15 -21.09
CA GLU A 166 7.82 -15.27 -21.05
C GLU A 166 9.24 -14.89 -21.48
N ASP A 167 9.33 -14.16 -22.58
CA ASP A 167 10.61 -13.74 -23.11
C ASP A 167 11.42 -12.88 -22.12
N PHE A 168 10.88 -11.71 -21.78
CA PHE A 168 11.52 -10.80 -20.84
C PHE A 168 12.16 -11.57 -19.67
N LEU A 169 11.37 -12.44 -19.03
CA LEU A 169 11.84 -13.22 -17.90
C LEU A 169 13.00 -14.13 -18.26
N LYS A 170 13.13 -14.41 -19.55
CA LYS A 170 14.17 -15.28 -20.03
C LYS A 170 15.38 -14.55 -20.65
N ASN A 171 15.15 -13.42 -21.30
CA ASN A 171 16.25 -12.73 -21.96
C ASN A 171 16.62 -11.30 -21.55
N ASP A 172 15.66 -10.50 -21.10
CA ASP A 172 15.98 -9.14 -20.70
C ASP A 172 17.19 -9.13 -19.75
N ILE A 173 17.99 -8.07 -19.79
CA ILE A 173 19.17 -8.00 -18.93
C ILE A 173 18.87 -7.92 -17.42
N ARG A 174 17.61 -7.64 -17.09
CA ARG A 174 17.18 -7.52 -15.71
C ARG A 174 17.09 -8.85 -14.96
N VAL A 175 17.17 -9.96 -15.70
CA VAL A 175 17.14 -11.28 -15.09
C VAL A 175 18.53 -11.90 -15.18
N LYS A 176 19.47 -11.15 -15.77
CA LYS A 176 20.86 -11.62 -15.92
C LYS A 176 21.75 -11.15 -14.76
N PRO A 177 22.26 -12.10 -13.96
CA PRO A 177 23.12 -11.78 -12.82
C PRO A 177 24.37 -10.98 -13.17
N GLY A 178 24.84 -11.14 -14.41
CA GLY A 178 26.05 -10.44 -14.84
C GLY A 178 25.81 -9.08 -15.49
N LEU A 179 24.56 -8.77 -15.81
CA LEU A 179 24.23 -7.49 -16.45
C LEU A 179 23.52 -6.59 -15.45
N ASP A 180 22.20 -6.68 -15.38
CA ASP A 180 21.45 -5.89 -14.41
C ASP A 180 21.06 -6.84 -13.30
N GLY A 181 22.07 -7.35 -12.62
CA GLY A 181 21.88 -8.31 -11.55
C GLY A 181 21.06 -7.93 -10.34
N LEU A 182 20.64 -6.68 -10.20
CA LEU A 182 19.83 -6.31 -9.04
C LEU A 182 18.36 -6.62 -9.27
N GLY A 183 18.05 -7.10 -10.47
CA GLY A 183 16.68 -7.47 -10.83
C GLY A 183 15.60 -6.44 -10.54
N ALA A 184 14.46 -6.93 -10.04
CA ALA A 184 13.33 -6.06 -9.73
C ALA A 184 13.64 -5.12 -8.58
N LEU A 185 14.69 -5.43 -7.84
CA LEU A 185 15.08 -4.59 -6.70
C LEU A 185 15.71 -3.29 -7.20
N GLY A 186 16.75 -3.42 -8.01
CA GLY A 186 17.43 -2.25 -8.54
C GLY A 186 16.71 -1.57 -9.69
N ASP A 187 15.93 -2.33 -10.45
CA ASP A 187 15.21 -1.76 -11.58
C ASP A 187 13.91 -1.07 -11.20
N ALA A 188 13.14 -1.69 -10.29
CA ALA A 188 11.87 -1.11 -9.87
C ALA A 188 11.84 -0.64 -8.42
N GLY A 189 12.29 -1.48 -7.50
CA GLY A 189 12.28 -1.11 -6.09
C GLY A 189 13.15 0.10 -5.81
N TRP A 190 13.84 0.55 -6.86
CA TRP A 190 14.74 1.69 -6.80
C TRP A 190 13.96 3.00 -6.92
N TYR A 191 12.69 2.90 -7.31
CA TYR A 191 11.85 4.07 -7.46
C TYR A 191 11.03 4.23 -6.18
N ALA A 192 10.74 3.09 -5.57
CA ALA A 192 9.97 3.05 -4.35
C ALA A 192 10.84 3.52 -3.20
N ILE A 193 12.05 2.98 -3.11
CA ILE A 193 12.98 3.35 -2.05
C ILE A 193 13.39 4.82 -2.16
N ARG A 194 13.51 5.31 -3.40
CA ARG A 194 13.90 6.69 -3.62
C ARG A 194 12.77 7.64 -3.24
N ALA A 195 11.53 7.25 -3.51
CA ALA A 195 10.38 8.10 -3.19
C ALA A 195 10.19 8.18 -1.67
N THR A 196 10.59 7.12 -0.99
CA THR A 196 10.49 7.05 0.46
C THR A 196 11.53 8.00 1.09
N LEU A 197 12.79 7.81 0.72
CA LEU A 197 13.86 8.65 1.22
C LEU A 197 13.50 10.12 1.04
N LEU A 198 12.98 10.45 -0.14
CA LEU A 198 12.57 11.80 -0.46
C LEU A 198 11.51 12.30 0.52
N ALA A 199 10.35 11.65 0.53
CA ALA A 199 9.27 12.03 1.44
C ALA A 199 9.73 12.02 2.88
N ASN A 200 10.78 11.25 3.17
CA ASN A 200 11.33 11.14 4.52
C ASN A 200 12.46 12.13 4.80
N ASN A 201 12.47 13.24 4.08
CA ASN A 201 13.49 14.26 4.26
C ASN A 201 14.92 13.79 3.99
N PHE A 202 15.06 12.83 3.06
CA PHE A 202 16.35 12.29 2.65
C PHE A 202 17.18 11.65 3.75
N GLU A 203 16.51 11.10 4.75
CA GLU A 203 17.20 10.46 5.87
C GLU A 203 17.12 8.94 5.82
N LEU A 204 18.27 8.29 5.81
CA LEU A 204 18.32 6.82 5.80
C LEU A 204 17.60 6.28 7.01
N PRO A 205 16.96 5.10 6.87
CA PRO A 205 16.27 4.51 8.01
C PRO A 205 17.30 3.84 8.91
N LYS A 206 16.94 3.54 10.15
CA LYS A 206 17.89 2.88 11.05
C LYS A 206 18.11 1.44 10.58
N THR A 207 17.03 0.73 10.29
CA THR A 207 17.15 -0.64 9.85
C THR A 207 16.27 -0.96 8.66
N VAL A 208 16.57 -2.07 8.01
CA VAL A 208 15.81 -2.48 6.85
C VAL A 208 15.55 -3.97 7.01
N THR A 209 14.34 -4.40 6.67
CA THR A 209 13.99 -5.80 6.78
C THR A 209 13.11 -6.22 5.61
N ALA A 210 13.63 -7.11 4.78
CA ALA A 210 12.91 -7.60 3.62
C ALA A 210 11.67 -8.37 4.04
N PHE A 211 10.68 -8.44 3.15
CA PHE A 211 9.45 -9.17 3.41
C PHE A 211 9.75 -10.64 3.15
N PRO A 212 9.47 -11.51 4.13
CA PRO A 212 9.76 -12.92 3.85
C PRO A 212 8.91 -13.36 2.67
N GLY A 213 9.44 -14.25 1.83
CA GLY A 213 8.69 -14.72 0.68
C GLY A 213 9.05 -14.09 -0.64
N ALA A 214 10.29 -13.61 -0.76
CA ALA A 214 10.78 -12.98 -1.99
C ALA A 214 10.87 -14.03 -3.09
N VAL A 215 10.95 -13.59 -4.34
CA VAL A 215 11.05 -14.50 -5.48
C VAL A 215 12.32 -14.28 -6.30
N LEU A 216 13.07 -15.36 -6.47
CA LEU A 216 14.31 -15.35 -7.23
C LEU A 216 14.14 -16.24 -8.46
N ASN A 217 14.93 -15.99 -9.49
CA ASN A 217 14.88 -16.82 -10.68
C ASN A 217 15.92 -17.91 -10.47
N GLU A 218 16.07 -18.82 -11.42
CA GLU A 218 17.06 -19.90 -11.26
C GLU A 218 18.49 -19.39 -11.18
N ALA A 219 18.75 -18.21 -11.73
CA ALA A 219 20.09 -17.63 -11.69
C ALA A 219 20.27 -16.76 -10.46
N GLY A 220 19.30 -16.84 -9.55
CA GLY A 220 19.36 -16.09 -8.31
C GLY A 220 19.02 -14.60 -8.34
N VAL A 221 18.45 -14.13 -9.44
CA VAL A 221 18.07 -12.73 -9.56
C VAL A 221 16.67 -12.49 -9.01
N ILE A 222 16.52 -11.41 -8.25
CA ILE A 222 15.25 -11.06 -7.65
C ILE A 222 14.25 -10.57 -8.68
N LEU A 223 13.10 -11.24 -8.73
CA LEU A 223 12.06 -10.86 -9.68
C LEU A 223 10.94 -10.16 -8.91
N SER A 224 10.98 -10.27 -7.59
CA SER A 224 10.00 -9.62 -6.73
C SER A 224 10.54 -9.63 -5.31
N CYS A 225 10.09 -8.66 -4.50
CA CYS A 225 10.52 -8.57 -3.11
C CYS A 225 10.01 -7.26 -2.53
N GLY A 226 9.96 -7.21 -1.20
CA GLY A 226 9.51 -6.01 -0.50
C GLY A 226 10.34 -5.85 0.77
N ALA A 227 10.06 -4.84 1.58
CA ALA A 227 10.83 -4.65 2.80
C ALA A 227 10.15 -3.74 3.80
N SER A 228 10.95 -3.21 4.72
CA SER A 228 10.47 -2.30 5.75
C SER A 228 11.64 -1.45 6.21
N LEU A 229 11.43 -0.14 6.27
CA LEU A 229 12.46 0.80 6.70
C LEU A 229 11.94 1.44 7.99
N SER A 230 12.74 1.40 9.04
CA SER A 230 12.32 1.97 10.32
C SER A 230 13.23 3.08 10.84
N TRP A 231 12.62 4.22 11.15
CA TRP A 231 13.36 5.35 11.69
C TRP A 231 13.28 5.37 13.22
N GLU A 232 12.68 4.33 13.79
CA GLU A 232 12.55 4.16 15.23
C GLU A 232 11.84 5.29 16.01
N ASP A 233 11.16 6.17 15.31
CA ASP A 233 10.46 7.27 15.97
C ASP A 233 8.98 7.35 15.59
N GLY A 234 8.46 6.27 15.00
CA GLY A 234 7.06 6.26 14.60
C GLY A 234 6.93 6.20 13.09
N ARG A 235 8.02 6.50 12.39
CA ARG A 235 8.05 6.47 10.93
C ARG A 235 8.56 5.13 10.44
N THR A 236 7.79 4.49 9.55
CA THR A 236 8.17 3.20 9.01
C THR A 236 8.01 3.23 7.50
N ALA A 237 8.62 2.26 6.83
CA ALA A 237 8.52 2.20 5.38
C ALA A 237 8.32 0.76 4.91
N THR A 238 7.39 0.57 3.98
CA THR A 238 7.11 -0.74 3.42
C THR A 238 6.95 -0.62 1.90
N ILE A 239 8.06 -0.41 1.19
CA ILE A 239 7.99 -0.27 -0.26
C ILE A 239 7.81 -1.65 -0.88
N TYR A 240 7.62 -1.69 -2.19
CA TYR A 240 7.44 -2.96 -2.89
C TYR A 240 7.81 -2.82 -4.36
N CYS A 241 8.26 -3.93 -4.95
CA CYS A 241 8.63 -3.96 -6.35
C CYS A 241 8.49 -5.38 -6.87
N SER A 242 8.05 -5.51 -8.12
CA SER A 242 7.87 -6.83 -8.73
C SER A 242 7.82 -6.78 -10.24
N PHE A 243 8.27 -7.86 -10.85
CA PHE A 243 8.27 -8.04 -12.31
C PHE A 243 7.18 -9.08 -12.66
N LEU A 244 6.37 -9.49 -11.69
CA LEU A 244 5.37 -10.52 -11.93
C LEU A 244 3.89 -10.16 -11.70
N ALA A 245 3.51 -8.93 -12.05
CA ALA A 245 2.13 -8.48 -11.88
C ALA A 245 1.83 -7.21 -12.71
N ASN A 246 0.56 -6.94 -12.96
CA ASN A 246 0.12 -5.78 -13.74
C ASN A 246 0.73 -4.45 -13.33
N LEU A 247 0.97 -3.59 -14.33
CA LEU A 247 1.55 -2.27 -14.12
C LEU A 247 0.82 -1.58 -12.97
N THR A 248 1.57 -1.05 -12.02
CA THR A 248 1.02 -0.38 -10.85
C THR A 248 2.20 0.35 -10.24
N MSE A 249 2.00 1.64 -9.94
CA MSE A 249 3.08 2.44 -9.34
C MSE A 249 2.45 3.45 -8.39
O MSE A 249 1.94 4.49 -8.81
CB MSE A 249 3.87 3.17 -10.44
CG MSE A 249 3.03 3.99 -11.41
SE MSE A 249 4.05 4.51 -12.96
CE MSE A 249 2.76 5.68 -13.77
N GLU A 250 2.47 3.12 -7.11
CA GLU A 250 1.86 3.98 -6.11
C GLU A 250 2.86 4.59 -5.13
N ILE A 251 2.41 5.68 -4.51
CA ILE A 251 3.17 6.38 -3.48
C ILE A 251 2.16 6.61 -2.38
N THR A 252 2.31 5.95 -1.24
CA THR A 252 1.40 6.23 -0.14
C THR A 252 2.20 6.89 0.97
N ALA A 253 1.76 8.09 1.35
CA ALA A 253 2.41 8.85 2.41
C ALA A 253 1.35 9.35 3.36
N ILE A 254 1.36 8.87 4.58
CA ILE A 254 0.37 9.27 5.58
C ILE A 254 1.00 10.20 6.63
N GLY A 255 0.60 11.46 6.60
CA GLY A 255 1.13 12.41 7.55
C GLY A 255 0.26 12.48 8.79
N THR A 256 0.53 13.48 9.63
CA THR A 256 -0.24 13.66 10.86
C THR A 256 -1.54 14.42 10.60
N LYS A 257 -1.56 15.26 9.58
CA LYS A 257 -2.74 16.07 9.27
C LYS A 257 -3.23 15.88 7.84
N GLY A 258 -2.44 15.21 7.02
CA GLY A 258 -2.83 15.00 5.63
C GLY A 258 -2.44 13.66 5.05
N THR A 259 -3.00 13.35 3.88
CA THR A 259 -2.72 12.11 3.18
C THR A 259 -2.32 12.44 1.75
N LEU A 260 -1.19 11.89 1.31
CA LEU A 260 -0.73 12.13 -0.05
C LEU A 260 -0.68 10.83 -0.82
N ARG A 261 -1.19 10.85 -2.05
CA ARG A 261 -1.19 9.64 -2.88
C ARG A 261 -0.82 9.92 -4.32
N VAL A 262 -0.13 8.97 -4.95
CA VAL A 262 0.26 9.11 -6.34
C VAL A 262 0.06 7.76 -7.05
N HIS A 263 -0.91 7.71 -7.97
CA HIS A 263 -1.21 6.49 -8.70
C HIS A 263 -0.21 6.25 -9.82
N ASP A 264 0.55 7.30 -10.13
CA ASP A 264 1.60 7.22 -11.13
C ASP A 264 2.89 7.57 -10.40
N PHE A 265 3.60 8.56 -10.90
CA PHE A 265 4.85 9.04 -10.29
C PHE A 265 6.09 8.63 -11.07
N ILE A 266 6.02 7.50 -11.75
CA ILE A 266 7.13 7.05 -12.61
C ILE A 266 6.49 7.10 -14.00
N ILE A 267 6.82 8.11 -14.79
CA ILE A 267 6.19 8.21 -16.11
C ILE A 267 4.69 8.46 -15.89
N PRO A 268 4.23 9.71 -16.01
CA PRO A 268 2.80 9.98 -15.83
C PRO A 268 1.97 9.39 -16.96
N TYR A 269 0.65 9.46 -16.84
CA TYR A 269 -0.25 8.94 -17.86
C TYR A 269 0.01 9.60 -19.20
N LYS A 270 0.15 10.92 -19.19
CA LYS A 270 0.42 11.70 -20.39
C LYS A 270 1.49 12.74 -20.05
N GLU A 271 2.60 12.72 -20.78
CA GLU A 271 3.71 13.63 -20.51
C GLU A 271 3.31 15.10 -20.45
N THR A 272 2.17 15.41 -21.04
CA THR A 272 1.68 16.78 -21.08
C THR A 272 0.99 17.24 -19.79
N GLU A 273 0.73 16.31 -18.87
CA GLU A 273 0.08 16.66 -17.61
C GLU A 273 0.42 15.68 -16.49
N ALA A 274 0.32 16.14 -15.25
CA ALA A 274 0.62 15.31 -14.08
C ALA A 274 -0.39 15.59 -12.95
N SER A 275 -1.05 14.53 -12.49
CA SER A 275 -2.06 14.66 -11.43
C SER A 275 -1.67 14.02 -10.09
N PHE A 276 -2.56 14.15 -9.12
CA PHE A 276 -2.38 13.60 -7.79
C PHE A 276 -3.55 13.98 -6.88
N THR A 277 -3.73 13.23 -5.80
CA THR A 277 -4.82 13.47 -4.86
C THR A 277 -4.30 13.93 -3.51
N THR A 278 -5.06 14.76 -2.81
CA THR A 278 -4.67 15.29 -1.51
C THR A 278 -5.82 15.27 -0.51
N SER A 279 -5.50 15.15 0.77
CA SER A 279 -6.51 15.13 1.82
C SER A 279 -6.00 15.62 3.17
N THR A 280 -6.77 16.48 3.81
CA THR A 280 -6.41 17.03 5.11
C THR A 280 -7.66 17.18 5.97
N LYS A 281 -7.50 17.08 7.28
CA LYS A 281 -8.62 17.21 8.23
C LYS A 281 -9.82 16.39 7.74
N ALA A 282 -9.56 15.26 7.10
CA ALA A 282 -10.64 14.43 6.59
C ALA A 282 -11.29 13.66 7.73
N TRP A 283 -12.61 13.47 7.63
CA TRP A 283 -13.35 12.74 8.64
C TRP A 283 -14.71 12.30 8.12
N PHE A 284 -15.54 11.77 9.01
CA PHE A 284 -16.88 11.31 8.66
C PHE A 284 -17.89 12.25 9.31
N ASN A 285 -19.16 12.12 8.94
CA ASN A 285 -20.18 12.95 9.56
C ASN A 285 -20.53 12.26 10.88
N ASP A 286 -21.35 12.91 11.70
CA ASP A 286 -21.73 12.37 13.01
C ASP A 286 -22.06 10.89 13.11
N LEU A 287 -22.81 10.37 12.14
CA LEU A 287 -23.19 8.96 12.21
C LEU A 287 -22.26 8.04 11.42
N VAL A 288 -21.10 8.57 11.02
CA VAL A 288 -20.13 7.81 10.25
C VAL A 288 -20.85 7.11 9.11
N THR A 289 -21.75 7.84 8.47
CA THR A 289 -22.52 7.32 7.35
C THR A 289 -21.93 7.88 6.05
N ALA A 290 -20.89 8.69 6.16
CA ALA A 290 -20.23 9.29 4.99
C ALA A 290 -19.03 10.15 5.35
N TRP A 291 -18.21 10.46 4.34
CA TRP A 291 -17.02 11.31 4.50
C TRP A 291 -17.48 12.75 4.41
N VAL A 292 -17.01 13.59 5.33
CA VAL A 292 -17.42 15.00 5.34
C VAL A 292 -16.73 15.79 4.23
N SER A 293 -15.42 15.62 4.08
CA SER A 293 -14.68 16.29 3.01
C SER A 293 -13.63 15.32 2.45
N PRO A 294 -13.98 14.61 1.38
CA PRO A 294 -13.10 13.64 0.73
C PRO A 294 -11.91 14.28 0.03
N PRO A 295 -10.89 13.47 -0.33
CA PRO A 295 -9.69 13.96 -1.00
C PRO A 295 -9.96 14.62 -2.35
N SER A 296 -9.10 15.59 -2.69
CA SER A 296 -9.23 16.34 -3.92
C SER A 296 -8.14 15.99 -4.93
N GLU A 297 -8.43 16.24 -6.21
CA GLU A 297 -7.50 15.97 -7.31
C GLU A 297 -6.84 17.24 -7.85
N HIS A 298 -5.52 17.20 -7.99
CA HIS A 298 -4.75 18.33 -8.52
C HIS A 298 -3.98 17.93 -9.76
N THR A 299 -4.02 18.78 -10.78
CA THR A 299 -3.30 18.52 -12.02
C THR A 299 -2.37 19.67 -12.36
N VAL A 300 -1.15 19.34 -12.77
CA VAL A 300 -0.18 20.37 -13.15
C VAL A 300 0.15 20.23 -14.63
N LYS A 301 0.19 21.38 -15.32
CA LYS A 301 0.50 21.39 -16.73
C LYS A 301 2.02 21.27 -16.86
N THR A 302 2.46 20.38 -17.74
CA THR A 302 3.89 20.16 -17.98
C THR A 302 4.16 20.28 -19.47
N GLU A 303 4.47 21.50 -19.91
CA GLU A 303 4.71 21.77 -21.32
C GLU A 303 5.91 20.99 -21.88
N LEU A 304 6.84 20.64 -20.98
CA LEU A 304 8.04 19.90 -21.34
C LEU A 304 8.08 18.56 -20.60
N PRO A 305 8.20 17.44 -21.33
CA PRO A 305 8.23 16.09 -20.74
C PRO A 305 9.23 15.98 -19.58
N GLN A 306 9.12 14.91 -18.81
CA GLN A 306 9.98 14.69 -17.66
C GLN A 306 11.44 14.51 -18.10
N GLU A 307 11.68 13.51 -18.94
CA GLU A 307 13.03 13.26 -19.44
C GLU A 307 13.45 14.51 -20.19
N ALA A 308 12.45 15.30 -20.59
CA ALA A 308 12.69 16.54 -21.32
C ALA A 308 13.11 17.63 -20.34
N CYS A 309 12.48 17.64 -19.16
CA CYS A 309 12.79 18.61 -18.13
C CYS A 309 14.09 18.21 -17.43
N MSE A 310 14.41 16.93 -17.48
CA MSE A 310 15.64 16.39 -16.87
C MSE A 310 16.81 16.87 -17.70
O MSE A 310 17.71 17.53 -17.18
CB MSE A 310 15.63 14.86 -16.85
CG MSE A 310 16.94 14.23 -16.32
SE MSE A 310 16.93 12.29 -16.39
CE MSE A 310 16.88 12.05 -18.30
N VAL A 311 16.80 16.53 -18.99
CA VAL A 311 17.86 16.93 -19.90
C VAL A 311 18.04 18.44 -19.88
N ARG A 312 16.94 19.17 -19.76
CA ARG A 312 17.00 20.62 -19.75
C ARG A 312 17.61 21.11 -18.45
N GLU A 313 17.81 20.18 -17.51
CA GLU A 313 18.41 20.54 -16.24
C GLU A 313 19.84 20.03 -16.18
N PHE A 314 20.23 19.23 -17.17
CA PHE A 314 21.60 18.72 -17.20
C PHE A 314 22.44 19.90 -17.66
N ALA A 315 22.49 20.90 -16.80
CA ALA A 315 23.22 22.14 -17.02
C ALA A 315 24.12 22.38 -15.81
N ARG A 316 24.75 21.31 -15.34
CA ARG A 316 25.65 21.38 -14.19
C ARG A 316 26.85 22.28 -14.45
N LEU A 317 27.15 22.50 -15.72
CA LEU A 317 28.24 23.41 -16.12
C LEU A 317 29.62 23.01 -15.59
N VAL A 318 30.05 23.67 -14.52
CA VAL A 318 31.35 23.45 -13.90
C VAL A 318 32.49 23.57 -14.90
N TYR A 331 26.41 15.96 -4.10
CA TYR A 331 25.01 16.03 -3.69
C TYR A 331 24.17 14.93 -4.32
N TRP A 332 24.02 14.95 -5.65
CA TRP A 332 23.23 13.93 -6.30
C TRP A 332 23.78 12.53 -6.10
N PRO A 333 25.11 12.41 -5.96
CA PRO A 333 25.62 11.04 -5.77
C PRO A 333 25.28 10.53 -4.37
N SER A 334 24.99 11.44 -3.46
CA SER A 334 24.66 11.09 -2.09
C SER A 334 23.27 10.45 -2.04
N ILE A 335 22.28 11.13 -2.63
CA ILE A 335 20.93 10.60 -2.66
C ILE A 335 20.98 9.25 -3.38
N SER A 336 21.73 9.20 -4.48
CA SER A 336 21.89 7.97 -5.26
C SER A 336 22.44 6.86 -4.37
N ARG A 337 23.51 7.19 -3.65
CA ARG A 337 24.17 6.25 -2.76
C ARG A 337 23.21 5.68 -1.70
N LYS A 338 22.47 6.57 -1.04
CA LYS A 338 21.53 6.14 -0.01
C LYS A 338 20.57 5.07 -0.54
N THR A 339 19.90 5.36 -1.65
CA THR A 339 18.97 4.38 -2.21
C THR A 339 19.70 3.10 -2.62
N GLN A 340 20.87 3.24 -3.25
CA GLN A 340 21.64 2.05 -3.63
C GLN A 340 21.86 1.27 -2.33
N LEU A 341 22.26 2.00 -1.30
CA LEU A 341 22.51 1.43 0.01
C LEU A 341 21.31 0.59 0.45
N VAL A 342 20.21 1.26 0.78
CA VAL A 342 18.98 0.59 1.21
C VAL A 342 18.66 -0.60 0.30
N VAL A 343 18.86 -0.41 -1.01
CA VAL A 343 18.62 -1.45 -2.00
C VAL A 343 19.37 -2.74 -1.64
N ASP A 344 20.69 -2.68 -1.68
CA ASP A 344 21.51 -3.84 -1.36
C ASP A 344 21.34 -4.24 0.11
N ALA A 345 20.87 -3.31 0.93
CA ALA A 345 20.63 -3.61 2.33
C ALA A 345 19.47 -4.60 2.32
N VAL A 346 18.44 -4.28 1.54
CA VAL A 346 17.27 -5.15 1.42
C VAL A 346 17.74 -6.52 0.92
N LYS A 347 18.67 -6.52 -0.03
CA LYS A 347 19.21 -7.74 -0.60
C LYS A 347 19.88 -8.61 0.47
N GLU A 348 20.76 -8.01 1.27
CA GLU A 348 21.44 -8.74 2.32
C GLU A 348 20.40 -9.44 3.21
N SER A 349 19.39 -8.68 3.62
CA SER A 349 18.31 -9.20 4.46
C SER A 349 17.73 -10.48 3.89
N VAL A 350 17.38 -10.47 2.60
CA VAL A 350 16.82 -11.66 1.97
C VAL A 350 17.86 -12.78 2.05
N ASP A 351 19.05 -12.52 1.52
CA ASP A 351 20.12 -13.51 1.54
C ASP A 351 20.45 -13.96 2.96
N LYS A 352 20.03 -13.16 3.94
CA LYS A 352 20.28 -13.48 5.35
C LYS A 352 19.00 -14.00 6.02
N ASN A 353 18.16 -14.68 5.26
CA ASN A 353 16.92 -15.25 5.78
C ASN A 353 15.98 -14.18 6.33
N TYR A 354 16.01 -13.01 5.71
CA TYR A 354 15.14 -11.90 6.09
C TYR A 354 15.42 -11.31 7.47
N GLN A 355 16.68 -11.34 7.87
CA GLN A 355 17.09 -10.78 9.15
C GLN A 355 17.03 -9.26 9.03
N GLN A 356 16.95 -8.58 10.17
CA GLN A 356 16.93 -7.11 10.16
C GLN A 356 18.35 -6.65 9.83
N ILE A 357 18.47 -5.63 8.99
CA ILE A 357 19.77 -5.11 8.61
C ILE A 357 19.92 -3.70 9.12
N SER A 358 21.04 -3.42 9.78
CA SER A 358 21.29 -2.10 10.34
C SER A 358 21.99 -1.19 9.33
N LEU A 359 21.64 0.09 9.35
CA LEU A 359 22.24 1.08 8.47
C LEU A 359 23.12 2.05 9.27
N SER A 360 23.56 1.61 10.44
CA SER A 360 24.42 2.41 11.31
C SER A 360 23.81 3.72 11.80
N GLN B 6 -39.92 -8.77 11.03
CA GLN B 6 -40.33 -10.01 11.74
C GLN B 6 -39.24 -10.50 12.72
N ILE B 7 -37.97 -10.32 12.35
CA ILE B 7 -36.86 -10.74 13.23
C ILE B 7 -36.66 -9.74 14.35
N ARG B 8 -36.94 -10.16 15.57
CA ARG B 8 -36.82 -9.29 16.74
C ARG B 8 -35.39 -9.25 17.25
N ILE B 9 -34.82 -8.04 17.28
CA ILE B 9 -33.44 -7.84 17.73
C ILE B 9 -33.33 -6.96 18.96
N GLY B 10 -32.38 -7.29 19.83
CA GLY B 10 -32.15 -6.51 21.03
C GLY B 10 -30.75 -5.94 20.95
N VAL B 11 -30.53 -4.81 21.61
CA VAL B 11 -29.22 -4.18 21.61
C VAL B 11 -28.64 -4.17 23.01
N MSE B 12 -27.56 -4.93 23.23
CA MSE B 12 -26.92 -4.99 24.54
C MSE B 12 -25.75 -4.03 24.66
O MSE B 12 -24.68 -4.27 24.12
CB MSE B 12 -26.44 -6.40 24.86
CG MSE B 12 -25.77 -6.51 26.21
SE MSE B 12 -25.58 -8.30 26.90
CE MSE B 12 -27.45 -8.72 27.09
N GLY B 13 -25.97 -2.94 25.41
CA GLY B 13 -24.92 -1.94 25.59
C GLY B 13 -25.20 -0.76 24.68
N CYS B 14 -25.56 0.37 25.28
CA CYS B 14 -25.87 1.57 24.50
C CYS B 14 -24.62 2.31 24.05
N ALA B 15 -23.80 1.64 23.24
CA ALA B 15 -22.57 2.21 22.71
C ALA B 15 -22.88 3.18 21.57
N ASP B 16 -21.96 4.11 21.33
CA ASP B 16 -22.14 5.10 20.28
C ASP B 16 -22.35 4.48 18.89
N ILE B 17 -21.67 3.37 18.61
CA ILE B 17 -21.82 2.72 17.31
C ILE B 17 -23.18 2.07 17.17
N ALA B 18 -23.91 1.98 18.28
CA ALA B 18 -25.23 1.37 18.25
C ALA B 18 -26.23 2.26 17.50
N ARG B 19 -25.95 3.56 17.48
CA ARG B 19 -26.83 4.51 16.81
C ARG B 19 -26.93 4.22 15.31
N LYS B 20 -25.78 4.05 14.67
CA LYS B 20 -25.74 3.76 13.24
C LYS B 20 -26.39 2.42 12.94
N VAL B 21 -26.08 1.39 13.73
CA VAL B 21 -26.65 0.07 13.50
C VAL B 21 -28.16 0.04 13.75
N SER B 22 -28.62 0.93 14.62
CA SER B 22 -30.06 1.00 14.90
C SER B 22 -30.80 1.39 13.62
N ARG B 23 -30.19 2.27 12.81
CA ARG B 23 -30.83 2.69 11.57
C ARG B 23 -30.78 1.56 10.54
N ALA B 24 -29.75 0.73 10.66
CA ALA B 24 -29.54 -0.40 9.75
C ALA B 24 -30.57 -1.47 10.04
N ILE B 25 -30.69 -1.85 11.30
CA ILE B 25 -31.64 -2.90 11.64
C ILE B 25 -33.00 -2.67 11.01
N HIS B 26 -33.64 -1.52 11.22
CA HIS B 26 -34.93 -1.38 10.57
C HIS B 26 -35.00 -0.53 9.31
N LEU B 27 -33.86 -0.23 8.69
CA LEU B 27 -33.90 0.46 7.43
C LEU B 27 -34.22 -0.73 6.53
N ALA B 28 -33.98 -1.91 7.10
CA ALA B 28 -34.18 -3.20 6.46
C ALA B 28 -35.20 -3.26 5.29
N PRO B 29 -36.52 -3.24 5.58
CA PRO B 29 -37.22 -3.24 6.87
C PRO B 29 -37.78 -4.59 7.28
N ASN B 30 -36.93 -5.62 7.25
CA ASN B 30 -37.35 -6.96 7.65
C ASN B 30 -36.73 -7.31 9.00
N ALA B 31 -36.51 -6.27 9.82
CA ALA B 31 -35.92 -6.43 11.14
C ALA B 31 -36.14 -5.14 11.92
N THR B 32 -36.33 -5.27 13.24
CA THR B 32 -36.55 -4.11 14.09
C THR B 32 -35.88 -4.22 15.45
N ILE B 33 -35.88 -3.12 16.19
CA ILE B 33 -35.28 -3.06 17.52
C ILE B 33 -36.37 -3.34 18.54
N SER B 34 -36.53 -4.61 18.90
CA SER B 34 -37.56 -5.02 19.86
C SER B 34 -37.10 -4.81 21.30
N GLY B 35 -35.83 -4.47 21.47
CA GLY B 35 -35.32 -4.28 22.81
C GLY B 35 -33.93 -3.69 22.86
N VAL B 36 -33.61 -3.09 24.01
CA VAL B 36 -32.32 -2.46 24.24
C VAL B 36 -32.04 -2.58 25.73
N ALA B 37 -30.77 -2.73 26.08
CA ALA B 37 -30.38 -2.86 27.47
C ALA B 37 -29.26 -1.90 27.85
N SER B 38 -28.77 -2.02 29.07
CA SER B 38 -27.70 -1.18 29.58
C SER B 38 -27.47 -1.53 31.04
N ARG B 39 -26.25 -1.32 31.52
CA ARG B 39 -25.94 -1.59 32.91
C ARG B 39 -26.80 -0.63 33.75
N SER B 40 -27.31 0.40 33.09
CA SER B 40 -28.14 1.41 33.73
C SER B 40 -29.45 1.62 32.97
N LEU B 41 -30.56 1.50 33.67
CA LEU B 41 -31.86 1.70 33.04
C LEU B 41 -31.94 3.16 32.57
N GLU B 42 -31.36 4.04 33.39
CA GLU B 42 -31.33 5.47 33.09
C GLU B 42 -30.79 5.74 31.70
N LYS B 43 -29.60 5.21 31.44
CA LYS B 43 -28.93 5.40 30.16
C LYS B 43 -29.68 4.69 29.02
N ALA B 44 -30.27 3.54 29.33
CA ALA B 44 -31.02 2.80 28.31
C ALA B 44 -32.26 3.60 27.91
N LYS B 45 -32.96 4.11 28.92
CA LYS B 45 -34.16 4.90 28.70
C LYS B 45 -33.78 6.12 27.87
N ALA B 46 -32.67 6.75 28.24
CA ALA B 46 -32.19 7.93 27.53
C ALA B 46 -31.82 7.57 26.09
N PHE B 47 -31.11 6.46 25.94
CA PHE B 47 -30.68 6.01 24.61
C PHE B 47 -31.86 5.78 23.67
N ALA B 48 -32.83 5.00 24.13
CA ALA B 48 -34.01 4.69 23.33
C ALA B 48 -34.73 5.95 22.82
N THR B 49 -34.70 7.02 23.62
CA THR B 49 -35.35 8.27 23.25
C THR B 49 -34.57 9.01 22.18
N ALA B 50 -33.26 9.03 22.33
CA ALA B 50 -32.39 9.71 21.38
C ALA B 50 -32.41 9.07 20.00
N ASN B 51 -32.47 7.74 19.95
CA ASN B 51 -32.48 7.06 18.67
C ASN B 51 -33.89 6.73 18.23
N ASN B 52 -34.85 7.37 18.89
CA ASN B 52 -36.27 7.22 18.57
C ASN B 52 -36.71 5.78 18.27
N TYR B 53 -36.50 4.88 19.22
CA TYR B 53 -36.89 3.48 19.05
C TYR B 53 -38.41 3.45 19.09
N PRO B 54 -39.02 2.42 18.49
CA PRO B 54 -40.48 2.36 18.51
C PRO B 54 -41.10 2.46 19.91
N GLU B 55 -42.42 2.34 20.00
CA GLU B 55 -43.13 2.44 21.27
C GLU B 55 -43.05 1.23 22.19
N SER B 56 -43.30 0.05 21.66
CA SER B 56 -43.28 -1.17 22.46
C SER B 56 -41.89 -1.82 22.58
N THR B 57 -40.84 -1.00 22.60
CA THR B 57 -39.48 -1.51 22.73
C THR B 57 -39.14 -1.94 24.15
N LYS B 58 -38.82 -3.21 24.35
CA LYS B 58 -38.46 -3.70 25.67
C LYS B 58 -37.27 -2.88 26.16
N ILE B 59 -37.39 -2.31 27.36
CA ILE B 59 -36.31 -1.48 27.90
C ILE B 59 -35.75 -2.04 29.20
N HIS B 60 -34.78 -2.95 29.06
CA HIS B 60 -34.13 -3.61 30.19
C HIS B 60 -33.04 -2.78 30.87
N GLY B 61 -32.95 -2.92 32.20
CA GLY B 61 -31.95 -2.19 32.94
C GLY B 61 -30.75 -3.06 33.24
N SER B 62 -30.56 -4.13 32.48
CA SER B 62 -29.41 -5.03 32.68
C SER B 62 -29.20 -5.95 31.49
N TYR B 63 -27.98 -6.46 31.37
CA TYR B 63 -27.62 -7.37 30.29
C TYR B 63 -28.37 -8.69 30.48
N GLU B 64 -28.22 -9.29 31.65
CA GLU B 64 -28.88 -10.56 31.95
C GLU B 64 -30.37 -10.48 31.67
N SER B 65 -30.99 -9.40 32.15
CA SER B 65 -32.42 -9.20 31.95
C SER B 65 -32.80 -9.24 30.47
N LEU B 66 -32.04 -8.53 29.64
CA LEU B 66 -32.31 -8.49 28.20
C LEU B 66 -32.21 -9.89 27.58
N LEU B 67 -31.20 -10.65 27.97
CA LEU B 67 -31.01 -12.00 27.43
C LEU B 67 -32.17 -12.91 27.83
N GLU B 68 -32.64 -12.74 29.07
CA GLU B 68 -33.72 -13.55 29.60
C GLU B 68 -35.08 -13.18 29.02
N ASP B 69 -35.09 -12.28 28.04
CA ASP B 69 -36.32 -11.84 27.40
C ASP B 69 -36.72 -12.85 26.34
N PRO B 70 -37.78 -13.62 26.60
CA PRO B 70 -38.26 -14.64 25.65
C PRO B 70 -38.71 -14.15 24.27
N GLU B 71 -39.16 -12.90 24.16
CA GLU B 71 -39.62 -12.38 22.88
C GLU B 71 -38.58 -11.54 22.12
N ILE B 72 -37.31 -11.92 22.25
CA ILE B 72 -36.19 -11.25 21.58
C ILE B 72 -35.39 -12.29 20.81
N ASP B 73 -35.67 -12.41 19.51
CA ASP B 73 -34.99 -13.37 18.66
C ASP B 73 -33.46 -13.26 18.65
N ALA B 74 -32.92 -12.12 18.27
CA ALA B 74 -31.46 -11.97 18.20
C ALA B 74 -30.92 -10.69 18.85
N LEU B 75 -29.60 -10.61 18.92
CA LEU B 75 -28.94 -9.46 19.55
C LEU B 75 -27.77 -8.90 18.75
N TYR B 76 -27.57 -7.59 18.90
CA TYR B 76 -26.46 -6.88 18.28
C TYR B 76 -25.64 -6.53 19.51
N VAL B 77 -24.38 -6.93 19.52
CA VAL B 77 -23.55 -6.71 20.70
C VAL B 77 -22.33 -5.81 20.53
N PRO B 78 -22.53 -4.49 20.61
CA PRO B 78 -21.41 -3.55 20.46
C PRO B 78 -20.76 -3.32 21.83
N LEU B 79 -20.23 -4.39 22.42
CA LEU B 79 -19.60 -4.32 23.73
C LEU B 79 -18.08 -4.33 23.67
N PRO B 80 -17.40 -3.75 24.68
CA PRO B 80 -15.94 -3.75 24.68
C PRO B 80 -15.45 -5.16 24.40
N THR B 81 -14.34 -5.26 23.68
CA THR B 81 -13.76 -6.55 23.32
C THR B 81 -13.54 -7.48 24.51
N SER B 82 -13.16 -6.91 25.65
CA SER B 82 -12.90 -7.69 26.86
C SER B 82 -14.14 -8.28 27.55
N LEU B 83 -15.32 -8.09 26.98
CA LEU B 83 -16.54 -8.63 27.57
C LEU B 83 -17.24 -9.62 26.64
N HIS B 84 -16.72 -9.79 25.44
CA HIS B 84 -17.35 -10.69 24.48
C HIS B 84 -17.49 -12.15 24.90
N VAL B 85 -16.38 -12.79 25.24
CA VAL B 85 -16.40 -14.18 25.63
C VAL B 85 -17.41 -14.51 26.73
N GLU B 86 -17.55 -13.62 27.71
CA GLU B 86 -18.49 -13.86 28.79
C GLU B 86 -19.95 -13.69 28.37
N TRP B 87 -20.27 -12.49 27.89
CA TRP B 87 -21.64 -12.15 27.49
C TRP B 87 -22.15 -12.70 26.16
N ALA B 88 -21.25 -13.07 25.26
CA ALA B 88 -21.70 -13.64 24.00
C ALA B 88 -22.18 -15.05 24.31
N ILE B 89 -21.37 -15.77 25.08
CA ILE B 89 -21.68 -17.14 25.47
C ILE B 89 -23.03 -17.21 26.21
N LYS B 90 -23.18 -16.38 27.24
CA LYS B 90 -24.43 -16.36 27.99
C LYS B 90 -25.57 -16.13 27.00
N ALA B 91 -25.33 -15.26 26.01
CA ALA B 91 -26.34 -14.95 24.99
C ALA B 91 -26.71 -16.21 24.22
N ALA B 92 -25.72 -16.97 23.79
CA ALA B 92 -25.96 -18.20 23.05
C ALA B 92 -26.76 -19.14 23.96
N GLU B 93 -26.42 -19.13 25.24
CA GLU B 93 -27.08 -20.00 26.20
C GLU B 93 -28.57 -19.69 26.40
N LYS B 94 -29.00 -18.50 26.02
CA LYS B 94 -30.40 -18.14 26.16
C LYS B 94 -31.14 -18.22 24.82
N GLY B 95 -30.53 -18.92 23.87
CA GLY B 95 -31.13 -19.06 22.56
C GLY B 95 -31.13 -17.79 21.73
N LYS B 96 -30.12 -16.95 21.92
CA LYS B 96 -30.03 -15.71 21.16
C LYS B 96 -29.01 -15.80 20.05
N HIS B 97 -29.39 -15.39 18.84
CA HIS B 97 -28.48 -15.40 17.71
C HIS B 97 -27.60 -14.19 17.98
N ILE B 98 -26.37 -14.18 17.48
CA ILE B 98 -25.49 -13.07 17.78
C ILE B 98 -24.84 -12.29 16.64
N LEU B 99 -24.93 -10.97 16.74
CA LEU B 99 -24.31 -10.06 15.78
C LEU B 99 -23.27 -9.39 16.67
N LEU B 100 -22.08 -10.00 16.74
CA LEU B 100 -20.98 -9.55 17.57
C LEU B 100 -20.08 -8.53 16.89
N GLU B 101 -19.82 -7.42 17.58
CA GLU B 101 -18.98 -6.36 17.04
C GLU B 101 -17.54 -6.81 16.91
N LYS B 102 -16.84 -6.22 15.95
CA LYS B 102 -15.44 -6.57 15.72
C LYS B 102 -14.57 -5.67 16.61
N PRO B 103 -13.43 -6.18 17.09
CA PRO B 103 -12.97 -7.56 16.81
C PRO B 103 -13.85 -8.48 17.64
N VAL B 104 -14.00 -9.74 17.22
CA VAL B 104 -14.85 -10.67 17.97
C VAL B 104 -14.38 -11.06 19.36
N ALA B 105 -13.07 -11.03 19.62
CA ALA B 105 -12.56 -11.39 20.94
C ALA B 105 -11.08 -11.02 21.14
N MSE B 106 -10.61 -11.15 22.38
CA MSE B 106 -9.22 -10.84 22.71
C MSE B 106 -8.26 -11.85 22.07
O MSE B 106 -7.06 -11.60 21.99
CB MSE B 106 -9.02 -10.83 24.23
CG MSE B 106 -9.86 -9.80 24.98
SE MSE B 106 -9.45 -7.94 24.52
CE MSE B 106 -7.85 -7.71 25.59
N ASN B 107 -8.78 -12.99 21.63
CA ASN B 107 -7.97 -14.02 20.98
C ASN B 107 -8.86 -15.15 20.44
N VAL B 108 -8.33 -15.90 19.48
CA VAL B 108 -9.06 -16.99 18.85
C VAL B 108 -9.53 -18.11 19.79
N THR B 109 -8.80 -18.34 20.88
CA THR B 109 -9.20 -19.37 21.83
C THR B 109 -10.55 -19.00 22.42
N GLU B 110 -10.66 -17.75 22.88
CA GLU B 110 -11.90 -17.26 23.46
C GLU B 110 -12.97 -17.24 22.39
N PHE B 111 -12.58 -16.98 21.15
CA PHE B 111 -13.56 -16.93 20.08
C PHE B 111 -14.06 -18.30 19.68
N ASP B 112 -13.22 -19.33 19.83
CA ASP B 112 -13.65 -20.68 19.48
C ASP B 112 -14.77 -21.06 20.43
N LYS B 113 -14.58 -20.73 21.71
CA LYS B 113 -15.58 -21.02 22.72
C LYS B 113 -16.91 -20.41 22.32
N ILE B 114 -16.91 -19.09 22.12
CA ILE B 114 -18.13 -18.38 21.72
C ILE B 114 -18.82 -19.13 20.58
N VAL B 115 -18.03 -19.46 19.56
CA VAL B 115 -18.53 -20.18 18.39
C VAL B 115 -19.13 -21.53 18.74
N ASP B 116 -18.43 -22.31 19.56
CA ASP B 116 -18.93 -23.63 19.95
C ASP B 116 -20.14 -23.51 20.88
N ALA B 117 -20.34 -22.33 21.45
CA ALA B 117 -21.49 -22.11 22.31
C ALA B 117 -22.68 -21.85 21.40
N CYS B 118 -22.47 -21.05 20.36
CA CYS B 118 -23.53 -20.73 19.42
C CYS B 118 -23.99 -21.98 18.66
N GLU B 119 -23.04 -22.80 18.21
CA GLU B 119 -23.36 -24.03 17.48
C GLU B 119 -24.15 -24.95 18.41
N ALA B 120 -23.62 -25.16 19.60
CA ALA B 120 -24.24 -25.99 20.60
C ALA B 120 -25.70 -25.63 20.85
N ASN B 121 -26.06 -24.37 20.62
CA ASN B 121 -27.42 -23.92 20.84
C ASN B 121 -28.19 -23.66 19.55
N GLY B 122 -27.53 -23.87 18.41
CA GLY B 122 -28.18 -23.66 17.13
C GLY B 122 -28.46 -22.22 16.78
N VAL B 123 -27.59 -21.30 17.20
CA VAL B 123 -27.78 -19.90 16.86
C VAL B 123 -26.69 -19.38 15.95
N GLN B 124 -27.09 -18.57 14.99
CA GLN B 124 -26.19 -17.97 14.02
C GLN B 124 -25.39 -16.86 14.70
N ILE B 125 -24.12 -16.75 14.33
CA ILE B 125 -23.28 -15.68 14.86
C ILE B 125 -22.59 -15.01 13.68
N MSE B 126 -22.45 -13.69 13.77
CA MSE B 126 -21.81 -12.90 12.72
C MSE B 126 -21.12 -11.69 13.37
O MSE B 126 -21.54 -11.26 14.44
CB MSE B 126 -22.85 -12.43 11.71
CG MSE B 126 -22.27 -11.69 10.52
SE MSE B 126 -23.59 -11.00 9.28
CE MSE B 126 -24.18 -12.71 8.55
N ASP B 127 -20.06 -11.17 12.75
CA ASP B 127 -19.39 -10.01 13.30
C ASP B 127 -19.86 -8.75 12.60
N GLY B 128 -19.50 -7.59 13.15
CA GLY B 128 -19.93 -6.33 12.57
C GLY B 128 -19.23 -5.78 11.33
N THR B 129 -18.42 -6.59 10.65
CA THR B 129 -17.72 -6.11 9.45
C THR B 129 -18.71 -5.88 8.31
N MSE B 130 -19.23 -4.65 8.24
CA MSE B 130 -20.22 -4.27 7.23
C MSE B 130 -19.81 -4.10 5.76
O MSE B 130 -20.62 -4.37 4.86
CB MSE B 130 -20.94 -2.98 7.69
CG MSE B 130 -20.19 -2.16 8.76
SE MSE B 130 -21.05 -0.46 9.12
CE MSE B 130 -21.77 -0.80 10.90
N TRP B 131 -18.57 -3.68 5.50
CA TRP B 131 -18.14 -3.46 4.11
C TRP B 131 -18.24 -4.68 3.18
N VAL B 132 -18.33 -5.88 3.75
CA VAL B 132 -18.41 -7.08 2.93
C VAL B 132 -19.83 -7.34 2.41
N HIS B 133 -20.80 -6.68 3.01
CA HIS B 133 -22.18 -6.83 2.58
C HIS B 133 -22.51 -5.83 1.46
N ASN B 134 -21.64 -4.84 1.28
CA ASN B 134 -21.83 -3.83 0.25
C ASN B 134 -21.81 -4.50 -1.13
N PRO B 135 -22.80 -4.21 -1.98
CA PRO B 135 -22.84 -4.81 -3.32
C PRO B 135 -21.49 -4.77 -4.04
N ARG B 136 -20.88 -3.59 -4.07
CA ARG B 136 -19.59 -3.42 -4.72
C ARG B 136 -18.67 -4.61 -4.47
N THR B 137 -18.60 -5.02 -3.20
CA THR B 137 -17.75 -6.14 -2.81
C THR B 137 -17.99 -7.41 -3.61
N ALA B 138 -19.21 -7.58 -4.14
CA ALA B 138 -19.50 -8.75 -4.96
C ALA B 138 -18.70 -8.64 -6.25
N LEU B 139 -18.60 -7.41 -6.76
CA LEU B 139 -17.85 -7.15 -7.99
C LEU B 139 -16.33 -7.18 -7.73
N LEU B 140 -15.90 -6.72 -6.55
CA LEU B 140 -14.48 -6.74 -6.22
C LEU B 140 -14.01 -8.19 -6.28
N LYS B 141 -14.68 -9.06 -5.52
CA LYS B 141 -14.33 -10.48 -5.49
C LYS B 141 -14.53 -11.07 -6.89
N GLU B 142 -15.43 -10.45 -7.65
CA GLU B 142 -15.71 -10.91 -9.01
C GLU B 142 -14.53 -10.56 -9.92
N PHE B 143 -13.99 -9.36 -9.77
CA PHE B 143 -12.86 -8.93 -10.57
C PHE B 143 -11.59 -9.71 -10.24
N LEU B 144 -11.41 -10.01 -8.95
CA LEU B 144 -10.25 -10.76 -8.50
C LEU B 144 -10.38 -12.25 -8.86
N SER B 145 -11.61 -12.69 -9.13
CA SER B 145 -11.88 -14.09 -9.48
C SER B 145 -11.62 -14.41 -10.95
N ASP B 146 -11.66 -13.39 -11.80
CA ASP B 146 -11.42 -13.59 -13.23
C ASP B 146 -9.93 -13.69 -13.52
N SER B 147 -9.52 -14.80 -14.13
CA SER B 147 -8.12 -15.04 -14.45
C SER B 147 -7.64 -14.38 -15.73
N GLU B 148 -8.50 -13.58 -16.36
CA GLU B 148 -8.12 -12.90 -17.59
C GLU B 148 -8.09 -11.39 -17.40
N ARG B 149 -8.86 -10.91 -16.41
CA ARG B 149 -8.93 -9.49 -16.11
C ARG B 149 -7.99 -9.11 -14.98
N PHE B 150 -7.79 -10.03 -14.04
CA PHE B 150 -6.91 -9.80 -12.89
C PHE B 150 -5.79 -10.85 -12.82
N GLY B 151 -6.14 -12.11 -13.07
CA GLY B 151 -5.16 -13.19 -13.03
C GLY B 151 -4.84 -13.67 -11.62
N GLN B 152 -3.76 -14.43 -11.51
CA GLN B 152 -3.31 -14.96 -10.21
C GLN B 152 -2.86 -13.80 -9.32
N LEU B 153 -3.37 -13.78 -8.10
CA LEU B 153 -3.04 -12.74 -7.12
C LEU B 153 -1.55 -12.80 -6.75
N LYS B 154 -0.97 -11.63 -6.48
CA LYS B 154 0.46 -11.56 -6.12
C LYS B 154 0.64 -10.77 -4.84
N THR B 155 0.18 -9.54 -4.83
CA THR B 155 0.28 -8.72 -3.66
C THR B 155 -1.03 -7.99 -3.40
N VAL B 156 -1.33 -7.81 -2.12
CA VAL B 156 -2.53 -7.09 -1.72
C VAL B 156 -2.18 -6.28 -0.50
N GLN B 157 -2.18 -4.96 -0.66
CA GLN B 157 -1.86 -4.04 0.42
C GLN B 157 -3.14 -3.39 0.94
N SER B 158 -3.33 -3.45 2.26
CA SER B 158 -4.50 -2.86 2.87
C SER B 158 -4.11 -1.84 3.93
N CYS B 159 -4.59 -0.61 3.75
CA CYS B 159 -4.27 0.45 4.69
C CYS B 159 -5.52 1.08 5.28
N PHE B 160 -5.40 1.48 6.55
CA PHE B 160 -6.47 2.13 7.28
C PHE B 160 -5.96 2.69 8.60
N SER B 161 -6.05 4.01 8.76
CA SER B 161 -5.61 4.65 9.99
C SER B 161 -6.42 5.91 10.16
N PHE B 162 -6.26 6.54 11.31
CA PHE B 162 -6.96 7.79 11.57
C PHE B 162 -6.27 8.50 12.74
N ALA B 163 -6.33 9.82 12.73
CA ALA B 163 -5.70 10.62 13.77
C ALA B 163 -6.71 11.05 14.83
N GLY B 164 -6.84 10.26 15.88
CA GLY B 164 -7.77 10.61 16.93
C GLY B 164 -7.27 11.82 17.70
N ASP B 165 -8.18 12.68 18.14
CA ASP B 165 -7.79 13.87 18.89
C ASP B 165 -7.32 13.48 20.28
N GLU B 166 -6.75 14.46 21.00
CA GLU B 166 -6.24 14.23 22.35
C GLU B 166 -7.31 13.61 23.25
N ASP B 167 -8.57 13.97 23.01
CA ASP B 167 -9.68 13.41 23.78
C ASP B 167 -9.81 11.91 23.53
N PHE B 168 -9.62 11.50 22.28
CA PHE B 168 -9.72 10.10 21.91
C PHE B 168 -8.50 9.34 22.45
N LEU B 169 -7.31 9.85 22.16
CA LEU B 169 -6.08 9.22 22.60
C LEU B 169 -5.98 9.00 24.09
N LYS B 170 -6.82 9.67 24.86
CA LYS B 170 -6.78 9.53 26.31
C LYS B 170 -7.94 8.77 26.96
N ASN B 171 -9.14 8.88 26.38
CA ASN B 171 -10.29 8.24 27.00
C ASN B 171 -11.07 7.17 26.25
N ASP B 172 -10.71 6.90 25.00
CA ASP B 172 -11.44 5.90 24.22
C ASP B 172 -11.13 4.49 24.72
N ILE B 173 -12.12 3.60 24.65
CA ILE B 173 -11.93 2.23 25.09
C ILE B 173 -10.90 1.48 24.26
N ARG B 174 -10.54 2.05 23.10
CA ARG B 174 -9.57 1.42 22.21
C ARG B 174 -8.12 1.58 22.62
N VAL B 175 -7.86 2.33 23.69
CA VAL B 175 -6.50 2.51 24.16
C VAL B 175 -6.39 1.84 25.53
N LYS B 176 -7.55 1.46 26.04
CA LYS B 176 -7.68 0.80 27.34
C LYS B 176 -7.39 -0.70 27.25
N PRO B 177 -6.29 -1.15 27.88
CA PRO B 177 -5.90 -2.56 27.85
C PRO B 177 -6.90 -3.51 28.49
N GLY B 178 -7.72 -3.00 29.40
CA GLY B 178 -8.69 -3.82 30.09
C GLY B 178 -9.98 -4.07 29.30
N LEU B 179 -10.29 -3.17 28.36
CA LEU B 179 -11.49 -3.31 27.54
C LEU B 179 -11.09 -3.72 26.13
N ASP B 180 -11.17 -2.79 25.18
CA ASP B 180 -10.76 -3.06 23.81
C ASP B 180 -9.24 -2.96 23.79
N GLY B 181 -8.59 -3.94 24.43
CA GLY B 181 -7.14 -3.92 24.54
C GLY B 181 -6.30 -4.21 23.31
N LEU B 182 -6.91 -4.52 22.17
CA LEU B 182 -6.14 -4.81 20.97
C LEU B 182 -5.73 -3.53 20.27
N GLY B 183 -6.35 -2.43 20.64
CA GLY B 183 -5.99 -1.14 20.05
C GLY B 183 -6.28 -0.97 18.57
N ALA B 184 -5.33 -0.36 17.87
CA ALA B 184 -5.46 -0.09 16.44
C ALA B 184 -5.50 -1.37 15.59
N LEU B 185 -4.89 -2.44 16.09
CA LEU B 185 -4.85 -3.71 15.39
C LEU B 185 -6.25 -4.31 15.28
N GLY B 186 -6.93 -4.42 16.41
CA GLY B 186 -8.28 -4.97 16.42
C GLY B 186 -9.34 -4.03 15.88
N ASP B 187 -9.09 -2.73 15.96
CA ASP B 187 -10.05 -1.73 15.49
C ASP B 187 -9.84 -1.37 14.03
N ALA B 188 -8.57 -1.23 13.63
CA ALA B 188 -8.25 -0.88 12.26
C ALA B 188 -7.58 -2.02 11.49
N GLY B 189 -6.54 -2.61 12.07
CA GLY B 189 -5.85 -3.70 11.41
C GLY B 189 -6.86 -4.74 10.94
N TRP B 190 -7.80 -5.06 11.83
CA TRP B 190 -8.87 -6.02 11.54
C TRP B 190 -9.36 -5.88 10.10
N TYR B 191 -9.76 -4.67 9.72
CA TYR B 191 -10.26 -4.39 8.39
C TYR B 191 -9.24 -4.67 7.31
N ALA B 192 -7.97 -4.41 7.61
CA ALA B 192 -6.90 -4.63 6.67
C ALA B 192 -6.62 -6.13 6.51
N ILE B 193 -6.96 -6.90 7.55
CA ILE B 193 -6.76 -8.34 7.55
C ILE B 193 -7.93 -9.07 6.89
N ARG B 194 -9.08 -8.40 6.80
CA ARG B 194 -10.26 -9.01 6.18
C ARG B 194 -10.10 -8.90 4.68
N ALA B 195 -9.63 -7.75 4.23
CA ALA B 195 -9.44 -7.50 2.82
C ALA B 195 -8.35 -8.40 2.22
N THR B 196 -7.20 -8.53 2.88
CA THR B 196 -6.16 -9.37 2.31
C THR B 196 -6.63 -10.83 2.33
N LEU B 197 -7.37 -11.20 3.38
CA LEU B 197 -7.87 -12.56 3.45
C LEU B 197 -8.85 -12.79 2.32
N LEU B 198 -9.81 -11.88 2.17
CA LEU B 198 -10.82 -11.99 1.12
C LEU B 198 -10.15 -12.06 -0.26
N ALA B 199 -9.22 -11.15 -0.51
CA ALA B 199 -8.51 -11.12 -1.78
C ALA B 199 -7.81 -12.44 -2.08
N ASN B 200 -7.51 -13.20 -1.03
CA ASN B 200 -6.82 -14.48 -1.20
C ASN B 200 -7.76 -15.66 -1.09
N ASN B 201 -8.99 -15.44 -1.52
CA ASN B 201 -10.02 -16.47 -1.50
C ASN B 201 -10.08 -17.19 -0.16
N PHE B 202 -9.98 -16.41 0.91
CA PHE B 202 -10.06 -16.91 2.27
C PHE B 202 -8.92 -17.82 2.68
N GLU B 203 -7.85 -17.81 1.90
CA GLU B 203 -6.68 -18.63 2.22
C GLU B 203 -5.89 -17.97 3.34
N LEU B 204 -5.70 -18.69 4.43
CA LEU B 204 -4.95 -18.17 5.55
C LEU B 204 -3.49 -18.08 5.12
N PRO B 205 -2.75 -17.06 5.60
CA PRO B 205 -1.35 -17.00 5.17
C PRO B 205 -0.61 -18.16 5.81
N LYS B 206 0.60 -18.45 5.32
CA LYS B 206 1.38 -19.55 5.89
C LYS B 206 2.07 -19.00 7.13
N THR B 207 2.60 -17.78 7.00
CA THR B 207 3.31 -17.13 8.09
C THR B 207 2.98 -15.65 8.17
N VAL B 208 3.28 -15.06 9.32
CA VAL B 208 3.04 -13.64 9.59
C VAL B 208 4.24 -13.08 10.37
N THR B 209 4.66 -11.86 10.04
CA THR B 209 5.80 -11.25 10.72
C THR B 209 5.59 -9.73 10.86
N ALA B 210 5.29 -9.27 12.06
CA ALA B 210 5.06 -7.84 12.29
C ALA B 210 6.29 -7.02 11.86
N PHE B 211 6.08 -5.75 11.51
CA PHE B 211 7.20 -4.89 11.09
C PHE B 211 8.17 -4.62 12.21
N PRO B 212 9.47 -4.84 11.98
CA PRO B 212 10.45 -4.59 13.03
C PRO B 212 10.43 -3.08 13.36
N GLY B 213 9.72 -2.72 14.42
CA GLY B 213 9.65 -1.31 14.80
C GLY B 213 8.27 -0.78 15.18
N ALA B 214 7.47 -1.60 15.86
CA ALA B 214 6.13 -1.22 16.28
C ALA B 214 6.14 -0.25 17.47
N VAL B 215 5.00 0.39 17.69
CA VAL B 215 4.85 1.36 18.77
C VAL B 215 3.83 0.94 19.84
N LEU B 216 4.27 0.87 21.09
CA LEU B 216 3.40 0.49 22.20
C LEU B 216 3.24 1.70 23.11
N ASN B 217 2.72 1.45 24.31
CA ASN B 217 2.53 2.49 25.32
C ASN B 217 2.99 1.88 26.64
N GLU B 218 2.69 2.56 27.74
CA GLU B 218 3.07 2.08 29.07
C GLU B 218 2.31 0.80 29.40
N ALA B 219 1.11 0.67 28.86
CA ALA B 219 0.25 -0.49 29.10
C ALA B 219 0.54 -1.69 28.20
N GLY B 220 1.40 -1.53 27.21
CA GLY B 220 1.72 -2.61 26.31
C GLY B 220 0.74 -2.70 25.16
N VAL B 221 -0.25 -1.81 25.16
CA VAL B 221 -1.25 -1.76 24.10
C VAL B 221 -0.61 -1.11 22.88
N ILE B 222 -0.95 -1.63 21.71
CA ILE B 222 -0.40 -1.16 20.45
C ILE B 222 -1.18 0.03 19.88
N LEU B 223 -0.45 1.04 19.44
CA LEU B 223 -1.07 2.23 18.85
C LEU B 223 -0.77 2.25 17.35
N SER B 224 0.19 1.41 16.96
CA SER B 224 0.58 1.34 15.55
C SER B 224 1.46 0.13 15.30
N CYS B 225 1.21 -0.56 14.20
CA CYS B 225 2.01 -1.72 13.84
C CYS B 225 1.55 -2.28 12.49
N GLY B 226 2.40 -3.10 11.88
CA GLY B 226 2.07 -3.72 10.62
C GLY B 226 2.81 -5.04 10.48
N ALA B 227 2.88 -5.57 9.26
CA ALA B 227 3.55 -6.83 9.01
C ALA B 227 3.41 -7.23 7.55
N SER B 228 3.62 -8.51 7.29
CA SER B 228 3.48 -9.04 5.94
C SER B 228 2.99 -10.47 6.05
N LEU B 229 2.04 -10.84 5.19
CA LEU B 229 1.53 -12.20 5.22
C LEU B 229 2.21 -12.95 4.08
N SER B 230 2.53 -14.22 4.30
CA SER B 230 3.19 -14.98 3.25
C SER B 230 2.52 -16.32 2.98
N TRP B 231 2.26 -16.59 1.71
CA TRP B 231 1.64 -17.84 1.31
C TRP B 231 2.69 -18.73 0.64
N GLU B 232 3.88 -18.17 0.44
CA GLU B 232 4.97 -18.91 -0.16
C GLU B 232 4.71 -19.22 -1.63
N ASP B 233 3.52 -18.85 -2.12
CA ASP B 233 3.15 -19.08 -3.52
C ASP B 233 3.94 -18.06 -4.33
N GLY B 234 4.34 -17.01 -3.63
CA GLY B 234 5.03 -15.91 -4.27
C GLY B 234 4.06 -14.77 -4.05
N ARG B 235 2.96 -15.09 -3.37
CA ARG B 235 1.91 -14.15 -3.02
C ARG B 235 2.30 -13.57 -1.68
N THR B 236 2.01 -12.30 -1.47
CA THR B 236 2.33 -11.65 -0.21
C THR B 236 1.33 -10.54 0.03
N ALA B 237 1.19 -10.17 1.29
CA ALA B 237 0.25 -9.11 1.63
C ALA B 237 0.83 -8.17 2.70
N THR B 238 0.37 -6.93 2.67
CA THR B 238 0.80 -5.96 3.66
C THR B 238 -0.40 -5.19 4.20
N ILE B 239 -0.51 -5.10 5.51
CA ILE B 239 -1.59 -4.33 6.12
C ILE B 239 -0.94 -3.27 7.00
N TYR B 240 -1.64 -2.17 7.24
CA TYR B 240 -1.11 -1.12 8.10
C TYR B 240 -2.24 -0.48 8.93
N CYS B 241 -1.91 -0.13 10.17
CA CYS B 241 -2.87 0.46 11.09
C CYS B 241 -2.16 1.35 12.09
N SER B 242 -2.91 2.23 12.73
CA SER B 242 -2.36 3.15 13.72
C SER B 242 -3.40 4.18 14.15
N PHE B 243 -3.20 4.74 15.34
CA PHE B 243 -4.10 5.77 15.87
C PHE B 243 -3.42 7.13 15.70
N LEU B 244 -2.14 7.09 15.32
CA LEU B 244 -1.33 8.28 15.12
C LEU B 244 -1.43 8.81 13.69
N ALA B 245 -1.31 7.91 12.71
CA ALA B 245 -1.39 8.30 11.31
C ALA B 245 -2.73 9.00 11.00
N ASN B 246 -2.70 9.93 10.04
CA ASN B 246 -3.89 10.68 9.64
C ASN B 246 -4.84 9.81 8.81
N LEU B 247 -6.12 9.86 9.15
CA LEU B 247 -7.17 9.11 8.48
C LEU B 247 -6.92 8.80 7.00
N THR B 248 -6.86 7.51 6.68
CA THR B 248 -6.65 7.05 5.30
C THR B 248 -6.87 5.55 5.20
N MSE B 249 -7.85 5.15 4.40
CA MSE B 249 -8.16 3.74 4.19
C MSE B 249 -7.90 3.48 2.72
O MSE B 249 -7.78 4.45 1.94
CB MSE B 249 -9.62 3.46 4.52
CG MSE B 249 -10.60 4.13 3.58
SE MSE B 249 -12.39 4.23 4.31
CE MSE B 249 -12.00 5.37 5.81
N GLU B 250 -7.83 2.21 2.33
CA GLU B 250 -7.58 1.84 0.94
C GLU B 250 -7.15 0.37 0.78
N ILE B 251 -7.47 -0.20 -0.38
CA ILE B 251 -7.07 -1.57 -0.70
C ILE B 251 -6.35 -1.49 -2.03
N THR B 252 -5.19 -2.12 -2.12
CA THR B 252 -4.44 -2.15 -3.38
C THR B 252 -3.85 -3.53 -3.62
N ALA B 253 -4.60 -4.34 -4.38
CA ALA B 253 -4.19 -5.70 -4.71
C ALA B 253 -3.71 -5.74 -6.16
N ILE B 254 -2.78 -6.64 -6.46
CA ILE B 254 -2.23 -6.75 -7.81
C ILE B 254 -2.00 -8.20 -8.24
N GLY B 255 -2.62 -8.57 -9.36
CA GLY B 255 -2.46 -9.92 -9.87
C GLY B 255 -1.63 -9.95 -11.14
N THR B 256 -1.47 -11.15 -11.70
CA THR B 256 -0.68 -11.32 -12.93
C THR B 256 -1.21 -10.55 -14.14
N LYS B 257 -2.52 -10.31 -14.21
CA LYS B 257 -3.09 -9.59 -15.34
C LYS B 257 -3.87 -8.35 -14.93
N GLY B 258 -4.23 -8.27 -13.65
CA GLY B 258 -4.99 -7.11 -13.19
C GLY B 258 -4.50 -6.46 -11.91
N THR B 259 -5.02 -5.27 -11.66
CA THR B 259 -4.69 -4.49 -10.47
C THR B 259 -5.98 -3.89 -9.97
N LEU B 260 -6.27 -4.07 -8.68
CA LEU B 260 -7.49 -3.52 -8.10
C LEU B 260 -7.21 -2.41 -7.10
N ARG B 261 -8.05 -1.38 -7.14
CA ARG B 261 -7.90 -0.25 -6.24
C ARG B 261 -9.22 0.32 -5.73
N VAL B 262 -9.33 0.41 -4.41
CA VAL B 262 -10.50 1.00 -3.78
C VAL B 262 -9.97 1.91 -2.69
N HIS B 263 -10.49 3.13 -2.63
CA HIS B 263 -10.05 4.13 -1.67
C HIS B 263 -11.01 4.38 -0.51
N ASP B 264 -12.18 3.75 -0.56
CA ASP B 264 -13.18 3.91 0.50
C ASP B 264 -13.84 2.56 0.74
N PHE B 265 -13.01 1.52 0.90
CA PHE B 265 -13.51 0.16 1.09
C PHE B 265 -14.18 -0.14 2.43
N ILE B 266 -13.94 0.69 3.45
CA ILE B 266 -14.53 0.46 4.77
C ILE B 266 -15.80 1.30 5.03
N ILE B 267 -15.71 2.59 4.70
CA ILE B 267 -16.81 3.52 4.88
C ILE B 267 -16.83 4.38 3.64
N PRO B 268 -17.65 4.02 2.64
CA PRO B 268 -17.73 4.77 1.39
C PRO B 268 -17.88 6.27 1.64
N TYR B 269 -17.52 7.07 0.66
CA TYR B 269 -17.64 8.52 0.78
C TYR B 269 -19.09 8.85 1.15
N LYS B 270 -20.01 8.08 0.56
CA LYS B 270 -21.44 8.21 0.81
C LYS B 270 -22.09 6.83 0.71
N GLU B 271 -23.16 6.63 1.46
CA GLU B 271 -23.86 5.36 1.46
C GLU B 271 -24.62 5.09 0.16
N THR B 272 -24.69 6.10 -0.70
CA THR B 272 -25.39 5.98 -1.97
C THR B 272 -24.69 5.14 -3.03
N GLU B 273 -23.43 5.45 -3.32
CA GLU B 273 -22.68 4.69 -4.34
C GLU B 273 -21.48 3.98 -3.73
N ALA B 274 -20.72 3.33 -4.60
CA ALA B 274 -19.51 2.59 -4.23
C ALA B 274 -18.67 2.39 -5.49
N SER B 275 -17.52 3.04 -5.56
CA SER B 275 -16.66 2.93 -6.72
C SER B 275 -15.36 2.16 -6.46
N PHE B 276 -14.84 1.53 -7.51
CA PHE B 276 -13.61 0.78 -7.43
C PHE B 276 -12.93 0.91 -8.79
N THR B 277 -11.59 1.01 -8.78
CA THR B 277 -10.84 1.15 -10.01
C THR B 277 -10.18 -0.15 -10.45
N THR B 278 -10.22 -0.39 -11.75
CA THR B 278 -9.66 -1.59 -12.35
C THR B 278 -8.68 -1.33 -13.50
N SER B 279 -7.62 -2.13 -13.54
CA SER B 279 -6.59 -2.01 -14.56
C SER B 279 -6.19 -3.40 -15.02
N THR B 280 -6.31 -3.66 -16.31
CA THR B 280 -5.99 -4.97 -16.88
C THR B 280 -4.90 -4.92 -17.95
N LYS B 281 -3.84 -5.68 -17.73
CA LYS B 281 -2.71 -5.73 -18.66
C LYS B 281 -2.34 -4.34 -19.18
N ALA B 282 -1.94 -3.44 -18.28
CA ALA B 282 -1.58 -2.09 -18.68
C ALA B 282 -0.14 -1.99 -19.18
N TRP B 283 0.09 -1.07 -20.11
CA TRP B 283 1.43 -0.90 -20.64
C TRP B 283 1.67 0.53 -21.13
N PHE B 284 2.83 0.74 -21.72
CA PHE B 284 3.20 2.06 -22.24
C PHE B 284 3.24 2.01 -23.77
N ASN B 285 3.25 3.19 -24.38
CA ASN B 285 3.34 3.28 -25.84
C ASN B 285 4.80 2.99 -26.19
N ASP B 286 5.06 2.55 -27.42
CA ASP B 286 6.41 2.21 -27.84
C ASP B 286 7.55 3.01 -27.23
N LEU B 287 7.32 4.31 -27.01
CA LEU B 287 8.37 5.18 -26.49
C LEU B 287 8.25 5.54 -24.99
N VAL B 288 7.41 4.80 -24.27
CA VAL B 288 7.19 5.02 -22.83
C VAL B 288 6.98 6.50 -22.46
N THR B 289 6.24 7.23 -23.29
CA THR B 289 5.97 8.63 -23.01
C THR B 289 4.53 8.76 -22.50
N ALA B 290 3.86 7.63 -22.39
CA ALA B 290 2.48 7.57 -21.91
C ALA B 290 2.01 6.12 -21.75
N TRP B 291 0.98 5.91 -20.92
CA TRP B 291 0.39 4.59 -20.71
C TRP B 291 -0.45 4.36 -21.97
N VAL B 292 -0.55 3.11 -22.43
CA VAL B 292 -1.35 2.85 -23.61
C VAL B 292 -2.83 3.01 -23.29
N SER B 293 -3.20 2.74 -22.04
CA SER B 293 -4.59 2.87 -21.59
C SER B 293 -4.73 2.70 -20.07
N PRO B 294 -4.97 3.81 -19.35
CA PRO B 294 -5.13 3.84 -17.89
C PRO B 294 -6.25 2.92 -17.34
N PRO B 295 -6.39 2.84 -16.00
CA PRO B 295 -7.41 2.02 -15.36
C PRO B 295 -8.84 2.51 -15.61
N SER B 296 -9.80 1.59 -15.56
CA SER B 296 -11.20 1.91 -15.76
C SER B 296 -11.88 2.20 -14.42
N GLU B 297 -12.75 3.20 -14.40
CA GLU B 297 -13.45 3.58 -13.20
C GLU B 297 -14.86 2.98 -13.23
N HIS B 298 -15.25 2.35 -12.13
CA HIS B 298 -16.54 1.71 -12.02
C HIS B 298 -17.32 2.29 -10.86
N THR B 299 -18.64 2.22 -10.93
CA THR B 299 -19.50 2.75 -9.88
C THR B 299 -20.77 1.91 -9.74
N VAL B 300 -21.14 1.62 -8.50
CA VAL B 300 -22.32 0.82 -8.22
C VAL B 300 -23.29 1.55 -7.29
N LYS B 301 -24.56 1.60 -7.70
CA LYS B 301 -25.57 2.26 -6.89
C LYS B 301 -25.86 1.36 -5.71
N THR B 302 -26.06 1.96 -4.54
CA THR B 302 -26.37 1.21 -3.33
C THR B 302 -27.52 1.90 -2.59
N GLU B 303 -28.75 1.65 -3.05
CA GLU B 303 -29.92 2.28 -2.44
C GLU B 303 -30.03 1.88 -0.97
N LEU B 304 -29.51 0.70 -0.66
CA LEU B 304 -29.53 0.21 0.72
C LEU B 304 -28.10 0.23 1.26
N PRO B 305 -27.84 1.11 2.26
CA PRO B 305 -26.49 1.19 2.84
C PRO B 305 -26.00 -0.15 3.36
N GLN B 306 -24.71 -0.41 3.18
CA GLN B 306 -24.07 -1.67 3.58
C GLN B 306 -24.39 -2.25 4.96
N GLU B 307 -24.49 -1.40 5.98
CA GLU B 307 -24.79 -1.90 7.32
C GLU B 307 -26.21 -2.47 7.35
N ALA B 308 -27.16 -1.78 6.73
CA ALA B 308 -28.53 -2.25 6.71
C ALA B 308 -28.60 -3.52 5.88
N CYS B 309 -27.68 -3.63 4.93
CA CYS B 309 -27.64 -4.81 4.08
C CYS B 309 -27.10 -5.94 4.96
N MSE B 310 -26.29 -5.57 5.95
CA MSE B 310 -25.71 -6.54 6.87
C MSE B 310 -26.76 -7.20 7.74
O MSE B 310 -26.94 -8.42 7.69
CB MSE B 310 -24.64 -5.85 7.74
CG MSE B 310 -24.04 -6.75 8.82
SE MSE B 310 -22.56 -5.94 9.75
CE MSE B 310 -23.35 -5.61 11.47
N VAL B 311 -27.45 -6.41 8.55
CA VAL B 311 -28.50 -6.93 9.42
C VAL B 311 -29.48 -7.68 8.52
N ARG B 312 -29.69 -7.12 7.33
CA ARG B 312 -30.59 -7.69 6.34
C ARG B 312 -30.26 -9.17 6.08
N GLU B 313 -28.96 -9.48 5.97
CA GLU B 313 -28.51 -10.86 5.74
C GLU B 313 -28.55 -11.67 7.03
N PHE B 314 -28.02 -11.09 8.11
CA PHE B 314 -28.02 -11.76 9.41
C PHE B 314 -29.46 -12.17 9.76
N ALA B 315 -30.37 -11.21 9.66
CA ALA B 315 -31.78 -11.45 9.95
C ALA B 315 -32.35 -12.50 9.01
N ILE B 321 -34.03 -21.33 9.45
CA ILE B 321 -33.62 -21.84 10.76
C ILE B 321 -34.76 -21.81 11.78
N LYS B 322 -35.13 -20.62 12.24
CA LYS B 322 -36.22 -20.48 13.20
C LYS B 322 -37.59 -20.75 12.56
N ASN B 323 -37.67 -20.60 11.24
CA ASN B 323 -38.91 -20.83 10.51
C ASN B 323 -38.84 -22.03 9.57
N ASN B 324 -37.67 -22.32 9.03
CA ASN B 324 -37.49 -23.46 8.11
C ASN B 324 -36.60 -24.58 8.64
N GLY B 325 -35.99 -24.37 9.79
CA GLY B 325 -35.16 -25.39 10.38
C GLY B 325 -33.80 -25.61 9.73
N ALA B 326 -33.25 -24.56 9.15
CA ALA B 326 -31.94 -24.66 8.50
C ALA B 326 -30.85 -24.57 9.57
N LYS B 327 -29.65 -25.03 9.24
CA LYS B 327 -28.55 -24.96 10.18
C LYS B 327 -27.82 -23.64 10.01
N PRO B 328 -27.27 -23.08 11.09
CA PRO B 328 -26.56 -21.81 10.92
C PRO B 328 -25.44 -21.90 9.88
N ASP B 329 -25.17 -20.76 9.25
CA ASP B 329 -24.14 -20.68 8.22
C ASP B 329 -22.79 -20.54 8.93
N GLY B 330 -21.91 -21.50 8.70
CA GLY B 330 -20.60 -21.47 9.33
C GLY B 330 -19.58 -20.55 8.66
N TYR B 331 -19.93 -19.98 7.51
CA TYR B 331 -19.02 -19.09 6.82
C TYR B 331 -18.64 -17.89 7.67
N TRP B 332 -19.64 -17.30 8.31
CA TRP B 332 -19.37 -16.11 9.12
C TRP B 332 -18.45 -16.38 10.30
N PRO B 333 -18.85 -17.28 11.22
CA PRO B 333 -17.94 -17.52 12.35
C PRO B 333 -16.54 -17.94 11.84
N SER B 334 -16.53 -18.65 10.71
CA SER B 334 -15.28 -19.11 10.11
C SER B 334 -14.41 -17.96 9.59
N ILE B 335 -14.99 -17.02 8.84
CA ILE B 335 -14.20 -15.90 8.35
C ILE B 335 -13.72 -15.09 9.55
N SER B 336 -14.59 -14.98 10.55
CA SER B 336 -14.26 -14.22 11.75
C SER B 336 -13.08 -14.83 12.49
N ARG B 337 -13.01 -16.16 12.51
CA ARG B 337 -11.91 -16.83 13.19
C ARG B 337 -10.61 -16.62 12.43
N LYS B 338 -10.68 -16.57 11.11
CA LYS B 338 -9.48 -16.36 10.30
C LYS B 338 -8.82 -15.01 10.54
N THR B 339 -9.61 -13.94 10.58
CA THR B 339 -9.05 -12.61 10.81
C THR B 339 -8.63 -12.39 12.26
N GLN B 340 -9.28 -13.07 13.19
CA GLN B 340 -8.93 -12.94 14.61
C GLN B 340 -7.58 -13.64 14.84
N LEU B 341 -7.35 -14.71 14.09
CA LEU B 341 -6.11 -15.49 14.20
C LEU B 341 -4.94 -14.69 13.66
N VAL B 342 -5.17 -13.95 12.59
CA VAL B 342 -4.08 -13.16 12.02
C VAL B 342 -3.77 -12.01 12.97
N VAL B 343 -4.81 -11.45 13.58
CA VAL B 343 -4.61 -10.36 14.53
C VAL B 343 -3.73 -10.82 15.69
N ASP B 344 -3.89 -12.08 16.10
CA ASP B 344 -3.09 -12.62 17.20
C ASP B 344 -1.65 -12.87 16.78
N ALA B 345 -1.47 -13.48 15.60
CA ALA B 345 -0.14 -13.75 15.09
C ALA B 345 0.61 -12.42 14.98
N VAL B 346 -0.05 -11.40 14.44
CA VAL B 346 0.56 -10.09 14.30
C VAL B 346 0.94 -9.60 15.69
N LYS B 347 -0.07 -9.31 16.51
CA LYS B 347 0.13 -8.83 17.87
C LYS B 347 1.26 -9.60 18.57
N GLU B 348 1.16 -10.92 18.55
CA GLU B 348 2.17 -11.76 19.19
C GLU B 348 3.54 -11.67 18.51
N SER B 349 3.57 -11.17 17.28
CA SER B 349 4.84 -11.01 16.58
C SER B 349 5.51 -9.76 17.14
N VAL B 350 4.70 -8.78 17.51
CA VAL B 350 5.20 -7.53 18.09
C VAL B 350 5.65 -7.76 19.54
N ASP B 351 5.09 -8.78 20.20
CA ASP B 351 5.46 -9.07 21.57
C ASP B 351 6.67 -10.00 21.59
N LYS B 352 6.71 -10.95 20.65
CA LYS B 352 7.83 -11.89 20.58
C LYS B 352 9.02 -11.36 19.78
N ASN B 353 9.16 -10.03 19.74
CA ASN B 353 10.26 -9.36 19.02
C ASN B 353 10.28 -9.61 17.51
N TYR B 354 9.25 -9.13 16.83
CA TYR B 354 9.12 -9.24 15.37
C TYR B 354 9.62 -10.55 14.77
N GLN B 355 9.19 -11.64 15.38
CA GLN B 355 9.55 -12.98 14.94
C GLN B 355 8.53 -13.48 13.92
N GLN B 356 8.97 -14.28 12.96
CA GLN B 356 8.06 -14.81 11.96
C GLN B 356 7.14 -15.80 12.67
N ILE B 357 5.86 -15.79 12.31
CA ILE B 357 4.89 -16.68 12.94
C ILE B 357 4.14 -17.53 11.93
N SER B 358 4.21 -18.85 12.10
CA SER B 358 3.51 -19.78 11.21
C SER B 358 2.16 -20.10 11.82
N LEU B 359 1.09 -19.93 11.04
CA LEU B 359 -0.26 -20.18 11.54
C LEU B 359 -0.66 -21.65 11.55
N SER B 360 0.27 -22.54 11.21
CA SER B 360 0.01 -23.98 11.18
C SER B 360 -0.71 -24.50 12.43
N GLN A 6 23.71 23.53 -26.55
CA GLN A 6 25.00 24.13 -26.08
C GLN A 6 25.89 23.03 -25.50
N ILE A 7 25.36 22.32 -24.50
CA ILE A 7 26.12 21.22 -23.89
C ILE A 7 26.15 20.04 -24.85
N ARG A 8 27.34 19.72 -25.33
CA ARG A 8 27.55 18.63 -26.28
C ARG A 8 27.43 17.29 -25.56
N ILE A 9 26.42 16.52 -25.94
CA ILE A 9 26.17 15.23 -25.31
C ILE A 9 26.17 14.06 -26.29
N GLY A 10 26.65 12.92 -25.82
CA GLY A 10 26.70 11.73 -26.65
C GLY A 10 25.79 10.62 -26.16
N VAL A 11 26.15 9.38 -26.48
CA VAL A 11 25.38 8.21 -26.07
C VAL A 11 26.24 6.96 -26.06
N MSE A 12 26.79 6.63 -24.91
CA MSE A 12 27.62 5.44 -24.80
C MSE A 12 26.72 4.21 -24.71
O MSE A 12 26.29 3.81 -23.63
CB MSE A 12 28.50 5.52 -23.55
CG MSE A 12 29.30 4.26 -23.29
SE MSE A 12 30.53 4.54 -21.84
CE MSE A 12 31.83 5.58 -22.79
N GLY A 13 26.46 3.61 -25.87
CA GLY A 13 25.60 2.44 -25.92
C GLY A 13 24.26 2.77 -26.53
N CYS A 14 23.85 2.01 -27.54
CA CYS A 14 22.57 2.25 -28.19
C CYS A 14 21.47 1.41 -27.55
N ALA A 15 21.21 1.69 -26.27
CA ALA A 15 20.20 0.98 -25.51
C ALA A 15 18.80 1.41 -25.96
N ASP A 16 17.82 0.55 -25.78
CA ASP A 16 16.46 0.88 -26.19
C ASP A 16 15.95 2.16 -25.51
N ILE A 17 16.37 2.39 -24.27
CA ILE A 17 15.94 3.59 -23.54
C ILE A 17 16.63 4.83 -24.06
N ALA A 18 17.62 4.63 -24.94
CA ALA A 18 18.33 5.76 -25.52
C ALA A 18 17.41 6.43 -26.54
N ARG A 19 16.38 5.71 -26.97
CA ARG A 19 15.44 6.26 -27.94
C ARG A 19 14.58 7.34 -27.29
N LYS A 20 14.39 7.22 -25.98
CA LYS A 20 13.59 8.19 -25.25
C LYS A 20 14.46 9.34 -24.74
N VAL A 21 15.64 9.00 -24.22
CA VAL A 21 16.53 10.04 -23.70
C VAL A 21 17.08 10.96 -24.78
N SER A 22 17.21 10.47 -26.01
CA SER A 22 17.71 11.31 -27.09
C SER A 22 16.74 12.48 -27.28
N ARG A 23 15.44 12.17 -27.20
CA ARG A 23 14.41 13.21 -27.32
C ARG A 23 14.57 14.18 -26.14
N ALA A 24 14.88 13.64 -24.97
CA ALA A 24 15.08 14.48 -23.77
C ALA A 24 16.19 15.46 -24.13
N ILE A 25 17.36 14.92 -24.41
CA ILE A 25 18.50 15.75 -24.79
C ILE A 25 18.08 16.73 -25.88
N HIS A 26 17.40 16.22 -26.89
CA HIS A 26 16.92 17.03 -28.00
C HIS A 26 16.10 18.21 -27.48
N LEU A 27 14.96 17.90 -26.87
CA LEU A 27 14.04 18.90 -26.32
C LEU A 27 14.65 19.82 -25.25
N ALA A 28 15.84 19.49 -24.78
CA ALA A 28 16.51 20.31 -23.78
C ALA A 28 17.18 21.46 -24.53
N PRO A 29 16.60 22.67 -24.46
CA PRO A 29 17.11 23.87 -25.13
C PRO A 29 18.58 24.17 -24.91
N ASN A 30 19.13 23.64 -23.82
CA ASN A 30 20.53 23.89 -23.48
C ASN A 30 21.41 22.68 -23.78
N ALA A 31 20.93 21.78 -24.64
CA ALA A 31 21.69 20.59 -24.98
C ALA A 31 21.36 20.08 -26.36
N THR A 32 22.32 19.38 -26.95
CA THR A 32 22.17 18.82 -28.28
C THR A 32 22.84 17.44 -28.30
N ILE A 33 22.35 16.55 -29.14
CA ILE A 33 22.91 15.22 -29.25
C ILE A 33 24.09 15.30 -30.23
N SER A 34 25.28 15.49 -29.68
CA SER A 34 26.50 15.63 -30.46
C SER A 34 27.11 14.33 -30.97
N GLY A 35 27.33 13.38 -30.07
CA GLY A 35 27.92 12.11 -30.46
C GLY A 35 27.13 10.91 -29.98
N VAL A 36 27.65 9.71 -30.26
CA VAL A 36 27.02 8.45 -29.87
C VAL A 36 27.89 7.26 -30.23
N ALA A 37 28.09 6.35 -29.28
CA ALA A 37 28.93 5.18 -29.54
C ALA A 37 28.20 3.84 -29.45
N SER A 38 28.90 2.78 -29.86
CA SER A 38 28.36 1.42 -29.85
C SER A 38 29.49 0.44 -30.13
N ARG A 39 29.29 -0.82 -29.77
CA ARG A 39 30.31 -1.84 -30.00
C ARG A 39 30.38 -2.23 -31.49
N SER A 40 29.63 -1.51 -32.31
CA SER A 40 29.61 -1.74 -33.74
C SER A 40 28.82 -0.60 -34.37
N LEU A 41 29.48 0.16 -35.25
CA LEU A 41 28.81 1.30 -35.88
C LEU A 41 27.63 0.87 -36.74
N GLU A 42 27.48 -0.43 -36.95
CA GLU A 42 26.35 -0.94 -37.72
C GLU A 42 25.07 -0.38 -37.12
N LYS A 43 24.77 -0.82 -35.89
CA LYS A 43 23.58 -0.37 -35.18
C LYS A 43 23.68 1.11 -34.82
N ALA A 44 24.89 1.55 -34.49
CA ALA A 44 25.14 2.94 -34.13
C ALA A 44 24.74 3.85 -35.29
N LYS A 45 24.81 3.30 -36.50
CA LYS A 45 24.46 4.03 -37.71
C LYS A 45 22.94 4.09 -37.85
N ALA A 46 22.29 2.93 -37.80
CA ALA A 46 20.84 2.85 -37.93
C ALA A 46 20.13 3.51 -36.75
N PHE A 47 20.68 3.36 -35.55
CA PHE A 47 20.08 3.97 -34.37
C PHE A 47 19.96 5.47 -34.65
N ALA A 48 21.07 6.07 -35.08
CA ALA A 48 21.12 7.50 -35.40
C ALA A 48 20.08 7.86 -36.45
N THR A 49 20.04 7.07 -37.53
CA THR A 49 19.08 7.30 -38.60
C THR A 49 17.68 7.14 -38.04
N ALA A 50 17.36 5.90 -37.65
CA ALA A 50 16.06 5.57 -37.10
C ALA A 50 15.61 6.56 -36.03
N ASN A 51 16.56 7.24 -35.40
CA ASN A 51 16.22 8.20 -34.35
C ASN A 51 16.29 9.68 -34.72
N ASN A 52 16.31 9.99 -36.01
CA ASN A 52 16.33 11.37 -36.47
C ASN A 52 17.56 12.16 -36.00
N TYR A 53 18.65 11.46 -35.70
CA TYR A 53 19.87 12.11 -35.25
C TYR A 53 20.34 13.17 -36.26
N PRO A 54 20.90 14.28 -35.75
CA PRO A 54 21.39 15.33 -36.65
C PRO A 54 22.52 14.81 -37.52
N GLU A 55 22.76 15.48 -38.65
CA GLU A 55 23.80 15.09 -39.58
C GLU A 55 25.18 15.18 -38.96
N SER A 56 25.50 16.33 -38.38
CA SER A 56 26.80 16.55 -37.76
C SER A 56 27.11 15.56 -36.64
N THR A 57 26.07 14.96 -36.07
CA THR A 57 26.24 14.00 -34.99
C THR A 57 27.26 12.94 -35.39
N LYS A 58 28.41 12.96 -34.73
CA LYS A 58 29.46 11.99 -35.01
C LYS A 58 29.02 10.61 -34.53
N ILE A 59 29.06 9.64 -35.44
CA ILE A 59 28.70 8.27 -35.11
C ILE A 59 29.96 7.45 -34.94
N HIS A 60 30.26 7.11 -33.70
CA HIS A 60 31.45 6.32 -33.38
C HIS A 60 31.17 4.83 -33.40
N GLY A 61 32.14 4.06 -33.87
CA GLY A 61 31.98 2.61 -33.94
C GLY A 61 32.50 1.92 -32.69
N SER A 62 32.82 2.70 -31.66
CA SER A 62 33.32 2.17 -30.40
C SER A 62 33.07 3.15 -29.26
N TYR A 63 32.98 2.66 -28.02
CA TYR A 63 32.74 3.53 -26.88
C TYR A 63 33.96 4.40 -26.61
N GLU A 64 35.15 3.80 -26.76
CA GLU A 64 36.40 4.50 -26.54
C GLU A 64 36.53 5.69 -27.50
N SER A 65 35.96 5.53 -28.69
CA SER A 65 36.00 6.56 -29.71
C SER A 65 35.30 7.83 -29.21
N LEU A 66 34.31 7.64 -28.33
CA LEU A 66 33.57 8.76 -27.79
C LEU A 66 34.26 9.40 -26.58
N LEU A 67 34.91 8.59 -25.75
CA LEU A 67 35.59 9.10 -24.57
C LEU A 67 36.75 10.01 -24.93
N GLU A 68 37.42 9.71 -26.04
CA GLU A 68 38.56 10.47 -26.49
C GLU A 68 38.14 11.67 -27.35
N ASP A 69 36.89 11.67 -27.78
CA ASP A 69 36.40 12.78 -28.59
C ASP A 69 36.41 14.01 -27.67
N PRO A 70 37.16 15.05 -28.04
CA PRO A 70 37.24 16.27 -27.24
C PRO A 70 36.09 17.24 -27.50
N GLU A 71 35.22 16.88 -28.45
CA GLU A 71 34.09 17.72 -28.80
C GLU A 71 32.83 17.34 -28.01
N ILE A 72 33.00 16.62 -26.90
CA ILE A 72 31.88 16.20 -26.07
C ILE A 72 32.08 16.58 -24.60
N ASP A 73 31.12 17.32 -24.04
CA ASP A 73 31.18 17.77 -22.64
C ASP A 73 30.81 16.69 -21.63
N ALA A 74 29.75 15.94 -21.91
CA ALA A 74 29.30 14.91 -20.98
C ALA A 74 28.69 13.69 -21.67
N LEU A 75 28.50 12.62 -20.90
CA LEU A 75 27.96 11.37 -21.43
C LEU A 75 26.74 10.83 -20.68
N TYR A 76 25.78 10.29 -21.43
CA TYR A 76 24.61 9.63 -20.85
C TYR A 76 25.03 8.18 -20.95
N VAL A 77 24.95 7.44 -19.85
CA VAL A 77 25.37 6.05 -19.87
C VAL A 77 24.26 5.01 -19.65
N PRO A 78 23.62 4.54 -20.73
CA PRO A 78 22.54 3.54 -20.67
C PRO A 78 23.09 2.12 -20.65
N LEU A 79 24.20 1.90 -19.95
CA LEU A 79 24.81 0.59 -19.90
C LEU A 79 24.29 -0.30 -18.78
N PRO A 80 24.27 -1.63 -19.01
CA PRO A 80 23.80 -2.56 -17.98
C PRO A 80 24.51 -2.23 -16.69
N THR A 81 23.80 -2.36 -15.58
CA THR A 81 24.33 -2.06 -14.26
C THR A 81 25.79 -2.48 -14.07
N SER A 82 26.17 -3.63 -14.62
CA SER A 82 27.53 -4.15 -14.48
C SER A 82 28.66 -3.32 -15.09
N LEU A 83 28.42 -2.67 -16.23
CA LEU A 83 29.46 -1.88 -16.88
C LEU A 83 29.62 -0.47 -16.30
N HIS A 84 29.09 -0.26 -15.10
CA HIS A 84 29.20 1.06 -14.50
C HIS A 84 30.51 1.28 -13.76
N VAL A 85 30.82 0.40 -12.82
CA VAL A 85 32.05 0.55 -12.05
C VAL A 85 33.25 0.81 -12.95
N GLU A 86 33.24 0.23 -14.16
CA GLU A 86 34.32 0.39 -15.12
C GLU A 86 34.22 1.64 -15.99
N TRP A 87 33.23 1.68 -16.87
CA TRP A 87 33.04 2.80 -17.77
C TRP A 87 32.78 4.14 -17.10
N ALA A 88 32.35 4.10 -15.84
CA ALA A 88 32.10 5.33 -15.09
C ALA A 88 33.45 5.89 -14.62
N ILE A 89 34.29 5.05 -14.03
CA ILE A 89 35.60 5.52 -13.58
C ILE A 89 36.39 5.96 -14.81
N LYS A 90 36.30 5.16 -15.89
CA LYS A 90 36.99 5.45 -17.16
C LYS A 90 36.37 6.59 -17.94
N ALA A 91 35.50 7.36 -17.31
CA ALA A 91 34.88 8.49 -17.97
C ALA A 91 35.32 9.72 -17.19
N ALA A 92 35.46 9.55 -15.88
CA ALA A 92 35.88 10.63 -15.00
C ALA A 92 37.35 10.93 -15.27
N GLU A 93 38.14 9.88 -15.47
CA GLU A 93 39.56 10.03 -15.76
C GLU A 93 39.70 10.96 -16.96
N LYS A 94 38.88 10.71 -17.98
CA LYS A 94 38.89 11.52 -19.20
C LYS A 94 38.15 12.84 -18.98
N GLY A 95 37.86 13.14 -17.72
CA GLY A 95 37.17 14.37 -17.38
C GLY A 95 35.80 14.55 -18.00
N LYS A 96 35.02 13.46 -18.03
CA LYS A 96 33.68 13.56 -18.60
C LYS A 96 32.62 13.47 -17.50
N HIS A 97 31.68 14.40 -17.54
CA HIS A 97 30.59 14.44 -16.57
C HIS A 97 29.69 13.23 -16.81
N ILE A 98 29.51 12.41 -15.77
CA ILE A 98 28.72 11.21 -15.90
C ILE A 98 27.25 11.30 -15.50
N LEU A 99 26.40 10.86 -16.43
CA LEU A 99 24.96 10.81 -16.25
C LEU A 99 24.77 9.29 -16.22
N LEU A 100 24.90 8.70 -15.03
CA LEU A 100 24.78 7.25 -14.84
C LEU A 100 23.35 6.76 -14.63
N GLU A 101 22.91 5.83 -15.47
CA GLU A 101 21.55 5.29 -15.34
C GLU A 101 21.42 4.46 -14.06
N LYS A 102 20.18 4.27 -13.61
CA LYS A 102 19.96 3.51 -12.38
C LYS A 102 19.56 2.08 -12.69
N PRO A 103 19.89 1.14 -11.78
CA PRO A 103 20.60 1.43 -10.54
C PRO A 103 22.02 1.88 -10.88
N VAL A 104 22.59 2.76 -10.08
CA VAL A 104 23.94 3.28 -10.35
C VAL A 104 25.04 2.24 -10.39
N ALA A 105 24.97 1.24 -9.51
CA ALA A 105 25.99 0.21 -9.48
C ALA A 105 25.51 -1.02 -8.73
N MSE A 106 26.30 -2.08 -8.76
CA MSE A 106 25.94 -3.32 -8.08
C MSE A 106 25.98 -3.19 -6.56
O MSE A 106 25.54 -4.08 -5.84
CB MSE A 106 26.87 -4.46 -8.53
CG MSE A 106 26.79 -4.79 -10.02
SE MSE A 106 25.04 -5.44 -10.54
CE MSE A 106 24.95 -6.96 -9.35
N ASN A 107 26.52 -2.07 -6.09
CA ASN A 107 26.61 -1.80 -4.65
C ASN A 107 27.18 -0.42 -4.39
N VAL A 108 26.95 0.12 -3.20
CA VAL A 108 27.43 1.45 -2.85
C VAL A 108 28.95 1.55 -2.95
N THR A 109 29.64 0.46 -2.64
CA THR A 109 31.10 0.43 -2.71
C THR A 109 31.56 0.88 -4.11
N GLU A 110 30.97 0.28 -5.14
CA GLU A 110 31.31 0.63 -6.52
C GLU A 110 30.88 2.05 -6.85
N PHE A 111 29.73 2.49 -6.33
CA PHE A 111 29.28 3.85 -6.61
C PHE A 111 30.24 4.87 -6.01
N ASP A 112 30.64 4.67 -4.76
CA ASP A 112 31.55 5.60 -4.11
C ASP A 112 32.84 5.72 -4.90
N LYS A 113 33.25 4.63 -5.54
CA LYS A 113 34.45 4.65 -6.36
C LYS A 113 34.21 5.55 -7.58
N ILE A 114 32.98 5.55 -8.07
CA ILE A 114 32.61 6.36 -9.23
C ILE A 114 32.43 7.81 -8.81
N VAL A 115 31.97 8.01 -7.58
CA VAL A 115 31.77 9.36 -7.07
C VAL A 115 33.14 10.02 -6.88
N ASP A 116 33.96 9.37 -6.05
CA ASP A 116 35.30 9.88 -5.79
C ASP A 116 36.04 10.19 -7.09
N ALA A 117 35.96 9.26 -8.04
CA ALA A 117 36.61 9.43 -9.34
C ALA A 117 36.08 10.67 -10.05
N CYS A 118 34.79 10.97 -9.86
CA CYS A 118 34.19 12.15 -10.49
C CYS A 118 34.65 13.41 -9.74
N GLU A 119 34.89 13.24 -8.44
CA GLU A 119 35.34 14.32 -7.57
C GLU A 119 36.80 14.65 -7.88
N ALA A 120 37.63 13.61 -7.96
CA ALA A 120 39.04 13.78 -8.25
C ALA A 120 39.23 14.57 -9.53
N ASN A 121 38.32 14.36 -10.48
CA ASN A 121 38.35 15.01 -11.78
C ASN A 121 37.37 16.17 -11.88
N GLY A 122 36.75 16.52 -10.76
CA GLY A 122 35.81 17.63 -10.73
C GLY A 122 34.66 17.60 -11.74
N VAL A 123 34.05 16.44 -11.99
CA VAL A 123 32.92 16.42 -12.91
C VAL A 123 31.58 16.20 -12.21
N GLN A 124 30.51 16.58 -12.90
CA GLN A 124 29.15 16.47 -12.38
C GLN A 124 28.53 15.12 -12.71
N ILE A 125 28.10 14.38 -11.69
CA ILE A 125 27.45 13.10 -11.95
C ILE A 125 26.02 13.13 -11.43
N MSE A 126 25.17 12.31 -12.04
CA MSE A 126 23.76 12.21 -11.68
C MSE A 126 23.15 10.94 -12.26
O MSE A 126 23.47 10.57 -13.39
CB MSE A 126 23.00 13.44 -12.20
CG MSE A 126 21.51 13.44 -11.87
SE MSE A 126 20.53 14.70 -12.97
CE MSE A 126 20.60 13.69 -14.62
N ASP A 127 22.28 10.28 -11.50
CA ASP A 127 21.64 9.06 -11.97
C ASP A 127 20.52 9.43 -12.92
N GLY A 128 20.00 8.42 -13.63
CA GLY A 128 18.94 8.66 -14.59
C GLY A 128 17.49 8.60 -14.10
N THR A 129 17.26 8.73 -12.78
CA THR A 129 15.89 8.69 -12.26
C THR A 129 15.17 9.92 -12.81
N MSE A 130 14.25 9.69 -13.74
CA MSE A 130 13.52 10.77 -14.37
C MSE A 130 12.51 11.54 -13.53
O MSE A 130 12.73 12.72 -13.25
CB MSE A 130 12.86 10.27 -15.67
CG MSE A 130 13.82 10.16 -16.82
SE MSE A 130 13.14 9.24 -18.39
CE MSE A 130 14.12 7.57 -18.27
N TRP A 131 11.43 10.89 -13.11
CA TRP A 131 10.33 11.51 -12.35
C TRP A 131 10.64 12.57 -11.29
N VAL A 132 11.78 12.46 -10.61
CA VAL A 132 12.10 13.45 -9.59
C VAL A 132 12.28 14.83 -10.22
N HIS A 133 12.40 14.87 -11.56
CA HIS A 133 12.55 16.15 -12.24
C HIS A 133 11.25 16.69 -12.81
N ASN A 134 10.16 15.93 -12.66
CA ASN A 134 8.88 16.39 -13.14
C ASN A 134 8.42 17.58 -12.27
N PRO A 135 7.86 18.62 -12.89
CA PRO A 135 7.40 19.80 -12.15
C PRO A 135 6.49 19.45 -10.96
N ARG A 136 5.63 18.45 -11.15
CA ARG A 136 4.73 17.99 -10.11
C ARG A 136 5.45 17.61 -8.84
N THR A 137 6.67 17.10 -8.99
CA THR A 137 7.45 16.66 -7.84
C THR A 137 7.77 17.80 -6.89
N ALA A 138 7.81 19.02 -7.41
CA ALA A 138 8.10 20.20 -6.60
C ALA A 138 6.84 20.61 -5.83
N LEU A 139 5.74 20.79 -6.57
CA LEU A 139 4.48 21.20 -5.98
C LEU A 139 3.81 20.01 -5.32
N LEU A 140 4.63 19.18 -4.69
CA LEU A 140 4.19 17.98 -4.00
C LEU A 140 5.13 17.74 -2.82
N LYS A 141 6.40 18.13 -2.99
CA LYS A 141 7.36 18.01 -1.91
C LYS A 141 6.91 19.07 -0.92
N GLU A 142 6.31 20.11 -1.46
CA GLU A 142 5.80 21.22 -0.66
C GLU A 142 4.72 20.71 0.30
N PHE A 143 3.89 19.79 -0.18
CA PHE A 143 2.82 19.23 0.64
C PHE A 143 3.41 18.49 1.84
N LEU A 144 4.35 17.59 1.59
CA LEU A 144 4.98 16.84 2.67
C LEU A 144 5.81 17.77 3.55
N SER A 145 5.76 19.06 3.26
CA SER A 145 6.51 20.07 4.02
C SER A 145 5.61 20.92 4.92
N ASP A 146 4.30 20.87 4.67
CA ASP A 146 3.34 21.65 5.46
C ASP A 146 3.06 20.92 6.77
N SER A 147 3.62 21.42 7.87
CA SER A 147 3.45 20.79 9.18
C SER A 147 2.02 20.93 9.69
N GLU A 148 1.21 21.73 8.98
CA GLU A 148 -0.17 21.92 9.37
C GLU A 148 -1.05 21.10 8.44
N ARG A 149 -0.51 20.78 7.27
CA ARG A 149 -1.24 20.00 6.28
C ARG A 149 -0.79 18.54 6.25
N PHE A 150 0.38 18.26 6.83
CA PHE A 150 0.91 16.90 6.86
C PHE A 150 1.31 16.50 8.28
N GLY A 151 2.01 17.39 8.97
CA GLY A 151 2.43 17.09 10.31
C GLY A 151 3.68 16.24 10.35
N GLN A 152 3.74 15.28 11.27
CA GLN A 152 4.89 14.40 11.36
C GLN A 152 4.62 13.14 10.53
N LEU A 153 5.53 12.82 9.62
CA LEU A 153 5.39 11.63 8.77
C LEU A 153 5.33 10.36 9.61
N LYS A 154 4.37 9.51 9.32
CA LYS A 154 4.22 8.26 10.06
C LYS A 154 4.72 7.03 9.30
N THR A 155 4.39 6.97 8.01
CA THR A 155 4.81 5.84 7.20
C THR A 155 4.67 6.18 5.72
N VAL A 156 5.65 5.78 4.93
CA VAL A 156 5.57 6.06 3.50
C VAL A 156 5.42 4.74 2.75
N GLN A 157 4.34 4.65 1.96
CA GLN A 157 4.04 3.47 1.17
C GLN A 157 4.27 3.75 -0.31
N SER A 158 5.09 2.91 -0.94
CA SER A 158 5.35 3.08 -2.36
C SER A 158 5.77 1.77 -3.03
N CYS A 159 5.37 1.61 -4.29
CA CYS A 159 5.72 0.40 -5.01
C CYS A 159 5.67 0.57 -6.53
N PHE A 160 6.39 -0.31 -7.21
CA PHE A 160 6.41 -0.32 -8.67
C PHE A 160 6.58 -1.76 -9.15
N SER A 161 5.97 -2.05 -10.30
CA SER A 161 6.04 -3.39 -10.86
C SER A 161 5.33 -3.42 -12.19
N PHE A 162 5.51 -4.52 -12.90
CA PHE A 162 4.86 -4.71 -14.18
C PHE A 162 4.88 -6.21 -14.45
N ALA A 163 4.20 -6.63 -15.50
CA ALA A 163 4.12 -8.05 -15.80
C ALA A 163 5.07 -8.53 -16.89
N GLY A 164 6.27 -8.91 -16.49
CA GLY A 164 7.24 -9.40 -17.46
C GLY A 164 6.70 -10.62 -18.19
N ASP A 165 6.69 -10.58 -19.52
CA ASP A 165 6.20 -11.71 -20.29
C ASP A 165 7.30 -12.78 -20.33
N GLU A 166 7.15 -13.77 -21.20
CA GLU A 166 8.12 -14.84 -21.30
C GLU A 166 9.48 -14.40 -21.84
N ASP A 167 9.48 -13.72 -22.99
CA ASP A 167 10.71 -13.25 -23.59
C ASP A 167 11.56 -12.41 -22.62
N PHE A 168 10.91 -11.51 -21.89
CA PHE A 168 11.56 -10.65 -20.93
C PHE A 168 12.22 -11.46 -19.79
N LEU A 169 11.40 -12.21 -19.07
CA LEU A 169 11.85 -13.02 -17.94
C LEU A 169 12.96 -13.97 -18.32
N LYS A 170 13.08 -14.24 -19.61
CA LYS A 170 14.09 -15.16 -20.10
C LYS A 170 15.30 -14.45 -20.72
N ASN A 171 15.05 -13.37 -21.46
CA ASN A 171 16.16 -12.68 -22.13
C ASN A 171 16.55 -11.28 -21.68
N ASP A 172 15.62 -10.49 -21.18
CA ASP A 172 15.96 -9.14 -20.74
C ASP A 172 17.19 -9.13 -19.83
N ILE A 173 17.98 -8.06 -19.87
CA ILE A 173 19.18 -8.00 -19.05
C ILE A 173 18.92 -7.86 -17.54
N ARG A 174 17.70 -7.47 -17.20
CA ARG A 174 17.30 -7.28 -15.81
C ARG A 174 17.02 -8.59 -15.06
N VAL A 175 17.37 -9.72 -15.66
CA VAL A 175 17.21 -11.03 -15.02
C VAL A 175 18.57 -11.72 -15.06
N LYS A 176 19.53 -11.08 -15.75
CA LYS A 176 20.88 -11.60 -15.88
C LYS A 176 21.78 -11.15 -14.72
N PRO A 177 22.28 -12.10 -13.93
CA PRO A 177 23.14 -11.78 -12.78
C PRO A 177 24.39 -10.96 -13.13
N GLY A 178 24.88 -11.13 -14.35
CA GLY A 178 26.07 -10.40 -14.77
C GLY A 178 25.83 -9.07 -15.46
N LEU A 179 24.56 -8.76 -15.76
CA LEU A 179 24.23 -7.50 -16.43
C LEU A 179 23.52 -6.59 -15.44
N ASP A 180 22.20 -6.69 -15.36
CA ASP A 180 21.45 -5.90 -14.40
C ASP A 180 21.05 -6.85 -13.28
N GLY A 181 22.08 -7.36 -12.60
CA GLY A 181 21.88 -8.33 -11.53
C GLY A 181 21.06 -7.94 -10.31
N LEU A 182 20.65 -6.67 -10.19
CA LEU A 182 19.84 -6.29 -9.04
C LEU A 182 18.37 -6.62 -9.26
N GLY A 183 18.06 -7.10 -10.47
CA GLY A 183 16.69 -7.46 -10.82
C GLY A 183 15.62 -6.42 -10.55
N ALA A 184 14.46 -6.88 -10.11
CA ALA A 184 13.35 -5.99 -9.84
C ALA A 184 13.70 -4.98 -8.76
N LEU A 185 14.41 -5.43 -7.72
CA LEU A 185 14.81 -4.56 -6.62
C LEU A 185 15.60 -3.38 -7.13
N GLY A 186 16.52 -3.63 -8.05
CA GLY A 186 17.33 -2.56 -8.60
C GLY A 186 16.66 -1.72 -9.66
N ASP A 187 15.83 -2.33 -10.51
CA ASP A 187 15.15 -1.58 -11.55
C ASP A 187 13.82 -0.96 -11.13
N ALA A 188 13.10 -1.63 -10.23
CA ALA A 188 11.82 -1.11 -9.79
C ALA A 188 11.82 -0.61 -8.35
N GLY A 189 12.38 -1.39 -7.44
CA GLY A 189 12.42 -0.98 -6.05
C GLY A 189 13.08 0.38 -5.90
N TRP A 190 14.06 0.62 -6.78
CA TRP A 190 14.82 1.86 -6.82
C TRP A 190 13.93 3.09 -6.85
N TYR A 191 12.78 2.98 -7.50
CA TYR A 191 11.86 4.11 -7.60
C TYR A 191 11.10 4.29 -6.31
N ALA A 192 10.52 3.21 -5.81
CA ALA A 192 9.76 3.26 -4.58
C ALA A 192 10.70 3.79 -3.49
N ILE A 193 11.87 3.18 -3.39
CA ILE A 193 12.86 3.61 -2.40
C ILE A 193 13.14 5.10 -2.52
N ARG A 194 13.29 5.57 -3.74
CA ARG A 194 13.57 6.98 -3.98
C ARG A 194 12.48 7.89 -3.42
N ALA A 195 11.22 7.52 -3.61
CA ALA A 195 10.11 8.33 -3.12
C ALA A 195 10.10 8.29 -1.59
N THR A 196 10.46 7.14 -1.04
CA THR A 196 10.52 6.95 0.40
C THR A 196 11.56 7.87 1.05
N LEU A 197 12.78 7.81 0.55
CA LEU A 197 13.86 8.64 1.07
C LEU A 197 13.50 10.10 0.93
N LEU A 198 12.92 10.45 -0.22
CA LEU A 198 12.51 11.81 -0.50
C LEU A 198 11.46 12.29 0.51
N ALA A 199 10.35 11.56 0.60
CA ALA A 199 9.28 11.92 1.53
C ALA A 199 9.80 12.01 2.97
N ASN A 200 10.83 11.23 3.27
CA ASN A 200 11.43 11.20 4.61
C ASN A 200 12.57 12.21 4.78
N ASN A 201 12.58 13.25 3.96
CA ASN A 201 13.63 14.27 4.03
C ASN A 201 15.05 13.74 3.82
N PHE A 202 15.19 12.75 2.95
CA PHE A 202 16.49 12.17 2.62
C PHE A 202 17.22 11.54 3.80
N GLU A 203 16.46 11.06 4.77
CA GLU A 203 17.04 10.44 5.94
C GLU A 203 16.99 8.92 5.90
N LEU A 204 18.16 8.30 5.77
CA LEU A 204 18.25 6.85 5.75
C LEU A 204 17.55 6.26 6.95
N PRO A 205 16.80 5.16 6.76
CA PRO A 205 16.11 4.55 7.90
C PRO A 205 17.16 3.97 8.86
N LYS A 206 16.74 3.57 10.06
CA LYS A 206 17.70 3.00 11.01
C LYS A 206 18.03 1.59 10.54
N THR A 207 17.00 0.80 10.25
CA THR A 207 17.22 -0.56 9.80
C THR A 207 16.31 -0.89 8.63
N VAL A 208 16.59 -2.02 7.99
CA VAL A 208 15.80 -2.45 6.86
C VAL A 208 15.52 -3.93 7.03
N THR A 209 14.31 -4.34 6.67
CA THR A 209 13.95 -5.74 6.78
C THR A 209 13.04 -6.15 5.62
N ALA A 210 13.57 -7.03 4.77
CA ALA A 210 12.83 -7.52 3.61
C ALA A 210 11.62 -8.33 4.06
N PHE A 211 10.60 -8.40 3.21
CA PHE A 211 9.40 -9.19 3.53
C PHE A 211 9.76 -10.63 3.25
N PRO A 212 9.52 -11.53 4.19
CA PRO A 212 9.85 -12.92 3.91
C PRO A 212 9.06 -13.40 2.69
N GLY A 213 9.63 -14.31 1.92
CA GLY A 213 8.94 -14.82 0.74
C GLY A 213 9.24 -14.07 -0.54
N ALA A 214 10.52 -13.82 -0.81
CA ALA A 214 10.96 -13.12 -2.02
C ALA A 214 10.87 -14.04 -3.23
N VAL A 215 11.45 -13.63 -4.36
CA VAL A 215 11.42 -14.43 -5.60
C VAL A 215 12.50 -14.01 -6.60
N LEU A 216 13.54 -14.81 -6.73
CA LEU A 216 14.62 -14.53 -7.69
C LEU A 216 14.66 -15.70 -8.67
N ASN A 217 15.06 -15.45 -9.91
CA ASN A 217 15.13 -16.56 -10.86
C ASN A 217 16.17 -17.58 -10.41
N GLU A 218 16.36 -18.63 -11.19
CA GLU A 218 17.34 -19.67 -10.84
C GLU A 218 18.75 -19.09 -10.68
N ALA A 219 19.11 -18.14 -11.55
CA ALA A 219 20.42 -17.51 -11.52
C ALA A 219 20.52 -16.55 -10.34
N GLY A 220 19.50 -16.57 -9.48
CA GLY A 220 19.52 -15.71 -8.30
C GLY A 220 19.35 -14.21 -8.48
N VAL A 221 18.56 -13.81 -9.47
CA VAL A 221 18.30 -12.38 -9.70
C VAL A 221 16.88 -12.09 -9.21
N ILE A 222 16.73 -11.06 -8.38
CA ILE A 222 15.43 -10.71 -7.84
C ILE A 222 14.38 -10.35 -8.87
N LEU A 223 13.27 -11.08 -8.83
CA LEU A 223 12.16 -10.83 -9.74
C LEU A 223 11.11 -10.02 -8.98
N SER A 224 10.87 -10.40 -7.72
CA SER A 224 9.92 -9.68 -6.87
C SER A 224 10.39 -9.73 -5.42
N CYS A 225 10.03 -8.70 -4.66
CA CYS A 225 10.40 -8.61 -3.24
C CYS A 225 9.97 -7.26 -2.68
N GLY A 226 9.93 -7.15 -1.36
CA GLY A 226 9.56 -5.91 -0.69
C GLY A 226 10.29 -5.76 0.64
N ALA A 227 9.86 -4.80 1.47
CA ALA A 227 10.53 -4.61 2.76
C ALA A 227 9.91 -3.49 3.59
N SER A 228 10.52 -3.22 4.74
CA SER A 228 10.07 -2.16 5.63
C SER A 228 11.30 -1.41 6.13
N LEU A 229 11.19 -0.09 6.21
CA LEU A 229 12.29 0.74 6.68
C LEU A 229 11.85 1.32 8.03
N SER A 230 12.64 1.10 9.07
CA SER A 230 12.28 1.59 10.39
C SER A 230 13.21 2.68 10.93
N TRP A 231 12.62 3.81 11.31
CA TRP A 231 13.37 4.92 11.87
C TRP A 231 13.35 4.81 13.41
N GLU A 232 12.59 3.84 13.92
CA GLU A 232 12.48 3.58 15.35
C GLU A 232 11.93 4.77 16.16
N ASP A 233 11.59 5.86 15.49
CA ASP A 233 11.07 7.04 16.18
C ASP A 233 9.58 7.19 15.92
N GLY A 234 8.92 6.10 15.55
CA GLY A 234 7.51 6.15 15.26
C GLY A 234 7.29 6.06 13.76
N ARG A 235 8.37 6.36 13.01
CA ARG A 235 8.33 6.30 11.56
C ARG A 235 8.80 4.96 11.02
N THR A 236 8.10 4.47 10.01
CA THR A 236 8.42 3.20 9.37
C THR A 236 8.16 3.44 7.90
N ALA A 237 8.23 2.38 7.10
CA ALA A 237 7.97 2.50 5.68
C ALA A 237 8.02 1.12 5.03
N THR A 238 7.22 0.93 3.99
CA THR A 238 7.22 -0.33 3.28
C THR A 238 7.44 -0.07 1.80
N ILE A 239 7.97 -1.06 1.10
CA ILE A 239 8.22 -0.93 -0.32
C ILE A 239 8.02 -2.28 -0.95
N TYR A 240 7.56 -2.27 -2.20
CA TYR A 240 7.34 -3.49 -2.93
C TYR A 240 7.73 -3.24 -4.38
N CYS A 241 8.20 -4.30 -5.04
CA CYS A 241 8.61 -4.21 -6.42
C CYS A 241 8.51 -5.61 -7.03
N SER A 242 8.04 -5.69 -8.27
CA SER A 242 7.88 -6.97 -8.94
C SER A 242 7.95 -6.87 -10.46
N PHE A 243 8.43 -7.94 -11.06
CA PHE A 243 8.54 -8.08 -12.53
C PHE A 243 7.45 -9.05 -12.98
N LEU A 244 6.50 -9.36 -12.10
CA LEU A 244 5.45 -10.34 -12.42
C LEU A 244 4.04 -9.98 -11.96
N ALA A 245 3.61 -8.75 -12.23
CA ALA A 245 2.28 -8.30 -11.84
C ALA A 245 1.93 -6.96 -12.52
N ASN A 246 0.70 -6.87 -13.04
CA ASN A 246 0.20 -5.68 -13.74
C ASN A 246 0.79 -4.35 -13.29
N LEU A 247 1.08 -3.51 -14.29
CA LEU A 247 1.66 -2.18 -14.07
C LEU A 247 0.98 -1.49 -12.90
N THR A 248 1.79 -1.02 -11.95
CA THR A 248 1.27 -0.34 -10.77
C THR A 248 2.39 0.57 -10.28
N MSE A 249 2.04 1.83 -10.02
CA MSE A 249 3.02 2.80 -9.54
C MSE A 249 2.33 3.63 -8.47
O MSE A 249 1.70 4.64 -8.77
CB MSE A 249 3.46 3.70 -10.71
CG MSE A 249 3.96 2.95 -11.92
SE MSE A 249 4.27 4.11 -13.44
CE MSE A 249 2.61 5.06 -13.43
N GLU A 250 2.46 3.21 -7.22
CA GLU A 250 1.81 3.93 -6.14
C GLU A 250 2.72 4.66 -5.19
N ILE A 251 2.23 5.80 -4.71
CA ILE A 251 2.91 6.60 -3.71
C ILE A 251 1.86 6.95 -2.69
N THR A 252 2.02 6.48 -1.46
CA THR A 252 1.10 6.83 -0.38
C THR A 252 1.93 7.17 0.84
N ALA A 253 1.69 8.36 1.38
CA ALA A 253 2.41 8.82 2.56
C ALA A 253 1.39 9.28 3.58
N ILE A 254 1.65 9.01 4.85
CA ILE A 254 0.74 9.40 5.90
C ILE A 254 1.47 10.11 7.04
N GLY A 255 1.06 11.34 7.32
CA GLY A 255 1.68 12.09 8.40
C GLY A 255 0.75 12.22 9.58
N THR A 256 0.61 13.44 10.10
CA THR A 256 -0.27 13.70 11.22
C THR A 256 -1.56 14.38 10.81
N LYS A 257 -1.49 15.20 9.76
CA LYS A 257 -2.67 15.92 9.31
C LYS A 257 -2.94 15.76 7.82
N GLY A 258 -2.03 15.10 7.12
CA GLY A 258 -2.21 14.91 5.70
C GLY A 258 -1.96 13.51 5.16
N THR A 259 -2.51 13.25 3.98
CA THR A 259 -2.38 11.97 3.31
C THR A 259 -2.03 12.25 1.85
N LEU A 260 -0.89 11.73 1.40
CA LEU A 260 -0.47 11.94 0.02
C LEU A 260 -0.55 10.65 -0.78
N ARG A 261 -1.06 10.76 -2.00
CA ARG A 261 -1.18 9.59 -2.86
C ARG A 261 -0.86 9.91 -4.33
N VAL A 262 -0.15 9.00 -4.99
CA VAL A 262 0.19 9.18 -6.39
C VAL A 262 -0.01 7.84 -7.11
N HIS A 263 -0.96 7.82 -8.05
CA HIS A 263 -1.26 6.60 -8.79
C HIS A 263 -0.24 6.34 -9.90
N ASP A 264 0.54 7.36 -10.21
CA ASP A 264 1.61 7.24 -11.19
C ASP A 264 2.91 7.53 -10.46
N PHE A 265 3.56 8.64 -10.81
CA PHE A 265 4.81 9.07 -10.17
C PHE A 265 6.03 8.67 -10.99
N ILE A 266 5.97 7.51 -11.66
CA ILE A 266 7.07 7.08 -12.53
C ILE A 266 6.40 7.16 -13.90
N ILE A 267 6.83 8.07 -14.77
CA ILE A 267 6.16 8.15 -16.07
C ILE A 267 4.66 8.41 -15.86
N PRO A 268 4.23 9.67 -16.01
CA PRO A 268 2.79 9.97 -15.83
C PRO A 268 1.95 9.37 -16.96
N TYR A 269 0.63 9.46 -16.83
CA TYR A 269 -0.27 8.93 -17.84
C TYR A 269 -0.03 9.59 -19.18
N LYS A 270 0.08 10.92 -19.16
CA LYS A 270 0.34 11.71 -20.37
C LYS A 270 1.38 12.77 -20.04
N GLU A 271 2.52 12.73 -20.72
CA GLU A 271 3.60 13.67 -20.46
C GLU A 271 3.14 15.12 -20.42
N THR A 272 2.05 15.43 -21.10
CA THR A 272 1.52 16.77 -21.14
C THR A 272 0.75 17.19 -19.90
N GLU A 273 0.82 16.39 -18.84
CA GLU A 273 0.14 16.70 -17.58
C GLU A 273 0.47 15.69 -16.48
N ALA A 274 0.38 16.13 -15.23
CA ALA A 274 0.68 15.28 -14.08
C ALA A 274 -0.26 15.56 -12.90
N SER A 275 -0.82 14.50 -12.33
CA SER A 275 -1.74 14.63 -11.21
C SER A 275 -1.38 13.84 -9.95
N PHE A 276 -1.95 14.26 -8.83
CA PHE A 276 -1.74 13.61 -7.54
C PHE A 276 -2.95 13.89 -6.66
N THR A 277 -3.04 13.24 -5.51
CA THR A 277 -4.16 13.43 -4.60
C THR A 277 -3.73 13.67 -3.16
N THR A 278 -4.45 14.56 -2.48
CA THR A 278 -4.11 14.91 -1.10
C THR A 278 -5.36 15.04 -0.21
N SER A 279 -5.15 14.91 1.09
CA SER A 279 -6.22 15.00 2.06
C SER A 279 -5.74 15.50 3.42
N THR A 280 -6.53 16.38 4.02
CA THR A 280 -6.20 16.95 5.33
C THR A 280 -7.51 17.14 6.10
N LYS A 281 -7.43 17.10 7.42
CA LYS A 281 -8.62 17.29 8.27
C LYS A 281 -9.79 16.47 7.73
N ALA A 282 -9.52 15.26 7.28
CA ALA A 282 -10.58 14.43 6.73
C ALA A 282 -11.26 13.62 7.83
N TRP A 283 -12.58 13.50 7.73
CA TRP A 283 -13.34 12.75 8.72
C TRP A 283 -14.69 12.29 8.16
N PHE A 284 -15.53 11.74 9.03
CA PHE A 284 -16.85 11.26 8.66
C PHE A 284 -17.89 12.22 9.22
N ASN A 285 -19.13 12.08 8.77
CA ASN A 285 -20.19 12.92 9.31
C ASN A 285 -20.58 12.32 10.65
N ASP A 286 -21.65 12.83 11.26
CA ASP A 286 -22.07 12.36 12.57
C ASP A 286 -22.34 10.86 12.74
N LEU A 287 -23.10 10.27 11.83
CA LEU A 287 -23.40 8.85 11.96
C LEU A 287 -22.48 7.93 11.17
N VAL A 288 -21.35 8.48 10.73
CA VAL A 288 -20.37 7.71 9.96
C VAL A 288 -21.06 7.01 8.79
N THR A 289 -21.89 7.78 8.08
CA THR A 289 -22.61 7.27 6.93
C THR A 289 -22.03 7.90 5.66
N ALA A 290 -20.95 8.67 5.83
CA ALA A 290 -20.28 9.32 4.70
C ALA A 290 -19.08 10.15 5.14
N TRP A 291 -18.22 10.50 4.18
CA TRP A 291 -17.03 11.32 4.42
C TRP A 291 -17.48 12.77 4.37
N VAL A 292 -17.00 13.58 5.31
CA VAL A 292 -17.39 14.99 5.34
C VAL A 292 -16.71 15.80 4.24
N SER A 293 -15.41 15.56 4.05
CA SER A 293 -14.66 16.24 2.98
C SER A 293 -13.60 15.30 2.45
N PRO A 294 -13.92 14.57 1.36
CA PRO A 294 -13.01 13.62 0.73
C PRO A 294 -11.80 14.28 0.06
N PRO A 295 -10.76 13.48 -0.26
CA PRO A 295 -9.53 13.97 -0.88
C PRO A 295 -9.73 14.69 -2.22
N SER A 296 -8.85 15.66 -2.47
CA SER A 296 -8.90 16.47 -3.68
C SER A 296 -7.95 16.01 -4.78
N GLU A 297 -8.33 16.28 -6.02
CA GLU A 297 -7.54 15.90 -7.20
C GLU A 297 -6.83 17.14 -7.79
N HIS A 298 -5.51 17.07 -7.90
CA HIS A 298 -4.73 18.19 -8.45
C HIS A 298 -3.98 17.81 -9.73
N THR A 299 -4.06 18.68 -10.74
CA THR A 299 -3.37 18.43 -11.99
C THR A 299 -2.42 19.57 -12.32
N VAL A 300 -1.26 19.24 -12.88
CA VAL A 300 -0.28 20.27 -13.24
C VAL A 300 0.23 20.02 -14.66
N LYS A 301 0.23 21.09 -15.46
CA LYS A 301 0.71 20.99 -16.83
C LYS A 301 2.22 21.07 -16.85
N THR A 302 2.83 20.20 -17.65
CA THR A 302 4.27 20.16 -17.80
C THR A 302 4.54 20.29 -19.29
N GLU A 303 4.76 21.53 -19.74
CA GLU A 303 4.99 21.80 -21.16
C GLU A 303 6.20 21.06 -21.71
N LEU A 304 7.14 20.73 -20.83
CA LEU A 304 8.37 20.03 -21.21
C LEU A 304 8.44 18.69 -20.46
N PRO A 305 8.55 17.56 -21.19
CA PRO A 305 8.63 16.24 -20.57
C PRO A 305 9.64 16.18 -19.42
N GLN A 306 9.37 15.34 -18.44
CA GLN A 306 10.25 15.22 -17.28
C GLN A 306 11.67 14.78 -17.60
N GLU A 307 11.82 13.82 -18.53
CA GLU A 307 13.13 13.34 -18.91
C GLU A 307 13.99 14.51 -19.39
N ALA A 308 13.39 15.34 -20.24
CA ALA A 308 14.08 16.50 -20.78
C ALA A 308 14.49 17.45 -19.64
N CYS A 309 13.70 17.48 -18.57
CA CYS A 309 14.00 18.33 -17.42
C CYS A 309 15.20 17.76 -16.69
N MSE A 310 15.45 16.47 -16.88
CA MSE A 310 16.58 15.84 -16.21
C MSE A 310 17.87 16.24 -16.91
O MSE A 310 18.85 16.62 -16.25
CB MSE A 310 16.42 14.32 -16.25
CG MSE A 310 17.45 13.58 -15.45
SE MSE A 310 17.11 11.67 -15.55
CE MSE A 310 18.58 11.15 -16.70
N VAL A 311 17.87 16.12 -18.23
CA VAL A 311 19.04 16.49 -19.03
C VAL A 311 19.31 17.97 -18.79
N ARG A 312 18.28 18.78 -18.97
CA ARG A 312 18.37 20.22 -18.78
C ARG A 312 19.10 20.52 -17.46
N GLU A 313 18.56 20.05 -16.35
CA GLU A 313 19.17 20.29 -15.05
C GLU A 313 20.64 19.86 -15.04
N PHE A 314 20.90 18.57 -15.25
CA PHE A 314 22.27 18.06 -15.28
C PHE A 314 23.13 18.95 -16.16
N ALA A 315 22.53 19.45 -17.25
CA ALA A 315 23.23 20.31 -18.18
C ALA A 315 23.50 21.68 -17.52
N ARG A 316 23.81 21.65 -16.23
CA ARG A 316 24.11 22.85 -15.45
C ARG A 316 25.15 23.71 -16.16
N LEU A 317 25.88 23.10 -17.10
CA LEU A 317 26.92 23.78 -17.88
C LEU A 317 28.24 23.86 -17.11
N VAL A 318 28.73 25.09 -16.90
CA VAL A 318 29.99 25.36 -16.21
C VAL A 318 31.10 24.40 -16.63
N TYR A 331 25.15 16.29 -3.84
CA TYR A 331 23.69 16.27 -3.80
C TYR A 331 23.13 15.05 -4.52
N TRP A 332 23.18 15.10 -5.85
CA TRP A 332 22.64 14.01 -6.65
C TRP A 332 23.38 12.72 -6.34
N PRO A 333 24.72 12.77 -6.27
CA PRO A 333 25.40 11.51 -5.95
C PRO A 333 25.07 11.07 -4.53
N SER A 334 24.78 12.05 -3.68
CA SER A 334 24.44 11.76 -2.31
C SER A 334 23.13 10.96 -2.24
N ILE A 335 22.06 11.50 -2.82
CA ILE A 335 20.78 10.81 -2.82
C ILE A 335 20.89 9.49 -3.58
N SER A 336 21.66 9.48 -4.67
CA SER A 336 21.85 8.25 -5.44
C SER A 336 22.45 7.19 -4.54
N ARG A 337 23.42 7.60 -3.72
CA ARG A 337 24.10 6.70 -2.80
C ARG A 337 23.14 6.23 -1.71
N LYS A 338 22.27 7.13 -1.27
CA LYS A 338 21.31 6.75 -0.22
C LYS A 338 20.36 5.67 -0.72
N THR A 339 19.90 5.80 -1.96
CA THR A 339 18.99 4.80 -2.50
C THR A 339 19.71 3.49 -2.83
N GLN A 340 20.93 3.59 -3.35
CA GLN A 340 21.69 2.38 -3.65
C GLN A 340 21.86 1.64 -2.31
N LEU A 341 22.22 2.39 -1.28
CA LEU A 341 22.42 1.85 0.06
C LEU A 341 21.14 1.17 0.55
N VAL A 342 19.99 1.78 0.29
CA VAL A 342 18.74 1.19 0.72
C VAL A 342 18.52 -0.10 -0.06
N VAL A 343 18.97 -0.10 -1.32
CA VAL A 343 18.86 -1.27 -2.18
C VAL A 343 19.75 -2.39 -1.64
N ASP A 344 20.97 -2.03 -1.24
CA ASP A 344 21.90 -3.02 -0.69
C ASP A 344 21.38 -3.59 0.62
N ALA A 345 20.86 -2.71 1.47
CA ALA A 345 20.32 -3.13 2.75
C ALA A 345 19.22 -4.15 2.49
N VAL A 346 18.25 -3.76 1.66
CA VAL A 346 17.14 -4.65 1.31
C VAL A 346 17.64 -5.99 0.79
N LYS A 347 18.66 -5.94 -0.08
CA LYS A 347 19.25 -7.13 -0.67
C LYS A 347 19.96 -7.98 0.39
N GLU A 348 20.75 -7.33 1.23
CA GLU A 348 21.48 -8.02 2.28
C GLU A 348 20.48 -8.79 3.15
N SER A 349 19.38 -8.12 3.50
CA SER A 349 18.34 -8.72 4.32
C SER A 349 17.82 -10.01 3.71
N VAL A 350 17.54 -9.99 2.41
CA VAL A 350 17.05 -11.18 1.72
C VAL A 350 18.14 -12.25 1.84
N ASP A 351 19.36 -11.89 1.45
CA ASP A 351 20.48 -12.82 1.51
C ASP A 351 20.65 -13.43 2.90
N LYS A 352 20.43 -12.63 3.94
CA LYS A 352 20.57 -13.12 5.31
C LYS A 352 19.24 -13.63 5.86
N ASN A 353 18.43 -14.20 4.97
CA ASN A 353 17.12 -14.75 5.33
C ASN A 353 16.15 -13.79 6.02
N TYR A 354 16.05 -12.58 5.48
CA TYR A 354 15.14 -11.56 5.99
C TYR A 354 15.47 -11.01 7.36
N GLN A 355 16.76 -11.00 7.70
CA GLN A 355 17.21 -10.46 8.98
C GLN A 355 17.11 -8.94 8.91
N GLN A 356 16.99 -8.32 10.08
CA GLN A 356 16.92 -6.86 10.14
C GLN A 356 18.34 -6.37 9.85
N ILE A 357 18.47 -5.42 8.93
CA ILE A 357 19.77 -4.89 8.58
C ILE A 357 19.92 -3.47 9.08
N SER A 358 20.99 -3.21 9.82
CA SER A 358 21.23 -1.89 10.36
C SER A 358 21.97 -1.02 9.36
N LEU A 359 21.60 0.26 9.32
CA LEU A 359 22.24 1.22 8.42
C LEU A 359 23.13 2.17 9.23
N SER A 360 23.58 1.71 10.40
CA SER A 360 24.45 2.49 11.28
C SER A 360 23.85 3.80 11.78
N GLN B 6 -39.96 -8.80 10.76
CA GLN B 6 -40.31 -10.01 11.56
C GLN B 6 -39.21 -10.40 12.56
N ILE B 7 -37.94 -10.25 12.16
CA ILE B 7 -36.82 -10.57 13.06
C ILE B 7 -36.70 -9.51 14.13
N ARG B 8 -36.73 -9.93 15.39
CA ARG B 8 -36.67 -9.00 16.51
C ARG B 8 -35.32 -9.01 17.22
N ILE B 9 -34.63 -7.87 17.18
CA ILE B 9 -33.31 -7.72 17.78
C ILE B 9 -33.26 -6.79 19.00
N GLY B 10 -32.38 -7.12 19.93
CA GLY B 10 -32.22 -6.30 21.12
C GLY B 10 -30.82 -5.71 21.11
N VAL B 11 -30.65 -4.56 21.75
CA VAL B 11 -29.35 -3.91 21.78
C VAL B 11 -28.61 -4.19 23.08
N MSE B 12 -27.59 -5.05 23.01
CA MSE B 12 -26.80 -5.39 24.20
C MSE B 12 -25.69 -4.38 24.46
O MSE B 12 -24.52 -4.65 24.19
CB MSE B 12 -26.18 -6.79 24.04
CG MSE B 12 -25.25 -7.19 25.20
SE MSE B 12 -24.54 -8.99 25.09
CE MSE B 12 -26.02 -9.95 25.89
N GLY B 13 -26.06 -3.22 25.00
CA GLY B 13 -25.08 -2.19 25.27
C GLY B 13 -25.38 -0.94 24.46
N CYS B 14 -25.52 0.19 25.12
CA CYS B 14 -25.84 1.43 24.44
C CYS B 14 -24.59 2.21 24.00
N ALA B 15 -23.77 1.58 23.16
CA ALA B 15 -22.55 2.19 22.65
C ALA B 15 -22.89 3.16 21.53
N ASP B 16 -21.98 4.10 21.28
CA ASP B 16 -22.19 5.10 20.25
C ASP B 16 -22.40 4.48 18.85
N ILE B 17 -21.71 3.38 18.57
CA ILE B 17 -21.85 2.73 17.27
C ILE B 17 -23.22 2.07 17.13
N ALA B 18 -23.96 2.00 18.24
CA ALA B 18 -25.28 1.40 18.21
C ALA B 18 -26.28 2.28 17.46
N ARG B 19 -26.02 3.59 17.44
CA ARG B 19 -26.92 4.52 16.74
C ARG B 19 -26.99 4.21 15.26
N LYS B 20 -25.83 4.04 14.63
CA LYS B 20 -25.77 3.74 13.21
C LYS B 20 -26.42 2.39 12.91
N VAL B 21 -26.11 1.38 13.72
CA VAL B 21 -26.68 0.05 13.50
C VAL B 21 -28.19 0.04 13.76
N SER B 22 -28.64 0.93 14.65
CA SER B 22 -30.07 1.02 14.94
C SER B 22 -30.81 1.44 13.67
N ARG B 23 -30.22 2.36 12.92
CA ARG B 23 -30.84 2.83 11.67
C ARG B 23 -30.81 1.73 10.62
N ALA B 24 -29.76 0.91 10.69
CA ALA B 24 -29.58 -0.19 9.77
C ALA B 24 -30.58 -1.26 10.12
N ILE B 25 -30.79 -1.46 11.42
CA ILE B 25 -31.73 -2.49 11.84
C ILE B 25 -33.12 -2.30 11.23
N HIS B 26 -33.72 -1.12 11.31
CA HIS B 26 -35.03 -1.05 10.69
C HIS B 26 -35.13 -0.53 9.26
N LEU B 27 -33.98 -0.39 8.58
CA LEU B 27 -34.02 -0.02 7.17
C LEU B 27 -34.19 -1.42 6.58
N ALA B 28 -34.21 -2.39 7.48
CA ALA B 28 -34.37 -3.83 7.25
C ALA B 28 -34.63 -4.30 5.82
N PRO B 29 -35.88 -4.63 5.45
CA PRO B 29 -37.21 -4.69 6.05
C PRO B 29 -37.59 -6.05 6.69
N ASN B 30 -36.60 -6.86 7.03
CA ASN B 30 -36.86 -8.16 7.64
C ASN B 30 -36.35 -8.23 9.08
N ALA B 31 -36.29 -7.09 9.75
CA ALA B 31 -35.81 -7.05 11.13
C ALA B 31 -36.28 -5.74 11.76
N THR B 32 -36.39 -5.72 13.08
CA THR B 32 -36.82 -4.52 13.78
C THR B 32 -36.18 -4.45 15.16
N ILE B 33 -36.35 -3.32 15.85
CA ILE B 33 -35.78 -3.13 17.17
C ILE B 33 -36.78 -3.61 18.22
N SER B 34 -36.49 -4.75 18.84
CA SER B 34 -37.36 -5.33 19.85
C SER B 34 -37.07 -4.77 21.24
N GLY B 35 -35.79 -4.71 21.58
CA GLY B 35 -35.41 -4.21 22.89
C GLY B 35 -34.01 -3.62 22.90
N VAL B 36 -33.66 -3.03 24.04
CA VAL B 36 -32.37 -2.40 24.24
C VAL B 36 -31.97 -2.61 25.69
N ALA B 37 -30.68 -2.75 25.95
CA ALA B 37 -30.19 -2.95 27.29
C ALA B 37 -28.90 -2.19 27.57
N SER B 38 -28.81 -1.62 28.76
CA SER B 38 -27.63 -0.88 29.17
C SER B 38 -27.36 -1.28 30.61
N ARG B 39 -26.34 -0.67 31.22
CA ARG B 39 -26.02 -0.96 32.60
C ARG B 39 -27.05 -0.23 33.47
N SER B 40 -27.37 0.99 33.06
CA SER B 40 -28.35 1.81 33.77
C SER B 40 -29.67 1.78 33.01
N LEU B 41 -30.75 1.45 33.72
CA LEU B 41 -32.07 1.37 33.10
C LEU B 41 -32.40 2.66 32.34
N GLU B 42 -32.02 3.80 32.92
CA GLU B 42 -32.26 5.10 32.33
C GLU B 42 -31.53 5.27 31.00
N LYS B 43 -30.38 4.61 30.88
CA LYS B 43 -29.58 4.70 29.67
C LYS B 43 -30.40 4.25 28.46
N ALA B 44 -30.86 3.01 28.48
CA ALA B 44 -31.66 2.50 27.37
C ALA B 44 -32.82 3.45 27.14
N LYS B 45 -33.51 3.78 28.22
CA LYS B 45 -34.63 4.71 28.19
C LYS B 45 -34.29 5.97 27.39
N ALA B 46 -33.23 6.66 27.80
CA ALA B 46 -32.80 7.88 27.12
C ALA B 46 -32.36 7.55 25.69
N PHE B 47 -31.56 6.49 25.56
CA PHE B 47 -31.06 6.05 24.26
C PHE B 47 -32.21 5.80 23.29
N ALA B 48 -33.19 5.01 23.74
CA ALA B 48 -34.35 4.66 22.92
C ALA B 48 -35.14 5.86 22.39
N THR B 49 -35.39 6.84 23.25
CA THR B 49 -36.14 8.04 22.87
C THR B 49 -35.36 8.89 21.86
N ALA B 50 -34.08 9.11 22.14
CA ALA B 50 -33.22 9.91 21.26
C ALA B 50 -32.97 9.24 19.91
N ASN B 51 -33.14 7.92 19.84
CA ASN B 51 -32.89 7.22 18.60
C ASN B 51 -34.15 6.72 17.89
N ASN B 52 -35.23 7.49 18.04
CA ASN B 52 -36.52 7.19 17.41
C ASN B 52 -36.98 5.74 17.57
N TYR B 53 -36.64 5.14 18.71
CA TYR B 53 -37.03 3.77 19.01
C TYR B 53 -38.53 3.74 19.27
N PRO B 54 -39.21 2.67 18.83
CA PRO B 54 -40.66 2.57 19.04
C PRO B 54 -41.08 2.40 20.50
N GLU B 55 -42.31 2.81 20.80
CA GLU B 55 -42.85 2.73 22.16
C GLU B 55 -42.80 1.31 22.71
N SER B 56 -43.14 0.34 21.87
CA SER B 56 -43.13 -1.06 22.29
C SER B 56 -41.72 -1.60 22.52
N THR B 57 -40.70 -0.74 22.41
CA THR B 57 -39.32 -1.16 22.62
C THR B 57 -39.08 -1.60 24.06
N LYS B 58 -39.00 -2.90 24.27
CA LYS B 58 -38.78 -3.42 25.62
C LYS B 58 -37.45 -2.91 26.17
N ILE B 59 -37.53 -2.11 27.23
CA ILE B 59 -36.34 -1.52 27.86
C ILE B 59 -35.81 -2.36 29.01
N HIS B 60 -34.50 -2.57 29.04
CA HIS B 60 -33.87 -3.39 30.07
C HIS B 60 -32.68 -2.73 30.77
N GLY B 61 -32.65 -2.84 32.09
CA GLY B 61 -31.57 -2.25 32.87
C GLY B 61 -30.46 -3.25 33.16
N SER B 62 -30.37 -4.29 32.34
CA SER B 62 -29.33 -5.32 32.52
C SER B 62 -29.28 -6.24 31.31
N TYR B 63 -28.07 -6.67 30.96
CA TYR B 63 -27.90 -7.58 29.83
C TYR B 63 -28.74 -8.81 30.16
N GLU B 64 -28.75 -9.15 31.45
CA GLU B 64 -29.50 -10.28 31.96
C GLU B 64 -30.98 -10.16 31.61
N SER B 65 -31.60 -9.07 32.03
CA SER B 65 -33.01 -8.82 31.77
C SER B 65 -33.34 -8.87 30.27
N LEU B 66 -32.45 -8.34 29.44
CA LEU B 66 -32.67 -8.35 27.99
C LEU B 66 -32.46 -9.76 27.45
N LEU B 67 -31.27 -10.31 27.66
CA LEU B 67 -30.95 -11.65 27.20
C LEU B 67 -32.04 -12.61 27.67
N GLU B 68 -32.65 -12.27 28.80
CA GLU B 68 -33.71 -13.07 29.40
C GLU B 68 -35.04 -12.97 28.65
N ASP B 69 -35.51 -11.75 28.41
CA ASP B 69 -36.78 -11.55 27.71
C ASP B 69 -36.91 -12.50 26.53
N PRO B 70 -37.76 -13.53 26.68
CA PRO B 70 -38.00 -14.52 25.63
C PRO B 70 -38.49 -13.96 24.29
N GLU B 71 -38.76 -12.66 24.23
CA GLU B 71 -39.22 -12.05 22.99
C GLU B 71 -38.09 -11.31 22.21
N ILE B 72 -36.84 -11.65 22.52
CA ILE B 72 -35.69 -11.04 21.85
C ILE B 72 -34.88 -12.08 21.08
N ASP B 73 -35.24 -12.28 19.82
CA ASP B 73 -34.57 -13.25 18.95
C ASP B 73 -33.03 -13.17 18.89
N ALA B 74 -32.48 -11.97 18.84
CA ALA B 74 -31.03 -11.83 18.75
C ALA B 74 -30.51 -10.59 19.45
N LEU B 75 -29.29 -10.69 19.98
CA LEU B 75 -28.66 -9.61 20.71
C LEU B 75 -27.51 -8.91 19.98
N TYR B 76 -27.76 -7.69 19.49
CA TYR B 76 -26.69 -6.95 18.84
C TYR B 76 -25.77 -6.55 19.97
N VAL B 77 -24.53 -7.00 19.92
CA VAL B 77 -23.58 -6.72 21.00
C VAL B 77 -22.48 -5.74 20.65
N PRO B 78 -22.70 -4.44 20.89
CA PRO B 78 -21.71 -3.41 20.59
C PRO B 78 -20.77 -3.30 21.78
N LEU B 79 -20.91 -4.23 22.73
CA LEU B 79 -20.10 -4.23 23.92
C LEU B 79 -18.61 -4.15 23.58
N PRO B 80 -17.78 -3.72 24.53
CA PRO B 80 -16.32 -3.60 24.33
C PRO B 80 -15.80 -4.97 23.97
N THR B 81 -14.55 -5.04 23.52
CA THR B 81 -13.92 -6.30 23.13
C THR B 81 -13.95 -7.34 24.25
N SER B 82 -13.28 -7.03 25.36
CA SER B 82 -13.18 -7.94 26.50
C SER B 82 -14.50 -8.44 27.12
N LEU B 83 -15.63 -7.90 26.67
CA LEU B 83 -16.91 -8.37 27.22
C LEU B 83 -17.44 -9.57 26.46
N HIS B 84 -16.87 -9.82 25.28
CA HIS B 84 -17.33 -10.95 24.47
C HIS B 84 -16.88 -12.27 25.08
N VAL B 85 -16.20 -12.18 26.22
CA VAL B 85 -15.71 -13.35 26.92
C VAL B 85 -16.78 -14.03 27.74
N GLU B 86 -17.69 -13.25 28.31
CA GLU B 86 -18.76 -13.78 29.14
C GLU B 86 -20.15 -13.56 28.57
N TRP B 87 -20.51 -12.29 28.41
CA TRP B 87 -21.82 -11.90 27.92
C TRP B 87 -22.20 -12.38 26.54
N ALA B 88 -21.22 -12.81 25.76
CA ALA B 88 -21.50 -13.32 24.43
C ALA B 88 -21.93 -14.78 24.59
N ILE B 89 -21.24 -15.49 25.46
CA ILE B 89 -21.53 -16.88 25.74
C ILE B 89 -22.93 -17.02 26.36
N LYS B 90 -23.24 -16.13 27.30
CA LYS B 90 -24.55 -16.16 27.92
C LYS B 90 -25.59 -16.03 26.82
N ALA B 91 -25.30 -15.21 25.81
CA ALA B 91 -26.20 -15.00 24.68
C ALA B 91 -26.51 -16.37 24.04
N ALA B 92 -25.52 -17.23 23.98
CA ALA B 92 -25.69 -18.57 23.42
C ALA B 92 -26.22 -19.51 24.49
N GLU B 93 -25.77 -19.31 25.72
CA GLU B 93 -26.23 -20.16 26.82
C GLU B 93 -27.64 -19.78 27.22
N LYS B 94 -28.40 -19.31 26.22
CA LYS B 94 -29.79 -18.91 26.37
C LYS B 94 -30.56 -19.23 25.09
N GLY B 95 -29.92 -19.01 23.94
CA GLY B 95 -30.58 -19.29 22.69
C GLY B 95 -30.71 -18.10 21.76
N LYS B 96 -29.97 -17.02 22.04
CA LYS B 96 -30.03 -15.84 21.20
C LYS B 96 -29.04 -15.91 20.04
N HIS B 97 -29.44 -15.39 18.88
CA HIS B 97 -28.55 -15.37 17.73
C HIS B 97 -27.67 -14.14 17.98
N ILE B 98 -26.44 -14.16 17.49
CA ILE B 98 -25.55 -13.05 17.77
C ILE B 98 -24.88 -12.30 16.62
N LEU B 99 -25.10 -11.00 16.57
CA LEU B 99 -24.47 -10.14 15.58
C LEU B 99 -23.40 -9.48 16.45
N LEU B 100 -22.24 -10.10 16.52
CA LEU B 100 -21.13 -9.63 17.34
C LEU B 100 -20.24 -8.58 16.69
N GLU B 101 -19.99 -7.49 17.42
CA GLU B 101 -19.16 -6.40 16.96
C GLU B 101 -17.73 -6.87 16.80
N LYS B 102 -16.97 -6.16 15.97
CA LYS B 102 -15.58 -6.50 15.75
C LYS B 102 -14.70 -5.60 16.64
N PRO B 103 -13.56 -6.11 17.09
CA PRO B 103 -13.11 -7.48 16.81
C PRO B 103 -14.01 -8.42 17.61
N VAL B 104 -13.99 -9.72 17.28
CA VAL B 104 -14.84 -10.66 18.00
C VAL B 104 -14.36 -11.05 19.40
N ALA B 105 -13.05 -11.10 19.62
CA ALA B 105 -12.52 -11.46 20.94
C ALA B 105 -11.06 -11.07 21.14
N MSE B 106 -10.56 -11.28 22.36
CA MSE B 106 -9.17 -10.96 22.69
C MSE B 106 -8.17 -11.93 22.07
O MSE B 106 -6.98 -11.63 22.00
CB MSE B 106 -8.98 -10.91 24.22
CG MSE B 106 -9.72 -9.79 24.93
SE MSE B 106 -9.13 -7.99 24.43
CE MSE B 106 -7.62 -7.83 25.63
N ASN B 107 -8.63 -13.10 21.63
CA ASN B 107 -7.77 -14.09 21.00
C ASN B 107 -8.49 -15.36 20.58
N VAL B 108 -7.78 -16.24 19.88
CA VAL B 108 -8.32 -17.49 19.39
C VAL B 108 -8.99 -18.34 20.48
N THR B 109 -8.36 -18.41 21.64
CA THR B 109 -8.89 -19.19 22.76
C THR B 109 -10.14 -18.54 23.35
N GLU B 110 -10.18 -17.21 23.31
CA GLU B 110 -11.33 -16.51 23.82
C GLU B 110 -12.46 -16.69 22.83
N PHE B 111 -12.18 -16.47 21.55
CA PHE B 111 -13.20 -16.61 20.53
C PHE B 111 -13.66 -18.05 20.33
N ASP B 112 -12.76 -19.01 20.59
CA ASP B 112 -13.13 -20.42 20.44
C ASP B 112 -14.30 -20.78 21.36
N LYS B 113 -14.37 -20.16 22.53
CA LYS B 113 -15.47 -20.45 23.44
C LYS B 113 -16.76 -19.94 22.83
N ILE B 114 -16.73 -18.68 22.38
CA ILE B 114 -17.89 -18.06 21.77
C ILE B 114 -18.51 -18.96 20.71
N VAL B 115 -17.68 -19.37 19.75
CA VAL B 115 -18.13 -20.24 18.66
C VAL B 115 -18.76 -21.52 19.21
N ASP B 116 -18.16 -22.06 20.26
CA ASP B 116 -18.66 -23.29 20.89
C ASP B 116 -20.14 -23.17 21.23
N ALA B 117 -20.46 -22.28 22.16
CA ALA B 117 -21.83 -22.07 22.58
C ALA B 117 -22.73 -21.76 21.40
N CYS B 118 -22.23 -21.02 20.43
CA CYS B 118 -23.02 -20.70 19.25
C CYS B 118 -23.35 -21.96 18.44
N GLU B 119 -22.31 -22.59 17.89
CA GLU B 119 -22.50 -23.81 17.11
C GLU B 119 -22.61 -24.97 18.07
N ALA B 120 -23.65 -24.91 18.90
CA ALA B 120 -23.95 -25.92 19.91
C ALA B 120 -25.40 -25.72 20.35
N ASN B 121 -25.90 -24.50 20.23
CA ASN B 121 -27.28 -24.20 20.63
C ASN B 121 -28.21 -23.87 19.46
N GLY B 122 -27.70 -23.97 18.23
CA GLY B 122 -28.52 -23.69 17.07
C GLY B 122 -28.82 -22.22 16.81
N VAL B 123 -27.86 -21.36 17.15
CA VAL B 123 -28.04 -19.94 16.90
C VAL B 123 -27.04 -19.42 15.89
N GLN B 124 -27.46 -18.38 15.17
CA GLN B 124 -26.61 -17.76 14.17
C GLN B 124 -25.76 -16.66 14.79
N ILE B 125 -24.56 -16.49 14.25
CA ILE B 125 -23.65 -15.45 14.73
C ILE B 125 -22.86 -14.89 13.54
N MSE B 126 -23.10 -13.61 13.24
CA MSE B 126 -22.45 -12.90 12.15
C MSE B 126 -21.46 -11.91 12.76
O MSE B 126 -21.51 -11.63 13.96
CB MSE B 126 -23.50 -12.16 11.31
CG MSE B 126 -23.04 -11.85 9.89
SE MSE B 126 -24.29 -10.78 8.84
CE MSE B 126 -25.32 -12.16 8.01
N ASP B 127 -20.56 -11.38 11.94
CA ASP B 127 -19.57 -10.43 12.43
C ASP B 127 -19.90 -9.00 12.05
N GLY B 128 -19.81 -8.12 13.03
CA GLY B 128 -20.12 -6.71 12.85
C GLY B 128 -19.28 -5.84 11.93
N THR B 129 -18.80 -6.40 10.82
CA THR B 129 -18.02 -5.65 9.84
C THR B 129 -19.00 -5.37 8.69
N MSE B 130 -19.12 -4.10 8.29
CA MSE B 130 -20.08 -3.72 7.25
C MSE B 130 -19.67 -3.84 5.77
O MSE B 130 -20.41 -4.42 4.97
CB MSE B 130 -20.57 -2.30 7.50
CG MSE B 130 -20.48 -1.85 8.95
SE MSE B 130 -21.24 -0.09 9.18
CE MSE B 130 -21.79 -0.24 11.03
N TRP B 131 -18.51 -3.30 5.42
CA TRP B 131 -18.07 -3.30 4.03
C TRP B 131 -18.11 -4.64 3.29
N VAL B 132 -18.15 -5.74 4.02
CA VAL B 132 -18.18 -7.05 3.36
C VAL B 132 -19.58 -7.37 2.84
N HIS B 133 -20.52 -6.47 3.14
CA HIS B 133 -21.90 -6.66 2.67
C HIS B 133 -22.29 -5.70 1.55
N ASN B 134 -21.41 -4.74 1.24
CA ASN B 134 -21.69 -3.75 0.20
C ASN B 134 -21.69 -4.43 -1.18
N PRO B 135 -22.73 -4.18 -1.98
CA PRO B 135 -22.80 -4.79 -3.32
C PRO B 135 -21.46 -4.75 -4.05
N ARG B 136 -20.82 -3.58 -4.02
CA ARG B 136 -19.52 -3.40 -4.67
C ARG B 136 -18.61 -4.60 -4.41
N THR B 137 -18.55 -5.02 -3.15
CA THR B 137 -17.71 -6.13 -2.74
C THR B 137 -17.96 -7.40 -3.56
N ALA B 138 -19.18 -7.57 -4.07
CA ALA B 138 -19.46 -8.74 -4.90
C ALA B 138 -18.69 -8.61 -6.21
N LEU B 139 -18.59 -7.39 -6.71
CA LEU B 139 -17.87 -7.12 -7.95
C LEU B 139 -16.35 -7.15 -7.71
N LEU B 140 -15.90 -6.73 -6.52
CA LEU B 140 -14.47 -6.76 -6.20
C LEU B 140 -14.02 -8.23 -6.26
N LYS B 141 -14.70 -9.09 -5.52
CA LYS B 141 -14.36 -10.52 -5.50
C LYS B 141 -14.56 -11.11 -6.89
N GLU B 142 -15.43 -10.48 -7.66
CA GLU B 142 -15.72 -10.93 -9.02
C GLU B 142 -14.52 -10.61 -9.91
N PHE B 143 -13.95 -9.43 -9.73
CA PHE B 143 -12.79 -9.00 -10.49
C PHE B 143 -11.57 -9.84 -10.11
N LEU B 144 -11.33 -10.00 -8.82
CA LEU B 144 -10.19 -10.77 -8.35
C LEU B 144 -10.28 -12.23 -8.80
N SER B 145 -11.49 -12.73 -9.01
CA SER B 145 -11.71 -14.11 -9.46
C SER B 145 -11.67 -14.19 -10.98
N ASP B 146 -11.72 -13.04 -11.63
CA ASP B 146 -11.69 -12.96 -13.09
C ASP B 146 -10.30 -13.37 -13.58
N SER B 147 -10.22 -14.54 -14.21
CA SER B 147 -8.94 -15.06 -14.69
C SER B 147 -8.29 -14.20 -15.76
N GLU B 148 -9.06 -13.79 -16.76
CA GLU B 148 -8.49 -12.95 -17.82
C GLU B 148 -8.14 -11.56 -17.32
N ARG B 149 -8.87 -11.09 -16.33
CA ARG B 149 -8.67 -9.76 -15.75
C ARG B 149 -7.56 -9.74 -14.68
N PHE B 150 -7.96 -9.77 -13.41
CA PHE B 150 -6.99 -9.75 -12.33
C PHE B 150 -5.93 -10.83 -12.58
N GLY B 151 -6.34 -11.90 -13.28
CA GLY B 151 -5.43 -12.98 -13.61
C GLY B 151 -4.87 -13.70 -12.41
N GLN B 152 -3.55 -13.83 -12.36
CA GLN B 152 -2.92 -14.50 -11.23
C GLN B 152 -2.48 -13.46 -10.19
N LEU B 153 -3.00 -13.59 -8.97
CA LEU B 153 -2.63 -12.68 -7.91
C LEU B 153 -1.17 -12.88 -7.52
N LYS B 154 -0.58 -11.85 -6.90
CA LYS B 154 0.81 -11.89 -6.47
C LYS B 154 0.89 -11.44 -5.02
N THR B 155 0.32 -10.26 -4.76
CA THR B 155 0.32 -9.72 -3.41
C THR B 155 -0.87 -8.77 -3.24
N VAL B 156 -1.10 -8.32 -2.01
CA VAL B 156 -2.19 -7.38 -1.76
C VAL B 156 -1.82 -6.50 -0.58
N GLN B 157 -2.19 -5.23 -0.66
CA GLN B 157 -1.90 -4.26 0.40
C GLN B 157 -3.18 -3.57 0.89
N SER B 158 -3.33 -3.52 2.22
CA SER B 158 -4.50 -2.89 2.83
C SER B 158 -4.10 -1.87 3.88
N CYS B 159 -4.63 -0.67 3.76
CA CYS B 159 -4.32 0.39 4.70
C CYS B 159 -5.55 1.05 5.27
N PHE B 160 -5.45 1.45 6.54
CA PHE B 160 -6.52 2.13 7.25
C PHE B 160 -6.00 2.71 8.57
N SER B 161 -6.13 4.02 8.71
CA SER B 161 -5.71 4.70 9.92
C SER B 161 -6.48 5.99 10.06
N PHE B 162 -6.27 6.67 11.17
CA PHE B 162 -6.91 7.97 11.40
C PHE B 162 -6.24 8.61 12.60
N ALA B 163 -6.30 9.94 12.66
CA ALA B 163 -5.68 10.67 13.75
C ALA B 163 -6.69 11.08 14.81
N GLY B 164 -6.79 10.28 15.86
CA GLY B 164 -7.72 10.62 16.92
C GLY B 164 -7.20 11.82 17.69
N ASP B 165 -8.09 12.71 18.10
CA ASP B 165 -7.70 13.91 18.85
C ASP B 165 -7.24 13.52 20.25
N GLU B 166 -6.66 14.49 20.96
CA GLU B 166 -6.18 14.27 22.33
C GLU B 166 -7.27 13.68 23.21
N ASP B 167 -8.51 14.06 22.94
CA ASP B 167 -9.64 13.54 23.71
C ASP B 167 -9.81 12.03 23.46
N PHE B 168 -9.46 11.60 22.25
CA PHE B 168 -9.58 10.19 21.90
C PHE B 168 -8.46 9.38 22.54
N LEU B 169 -7.22 9.86 22.40
CA LEU B 169 -6.08 9.15 22.96
C LEU B 169 -6.15 8.86 24.45
N LYS B 170 -6.86 9.70 25.21
CA LYS B 170 -6.95 9.47 26.65
C LYS B 170 -8.18 8.70 27.14
N ASN B 171 -9.35 9.03 26.62
CA ASN B 171 -10.59 8.37 27.06
C ASN B 171 -10.88 7.02 26.44
N ASP B 172 -11.09 7.00 25.12
CA ASP B 172 -11.42 5.79 24.38
C ASP B 172 -10.78 4.51 24.91
N ILE B 173 -11.56 3.43 24.90
CA ILE B 173 -11.11 2.14 25.38
C ILE B 173 -10.03 1.56 24.49
N ARG B 174 -10.00 1.97 23.23
CA ARG B 174 -9.03 1.47 22.27
C ARG B 174 -7.57 1.66 22.68
N VAL B 175 -7.34 2.12 23.91
CA VAL B 175 -5.97 2.31 24.40
C VAL B 175 -5.76 1.57 25.71
N LYS B 176 -6.84 1.38 26.45
CA LYS B 176 -6.78 0.67 27.73
C LYS B 176 -6.98 -0.82 27.42
N PRO B 177 -6.16 -1.69 28.01
CA PRO B 177 -6.28 -3.13 27.77
C PRO B 177 -7.55 -3.79 28.32
N GLY B 178 -8.27 -3.07 29.16
CA GLY B 178 -9.49 -3.61 29.74
C GLY B 178 -10.56 -3.97 28.72
N LEU B 179 -11.25 -2.97 28.19
CA LEU B 179 -12.30 -3.21 27.19
C LEU B 179 -11.71 -3.62 25.84
N ASP B 180 -11.62 -2.68 24.91
CA ASP B 180 -11.05 -2.96 23.59
C ASP B 180 -9.53 -2.83 23.66
N GLY B 181 -8.88 -3.83 24.24
CA GLY B 181 -7.44 -3.80 24.41
C GLY B 181 -6.51 -4.14 23.24
N LEU B 182 -7.08 -4.46 22.08
CA LEU B 182 -6.23 -4.78 20.93
C LEU B 182 -5.77 -3.53 20.21
N GLY B 183 -6.29 -2.39 20.62
CA GLY B 183 -5.90 -1.13 20.02
C GLY B 183 -6.24 -0.94 18.55
N ALA B 184 -5.30 -0.33 17.82
CA ALA B 184 -5.48 -0.05 16.40
C ALA B 184 -5.52 -1.32 15.54
N LEU B 185 -4.96 -2.40 16.07
CA LEU B 185 -4.94 -3.68 15.35
C LEU B 185 -6.33 -4.28 15.24
N GLY B 186 -7.01 -4.38 16.38
CA GLY B 186 -8.36 -4.93 16.39
C GLY B 186 -9.40 -3.98 15.84
N ASP B 187 -9.14 -2.68 15.94
CA ASP B 187 -10.09 -1.68 15.46
C ASP B 187 -9.88 -1.32 14.00
N ALA B 188 -8.61 -1.24 13.58
CA ALA B 188 -8.30 -0.90 12.20
C ALA B 188 -7.60 -2.03 11.44
N GLY B 189 -6.55 -2.60 12.02
CA GLY B 189 -5.83 -3.68 11.36
C GLY B 189 -6.82 -4.73 10.88
N TRP B 190 -7.78 -5.04 11.74
CA TRP B 190 -8.84 -6.00 11.45
C TRP B 190 -9.31 -5.87 10.00
N TYR B 191 -9.75 -4.67 9.64
CA TYR B 191 -10.25 -4.39 8.30
C TYR B 191 -9.21 -4.66 7.24
N ALA B 192 -7.94 -4.43 7.58
CA ALA B 192 -6.84 -4.67 6.66
C ALA B 192 -6.56 -6.16 6.54
N ILE B 193 -6.98 -6.92 7.55
CA ILE B 193 -6.79 -8.37 7.56
C ILE B 193 -7.95 -9.10 6.89
N ARG B 194 -9.10 -8.44 6.83
CA ARG B 194 -10.28 -9.05 6.20
C ARG B 194 -10.12 -8.93 4.70
N ALA B 195 -9.63 -7.78 4.27
CA ALA B 195 -9.44 -7.53 2.86
C ALA B 195 -8.35 -8.42 2.25
N THR B 196 -7.19 -8.54 2.91
CA THR B 196 -6.15 -9.38 2.34
C THR B 196 -6.64 -10.83 2.34
N LEU B 197 -7.31 -11.24 3.41
CA LEU B 197 -7.82 -12.60 3.47
C LEU B 197 -8.78 -12.81 2.32
N LEU B 198 -9.76 -11.89 2.21
CA LEU B 198 -10.77 -11.98 1.15
C LEU B 198 -10.12 -12.07 -0.23
N ALA B 199 -9.14 -11.21 -0.49
CA ALA B 199 -8.45 -11.21 -1.77
C ALA B 199 -7.78 -12.56 -2.05
N ASN B 200 -7.48 -13.30 -0.98
CA ASN B 200 -6.82 -14.58 -1.11
C ASN B 200 -7.78 -15.75 -0.97
N ASN B 201 -8.99 -15.55 -1.49
CA ASN B 201 -10.04 -16.55 -1.46
C ASN B 201 -10.23 -17.19 -0.08
N PHE B 202 -10.09 -16.36 0.95
CA PHE B 202 -10.27 -16.77 2.34
C PHE B 202 -9.24 -17.76 2.83
N GLU B 203 -8.12 -17.85 2.12
CA GLU B 203 -7.05 -18.75 2.52
C GLU B 203 -6.22 -18.08 3.61
N LEU B 204 -5.64 -18.89 4.49
CA LEU B 204 -4.82 -18.36 5.57
C LEU B 204 -3.35 -18.34 5.15
N PRO B 205 -2.61 -17.30 5.55
CA PRO B 205 -1.20 -17.29 5.15
C PRO B 205 -0.46 -18.37 5.93
N LYS B 206 0.79 -18.63 5.59
CA LYS B 206 1.58 -19.65 6.29
C LYS B 206 2.25 -18.97 7.48
N THR B 207 2.75 -17.76 7.27
CA THR B 207 3.43 -17.01 8.32
C THR B 207 3.02 -15.54 8.33
N VAL B 208 3.44 -14.85 9.38
CA VAL B 208 3.15 -13.43 9.58
C VAL B 208 4.35 -12.78 10.28
N THR B 209 4.66 -11.54 9.91
CA THR B 209 5.78 -10.83 10.52
C THR B 209 5.43 -9.35 10.63
N ALA B 210 5.52 -8.78 11.82
CA ALA B 210 5.20 -7.37 12.01
C ALA B 210 6.35 -6.42 11.64
N PHE B 211 6.04 -5.18 11.29
CA PHE B 211 7.09 -4.23 10.96
C PHE B 211 7.60 -3.58 12.24
N PRO B 212 8.93 -3.50 12.41
CA PRO B 212 9.39 -2.88 13.65
C PRO B 212 8.96 -1.42 13.60
N GLY B 213 8.68 -0.84 14.76
CA GLY B 213 8.27 0.55 14.79
C GLY B 213 6.83 0.81 15.21
N ALA B 214 6.14 -0.22 15.69
CA ALA B 214 4.76 -0.03 16.12
C ALA B 214 4.77 1.00 17.25
N VAL B 215 3.76 1.88 17.28
CA VAL B 215 3.66 2.90 18.32
C VAL B 215 2.73 2.45 19.45
N LEU B 216 3.30 2.10 20.60
CA LEU B 216 2.52 1.65 21.76
C LEU B 216 2.27 2.82 22.71
N ASN B 217 1.10 2.87 23.33
CA ASN B 217 0.82 3.93 24.28
C ASN B 217 1.35 3.48 25.64
N GLU B 218 1.48 4.42 26.58
CA GLU B 218 2.01 4.10 27.91
C GLU B 218 1.39 2.85 28.53
N ALA B 219 0.11 2.62 28.29
CA ALA B 219 -0.58 1.45 28.83
C ALA B 219 -0.17 0.14 28.15
N GLY B 220 0.75 0.22 27.18
CA GLY B 220 1.22 -0.96 26.50
C GLY B 220 0.39 -1.44 25.32
N VAL B 221 -0.79 -0.85 25.14
CA VAL B 221 -1.63 -1.22 24.01
C VAL B 221 -1.04 -0.60 22.75
N ILE B 222 -1.30 -1.21 21.60
CA ILE B 222 -0.79 -0.75 20.31
C ILE B 222 -1.61 0.38 19.70
N LEU B 223 -0.94 1.48 19.37
CA LEU B 223 -1.61 2.62 18.75
C LEU B 223 -1.43 2.58 17.23
N SER B 224 -0.38 1.88 16.78
CA SER B 224 -0.11 1.75 15.36
C SER B 224 0.84 0.59 15.13
N CYS B 225 0.69 -0.09 13.99
CA CYS B 225 1.56 -1.22 13.67
C CYS B 225 1.43 -1.58 12.20
N GLY B 226 2.23 -2.58 11.78
CA GLY B 226 2.22 -3.04 10.41
C GLY B 226 2.81 -4.42 10.29
N ALA B 227 2.67 -5.05 9.13
CA ALA B 227 3.22 -6.38 8.93
C ALA B 227 3.00 -6.93 7.53
N SER B 228 3.75 -7.98 7.21
CA SER B 228 3.60 -8.63 5.91
C SER B 228 3.17 -10.06 6.16
N LEU B 229 2.26 -10.56 5.32
CA LEU B 229 1.77 -11.93 5.46
C LEU B 229 2.37 -12.73 4.30
N SER B 230 2.61 -14.03 4.50
CA SER B 230 3.20 -14.81 3.42
C SER B 230 2.62 -16.21 3.25
N TRP B 231 2.40 -16.60 2.00
CA TRP B 231 1.86 -17.91 1.69
C TRP B 231 2.95 -18.86 1.19
N GLU B 232 4.15 -18.31 0.96
CA GLU B 232 5.28 -19.10 0.48
C GLU B 232 5.03 -19.72 -0.90
N ASP B 233 4.67 -18.87 -1.85
CA ASP B 233 4.40 -19.28 -3.23
C ASP B 233 4.44 -18.07 -4.14
N GLY B 234 4.71 -16.91 -3.56
CA GLY B 234 4.73 -15.69 -4.33
C GLY B 234 3.64 -14.78 -3.79
N ARG B 235 2.55 -15.36 -3.34
CA ARG B 235 1.47 -14.55 -2.76
C ARG B 235 1.94 -13.95 -1.44
N THR B 236 1.71 -12.65 -1.27
CA THR B 236 2.11 -11.97 -0.04
C THR B 236 1.13 -10.84 0.25
N ALA B 237 1.39 -10.11 1.33
CA ALA B 237 0.51 -9.01 1.70
C ALA B 237 1.03 -8.18 2.86
N THR B 238 0.62 -6.92 2.89
CA THR B 238 1.01 -6.04 3.97
C THR B 238 -0.21 -5.33 4.58
N ILE B 239 -0.17 -5.11 5.88
CA ILE B 239 -1.25 -4.41 6.56
C ILE B 239 -0.65 -3.25 7.34
N TYR B 240 -1.41 -2.17 7.47
CA TYR B 240 -0.97 -1.01 8.22
C TYR B 240 -2.16 -0.38 8.95
N CYS B 241 -1.95 -0.07 10.23
CA CYS B 241 -2.99 0.53 11.06
C CYS B 241 -2.40 1.50 12.07
N SER B 242 -3.17 2.50 12.44
CA SER B 242 -2.69 3.50 13.40
C SER B 242 -3.79 4.43 13.86
N PHE B 243 -3.74 4.80 15.14
CA PHE B 243 -4.70 5.73 15.73
C PHE B 243 -4.12 7.14 15.70
N LEU B 244 -2.85 7.24 15.32
CA LEU B 244 -2.14 8.51 15.28
C LEU B 244 -1.62 8.89 13.89
N ALA B 245 -2.50 8.86 12.89
CA ALA B 245 -2.12 9.20 11.53
C ALA B 245 -3.37 9.45 10.70
N ASN B 246 -3.43 10.63 10.10
CA ASN B 246 -4.54 11.07 9.27
C ASN B 246 -5.42 9.95 8.68
N LEU B 247 -6.73 10.17 8.69
CA LEU B 247 -7.69 9.22 8.15
C LEU B 247 -7.30 8.84 6.72
N THR B 248 -7.17 7.54 6.47
CA THR B 248 -6.80 7.03 5.16
C THR B 248 -7.00 5.52 5.07
N MSE B 249 -7.98 5.09 4.29
CA MSE B 249 -8.27 3.68 4.10
C MSE B 249 -7.99 3.43 2.63
O MSE B 249 -7.88 4.38 1.86
CB MSE B 249 -9.73 3.38 4.43
CG MSE B 249 -10.70 4.09 3.51
SE MSE B 249 -12.48 4.29 4.25
CE MSE B 249 -12.00 5.39 5.76
N GLU B 250 -7.90 2.15 2.24
CA GLU B 250 -7.63 1.77 0.86
C GLU B 250 -7.19 0.32 0.71
N ILE B 251 -7.50 -0.26 -0.45
CA ILE B 251 -7.09 -1.63 -0.76
C ILE B 251 -6.36 -1.56 -2.08
N THR B 252 -5.24 -2.26 -2.18
CA THR B 252 -4.47 -2.31 -3.41
C THR B 252 -3.93 -3.72 -3.63
N ALA B 253 -4.65 -4.49 -4.45
CA ALA B 253 -4.29 -5.86 -4.77
C ALA B 253 -3.72 -5.91 -6.19
N ILE B 254 -2.72 -6.76 -6.41
CA ILE B 254 -2.12 -6.84 -7.74
C ILE B 254 -1.96 -8.26 -8.30
N GLY B 255 -2.35 -8.42 -9.56
CA GLY B 255 -2.24 -9.70 -10.22
C GLY B 255 -1.42 -9.64 -11.49
N THR B 256 -1.17 -10.81 -12.09
CA THR B 256 -0.40 -10.92 -13.33
C THR B 256 -1.04 -10.16 -14.50
N LYS B 257 -2.37 -10.25 -14.62
CA LYS B 257 -3.08 -9.61 -15.71
C LYS B 257 -3.77 -8.32 -15.30
N GLY B 258 -3.87 -8.05 -14.00
CA GLY B 258 -4.53 -6.84 -13.57
C GLY B 258 -4.24 -6.36 -12.16
N THR B 259 -4.89 -5.27 -11.77
CA THR B 259 -4.72 -4.68 -10.46
C THR B 259 -6.02 -4.03 -10.01
N LEU B 260 -6.32 -4.12 -8.71
CA LEU B 260 -7.54 -3.54 -8.17
C LEU B 260 -7.23 -2.44 -7.16
N ARG B 261 -8.08 -1.41 -7.13
CA ARG B 261 -7.88 -0.31 -6.21
C ARG B 261 -9.19 0.30 -5.72
N VAL B 262 -9.32 0.38 -4.41
CA VAL B 262 -10.49 0.99 -3.80
C VAL B 262 -9.96 1.91 -2.71
N HIS B 263 -10.47 3.14 -2.68
CA HIS B 263 -10.02 4.15 -1.73
C HIS B 263 -10.96 4.41 -0.55
N ASP B 264 -12.13 3.79 -0.58
CA ASP B 264 -13.12 3.96 0.48
C ASP B 264 -13.76 2.59 0.74
N PHE B 265 -12.92 1.57 0.87
CA PHE B 265 -13.40 0.21 1.07
C PHE B 265 -14.13 -0.09 2.38
N ILE B 266 -13.89 0.72 3.41
CA ILE B 266 -14.54 0.49 4.70
C ILE B 266 -15.83 1.31 4.89
N ILE B 267 -15.76 2.59 4.54
CA ILE B 267 -16.90 3.50 4.64
C ILE B 267 -16.89 4.24 3.31
N PRO B 268 -17.77 3.85 2.38
CA PRO B 268 -17.81 4.51 1.07
C PRO B 268 -18.00 6.01 1.21
N TYR B 269 -17.59 6.75 0.19
CA TYR B 269 -17.75 8.21 0.21
C TYR B 269 -19.25 8.48 0.31
N LYS B 270 -20.00 7.87 -0.59
CA LYS B 270 -21.46 8.00 -0.61
C LYS B 270 -22.07 6.63 -0.39
N GLU B 271 -23.15 6.55 0.39
CA GLU B 271 -23.79 5.27 0.64
C GLU B 271 -24.64 4.80 -0.54
N THR B 272 -25.15 5.76 -1.32
CA THR B 272 -25.99 5.43 -2.47
C THR B 272 -25.20 4.88 -3.65
N GLU B 273 -23.93 4.56 -3.45
CA GLU B 273 -23.08 4.03 -4.51
C GLU B 273 -21.72 3.67 -3.95
N ALA B 274 -20.93 2.97 -4.76
CA ALA B 274 -19.58 2.55 -4.37
C ALA B 274 -18.69 2.52 -5.62
N SER B 275 -17.54 3.20 -5.55
CA SER B 275 -16.63 3.24 -6.68
C SER B 275 -15.34 2.48 -6.38
N PHE B 276 -14.81 1.80 -7.39
CA PHE B 276 -13.58 1.05 -7.26
C PHE B 276 -12.81 1.16 -8.57
N THR B 277 -11.48 1.25 -8.47
CA THR B 277 -10.61 1.38 -9.63
C THR B 277 -10.11 0.00 -10.04
N THR B 278 -10.26 -0.31 -11.32
CA THR B 278 -9.85 -1.60 -11.86
C THR B 278 -8.92 -1.39 -13.07
N SER B 279 -8.12 -2.40 -13.40
CA SER B 279 -7.19 -2.31 -14.52
C SER B 279 -6.50 -3.64 -14.82
N THR B 280 -6.35 -3.97 -16.10
CA THR B 280 -5.70 -5.22 -16.50
C THR B 280 -4.73 -5.07 -17.68
N LYS B 281 -3.66 -5.86 -17.65
CA LYS B 281 -2.63 -5.84 -18.69
C LYS B 281 -2.33 -4.43 -19.21
N ALA B 282 -1.89 -3.54 -18.34
CA ALA B 282 -1.58 -2.17 -18.75
C ALA B 282 -0.14 -2.02 -19.22
N TRP B 283 0.08 -1.06 -20.13
CA TRP B 283 1.43 -0.86 -20.62
C TRP B 283 1.65 0.57 -21.12
N PHE B 284 2.80 0.79 -21.72
CA PHE B 284 3.18 2.10 -22.25
C PHE B 284 3.21 2.07 -23.78
N ASN B 285 3.23 3.24 -24.40
CA ASN B 285 3.31 3.33 -25.85
C ASN B 285 4.77 3.01 -26.20
N ASP B 286 5.01 2.58 -27.43
CA ASP B 286 6.36 2.20 -27.86
C ASP B 286 7.53 2.96 -27.23
N LEU B 287 7.37 4.26 -27.03
CA LEU B 287 8.44 5.08 -26.47
C LEU B 287 8.35 5.38 -24.96
N VAL B 288 7.38 4.76 -24.30
CA VAL B 288 7.17 4.94 -22.86
C VAL B 288 7.02 6.42 -22.47
N THR B 289 6.27 7.18 -23.26
CA THR B 289 6.05 8.59 -22.96
C THR B 289 4.64 8.79 -22.38
N ALA B 290 3.92 7.68 -22.24
CA ALA B 290 2.56 7.70 -21.70
C ALA B 290 2.00 6.27 -21.57
N TRP B 291 0.99 6.10 -20.72
CA TRP B 291 0.32 4.81 -20.54
C TRP B 291 -0.58 4.68 -21.77
N VAL B 292 -0.67 3.49 -22.34
CA VAL B 292 -1.54 3.32 -23.49
C VAL B 292 -2.99 3.47 -23.04
N SER B 293 -3.25 3.11 -21.79
CA SER B 293 -4.59 3.19 -21.24
C SER B 293 -4.62 3.25 -19.70
N PRO B 294 -4.89 4.45 -19.13
CA PRO B 294 -4.95 4.66 -17.69
C PRO B 294 -6.15 3.96 -17.04
N PRO B 295 -6.04 3.60 -15.74
CA PRO B 295 -7.08 2.90 -14.97
C PRO B 295 -8.52 3.38 -15.21
N SER B 296 -9.45 2.86 -14.41
CA SER B 296 -10.86 3.20 -14.53
C SER B 296 -11.48 3.45 -13.16
N GLU B 297 -12.58 4.20 -13.14
CA GLU B 297 -13.26 4.50 -11.88
C GLU B 297 -14.65 3.85 -11.80
N HIS B 298 -14.71 2.54 -12.05
CA HIS B 298 -15.96 1.81 -11.98
C HIS B 298 -16.70 2.19 -10.70
N THR B 299 -17.92 2.70 -10.87
CA THR B 299 -18.74 3.10 -9.74
C THR B 299 -20.17 2.64 -10.00
N VAL B 300 -20.62 1.66 -9.20
CA VAL B 300 -21.95 1.11 -9.34
C VAL B 300 -22.88 1.76 -8.31
N LYS B 301 -24.17 1.44 -8.40
CA LYS B 301 -25.15 2.00 -7.48
C LYS B 301 -25.59 0.90 -6.52
N THR B 302 -25.72 1.26 -5.24
CA THR B 302 -26.11 0.31 -4.19
C THR B 302 -27.41 0.74 -3.49
N GLU B 303 -28.55 0.36 -4.07
CA GLU B 303 -29.87 0.69 -3.53
C GLU B 303 -29.93 0.94 -2.02
N LEU B 304 -29.52 -0.07 -1.25
CA LEU B 304 -29.54 0.00 0.21
C LEU B 304 -28.11 -0.01 0.77
N PRO B 305 -27.87 0.70 1.89
CA PRO B 305 -26.54 0.75 2.50
C PRO B 305 -26.03 -0.65 2.85
N GLN B 306 -24.71 -0.80 2.91
CA GLN B 306 -24.11 -2.10 3.19
C GLN B 306 -24.36 -2.63 4.60
N GLU B 307 -24.36 -1.76 5.61
CA GLU B 307 -24.62 -2.22 6.97
C GLU B 307 -26.04 -2.75 7.04
N ALA B 308 -26.96 -2.10 6.32
CA ALA B 308 -28.34 -2.55 6.32
C ALA B 308 -28.36 -3.95 5.72
N CYS B 309 -27.40 -4.21 4.82
CA CYS B 309 -27.29 -5.53 4.23
C CYS B 309 -26.71 -6.47 5.30
N MSE B 310 -26.10 -5.88 6.32
CA MSE B 310 -25.50 -6.66 7.40
C MSE B 310 -26.45 -6.87 8.57
O MSE B 310 -26.24 -7.75 9.39
CB MSE B 310 -24.24 -5.97 7.89
CG MSE B 310 -23.61 -6.68 9.07
SE MSE B 310 -22.64 -5.48 10.21
CE MSE B 310 -24.12 -4.69 11.16
N VAL B 311 -27.50 -6.06 8.65
CA VAL B 311 -28.47 -6.18 9.72
C VAL B 311 -29.73 -6.77 9.13
N ARG B 312 -29.59 -7.31 7.93
CA ARG B 312 -30.68 -7.93 7.18
C ARG B 312 -30.28 -9.36 6.79
N GLU B 313 -29.02 -9.54 6.40
CA GLU B 313 -28.51 -10.86 6.02
C GLU B 313 -28.31 -11.69 7.28
N PHE B 314 -28.24 -11.02 8.42
CA PHE B 314 -28.10 -11.71 9.70
C PHE B 314 -29.51 -11.96 10.23
N ALA B 315 -30.49 -11.35 9.56
CA ALA B 315 -31.89 -11.49 9.94
C ALA B 315 -32.59 -12.48 9.03
N ILE B 321 -33.95 -18.61 7.61
CA ILE B 321 -33.42 -19.87 8.12
C ILE B 321 -34.17 -20.34 9.35
N LYS B 322 -34.05 -19.58 10.43
CA LYS B 322 -34.69 -19.86 11.73
C LYS B 322 -35.97 -20.70 11.64
N ASN B 323 -36.90 -20.28 10.80
CA ASN B 323 -38.17 -20.98 10.63
C ASN B 323 -38.04 -22.33 9.94
N ASN B 324 -37.20 -22.41 8.91
CA ASN B 324 -37.01 -23.68 8.20
C ASN B 324 -36.08 -24.59 9.01
N GLY B 325 -35.58 -24.05 10.11
CA GLY B 325 -34.69 -24.81 10.98
C GLY B 325 -33.54 -25.48 10.27
N ALA B 326 -32.69 -24.69 9.64
CA ALA B 326 -31.53 -25.22 8.92
C ALA B 326 -30.26 -24.98 9.73
N LYS B 327 -29.14 -25.46 9.21
CA LYS B 327 -27.87 -25.27 9.90
C LYS B 327 -27.36 -23.87 9.58
N PRO B 328 -27.15 -23.04 10.61
CA PRO B 328 -26.66 -21.69 10.36
C PRO B 328 -25.54 -21.64 9.34
N ASP B 329 -25.39 -20.49 8.68
CA ASP B 329 -24.35 -20.30 7.68
C ASP B 329 -23.04 -20.16 8.44
N GLY B 330 -22.27 -21.24 8.50
CA GLY B 330 -21.01 -21.21 9.21
C GLY B 330 -19.92 -20.35 8.60
N TYR B 331 -20.16 -19.85 7.39
CA TYR B 331 -19.17 -19.02 6.73
C TYR B 331 -18.77 -17.82 7.58
N TRP B 332 -19.72 -17.26 8.30
CA TRP B 332 -19.41 -16.09 9.10
C TRP B 332 -18.48 -16.37 10.27
N PRO B 333 -18.89 -17.26 11.20
CA PRO B 333 -17.96 -17.53 12.31
C PRO B 333 -16.59 -17.96 11.80
N SER B 334 -16.58 -18.64 10.66
CA SER B 334 -15.34 -19.12 10.07
C SER B 334 -14.44 -17.99 9.53
N ILE B 335 -15.03 -17.01 8.82
CA ILE B 335 -14.23 -15.90 8.30
C ILE B 335 -13.72 -15.11 9.50
N SER B 336 -14.55 -14.99 10.53
CA SER B 336 -14.19 -14.24 11.73
C SER B 336 -13.01 -14.88 12.46
N ARG B 337 -12.85 -16.19 12.30
CA ARG B 337 -11.76 -16.89 12.97
C ARG B 337 -10.43 -16.56 12.30
N LYS B 338 -10.40 -16.68 10.98
CA LYS B 338 -9.18 -16.41 10.22
C LYS B 338 -8.67 -14.99 10.46
N THR B 339 -9.59 -14.05 10.69
CA THR B 339 -9.18 -12.67 10.92
C THR B 339 -8.50 -12.54 12.29
N GLN B 340 -9.19 -12.98 13.34
CA GLN B 340 -8.67 -12.91 14.70
C GLN B 340 -7.29 -13.60 14.84
N LEU B 341 -7.08 -14.67 14.08
CA LEU B 341 -5.82 -15.40 14.11
C LEU B 341 -4.69 -14.55 13.58
N VAL B 342 -4.91 -13.94 12.41
CA VAL B 342 -3.88 -13.10 11.84
C VAL B 342 -3.65 -11.98 12.85
N VAL B 343 -4.70 -11.65 13.58
CA VAL B 343 -4.63 -10.62 14.60
C VAL B 343 -3.69 -11.06 15.71
N ASP B 344 -3.90 -12.28 16.23
CA ASP B 344 -3.06 -12.79 17.31
C ASP B 344 -1.62 -13.01 16.84
N ALA B 345 -1.46 -13.56 15.64
CA ALA B 345 -0.12 -13.79 15.09
C ALA B 345 0.62 -12.46 14.99
N VAL B 346 -0.06 -11.45 14.46
CA VAL B 346 0.55 -10.13 14.33
C VAL B 346 0.91 -9.60 15.71
N LYS B 347 -0.08 -9.53 16.60
CA LYS B 347 0.11 -9.05 17.96
C LYS B 347 1.18 -9.85 18.68
N GLU B 348 1.25 -11.15 18.42
CA GLU B 348 2.24 -11.99 19.07
C GLU B 348 3.59 -11.86 18.39
N SER B 349 3.65 -10.98 17.38
CA SER B 349 4.89 -10.73 16.66
C SER B 349 5.45 -9.38 17.12
N VAL B 350 4.55 -8.43 17.35
CA VAL B 350 4.95 -7.11 17.81
C VAL B 350 5.40 -7.17 19.27
N ASP B 351 4.95 -8.20 19.97
CA ASP B 351 5.32 -8.37 21.38
C ASP B 351 6.30 -9.52 21.56
N LYS B 352 6.79 -10.05 20.45
CA LYS B 352 7.78 -11.13 20.48
C LYS B 352 9.05 -10.64 19.78
N ASN B 353 9.17 -9.32 19.67
CA ASN B 353 10.31 -8.65 19.05
C ASN B 353 10.37 -8.67 17.51
N TYR B 354 9.20 -8.81 16.88
CA TYR B 354 9.08 -8.82 15.42
C TYR B 354 9.71 -10.02 14.72
N GLN B 355 9.45 -11.21 15.24
CA GLN B 355 9.97 -12.43 14.64
C GLN B 355 8.87 -13.07 13.81
N GLN B 356 9.24 -13.78 12.76
CA GLN B 356 8.25 -14.44 11.91
C GLN B 356 7.40 -15.29 12.84
N ILE B 357 6.15 -15.54 12.46
CA ILE B 357 5.25 -16.34 13.28
C ILE B 357 4.53 -17.41 12.47
N SER B 358 4.66 -18.66 12.88
CA SER B 358 4.02 -19.79 12.20
C SER B 358 2.53 -19.78 12.51
N LEU B 359 1.73 -20.42 11.66
CA LEU B 359 0.29 -20.46 11.86
C LEU B 359 -0.32 -21.85 11.69
N SER B 360 0.51 -22.82 11.33
CA SER B 360 0.06 -24.20 11.14
C SER B 360 -0.56 -24.80 12.40
N GLN A 6 23.73 23.14 -26.58
CA GLN A 6 24.99 23.85 -26.19
C GLN A 6 25.92 22.88 -25.51
N ILE A 7 25.41 22.16 -24.51
CA ILE A 7 26.21 21.16 -23.80
C ILE A 7 26.29 19.91 -24.66
N ARG A 8 27.51 19.58 -25.08
CA ARG A 8 27.75 18.41 -25.92
C ARG A 8 27.70 17.13 -25.10
N ILE A 9 26.76 16.25 -25.45
CA ILE A 9 26.59 14.99 -24.74
C ILE A 9 26.64 13.81 -25.69
N GLY A 10 27.36 12.77 -25.28
CA GLY A 10 27.47 11.58 -26.10
C GLY A 10 26.76 10.40 -25.47
N VAL A 11 25.89 9.75 -26.23
CA VAL A 11 25.15 8.60 -25.75
C VAL A 11 26.12 7.45 -25.48
N MSE A 12 26.47 7.26 -24.22
CA MSE A 12 27.38 6.19 -23.85
C MSE A 12 26.71 4.82 -23.83
O MSE A 12 26.45 4.26 -22.77
CB MSE A 12 28.02 6.46 -22.49
CG MSE A 12 29.27 5.64 -22.27
SE MSE A 12 30.51 6.00 -23.69
CE MSE A 12 29.82 4.78 -25.04
N GLY A 13 26.44 4.28 -25.03
CA GLY A 13 25.81 2.99 -25.14
C GLY A 13 24.56 3.03 -26.01
N CYS A 14 24.35 2.00 -26.82
CA CYS A 14 23.19 1.95 -27.68
C CYS A 14 22.12 1.04 -27.06
N ALA A 15 21.52 1.53 -25.98
CA ALA A 15 20.47 0.81 -25.27
C ALA A 15 19.12 1.22 -25.82
N ASP A 16 18.14 0.34 -25.76
CA ASP A 16 16.81 0.67 -26.26
C ASP A 16 16.25 1.88 -25.51
N ILE A 17 16.51 1.95 -24.21
CA ILE A 17 16.01 3.06 -23.43
C ILE A 17 16.80 4.32 -23.72
N ALA A 18 17.59 4.27 -24.78
CA ALA A 18 18.38 5.42 -25.20
C ALA A 18 17.55 6.16 -26.23
N ARG A 19 16.54 5.50 -26.77
CA ARG A 19 15.68 6.12 -27.77
C ARG A 19 14.85 7.21 -27.10
N LYS A 20 14.52 7.01 -25.83
CA LYS A 20 13.75 8.01 -25.08
C LYS A 20 14.68 9.09 -24.58
N VAL A 21 15.86 8.69 -24.12
CA VAL A 21 16.82 9.66 -23.62
C VAL A 21 17.59 10.35 -24.73
N SER A 22 17.53 9.82 -25.95
CA SER A 22 18.23 10.45 -27.07
C SER A 22 17.28 11.51 -27.59
N ARG A 23 16.01 11.32 -27.26
CA ARG A 23 14.94 12.24 -27.61
C ARG A 23 14.81 13.25 -26.45
N ALA A 24 15.32 12.86 -25.28
CA ALA A 24 15.28 13.75 -24.12
C ALA A 24 16.15 14.95 -24.50
N ILE A 25 17.45 14.72 -24.56
CA ILE A 25 18.41 15.76 -24.93
C ILE A 25 17.80 16.61 -26.05
N HIS A 26 17.21 15.94 -27.03
CA HIS A 26 16.57 16.59 -28.18
C HIS A 26 15.66 17.74 -27.78
N LEU A 27 14.77 17.51 -26.82
CA LEU A 27 13.84 18.52 -26.35
C LEU A 27 14.41 19.52 -25.35
N ALA A 28 15.66 19.30 -24.93
CA ALA A 28 16.30 20.21 -24.01
C ALA A 28 17.01 21.28 -24.85
N PRO A 29 16.48 22.52 -24.84
CA PRO A 29 17.02 23.65 -25.59
C PRO A 29 18.42 24.11 -25.21
N ASN A 30 19.13 23.31 -24.43
CA ASN A 30 20.47 23.69 -23.99
C ASN A 30 21.46 22.54 -23.99
N ALA A 31 21.21 21.54 -24.82
CA ALA A 31 22.10 20.38 -24.88
C ALA A 31 22.12 19.83 -26.29
N THR A 32 23.19 19.12 -26.61
CA THR A 32 23.32 18.51 -27.93
C THR A 32 23.73 17.05 -27.83
N ILE A 33 23.32 16.27 -28.81
CA ILE A 33 23.65 14.86 -28.88
C ILE A 33 24.84 14.73 -29.85
N SER A 34 25.88 14.02 -29.43
CA SER A 34 27.07 13.86 -30.28
C SER A 34 28.10 12.87 -29.73
N GLY A 35 28.10 11.65 -30.26
CA GLY A 35 29.06 10.66 -29.81
C GLY A 35 28.53 9.27 -29.53
N VAL A 36 27.37 8.94 -30.09
CA VAL A 36 26.73 7.63 -29.88
C VAL A 36 27.73 6.50 -30.08
N ALA A 37 27.38 5.31 -29.60
CA ALA A 37 28.24 4.13 -29.72
C ALA A 37 27.79 2.98 -28.83
N SER A 38 28.08 1.75 -29.26
CA SER A 38 27.76 0.54 -28.50
C SER A 38 28.97 -0.37 -28.64
N ARG A 39 28.74 -1.64 -28.96
CA ARG A 39 29.84 -2.59 -29.11
C ARG A 39 30.32 -2.65 -30.56
N SER A 40 29.39 -2.53 -31.50
CA SER A 40 29.73 -2.56 -32.91
C SER A 40 29.88 -1.12 -33.36
N LEU A 41 29.92 -0.91 -34.67
CA LEU A 41 30.04 0.44 -35.23
C LEU A 41 29.02 0.60 -36.34
N GLU A 42 28.29 -0.48 -36.60
CA GLU A 42 27.23 -0.50 -37.62
C GLU A 42 25.93 -0.19 -36.92
N LYS A 43 25.80 -0.69 -35.69
CA LYS A 43 24.61 -0.48 -34.86
C LYS A 43 24.45 0.99 -34.52
N ALA A 44 25.57 1.68 -34.29
CA ALA A 44 25.57 3.09 -33.96
C ALA A 44 24.95 3.90 -35.09
N LYS A 45 25.36 3.59 -36.32
CA LYS A 45 24.83 4.29 -37.50
C LYS A 45 23.35 4.00 -37.61
N ALA A 46 22.97 2.75 -37.30
CA ALA A 46 21.58 2.33 -37.36
C ALA A 46 20.73 3.07 -36.33
N PHE A 47 21.21 3.12 -35.09
CA PHE A 47 20.48 3.82 -34.03
C PHE A 47 20.31 5.29 -34.41
N ALA A 48 21.40 5.89 -34.89
CA ALA A 48 21.41 7.30 -35.30
C ALA A 48 20.37 7.60 -36.37
N THR A 49 20.32 6.75 -37.39
CA THR A 49 19.35 6.94 -38.46
C THR A 49 17.95 6.62 -37.95
N ALA A 50 17.78 5.40 -37.46
CA ALA A 50 16.51 4.94 -36.93
C ALA A 50 15.88 5.96 -35.98
N ASN A 51 16.72 6.71 -35.28
CA ASN A 51 16.19 7.70 -34.34
C ASN A 51 16.32 9.15 -34.76
N ASN A 52 16.24 9.40 -36.06
CA ASN A 52 16.31 10.75 -36.59
C ASN A 52 17.49 11.53 -36.03
N TYR A 53 18.64 11.44 -36.70
CA TYR A 53 19.82 12.17 -36.25
C TYR A 53 20.33 13.15 -37.30
N PRO A 54 20.67 14.38 -36.87
CA PRO A 54 21.17 15.40 -37.78
C PRO A 54 22.45 14.91 -38.46
N GLU A 55 22.60 15.23 -39.74
CA GLU A 55 23.78 14.82 -40.52
C GLU A 55 24.99 14.67 -39.61
N SER A 56 25.26 15.70 -38.81
CA SER A 56 26.38 15.70 -37.89
C SER A 56 26.20 14.66 -36.78
N THR A 57 26.37 13.39 -37.11
CA THR A 57 26.23 12.33 -36.13
C THR A 57 27.60 11.82 -35.69
N LYS A 58 28.05 12.24 -34.50
CA LYS A 58 29.33 11.81 -33.99
C LYS A 58 29.33 10.31 -33.72
N ILE A 59 29.46 9.52 -34.78
CA ILE A 59 29.47 8.07 -34.66
C ILE A 59 30.89 7.60 -34.35
N HIS A 60 31.02 6.40 -33.80
CA HIS A 60 32.33 5.86 -33.46
C HIS A 60 32.43 4.35 -33.72
N GLY A 61 33.12 3.64 -32.82
CA GLY A 61 33.27 2.20 -32.97
C GLY A 61 33.52 1.44 -31.68
N SER A 62 33.70 2.17 -30.58
CA SER A 62 33.95 1.53 -29.28
C SER A 62 33.67 2.52 -28.14
N TYR A 63 33.80 2.05 -26.92
CA TYR A 63 33.57 2.92 -25.76
C TYR A 63 34.82 3.74 -25.46
N GLU A 64 35.97 3.07 -25.43
CA GLU A 64 37.22 3.75 -25.16
C GLU A 64 37.38 4.84 -26.21
N SER A 65 36.83 4.58 -27.39
CA SER A 65 36.89 5.54 -28.47
C SER A 65 36.27 6.86 -28.01
N LEU A 66 34.96 6.81 -27.77
CA LEU A 66 34.21 7.98 -27.33
C LEU A 66 34.84 8.75 -26.17
N LEU A 67 35.59 8.06 -25.31
CA LEU A 67 36.23 8.73 -24.18
C LEU A 67 37.53 9.42 -24.59
N GLU A 68 37.77 9.49 -25.90
CA GLU A 68 38.96 10.12 -26.42
C GLU A 68 38.62 11.37 -27.23
N ASP A 69 37.35 11.50 -27.60
CA ASP A 69 36.94 12.68 -28.36
C ASP A 69 36.99 13.87 -27.41
N PRO A 70 37.96 14.77 -27.62
CA PRO A 70 38.08 15.95 -26.75
C PRO A 70 36.81 16.80 -26.70
N GLU A 71 35.97 16.68 -27.72
CA GLU A 71 34.73 17.44 -27.80
C GLU A 71 33.65 16.96 -26.83
N ILE A 72 33.79 15.75 -26.32
CA ILE A 72 32.81 15.19 -25.39
C ILE A 72 32.71 15.91 -24.05
N ASP A 73 31.70 16.77 -23.92
CA ASP A 73 31.48 17.52 -22.69
C ASP A 73 30.88 16.65 -21.57
N ALA A 74 29.98 15.73 -21.93
CA ALA A 74 29.34 14.86 -20.94
C ALA A 74 28.72 13.60 -21.54
N LEU A 75 28.59 12.57 -20.73
CA LEU A 75 28.03 11.29 -21.16
C LEU A 75 26.78 10.80 -20.41
N TYR A 76 26.09 9.83 -21.00
CA TYR A 76 24.90 9.19 -20.44
C TYR A 76 25.10 7.69 -20.60
N VAL A 77 25.43 7.01 -19.50
CA VAL A 77 25.66 5.58 -19.54
C VAL A 77 24.46 4.66 -19.25
N PRO A 78 23.88 4.06 -20.30
CA PRO A 78 22.74 3.15 -20.09
C PRO A 78 23.25 1.73 -19.84
N LEU A 79 24.52 1.48 -20.18
CA LEU A 79 25.11 0.15 -20.03
C LEU A 79 24.54 -0.67 -18.87
N PRO A 80 24.53 -2.00 -19.02
CA PRO A 80 24.00 -2.85 -17.94
C PRO A 80 24.61 -2.39 -16.63
N THR A 81 23.89 -2.59 -15.54
CA THR A 81 24.35 -2.17 -14.23
C THR A 81 25.80 -2.54 -13.94
N SER A 82 26.17 -3.79 -14.20
CA SER A 82 27.52 -4.28 -13.94
C SER A 82 28.67 -3.55 -14.63
N LEU A 83 28.37 -2.75 -15.64
CA LEU A 83 29.43 -2.02 -16.36
C LEU A 83 29.65 -0.59 -15.90
N HIS A 84 28.95 -0.17 -14.85
CA HIS A 84 29.11 1.19 -14.38
C HIS A 84 30.40 1.39 -13.59
N VAL A 85 30.63 0.49 -12.63
CA VAL A 85 31.80 0.57 -11.79
C VAL A 85 33.10 0.64 -12.59
N GLU A 86 32.99 0.49 -13.91
CA GLU A 86 34.16 0.55 -14.79
C GLU A 86 34.12 1.74 -15.73
N TRP A 87 33.17 1.74 -16.66
CA TRP A 87 33.02 2.80 -17.64
C TRP A 87 32.68 4.17 -17.08
N ALA A 88 32.28 4.19 -15.81
CA ALA A 88 31.97 5.45 -15.15
C ALA A 88 33.24 6.00 -14.49
N ILE A 89 33.90 5.19 -13.66
CA ILE A 89 35.13 5.65 -13.01
C ILE A 89 36.24 5.78 -14.05
N LYS A 90 36.01 5.18 -15.22
CA LYS A 90 36.98 5.26 -16.32
C LYS A 90 36.78 6.60 -17.01
N ALA A 91 35.63 6.77 -17.67
CA ALA A 91 35.34 8.01 -18.37
C ALA A 91 35.64 9.24 -17.48
N ALA A 92 35.58 9.05 -16.17
CA ALA A 92 35.85 10.13 -15.23
C ALA A 92 37.32 10.53 -15.33
N GLU A 93 38.18 9.56 -15.61
CA GLU A 93 39.60 9.82 -15.74
C GLU A 93 39.75 10.82 -16.89
N LYS A 94 38.93 10.65 -17.92
CA LYS A 94 38.94 11.54 -19.07
C LYS A 94 38.22 12.84 -18.70
N GLY A 95 37.82 12.91 -17.44
CA GLY A 95 37.13 14.08 -16.93
C GLY A 95 35.86 14.47 -17.64
N LYS A 96 34.96 13.51 -17.85
CA LYS A 96 33.71 13.81 -18.52
C LYS A 96 32.54 13.66 -17.56
N HIS A 97 31.60 14.61 -17.61
CA HIS A 97 30.42 14.59 -16.75
C HIS A 97 29.49 13.46 -17.15
N ILE A 98 28.98 12.73 -16.16
CA ILE A 98 28.12 11.59 -16.44
C ILE A 98 26.67 11.62 -15.95
N LEU A 99 25.77 11.17 -16.82
CA LEU A 99 24.36 11.03 -16.53
C LEU A 99 24.27 9.50 -16.56
N LEU A 100 24.40 8.88 -15.39
CA LEU A 100 24.38 7.42 -15.25
C LEU A 100 22.99 6.83 -15.01
N GLU A 101 22.62 5.85 -15.84
CA GLU A 101 21.30 5.19 -15.71
C GLU A 101 21.20 4.46 -14.38
N LYS A 102 19.98 4.21 -13.93
CA LYS A 102 19.77 3.53 -12.67
C LYS A 102 19.48 2.05 -12.85
N PRO A 103 19.88 1.21 -11.87
CA PRO A 103 20.57 1.64 -10.64
C PRO A 103 21.98 2.10 -10.99
N VAL A 104 22.59 2.90 -10.12
CA VAL A 104 23.93 3.42 -10.38
C VAL A 104 25.05 2.39 -10.40
N ALA A 105 24.93 1.34 -9.61
CA ALA A 105 25.96 0.31 -9.57
C ALA A 105 25.48 -0.92 -8.83
N MSE A 106 26.28 -1.98 -8.84
CA MSE A 106 25.92 -3.22 -8.17
C MSE A 106 25.95 -3.10 -6.65
O MSE A 106 25.44 -3.98 -5.95
CB MSE A 106 26.86 -4.35 -8.62
CG MSE A 106 26.81 -4.67 -10.11
SE MSE A 106 25.09 -5.34 -10.68
CE MSE A 106 24.93 -6.80 -9.44
N ASN A 107 26.53 -2.02 -6.15
CA ASN A 107 26.59 -1.77 -4.70
C ASN A 107 27.18 -0.40 -4.40
N VAL A 108 26.92 0.12 -3.20
CA VAL A 108 27.42 1.43 -2.83
C VAL A 108 28.95 1.52 -2.90
N THR A 109 29.63 0.43 -2.57
CA THR A 109 31.09 0.39 -2.63
C THR A 109 31.54 0.82 -4.04
N GLU A 110 30.96 0.19 -5.06
CA GLU A 110 31.29 0.52 -6.45
C GLU A 110 30.89 1.96 -6.77
N PHE A 111 29.74 2.40 -6.26
CA PHE A 111 29.30 3.77 -6.53
C PHE A 111 30.25 4.78 -5.90
N ASP A 112 30.67 4.53 -4.66
CA ASP A 112 31.58 5.44 -4.00
C ASP A 112 32.88 5.54 -4.79
N LYS A 113 33.24 4.47 -5.49
CA LYS A 113 34.44 4.49 -6.30
C LYS A 113 34.20 5.38 -7.52
N ILE A 114 32.95 5.46 -7.96
CA ILE A 114 32.58 6.28 -9.11
C ILE A 114 32.43 7.73 -8.69
N VAL A 115 31.96 7.95 -7.47
CA VAL A 115 31.79 9.31 -6.98
C VAL A 115 33.17 9.94 -6.80
N ASP A 116 34.00 9.30 -5.98
CA ASP A 116 35.35 9.79 -5.74
C ASP A 116 36.07 10.04 -7.06
N ALA A 117 35.99 9.06 -7.97
CA ALA A 117 36.62 9.17 -9.27
C ALA A 117 36.12 10.39 -10.04
N CYS A 118 34.87 10.80 -9.78
CA CYS A 118 34.29 11.96 -10.45
C CYS A 118 34.76 13.23 -9.75
N GLU A 119 35.00 13.11 -8.44
CA GLU A 119 35.47 14.23 -7.63
C GLU A 119 36.92 14.55 -7.99
N ALA A 120 37.70 13.51 -8.25
CA ALA A 120 39.11 13.67 -8.60
C ALA A 120 39.29 14.65 -9.76
N ASN A 121 38.54 14.43 -10.84
CA ASN A 121 38.64 15.29 -12.01
C ASN A 121 37.50 16.30 -12.02
N GLY A 122 36.96 16.57 -10.84
CA GLY A 122 35.89 17.54 -10.68
C GLY A 122 34.69 17.45 -11.63
N VAL A 123 34.16 16.25 -11.88
CA VAL A 123 32.99 16.18 -12.75
C VAL A 123 31.71 15.74 -12.04
N GLN A 124 30.60 16.25 -12.55
CA GLN A 124 29.28 15.97 -12.01
C GLN A 124 28.74 14.60 -12.39
N ILE A 125 28.13 13.92 -11.43
CA ILE A 125 27.55 12.60 -11.68
C ILE A 125 26.10 12.65 -11.20
N MSE A 126 25.28 11.78 -11.78
CA MSE A 126 23.86 11.71 -11.45
C MSE A 126 23.21 10.52 -12.15
O MSE A 126 23.66 10.13 -13.23
CB MSE A 126 23.16 13.00 -11.92
CG MSE A 126 21.64 13.00 -11.79
SE MSE A 126 20.79 14.32 -12.96
CE MSE A 126 22.14 14.35 -14.35
N ASP A 127 22.18 9.94 -11.53
CA ASP A 127 21.48 8.81 -12.10
C ASP A 127 20.28 9.31 -12.88
N GLY A 128 20.02 8.71 -14.04
CA GLY A 128 18.91 9.13 -14.88
C GLY A 128 17.47 8.95 -14.39
N THR A 129 17.16 9.44 -13.18
CA THR A 129 15.81 9.35 -12.63
C THR A 129 14.99 10.54 -13.18
N MSE A 130 13.86 10.25 -13.80
CA MSE A 130 13.04 11.30 -14.41
C MSE A 130 12.01 11.99 -13.53
O MSE A 130 12.11 13.20 -13.28
CB MSE A 130 12.37 10.75 -15.67
CG MSE A 130 13.34 10.35 -16.78
SE MSE A 130 12.56 9.09 -18.04
CE MSE A 130 13.97 7.76 -18.13
N TRP A 131 11.03 11.23 -13.05
CA TRP A 131 9.93 11.76 -12.24
C TRP A 131 10.28 12.86 -11.24
N VAL A 132 11.51 12.88 -10.75
CA VAL A 132 11.90 13.91 -9.79
C VAL A 132 12.07 15.26 -10.49
N HIS A 133 12.10 15.26 -11.83
CA HIS A 133 12.23 16.51 -12.57
C HIS A 133 10.90 16.99 -13.15
N ASN A 134 9.91 16.11 -13.13
CA ASN A 134 8.59 16.47 -13.63
C ASN A 134 8.05 17.63 -12.77
N PRO A 135 7.38 18.60 -13.39
CA PRO A 135 6.81 19.76 -12.71
C PRO A 135 6.06 19.42 -11.40
N ARG A 136 5.34 18.31 -11.41
CA ARG A 136 4.58 17.86 -10.24
C ARG A 136 5.47 17.69 -9.02
N THR A 137 6.76 17.48 -9.24
CA THR A 137 7.69 17.29 -8.14
C THR A 137 8.44 18.57 -7.76
N ALA A 138 8.12 19.04 -6.56
CA ALA A 138 8.65 20.25 -5.95
C ALA A 138 7.57 20.65 -4.93
N LEU A 139 6.48 21.18 -5.45
CA LEU A 139 5.34 21.61 -4.64
C LEU A 139 4.72 20.44 -3.90
N LEU A 140 4.80 19.26 -4.50
CA LEU A 140 4.28 18.05 -3.89
C LEU A 140 5.23 17.70 -2.75
N LYS A 141 6.46 18.17 -2.86
CA LYS A 141 7.44 17.94 -1.81
C LYS A 141 7.06 19.00 -0.78
N GLU A 142 6.57 20.12 -1.29
CA GLU A 142 6.14 21.23 -0.45
C GLU A 142 4.92 20.77 0.35
N PHE A 143 4.07 19.95 -0.28
CA PHE A 143 2.88 19.44 0.39
C PHE A 143 3.26 18.41 1.44
N LEU A 144 4.27 17.60 1.13
CA LEU A 144 4.75 16.57 2.06
C LEU A 144 5.43 17.21 3.26
N SER A 145 5.31 18.52 3.37
CA SER A 145 5.92 19.24 4.48
C SER A 145 5.11 20.48 4.85
N ASP A 146 3.81 20.43 4.54
CA ASP A 146 2.90 21.54 4.82
C ASP A 146 2.30 21.32 6.23
N SER A 147 2.20 22.40 7.00
CA SER A 147 1.66 22.29 8.36
C SER A 147 0.14 22.35 8.45
N GLU A 148 -0.47 23.35 7.82
CA GLU A 148 -1.93 23.51 7.87
C GLU A 148 -2.70 22.88 6.72
N ARG A 149 -2.04 22.07 5.89
CA ARG A 149 -2.72 21.43 4.77
C ARG A 149 -2.37 19.95 4.65
N PHE A 150 -1.31 19.55 5.34
CA PHE A 150 -0.86 18.16 5.30
C PHE A 150 -0.33 17.72 6.66
N GLY A 151 0.24 18.67 7.41
CA GLY A 151 0.78 18.36 8.72
C GLY A 151 2.15 17.72 8.64
N GLN A 152 2.36 16.68 9.43
CA GLN A 152 3.63 15.97 9.43
C GLN A 152 3.40 14.56 8.90
N LEU A 153 4.28 14.12 8.00
CA LEU A 153 4.18 12.79 7.41
C LEU A 153 4.77 11.70 8.29
N LYS A 154 3.88 10.87 8.83
CA LYS A 154 4.29 9.78 9.71
C LYS A 154 4.40 8.50 8.89
N THR A 155 3.80 8.50 7.71
CA THR A 155 3.84 7.31 6.86
C THR A 155 3.67 7.60 5.37
N VAL A 156 4.48 6.92 4.56
CA VAL A 156 4.44 7.07 3.11
C VAL A 156 4.70 5.71 2.46
N GLN A 157 3.73 5.21 1.72
CA GLN A 157 3.87 3.92 1.05
C GLN A 157 4.21 4.12 -0.41
N SER A 158 4.93 3.15 -0.98
CA SER A 158 5.30 3.23 -2.39
C SER A 158 5.62 1.87 -2.99
N CYS A 159 5.28 1.70 -4.25
CA CYS A 159 5.55 0.45 -4.94
C CYS A 159 5.53 0.59 -6.45
N PHE A 160 6.24 -0.32 -7.11
CA PHE A 160 6.29 -0.35 -8.57
C PHE A 160 6.40 -1.80 -9.07
N SER A 161 5.57 -2.16 -10.03
CA SER A 161 5.58 -3.50 -10.59
C SER A 161 5.10 -3.49 -12.02
N PHE A 162 5.43 -4.54 -12.74
CA PHE A 162 5.01 -4.71 -14.13
C PHE A 162 5.22 -6.17 -14.45
N ALA A 163 4.25 -6.74 -15.16
CA ALA A 163 4.27 -8.15 -15.51
C ALA A 163 5.06 -8.49 -16.76
N GLY A 164 6.33 -8.82 -16.58
CA GLY A 164 7.15 -9.18 -17.73
C GLY A 164 6.60 -10.41 -18.45
N ASP A 165 6.80 -10.48 -19.76
CA ASP A 165 6.33 -11.63 -20.52
C ASP A 165 7.38 -12.74 -20.47
N GLU A 166 7.09 -13.85 -21.14
CA GLU A 166 8.00 -14.99 -21.15
C GLU A 166 9.40 -14.63 -21.68
N ASP A 167 9.45 -13.90 -22.78
CA ASP A 167 10.73 -13.51 -23.37
C ASP A 167 11.57 -12.63 -22.43
N PHE A 168 10.92 -11.63 -21.83
CA PHE A 168 11.57 -10.73 -20.90
C PHE A 168 12.22 -11.50 -19.75
N LEU A 169 11.42 -12.30 -19.04
CA LEU A 169 11.88 -13.08 -17.92
C LEU A 169 13.00 -14.04 -18.28
N LYS A 170 13.10 -14.34 -19.56
CA LYS A 170 14.13 -15.25 -20.03
C LYS A 170 15.35 -14.57 -20.64
N ASN A 171 15.15 -13.46 -21.35
CA ASN A 171 16.26 -12.80 -22.00
C ASN A 171 16.63 -11.37 -21.59
N ASP A 172 15.70 -10.61 -21.04
CA ASP A 172 16.03 -9.25 -20.65
C ASP A 172 17.24 -9.21 -19.70
N ILE A 173 18.03 -8.14 -19.75
CA ILE A 173 19.21 -8.06 -18.90
C ILE A 173 18.90 -7.97 -17.40
N ARG A 174 17.62 -7.71 -17.09
CA ARG A 174 17.17 -7.59 -15.70
C ARG A 174 17.18 -8.92 -14.95
N VAL A 175 17.09 -10.02 -15.69
CA VAL A 175 17.12 -11.35 -15.07
C VAL A 175 18.54 -11.94 -15.17
N LYS A 176 19.46 -11.17 -15.77
CA LYS A 176 20.84 -11.62 -15.93
C LYS A 176 21.74 -11.16 -14.77
N PRO A 177 22.24 -12.10 -13.97
CA PRO A 177 23.11 -11.78 -12.83
C PRO A 177 24.37 -10.99 -13.19
N GLY A 178 24.85 -11.17 -14.42
CA GLY A 178 26.05 -10.47 -14.85
C GLY A 178 25.82 -9.11 -15.51
N LEU A 179 24.56 -8.79 -15.80
CA LEU A 179 24.24 -7.51 -16.45
C LEU A 179 23.53 -6.61 -15.44
N ASP A 180 22.21 -6.67 -15.39
CA ASP A 180 21.46 -5.89 -14.42
C ASP A 180 21.06 -6.84 -13.30
N GLY A 181 22.07 -7.35 -12.62
CA GLY A 181 21.88 -8.31 -11.55
C GLY A 181 21.06 -7.93 -10.33
N LEU A 182 20.64 -6.68 -10.20
CA LEU A 182 19.84 -6.30 -9.04
C LEU A 182 18.35 -6.63 -9.25
N GLY A 183 18.04 -7.14 -10.44
CA GLY A 183 16.69 -7.52 -10.78
C GLY A 183 15.60 -6.49 -10.53
N ALA A 184 14.46 -6.96 -10.02
CA ALA A 184 13.33 -6.07 -9.74
C ALA A 184 13.69 -5.00 -8.73
N LEU A 185 14.59 -5.34 -7.81
CA LEU A 185 15.04 -4.41 -6.78
C LEU A 185 15.72 -3.19 -7.39
N GLY A 186 16.79 -3.43 -8.13
CA GLY A 186 17.51 -2.34 -8.75
C GLY A 186 16.73 -1.61 -9.83
N ASP A 187 15.97 -2.35 -10.63
CA ASP A 187 15.20 -1.73 -11.70
C ASP A 187 13.91 -1.05 -11.23
N ALA A 188 13.16 -1.70 -10.35
CA ALA A 188 11.91 -1.13 -9.88
C ALA A 188 11.96 -0.61 -8.44
N GLY A 189 12.60 -1.36 -7.55
CA GLY A 189 12.70 -0.92 -6.16
C GLY A 189 13.21 0.52 -6.12
N TRP A 190 14.27 0.76 -6.87
CA TRP A 190 14.91 2.06 -6.99
C TRP A 190 13.93 3.22 -6.81
N TYR A 191 12.93 3.29 -7.68
CA TYR A 191 11.93 4.35 -7.64
C TYR A 191 11.15 4.41 -6.33
N ALA A 192 10.82 3.25 -5.79
CA ALA A 192 10.08 3.18 -4.53
C ALA A 192 11.00 3.63 -3.40
N ILE A 193 12.20 3.06 -3.35
CA ILE A 193 13.17 3.42 -2.32
C ILE A 193 13.46 4.90 -2.38
N ARG A 194 13.67 5.41 -3.60
CA ARG A 194 13.96 6.82 -3.80
C ARG A 194 12.86 7.69 -3.20
N ALA A 195 11.60 7.38 -3.49
CA ALA A 195 10.49 8.16 -2.97
C ALA A 195 10.42 8.05 -1.45
N THR A 196 10.74 6.86 -0.95
CA THR A 196 10.76 6.59 0.47
C THR A 196 11.69 7.58 1.16
N LEU A 197 12.71 8.02 0.42
CA LEU A 197 13.69 8.97 0.94
C LEU A 197 13.24 10.41 0.75
N LEU A 198 12.63 10.69 -0.39
CA LEU A 198 12.16 12.04 -0.70
C LEU A 198 11.07 12.49 0.28
N ALA A 199 9.97 11.75 0.35
CA ALA A 199 8.87 12.10 1.26
C ALA A 199 9.37 12.35 2.67
N ASN A 200 10.53 11.78 3.01
CA ASN A 200 11.12 11.95 4.33
C ASN A 200 12.26 12.96 4.33
N ASN A 201 12.25 13.84 3.33
CA ASN A 201 13.26 14.88 3.21
C ASN A 201 14.69 14.33 3.04
N PHE A 202 14.85 13.47 2.05
CA PHE A 202 16.16 12.88 1.71
C PHE A 202 16.96 12.35 2.88
N GLU A 203 16.26 11.96 3.95
CA GLU A 203 16.90 11.42 5.14
C GLU A 203 16.87 9.90 5.18
N LEU A 204 18.04 9.28 5.33
CA LEU A 204 18.12 7.83 5.40
C LEU A 204 17.36 7.34 6.63
N PRO A 205 16.62 6.23 6.51
CA PRO A 205 15.85 5.67 7.64
C PRO A 205 16.79 5.01 8.66
N LYS A 206 16.24 4.48 9.74
CA LYS A 206 17.07 3.83 10.76
C LYS A 206 17.59 2.48 10.30
N THR A 207 16.71 1.49 10.21
CA THR A 207 17.10 0.17 9.77
C THR A 207 16.25 -0.19 8.56
N VAL A 208 16.48 -1.38 8.01
CA VAL A 208 15.74 -1.83 6.84
C VAL A 208 15.50 -3.31 7.00
N THR A 209 14.25 -3.74 6.78
CA THR A 209 13.90 -5.15 6.92
C THR A 209 13.06 -5.63 5.75
N ALA A 210 13.55 -6.64 5.05
CA ALA A 210 12.85 -7.21 3.91
C ALA A 210 11.68 -8.09 4.35
N PHE A 211 10.62 -8.13 3.54
CA PHE A 211 9.48 -8.97 3.85
C PHE A 211 9.82 -10.36 3.36
N PRO A 212 9.47 -11.39 4.14
CA PRO A 212 9.78 -12.74 3.67
C PRO A 212 8.92 -13.01 2.43
N GLY A 213 9.27 -14.05 1.66
CA GLY A 213 8.50 -14.38 0.47
C GLY A 213 9.01 -13.76 -0.81
N ALA A 214 10.30 -13.43 -0.85
CA ALA A 214 10.90 -12.84 -2.04
C ALA A 214 11.02 -13.92 -3.12
N VAL A 215 11.06 -13.52 -4.38
CA VAL A 215 11.17 -14.46 -5.49
C VAL A 215 12.41 -14.20 -6.33
N LEU A 216 13.25 -15.22 -6.45
CA LEU A 216 14.49 -15.14 -7.21
C LEU A 216 14.49 -16.20 -8.30
N ASN A 217 15.02 -15.86 -9.48
CA ASN A 217 15.06 -16.85 -10.56
C ASN A 217 16.15 -17.86 -10.20
N GLU A 218 16.35 -18.88 -11.04
CA GLU A 218 17.36 -19.89 -10.75
C GLU A 218 18.74 -19.29 -10.47
N ALA A 219 19.13 -18.30 -11.28
CA ALA A 219 20.43 -17.64 -11.11
C ALA A 219 20.43 -16.78 -9.86
N GLY A 220 19.31 -16.77 -9.15
CA GLY A 220 19.21 -16.01 -7.92
C GLY A 220 18.90 -14.54 -8.07
N VAL A 221 18.38 -14.13 -9.23
CA VAL A 221 18.03 -12.73 -9.45
C VAL A 221 16.61 -12.49 -8.95
N ILE A 222 16.44 -11.40 -8.20
CA ILE A 222 15.16 -11.04 -7.63
C ILE A 222 14.10 -10.69 -8.67
N LEU A 223 12.90 -11.23 -8.46
CA LEU A 223 11.77 -11.01 -9.34
C LEU A 223 10.68 -10.23 -8.60
N SER A 224 10.70 -10.33 -7.27
CA SER A 224 9.75 -9.61 -6.44
C SER A 224 10.23 -9.61 -5.00
N CYS A 225 10.15 -8.45 -4.34
CA CYS A 225 10.58 -8.31 -2.96
C CYS A 225 9.94 -7.08 -2.33
N GLY A 226 9.86 -7.05 -1.00
CA GLY A 226 9.29 -5.92 -0.30
C GLY A 226 10.07 -5.62 0.98
N ALA A 227 9.78 -4.48 1.62
CA ALA A 227 10.49 -4.13 2.85
C ALA A 227 9.94 -2.86 3.49
N SER A 228 9.85 -2.85 4.82
CA SER A 228 9.36 -1.68 5.53
C SER A 228 10.52 -0.83 6.06
N LEU A 229 10.25 0.45 6.31
CA LEU A 229 11.27 1.34 6.82
C LEU A 229 10.72 2.20 7.94
N SER A 230 11.54 2.40 8.98
CA SER A 230 11.14 3.19 10.13
C SER A 230 12.28 4.07 10.63
N TRP A 231 12.03 5.37 10.70
CA TRP A 231 13.02 6.33 11.18
C TRP A 231 12.94 6.37 12.72
N GLU A 232 12.06 5.52 13.27
CA GLU A 232 11.86 5.40 14.71
C GLU A 232 11.30 6.62 15.43
N ASP A 233 10.88 7.64 14.67
CA ASP A 233 10.33 8.85 15.27
C ASP A 233 8.93 9.19 14.76
N GLY A 234 8.21 8.18 14.29
CA GLY A 234 6.87 8.39 13.78
C GLY A 234 6.78 8.24 12.28
N ARG A 235 7.92 7.99 11.64
CA ARG A 235 7.96 7.85 10.19
C ARG A 235 8.05 6.41 9.70
N THR A 236 7.06 6.00 8.91
CA THR A 236 7.00 4.65 8.36
C THR A 236 6.73 4.64 6.85
N ALA A 237 7.39 3.73 6.16
CA ALA A 237 7.24 3.60 4.73
C ALA A 237 7.33 2.14 4.34
N THR A 238 7.37 1.89 3.03
CA THR A 238 7.52 0.55 2.45
C THR A 238 7.62 0.72 0.94
N ILE A 239 8.39 -0.16 0.31
CA ILE A 239 8.51 -0.13 -1.13
C ILE A 239 7.94 -1.48 -1.55
N TYR A 240 7.91 -1.73 -2.84
CA TYR A 240 7.41 -3.00 -3.33
C TYR A 240 7.65 -2.99 -4.83
N CYS A 241 8.39 -3.99 -5.30
CA CYS A 241 8.70 -4.10 -6.71
C CYS A 241 8.53 -5.54 -7.19
N SER A 242 8.13 -5.69 -8.45
CA SER A 242 7.93 -7.02 -9.05
C SER A 242 7.93 -6.97 -10.56
N PHE A 243 8.50 -8.01 -11.16
CA PHE A 243 8.55 -8.19 -12.61
C PHE A 243 7.44 -9.18 -12.96
N LEU A 244 6.75 -9.67 -11.93
CA LEU A 244 5.70 -10.67 -12.11
C LEU A 244 4.27 -10.17 -11.98
N ALA A 245 4.09 -8.93 -11.51
CA ALA A 245 2.74 -8.39 -11.34
C ALA A 245 2.42 -7.23 -12.28
N ASN A 246 1.13 -7.10 -12.60
CA ASN A 246 0.64 -6.07 -13.49
C ASN A 246 1.10 -4.65 -13.14
N LEU A 247 1.34 -3.86 -14.19
CA LEU A 247 1.80 -2.47 -14.07
C LEU A 247 1.02 -1.72 -12.99
N THR A 248 1.76 -1.17 -12.03
CA THR A 248 1.19 -0.43 -10.91
C THR A 248 2.31 0.45 -10.38
N MSE A 249 2.01 1.72 -10.11
CA MSE A 249 3.00 2.65 -9.61
C MSE A 249 2.35 3.49 -8.52
O MSE A 249 1.65 4.47 -8.81
CB MSE A 249 3.51 3.54 -10.77
CG MSE A 249 4.08 2.74 -11.95
SE MSE A 249 4.49 3.81 -13.53
CE MSE A 249 2.79 4.68 -13.71
N GLU A 250 2.58 3.13 -7.26
CA GLU A 250 1.96 3.84 -6.15
C GLU A 250 2.89 4.53 -5.17
N ILE A 251 2.33 5.55 -4.53
CA ILE A 251 2.97 6.33 -3.48
C ILE A 251 1.88 7.08 -2.74
N THR A 252 1.39 6.48 -1.67
CA THR A 252 0.36 7.10 -0.84
C THR A 252 1.07 7.79 0.34
N ALA A 253 0.80 9.07 0.53
CA ALA A 253 1.41 9.81 1.63
C ALA A 253 0.36 10.22 2.65
N ILE A 254 0.37 9.57 3.81
CA ILE A 254 -0.59 9.87 4.87
C ILE A 254 0.02 10.71 5.97
N GLY A 255 -0.35 11.99 6.01
CA GLY A 255 0.16 12.87 7.03
C GLY A 255 -0.79 12.87 8.22
N THR A 256 -0.40 13.59 9.27
CA THR A 256 -1.23 13.69 10.46
C THR A 256 -2.42 14.61 10.18
N LYS A 257 -2.33 15.40 9.11
CA LYS A 257 -3.40 16.33 8.78
C LYS A 257 -3.97 16.18 7.38
N GLY A 258 -3.29 15.41 6.53
CA GLY A 258 -3.75 15.20 5.17
C GLY A 258 -3.13 13.98 4.54
N THR A 259 -3.47 13.72 3.27
CA THR A 259 -2.92 12.58 2.55
C THR A 259 -2.73 12.93 1.07
N LEU A 260 -1.79 12.26 0.41
CA LEU A 260 -1.52 12.49 -1.01
C LEU A 260 -1.33 11.21 -1.80
N ARG A 261 -2.08 11.06 -2.88
CA ARG A 261 -1.96 9.86 -3.72
C ARG A 261 -1.55 10.16 -5.17
N VAL A 262 -0.68 9.31 -5.69
CA VAL A 262 -0.20 9.40 -7.06
C VAL A 262 -0.21 7.97 -7.58
N HIS A 263 -0.90 7.73 -8.69
CA HIS A 263 -0.99 6.38 -9.24
C HIS A 263 -0.18 6.18 -10.51
N ASP A 264 0.48 7.25 -10.95
CA ASP A 264 1.31 7.19 -12.15
C ASP A 264 2.62 7.92 -11.84
N PHE A 265 3.02 7.81 -10.57
CA PHE A 265 4.21 8.42 -10.01
C PHE A 265 5.44 8.26 -10.90
N ILE A 266 5.72 7.04 -11.35
CA ILE A 266 6.83 6.85 -12.28
C ILE A 266 6.08 6.99 -13.60
N ILE A 267 6.64 7.67 -14.59
CA ILE A 267 5.94 7.79 -15.85
C ILE A 267 4.47 8.22 -15.67
N PRO A 268 4.18 9.51 -15.86
CA PRO A 268 2.79 9.99 -15.70
C PRO A 268 1.93 9.59 -16.89
N TYR A 269 0.63 9.46 -16.65
CA TYR A 269 -0.32 9.09 -17.69
C TYR A 269 -0.05 9.77 -19.02
N LYS A 270 0.14 11.08 -18.97
CA LYS A 270 0.43 11.87 -20.16
C LYS A 270 1.75 12.63 -19.97
N GLU A 271 2.47 12.87 -21.07
CA GLU A 271 3.75 13.57 -20.96
C GLU A 271 3.58 15.08 -20.96
N THR A 272 2.35 15.54 -20.81
CA THR A 272 2.05 16.96 -20.82
C THR A 272 1.42 17.47 -19.52
N GLU A 273 1.23 16.56 -18.56
CA GLU A 273 0.65 16.94 -17.27
C GLU A 273 0.80 15.81 -16.25
N ALA A 274 0.81 16.17 -14.97
CA ALA A 274 0.95 15.21 -13.90
C ALA A 274 -0.06 15.47 -12.77
N SER A 275 -0.77 14.41 -12.36
CA SER A 275 -1.77 14.53 -11.31
C SER A 275 -1.46 13.81 -10.01
N PHE A 276 -2.08 14.29 -8.94
CA PHE A 276 -1.95 13.72 -7.60
C PHE A 276 -3.19 14.11 -6.81
N THR A 277 -3.59 13.24 -5.89
CA THR A 277 -4.79 13.50 -5.09
C THR A 277 -4.40 13.99 -3.70
N THR A 278 -5.19 14.92 -3.18
CA THR A 278 -4.93 15.49 -1.85
C THR A 278 -6.19 15.46 -1.01
N SER A 279 -6.02 15.30 0.30
CA SER A 279 -7.16 15.28 1.22
C SER A 279 -6.76 15.87 2.57
N THR A 280 -7.54 16.82 3.04
CA THR A 280 -7.26 17.46 4.31
C THR A 280 -8.51 17.55 5.18
N LYS A 281 -8.32 17.69 6.49
CA LYS A 281 -9.42 17.79 7.46
C LYS A 281 -10.28 16.54 7.43
N ALA A 282 -10.09 15.73 6.39
CA ALA A 282 -10.83 14.50 6.19
C ALA A 282 -11.27 13.82 7.47
N TRP A 283 -12.57 13.57 7.56
CA TRP A 283 -13.17 12.92 8.72
C TRP A 283 -14.56 12.45 8.34
N PHE A 284 -15.24 11.80 9.27
CA PHE A 284 -16.60 11.31 9.05
C PHE A 284 -17.55 12.25 9.76
N ASN A 285 -18.79 12.34 9.30
CA ASN A 285 -19.74 13.18 9.99
C ASN A 285 -19.94 12.52 11.37
N ASP A 286 -20.53 13.24 12.30
CA ASP A 286 -20.75 12.73 13.67
C ASP A 286 -21.22 11.28 13.81
N LEU A 287 -22.04 10.83 12.86
CA LEU A 287 -22.60 9.49 12.90
C LEU A 287 -21.65 8.46 12.26
N VAL A 288 -20.53 8.94 11.72
CA VAL A 288 -19.54 8.12 11.05
C VAL A 288 -20.26 7.30 9.98
N THR A 289 -21.30 7.90 9.42
CA THR A 289 -22.08 7.24 8.39
C THR A 289 -21.55 7.62 7.01
N ALA A 290 -20.70 8.66 6.93
CA ALA A 290 -20.12 9.10 5.67
C ALA A 290 -18.96 10.09 5.79
N TRP A 291 -18.27 10.33 4.67
CA TRP A 291 -17.14 11.27 4.59
C TRP A 291 -17.67 12.66 4.31
N VAL A 292 -17.24 13.65 5.07
CA VAL A 292 -17.72 15.01 4.86
C VAL A 292 -17.24 15.52 3.50
N SER A 293 -16.04 15.12 3.11
CA SER A 293 -15.45 15.54 1.85
C SER A 293 -14.32 14.63 1.40
N PRO A 294 -14.54 13.85 0.33
CA PRO A 294 -13.49 12.95 -0.15
C PRO A 294 -12.29 13.75 -0.69
N PRO A 295 -11.19 13.05 -0.99
CA PRO A 295 -10.00 13.74 -1.51
C PRO A 295 -10.30 14.42 -2.84
N SER A 296 -9.34 15.23 -3.30
CA SER A 296 -9.50 15.94 -4.56
C SER A 296 -8.27 15.73 -5.43
N GLU A 297 -8.48 15.79 -6.75
CA GLU A 297 -7.40 15.60 -7.71
C GLU A 297 -6.83 16.94 -8.20
N HIS A 298 -5.54 16.93 -8.54
CA HIS A 298 -4.86 18.12 -9.04
C HIS A 298 -4.05 17.74 -10.28
N THR A 299 -4.27 18.46 -11.37
CA THR A 299 -3.55 18.20 -12.61
C THR A 299 -2.66 19.39 -12.95
N VAL A 300 -1.35 19.16 -13.00
CA VAL A 300 -0.42 20.23 -13.33
C VAL A 300 0.11 20.10 -14.76
N LYS A 301 0.18 21.22 -15.46
CA LYS A 301 0.68 21.24 -16.82
C LYS A 301 2.20 21.13 -16.83
N THR A 302 2.70 20.24 -17.68
CA THR A 302 4.14 20.03 -17.83
C THR A 302 4.45 20.20 -19.31
N GLU A 303 4.74 21.43 -19.72
CA GLU A 303 5.02 21.72 -21.13
C GLU A 303 6.24 21.00 -21.66
N LEU A 304 7.18 20.67 -20.76
CA LEU A 304 8.42 19.98 -21.13
C LEU A 304 8.50 18.65 -20.38
N PRO A 305 8.59 17.52 -21.12
CA PRO A 305 8.66 16.19 -20.50
C PRO A 305 9.70 16.12 -19.38
N GLN A 306 9.40 15.33 -18.34
CA GLN A 306 10.30 15.18 -17.20
C GLN A 306 11.72 14.75 -17.55
N GLU A 307 11.85 13.80 -18.47
CA GLU A 307 13.16 13.33 -18.89
C GLU A 307 13.99 14.51 -19.37
N ALA A 308 13.40 15.31 -20.25
CA ALA A 308 14.07 16.48 -20.80
C ALA A 308 14.41 17.48 -19.68
N CYS A 309 13.53 17.53 -18.66
CA CYS A 309 13.74 18.44 -17.52
C CYS A 309 15.00 17.99 -16.79
N MSE A 310 15.26 16.69 -16.83
CA MSE A 310 16.42 16.11 -16.17
C MSE A 310 17.66 16.44 -16.98
O MSE A 310 18.69 16.85 -16.41
CB MSE A 310 16.25 14.59 -16.10
CG MSE A 310 17.50 13.82 -15.73
SE MSE A 310 17.15 11.90 -15.74
CE MSE A 310 17.32 11.57 -17.63
N VAL A 311 17.58 16.29 -18.30
CA VAL A 311 18.68 16.60 -19.19
C VAL A 311 19.01 18.08 -19.05
N ARG A 312 18.01 18.94 -19.27
CA ARG A 312 18.20 20.37 -19.15
C ARG A 312 18.96 20.67 -17.86
N GLU A 313 18.44 20.17 -16.74
CA GLU A 313 19.07 20.38 -15.45
C GLU A 313 20.49 19.83 -15.40
N PHE A 314 20.78 18.85 -16.25
CA PHE A 314 22.11 18.26 -16.31
C PHE A 314 23.03 19.23 -17.03
N ALA A 315 22.59 19.68 -18.20
CA ALA A 315 23.36 20.60 -19.01
C ALA A 315 23.69 21.90 -18.24
N ARG A 316 24.95 22.05 -17.86
CA ARG A 316 25.40 23.24 -17.13
C ARG A 316 26.89 23.54 -17.36
N LEU A 317 27.75 22.54 -17.14
CA LEU A 317 29.20 22.67 -17.33
C LEU A 317 29.98 23.09 -16.09
N VAL A 318 29.28 23.25 -14.98
CA VAL A 318 29.89 23.66 -13.71
C VAL A 318 30.87 24.82 -13.89
N TYR A 331 24.63 16.41 -3.76
CA TYR A 331 23.24 16.00 -3.57
C TYR A 331 22.88 14.79 -4.42
N TRP A 332 22.87 14.98 -5.73
CA TRP A 332 22.51 13.90 -6.64
C TRP A 332 23.26 12.65 -6.27
N PRO A 333 24.59 12.73 -6.11
CA PRO A 333 25.32 11.51 -5.74
C PRO A 333 24.96 11.09 -4.32
N SER A 334 24.64 12.08 -3.49
CA SER A 334 24.27 11.80 -2.11
C SER A 334 23.00 10.94 -2.04
N ILE A 335 21.88 11.47 -2.52
CA ILE A 335 20.62 10.73 -2.50
C ILE A 335 20.78 9.44 -3.32
N SER A 336 21.51 9.56 -4.43
CA SER A 336 21.78 8.43 -5.30
C SER A 336 22.45 7.32 -4.50
N ARG A 337 23.29 7.74 -3.56
CA ARG A 337 24.03 6.81 -2.71
C ARG A 337 23.14 6.19 -1.63
N LYS A 338 22.25 6.97 -1.05
CA LYS A 338 21.38 6.44 -0.01
C LYS A 338 20.42 5.40 -0.61
N THR A 339 19.93 5.67 -1.81
CA THR A 339 19.01 4.73 -2.44
C THR A 339 19.74 3.43 -2.80
N GLN A 340 20.92 3.54 -3.39
CA GLN A 340 21.68 2.34 -3.72
C GLN A 340 21.90 1.60 -2.39
N LEU A 341 22.29 2.36 -1.37
CA LEU A 341 22.52 1.81 -0.03
C LEU A 341 21.31 1.01 0.41
N VAL A 342 20.16 1.66 0.52
CA VAL A 342 18.94 0.98 0.94
C VAL A 342 18.71 -0.25 0.06
N VAL A 343 19.10 -0.16 -1.20
CA VAL A 343 18.98 -1.28 -2.14
C VAL A 343 19.84 -2.45 -1.67
N ASP A 344 21.08 -2.17 -1.25
CA ASP A 344 21.96 -3.22 -0.79
C ASP A 344 21.45 -3.80 0.54
N ALA A 345 20.85 -2.95 1.35
CA ALA A 345 20.31 -3.38 2.63
C ALA A 345 19.28 -4.47 2.39
N VAL A 346 18.26 -4.15 1.57
CA VAL A 346 17.22 -5.12 1.24
C VAL A 346 17.83 -6.43 0.75
N LYS A 347 18.78 -6.32 -0.18
CA LYS A 347 19.46 -7.46 -0.75
C LYS A 347 20.10 -8.30 0.36
N GLU A 348 20.91 -7.67 1.20
CA GLU A 348 21.55 -8.37 2.30
C GLU A 348 20.52 -9.07 3.17
N SER A 349 19.47 -8.34 3.53
CA SER A 349 18.39 -8.87 4.35
C SER A 349 17.85 -10.16 3.78
N VAL A 350 17.56 -10.18 2.47
CA VAL A 350 17.07 -11.39 1.84
C VAL A 350 18.15 -12.45 1.93
N ASP A 351 19.38 -12.07 1.56
CA ASP A 351 20.51 -13.00 1.60
C ASP A 351 20.67 -13.66 2.98
N LYS A 352 20.49 -12.88 4.04
CA LYS A 352 20.62 -13.41 5.40
C LYS A 352 19.25 -13.80 5.99
N ASN A 353 18.40 -14.36 5.14
CA ASN A 353 17.07 -14.81 5.52
C ASN A 353 16.14 -13.78 6.17
N TYR A 354 16.06 -12.61 5.56
CA TYR A 354 15.17 -11.54 6.04
C TYR A 354 15.52 -10.96 7.39
N GLN A 355 16.81 -10.88 7.69
CA GLN A 355 17.27 -10.31 8.96
C GLN A 355 17.12 -8.79 8.89
N GLN A 356 16.99 -8.17 10.05
CA GLN A 356 16.88 -6.72 10.12
C GLN A 356 18.29 -6.19 9.84
N ILE A 357 18.39 -5.22 8.92
CA ILE A 357 19.69 -4.67 8.57
C ILE A 357 19.80 -3.24 9.08
N SER A 358 20.87 -2.98 9.84
CA SER A 358 21.08 -1.65 10.38
C SER A 358 21.87 -0.81 9.40
N LEU A 359 21.50 0.46 9.27
CA LEU A 359 22.19 1.38 8.38
C LEU A 359 23.08 2.32 9.18
N SER A 360 23.51 1.85 10.35
CA SER A 360 24.39 2.61 11.24
C SER A 360 23.80 3.91 11.78
N GLN B 6 -39.91 -8.36 10.60
CA GLN B 6 -40.66 -9.02 11.71
C GLN B 6 -39.72 -9.38 12.87
N ILE B 7 -38.51 -9.83 12.54
CA ILE B 7 -37.53 -10.20 13.57
C ILE B 7 -37.10 -9.02 14.43
N ARG B 8 -37.11 -9.21 15.75
CA ARG B 8 -36.72 -8.15 16.68
C ARG B 8 -35.37 -8.41 17.36
N ILE B 9 -34.43 -7.50 17.14
CA ILE B 9 -33.08 -7.60 17.69
C ILE B 9 -32.82 -6.77 18.94
N GLY B 10 -32.36 -7.42 20.00
CA GLY B 10 -32.05 -6.71 21.22
C GLY B 10 -30.65 -6.12 21.11
N VAL B 11 -30.46 -4.93 21.68
CA VAL B 11 -29.16 -4.26 21.64
C VAL B 11 -28.59 -4.18 23.04
N MSE B 12 -27.50 -4.91 23.30
CA MSE B 12 -26.88 -4.90 24.62
C MSE B 12 -25.69 -3.96 24.73
O MSE B 12 -24.55 -4.37 24.49
CB MSE B 12 -26.44 -6.30 25.05
CG MSE B 12 -25.90 -6.35 26.48
SE MSE B 12 -25.21 -8.06 27.08
CE MSE B 12 -26.85 -9.04 27.11
N GLY B 13 -25.94 -2.71 25.10
CA GLY B 13 -24.85 -1.75 25.23
C GLY B 13 -25.24 -0.32 24.97
N CYS B 14 -24.39 0.61 25.40
CA CYS B 14 -24.63 2.04 25.21
C CYS B 14 -23.36 2.72 24.72
N ALA B 15 -22.28 1.95 24.66
CA ALA B 15 -20.98 2.44 24.21
C ALA B 15 -21.09 3.64 23.26
N ASP B 16 -20.17 4.59 23.42
CA ASP B 16 -20.16 5.79 22.60
C ASP B 16 -20.26 5.39 21.14
N ILE B 17 -19.91 4.14 20.88
CA ILE B 17 -19.93 3.61 19.54
C ILE B 17 -21.30 3.06 19.15
N ALA B 18 -21.84 2.13 19.93
CA ALA B 18 -23.14 1.54 19.61
C ALA B 18 -24.24 2.59 19.49
N ARG B 19 -24.33 3.25 18.34
CA ARG B 19 -25.33 4.29 18.14
C ARG B 19 -25.99 4.37 16.76
N LYS B 20 -25.26 4.06 15.70
CA LYS B 20 -25.86 4.11 14.36
C LYS B 20 -26.44 2.79 13.93
N VAL B 21 -25.82 1.68 14.33
CA VAL B 21 -26.33 0.37 13.95
C VAL B 21 -27.80 0.32 14.36
N SER B 22 -28.15 1.17 15.31
CA SER B 22 -29.53 1.24 15.78
C SER B 22 -30.41 1.67 14.60
N ARG B 23 -29.82 2.40 13.65
CA ARG B 23 -30.55 2.87 12.48
C ARG B 23 -30.83 1.77 11.47
N ALA B 24 -29.84 0.92 11.24
CA ALA B 24 -29.99 -0.18 10.30
C ALA B 24 -30.67 -1.37 10.95
N ILE B 25 -30.74 -1.38 12.28
CA ILE B 25 -31.37 -2.48 12.99
C ILE B 25 -32.81 -2.67 12.55
N HIS B 26 -33.42 -1.62 12.01
CA HIS B 26 -34.77 -1.75 11.53
C HIS B 26 -34.83 -1.54 10.04
N LEU B 27 -34.05 -0.57 9.53
CA LEU B 27 -33.98 -0.32 8.10
C LEU B 27 -33.55 -1.66 7.51
N ALA B 28 -33.13 -2.54 8.41
CA ALA B 28 -32.66 -3.88 8.14
C ALA B 28 -33.01 -4.53 6.81
N PRO B 29 -34.28 -4.45 6.37
CA PRO B 29 -35.47 -3.83 6.96
C PRO B 29 -36.14 -4.72 7.98
N ASN B 30 -36.64 -5.86 7.50
CA ASN B 30 -37.35 -6.84 8.31
C ASN B 30 -36.70 -7.16 9.66
N ALA B 31 -36.56 -6.15 10.51
CA ALA B 31 -35.97 -6.31 11.83
C ALA B 31 -36.18 -5.03 12.63
N THR B 32 -36.06 -5.11 13.95
CA THR B 32 -36.21 -3.94 14.80
C THR B 32 -35.58 -4.17 16.16
N ILE B 33 -35.33 -3.07 16.88
CA ILE B 33 -34.73 -3.15 18.19
C ILE B 33 -35.81 -3.58 19.18
N SER B 34 -35.38 -4.12 20.31
CA SER B 34 -36.31 -4.56 21.35
C SER B 34 -35.60 -4.70 22.68
N GLY B 35 -35.29 -3.57 23.30
CA GLY B 35 -34.61 -3.58 24.57
C GLY B 35 -33.15 -3.18 24.49
N VAL B 36 -32.71 -2.29 25.38
CA VAL B 36 -31.32 -1.85 25.39
C VAL B 36 -30.66 -2.08 26.74
N ALA B 37 -29.50 -2.72 26.73
CA ALA B 37 -28.80 -2.99 27.97
C ALA B 37 -27.65 -2.04 28.27
N SER B 38 -27.78 -1.31 29.37
CA SER B 38 -26.76 -0.39 29.82
C SER B 38 -26.26 -0.92 31.14
N ARG B 39 -25.51 -0.11 31.88
CA ARG B 39 -25.01 -0.52 33.18
C ARG B 39 -25.93 0.08 34.25
N SER B 40 -25.97 1.40 34.31
CA SER B 40 -26.81 2.13 35.26
C SER B 40 -28.13 2.40 34.55
N LEU B 41 -29.22 1.88 35.13
CA LEU B 41 -30.55 2.05 34.59
C LEU B 41 -30.81 3.45 34.03
N GLU B 42 -30.30 4.46 34.72
CA GLU B 42 -30.48 5.84 34.26
C GLU B 42 -30.02 5.98 32.81
N LYS B 43 -28.84 5.46 32.52
CA LYS B 43 -28.27 5.52 31.17
C LYS B 43 -29.11 4.75 30.17
N ALA B 44 -29.56 3.56 30.55
CA ALA B 44 -30.37 2.75 29.66
C ALA B 44 -31.54 3.63 29.23
N LYS B 45 -32.18 4.27 30.21
CA LYS B 45 -33.29 5.16 29.94
C LYS B 45 -32.85 6.16 28.87
N ALA B 46 -31.97 7.07 29.26
CA ALA B 46 -31.46 8.10 28.38
C ALA B 46 -31.16 7.60 26.97
N PHE B 47 -30.54 6.43 26.87
CA PHE B 47 -30.16 5.86 25.59
C PHE B 47 -31.28 5.78 24.56
N ALA B 48 -32.30 4.98 24.85
CA ALA B 48 -33.41 4.82 23.93
C ALA B 48 -34.06 6.16 23.60
N THR B 49 -34.03 7.08 24.56
CA THR B 49 -34.62 8.40 24.39
C THR B 49 -34.29 9.00 23.03
N ALA B 50 -33.00 9.21 22.79
CA ALA B 50 -32.53 9.79 21.54
C ALA B 50 -32.49 8.74 20.42
N ASN B 51 -32.36 7.48 20.78
CA ASN B 51 -32.32 6.44 19.79
C ASN B 51 -33.65 6.33 19.09
N ASN B 52 -34.63 7.06 19.65
CA ASN B 52 -35.97 7.10 19.09
C ASN B 52 -36.48 5.71 18.67
N TYR B 53 -36.08 4.68 19.41
CA TYR B 53 -36.50 3.32 19.11
C TYR B 53 -38.02 3.37 19.04
N PRO B 54 -38.64 2.43 18.31
CA PRO B 54 -40.10 2.45 18.22
C PRO B 54 -40.84 2.56 19.55
N GLU B 55 -42.16 2.70 19.48
CA GLU B 55 -42.99 2.83 20.68
C GLU B 55 -43.09 1.54 21.47
N SER B 56 -42.91 0.41 20.79
CA SER B 56 -42.98 -0.89 21.45
C SER B 56 -41.63 -1.38 21.96
N THR B 57 -40.57 -0.61 21.74
CA THR B 57 -39.25 -1.03 22.22
C THR B 57 -39.04 -0.75 23.71
N LYS B 58 -39.10 -1.81 24.51
CA LYS B 58 -38.91 -1.71 25.94
C LYS B 58 -37.52 -1.15 26.29
N ILE B 59 -37.20 -1.10 27.57
CA ILE B 59 -35.91 -0.57 28.02
C ILE B 59 -35.38 -1.37 29.20
N HIS B 60 -34.31 -2.12 28.95
CA HIS B 60 -33.69 -2.97 29.96
C HIS B 60 -32.51 -2.35 30.70
N GLY B 61 -32.63 -2.29 32.03
CA GLY B 61 -31.57 -1.72 32.84
C GLY B 61 -30.57 -2.77 33.27
N SER B 62 -30.41 -3.81 32.47
CA SER B 62 -29.46 -4.88 32.80
C SER B 62 -29.27 -5.89 31.68
N TYR B 63 -28.02 -6.33 31.50
CA TYR B 63 -27.68 -7.30 30.48
C TYR B 63 -28.48 -8.60 30.70
N GLU B 64 -28.41 -9.12 31.92
CA GLU B 64 -29.10 -10.36 32.26
C GLU B 64 -30.56 -10.31 31.82
N SER B 65 -31.29 -9.31 32.30
CA SER B 65 -32.70 -9.16 31.96
C SER B 65 -32.97 -9.13 30.47
N LEU B 66 -32.06 -8.52 29.70
CA LEU B 66 -32.19 -8.43 28.26
C LEU B 66 -32.06 -9.78 27.57
N LEU B 67 -31.20 -10.66 28.09
CA LEU B 67 -31.02 -11.98 27.51
C LEU B 67 -32.17 -12.91 27.87
N GLU B 68 -32.60 -12.82 29.13
CA GLU B 68 -33.68 -13.64 29.64
C GLU B 68 -35.02 -13.24 29.06
N ASP B 69 -35.01 -12.25 28.18
CA ASP B 69 -36.23 -11.76 27.53
C ASP B 69 -36.65 -12.73 26.43
N PRO B 70 -37.68 -13.55 26.69
CA PRO B 70 -38.16 -14.51 25.69
C PRO B 70 -38.75 -13.93 24.40
N GLU B 71 -39.05 -12.64 24.39
CA GLU B 71 -39.62 -12.02 23.18
C GLU B 71 -38.55 -11.35 22.29
N ILE B 72 -37.30 -11.79 22.45
CA ILE B 72 -36.16 -11.27 21.69
C ILE B 72 -35.54 -12.38 20.84
N ASP B 73 -35.81 -12.36 19.53
CA ASP B 73 -35.28 -13.37 18.64
C ASP B 73 -33.74 -13.49 18.66
N ALA B 74 -33.04 -12.39 18.42
CA ALA B 74 -31.58 -12.41 18.37
C ALA B 74 -30.89 -11.41 19.29
N LEU B 75 -29.92 -10.68 18.75
CA LEU B 75 -29.16 -9.69 19.50
C LEU B 75 -28.03 -9.02 18.72
N TYR B 76 -27.81 -7.74 19.02
CA TYR B 76 -26.72 -6.98 18.42
C TYR B 76 -25.81 -6.66 19.60
N VAL B 77 -24.58 -7.14 19.55
CA VAL B 77 -23.66 -6.94 20.67
C VAL B 77 -22.44 -6.09 20.36
N PRO B 78 -22.46 -4.83 20.80
CA PRO B 78 -21.36 -3.87 20.58
C PRO B 78 -20.61 -3.60 21.88
N LEU B 79 -20.23 -4.66 22.59
CA LEU B 79 -19.53 -4.51 23.87
C LEU B 79 -18.01 -4.50 23.76
N PRO B 80 -17.33 -3.85 24.73
CA PRO B 80 -15.86 -3.81 24.69
C PRO B 80 -15.35 -5.23 24.47
N THR B 81 -14.24 -5.33 23.73
CA THR B 81 -13.62 -6.62 23.42
C THR B 81 -13.30 -7.46 24.65
N SER B 82 -12.94 -6.80 25.75
CA SER B 82 -12.60 -7.50 26.98
C SER B 82 -13.78 -8.14 27.72
N LEU B 83 -14.97 -8.06 27.14
CA LEU B 83 -16.15 -8.66 27.75
C LEU B 83 -16.73 -9.77 26.87
N HIS B 84 -16.52 -9.64 25.57
CA HIS B 84 -17.06 -10.61 24.61
C HIS B 84 -17.21 -12.06 25.05
N VAL B 85 -16.11 -12.69 25.43
CA VAL B 85 -16.16 -14.09 25.83
C VAL B 85 -16.88 -14.27 27.16
N GLU B 86 -16.51 -13.48 28.15
CA GLU B 86 -17.11 -13.57 29.47
C GLU B 86 -18.56 -13.09 29.52
N TRP B 87 -19.05 -12.51 28.43
CA TRP B 87 -20.43 -12.04 28.42
C TRP B 87 -21.29 -12.57 27.27
N ALA B 88 -20.72 -12.64 26.07
CA ALA B 88 -21.48 -13.11 24.90
C ALA B 88 -21.91 -14.57 25.04
N ILE B 89 -21.13 -15.36 25.76
CA ILE B 89 -21.46 -16.76 25.96
C ILE B 89 -22.72 -16.88 26.83
N LYS B 90 -23.08 -15.81 27.52
CA LYS B 90 -24.30 -15.83 28.31
C LYS B 90 -25.43 -15.87 27.30
N ALA B 91 -25.25 -15.11 26.21
CA ALA B 91 -26.23 -15.05 25.14
C ALA B 91 -26.27 -16.41 24.45
N ALA B 92 -25.24 -17.23 24.73
CA ALA B 92 -25.16 -18.57 24.15
C ALA B 92 -25.97 -19.53 24.99
N GLU B 93 -26.44 -19.05 26.14
CA GLU B 93 -27.22 -19.86 27.05
C GLU B 93 -28.71 -19.72 26.80
N LYS B 94 -29.11 -18.67 26.11
CA LYS B 94 -30.51 -18.45 25.81
C LYS B 94 -30.82 -18.86 24.37
N GLY B 95 -29.84 -19.46 23.72
CA GLY B 95 -30.03 -19.91 22.35
C GLY B 95 -30.61 -18.89 21.40
N LYS B 96 -30.05 -17.68 21.38
CA LYS B 96 -30.50 -16.63 20.47
C LYS B 96 -29.37 -16.38 19.47
N HIS B 97 -29.65 -15.66 18.39
CA HIS B 97 -28.64 -15.37 17.38
C HIS B 97 -27.99 -14.03 17.70
N ILE B 98 -26.67 -13.94 17.50
CA ILE B 98 -25.95 -12.72 17.82
C ILE B 98 -25.07 -12.07 16.75
N LEU B 99 -25.18 -10.75 16.66
CA LEU B 99 -24.37 -9.95 15.76
C LEU B 99 -23.32 -9.37 16.71
N LEU B 100 -22.12 -9.95 16.67
CA LEU B 100 -21.02 -9.55 17.56
C LEU B 100 -20.09 -8.53 16.90
N GLU B 101 -19.92 -7.38 17.54
CA GLU B 101 -19.05 -6.34 17.01
C GLU B 101 -17.61 -6.80 16.89
N LYS B 102 -16.89 -6.20 15.96
CA LYS B 102 -15.49 -6.55 15.75
C LYS B 102 -14.63 -5.65 16.65
N PRO B 103 -13.48 -6.18 17.13
CA PRO B 103 -13.04 -7.55 16.85
C PRO B 103 -13.95 -8.48 17.65
N VAL B 104 -13.98 -9.77 17.29
CA VAL B 104 -14.85 -10.70 18.01
C VAL B 104 -14.36 -11.15 19.38
N ALA B 105 -13.08 -10.96 19.69
CA ALA B 105 -12.54 -11.38 20.99
C ALA B 105 -11.06 -11.01 21.17
N MSE B 106 -10.56 -11.18 22.40
CA MSE B 106 -9.17 -10.88 22.70
C MSE B 106 -8.22 -11.90 22.06
O MSE B 106 -7.02 -11.67 21.99
CB MSE B 106 -8.94 -10.86 24.23
CG MSE B 106 -9.71 -9.77 24.97
SE MSE B 106 -9.17 -7.96 24.48
CE MSE B 106 -7.61 -7.81 25.61
N ASN B 107 -8.76 -13.03 21.61
CA ASN B 107 -7.97 -14.08 20.94
C ASN B 107 -8.87 -15.20 20.42
N VAL B 108 -8.35 -15.95 19.45
CA VAL B 108 -9.09 -17.04 18.83
C VAL B 108 -9.55 -18.14 19.78
N THR B 109 -8.81 -18.36 20.87
CA THR B 109 -9.21 -19.39 21.82
C THR B 109 -10.56 -19.01 22.43
N GLU B 110 -10.65 -17.76 22.87
CA GLU B 110 -11.88 -17.25 23.45
C GLU B 110 -12.96 -17.22 22.39
N PHE B 111 -12.58 -16.97 21.14
CA PHE B 111 -13.56 -16.91 20.08
C PHE B 111 -14.10 -18.26 19.69
N ASP B 112 -13.26 -19.30 19.77
CA ASP B 112 -13.71 -20.64 19.43
C ASP B 112 -14.78 -21.05 20.42
N LYS B 113 -14.55 -20.70 21.69
CA LYS B 113 -15.50 -21.03 22.74
C LYS B 113 -16.85 -20.42 22.38
N ILE B 114 -16.87 -19.11 22.15
CA ILE B 114 -18.10 -18.42 21.78
C ILE B 114 -18.78 -19.16 20.64
N VAL B 115 -17.99 -19.52 19.63
CA VAL B 115 -18.48 -20.23 18.45
C VAL B 115 -19.07 -21.60 18.82
N ASP B 116 -18.37 -22.34 19.67
CA ASP B 116 -18.86 -23.66 20.09
C ASP B 116 -20.13 -23.52 20.91
N ALA B 117 -20.29 -22.37 21.55
CA ALA B 117 -21.50 -22.13 22.36
C ALA B 117 -22.66 -21.90 21.39
N CYS B 118 -22.44 -21.05 20.39
CA CYS B 118 -23.48 -20.77 19.39
C CYS B 118 -23.83 -22.03 18.60
N GLU B 119 -22.81 -22.77 18.16
CA GLU B 119 -23.00 -23.99 17.40
C GLU B 119 -23.83 -24.97 18.24
N ALA B 120 -23.44 -25.11 19.50
CA ALA B 120 -24.12 -26.00 20.43
C ALA B 120 -25.56 -25.61 20.70
N ASN B 121 -25.93 -24.37 20.38
CA ASN B 121 -27.30 -23.92 20.63
C ASN B 121 -28.08 -23.52 19.37
N GLY B 122 -27.62 -24.01 18.22
CA GLY B 122 -28.31 -23.72 16.97
C GLY B 122 -28.53 -22.24 16.68
N VAL B 123 -27.50 -21.43 16.84
CA VAL B 123 -27.61 -20.01 16.57
C VAL B 123 -26.45 -19.49 15.75
N GLN B 124 -26.77 -18.99 14.55
CA GLN B 124 -25.77 -18.44 13.66
C GLN B 124 -25.15 -17.21 14.31
N ILE B 125 -23.86 -17.04 14.12
CA ILE B 125 -23.15 -15.87 14.65
C ILE B 125 -22.48 -15.16 13.49
N MSE B 126 -22.51 -13.83 13.53
CA MSE B 126 -21.91 -12.99 12.51
C MSE B 126 -21.23 -11.82 13.24
O MSE B 126 -21.75 -11.33 14.24
CB MSE B 126 -23.00 -12.44 11.57
CG MSE B 126 -22.45 -11.78 10.31
SE MSE B 126 -23.73 -10.69 9.34
CE MSE B 126 -24.75 -12.08 8.45
N ASP B 127 -20.06 -11.37 12.76
CA ASP B 127 -19.36 -10.27 13.40
C ASP B 127 -19.82 -8.94 12.82
N GLY B 128 -19.51 -7.86 13.53
CA GLY B 128 -19.93 -6.54 13.10
C GLY B 128 -19.13 -5.77 12.05
N THR B 129 -18.66 -6.47 11.02
CA THR B 129 -17.89 -5.82 9.94
C THR B 129 -18.93 -5.44 8.87
N MSE B 130 -18.89 -4.19 8.42
CA MSE B 130 -19.87 -3.70 7.46
C MSE B 130 -19.54 -3.75 5.97
O MSE B 130 -20.38 -4.17 5.16
CB MSE B 130 -20.25 -2.27 7.85
CG MSE B 130 -20.30 -2.07 9.37
SE MSE B 130 -21.03 -0.37 9.94
CE MSE B 130 -20.46 -0.38 11.80
N TRP B 131 -18.35 -3.31 5.58
CA TRP B 131 -18.00 -3.29 4.16
C TRP B 131 -18.17 -4.62 3.44
N VAL B 132 -17.97 -5.73 4.15
CA VAL B 132 -18.11 -7.03 3.52
C VAL B 132 -19.56 -7.20 3.09
N HIS B 133 -20.42 -6.36 3.64
CA HIS B 133 -21.83 -6.42 3.30
C HIS B 133 -22.29 -5.25 2.43
N ASN B 134 -21.43 -4.84 1.50
CA ASN B 134 -21.72 -3.75 0.58
C ASN B 134 -21.77 -4.29 -0.84
N PRO B 135 -22.60 -3.70 -1.71
CA PRO B 135 -22.63 -4.20 -3.09
C PRO B 135 -21.29 -4.08 -3.78
N ARG B 136 -20.37 -3.33 -3.16
CA ARG B 136 -19.04 -3.13 -3.72
C ARG B 136 -18.11 -4.31 -3.47
N THR B 137 -18.35 -5.00 -2.36
CA THR B 137 -17.54 -6.15 -1.99
C THR B 137 -17.76 -7.30 -2.95
N ALA B 138 -18.99 -7.43 -3.46
CA ALA B 138 -19.30 -8.49 -4.40
C ALA B 138 -18.69 -8.12 -5.76
N LEU B 139 -18.59 -6.82 -6.01
CA LEU B 139 -18.01 -6.33 -7.25
C LEU B 139 -16.49 -6.50 -7.18
N LEU B 140 -15.94 -6.49 -5.97
CA LEU B 140 -14.50 -6.65 -5.79
C LEU B 140 -14.12 -8.14 -5.96
N LYS B 141 -14.86 -9.03 -5.31
CA LYS B 141 -14.59 -10.47 -5.40
C LYS B 141 -14.70 -10.96 -6.84
N GLU B 142 -15.59 -10.34 -7.60
CA GLU B 142 -15.79 -10.72 -9.00
C GLU B 142 -14.53 -10.46 -9.84
N PHE B 143 -13.97 -9.27 -9.70
CA PHE B 143 -12.76 -8.92 -10.44
C PHE B 143 -11.59 -9.82 -10.04
N LEU B 144 -11.31 -9.92 -8.75
CA LEU B 144 -10.22 -10.77 -8.28
C LEU B 144 -10.34 -12.20 -8.80
N SER B 145 -11.57 -12.63 -9.10
CA SER B 145 -11.82 -13.98 -9.61
C SER B 145 -11.69 -14.06 -11.12
N ASP B 146 -11.63 -12.91 -11.77
CA ASP B 146 -11.51 -12.83 -13.22
C ASP B 146 -10.09 -13.23 -13.62
N SER B 147 -9.97 -14.36 -14.31
CA SER B 147 -8.66 -14.87 -14.72
C SER B 147 -7.98 -14.12 -15.85
N GLU B 148 -8.75 -13.46 -16.70
CA GLU B 148 -8.15 -12.71 -17.81
C GLU B 148 -8.01 -11.22 -17.52
N ARG B 149 -8.88 -10.70 -16.65
CA ARG B 149 -8.84 -9.28 -16.31
C ARG B 149 -7.93 -8.96 -15.12
N PHE B 150 -7.61 -9.97 -14.31
CA PHE B 150 -6.76 -9.79 -13.13
C PHE B 150 -5.64 -10.85 -13.07
N GLY B 151 -6.00 -12.11 -13.22
CA GLY B 151 -5.03 -13.20 -13.17
C GLY B 151 -4.76 -13.71 -11.77
N GLN B 152 -3.64 -14.42 -11.61
CA GLN B 152 -3.25 -14.96 -10.31
C GLN B 152 -2.81 -13.82 -9.38
N LEU B 153 -3.24 -13.87 -8.13
CA LEU B 153 -2.90 -12.85 -7.14
C LEU B 153 -1.42 -12.88 -6.78
N LYS B 154 -0.85 -11.70 -6.54
CA LYS B 154 0.56 -11.57 -6.19
C LYS B 154 0.71 -10.70 -4.94
N THR B 155 -0.05 -9.61 -4.91
CA THR B 155 0.03 -8.72 -3.77
C THR B 155 -1.31 -8.03 -3.48
N VAL B 156 -1.54 -7.79 -2.19
CA VAL B 156 -2.74 -7.11 -1.73
C VAL B 156 -2.37 -6.32 -0.49
N GLN B 157 -2.18 -5.01 -0.69
CA GLN B 157 -1.84 -4.10 0.40
C GLN B 157 -3.10 -3.43 0.96
N SER B 158 -3.30 -3.56 2.28
CA SER B 158 -4.47 -2.97 2.91
C SER B 158 -4.06 -2.09 4.07
N CYS B 159 -4.70 -0.92 4.18
CA CYS B 159 -4.37 -0.01 5.26
C CYS B 159 -5.57 0.78 5.72
N PHE B 160 -5.55 1.18 6.99
CA PHE B 160 -6.61 1.99 7.57
C PHE B 160 -6.02 2.91 8.64
N SER B 161 -6.35 4.18 8.55
CA SER B 161 -5.88 5.19 9.49
C SER B 161 -6.90 6.31 9.66
N PHE B 162 -6.74 7.06 10.75
CA PHE B 162 -7.61 8.20 11.03
C PHE B 162 -6.97 9.01 12.17
N ALA B 163 -7.31 10.30 12.26
CA ALA B 163 -6.72 11.16 13.29
C ALA B 163 -7.58 11.24 14.54
N GLY B 164 -7.09 10.65 15.63
CA GLY B 164 -7.82 10.70 16.88
C GLY B 164 -7.34 11.87 17.70
N ASP B 165 -8.27 12.74 18.10
CA ASP B 165 -7.92 13.91 18.90
C ASP B 165 -7.40 13.50 20.27
N GLU B 166 -6.83 14.47 21.00
CA GLU B 166 -6.28 14.22 22.32
C GLU B 166 -7.33 13.59 23.25
N ASP B 167 -8.59 13.93 23.02
CA ASP B 167 -9.69 13.37 23.81
C ASP B 167 -9.81 11.86 23.56
N PHE B 168 -9.60 11.46 22.32
CA PHE B 168 -9.69 10.05 21.94
C PHE B 168 -8.49 9.31 22.49
N LEU B 169 -7.30 9.82 22.20
CA LEU B 169 -6.05 9.19 22.64
C LEU B 169 -5.96 8.97 24.15
N LYS B 170 -6.79 9.66 24.92
CA LYS B 170 -6.75 9.50 26.36
C LYS B 170 -7.92 8.75 27.00
N ASN B 171 -9.11 8.89 26.43
CA ASN B 171 -10.27 8.25 27.04
C ASN B 171 -11.01 7.14 26.30
N ASP B 172 -10.70 6.92 25.02
CA ASP B 172 -11.39 5.89 24.26
C ASP B 172 -11.06 4.48 24.75
N ILE B 173 -12.02 3.57 24.66
CA ILE B 173 -11.81 2.20 25.11
C ILE B 173 -10.72 1.50 24.28
N ARG B 174 -10.47 2.02 23.09
CA ARG B 174 -9.48 1.42 22.19
C ARG B 174 -8.03 1.63 22.60
N VAL B 175 -7.80 2.36 23.69
CA VAL B 175 -6.43 2.58 24.15
C VAL B 175 -6.25 1.91 25.51
N LYS B 176 -7.37 1.48 26.08
CA LYS B 176 -7.39 0.81 27.38
C LYS B 176 -6.97 -0.64 27.23
N PRO B 177 -6.00 -1.09 28.05
CA PRO B 177 -5.51 -2.48 27.98
C PRO B 177 -6.44 -3.51 28.63
N GLY B 178 -7.57 -3.04 29.16
CA GLY B 178 -8.51 -3.94 29.80
C GLY B 178 -9.89 -3.93 29.18
N LEU B 179 -10.03 -3.25 28.05
CA LEU B 179 -11.31 -3.18 27.34
C LEU B 179 -11.08 -3.55 25.87
N ASP B 180 -9.97 -3.05 25.33
CA ASP B 180 -9.57 -3.30 23.96
C ASP B 180 -8.06 -3.52 23.97
N GLY B 181 -7.64 -4.52 24.74
CA GLY B 181 -6.22 -4.82 24.85
C GLY B 181 -5.49 -4.72 23.52
N LEU B 182 -5.97 -5.47 22.53
CA LEU B 182 -5.37 -5.48 21.20
C LEU B 182 -5.17 -4.08 20.60
N GLY B 183 -6.05 -3.15 20.94
CA GLY B 183 -5.93 -1.79 20.44
C GLY B 183 -5.88 -1.64 18.92
N ALA B 184 -4.83 -0.98 18.43
CA ALA B 184 -4.68 -0.76 17.00
C ALA B 184 -4.70 -2.07 16.21
N LEU B 185 -3.90 -3.03 16.64
CA LEU B 185 -3.87 -4.32 15.97
C LEU B 185 -5.22 -5.01 16.13
N GLY B 186 -6.18 -4.31 16.73
CA GLY B 186 -7.48 -4.90 16.93
C GLY B 186 -8.64 -4.09 16.37
N ASP B 187 -8.56 -2.77 16.50
CA ASP B 187 -9.62 -1.89 16.02
C ASP B 187 -9.60 -1.71 14.52
N ALA B 188 -8.49 -1.19 14.01
CA ALA B 188 -8.36 -0.94 12.57
C ALA B 188 -7.68 -2.06 11.78
N GLY B 189 -6.53 -2.54 12.26
CA GLY B 189 -5.83 -3.62 11.56
C GLY B 189 -6.84 -4.65 11.11
N TRP B 190 -7.79 -4.95 11.98
CA TRP B 190 -8.87 -5.89 11.72
C TRP B 190 -9.34 -5.82 10.26
N TYR B 191 -9.68 -4.61 9.82
CA TYR B 191 -10.17 -4.37 8.47
C TYR B 191 -9.13 -4.64 7.41
N ALA B 192 -7.89 -4.25 7.67
CA ALA B 192 -6.82 -4.45 6.70
C ALA B 192 -6.65 -5.96 6.47
N ILE B 193 -6.82 -6.73 7.53
CA ILE B 193 -6.70 -8.16 7.41
C ILE B 193 -7.84 -8.69 6.55
N ARG B 194 -9.04 -8.78 7.13
CA ARG B 194 -10.25 -9.28 6.44
C ARG B 194 -10.17 -9.09 4.94
N ALA B 195 -9.57 -7.98 4.52
CA ALA B 195 -9.44 -7.69 3.11
C ALA B 195 -8.36 -8.56 2.44
N THR B 196 -7.12 -8.49 2.94
CA THR B 196 -6.07 -9.29 2.30
C THR B 196 -6.42 -10.76 2.40
N LEU B 197 -7.39 -11.09 3.25
CA LEU B 197 -7.80 -12.47 3.39
C LEU B 197 -8.79 -12.77 2.28
N LEU B 198 -9.79 -11.91 2.12
CA LEU B 198 -10.80 -12.09 1.09
C LEU B 198 -10.14 -12.18 -0.29
N ALA B 199 -9.21 -11.26 -0.55
CA ALA B 199 -8.50 -11.25 -1.83
C ALA B 199 -7.86 -12.60 -2.10
N ASN B 200 -7.52 -13.33 -1.05
CA ASN B 200 -6.87 -14.63 -1.18
C ASN B 200 -7.86 -15.77 -1.07
N ASN B 201 -9.05 -15.58 -1.63
CA ASN B 201 -10.10 -16.57 -1.61
C ASN B 201 -10.31 -17.18 -0.23
N PHE B 202 -10.21 -16.33 0.79
CA PHE B 202 -10.42 -16.72 2.18
C PHE B 202 -9.41 -17.73 2.69
N GLU B 203 -8.27 -17.85 2.02
CA GLU B 203 -7.26 -18.79 2.48
C GLU B 203 -6.67 -18.36 3.82
N LEU B 204 -5.38 -18.05 3.83
CA LEU B 204 -4.70 -17.63 5.05
C LEU B 204 -3.20 -17.69 4.78
N PRO B 205 -2.40 -16.83 5.44
CA PRO B 205 -0.97 -16.90 5.16
C PRO B 205 -0.31 -18.04 5.94
N LYS B 206 1.00 -18.20 5.78
CA LYS B 206 1.76 -19.23 6.48
C LYS B 206 2.57 -18.55 7.57
N THR B 207 2.96 -17.31 7.33
CA THR B 207 3.74 -16.57 8.32
C THR B 207 3.40 -15.10 8.37
N VAL B 208 3.53 -14.53 9.56
CA VAL B 208 3.25 -13.12 9.80
C VAL B 208 4.46 -12.46 10.45
N THR B 209 4.79 -11.25 10.02
CA THR B 209 5.92 -10.51 10.57
C THR B 209 5.56 -9.02 10.64
N ALA B 210 5.45 -8.49 11.85
CA ALA B 210 5.09 -7.08 12.01
C ALA B 210 6.20 -6.13 11.55
N PHE B 211 5.82 -4.91 11.16
CA PHE B 211 6.80 -3.91 10.74
C PHE B 211 7.46 -3.33 11.99
N PRO B 212 8.80 -3.39 12.06
CA PRO B 212 9.41 -2.82 13.27
C PRO B 212 9.01 -1.35 13.39
N GLY B 213 8.65 -0.93 14.60
CA GLY B 213 8.28 0.45 14.80
C GLY B 213 6.83 0.71 15.17
N ALA B 214 6.15 -0.28 15.72
CA ALA B 214 4.76 -0.08 16.12
C ALA B 214 4.76 0.98 17.24
N VAL B 215 3.76 1.86 17.24
CA VAL B 215 3.66 2.89 18.27
C VAL B 215 2.73 2.47 19.41
N LEU B 216 3.30 2.05 20.53
CA LEU B 216 2.53 1.63 21.69
C LEU B 216 2.17 2.84 22.54
N ASN B 217 0.95 2.88 23.07
CA ASN B 217 0.53 3.99 23.91
C ASN B 217 1.11 3.78 25.30
N GLU B 218 1.24 4.86 26.07
CA GLU B 218 1.81 4.78 27.42
C GLU B 218 1.27 3.61 28.25
N ALA B 219 0.08 3.13 27.90
CA ALA B 219 -0.53 2.01 28.61
C ALA B 219 -0.21 0.64 27.99
N GLY B 220 0.59 0.64 26.93
CA GLY B 220 0.96 -0.61 26.28
C GLY B 220 0.02 -1.05 25.16
N VAL B 221 -1.02 -0.26 24.91
CA VAL B 221 -1.98 -0.56 23.86
C VAL B 221 -1.49 0.00 22.53
N ILE B 222 -1.65 -0.78 21.46
CA ILE B 222 -1.21 -0.38 20.13
C ILE B 222 -2.01 0.77 19.53
N LEU B 223 -1.29 1.80 19.06
CA LEU B 223 -1.92 2.97 18.45
C LEU B 223 -1.73 2.93 16.93
N SER B 224 -0.71 2.20 16.48
CA SER B 224 -0.44 2.07 15.05
C SER B 224 0.49 0.90 14.80
N CYS B 225 0.37 0.27 13.62
CA CYS B 225 1.22 -0.87 13.30
C CYS B 225 0.97 -1.40 11.89
N GLY B 226 1.91 -2.18 11.38
CA GLY B 226 1.78 -2.76 10.05
C GLY B 226 2.02 -4.26 10.08
N ALA B 227 2.26 -4.87 8.92
CA ALA B 227 2.52 -6.31 8.86
C ALA B 227 2.54 -6.89 7.46
N SER B 228 3.60 -7.62 7.16
CA SER B 228 3.70 -8.28 5.87
C SER B 228 3.35 -9.74 6.12
N LEU B 229 2.34 -10.25 5.42
CA LEU B 229 1.92 -11.65 5.57
C LEU B 229 2.52 -12.45 4.42
N SER B 230 2.72 -13.75 4.61
CA SER B 230 3.34 -14.55 3.56
C SER B 230 2.78 -15.96 3.43
N TRP B 231 2.46 -16.35 2.20
CA TRP B 231 1.93 -17.67 1.93
C TRP B 231 3.03 -18.65 1.52
N GLU B 232 4.27 -18.15 1.40
CA GLU B 232 5.39 -18.99 1.00
C GLU B 232 4.98 -19.76 -0.24
N ASP B 233 4.16 -19.12 -1.07
CA ASP B 233 3.65 -19.71 -2.28
C ASP B 233 3.83 -18.78 -3.44
N GLY B 234 4.26 -17.56 -3.16
CA GLY B 234 4.44 -16.57 -4.21
C GLY B 234 3.59 -15.36 -3.93
N ARG B 235 2.50 -15.56 -3.20
CA ARG B 235 1.62 -14.45 -2.83
C ARG B 235 2.11 -13.81 -1.53
N THR B 236 1.77 -12.54 -1.33
CA THR B 236 2.18 -11.84 -0.12
C THR B 236 1.18 -10.72 0.15
N ALA B 237 1.33 -10.06 1.30
CA ALA B 237 0.44 -8.97 1.64
C ALA B 237 0.98 -8.08 2.75
N THR B 238 0.46 -6.87 2.82
CA THR B 238 0.85 -5.95 3.87
C THR B 238 -0.36 -5.21 4.46
N ILE B 239 -0.35 -5.05 5.78
CA ILE B 239 -1.42 -4.32 6.44
C ILE B 239 -0.79 -3.16 7.19
N TYR B 240 -1.61 -2.17 7.52
CA TYR B 240 -1.17 -1.00 8.26
C TYR B 240 -2.41 -0.31 8.88
N CYS B 241 -2.29 0.04 10.15
CA CYS B 241 -3.40 0.67 10.88
C CYS B 241 -2.92 1.74 11.83
N SER B 242 -3.60 2.88 11.85
CA SER B 242 -3.18 3.95 12.75
C SER B 242 -4.29 4.91 13.17
N PHE B 243 -4.06 5.54 14.32
CA PHE B 243 -4.99 6.51 14.89
C PHE B 243 -4.22 7.82 14.99
N LEU B 244 -3.09 7.88 14.30
CA LEU B 244 -2.23 9.06 14.31
C LEU B 244 -2.02 9.66 12.93
N ALA B 245 -2.83 9.26 11.96
CA ALA B 245 -2.68 9.80 10.62
C ALA B 245 -4.01 10.13 9.96
N ASN B 246 -4.00 11.11 9.05
CA ASN B 246 -5.21 11.51 8.36
C ASN B 246 -5.96 10.31 7.81
N LEU B 247 -7.30 10.40 7.82
CA LEU B 247 -8.13 9.30 7.31
C LEU B 247 -7.55 8.82 5.99
N THR B 248 -7.48 7.51 5.83
CA THR B 248 -6.98 6.85 4.63
C THR B 248 -7.31 5.37 4.78
N MSE B 249 -8.19 4.87 3.92
CA MSE B 249 -8.63 3.47 3.99
C MSE B 249 -8.32 2.80 2.65
O MSE B 249 -9.19 2.72 1.78
CB MSE B 249 -10.13 3.44 4.31
CG MSE B 249 -10.49 4.35 5.50
SE MSE B 249 -12.37 4.57 5.93
CE MSE B 249 -12.42 3.63 7.61
N GLU B 250 -7.10 2.30 2.51
CA GLU B 250 -6.70 1.70 1.24
C GLU B 250 -6.62 0.17 1.15
N ILE B 251 -6.77 -0.28 -0.09
CA ILE B 251 -6.65 -1.68 -0.47
C ILE B 251 -6.10 -1.68 -1.89
N THR B 252 -4.97 -2.36 -2.07
CA THR B 252 -4.37 -2.48 -3.38
C THR B 252 -4.16 -3.96 -3.64
N ALA B 253 -4.64 -4.44 -4.79
CA ALA B 253 -4.50 -5.85 -5.16
C ALA B 253 -3.97 -5.93 -6.58
N ILE B 254 -2.81 -6.57 -6.75
CA ILE B 254 -2.21 -6.66 -8.06
C ILE B 254 -1.98 -8.10 -8.49
N GLY B 255 -2.52 -8.46 -9.65
CA GLY B 255 -2.34 -9.79 -10.17
C GLY B 255 -1.47 -9.80 -11.40
N THR B 256 -1.45 -10.93 -12.11
CA THR B 256 -0.65 -11.08 -13.32
C THR B 256 -1.26 -10.35 -14.53
N LYS B 257 -2.58 -10.20 -14.53
CA LYS B 257 -3.27 -9.55 -15.64
C LYS B 257 -3.86 -8.19 -15.30
N GLY B 258 -3.96 -7.89 -14.01
CA GLY B 258 -4.53 -6.61 -13.62
C GLY B 258 -4.15 -6.06 -12.26
N THR B 259 -4.86 -4.99 -11.88
CA THR B 259 -4.63 -4.31 -10.62
C THR B 259 -5.98 -3.83 -10.12
N LEU B 260 -6.12 -3.71 -8.80
CA LEU B 260 -7.37 -3.24 -8.22
C LEU B 260 -7.08 -2.46 -6.93
N ARG B 261 -7.69 -1.29 -6.81
CA ARG B 261 -7.47 -0.42 -5.66
C ARG B 261 -8.80 0.04 -5.04
N VAL B 262 -8.72 0.58 -3.84
CA VAL B 262 -9.88 1.12 -3.16
C VAL B 262 -9.35 2.24 -2.31
N HIS B 263 -10.00 3.39 -2.41
CA HIS B 263 -9.58 4.58 -1.70
C HIS B 263 -10.26 4.82 -0.35
N ASP B 264 -11.21 3.96 0.00
CA ASP B 264 -11.95 4.10 1.25
C ASP B 264 -12.89 2.91 1.51
N PHE B 265 -12.35 1.70 1.39
CA PHE B 265 -13.16 0.49 1.55
C PHE B 265 -13.88 0.23 2.87
N ILE B 266 -13.46 0.86 3.96
CA ILE B 266 -14.09 0.60 5.26
C ILE B 266 -15.31 1.49 5.56
N ILE B 267 -15.49 2.52 4.73
CA ILE B 267 -16.60 3.47 4.86
C ILE B 267 -16.56 4.29 3.58
N PRO B 268 -17.54 4.10 2.68
CA PRO B 268 -17.55 4.87 1.44
C PRO B 268 -17.64 6.37 1.67
N TYR B 269 -17.42 7.15 0.61
CA TYR B 269 -17.50 8.60 0.72
C TYR B 269 -18.92 8.94 1.17
N LYS B 270 -19.89 8.25 0.58
CA LYS B 270 -21.31 8.42 0.91
C LYS B 270 -22.01 7.07 0.88
N GLU B 271 -23.07 6.94 1.68
CA GLU B 271 -23.82 5.70 1.77
C GLU B 271 -24.78 5.52 0.60
N THR B 272 -24.34 5.92 -0.60
CA THR B 272 -25.18 5.81 -1.79
C THR B 272 -24.55 5.00 -2.92
N GLU B 273 -23.32 5.34 -3.29
CA GLU B 273 -22.63 4.65 -4.38
C GLU B 273 -21.43 3.87 -3.84
N ALA B 274 -20.70 3.24 -4.76
CA ALA B 274 -19.51 2.44 -4.44
C ALA B 274 -18.74 2.17 -5.74
N SER B 275 -17.49 2.64 -5.80
CA SER B 275 -16.66 2.47 -6.99
C SER B 275 -15.48 1.51 -6.80
N PHE B 276 -14.50 1.62 -7.70
CA PHE B 276 -13.29 0.81 -7.72
C PHE B 276 -12.63 0.94 -9.10
N THR B 277 -11.36 1.33 -9.12
CA THR B 277 -10.63 1.48 -10.37
C THR B 277 -10.14 0.11 -10.83
N THR B 278 -10.20 -0.15 -12.13
CA THR B 278 -9.78 -1.43 -12.67
C THR B 278 -8.74 -1.27 -13.80
N SER B 279 -7.61 -1.94 -13.64
CA SER B 279 -6.53 -1.88 -14.62
C SER B 279 -6.20 -3.30 -15.07
N THR B 280 -6.22 -3.53 -16.38
CA THR B 280 -5.95 -4.85 -16.94
C THR B 280 -4.89 -4.82 -18.04
N LYS B 281 -3.80 -5.56 -17.81
CA LYS B 281 -2.70 -5.62 -18.77
C LYS B 281 -2.33 -4.21 -19.28
N ALA B 282 -1.96 -3.33 -18.37
CA ALA B 282 -1.62 -1.95 -18.75
C ALA B 282 -0.18 -1.81 -19.24
N TRP B 283 0.09 -0.70 -19.93
CA TRP B 283 1.43 -0.47 -20.43
C TRP B 283 1.62 0.92 -21.05
N PHE B 284 2.78 1.10 -21.66
CA PHE B 284 3.16 2.36 -22.29
C PHE B 284 3.19 2.24 -23.81
N ASN B 285 3.24 3.39 -24.48
CA ASN B 285 3.32 3.42 -25.94
C ASN B 285 4.78 3.10 -26.25
N ASP B 286 5.05 2.60 -27.45
CA ASP B 286 6.42 2.23 -27.84
C ASP B 286 7.56 3.04 -27.23
N LEU B 287 7.35 4.34 -27.04
CA LEU B 287 8.39 5.21 -26.50
C LEU B 287 8.33 5.48 -24.99
N VAL B 288 7.28 4.98 -24.34
CA VAL B 288 7.10 5.16 -22.89
C VAL B 288 6.91 6.63 -22.48
N THR B 289 6.16 7.39 -23.28
CA THR B 289 5.89 8.79 -22.96
C THR B 289 4.51 8.92 -22.34
N ALA B 290 3.83 7.78 -22.21
CA ALA B 290 2.49 7.72 -21.62
C ALA B 290 1.98 6.28 -21.54
N TRP B 291 0.93 6.07 -20.73
CA TRP B 291 0.30 4.74 -20.60
C TRP B 291 -0.55 4.57 -21.86
N VAL B 292 -0.63 3.35 -22.39
CA VAL B 292 -1.44 3.13 -23.58
C VAL B 292 -2.92 3.26 -23.22
N SER B 293 -3.28 2.82 -22.02
CA SER B 293 -4.66 2.90 -21.56
C SER B 293 -4.78 2.72 -20.03
N PRO B 294 -5.04 3.83 -19.32
CA PRO B 294 -5.19 3.83 -17.85
C PRO B 294 -6.31 2.91 -17.32
N PRO B 295 -6.45 2.82 -15.98
CA PRO B 295 -7.48 1.98 -15.37
C PRO B 295 -8.90 2.50 -15.63
N SER B 296 -9.87 1.59 -15.62
CA SER B 296 -11.27 1.94 -15.83
C SER B 296 -11.95 2.22 -14.48
N GLU B 297 -12.83 3.21 -14.46
CA GLU B 297 -13.54 3.56 -13.25
C GLU B 297 -14.98 3.06 -13.35
N HIS B 298 -15.32 2.10 -12.49
CA HIS B 298 -16.65 1.52 -12.50
C HIS B 298 -17.29 1.74 -11.14
N THR B 299 -18.53 2.24 -11.14
CA THR B 299 -19.24 2.48 -9.88
C THR B 299 -20.64 1.88 -9.92
N VAL B 300 -21.08 1.36 -8.78
CA VAL B 300 -22.39 0.74 -8.66
C VAL B 300 -23.25 1.51 -7.65
N LYS B 301 -24.56 1.51 -7.87
CA LYS B 301 -25.46 2.21 -6.95
C LYS B 301 -25.79 1.29 -5.80
N THR B 302 -25.99 1.87 -4.62
CA THR B 302 -26.34 1.10 -3.43
C THR B 302 -27.50 1.80 -2.71
N GLU B 303 -28.73 1.54 -3.17
CA GLU B 303 -29.89 2.17 -2.57
C GLU B 303 -30.01 1.80 -1.10
N LEU B 304 -29.50 0.64 -0.74
CA LEU B 304 -29.54 0.17 0.63
C LEU B 304 -28.11 0.21 1.20
N PRO B 305 -27.85 1.10 2.18
CA PRO B 305 -26.51 1.18 2.76
C PRO B 305 -26.00 -0.19 3.24
N GLN B 306 -24.69 -0.37 3.17
CA GLN B 306 -24.03 -1.62 3.54
C GLN B 306 -24.40 -2.23 4.89
N GLU B 307 -24.46 -1.41 5.94
CA GLU B 307 -24.81 -1.94 7.26
C GLU B 307 -26.20 -2.54 7.21
N ALA B 308 -27.09 -1.92 6.43
CA ALA B 308 -28.45 -2.42 6.31
C ALA B 308 -28.44 -3.74 5.55
N CYS B 309 -27.56 -3.85 4.55
CA CYS B 309 -27.45 -5.08 3.79
C CYS B 309 -26.98 -6.16 4.78
N MSE B 310 -26.11 -5.77 5.70
CA MSE B 310 -25.57 -6.68 6.70
C MSE B 310 -26.68 -7.24 7.58
O MSE B 310 -26.95 -8.45 7.56
CB MSE B 310 -24.54 -5.95 7.58
CG MSE B 310 -24.12 -6.74 8.82
SE MSE B 310 -22.91 -5.78 9.97
CE MSE B 310 -24.17 -4.63 10.87
N VAL B 311 -27.30 -6.35 8.36
CA VAL B 311 -28.39 -6.72 9.23
C VAL B 311 -29.43 -7.49 8.40
N ARG B 312 -29.56 -7.07 7.15
CA ARG B 312 -30.49 -7.69 6.21
C ARG B 312 -30.21 -9.18 6.05
N GLU B 313 -28.94 -9.53 5.84
CA GLU B 313 -28.52 -10.93 5.68
C GLU B 313 -28.58 -11.68 7.00
N PHE B 314 -28.23 -11.00 8.09
CA PHE B 314 -28.26 -11.60 9.43
C PHE B 314 -29.63 -12.24 9.67
N ALA B 315 -30.68 -11.58 9.22
CA ALA B 315 -32.05 -12.08 9.39
C ALA B 315 -32.45 -13.01 8.26
N ILE B 321 -34.10 -21.21 9.36
CA ILE B 321 -33.60 -21.79 10.61
C ILE B 321 -34.68 -21.80 11.71
N LYS B 322 -35.05 -20.62 12.20
CA LYS B 322 -36.08 -20.53 13.24
C LYS B 322 -37.45 -20.85 12.66
N ASN B 323 -37.63 -20.60 11.36
CA ASN B 323 -38.88 -20.87 10.68
C ASN B 323 -38.82 -22.09 9.76
N ASN B 324 -37.66 -22.34 9.16
CA ASN B 324 -37.49 -23.48 8.26
C ASN B 324 -36.53 -24.57 8.76
N GLY B 325 -35.95 -24.35 9.93
CA GLY B 325 -35.04 -25.33 10.51
C GLY B 325 -33.77 -25.59 9.74
N ALA B 326 -33.07 -24.53 9.36
CA ALA B 326 -31.83 -24.67 8.62
C ALA B 326 -30.66 -24.64 9.59
N LYS B 327 -29.50 -25.13 9.15
CA LYS B 327 -28.32 -25.12 9.99
C LYS B 327 -27.67 -23.75 9.88
N PRO B 328 -27.18 -23.20 10.98
CA PRO B 328 -26.56 -21.88 10.84
C PRO B 328 -25.44 -21.91 9.79
N ASP B 329 -25.23 -20.76 9.15
CA ASP B 329 -24.21 -20.64 8.12
C ASP B 329 -22.83 -20.55 8.76
N GLY B 330 -22.00 -21.55 8.52
CA GLY B 330 -20.67 -21.56 9.11
C GLY B 330 -19.66 -20.62 8.49
N TYR B 331 -20.03 -19.99 7.37
CA TYR B 331 -19.11 -19.07 6.71
C TYR B 331 -18.73 -17.88 7.58
N TRP B 332 -19.73 -17.28 8.23
CA TRP B 332 -19.45 -16.11 9.04
C TRP B 332 -18.54 -16.42 10.22
N PRO B 333 -18.95 -17.33 11.13
CA PRO B 333 -18.04 -17.61 12.25
C PRO B 333 -16.66 -18.03 11.74
N SER B 334 -16.64 -18.65 10.58
CA SER B 334 -15.39 -19.11 9.97
C SER B 334 -14.55 -17.98 9.36
N ILE B 335 -15.21 -17.02 8.71
CA ILE B 335 -14.46 -15.90 8.13
C ILE B 335 -13.95 -15.06 9.29
N SER B 336 -14.65 -15.14 10.42
CA SER B 336 -14.30 -14.38 11.60
C SER B 336 -13.12 -14.99 12.36
N ARG B 337 -12.93 -16.30 12.21
CA ARG B 337 -11.84 -16.96 12.92
C ARG B 337 -10.50 -16.62 12.28
N LYS B 338 -10.45 -16.67 10.96
CA LYS B 338 -9.22 -16.36 10.25
C LYS B 338 -8.87 -14.87 10.28
N THR B 339 -9.89 -14.01 10.36
CA THR B 339 -9.66 -12.58 10.42
C THR B 339 -9.40 -12.13 11.87
N GLN B 340 -9.16 -13.11 12.74
CA GLN B 340 -8.88 -12.87 14.15
C GLN B 340 -7.60 -13.61 14.53
N LEU B 341 -7.23 -14.59 13.72
CA LEU B 341 -6.03 -15.37 13.96
C LEU B 341 -4.83 -14.60 13.48
N VAL B 342 -4.99 -13.92 12.34
CA VAL B 342 -3.89 -13.12 11.81
C VAL B 342 -3.66 -12.04 12.84
N VAL B 343 -4.72 -11.71 13.57
CA VAL B 343 -4.64 -10.71 14.62
C VAL B 343 -3.61 -11.15 15.66
N ASP B 344 -3.91 -12.24 16.36
CA ASP B 344 -3.01 -12.76 17.40
C ASP B 344 -1.59 -12.96 16.91
N ALA B 345 -1.43 -13.52 15.71
CA ALA B 345 -0.11 -13.75 15.14
C ALA B 345 0.65 -12.43 15.02
N VAL B 346 -0.03 -11.39 14.57
CA VAL B 346 0.62 -10.09 14.41
C VAL B 346 0.88 -9.45 15.77
N LYS B 347 0.19 -9.90 16.81
CA LYS B 347 0.36 -9.39 18.16
C LYS B 347 1.54 -10.07 18.80
N GLU B 348 1.54 -11.39 18.70
CA GLU B 348 2.62 -12.20 19.26
C GLU B 348 3.93 -11.93 18.53
N SER B 349 3.85 -11.58 17.26
CA SER B 349 5.05 -11.29 16.48
C SER B 349 5.72 -10.07 17.13
N VAL B 350 4.93 -9.06 17.46
CA VAL B 350 5.45 -7.87 18.11
C VAL B 350 5.95 -8.21 19.51
N ASP B 351 5.16 -8.94 20.29
CA ASP B 351 5.59 -9.32 21.64
C ASP B 351 6.96 -9.97 21.52
N LYS B 352 7.09 -10.92 20.60
CA LYS B 352 8.35 -11.62 20.38
C LYS B 352 9.41 -10.77 19.65
N ASN B 353 9.29 -9.45 19.73
CA ASN B 353 10.24 -8.55 19.08
C ASN B 353 10.31 -8.68 17.55
N TYR B 354 9.14 -8.79 16.92
CA TYR B 354 9.03 -8.91 15.46
C TYR B 354 9.57 -10.21 14.89
N GLN B 355 9.14 -11.33 15.47
CA GLN B 355 9.53 -12.66 15.04
C GLN B 355 8.53 -13.17 14.01
N GLN B 356 8.98 -14.05 13.12
CA GLN B 356 8.08 -14.60 12.11
C GLN B 356 7.17 -15.63 12.77
N ILE B 357 5.87 -15.45 12.65
CA ILE B 357 4.92 -16.37 13.27
C ILE B 357 4.29 -17.32 12.25
N SER B 358 4.40 -18.62 12.53
CA SER B 358 3.83 -19.64 11.65
C SER B 358 2.41 -19.95 12.11
N LEU B 359 1.47 -20.00 11.17
CA LEU B 359 0.09 -20.28 11.52
C LEU B 359 -0.32 -21.72 11.24
N SER B 360 0.64 -22.53 10.79
CA SER B 360 0.41 -23.93 10.47
C SER B 360 0.05 -24.78 11.69
N GLN A 6 24.13 22.98 -26.70
CA GLN A 6 25.35 23.66 -26.18
C GLN A 6 26.27 22.60 -25.58
N ILE A 7 25.83 22.01 -24.47
CA ILE A 7 26.59 20.95 -23.81
C ILE A 7 26.54 19.73 -24.73
N ARG A 8 27.55 19.62 -25.58
CA ARG A 8 27.66 18.51 -26.53
C ARG A 8 27.49 17.18 -25.79
N ILE A 9 26.39 16.49 -26.06
CA ILE A 9 26.12 15.24 -25.38
C ILE A 9 26.16 14.02 -26.29
N GLY A 10 26.71 12.93 -25.75
CA GLY A 10 26.79 11.70 -26.51
C GLY A 10 26.21 10.52 -25.75
N VAL A 11 25.99 9.41 -26.45
CA VAL A 11 25.44 8.21 -25.83
C VAL A 11 26.43 7.06 -25.99
N MSE A 12 27.17 6.78 -24.93
CA MSE A 12 28.18 5.73 -24.94
C MSE A 12 27.57 4.33 -24.91
O MSE A 12 28.16 3.40 -24.34
CB MSE A 12 29.13 5.94 -23.75
CG MSE A 12 30.39 5.11 -23.77
SE MSE A 12 31.43 5.53 -22.23
CE MSE A 12 30.44 4.55 -20.91
N GLY A 13 26.40 4.19 -25.51
CA GLY A 13 25.73 2.90 -25.53
C GLY A 13 24.43 2.96 -26.30
N CYS A 14 24.18 1.95 -27.14
CA CYS A 14 22.97 1.91 -27.93
C CYS A 14 21.88 1.07 -27.25
N ALA A 15 21.37 1.59 -26.15
CA ALA A 15 20.32 0.92 -25.38
C ALA A 15 18.95 1.37 -25.87
N ASP A 16 17.95 0.51 -25.73
CA ASP A 16 16.60 0.86 -26.19
C ASP A 16 16.07 2.13 -25.52
N ILE A 17 16.46 2.37 -24.27
CA ILE A 17 16.00 3.56 -23.55
C ILE A 17 16.68 4.81 -24.07
N ALA A 18 17.61 4.64 -24.99
CA ALA A 18 18.32 5.77 -25.58
C ALA A 18 17.39 6.44 -26.59
N ARG A 19 16.35 5.72 -27.01
CA ARG A 19 15.40 6.26 -27.97
C ARG A 19 14.55 7.34 -27.32
N LYS A 20 14.31 7.21 -26.02
CA LYS A 20 13.52 8.19 -25.28
C LYS A 20 14.38 9.36 -24.82
N VAL A 21 15.57 9.06 -24.31
CA VAL A 21 16.45 10.11 -23.83
C VAL A 21 16.97 11.03 -24.95
N SER A 22 17.23 10.47 -26.13
CA SER A 22 17.72 11.30 -27.23
C SER A 22 16.68 12.38 -27.49
N ARG A 23 15.40 12.00 -27.41
CA ARG A 23 14.30 12.95 -27.59
C ARG A 23 14.35 13.96 -26.44
N ALA A 24 14.81 13.52 -25.27
CA ALA A 24 14.91 14.42 -24.12
C ALA A 24 16.02 15.40 -24.47
N ILE A 25 17.26 14.92 -24.49
CA ILE A 25 18.40 15.74 -24.85
C ILE A 25 18.01 16.73 -25.94
N HIS A 26 17.36 16.23 -26.98
CA HIS A 26 16.91 17.06 -28.08
C HIS A 26 16.12 18.25 -27.55
N LEU A 27 14.97 17.96 -26.94
CA LEU A 27 14.09 18.98 -26.36
C LEU A 27 14.74 19.78 -25.22
N ALA A 28 16.00 19.47 -24.92
CA ALA A 28 16.72 20.16 -23.87
C ALA A 28 17.77 21.11 -24.50
N PRO A 29 17.71 22.40 -24.14
CA PRO A 29 18.62 23.42 -24.66
C PRO A 29 20.11 23.22 -24.30
N ASN A 30 20.45 23.43 -23.04
CA ASN A 30 21.85 23.29 -22.61
C ASN A 30 22.54 22.06 -23.17
N ALA A 31 21.77 21.09 -23.64
CA ALA A 31 22.32 19.86 -24.20
C ALA A 31 22.32 19.87 -25.72
N THR A 32 22.54 18.71 -26.33
CA THR A 32 22.55 18.58 -27.78
C THR A 32 23.01 17.18 -28.20
N ILE A 33 22.38 16.63 -29.23
CA ILE A 33 22.71 15.30 -29.73
C ILE A 33 24.04 15.33 -30.51
N SER A 34 25.09 14.77 -29.92
CA SER A 34 26.40 14.77 -30.54
C SER A 34 27.02 13.36 -30.60
N GLY A 35 27.98 13.11 -29.71
CA GLY A 35 28.63 11.81 -29.67
C GLY A 35 27.68 10.65 -29.49
N VAL A 36 28.19 9.44 -29.69
CA VAL A 36 27.42 8.21 -29.55
C VAL A 36 28.28 7.00 -29.90
N ALA A 37 28.10 5.91 -29.17
CA ALA A 37 28.88 4.71 -29.43
C ALA A 37 28.17 3.40 -29.09
N SER A 38 28.54 2.36 -29.81
CA SER A 38 28.00 1.02 -29.62
C SER A 38 29.15 0.07 -29.38
N ARG A 39 28.86 -1.13 -28.88
CA ARG A 39 29.89 -2.10 -28.63
C ARG A 39 30.43 -2.58 -29.98
N SER A 40 29.59 -2.49 -31.00
CA SER A 40 29.98 -2.88 -32.34
C SER A 40 29.94 -1.64 -33.21
N LEU A 41 31.11 -1.27 -33.74
CA LEU A 41 31.24 -0.10 -34.61
C LEU A 41 30.18 -0.19 -35.70
N GLU A 42 29.74 -1.41 -35.96
CA GLU A 42 28.72 -1.69 -36.95
C GLU A 42 27.43 -1.04 -36.48
N LYS A 43 26.97 -1.44 -35.31
CA LYS A 43 25.74 -0.90 -34.72
C LYS A 43 25.91 0.57 -34.35
N ALA A 44 27.16 0.98 -34.10
CA ALA A 44 27.47 2.35 -33.75
C ALA A 44 26.63 3.35 -34.54
N LYS A 45 27.03 3.58 -35.79
CA LYS A 45 26.32 4.51 -36.66
C LYS A 45 25.04 3.87 -37.18
N ALA A 46 24.99 2.55 -37.19
CA ALA A 46 23.82 1.83 -37.65
C ALA A 46 22.65 2.25 -36.77
N PHE A 47 22.96 2.68 -35.55
CA PHE A 47 21.98 3.11 -34.58
C PHE A 47 21.82 4.64 -34.60
N ALA A 48 22.79 5.32 -35.21
CA ALA A 48 22.76 6.78 -35.30
C ALA A 48 21.70 7.27 -36.28
N THR A 49 21.30 6.39 -37.19
CA THR A 49 20.27 6.74 -38.18
C THR A 49 18.99 6.04 -37.77
N ALA A 50 19.14 4.96 -37.02
CA ALA A 50 17.99 4.20 -36.55
C ALA A 50 17.01 5.10 -35.83
N ASN A 51 17.51 6.13 -35.16
CA ASN A 51 16.64 7.04 -34.43
C ASN A 51 16.67 8.50 -34.84
N ASN A 52 16.64 8.75 -36.15
CA ASN A 52 16.62 10.12 -36.67
C ASN A 52 17.67 11.02 -36.02
N TYR A 53 18.78 11.23 -36.71
CA TYR A 53 19.85 12.08 -36.18
C TYR A 53 20.29 13.15 -37.18
N PRO A 54 20.64 14.35 -36.69
CA PRO A 54 21.08 15.43 -37.57
C PRO A 54 22.38 15.03 -38.25
N GLU A 55 22.59 15.54 -39.46
CA GLU A 55 23.79 15.26 -40.24
C GLU A 55 24.99 15.00 -39.34
N SER A 56 25.39 16.03 -38.60
CA SER A 56 26.52 15.94 -37.69
C SER A 56 26.30 14.90 -36.60
N THR A 57 26.50 13.64 -36.93
CA THR A 57 26.34 12.57 -35.96
C THR A 57 27.72 12.03 -35.56
N LYS A 58 28.07 12.19 -34.29
CA LYS A 58 29.36 11.72 -33.80
C LYS A 58 29.33 10.23 -33.47
N ILE A 59 29.49 9.41 -34.49
CA ILE A 59 29.48 7.96 -34.34
C ILE A 59 30.77 7.45 -33.72
N HIS A 60 30.70 6.28 -33.09
CA HIS A 60 31.85 5.65 -32.45
C HIS A 60 31.65 4.14 -32.28
N GLY A 61 32.68 3.38 -32.65
CA GLY A 61 32.61 1.93 -32.54
C GLY A 61 33.49 1.39 -31.43
N SER A 62 33.42 2.01 -30.27
CA SER A 62 34.21 1.58 -29.12
C SER A 62 33.93 2.55 -27.96
N TYR A 63 34.05 2.05 -26.73
CA TYR A 63 33.81 2.87 -25.56
C TYR A 63 35.05 3.70 -25.24
N GLU A 64 36.19 3.01 -25.21
CA GLU A 64 37.45 3.67 -24.93
C GLU A 64 37.62 4.75 -25.97
N SER A 65 37.01 4.53 -27.13
CA SER A 65 37.06 5.48 -28.23
C SER A 65 36.37 6.79 -27.84
N LEU A 66 35.04 6.73 -27.75
CA LEU A 66 34.23 7.90 -27.41
C LEU A 66 34.71 8.70 -26.19
N LEU A 67 35.27 8.02 -25.19
CA LEU A 67 35.75 8.71 -24.00
C LEU A 67 36.90 9.65 -24.29
N GLU A 68 37.69 9.31 -25.31
CA GLU A 68 38.84 10.12 -25.70
C GLU A 68 38.46 11.13 -26.78
N ASP A 69 37.17 11.26 -27.03
CA ASP A 69 36.66 12.20 -28.02
C ASP A 69 36.61 13.57 -27.35
N PRO A 70 37.54 14.47 -27.73
CA PRO A 70 37.61 15.83 -27.15
C PRO A 70 36.41 16.75 -27.41
N GLU A 71 35.65 16.46 -28.46
CA GLU A 71 34.49 17.30 -28.79
C GLU A 71 33.29 17.06 -27.87
N ILE A 72 33.34 16.01 -27.06
CA ILE A 72 32.25 15.69 -26.14
C ILE A 72 32.52 16.20 -24.73
N ASP A 73 31.62 17.02 -24.21
CA ASP A 73 31.76 17.58 -22.88
C ASP A 73 30.78 16.96 -21.87
N ALA A 74 29.89 16.11 -22.36
CA ALA A 74 28.90 15.44 -21.50
C ALA A 74 28.49 14.09 -22.06
N LEU A 75 28.16 13.15 -21.17
CA LEU A 75 27.77 11.80 -21.59
C LEU A 75 26.54 11.23 -20.86
N TYR A 76 25.74 10.48 -21.61
CA TYR A 76 24.58 9.77 -21.06
C TYR A 76 25.04 8.32 -21.12
N VAL A 77 24.95 7.60 -20.02
CA VAL A 77 25.40 6.21 -19.99
C VAL A 77 24.28 5.19 -19.74
N PRO A 78 23.66 4.68 -20.82
CA PRO A 78 22.58 3.67 -20.75
C PRO A 78 23.09 2.23 -20.72
N LEU A 79 24.22 1.99 -20.07
CA LEU A 79 24.77 0.65 -20.02
C LEU A 79 24.23 -0.21 -18.89
N PRO A 80 24.28 -1.55 -19.05
CA PRO A 80 23.78 -2.47 -18.02
C PRO A 80 24.41 -2.08 -16.70
N THR A 81 23.88 -2.63 -15.61
CA THR A 81 24.38 -2.31 -14.28
C THR A 81 25.86 -2.63 -14.04
N SER A 82 26.17 -3.89 -13.83
CA SER A 82 27.54 -4.33 -13.54
C SER A 82 28.63 -3.83 -14.50
N LEU A 83 28.24 -3.05 -15.51
CA LEU A 83 29.20 -2.50 -16.47
C LEU A 83 29.38 -1.00 -16.25
N HIS A 84 28.92 -0.50 -15.11
CA HIS A 84 29.02 0.92 -14.82
C HIS A 84 30.33 1.34 -14.20
N VAL A 85 30.74 0.66 -13.14
CA VAL A 85 31.96 1.01 -12.46
C VAL A 85 33.12 1.24 -13.44
N GLU A 86 33.32 0.29 -14.36
CA GLU A 86 34.41 0.38 -15.34
C GLU A 86 34.35 1.59 -16.27
N TRP A 87 33.22 1.76 -16.94
CA TRP A 87 33.06 2.85 -17.89
C TRP A 87 32.71 4.20 -17.28
N ALA A 88 32.37 4.19 -16.00
CA ALA A 88 32.06 5.41 -15.29
C ALA A 88 33.37 6.02 -14.78
N ILE A 89 34.23 5.17 -14.19
CA ILE A 89 35.53 5.65 -13.70
C ILE A 89 36.34 6.13 -14.90
N LYS A 90 36.30 5.37 -16.00
CA LYS A 90 37.02 5.70 -17.22
C LYS A 90 36.41 6.91 -17.92
N ALA A 91 35.48 7.58 -17.25
CA ALA A 91 34.86 8.76 -17.82
C ALA A 91 35.24 9.94 -16.94
N ALA A 92 35.97 9.64 -15.86
CA ALA A 92 36.41 10.68 -14.93
C ALA A 92 37.67 11.34 -15.48
N GLU A 93 38.72 10.54 -15.63
CA GLU A 93 39.99 11.04 -16.15
C GLU A 93 39.83 11.86 -17.42
N LYS A 94 38.94 11.41 -18.31
CA LYS A 94 38.71 12.11 -19.57
C LYS A 94 37.85 13.36 -19.39
N GLY A 95 37.64 13.75 -18.13
CA GLY A 95 36.86 14.94 -17.83
C GLY A 95 35.47 15.06 -18.44
N LYS A 96 34.78 13.94 -18.59
CA LYS A 96 33.43 14.00 -19.16
C LYS A 96 32.40 13.92 -18.06
N HIS A 97 31.36 14.73 -18.17
CA HIS A 97 30.29 14.75 -17.18
C HIS A 97 29.35 13.57 -17.47
N ILE A 98 28.90 12.89 -16.43
CA ILE A 98 28.07 11.71 -16.61
C ILE A 98 26.60 11.75 -16.18
N LEU A 99 25.71 11.46 -17.13
CA LEU A 99 24.29 11.36 -16.85
C LEU A 99 24.13 9.84 -16.90
N LEU A 100 24.36 9.19 -15.76
CA LEU A 100 24.29 7.74 -15.61
C LEU A 100 22.87 7.21 -15.44
N GLU A 101 22.67 5.93 -15.77
CA GLU A 101 21.35 5.29 -15.64
C GLU A 101 21.22 4.53 -14.32
N LYS A 102 19.98 4.38 -13.86
CA LYS A 102 19.70 3.70 -12.61
C LYS A 102 19.46 2.21 -12.84
N PRO A 103 19.90 1.36 -11.89
CA PRO A 103 20.58 1.76 -10.67
C PRO A 103 21.99 2.22 -11.04
N VAL A 104 22.60 3.06 -10.20
CA VAL A 104 23.94 3.57 -10.50
C VAL A 104 25.03 2.52 -10.61
N ALA A 105 25.08 1.59 -9.67
CA ALA A 105 26.09 0.54 -9.70
C ALA A 105 25.61 -0.67 -8.93
N MSE A 106 26.48 -1.68 -8.83
CA MSE A 106 26.14 -2.90 -8.11
C MSE A 106 26.22 -2.75 -6.60
O MSE A 106 26.04 -3.71 -5.87
CB MSE A 106 27.06 -4.05 -8.56
CG MSE A 106 26.71 -4.62 -9.92
SE MSE A 106 24.89 -5.25 -9.89
CE MSE A 106 25.17 -6.97 -9.09
N ASN A 107 26.48 -1.53 -6.13
CA ASN A 107 26.56 -1.25 -4.71
C ASN A 107 27.18 0.12 -4.46
N VAL A 108 26.86 0.70 -3.31
CA VAL A 108 27.38 2.02 -2.95
C VAL A 108 28.91 2.05 -3.08
N THR A 109 29.57 0.99 -2.61
CA THR A 109 31.02 0.90 -2.69
C THR A 109 31.45 1.21 -4.13
N GLU A 110 30.70 0.64 -5.09
CA GLU A 110 30.96 0.84 -6.52
C GLU A 110 30.54 2.25 -6.96
N PHE A 111 29.55 2.83 -6.29
CA PHE A 111 29.10 4.17 -6.66
C PHE A 111 30.14 5.21 -6.25
N ASP A 112 30.50 5.22 -4.97
CA ASP A 112 31.49 6.18 -4.49
C ASP A 112 32.71 6.16 -5.42
N LYS A 113 33.23 4.97 -5.70
CA LYS A 113 34.36 4.84 -6.59
C LYS A 113 34.16 5.78 -7.79
N ILE A 114 32.94 5.80 -8.31
CA ILE A 114 32.59 6.64 -9.46
C ILE A 114 32.37 8.08 -9.02
N VAL A 115 31.87 8.25 -7.80
CA VAL A 115 31.61 9.59 -7.27
C VAL A 115 32.95 10.30 -7.08
N ASP A 116 33.75 9.78 -6.15
CA ASP A 116 35.05 10.34 -5.86
C ASP A 116 35.91 10.50 -7.11
N ALA A 117 35.75 9.58 -8.05
CA ALA A 117 36.51 9.61 -9.30
C ALA A 117 36.07 10.81 -10.16
N CYS A 118 34.78 11.15 -10.13
CA CYS A 118 34.26 12.28 -10.88
C CYS A 118 34.66 13.60 -10.19
N GLU A 119 35.04 13.48 -8.92
CA GLU A 119 35.46 14.62 -8.12
C GLU A 119 36.84 15.11 -8.57
N ALA A 120 37.74 14.17 -8.83
CA ALA A 120 39.09 14.51 -9.28
C ALA A 120 39.08 15.49 -10.45
N ASN A 121 38.06 15.38 -11.29
CA ASN A 121 37.96 16.28 -12.44
C ASN A 121 36.78 17.24 -12.36
N GLY A 122 36.20 17.36 -11.16
CA GLY A 122 35.07 18.26 -10.96
C GLY A 122 33.81 18.09 -11.81
N VAL A 123 33.81 17.17 -12.77
CA VAL A 123 32.63 16.98 -13.61
C VAL A 123 31.37 16.66 -12.80
N GLN A 124 30.22 16.90 -13.41
CA GLN A 124 28.93 16.69 -12.76
C GLN A 124 28.25 15.38 -13.09
N ILE A 125 27.98 14.56 -12.08
CA ILE A 125 27.29 13.29 -12.31
C ILE A 125 25.85 13.33 -11.79
N MSE A 126 24.95 12.68 -12.51
CA MSE A 126 23.54 12.60 -12.14
C MSE A 126 22.97 11.24 -12.56
O MSE A 126 23.19 10.80 -13.70
CB MSE A 126 22.75 13.72 -12.83
CG MSE A 126 21.23 13.61 -12.66
SE MSE A 126 20.19 14.97 -13.61
CE MSE A 126 20.39 14.24 -15.41
N ASP A 127 22.25 10.57 -11.65
CA ASP A 127 21.67 9.27 -11.97
C ASP A 127 20.54 9.45 -12.97
N GLY A 128 19.98 8.33 -13.43
CA GLY A 128 18.90 8.39 -14.40
C GLY A 128 17.46 8.47 -13.91
N THR A 129 17.25 8.50 -12.59
CA THR A 129 15.89 8.58 -12.04
C THR A 129 15.26 9.86 -12.59
N MSE A 130 14.54 9.72 -13.69
CA MSE A 130 13.91 10.86 -14.37
C MSE A 130 12.55 11.35 -13.90
O MSE A 130 12.06 12.34 -14.43
CB MSE A 130 13.81 10.55 -15.88
CG MSE A 130 13.16 9.22 -16.18
SE MSE A 130 12.57 8.98 -18.00
CE MSE A 130 14.18 8.23 -18.77
N TRP A 131 11.93 10.70 -12.91
CA TRP A 131 10.59 11.16 -12.51
C TRP A 131 10.57 12.44 -11.70
N VAL A 132 11.58 12.64 -10.85
CA VAL A 132 11.65 13.83 -10.02
C VAL A 132 11.71 15.18 -10.76
N HIS A 133 11.95 15.16 -12.08
CA HIS A 133 11.99 16.42 -12.82
C HIS A 133 10.64 16.87 -13.36
N ASN A 134 9.68 15.97 -13.37
CA ASN A 134 8.34 16.30 -13.84
C ASN A 134 7.72 17.38 -12.95
N PRO A 135 7.00 18.34 -13.56
CA PRO A 135 6.33 19.43 -12.84
C PRO A 135 5.40 19.00 -11.70
N ARG A 136 5.09 17.72 -11.63
CA ARG A 136 4.21 17.22 -10.57
C ARG A 136 4.98 17.06 -9.28
N THR A 137 6.28 16.81 -9.42
CA THR A 137 7.13 16.63 -8.25
C THR A 137 7.14 17.93 -7.47
N ALA A 138 7.13 19.04 -8.20
CA ALA A 138 7.12 20.36 -7.58
C ALA A 138 5.94 20.42 -6.58
N LEU A 139 4.72 20.31 -7.10
CA LEU A 139 3.53 20.32 -6.27
C LEU A 139 3.45 18.94 -5.61
N LEU A 140 4.23 18.75 -4.55
CA LEU A 140 4.30 17.50 -3.83
C LEU A 140 5.42 17.69 -2.80
N LYS A 141 6.35 18.57 -3.17
CA LYS A 141 7.46 18.92 -2.30
C LYS A 141 6.84 19.88 -1.29
N GLU A 142 6.18 20.90 -1.81
CA GLU A 142 5.53 21.90 -0.97
C GLU A 142 4.29 21.31 -0.27
N PHE A 143 3.94 20.08 -0.60
CA PHE A 143 2.78 19.45 0.01
C PHE A 143 3.11 18.55 1.20
N LEU A 144 4.32 18.00 1.24
CA LEU A 144 4.73 17.14 2.33
C LEU A 144 5.38 17.93 3.46
N SER A 145 6.28 18.85 3.12
CA SER A 145 6.96 19.68 4.11
C SER A 145 5.98 20.60 4.85
N ASP A 146 4.70 20.44 4.54
CA ASP A 146 3.66 21.26 5.15
C ASP A 146 3.43 20.83 6.59
N SER A 147 3.13 21.79 7.47
CA SER A 147 2.89 21.50 8.88
C SER A 147 1.40 21.51 9.19
N GLU A 148 0.62 22.11 8.29
CA GLU A 148 -0.82 22.20 8.46
C GLU A 148 -1.62 21.66 7.28
N ARG A 149 -1.43 22.26 6.11
CA ARG A 149 -2.14 21.84 4.90
C ARG A 149 -1.95 20.34 4.66
N PHE A 150 -1.00 19.75 5.38
CA PHE A 150 -0.72 18.32 5.27
C PHE A 150 -0.20 17.75 6.59
N GLY A 151 0.54 18.56 7.35
CA GLY A 151 1.08 18.09 8.61
C GLY A 151 2.35 17.28 8.44
N GLN A 152 2.87 16.73 9.53
CA GLN A 152 4.10 15.94 9.43
C GLN A 152 3.85 14.53 8.88
N LEU A 153 4.93 13.88 8.44
CA LEU A 153 4.85 12.52 7.90
C LEU A 153 4.88 11.48 9.01
N LYS A 154 4.10 10.44 8.85
CA LYS A 154 4.07 9.36 9.83
C LYS A 154 4.31 8.07 9.05
N THR A 155 3.76 8.01 7.85
CA THR A 155 3.90 6.84 7.01
C THR A 155 3.93 7.20 5.53
N VAL A 156 4.83 6.58 4.80
CA VAL A 156 4.95 6.83 3.37
C VAL A 156 5.22 5.50 2.67
N GLN A 157 4.30 5.10 1.80
CA GLN A 157 4.46 3.85 1.06
C GLN A 157 4.56 4.11 -0.42
N SER A 158 5.28 3.23 -1.11
CA SER A 158 5.45 3.36 -2.54
C SER A 158 5.87 2.03 -3.15
N CYS A 159 5.33 1.73 -4.33
CA CYS A 159 5.66 0.49 -5.00
C CYS A 159 5.61 0.62 -6.51
N PHE A 160 6.34 -0.27 -7.19
CA PHE A 160 6.36 -0.31 -8.63
C PHE A 160 6.44 -1.76 -9.11
N SER A 161 5.60 -2.11 -10.07
CA SER A 161 5.59 -3.46 -10.61
C SER A 161 5.08 -3.47 -12.03
N PHE A 162 5.41 -4.54 -12.74
CA PHE A 162 4.95 -4.72 -14.10
C PHE A 162 5.17 -6.19 -14.40
N ALA A 163 4.33 -6.76 -15.26
CA ALA A 163 4.38 -8.17 -15.59
C ALA A 163 5.15 -8.50 -16.86
N GLY A 164 6.43 -8.84 -16.71
CA GLY A 164 7.23 -9.17 -17.88
C GLY A 164 6.65 -10.37 -18.62
N ASP A 165 7.01 -10.53 -19.89
CA ASP A 165 6.51 -11.65 -20.68
C ASP A 165 7.54 -12.78 -20.72
N GLU A 166 7.10 -13.96 -21.17
CA GLU A 166 7.97 -15.12 -21.25
C GLU A 166 9.40 -14.81 -21.70
N ASP A 167 9.53 -14.08 -22.80
CA ASP A 167 10.83 -13.71 -23.33
C ASP A 167 11.64 -12.83 -22.37
N PHE A 168 10.98 -11.80 -21.84
CA PHE A 168 11.59 -10.89 -20.89
C PHE A 168 12.22 -11.66 -19.73
N LEU A 169 11.41 -12.43 -19.03
CA LEU A 169 11.85 -13.20 -17.88
C LEU A 169 12.89 -14.23 -18.25
N LYS A 170 12.79 -14.72 -19.48
CA LYS A 170 13.69 -15.74 -19.98
C LYS A 170 15.10 -15.20 -20.19
N ASN A 171 15.20 -14.12 -20.96
CA ASN A 171 16.48 -13.55 -21.31
C ASN A 171 16.57 -12.04 -21.38
N ASP A 172 15.85 -11.32 -20.53
CA ASP A 172 15.94 -9.86 -20.61
C ASP A 172 17.06 -9.33 -19.70
N ILE A 173 17.55 -8.14 -20.00
CA ILE A 173 18.64 -7.57 -19.20
C ILE A 173 18.34 -7.53 -17.69
N ARG A 174 17.07 -7.36 -17.35
CA ARG A 174 16.64 -7.31 -15.94
C ARG A 174 16.90 -8.64 -15.23
N VAL A 175 16.47 -9.73 -15.86
CA VAL A 175 16.68 -11.07 -15.31
C VAL A 175 18.11 -11.51 -15.64
N LYS A 176 18.60 -11.06 -16.79
CA LYS A 176 19.94 -11.38 -17.25
C LYS A 176 20.98 -10.88 -16.25
N PRO A 177 21.61 -11.79 -15.50
CA PRO A 177 22.62 -11.39 -14.52
C PRO A 177 23.77 -10.58 -15.12
N GLY A 178 24.22 -10.98 -16.30
CA GLY A 178 25.31 -10.28 -16.96
C GLY A 178 25.07 -8.81 -17.28
N LEU A 179 23.85 -8.34 -17.05
CA LEU A 179 23.52 -6.95 -17.33
C LEU A 179 22.98 -6.21 -16.09
N ASP A 180 21.67 -6.10 -15.96
CA ASP A 180 21.11 -5.42 -14.79
C ASP A 180 20.89 -6.45 -13.69
N GLY A 181 21.99 -6.88 -13.08
CA GLY A 181 21.97 -7.89 -12.04
C GLY A 181 21.10 -7.75 -10.81
N LEU A 182 20.84 -6.53 -10.34
CA LEU A 182 20.01 -6.35 -9.16
C LEU A 182 18.58 -6.88 -9.32
N GLY A 183 18.10 -6.92 -10.56
CA GLY A 183 16.76 -7.42 -10.83
C GLY A 183 15.62 -6.45 -10.57
N ALA A 184 14.52 -6.95 -10.04
CA ALA A 184 13.36 -6.12 -9.75
C ALA A 184 13.72 -5.01 -8.77
N LEU A 185 14.59 -5.34 -7.83
CA LEU A 185 15.04 -4.38 -6.83
C LEU A 185 15.72 -3.17 -7.46
N GLY A 186 16.83 -3.41 -8.14
CA GLY A 186 17.55 -2.32 -8.77
C GLY A 186 16.77 -1.59 -9.85
N ASP A 187 15.96 -2.32 -10.61
CA ASP A 187 15.18 -1.71 -11.68
C ASP A 187 13.89 -1.03 -11.22
N ALA A 188 13.17 -1.68 -10.32
CA ALA A 188 11.90 -1.12 -9.86
C ALA A 188 11.90 -0.61 -8.42
N GLY A 189 12.42 -1.42 -7.50
CA GLY A 189 12.45 -1.01 -6.09
C GLY A 189 13.10 0.35 -5.94
N TRP A 190 14.05 0.61 -6.83
CA TRP A 190 14.81 1.86 -6.90
C TRP A 190 13.92 3.10 -6.92
N TYR A 191 12.78 2.99 -7.61
CA TYR A 191 11.87 4.12 -7.72
C TYR A 191 11.06 4.33 -6.45
N ALA A 192 10.50 3.25 -5.93
CA ALA A 192 9.71 3.33 -4.71
C ALA A 192 10.64 3.89 -3.64
N ILE A 193 11.80 3.27 -3.51
CA ILE A 193 12.80 3.70 -2.53
C ILE A 193 13.02 5.22 -2.67
N ARG A 194 13.22 5.67 -3.90
CA ARG A 194 13.45 7.09 -4.15
C ARG A 194 12.36 7.97 -3.54
N ALA A 195 11.10 7.56 -3.67
CA ALA A 195 9.99 8.34 -3.12
C ALA A 195 10.03 8.28 -1.60
N THR A 196 10.35 7.10 -1.08
CA THR A 196 10.45 6.86 0.35
C THR A 196 11.48 7.77 1.00
N LEU A 197 12.44 8.24 0.20
CA LEU A 197 13.48 9.13 0.71
C LEU A 197 13.08 10.58 0.53
N LEU A 198 12.41 10.87 -0.58
CA LEU A 198 11.95 12.22 -0.88
C LEU A 198 10.88 12.66 0.13
N ALA A 199 9.88 11.82 0.36
CA ALA A 199 8.82 12.12 1.31
C ALA A 199 9.38 12.34 2.72
N ASN A 200 10.48 11.67 3.03
CA ASN A 200 11.11 11.79 4.34
C ASN A 200 12.23 12.82 4.36
N ASN A 201 12.24 13.68 3.35
CA ASN A 201 13.25 14.72 3.24
C ASN A 201 14.68 14.20 3.24
N PHE A 202 15.01 13.42 2.21
CA PHE A 202 16.35 12.86 2.02
C PHE A 202 16.99 12.20 3.22
N GLU A 203 16.18 11.92 4.24
CA GLU A 203 16.70 11.29 5.45
C GLU A 203 16.71 9.77 5.40
N LEU A 204 17.92 9.21 5.38
CA LEU A 204 18.07 7.77 5.36
C LEU A 204 17.42 7.19 6.62
N PRO A 205 16.77 6.02 6.51
CA PRO A 205 16.12 5.39 7.67
C PRO A 205 17.20 4.82 8.60
N LYS A 206 16.90 3.74 9.32
CA LYS A 206 17.88 3.14 10.22
C LYS A 206 17.94 1.62 10.09
N THR A 207 16.77 1.00 9.95
CA THR A 207 16.71 -0.44 9.81
C THR A 207 15.93 -0.85 8.57
N VAL A 208 16.42 -1.88 7.90
CA VAL A 208 15.75 -2.36 6.71
C VAL A 208 15.46 -3.82 6.92
N THR A 209 14.24 -4.23 6.60
CA THR A 209 13.85 -5.62 6.76
C THR A 209 12.97 -6.08 5.61
N ALA A 210 13.51 -6.94 4.76
CA ALA A 210 12.78 -7.46 3.61
C ALA A 210 11.60 -8.29 4.09
N PHE A 211 10.55 -8.37 3.26
CA PHE A 211 9.38 -9.17 3.60
C PHE A 211 9.73 -10.60 3.24
N PRO A 212 9.43 -11.56 4.13
CA PRO A 212 9.76 -12.94 3.76
C PRO A 212 8.90 -13.29 2.54
N GLY A 213 9.37 -14.24 1.72
CA GLY A 213 8.60 -14.64 0.56
C GLY A 213 9.02 -13.99 -0.74
N ALA A 214 10.29 -13.59 -0.83
CA ALA A 214 10.82 -12.95 -2.04
C ALA A 214 10.95 -13.99 -3.15
N VAL A 215 10.99 -13.55 -4.40
CA VAL A 215 11.12 -14.46 -5.53
C VAL A 215 12.37 -14.17 -6.35
N LEU A 216 13.18 -15.20 -6.55
CA LEU A 216 14.41 -15.10 -7.31
C LEU A 216 14.44 -16.17 -8.40
N ASN A 217 15.01 -15.85 -9.56
CA ASN A 217 15.08 -16.85 -10.62
C ASN A 217 16.15 -17.86 -10.22
N GLU A 218 16.37 -18.89 -11.05
CA GLU A 218 17.38 -19.90 -10.72
C GLU A 218 18.74 -19.31 -10.43
N ALA A 219 19.15 -18.32 -11.23
CA ALA A 219 20.45 -17.66 -11.06
C ALA A 219 20.44 -16.80 -9.80
N GLY A 220 19.30 -16.78 -9.11
CA GLY A 220 19.19 -16.02 -7.88
C GLY A 220 18.89 -14.54 -8.05
N VAL A 221 18.38 -14.15 -9.22
CA VAL A 221 18.04 -12.75 -9.46
C VAL A 221 16.62 -12.49 -8.96
N ILE A 222 16.47 -11.41 -8.20
CA ILE A 222 15.19 -11.03 -7.63
C ILE A 222 14.13 -10.68 -8.67
N LEU A 223 12.94 -11.24 -8.49
CA LEU A 223 11.82 -11.01 -9.39
C LEU A 223 10.72 -10.26 -8.64
N SER A 224 10.69 -10.43 -7.32
CA SER A 224 9.72 -9.73 -6.49
C SER A 224 10.09 -9.80 -5.02
N CYS A 225 9.91 -8.68 -4.32
CA CYS A 225 10.20 -8.59 -2.90
C CYS A 225 10.05 -7.13 -2.44
N GLY A 226 9.74 -6.95 -1.15
CA GLY A 226 9.58 -5.62 -0.60
C GLY A 226 10.35 -5.46 0.71
N ALA A 227 9.95 -4.50 1.55
CA ALA A 227 10.65 -4.31 2.81
C ALA A 227 9.98 -3.27 3.70
N SER A 228 10.42 -3.21 4.95
CA SER A 228 9.90 -2.23 5.89
C SER A 228 11.09 -1.37 6.32
N LEU A 229 10.82 -0.15 6.76
CA LEU A 229 11.87 0.76 7.20
C LEU A 229 11.38 1.46 8.46
N SER A 230 12.23 2.26 9.08
CA SER A 230 11.84 2.99 10.29
C SER A 230 12.84 4.04 10.71
N TRP A 231 12.35 5.24 10.96
CA TRP A 231 13.16 6.36 11.39
C TRP A 231 13.07 6.55 12.91
N GLU A 232 12.24 5.74 13.55
CA GLU A 232 12.04 5.78 15.00
C GLU A 232 11.18 6.92 15.53
N ASP A 233 11.42 8.12 15.01
CA ASP A 233 10.70 9.32 15.43
C ASP A 233 9.25 9.38 14.94
N GLY A 234 8.68 8.22 14.67
CA GLY A 234 7.31 8.18 14.19
C GLY A 234 7.25 7.99 12.69
N ARG A 235 8.29 7.38 12.12
CA ARG A 235 8.33 7.16 10.68
C ARG A 235 8.68 5.75 10.26
N THR A 236 7.86 5.20 9.37
CA THR A 236 8.05 3.86 8.83
C THR A 236 7.65 3.90 7.37
N ALA A 237 8.10 2.92 6.60
CA ALA A 237 7.76 2.89 5.20
C ALA A 237 7.91 1.48 4.65
N THR A 238 7.32 1.25 3.49
CA THR A 238 7.41 -0.04 2.84
C THR A 238 7.53 0.20 1.34
N ILE A 239 8.12 -0.76 0.64
CA ILE A 239 8.25 -0.64 -0.81
C ILE A 239 7.94 -2.00 -1.35
N TYR A 240 7.50 -2.05 -2.60
CA TYR A 240 7.19 -3.32 -3.23
C TYR A 240 7.55 -3.18 -4.71
N CYS A 241 8.27 -4.18 -5.21
CA CYS A 241 8.67 -4.19 -6.60
C CYS A 241 8.56 -5.61 -7.13
N SER A 242 8.16 -5.74 -8.40
CA SER A 242 8.00 -7.05 -9.01
C SER A 242 7.89 -6.99 -10.52
N PHE A 243 8.34 -8.06 -11.16
CA PHE A 243 8.27 -8.25 -12.61
C PHE A 243 7.12 -9.24 -12.85
N LEU A 244 6.60 -9.82 -11.77
CA LEU A 244 5.55 -10.81 -11.86
C LEU A 244 4.12 -10.34 -11.56
N ALA A 245 3.84 -9.05 -11.80
CA ALA A 245 2.51 -8.51 -11.55
C ALA A 245 2.20 -7.30 -12.44
N ASN A 246 0.92 -7.05 -12.66
CA ASN A 246 0.46 -5.95 -13.51
C ASN A 246 1.03 -4.57 -13.16
N LEU A 247 1.27 -3.78 -14.21
CA LEU A 247 1.81 -2.43 -14.10
C LEU A 247 1.08 -1.65 -13.00
N THR A 248 1.84 -1.19 -12.02
CA THR A 248 1.30 -0.45 -10.89
C THR A 248 2.44 0.37 -10.32
N MSE A 249 2.20 1.64 -10.05
CA MSE A 249 3.21 2.54 -9.50
C MSE A 249 2.53 3.60 -8.66
O MSE A 249 1.95 4.54 -9.19
CB MSE A 249 4.00 3.20 -10.65
CG MSE A 249 3.13 3.91 -11.67
SE MSE A 249 4.11 4.44 -13.24
CE MSE A 249 2.93 5.83 -13.86
N GLU A 250 2.60 3.45 -7.34
CA GLU A 250 1.93 4.42 -6.47
C GLU A 250 2.72 4.84 -5.25
N ILE A 251 2.31 5.99 -4.71
CA ILE A 251 2.89 6.54 -3.49
C ILE A 251 1.67 6.74 -2.59
N THR A 252 1.92 7.08 -1.33
CA THR A 252 0.86 7.33 -0.35
C THR A 252 1.52 7.68 0.97
N ALA A 253 1.07 8.78 1.56
CA ALA A 253 1.59 9.23 2.85
C ALA A 253 0.43 9.72 3.70
N ILE A 254 0.13 8.96 4.75
CA ILE A 254 -0.96 9.29 5.66
C ILE A 254 -0.47 10.23 6.75
N GLY A 255 0.05 11.38 6.34
CA GLY A 255 0.56 12.35 7.30
C GLY A 255 -0.38 12.55 8.48
N THR A 256 0.16 13.15 9.55
CA THR A 256 -0.62 13.40 10.75
C THR A 256 -1.83 14.30 10.48
N LYS A 257 -1.68 15.24 9.56
CA LYS A 257 -2.75 16.18 9.25
C LYS A 257 -3.39 15.98 7.90
N GLY A 258 -2.72 15.20 7.04
CA GLY A 258 -3.26 14.95 5.72
C GLY A 258 -2.73 13.69 5.07
N THR A 259 -3.31 13.34 3.92
CA THR A 259 -2.89 12.15 3.17
C THR A 259 -2.59 12.57 1.74
N LEU A 260 -1.47 12.09 1.21
CA LEU A 260 -1.07 12.41 -0.15
C LEU A 260 -0.89 11.12 -0.93
N ARG A 261 -1.41 11.07 -2.16
CA ARG A 261 -1.30 9.86 -2.97
C ARG A 261 -1.02 10.14 -4.45
N VAL A 262 -0.17 9.30 -5.04
CA VAL A 262 0.15 9.43 -6.45
C VAL A 262 0.06 8.06 -7.13
N HIS A 263 -0.68 7.99 -8.24
CA HIS A 263 -0.84 6.74 -8.96
C HIS A 263 0.07 6.58 -10.17
N ASP A 264 0.80 7.63 -10.49
CA ASP A 264 1.77 7.63 -11.59
C ASP A 264 3.14 7.70 -10.92
N PHE A 265 3.64 8.91 -10.74
CA PHE A 265 4.92 9.13 -10.07
C PHE A 265 6.16 8.67 -10.84
N ILE A 266 5.98 7.76 -11.79
CA ILE A 266 7.07 7.26 -12.65
C ILE A 266 6.47 7.31 -14.06
N ILE A 267 6.86 8.29 -14.86
CA ILE A 267 6.25 8.37 -16.19
C ILE A 267 4.74 8.57 -15.99
N PRO A 268 4.27 9.82 -15.98
CA PRO A 268 2.83 10.05 -15.79
C PRO A 268 2.00 9.47 -16.94
N TYR A 269 0.68 9.52 -16.80
CA TYR A 269 -0.23 9.00 -17.82
C TYR A 269 0.01 9.70 -19.14
N LYS A 270 0.15 11.02 -19.08
CA LYS A 270 0.40 11.85 -20.26
C LYS A 270 1.72 12.61 -20.04
N GLU A 271 2.46 12.85 -21.11
CA GLU A 271 3.74 13.56 -20.97
C GLU A 271 3.56 15.07 -20.95
N THR A 272 2.31 15.52 -20.89
CA THR A 272 2.01 16.94 -20.90
C THR A 272 1.38 17.44 -19.60
N GLU A 273 1.19 16.54 -18.64
CA GLU A 273 0.59 16.91 -17.36
C GLU A 273 0.72 15.76 -16.36
N ALA A 274 0.61 16.10 -15.07
CA ALA A 274 0.73 15.10 -14.01
C ALA A 274 -0.17 15.43 -12.81
N SER A 275 -0.86 14.41 -12.30
CA SER A 275 -1.77 14.59 -11.18
C SER A 275 -1.43 13.85 -9.88
N PHE A 276 -2.18 14.16 -8.83
CA PHE A 276 -2.02 13.53 -7.53
C PHE A 276 -3.23 13.86 -6.65
N THR A 277 -3.45 13.04 -5.62
CA THR A 277 -4.58 13.24 -4.72
C THR A 277 -4.16 14.02 -3.48
N THR A 278 -5.11 14.73 -2.88
CA THR A 278 -4.84 15.53 -1.69
C THR A 278 -5.97 15.40 -0.67
N SER A 279 -5.62 15.29 0.61
CA SER A 279 -6.60 15.16 1.68
C SER A 279 -6.06 15.62 3.03
N THR A 280 -6.84 16.46 3.71
CA THR A 280 -6.44 16.97 5.03
C THR A 280 -7.68 17.19 5.89
N LYS A 281 -7.51 17.11 7.21
CA LYS A 281 -8.62 17.32 8.16
C LYS A 281 -9.82 16.44 7.82
N ALA A 282 -9.58 15.34 7.12
CA ALA A 282 -10.66 14.46 6.74
C ALA A 282 -11.15 13.61 7.92
N TRP A 283 -12.45 13.33 7.94
CA TRP A 283 -13.05 12.52 9.00
C TRP A 283 -14.49 12.18 8.58
N PHE A 284 -15.24 11.56 9.49
CA PHE A 284 -16.63 11.21 9.21
C PHE A 284 -17.54 12.25 9.84
N ASN A 285 -18.78 12.35 9.38
CA ASN A 285 -19.71 13.31 9.98
C ASN A 285 -20.03 12.92 11.42
N ASP A 286 -21.29 12.59 11.71
CA ASP A 286 -21.67 12.21 13.08
C ASP A 286 -22.03 10.74 13.23
N LEU A 287 -22.82 10.22 12.29
CA LEU A 287 -23.22 8.82 12.36
C LEU A 287 -22.29 7.94 11.53
N VAL A 288 -21.16 8.52 11.13
CA VAL A 288 -20.18 7.81 10.31
C VAL A 288 -20.89 7.22 9.10
N THR A 289 -21.71 8.05 8.47
CA THR A 289 -22.44 7.64 7.29
C THR A 289 -21.73 8.23 6.06
N ALA A 290 -20.71 9.06 6.31
CA ALA A 290 -19.97 9.68 5.22
C ALA A 290 -18.72 10.44 5.67
N TRP A 291 -17.81 10.66 4.70
CA TRP A 291 -16.56 11.39 4.92
C TRP A 291 -16.93 12.86 4.98
N VAL A 292 -16.21 13.65 5.78
CA VAL A 292 -16.51 15.06 5.89
C VAL A 292 -15.63 15.96 5.02
N SER A 293 -15.03 15.36 3.98
CA SER A 293 -14.17 16.05 3.01
C SER A 293 -13.42 15.02 2.17
N PRO A 294 -14.07 14.52 1.11
CA PRO A 294 -13.43 13.52 0.24
C PRO A 294 -12.15 14.08 -0.40
N PRO A 295 -11.29 13.19 -0.92
CA PRO A 295 -10.02 13.57 -1.55
C PRO A 295 -10.16 14.56 -2.70
N SER A 296 -9.14 15.39 -2.87
CA SER A 296 -9.13 16.41 -3.92
C SER A 296 -8.15 16.03 -5.02
N GLU A 297 -8.52 16.33 -6.26
CA GLU A 297 -7.70 16.03 -7.43
C GLU A 297 -6.98 17.26 -7.97
N HIS A 298 -5.68 17.12 -8.23
CA HIS A 298 -4.86 18.22 -8.76
C HIS A 298 -4.09 17.79 -10.00
N THR A 299 -4.30 18.52 -11.10
CA THR A 299 -3.62 18.21 -12.35
C THR A 299 -2.75 19.40 -12.76
N VAL A 300 -1.48 19.15 -13.05
CA VAL A 300 -0.57 20.22 -13.46
C VAL A 300 0.01 19.97 -14.85
N LYS A 301 -0.01 21.02 -15.68
CA LYS A 301 0.53 20.92 -17.02
C LYS A 301 2.05 20.93 -16.98
N THR A 302 2.65 20.04 -17.75
CA THR A 302 4.10 19.92 -17.81
C THR A 302 4.54 20.23 -19.24
N GLU A 303 5.02 21.45 -19.47
CA GLU A 303 5.44 21.87 -20.80
C GLU A 303 6.57 21.01 -21.38
N LEU A 304 7.57 20.70 -20.56
CA LEU A 304 8.72 19.91 -21.00
C LEU A 304 8.71 18.56 -20.25
N PRO A 305 8.78 17.44 -20.99
CA PRO A 305 8.76 16.11 -20.37
C PRO A 305 9.83 15.95 -19.30
N GLN A 306 9.47 15.31 -18.18
CA GLN A 306 10.40 15.11 -17.06
C GLN A 306 11.80 14.67 -17.48
N GLU A 307 11.90 13.74 -18.44
CA GLU A 307 13.19 13.28 -18.91
C GLU A 307 13.99 14.45 -19.44
N ALA A 308 13.39 15.22 -20.32
CA ALA A 308 14.05 16.39 -20.89
C ALA A 308 14.44 17.35 -19.77
N CYS A 309 13.64 17.37 -18.71
CA CYS A 309 13.90 18.22 -17.55
C CYS A 309 15.11 17.69 -16.80
N MSE A 310 15.37 16.40 -16.98
CA MSE A 310 16.48 15.78 -16.29
C MSE A 310 17.79 16.16 -16.98
O MSE A 310 18.75 16.58 -16.32
CB MSE A 310 16.34 14.25 -16.30
CG MSE A 310 17.37 13.53 -15.48
SE MSE A 310 17.04 11.61 -15.43
CE MSE A 310 18.27 11.02 -16.79
N VAL A 311 17.80 16.04 -18.30
CA VAL A 311 18.98 16.40 -19.09
C VAL A 311 19.30 17.85 -18.84
N ARG A 312 18.29 18.71 -18.97
CA ARG A 312 18.47 20.14 -18.75
C ARG A 312 19.21 20.40 -17.44
N GLU A 313 18.60 20.04 -16.32
CA GLU A 313 19.23 20.24 -15.01
C GLU A 313 20.62 19.62 -14.93
N PHE A 314 20.84 18.56 -15.69
CA PHE A 314 22.14 17.88 -15.71
C PHE A 314 23.20 18.94 -16.01
N ALA A 315 22.77 20.02 -16.65
CA ALA A 315 23.65 21.13 -16.96
C ALA A 315 24.00 21.89 -15.69
N ARG A 316 24.80 21.27 -14.84
CA ARG A 316 25.23 21.89 -13.61
C ARG A 316 26.53 22.66 -13.86
N LEU A 317 26.83 22.85 -15.14
CA LEU A 317 28.00 23.63 -15.59
C LEU A 317 29.37 23.05 -15.24
N VAL A 318 29.95 23.55 -14.14
CA VAL A 318 31.27 23.12 -13.67
C VAL A 318 32.30 23.14 -14.80
N TYR A 331 23.77 18.01 -5.64
CA TYR A 331 22.68 17.27 -5.04
C TYR A 331 22.47 15.92 -5.72
N TRP A 332 22.78 15.84 -7.00
CA TRP A 332 22.59 14.59 -7.73
C TRP A 332 23.37 13.41 -7.21
N PRO A 333 24.71 13.51 -7.17
CA PRO A 333 25.42 12.35 -6.65
C PRO A 333 25.00 12.00 -5.23
N SER A 334 24.56 13.00 -4.49
CA SER A 334 24.13 12.78 -3.11
C SER A 334 22.82 12.00 -3.01
N ILE A 335 21.74 12.56 -3.56
CA ILE A 335 20.46 11.89 -3.50
C ILE A 335 20.50 10.61 -4.34
N SER A 336 21.66 10.34 -4.92
CA SER A 336 21.86 9.13 -5.69
C SER A 336 22.32 8.05 -4.74
N ARG A 337 23.42 8.32 -4.04
CA ARG A 337 23.99 7.37 -3.08
C ARG A 337 23.01 7.17 -1.93
N LYS A 338 22.18 8.18 -1.68
CA LYS A 338 21.23 8.09 -0.61
C LYS A 338 20.22 7.00 -0.91
N THR A 339 19.83 6.86 -2.18
CA THR A 339 18.89 5.81 -2.54
C THR A 339 19.66 4.58 -3.02
N GLN A 340 20.87 4.81 -3.53
CA GLN A 340 21.72 3.72 -4.00
C GLN A 340 22.14 2.90 -2.78
N LEU A 341 22.26 3.57 -1.64
CA LEU A 341 22.62 2.91 -0.41
C LEU A 341 21.41 2.14 0.11
N VAL A 342 20.26 2.80 0.13
CA VAL A 342 19.04 2.17 0.60
C VAL A 342 18.89 0.86 -0.17
N VAL A 343 19.32 0.90 -1.42
CA VAL A 343 19.27 -0.27 -2.29
C VAL A 343 20.08 -1.44 -1.69
N ASP A 344 21.31 -1.16 -1.24
CA ASP A 344 22.14 -2.21 -0.64
C ASP A 344 21.48 -2.84 0.57
N ALA A 345 20.91 -2.00 1.43
CA ALA A 345 20.25 -2.47 2.64
C ALA A 345 19.09 -3.40 2.28
N VAL A 346 18.25 -2.98 1.35
CA VAL A 346 17.12 -3.79 0.91
C VAL A 346 17.58 -5.17 0.45
N LYS A 347 18.76 -5.21 -0.16
CA LYS A 347 19.33 -6.46 -0.65
C LYS A 347 20.22 -7.15 0.39
N GLU A 348 20.61 -6.42 1.43
CA GLU A 348 21.45 -7.01 2.48
C GLU A 348 20.56 -7.69 3.51
N SER A 349 19.25 -7.61 3.30
CA SER A 349 18.27 -8.22 4.20
C SER A 349 17.80 -9.55 3.63
N VAL A 350 17.66 -9.61 2.30
CA VAL A 350 17.23 -10.83 1.64
C VAL A 350 18.36 -11.85 1.75
N ASP A 351 19.59 -11.41 1.49
CA ASP A 351 20.76 -12.28 1.56
C ASP A 351 20.82 -13.11 2.86
N LYS A 352 20.69 -12.45 4.00
CA LYS A 352 20.74 -13.15 5.29
C LYS A 352 19.35 -13.57 5.78
N ASN A 353 18.54 -14.06 4.84
CA ASN A 353 17.19 -14.54 5.11
C ASN A 353 16.25 -13.60 5.87
N TYR A 354 16.08 -12.40 5.32
CA TYR A 354 15.16 -11.41 5.89
C TYR A 354 15.55 -10.87 7.26
N GLN A 355 16.84 -10.76 7.50
CA GLN A 355 17.33 -10.22 8.76
C GLN A 355 17.17 -8.71 8.76
N GLN A 356 17.02 -8.13 9.95
CA GLN A 356 16.90 -6.69 10.08
C GLN A 356 18.30 -6.13 9.83
N ILE A 357 18.41 -5.17 8.92
CA ILE A 357 19.71 -4.58 8.61
C ILE A 357 19.78 -3.16 9.09
N SER A 358 20.83 -2.86 9.86
CA SER A 358 21.01 -1.52 10.39
C SER A 358 21.85 -0.70 9.42
N LEU A 359 21.48 0.57 9.27
CA LEU A 359 22.19 1.48 8.38
C LEU A 359 23.07 2.41 9.21
N SER A 360 23.59 1.89 10.33
CA SER A 360 24.47 2.65 11.22
C SER A 360 23.86 3.93 11.78
N GLN B 6 -39.39 -8.16 10.92
CA GLN B 6 -39.82 -9.55 11.26
C GLN B 6 -38.95 -10.13 12.38
N ILE B 7 -37.64 -10.20 12.15
CA ILE B 7 -36.72 -10.71 13.18
C ILE B 7 -36.57 -9.66 14.27
N ARG B 8 -36.81 -10.07 15.51
CA ARG B 8 -36.74 -9.14 16.64
C ARG B 8 -35.35 -9.09 17.25
N ILE B 9 -34.72 -7.92 17.19
CA ILE B 9 -33.36 -7.73 17.71
C ILE B 9 -33.29 -6.83 18.93
N GLY B 10 -32.41 -7.18 19.85
CA GLY B 10 -32.23 -6.39 21.05
C GLY B 10 -30.82 -5.81 21.03
N VAL B 11 -30.66 -4.61 21.57
CA VAL B 11 -29.35 -3.98 21.61
C VAL B 11 -28.75 -4.12 22.99
N MSE B 12 -27.66 -4.87 23.09
CA MSE B 12 -26.99 -5.08 24.38
C MSE B 12 -25.80 -4.15 24.58
O MSE B 12 -24.67 -4.49 24.20
CB MSE B 12 -26.53 -6.54 24.50
CG MSE B 12 -25.86 -6.87 25.82
SE MSE B 12 -26.06 -8.73 26.28
CE MSE B 12 -27.83 -8.66 27.03
N GLY B 13 -26.05 -3.01 25.21
CA GLY B 13 -24.99 -2.03 25.44
C GLY B 13 -25.25 -0.82 24.57
N CYS B 14 -25.60 0.30 25.20
CA CYS B 14 -25.89 1.53 24.46
C CYS B 14 -24.62 2.25 23.96
N ALA B 15 -23.88 1.59 23.08
CA ALA B 15 -22.66 2.14 22.51
C ALA B 15 -23.01 3.16 21.43
N ASP B 16 -22.09 4.08 21.16
CA ASP B 16 -22.33 5.11 20.16
C ASP B 16 -22.51 4.50 18.75
N ILE B 17 -21.84 3.39 18.49
CA ILE B 17 -21.96 2.74 17.18
C ILE B 17 -23.32 2.07 17.03
N ALA B 18 -24.07 1.99 18.13
CA ALA B 18 -25.38 1.37 18.09
C ALA B 18 -26.40 2.25 17.36
N ARG B 19 -26.12 3.56 17.32
CA ARG B 19 -27.03 4.49 16.64
C ARG B 19 -27.10 4.21 15.14
N LYS B 20 -25.94 3.97 14.54
CA LYS B 20 -25.87 3.68 13.11
C LYS B 20 -26.49 2.32 12.78
N VAL B 21 -26.23 1.32 13.61
CA VAL B 21 -26.77 -0.02 13.37
C VAL B 21 -28.28 -0.06 13.61
N SER B 22 -28.78 0.78 14.49
CA SER B 22 -30.21 0.83 14.75
C SER B 22 -30.92 1.29 13.47
N ARG B 23 -30.29 2.20 12.73
CA ARG B 23 -30.87 2.69 11.49
C ARG B 23 -30.82 1.59 10.42
N ALA B 24 -29.82 0.73 10.56
CA ALA B 24 -29.62 -0.38 9.64
C ALA B 24 -30.63 -1.45 9.95
N ILE B 25 -30.74 -1.81 11.22
CA ILE B 25 -31.68 -2.84 11.60
C ILE B 25 -33.07 -2.59 11.05
N HIS B 26 -33.66 -1.42 11.31
CA HIS B 26 -35.00 -1.26 10.75
C HIS B 26 -35.11 -0.65 9.35
N LEU B 27 -34.04 -0.73 8.58
CA LEU B 27 -34.10 -0.28 7.19
C LEU B 27 -34.24 -1.65 6.51
N ALA B 28 -34.53 -2.64 7.35
CA ALA B 28 -34.71 -4.05 7.02
C ALA B 28 -35.17 -4.42 5.60
N PRO B 29 -36.45 -4.79 5.39
CA PRO B 29 -37.67 -4.98 6.20
C PRO B 29 -37.88 -6.38 6.76
N ASN B 30 -36.80 -7.09 7.08
CA ASN B 30 -36.90 -8.43 7.63
C ASN B 30 -36.31 -8.53 9.03
N ALA B 31 -36.47 -7.48 9.83
CA ALA B 31 -35.98 -7.42 11.20
C ALA B 31 -36.31 -6.05 11.77
N THR B 32 -36.49 -5.98 13.08
CA THR B 32 -36.81 -4.70 13.72
C THR B 32 -36.16 -4.59 15.09
N ILE B 33 -36.34 -3.45 15.75
CA ILE B 33 -35.77 -3.23 17.08
C ILE B 33 -36.79 -3.70 18.11
N SER B 34 -36.48 -4.81 18.78
CA SER B 34 -37.37 -5.37 19.79
C SER B 34 -37.12 -4.79 21.17
N GLY B 35 -35.85 -4.79 21.58
CA GLY B 35 -35.50 -4.27 22.89
C GLY B 35 -34.13 -3.65 22.94
N VAL B 36 -33.84 -2.99 24.05
CA VAL B 36 -32.58 -2.33 24.26
C VAL B 36 -32.15 -2.57 25.70
N ALA B 37 -30.85 -2.77 25.91
CA ALA B 37 -30.34 -3.01 27.25
C ALA B 37 -29.05 -2.24 27.51
N SER B 38 -28.97 -1.64 28.70
CA SER B 38 -27.80 -0.89 29.12
C SER B 38 -27.49 -1.34 30.54
N ARG B 39 -26.42 -0.80 31.11
CA ARG B 39 -26.06 -1.13 32.49
C ARG B 39 -26.98 -0.30 33.38
N SER B 40 -27.33 0.89 32.87
CA SER B 40 -28.21 1.81 33.58
C SER B 40 -29.54 1.90 32.83
N LEU B 41 -30.63 1.67 33.55
CA LEU B 41 -31.96 1.73 32.94
C LEU B 41 -32.24 3.07 32.26
N GLU B 42 -31.66 4.14 32.81
CA GLU B 42 -31.86 5.48 32.27
C GLU B 42 -31.34 5.67 30.86
N LYS B 43 -30.07 5.30 30.62
CA LYS B 43 -29.49 5.44 29.29
C LYS B 43 -30.34 4.76 28.23
N ALA B 44 -30.69 3.50 28.45
CA ALA B 44 -31.52 2.76 27.50
C ALA B 44 -32.75 3.62 27.22
N LYS B 45 -33.38 4.08 28.31
CA LYS B 45 -34.56 4.92 28.25
C LYS B 45 -34.29 6.13 27.34
N ALA B 46 -33.25 6.89 27.66
CA ALA B 46 -32.88 8.07 26.88
C ALA B 46 -32.50 7.67 25.45
N PHE B 47 -31.60 6.70 25.35
CA PHE B 47 -31.11 6.18 24.08
C PHE B 47 -32.28 5.89 23.12
N ALA B 48 -33.22 5.08 23.61
CA ALA B 48 -34.40 4.70 22.82
C ALA B 48 -35.18 5.91 22.29
N THR B 49 -35.45 6.88 23.17
CA THR B 49 -36.20 8.08 22.79
C THR B 49 -35.42 8.93 21.79
N ALA B 50 -34.14 9.15 22.06
CA ALA B 50 -33.27 9.95 21.20
C ALA B 50 -33.02 9.29 19.85
N ASN B 51 -33.11 7.97 19.79
CA ASN B 51 -32.86 7.27 18.55
C ASN B 51 -34.12 6.76 17.84
N ASN B 52 -35.19 7.55 17.95
CA ASN B 52 -36.47 7.27 17.31
C ASN B 52 -36.92 5.81 17.48
N TYR B 53 -36.50 5.19 18.58
CA TYR B 53 -36.86 3.81 18.89
C TYR B 53 -38.35 3.75 19.12
N PRO B 54 -39.00 2.65 18.69
CA PRO B 54 -40.44 2.52 18.88
C PRO B 54 -40.90 2.54 20.34
N GLU B 55 -42.21 2.54 20.54
CA GLU B 55 -42.81 2.59 21.87
C GLU B 55 -42.78 1.26 22.61
N SER B 56 -43.15 0.19 21.92
CA SER B 56 -43.18 -1.14 22.52
C SER B 56 -41.81 -1.82 22.64
N THR B 57 -40.74 -1.03 22.58
CA THR B 57 -39.39 -1.59 22.69
C THR B 57 -39.10 -2.02 24.13
N LYS B 58 -38.82 -3.31 24.32
CA LYS B 58 -38.51 -3.80 25.67
C LYS B 58 -37.29 -3.03 26.16
N ILE B 59 -37.46 -2.29 27.26
CA ILE B 59 -36.38 -1.49 27.81
C ILE B 59 -35.80 -2.08 29.09
N HIS B 60 -34.80 -2.94 28.91
CA HIS B 60 -34.12 -3.62 30.01
C HIS B 60 -33.10 -2.77 30.77
N GLY B 61 -33.09 -2.94 32.09
CA GLY B 61 -32.15 -2.19 32.90
C GLY B 61 -30.88 -2.96 33.18
N SER B 62 -30.64 -4.03 32.42
CA SER B 62 -29.42 -4.83 32.60
C SER B 62 -29.21 -5.80 31.46
N TYR B 63 -27.97 -6.27 31.33
CA TYR B 63 -27.61 -7.23 30.29
C TYR B 63 -28.35 -8.54 30.59
N GLU B 64 -28.11 -9.10 31.76
CA GLU B 64 -28.74 -10.34 32.17
C GLU B 64 -30.23 -10.25 31.92
N SER B 65 -30.81 -9.12 32.27
CA SER B 65 -32.24 -8.92 32.07
C SER B 65 -32.63 -9.08 30.61
N LEU B 66 -31.91 -8.42 29.70
CA LEU B 66 -32.21 -8.53 28.27
C LEU B 66 -32.08 -9.98 27.80
N LEU B 67 -31.27 -10.76 28.51
CA LEU B 67 -31.06 -12.16 28.17
C LEU B 67 -32.14 -13.01 28.83
N GLU B 68 -33.16 -12.35 29.36
CA GLU B 68 -34.26 -13.05 30.02
C GLU B 68 -35.58 -12.93 29.26
N ASP B 69 -35.76 -11.85 28.52
CA ASP B 69 -36.99 -11.66 27.75
C ASP B 69 -37.05 -12.62 26.57
N PRO B 70 -37.98 -13.58 26.61
CA PRO B 70 -38.15 -14.58 25.55
C PRO B 70 -38.57 -14.04 24.18
N GLU B 71 -38.83 -12.75 24.09
CA GLU B 71 -39.24 -12.14 22.83
C GLU B 71 -38.08 -11.49 22.03
N ILE B 72 -36.85 -11.67 22.51
CA ILE B 72 -35.67 -11.11 21.84
C ILE B 72 -34.83 -12.19 21.16
N ASP B 73 -35.26 -12.62 19.98
CA ASP B 73 -34.56 -13.66 19.22
C ASP B 73 -33.09 -13.37 18.90
N ALA B 74 -32.78 -12.17 18.44
CA ALA B 74 -31.40 -11.84 18.07
C ALA B 74 -30.85 -10.60 18.76
N LEU B 75 -29.53 -10.62 18.98
CA LEU B 75 -28.85 -9.53 19.65
C LEU B 75 -27.69 -8.94 18.85
N TYR B 76 -27.54 -7.62 18.96
CA TYR B 76 -26.45 -6.89 18.33
C TYR B 76 -25.63 -6.51 19.55
N VAL B 77 -24.38 -6.93 19.57
CA VAL B 77 -23.53 -6.68 20.74
C VAL B 77 -22.34 -5.74 20.52
N PRO B 78 -22.58 -4.43 20.59
CA PRO B 78 -21.49 -3.46 20.41
C PRO B 78 -20.72 -3.24 21.70
N LEU B 79 -20.60 -4.31 22.49
CA LEU B 79 -19.90 -4.24 23.76
C LEU B 79 -18.39 -4.16 23.56
N PRO B 80 -17.65 -3.65 24.57
CA PRO B 80 -16.19 -3.56 24.44
C PRO B 80 -15.67 -4.94 24.10
N THR B 81 -14.46 -5.01 23.55
CA THR B 81 -13.85 -6.28 23.16
C THR B 81 -13.84 -7.33 24.28
N SER B 82 -13.26 -6.97 25.41
CA SER B 82 -13.15 -7.86 26.56
C SER B 82 -14.46 -8.39 27.18
N LEU B 83 -15.61 -7.93 26.70
CA LEU B 83 -16.87 -8.40 27.24
C LEU B 83 -17.39 -9.62 26.48
N HIS B 84 -16.89 -9.82 25.27
CA HIS B 84 -17.35 -10.94 24.46
C HIS B 84 -16.88 -12.28 25.04
N VAL B 85 -16.18 -12.19 26.17
CA VAL B 85 -15.65 -13.37 26.82
C VAL B 85 -16.71 -14.06 27.69
N GLU B 86 -17.68 -13.29 28.16
CA GLU B 86 -18.74 -13.84 29.01
C GLU B 86 -20.14 -13.55 28.52
N TRP B 87 -20.39 -12.29 28.18
CA TRP B 87 -21.70 -11.84 27.74
C TRP B 87 -22.18 -12.32 26.38
N ALA B 88 -21.26 -12.84 25.57
CA ALA B 88 -21.64 -13.36 24.27
C ALA B 88 -22.15 -14.78 24.48
N ILE B 89 -21.34 -15.59 25.17
CA ILE B 89 -21.69 -16.97 25.46
C ILE B 89 -23.04 -17.07 26.16
N LYS B 90 -23.23 -16.27 27.21
CA LYS B 90 -24.49 -16.28 27.93
C LYS B 90 -25.62 -16.04 26.93
N ALA B 91 -25.35 -15.24 25.90
CA ALA B 91 -26.34 -14.93 24.87
C ALA B 91 -26.72 -16.21 24.11
N ALA B 92 -25.72 -16.93 23.64
CA ALA B 92 -25.97 -18.18 22.93
C ALA B 92 -26.76 -19.10 23.85
N GLU B 93 -26.39 -19.10 25.12
CA GLU B 93 -27.04 -19.93 26.11
C GLU B 93 -28.52 -19.57 26.30
N LYS B 94 -28.85 -18.29 26.22
CA LYS B 94 -30.23 -17.88 26.37
C LYS B 94 -30.91 -17.79 25.01
N GLY B 95 -30.57 -18.74 24.14
CA GLY B 95 -31.16 -18.79 22.81
C GLY B 95 -31.05 -17.50 22.01
N LYS B 96 -30.04 -16.70 22.29
CA LYS B 96 -29.87 -15.43 21.56
C LYS B 96 -28.84 -15.55 20.45
N HIS B 97 -29.28 -15.35 19.21
CA HIS B 97 -28.36 -15.39 18.07
C HIS B 97 -27.35 -14.28 18.33
N ILE B 98 -26.14 -14.40 17.78
CA ILE B 98 -25.14 -13.39 18.04
C ILE B 98 -24.56 -12.59 16.88
N LEU B 99 -24.65 -11.28 17.03
CA LEU B 99 -24.11 -10.32 16.06
C LEU B 99 -23.11 -9.53 16.89
N LEU B 100 -21.97 -10.17 17.13
CA LEU B 100 -20.86 -9.65 17.93
C LEU B 100 -20.01 -8.60 17.21
N GLU B 101 -19.83 -7.43 17.83
CA GLU B 101 -19.02 -6.38 17.21
C GLU B 101 -17.56 -6.82 17.11
N LYS B 102 -16.87 -6.27 16.13
CA LYS B 102 -15.46 -6.59 15.96
C LYS B 102 -14.64 -5.57 16.75
N PRO B 103 -13.42 -5.94 17.16
CA PRO B 103 -12.79 -7.25 16.92
C PRO B 103 -13.24 -8.22 18.02
N VAL B 104 -13.71 -9.40 17.63
CA VAL B 104 -14.22 -10.42 18.56
C VAL B 104 -13.58 -10.49 19.95
N ALA B 105 -12.83 -11.57 20.18
CA ALA B 105 -12.16 -11.81 21.46
C ALA B 105 -10.76 -11.22 21.56
N MSE B 106 -10.03 -11.68 22.57
CA MSE B 106 -8.66 -11.24 22.80
C MSE B 106 -7.64 -12.22 22.21
O MSE B 106 -6.44 -12.02 22.33
CB MSE B 106 -8.40 -11.06 24.30
CG MSE B 106 -8.99 -9.79 24.89
SE MSE B 106 -8.17 -8.16 24.22
CE MSE B 106 -6.85 -7.89 25.61
N ASN B 107 -8.15 -13.28 21.58
CA ASN B 107 -7.32 -14.31 20.95
C ASN B 107 -8.18 -15.48 20.47
N VAL B 108 -7.54 -16.49 19.88
CA VAL B 108 -8.26 -17.64 19.36
C VAL B 108 -8.94 -18.46 20.45
N THR B 109 -8.33 -18.51 21.63
CA THR B 109 -8.87 -19.27 22.76
C THR B 109 -10.10 -18.61 23.33
N GLU B 110 -10.10 -17.28 23.35
CA GLU B 110 -11.24 -16.57 23.88
C GLU B 110 -12.38 -16.67 22.88
N PHE B 111 -12.11 -16.42 21.60
CA PHE B 111 -13.17 -16.51 20.60
C PHE B 111 -13.58 -17.97 20.40
N ASP B 112 -12.68 -18.89 20.72
CA ASP B 112 -12.96 -20.32 20.59
C ASP B 112 -14.18 -20.71 21.41
N LYS B 113 -14.40 -20.02 22.53
CA LYS B 113 -15.56 -20.33 23.38
C LYS B 113 -16.85 -19.81 22.76
N ILE B 114 -16.80 -18.60 22.20
CA ILE B 114 -17.96 -17.99 21.58
C ILE B 114 -18.60 -18.92 20.56
N VAL B 115 -17.96 -19.06 19.39
CA VAL B 115 -18.47 -19.94 18.34
C VAL B 115 -18.80 -21.32 18.91
N ASP B 116 -18.07 -21.70 19.96
CA ASP B 116 -18.29 -23.00 20.61
C ASP B 116 -19.70 -23.10 21.17
N ALA B 117 -20.09 -22.09 21.96
CA ALA B 117 -21.42 -22.06 22.56
C ALA B 117 -22.47 -21.88 21.47
N CYS B 118 -22.19 -20.97 20.54
CA CYS B 118 -23.12 -20.72 19.44
C CYS B 118 -23.47 -22.02 18.71
N GLU B 119 -22.44 -22.76 18.28
CA GLU B 119 -22.66 -24.04 17.60
C GLU B 119 -23.35 -24.94 18.61
N ALA B 120 -23.07 -24.69 19.87
CA ALA B 120 -23.66 -25.46 20.95
C ALA B 120 -25.09 -25.01 21.27
N ASN B 121 -25.75 -24.39 20.29
CA ASN B 121 -27.12 -23.92 20.48
C ASN B 121 -27.86 -23.67 19.16
N GLY B 122 -27.17 -23.87 18.05
CA GLY B 122 -27.78 -23.67 16.75
C GLY B 122 -27.94 -22.23 16.28
N VAL B 123 -27.71 -21.26 17.16
CA VAL B 123 -27.84 -19.87 16.75
C VAL B 123 -26.68 -19.40 15.88
N GLN B 124 -26.96 -18.45 15.01
CA GLN B 124 -25.97 -17.89 14.10
C GLN B 124 -25.09 -16.91 14.87
N ILE B 125 -23.79 -16.94 14.61
CA ILE B 125 -22.83 -16.04 15.24
C ILE B 125 -22.35 -15.10 14.12
N MSE B 126 -21.86 -13.93 14.48
CA MSE B 126 -21.39 -12.97 13.48
C MSE B 126 -20.66 -11.78 14.08
O MSE B 126 -21.09 -11.22 15.10
CB MSE B 126 -22.55 -12.44 12.63
CG MSE B 126 -22.13 -11.32 11.68
SE MSE B 126 -23.54 -10.10 11.22
CE MSE B 126 -23.85 -10.67 9.40
N ASP B 127 -19.56 -11.37 13.46
CA ASP B 127 -18.82 -10.21 13.93
C ASP B 127 -19.39 -8.98 13.24
N GLY B 128 -19.30 -7.83 13.89
CA GLY B 128 -19.86 -6.62 13.31
C GLY B 128 -18.95 -5.76 12.43
N THR B 129 -18.92 -6.09 11.14
CA THR B 129 -18.15 -5.39 10.12
C THR B 129 -19.13 -5.16 8.96
N MSE B 130 -19.15 -3.96 8.39
CA MSE B 130 -20.11 -3.69 7.31
C MSE B 130 -19.66 -3.79 5.85
O MSE B 130 -20.34 -4.42 5.03
CB MSE B 130 -20.73 -2.29 7.50
CG MSE B 130 -20.66 -1.74 8.91
SE MSE B 130 -21.79 -0.20 9.08
CE MSE B 130 -22.51 -0.56 10.86
N TRP B 131 -18.52 -3.18 5.54
CA TRP B 131 -18.04 -3.16 4.16
C TRP B 131 -18.01 -4.49 3.42
N VAL B 132 -17.95 -5.60 4.16
CA VAL B 132 -17.92 -6.90 3.51
C VAL B 132 -19.31 -7.28 3.04
N HIS B 133 -20.26 -6.38 3.26
CA HIS B 133 -21.65 -6.60 2.86
C HIS B 133 -22.13 -5.60 1.79
N ASN B 134 -21.23 -4.74 1.35
CA ASN B 134 -21.58 -3.74 0.33
C ASN B 134 -21.61 -4.40 -1.04
N PRO B 135 -22.63 -4.11 -1.85
CA PRO B 135 -22.72 -4.72 -3.18
C PRO B 135 -21.38 -4.67 -3.92
N ARG B 136 -20.68 -3.55 -3.79
CA ARG B 136 -19.39 -3.36 -4.43
C ARG B 136 -18.47 -4.55 -4.19
N THR B 137 -18.47 -5.02 -2.95
CA THR B 137 -17.64 -6.14 -2.55
C THR B 137 -17.89 -7.39 -3.40
N ALA B 138 -19.12 -7.59 -3.86
CA ALA B 138 -19.42 -8.75 -4.69
C ALA B 138 -18.71 -8.56 -6.04
N LEU B 139 -18.65 -7.30 -6.48
CA LEU B 139 -17.98 -6.97 -7.74
C LEU B 139 -16.46 -7.11 -7.55
N LEU B 140 -15.98 -6.86 -6.33
CA LEU B 140 -14.55 -6.99 -6.05
C LEU B 140 -14.16 -8.47 -6.12
N LYS B 141 -15.01 -9.35 -5.60
CA LYS B 141 -14.73 -10.78 -5.66
C LYS B 141 -14.73 -11.24 -7.11
N GLU B 142 -15.65 -10.66 -7.90
CA GLU B 142 -15.76 -11.02 -9.31
C GLU B 142 -14.48 -10.69 -10.09
N PHE B 143 -13.88 -9.54 -9.80
CA PHE B 143 -12.66 -9.14 -10.46
C PHE B 143 -11.50 -10.05 -10.00
N LEU B 144 -11.22 -10.03 -8.71
CA LEU B 144 -10.16 -10.87 -8.17
C LEU B 144 -10.27 -12.33 -8.63
N SER B 145 -11.50 -12.76 -8.93
CA SER B 145 -11.75 -14.13 -9.38
C SER B 145 -11.61 -14.29 -10.90
N ASP B 146 -11.68 -13.17 -11.61
CA ASP B 146 -11.57 -13.18 -13.07
C ASP B 146 -10.12 -13.47 -13.47
N SER B 147 -9.88 -14.66 -14.02
CA SER B 147 -8.55 -15.07 -14.41
C SER B 147 -8.01 -14.35 -15.63
N GLU B 148 -8.86 -13.62 -16.34
CA GLU B 148 -8.41 -12.90 -17.52
C GLU B 148 -8.28 -11.40 -17.32
N ARG B 149 -9.18 -10.81 -16.54
CA ARG B 149 -9.17 -9.39 -16.27
C ARG B 149 -8.19 -9.01 -15.16
N PHE B 150 -7.99 -9.91 -14.20
CA PHE B 150 -7.07 -9.66 -13.08
C PHE B 150 -5.94 -10.69 -13.04
N GLY B 151 -6.25 -11.93 -13.43
CA GLY B 151 -5.26 -12.99 -13.45
C GLY B 151 -5.03 -13.65 -12.11
N GLN B 152 -3.78 -14.04 -11.84
CA GLN B 152 -3.42 -14.67 -10.58
C GLN B 152 -2.91 -13.61 -9.60
N LEU B 153 -3.37 -13.68 -8.36
CA LEU B 153 -2.97 -12.74 -7.32
C LEU B 153 -1.49 -12.91 -6.94
N LYS B 154 -0.78 -11.80 -6.81
CA LYS B 154 0.64 -11.82 -6.44
C LYS B 154 0.81 -11.25 -5.04
N THR B 155 0.23 -10.08 -4.81
CA THR B 155 0.32 -9.44 -3.52
C THR B 155 -0.91 -8.55 -3.30
N VAL B 156 -1.15 -8.18 -2.03
CA VAL B 156 -2.25 -7.29 -1.72
C VAL B 156 -1.86 -6.45 -0.52
N GLN B 157 -1.95 -5.13 -0.69
CA GLN B 157 -1.62 -4.19 0.37
C GLN B 157 -2.85 -3.45 0.85
N SER B 158 -2.99 -3.34 2.17
CA SER B 158 -4.13 -2.63 2.74
C SER B 158 -3.78 -2.09 4.12
N CYS B 159 -4.32 -0.93 4.43
CA CYS B 159 -4.06 -0.33 5.72
C CYS B 159 -5.09 0.74 6.04
N PHE B 160 -5.54 0.77 7.29
CA PHE B 160 -6.53 1.75 7.75
C PHE B 160 -5.97 2.52 8.94
N SER B 161 -5.93 3.84 8.83
CA SER B 161 -5.44 4.67 9.91
C SER B 161 -6.28 5.90 10.08
N PHE B 162 -6.32 6.42 11.31
CA PHE B 162 -7.07 7.65 11.58
C PHE B 162 -6.38 8.33 12.75
N ALA B 163 -6.36 9.66 12.72
CA ALA B 163 -5.70 10.44 13.78
C ALA B 163 -6.67 10.83 14.89
N GLY B 164 -6.57 10.12 16.02
CA GLY B 164 -7.43 10.45 17.14
C GLY B 164 -6.92 11.71 17.81
N ASP B 165 -7.83 12.57 18.27
CA ASP B 165 -7.43 13.82 18.92
C ASP B 165 -7.31 13.62 20.43
N GLU B 166 -6.98 14.70 21.15
CA GLU B 166 -6.81 14.66 22.60
C GLU B 166 -7.91 13.86 23.31
N ASP B 167 -9.16 14.18 22.99
CA ASP B 167 -10.29 13.49 23.61
C ASP B 167 -10.29 12.00 23.29
N PHE B 168 -10.02 11.65 22.04
CA PHE B 168 -10.01 10.24 21.66
C PHE B 168 -8.78 9.53 22.23
N LEU B 169 -7.59 9.99 21.84
CA LEU B 169 -6.35 9.40 22.31
C LEU B 169 -6.30 9.26 23.82
N LYS B 170 -7.19 9.98 24.50
CA LYS B 170 -7.22 9.93 25.95
C LYS B 170 -8.45 9.19 26.49
N ASN B 171 -9.61 9.44 25.90
CA ASN B 171 -10.83 8.81 26.39
C ASN B 171 -11.58 7.97 25.36
N ASP B 172 -11.11 6.74 25.19
CA ASP B 172 -11.74 5.80 24.25
C ASP B 172 -11.35 4.38 24.69
N ILE B 173 -12.31 3.48 24.64
CA ILE B 173 -12.08 2.11 25.05
C ILE B 173 -11.00 1.41 24.22
N ARG B 174 -10.64 1.99 23.08
CA ARG B 174 -9.64 1.40 22.19
C ARG B 174 -8.19 1.59 22.62
N VAL B 175 -7.97 2.25 23.74
CA VAL B 175 -6.60 2.46 24.23
C VAL B 175 -6.49 1.79 25.59
N LYS B 176 -7.64 1.34 26.08
CA LYS B 176 -7.77 0.67 27.37
C LYS B 176 -7.56 -0.84 27.25
N PRO B 177 -6.40 -1.34 27.74
CA PRO B 177 -6.05 -2.76 27.67
C PRO B 177 -7.04 -3.69 28.38
N GLY B 178 -8.00 -3.10 29.08
CA GLY B 178 -8.99 -3.89 29.80
C GLY B 178 -10.26 -4.13 29.00
N LEU B 179 -10.64 -3.17 28.17
CA LEU B 179 -11.85 -3.30 27.34
C LEU B 179 -11.44 -3.69 25.92
N ASP B 180 -11.32 -2.71 25.03
CA ASP B 180 -10.89 -2.98 23.67
C ASP B 180 -9.37 -2.87 23.67
N GLY B 181 -8.72 -3.85 24.31
CA GLY B 181 -7.28 -3.84 24.44
C GLY B 181 -6.40 -4.16 23.24
N LEU B 182 -7.00 -4.44 22.08
CA LEU B 182 -6.21 -4.76 20.91
C LEU B 182 -5.75 -3.49 20.20
N GLY B 183 -6.33 -2.37 20.58
CA GLY B 183 -5.95 -1.10 19.99
C GLY B 183 -6.29 -0.90 18.52
N ALA B 184 -5.34 -0.31 17.79
CA ALA B 184 -5.52 -0.03 16.37
C ALA B 184 -5.57 -1.28 15.50
N LEU B 185 -5.09 -2.40 16.05
CA LEU B 185 -5.07 -3.68 15.33
C LEU B 185 -6.46 -4.25 15.21
N GLY B 186 -7.19 -4.28 16.33
CA GLY B 186 -8.54 -4.81 16.32
C GLY B 186 -9.56 -3.85 15.73
N ASP B 187 -9.32 -2.56 15.87
CA ASP B 187 -10.25 -1.55 15.36
C ASP B 187 -9.95 -1.19 13.90
N ALA B 188 -8.68 -1.18 13.54
CA ALA B 188 -8.27 -0.84 12.18
C ALA B 188 -7.62 -2.01 11.44
N GLY B 189 -6.55 -2.57 12.01
CA GLY B 189 -5.87 -3.68 11.37
C GLY B 189 -6.88 -4.73 10.90
N TRP B 190 -7.81 -5.06 11.78
CA TRP B 190 -8.88 -6.03 11.49
C TRP B 190 -9.35 -5.89 10.05
N TYR B 191 -9.67 -4.66 9.65
CA TYR B 191 -10.16 -4.37 8.31
C TYR B 191 -9.13 -4.66 7.23
N ALA B 192 -7.88 -4.32 7.50
CA ALA B 192 -6.80 -4.54 6.54
C ALA B 192 -6.50 -6.03 6.39
N ILE B 193 -6.89 -6.81 7.40
CA ILE B 193 -6.66 -8.24 7.38
C ILE B 193 -7.81 -8.95 6.65
N ARG B 194 -9.03 -8.49 6.85
CA ARG B 194 -10.19 -9.10 6.22
C ARG B 194 -10.07 -8.96 4.71
N ALA B 195 -9.58 -7.80 4.29
CA ALA B 195 -9.41 -7.52 2.88
C ALA B 195 -8.34 -8.41 2.26
N THR B 196 -7.18 -8.52 2.89
CA THR B 196 -6.12 -9.35 2.31
C THR B 196 -6.61 -10.80 2.31
N LEU B 197 -7.25 -11.21 3.38
CA LEU B 197 -7.75 -12.58 3.45
C LEU B 197 -8.72 -12.79 2.31
N LEU B 198 -9.72 -11.91 2.22
CA LEU B 198 -10.74 -12.01 1.18
C LEU B 198 -10.10 -12.10 -0.21
N ALA B 199 -9.14 -11.23 -0.50
CA ALA B 199 -8.48 -11.24 -1.79
C ALA B 199 -7.80 -12.59 -2.05
N ASN B 200 -7.45 -13.30 -0.98
CA ASN B 200 -6.77 -14.58 -1.10
C ASN B 200 -7.73 -15.75 -0.94
N ASN B 201 -8.93 -15.58 -1.48
CA ASN B 201 -9.97 -16.60 -1.43
C ASN B 201 -10.17 -17.22 -0.05
N PHE B 202 -10.08 -16.38 0.98
CA PHE B 202 -10.28 -16.78 2.36
C PHE B 202 -9.26 -17.78 2.86
N GLU B 203 -8.13 -17.86 2.18
CA GLU B 203 -7.07 -18.77 2.59
C GLU B 203 -6.18 -18.07 3.61
N LEU B 204 -5.66 -18.83 4.56
CA LEU B 204 -4.78 -18.27 5.58
C LEU B 204 -3.35 -18.16 5.06
N PRO B 205 -2.55 -17.25 5.63
CA PRO B 205 -1.17 -17.14 5.16
C PRO B 205 -0.40 -18.28 5.80
N LYS B 206 0.85 -18.50 5.40
CA LYS B 206 1.65 -19.56 6.01
C LYS B 206 2.18 -19.06 7.34
N THR B 207 2.76 -17.86 7.33
CA THR B 207 3.31 -17.27 8.54
C THR B 207 3.04 -15.78 8.61
N VAL B 208 3.37 -15.19 9.76
CA VAL B 208 3.16 -13.77 10.01
C VAL B 208 4.45 -13.15 10.58
N THR B 209 4.64 -11.86 10.36
CA THR B 209 5.82 -11.18 10.86
C THR B 209 5.56 -9.67 10.94
N ALA B 210 5.26 -9.17 12.13
CA ALA B 210 5.00 -7.74 12.29
C ALA B 210 6.23 -6.94 11.85
N PHE B 211 6.04 -5.67 11.47
CA PHE B 211 7.15 -4.83 11.04
C PHE B 211 8.11 -4.56 12.19
N PRO B 212 9.40 -4.80 11.98
CA PRO B 212 10.37 -4.54 13.05
C PRO B 212 10.35 -3.05 13.40
N GLY B 213 9.64 -2.69 14.47
CA GLY B 213 9.57 -1.30 14.89
C GLY B 213 8.18 -0.76 15.23
N ALA B 214 7.40 -1.54 15.96
CA ALA B 214 6.04 -1.16 16.35
C ALA B 214 6.00 -0.17 17.52
N VAL B 215 4.82 0.36 17.79
CA VAL B 215 4.62 1.33 18.87
C VAL B 215 3.51 0.94 19.85
N LEU B 216 3.87 0.85 21.14
CA LEU B 216 2.93 0.51 22.19
C LEU B 216 2.71 1.73 23.05
N ASN B 217 1.54 1.85 23.68
CA ASN B 217 1.32 3.00 24.56
C ASN B 217 1.90 2.64 25.92
N GLU B 218 1.78 3.54 26.89
CA GLU B 218 2.31 3.29 28.22
C GLU B 218 1.71 2.01 28.81
N ALA B 219 0.44 1.75 28.50
CA ALA B 219 -0.26 0.57 28.99
C ALA B 219 -0.01 -0.67 28.15
N GLY B 220 0.87 -0.56 27.16
CA GLY B 220 1.20 -1.71 26.32
C GLY B 220 0.28 -1.98 25.13
N VAL B 221 -0.84 -1.27 25.05
CA VAL B 221 -1.77 -1.46 23.94
C VAL B 221 -1.13 -0.87 22.67
N ILE B 222 -1.49 -1.45 21.52
CA ILE B 222 -0.96 -1.02 20.24
C ILE B 222 -1.62 0.25 19.69
N LEU B 223 -0.79 1.20 19.28
CA LEU B 223 -1.29 2.45 18.72
C LEU B 223 -1.03 2.46 17.21
N SER B 224 -0.10 1.62 16.77
CA SER B 224 0.24 1.54 15.36
C SER B 224 1.19 0.37 15.13
N CYS B 225 1.02 -0.33 14.03
CA CYS B 225 1.91 -1.43 13.68
C CYS B 225 1.47 -2.12 12.39
N GLY B 226 2.35 -2.94 11.83
CA GLY B 226 2.03 -3.67 10.62
C GLY B 226 2.75 -5.01 10.59
N ALA B 227 2.32 -5.92 9.73
CA ALA B 227 2.95 -7.23 9.64
C ALA B 227 3.37 -7.61 8.23
N SER B 228 3.20 -8.89 7.94
CA SER B 228 3.51 -9.45 6.65
C SER B 228 2.84 -10.82 6.62
N LEU B 229 2.57 -11.32 5.42
CA LEU B 229 1.95 -12.62 5.24
C LEU B 229 2.47 -13.26 3.96
N SER B 230 2.67 -14.57 3.98
CA SER B 230 3.16 -15.25 2.80
C SER B 230 2.45 -16.58 2.66
N TRP B 231 2.18 -16.95 1.41
CA TRP B 231 1.52 -18.22 1.12
C TRP B 231 2.51 -19.15 0.42
N GLU B 232 3.75 -18.67 0.29
CA GLU B 232 4.83 -19.41 -0.34
C GLU B 232 4.68 -19.54 -1.86
N ASP B 233 3.48 -19.22 -2.36
CA ASP B 233 3.21 -19.26 -3.79
C ASP B 233 4.01 -18.13 -4.40
N GLY B 234 4.32 -17.15 -3.56
CA GLY B 234 5.02 -15.97 -3.99
C GLY B 234 4.05 -14.83 -3.80
N ARG B 235 3.12 -15.05 -2.88
CA ARG B 235 2.09 -14.08 -2.51
C ARG B 235 2.41 -13.57 -1.11
N THR B 236 2.44 -12.26 -0.95
CA THR B 236 2.72 -11.68 0.34
C THR B 236 1.48 -10.93 0.78
N ALA B 237 1.48 -10.46 2.03
CA ALA B 237 0.36 -9.72 2.55
C ALA B 237 0.73 -8.84 3.74
N THR B 238 1.20 -7.64 3.43
CA THR B 238 1.56 -6.69 4.45
C THR B 238 0.31 -5.93 4.86
N ILE B 239 0.29 -5.47 6.10
CA ILE B 239 -0.83 -4.69 6.61
C ILE B 239 -0.25 -3.51 7.38
N TYR B 240 -1.08 -2.50 7.65
CA TYR B 240 -0.63 -1.33 8.40
C TYR B 240 -1.82 -0.64 9.05
N CYS B 241 -1.61 -0.12 10.25
CA CYS B 241 -2.68 0.56 10.98
C CYS B 241 -2.13 1.48 12.06
N SER B 242 -2.93 2.45 12.48
CA SER B 242 -2.50 3.41 13.48
C SER B 242 -3.61 4.36 13.89
N PHE B 243 -3.48 4.94 15.08
CA PHE B 243 -4.45 5.91 15.60
C PHE B 243 -3.87 7.32 15.48
N LEU B 244 -2.73 7.44 14.81
CA LEU B 244 -2.04 8.72 14.67
C LEU B 244 -1.83 9.19 13.24
N ALA B 245 -2.83 9.06 12.37
CA ALA B 245 -2.65 9.49 10.99
C ALA B 245 -3.96 9.72 10.25
N ASN B 246 -4.02 10.83 9.52
CA ASN B 246 -5.20 11.21 8.75
C ASN B 246 -6.01 10.02 8.22
N LEU B 247 -7.32 10.22 8.08
CA LEU B 247 -8.17 9.15 7.57
C LEU B 247 -7.57 8.64 6.26
N THR B 248 -7.38 7.32 6.19
CA THR B 248 -6.81 6.65 5.02
C THR B 248 -7.20 5.18 5.12
N MSE B 249 -7.86 4.67 4.08
CA MSE B 249 -8.30 3.28 4.08
C MSE B 249 -8.10 2.67 2.70
O MSE B 249 -9.04 2.57 1.90
CB MSE B 249 -9.77 3.19 4.48
CG MSE B 249 -10.67 4.15 3.75
SE MSE B 249 -12.51 4.13 4.34
CE MSE B 249 -12.23 4.86 6.11
N GLU B 250 -6.88 2.23 2.41
CA GLU B 250 -6.58 1.66 1.12
C GLU B 250 -6.61 0.15 1.01
N ILE B 251 -6.85 -0.29 -0.22
CA ILE B 251 -6.85 -1.70 -0.60
C ILE B 251 -6.22 -1.73 -1.98
N THR B 252 -5.08 -2.40 -2.08
CA THR B 252 -4.41 -2.55 -3.36
C THR B 252 -4.16 -4.03 -3.58
N ALA B 253 -4.63 -4.54 -4.72
CA ALA B 253 -4.46 -5.96 -5.06
C ALA B 253 -3.92 -6.04 -6.48
N ILE B 254 -2.75 -6.66 -6.63
CA ILE B 254 -2.14 -6.76 -7.94
C ILE B 254 -1.97 -8.18 -8.43
N GLY B 255 -2.52 -8.45 -9.60
CA GLY B 255 -2.42 -9.77 -10.19
C GLY B 255 -1.50 -9.78 -11.40
N THR B 256 -1.52 -10.89 -12.13
CA THR B 256 -0.69 -11.04 -13.33
C THR B 256 -1.25 -10.32 -14.56
N LYS B 257 -2.58 -10.19 -14.60
CA LYS B 257 -3.24 -9.56 -15.74
C LYS B 257 -3.80 -8.17 -15.46
N GLY B 258 -3.86 -7.81 -14.19
CA GLY B 258 -4.39 -6.51 -13.84
C GLY B 258 -4.14 -6.02 -12.42
N THR B 259 -4.78 -4.89 -12.10
CA THR B 259 -4.64 -4.26 -10.79
C THR B 259 -6.03 -3.87 -10.34
N LEU B 260 -6.23 -3.78 -9.02
CA LEU B 260 -7.52 -3.38 -8.47
C LEU B 260 -7.29 -2.58 -7.21
N ARG B 261 -8.10 -1.53 -7.02
CA ARG B 261 -7.93 -0.67 -5.86
C ARG B 261 -9.22 0.05 -5.47
N VAL B 262 -9.25 0.51 -4.23
CA VAL B 262 -10.37 1.27 -3.71
C VAL B 262 -9.85 2.07 -2.53
N HIS B 263 -10.32 3.30 -2.38
CA HIS B 263 -9.85 4.19 -1.32
C HIS B 263 -10.89 4.50 -0.24
N ASP B 264 -12.03 3.82 -0.29
CA ASP B 264 -13.09 4.03 0.69
C ASP B 264 -13.72 2.67 0.96
N PHE B 265 -12.88 1.66 1.07
CA PHE B 265 -13.34 0.28 1.27
C PHE B 265 -14.06 -0.01 2.58
N ILE B 266 -13.80 0.77 3.62
CA ILE B 266 -14.43 0.53 4.92
C ILE B 266 -15.73 1.35 5.11
N ILE B 267 -15.69 2.62 4.69
CA ILE B 267 -16.82 3.52 4.81
C ILE B 267 -16.85 4.30 3.50
N PRO B 268 -17.72 3.90 2.56
CA PRO B 268 -17.81 4.60 1.27
C PRO B 268 -17.95 6.10 1.46
N TYR B 269 -17.55 6.86 0.44
CA TYR B 269 -17.65 8.32 0.51
C TYR B 269 -19.10 8.70 0.81
N LYS B 270 -20.03 8.16 0.03
CA LYS B 270 -21.46 8.42 0.22
C LYS B 270 -22.10 7.07 0.60
N GLU B 271 -23.00 7.08 1.57
CA GLU B 271 -23.65 5.84 1.96
C GLU B 271 -24.46 5.31 0.78
N THR B 272 -24.65 6.16 -0.22
CA THR B 272 -25.38 5.81 -1.43
C THR B 272 -24.43 5.72 -2.60
N GLU B 273 -23.13 5.91 -2.33
CA GLU B 273 -22.14 5.88 -3.41
C GLU B 273 -20.77 5.29 -3.08
N ALA B 274 -20.57 4.04 -3.47
CA ALA B 274 -19.31 3.35 -3.28
C ALA B 274 -18.73 3.12 -4.68
N SER B 275 -17.40 3.10 -4.78
CA SER B 275 -16.74 2.91 -6.06
C SER B 275 -15.30 2.46 -5.85
N PHE B 276 -14.71 1.91 -6.91
CA PHE B 276 -13.32 1.45 -6.90
C PHE B 276 -12.82 1.56 -8.33
N THR B 277 -11.51 1.43 -8.50
CA THR B 277 -10.90 1.50 -9.83
C THR B 277 -10.29 0.17 -10.22
N THR B 278 -10.44 -0.17 -11.50
CA THR B 278 -9.92 -1.42 -12.04
C THR B 278 -9.00 -1.17 -13.23
N SER B 279 -7.95 -1.97 -13.33
CA SER B 279 -6.97 -1.85 -14.41
C SER B 279 -6.60 -3.23 -14.94
N THR B 280 -6.37 -3.34 -16.25
CA THR B 280 -6.04 -4.64 -16.86
C THR B 280 -4.96 -4.57 -17.93
N LYS B 281 -3.96 -5.43 -17.80
CA LYS B 281 -2.83 -5.51 -18.74
C LYS B 281 -2.38 -4.12 -19.20
N ALA B 282 -2.00 -3.26 -18.25
CA ALA B 282 -1.55 -1.92 -18.60
C ALA B 282 -0.12 -1.87 -19.14
N TRP B 283 0.11 -0.97 -20.09
CA TRP B 283 1.44 -0.84 -20.65
C TRP B 283 1.66 0.57 -21.17
N PHE B 284 2.84 0.80 -21.75
CA PHE B 284 3.21 2.10 -22.28
C PHE B 284 3.24 2.07 -23.81
N ASN B 285 3.25 3.24 -24.42
CA ASN B 285 3.33 3.34 -25.88
C ASN B 285 4.79 3.04 -26.21
N ASP B 286 5.05 2.55 -27.42
CA ASP B 286 6.41 2.20 -27.85
C ASP B 286 7.55 3.00 -27.23
N LEU B 287 7.34 4.30 -27.03
CA LEU B 287 8.40 5.16 -26.49
C LEU B 287 8.28 5.50 -25.00
N VAL B 288 7.42 4.78 -24.28
CA VAL B 288 7.21 4.99 -22.84
C VAL B 288 7.02 6.46 -22.47
N THR B 289 6.28 7.20 -23.28
CA THR B 289 6.02 8.61 -23.00
C THR B 289 4.60 8.77 -22.48
N ALA B 290 3.89 7.63 -22.37
CA ALA B 290 2.51 7.60 -21.88
C ALA B 290 2.00 6.16 -21.74
N TRP B 291 0.99 5.97 -20.90
CA TRP B 291 0.36 4.66 -20.70
C TRP B 291 -0.53 4.49 -21.92
N VAL B 292 -0.64 3.28 -22.44
CA VAL B 292 -1.52 3.07 -23.60
C VAL B 292 -2.97 3.22 -23.15
N SER B 293 -3.24 2.93 -21.88
CA SER B 293 -4.58 3.03 -21.34
C SER B 293 -4.61 3.07 -19.80
N PRO B 294 -4.83 4.26 -19.22
CA PRO B 294 -4.89 4.47 -17.76
C PRO B 294 -6.07 3.75 -17.09
N PRO B 295 -5.93 3.42 -15.80
CA PRO B 295 -6.97 2.72 -15.03
C PRO B 295 -8.41 3.16 -15.33
N SER B 296 -9.37 2.38 -14.83
CA SER B 296 -10.78 2.67 -15.03
C SER B 296 -11.54 2.75 -13.71
N GLU B 297 -12.34 3.80 -13.54
CA GLU B 297 -13.12 3.96 -12.32
C GLU B 297 -14.53 3.38 -12.52
N HIS B 298 -14.92 2.50 -11.60
CA HIS B 298 -16.22 1.86 -11.62
C HIS B 298 -16.95 2.24 -10.35
N THR B 299 -18.06 2.95 -10.49
CA THR B 299 -18.86 3.35 -9.33
C THR B 299 -20.20 2.62 -9.39
N VAL B 300 -20.69 2.21 -8.23
CA VAL B 300 -21.94 1.47 -8.14
C VAL B 300 -22.97 2.11 -7.20
N LYS B 301 -24.23 2.04 -7.60
CA LYS B 301 -25.30 2.60 -6.78
C LYS B 301 -25.70 1.57 -5.75
N THR B 302 -25.75 1.99 -4.49
CA THR B 302 -26.13 1.10 -3.40
C THR B 302 -27.44 1.61 -2.79
N GLU B 303 -28.56 1.14 -3.36
CA GLU B 303 -29.89 1.56 -2.92
C GLU B 303 -30.00 1.52 -1.40
N LEU B 304 -29.48 0.45 -0.80
CA LEU B 304 -29.51 0.28 0.64
C LEU B 304 -28.07 0.29 1.20
N PRO B 305 -27.79 1.16 2.19
CA PRO B 305 -26.45 1.23 2.77
C PRO B 305 -25.98 -0.13 3.28
N GLN B 306 -24.66 -0.33 3.27
CA GLN B 306 -24.04 -1.59 3.67
C GLN B 306 -24.39 -2.14 5.06
N GLU B 307 -24.59 -1.27 6.04
CA GLU B 307 -24.95 -1.75 7.37
C GLU B 307 -26.36 -2.32 7.32
N ALA B 308 -27.18 -1.79 6.41
CA ALA B 308 -28.54 -2.27 6.27
C ALA B 308 -28.48 -3.67 5.69
N CYS B 309 -27.52 -3.90 4.80
CA CYS B 309 -27.37 -5.23 4.20
C CYS B 309 -26.84 -6.17 5.30
N MSE B 310 -26.23 -5.60 6.33
CA MSE B 310 -25.69 -6.42 7.41
C MSE B 310 -26.78 -7.18 8.15
O MSE B 310 -26.89 -8.40 8.01
CB MSE B 310 -24.89 -5.55 8.39
CG MSE B 310 -24.31 -6.34 9.56
SE MSE B 310 -22.55 -5.71 10.06
CE MSE B 310 -22.80 -5.41 11.94
N VAL B 311 -27.59 -6.47 8.94
CA VAL B 311 -28.66 -7.12 9.68
C VAL B 311 -29.56 -7.86 8.68
N ARG B 312 -29.78 -7.21 7.53
CA ARG B 312 -30.59 -7.76 6.46
C ARG B 312 -30.25 -9.22 6.18
N GLU B 313 -28.96 -9.52 5.99
CA GLU B 313 -28.50 -10.88 5.71
C GLU B 313 -28.48 -11.72 6.98
N PHE B 314 -28.20 -11.08 8.11
CA PHE B 314 -28.17 -11.77 9.39
C PHE B 314 -29.56 -12.29 9.73
N ALA B 315 -30.58 -11.77 9.04
CA ALA B 315 -31.96 -12.17 9.27
C ALA B 315 -32.49 -13.05 8.13
N ILE B 321 -34.10 -20.40 9.72
CA ILE B 321 -33.68 -20.93 11.01
C ILE B 321 -34.86 -21.38 11.89
N LYS B 322 -35.66 -20.42 12.34
CA LYS B 322 -36.82 -20.71 13.17
C LYS B 322 -38.13 -20.84 12.39
N ASN B 323 -38.13 -20.37 11.15
CA ASN B 323 -39.32 -20.44 10.33
C ASN B 323 -39.32 -21.58 9.30
N ASN B 324 -38.16 -21.84 8.72
CA ASN B 324 -38.04 -22.91 7.71
C ASN B 324 -37.13 -24.06 8.13
N GLY B 325 -36.59 -24.00 9.34
CA GLY B 325 -35.75 -25.07 9.82
C GLY B 325 -34.29 -24.96 9.44
N ALA B 326 -33.82 -23.74 9.19
CA ALA B 326 -32.42 -23.54 8.83
C ALA B 326 -31.54 -23.78 10.05
N LYS B 327 -30.25 -23.99 9.83
CA LYS B 327 -29.28 -24.22 10.89
C LYS B 327 -28.23 -23.09 10.83
N PRO B 328 -27.38 -22.98 11.87
CA PRO B 328 -26.36 -21.93 11.86
C PRO B 328 -25.28 -22.16 10.79
N ASP B 329 -24.93 -21.09 10.08
CA ASP B 329 -23.93 -21.18 9.01
C ASP B 329 -22.53 -20.84 9.51
N GLY B 330 -21.55 -21.63 9.10
CA GLY B 330 -20.18 -21.41 9.53
C GLY B 330 -19.30 -20.49 8.70
N TYR B 331 -19.79 -20.00 7.56
CA TYR B 331 -18.99 -19.10 6.73
C TYR B 331 -18.58 -17.87 7.53
N TRP B 332 -19.51 -17.35 8.31
CA TRP B 332 -19.20 -16.16 9.09
C TRP B 332 -18.19 -16.45 10.19
N PRO B 333 -18.49 -17.41 11.08
CA PRO B 333 -17.51 -17.68 12.14
C PRO B 333 -16.16 -18.11 11.55
N SER B 334 -16.20 -18.78 10.40
CA SER B 334 -14.98 -19.21 9.73
C SER B 334 -14.17 -18.02 9.23
N ILE B 335 -14.80 -17.14 8.46
CA ILE B 335 -14.12 -15.96 7.94
C ILE B 335 -13.82 -15.05 9.13
N SER B 336 -14.48 -15.30 10.26
CA SER B 336 -14.29 -14.51 11.47
C SER B 336 -13.16 -15.00 12.34
N ARG B 337 -13.10 -16.31 12.55
CA ARG B 337 -12.04 -16.89 13.38
C ARG B 337 -10.68 -16.65 12.73
N LYS B 338 -10.63 -16.69 11.41
CA LYS B 338 -9.38 -16.47 10.69
C LYS B 338 -8.87 -15.04 10.88
N THR B 339 -9.78 -14.07 10.79
CA THR B 339 -9.39 -12.67 10.95
C THR B 339 -8.75 -12.45 12.33
N GLN B 340 -9.36 -13.02 13.38
CA GLN B 340 -8.83 -12.89 14.74
C GLN B 340 -7.48 -13.62 14.87
N LEU B 341 -7.33 -14.72 14.15
CA LEU B 341 -6.10 -15.51 14.19
C LEU B 341 -4.93 -14.72 13.63
N VAL B 342 -5.17 -13.98 12.54
CA VAL B 342 -4.09 -13.20 11.97
C VAL B 342 -3.79 -12.06 12.94
N VAL B 343 -4.84 -11.48 13.51
CA VAL B 343 -4.65 -10.40 14.48
C VAL B 343 -3.79 -10.89 15.64
N ASP B 344 -3.97 -12.16 16.02
CA ASP B 344 -3.20 -12.73 17.12
C ASP B 344 -1.77 -13.04 16.70
N ALA B 345 -1.60 -13.57 15.48
CA ALA B 345 -0.27 -13.89 14.97
C ALA B 345 0.54 -12.60 14.91
N VAL B 346 -0.09 -11.53 14.44
CA VAL B 346 0.58 -10.24 14.33
C VAL B 346 1.08 -9.81 15.70
N LYS B 347 0.15 -9.54 16.61
CA LYS B 347 0.49 -9.14 17.97
C LYS B 347 1.43 -10.15 18.62
N GLU B 348 1.43 -11.37 18.11
CA GLU B 348 2.30 -12.42 18.64
C GLU B 348 3.72 -12.24 18.10
N SER B 349 3.84 -11.52 16.98
CA SER B 349 5.15 -11.28 16.37
C SER B 349 5.85 -10.13 17.11
N VAL B 350 5.11 -9.06 17.38
CA VAL B 350 5.70 -7.92 18.10
C VAL B 350 6.21 -8.39 19.46
N ASP B 351 5.33 -8.90 20.31
CA ASP B 351 5.73 -9.38 21.63
C ASP B 351 6.97 -10.27 21.50
N LYS B 352 6.90 -11.29 20.65
CA LYS B 352 8.04 -12.18 20.45
C LYS B 352 9.16 -11.56 19.62
N ASN B 353 9.30 -10.24 19.72
CA ASN B 353 10.33 -9.49 19.01
C ASN B 353 10.34 -9.69 17.49
N TYR B 354 9.30 -9.19 16.84
CA TYR B 354 9.13 -9.28 15.39
C TYR B 354 9.59 -10.59 14.78
N GLN B 355 9.19 -11.67 15.44
CA GLN B 355 9.52 -13.03 15.00
C GLN B 355 8.50 -13.44 13.93
N GLN B 356 8.97 -14.11 12.90
CA GLN B 356 8.07 -14.56 11.84
C GLN B 356 7.10 -15.61 12.39
N ILE B 357 6.12 -15.15 13.17
CA ILE B 357 5.14 -16.04 13.76
C ILE B 357 4.62 -17.08 12.77
N SER B 358 4.76 -18.35 13.13
CA SER B 358 4.31 -19.44 12.27
C SER B 358 2.82 -19.71 12.47
N LEU B 359 2.22 -20.35 11.47
CA LEU B 359 0.80 -20.70 11.53
C LEU B 359 0.67 -22.18 11.19
N SER B 360 1.50 -23.00 11.84
CA SER B 360 1.49 -24.44 11.62
C SER B 360 0.49 -25.12 12.56
N GLN A 6 24.15 23.72 -26.49
CA GLN A 6 25.40 24.30 -25.91
C GLN A 6 26.24 23.15 -25.36
N ILE A 7 25.61 22.31 -24.54
CA ILE A 7 26.28 21.16 -23.96
C ILE A 7 26.10 19.92 -24.84
N ARG A 8 27.21 19.31 -25.22
CA ARG A 8 27.20 18.11 -26.07
C ARG A 8 27.41 16.85 -25.24
N ILE A 9 26.54 15.87 -25.44
CA ILE A 9 26.64 14.62 -24.69
C ILE A 9 26.90 13.42 -25.59
N GLY A 10 27.73 12.50 -25.10
CA GLY A 10 28.04 11.32 -25.85
C GLY A 10 27.28 10.12 -25.33
N VAL A 11 26.29 9.67 -26.10
CA VAL A 11 25.48 8.53 -25.71
C VAL A 11 26.31 7.25 -25.73
N MSE A 12 26.84 6.88 -24.58
CA MSE A 12 27.65 5.67 -24.49
C MSE A 12 26.74 4.46 -24.39
O MSE A 12 26.14 4.19 -23.34
CB MSE A 12 28.57 5.75 -23.27
CG MSE A 12 29.65 4.68 -23.27
SE MSE A 12 31.34 5.43 -22.75
CE MSE A 12 31.74 6.42 -24.36
N GLY A 13 26.62 3.73 -25.49
CA GLY A 13 25.76 2.56 -25.54
C GLY A 13 24.44 2.94 -26.20
N CYS A 14 24.03 2.18 -27.21
CA CYS A 14 22.78 2.49 -27.89
C CYS A 14 21.66 1.63 -27.32
N ALA A 15 21.31 1.90 -26.06
CA ALA A 15 20.26 1.19 -25.37
C ALA A 15 18.88 1.63 -25.86
N ASP A 16 17.95 0.69 -25.95
CA ASP A 16 16.60 1.02 -26.41
C ASP A 16 16.00 2.20 -25.64
N ILE A 17 16.45 2.40 -24.40
CA ILE A 17 15.94 3.50 -23.59
C ILE A 17 16.64 4.82 -23.89
N ALA A 18 17.74 4.76 -24.63
CA ALA A 18 18.45 5.97 -25.00
C ALA A 18 17.69 6.65 -26.14
N ARG A 19 16.57 6.05 -26.52
CA ARG A 19 15.75 6.61 -27.60
C ARG A 19 15.02 7.85 -27.12
N LYS A 20 13.93 7.65 -26.36
CA LYS A 20 13.15 8.76 -25.83
C LYS A 20 14.06 9.80 -25.18
N VAL A 21 15.19 9.35 -24.64
CA VAL A 21 16.12 10.28 -24.02
C VAL A 21 16.68 11.25 -25.08
N SER A 22 17.06 10.71 -26.23
CA SER A 22 17.58 11.56 -27.30
C SER A 22 16.59 12.72 -27.46
N ARG A 23 15.31 12.40 -27.31
CA ARG A 23 14.24 13.41 -27.41
C ARG A 23 14.42 14.37 -26.23
N ALA A 24 14.72 13.84 -25.04
CA ALA A 24 14.93 14.70 -23.87
C ALA A 24 16.08 15.62 -24.25
N ILE A 25 17.25 15.04 -24.47
CA ILE A 25 18.42 15.80 -24.88
C ILE A 25 18.01 16.83 -25.94
N HIS A 26 17.38 16.35 -27.00
CA HIS A 26 16.91 17.21 -28.08
C HIS A 26 16.14 18.40 -27.49
N LEU A 27 14.94 18.10 -26.98
CA LEU A 27 14.05 19.08 -26.38
C LEU A 27 14.68 19.87 -25.23
N ALA A 28 15.85 19.47 -24.79
CA ALA A 28 16.55 20.16 -23.72
C ALA A 28 17.44 21.24 -24.34
N PRO A 29 17.15 22.52 -24.07
CA PRO A 29 17.90 23.64 -24.60
C PRO A 29 19.42 23.56 -24.48
N ASN A 30 19.95 23.81 -23.28
CA ASN A 30 21.40 23.78 -23.07
C ASN A 30 22.05 22.42 -23.22
N ALA A 31 21.59 21.62 -24.18
CA ALA A 31 22.15 20.30 -24.39
C ALA A 31 22.08 19.92 -25.86
N THR A 32 22.92 18.98 -26.27
CA THR A 32 22.95 18.51 -27.65
C THR A 32 23.44 17.08 -27.76
N ILE A 33 22.85 16.34 -28.69
CA ILE A 33 23.23 14.95 -28.92
C ILE A 33 24.34 15.03 -29.99
N SER A 34 25.58 15.00 -29.52
CA SER A 34 26.73 15.14 -30.41
C SER A 34 27.67 13.92 -30.45
N GLY A 35 27.35 12.90 -29.67
CA GLY A 35 28.18 11.72 -29.65
C GLY A 35 27.38 10.47 -29.29
N VAL A 36 27.68 9.37 -29.97
CA VAL A 36 27.00 8.10 -29.74
C VAL A 36 27.85 6.97 -30.30
N ALA A 37 28.35 6.10 -29.42
CA ALA A 37 29.20 5.00 -29.84
C ALA A 37 28.54 3.62 -29.71
N SER A 38 29.37 2.64 -29.37
CA SER A 38 28.97 1.24 -29.19
C SER A 38 30.24 0.40 -29.18
N ARG A 39 30.09 -0.91 -29.02
CA ARG A 39 31.23 -1.79 -29.01
C ARG A 39 31.68 -2.07 -30.45
N SER A 40 30.77 -1.81 -31.39
CA SER A 40 31.04 -2.01 -32.80
C SER A 40 30.19 -1.02 -33.57
N LEU A 41 30.80 -0.31 -34.53
CA LEU A 41 30.05 0.67 -35.32
C LEU A 41 28.93 0.00 -36.13
N GLU A 42 28.61 -1.22 -35.74
CA GLU A 42 27.53 -1.96 -36.37
C GLU A 42 26.28 -1.50 -35.63
N LYS A 43 26.46 -1.17 -34.35
CA LYS A 43 25.37 -0.68 -33.51
C LYS A 43 25.28 0.84 -33.68
N ALA A 44 26.34 1.53 -33.29
CA ALA A 44 26.38 3.00 -33.36
C ALA A 44 25.86 3.57 -34.68
N LYS A 45 26.54 3.24 -35.77
CA LYS A 45 26.15 3.72 -37.09
C LYS A 45 24.68 3.38 -37.34
N ALA A 46 24.27 2.20 -36.91
CA ALA A 46 22.89 1.76 -37.09
C ALA A 46 21.92 2.51 -36.17
N PHE A 47 22.24 2.60 -34.88
CA PHE A 47 21.36 3.30 -33.95
C PHE A 47 21.20 4.77 -34.32
N ALA A 48 22.30 5.42 -34.73
CA ALA A 48 22.25 6.82 -35.12
C ALA A 48 21.36 6.99 -36.34
N THR A 49 21.17 5.89 -37.07
CA THR A 49 20.31 5.89 -38.25
C THR A 49 18.91 5.50 -37.78
N ALA A 50 18.88 4.51 -36.90
CA ALA A 50 17.62 4.01 -36.35
C ALA A 50 16.82 5.13 -35.71
N ASN A 51 17.48 5.98 -34.92
CA ASN A 51 16.78 7.05 -34.25
C ASN A 51 17.10 8.46 -34.75
N ASN A 52 17.43 8.53 -36.04
CA ASN A 52 17.72 9.79 -36.70
C ASN A 52 18.45 10.86 -35.90
N TYR A 53 19.76 10.70 -35.76
CA TYR A 53 20.55 11.68 -35.01
C TYR A 53 20.96 12.85 -35.89
N PRO A 54 21.54 13.89 -35.29
CA PRO A 54 21.97 15.05 -36.07
C PRO A 54 23.00 14.65 -37.11
N GLU A 55 23.31 15.57 -38.01
CA GLU A 55 24.29 15.33 -39.06
C GLU A 55 25.71 15.35 -38.51
N SER A 56 26.01 16.33 -37.65
CA SER A 56 27.34 16.46 -37.07
C SER A 56 27.62 15.41 -35.99
N THR A 57 26.58 14.72 -35.54
CA THR A 57 26.75 13.69 -34.51
C THR A 57 27.75 12.66 -34.98
N LYS A 58 28.87 12.54 -34.27
CA LYS A 58 29.88 11.57 -34.63
C LYS A 58 29.48 10.17 -34.20
N ILE A 59 29.72 9.20 -35.08
CA ILE A 59 29.39 7.81 -34.79
C ILE A 59 30.68 7.08 -34.44
N HIS A 60 30.69 6.41 -33.29
CA HIS A 60 31.87 5.68 -32.85
C HIS A 60 31.65 4.17 -32.72
N GLY A 61 32.70 3.40 -33.05
CA GLY A 61 32.62 1.95 -32.97
C GLY A 61 33.27 1.37 -31.72
N SER A 62 33.53 2.22 -30.74
CA SER A 62 34.13 1.80 -29.48
C SER A 62 33.77 2.81 -28.40
N TYR A 63 33.72 2.38 -27.15
CA TYR A 63 33.38 3.31 -26.08
C TYR A 63 34.55 4.27 -25.86
N GLU A 64 35.76 3.73 -25.96
CA GLU A 64 36.97 4.53 -25.78
C GLU A 64 37.04 5.66 -26.80
N SER A 65 36.65 5.35 -28.03
CA SER A 65 36.66 6.35 -29.11
C SER A 65 35.81 7.55 -28.72
N LEU A 66 34.55 7.29 -28.38
CA LEU A 66 33.63 8.34 -28.00
C LEU A 66 34.14 9.05 -26.74
N LEU A 67 34.85 8.30 -25.89
CA LEU A 67 35.41 8.85 -24.67
C LEU A 67 36.65 9.68 -24.96
N GLU A 68 37.24 9.45 -26.14
CA GLU A 68 38.45 10.17 -26.55
C GLU A 68 38.13 11.42 -27.36
N ASP A 69 36.88 11.60 -27.71
CA ASP A 69 36.49 12.78 -28.47
C ASP A 69 36.49 14.00 -27.54
N PRO A 70 37.15 15.09 -27.96
CA PRO A 70 37.21 16.30 -27.13
C PRO A 70 36.08 17.29 -27.43
N GLU A 71 35.28 16.98 -28.44
CA GLU A 71 34.17 17.83 -28.85
C GLU A 71 32.88 17.50 -28.09
N ILE A 72 33.00 16.77 -26.98
CA ILE A 72 31.85 16.37 -26.18
C ILE A 72 32.01 16.75 -24.70
N ASP A 73 31.02 17.43 -24.14
CA ASP A 73 31.06 17.87 -22.73
C ASP A 73 30.75 16.78 -21.70
N ALA A 74 29.73 15.98 -21.97
CA ALA A 74 29.35 14.93 -21.03
C ALA A 74 28.80 13.69 -21.72
N LEU A 75 28.48 12.67 -20.94
CA LEU A 75 27.96 11.42 -21.48
C LEU A 75 26.68 10.89 -20.80
N TYR A 76 25.81 10.29 -21.61
CA TYR A 76 24.59 9.64 -21.13
C TYR A 76 25.08 8.20 -21.11
N VAL A 77 24.91 7.49 -20.00
CA VAL A 77 25.40 6.12 -19.92
C VAL A 77 24.32 5.05 -19.64
N PRO A 78 23.55 4.67 -20.67
CA PRO A 78 22.48 3.66 -20.56
C PRO A 78 23.05 2.25 -20.64
N LEU A 79 24.05 1.95 -19.81
CA LEU A 79 24.67 0.64 -19.85
C LEU A 79 24.21 -0.30 -18.75
N PRO A 80 24.21 -1.62 -19.03
CA PRO A 80 23.79 -2.58 -18.01
C PRO A 80 24.48 -2.23 -16.72
N THR A 81 23.83 -2.53 -15.60
CA THR A 81 24.38 -2.21 -14.30
C THR A 81 25.85 -2.61 -14.13
N SER A 82 26.09 -3.90 -13.91
CA SER A 82 27.43 -4.44 -13.70
C SER A 82 28.57 -3.85 -14.54
N LEU A 83 28.22 -3.19 -15.65
CA LEU A 83 29.23 -2.58 -16.52
C LEU A 83 29.32 -1.08 -16.30
N HIS A 84 28.98 -0.61 -15.12
CA HIS A 84 29.02 0.83 -14.84
C HIS A 84 30.32 1.32 -14.23
N VAL A 85 30.76 0.67 -13.16
CA VAL A 85 31.98 1.09 -12.51
C VAL A 85 33.09 1.38 -13.51
N GLU A 86 33.36 0.43 -14.40
CA GLU A 86 34.41 0.55 -15.41
C GLU A 86 34.29 1.75 -16.34
N TRP A 87 33.12 1.92 -16.95
CA TRP A 87 32.91 3.01 -17.89
C TRP A 87 32.63 4.35 -17.28
N ALA A 88 32.21 4.34 -16.01
CA ALA A 88 31.94 5.57 -15.30
C ALA A 88 33.29 6.14 -14.86
N ILE A 89 34.15 5.29 -14.29
CA ILE A 89 35.47 5.74 -13.87
C ILE A 89 36.23 6.23 -15.09
N LYS A 90 36.11 5.48 -16.20
CA LYS A 90 36.77 5.80 -17.47
C LYS A 90 36.13 6.95 -18.23
N ALA A 91 35.15 7.61 -17.62
CA ALA A 91 34.52 8.74 -18.28
C ALA A 91 34.99 9.99 -17.54
N ALA A 92 35.07 9.88 -16.22
CA ALA A 92 35.51 10.99 -15.39
C ALA A 92 37.01 11.17 -15.53
N GLU A 93 37.73 10.06 -15.65
CA GLU A 93 39.17 10.10 -15.81
C GLU A 93 39.55 10.70 -17.15
N LYS A 94 38.53 11.05 -17.94
CA LYS A 94 38.70 11.67 -19.25
C LYS A 94 38.00 13.03 -19.19
N GLY A 95 37.72 13.48 -17.97
CA GLY A 95 37.07 14.77 -17.76
C GLY A 95 35.66 14.91 -18.31
N LYS A 96 34.92 13.81 -18.38
CA LYS A 96 33.55 13.89 -18.89
C LYS A 96 32.55 13.73 -17.76
N HIS A 97 31.55 14.61 -17.74
CA HIS A 97 30.48 14.58 -16.74
C HIS A 97 29.58 13.39 -17.02
N ILE A 98 29.21 12.65 -15.96
CA ILE A 98 28.39 11.47 -16.14
C ILE A 98 26.93 11.51 -15.67
N LEU A 99 26.06 11.07 -16.57
CA LEU A 99 24.62 10.95 -16.33
C LEU A 99 24.50 9.41 -16.40
N LEU A 100 24.58 8.77 -15.23
CA LEU A 100 24.53 7.31 -15.12
C LEU A 100 23.13 6.75 -14.90
N GLU A 101 22.70 5.83 -15.77
CA GLU A 101 21.37 5.22 -15.64
C GLU A 101 21.32 4.47 -14.31
N LYS A 102 20.11 4.30 -13.77
CA LYS A 102 19.96 3.61 -12.51
C LYS A 102 19.54 2.17 -12.75
N PRO A 103 19.86 1.25 -11.82
CA PRO A 103 20.59 1.54 -10.58
C PRO A 103 22.03 1.91 -10.94
N VAL A 104 22.65 2.77 -10.12
CA VAL A 104 24.02 3.20 -10.39
C VAL A 104 25.05 2.09 -10.49
N ALA A 105 25.31 1.39 -9.40
CA ALA A 105 26.27 0.31 -9.40
C ALA A 105 25.66 -0.93 -8.77
N MSE A 106 26.46 -2.00 -8.67
CA MSE A 106 25.99 -3.26 -8.09
C MSE A 106 26.02 -3.26 -6.56
O MSE A 106 25.54 -4.20 -5.93
CB MSE A 106 26.82 -4.43 -8.63
CG MSE A 106 26.74 -4.66 -10.14
SE MSE A 106 25.02 -5.33 -10.71
CE MSE A 106 24.82 -6.74 -9.40
N ASN A 107 26.56 -2.20 -5.98
CA ASN A 107 26.63 -2.05 -4.53
C ASN A 107 27.13 -0.64 -4.20
N VAL A 108 27.02 -0.24 -2.94
CA VAL A 108 27.44 1.12 -2.57
C VAL A 108 28.96 1.25 -2.55
N THR A 109 29.66 0.18 -2.16
CA THR A 109 31.13 0.22 -2.14
C THR A 109 31.61 0.49 -3.56
N GLU A 110 31.25 -0.40 -4.48
CA GLU A 110 31.61 -0.28 -5.88
C GLU A 110 31.26 1.14 -6.34
N PHE A 111 30.08 1.61 -5.95
CA PHE A 111 29.64 2.94 -6.32
C PHE A 111 30.46 4.06 -5.68
N ASP A 112 30.93 3.84 -4.45
CA ASP A 112 31.75 4.86 -3.79
C ASP A 112 32.99 5.09 -4.64
N LYS A 113 33.38 4.07 -5.41
CA LYS A 113 34.54 4.19 -6.28
C LYS A 113 34.26 5.10 -7.47
N ILE A 114 33.01 5.13 -7.92
CA ILE A 114 32.62 5.98 -9.04
C ILE A 114 32.52 7.42 -8.57
N VAL A 115 32.06 7.62 -7.34
CA VAL A 115 31.92 8.97 -6.82
C VAL A 115 33.32 9.56 -6.63
N ASP A 116 34.23 8.75 -6.10
CA ASP A 116 35.59 9.19 -5.88
C ASP A 116 36.17 9.71 -7.19
N ALA A 117 36.21 8.86 -8.20
CA ALA A 117 36.74 9.22 -9.52
C ALA A 117 36.11 10.49 -10.10
N CYS A 118 34.87 10.80 -9.72
CA CYS A 118 34.19 11.99 -10.21
C CYS A 118 34.73 13.22 -9.44
N GLU A 119 35.07 12.99 -8.18
CA GLU A 119 35.62 14.04 -7.32
C GLU A 119 37.07 14.29 -7.69
N ALA A 120 37.87 13.23 -7.73
CA ALA A 120 39.28 13.35 -8.08
C ALA A 120 39.43 14.12 -9.38
N ASN A 121 38.49 13.90 -10.30
CA ASN A 121 38.49 14.56 -11.60
C ASN A 121 37.58 15.78 -11.59
N GLY A 122 36.95 16.03 -10.44
CA GLY A 122 36.07 17.18 -10.29
C GLY A 122 34.85 17.34 -11.18
N VAL A 123 34.25 16.26 -11.69
CA VAL A 123 33.06 16.42 -12.53
C VAL A 123 31.71 16.12 -11.88
N GLN A 124 30.65 16.31 -12.65
CA GLN A 124 29.27 16.11 -12.21
C GLN A 124 28.74 14.69 -12.47
N ILE A 125 28.05 14.14 -11.49
CA ILE A 125 27.45 12.81 -11.66
C ILE A 125 25.99 12.86 -11.24
N MSE A 126 25.13 12.17 -11.99
CA MSE A 126 23.70 12.10 -11.69
C MSE A 126 23.05 10.89 -12.39
O MSE A 126 23.30 10.65 -13.58
CB MSE A 126 22.99 13.39 -12.13
CG MSE A 126 21.50 13.40 -11.79
SE MSE A 126 20.64 15.10 -12.20
CE MSE A 126 20.05 14.75 -13.98
N ASP A 127 22.23 10.14 -11.64
CA ASP A 127 21.56 8.98 -12.21
C ASP A 127 20.36 9.43 -13.02
N GLY A 128 20.01 8.65 -14.03
CA GLY A 128 18.89 8.98 -14.90
C GLY A 128 17.46 8.73 -14.41
N THR A 129 17.21 8.79 -13.10
CA THR A 129 15.85 8.60 -12.59
C THR A 129 15.04 9.79 -13.13
N MSE A 130 14.20 9.55 -14.12
CA MSE A 130 13.45 10.66 -14.69
C MSE A 130 12.54 11.42 -13.74
O MSE A 130 12.80 12.58 -13.45
CB MSE A 130 12.66 10.23 -15.93
CG MSE A 130 13.50 10.12 -17.17
SE MSE A 130 12.55 10.20 -18.87
CE MSE A 130 11.17 8.88 -18.52
N TRP A 131 11.49 10.75 -13.26
CA TRP A 131 10.46 11.36 -12.41
C TRP A 131 10.84 12.37 -11.33
N VAL A 132 11.92 12.14 -10.60
CA VAL A 132 12.27 13.09 -9.54
C VAL A 132 12.51 14.48 -10.12
N HIS A 133 12.70 14.56 -11.44
CA HIS A 133 12.89 15.87 -12.07
C HIS A 133 11.63 16.42 -12.69
N ASN A 134 10.49 15.81 -12.37
CA ASN A 134 9.21 16.28 -12.88
C ASN A 134 8.72 17.44 -11.97
N PRO A 135 8.11 18.48 -12.56
CA PRO A 135 7.63 19.61 -11.76
C PRO A 135 6.66 19.17 -10.64
N ARG A 136 5.70 18.31 -10.98
CA ARG A 136 4.73 17.81 -10.01
C ARG A 136 5.40 17.39 -8.73
N THR A 137 6.66 16.99 -8.82
CA THR A 137 7.39 16.53 -7.65
C THR A 137 7.69 17.64 -6.65
N ALA A 138 7.90 18.85 -7.17
CA ALA A 138 8.17 19.99 -6.31
C ALA A 138 6.91 20.27 -5.48
N LEU A 139 5.76 20.13 -6.13
CA LEU A 139 4.46 20.34 -5.50
C LEU A 139 4.22 19.18 -4.52
N LEU A 140 4.64 17.99 -4.93
CA LEU A 140 4.53 16.78 -4.13
C LEU A 140 5.51 16.91 -2.97
N LYS A 141 6.15 18.06 -2.91
CA LYS A 141 7.09 18.39 -1.85
C LYS A 141 6.47 19.55 -1.11
N GLU A 142 5.71 20.36 -1.84
CA GLU A 142 5.03 21.50 -1.24
C GLU A 142 3.95 21.03 -0.26
N PHE A 143 3.36 19.87 -0.54
CA PHE A 143 2.32 19.32 0.33
C PHE A 143 2.97 18.69 1.55
N LEU A 144 3.88 17.75 1.31
CA LEU A 144 4.59 17.06 2.40
C LEU A 144 5.44 17.97 3.28
N SER A 145 5.48 19.26 2.99
CA SER A 145 6.26 20.21 3.78
C SER A 145 5.39 21.09 4.68
N ASP A 146 4.07 21.05 4.47
CA ASP A 146 3.15 21.84 5.27
C ASP A 146 2.81 21.09 6.55
N SER A 147 3.46 21.46 7.65
CA SER A 147 3.25 20.80 8.93
C SER A 147 1.84 21.05 9.46
N GLU A 148 1.06 21.79 8.68
CA GLU A 148 -0.32 22.09 9.04
C GLU A 148 -1.21 21.40 8.02
N ARG A 149 -0.63 21.03 6.88
CA ARG A 149 -1.37 20.36 5.83
C ARG A 149 -1.06 18.86 5.82
N PHE A 150 0.16 18.50 6.21
CA PHE A 150 0.56 17.10 6.24
C PHE A 150 0.84 16.64 7.66
N GLY A 151 1.49 17.51 8.43
CA GLY A 151 1.79 17.17 9.82
C GLY A 151 3.11 16.46 9.97
N GLN A 152 3.22 15.64 11.01
CA GLN A 152 4.43 14.88 11.25
C GLN A 152 4.31 13.58 10.45
N LEU A 153 5.16 13.42 9.45
CA LEU A 153 5.11 12.22 8.61
C LEU A 153 5.17 10.95 9.44
N LYS A 154 4.19 10.08 9.27
CA LYS A 154 4.18 8.85 10.03
C LYS A 154 4.79 7.72 9.23
N THR A 155 4.15 7.37 8.12
CA THR A 155 4.64 6.30 7.26
C THR A 155 4.40 6.65 5.80
N VAL A 156 5.17 6.03 4.92
CA VAL A 156 5.01 6.28 3.50
C VAL A 156 5.09 4.95 2.76
N GLN A 157 4.11 4.72 1.89
CA GLN A 157 4.02 3.49 1.09
C GLN A 157 4.28 3.80 -0.37
N SER A 158 5.00 2.90 -1.05
CA SER A 158 5.28 3.10 -2.47
C SER A 158 5.67 1.81 -3.19
N CYS A 159 5.38 1.73 -4.48
CA CYS A 159 5.72 0.56 -5.27
C CYS A 159 5.65 0.72 -6.77
N PHE A 160 6.40 -0.14 -7.45
CA PHE A 160 6.39 -0.20 -8.90
C PHE A 160 6.37 -1.69 -9.29
N SER A 161 5.36 -2.08 -10.04
CA SER A 161 5.22 -3.45 -10.48
C SER A 161 4.81 -3.52 -11.93
N PHE A 162 5.31 -4.54 -12.62
CA PHE A 162 4.96 -4.75 -14.01
C PHE A 162 5.26 -6.23 -14.24
N ALA A 163 4.56 -6.83 -15.19
CA ALA A 163 4.71 -8.25 -15.44
C ALA A 163 5.44 -8.57 -16.74
N GLY A 164 6.67 -9.03 -16.62
CA GLY A 164 7.43 -9.39 -17.82
C GLY A 164 6.84 -10.58 -18.55
N ASP A 165 6.81 -10.51 -19.87
CA ASP A 165 6.30 -11.64 -20.66
C ASP A 165 7.38 -12.71 -20.70
N GLU A 166 7.15 -13.78 -21.46
CA GLU A 166 8.11 -14.86 -21.54
C GLU A 166 9.47 -14.41 -22.06
N ASP A 167 9.47 -13.59 -23.10
CA ASP A 167 10.70 -13.08 -23.70
C ASP A 167 11.57 -12.30 -22.69
N PHE A 168 10.97 -11.32 -22.03
CA PHE A 168 11.67 -10.49 -21.03
C PHE A 168 12.33 -11.34 -19.93
N LEU A 169 11.48 -12.04 -19.17
CA LEU A 169 11.92 -12.87 -18.06
C LEU A 169 12.93 -13.91 -18.51
N LYS A 170 12.98 -14.13 -19.81
CA LYS A 170 13.89 -15.09 -20.38
C LYS A 170 15.17 -14.41 -20.87
N ASN A 171 15.02 -13.43 -21.75
CA ASN A 171 16.17 -12.77 -22.34
C ASN A 171 16.54 -11.34 -21.91
N ASP A 172 15.76 -10.73 -21.02
CA ASP A 172 16.10 -9.37 -20.61
C ASP A 172 17.32 -9.29 -19.70
N ILE A 173 18.08 -8.20 -19.79
CA ILE A 173 19.27 -8.05 -18.98
C ILE A 173 18.94 -7.93 -17.49
N ARG A 174 17.69 -7.59 -17.20
CA ARG A 174 17.20 -7.43 -15.84
C ARG A 174 17.04 -8.74 -15.07
N VAL A 175 17.21 -9.86 -15.74
CA VAL A 175 17.13 -11.17 -15.08
C VAL A 175 18.52 -11.81 -15.14
N LYS A 176 19.46 -11.14 -15.80
CA LYS A 176 20.83 -11.62 -15.94
C LYS A 176 21.73 -11.12 -14.79
N PRO A 177 22.29 -12.05 -14.00
CA PRO A 177 23.16 -11.71 -12.88
C PRO A 177 24.35 -10.78 -13.14
N GLY A 178 24.73 -10.64 -14.41
CA GLY A 178 25.86 -9.79 -14.74
C GLY A 178 25.57 -8.55 -15.58
N LEU A 179 24.28 -8.27 -15.80
CA LEU A 179 23.90 -7.10 -16.59
C LEU A 179 23.12 -6.18 -15.66
N ASP A 180 21.96 -6.64 -15.23
CA ASP A 180 21.17 -5.87 -14.28
C ASP A 180 20.80 -6.86 -13.19
N GLY A 181 21.85 -7.40 -12.58
CA GLY A 181 21.72 -8.41 -11.54
C GLY A 181 20.94 -8.01 -10.30
N LEU A 182 20.54 -6.73 -10.18
CA LEU A 182 19.75 -6.33 -9.01
C LEU A 182 18.28 -6.59 -9.29
N GLY A 183 18.00 -7.07 -10.50
CA GLY A 183 16.65 -7.37 -10.93
C GLY A 183 15.55 -6.39 -10.60
N ALA A 184 14.42 -6.90 -10.11
CA ALA A 184 13.29 -6.04 -9.78
C ALA A 184 13.67 -4.99 -8.75
N LEU A 185 14.43 -5.40 -7.75
CA LEU A 185 14.88 -4.49 -6.70
C LEU A 185 15.67 -3.33 -7.28
N GLY A 186 16.66 -3.65 -8.11
CA GLY A 186 17.47 -2.62 -8.73
C GLY A 186 16.74 -1.79 -9.78
N ASP A 187 15.87 -2.40 -10.57
CA ASP A 187 15.17 -1.66 -11.61
C ASP A 187 13.86 -1.02 -11.15
N ALA A 188 13.14 -1.68 -10.26
CA ALA A 188 11.87 -1.13 -9.79
C ALA A 188 11.88 -0.63 -8.35
N GLY A 189 12.45 -1.43 -7.45
CA GLY A 189 12.50 -1.02 -6.05
C GLY A 189 13.07 0.38 -5.94
N TRP A 190 14.11 0.62 -6.74
CA TRP A 190 14.80 1.89 -6.84
C TRP A 190 13.85 3.08 -6.71
N TYR A 191 12.86 3.14 -7.59
CA TYR A 191 11.89 4.22 -7.59
C TYR A 191 11.15 4.32 -6.27
N ALA A 192 10.67 3.18 -5.78
CA ALA A 192 9.95 3.14 -4.52
C ALA A 192 10.88 3.67 -3.42
N ILE A 193 12.11 3.16 -3.42
CA ILE A 193 13.10 3.58 -2.43
C ILE A 193 13.37 5.07 -2.54
N ARG A 194 13.41 5.57 -3.77
CA ARG A 194 13.66 6.99 -3.99
C ARG A 194 12.51 7.85 -3.49
N ALA A 195 11.29 7.36 -3.60
CA ALA A 195 10.12 8.12 -3.17
C ALA A 195 10.01 8.10 -1.64
N THR A 196 10.16 6.92 -1.04
CA THR A 196 10.09 6.78 0.40
C THR A 196 11.20 7.60 1.02
N LEU A 197 12.09 8.11 0.16
CA LEU A 197 13.21 8.91 0.62
C LEU A 197 12.84 10.38 0.44
N LEU A 198 12.12 10.67 -0.63
CA LEU A 198 11.69 12.04 -0.93
C LEU A 198 10.61 12.49 0.07
N ALA A 199 9.68 11.59 0.39
CA ALA A 199 8.62 11.90 1.36
C ALA A 199 9.21 12.44 2.65
N ASN A 200 10.38 11.95 3.02
CA ASN A 200 11.06 12.38 4.25
C ASN A 200 12.15 13.39 4.01
N ASN A 201 11.95 14.24 3.02
CA ASN A 201 12.91 15.29 2.66
C ASN A 201 14.28 14.70 2.39
N PHE A 202 14.31 13.47 1.91
CA PHE A 202 15.53 12.75 1.57
C PHE A 202 16.42 12.57 2.79
N GLU A 203 15.83 12.06 3.88
CA GLU A 203 16.56 11.82 5.10
C GLU A 203 17.37 10.53 4.97
N LEU A 204 16.80 9.43 5.47
CA LEU A 204 17.42 8.11 5.44
C LEU A 204 17.04 7.35 6.71
N PRO A 205 16.39 6.19 6.56
CA PRO A 205 15.95 5.35 7.68
C PRO A 205 17.13 4.81 8.51
N LYS A 206 16.90 3.75 9.29
CA LYS A 206 17.96 3.15 10.10
C LYS A 206 18.00 1.62 10.00
N THR A 207 16.83 1.00 9.89
CA THR A 207 16.79 -0.46 9.79
C THR A 207 16.01 -0.90 8.56
N VAL A 208 16.51 -1.93 7.91
CA VAL A 208 15.85 -2.44 6.72
C VAL A 208 15.52 -3.88 6.97
N THR A 209 14.29 -4.25 6.62
CA THR A 209 13.85 -5.63 6.81
C THR A 209 12.93 -6.08 5.68
N ALA A 210 13.47 -6.92 4.80
CA ALA A 210 12.70 -7.43 3.67
C ALA A 210 11.61 -8.35 4.21
N PHE A 211 10.48 -8.43 3.51
CA PHE A 211 9.40 -9.30 3.96
C PHE A 211 9.66 -10.67 3.34
N PRO A 212 9.26 -11.74 4.04
CA PRO A 212 9.46 -13.09 3.50
C PRO A 212 8.59 -13.24 2.25
N GLY A 213 8.95 -14.18 1.37
CA GLY A 213 8.18 -14.39 0.16
C GLY A 213 8.87 -13.97 -1.11
N ALA A 214 9.86 -13.09 -0.99
CA ALA A 214 10.63 -12.61 -2.14
C ALA A 214 10.90 -13.74 -3.13
N VAL A 215 10.65 -13.49 -4.42
CA VAL A 215 10.88 -14.48 -5.47
C VAL A 215 12.23 -14.29 -6.17
N LEU A 216 12.90 -15.41 -6.39
CA LEU A 216 14.21 -15.43 -7.02
C LEU A 216 14.11 -16.26 -8.31
N ASN A 217 14.90 -15.90 -9.32
CA ASN A 217 14.89 -16.68 -10.56
C ASN A 217 15.88 -17.82 -10.34
N GLU A 218 16.04 -18.71 -11.31
CA GLU A 218 16.97 -19.82 -11.16
C GLU A 218 18.44 -19.44 -11.25
N ALA A 219 18.75 -18.17 -10.99
CA ALA A 219 20.12 -17.66 -11.01
C ALA A 219 20.39 -16.78 -9.80
N GLY A 220 19.37 -16.61 -8.96
CA GLY A 220 19.52 -15.81 -7.75
C GLY A 220 19.20 -14.33 -7.81
N VAL A 221 18.60 -13.87 -8.91
CA VAL A 221 18.24 -12.46 -9.03
C VAL A 221 16.77 -12.27 -8.64
N ILE A 222 16.46 -11.09 -8.12
CA ILE A 222 15.10 -10.79 -7.68
C ILE A 222 14.08 -10.60 -8.81
N LEU A 223 12.88 -11.14 -8.57
CA LEU A 223 11.77 -11.02 -9.51
C LEU A 223 10.75 -10.11 -8.84
N SER A 224 10.48 -10.37 -7.56
CA SER A 224 9.57 -9.55 -6.76
C SER A 224 10.27 -9.30 -5.43
N CYS A 225 9.95 -8.18 -4.77
CA CYS A 225 10.57 -7.89 -3.48
C CYS A 225 9.89 -6.71 -2.75
N GLY A 226 10.39 -6.39 -1.57
CA GLY A 226 9.86 -5.29 -0.77
C GLY A 226 10.54 -5.18 0.59
N ALA A 227 10.25 -4.11 1.34
CA ALA A 227 10.86 -3.94 2.66
C ALA A 227 10.14 -2.87 3.50
N SER A 228 10.06 -3.07 4.81
CA SER A 228 9.40 -2.09 5.67
C SER A 228 10.39 -1.27 6.52
N LEU A 229 11.43 -0.76 5.87
CA LEU A 229 12.44 0.05 6.55
C LEU A 229 11.81 1.08 7.50
N SER A 230 12.20 1.05 8.77
CA SER A 230 11.66 1.97 9.77
C SER A 230 12.74 2.83 10.44
N TRP A 231 12.45 4.13 10.56
CA TRP A 231 13.40 5.04 11.19
C TRP A 231 13.49 4.70 12.69
N GLU A 232 12.59 3.84 13.16
CA GLU A 232 12.57 3.41 14.55
C GLU A 232 12.50 4.57 15.55
N ASP A 233 11.39 5.31 15.50
CA ASP A 233 11.15 6.44 16.38
C ASP A 233 9.89 7.17 15.95
N GLY A 234 8.90 6.41 15.48
CA GLY A 234 7.65 7.00 15.03
C GLY A 234 7.40 6.81 13.55
N ARG A 235 8.47 6.92 12.75
CA ARG A 235 8.36 6.74 11.30
C ARG A 235 8.77 5.35 10.82
N THR A 236 8.13 4.92 9.74
CA THR A 236 8.40 3.63 9.11
C THR A 236 8.05 3.85 7.65
N ALA A 237 7.91 2.76 6.91
CA ALA A 237 7.55 2.82 5.50
C ALA A 237 7.75 1.44 4.89
N THR A 238 7.15 1.24 3.73
CA THR A 238 7.30 -0.03 3.04
C THR A 238 7.52 0.25 1.55
N ILE A 239 7.93 -0.77 0.84
CA ILE A 239 8.15 -0.64 -0.59
C ILE A 239 7.90 -1.99 -1.20
N TYR A 240 7.58 -2.00 -2.49
CA TYR A 240 7.33 -3.25 -3.18
C TYR A 240 7.68 -3.04 -4.65
N CYS A 241 8.27 -4.08 -5.24
CA CYS A 241 8.65 -4.03 -6.63
C CYS A 241 8.52 -5.44 -7.22
N SER A 242 7.97 -5.55 -8.43
CA SER A 242 7.80 -6.85 -9.05
C SER A 242 7.84 -6.84 -10.57
N PHE A 243 8.37 -7.93 -11.11
CA PHE A 243 8.47 -8.19 -12.54
C PHE A 243 7.35 -9.17 -12.87
N LEU A 244 6.71 -9.71 -11.83
CA LEU A 244 5.67 -10.72 -11.99
C LEU A 244 4.23 -10.26 -11.77
N ALA A 245 3.97 -8.94 -11.84
CA ALA A 245 2.61 -8.44 -11.62
C ALA A 245 2.30 -7.16 -12.40
N ASN A 246 1.04 -7.05 -12.83
CA ASN A 246 0.52 -5.93 -13.60
C ASN A 246 1.05 -4.54 -13.23
N LEU A 247 1.26 -3.72 -14.26
CA LEU A 247 1.77 -2.35 -14.10
C LEU A 247 1.07 -1.64 -12.94
N THR A 248 1.88 -1.14 -12.01
CA THR A 248 1.38 -0.46 -10.83
C THR A 248 2.55 0.35 -10.28
N MSE A 249 2.34 1.66 -10.17
CA MSE A 249 3.36 2.58 -9.66
C MSE A 249 2.65 3.63 -8.82
O MSE A 249 2.16 4.63 -9.36
CB MSE A 249 4.11 3.24 -10.81
CG MSE A 249 3.22 3.80 -11.90
SE MSE A 249 4.20 4.63 -13.36
CE MSE A 249 5.08 3.09 -14.12
N GLU A 250 2.61 3.42 -7.50
CA GLU A 250 1.92 4.37 -6.63
C GLU A 250 2.65 4.80 -5.38
N ILE A 251 2.29 5.98 -4.90
CA ILE A 251 2.83 6.52 -3.65
C ILE A 251 1.62 6.75 -2.75
N THR A 252 1.90 6.84 -1.45
CA THR A 252 0.91 7.11 -0.42
C THR A 252 1.72 7.42 0.82
N ALA A 253 1.66 8.67 1.25
CA ALA A 253 2.38 9.08 2.45
C ALA A 253 1.35 9.52 3.45
N ILE A 254 1.51 9.14 4.71
CA ILE A 254 0.55 9.54 5.74
C ILE A 254 1.20 10.33 6.87
N GLY A 255 0.69 11.54 7.09
CA GLY A 255 1.19 12.36 8.15
C GLY A 255 0.10 12.51 9.20
N THR A 256 0.36 13.28 10.25
CA THR A 256 -0.63 13.48 11.30
C THR A 256 -1.79 14.35 10.80
N LYS A 257 -1.45 15.40 10.06
CA LYS A 257 -2.46 16.32 9.56
C LYS A 257 -2.92 16.06 8.13
N GLY A 258 -2.04 15.50 7.30
CA GLY A 258 -2.40 15.25 5.93
C GLY A 258 -2.03 13.88 5.36
N THR A 259 -2.28 13.74 4.06
CA THR A 259 -2.01 12.50 3.34
C THR A 259 -2.22 12.70 1.84
N LEU A 260 -1.16 12.50 1.07
CA LEU A 260 -1.22 12.64 -0.39
C LEU A 260 -1.07 11.30 -1.06
N ARG A 261 -1.49 11.21 -2.32
CA ARG A 261 -1.40 9.97 -3.06
C ARG A 261 -1.21 10.16 -4.57
N VAL A 262 -0.22 9.49 -5.14
CA VAL A 262 0.05 9.58 -6.57
C VAL A 262 0.00 8.18 -7.19
N HIS A 263 -0.58 8.08 -8.38
CA HIS A 263 -0.69 6.79 -9.05
C HIS A 263 0.24 6.59 -10.24
N ASP A 264 1.20 7.50 -10.41
CA ASP A 264 2.18 7.43 -11.50
C ASP A 264 3.59 7.57 -10.95
N PHE A 265 3.76 8.54 -10.05
CA PHE A 265 5.05 8.88 -9.41
C PHE A 265 6.34 8.40 -10.08
N ILE A 266 6.25 8.03 -11.37
CA ILE A 266 7.38 7.55 -12.17
C ILE A 266 7.12 7.87 -13.64
N ILE A 267 6.00 7.33 -14.14
CA ILE A 267 5.55 7.53 -15.52
C ILE A 267 4.10 8.00 -15.47
N PRO A 268 3.83 9.25 -15.90
CA PRO A 268 2.47 9.80 -15.92
C PRO A 268 1.67 9.36 -17.13
N TYR A 269 0.41 8.97 -16.92
CA TYR A 269 -0.45 8.53 -18.01
C TYR A 269 -0.11 9.29 -19.29
N LYS A 270 -0.01 10.61 -19.18
CA LYS A 270 0.33 11.49 -20.30
C LYS A 270 1.54 12.32 -19.90
N GLU A 271 2.36 12.73 -20.87
CA GLU A 271 3.55 13.51 -20.54
C GLU A 271 3.25 15.01 -20.39
N THR A 272 2.17 15.44 -21.03
CA THR A 272 1.77 16.83 -21.01
C THR A 272 1.16 17.31 -19.70
N GLU A 273 0.89 16.39 -18.77
CA GLU A 273 0.32 16.77 -17.48
C GLU A 273 0.59 15.73 -16.39
N ALA A 274 0.50 16.17 -15.13
CA ALA A 274 0.73 15.31 -13.98
C ALA A 274 -0.27 15.60 -12.85
N SER A 275 -0.93 14.55 -12.36
CA SER A 275 -1.92 14.69 -11.30
C SER A 275 -1.55 14.04 -9.97
N PHE A 276 -2.47 14.15 -9.01
CA PHE A 276 -2.30 13.59 -7.68
C PHE A 276 -3.49 13.96 -6.79
N THR A 277 -3.63 13.28 -5.66
CA THR A 277 -4.74 13.53 -4.76
C THR A 277 -4.27 13.70 -3.32
N THR A 278 -4.92 14.60 -2.58
CA THR A 278 -4.55 14.85 -1.20
C THR A 278 -5.76 15.04 -0.29
N SER A 279 -5.51 15.03 1.01
CA SER A 279 -6.57 15.19 2.00
C SER A 279 -6.00 15.59 3.36
N THR A 280 -6.69 16.51 4.02
CA THR A 280 -6.28 16.99 5.34
C THR A 280 -7.54 17.12 6.19
N LYS A 281 -7.39 16.97 7.51
CA LYS A 281 -8.52 17.09 8.44
C LYS A 281 -9.75 16.33 7.94
N ALA A 282 -9.53 15.22 7.28
CA ALA A 282 -10.67 14.46 6.77
C ALA A 282 -11.18 13.54 7.88
N TRP A 283 -12.49 13.33 7.90
CA TRP A 283 -13.11 12.45 8.89
C TRP A 283 -14.52 12.12 8.45
N PHE A 284 -15.30 11.51 9.35
CA PHE A 284 -16.68 11.16 9.06
C PHE A 284 -17.58 12.13 9.79
N ASN A 285 -18.85 12.21 9.39
CA ASN A 285 -19.77 13.08 10.11
C ASN A 285 -20.02 12.38 11.45
N ASP A 286 -20.64 13.09 12.39
CA ASP A 286 -20.93 12.55 13.73
C ASP A 286 -21.43 11.11 13.81
N LEU A 287 -22.20 10.68 12.81
CA LEU A 287 -22.76 9.35 12.79
C LEU A 287 -21.88 8.31 12.09
N VAL A 288 -20.84 8.82 11.41
CA VAL A 288 -19.91 8.00 10.65
C VAL A 288 -20.66 7.34 9.51
N THR A 289 -21.60 8.08 8.93
CA THR A 289 -22.37 7.58 7.81
C THR A 289 -21.67 8.04 6.53
N ALA A 290 -20.72 8.97 6.66
CA ALA A 290 -20.00 9.49 5.50
C ALA A 290 -18.75 10.31 5.83
N TRP A 291 -17.87 10.45 4.84
CA TRP A 291 -16.63 11.23 4.96
C TRP A 291 -16.99 12.70 4.96
N VAL A 292 -16.34 13.49 5.80
CA VAL A 292 -16.63 14.90 5.85
C VAL A 292 -15.59 15.74 5.10
N SER A 293 -15.33 15.34 3.85
CA SER A 293 -14.41 15.98 2.92
C SER A 293 -13.58 14.96 2.15
N PRO A 294 -14.16 14.39 1.08
CA PRO A 294 -13.44 13.40 0.30
C PRO A 294 -12.17 13.99 -0.34
N PRO A 295 -11.26 13.15 -0.82
CA PRO A 295 -10.00 13.57 -1.45
C PRO A 295 -10.18 14.50 -2.64
N SER A 296 -9.17 15.33 -2.87
CA SER A 296 -9.18 16.30 -3.95
C SER A 296 -8.09 16.01 -4.97
N GLU A 297 -8.40 16.22 -6.24
CA GLU A 297 -7.46 15.99 -7.33
C GLU A 297 -6.83 17.27 -7.88
N HIS A 298 -5.51 17.24 -8.06
CA HIS A 298 -4.77 18.39 -8.59
C HIS A 298 -3.99 18.06 -9.84
N THR A 299 -3.73 19.08 -10.65
CA THR A 299 -2.98 18.89 -11.88
C THR A 299 -2.12 20.11 -12.23
N VAL A 300 -0.93 19.85 -12.73
CA VAL A 300 -0.02 20.92 -13.12
C VAL A 300 0.24 20.73 -14.60
N LYS A 301 0.42 21.83 -15.32
CA LYS A 301 0.68 21.73 -16.75
C LYS A 301 2.11 21.22 -16.88
N THR A 302 2.34 20.35 -17.86
CA THR A 302 3.67 19.78 -18.04
C THR A 302 4.23 20.10 -19.42
N GLU A 303 5.08 21.12 -19.48
CA GLU A 303 5.67 21.57 -20.74
C GLU A 303 6.88 20.77 -21.22
N LEU A 304 7.86 20.55 -20.35
CA LEU A 304 9.06 19.80 -20.72
C LEU A 304 8.95 18.44 -20.03
N PRO A 305 8.99 17.34 -20.79
CA PRO A 305 8.88 16.01 -20.18
C PRO A 305 9.98 15.80 -19.15
N GLN A 306 9.67 15.11 -18.05
CA GLN A 306 10.66 14.88 -17.00
C GLN A 306 12.04 14.47 -17.53
N GLU A 307 12.06 13.77 -18.66
CA GLU A 307 13.34 13.37 -19.26
C GLU A 307 14.08 14.65 -19.61
N ALA A 308 13.46 15.43 -20.49
CA ALA A 308 14.02 16.68 -20.94
C ALA A 308 14.31 17.62 -19.77
N CYS A 309 13.40 17.65 -18.80
CA CYS A 309 13.57 18.50 -17.62
C CYS A 309 14.84 18.08 -16.89
N MSE A 310 15.11 16.78 -16.91
CA MSE A 310 16.29 16.21 -16.27
C MSE A 310 17.51 16.53 -17.11
O MSE A 310 18.57 16.89 -16.56
CB MSE A 310 16.13 14.70 -16.12
CG MSE A 310 17.41 13.93 -15.90
SE MSE A 310 17.11 12.01 -16.00
CE MSE A 310 16.17 11.93 -17.68
N VAL A 311 17.38 16.38 -18.43
CA VAL A 311 18.48 16.65 -19.34
C VAL A 311 18.78 18.15 -19.40
N ARG A 312 17.75 18.97 -19.57
CA ARG A 312 17.93 20.42 -19.62
C ARG A 312 18.73 20.83 -18.38
N GLU A 313 18.32 20.29 -17.23
CA GLU A 313 18.96 20.59 -15.98
C GLU A 313 20.31 19.88 -15.84
N PHE A 314 20.72 19.15 -16.88
CA PHE A 314 21.99 18.43 -16.80
C PHE A 314 23.17 19.33 -17.11
N ALA A 315 23.05 20.14 -18.15
CA ALA A 315 24.15 21.06 -18.52
C ALA A 315 24.66 21.82 -17.30
N ARG A 316 25.91 21.57 -16.91
CA ARG A 316 26.47 22.27 -15.75
C ARG A 316 27.68 23.14 -16.08
N LEU A 317 27.92 24.13 -15.24
CA LEU A 317 29.01 25.07 -15.45
C LEU A 317 30.11 25.05 -14.39
N VAL A 318 30.88 23.97 -14.37
CA VAL A 318 31.99 23.84 -13.44
C VAL A 318 31.68 24.37 -12.04
N TYR A 331 26.81 16.47 -4.44
CA TYR A 331 25.46 16.40 -3.89
C TYR A 331 24.72 15.15 -4.30
N TRP A 332 24.37 15.04 -5.59
CA TRP A 332 23.63 13.90 -6.09
C TRP A 332 24.29 12.54 -5.88
N PRO A 333 25.62 12.47 -5.82
CA PRO A 333 26.13 11.11 -5.61
C PRO A 333 25.56 10.48 -4.34
N SER A 334 25.28 11.32 -3.34
CA SER A 334 24.74 10.84 -2.08
C SER A 334 23.30 10.43 -2.27
N ILE A 335 22.55 11.26 -2.98
CA ILE A 335 21.15 11.00 -3.28
C ILE A 335 21.08 9.65 -4.03
N SER A 336 22.20 9.27 -4.63
CA SER A 336 22.30 8.01 -5.35
C SER A 336 22.89 6.92 -4.47
N ARG A 337 23.57 7.34 -3.39
CA ARG A 337 24.22 6.41 -2.47
C ARG A 337 23.23 5.78 -1.48
N LYS A 338 22.55 6.60 -0.70
CA LYS A 338 21.59 6.09 0.27
C LYS A 338 20.58 5.21 -0.46
N THR A 339 20.33 5.50 -1.72
CA THR A 339 19.40 4.72 -2.50
C THR A 339 19.91 3.29 -2.69
N GLN A 340 21.14 3.14 -3.18
CA GLN A 340 21.70 1.80 -3.34
C GLN A 340 21.74 1.16 -1.94
N LEU A 341 21.96 2.01 -0.95
CA LEU A 341 22.03 1.61 0.46
C LEU A 341 20.79 0.88 0.93
N VAL A 342 19.64 1.27 0.42
CA VAL A 342 18.42 0.60 0.82
C VAL A 342 18.26 -0.72 0.05
N VAL A 343 18.70 -0.74 -1.21
CA VAL A 343 18.63 -1.95 -2.04
C VAL A 343 19.54 -3.05 -1.51
N ASP A 344 20.84 -2.78 -1.45
CA ASP A 344 21.78 -3.79 -0.96
C ASP A 344 21.38 -4.23 0.45
N ALA A 345 20.82 -3.30 1.23
CA ALA A 345 20.37 -3.64 2.57
C ALA A 345 19.25 -4.65 2.42
N VAL A 346 18.26 -4.31 1.60
CA VAL A 346 17.13 -5.20 1.33
C VAL A 346 17.65 -6.55 0.85
N LYS A 347 18.51 -6.51 -0.17
CA LYS A 347 19.12 -7.69 -0.75
C LYS A 347 19.79 -8.54 0.33
N GLU A 348 20.73 -7.93 1.05
CA GLU A 348 21.44 -8.62 2.11
C GLU A 348 20.46 -9.22 3.11
N SER A 349 19.40 -8.46 3.40
CA SER A 349 18.36 -8.91 4.33
C SER A 349 17.74 -10.21 3.86
N VAL A 350 17.47 -10.31 2.55
CA VAL A 350 16.90 -11.54 2.01
C VAL A 350 18.00 -12.59 2.09
N ASP A 351 19.25 -12.17 1.96
CA ASP A 351 20.38 -13.08 2.04
C ASP A 351 20.63 -13.57 3.45
N LYS A 352 20.29 -12.74 4.43
CA LYS A 352 20.45 -13.11 5.84
C LYS A 352 19.13 -13.65 6.39
N ASN A 353 18.34 -14.24 5.50
CA ASN A 353 17.05 -14.82 5.84
C ASN A 353 16.04 -13.83 6.42
N TYR A 354 16.01 -12.63 5.85
CA TYR A 354 15.08 -11.59 6.26
C TYR A 354 15.30 -10.99 7.63
N GLN A 355 16.47 -11.25 8.22
CA GLN A 355 16.77 -10.66 9.52
C GLN A 355 16.96 -9.16 9.30
N GLN A 356 16.87 -8.39 10.37
CA GLN A 356 17.04 -6.94 10.29
C GLN A 356 18.47 -6.59 9.85
N ILE A 357 18.67 -5.34 9.43
CA ILE A 357 19.99 -4.87 8.99
C ILE A 357 20.15 -3.38 9.27
N SER A 358 21.23 -3.02 9.98
CA SER A 358 21.48 -1.62 10.30
C SER A 358 22.30 -1.00 9.18
N LEU A 359 22.37 0.33 9.15
CA LEU A 359 23.12 1.04 8.13
C LEU A 359 24.54 1.45 8.59
N SER A 360 24.71 1.62 9.90
CA SER A 360 25.99 2.00 10.48
C SER A 360 26.70 3.09 9.69
N GLN B 6 -39.51 -7.89 10.61
CA GLN B 6 -39.88 -8.97 11.55
C GLN B 6 -38.83 -9.27 12.63
N ILE B 7 -37.92 -10.22 12.35
CA ILE B 7 -36.86 -10.63 13.30
C ILE B 7 -36.63 -9.61 14.40
N ARG B 8 -36.93 -10.02 15.64
CA ARG B 8 -36.80 -9.15 16.80
C ARG B 8 -35.38 -9.14 17.34
N ILE B 9 -34.76 -7.96 17.33
CA ILE B 9 -33.39 -7.79 17.79
C ILE B 9 -33.27 -6.89 19.02
N GLY B 10 -32.36 -7.24 19.91
CA GLY B 10 -32.12 -6.47 21.11
C GLY B 10 -30.71 -5.92 21.02
N VAL B 11 -30.46 -4.78 21.68
CA VAL B 11 -29.14 -4.18 21.66
C VAL B 11 -28.54 -4.18 23.05
N MSE B 12 -27.48 -4.97 23.25
CA MSE B 12 -26.83 -5.03 24.56
C MSE B 12 -25.67 -4.04 24.70
O MSE B 12 -24.57 -4.27 24.20
CB MSE B 12 -26.30 -6.44 24.85
CG MSE B 12 -25.59 -6.55 26.19
SE MSE B 12 -25.61 -8.29 27.06
CE MSE B 12 -27.51 -8.48 27.25
N GLY B 13 -25.94 -2.94 25.40
CA GLY B 13 -24.92 -1.92 25.59
C GLY B 13 -25.23 -0.72 24.70
N CYS B 14 -25.51 0.42 25.29
CA CYS B 14 -25.83 1.63 24.52
C CYS B 14 -24.58 2.42 24.09
N ALA B 15 -23.69 1.75 23.37
CA ALA B 15 -22.46 2.36 22.89
C ALA B 15 -22.75 3.25 21.69
N ASP B 16 -21.84 4.18 21.41
CA ASP B 16 -22.00 5.11 20.31
C ASP B 16 -22.25 4.48 18.94
N ILE B 17 -21.55 3.38 18.63
CA ILE B 17 -21.74 2.72 17.35
C ILE B 17 -23.13 2.10 17.24
N ALA B 18 -23.90 2.20 18.32
CA ALA B 18 -25.26 1.64 18.33
C ALA B 18 -26.22 2.48 17.50
N ARG B 19 -25.96 3.78 17.39
CA ARG B 19 -26.83 4.67 16.64
C ARG B 19 -26.84 4.36 15.15
N LYS B 20 -25.67 4.10 14.59
CA LYS B 20 -25.59 3.78 13.16
C LYS B 20 -26.27 2.45 12.88
N VAL B 21 -25.93 1.42 13.65
CA VAL B 21 -26.52 0.10 13.43
C VAL B 21 -28.02 0.08 13.70
N SER B 22 -28.48 0.96 14.58
CA SER B 22 -29.90 1.03 14.86
C SER B 22 -30.66 1.41 13.58
N ARG B 23 -30.11 2.36 12.83
CA ARG B 23 -30.77 2.77 11.59
C ARG B 23 -30.74 1.63 10.58
N ALA B 24 -29.69 0.82 10.67
CA ALA B 24 -29.51 -0.32 9.79
C ALA B 24 -30.55 -1.34 10.20
N ILE B 25 -30.70 -1.54 11.51
CA ILE B 25 -31.66 -2.50 11.99
C ILE B 25 -33.03 -2.25 11.41
N HIS B 26 -33.59 -1.05 11.54
CA HIS B 26 -34.90 -0.92 10.94
C HIS B 26 -34.98 -0.39 9.51
N LEU B 27 -33.83 -0.21 8.86
CA LEU B 27 -33.85 0.14 7.45
C LEU B 27 -34.06 -1.30 6.96
N ALA B 28 -34.00 -2.19 7.96
CA ALA B 28 -34.19 -3.63 7.90
C ALA B 28 -33.97 -4.37 6.60
N PRO B 29 -35.05 -4.77 5.88
CA PRO B 29 -36.51 -4.70 6.03
C PRO B 29 -37.10 -5.97 6.67
N ASN B 30 -36.25 -6.77 7.30
CA ASN B 30 -36.69 -8.00 7.95
C ASN B 30 -36.31 -8.01 9.44
N ALA B 31 -35.96 -6.84 9.97
CA ALA B 31 -35.58 -6.76 11.37
C ALA B 31 -36.21 -5.52 11.99
N THR B 32 -36.21 -5.45 13.31
CA THR B 32 -36.77 -4.31 14.01
C THR B 32 -36.15 -4.20 15.40
N ILE B 33 -36.28 -3.04 16.03
CA ILE B 33 -35.72 -2.85 17.36
C ILE B 33 -36.77 -3.26 18.38
N SER B 34 -36.61 -4.46 18.94
CA SER B 34 -37.55 -4.99 19.92
C SER B 34 -36.99 -4.93 21.33
N GLY B 35 -35.86 -4.25 21.51
CA GLY B 35 -35.27 -4.18 22.84
C GLY B 35 -33.88 -3.60 22.87
N VAL B 36 -33.55 -2.99 24.01
CA VAL B 36 -32.26 -2.37 24.23
C VAL B 36 -31.92 -2.61 25.69
N ALA B 37 -30.63 -2.73 25.99
CA ALA B 37 -30.20 -2.96 27.36
C ALA B 37 -28.98 -2.14 27.74
N SER B 38 -28.87 -1.79 29.01
CA SER B 38 -27.73 -1.04 29.51
C SER B 38 -27.52 -1.45 30.96
N ARG B 39 -26.29 -1.28 31.45
CA ARG B 39 -25.98 -1.60 32.83
C ARG B 39 -26.84 -0.67 33.69
N SER B 40 -27.30 0.41 33.06
CA SER B 40 -28.13 1.41 33.71
C SER B 40 -29.44 1.63 32.96
N LEU B 41 -30.56 1.50 33.68
CA LEU B 41 -31.85 1.71 33.06
C LEU B 41 -31.92 3.16 32.59
N GLU B 42 -31.37 4.06 33.41
CA GLU B 42 -31.34 5.48 33.12
C GLU B 42 -30.78 5.75 31.73
N LYS B 43 -29.61 5.18 31.45
CA LYS B 43 -28.93 5.37 30.18
C LYS B 43 -29.68 4.66 29.05
N ALA B 44 -30.29 3.53 29.34
CA ALA B 44 -31.04 2.80 28.31
C ALA B 44 -32.28 3.61 27.94
N LYS B 45 -32.95 4.13 28.97
CA LYS B 45 -34.15 4.94 28.78
C LYS B 45 -33.77 6.13 27.92
N ALA B 46 -32.64 6.76 28.26
CA ALA B 46 -32.15 7.92 27.52
C ALA B 46 -31.86 7.52 26.07
N PHE B 47 -31.23 6.37 25.89
CA PHE B 47 -30.88 5.89 24.56
C PHE B 47 -32.12 5.60 23.70
N ALA B 48 -33.03 4.79 24.22
CA ALA B 48 -34.24 4.42 23.48
C ALA B 48 -35.01 5.61 22.90
N THR B 49 -35.20 6.65 23.72
CA THR B 49 -35.92 7.85 23.30
C THR B 49 -35.05 8.75 22.46
N ALA B 50 -33.78 8.89 22.83
CA ALA B 50 -32.86 9.73 22.08
C ALA B 50 -32.84 9.32 20.62
N ASN B 51 -32.62 8.03 20.38
CA ASN B 51 -32.53 7.51 19.03
C ASN B 51 -33.87 7.11 18.41
N ASN B 52 -34.95 7.54 19.04
CA ASN B 52 -36.30 7.28 18.54
C ASN B 52 -36.71 5.81 18.37
N TYR B 53 -36.61 5.03 19.44
CA TYR B 53 -36.99 3.62 19.43
C TYR B 53 -38.49 3.54 19.66
N PRO B 54 -39.16 2.57 19.02
CA PRO B 54 -40.62 2.43 19.21
C PRO B 54 -41.07 2.11 20.62
N GLU B 55 -42.20 2.72 21.01
CA GLU B 55 -42.78 2.54 22.34
C GLU B 55 -42.72 1.12 22.87
N SER B 56 -43.15 0.17 22.03
CA SER B 56 -43.17 -1.24 22.41
C SER B 56 -41.78 -1.88 22.57
N THR B 57 -40.72 -1.10 22.44
CA THR B 57 -39.36 -1.64 22.59
C THR B 57 -39.12 -2.08 24.03
N LYS B 58 -38.82 -3.36 24.23
CA LYS B 58 -38.54 -3.87 25.56
C LYS B 58 -37.33 -3.10 26.06
N ILE B 59 -37.52 -2.30 27.11
CA ILE B 59 -36.45 -1.49 27.67
C ILE B 59 -35.93 -2.02 29.00
N HIS B 60 -34.85 -2.79 28.92
CA HIS B 60 -34.23 -3.41 30.08
C HIS B 60 -33.14 -2.59 30.76
N GLY B 61 -33.21 -2.50 32.08
CA GLY B 61 -32.21 -1.76 32.82
C GLY B 61 -31.02 -2.61 33.16
N SER B 62 -30.77 -3.66 32.37
CA SER B 62 -29.63 -4.54 32.61
C SER B 62 -29.38 -5.57 31.51
N TYR B 63 -28.13 -6.04 31.44
CA TYR B 63 -27.73 -7.02 30.45
C TYR B 63 -28.44 -8.36 30.69
N GLU B 64 -28.07 -9.03 31.79
CA GLU B 64 -28.66 -10.31 32.14
C GLU B 64 -30.15 -10.29 31.89
N SER B 65 -30.77 -9.14 32.19
CA SER B 65 -32.20 -8.99 31.98
C SER B 65 -32.61 -9.11 30.52
N LEU B 66 -31.92 -8.41 29.61
CA LEU B 66 -32.26 -8.46 28.19
C LEU B 66 -32.19 -9.89 27.62
N LEU B 67 -31.13 -10.63 27.95
CA LEU B 67 -30.99 -11.99 27.45
C LEU B 67 -32.17 -12.84 27.89
N GLU B 68 -32.72 -12.51 29.06
CA GLU B 68 -33.85 -13.25 29.62
C GLU B 68 -35.15 -13.00 28.88
N ASP B 69 -35.29 -11.85 28.24
CA ASP B 69 -36.49 -11.50 27.49
C ASP B 69 -36.77 -12.58 26.45
N PRO B 70 -37.78 -13.43 26.70
CA PRO B 70 -38.13 -14.51 25.76
C PRO B 70 -38.63 -14.10 24.37
N GLU B 71 -39.09 -12.86 24.21
CA GLU B 71 -39.59 -12.44 22.90
C GLU B 71 -38.58 -11.60 22.09
N ILE B 72 -37.30 -11.91 22.25
CA ILE B 72 -36.21 -11.23 21.55
C ILE B 72 -35.41 -12.27 20.79
N ASP B 73 -35.69 -12.41 19.50
CA ASP B 73 -34.99 -13.38 18.66
C ASP B 73 -33.46 -13.28 18.66
N ALA B 74 -32.91 -12.10 18.39
CA ALA B 74 -31.45 -11.97 18.34
C ALA B 74 -30.91 -10.69 18.95
N LEU B 75 -29.59 -10.59 18.98
CA LEU B 75 -28.92 -9.43 19.56
C LEU B 75 -27.76 -8.89 18.73
N TYR B 76 -27.54 -7.58 18.87
CA TYR B 76 -26.45 -6.87 18.24
C TYR B 76 -25.63 -6.52 19.47
N VAL B 77 -24.36 -6.91 19.49
CA VAL B 77 -23.56 -6.70 20.69
C VAL B 77 -22.35 -5.77 20.57
N PRO B 78 -22.59 -4.46 20.55
CA PRO B 78 -21.48 -3.51 20.45
C PRO B 78 -20.87 -3.30 21.83
N LEU B 79 -20.24 -4.34 22.36
CA LEU B 79 -19.65 -4.27 23.69
C LEU B 79 -18.13 -4.24 23.63
N PRO B 80 -17.47 -3.68 24.65
CA PRO B 80 -16.00 -3.66 24.63
C PRO B 80 -15.53 -5.06 24.33
N THR B 81 -14.42 -5.17 23.61
CA THR B 81 -13.84 -6.46 23.22
C THR B 81 -13.66 -7.42 24.40
N SER B 82 -13.13 -6.92 25.50
CA SER B 82 -12.89 -7.74 26.68
C SER B 82 -14.13 -8.22 27.43
N LEU B 83 -15.30 -8.13 26.80
CA LEU B 83 -16.53 -8.59 27.43
C LEU B 83 -17.27 -9.60 26.55
N HIS B 84 -16.76 -9.83 25.35
CA HIS B 84 -17.42 -10.74 24.43
C HIS B 84 -17.54 -12.20 24.88
N VAL B 85 -16.42 -12.83 25.19
CA VAL B 85 -16.44 -14.23 25.58
C VAL B 85 -17.48 -14.55 26.67
N GLU B 86 -17.54 -13.72 27.70
CA GLU B 86 -18.53 -13.95 28.76
C GLU B 86 -19.97 -13.72 28.32
N TRP B 87 -20.25 -12.51 27.85
CA TRP B 87 -21.60 -12.12 27.46
C TRP B 87 -22.14 -12.64 26.14
N ALA B 88 -21.26 -13.02 25.21
CA ALA B 88 -21.75 -13.57 23.95
C ALA B 88 -22.22 -14.98 24.29
N ILE B 89 -21.38 -15.73 24.99
CA ILE B 89 -21.68 -17.09 25.38
C ILE B 89 -23.03 -17.14 26.13
N LYS B 90 -23.18 -16.30 27.15
CA LYS B 90 -24.42 -16.25 27.89
C LYS B 90 -25.57 -15.98 26.91
N ALA B 91 -25.26 -15.29 25.82
CA ALA B 91 -26.25 -14.96 24.80
C ALA B 91 -26.67 -16.22 24.02
N ALA B 92 -25.70 -16.92 23.46
CA ALA B 92 -25.99 -18.14 22.72
C ALA B 92 -26.81 -19.04 23.62
N GLU B 93 -26.39 -19.11 24.89
CA GLU B 93 -27.07 -19.92 25.88
C GLU B 93 -28.55 -19.56 26.01
N LYS B 94 -28.86 -18.30 26.29
CA LYS B 94 -30.24 -17.90 26.42
C LYS B 94 -30.94 -17.94 25.06
N GLY B 95 -30.43 -18.79 24.18
CA GLY B 95 -31.01 -18.93 22.85
C GLY B 95 -30.99 -17.69 21.99
N LYS B 96 -30.06 -16.77 22.24
CA LYS B 96 -29.99 -15.55 21.45
C LYS B 96 -28.96 -15.62 20.33
N HIS B 97 -29.38 -15.36 19.10
CA HIS B 97 -28.47 -15.35 17.97
C HIS B 97 -27.53 -14.16 18.21
N ILE B 98 -26.39 -14.13 17.54
CA ILE B 98 -25.47 -13.04 17.82
C ILE B 98 -24.83 -12.26 16.68
N LEU B 99 -24.96 -10.93 16.77
CA LEU B 99 -24.33 -10.03 15.81
C LEU B 99 -23.30 -9.35 16.72
N LEU B 100 -22.12 -9.95 16.78
CA LEU B 100 -21.02 -9.51 17.62
C LEU B 100 -20.10 -8.49 16.93
N GLU B 101 -19.83 -7.38 17.62
CA GLU B 101 -18.97 -6.35 17.05
C GLU B 101 -17.53 -6.82 16.93
N LYS B 102 -16.82 -6.24 15.97
CA LYS B 102 -15.44 -6.60 15.76
C LYS B 102 -14.57 -5.68 16.62
N PRO B 103 -13.40 -6.15 17.06
CA PRO B 103 -12.89 -7.50 16.78
C PRO B 103 -13.69 -8.45 17.68
N VAL B 104 -13.96 -9.67 17.20
CA VAL B 104 -14.75 -10.61 17.99
C VAL B 104 -14.28 -10.92 19.39
N ALA B 105 -12.97 -11.06 19.61
CA ALA B 105 -12.47 -11.35 20.95
C ALA B 105 -10.99 -10.99 21.15
N MSE B 106 -10.51 -11.13 22.39
CA MSE B 106 -9.12 -10.82 22.72
C MSE B 106 -8.14 -11.84 22.11
O MSE B 106 -6.93 -11.59 22.09
CB MSE B 106 -8.94 -10.77 24.24
CG MSE B 106 -9.74 -9.69 24.95
SE MSE B 106 -9.28 -7.87 24.43
CE MSE B 106 -7.66 -7.66 25.46
N ASN B 107 -8.66 -12.98 21.65
CA ASN B 107 -7.84 -14.01 21.03
C ASN B 107 -8.71 -15.13 20.45
N VAL B 108 -8.13 -15.93 19.58
CA VAL B 108 -8.84 -17.02 18.91
C VAL B 108 -9.37 -18.12 19.86
N THR B 109 -8.71 -18.31 21.00
CA THR B 109 -9.15 -19.33 21.95
C THR B 109 -10.49 -18.91 22.54
N GLU B 110 -10.57 -17.65 22.97
CA GLU B 110 -11.80 -17.13 23.53
C GLU B 110 -12.87 -17.16 22.47
N PHE B 111 -12.49 -16.90 21.23
CA PHE B 111 -13.47 -16.89 20.16
C PHE B 111 -13.95 -18.28 19.78
N ASP B 112 -13.11 -19.30 19.98
CA ASP B 112 -13.52 -20.66 19.66
C ASP B 112 -14.65 -21.02 20.59
N LYS B 113 -14.50 -20.66 21.87
CA LYS B 113 -15.53 -20.96 22.86
C LYS B 113 -16.85 -20.35 22.41
N ILE B 114 -16.86 -19.03 22.22
CA ILE B 114 -18.06 -18.34 21.78
C ILE B 114 -18.74 -19.10 20.64
N VAL B 115 -17.94 -19.48 19.64
CA VAL B 115 -18.44 -20.21 18.48
C VAL B 115 -19.01 -21.58 18.86
N ASP B 116 -18.28 -22.33 19.68
CA ASP B 116 -18.76 -23.65 20.11
C ASP B 116 -20.00 -23.49 20.98
N ALA B 117 -20.06 -22.39 21.73
CA ALA B 117 -21.22 -22.12 22.56
C ALA B 117 -22.39 -21.87 21.62
N CYS B 118 -22.10 -21.16 20.53
CA CYS B 118 -23.13 -20.87 19.53
C CYS B 118 -23.61 -22.14 18.82
N GLU B 119 -22.68 -23.04 18.48
CA GLU B 119 -23.04 -24.29 17.81
C GLU B 119 -24.00 -25.03 18.73
N ALA B 120 -23.58 -25.20 19.98
CA ALA B 120 -24.36 -25.89 21.00
C ALA B 120 -25.83 -25.47 21.07
N ASN B 121 -26.10 -24.19 20.88
CA ASN B 121 -27.48 -23.72 20.95
C ASN B 121 -28.16 -23.50 19.60
N GLY B 122 -27.45 -23.86 18.52
CA GLY B 122 -28.02 -23.69 17.19
C GLY B 122 -28.31 -22.26 16.80
N VAL B 123 -27.48 -21.32 17.25
CA VAL B 123 -27.69 -19.93 16.87
C VAL B 123 -26.58 -19.43 15.96
N GLN B 124 -26.94 -18.50 15.09
CA GLN B 124 -26.00 -17.89 14.15
C GLN B 124 -25.27 -16.76 14.85
N ILE B 125 -23.97 -16.66 14.60
CA ILE B 125 -23.18 -15.57 15.15
C ILE B 125 -22.54 -14.89 13.95
N MSE B 126 -22.28 -13.59 14.09
CA MSE B 126 -21.66 -12.83 13.01
C MSE B 126 -20.93 -11.63 13.61
O MSE B 126 -21.32 -11.14 14.67
CB MSE B 126 -22.73 -12.36 12.01
CG MSE B 126 -22.17 -11.58 10.83
SE MSE B 126 -23.50 -10.97 9.55
CE MSE B 126 -23.92 -12.69 8.75
N ASP B 127 -19.87 -11.17 12.97
CA ASP B 127 -19.15 -10.01 13.49
C ASP B 127 -19.63 -8.74 12.81
N GLY B 128 -19.20 -7.60 13.31
CA GLY B 128 -19.63 -6.33 12.75
C GLY B 128 -19.01 -5.83 11.45
N THR B 129 -18.14 -6.64 10.83
CA THR B 129 -17.48 -6.24 9.57
C THR B 129 -18.54 -5.94 8.51
N MSE B 130 -19.08 -4.73 8.59
CA MSE B 130 -20.13 -4.29 7.69
C MSE B 130 -19.79 -3.86 6.26
O MSE B 130 -20.70 -3.45 5.54
CB MSE B 130 -20.92 -3.16 8.38
CG MSE B 130 -20.05 -2.10 9.05
SE MSE B 130 -20.98 -0.41 9.31
CE MSE B 130 -21.27 -0.46 11.22
N TRP B 131 -18.54 -3.97 5.81
CA TRP B 131 -18.24 -3.56 4.44
C TRP B 131 -18.28 -4.62 3.34
N VAL B 132 -18.52 -5.88 3.70
CA VAL B 132 -18.54 -6.94 2.69
C VAL B 132 -19.93 -7.22 2.11
N HIS B 133 -20.97 -6.86 2.86
CA HIS B 133 -22.33 -7.03 2.39
C HIS B 133 -22.60 -6.03 1.27
N ASN B 134 -21.81 -4.97 1.23
CA ASN B 134 -21.94 -3.92 0.22
C ASN B 134 -21.90 -4.57 -1.17
N PRO B 135 -22.80 -4.14 -2.08
CA PRO B 135 -22.79 -4.74 -3.43
C PRO B 135 -21.42 -4.71 -4.07
N ARG B 136 -20.79 -3.54 -4.06
CA ARG B 136 -19.45 -3.36 -4.63
C ARG B 136 -18.58 -4.59 -4.39
N THR B 137 -18.52 -5.02 -3.13
CA THR B 137 -17.71 -6.15 -2.72
C THR B 137 -17.97 -7.41 -3.54
N ALA B 138 -19.18 -7.59 -4.06
CA ALA B 138 -19.46 -8.77 -4.87
C ALA B 138 -18.69 -8.65 -6.19
N LEU B 139 -18.60 -7.42 -6.70
CA LEU B 139 -17.88 -7.14 -7.93
C LEU B 139 -16.36 -7.26 -7.71
N LEU B 140 -15.88 -6.90 -6.51
CA LEU B 140 -14.46 -7.01 -6.21
C LEU B 140 -14.07 -8.49 -6.34
N LYS B 141 -14.91 -9.38 -5.81
CA LYS B 141 -14.64 -10.81 -5.89
C LYS B 141 -14.63 -11.22 -7.37
N GLU B 142 -15.70 -10.87 -8.07
CA GLU B 142 -15.82 -11.18 -9.49
C GLU B 142 -14.51 -10.83 -10.21
N PHE B 143 -13.96 -9.66 -9.89
CA PHE B 143 -12.72 -9.21 -10.49
C PHE B 143 -11.55 -10.10 -10.03
N LEU B 144 -11.20 -10.03 -8.75
CA LEU B 144 -10.12 -10.85 -8.23
C LEU B 144 -10.29 -12.33 -8.61
N SER B 145 -11.51 -12.72 -8.95
CA SER B 145 -11.81 -14.12 -9.32
C SER B 145 -11.55 -14.42 -10.80
N ASP B 146 -11.68 -13.41 -11.65
CA ASP B 146 -11.45 -13.58 -13.09
C ASP B 146 -9.98 -13.75 -13.42
N SER B 147 -9.64 -14.87 -14.05
CA SER B 147 -8.25 -15.17 -14.40
C SER B 147 -7.74 -14.43 -15.62
N GLU B 148 -8.62 -13.78 -16.36
CA GLU B 148 -8.20 -13.04 -17.55
C GLU B 148 -8.18 -11.54 -17.27
N ARG B 149 -9.02 -11.12 -16.32
CA ARG B 149 -9.12 -9.72 -15.94
C ARG B 149 -8.13 -9.39 -14.82
N PHE B 150 -7.96 -10.32 -13.89
CA PHE B 150 -7.05 -10.12 -12.76
C PHE B 150 -5.90 -11.13 -12.70
N GLY B 151 -6.17 -12.37 -13.10
CA GLY B 151 -5.15 -13.40 -13.07
C GLY B 151 -4.85 -13.95 -11.67
N GLN B 152 -3.67 -14.55 -11.51
CA GLN B 152 -3.26 -15.11 -10.22
C GLN B 152 -2.77 -13.97 -9.31
N LEU B 153 -3.24 -13.98 -8.07
CA LEU B 153 -2.85 -12.96 -7.10
C LEU B 153 -1.35 -13.01 -6.80
N LYS B 154 -0.74 -11.83 -6.71
CA LYS B 154 0.69 -11.71 -6.41
C LYS B 154 0.88 -11.00 -5.08
N THR B 155 0.14 -9.90 -4.88
CA THR B 155 0.25 -9.18 -3.65
C THR B 155 -0.99 -8.32 -3.37
N VAL B 156 -1.31 -8.15 -2.10
CA VAL B 156 -2.43 -7.31 -1.71
C VAL B 156 -1.93 -6.48 -0.54
N GLN B 157 -2.23 -5.18 -0.57
CA GLN B 157 -1.80 -4.25 0.48
C GLN B 157 -3.01 -3.49 1.05
N SER B 158 -3.35 -3.79 2.31
CA SER B 158 -4.48 -3.14 2.96
C SER B 158 -4.04 -2.22 4.09
N CYS B 159 -4.71 -1.07 4.19
CA CYS B 159 -4.39 -0.11 5.23
C CYS B 159 -5.58 0.65 5.74
N PHE B 160 -5.51 1.05 7.01
CA PHE B 160 -6.55 1.85 7.63
C PHE B 160 -5.99 2.59 8.86
N SER B 161 -6.02 3.91 8.79
CA SER B 161 -5.54 4.72 9.91
C SER B 161 -6.37 5.97 10.03
N PHE B 162 -6.43 6.52 11.24
CA PHE B 162 -7.15 7.76 11.45
C PHE B 162 -6.41 8.56 12.52
N ALA B 163 -6.66 9.85 12.58
CA ALA B 163 -5.98 10.70 13.54
C ALA B 163 -6.81 10.96 14.79
N GLY B 164 -6.46 10.29 15.88
CA GLY B 164 -7.19 10.48 17.12
C GLY B 164 -6.56 11.60 17.95
N ASP B 165 -7.40 12.48 18.49
CA ASP B 165 -6.92 13.59 19.30
C ASP B 165 -6.64 13.15 20.74
N GLU B 166 -5.95 14.01 21.48
CA GLU B 166 -5.58 13.77 22.88
C GLU B 166 -6.70 13.09 23.67
N ASP B 167 -7.91 13.64 23.55
CA ASP B 167 -9.06 13.07 24.24
C ASP B 167 -9.22 11.58 23.91
N PHE B 168 -9.17 11.26 22.62
CA PHE B 168 -9.29 9.88 22.18
C PHE B 168 -8.11 9.10 22.73
N LEU B 169 -6.91 9.61 22.47
CA LEU B 169 -5.70 8.94 22.92
C LEU B 169 -5.66 8.66 24.41
N LYS B 170 -6.53 9.31 25.17
CA LYS B 170 -6.55 9.10 26.61
C LYS B 170 -7.82 8.44 27.19
N ASN B 171 -8.97 8.69 26.56
CA ASN B 171 -10.20 8.15 27.10
C ASN B 171 -10.96 7.06 26.36
N ASP B 172 -10.69 6.86 25.08
CA ASP B 172 -11.40 5.84 24.30
C ASP B 172 -11.05 4.43 24.78
N ILE B 173 -12.02 3.53 24.70
CA ILE B 173 -11.78 2.15 25.14
C ILE B 173 -10.68 1.49 24.30
N ARG B 174 -10.51 1.98 23.07
CA ARG B 174 -9.50 1.42 22.17
C ARG B 174 -8.06 1.59 22.63
N VAL B 175 -7.85 2.33 23.71
CA VAL B 175 -6.49 2.52 24.21
C VAL B 175 -6.37 1.87 25.57
N LYS B 176 -7.50 1.35 26.04
CA LYS B 176 -7.60 0.68 27.34
C LYS B 176 -7.39 -0.83 27.23
N PRO B 177 -6.27 -1.34 27.78
CA PRO B 177 -5.93 -2.77 27.73
C PRO B 177 -6.95 -3.67 28.42
N GLY B 178 -7.82 -3.08 29.22
CA GLY B 178 -8.82 -3.86 29.94
C GLY B 178 -10.14 -4.01 29.21
N LEU B 179 -10.39 -3.17 28.21
CA LEU B 179 -11.63 -3.23 27.43
C LEU B 179 -11.28 -3.64 26.00
N ASP B 180 -11.31 -2.68 25.07
CA ASP B 180 -10.94 -2.98 23.70
C ASP B 180 -9.42 -2.89 23.68
N GLY B 181 -8.78 -3.86 24.33
CA GLY B 181 -7.33 -3.89 24.46
C GLY B 181 -6.44 -4.19 23.27
N LEU B 182 -7.00 -4.55 22.13
CA LEU B 182 -6.18 -4.85 20.98
C LEU B 182 -5.76 -3.58 20.24
N GLY B 183 -6.30 -2.45 20.67
CA GLY B 183 -5.95 -1.18 20.07
C GLY B 183 -6.21 -1.02 18.58
N ALA B 184 -5.26 -0.40 17.89
CA ALA B 184 -5.37 -0.15 16.46
C ALA B 184 -5.37 -1.44 15.64
N LEU B 185 -4.67 -2.46 16.13
CA LEU B 185 -4.59 -3.75 15.45
C LEU B 185 -5.97 -4.40 15.36
N GLY B 186 -6.60 -4.61 16.51
CA GLY B 186 -7.92 -5.22 16.53
C GLY B 186 -9.06 -4.32 16.08
N ASP B 187 -8.85 -3.01 16.14
CA ASP B 187 -9.88 -2.05 15.73
C ASP B 187 -9.77 -1.66 14.28
N ALA B 188 -8.56 -1.34 13.84
CA ALA B 188 -8.33 -0.95 12.45
C ALA B 188 -7.65 -2.04 11.62
N GLY B 189 -6.54 -2.58 12.12
CA GLY B 189 -5.85 -3.63 11.39
C GLY B 189 -6.87 -4.69 11.02
N TRP B 190 -7.82 -4.90 11.92
CA TRP B 190 -8.91 -5.86 11.73
C TRP B 190 -9.44 -5.80 10.29
N TYR B 191 -9.70 -4.61 9.79
CA TYR B 191 -10.23 -4.40 8.46
C TYR B 191 -9.22 -4.71 7.36
N ALA B 192 -7.96 -4.43 7.65
CA ALA B 192 -6.88 -4.67 6.70
C ALA B 192 -6.60 -6.18 6.58
N ILE B 193 -6.99 -6.91 7.62
CA ILE B 193 -6.80 -8.35 7.66
C ILE B 193 -8.02 -9.07 7.07
N ARG B 194 -9.05 -8.32 6.70
CA ARG B 194 -10.22 -8.95 6.11
C ARG B 194 -10.10 -8.84 4.60
N ALA B 195 -9.69 -7.66 4.14
CA ALA B 195 -9.51 -7.42 2.73
C ALA B 195 -8.44 -8.34 2.14
N THR B 196 -7.54 -8.84 2.97
CA THR B 196 -6.51 -9.75 2.47
C THR B 196 -7.07 -11.16 2.52
N LEU B 197 -8.21 -11.31 3.18
CA LEU B 197 -8.86 -12.61 3.27
C LEU B 197 -9.99 -12.64 2.25
N LEU B 198 -10.37 -11.49 1.72
CA LEU B 198 -11.41 -11.48 0.71
C LEU B 198 -10.73 -11.72 -0.64
N ALA B 199 -9.48 -11.27 -0.77
CA ALA B 199 -8.73 -11.48 -2.00
C ALA B 199 -8.17 -12.90 -2.10
N ASN B 200 -7.46 -13.33 -1.07
CA ASN B 200 -6.83 -14.64 -1.03
C ASN B 200 -7.79 -15.80 -0.81
N ASN B 201 -8.99 -15.67 -1.37
CA ASN B 201 -10.03 -16.69 -1.27
C ASN B 201 -10.34 -17.15 0.16
N PHE B 202 -9.87 -16.39 1.14
CA PHE B 202 -10.12 -16.68 2.54
C PHE B 202 -9.27 -17.77 3.13
N GLU B 203 -7.99 -17.76 2.75
CA GLU B 203 -7.02 -18.74 3.25
C GLU B 203 -5.95 -17.97 4.04
N LEU B 204 -5.70 -18.39 5.27
CA LEU B 204 -4.68 -17.74 6.10
C LEU B 204 -3.33 -17.72 5.39
N PRO B 205 -2.39 -16.89 5.87
CA PRO B 205 -1.10 -16.89 5.19
C PRO B 205 -0.33 -18.07 5.78
N LYS B 206 0.94 -18.23 5.42
CA LYS B 206 1.74 -19.31 6.00
C LYS B 206 2.50 -18.70 7.16
N THR B 207 2.85 -17.42 7.03
CA THR B 207 3.57 -16.73 8.08
C THR B 207 3.20 -15.26 8.16
N VAL B 208 3.46 -14.67 9.31
CA VAL B 208 3.17 -13.26 9.58
C VAL B 208 4.39 -12.62 10.28
N THR B 209 4.66 -11.36 9.97
CA THR B 209 5.78 -10.66 10.59
C THR B 209 5.44 -9.17 10.67
N ALA B 210 5.42 -8.61 11.87
CA ALA B 210 5.09 -7.19 12.04
C ALA B 210 6.26 -6.28 11.63
N PHE B 211 5.97 -5.03 11.26
CA PHE B 211 7.04 -4.10 10.92
C PHE B 211 7.63 -3.53 12.19
N PRO B 212 8.97 -3.41 12.27
CA PRO B 212 9.46 -2.84 13.52
C PRO B 212 9.02 -1.39 13.56
N GLY B 213 8.78 -0.86 14.76
CA GLY B 213 8.37 0.52 14.87
C GLY B 213 6.91 0.79 15.16
N ALA B 214 6.18 -0.19 15.68
CA ALA B 214 4.77 0.04 15.99
C ALA B 214 4.71 1.13 17.07
N VAL B 215 3.62 1.90 17.08
CA VAL B 215 3.43 2.95 18.10
C VAL B 215 2.35 2.50 19.08
N LEU B 216 2.53 2.83 20.36
CA LEU B 216 1.57 2.46 21.40
C LEU B 216 1.65 3.38 22.61
N ASN B 217 0.63 3.35 23.47
CA ASN B 217 0.62 4.19 24.66
C ASN B 217 1.35 3.56 25.85
N GLU B 218 1.48 4.33 26.93
CA GLU B 218 2.17 3.86 28.14
C GLU B 218 1.62 2.53 28.66
N ALA B 219 0.33 2.29 28.46
CA ALA B 219 -0.31 1.06 28.92
C ALA B 219 -0.10 -0.13 27.97
N GLY B 220 0.75 0.06 26.98
CA GLY B 220 1.04 -1.01 26.03
C GLY B 220 -0.06 -1.32 25.02
N VAL B 221 -0.91 -0.34 24.75
CA VAL B 221 -2.00 -0.50 23.79
C VAL B 221 -1.59 0.03 22.42
N ILE B 222 -1.75 -0.80 21.39
CA ILE B 222 -1.40 -0.45 20.01
C ILE B 222 -2.11 0.77 19.43
N LEU B 223 -1.34 1.78 19.05
CA LEU B 223 -1.89 2.98 18.44
C LEU B 223 -1.66 2.94 16.92
N SER B 224 -0.66 2.17 16.49
CA SER B 224 -0.38 2.05 15.07
C SER B 224 0.53 0.85 14.81
N CYS B 225 0.38 0.21 13.65
CA CYS B 225 1.22 -0.94 13.32
C CYS B 225 0.93 -1.52 11.93
N GLY B 226 1.91 -2.24 11.37
CA GLY B 226 1.75 -2.84 10.06
C GLY B 226 2.08 -4.33 10.08
N ALA B 227 2.38 -4.91 8.92
CA ALA B 227 2.73 -6.32 8.86
C ALA B 227 2.72 -6.90 7.45
N SER B 228 3.69 -7.76 7.16
CA SER B 228 3.75 -8.42 5.88
C SER B 228 3.34 -9.86 6.13
N LEU B 229 2.44 -10.40 5.29
CA LEU B 229 1.99 -11.78 5.44
C LEU B 229 2.53 -12.58 4.23
N SER B 230 2.72 -13.89 4.40
CA SER B 230 3.26 -14.67 3.30
C SER B 230 2.66 -16.06 3.12
N TRP B 231 2.44 -16.43 1.86
CA TRP B 231 1.86 -17.74 1.55
C TRP B 231 2.89 -18.74 1.01
N GLU B 232 4.15 -18.33 0.94
CA GLU B 232 5.20 -19.20 0.44
C GLU B 232 4.77 -19.82 -0.90
N ASP B 233 4.02 -19.02 -1.66
CA ASP B 233 3.50 -19.41 -2.97
C ASP B 233 3.98 -18.34 -3.94
N GLY B 234 4.40 -17.22 -3.38
CA GLY B 234 4.82 -16.10 -4.19
C GLY B 234 3.83 -15.00 -3.94
N ARG B 235 2.75 -15.33 -3.24
CA ARG B 235 1.72 -14.36 -2.86
C ARG B 235 2.18 -13.73 -1.56
N THR B 236 1.82 -12.48 -1.34
CA THR B 236 2.21 -11.81 -0.10
C THR B 236 1.21 -10.71 0.20
N ALA B 237 1.39 -10.05 1.33
CA ALA B 237 0.48 -8.99 1.71
C ALA B 237 1.00 -8.16 2.87
N THR B 238 0.57 -6.90 2.92
CA THR B 238 0.95 -6.04 4.02
C THR B 238 -0.26 -5.29 4.57
N ILE B 239 -0.29 -5.10 5.89
CA ILE B 239 -1.37 -4.36 6.51
C ILE B 239 -0.73 -3.14 7.18
N TYR B 240 -1.57 -2.19 7.56
CA TYR B 240 -1.13 -0.99 8.26
C TYR B 240 -2.34 -0.32 8.91
N CYS B 241 -2.21 -0.02 10.20
CA CYS B 241 -3.28 0.60 10.97
C CYS B 241 -2.74 1.61 11.96
N SER B 242 -3.41 2.74 12.09
CA SER B 242 -2.93 3.76 13.02
C SER B 242 -4.01 4.68 13.54
N PHE B 243 -3.80 5.12 14.78
CA PHE B 243 -4.70 6.05 15.47
C PHE B 243 -4.07 7.45 15.40
N LEU B 244 -2.90 7.52 14.78
CA LEU B 244 -2.15 8.78 14.68
C LEU B 244 -1.93 9.29 13.27
N ALA B 245 -2.86 9.05 12.36
CA ALA B 245 -2.66 9.53 10.99
C ALA B 245 -3.95 9.70 10.21
N ASN B 246 -4.03 10.82 9.49
CA ASN B 246 -5.19 11.16 8.67
C ASN B 246 -5.98 9.94 8.17
N LEU B 247 -7.31 10.07 8.14
CA LEU B 247 -8.18 9.00 7.67
C LEU B 247 -7.66 8.42 6.36
N THR B 248 -7.25 7.15 6.40
CA THR B 248 -6.75 6.44 5.23
C THR B 248 -7.29 5.02 5.27
N MSE B 249 -7.87 4.55 4.16
CA MSE B 249 -8.43 3.20 4.11
C MSE B 249 -8.55 2.69 2.68
O MSE B 249 -9.52 2.96 1.99
CB MSE B 249 -9.80 3.14 4.80
CG MSE B 249 -10.78 4.23 4.43
SE MSE B 249 -12.55 3.97 5.21
CE MSE B 249 -12.14 4.34 7.08
N GLU B 250 -7.56 1.90 2.26
CA GLU B 250 -7.54 1.37 0.90
C GLU B 250 -7.21 -0.12 0.79
N ILE B 251 -7.49 -0.63 -0.40
CA ILE B 251 -7.18 -2.01 -0.73
C ILE B 251 -6.35 -1.87 -2.00
N THR B 252 -5.48 -2.85 -2.22
CA THR B 252 -4.65 -2.95 -3.40
C THR B 252 -4.40 -4.44 -3.48
N ALA B 253 -4.59 -5.01 -4.65
CA ALA B 253 -4.42 -6.44 -4.84
C ALA B 253 -3.89 -6.70 -6.25
N ILE B 254 -2.58 -6.90 -6.34
CA ILE B 254 -1.91 -7.11 -7.62
C ILE B 254 -1.85 -8.56 -8.07
N GLY B 255 -2.35 -8.81 -9.28
CA GLY B 255 -2.35 -10.14 -9.83
C GLY B 255 -1.51 -10.21 -11.08
N THR B 256 -1.33 -11.43 -11.62
CA THR B 256 -0.53 -11.66 -12.82
C THR B 256 -0.93 -10.77 -14.02
N LYS B 257 -2.19 -10.32 -14.05
CA LYS B 257 -2.67 -9.47 -15.14
C LYS B 257 -3.67 -8.43 -14.63
N GLY B 258 -4.10 -8.58 -13.39
CA GLY B 258 -5.06 -7.65 -12.82
C GLY B 258 -4.52 -6.73 -11.73
N THR B 259 -5.06 -5.52 -11.67
CA THR B 259 -4.66 -4.53 -10.69
C THR B 259 -5.93 -3.88 -10.17
N LEU B 260 -6.18 -3.96 -8.87
CA LEU B 260 -7.39 -3.39 -8.30
C LEU B 260 -7.15 -2.30 -7.26
N ARG B 261 -8.03 -1.30 -7.24
CA ARG B 261 -7.89 -0.19 -6.30
C ARG B 261 -9.24 0.34 -5.79
N VAL B 262 -9.37 0.40 -4.47
CA VAL B 262 -10.56 0.92 -3.84
C VAL B 262 -10.18 1.60 -2.54
N HIS B 263 -9.56 2.77 -2.69
CA HIS B 263 -9.07 3.64 -1.60
C HIS B 263 -10.10 4.08 -0.57
N ASP B 264 -11.20 3.34 -0.42
CA ASP B 264 -12.23 3.71 0.55
C ASP B 264 -13.08 2.49 0.89
N PHE B 265 -12.46 1.32 0.96
CA PHE B 265 -13.20 0.08 1.20
C PHE B 265 -13.96 -0.12 2.52
N ILE B 266 -13.55 0.57 3.58
CA ILE B 266 -14.22 0.39 4.88
C ILE B 266 -15.49 1.25 5.04
N ILE B 267 -15.38 2.50 4.64
CA ILE B 267 -16.50 3.42 4.71
C ILE B 267 -16.54 4.04 3.32
N PRO B 268 -17.68 3.95 2.62
CA PRO B 268 -17.72 4.53 1.28
C PRO B 268 -17.86 6.04 1.38
N TYR B 269 -17.48 6.75 0.32
CA TYR B 269 -17.62 8.20 0.31
C TYR B 269 -19.11 8.53 0.42
N LYS B 270 -19.89 7.93 -0.48
CA LYS B 270 -21.34 8.10 -0.50
C LYS B 270 -22.00 6.77 -0.13
N GLU B 271 -23.05 6.82 0.68
CA GLU B 271 -23.73 5.58 1.07
C GLU B 271 -24.67 5.15 -0.05
N THR B 272 -24.86 6.01 -1.03
CA THR B 272 -25.74 5.73 -2.17
C THR B 272 -24.94 5.33 -3.42
N GLU B 273 -23.65 5.04 -3.24
CA GLU B 273 -22.78 4.61 -4.33
C GLU B 273 -21.55 3.90 -3.78
N ALA B 274 -20.79 3.27 -4.68
CA ALA B 274 -19.57 2.55 -4.34
C ALA B 274 -18.66 2.60 -5.57
N SER B 275 -17.73 3.54 -5.56
CA SER B 275 -16.80 3.70 -6.68
C SER B 275 -15.42 3.15 -6.37
N PHE B 276 -14.91 2.32 -7.28
CA PHE B 276 -13.58 1.72 -7.14
C PHE B 276 -12.97 1.69 -8.55
N THR B 277 -11.65 1.52 -8.61
CA THR B 277 -10.96 1.47 -9.89
C THR B 277 -10.34 0.12 -10.23
N THR B 278 -10.40 -0.22 -11.51
CA THR B 278 -9.90 -1.48 -12.01
C THR B 278 -8.95 -1.26 -13.20
N SER B 279 -7.93 -2.10 -13.32
CA SER B 279 -6.96 -1.97 -14.40
C SER B 279 -6.54 -3.34 -14.90
N THR B 280 -6.41 -3.50 -16.21
CA THR B 280 -6.05 -4.78 -16.82
C THR B 280 -4.96 -4.70 -17.90
N LYS B 281 -3.96 -5.57 -17.78
CA LYS B 281 -2.84 -5.59 -18.73
C LYS B 281 -2.38 -4.19 -19.15
N ALA B 282 -2.01 -3.35 -18.18
CA ALA B 282 -1.57 -2.00 -18.50
C ALA B 282 -0.15 -1.93 -19.06
N TRP B 283 0.02 -1.24 -20.18
CA TRP B 283 1.34 -1.11 -20.75
C TRP B 283 1.59 0.32 -21.21
N PHE B 284 2.78 0.54 -21.77
CA PHE B 284 3.17 1.86 -22.27
C PHE B 284 3.20 1.84 -23.79
N ASN B 285 3.22 3.02 -24.40
CA ASN B 285 3.30 3.14 -25.85
C ASN B 285 4.78 2.95 -26.19
N ASP B 286 5.07 2.32 -27.33
CA ASP B 286 6.45 2.05 -27.75
C ASP B 286 7.55 2.91 -27.16
N LEU B 287 7.30 4.21 -27.03
CA LEU B 287 8.31 5.13 -26.52
C LEU B 287 8.12 5.59 -25.07
N VAL B 288 7.51 4.71 -24.26
CA VAL B 288 7.24 4.99 -22.84
C VAL B 288 6.96 6.47 -22.53
N THR B 289 6.22 7.14 -23.42
CA THR B 289 5.88 8.54 -23.20
C THR B 289 4.42 8.61 -22.78
N ALA B 290 3.80 7.44 -22.62
CA ALA B 290 2.41 7.35 -22.23
C ALA B 290 1.96 5.89 -22.02
N TRP B 291 0.97 5.70 -21.13
CA TRP B 291 0.37 4.39 -20.88
C TRP B 291 -0.55 4.27 -22.09
N VAL B 292 -0.85 3.05 -22.55
CA VAL B 292 -1.75 2.95 -23.70
C VAL B 292 -3.18 3.18 -23.21
N SER B 293 -3.41 2.82 -21.94
CA SER B 293 -4.72 2.99 -21.32
C SER B 293 -4.70 3.00 -19.78
N PRO B 294 -4.99 4.18 -19.19
CA PRO B 294 -5.02 4.33 -17.73
C PRO B 294 -6.17 3.51 -17.10
N PRO B 295 -6.09 3.24 -15.79
CA PRO B 295 -7.13 2.48 -15.09
C PRO B 295 -8.56 2.92 -15.40
N SER B 296 -9.51 2.07 -15.04
CA SER B 296 -10.94 2.35 -15.24
C SER B 296 -11.65 2.53 -13.91
N GLU B 297 -12.44 3.60 -13.79
CA GLU B 297 -13.18 3.85 -12.56
C GLU B 297 -14.58 3.26 -12.72
N HIS B 298 -15.03 2.52 -11.71
CA HIS B 298 -16.33 1.89 -11.72
C HIS B 298 -17.04 2.27 -10.44
N THR B 299 -18.29 2.72 -10.57
CA THR B 299 -19.09 3.09 -9.41
C THR B 299 -20.45 2.41 -9.50
N VAL B 300 -20.93 1.92 -8.36
CA VAL B 300 -22.20 1.22 -8.29
C VAL B 300 -23.15 1.90 -7.31
N LYS B 301 -24.43 1.95 -7.67
CA LYS B 301 -25.41 2.57 -6.79
C LYS B 301 -25.79 1.59 -5.70
N THR B 302 -25.92 2.10 -4.47
CA THR B 302 -26.30 1.27 -3.33
C THR B 302 -27.53 1.91 -2.67
N GLU B 303 -28.72 1.48 -3.09
CA GLU B 303 -29.97 2.04 -2.57
C GLU B 303 -30.10 1.80 -1.07
N LEU B 304 -29.62 0.66 -0.61
CA LEU B 304 -29.67 0.32 0.80
C LEU B 304 -28.23 0.34 1.34
N PRO B 305 -27.90 1.31 2.23
CA PRO B 305 -26.54 1.37 2.78
C PRO B 305 -26.07 0.00 3.24
N GLN B 306 -24.79 -0.28 2.97
CA GLN B 306 -24.16 -1.56 3.30
C GLN B 306 -24.51 -2.22 4.63
N GLU B 307 -24.48 -1.45 5.72
CA GLU B 307 -24.81 -2.02 7.03
C GLU B 307 -26.20 -2.63 7.02
N ALA B 308 -27.13 -2.00 6.31
CA ALA B 308 -28.48 -2.52 6.24
C ALA B 308 -28.42 -3.92 5.64
N CYS B 309 -27.43 -4.16 4.77
CA CYS B 309 -27.26 -5.47 4.19
C CYS B 309 -26.68 -6.40 5.28
N MSE B 310 -26.02 -5.78 6.27
CA MSE B 310 -25.43 -6.56 7.34
C MSE B 310 -26.40 -6.77 8.50
O MSE B 310 -26.09 -7.47 9.46
CB MSE B 310 -24.18 -5.85 7.86
CG MSE B 310 -23.51 -6.63 8.97
SE MSE B 310 -22.66 -5.47 10.24
CE MSE B 310 -24.23 -4.81 11.14
N VAL B 311 -27.57 -6.15 8.40
CA VAL B 311 -28.57 -6.29 9.44
C VAL B 311 -29.82 -6.89 8.79
N ARG B 312 -29.67 -7.29 7.54
CA ARG B 312 -30.72 -7.90 6.72
C ARG B 312 -30.35 -9.36 6.42
N GLU B 313 -29.16 -9.57 5.87
CA GLU B 313 -28.66 -10.91 5.53
C GLU B 313 -28.61 -11.79 6.77
N PHE B 314 -28.41 -11.15 7.93
CA PHE B 314 -28.35 -11.82 9.22
C PHE B 314 -29.55 -12.76 9.41
N ALA B 315 -30.66 -12.46 8.75
CA ALA B 315 -31.86 -13.29 8.84
C ALA B 315 -32.47 -13.52 7.46
N ILE B 321 -34.10 -20.53 9.75
CA ILE B 321 -33.66 -21.26 10.93
C ILE B 321 -34.75 -21.36 12.00
N LYS B 322 -35.14 -20.21 12.56
CA LYS B 322 -36.18 -20.19 13.58
C LYS B 322 -37.56 -20.49 12.99
N ASN B 323 -37.87 -19.85 11.86
CA ASN B 323 -39.14 -20.05 11.18
C ASN B 323 -39.15 -21.29 10.29
N ASN B 324 -38.78 -21.12 9.02
CA ASN B 324 -38.75 -22.21 8.06
C ASN B 324 -37.50 -23.09 8.15
N GLY B 325 -37.04 -23.31 9.37
CA GLY B 325 -35.87 -24.14 9.59
C GLY B 325 -34.59 -23.56 9.04
N ALA B 326 -33.49 -24.28 9.27
CA ALA B 326 -32.14 -23.92 8.83
C ALA B 326 -31.11 -24.08 9.94
N LYS B 327 -29.89 -24.47 9.56
CA LYS B 327 -28.79 -24.63 10.50
C LYS B 327 -28.01 -23.32 10.49
N PRO B 328 -27.19 -23.07 11.52
CA PRO B 328 -26.45 -21.80 11.48
C PRO B 328 -25.40 -21.84 10.36
N ASP B 329 -25.21 -20.70 9.70
CA ASP B 329 -24.25 -20.60 8.61
C ASP B 329 -22.84 -20.46 9.18
N GLY B 330 -22.00 -21.43 8.88
CA GLY B 330 -20.63 -21.42 9.39
C GLY B 330 -19.65 -20.47 8.73
N TYR B 331 -19.95 -19.99 7.53
CA TYR B 331 -19.05 -19.08 6.84
C TYR B 331 -18.70 -17.87 7.70
N TRP B 332 -19.70 -17.31 8.36
CA TRP B 332 -19.44 -16.11 9.16
C TRP B 332 -18.54 -16.38 10.35
N PRO B 333 -18.95 -17.25 11.28
CA PRO B 333 -18.06 -17.50 12.42
C PRO B 333 -16.67 -17.93 11.93
N SER B 334 -16.65 -18.66 10.81
CA SER B 334 -15.40 -19.13 10.23
C SER B 334 -14.46 -17.98 9.89
N ILE B 335 -14.89 -17.07 9.00
CA ILE B 335 -14.03 -15.95 8.63
C ILE B 335 -13.63 -15.16 9.87
N SER B 336 -14.54 -15.02 10.82
CA SER B 336 -14.24 -14.27 12.04
C SER B 336 -13.04 -14.87 12.74
N ARG B 337 -13.04 -16.20 12.87
CA ARG B 337 -11.92 -16.89 13.53
C ARG B 337 -10.64 -16.63 12.72
N LYS B 338 -10.76 -16.69 11.40
CA LYS B 338 -9.59 -16.45 10.55
C LYS B 338 -9.05 -15.04 10.76
N THR B 339 -9.93 -14.03 10.67
CA THR B 339 -9.52 -12.64 10.85
C THR B 339 -8.89 -12.49 12.25
N GLN B 340 -9.54 -13.05 13.26
CA GLN B 340 -9.04 -12.97 14.63
C GLN B 340 -7.74 -13.75 14.79
N LEU B 341 -7.63 -14.89 14.11
CA LEU B 341 -6.43 -15.73 14.19
C LEU B 341 -5.21 -15.00 13.65
N VAL B 342 -5.40 -14.09 12.71
CA VAL B 342 -4.26 -13.36 12.16
C VAL B 342 -3.94 -12.16 13.04
N VAL B 343 -4.97 -11.46 13.48
CA VAL B 343 -4.77 -10.31 14.35
C VAL B 343 -3.89 -10.67 15.54
N ASP B 344 -3.97 -11.91 16.00
CA ASP B 344 -3.15 -12.35 17.14
C ASP B 344 -1.71 -12.65 16.77
N ALA B 345 -1.48 -12.97 15.49
CA ALA B 345 -0.13 -13.27 15.02
C ALA B 345 0.65 -11.96 14.96
N VAL B 346 -0.05 -10.86 14.72
CA VAL B 346 0.61 -9.56 14.65
C VAL B 346 0.97 -9.11 16.07
N LYS B 347 0.46 -9.83 17.06
CA LYS B 347 0.74 -9.53 18.46
C LYS B 347 1.83 -10.48 18.95
N GLU B 348 1.69 -11.75 18.58
CA GLU B 348 2.66 -12.76 18.98
C GLU B 348 3.99 -12.48 18.28
N SER B 349 3.95 -11.65 17.25
CA SER B 349 5.15 -11.28 16.52
C SER B 349 5.76 -10.05 17.18
N VAL B 350 4.93 -9.05 17.48
CA VAL B 350 5.42 -7.84 18.14
C VAL B 350 5.90 -8.17 19.57
N ASP B 351 5.13 -8.93 20.33
CA ASP B 351 5.56 -9.29 21.69
C ASP B 351 6.95 -9.91 21.55
N LYS B 352 7.07 -10.90 20.67
CA LYS B 352 8.35 -11.58 20.44
C LYS B 352 9.39 -10.74 19.68
N ASN B 353 9.28 -9.42 19.77
CA ASN B 353 10.23 -8.52 19.11
C ASN B 353 10.30 -8.65 17.58
N TYR B 354 9.15 -8.82 16.95
CA TYR B 354 9.05 -8.94 15.48
C TYR B 354 9.56 -10.26 14.90
N GLN B 355 9.15 -11.35 15.53
CA GLN B 355 9.52 -12.69 15.11
C GLN B 355 8.51 -13.17 14.05
N GLN B 356 8.92 -14.10 13.20
CA GLN B 356 8.02 -14.61 12.18
C GLN B 356 7.09 -15.66 12.78
N ILE B 357 5.78 -15.42 12.71
CA ILE B 357 4.80 -16.35 13.26
C ILE B 357 4.24 -17.28 12.20
N SER B 358 4.31 -18.59 12.46
CA SER B 358 3.79 -19.60 11.54
C SER B 358 2.37 -19.98 11.90
N LEU B 359 1.41 -19.54 11.09
CA LEU B 359 0.01 -19.85 11.34
C LEU B 359 -0.36 -21.25 10.88
N SER B 360 0.57 -21.90 10.19
CA SER B 360 0.36 -23.25 9.66
C SER B 360 0.70 -24.35 10.67
N GLN A 6 22.39 23.01 -27.67
CA GLN A 6 23.55 23.66 -27.01
C GLN A 6 24.61 22.67 -26.50
N ILE A 7 24.34 22.03 -25.37
CA ILE A 7 25.31 21.07 -24.83
C ILE A 7 25.34 19.83 -25.72
N ARG A 8 26.57 19.40 -26.03
CA ARG A 8 26.83 18.26 -26.90
C ARG A 8 26.77 16.92 -26.18
N ILE A 9 25.57 16.36 -26.06
CA ILE A 9 25.41 15.09 -25.39
C ILE A 9 26.00 13.94 -26.18
N GLY A 10 26.62 13.02 -25.46
CA GLY A 10 27.24 11.87 -26.10
C GLY A 10 26.71 10.56 -25.54
N VAL A 11 25.58 10.10 -26.07
CA VAL A 11 25.00 8.84 -25.64
C VAL A 11 26.05 7.74 -25.79
N MSE A 12 26.30 7.00 -24.72
CA MSE A 12 27.27 5.91 -24.77
C MSE A 12 26.51 4.60 -24.62
O MSE A 12 26.09 4.22 -23.52
CB MSE A 12 28.30 6.05 -23.67
CG MSE A 12 29.38 4.98 -23.71
SE MSE A 12 31.02 5.59 -22.96
CE MSE A 12 31.77 6.41 -24.52
N GLY A 13 26.35 3.90 -25.74
CA GLY A 13 25.61 2.64 -25.73
C GLY A 13 24.28 2.87 -26.43
N CYS A 14 23.95 2.02 -27.39
CA CYS A 14 22.68 2.16 -28.11
C CYS A 14 21.61 1.30 -27.47
N ALA A 15 21.23 1.69 -26.25
CA ALA A 15 20.20 0.99 -25.48
C ALA A 15 18.81 1.44 -25.93
N ASP A 16 17.83 0.55 -25.83
CA ASP A 16 16.47 0.90 -26.23
C ASP A 16 15.96 2.17 -25.53
N ILE A 17 16.37 2.38 -24.28
CA ILE A 17 15.92 3.57 -23.56
C ILE A 17 16.61 4.83 -24.05
N ALA A 18 17.66 4.65 -24.85
CA ALA A 18 18.37 5.79 -25.41
C ALA A 18 17.46 6.42 -26.46
N ARG A 19 16.46 5.68 -26.91
CA ARG A 19 15.53 6.19 -27.91
C ARG A 19 14.64 7.26 -27.30
N LYS A 20 14.21 7.03 -26.07
CA LYS A 20 13.35 7.99 -25.37
C LYS A 20 14.14 9.23 -24.99
N VAL A 21 15.31 9.03 -24.38
CA VAL A 21 16.13 10.16 -23.98
C VAL A 21 16.67 11.00 -25.14
N SER A 22 17.18 10.35 -26.18
CA SER A 22 17.70 11.08 -27.34
C SER A 22 16.59 11.99 -27.85
N ARG A 23 15.35 11.55 -27.67
CA ARG A 23 14.19 12.33 -28.07
C ARG A 23 13.98 13.46 -27.05
N ALA A 24 14.48 13.25 -25.83
CA ALA A 24 14.34 14.27 -24.80
C ALA A 24 15.46 15.27 -25.09
N ILE A 25 16.63 14.74 -25.42
CA ILE A 25 17.77 15.59 -25.74
C ILE A 25 17.30 16.58 -26.80
N HIS A 26 16.55 16.08 -27.77
CA HIS A 26 16.03 16.90 -28.84
C HIS A 26 15.14 18.02 -28.27
N LEU A 27 14.42 17.72 -27.20
CA LEU A 27 13.52 18.67 -26.55
C LEU A 27 14.17 19.63 -25.56
N ALA A 28 15.23 19.20 -24.89
CA ALA A 28 15.90 20.09 -23.95
C ALA A 28 16.43 21.26 -24.76
N PRO A 29 16.24 22.49 -24.26
CA PRO A 29 16.67 23.72 -24.92
C PRO A 29 18.18 23.94 -24.98
N ASN A 30 18.85 23.71 -23.87
CA ASN A 30 20.29 23.90 -23.77
C ASN A 30 21.04 22.61 -24.04
N ALA A 31 20.42 21.69 -24.78
CA ALA A 31 21.05 20.42 -25.07
C ALA A 31 20.84 19.94 -26.50
N THR A 32 21.88 19.28 -27.00
CA THR A 32 21.88 18.72 -28.35
C THR A 32 22.70 17.43 -28.35
N ILE A 33 22.27 16.45 -29.14
CA ILE A 33 22.95 15.17 -29.21
C ILE A 33 24.16 15.32 -30.16
N SER A 34 25.34 14.89 -29.72
CA SER A 34 26.53 15.04 -30.53
C SER A 34 27.43 13.81 -30.61
N GLY A 35 26.97 12.68 -30.10
CA GLY A 35 27.78 11.48 -30.16
C GLY A 35 27.14 10.21 -29.63
N VAL A 36 26.65 9.38 -30.55
CA VAL A 36 26.03 8.11 -30.19
C VAL A 36 26.92 6.98 -30.68
N ALA A 37 27.64 6.36 -29.75
CA ALA A 37 28.54 5.26 -30.09
C ALA A 37 27.95 3.86 -29.85
N SER A 38 28.82 2.86 -29.88
CA SER A 38 28.44 1.47 -29.69
C SER A 38 29.68 0.59 -29.89
N ARG A 39 29.59 -0.66 -29.44
CA ARG A 39 30.70 -1.59 -29.62
C ARG A 39 30.75 -1.95 -31.11
N SER A 40 29.59 -1.82 -31.76
CA SER A 40 29.45 -2.09 -33.18
C SER A 40 29.01 -0.82 -33.88
N LEU A 41 29.95 -0.15 -34.57
CA LEU A 41 29.61 1.08 -35.29
C LEU A 41 28.55 0.77 -36.34
N GLU A 42 28.42 -0.50 -36.66
CA GLU A 42 27.42 -0.96 -37.61
C GLU A 42 26.09 -0.65 -36.94
N LYS A 43 26.04 -0.95 -35.64
CA LYS A 43 24.87 -0.74 -34.80
C LYS A 43 24.66 0.73 -34.45
N ALA A 44 25.76 1.42 -34.13
CA ALA A 44 25.70 2.83 -33.78
C ALA A 44 25.17 3.61 -34.97
N LYS A 45 25.54 3.17 -36.17
CA LYS A 45 25.10 3.80 -37.40
C LYS A 45 23.61 3.53 -37.54
N ALA A 46 23.21 2.33 -37.15
CA ALA A 46 21.81 1.93 -37.22
C ALA A 46 20.98 2.70 -36.20
N PHE A 47 21.52 2.87 -34.99
CA PHE A 47 20.79 3.62 -33.96
C PHE A 47 20.70 5.10 -34.34
N ALA A 48 21.81 5.67 -34.81
CA ALA A 48 21.87 7.07 -35.20
C ALA A 48 20.93 7.40 -36.35
N THR A 49 20.64 6.40 -37.19
CA THR A 49 19.72 6.61 -38.30
C THR A 49 18.31 6.23 -37.87
N ALA A 50 18.19 5.08 -37.21
CA ALA A 50 16.89 4.60 -36.75
C ALA A 50 16.20 5.64 -35.88
N ASN A 51 16.96 6.54 -35.27
CA ASN A 51 16.35 7.54 -34.41
C ASN A 51 16.45 9.00 -34.85
N ASN A 52 16.43 9.22 -36.17
CA ASN A 52 16.48 10.57 -36.70
C ASN A 52 17.52 11.43 -36.00
N TYR A 53 18.78 11.30 -36.41
CA TYR A 53 19.84 12.09 -35.79
C TYR A 53 20.29 13.27 -36.65
N PRO A 54 20.75 14.35 -36.01
CA PRO A 54 21.21 15.51 -36.76
C PRO A 54 22.45 15.14 -37.55
N GLU A 55 23.11 16.13 -38.14
CA GLU A 55 24.29 15.88 -38.94
C GLU A 55 25.61 16.31 -38.28
N SER A 56 25.73 16.13 -36.97
CA SER A 56 26.96 16.48 -36.26
C SER A 56 27.43 15.37 -35.32
N THR A 57 26.62 14.33 -35.18
CA THR A 57 26.96 13.20 -34.31
C THR A 57 27.90 12.24 -35.02
N LYS A 58 28.97 11.84 -34.34
CA LYS A 58 29.92 10.90 -34.91
C LYS A 58 29.53 9.49 -34.48
N ILE A 59 29.27 8.62 -35.45
CA ILE A 59 28.87 7.27 -35.16
C ILE A 59 30.05 6.39 -34.73
N HIS A 60 30.66 6.78 -33.61
CA HIS A 60 31.79 6.08 -33.05
C HIS A 60 31.56 4.57 -33.01
N GLY A 61 32.63 3.80 -33.21
CA GLY A 61 32.54 2.35 -33.19
C GLY A 61 33.13 1.73 -31.94
N SER A 62 33.22 2.50 -30.87
CA SER A 62 33.74 2.02 -29.60
C SER A 62 33.40 3.03 -28.50
N TYR A 63 33.54 2.62 -27.25
CA TYR A 63 33.23 3.53 -26.15
C TYR A 63 34.39 4.52 -25.99
N GLU A 64 35.62 4.02 -26.09
CA GLU A 64 36.79 4.87 -25.97
C GLU A 64 36.82 5.94 -27.05
N SER A 65 36.33 5.58 -28.24
CA SER A 65 36.30 6.50 -29.37
C SER A 65 35.39 7.69 -29.09
N LEU A 66 34.17 7.39 -28.66
CA LEU A 66 33.19 8.42 -28.36
C LEU A 66 33.71 9.32 -27.25
N LEU A 67 34.59 8.78 -26.42
CA LEU A 67 35.17 9.55 -25.32
C LEU A 67 36.38 10.37 -25.76
N GLU A 68 36.94 10.01 -26.91
CA GLU A 68 38.11 10.73 -27.41
C GLU A 68 37.72 12.01 -28.13
N ASP A 69 36.49 12.07 -28.63
CA ASP A 69 36.03 13.27 -29.32
C ASP A 69 36.09 14.39 -28.30
N PRO A 70 36.94 15.39 -28.52
CA PRO A 70 37.05 16.50 -27.57
C PRO A 70 35.93 17.52 -27.74
N GLU A 71 35.22 17.44 -28.85
CA GLU A 71 34.12 18.34 -29.12
C GLU A 71 32.81 17.75 -28.63
N ILE A 72 32.90 16.96 -27.55
CA ILE A 72 31.74 16.32 -26.94
C ILE A 72 31.68 16.70 -25.46
N ASP A 73 30.53 17.19 -25.02
CA ASP A 73 30.36 17.55 -23.63
C ASP A 73 29.60 16.49 -22.82
N ALA A 74 28.27 16.46 -22.92
CA ALA A 74 27.49 15.48 -22.18
C ALA A 74 27.70 14.07 -22.70
N LEU A 75 27.58 13.08 -21.82
CA LEU A 75 27.74 11.67 -22.18
C LEU A 75 26.64 10.83 -21.54
N TYR A 76 25.57 10.59 -22.27
CA TYR A 76 24.50 9.75 -21.75
C TYR A 76 25.16 8.38 -21.50
N VAL A 77 24.81 7.72 -20.40
CA VAL A 77 25.41 6.42 -20.11
C VAL A 77 24.40 5.34 -19.63
N PRO A 78 23.74 4.63 -20.55
CA PRO A 78 22.77 3.57 -20.25
C PRO A 78 23.45 2.19 -20.33
N LEU A 79 24.42 1.94 -19.46
CA LEU A 79 25.14 0.69 -19.50
C LEU A 79 24.68 -0.36 -18.48
N PRO A 80 25.05 -1.64 -18.67
CA PRO A 80 24.66 -2.73 -17.76
C PRO A 80 25.21 -2.49 -16.36
N THR A 81 24.29 -2.34 -15.40
CA THR A 81 24.64 -2.06 -14.03
C THR A 81 26.06 -2.46 -13.62
N SER A 82 26.39 -3.75 -13.73
CA SER A 82 27.71 -4.22 -13.35
C SER A 82 28.83 -3.80 -14.30
N LEU A 83 28.59 -2.74 -15.07
CA LEU A 83 29.56 -2.22 -16.02
C LEU A 83 29.76 -0.71 -15.85
N HIS A 84 28.73 -0.02 -15.35
CA HIS A 84 28.78 1.42 -15.15
C HIS A 84 30.16 1.87 -14.68
N VAL A 85 30.74 1.13 -13.75
CA VAL A 85 32.03 1.47 -13.19
C VAL A 85 33.13 1.62 -14.25
N GLU A 86 33.34 0.57 -15.05
CA GLU A 86 34.36 0.58 -16.10
C GLU A 86 34.15 1.63 -17.18
N TRP A 87 33.19 2.52 -16.99
CA TRP A 87 32.91 3.53 -17.98
C TRP A 87 32.46 4.89 -17.45
N ALA A 88 31.78 4.89 -16.31
CA ALA A 88 31.28 6.12 -15.70
C ALA A 88 32.37 7.15 -15.42
N ILE A 89 33.61 6.69 -15.27
CA ILE A 89 34.71 7.61 -14.99
C ILE A 89 35.46 7.94 -16.28
N LYS A 90 35.55 6.95 -17.18
CA LYS A 90 36.22 7.13 -18.46
C LYS A 90 35.62 8.33 -19.15
N ALA A 91 34.36 8.61 -18.81
CA ALA A 91 33.63 9.73 -19.37
C ALA A 91 34.12 11.05 -18.79
N ALA A 92 34.14 11.12 -17.47
CA ALA A 92 34.54 12.31 -16.74
C ALA A 92 36.01 12.69 -16.92
N GLU A 93 36.88 11.70 -17.10
CA GLU A 93 38.30 11.94 -17.27
C GLU A 93 38.61 12.54 -18.64
N LYS A 94 37.60 12.54 -19.51
CA LYS A 94 37.72 13.09 -20.85
C LYS A 94 37.09 14.48 -20.83
N GLY A 95 36.81 14.97 -19.63
CA GLY A 95 36.21 16.29 -19.44
C GLY A 95 34.74 16.38 -19.81
N LYS A 96 34.09 15.24 -19.93
CA LYS A 96 32.69 15.23 -20.31
C LYS A 96 31.78 14.93 -19.14
N HIS A 97 30.57 15.49 -19.20
CA HIS A 97 29.58 15.29 -18.15
C HIS A 97 28.76 14.08 -18.56
N ILE A 98 28.02 13.51 -17.61
CA ILE A 98 27.23 12.33 -17.94
C ILE A 98 25.83 12.27 -17.30
N LEU A 99 24.95 11.60 -18.02
CA LEU A 99 23.59 11.36 -17.59
C LEU A 99 23.65 9.84 -17.44
N LEU A 100 23.66 9.37 -16.21
CA LEU A 100 23.78 7.94 -15.90
C LEU A 100 22.45 7.21 -15.68
N GLU A 101 22.12 6.27 -16.57
CA GLU A 101 20.90 5.46 -16.49
C GLU A 101 20.87 4.52 -15.30
N LYS A 102 20.28 4.97 -14.20
CA LYS A 102 20.20 4.17 -12.98
C LYS A 102 19.55 2.83 -13.29
N PRO A 103 19.74 1.83 -12.41
CA PRO A 103 20.51 1.88 -11.17
C PRO A 103 21.99 2.14 -11.48
N VAL A 104 22.59 3.03 -10.69
CA VAL A 104 23.99 3.40 -10.88
C VAL A 104 24.98 2.24 -10.92
N ALA A 105 25.47 1.79 -9.77
CA ALA A 105 26.42 0.68 -9.73
C ALA A 105 25.80 -0.53 -9.06
N MSE A 106 26.58 -1.60 -8.92
CA MSE A 106 26.11 -2.84 -8.30
C MSE A 106 26.10 -2.79 -6.77
O MSE A 106 25.71 -3.75 -6.12
CB MSE A 106 26.98 -4.03 -8.75
CG MSE A 106 26.90 -4.38 -10.22
SE MSE A 106 25.15 -5.02 -10.76
CE MSE A 106 24.92 -6.35 -9.39
N ASN A 107 26.53 -1.66 -6.21
CA ASN A 107 26.54 -1.47 -4.76
C ASN A 107 27.19 -0.14 -4.41
N VAL A 108 26.77 0.43 -3.28
CA VAL A 108 27.31 1.72 -2.85
C VAL A 108 28.84 1.77 -2.88
N THR A 109 29.48 0.71 -2.39
CA THR A 109 30.94 0.65 -2.41
C THR A 109 31.39 0.97 -3.83
N GLU A 110 30.72 0.33 -4.80
CA GLU A 110 31.00 0.53 -6.22
C GLU A 110 30.58 1.95 -6.65
N PHE A 111 29.56 2.52 -6.01
CA PHE A 111 29.13 3.87 -6.38
C PHE A 111 30.17 4.89 -5.90
N ASP A 112 30.44 4.91 -4.61
CA ASP A 112 31.43 5.85 -4.09
C ASP A 112 32.80 5.49 -4.62
N LYS A 113 32.93 4.30 -5.19
CA LYS A 113 34.18 3.87 -5.76
C LYS A 113 34.20 4.44 -7.18
N ILE A 114 33.02 4.83 -7.66
CA ILE A 114 32.90 5.41 -8.99
C ILE A 114 33.05 6.91 -8.87
N VAL A 115 32.03 7.55 -8.29
CA VAL A 115 31.99 8.99 -8.12
C VAL A 115 33.23 9.50 -7.38
N ASP A 116 34.09 8.58 -6.97
CA ASP A 116 35.31 8.95 -6.27
C ASP A 116 36.14 9.78 -7.25
N ALA A 117 35.89 9.58 -8.55
CA ALA A 117 36.62 10.28 -9.61
C ALA A 117 35.89 11.45 -10.29
N CYS A 118 34.55 11.44 -10.31
CA CYS A 118 33.81 12.53 -10.96
C CYS A 118 34.23 13.95 -10.51
N GLU A 119 34.43 14.12 -9.20
CA GLU A 119 34.84 15.41 -8.67
C GLU A 119 36.26 15.75 -9.08
N ALA A 120 37.00 14.75 -9.54
CA ALA A 120 38.38 14.93 -9.96
C ALA A 120 38.50 15.89 -11.13
N ASN A 121 37.43 16.03 -11.90
CA ASN A 121 37.44 16.94 -13.04
C ASN A 121 36.23 17.87 -13.03
N GLY A 122 35.65 18.04 -11.84
CA GLY A 122 34.49 18.91 -11.70
C GLY A 122 33.28 18.54 -12.54
N VAL A 123 33.40 17.49 -13.36
CA VAL A 123 32.28 17.05 -14.19
C VAL A 123 31.07 16.77 -13.32
N GLN A 124 29.88 17.13 -13.81
CA GLN A 124 28.64 16.96 -13.04
C GLN A 124 27.89 15.67 -13.33
N ILE A 125 27.89 14.72 -12.40
CA ILE A 125 27.17 13.46 -12.62
C ILE A 125 25.72 13.54 -12.08
N MSE A 126 24.80 12.89 -12.77
CA MSE A 126 23.39 12.86 -12.40
C MSE A 126 22.78 11.51 -12.85
O MSE A 126 22.98 11.11 -14.00
CB MSE A 126 22.64 14.02 -13.10
CG MSE A 126 21.15 14.14 -12.73
SE MSE A 126 20.11 15.44 -13.76
CE MSE A 126 20.88 17.06 -13.06
N ASP A 127 22.08 10.81 -11.94
CA ASP A 127 21.48 9.54 -12.32
C ASP A 127 20.31 9.82 -13.26
N GLY A 128 19.84 8.76 -13.94
CA GLY A 128 18.74 8.91 -14.87
C GLY A 128 17.31 8.82 -14.36
N THR A 129 17.08 9.03 -13.06
CA THR A 129 15.71 9.00 -12.51
C THR A 129 15.01 10.25 -13.07
N MSE A 130 13.94 10.05 -13.82
CA MSE A 130 13.25 11.18 -14.44
C MSE A 130 12.16 11.86 -13.62
O MSE A 130 12.06 13.09 -13.65
CB MSE A 130 12.66 10.72 -15.79
CG MSE A 130 13.34 9.50 -16.41
SE MSE A 130 12.49 8.91 -18.06
CE MSE A 130 14.08 8.58 -19.15
N TRP A 131 11.38 11.07 -12.87
CA TRP A 131 10.25 11.62 -12.11
C TRP A 131 10.55 12.68 -11.04
N VAL A 132 11.78 12.73 -10.55
CA VAL A 132 12.10 13.74 -9.54
C VAL A 132 12.27 15.09 -10.23
N HIS A 133 12.29 15.08 -11.58
CA HIS A 133 12.42 16.32 -12.32
C HIS A 133 11.11 16.83 -12.91
N ASN A 134 10.05 16.03 -12.78
CA ASN A 134 8.74 16.45 -13.27
C ASN A 134 8.29 17.65 -12.42
N PRO A 135 7.66 18.65 -13.05
CA PRO A 135 7.17 19.83 -12.32
C PRO A 135 6.32 19.45 -11.09
N ARG A 136 5.52 18.40 -11.23
CA ARG A 136 4.66 17.90 -10.16
C ARG A 136 5.42 17.53 -8.90
N THR A 137 6.67 17.09 -9.06
CA THR A 137 7.45 16.67 -7.92
C THR A 137 7.65 17.76 -6.87
N ALA A 138 7.96 18.97 -7.31
CA ALA A 138 8.15 20.07 -6.38
C ALA A 138 6.84 20.21 -5.59
N LEU A 139 5.73 19.84 -6.24
CA LEU A 139 4.40 19.88 -5.65
C LEU A 139 4.13 18.51 -5.00
N LEU A 140 5.03 18.10 -4.13
CA LEU A 140 4.96 16.84 -3.42
C LEU A 140 5.82 17.06 -2.19
N LYS A 141 6.98 17.65 -2.43
CA LYS A 141 7.89 17.99 -1.36
C LYS A 141 7.13 19.15 -0.74
N GLU A 142 6.43 19.88 -1.60
CA GLU A 142 5.62 21.02 -1.19
C GLU A 142 4.57 20.56 -0.18
N PHE A 143 3.62 19.77 -0.65
CA PHE A 143 2.54 19.25 0.20
C PHE A 143 3.07 18.54 1.43
N LEU A 144 4.08 17.69 1.25
CA LEU A 144 4.67 16.96 2.36
C LEU A 144 5.43 17.89 3.30
N SER A 145 5.33 19.19 3.07
CA SER A 145 6.00 20.19 3.92
C SER A 145 5.01 21.16 4.56
N ASP A 146 3.74 21.08 4.19
CA ASP A 146 2.73 21.97 4.74
C ASP A 146 2.33 21.50 6.14
N SER A 147 2.97 22.07 7.15
CA SER A 147 2.72 21.72 8.54
C SER A 147 1.25 21.76 8.89
N GLU A 148 0.47 22.50 8.11
CA GLU A 148 -0.96 22.62 8.33
C GLU A 148 -1.79 22.17 7.13
N ARG A 149 -1.45 21.00 6.60
CA ARG A 149 -2.16 20.45 5.46
C ARG A 149 -1.79 18.98 5.35
N PHE A 150 -0.62 18.63 5.86
CA PHE A 150 -0.16 17.24 5.82
C PHE A 150 0.24 16.79 7.22
N GLY A 151 0.93 17.67 7.95
CA GLY A 151 1.34 17.35 9.30
C GLY A 151 2.68 16.65 9.43
N GLN A 152 2.78 15.78 10.43
CA GLN A 152 4.00 15.00 10.67
C GLN A 152 3.91 13.62 9.99
N LEU A 153 4.89 13.31 9.14
CA LEU A 153 4.93 12.03 8.44
C LEU A 153 4.92 10.84 9.38
N LYS A 154 4.13 9.84 9.05
CA LYS A 154 4.06 8.65 9.91
C LYS A 154 4.59 7.42 9.17
N THR A 155 4.11 7.20 7.95
CA THR A 155 4.55 6.05 7.16
C THR A 155 4.50 6.37 5.68
N VAL A 156 5.40 5.78 4.91
CA VAL A 156 5.40 6.03 3.48
C VAL A 156 5.31 4.71 2.74
N GLN A 157 4.26 4.56 1.93
CA GLN A 157 4.01 3.36 1.16
C GLN A 157 4.30 3.61 -0.32
N SER A 158 5.07 2.72 -0.93
CA SER A 158 5.39 2.85 -2.35
C SER A 158 5.48 1.50 -3.06
N CYS A 159 4.68 1.34 -4.11
CA CYS A 159 4.71 0.10 -4.88
C CYS A 159 4.91 0.35 -6.37
N PHE A 160 5.57 -0.61 -7.00
CA PHE A 160 5.83 -0.56 -8.44
C PHE A 160 6.00 -1.98 -9.00
N SER A 161 5.00 -2.43 -9.75
CA SER A 161 5.02 -3.74 -10.36
C SER A 161 4.82 -3.61 -11.86
N PHE A 162 5.05 -4.70 -12.56
CA PHE A 162 4.88 -4.79 -14.00
C PHE A 162 5.31 -6.22 -14.27
N ALA A 163 4.63 -6.89 -15.18
CA ALA A 163 4.93 -8.28 -15.47
C ALA A 163 5.51 -8.50 -16.86
N GLY A 164 6.80 -8.87 -16.91
CA GLY A 164 7.44 -9.10 -18.18
C GLY A 164 6.77 -10.19 -19.00
N ASP A 165 7.27 -10.43 -20.21
CA ASP A 165 6.71 -11.47 -21.08
C ASP A 165 7.68 -12.66 -21.16
N GLU A 166 7.14 -13.87 -21.30
CA GLU A 166 7.96 -15.09 -21.37
C GLU A 166 9.40 -14.83 -21.82
N ASP A 167 9.53 -14.07 -22.91
CA ASP A 167 10.85 -13.73 -23.44
C ASP A 167 11.64 -12.85 -22.46
N PHE A 168 11.04 -11.76 -22.01
CA PHE A 168 11.66 -10.87 -21.05
C PHE A 168 12.23 -11.70 -19.90
N LEU A 169 11.54 -12.78 -19.56
CA LEU A 169 11.97 -13.62 -18.46
C LEU A 169 13.05 -14.63 -18.84
N LYS A 170 13.31 -14.74 -20.14
CA LYS A 170 14.34 -15.65 -20.61
C LYS A 170 15.44 -14.91 -21.39
N ASN A 171 15.56 -13.61 -21.19
CA ASN A 171 16.56 -12.85 -21.93
C ASN A 171 16.89 -11.42 -21.49
N ASP A 172 16.00 -10.76 -20.76
CA ASP A 172 16.29 -9.38 -20.35
C ASP A 172 17.54 -9.25 -19.47
N ILE A 173 18.31 -8.18 -19.68
CA ILE A 173 19.52 -7.99 -18.88
C ILE A 173 19.16 -7.78 -17.41
N ARG A 174 17.89 -7.55 -17.14
CA ARG A 174 17.38 -7.34 -15.80
C ARG A 174 17.04 -8.64 -15.06
N VAL A 175 17.30 -9.78 -15.71
CA VAL A 175 17.07 -11.09 -15.09
C VAL A 175 18.39 -11.86 -15.17
N LYS A 176 19.47 -11.17 -15.55
CA LYS A 176 20.80 -11.75 -15.68
C LYS A 176 21.73 -11.27 -14.55
N PRO A 177 22.29 -12.21 -13.78
CA PRO A 177 23.19 -11.84 -12.68
C PRO A 177 24.44 -11.07 -13.11
N GLY A 178 24.96 -11.40 -14.30
CA GLY A 178 26.15 -10.73 -14.79
C GLY A 178 25.96 -9.35 -15.41
N LEU A 179 24.72 -9.00 -15.75
CA LEU A 179 24.42 -7.70 -16.36
C LEU A 179 23.73 -6.78 -15.36
N ASP A 180 22.43 -6.57 -15.53
CA ASP A 180 21.67 -5.73 -14.60
C ASP A 180 21.19 -6.66 -13.49
N GLY A 181 22.14 -7.23 -12.78
CA GLY A 181 21.86 -8.19 -11.73
C GLY A 181 21.06 -7.84 -10.49
N LEU A 182 20.64 -6.59 -10.31
CA LEU A 182 19.85 -6.26 -9.12
C LEU A 182 18.37 -6.60 -9.30
N GLY A 183 18.03 -7.13 -10.49
CA GLY A 183 16.67 -7.51 -10.80
C GLY A 183 15.58 -6.48 -10.55
N ALA A 184 14.44 -6.94 -10.05
CA ALA A 184 13.32 -6.05 -9.78
C ALA A 184 13.80 -4.89 -8.91
N LEU A 185 14.43 -5.24 -7.79
CA LEU A 185 14.97 -4.27 -6.84
C LEU A 185 15.73 -3.15 -7.54
N GLY A 186 16.78 -3.50 -8.27
CA GLY A 186 17.55 -2.51 -8.97
C GLY A 186 16.76 -1.63 -9.93
N ASP A 187 15.88 -2.23 -10.73
CA ASP A 187 15.09 -1.45 -11.68
C ASP A 187 13.77 -0.90 -11.16
N ALA A 188 13.12 -1.60 -10.24
CA ALA A 188 11.85 -1.14 -9.72
C ALA A 188 11.88 -0.62 -8.28
N GLY A 189 12.45 -1.40 -7.38
CA GLY A 189 12.52 -0.97 -5.99
C GLY A 189 13.05 0.45 -5.91
N TRP A 190 14.06 0.70 -6.72
CA TRP A 190 14.72 2.00 -6.84
C TRP A 190 13.71 3.15 -6.76
N TYR A 191 12.88 3.26 -7.79
CA TYR A 191 11.87 4.32 -7.87
C TYR A 191 11.04 4.49 -6.59
N ALA A 192 10.54 3.38 -6.07
CA ALA A 192 9.74 3.43 -4.86
C ALA A 192 10.63 4.05 -3.79
N ILE A 193 11.85 3.52 -3.68
CA ILE A 193 12.82 4.03 -2.72
C ILE A 193 13.00 5.54 -2.89
N ARG A 194 13.09 6.01 -4.14
CA ARG A 194 13.27 7.43 -4.37
C ARG A 194 12.06 8.24 -3.88
N ALA A 195 10.98 7.55 -3.53
CA ALA A 195 9.80 8.22 -3.03
C ALA A 195 9.87 8.26 -1.51
N THR A 196 10.12 7.10 -0.91
CA THR A 196 10.22 6.99 0.53
C THR A 196 11.30 7.93 1.08
N LEU A 197 12.24 8.32 0.22
CA LEU A 197 13.31 9.22 0.63
C LEU A 197 12.89 10.68 0.41
N LEU A 198 12.21 10.94 -0.70
CA LEU A 198 11.76 12.28 -1.01
C LEU A 198 10.68 12.73 -0.01
N ALA A 199 9.95 11.77 0.54
CA ALA A 199 8.90 12.07 1.52
C ALA A 199 9.48 12.18 2.93
N ASN A 200 10.60 11.50 3.16
CA ASN A 200 11.28 11.49 4.46
C ASN A 200 12.43 12.50 4.60
N ASN A 201 12.53 13.43 3.66
CA ASN A 201 13.59 14.43 3.69
C ASN A 201 15.02 13.84 3.60
N PHE A 202 15.19 12.82 2.76
CA PHE A 202 16.50 12.20 2.54
C PHE A 202 17.14 11.58 3.76
N GLU A 203 16.33 11.21 4.74
CA GLU A 203 16.85 10.59 5.94
C GLU A 203 16.84 9.07 5.90
N LEU A 204 18.02 8.48 5.75
CA LEU A 204 18.13 7.04 5.72
C LEU A 204 17.47 6.44 6.97
N PRO A 205 16.84 5.27 6.83
CA PRO A 205 16.17 4.63 7.97
C PRO A 205 17.23 3.99 8.88
N LYS A 206 16.86 3.65 10.11
CA LYS A 206 17.82 3.01 11.01
C LYS A 206 18.13 1.61 10.50
N THR A 207 17.09 0.82 10.28
CA THR A 207 17.30 -0.53 9.78
C THR A 207 16.35 -0.84 8.63
N VAL A 208 16.60 -1.97 7.98
CA VAL A 208 15.78 -2.37 6.86
C VAL A 208 15.48 -3.84 7.03
N THR A 209 14.27 -4.24 6.69
CA THR A 209 13.88 -5.63 6.81
C THR A 209 12.98 -6.06 5.64
N ALA A 210 13.52 -6.93 4.80
CA ALA A 210 12.80 -7.43 3.65
C ALA A 210 11.62 -8.28 4.11
N PHE A 211 10.55 -8.33 3.30
CA PHE A 211 9.39 -9.15 3.64
C PHE A 211 9.82 -10.58 3.34
N PRO A 212 9.57 -11.50 4.28
CA PRO A 212 9.98 -12.87 3.99
C PRO A 212 9.20 -13.38 2.77
N GLY A 213 9.71 -14.42 2.11
CA GLY A 213 9.04 -14.98 0.95
C GLY A 213 9.17 -14.21 -0.35
N ALA A 214 10.40 -13.89 -0.73
CA ALA A 214 10.69 -13.15 -1.96
C ALA A 214 10.74 -14.12 -3.15
N VAL A 215 10.98 -13.61 -4.36
CA VAL A 215 11.06 -14.46 -5.54
C VAL A 215 12.31 -14.17 -6.37
N LEU A 216 13.04 -15.24 -6.67
CA LEU A 216 14.26 -15.17 -7.44
C LEU A 216 14.18 -16.16 -8.59
N ASN A 217 14.94 -15.93 -9.66
CA ASN A 217 14.94 -16.88 -10.76
C ASN A 217 16.04 -17.88 -10.43
N GLU A 218 16.26 -18.87 -11.28
CA GLU A 218 17.30 -19.86 -11.01
C GLU A 218 18.68 -19.24 -10.85
N ALA A 219 18.99 -18.24 -11.67
CA ALA A 219 20.28 -17.56 -11.59
C ALA A 219 20.36 -16.68 -10.35
N GLY A 220 19.37 -16.83 -9.47
CA GLY A 220 19.35 -16.07 -8.24
C GLY A 220 19.04 -14.59 -8.28
N VAL A 221 18.43 -14.12 -9.36
CA VAL A 221 18.08 -12.70 -9.47
C VAL A 221 16.65 -12.46 -8.95
N ILE A 222 16.49 -11.39 -8.18
CA ILE A 222 15.20 -11.05 -7.61
C ILE A 222 14.21 -10.61 -8.68
N LEU A 223 13.04 -11.25 -8.69
CA LEU A 223 12.00 -10.91 -9.64
C LEU A 223 10.88 -10.20 -8.87
N SER A 224 10.93 -10.29 -7.55
CA SER A 224 9.96 -9.63 -6.69
C SER A 224 10.49 -9.62 -5.28
N CYS A 225 10.04 -8.65 -4.48
CA CYS A 225 10.47 -8.53 -3.09
C CYS A 225 10.02 -7.18 -2.57
N GLY A 226 9.97 -7.05 -1.25
CA GLY A 226 9.58 -5.81 -0.61
C GLY A 226 10.34 -5.63 0.69
N ALA A 227 9.97 -4.65 1.52
CA ALA A 227 10.68 -4.45 2.77
C ALA A 227 10.04 -3.41 3.66
N SER A 228 10.74 -3.08 4.74
CA SER A 228 10.28 -2.06 5.68
C SER A 228 11.49 -1.26 6.16
N LEU A 229 11.40 0.06 6.04
CA LEU A 229 12.47 0.94 6.45
C LEU A 229 12.07 1.48 7.83
N SER A 230 12.75 1.01 8.87
CA SER A 230 12.41 1.43 10.23
C SER A 230 13.30 2.52 10.83
N TRP A 231 12.67 3.62 11.22
CA TRP A 231 13.40 4.73 11.83
C TRP A 231 13.42 4.54 13.35
N GLU A 232 12.51 3.71 13.86
CA GLU A 232 12.41 3.41 15.28
C GLU A 232 11.91 4.60 16.13
N ASP A 233 11.57 5.70 15.47
CA ASP A 233 11.11 6.88 16.19
C ASP A 233 9.62 7.10 15.99
N GLY A 234 8.90 6.03 15.64
CA GLY A 234 7.47 6.14 15.41
C GLY A 234 7.20 6.03 13.92
N ARG A 235 8.24 6.31 13.12
CA ARG A 235 8.16 6.23 11.67
C ARG A 235 8.70 4.89 11.16
N THR A 236 8.10 4.43 10.07
CA THR A 236 8.49 3.17 9.44
C THR A 236 8.21 3.38 7.97
N ALA A 237 8.26 2.31 7.18
CA ALA A 237 7.98 2.38 5.76
C ALA A 237 8.03 0.98 5.13
N THR A 238 7.13 0.73 4.18
CA THR A 238 7.10 -0.54 3.49
C THR A 238 7.28 -0.26 2.00
N ILE A 239 7.93 -1.18 1.30
CA ILE A 239 8.16 -0.99 -0.12
C ILE A 239 7.91 -2.31 -0.81
N TYR A 240 7.48 -2.24 -2.06
CA TYR A 240 7.20 -3.44 -2.84
C TYR A 240 7.49 -3.19 -4.31
N CYS A 241 8.10 -4.20 -4.95
CA CYS A 241 8.45 -4.11 -6.35
C CYS A 241 8.38 -5.50 -6.94
N SER A 242 7.89 -5.60 -8.18
CA SER A 242 7.77 -6.90 -8.84
C SER A 242 7.78 -6.85 -10.35
N PHE A 243 8.32 -7.92 -10.93
CA PHE A 243 8.37 -8.14 -12.37
C PHE A 243 7.25 -9.15 -12.70
N LEU A 244 6.62 -9.69 -11.65
CA LEU A 244 5.58 -10.71 -11.83
C LEU A 244 4.13 -10.28 -11.60
N ALA A 245 3.81 -9.01 -11.87
CA ALA A 245 2.45 -8.52 -11.68
C ALA A 245 2.15 -7.26 -12.51
N ASN A 246 0.86 -7.04 -12.79
CA ASN A 246 0.38 -5.93 -13.60
C ASN A 246 0.91 -4.54 -13.22
N LEU A 247 1.12 -3.72 -14.26
CA LEU A 247 1.62 -2.35 -14.08
C LEU A 247 0.89 -1.67 -12.93
N THR A 248 1.67 -1.10 -12.01
CA THR A 248 1.13 -0.43 -10.83
C THR A 248 2.33 0.33 -10.28
N MSE A 249 2.18 1.65 -10.14
CA MSE A 249 3.25 2.50 -9.63
C MSE A 249 2.64 3.59 -8.75
O MSE A 249 2.15 4.60 -9.24
CB MSE A 249 4.04 3.15 -10.78
CG MSE A 249 3.17 3.80 -11.84
SE MSE A 249 4.18 4.67 -13.24
CE MSE A 249 4.99 3.13 -14.09
N GLU A 250 2.66 3.36 -7.43
CA GLU A 250 2.07 4.33 -6.52
C GLU A 250 2.88 4.74 -5.31
N ILE A 251 2.52 5.90 -4.78
CA ILE A 251 3.12 6.43 -3.57
C ILE A 251 1.96 6.81 -2.69
N THR A 252 2.03 6.45 -1.42
CA THR A 252 1.02 6.84 -0.44
C THR A 252 1.77 7.31 0.79
N ALA A 253 1.60 8.59 1.11
CA ALA A 253 2.25 9.16 2.28
C ALA A 253 1.13 9.56 3.24
N ILE A 254 1.15 9.03 4.45
CA ILE A 254 0.12 9.35 5.43
C ILE A 254 0.54 10.39 6.45
N GLY A 255 -0.27 11.44 6.56
CA GLY A 255 0.02 12.49 7.51
C GLY A 255 -1.10 12.66 8.53
N THR A 256 -0.72 13.13 9.71
CA THR A 256 -1.67 13.37 10.78
C THR A 256 -2.70 14.42 10.33
N LYS A 257 -2.28 15.30 9.41
CA LYS A 257 -3.16 16.34 8.91
C LYS A 257 -3.69 16.11 7.50
N GLY A 258 -2.95 15.34 6.70
CA GLY A 258 -3.39 15.06 5.34
C GLY A 258 -2.81 13.77 4.77
N THR A 259 -3.26 13.41 3.57
CA THR A 259 -2.80 12.20 2.89
C THR A 259 -2.39 12.56 1.46
N LEU A 260 -1.37 11.89 0.95
CA LEU A 260 -0.89 12.14 -0.42
C LEU A 260 -0.92 10.87 -1.24
N ARG A 261 -1.51 10.94 -2.44
CA ARG A 261 -1.59 9.77 -3.31
C ARG A 261 -1.12 10.00 -4.74
N VAL A 262 -0.28 9.09 -5.22
CA VAL A 262 0.22 9.16 -6.58
C VAL A 262 -0.02 7.82 -7.28
N HIS A 263 -0.94 7.80 -8.23
CA HIS A 263 -1.27 6.58 -8.97
C HIS A 263 -0.28 6.35 -10.10
N ASP A 264 0.43 7.40 -10.46
CA ASP A 264 1.43 7.35 -11.51
C ASP A 264 2.51 8.34 -11.09
N PHE A 265 3.69 8.24 -11.68
CA PHE A 265 4.76 9.17 -11.34
C PHE A 265 6.09 8.89 -12.03
N ILE A 266 6.54 7.63 -12.00
CA ILE A 266 7.77 7.22 -12.67
C ILE A 266 7.37 7.39 -14.13
N ILE A 267 7.05 8.62 -14.50
CA ILE A 267 6.56 8.93 -15.85
C ILE A 267 5.05 8.66 -15.83
N PRO A 268 4.24 9.71 -15.98
CA PRO A 268 2.77 9.66 -15.99
C PRO A 268 2.17 8.94 -17.19
N TYR A 269 0.86 9.12 -17.37
CA TYR A 269 0.13 8.49 -18.48
C TYR A 269 0.31 9.40 -19.69
N LYS A 270 0.27 10.70 -19.44
CA LYS A 270 0.46 11.73 -20.47
C LYS A 270 1.70 12.52 -20.04
N GLU A 271 2.57 12.86 -20.99
CA GLU A 271 3.78 13.59 -20.59
C GLU A 271 3.51 15.09 -20.44
N THR A 272 2.36 15.52 -20.93
CA THR A 272 1.98 16.92 -20.88
C THR A 272 1.40 17.40 -19.55
N GLU A 273 1.14 16.48 -18.64
CA GLU A 273 0.59 16.86 -17.33
C GLU A 273 0.76 15.75 -16.28
N ALA A 274 0.73 16.15 -15.01
CA ALA A 274 0.89 15.22 -13.91
C ALA A 274 -0.15 15.48 -12.81
N SER A 275 -0.93 14.44 -12.48
CA SER A 275 -1.97 14.56 -11.46
C SER A 275 -1.63 13.91 -10.12
N PHE A 276 -2.47 14.19 -9.12
CA PHE A 276 -2.32 13.63 -7.78
C PHE A 276 -3.51 14.07 -6.93
N THR A 277 -3.87 13.24 -5.96
CA THR A 277 -4.99 13.52 -5.08
C THR A 277 -4.48 13.98 -3.72
N THR A 278 -5.20 14.91 -3.11
CA THR A 278 -4.83 15.44 -1.81
C THR A 278 -6.01 15.39 -0.85
N SER A 279 -5.72 15.25 0.44
CA SER A 279 -6.78 15.20 1.46
C SER A 279 -6.23 15.60 2.83
N THR A 280 -6.86 16.61 3.43
CA THR A 280 -6.43 17.09 4.74
C THR A 280 -7.59 17.03 5.72
N LYS A 281 -7.31 16.65 6.97
CA LYS A 281 -8.33 16.56 8.01
C LYS A 281 -9.57 15.88 7.43
N ALA A 282 -9.48 14.57 7.24
CA ALA A 282 -10.61 13.85 6.66
C ALA A 282 -11.46 13.22 7.75
N TRP A 283 -12.76 13.19 7.53
CA TRP A 283 -13.67 12.59 8.49
C TRP A 283 -14.96 12.12 7.83
N PHE A 284 -15.91 11.66 8.65
CA PHE A 284 -17.19 11.15 8.17
C PHE A 284 -18.30 12.11 8.58
N ASN A 285 -19.55 11.74 8.28
CA ASN A 285 -20.68 12.58 8.69
C ASN A 285 -20.99 12.16 10.11
N ASP A 286 -22.15 12.60 10.62
CA ASP A 286 -22.54 12.29 11.98
C ASP A 286 -22.69 10.80 12.32
N LEU A 287 -23.50 10.08 11.54
CA LEU A 287 -23.71 8.68 11.82
C LEU A 287 -22.70 7.78 11.11
N VAL A 288 -21.73 8.41 10.44
CA VAL A 288 -20.69 7.69 9.73
C VAL A 288 -21.28 6.92 8.55
N THR A 289 -21.94 7.65 7.67
CA THR A 289 -22.56 7.08 6.49
C THR A 289 -22.06 7.83 5.27
N ALA A 290 -21.02 8.65 5.47
CA ALA A 290 -20.43 9.44 4.39
C ALA A 290 -19.18 10.19 4.86
N TRP A 291 -18.34 10.57 3.91
CA TRP A 291 -17.12 11.34 4.20
C TRP A 291 -17.53 12.81 4.18
N VAL A 292 -17.05 13.60 5.14
CA VAL A 292 -17.44 15.01 5.17
C VAL A 292 -16.72 15.82 4.09
N SER A 293 -15.40 15.67 4.00
CA SER A 293 -14.63 16.35 2.97
C SER A 293 -13.57 15.39 2.43
N PRO A 294 -13.94 14.64 1.38
CA PRO A 294 -13.06 13.66 0.74
C PRO A 294 -11.93 14.30 -0.07
N PRO A 295 -10.93 13.50 -0.47
CA PRO A 295 -9.80 13.99 -1.26
C PRO A 295 -10.20 14.50 -2.64
N SER A 296 -9.33 15.32 -3.23
CA SER A 296 -9.58 15.90 -4.54
C SER A 296 -8.40 15.68 -5.47
N GLU A 297 -8.66 15.78 -6.76
CA GLU A 297 -7.63 15.60 -7.79
C GLU A 297 -7.00 16.92 -8.22
N HIS A 298 -5.69 16.88 -8.51
CA HIS A 298 -4.93 18.05 -8.95
C HIS A 298 -4.11 17.69 -10.17
N THR A 299 -4.36 18.37 -11.28
CA THR A 299 -3.63 18.12 -12.51
C THR A 299 -2.74 19.31 -12.83
N VAL A 300 -1.45 19.05 -13.04
CA VAL A 300 -0.52 20.13 -13.38
C VAL A 300 0.06 19.95 -14.76
N LYS A 301 0.08 21.03 -15.53
CA LYS A 301 0.62 21.01 -16.87
C LYS A 301 2.14 21.06 -16.83
N THR A 302 2.77 20.18 -17.59
CA THR A 302 4.22 20.10 -17.68
C THR A 302 4.54 20.26 -19.17
N GLU A 303 4.79 21.50 -19.59
CA GLU A 303 5.06 21.78 -21.00
C GLU A 303 6.28 21.05 -21.53
N LEU A 304 7.21 20.70 -20.64
CA LEU A 304 8.44 19.99 -21.00
C LEU A 304 8.50 18.67 -20.23
N PRO A 305 8.66 17.52 -20.95
CA PRO A 305 8.71 16.21 -20.31
C PRO A 305 9.79 16.14 -19.22
N GLN A 306 9.50 15.44 -18.13
CA GLN A 306 10.46 15.32 -17.03
C GLN A 306 11.83 14.77 -17.43
N GLU A 307 11.86 13.83 -18.38
CA GLU A 307 13.13 13.27 -18.81
C GLU A 307 13.92 14.39 -19.47
N ALA A 308 13.21 15.22 -20.22
CA ALA A 308 13.83 16.37 -20.88
C ALA A 308 14.17 17.40 -19.81
N CYS A 309 13.30 17.51 -18.80
CA CYS A 309 13.49 18.45 -17.70
C CYS A 309 14.78 18.06 -16.99
N MSE A 310 15.05 16.76 -16.94
CA MSE A 310 16.24 16.23 -16.32
C MSE A 310 17.43 16.58 -17.22
O MSE A 310 18.49 16.96 -16.72
CB MSE A 310 16.13 14.71 -16.15
CG MSE A 310 17.43 13.99 -15.88
SE MSE A 310 17.17 12.06 -15.99
CE MSE A 310 16.42 11.96 -17.76
N VAL A 311 17.23 16.42 -18.52
CA VAL A 311 18.26 16.72 -19.51
C VAL A 311 18.73 18.16 -19.29
N ARG A 312 17.81 19.11 -19.48
CA ARG A 312 18.09 20.52 -19.31
C ARG A 312 18.79 20.76 -17.96
N GLU A 313 18.12 20.37 -16.88
CA GLU A 313 18.69 20.54 -15.55
C GLU A 313 20.11 20.04 -15.51
N PHE A 314 20.36 18.93 -16.21
CA PHE A 314 21.70 18.35 -16.24
C PHE A 314 22.69 19.25 -16.99
N ALA A 315 22.23 19.81 -18.10
CA ALA A 315 23.08 20.69 -18.89
C ALA A 315 23.45 21.98 -18.14
N ARG A 316 23.55 21.87 -16.82
CA ARG A 316 23.91 22.97 -15.93
C ARG A 316 25.01 23.86 -16.50
N LEU A 317 25.75 23.34 -17.47
CA LEU A 317 26.84 24.05 -18.13
C LEU A 317 28.09 24.02 -17.25
N VAL A 318 28.63 25.21 -16.93
CA VAL A 318 29.83 25.32 -16.11
C VAL A 318 30.97 24.46 -16.64
N TYR A 331 24.30 17.01 -4.18
CA TYR A 331 22.98 16.43 -3.99
C TYR A 331 22.71 15.25 -4.91
N TRP A 332 22.76 15.50 -6.22
CA TRP A 332 22.49 14.46 -7.19
C TRP A 332 23.33 13.23 -6.95
N PRO A 333 24.66 13.38 -6.95
CA PRO A 333 25.38 12.13 -6.69
C PRO A 333 25.12 11.67 -5.26
N SER A 334 24.67 12.60 -4.44
CA SER A 334 24.39 12.28 -3.04
C SER A 334 23.12 11.43 -2.85
N ILE A 335 21.97 11.97 -3.27
CA ILE A 335 20.70 11.24 -3.13
C ILE A 335 20.75 9.93 -3.93
N SER A 336 21.72 9.80 -4.83
CA SER A 336 21.85 8.57 -5.59
C SER A 336 22.42 7.52 -4.64
N ARG A 337 23.42 7.93 -3.85
CA ARG A 337 24.06 7.04 -2.89
C ARG A 337 23.10 6.67 -1.77
N LYS A 338 22.14 7.55 -1.49
CA LYS A 338 21.19 7.25 -0.44
C LYS A 338 20.26 6.14 -0.88
N THR A 339 19.80 6.22 -2.12
CA THR A 339 18.91 5.19 -2.63
C THR A 339 19.68 3.90 -2.93
N GLN A 340 20.93 4.04 -3.38
CA GLN A 340 21.74 2.87 -3.65
C GLN A 340 21.86 2.10 -2.33
N LEU A 341 22.20 2.82 -1.26
CA LEU A 341 22.32 2.23 0.07
C LEU A 341 21.07 1.45 0.44
N VAL A 342 19.91 2.07 0.26
CA VAL A 342 18.66 1.42 0.59
C VAL A 342 18.55 0.14 -0.22
N VAL A 343 19.16 0.13 -1.41
CA VAL A 343 19.17 -1.03 -2.27
C VAL A 343 20.11 -2.10 -1.68
N ASP A 344 21.19 -1.67 -1.06
CA ASP A 344 22.12 -2.62 -0.45
C ASP A 344 21.47 -3.28 0.76
N ALA A 345 20.86 -2.46 1.61
CA ALA A 345 20.19 -2.97 2.81
C ALA A 345 19.14 -4.00 2.42
N VAL A 346 18.19 -3.58 1.58
CA VAL A 346 17.12 -4.48 1.12
C VAL A 346 17.66 -5.82 0.63
N LYS A 347 18.62 -5.77 -0.28
CA LYS A 347 19.25 -6.97 -0.83
C LYS A 347 20.04 -7.70 0.26
N GLU A 348 20.58 -6.95 1.20
CA GLU A 348 21.35 -7.55 2.29
C GLU A 348 20.41 -8.28 3.24
N SER A 349 19.20 -7.76 3.41
CA SER A 349 18.22 -8.37 4.29
C SER A 349 17.74 -9.72 3.78
N VAL A 350 17.45 -9.81 2.48
CA VAL A 350 17.01 -11.07 1.90
C VAL A 350 18.17 -12.05 2.06
N ASP A 351 19.39 -11.53 1.92
CA ASP A 351 20.60 -12.36 2.06
C ASP A 351 20.71 -13.05 3.42
N LYS A 352 20.44 -12.31 4.50
CA LYS A 352 20.50 -12.89 5.84
C LYS A 352 19.17 -13.52 6.24
N ASN A 353 18.44 -13.97 5.23
CA ASN A 353 17.14 -14.61 5.42
C ASN A 353 16.10 -13.72 6.10
N TYR A 354 15.99 -12.49 5.61
CA TYR A 354 15.01 -11.53 6.11
C TYR A 354 15.28 -11.00 7.50
N GLN A 355 16.40 -11.38 8.10
CA GLN A 355 16.73 -10.86 9.41
C GLN A 355 16.92 -9.36 9.24
N GLN A 356 16.79 -8.61 10.32
CA GLN A 356 16.95 -7.16 10.25
C GLN A 356 18.38 -6.81 9.82
N ILE A 357 18.56 -5.59 9.32
CA ILE A 357 19.87 -5.11 8.86
C ILE A 357 20.02 -3.64 9.22
N SER A 358 21.14 -3.30 9.86
CA SER A 358 21.39 -1.92 10.24
C SER A 358 22.22 -1.21 9.17
N LEU A 359 22.16 0.12 9.14
CA LEU A 359 22.92 0.89 8.17
C LEU A 359 24.27 1.33 8.72
N SER A 360 24.43 1.27 10.05
CA SER A 360 25.67 1.65 10.72
C SER A 360 26.40 2.81 10.03
N GLN B 6 -37.57 -12.08 9.86
CA GLN B 6 -38.37 -11.09 10.64
C GLN B 6 -37.96 -11.22 12.11
N ILE B 7 -36.66 -11.09 12.35
CA ILE B 7 -36.09 -11.18 13.69
C ILE B 7 -36.21 -9.87 14.41
N ARG B 8 -36.37 -9.93 15.72
CA ARG B 8 -36.48 -8.75 16.56
C ARG B 8 -35.19 -8.62 17.35
N ILE B 9 -34.33 -7.69 16.93
CA ILE B 9 -33.04 -7.49 17.57
C ILE B 9 -33.07 -6.68 18.85
N GLY B 10 -32.22 -7.08 19.78
CA GLY B 10 -32.11 -6.38 21.05
C GLY B 10 -30.71 -5.78 21.07
N VAL B 11 -30.59 -4.55 21.55
CA VAL B 11 -29.29 -3.91 21.61
C VAL B 11 -28.69 -4.15 22.98
N MSE B 12 -27.57 -4.87 23.03
CA MSE B 12 -26.89 -5.18 24.28
C MSE B 12 -25.74 -4.24 24.61
O MSE B 12 -24.57 -4.63 24.59
CB MSE B 12 -26.37 -6.62 24.25
CG MSE B 12 -25.79 -7.11 25.56
SE MSE B 12 -26.09 -9.01 25.79
CE MSE B 12 -27.94 -8.93 26.36
N GLY B 13 -26.07 -2.99 24.93
CA GLY B 13 -25.04 -2.00 25.25
C GLY B 13 -25.48 -0.61 24.82
N CYS B 14 -24.72 0.41 25.21
CA CYS B 14 -25.10 1.76 24.82
C CYS B 14 -23.98 2.54 24.14
N ALA B 15 -23.05 1.83 23.50
CA ALA B 15 -21.93 2.45 22.81
C ALA B 15 -22.51 3.25 21.66
N ASP B 16 -21.88 4.37 21.34
CA ASP B 16 -22.37 5.24 20.27
C ASP B 16 -22.52 4.58 18.89
N ILE B 17 -21.75 3.53 18.62
CA ILE B 17 -21.87 2.88 17.32
C ILE B 17 -23.21 2.16 17.21
N ALA B 18 -24.02 2.30 18.25
CA ALA B 18 -25.34 1.67 18.28
C ALA B 18 -26.35 2.46 17.45
N ARG B 19 -26.13 3.77 17.33
CA ARG B 19 -27.04 4.62 16.57
C ARG B 19 -27.06 4.26 15.09
N LYS B 20 -25.89 4.11 14.50
CA LYS B 20 -25.78 3.76 13.09
C LYS B 20 -26.40 2.39 12.80
N VAL B 21 -26.03 1.39 13.59
CA VAL B 21 -26.56 0.04 13.37
C VAL B 21 -28.08 -0.01 13.59
N SER B 22 -28.58 0.84 14.48
CA SER B 22 -30.02 0.88 14.73
C SER B 22 -30.74 1.28 13.44
N ARG B 23 -30.19 2.25 12.72
CA ARG B 23 -30.83 2.68 11.48
C ARG B 23 -30.79 1.54 10.45
N ALA B 24 -29.75 0.71 10.56
CA ALA B 24 -29.56 -0.41 9.67
C ALA B 24 -30.61 -1.44 10.04
N ILE B 25 -30.77 -1.67 11.35
CA ILE B 25 -31.74 -2.65 11.77
C ILE B 25 -33.12 -2.35 11.21
N HIS B 26 -33.64 -1.13 11.37
CA HIS B 26 -34.95 -0.97 10.79
C HIS B 26 -35.05 -0.41 9.38
N LEU B 27 -33.91 -0.23 8.72
CA LEU B 27 -33.95 0.15 7.32
C LEU B 27 -34.16 -1.28 6.79
N ALA B 28 -34.08 -2.20 7.75
CA ALA B 28 -34.26 -3.65 7.63
C ALA B 28 -34.18 -4.29 6.26
N PRO B 29 -35.31 -4.70 5.65
CA PRO B 29 -36.75 -4.70 5.94
C PRO B 29 -37.26 -5.96 6.63
N ASN B 30 -36.34 -6.82 7.07
CA ASN B 30 -36.73 -8.06 7.75
C ASN B 30 -36.32 -8.03 9.22
N ALA B 31 -35.82 -6.89 9.69
CA ALA B 31 -35.40 -6.78 11.08
C ALA B 31 -36.16 -5.64 11.74
N THR B 32 -36.37 -5.73 13.04
CA THR B 32 -37.09 -4.70 13.76
C THR B 32 -36.40 -4.44 15.10
N ILE B 33 -36.71 -3.30 15.73
CA ILE B 33 -36.12 -2.96 17.02
C ILE B 33 -37.18 -3.15 18.11
N SER B 34 -36.89 -4.05 19.05
CA SER B 34 -37.81 -4.34 20.14
C SER B 34 -37.07 -4.70 21.42
N GLY B 35 -35.92 -4.09 21.63
CA GLY B 35 -35.17 -4.40 22.83
C GLY B 35 -33.83 -3.71 22.88
N VAL B 36 -33.55 -3.08 24.01
CA VAL B 36 -32.32 -2.37 24.24
C VAL B 36 -31.91 -2.61 25.68
N ALA B 37 -30.62 -2.76 25.91
CA ALA B 37 -30.11 -3.00 27.25
C ALA B 37 -28.84 -2.23 27.55
N SER B 38 -28.82 -1.58 28.70
CA SER B 38 -27.66 -0.83 29.16
C SER B 38 -27.40 -1.32 30.58
N ARG B 39 -26.38 -0.75 31.22
CA ARG B 39 -26.06 -1.13 32.59
C ARG B 39 -27.06 -0.39 33.50
N SER B 40 -27.49 0.79 33.04
CA SER B 40 -28.44 1.60 33.78
C SER B 40 -29.75 1.69 33.01
N LEU B 41 -30.84 1.26 33.63
CA LEU B 41 -32.14 1.28 32.99
C LEU B 41 -32.41 2.65 32.37
N GLU B 42 -31.95 3.68 33.08
CA GLU B 42 -32.11 5.06 32.67
C GLU B 42 -31.36 5.34 31.37
N LYS B 43 -30.28 4.59 31.16
CA LYS B 43 -29.44 4.76 29.98
C LYS B 43 -30.20 4.31 28.74
N ALA B 44 -30.77 3.11 28.80
CA ALA B 44 -31.54 2.57 27.68
C ALA B 44 -32.68 3.52 27.36
N LYS B 45 -33.38 3.96 28.40
CA LYS B 45 -34.49 4.89 28.26
C LYS B 45 -34.08 6.09 27.41
N ALA B 46 -33.04 6.80 27.87
CA ALA B 46 -32.54 7.97 27.18
C ALA B 46 -32.15 7.61 25.73
N PHE B 47 -31.36 6.55 25.59
CA PHE B 47 -30.91 6.10 24.28
C PHE B 47 -32.11 5.84 23.35
N ALA B 48 -33.10 5.11 23.85
CA ALA B 48 -34.30 4.78 23.06
C ALA B 48 -35.06 6.01 22.55
N THR B 49 -35.21 7.04 23.40
CA THR B 49 -35.93 8.25 23.01
C THR B 49 -35.20 9.02 21.91
N ALA B 50 -33.94 9.34 22.17
CA ALA B 50 -33.10 10.06 21.21
C ALA B 50 -32.91 9.33 19.89
N ASN B 51 -33.02 8.00 19.91
CA ASN B 51 -32.82 7.24 18.69
C ASN B 51 -34.11 6.78 18.00
N ASN B 52 -35.20 7.52 18.25
CA ASN B 52 -36.50 7.25 17.64
C ASN B 52 -36.94 5.78 17.77
N TYR B 53 -36.63 5.17 18.91
CA TYR B 53 -36.98 3.78 19.19
C TYR B 53 -38.47 3.72 19.51
N PRO B 54 -39.16 2.69 19.01
CA PRO B 54 -40.60 2.53 19.25
C PRO B 54 -41.02 2.22 20.69
N GLU B 55 -42.17 2.78 21.07
CA GLU B 55 -42.74 2.59 22.40
C GLU B 55 -42.66 1.15 22.90
N SER B 56 -43.11 0.22 22.06
CA SER B 56 -43.12 -1.19 22.41
C SER B 56 -41.73 -1.81 22.58
N THR B 57 -40.67 -1.01 22.46
CA THR B 57 -39.31 -1.54 22.63
C THR B 57 -39.08 -1.99 24.06
N LYS B 58 -38.82 -3.28 24.27
CA LYS B 58 -38.55 -3.80 25.61
C LYS B 58 -37.31 -3.08 26.12
N ILE B 59 -37.46 -2.36 27.23
CA ILE B 59 -36.35 -1.59 27.80
C ILE B 59 -35.82 -2.14 29.12
N HIS B 60 -34.69 -2.84 29.05
CA HIS B 60 -34.08 -3.46 30.22
C HIS B 60 -32.93 -2.68 30.87
N GLY B 61 -32.76 -2.87 32.17
CA GLY B 61 -31.70 -2.19 32.90
C GLY B 61 -30.53 -3.10 33.21
N SER B 62 -30.32 -4.13 32.38
CA SER B 62 -29.21 -5.06 32.58
C SER B 62 -29.09 -6.04 31.42
N TYR B 63 -27.86 -6.51 31.19
CA TYR B 63 -27.63 -7.47 30.12
C TYR B 63 -28.32 -8.78 30.51
N GLU B 64 -28.14 -9.16 31.78
CA GLU B 64 -28.75 -10.37 32.30
C GLU B 64 -30.24 -10.32 32.06
N SER B 65 -30.83 -9.15 32.31
CA SER B 65 -32.27 -8.98 32.08
C SER B 65 -32.62 -9.14 30.61
N LEU B 66 -31.89 -8.47 29.72
CA LEU B 66 -32.17 -8.57 28.29
C LEU B 66 -32.01 -10.02 27.81
N LEU B 67 -31.35 -10.84 28.64
CA LEU B 67 -31.15 -12.26 28.32
C LEU B 67 -32.32 -13.07 28.83
N GLU B 68 -33.35 -12.37 29.29
CA GLU B 68 -34.54 -12.99 29.83
C GLU B 68 -35.77 -12.34 29.19
N ASP B 69 -35.77 -12.28 27.86
CA ASP B 69 -36.86 -11.67 27.11
C ASP B 69 -37.30 -12.63 25.99
N PRO B 70 -38.56 -13.10 26.05
CA PRO B 70 -39.10 -14.02 25.04
C PRO B 70 -39.74 -13.40 23.80
N GLU B 71 -39.35 -12.17 23.46
CA GLU B 71 -39.91 -11.52 22.28
C GLU B 71 -38.81 -10.93 21.38
N ILE B 72 -37.60 -11.45 21.55
CA ILE B 72 -36.42 -11.04 20.79
C ILE B 72 -35.71 -12.31 20.34
N ASP B 73 -35.31 -12.36 19.07
CA ASP B 73 -34.61 -13.53 18.56
C ASP B 73 -33.09 -13.39 18.56
N ALA B 74 -32.59 -12.15 18.52
CA ALA B 74 -31.14 -11.96 18.46
C ALA B 74 -30.65 -10.67 19.10
N LEU B 75 -29.36 -10.67 19.44
CA LEU B 75 -28.73 -9.53 20.08
C LEU B 75 -27.58 -8.94 19.28
N TYR B 76 -27.52 -7.62 19.25
CA TYR B 76 -26.43 -6.90 18.59
C TYR B 76 -25.59 -6.47 19.77
N VAL B 77 -24.37 -6.98 19.84
CA VAL B 77 -23.49 -6.69 20.96
C VAL B 77 -22.32 -5.76 20.65
N PRO B 78 -22.48 -4.46 20.94
CA PRO B 78 -21.42 -3.48 20.68
C PRO B 78 -20.51 -3.34 21.91
N LEU B 79 -20.54 -4.34 22.78
CA LEU B 79 -19.74 -4.31 24.00
C LEU B 79 -18.24 -4.26 23.72
N PRO B 80 -17.45 -3.72 24.68
CA PRO B 80 -16.00 -3.64 24.49
C PRO B 80 -15.50 -5.04 24.19
N THR B 81 -14.33 -5.14 23.58
CA THR B 81 -13.75 -6.43 23.21
C THR B 81 -13.62 -7.41 24.38
N SER B 82 -13.03 -6.93 25.47
CA SER B 82 -12.81 -7.76 26.66
C SER B 82 -14.08 -8.19 27.43
N LEU B 83 -15.21 -8.24 26.76
CA LEU B 83 -16.46 -8.65 27.41
C LEU B 83 -17.20 -9.69 26.58
N HIS B 84 -16.90 -9.76 25.29
CA HIS B 84 -17.59 -10.69 24.41
C HIS B 84 -17.68 -12.13 24.89
N VAL B 85 -16.55 -12.71 25.28
CA VAL B 85 -16.52 -14.09 25.71
C VAL B 85 -17.53 -14.42 26.82
N GLU B 86 -17.82 -13.47 27.70
CA GLU B 86 -18.79 -13.74 28.77
C GLU B 86 -20.23 -13.59 28.31
N TRP B 87 -20.53 -12.52 27.57
CA TRP B 87 -21.90 -12.27 27.13
C TRP B 87 -22.31 -12.88 25.79
N ALA B 88 -21.33 -13.30 24.98
CA ALA B 88 -21.66 -13.95 23.73
C ALA B 88 -21.94 -15.40 24.10
N ILE B 89 -21.50 -15.78 25.30
CA ILE B 89 -21.69 -17.13 25.79
C ILE B 89 -22.95 -17.23 26.66
N LYS B 90 -23.10 -16.30 27.59
CA LYS B 90 -24.28 -16.29 28.46
C LYS B 90 -25.56 -16.04 27.68
N ALA B 91 -25.45 -15.33 26.55
CA ALA B 91 -26.61 -15.00 25.70
C ALA B 91 -26.91 -16.07 24.66
N ALA B 92 -25.88 -16.51 23.94
CA ALA B 92 -26.06 -17.53 22.92
C ALA B 92 -26.83 -18.70 23.50
N GLU B 93 -26.49 -19.07 24.73
CA GLU B 93 -27.13 -20.18 25.40
C GLU B 93 -28.65 -19.97 25.49
N LYS B 94 -29.06 -18.78 25.88
CA LYS B 94 -30.47 -18.46 25.99
C LYS B 94 -31.17 -18.60 24.64
N GLY B 95 -30.39 -18.87 23.60
CA GLY B 95 -30.97 -19.01 22.27
C GLY B 95 -30.85 -17.78 21.40
N LYS B 96 -30.77 -16.61 22.01
CA LYS B 96 -30.66 -15.35 21.26
C LYS B 96 -29.46 -15.36 20.33
N HIS B 97 -29.71 -15.39 19.01
CA HIS B 97 -28.61 -15.37 18.05
C HIS B 97 -27.88 -14.03 18.21
N ILE B 98 -26.61 -13.98 17.85
CA ILE B 98 -25.86 -12.74 18.03
C ILE B 98 -25.00 -12.14 16.92
N LEU B 99 -25.30 -10.89 16.59
CA LEU B 99 -24.51 -10.17 15.59
C LEU B 99 -23.43 -9.54 16.48
N LEU B 100 -22.21 -10.09 16.40
CA LEU B 100 -21.10 -9.64 17.22
C LEU B 100 -20.17 -8.65 16.52
N GLU B 101 -19.79 -7.59 17.24
CA GLU B 101 -18.91 -6.57 16.70
C GLU B 101 -17.46 -7.00 16.76
N LYS B 102 -16.66 -6.39 15.90
CA LYS B 102 -15.24 -6.69 15.83
C LYS B 102 -14.40 -5.66 16.59
N PRO B 103 -13.23 -6.06 17.10
CA PRO B 103 -12.66 -7.42 17.00
C PRO B 103 -13.46 -8.36 17.90
N VAL B 104 -13.89 -9.50 17.35
CA VAL B 104 -14.69 -10.47 18.10
C VAL B 104 -14.22 -10.79 19.51
N ALA B 105 -12.92 -10.97 19.72
CA ALA B 105 -12.41 -11.29 21.06
C ALA B 105 -10.93 -10.94 21.25
N MSE B 106 -10.44 -11.14 22.47
CA MSE B 106 -9.04 -10.84 22.78
C MSE B 106 -8.07 -11.85 22.15
O MSE B 106 -6.87 -11.60 22.10
CB MSE B 106 -8.83 -10.82 24.31
CG MSE B 106 -9.56 -9.69 25.02
SE MSE B 106 -8.99 -7.91 24.45
CE MSE B 106 -7.37 -7.75 25.50
N ASN B 107 -8.60 -12.99 21.69
CA ASN B 107 -7.79 -14.02 21.03
C ASN B 107 -8.67 -15.12 20.45
N VAL B 108 -8.08 -15.94 19.59
CA VAL B 108 -8.79 -17.02 18.92
C VAL B 108 -9.33 -18.12 19.84
N THR B 109 -8.68 -18.34 20.98
CA THR B 109 -9.15 -19.37 21.91
C THR B 109 -10.49 -18.95 22.49
N GLU B 110 -10.57 -17.70 22.94
CA GLU B 110 -11.79 -17.17 23.51
C GLU B 110 -12.87 -17.15 22.44
N PHE B 111 -12.48 -16.92 21.20
CA PHE B 111 -13.47 -16.88 20.13
C PHE B 111 -14.01 -18.24 19.75
N ASP B 112 -13.19 -19.27 19.89
CA ASP B 112 -13.67 -20.62 19.55
C ASP B 112 -14.76 -20.99 20.52
N LYS B 113 -14.59 -20.60 21.79
CA LYS B 113 -15.59 -20.90 22.80
C LYS B 113 -16.92 -20.33 22.34
N ILE B 114 -16.95 -19.01 22.17
CA ILE B 114 -18.16 -18.32 21.73
C ILE B 114 -18.82 -19.09 20.58
N VAL B 115 -18.00 -19.49 19.60
CA VAL B 115 -18.48 -20.23 18.44
C VAL B 115 -19.04 -21.59 18.83
N ASP B 116 -18.30 -22.35 19.64
CA ASP B 116 -18.78 -23.67 20.07
C ASP B 116 -19.99 -23.51 20.97
N ALA B 117 -20.06 -22.40 21.70
CA ALA B 117 -21.20 -22.14 22.56
C ALA B 117 -22.37 -21.89 21.62
N CYS B 118 -22.10 -21.17 20.53
CA CYS B 118 -23.12 -20.88 19.54
C CYS B 118 -23.60 -22.16 18.83
N GLU B 119 -22.66 -23.05 18.50
CA GLU B 119 -23.01 -24.31 17.84
C GLU B 119 -23.94 -25.07 18.78
N ALA B 120 -23.48 -25.24 20.01
CA ALA B 120 -24.22 -25.95 21.04
C ALA B 120 -25.70 -25.57 21.09
N ASN B 121 -25.99 -24.28 20.98
CA ASN B 121 -27.39 -23.83 21.02
C ASN B 121 -27.99 -23.61 19.63
N GLY B 122 -27.23 -23.98 18.61
CA GLY B 122 -27.70 -23.83 17.24
C GLY B 122 -28.08 -22.42 16.86
N VAL B 123 -27.40 -21.42 17.43
CA VAL B 123 -27.72 -20.04 17.09
C VAL B 123 -26.77 -19.48 16.04
N GLN B 124 -27.25 -18.43 15.38
CA GLN B 124 -26.47 -17.75 14.35
C GLN B 124 -25.68 -16.61 14.98
N ILE B 125 -24.47 -16.40 14.49
CA ILE B 125 -23.61 -15.32 14.98
C ILE B 125 -22.97 -14.61 13.78
N MSE B 126 -23.21 -13.31 13.67
CA MSE B 126 -22.68 -12.48 12.59
C MSE B 126 -21.45 -11.72 13.09
O MSE B 126 -21.12 -11.74 14.28
CB MSE B 126 -23.72 -11.48 12.11
CG MSE B 126 -24.51 -11.88 10.88
SE MSE B 126 -23.89 -11.06 9.22
CE MSE B 126 -25.44 -11.36 8.12
N ASP B 127 -20.77 -11.04 12.17
CA ASP B 127 -19.59 -10.28 12.53
C ASP B 127 -19.72 -8.84 12.07
N GLY B 128 -19.87 -7.95 13.05
CA GLY B 128 -20.02 -6.53 12.82
C GLY B 128 -19.29 -5.80 11.70
N THR B 129 -18.27 -6.41 11.11
CA THR B 129 -17.54 -5.78 10.02
C THR B 129 -18.61 -5.24 9.11
N MSE B 130 -18.79 -3.92 9.14
CA MSE B 130 -19.82 -3.26 8.35
C MSE B 130 -19.66 -3.13 6.84
O MSE B 130 -20.64 -2.85 6.17
CB MSE B 130 -20.11 -1.88 8.98
CG MSE B 130 -20.87 -1.95 10.32
SE MSE B 130 -21.51 -0.26 11.17
CE MSE B 130 -20.16 -0.11 12.51
N TRP B 131 -18.46 -3.36 6.27
CA TRP B 131 -18.31 -3.22 4.81
C TRP B 131 -18.36 -4.47 3.95
N VAL B 132 -18.03 -5.64 4.50
CA VAL B 132 -18.07 -6.84 3.68
C VAL B 132 -19.48 -7.11 3.20
N HIS B 133 -20.41 -6.26 3.62
CA HIS B 133 -21.80 -6.42 3.23
C HIS B 133 -22.27 -5.34 2.27
N ASN B 134 -21.35 -4.83 1.45
CA ASN B 134 -21.68 -3.79 0.49
C ASN B 134 -21.72 -4.40 -0.92
N PRO B 135 -22.59 -3.87 -1.80
CA PRO B 135 -22.63 -4.45 -3.15
C PRO B 135 -21.28 -4.39 -3.84
N ARG B 136 -20.45 -3.43 -3.42
CA ARG B 136 -19.12 -3.25 -4.00
C ARG B 136 -18.21 -4.43 -3.72
N THR B 137 -18.38 -5.01 -2.55
CA THR B 137 -17.57 -6.15 -2.13
C THR B 137 -17.80 -7.34 -3.04
N ALA B 138 -19.00 -7.46 -3.59
CA ALA B 138 -19.32 -8.56 -4.50
C ALA B 138 -18.68 -8.26 -5.86
N LEU B 139 -18.62 -6.96 -6.18
CA LEU B 139 -18.01 -6.52 -7.43
C LEU B 139 -16.48 -6.59 -7.29
N LEU B 140 -15.97 -6.44 -6.06
CA LEU B 140 -14.53 -6.53 -5.83
C LEU B 140 -14.09 -8.00 -5.99
N LYS B 141 -14.78 -8.91 -5.31
CA LYS B 141 -14.45 -10.33 -5.38
C LYS B 141 -14.71 -10.92 -6.76
N GLU B 142 -15.47 -10.21 -7.56
CA GLU B 142 -15.77 -10.66 -8.92
C GLU B 142 -14.57 -10.38 -9.82
N PHE B 143 -13.98 -9.20 -9.65
CA PHE B 143 -12.81 -8.80 -10.42
C PHE B 143 -11.61 -9.69 -10.08
N LEU B 144 -11.33 -9.86 -8.79
CA LEU B 144 -10.22 -10.69 -8.35
C LEU B 144 -10.32 -12.11 -8.91
N SER B 145 -11.54 -12.55 -9.21
CA SER B 145 -11.76 -13.89 -9.76
C SER B 145 -11.67 -13.95 -11.26
N ASP B 146 -11.62 -12.79 -11.89
CA ASP B 146 -11.53 -12.68 -13.33
C ASP B 146 -10.13 -13.14 -13.76
N SER B 147 -10.06 -14.23 -14.52
CA SER B 147 -8.77 -14.79 -14.94
C SER B 147 -8.01 -13.99 -15.99
N GLU B 148 -8.72 -13.27 -16.83
CA GLU B 148 -8.06 -12.47 -17.86
C GLU B 148 -8.01 -11.01 -17.48
N ARG B 149 -8.73 -10.64 -16.42
CA ARG B 149 -8.75 -9.26 -15.94
C ARG B 149 -7.80 -9.06 -14.77
N PHE B 150 -7.71 -10.06 -13.89
CA PHE B 150 -6.83 -9.98 -12.73
C PHE B 150 -5.78 -11.09 -12.74
N GLY B 151 -6.15 -12.27 -13.22
CA GLY B 151 -5.22 -13.38 -13.28
C GLY B 151 -4.97 -14.07 -11.95
N GLN B 152 -3.71 -14.27 -11.61
CA GLN B 152 -3.33 -14.91 -10.35
C GLN B 152 -2.81 -13.82 -9.40
N LEU B 153 -3.28 -13.84 -8.16
CA LEU B 153 -2.87 -12.87 -7.14
C LEU B 153 -1.37 -12.97 -6.86
N LYS B 154 -0.79 -11.85 -6.44
CA LYS B 154 0.64 -11.78 -6.12
C LYS B 154 0.82 -11.09 -4.77
N THR B 155 0.14 -9.96 -4.60
CA THR B 155 0.25 -9.24 -3.35
C THR B 155 -1.05 -8.49 -3.02
N VAL B 156 -1.09 -7.88 -1.84
CA VAL B 156 -2.25 -7.09 -1.44
C VAL B 156 -1.79 -6.18 -0.32
N GLN B 157 -1.92 -4.88 -0.59
CA GLN B 157 -1.52 -3.85 0.35
C GLN B 157 -2.74 -3.05 0.80
N SER B 158 -3.16 -3.28 2.03
CA SER B 158 -4.33 -2.57 2.55
C SER B 158 -4.01 -1.94 3.89
N CYS B 159 -4.72 -0.88 4.21
CA CYS B 159 -4.49 -0.20 5.47
C CYS B 159 -5.66 0.65 5.88
N PHE B 160 -5.71 0.99 7.16
CA PHE B 160 -6.74 1.86 7.69
C PHE B 160 -6.17 2.67 8.86
N SER B 161 -6.16 3.99 8.69
CA SER B 161 -5.65 4.87 9.72
C SER B 161 -6.57 6.05 9.92
N PHE B 162 -6.40 6.72 11.06
CA PHE B 162 -7.17 7.91 11.38
C PHE B 162 -6.49 8.59 12.57
N ALA B 163 -6.59 9.91 12.65
CA ALA B 163 -5.98 10.65 13.74
C ALA B 163 -7.04 11.06 14.77
N GLY B 164 -7.13 10.31 15.85
CA GLY B 164 -8.10 10.61 16.89
C GLY B 164 -7.73 11.82 17.74
N ASP B 165 -8.72 12.45 18.37
CA ASP B 165 -8.48 13.61 19.22
C ASP B 165 -7.68 13.20 20.47
N GLU B 166 -7.18 14.20 21.19
CA GLU B 166 -6.38 13.99 22.40
C GLU B 166 -7.12 13.22 23.50
N ASP B 167 -8.43 13.42 23.61
CA ASP B 167 -9.22 12.71 24.61
C ASP B 167 -9.32 11.22 24.25
N PHE B 168 -9.32 10.93 22.95
CA PHE B 168 -9.38 9.57 22.45
C PHE B 168 -8.10 8.88 22.86
N LEU B 169 -6.98 9.47 22.44
CA LEU B 169 -5.66 8.92 22.73
C LEU B 169 -5.42 8.75 24.22
N LYS B 170 -6.24 9.40 25.04
CA LYS B 170 -6.06 9.31 26.47
C LYS B 170 -7.13 8.52 27.22
N ASN B 171 -8.36 8.57 26.73
CA ASN B 171 -9.45 7.91 27.44
C ASN B 171 -10.34 6.93 26.69
N ASP B 172 -10.17 6.77 25.37
CA ASP B 172 -11.01 5.85 24.61
C ASP B 172 -10.75 4.40 24.99
N ILE B 173 -11.74 3.54 24.78
CA ILE B 173 -11.57 2.13 25.11
C ILE B 173 -10.45 1.52 24.26
N ARG B 174 -10.37 1.93 23.01
CA ARG B 174 -9.36 1.41 22.10
C ARG B 174 -7.92 1.61 22.54
N VAL B 175 -7.70 2.43 23.56
CA VAL B 175 -6.34 2.64 24.05
C VAL B 175 -6.17 1.96 25.40
N LYS B 176 -7.30 1.58 25.99
CA LYS B 176 -7.33 0.90 27.29
C LYS B 176 -6.95 -0.57 27.12
N PRO B 177 -6.08 -1.10 27.99
CA PRO B 177 -5.70 -2.50 27.87
C PRO B 177 -6.70 -3.48 28.48
N GLY B 178 -7.79 -2.93 29.02
CA GLY B 178 -8.81 -3.76 29.64
C GLY B 178 -10.16 -3.68 28.94
N LEU B 179 -10.27 -2.79 27.95
CA LEU B 179 -11.51 -2.64 27.19
C LEU B 179 -11.24 -3.10 25.77
N ASP B 180 -10.10 -2.67 25.25
CA ASP B 180 -9.64 -3.04 23.91
C ASP B 180 -8.14 -3.21 24.01
N GLY B 181 -7.73 -4.33 24.60
CA GLY B 181 -6.31 -4.60 24.77
C GLY B 181 -5.56 -4.57 23.46
N LEU B 182 -6.05 -5.29 22.46
CA LEU B 182 -5.41 -5.35 21.16
C LEU B 182 -5.23 -3.98 20.53
N GLY B 183 -6.10 -3.04 20.87
CA GLY B 183 -5.99 -1.68 20.35
C GLY B 183 -6.05 -1.51 18.84
N ALA B 184 -5.11 -0.77 18.29
CA ALA B 184 -5.07 -0.51 16.86
C ALA B 184 -5.01 -1.80 16.04
N LEU B 185 -4.26 -2.78 16.53
CA LEU B 185 -4.14 -4.05 15.84
C LEU B 185 -5.48 -4.75 15.70
N GLY B 186 -6.18 -4.97 16.81
CA GLY B 186 -7.47 -5.64 16.79
C GLY B 186 -8.63 -4.86 16.20
N ASP B 187 -8.49 -3.54 16.11
CA ASP B 187 -9.56 -2.71 15.56
C ASP B 187 -9.38 -2.37 14.09
N ALA B 188 -8.84 -1.18 13.82
CA ALA B 188 -8.65 -0.74 12.46
C ALA B 188 -8.07 -1.85 11.56
N GLY B 189 -7.04 -2.52 12.04
CA GLY B 189 -6.40 -3.58 11.27
C GLY B 189 -7.31 -4.79 11.12
N TRP B 190 -8.37 -4.83 11.92
CA TRP B 190 -9.33 -5.93 11.87
C TRP B 190 -9.95 -6.10 10.47
N TYR B 191 -9.85 -5.05 9.64
CA TYR B 191 -10.40 -5.12 8.30
C TYR B 191 -9.32 -5.54 7.32
N ALA B 192 -8.43 -4.61 7.01
CA ALA B 192 -7.31 -4.85 6.10
C ALA B 192 -6.94 -6.32 6.02
N ILE B 193 -6.91 -6.99 7.17
CA ILE B 193 -6.59 -8.40 7.24
C ILE B 193 -7.70 -9.20 6.54
N ARG B 194 -8.94 -8.83 6.84
CA ARG B 194 -10.12 -9.47 6.25
C ARG B 194 -10.05 -9.22 4.75
N ALA B 195 -9.59 -8.02 4.41
CA ALA B 195 -9.45 -7.64 3.01
C ALA B 195 -8.36 -8.47 2.34
N THR B 196 -7.18 -8.58 2.95
CA THR B 196 -6.14 -9.36 2.28
C THR B 196 -6.59 -10.81 2.31
N LEU B 197 -7.32 -11.20 3.35
CA LEU B 197 -7.81 -12.56 3.43
C LEU B 197 -8.75 -12.80 2.27
N LEU B 198 -9.82 -11.99 2.19
CA LEU B 198 -10.81 -12.12 1.12
C LEU B 198 -10.13 -12.30 -0.23
N ALA B 199 -9.27 -11.34 -0.59
CA ALA B 199 -8.56 -11.41 -1.86
C ALA B 199 -7.95 -12.80 -2.07
N ASN B 200 -7.34 -13.33 -1.02
CA ASN B 200 -6.68 -14.63 -1.09
C ASN B 200 -7.65 -15.78 -0.89
N ASN B 201 -8.82 -15.65 -1.51
CA ASN B 201 -9.87 -16.64 -1.45
C ASN B 201 -10.04 -17.30 -0.08
N PHE B 202 -9.88 -16.48 0.96
CA PHE B 202 -10.07 -16.91 2.35
C PHE B 202 -9.02 -17.85 2.88
N GLU B 203 -7.84 -17.84 2.25
CA GLU B 203 -6.73 -18.68 2.70
C GLU B 203 -5.91 -17.90 3.72
N LEU B 204 -5.37 -18.60 4.71
CA LEU B 204 -4.54 -17.95 5.71
C LEU B 204 -3.10 -17.87 5.20
N PRO B 205 -2.28 -16.99 5.80
CA PRO B 205 -0.91 -16.93 5.32
C PRO B 205 -0.17 -18.02 6.11
N LYS B 206 1.16 -18.04 6.05
CA LYS B 206 1.92 -19.03 6.82
C LYS B 206 2.73 -18.33 7.89
N THR B 207 2.98 -17.04 7.70
CA THR B 207 3.73 -16.27 8.68
C THR B 207 3.29 -14.81 8.73
N VAL B 208 2.64 -14.43 9.83
CA VAL B 208 2.20 -13.05 9.98
C VAL B 208 3.27 -12.27 10.74
N THR B 209 4.50 -12.34 10.23
CA THR B 209 5.64 -11.64 10.83
C THR B 209 5.26 -10.17 10.90
N ALA B 210 5.49 -9.54 12.05
CA ALA B 210 5.16 -8.13 12.22
C ALA B 210 6.32 -7.24 11.78
N PHE B 211 6.00 -6.03 11.29
CA PHE B 211 7.03 -5.09 10.87
C PHE B 211 7.59 -4.32 12.07
N PRO B 212 8.84 -3.86 11.98
CA PRO B 212 9.45 -3.12 13.09
C PRO B 212 8.86 -1.72 13.22
N GLY B 213 8.88 -1.17 14.43
CA GLY B 213 8.34 0.17 14.63
C GLY B 213 6.92 0.29 15.16
N ALA B 214 6.41 -0.78 15.78
CA ALA B 214 5.07 -0.73 16.32
C ALA B 214 5.05 0.28 17.48
N VAL B 215 4.04 1.14 17.52
CA VAL B 215 3.92 2.13 18.58
C VAL B 215 2.92 1.70 19.66
N LEU B 216 3.41 1.54 20.89
CA LEU B 216 2.57 1.14 22.02
C LEU B 216 2.35 2.39 22.87
N ASN B 217 1.14 2.56 23.41
CA ASN B 217 0.90 3.71 24.27
C ASN B 217 1.42 3.34 25.65
N GLU B 218 1.51 4.32 26.54
CA GLU B 218 2.03 4.07 27.88
C GLU B 218 1.45 2.82 28.55
N ALA B 219 0.16 2.55 28.31
CA ALA B 219 -0.49 1.38 28.88
C ALA B 219 -0.19 0.08 28.12
N GLY B 220 0.68 0.17 27.12
CA GLY B 220 1.06 -1.02 26.36
C GLY B 220 0.15 -1.36 25.18
N VAL B 221 -0.97 -0.64 25.06
CA VAL B 221 -1.89 -0.87 23.97
C VAL B 221 -1.26 -0.28 22.69
N ILE B 222 -1.46 -0.97 21.57
CA ILE B 222 -0.90 -0.56 20.28
C ILE B 222 -1.64 0.56 19.53
N LEU B 223 -0.89 1.56 19.08
CA LEU B 223 -1.46 2.68 18.32
C LEU B 223 -1.00 2.60 16.85
N SER B 224 0.04 1.82 16.60
CA SER B 224 0.57 1.65 15.24
C SER B 224 1.25 0.29 15.07
N CYS B 225 0.79 -0.45 14.07
CA CYS B 225 1.38 -1.76 13.80
C CYS B 225 1.42 -2.00 12.30
N GLY B 226 2.36 -2.82 11.85
CA GLY B 226 2.50 -3.15 10.45
C GLY B 226 2.84 -4.62 10.27
N ALA B 227 2.46 -5.21 9.15
CA ALA B 227 2.76 -6.62 8.93
C ALA B 227 2.63 -7.11 7.50
N SER B 228 3.50 -8.05 7.13
CA SER B 228 3.44 -8.65 5.81
C SER B 228 3.00 -10.08 6.06
N LEU B 229 2.04 -10.56 5.30
CA LEU B 229 1.59 -11.94 5.46
C LEU B 229 2.25 -12.71 4.33
N SER B 230 2.60 -13.98 4.55
CA SER B 230 3.27 -14.72 3.50
C SER B 230 2.72 -16.11 3.26
N TRP B 231 2.52 -16.43 1.99
CA TRP B 231 2.00 -17.74 1.62
C TRP B 231 3.14 -18.58 1.02
N GLU B 232 4.35 -18.00 0.97
CA GLU B 232 5.51 -18.68 0.42
C GLU B 232 5.13 -19.16 -0.99
N ASP B 233 4.00 -18.67 -1.45
CA ASP B 233 3.43 -19.01 -2.76
C ASP B 233 4.02 -18.05 -3.78
N GLY B 234 4.51 -16.94 -3.27
CA GLY B 234 5.02 -15.89 -4.14
C GLY B 234 4.00 -14.80 -3.97
N ARG B 235 2.95 -15.13 -3.22
CA ARG B 235 1.88 -14.19 -2.88
C ARG B 235 2.28 -13.62 -1.53
N THR B 236 2.00 -12.35 -1.32
CA THR B 236 2.34 -11.72 -0.06
C THR B 236 1.24 -10.75 0.31
N ALA B 237 1.27 -10.32 1.57
CA ALA B 237 0.27 -9.38 2.03
C ALA B 237 0.90 -8.25 2.83
N THR B 238 0.18 -7.13 2.87
CA THR B 238 0.61 -5.96 3.59
C THR B 238 -0.57 -5.24 4.28
N ILE B 239 -0.51 -5.13 5.59
CA ILE B 239 -1.55 -4.40 6.31
C ILE B 239 -0.89 -3.21 7.00
N TYR B 240 -1.71 -2.39 7.64
CA TYR B 240 -1.25 -1.22 8.37
C TYR B 240 -2.43 -0.47 8.98
N CYS B 241 -2.31 -0.12 10.26
CA CYS B 241 -3.36 0.62 10.96
C CYS B 241 -2.79 1.58 12.00
N SER B 242 -3.40 2.74 12.13
CA SER B 242 -2.91 3.73 13.08
C SER B 242 -3.98 4.69 13.56
N PHE B 243 -3.82 5.14 14.79
CA PHE B 243 -4.72 6.11 15.42
C PHE B 243 -4.06 7.49 15.36
N LEU B 244 -2.90 7.55 14.70
CA LEU B 244 -2.13 8.78 14.62
C LEU B 244 -1.97 9.42 13.23
N ALA B 245 -2.88 9.14 12.30
CA ALA B 245 -2.72 9.74 10.97
C ALA B 245 -4.00 9.79 10.15
N ASN B 246 -4.15 10.85 9.38
CA ASN B 246 -5.32 11.09 8.51
C ASN B 246 -6.09 9.83 8.08
N LEU B 247 -7.39 9.98 7.93
CA LEU B 247 -8.29 8.89 7.53
C LEU B 247 -7.83 8.16 6.26
N THR B 248 -7.13 7.05 6.43
CA THR B 248 -6.65 6.26 5.30
C THR B 248 -7.31 4.88 5.32
N MSE B 249 -7.72 4.39 4.15
CA MSE B 249 -8.36 3.07 4.05
C MSE B 249 -8.49 2.63 2.59
O MSE B 249 -9.48 2.94 1.93
CB MSE B 249 -9.75 3.09 4.70
CG MSE B 249 -10.63 4.27 4.34
SE MSE B 249 -12.46 4.10 4.96
CE MSE B 249 -12.21 4.31 6.88
N GLU B 250 -7.49 1.89 2.12
CA GLU B 250 -7.47 1.45 0.74
C GLU B 250 -7.10 -0.03 0.53
N ILE B 251 -7.16 -0.44 -0.72
CA ILE B 251 -6.81 -1.79 -1.16
C ILE B 251 -6.19 -1.65 -2.54
N THR B 252 -5.01 -2.23 -2.74
CA THR B 252 -4.33 -2.19 -4.02
C THR B 252 -3.76 -3.58 -4.38
N ALA B 253 -4.61 -4.58 -4.26
CA ALA B 253 -4.26 -5.97 -4.54
C ALA B 253 -3.68 -6.09 -5.95
N ILE B 254 -2.65 -6.90 -6.10
CA ILE B 254 -2.01 -7.07 -7.42
C ILE B 254 -1.92 -8.51 -7.91
N GLY B 255 -2.47 -8.72 -9.10
CA GLY B 255 -2.44 -10.05 -9.70
C GLY B 255 -1.70 -10.05 -11.02
N THR B 256 -1.38 -11.24 -11.53
CA THR B 256 -0.66 -11.39 -12.78
C THR B 256 -1.22 -10.59 -13.96
N LYS B 257 -2.55 -10.38 -14.00
CA LYS B 257 -3.15 -9.63 -15.09
C LYS B 257 -3.94 -8.42 -14.61
N GLY B 258 -4.38 -8.46 -13.36
CA GLY B 258 -5.16 -7.34 -12.83
C GLY B 258 -4.57 -6.56 -11.69
N THR B 259 -5.11 -5.36 -11.51
CA THR B 259 -4.71 -4.45 -10.44
C THR B 259 -5.99 -3.81 -9.92
N LEU B 260 -6.32 -4.03 -8.66
CA LEU B 260 -7.53 -3.47 -8.08
C LEU B 260 -7.27 -2.33 -7.13
N ARG B 261 -8.13 -1.31 -7.17
CA ARG B 261 -7.97 -0.17 -6.29
C ARG B 261 -9.27 0.44 -5.79
N VAL B 262 -9.37 0.53 -4.47
CA VAL B 262 -10.52 1.13 -3.82
C VAL B 262 -9.95 1.88 -2.63
N HIS B 263 -10.15 3.19 -2.62
CA HIS B 263 -9.63 4.08 -1.58
C HIS B 263 -10.54 4.42 -0.42
N ASP B 264 -11.66 3.70 -0.31
CA ASP B 264 -12.63 3.96 0.77
C ASP B 264 -13.39 2.67 1.06
N PHE B 265 -12.67 1.56 1.17
CA PHE B 265 -13.31 0.26 1.37
C PHE B 265 -13.92 -0.03 2.75
N ILE B 266 -13.51 0.69 3.79
CA ILE B 266 -14.06 0.44 5.13
C ILE B 266 -15.21 1.40 5.48
N ILE B 267 -15.35 2.44 4.65
CA ILE B 267 -16.39 3.44 4.82
C ILE B 267 -16.46 4.14 3.47
N PRO B 268 -17.56 3.96 2.73
CA PRO B 268 -17.69 4.59 1.42
C PRO B 268 -17.78 6.11 1.52
N TYR B 269 -17.44 6.80 0.43
CA TYR B 269 -17.52 8.26 0.42
C TYR B 269 -18.99 8.64 0.64
N LYS B 270 -19.87 8.05 -0.15
CA LYS B 270 -21.31 8.28 -0.05
C LYS B 270 -22.01 6.95 0.27
N GLU B 271 -22.96 6.98 1.20
CA GLU B 271 -23.69 5.76 1.55
C GLU B 271 -24.73 5.48 0.47
N THR B 272 -24.43 5.94 -0.74
CA THR B 272 -25.34 5.76 -1.88
C THR B 272 -24.71 4.94 -3.00
N GLU B 273 -23.44 5.23 -3.31
CA GLU B 273 -22.73 4.50 -4.37
C GLU B 273 -21.50 3.84 -3.76
N ALA B 274 -20.72 3.19 -4.62
CA ALA B 274 -19.48 2.51 -4.23
C ALA B 274 -18.60 2.37 -5.46
N SER B 275 -17.48 3.10 -5.49
CA SER B 275 -16.59 3.03 -6.64
C SER B 275 -15.27 2.32 -6.32
N PHE B 276 -14.63 1.83 -7.39
CA PHE B 276 -13.36 1.13 -7.29
C PHE B 276 -12.75 1.25 -8.70
N THR B 277 -11.42 1.29 -8.77
CA THR B 277 -10.76 1.41 -10.06
C THR B 277 -10.20 0.05 -10.49
N THR B 278 -10.20 -0.19 -11.78
CA THR B 278 -9.73 -1.46 -12.33
C THR B 278 -8.73 -1.30 -13.49
N SER B 279 -7.86 -2.29 -13.65
CA SER B 279 -6.82 -2.28 -14.69
C SER B 279 -6.28 -3.69 -14.96
N THR B 280 -6.37 -4.14 -16.22
CA THR B 280 -5.89 -5.46 -16.60
C THR B 280 -4.79 -5.36 -17.68
N LYS B 281 -3.71 -6.11 -17.48
CA LYS B 281 -2.59 -6.11 -18.41
C LYS B 281 -2.32 -4.71 -19.00
N ALA B 282 -1.87 -3.77 -18.16
CA ALA B 282 -1.62 -2.42 -18.65
C ALA B 282 -0.18 -2.26 -19.18
N TRP B 283 0.01 -1.35 -20.12
CA TRP B 283 1.34 -1.15 -20.66
C TRP B 283 1.57 0.28 -21.14
N PHE B 284 2.74 0.50 -21.72
CA PHE B 284 3.13 1.80 -22.24
C PHE B 284 3.21 1.69 -23.77
N ASN B 285 3.25 2.84 -24.44
CA ASN B 285 3.38 2.86 -25.90
C ASN B 285 4.87 2.68 -26.19
N ASP B 286 5.20 2.13 -27.37
CA ASP B 286 6.59 1.87 -27.75
C ASP B 286 7.66 2.79 -27.17
N LEU B 287 7.35 4.09 -27.06
CA LEU B 287 8.33 5.05 -26.57
C LEU B 287 8.11 5.52 -25.12
N VAL B 288 7.58 4.63 -24.28
CA VAL B 288 7.29 4.91 -22.87
C VAL B 288 7.03 6.40 -22.55
N THR B 289 6.32 7.10 -23.44
CA THR B 289 6.00 8.50 -23.20
C THR B 289 4.51 8.59 -22.86
N ALA B 290 3.86 7.43 -22.84
CA ALA B 290 2.45 7.34 -22.53
C ALA B 290 1.97 5.90 -22.33
N TRP B 291 0.98 5.73 -21.46
CA TRP B 291 0.35 4.44 -21.20
C TRP B 291 -0.67 4.39 -22.32
N VAL B 292 -1.08 3.19 -22.74
CA VAL B 292 -2.07 3.12 -23.81
C VAL B 292 -3.43 3.33 -23.17
N SER B 293 -3.52 3.06 -21.87
CA SER B 293 -4.76 3.20 -21.13
C SER B 293 -4.62 3.42 -19.62
N PRO B 294 -4.76 4.68 -19.18
CA PRO B 294 -4.66 5.02 -17.76
C PRO B 294 -5.84 4.45 -16.97
N PRO B 295 -5.60 4.01 -15.72
CA PRO B 295 -6.61 3.43 -14.84
C PRO B 295 -8.04 3.94 -15.05
N SER B 296 -9.01 3.07 -14.77
CA SER B 296 -10.42 3.38 -14.94
C SER B 296 -11.26 3.20 -13.67
N GLU B 297 -12.20 4.12 -13.45
CA GLU B 297 -13.08 4.03 -12.28
C GLU B 297 -14.47 3.49 -12.64
N HIS B 298 -15.03 2.69 -11.73
CA HIS B 298 -16.35 2.10 -11.90
C HIS B 298 -17.25 2.69 -10.84
N THR B 299 -18.55 2.38 -10.91
CA THR B 299 -19.50 2.89 -9.93
C THR B 299 -20.75 2.01 -9.83
N VAL B 300 -21.16 1.75 -8.59
CA VAL B 300 -22.33 0.91 -8.33
C VAL B 300 -23.34 1.60 -7.40
N LYS B 301 -24.61 1.54 -7.77
CA LYS B 301 -25.65 2.14 -6.95
C LYS B 301 -25.88 1.23 -5.75
N THR B 302 -26.06 1.83 -4.58
CA THR B 302 -26.32 1.07 -3.36
C THR B 302 -27.52 1.72 -2.66
N GLU B 303 -28.72 1.41 -3.14
CA GLU B 303 -29.95 1.98 -2.60
C GLU B 303 -30.09 1.67 -1.12
N LEU B 304 -29.57 0.52 -0.71
CA LEU B 304 -29.62 0.12 0.69
C LEU B 304 -28.19 0.14 1.22
N PRO B 305 -27.90 1.04 2.19
CA PRO B 305 -26.55 1.11 2.75
C PRO B 305 -26.04 -0.26 3.20
N GLN B 306 -24.71 -0.43 3.17
CA GLN B 306 -24.05 -1.68 3.52
C GLN B 306 -24.38 -2.29 4.88
N GLU B 307 -24.39 -1.48 5.94
CA GLU B 307 -24.69 -2.01 7.26
C GLU B 307 -26.11 -2.56 7.25
N ALA B 308 -27.01 -1.90 6.52
CA ALA B 308 -28.39 -2.36 6.46
C ALA B 308 -28.39 -3.69 5.71
N CYS B 309 -27.52 -3.82 4.71
CA CYS B 309 -27.43 -5.07 3.97
C CYS B 309 -26.95 -6.12 4.96
N MSE B 310 -26.10 -5.70 5.90
CA MSE B 310 -25.56 -6.61 6.91
C MSE B 310 -26.67 -7.20 7.76
O MSE B 310 -26.92 -8.41 7.72
CB MSE B 310 -24.56 -5.86 7.80
CG MSE B 310 -24.21 -6.59 9.08
SE MSE B 310 -22.84 -5.71 10.09
CE MSE B 310 -23.89 -4.30 10.89
N VAL B 311 -27.33 -6.35 8.54
CA VAL B 311 -28.44 -6.76 9.38
C VAL B 311 -29.42 -7.53 8.49
N ARG B 312 -29.57 -7.04 7.26
CA ARG B 312 -30.45 -7.65 6.27
C ARG B 312 -30.15 -9.14 6.10
N GLU B 313 -28.87 -9.48 5.92
CA GLU B 313 -28.45 -10.88 5.76
C GLU B 313 -28.39 -11.57 7.12
N PHE B 314 -28.49 -10.79 8.19
CA PHE B 314 -28.47 -11.35 9.54
C PHE B 314 -29.88 -11.86 9.90
N ALA B 315 -30.81 -11.73 8.96
CA ALA B 315 -32.18 -12.16 9.17
C ALA B 315 -32.69 -13.02 8.01
N ILE B 321 -34.10 -21.35 9.38
CA ILE B 321 -33.61 -21.86 10.66
C ILE B 321 -34.68 -21.84 11.76
N LYS B 322 -35.03 -20.63 12.22
CA LYS B 322 -36.06 -20.51 13.26
C LYS B 322 -37.46 -20.80 12.70
N ASN B 323 -37.66 -20.47 11.43
CA ASN B 323 -38.95 -20.71 10.77
C ASN B 323 -38.93 -21.94 9.85
N ASN B 324 -37.78 -22.21 9.23
CA ASN B 324 -37.65 -23.37 8.34
C ASN B 324 -36.57 -24.38 8.71
N GLY B 325 -35.87 -24.11 9.82
CA GLY B 325 -34.83 -25.02 10.27
C GLY B 325 -33.69 -25.32 9.33
N ALA B 326 -32.47 -25.05 9.76
CA ALA B 326 -31.28 -25.30 8.96
C ALA B 326 -30.01 -25.02 9.76
N LYS B 327 -28.89 -25.51 9.26
CA LYS B 327 -27.61 -25.29 9.92
C LYS B 327 -27.11 -23.92 9.51
N PRO B 328 -27.06 -22.98 10.46
CA PRO B 328 -26.59 -21.62 10.15
C PRO B 328 -25.47 -21.57 9.11
N ASP B 329 -25.43 -20.46 8.38
CA ASP B 329 -24.43 -20.23 7.35
C ASP B 329 -23.13 -20.01 8.12
N GLY B 330 -22.49 -21.11 8.48
CA GLY B 330 -21.25 -21.03 9.24
C GLY B 330 -20.14 -20.14 8.68
N TYR B 331 -20.20 -19.85 7.39
CA TYR B 331 -19.19 -19.02 6.76
C TYR B 331 -18.79 -17.82 7.62
N TRP B 332 -19.73 -17.30 8.40
CA TRP B 332 -19.41 -16.13 9.19
C TRP B 332 -18.45 -16.39 10.35
N PRO B 333 -18.84 -17.23 11.33
CA PRO B 333 -17.87 -17.45 12.41
C PRO B 333 -16.49 -17.87 11.87
N SER B 334 -16.50 -18.57 10.73
CA SER B 334 -15.26 -19.03 10.12
C SER B 334 -14.34 -17.90 9.62
N ILE B 335 -14.91 -16.79 9.14
CA ILE B 335 -14.08 -15.69 8.68
C ILE B 335 -13.51 -14.93 9.88
N SER B 336 -14.33 -14.78 10.93
CA SER B 336 -13.90 -14.06 12.14
C SER B 336 -12.68 -14.66 12.81
N ARG B 337 -12.68 -15.98 12.98
CA ARG B 337 -11.57 -16.67 13.61
C ARG B 337 -10.28 -16.42 12.83
N LYS B 338 -10.33 -16.66 11.53
CA LYS B 338 -9.15 -16.44 10.69
C LYS B 338 -8.65 -15.00 10.82
N THR B 339 -9.60 -14.06 10.86
CA THR B 339 -9.25 -12.65 10.99
C THR B 339 -8.62 -12.38 12.36
N GLN B 340 -9.15 -13.01 13.40
CA GLN B 340 -8.63 -12.84 14.76
C GLN B 340 -7.22 -13.42 14.92
N LEU B 341 -6.95 -14.53 14.23
CA LEU B 341 -5.65 -15.20 14.26
C LEU B 341 -4.57 -14.29 13.71
N VAL B 342 -4.77 -13.83 12.48
CA VAL B 342 -3.78 -12.95 11.89
C VAL B 342 -3.61 -11.77 12.82
N VAL B 343 -4.70 -11.36 13.44
CA VAL B 343 -4.65 -10.26 14.38
C VAL B 343 -3.76 -10.60 15.56
N ASP B 344 -3.87 -11.81 16.09
CA ASP B 344 -3.04 -12.22 17.23
C ASP B 344 -1.58 -12.42 16.83
N ALA B 345 -1.36 -12.96 15.63
CA ALA B 345 -0.01 -13.19 15.15
C ALA B 345 0.72 -11.85 15.03
N VAL B 346 0.03 -10.82 14.61
CA VAL B 346 0.66 -9.50 14.51
C VAL B 346 0.94 -9.01 15.92
N LYS B 347 0.07 -9.38 16.87
CA LYS B 347 0.25 -8.97 18.25
C LYS B 347 1.50 -9.63 18.78
N GLU B 348 1.45 -10.94 18.89
CA GLU B 348 2.57 -11.71 19.39
C GLU B 348 3.88 -11.28 18.75
N SER B 349 3.96 -11.40 17.42
CA SER B 349 5.15 -11.02 16.68
C SER B 349 5.71 -9.70 17.26
N VAL B 350 4.82 -8.75 17.52
CA VAL B 350 5.23 -7.47 18.10
C VAL B 350 5.59 -7.67 19.58
N ASP B 351 4.76 -8.41 20.32
CA ASP B 351 5.05 -8.64 21.74
C ASP B 351 6.39 -9.33 21.86
N LYS B 352 6.82 -10.00 20.80
CA LYS B 352 8.10 -10.71 20.75
C LYS B 352 9.17 -9.99 19.91
N ASN B 353 9.09 -8.68 19.84
CA ASN B 353 10.03 -7.85 19.09
C ASN B 353 10.13 -8.10 17.58
N TYR B 354 8.99 -8.24 16.91
CA TYR B 354 8.94 -8.45 15.47
C TYR B 354 9.50 -9.80 15.02
N GLN B 355 9.07 -10.84 15.72
CA GLN B 355 9.47 -12.22 15.45
C GLN B 355 8.54 -12.76 14.36
N GLN B 356 9.09 -13.54 13.44
CA GLN B 356 8.29 -14.12 12.37
C GLN B 356 7.45 -15.25 12.93
N ILE B 357 6.17 -14.99 13.16
CA ILE B 357 5.26 -15.99 13.73
C ILE B 357 4.73 -17.01 12.73
N SER B 358 4.73 -18.28 13.12
CA SER B 358 4.24 -19.36 12.27
C SER B 358 2.75 -19.57 12.50
N LEU B 359 2.06 -20.09 11.49
CA LEU B 359 0.62 -20.34 11.60
C LEU B 359 0.25 -21.70 11.01
N SER B 360 1.11 -22.69 11.23
CA SER B 360 0.86 -24.04 10.72
C SER B 360 0.20 -24.93 11.79
N GLN A 6 23.72 23.69 -26.67
CA GLN A 6 25.00 24.24 -26.15
C GLN A 6 25.84 23.07 -25.60
N ILE A 7 25.24 22.30 -24.70
CA ILE A 7 25.94 21.16 -24.11
C ILE A 7 25.79 19.94 -25.02
N ARG A 8 26.93 19.32 -25.33
CA ARG A 8 26.98 18.14 -26.19
C ARG A 8 27.19 16.87 -25.38
N ILE A 9 26.27 15.92 -25.50
CA ILE A 9 26.38 14.68 -24.75
C ILE A 9 26.70 13.49 -25.63
N GLY A 10 27.57 12.62 -25.12
CA GLY A 10 27.95 11.42 -25.86
C GLY A 10 27.17 10.23 -25.33
N VAL A 11 26.26 9.70 -26.16
CA VAL A 11 25.46 8.56 -25.76
C VAL A 11 26.27 7.29 -25.55
N MSE A 12 26.62 7.03 -24.30
CA MSE A 12 27.39 5.84 -23.95
C MSE A 12 26.55 4.57 -24.06
O MSE A 12 26.00 4.10 -23.06
CB MSE A 12 27.94 5.96 -22.54
CG MSE A 12 29.13 6.86 -22.46
SE MSE A 12 30.33 6.29 -23.83
CE MSE A 12 31.20 4.90 -22.84
N GLY A 13 26.47 4.04 -25.27
CA GLY A 13 25.68 2.83 -25.51
C GLY A 13 24.37 3.15 -26.23
N CYS A 14 23.98 2.30 -27.17
CA CYS A 14 22.74 2.52 -27.89
C CYS A 14 21.66 1.63 -27.30
N ALA A 15 21.30 1.92 -26.05
CA ALA A 15 20.27 1.17 -25.33
C ALA A 15 18.88 1.60 -25.79
N ASP A 16 17.94 0.66 -25.79
CA ASP A 16 16.58 0.98 -26.20
C ASP A 16 16.02 2.19 -25.45
N ILE A 17 16.54 2.47 -24.26
CA ILE A 17 16.06 3.61 -23.48
C ILE A 17 16.77 4.91 -23.86
N ALA A 18 17.98 4.78 -24.39
CA ALA A 18 18.73 5.95 -24.81
C ALA A 18 17.98 6.56 -26.00
N ARG A 19 16.94 5.85 -26.45
CA ARG A 19 16.12 6.31 -27.55
C ARG A 19 15.23 7.44 -27.05
N LYS A 20 14.39 7.11 -26.08
CA LYS A 20 13.48 8.10 -25.48
C LYS A 20 14.29 9.27 -24.95
N VAL A 21 15.47 8.99 -24.41
CA VAL A 21 16.31 10.06 -23.87
C VAL A 21 16.85 10.98 -24.97
N SER A 22 17.13 10.44 -26.16
CA SER A 22 17.64 11.29 -27.24
C SER A 22 16.67 12.46 -27.40
N ARG A 23 15.38 12.16 -27.27
CA ARG A 23 14.34 13.19 -27.35
C ARG A 23 14.53 14.15 -26.16
N ALA A 24 14.85 13.59 -24.98
CA ALA A 24 15.07 14.39 -23.78
C ALA A 24 16.20 15.37 -24.09
N ILE A 25 17.36 14.83 -24.45
CA ILE A 25 18.50 15.65 -24.79
C ILE A 25 18.10 16.65 -25.87
N HIS A 26 17.40 16.16 -26.89
CA HIS A 26 16.94 16.99 -27.99
C HIS A 26 16.15 18.19 -27.45
N LEU A 27 14.98 17.91 -26.87
CA LEU A 27 14.08 18.92 -26.31
C LEU A 27 14.69 19.80 -25.21
N ALA A 28 15.85 19.42 -24.70
CA ALA A 28 16.49 20.22 -23.66
C ALA A 28 17.12 21.43 -24.35
N PRO A 29 16.55 22.63 -24.11
CA PRO A 29 17.04 23.88 -24.72
C PRO A 29 18.53 24.10 -24.68
N ASN A 30 19.15 23.77 -23.55
CA ASN A 30 20.59 23.95 -23.38
C ASN A 30 21.40 22.70 -23.70
N ALA A 31 20.87 21.85 -24.57
CA ALA A 31 21.58 20.62 -24.92
C ALA A 31 21.24 20.11 -26.30
N THR A 32 22.20 19.41 -26.88
CA THR A 32 22.08 18.82 -28.20
C THR A 32 22.89 17.53 -28.21
N ILE A 33 22.51 16.59 -29.06
CA ILE A 33 23.20 15.31 -29.17
C ILE A 33 24.49 15.55 -29.97
N SER A 34 25.53 14.74 -29.76
CA SER A 34 26.78 14.94 -30.47
C SER A 34 27.70 13.72 -30.59
N GLY A 35 27.24 12.56 -30.13
CA GLY A 35 28.09 11.37 -30.22
C GLY A 35 27.51 10.09 -29.68
N VAL A 36 26.77 9.38 -30.53
CA VAL A 36 26.16 8.10 -30.16
C VAL A 36 27.08 6.97 -30.58
N ALA A 37 27.67 6.30 -29.60
CA ALA A 37 28.60 5.19 -29.88
C ALA A 37 28.03 3.80 -29.62
N SER A 38 28.91 2.80 -29.63
CA SER A 38 28.54 1.41 -29.41
C SER A 38 29.80 0.53 -29.42
N ARG A 39 29.62 -0.76 -29.15
CA ARG A 39 30.75 -1.69 -29.16
C ARG A 39 30.92 -2.17 -30.61
N SER A 40 29.78 -2.42 -31.25
CA SER A 40 29.74 -2.90 -32.62
C SER A 40 29.58 -1.76 -33.61
N LEU A 41 30.36 -1.82 -34.69
CA LEU A 41 30.28 -0.81 -35.74
C LEU A 41 28.90 -0.93 -36.36
N GLU A 42 28.27 -2.05 -36.10
CA GLU A 42 26.94 -2.32 -36.62
C GLU A 42 25.93 -1.57 -35.77
N LYS A 43 26.02 -1.68 -34.45
CA LYS A 43 25.09 -0.97 -33.56
C LYS A 43 25.32 0.52 -33.80
N ALA A 44 26.59 0.91 -33.74
CA ALA A 44 27.01 2.30 -33.95
C ALA A 44 26.10 3.01 -34.95
N LYS A 45 26.17 2.59 -36.22
CA LYS A 45 25.36 3.19 -37.27
C LYS A 45 23.93 2.66 -37.24
N ALA A 46 23.72 1.55 -36.54
CA ALA A 46 22.38 0.97 -36.45
C ALA A 46 21.59 1.61 -35.31
N PHE A 47 21.86 2.89 -35.05
CA PHE A 47 21.15 3.64 -34.01
C PHE A 47 21.12 5.13 -34.32
N ALA A 48 22.22 5.65 -34.87
CA ALA A 48 22.33 7.07 -35.21
C ALA A 48 21.32 7.48 -36.27
N THR A 49 20.99 6.56 -37.17
CA THR A 49 20.01 6.85 -38.21
C THR A 49 18.72 6.14 -37.82
N ALA A 50 18.87 5.09 -37.01
CA ALA A 50 17.73 4.33 -36.55
C ALA A 50 16.72 5.22 -35.83
N ASN A 51 17.21 6.20 -35.07
CA ASN A 51 16.29 7.08 -34.35
C ASN A 51 16.38 8.55 -34.74
N ASN A 52 16.39 8.84 -36.04
CA ASN A 52 16.45 10.21 -36.54
C ASN A 52 17.48 11.06 -35.80
N TYR A 53 18.54 11.45 -36.49
CA TYR A 53 19.59 12.26 -35.86
C TYR A 53 20.10 13.43 -36.71
N PRO A 54 20.73 14.42 -36.07
CA PRO A 54 21.25 15.56 -36.81
C PRO A 54 22.48 15.13 -37.60
N GLU A 55 22.84 15.92 -38.59
CA GLU A 55 23.99 15.60 -39.43
C GLU A 55 25.28 16.15 -38.82
N SER A 56 25.83 15.43 -37.84
CA SER A 56 27.05 15.87 -37.17
C SER A 56 27.42 15.04 -35.94
N THR A 57 26.52 14.17 -35.50
CA THR A 57 26.79 13.34 -34.34
C THR A 57 28.05 12.50 -34.53
N LYS A 58 29.02 12.71 -33.66
CA LYS A 58 30.29 11.99 -33.72
C LYS A 58 30.01 10.50 -33.46
N ILE A 59 29.67 9.77 -34.52
CA ILE A 59 29.40 8.34 -34.41
C ILE A 59 30.66 7.60 -33.99
N HIS A 60 30.49 6.47 -33.32
CA HIS A 60 31.63 5.69 -32.85
C HIS A 60 31.38 4.18 -32.89
N GLY A 61 32.37 3.45 -33.39
CA GLY A 61 32.26 2.00 -33.47
C GLY A 61 32.77 1.34 -32.20
N SER A 62 33.09 2.16 -31.21
CA SER A 62 33.57 1.70 -29.91
C SER A 62 33.30 2.80 -28.87
N TYR A 63 33.04 2.41 -27.62
CA TYR A 63 32.79 3.41 -26.59
C TYR A 63 34.06 4.24 -26.42
N GLU A 64 35.20 3.58 -26.59
CA GLU A 64 36.49 4.24 -26.49
C GLU A 64 36.55 5.38 -27.49
N SER A 65 35.95 5.15 -28.66
CA SER A 65 35.92 6.16 -29.71
C SER A 65 35.22 7.42 -29.19
N LEU A 66 34.49 7.27 -28.09
CA LEU A 66 33.77 8.40 -27.52
C LEU A 66 34.50 9.02 -26.33
N LEU A 67 35.11 8.19 -25.48
CA LEU A 67 35.84 8.72 -24.34
C LEU A 67 37.19 9.28 -24.75
N GLU A 68 37.39 9.43 -26.05
CA GLU A 68 38.65 9.97 -26.56
C GLU A 68 38.42 11.27 -27.33
N ASP A 69 37.17 11.60 -27.58
CA ASP A 69 36.86 12.84 -28.29
C ASP A 69 36.80 14.01 -27.32
N PRO A 70 37.66 15.01 -27.51
CA PRO A 70 37.70 16.20 -26.65
C PRO A 70 36.47 17.09 -26.79
N GLU A 71 35.66 16.82 -27.81
CA GLU A 71 34.45 17.59 -28.06
C GLU A 71 33.29 17.24 -27.11
N ILE A 72 33.33 16.05 -26.53
CA ILE A 72 32.25 15.62 -25.63
C ILE A 72 32.49 15.94 -24.15
N ASP A 73 31.55 16.67 -23.55
CA ASP A 73 31.63 17.06 -22.14
C ASP A 73 31.08 15.97 -21.24
N ALA A 74 29.87 15.51 -21.54
CA ALA A 74 29.23 14.48 -20.72
C ALA A 74 28.71 13.30 -21.53
N LEU A 75 28.78 12.12 -20.92
CA LEU A 75 28.35 10.89 -21.56
C LEU A 75 27.14 10.24 -20.87
N TYR A 76 25.98 10.26 -21.53
CA TYR A 76 24.80 9.61 -20.99
C TYR A 76 25.19 8.14 -21.03
N VAL A 77 25.02 7.41 -19.93
CA VAL A 77 25.43 6.02 -19.91
C VAL A 77 24.31 4.98 -19.68
N PRO A 78 23.57 4.61 -20.73
CA PRO A 78 22.48 3.62 -20.65
C PRO A 78 23.04 2.20 -20.67
N LEU A 79 24.10 1.97 -19.91
CA LEU A 79 24.72 0.66 -19.90
C LEU A 79 24.25 -0.26 -18.79
N PRO A 80 24.27 -1.59 -19.02
CA PRO A 80 23.83 -2.53 -18.00
C PRO A 80 24.53 -2.18 -16.70
N THR A 81 23.87 -2.46 -15.59
CA THR A 81 24.40 -2.13 -14.27
C THR A 81 25.85 -2.52 -14.06
N SER A 82 26.16 -3.81 -14.22
CA SER A 82 27.51 -4.34 -14.01
C SER A 82 28.66 -3.57 -14.69
N LEU A 83 28.38 -2.88 -15.79
CA LEU A 83 29.42 -2.13 -16.49
C LEU A 83 29.64 -0.72 -15.96
N HIS A 84 28.93 -0.32 -14.92
CA HIS A 84 29.09 1.03 -14.42
C HIS A 84 30.45 1.31 -13.80
N VAL A 85 30.95 0.39 -12.97
CA VAL A 85 32.24 0.64 -12.35
C VAL A 85 33.28 1.04 -13.40
N GLU A 86 33.50 0.18 -14.40
CA GLU A 86 34.48 0.44 -15.45
C GLU A 86 34.30 1.77 -16.18
N TRP A 87 33.32 1.81 -17.07
CA TRP A 87 33.04 2.98 -17.88
C TRP A 87 32.78 4.28 -17.14
N ALA A 88 32.35 4.18 -15.89
CA ALA A 88 32.10 5.37 -15.10
C ALA A 88 33.45 5.93 -14.61
N ILE A 89 34.29 5.09 -14.02
CA ILE A 89 35.60 5.57 -13.57
C ILE A 89 36.36 6.09 -14.80
N LYS A 90 36.25 5.35 -15.90
CA LYS A 90 36.91 5.71 -17.17
C LYS A 90 36.33 6.96 -17.81
N ALA A 91 35.11 7.33 -17.46
CA ALA A 91 34.54 8.52 -18.04
C ALA A 91 35.09 9.72 -17.24
N ALA A 92 35.14 9.55 -15.93
CA ALA A 92 35.62 10.60 -15.04
C ALA A 92 37.14 10.79 -15.18
N GLU A 93 37.87 9.67 -15.20
CA GLU A 93 39.31 9.71 -15.33
C GLU A 93 39.70 10.18 -16.73
N LYS A 94 38.68 10.62 -17.48
CA LYS A 94 38.84 11.15 -18.82
C LYS A 94 38.21 12.55 -18.80
N GLY A 95 37.81 12.97 -17.61
CA GLY A 95 37.21 14.28 -17.41
C GLY A 95 35.84 14.47 -18.04
N LYS A 96 35.01 13.43 -18.02
CA LYS A 96 33.69 13.56 -18.60
C LYS A 96 32.62 13.51 -17.51
N HIS A 97 31.65 14.41 -17.61
CA HIS A 97 30.54 14.48 -16.66
C HIS A 97 29.66 13.25 -16.89
N ILE A 98 29.43 12.47 -15.83
CA ILE A 98 28.64 11.26 -15.93
C ILE A 98 27.17 11.35 -15.53
N LEU A 99 26.32 10.89 -16.44
CA LEU A 99 24.87 10.82 -16.24
C LEU A 99 24.71 9.29 -16.26
N LEU A 100 24.72 8.69 -15.07
CA LEU A 100 24.63 7.24 -14.92
C LEU A 100 23.21 6.72 -14.68
N GLU A 101 22.79 5.75 -15.51
CA GLU A 101 21.45 5.17 -15.36
C GLU A 101 21.37 4.40 -14.04
N LYS A 102 20.16 4.14 -13.57
CA LYS A 102 20.02 3.43 -12.32
C LYS A 102 19.59 1.97 -12.55
N PRO A 103 19.95 1.07 -11.63
CA PRO A 103 20.72 1.39 -10.42
C PRO A 103 22.12 1.84 -10.84
N VAL A 104 22.70 2.77 -10.08
CA VAL A 104 24.02 3.31 -10.41
C VAL A 104 25.23 2.44 -10.05
N ALA A 105 24.99 1.16 -9.79
CA ALA A 105 26.06 0.23 -9.45
C ALA A 105 25.45 -1.01 -8.82
N MSE A 106 26.19 -2.11 -8.89
CA MSE A 106 25.72 -3.38 -8.34
C MSE A 106 25.84 -3.42 -6.81
O MSE A 106 25.38 -4.37 -6.17
CB MSE A 106 26.54 -4.54 -8.95
CG MSE A 106 26.46 -4.68 -10.47
SE MSE A 106 24.84 -5.53 -11.18
CE MSE A 106 24.38 -6.56 -9.61
N ASN A 107 26.45 -2.39 -6.21
CA ASN A 107 26.59 -2.31 -4.76
C ASN A 107 27.12 -0.96 -4.30
N VAL A 108 27.57 -0.90 -3.05
CA VAL A 108 28.11 0.33 -2.47
C VAL A 108 29.62 0.41 -2.65
N THR A 109 30.19 -0.56 -3.37
CA THR A 109 31.62 -0.54 -3.65
C THR A 109 31.80 0.18 -4.97
N GLU A 110 30.96 -0.19 -5.94
CA GLU A 110 30.99 0.38 -7.28
C GLU A 110 30.64 1.88 -7.26
N PHE A 111 29.55 2.26 -6.62
CA PHE A 111 29.21 3.68 -6.58
C PHE A 111 30.24 4.40 -5.71
N ASP A 112 30.71 3.71 -4.67
CA ASP A 112 31.72 4.27 -3.78
C ASP A 112 32.97 4.57 -4.60
N LYS A 113 33.37 3.62 -5.43
CA LYS A 113 34.56 3.79 -6.26
C LYS A 113 34.33 4.68 -7.49
N ILE A 114 33.12 4.69 -8.03
CA ILE A 114 32.83 5.51 -9.20
C ILE A 114 32.99 6.97 -8.82
N VAL A 115 31.96 7.52 -8.19
CA VAL A 115 31.92 8.90 -7.77
C VAL A 115 33.21 9.34 -7.07
N ASP A 116 34.01 8.38 -6.63
CA ASP A 116 35.26 8.72 -5.98
C ASP A 116 36.11 9.42 -7.04
N ALA A 117 36.08 8.86 -8.25
CA ALA A 117 36.82 9.40 -9.38
C ALA A 117 36.15 10.65 -9.95
N CYS A 118 34.87 10.85 -9.63
CA CYS A 118 34.14 12.02 -10.11
C CYS A 118 34.63 13.27 -9.36
N GLU A 119 34.93 13.08 -8.09
CA GLU A 119 35.43 14.14 -7.24
C GLU A 119 36.89 14.41 -7.62
N ALA A 120 37.61 13.34 -7.95
CA ALA A 120 39.00 13.44 -8.34
C ALA A 120 39.15 13.68 -9.84
N ASN A 121 38.28 14.52 -10.39
CA ASN A 121 38.30 14.82 -11.82
C ASN A 121 37.38 15.97 -12.19
N GLY A 122 36.65 16.48 -11.19
CA GLY A 122 35.73 17.58 -11.42
C GLY A 122 34.47 17.38 -12.26
N VAL A 123 33.75 16.27 -12.06
CA VAL A 123 32.51 16.05 -12.81
C VAL A 123 31.42 15.28 -12.07
N GLN A 124 30.29 15.94 -11.83
CA GLN A 124 29.16 15.33 -11.13
C GLN A 124 28.68 14.06 -11.82
N ILE A 125 27.68 13.42 -11.24
CA ILE A 125 27.14 12.19 -11.81
C ILE A 125 25.65 12.02 -11.47
N MSE A 126 24.80 12.68 -12.25
CA MSE A 126 23.36 12.62 -12.08
C MSE A 126 22.80 11.28 -12.56
O MSE A 126 22.91 10.96 -13.75
CB MSE A 126 22.71 13.79 -12.84
CG MSE A 126 21.21 13.95 -12.59
SE MSE A 126 20.55 15.74 -13.00
CE MSE A 126 19.54 15.40 -14.57
N ASP A 127 22.23 10.50 -11.64
CA ASP A 127 21.68 9.21 -12.00
C ASP A 127 20.50 9.38 -12.92
N GLY A 128 20.10 8.29 -13.57
CA GLY A 128 19.00 8.33 -14.50
C GLY A 128 17.58 8.36 -13.93
N THR A 129 17.42 8.30 -12.61
CA THR A 129 16.08 8.35 -12.01
C THR A 129 15.38 9.58 -12.57
N MSE A 130 14.56 9.37 -13.60
CA MSE A 130 13.86 10.46 -14.27
C MSE A 130 12.92 11.34 -13.45
O MSE A 130 13.18 12.53 -13.33
CB MSE A 130 13.08 9.92 -15.47
CG MSE A 130 13.92 9.08 -16.40
SE MSE A 130 12.98 8.56 -17.99
CE MSE A 130 14.46 8.47 -19.22
N TRP A 131 11.86 10.74 -12.92
CA TRP A 131 10.79 11.44 -12.19
C TRP A 131 11.12 12.41 -11.07
N VAL A 132 12.19 12.18 -10.35
CA VAL A 132 12.53 13.09 -9.27
C VAL A 132 12.78 14.49 -9.79
N HIS A 133 13.01 14.61 -11.10
CA HIS A 133 13.22 15.95 -11.68
C HIS A 133 11.89 16.58 -12.02
N ASN A 134 10.93 15.75 -12.43
CA ASN A 134 9.57 16.19 -12.76
C ASN A 134 9.08 17.20 -11.70
N PRO A 135 8.46 18.31 -12.14
CA PRO A 135 7.95 19.34 -11.21
C PRO A 135 6.93 18.87 -10.16
N ARG A 136 5.88 18.16 -10.59
CA ARG A 136 4.87 17.67 -9.66
C ARG A 136 5.54 17.24 -8.36
N THR A 137 6.76 16.71 -8.48
CA THR A 137 7.47 16.23 -7.31
C THR A 137 7.80 17.36 -6.35
N ALA A 138 7.98 18.56 -6.88
CA ALA A 138 8.26 19.74 -6.07
C ALA A 138 6.96 20.11 -5.36
N LEU A 139 5.83 19.83 -6.00
CA LEU A 139 4.52 20.10 -5.44
C LEU A 139 4.24 19.04 -4.38
N LEU A 140 4.72 17.82 -4.62
CA LEU A 140 4.58 16.73 -3.67
C LEU A 140 5.49 17.16 -2.53
N LYS A 141 6.42 18.04 -2.87
CA LYS A 141 7.35 18.60 -1.91
C LYS A 141 6.67 19.85 -1.36
N GLU A 142 5.61 20.27 -2.03
CA GLU A 142 4.86 21.45 -1.61
C GLU A 142 3.73 21.06 -0.67
N PHE A 143 3.09 19.93 -0.96
CA PHE A 143 2.00 19.43 -0.12
C PHE A 143 2.57 18.75 1.13
N LEU A 144 3.53 17.87 0.93
CA LEU A 144 4.16 17.15 2.04
C LEU A 144 4.88 18.10 2.99
N SER A 145 4.98 19.37 2.62
CA SER A 145 5.64 20.36 3.47
C SER A 145 4.63 21.21 4.26
N ASP A 146 3.35 21.10 3.89
CA ASP A 146 2.30 21.85 4.56
C ASP A 146 2.09 21.34 5.99
N SER A 147 2.77 21.96 6.95
CA SER A 147 2.68 21.56 8.34
C SER A 147 1.24 21.61 8.84
N GLU A 148 0.35 22.19 8.03
CA GLU A 148 -1.04 22.31 8.38
C GLU A 148 -1.94 21.55 7.39
N ARG A 149 -1.35 21.09 6.29
CA ARG A 149 -2.12 20.33 5.31
C ARG A 149 -1.71 18.86 5.33
N PHE A 150 -0.45 18.60 5.69
CA PHE A 150 0.03 17.22 5.73
C PHE A 150 0.39 16.82 7.16
N GLY A 151 1.02 17.74 7.89
CA GLY A 151 1.38 17.46 9.27
C GLY A 151 2.70 16.75 9.48
N GLN A 152 2.70 15.79 10.40
CA GLN A 152 3.91 15.02 10.72
C GLN A 152 3.87 13.64 10.07
N LEU A 153 4.84 13.38 9.19
CA LEU A 153 4.92 12.10 8.47
C LEU A 153 4.91 10.90 9.41
N LYS A 154 4.08 9.92 9.11
CA LYS A 154 4.02 8.73 9.95
C LYS A 154 4.47 7.52 9.12
N THR A 155 4.06 7.48 7.86
CA THR A 155 4.43 6.38 7.00
C THR A 155 4.26 6.73 5.53
N VAL A 156 5.03 6.05 4.69
CA VAL A 156 4.95 6.28 3.25
C VAL A 156 5.03 4.93 2.57
N GLN A 157 4.04 4.66 1.72
CA GLN A 157 3.96 3.41 0.97
C GLN A 157 4.19 3.68 -0.51
N SER A 158 5.00 2.84 -1.16
CA SER A 158 5.27 3.02 -2.57
C SER A 158 5.71 1.74 -3.29
N CYS A 159 5.46 1.68 -4.60
CA CYS A 159 5.84 0.52 -5.39
C CYS A 159 5.74 0.69 -6.89
N PHE A 160 6.45 -0.19 -7.58
CA PHE A 160 6.40 -0.25 -9.02
C PHE A 160 6.34 -1.74 -9.39
N SER A 161 5.24 -2.14 -10.03
CA SER A 161 5.06 -3.52 -10.43
C SER A 161 4.70 -3.62 -11.90
N PHE A 162 5.35 -4.54 -12.60
CA PHE A 162 5.03 -4.76 -14.00
C PHE A 162 5.33 -6.23 -14.23
N ALA A 163 4.57 -6.85 -15.12
CA ALA A 163 4.71 -8.27 -15.38
C ALA A 163 5.37 -8.56 -16.71
N GLY A 164 6.65 -8.93 -16.69
CA GLY A 164 7.33 -9.25 -17.93
C GLY A 164 6.70 -10.42 -18.67
N ASP A 165 7.03 -10.55 -19.95
CA ASP A 165 6.49 -11.65 -20.75
C ASP A 165 7.56 -12.74 -20.90
N GLU A 166 7.17 -13.88 -21.45
CA GLU A 166 8.10 -14.99 -21.64
C GLU A 166 9.46 -14.53 -22.16
N ASP A 167 9.43 -13.69 -23.18
CA ASP A 167 10.66 -13.16 -23.76
C ASP A 167 11.48 -12.36 -22.73
N PHE A 168 10.77 -11.64 -21.86
CA PHE A 168 11.39 -10.86 -20.81
C PHE A 168 12.06 -11.74 -19.74
N LEU A 169 11.27 -12.60 -19.11
CA LEU A 169 11.78 -13.46 -18.06
C LEU A 169 12.88 -14.37 -18.55
N LYS A 170 13.06 -14.38 -19.87
CA LYS A 170 14.09 -15.21 -20.44
C LYS A 170 15.29 -14.39 -20.95
N ASN A 171 15.05 -13.44 -21.84
CA ASN A 171 16.15 -12.67 -22.42
C ASN A 171 16.39 -11.22 -21.99
N ASP A 172 16.02 -10.86 -20.76
CA ASP A 172 16.25 -9.49 -20.32
C ASP A 172 17.49 -9.32 -19.44
N ILE A 173 18.26 -8.27 -19.68
CA ILE A 173 19.47 -8.03 -18.91
C ILE A 173 19.14 -7.83 -17.43
N ARG A 174 17.85 -7.59 -17.15
CA ARG A 174 17.37 -7.38 -15.80
C ARG A 174 17.03 -8.68 -15.05
N VAL A 175 17.27 -9.82 -15.71
CA VAL A 175 17.04 -11.13 -15.10
C VAL A 175 18.36 -11.91 -15.18
N LYS A 176 19.43 -11.21 -15.54
CA LYS A 176 20.77 -11.79 -15.67
C LYS A 176 21.71 -11.30 -14.56
N PRO A 177 22.26 -12.23 -13.76
CA PRO A 177 23.16 -11.84 -12.67
C PRO A 177 24.41 -11.08 -13.10
N GLY A 178 24.89 -11.36 -14.31
CA GLY A 178 26.08 -10.70 -14.81
C GLY A 178 25.88 -9.32 -15.41
N LEU A 179 24.64 -8.98 -15.79
CA LEU A 179 24.35 -7.68 -16.40
C LEU A 179 23.66 -6.77 -15.40
N ASP A 180 22.33 -6.65 -15.48
CA ASP A 180 21.60 -5.82 -14.53
C ASP A 180 21.15 -6.75 -13.42
N GLY A 181 22.15 -7.32 -12.73
CA GLY A 181 21.92 -8.27 -11.67
C GLY A 181 21.08 -7.93 -10.45
N LEU A 182 20.69 -6.67 -10.25
CA LEU A 182 19.86 -6.34 -9.09
C LEU A 182 18.39 -6.66 -9.31
N GLY A 183 18.09 -7.12 -10.53
CA GLY A 183 16.72 -7.49 -10.89
C GLY A 183 15.58 -6.54 -10.53
N ALA A 184 14.54 -7.09 -9.92
CA ALA A 184 13.39 -6.29 -9.55
C ALA A 184 13.75 -5.24 -8.53
N LEU A 185 14.98 -5.33 -8.01
CA LEU A 185 15.44 -4.37 -7.03
C LEU A 185 16.15 -3.25 -7.76
N GLY A 186 17.07 -3.61 -8.65
CA GLY A 186 17.78 -2.62 -9.43
C GLY A 186 16.81 -1.65 -10.09
N ASP A 187 16.00 -2.14 -11.03
CA ASP A 187 15.03 -1.26 -11.70
C ASP A 187 13.84 -0.97 -10.80
N ALA A 188 12.75 -1.72 -10.98
CA ALA A 188 11.54 -1.50 -10.20
C ALA A 188 11.72 -1.73 -8.70
N GLY A 189 12.53 -0.89 -8.07
CA GLY A 189 12.75 -1.03 -6.65
C GLY A 189 13.65 0.10 -6.19
N TRP A 190 13.95 0.98 -7.14
CA TRP A 190 14.81 2.12 -6.94
C TRP A 190 13.95 3.38 -7.02
N TYR A 191 12.70 3.21 -7.41
CA TYR A 191 11.79 4.33 -7.53
C TYR A 191 10.96 4.42 -6.26
N ALA A 192 10.69 3.26 -5.68
CA ALA A 192 9.93 3.17 -4.45
C ALA A 192 10.86 3.66 -3.35
N ILE A 193 12.08 3.13 -3.35
CA ILE A 193 13.07 3.54 -2.36
C ILE A 193 13.32 5.03 -2.49
N ARG A 194 13.45 5.51 -3.72
CA ARG A 194 13.69 6.92 -3.97
C ARG A 194 12.59 7.77 -3.33
N ALA A 195 11.35 7.55 -3.74
CA ALA A 195 10.22 8.32 -3.21
C ALA A 195 10.15 8.22 -1.70
N THR A 196 10.45 7.05 -1.17
CA THR A 196 10.44 6.81 0.26
C THR A 196 11.48 7.69 0.95
N LEU A 197 12.43 8.20 0.17
CA LEU A 197 13.47 9.06 0.71
C LEU A 197 13.07 10.51 0.52
N LEU A 198 12.29 10.77 -0.53
CA LEU A 198 11.81 12.12 -0.82
C LEU A 198 10.69 12.53 0.15
N ALA A 199 9.86 11.58 0.54
CA ALA A 199 8.77 11.86 1.48
C ALA A 199 9.38 12.27 2.82
N ASN A 200 10.44 11.58 3.21
CA ASN A 200 11.14 11.84 4.47
C ASN A 200 12.15 12.97 4.32
N ASN A 201 11.99 13.78 3.29
CA ASN A 201 12.89 14.90 3.02
C ASN A 201 14.35 14.50 2.87
N PHE A 202 14.65 13.77 1.80
CA PHE A 202 16.01 13.32 1.48
C PHE A 202 16.78 12.72 2.64
N GLU A 203 16.08 12.44 3.74
CA GLU A 203 16.70 11.88 4.93
C GLU A 203 16.76 10.37 4.95
N LEU A 204 17.96 9.82 5.00
CA LEU A 204 18.13 8.37 5.04
C LEU A 204 17.45 7.81 6.28
N PRO A 205 16.72 6.69 6.13
CA PRO A 205 16.04 6.10 7.28
C PRO A 205 17.10 5.51 8.22
N LYS A 206 16.70 5.15 9.43
CA LYS A 206 17.64 4.57 10.39
C LYS A 206 18.01 3.16 9.95
N THR A 207 17.02 2.27 10.05
CA THR A 207 17.24 0.89 9.66
C THR A 207 16.36 0.54 8.47
N VAL A 208 16.50 -0.69 7.99
CA VAL A 208 15.75 -1.18 6.84
C VAL A 208 15.64 -2.69 6.96
N THR A 209 14.41 -3.18 7.04
CA THR A 209 14.19 -4.62 7.15
C THR A 209 13.53 -5.09 5.87
N ALA A 210 13.61 -6.40 5.59
CA ALA A 210 12.99 -6.97 4.40
C ALA A 210 11.84 -7.88 4.79
N PHE A 211 10.73 -7.79 4.06
CA PHE A 211 9.59 -8.65 4.37
C PHE A 211 9.84 -9.98 3.70
N PRO A 212 9.49 -11.08 4.38
CA PRO A 212 9.69 -12.39 3.76
C PRO A 212 8.92 -12.42 2.44
N GLY A 213 9.12 -13.49 1.65
CA GLY A 213 8.45 -13.60 0.38
C GLY A 213 9.13 -12.77 -0.69
N ALA A 214 10.21 -13.31 -1.23
CA ALA A 214 11.00 -12.70 -2.29
C ALA A 214 11.17 -13.77 -3.36
N VAL A 215 10.67 -13.53 -4.57
CA VAL A 215 10.79 -14.49 -5.65
C VAL A 215 12.14 -14.39 -6.38
N LEU A 216 12.89 -15.47 -6.32
CA LEU A 216 14.19 -15.55 -6.97
C LEU A 216 14.02 -16.40 -8.23
N ASN A 217 14.83 -16.13 -9.25
CA ASN A 217 14.73 -16.91 -10.48
C ASN A 217 15.86 -17.95 -10.47
N GLU A 218 15.89 -18.84 -11.45
CA GLU A 218 16.92 -19.88 -11.50
C GLU A 218 18.37 -19.43 -11.54
N ALA A 219 18.61 -18.17 -11.86
CA ALA A 219 19.98 -17.63 -11.88
C ALA A 219 20.20 -16.79 -10.63
N GLY A 220 19.23 -16.87 -9.70
CA GLY A 220 19.33 -16.14 -8.45
C GLY A 220 18.92 -14.67 -8.45
N VAL A 221 18.32 -14.20 -9.54
CA VAL A 221 17.90 -12.81 -9.62
C VAL A 221 16.50 -12.61 -9.03
N ILE A 222 16.37 -11.54 -8.25
CA ILE A 222 15.12 -11.19 -7.61
C ILE A 222 14.02 -10.86 -8.61
N LEU A 223 12.82 -11.39 -8.34
CA LEU A 223 11.67 -11.16 -9.21
C LEU A 223 10.55 -10.46 -8.42
N SER A 224 10.74 -10.33 -7.11
CA SER A 224 9.80 -9.64 -6.26
C SER A 224 10.27 -9.66 -4.81
N CYS A 225 10.24 -8.49 -4.16
CA CYS A 225 10.67 -8.38 -2.76
C CYS A 225 9.84 -7.36 -1.98
N GLY A 226 9.74 -7.55 -0.67
CA GLY A 226 8.99 -6.65 0.17
C GLY A 226 9.86 -6.22 1.35
N ALA A 227 9.56 -5.07 1.96
CA ALA A 227 10.36 -4.59 3.07
C ALA A 227 9.90 -3.27 3.63
N SER A 228 10.24 -3.02 4.90
CA SER A 228 9.89 -1.77 5.55
C SER A 228 11.15 -1.10 6.08
N LEU A 229 11.03 0.16 6.44
CA LEU A 229 12.17 0.89 6.98
C LEU A 229 11.71 1.42 8.33
N SER A 230 12.54 2.20 9.00
CA SER A 230 12.17 2.75 10.29
C SER A 230 13.12 3.83 10.75
N TRP A 231 12.59 5.03 10.88
CA TRP A 231 13.35 6.19 11.33
C TRP A 231 13.35 6.26 12.86
N GLU A 232 12.85 5.20 13.49
CA GLU A 232 12.77 5.10 14.95
C GLU A 232 12.11 6.32 15.59
N ASP A 233 10.78 6.35 15.54
CA ASP A 233 10.00 7.45 16.10
C ASP A 233 8.52 7.40 15.67
N GLY A 234 8.09 6.26 15.16
CA GLY A 234 6.71 6.12 14.72
C GLY A 234 6.58 6.21 13.21
N ARG A 235 7.70 6.56 12.54
CA ARG A 235 7.74 6.66 11.09
C ARG A 235 8.26 5.38 10.46
N THR A 236 7.52 4.88 9.46
CA THR A 236 7.89 3.67 8.76
C THR A 236 7.50 3.79 7.30
N ALA A 237 8.05 2.92 6.47
CA ALA A 237 7.73 2.92 5.06
C ALA A 237 7.79 1.49 4.57
N THR A 238 7.13 1.22 3.46
CA THR A 238 7.14 -0.13 2.90
C THR A 238 7.51 -0.03 1.43
N ILE A 239 8.11 -1.09 0.92
CA ILE A 239 8.49 -1.13 -0.48
C ILE A 239 8.50 -2.55 -0.98
N TYR A 240 7.68 -2.75 -2.01
CA TYR A 240 7.53 -4.02 -2.68
C TYR A 240 8.22 -3.83 -4.03
N CYS A 241 8.58 -4.92 -4.69
CA CYS A 241 9.26 -4.85 -5.96
C CYS A 241 8.91 -6.12 -6.73
N SER A 242 9.04 -6.11 -8.07
CA SER A 242 8.66 -7.29 -8.86
C SER A 242 8.60 -7.14 -10.37
N PHE A 243 8.90 -8.22 -11.08
CA PHE A 243 8.83 -8.26 -12.55
C PHE A 243 7.68 -9.23 -12.90
N LEU A 244 6.93 -9.65 -11.89
CA LEU A 244 5.87 -10.62 -12.09
C LEU A 244 4.44 -10.13 -11.90
N ALA A 245 4.22 -8.83 -11.71
CA ALA A 245 2.87 -8.34 -11.52
C ALA A 245 2.50 -7.07 -12.28
N ASN A 246 1.32 -7.09 -12.89
CA ASN A 246 0.76 -6.02 -13.69
C ASN A 246 1.15 -4.59 -13.30
N LEU A 247 1.40 -3.77 -14.32
CA LEU A 247 1.79 -2.37 -14.16
C LEU A 247 1.04 -1.69 -13.02
N THR A 248 1.79 -1.10 -12.10
CA THR A 248 1.24 -0.42 -10.94
C THR A 248 2.40 0.36 -10.31
N MSE A 249 2.22 1.66 -10.14
CA MSE A 249 3.23 2.54 -9.54
C MSE A 249 2.51 3.48 -8.58
O MSE A 249 1.99 4.52 -8.99
CB MSE A 249 3.98 3.32 -10.63
CG MSE A 249 3.12 3.83 -11.76
SE MSE A 249 4.13 4.69 -13.15
CE MSE A 249 4.96 3.16 -13.98
N GLU A 250 2.48 3.10 -7.30
CA GLU A 250 1.78 3.89 -6.28
C GLU A 250 2.62 4.81 -5.44
N ILE A 251 2.04 5.98 -5.17
CA ILE A 251 2.63 7.00 -4.32
C ILE A 251 1.48 7.45 -3.43
N THR A 252 1.58 7.09 -2.15
CA THR A 252 0.59 7.42 -1.13
C THR A 252 1.28 7.57 0.23
N ALA A 253 1.35 8.78 0.74
CA ALA A 253 2.01 9.01 2.04
C ALA A 253 1.00 9.23 3.16
N ILE A 254 1.41 8.98 4.40
CA ILE A 254 0.53 9.17 5.55
C ILE A 254 1.20 10.00 6.65
N GLY A 255 0.77 11.25 6.78
CA GLY A 255 1.34 12.11 7.80
C GLY A 255 0.36 12.30 8.93
N THR A 256 0.55 13.38 9.70
CA THR A 256 -0.31 13.70 10.83
C THR A 256 -1.62 14.39 10.42
N LYS A 257 -1.58 15.22 9.39
CA LYS A 257 -2.77 15.92 8.95
C LYS A 257 -3.07 15.73 7.47
N GLY A 258 -2.17 15.02 6.78
CA GLY A 258 -2.38 14.81 5.36
C GLY A 258 -2.09 13.43 4.79
N THR A 259 -2.53 13.25 3.55
CA THR A 259 -2.37 12.02 2.81
C THR A 259 -2.20 12.44 1.34
N LEU A 260 -1.17 11.92 0.69
CA LEU A 260 -0.92 12.25 -0.71
C LEU A 260 -1.00 11.01 -1.61
N ARG A 261 -1.64 11.16 -2.77
CA ARG A 261 -1.76 10.05 -3.71
C ARG A 261 -1.51 10.36 -5.18
N VAL A 262 -0.59 9.61 -5.78
CA VAL A 262 -0.25 9.72 -7.19
C VAL A 262 -0.34 8.28 -7.68
N HIS A 263 -0.94 8.07 -8.83
CA HIS A 263 -1.07 6.70 -9.34
C HIS A 263 -0.09 6.35 -10.43
N ASP A 264 0.71 7.34 -10.81
CA ASP A 264 1.78 7.16 -11.78
C ASP A 264 2.98 7.52 -10.91
N PHE A 265 3.69 8.59 -11.26
CA PHE A 265 4.84 9.07 -10.47
C PHE A 265 6.19 8.74 -11.07
N ILE A 266 6.32 7.58 -11.70
CA ILE A 266 7.56 7.20 -12.36
C ILE A 266 7.28 7.65 -13.80
N ILE A 267 6.15 7.16 -14.31
CA ILE A 267 5.66 7.46 -15.63
C ILE A 267 4.22 7.95 -15.55
N PRO A 268 3.96 9.22 -15.94
CA PRO A 268 2.59 9.75 -15.89
C PRO A 268 1.78 9.24 -17.07
N TYR A 269 0.46 9.19 -16.90
CA TYR A 269 -0.41 8.72 -17.96
C TYR A 269 -0.11 9.46 -19.25
N LYS A 270 0.04 10.79 -19.14
CA LYS A 270 0.35 11.65 -20.29
C LYS A 270 1.66 12.37 -20.02
N GLU A 271 2.37 12.78 -21.07
CA GLU A 271 3.65 13.46 -20.89
C GLU A 271 3.48 14.97 -20.80
N THR A 272 2.24 15.44 -20.88
CA THR A 272 1.97 16.87 -20.86
C THR A 272 1.34 17.37 -19.55
N GLU A 273 1.07 16.46 -18.62
CA GLU A 273 0.49 16.86 -17.34
C GLU A 273 0.70 15.79 -16.25
N ALA A 274 0.66 16.22 -14.99
CA ALA A 274 0.85 15.34 -13.86
C ALA A 274 -0.17 15.62 -12.74
N SER A 275 -0.78 14.56 -12.22
CA SER A 275 -1.78 14.70 -11.17
C SER A 275 -1.46 14.00 -9.85
N PHE A 276 -2.28 14.25 -8.85
CA PHE A 276 -2.14 13.64 -7.53
C PHE A 276 -3.33 14.00 -6.66
N THR A 277 -3.47 13.30 -5.53
CA THR A 277 -4.59 13.52 -4.62
C THR A 277 -4.10 13.77 -3.20
N THR A 278 -4.77 14.66 -2.48
CA THR A 278 -4.38 14.99 -1.11
C THR A 278 -5.56 15.09 -0.16
N SER A 279 -5.27 15.00 1.14
CA SER A 279 -6.32 15.07 2.15
C SER A 279 -5.82 15.62 3.48
N THR A 280 -6.64 16.46 4.09
CA THR A 280 -6.32 17.07 5.37
C THR A 280 -7.59 17.14 6.21
N LYS A 281 -7.46 16.98 7.52
CA LYS A 281 -8.60 17.04 8.43
C LYS A 281 -9.80 16.37 7.79
N ALA A 282 -9.64 15.13 7.32
CA ALA A 282 -10.75 14.45 6.69
C ALA A 282 -11.49 13.61 7.71
N TRP A 283 -12.81 13.49 7.54
CA TRP A 283 -13.62 12.72 8.46
C TRP A 283 -14.91 12.21 7.82
N PHE A 284 -15.88 11.85 8.64
CA PHE A 284 -17.16 11.31 8.19
C PHE A 284 -18.30 12.22 8.64
N ASN A 285 -19.53 11.83 8.35
CA ASN A 285 -20.68 12.60 8.80
C ASN A 285 -20.94 12.13 10.21
N ASP A 286 -21.94 12.69 10.87
CA ASP A 286 -22.24 12.33 12.25
C ASP A 286 -22.47 10.84 12.50
N LEU A 287 -23.17 10.18 11.59
CA LEU A 287 -23.44 8.76 11.78
C LEU A 287 -22.51 7.85 10.96
N VAL A 288 -21.30 8.33 10.72
CA VAL A 288 -20.31 7.58 9.94
C VAL A 288 -21.05 6.88 8.80
N THR A 289 -21.88 7.65 8.14
CA THR A 289 -22.69 7.19 7.03
C THR A 289 -22.13 7.79 5.74
N ALA A 290 -21.09 8.62 5.88
CA ALA A 290 -20.45 9.26 4.75
C ALA A 290 -19.23 10.05 5.20
N TRP A 291 -18.37 10.41 4.25
CA TRP A 291 -17.17 11.20 4.53
C TRP A 291 -17.53 12.66 4.32
N VAL A 292 -17.05 13.52 5.22
CA VAL A 292 -17.35 14.93 5.10
C VAL A 292 -16.55 15.58 3.99
N SER A 293 -15.29 15.92 4.25
CA SER A 293 -14.46 16.54 3.20
C SER A 293 -13.44 15.54 2.66
N PRO A 294 -13.82 14.84 1.57
CA PRO A 294 -12.98 13.83 0.91
C PRO A 294 -11.76 14.44 0.20
N PRO A 295 -10.75 13.61 -0.10
CA PRO A 295 -9.52 14.03 -0.77
C PRO A 295 -9.71 14.74 -2.13
N SER A 296 -8.82 15.68 -2.40
CA SER A 296 -8.87 16.47 -3.63
C SER A 296 -7.91 16.01 -4.72
N GLU A 297 -8.28 16.29 -5.96
CA GLU A 297 -7.50 15.92 -7.14
C GLU A 297 -6.78 17.15 -7.74
N HIS A 298 -5.46 17.12 -7.78
CA HIS A 298 -4.67 18.23 -8.33
C HIS A 298 -3.94 17.85 -9.63
N THR A 299 -3.90 18.78 -10.58
CA THR A 299 -3.22 18.54 -11.84
C THR A 299 -2.26 19.67 -12.18
N VAL A 300 -1.21 19.35 -12.93
CA VAL A 300 -0.23 20.35 -13.34
C VAL A 300 0.26 20.03 -14.76
N LYS A 301 0.22 21.03 -15.62
CA LYS A 301 0.67 20.86 -16.99
C LYS A 301 2.19 20.87 -17.08
N THR A 302 2.72 20.05 -17.98
CA THR A 302 4.16 19.95 -18.20
C THR A 302 4.41 20.05 -19.71
N GLU A 303 4.79 21.24 -20.16
CA GLU A 303 5.05 21.46 -21.58
C GLU A 303 6.37 20.83 -22.02
N LEU A 304 7.22 20.51 -21.05
CA LEU A 304 8.52 19.89 -21.29
C LEU A 304 8.57 18.58 -20.51
N PRO A 305 8.60 17.43 -21.21
CA PRO A 305 8.64 16.12 -20.53
C PRO A 305 9.69 16.06 -19.43
N GLN A 306 9.47 15.22 -18.43
CA GLN A 306 10.40 15.09 -17.32
C GLN A 306 11.80 14.63 -17.73
N GLU A 307 11.88 13.74 -18.73
CA GLU A 307 13.16 13.26 -19.20
C GLU A 307 13.92 14.40 -19.84
N ALA A 308 13.18 15.43 -20.23
CA ALA A 308 13.77 16.61 -20.85
C ALA A 308 14.26 17.53 -19.72
N CYS A 309 13.49 17.60 -18.64
CA CYS A 309 13.84 18.42 -17.48
C CYS A 309 15.07 17.81 -16.83
N MSE A 310 15.29 16.53 -17.07
CA MSE A 310 16.43 15.87 -16.49
C MSE A 310 17.69 16.38 -17.15
O MSE A 310 18.48 17.10 -16.52
CB MSE A 310 16.34 14.35 -16.66
CG MSE A 310 17.35 13.59 -15.84
SE MSE A 310 17.04 11.69 -15.90
CE MSE A 310 18.75 11.09 -16.57
N VAL A 311 17.87 16.03 -18.41
CA VAL A 311 19.05 16.47 -19.17
C VAL A 311 19.28 17.94 -18.87
N ARG A 312 18.25 18.76 -19.07
CA ARG A 312 18.33 20.19 -18.82
C ARG A 312 19.07 20.48 -17.52
N GLU A 313 18.54 20.01 -16.40
CA GLU A 313 19.17 20.25 -15.11
C GLU A 313 20.64 19.83 -15.10
N PHE A 314 20.92 18.54 -15.25
CA PHE A 314 22.30 18.04 -15.28
C PHE A 314 23.11 18.93 -16.20
N ALA A 315 22.49 19.37 -17.30
CA ALA A 315 23.16 20.25 -18.26
C ALA A 315 23.42 21.62 -17.64
N ARG A 316 23.70 21.64 -16.34
CA ARG A 316 23.99 22.85 -15.59
C ARG A 316 25.03 23.70 -16.34
N LEU A 317 25.71 23.06 -17.30
CA LEU A 317 26.74 23.71 -18.11
C LEU A 317 28.03 23.91 -17.31
N VAL A 318 28.51 25.15 -17.28
CA VAL A 318 29.72 25.53 -16.58
C VAL A 318 30.89 24.58 -16.86
N TYR A 331 24.52 16.58 -3.85
CA TYR A 331 23.14 16.13 -3.69
C TYR A 331 22.83 14.92 -4.55
N TRP A 332 22.85 15.12 -5.86
CA TRP A 332 22.54 14.03 -6.78
C TRP A 332 23.33 12.80 -6.41
N PRO A 333 24.65 12.91 -6.29
CA PRO A 333 25.36 11.69 -5.92
C PRO A 333 25.00 11.29 -4.50
N SER A 334 24.65 12.27 -3.69
CA SER A 334 24.27 12.01 -2.32
C SER A 334 23.02 11.13 -2.22
N ILE A 335 21.86 11.66 -2.65
CA ILE A 335 20.63 10.89 -2.60
C ILE A 335 20.80 9.60 -3.41
N SER A 336 21.53 9.72 -4.53
CA SER A 336 21.81 8.57 -5.38
C SER A 336 22.41 7.48 -4.51
N ARG A 337 23.38 7.86 -3.69
CA ARG A 337 24.06 6.94 -2.80
C ARG A 337 23.14 6.53 -1.65
N LYS A 338 22.12 7.32 -1.38
CA LYS A 338 21.21 6.97 -0.31
C LYS A 338 20.27 5.85 -0.76
N THR A 339 19.71 5.99 -1.96
CA THR A 339 18.81 4.96 -2.45
C THR A 339 19.62 3.72 -2.85
N GLN A 340 20.81 3.95 -3.40
CA GLN A 340 21.66 2.83 -3.78
C GLN A 340 21.90 2.02 -2.50
N LEU A 341 22.35 2.71 -1.46
CA LEU A 341 22.60 2.07 -0.16
C LEU A 341 21.36 1.31 0.32
N VAL A 342 20.21 1.98 0.34
CA VAL A 342 18.97 1.32 0.77
C VAL A 342 18.72 0.09 -0.08
N VAL A 343 19.15 0.15 -1.34
CA VAL A 343 19.02 -0.98 -2.25
C VAL A 343 19.82 -2.18 -1.74
N ASP A 344 21.06 -1.95 -1.33
CA ASP A 344 21.88 -3.06 -0.85
C ASP A 344 21.37 -3.58 0.49
N ALA A 345 20.87 -2.67 1.33
CA ALA A 345 20.33 -3.06 2.62
C ALA A 345 19.23 -4.10 2.39
N VAL A 346 18.26 -3.74 1.55
CA VAL A 346 17.15 -4.64 1.22
C VAL A 346 17.67 -5.99 0.70
N LYS A 347 18.59 -5.93 -0.25
CA LYS A 347 19.19 -7.13 -0.83
C LYS A 347 19.94 -7.91 0.23
N GLU A 348 20.71 -7.20 1.05
CA GLU A 348 21.48 -7.83 2.12
C GLU A 348 20.53 -8.60 3.03
N SER A 349 19.42 -7.95 3.39
CA SER A 349 18.41 -8.54 4.25
C SER A 349 17.80 -9.80 3.67
N VAL A 350 17.55 -9.79 2.36
CA VAL A 350 16.98 -10.96 1.71
C VAL A 350 17.95 -12.11 1.85
N ASP A 351 19.20 -11.90 1.42
CA ASP A 351 20.23 -12.93 1.49
C ASP A 351 20.75 -13.23 2.89
N LYS A 352 20.69 -12.24 3.79
CA LYS A 352 21.16 -12.44 5.16
C LYS A 352 20.01 -12.55 6.16
N ASN A 353 19.13 -13.51 5.90
CA ASN A 353 17.98 -13.81 6.75
C ASN A 353 17.14 -12.63 7.24
N TYR A 354 16.44 -12.00 6.31
CA TYR A 354 15.56 -10.87 6.59
C TYR A 354 15.88 -10.03 7.83
N GLN A 355 17.16 -9.80 8.08
CA GLN A 355 17.60 -9.00 9.22
C GLN A 355 17.36 -7.53 8.91
N GLN A 356 17.27 -6.72 9.96
CA GLN A 356 17.09 -5.28 9.81
C GLN A 356 18.49 -4.71 9.60
N ILE A 357 18.66 -3.88 8.59
CA ILE A 357 19.98 -3.31 8.35
C ILE A 357 20.10 -1.91 8.95
N SER A 358 21.33 -1.53 9.29
CA SER A 358 21.56 -0.23 9.86
C SER A 358 22.13 0.76 8.87
N LEU A 359 21.63 1.99 8.93
CA LEU A 359 22.13 3.04 8.05
C LEU A 359 22.76 4.12 8.94
N SER A 360 23.97 3.81 9.42
CA SER A 360 24.79 4.65 10.30
C SER A 360 24.05 5.60 11.25
N GLN B 6 -39.38 -7.71 10.88
CA GLN B 6 -39.85 -9.09 11.21
C GLN B 6 -39.01 -9.73 12.32
N ILE B 7 -37.71 -9.93 12.08
CA ILE B 7 -36.82 -10.51 13.10
C ILE B 7 -36.65 -9.50 14.22
N ARG B 8 -36.81 -9.98 15.46
CA ARG B 8 -36.72 -9.12 16.64
C ARG B 8 -35.31 -9.11 17.24
N ILE B 9 -34.72 -7.93 17.30
CA ILE B 9 -33.35 -7.77 17.83
C ILE B 9 -33.25 -6.86 19.06
N GLY B 10 -32.30 -7.19 19.93
CA GLY B 10 -32.06 -6.40 21.13
C GLY B 10 -30.65 -5.85 21.02
N VAL B 11 -30.37 -4.79 21.78
CA VAL B 11 -29.04 -4.18 21.74
C VAL B 11 -28.32 -4.24 23.08
N MSE B 12 -27.45 -5.24 23.26
CA MSE B 12 -26.71 -5.40 24.51
C MSE B 12 -25.61 -4.36 24.71
O MSE B 12 -24.43 -4.68 24.61
CB MSE B 12 -26.11 -6.80 24.62
CG MSE B 12 -27.14 -7.91 24.83
SE MSE B 12 -26.36 -9.54 25.52
CE MSE B 12 -26.10 -8.99 27.35
N GLY B 13 -26.00 -3.12 24.99
CA GLY B 13 -25.02 -2.06 25.19
C GLY B 13 -25.45 -0.78 24.50
N CYS B 14 -25.20 0.37 25.12
CA CYS B 14 -25.59 1.63 24.51
C CYS B 14 -24.41 2.57 24.20
N ALA B 15 -23.33 2.00 23.65
CA ALA B 15 -22.14 2.75 23.29
C ALA B 15 -22.32 3.39 21.92
N ASP B 16 -21.48 4.37 21.60
CA ASP B 16 -21.54 5.10 20.34
C ASP B 16 -21.95 4.37 19.07
N ILE B 17 -21.21 3.32 18.69
CA ILE B 17 -21.55 2.60 17.46
C ILE B 17 -23.01 2.13 17.45
N ALA B 18 -23.69 2.29 18.58
CA ALA B 18 -25.09 1.89 18.67
C ALA B 18 -25.97 2.68 17.73
N ARG B 19 -25.71 3.98 17.63
CA ARG B 19 -26.52 4.86 16.77
C ARG B 19 -26.50 4.46 15.31
N LYS B 20 -25.31 4.23 14.75
CA LYS B 20 -25.24 3.83 13.35
C LYS B 20 -26.02 2.53 13.18
N VAL B 21 -25.72 1.53 14.00
CA VAL B 21 -26.39 0.24 13.88
C VAL B 21 -27.86 0.31 14.28
N SER B 22 -28.21 1.25 15.15
CA SER B 22 -29.60 1.39 15.52
C SER B 22 -30.42 1.75 14.27
N ARG B 23 -29.93 2.69 13.47
CA ARG B 23 -30.63 3.08 12.25
C ARG B 23 -30.58 1.89 11.31
N ALA B 24 -29.53 1.12 11.46
CA ALA B 24 -29.30 -0.07 10.66
C ALA B 24 -30.36 -1.10 11.02
N ILE B 25 -30.54 -1.29 12.32
CA ILE B 25 -31.48 -2.28 12.82
C ILE B 25 -32.88 -2.20 12.24
N HIS B 26 -33.31 -1.04 11.74
CA HIS B 26 -34.63 -1.05 11.13
C HIS B 26 -34.76 -0.46 9.74
N LEU B 27 -33.64 -0.10 9.14
CA LEU B 27 -33.68 0.32 7.75
C LEU B 27 -33.61 -1.13 7.26
N ALA B 28 -33.14 -1.96 8.20
CA ALA B 28 -32.92 -3.39 8.10
C ALA B 28 -33.25 -4.12 6.82
N PRO B 29 -34.54 -4.30 6.48
CA PRO B 29 -35.77 -3.89 7.17
C PRO B 29 -36.29 -5.04 8.02
N ASN B 30 -36.26 -6.24 7.45
CA ASN B 30 -36.74 -7.48 8.08
C ASN B 30 -36.35 -7.68 9.55
N ALA B 31 -35.92 -6.61 10.21
CA ALA B 31 -35.56 -6.67 11.62
C ALA B 31 -36.13 -5.45 12.29
N THR B 32 -36.30 -5.50 13.60
CA THR B 32 -36.83 -4.37 14.34
C THR B 32 -36.14 -4.25 15.69
N ILE B 33 -36.19 -3.06 16.28
CA ILE B 33 -35.58 -2.84 17.58
C ILE B 33 -36.62 -3.21 18.63
N SER B 34 -36.56 -4.45 19.11
CA SER B 34 -37.50 -4.96 20.10
C SER B 34 -36.88 -4.93 21.50
N GLY B 35 -35.83 -4.14 21.67
CA GLY B 35 -35.20 -4.07 22.99
C GLY B 35 -33.78 -3.54 22.96
N VAL B 36 -33.40 -2.93 24.06
CA VAL B 36 -32.07 -2.35 24.24
C VAL B 36 -31.68 -2.63 25.67
N ALA B 37 -30.37 -2.78 25.93
CA ALA B 37 -29.90 -3.06 27.27
C ALA B 37 -28.69 -2.23 27.66
N SER B 38 -28.72 -1.69 28.88
CA SER B 38 -27.62 -0.91 29.41
C SER B 38 -27.39 -1.43 30.83
N ARG B 39 -26.30 -1.01 31.44
CA ARG B 39 -26.01 -1.41 32.81
C ARG B 39 -26.90 -0.59 33.75
N SER B 40 -27.32 0.58 33.27
CA SER B 40 -28.18 1.47 34.04
C SER B 40 -29.47 1.69 33.27
N LEU B 41 -30.61 1.52 33.93
CA LEU B 41 -31.89 1.73 33.26
C LEU B 41 -31.91 3.17 32.76
N GLU B 42 -31.33 4.06 33.56
CA GLU B 42 -31.27 5.47 33.23
C GLU B 42 -30.73 5.73 31.83
N LYS B 43 -29.55 5.17 31.56
CA LYS B 43 -28.90 5.35 30.26
C LYS B 43 -29.63 4.63 29.13
N ALA B 44 -30.25 3.49 29.42
CA ALA B 44 -30.99 2.77 28.40
C ALA B 44 -32.23 3.57 28.02
N LYS B 45 -32.95 4.04 29.03
CA LYS B 45 -34.13 4.84 28.82
C LYS B 45 -33.73 6.07 28.02
N ALA B 46 -32.61 6.67 28.43
CA ALA B 46 -32.08 7.86 27.78
C ALA B 46 -31.70 7.53 26.34
N PHE B 47 -31.07 6.38 26.14
CA PHE B 47 -30.64 5.98 24.81
C PHE B 47 -31.81 5.77 23.85
N ALA B 48 -32.80 4.99 24.28
CA ALA B 48 -33.96 4.71 23.45
C ALA B 48 -34.65 5.97 22.94
N THR B 49 -34.65 7.03 23.76
CA THR B 49 -35.29 8.28 23.41
C THR B 49 -34.47 9.02 22.36
N ALA B 50 -33.16 8.93 22.49
CA ALA B 50 -32.26 9.60 21.56
C ALA B 50 -32.34 9.01 20.14
N ASN B 51 -32.30 7.68 20.05
CA ASN B 51 -32.35 7.07 18.74
C ASN B 51 -33.78 6.74 18.34
N ASN B 52 -34.72 7.36 19.05
CA ASN B 52 -36.14 7.20 18.78
C ASN B 52 -36.59 5.79 18.39
N TYR B 53 -36.38 4.83 19.29
CA TYR B 53 -36.78 3.45 19.03
C TYR B 53 -38.30 3.44 19.03
N PRO B 54 -38.91 2.40 18.43
CA PRO B 54 -40.37 2.35 18.39
C PRO B 54 -41.05 2.52 19.76
N GLU B 55 -42.38 2.43 19.77
CA GLU B 55 -43.16 2.61 21.01
C GLU B 55 -43.11 1.49 22.05
N SER B 56 -43.25 0.25 21.61
CA SER B 56 -43.24 -0.89 22.53
C SER B 56 -41.89 -1.62 22.62
N THR B 57 -40.79 -0.87 22.66
CA THR B 57 -39.47 -1.47 22.75
C THR B 57 -39.13 -1.86 24.19
N LYS B 58 -38.85 -3.14 24.43
CA LYS B 58 -38.49 -3.60 25.76
C LYS B 58 -37.32 -2.73 26.23
N ILE B 59 -37.35 -2.26 27.48
CA ILE B 59 -36.28 -1.42 27.97
C ILE B 59 -35.65 -1.94 29.26
N HIS B 60 -34.81 -2.96 29.10
CA HIS B 60 -34.11 -3.62 30.21
C HIS B 60 -33.03 -2.79 30.89
N GLY B 61 -32.99 -2.86 32.21
CA GLY B 61 -31.98 -2.12 32.95
C GLY B 61 -30.77 -2.97 33.26
N SER B 62 -30.58 -4.04 32.50
CA SER B 62 -29.43 -4.93 32.70
C SER B 62 -29.20 -5.85 31.52
N TYR B 63 -27.97 -6.36 31.42
CA TYR B 63 -27.61 -7.28 30.35
C TYR B 63 -28.35 -8.60 30.53
N GLU B 64 -28.13 -9.24 31.68
CA GLU B 64 -28.78 -10.51 31.97
C GLU B 64 -30.27 -10.42 31.71
N SER B 65 -30.87 -9.30 32.12
CA SER B 65 -32.29 -9.08 31.93
C SER B 65 -32.70 -9.17 30.46
N LEU B 66 -32.00 -8.45 29.58
CA LEU B 66 -32.33 -8.48 28.15
C LEU B 66 -32.27 -9.89 27.57
N LEU B 67 -31.26 -10.66 27.98
CA LEU B 67 -31.12 -12.04 27.48
C LEU B 67 -32.28 -12.90 27.92
N GLU B 68 -32.84 -12.58 29.08
CA GLU B 68 -33.95 -13.33 29.64
C GLU B 68 -35.26 -13.07 28.92
N ASP B 69 -35.33 -11.95 28.19
CA ASP B 69 -36.52 -11.59 27.44
C ASP B 69 -36.82 -12.65 26.39
N PRO B 70 -37.83 -13.49 26.62
CA PRO B 70 -38.18 -14.56 25.68
C PRO B 70 -38.68 -14.16 24.29
N GLU B 71 -39.18 -12.94 24.13
CA GLU B 71 -39.68 -12.52 22.82
C GLU B 71 -38.67 -11.72 21.97
N ILE B 72 -37.38 -11.97 22.22
CA ILE B 72 -36.29 -11.32 21.50
C ILE B 72 -35.50 -12.38 20.74
N ASP B 73 -35.68 -12.43 19.43
CA ASP B 73 -34.97 -13.41 18.61
C ASP B 73 -33.44 -13.30 18.63
N ALA B 74 -32.90 -12.12 18.36
CA ALA B 74 -31.44 -11.97 18.32
C ALA B 74 -30.92 -10.69 18.95
N LEU B 75 -29.59 -10.58 18.99
CA LEU B 75 -28.94 -9.43 19.59
C LEU B 75 -27.76 -8.88 18.79
N TYR B 76 -27.55 -7.58 18.93
CA TYR B 76 -26.44 -6.87 18.30
C TYR B 76 -25.62 -6.54 19.53
N VAL B 77 -24.34 -6.92 19.53
CA VAL B 77 -23.53 -6.70 20.73
C VAL B 77 -22.32 -5.80 20.58
N PRO B 78 -22.50 -4.48 20.64
CA PRO B 78 -21.39 -3.54 20.52
C PRO B 78 -20.76 -3.33 21.89
N LEU B 79 -20.14 -4.37 22.44
CA LEU B 79 -19.52 -4.28 23.76
C LEU B 79 -18.01 -4.27 23.70
N PRO B 80 -17.34 -3.65 24.70
CA PRO B 80 -15.87 -3.64 24.68
C PRO B 80 -15.41 -5.06 24.41
N THR B 81 -14.26 -5.19 23.75
CA THR B 81 -13.69 -6.49 23.40
C THR B 81 -13.33 -7.36 24.60
N SER B 82 -12.86 -6.74 25.67
CA SER B 82 -12.46 -7.49 26.86
C SER B 82 -13.61 -8.05 27.70
N LEU B 83 -14.80 -8.14 27.10
CA LEU B 83 -15.95 -8.69 27.80
C LEU B 83 -16.79 -9.57 26.87
N HIS B 84 -16.32 -9.78 25.65
CA HIS B 84 -17.07 -10.58 24.70
C HIS B 84 -17.36 -12.03 25.07
N VAL B 85 -16.34 -12.73 25.57
CA VAL B 85 -16.50 -14.13 25.91
C VAL B 85 -17.60 -14.38 26.95
N GLU B 86 -17.86 -13.41 27.82
CA GLU B 86 -18.90 -13.57 28.84
C GLU B 86 -20.34 -13.51 28.30
N TRP B 87 -20.69 -12.40 27.66
CA TRP B 87 -22.04 -12.22 27.14
C TRP B 87 -22.37 -12.87 25.81
N ALA B 88 -21.35 -13.30 25.07
CA ALA B 88 -21.60 -13.98 23.80
C ALA B 88 -21.86 -15.45 24.16
N ILE B 89 -21.23 -15.90 25.25
CA ILE B 89 -21.41 -17.26 25.71
C ILE B 89 -22.72 -17.38 26.49
N LYS B 90 -23.09 -16.29 27.16
CA LYS B 90 -24.35 -16.27 27.91
C LYS B 90 -25.47 -15.92 26.93
N ALA B 91 -25.09 -15.47 25.72
CA ALA B 91 -26.06 -15.10 24.69
C ALA B 91 -26.51 -16.35 23.94
N ALA B 92 -25.56 -17.11 23.42
CA ALA B 92 -25.86 -18.33 22.69
C ALA B 92 -26.73 -19.21 23.60
N GLU B 93 -26.27 -19.40 24.82
CA GLU B 93 -26.98 -20.23 25.79
C GLU B 93 -28.48 -19.96 25.80
N LYS B 94 -28.87 -18.74 26.15
CA LYS B 94 -30.28 -18.40 26.20
C LYS B 94 -30.95 -18.60 24.84
N GLY B 95 -30.16 -19.03 23.86
CA GLY B 95 -30.70 -19.26 22.53
C GLY B 95 -30.74 -18.03 21.65
N LYS B 96 -30.09 -16.94 22.09
CA LYS B 96 -30.09 -15.71 21.29
C LYS B 96 -29.04 -15.79 20.19
N HIS B 97 -29.45 -15.51 18.95
CA HIS B 97 -28.49 -15.52 17.85
C HIS B 97 -27.62 -14.29 18.04
N ILE B 98 -26.34 -14.40 17.71
CA ILE B 98 -25.43 -13.30 17.95
C ILE B 98 -24.86 -12.50 16.77
N LEU B 99 -24.60 -11.24 17.07
CA LEU B 99 -24.00 -10.28 16.14
C LEU B 99 -22.97 -9.52 16.98
N LEU B 100 -21.79 -10.12 17.08
CA LEU B 100 -20.67 -9.59 17.86
C LEU B 100 -19.84 -8.55 17.11
N GLU B 101 -19.71 -7.37 17.71
CA GLU B 101 -18.92 -6.31 17.08
C GLU B 101 -17.48 -6.72 16.97
N LYS B 102 -16.82 -6.24 15.91
CA LYS B 102 -15.43 -6.55 15.71
C LYS B 102 -14.59 -5.64 16.61
N PRO B 103 -13.46 -6.13 17.13
CA PRO B 103 -12.99 -7.51 16.90
C PRO B 103 -13.90 -8.44 17.70
N VAL B 104 -13.96 -9.72 17.32
CA VAL B 104 -14.84 -10.66 18.03
C VAL B 104 -14.36 -11.13 19.40
N ALA B 105 -13.08 -10.98 19.70
CA ALA B 105 -12.56 -11.41 21.00
C ALA B 105 -11.11 -10.96 21.26
N MSE B 106 -10.69 -11.03 22.51
CA MSE B 106 -9.33 -10.64 22.88
C MSE B 106 -8.27 -11.50 22.19
O MSE B 106 -7.16 -11.04 21.96
CB MSE B 106 -9.15 -10.69 24.41
CG MSE B 106 -10.01 -9.70 25.17
SE MSE B 106 -9.72 -7.86 24.61
CE MSE B 106 -7.98 -7.58 25.40
N ASN B 107 -8.60 -12.76 21.91
CA ASN B 107 -7.69 -13.69 21.23
C ASN B 107 -8.46 -14.88 20.68
N VAL B 108 -7.73 -15.78 20.02
CA VAL B 108 -8.31 -16.96 19.41
C VAL B 108 -8.89 -17.99 20.37
N THR B 109 -8.39 -18.03 21.61
CA THR B 109 -8.90 -18.97 22.61
C THR B 109 -10.17 -18.41 23.25
N GLU B 110 -10.32 -17.09 23.24
CA GLU B 110 -11.53 -16.51 23.79
C GLU B 110 -12.63 -16.76 22.77
N PHE B 111 -12.36 -16.45 21.51
CA PHE B 111 -13.35 -16.65 20.46
C PHE B 111 -13.75 -18.11 20.35
N ASP B 112 -12.79 -19.02 20.45
CA ASP B 112 -13.09 -20.45 20.34
C ASP B 112 -14.18 -20.85 21.33
N LYS B 113 -14.09 -20.38 22.57
CA LYS B 113 -15.12 -20.74 23.55
C LYS B 113 -16.43 -20.16 23.08
N ILE B 114 -16.40 -18.90 22.66
CA ILE B 114 -17.62 -18.26 22.18
C ILE B 114 -18.23 -19.18 21.14
N VAL B 115 -17.46 -19.51 20.12
CA VAL B 115 -17.92 -20.40 19.04
C VAL B 115 -18.45 -21.73 19.55
N ASP B 116 -17.89 -22.23 20.65
CA ASP B 116 -18.34 -23.51 21.23
C ASP B 116 -19.74 -23.33 21.79
N ALA B 117 -19.86 -22.43 22.75
CA ALA B 117 -21.13 -22.13 23.39
C ALA B 117 -22.14 -22.02 22.28
N CYS B 118 -21.91 -21.03 21.41
CA CYS B 118 -22.76 -20.77 20.27
C CYS B 118 -23.16 -22.03 19.51
N GLU B 119 -22.20 -22.92 19.27
CA GLU B 119 -22.46 -24.16 18.53
C GLU B 119 -23.35 -25.06 19.38
N ALA B 120 -23.07 -25.13 20.67
CA ALA B 120 -23.86 -25.96 21.57
C ALA B 120 -25.34 -25.66 21.43
N ASN B 121 -25.70 -24.39 21.63
CA ASN B 121 -27.09 -23.99 21.52
C ASN B 121 -27.60 -24.20 20.12
N GLY B 122 -26.80 -23.80 19.14
CA GLY B 122 -27.19 -23.97 17.75
C GLY B 122 -27.66 -22.70 17.09
N VAL B 123 -27.20 -21.54 17.58
CA VAL B 123 -27.62 -20.28 16.98
C VAL B 123 -26.68 -19.74 15.92
N GLN B 124 -27.09 -18.62 15.32
CA GLN B 124 -26.33 -17.94 14.30
C GLN B 124 -25.52 -16.80 14.90
N ILE B 125 -24.24 -16.73 14.54
CA ILE B 125 -23.37 -15.65 15.03
C ILE B 125 -22.61 -15.01 13.88
N MSE B 126 -22.57 -13.68 13.88
CA MSE B 126 -21.88 -12.92 12.85
C MSE B 126 -21.19 -11.72 13.51
O MSE B 126 -21.63 -11.24 14.54
CB MSE B 126 -22.87 -12.42 11.80
CG MSE B 126 -22.23 -11.64 10.66
SE MSE B 126 -23.46 -11.13 9.27
CE MSE B 126 -23.90 -12.90 8.62
N ASP B 127 -20.08 -11.25 12.94
CA ASP B 127 -19.37 -10.11 13.51
C ASP B 127 -19.76 -8.83 12.79
N GLY B 128 -19.33 -7.70 13.35
CA GLY B 128 -19.65 -6.41 12.79
C GLY B 128 -19.02 -5.92 11.48
N THR B 129 -18.20 -6.74 10.83
CA THR B 129 -17.55 -6.33 9.58
C THR B 129 -18.60 -6.01 8.51
N MSE B 130 -19.22 -4.85 8.68
CA MSE B 130 -20.29 -4.38 7.81
C MSE B 130 -19.97 -4.01 6.36
O MSE B 130 -20.91 -3.76 5.59
CB MSE B 130 -21.00 -3.22 8.49
CG MSE B 130 -20.06 -2.16 9.08
SE MSE B 130 -20.94 -0.44 9.30
CE MSE B 130 -21.33 -0.48 11.19
N TRP B 131 -18.71 -3.97 5.94
CA TRP B 131 -18.43 -3.60 4.56
C TRP B 131 -18.63 -4.72 3.54
N VAL B 132 -18.39 -5.96 3.94
CA VAL B 132 -18.50 -7.08 3.00
C VAL B 132 -19.90 -7.32 2.44
N HIS B 133 -20.93 -6.86 3.15
CA HIS B 133 -22.29 -7.04 2.68
C HIS B 133 -22.60 -5.97 1.64
N ASN B 134 -21.72 -4.98 1.55
CA ASN B 134 -21.86 -3.88 0.62
C ASN B 134 -21.90 -4.43 -0.81
N PRO B 135 -22.57 -3.72 -1.73
CA PRO B 135 -22.60 -4.26 -3.09
C PRO B 135 -21.20 -4.14 -3.70
N ARG B 136 -20.45 -3.14 -3.25
CA ARG B 136 -19.10 -2.90 -3.75
C ARG B 136 -18.13 -3.99 -3.35
N THR B 137 -18.39 -4.58 -2.19
CA THR B 137 -17.55 -5.63 -1.66
C THR B 137 -17.72 -6.89 -2.47
N ALA B 138 -18.83 -6.96 -3.19
CA ALA B 138 -19.13 -8.11 -4.05
C ALA B 138 -18.66 -7.76 -5.46
N LEU B 139 -18.57 -6.47 -5.74
CA LEU B 139 -18.12 -6.02 -7.04
C LEU B 139 -16.58 -6.09 -7.06
N LEU B 140 -15.99 -6.40 -5.90
CA LEU B 140 -14.54 -6.54 -5.79
C LEU B 140 -14.13 -8.01 -5.99
N LYS B 141 -14.84 -8.94 -5.35
CA LYS B 141 -14.53 -10.37 -5.46
C LYS B 141 -14.60 -10.88 -6.90
N GLU B 142 -15.62 -10.44 -7.62
CA GLU B 142 -15.80 -10.85 -9.01
C GLU B 142 -14.54 -10.60 -9.85
N PHE B 143 -13.94 -9.43 -9.66
CA PHE B 143 -12.73 -9.05 -10.37
C PHE B 143 -11.54 -9.95 -9.96
N LEU B 144 -11.24 -10.00 -8.67
CA LEU B 144 -10.13 -10.81 -8.18
C LEU B 144 -10.25 -12.32 -8.51
N SER B 145 -11.47 -12.78 -8.78
CA SER B 145 -11.72 -14.20 -9.09
C SER B 145 -11.48 -14.58 -10.55
N ASP B 146 -11.43 -13.59 -11.44
CA ASP B 146 -11.21 -13.83 -12.87
C ASP B 146 -9.82 -14.39 -13.17
N SER B 147 -9.50 -14.54 -14.45
CA SER B 147 -8.20 -15.07 -14.88
C SER B 147 -7.52 -14.24 -15.96
N GLU B 148 -8.27 -13.44 -16.69
CA GLU B 148 -7.70 -12.60 -17.75
C GLU B 148 -7.96 -11.14 -17.41
N ARG B 149 -8.82 -10.92 -16.41
CA ARG B 149 -9.16 -9.58 -15.97
C ARG B 149 -8.17 -9.12 -14.90
N PHE B 150 -7.98 -9.99 -13.90
CA PHE B 150 -7.08 -9.72 -12.78
C PHE B 150 -5.96 -10.77 -12.73
N GLY B 151 -6.30 -12.01 -13.10
CA GLY B 151 -5.32 -13.10 -13.10
C GLY B 151 -5.06 -13.72 -11.74
N GLN B 152 -3.84 -14.23 -11.56
CA GLN B 152 -3.43 -14.85 -10.30
C GLN B 152 -2.91 -13.76 -9.36
N LEU B 153 -3.40 -13.77 -8.12
CA LEU B 153 -3.00 -12.79 -7.12
C LEU B 153 -1.51 -12.86 -6.79
N LYS B 154 -0.91 -11.69 -6.54
CA LYS B 154 0.51 -11.61 -6.21
C LYS B 154 0.68 -10.73 -4.98
N THR B 155 -0.12 -9.67 -4.92
CA THR B 155 -0.05 -8.78 -3.79
C THR B 155 -1.37 -8.03 -3.54
N VAL B 156 -1.75 -7.98 -2.27
CA VAL B 156 -2.93 -7.26 -1.83
C VAL B 156 -2.33 -6.33 -0.78
N GLN B 157 -2.76 -5.07 -0.79
CA GLN B 157 -2.26 -4.06 0.16
C GLN B 157 -3.41 -3.18 0.66
N SER B 158 -3.44 -2.92 1.97
CA SER B 158 -4.48 -2.10 2.57
C SER B 158 -4.10 -1.41 3.87
N CYS B 159 -5.04 -0.64 4.42
CA CYS B 159 -4.75 0.05 5.66
C CYS B 159 -5.93 0.84 6.19
N PHE B 160 -5.83 1.22 7.45
CA PHE B 160 -6.84 2.04 8.10
C PHE B 160 -6.35 2.56 9.45
N SER B 161 -5.46 3.53 9.42
CA SER B 161 -4.96 4.14 10.65
C SER B 161 -5.59 5.51 10.72
N PHE B 162 -6.33 5.80 11.78
CA PHE B 162 -6.94 7.12 11.87
C PHE B 162 -6.20 7.98 12.91
N ALA B 163 -6.38 9.30 12.81
CA ALA B 163 -5.73 10.24 13.73
C ALA B 163 -6.49 10.40 15.04
N GLY B 164 -5.88 9.94 16.13
CA GLY B 164 -6.52 10.04 17.43
C GLY B 164 -6.00 11.18 18.30
N ASP B 165 -6.90 12.06 18.74
CA ASP B 165 -6.49 13.18 19.59
C ASP B 165 -6.21 12.71 21.01
N GLU B 166 -5.41 13.49 21.73
CA GLU B 166 -5.01 13.20 23.11
C GLU B 166 -6.06 12.59 24.02
N ASP B 167 -7.27 13.13 24.00
CA ASP B 167 -8.32 12.58 24.86
C ASP B 167 -8.64 11.15 24.45
N PHE B 168 -8.64 10.91 23.14
CA PHE B 168 -8.92 9.59 22.60
C PHE B 168 -7.80 8.67 23.07
N LEU B 169 -6.58 9.10 22.79
CA LEU B 169 -5.40 8.34 23.17
C LEU B 169 -5.09 8.51 24.65
N LYS B 170 -6.09 8.88 25.43
CA LYS B 170 -5.86 9.09 26.86
C LYS B 170 -6.59 8.11 27.78
N ASN B 171 -7.91 7.97 27.62
CA ASN B 171 -8.65 7.10 28.51
C ASN B 171 -9.73 6.22 27.87
N ASP B 172 -9.68 5.99 26.57
CA ASP B 172 -10.73 5.16 25.98
C ASP B 172 -10.32 3.67 25.86
N ILE B 173 -11.26 2.83 25.44
CA ILE B 173 -11.00 1.41 25.30
C ILE B 173 -9.89 1.12 24.29
N ARG B 174 -10.04 1.64 23.07
CA ARG B 174 -9.06 1.40 22.03
C ARG B 174 -7.64 1.73 22.47
N VAL B 175 -7.50 2.49 23.55
CA VAL B 175 -6.18 2.82 24.05
C VAL B 175 -5.92 2.14 25.39
N LYS B 176 -6.88 2.22 26.31
CA LYS B 176 -6.77 1.58 27.62
C LYS B 176 -6.72 0.07 27.39
N PRO B 177 -5.97 -0.66 28.24
CA PRO B 177 -5.89 -2.11 28.04
C PRO B 177 -7.13 -2.90 28.50
N GLY B 178 -7.40 -2.87 29.80
CA GLY B 178 -8.53 -3.58 30.37
C GLY B 178 -9.75 -3.77 29.49
N LEU B 179 -9.98 -2.84 28.56
CA LEU B 179 -11.11 -2.91 27.65
C LEU B 179 -10.64 -3.42 26.28
N ASP B 180 -10.45 -2.52 25.33
CA ASP B 180 -9.97 -2.93 24.01
C ASP B 180 -8.46 -2.99 24.06
N GLY B 181 -7.95 -4.09 24.60
CA GLY B 181 -6.52 -4.26 24.73
C GLY B 181 -5.75 -4.36 23.42
N LEU B 182 -6.38 -4.91 22.39
CA LEU B 182 -5.72 -5.05 21.09
C LEU B 182 -5.47 -3.71 20.42
N GLY B 183 -6.27 -2.72 20.77
CA GLY B 183 -6.09 -1.38 20.20
C GLY B 183 -6.30 -1.21 18.71
N ALA B 184 -5.33 -0.56 18.07
CA ALA B 184 -5.41 -0.30 16.63
C ALA B 184 -5.38 -1.59 15.79
N LEU B 185 -4.72 -2.62 16.30
CA LEU B 185 -4.64 -3.90 15.60
C LEU B 185 -5.99 -4.57 15.49
N GLY B 186 -6.65 -4.76 16.63
CA GLY B 186 -7.97 -5.40 16.64
C GLY B 186 -9.14 -4.55 16.18
N ASP B 187 -8.93 -3.25 16.04
CA ASP B 187 -9.98 -2.33 15.61
C ASP B 187 -9.72 -1.75 14.23
N ALA B 188 -8.47 -1.39 13.97
CA ALA B 188 -8.10 -0.82 12.68
C ALA B 188 -7.63 -1.94 11.73
N GLY B 189 -6.49 -2.56 12.04
CA GLY B 189 -5.98 -3.64 11.22
C GLY B 189 -7.03 -4.72 11.05
N TRP B 190 -7.91 -4.83 12.04
CA TRP B 190 -8.99 -5.81 12.02
C TRP B 190 -9.66 -5.95 10.65
N TYR B 191 -9.64 -4.88 9.86
CA TYR B 191 -10.24 -4.88 8.52
C TYR B 191 -9.25 -5.36 7.50
N ALA B 192 -8.22 -4.55 7.26
CA ALA B 192 -7.17 -4.85 6.29
C ALA B 192 -6.78 -6.34 6.30
N ILE B 193 -7.13 -7.04 7.37
CA ILE B 193 -6.86 -8.45 7.52
C ILE B 193 -8.07 -9.25 6.98
N ARG B 194 -9.05 -8.52 6.47
CA ARG B 194 -10.25 -9.13 5.91
C ARG B 194 -10.15 -8.89 4.40
N ALA B 195 -9.85 -7.65 4.02
CA ALA B 195 -9.69 -7.29 2.63
C ALA B 195 -8.56 -8.14 2.05
N THR B 196 -8.02 -9.01 2.89
CA THR B 196 -6.95 -9.90 2.49
C THR B 196 -7.61 -11.26 2.28
N LEU B 197 -8.32 -11.71 3.30
CA LEU B 197 -9.03 -12.97 3.21
C LEU B 197 -10.11 -12.86 2.14
N LEU B 198 -10.45 -11.63 1.77
CA LEU B 198 -11.44 -11.45 0.72
C LEU B 198 -10.74 -11.66 -0.62
N ALA B 199 -9.50 -11.16 -0.74
CA ALA B 199 -8.75 -11.33 -1.97
C ALA B 199 -8.24 -12.76 -2.12
N ASN B 200 -7.57 -13.25 -1.08
CA ASN B 200 -6.99 -14.58 -1.09
C ASN B 200 -7.99 -15.71 -0.92
N ASN B 201 -9.22 -15.46 -1.35
CA ASN B 201 -10.29 -16.44 -1.29
C ASN B 201 -10.67 -16.88 0.13
N PHE B 202 -9.97 -16.33 1.12
CA PHE B 202 -10.20 -16.59 2.54
C PHE B 202 -9.37 -17.72 3.11
N GLU B 203 -8.08 -17.71 2.79
CA GLU B 203 -7.14 -18.70 3.29
C GLU B 203 -6.04 -17.98 4.08
N LEU B 204 -5.75 -18.45 5.27
CA LEU B 204 -4.71 -17.83 6.10
C LEU B 204 -3.35 -17.86 5.40
N PRO B 205 -2.39 -17.04 5.87
CA PRO B 205 -1.09 -17.09 5.21
C PRO B 205 -0.32 -18.21 5.91
N LYS B 206 0.99 -18.29 5.70
CA LYS B 206 1.80 -19.30 6.37
C LYS B 206 2.59 -18.58 7.47
N THR B 207 2.93 -17.33 7.22
CA THR B 207 3.69 -16.55 8.20
C THR B 207 3.32 -15.09 8.27
N VAL B 208 3.26 -14.57 9.50
CA VAL B 208 2.93 -13.18 9.77
C VAL B 208 4.08 -12.57 10.57
N THR B 209 4.75 -11.57 10.00
CA THR B 209 5.86 -10.92 10.70
C THR B 209 5.60 -9.41 10.80
N ALA B 210 5.27 -8.92 12.00
CA ALA B 210 5.01 -7.50 12.18
C ALA B 210 6.21 -6.66 11.75
N PHE B 211 5.99 -5.41 11.33
CA PHE B 211 7.10 -4.56 10.91
C PHE B 211 8.01 -4.27 12.09
N PRO B 212 9.33 -4.47 11.93
CA PRO B 212 10.19 -4.17 13.09
C PRO B 212 10.14 -2.68 13.38
N GLY B 213 9.24 -2.27 14.28
CA GLY B 213 9.13 -0.86 14.63
C GLY B 213 7.77 -0.32 15.04
N ALA B 214 6.95 -1.14 15.71
CA ALA B 214 5.61 -0.73 16.13
C ALA B 214 5.60 0.23 17.33
N VAL B 215 4.43 0.81 17.59
CA VAL B 215 4.26 1.76 18.69
C VAL B 215 3.18 1.33 19.69
N LEU B 216 3.61 0.80 20.83
CA LEU B 216 2.69 0.38 21.89
C LEU B 216 2.64 1.52 22.92
N ASN B 217 1.50 1.71 23.58
CA ASN B 217 1.42 2.77 24.58
C ASN B 217 2.17 2.41 25.87
N GLU B 218 1.89 3.15 26.94
CA GLU B 218 2.55 2.91 28.21
C GLU B 218 1.99 1.63 28.85
N ALA B 219 0.78 1.26 28.46
CA ALA B 219 0.10 0.08 28.97
C ALA B 219 0.29 -1.15 28.08
N GLY B 220 1.14 -1.02 27.06
CA GLY B 220 1.40 -2.14 26.17
C GLY B 220 0.35 -2.39 25.10
N VAL B 221 -0.60 -1.47 24.97
CA VAL B 221 -1.65 -1.58 23.97
C VAL B 221 -1.12 -1.01 22.65
N ILE B 222 -1.51 -1.62 21.53
CA ILE B 222 -1.07 -1.21 20.21
C ILE B 222 -1.64 0.12 19.74
N LEU B 223 -0.75 1.02 19.32
CA LEU B 223 -1.17 2.32 18.82
C LEU B 223 -0.82 2.42 17.33
N SER B 224 0.26 1.76 16.94
CA SER B 224 0.70 1.79 15.55
C SER B 224 1.51 0.55 15.25
N CYS B 225 1.24 -0.09 14.11
CA CYS B 225 1.99 -1.27 13.72
C CYS B 225 1.53 -1.79 12.36
N GLY B 226 2.32 -2.70 11.79
CA GLY B 226 1.99 -3.30 10.50
C GLY B 226 2.72 -4.62 10.33
N ALA B 227 2.69 -5.16 9.12
CA ALA B 227 3.37 -6.43 8.86
C ALA B 227 3.12 -6.93 7.45
N SER B 228 3.79 -8.02 7.11
CA SER B 228 3.61 -8.65 5.82
C SER B 228 3.13 -10.06 6.08
N LEU B 229 2.25 -10.57 5.21
CA LEU B 229 1.76 -11.93 5.36
C LEU B 229 2.35 -12.74 4.21
N SER B 230 2.58 -14.03 4.41
CA SER B 230 3.17 -14.81 3.34
C SER B 230 2.56 -16.20 3.15
N TRP B 231 2.22 -16.52 1.91
CA TRP B 231 1.64 -17.82 1.60
C TRP B 231 2.72 -18.73 1.03
N GLU B 232 3.91 -18.16 0.84
CA GLU B 232 5.04 -18.91 0.31
C GLU B 232 4.73 -19.25 -1.16
N ASP B 233 4.54 -18.20 -1.94
CA ASP B 233 4.22 -18.29 -3.36
C ASP B 233 4.79 -17.06 -4.06
N GLY B 234 4.25 -15.92 -3.64
CA GLY B 234 4.62 -14.62 -4.16
C GLY B 234 3.48 -13.77 -3.65
N ARG B 235 2.38 -14.45 -3.40
CA ARG B 235 1.16 -13.83 -2.87
C ARG B 235 1.47 -13.24 -1.51
N THR B 236 2.37 -12.28 -1.43
CA THR B 236 2.68 -11.66 -0.14
C THR B 236 1.75 -10.48 -0.01
N ALA B 237 1.45 -10.11 1.24
CA ALA B 237 0.56 -8.98 1.50
C ALA B 237 1.06 -8.11 2.65
N THR B 238 0.49 -6.92 2.77
CA THR B 238 0.86 -6.03 3.86
C THR B 238 -0.35 -5.30 4.47
N ILE B 239 -0.29 -5.08 5.77
CA ILE B 239 -1.33 -4.35 6.47
C ILE B 239 -0.66 -3.21 7.22
N TYR B 240 -1.38 -2.11 7.39
CA TYR B 240 -0.88 -0.96 8.13
C TYR B 240 -2.03 -0.33 8.90
N CYS B 241 -1.77 0.03 10.14
CA CYS B 241 -2.80 0.62 11.00
C CYS B 241 -2.17 1.40 12.15
N SER B 242 -2.96 2.26 12.77
CA SER B 242 -2.49 3.07 13.88
C SER B 242 -3.50 4.13 14.26
N PHE B 243 -3.36 4.65 15.47
CA PHE B 243 -4.23 5.72 15.97
C PHE B 243 -3.43 7.03 15.89
N LEU B 244 -2.13 6.90 15.65
CA LEU B 244 -1.25 8.04 15.57
C LEU B 244 -1.07 8.66 14.19
N ALA B 245 -1.57 7.99 13.15
CA ALA B 245 -1.44 8.48 11.78
C ALA B 245 -2.75 9.11 11.27
N ASN B 246 -2.63 10.10 10.38
CA ASN B 246 -3.79 10.82 9.82
C ASN B 246 -4.68 9.90 8.98
N LEU B 247 -5.95 9.86 9.37
CA LEU B 247 -6.98 9.05 8.71
C LEU B 247 -6.77 8.81 7.22
N THR B 248 -6.69 7.53 6.84
CA THR B 248 -6.51 7.13 5.43
C THR B 248 -6.79 5.64 5.27
N MSE B 249 -7.88 5.33 4.61
CA MSE B 249 -8.27 3.95 4.35
C MSE B 249 -7.71 3.64 2.97
O MSE B 249 -7.49 4.56 2.19
CB MSE B 249 -9.80 3.81 4.39
CG MSE B 249 -10.40 4.52 5.61
SE MSE B 249 -12.33 4.60 5.84
CE MSE B 249 -12.46 3.63 7.51
N GLU B 250 -7.47 2.36 2.69
CA GLU B 250 -6.94 1.97 1.38
C GLU B 250 -6.89 0.47 1.12
N ILE B 251 -7.22 0.09 -0.11
CA ILE B 251 -7.20 -1.31 -0.56
C ILE B 251 -6.56 -1.30 -1.95
N THR B 252 -5.44 -2.01 -2.10
CA THR B 252 -4.76 -2.11 -3.38
C THR B 252 -4.18 -3.51 -3.63
N ALA B 253 -4.83 -4.24 -4.53
CA ALA B 253 -4.40 -5.59 -4.89
C ALA B 253 -3.88 -5.61 -6.32
N ILE B 254 -2.97 -6.55 -6.61
CA ILE B 254 -2.39 -6.66 -7.95
C ILE B 254 -2.09 -8.10 -8.33
N GLY B 255 -2.75 -8.57 -9.38
CA GLY B 255 -2.53 -9.93 -9.83
C GLY B 255 -1.66 -10.01 -11.05
N THR B 256 -1.48 -11.22 -11.59
CA THR B 256 -0.67 -11.45 -12.78
C THR B 256 -1.10 -10.69 -14.05
N LYS B 257 -2.38 -10.33 -14.15
CA LYS B 257 -2.88 -9.62 -15.32
C LYS B 257 -3.72 -8.42 -14.92
N GLY B 258 -4.13 -8.38 -13.65
CA GLY B 258 -4.95 -7.29 -13.18
C GLY B 258 -4.42 -6.53 -11.98
N THR B 259 -5.02 -5.36 -11.75
CA THR B 259 -4.65 -4.49 -10.64
C THR B 259 -5.93 -3.88 -10.12
N LEU B 260 -6.18 -4.02 -8.81
CA LEU B 260 -7.39 -3.47 -8.22
C LEU B 260 -7.11 -2.42 -7.17
N ARG B 261 -7.84 -1.32 -7.21
CA ARG B 261 -7.67 -0.24 -6.24
C ARG B 261 -8.99 0.28 -5.69
N VAL B 262 -9.04 0.42 -4.38
CA VAL B 262 -10.20 0.99 -3.72
C VAL B 262 -9.61 1.98 -2.73
N HIS B 263 -10.08 3.22 -2.82
CA HIS B 263 -9.58 4.32 -2.00
C HIS B 263 -10.20 4.54 -0.63
N ASP B 264 -11.16 3.72 -0.24
CA ASP B 264 -11.83 3.88 1.07
C ASP B 264 -12.82 2.75 1.35
N PHE B 265 -12.37 1.51 1.23
CA PHE B 265 -13.25 0.37 1.42
C PHE B 265 -13.88 0.11 2.80
N ILE B 266 -13.40 0.80 3.84
CA ILE B 266 -13.95 0.56 5.20
C ILE B 266 -15.08 1.52 5.59
N ILE B 267 -15.27 2.58 4.80
CA ILE B 267 -16.31 3.56 5.05
C ILE B 267 -16.48 4.41 3.81
N PRO B 268 -17.43 4.04 2.94
CA PRO B 268 -17.70 4.75 1.68
C PRO B 268 -17.71 6.27 1.83
N TYR B 269 -17.39 6.97 0.74
CA TYR B 269 -17.40 8.44 0.77
C TYR B 269 -18.80 8.89 1.16
N LYS B 270 -19.81 8.15 0.70
CA LYS B 270 -21.20 8.44 1.01
C LYS B 270 -21.97 7.12 1.16
N GLU B 271 -22.96 7.09 2.04
CA GLU B 271 -23.73 5.88 2.25
C GLU B 271 -24.46 5.44 0.99
N THR B 272 -24.54 6.33 0.01
CA THR B 272 -25.20 6.03 -1.25
C THR B 272 -24.25 5.88 -2.43
N GLU B 273 -22.95 6.05 -2.18
CA GLU B 273 -21.99 5.98 -3.28
C GLU B 273 -20.61 5.36 -3.00
N ALA B 274 -20.43 4.12 -3.44
CA ALA B 274 -19.18 3.40 -3.28
C ALA B 274 -18.63 2.98 -4.66
N SER B 275 -17.37 3.32 -4.93
CA SER B 275 -16.72 3.00 -6.19
C SER B 275 -15.42 2.25 -5.94
N PHE B 276 -14.80 1.77 -7.01
CA PHE B 276 -13.54 1.04 -6.97
C PHE B 276 -12.93 1.21 -8.36
N THR B 277 -11.61 1.11 -8.44
CA THR B 277 -10.95 1.25 -9.73
C THR B 277 -10.29 -0.06 -10.17
N THR B 278 -10.44 -0.35 -11.45
CA THR B 278 -9.92 -1.57 -12.04
C THR B 278 -8.97 -1.28 -13.22
N SER B 279 -7.93 -2.09 -13.35
CA SER B 279 -6.95 -1.91 -14.42
C SER B 279 -6.53 -3.27 -14.96
N THR B 280 -6.41 -3.38 -16.28
CA THR B 280 -6.05 -4.65 -16.93
C THR B 280 -5.00 -4.53 -18.04
N LYS B 281 -4.02 -5.43 -18.01
CA LYS B 281 -2.94 -5.45 -19.00
C LYS B 281 -2.39 -4.05 -19.30
N ALA B 282 -2.13 -3.26 -18.26
CA ALA B 282 -1.61 -1.92 -18.47
C ALA B 282 -0.19 -1.91 -19.03
N TRP B 283 0.03 -1.11 -20.05
CA TRP B 283 1.35 -1.02 -20.64
C TRP B 283 1.60 0.39 -21.16
N PHE B 284 2.79 0.60 -21.70
CA PHE B 284 3.17 1.90 -22.23
C PHE B 284 3.26 1.78 -23.76
N ASN B 285 3.26 2.90 -24.46
CA ASN B 285 3.41 2.87 -25.90
C ASN B 285 4.90 2.55 -26.14
N ASP B 286 5.31 2.46 -27.39
CA ASP B 286 6.70 2.11 -27.69
C ASP B 286 7.76 3.07 -27.14
N LEU B 287 7.38 4.31 -26.86
CA LEU B 287 8.34 5.29 -26.36
C LEU B 287 8.18 5.69 -24.87
N VAL B 288 7.45 4.86 -24.12
CA VAL B 288 7.22 5.13 -22.69
C VAL B 288 6.91 6.61 -22.41
N THR B 289 6.18 7.25 -23.32
CA THR B 289 5.81 8.64 -23.13
C THR B 289 4.33 8.68 -22.71
N ALA B 290 3.74 7.50 -22.61
CA ALA B 290 2.34 7.35 -22.21
C ALA B 290 1.94 5.88 -22.01
N TRP B 291 0.96 5.66 -21.13
CA TRP B 291 0.41 4.33 -20.87
C TRP B 291 -0.46 4.13 -22.12
N VAL B 292 -0.67 2.90 -22.57
CA VAL B 292 -1.51 2.72 -23.75
C VAL B 292 -2.97 2.96 -23.38
N SER B 293 -3.29 2.72 -22.11
CA SER B 293 -4.65 2.92 -21.61
C SER B 293 -4.71 2.79 -20.09
N PRO B 294 -4.91 3.91 -19.37
CA PRO B 294 -4.99 3.94 -17.91
C PRO B 294 -6.10 3.04 -17.30
N PRO B 295 -6.18 2.98 -15.96
CA PRO B 295 -7.20 2.16 -15.30
C PRO B 295 -8.62 2.67 -15.54
N SER B 296 -9.60 1.79 -15.32
CA SER B 296 -11.01 2.13 -15.48
C SER B 296 -11.64 2.41 -14.10
N GLU B 297 -12.15 3.62 -13.92
CA GLU B 297 -12.79 4.00 -12.67
C GLU B 297 -14.30 3.77 -12.80
N HIS B 298 -14.86 2.96 -11.91
CA HIS B 298 -16.28 2.68 -11.93
C HIS B 298 -16.93 3.48 -10.80
N THR B 299 -18.10 3.03 -10.34
CA THR B 299 -18.86 3.67 -9.27
C THR B 299 -20.35 3.29 -9.34
N VAL B 300 -21.04 3.26 -8.19
CA VAL B 300 -22.46 2.92 -8.16
C VAL B 300 -23.22 3.37 -6.89
N LYS B 301 -24.52 3.54 -7.00
CA LYS B 301 -25.33 3.99 -5.87
C LYS B 301 -25.80 2.91 -4.91
N THR B 302 -25.98 3.31 -3.64
CA THR B 302 -26.42 2.41 -2.57
C THR B 302 -27.38 3.07 -1.58
N GLU B 303 -28.68 2.85 -1.79
CA GLU B 303 -29.70 3.42 -0.92
C GLU B 303 -29.36 3.03 0.52
N LEU B 304 -29.90 1.91 0.98
CA LEU B 304 -29.66 1.41 2.34
C LEU B 304 -28.15 1.19 2.56
N PRO B 305 -27.58 1.83 3.59
CA PRO B 305 -26.15 1.74 3.94
C PRO B 305 -25.69 0.39 4.52
N GLN B 306 -24.39 0.14 4.44
CA GLN B 306 -23.78 -1.12 4.90
C GLN B 306 -24.09 -1.60 6.31
N GLU B 307 -24.83 -0.82 7.07
CA GLU B 307 -25.21 -1.17 8.43
C GLU B 307 -26.66 -1.66 8.40
N ALA B 308 -27.43 -1.16 7.44
CA ALA B 308 -28.82 -1.58 7.31
C ALA B 308 -28.82 -2.78 6.39
N CYS B 309 -27.61 -3.18 5.99
CA CYS B 309 -27.41 -4.33 5.13
C CYS B 309 -26.84 -5.44 5.99
N MSE B 310 -25.96 -5.08 6.91
CA MSE B 310 -25.39 -6.07 7.80
C MSE B 310 -26.49 -6.88 8.48
O MSE B 310 -26.43 -8.11 8.48
CB MSE B 310 -24.52 -5.38 8.84
CG MSE B 310 -23.93 -6.35 9.84
SE MSE B 310 -22.54 -5.56 10.91
CE MSE B 310 -23.64 -4.52 12.11
N VAL B 311 -27.50 -6.22 9.03
CA VAL B 311 -28.58 -6.94 9.69
C VAL B 311 -29.42 -7.62 8.60
N ARG B 312 -29.49 -6.96 7.45
CA ARG B 312 -30.23 -7.47 6.29
C ARG B 312 -29.99 -8.96 6.01
N GLU B 313 -28.73 -9.38 5.97
CA GLU B 313 -28.39 -10.79 5.71
C GLU B 313 -28.50 -11.63 6.98
N PHE B 314 -27.99 -11.10 8.10
CA PHE B 314 -28.06 -11.80 9.37
C PHE B 314 -29.51 -12.21 9.64
N ALA B 315 -30.39 -11.21 9.64
CA ALA B 315 -31.81 -11.44 9.87
C ALA B 315 -32.35 -12.45 8.88
N ILE B 321 -33.67 -20.34 8.88
CA ILE B 321 -32.94 -21.24 9.77
C ILE B 321 -33.76 -21.64 11.01
N LYS B 322 -34.49 -20.70 11.56
CA LYS B 322 -35.33 -20.94 12.74
C LYS B 322 -36.75 -21.31 12.33
N ASN B 323 -37.13 -20.94 11.10
CA ASN B 323 -38.46 -21.23 10.58
C ASN B 323 -38.45 -22.39 9.59
N ASN B 324 -37.38 -22.51 8.79
CA ASN B 324 -37.28 -23.59 7.81
C ASN B 324 -36.52 -24.81 8.35
N GLY B 325 -35.80 -24.62 9.44
CA GLY B 325 -35.08 -25.72 10.05
C GLY B 325 -33.62 -25.89 9.67
N ALA B 326 -33.07 -24.93 8.93
CA ALA B 326 -31.66 -25.01 8.51
C ALA B 326 -30.72 -24.75 9.69
N LYS B 327 -29.45 -25.10 9.52
CA LYS B 327 -28.46 -24.88 10.55
C LYS B 327 -27.82 -23.52 10.37
N PRO B 328 -27.18 -22.97 11.41
CA PRO B 328 -26.56 -21.67 11.21
C PRO B 328 -25.50 -21.72 10.11
N ASP B 329 -25.22 -20.56 9.51
CA ASP B 329 -24.23 -20.46 8.45
C ASP B 329 -22.83 -20.38 9.07
N GLY B 330 -22.00 -21.37 8.75
CA GLY B 330 -20.66 -21.40 9.30
C GLY B 330 -19.61 -20.53 8.60
N TYR B 331 -19.95 -20.00 7.43
CA TYR B 331 -19.00 -19.16 6.72
C TYR B 331 -18.57 -17.98 7.57
N TRP B 332 -19.52 -17.39 8.27
CA TRP B 332 -19.21 -16.22 9.07
C TRP B 332 -18.23 -16.51 10.20
N PRO B 333 -18.54 -17.48 11.08
CA PRO B 333 -17.59 -17.74 12.17
C PRO B 333 -16.20 -18.14 11.62
N SER B 334 -16.17 -18.91 10.53
CA SER B 334 -14.91 -19.32 9.93
C SER B 334 -13.97 -18.12 9.76
N ILE B 335 -14.09 -17.41 8.64
CA ILE B 335 -13.27 -16.24 8.38
C ILE B 335 -13.15 -15.37 9.64
N SER B 336 -14.23 -15.28 10.42
CA SER B 336 -14.20 -14.49 11.64
C SER B 336 -13.05 -14.97 12.51
N ARG B 337 -12.97 -16.28 12.69
CA ARG B 337 -11.90 -16.87 13.50
C ARG B 337 -10.59 -16.63 12.75
N LYS B 338 -10.65 -16.66 11.42
CA LYS B 338 -9.45 -16.43 10.61
C LYS B 338 -8.89 -15.02 10.83
N THR B 339 -9.77 -14.03 10.82
CA THR B 339 -9.34 -12.63 11.01
C THR B 339 -8.66 -12.45 12.37
N GLN B 340 -9.25 -12.99 13.43
CA GLN B 340 -8.71 -12.88 14.79
C GLN B 340 -7.29 -13.46 14.91
N LEU B 341 -7.04 -14.59 14.23
CA LEU B 341 -5.76 -15.26 14.27
C LEU B 341 -4.66 -14.37 13.71
N VAL B 342 -4.86 -13.88 12.49
CA VAL B 342 -3.86 -13.02 11.91
C VAL B 342 -3.64 -11.85 12.86
N VAL B 343 -4.73 -11.38 13.45
CA VAL B 343 -4.64 -10.28 14.41
C VAL B 343 -3.76 -10.66 15.58
N ASP B 344 -3.87 -11.91 16.06
CA ASP B 344 -3.05 -12.36 17.19
C ASP B 344 -1.60 -12.58 16.77
N ALA B 345 -1.41 -13.34 15.70
CA ALA B 345 -0.06 -13.60 15.20
C ALA B 345 0.63 -12.24 15.03
N VAL B 346 -0.14 -11.24 14.61
CA VAL B 346 0.44 -9.91 14.43
C VAL B 346 0.82 -9.35 15.79
N LYS B 347 -0.13 -9.35 16.73
CA LYS B 347 0.11 -8.86 18.07
C LYS B 347 1.38 -9.46 18.62
N GLU B 348 1.33 -10.78 18.82
CA GLU B 348 2.46 -11.53 19.34
C GLU B 348 3.75 -11.11 18.67
N SER B 349 3.76 -11.13 17.34
CA SER B 349 4.95 -10.73 16.58
C SER B 349 5.57 -9.48 17.21
N VAL B 350 4.73 -8.51 17.53
CA VAL B 350 5.22 -7.29 18.18
C VAL B 350 5.62 -7.60 19.62
N ASP B 351 4.75 -8.28 20.37
CA ASP B 351 5.04 -8.61 21.75
C ASP B 351 6.36 -9.36 21.85
N LYS B 352 6.74 -10.05 20.78
CA LYS B 352 7.99 -10.81 20.74
C LYS B 352 9.11 -10.15 19.90
N ASN B 353 9.09 -8.82 19.83
CA ASN B 353 10.10 -8.05 19.10
C ASN B 353 10.18 -8.28 17.59
N TYR B 354 9.04 -8.51 16.94
CA TYR B 354 8.97 -8.72 15.50
C TYR B 354 9.50 -10.06 14.99
N GLN B 355 9.00 -11.11 15.61
CA GLN B 355 9.37 -12.49 15.28
C GLN B 355 8.39 -12.98 14.19
N GLN B 356 8.85 -13.92 13.36
CA GLN B 356 8.00 -14.44 12.31
C GLN B 356 7.07 -15.52 12.87
N ILE B 357 5.77 -15.34 12.73
CA ILE B 357 4.80 -16.31 13.24
C ILE B 357 4.19 -17.16 12.13
N SER B 358 4.19 -18.48 12.35
CA SER B 358 3.62 -19.40 11.37
C SER B 358 2.30 -19.96 11.91
N LEU B 359 1.21 -19.69 11.22
CA LEU B 359 -0.10 -20.15 11.64
C LEU B 359 -0.21 -21.68 11.61
N SER B 360 0.92 -22.34 11.42
CA SER B 360 1.04 -23.80 11.34
C SER B 360 0.12 -24.59 12.28
N GLN A 6 22.30 23.18 -27.38
CA GLN A 6 23.65 23.82 -27.34
C GLN A 6 24.70 22.89 -26.68
N ILE A 7 24.34 22.27 -25.57
CA ILE A 7 25.27 21.38 -24.90
C ILE A 7 25.49 20.11 -25.70
N ARG A 8 26.76 19.84 -26.00
CA ARG A 8 27.21 18.69 -26.79
C ARG A 8 27.11 17.39 -26.02
N ILE A 9 26.09 16.59 -26.33
CA ILE A 9 25.88 15.34 -25.65
C ILE A 9 25.86 14.13 -26.58
N GLY A 10 26.42 13.02 -26.10
CA GLY A 10 26.45 11.81 -26.90
C GLY A 10 25.61 10.69 -26.32
N VAL A 11 25.99 9.46 -26.63
CA VAL A 11 25.27 8.27 -26.14
C VAL A 11 26.18 7.05 -26.19
N MSE A 12 26.68 6.64 -25.02
CA MSE A 12 27.55 5.48 -24.97
C MSE A 12 26.74 4.17 -24.93
O MSE A 12 26.59 3.56 -23.88
CB MSE A 12 28.45 5.57 -23.74
CG MSE A 12 29.36 4.37 -23.57
SE MSE A 12 30.71 4.81 -22.30
CE MSE A 12 31.80 5.92 -23.43
N GLY A 13 26.22 3.77 -26.09
CA GLY A 13 25.43 2.56 -26.17
C GLY A 13 24.02 2.89 -26.63
N CYS A 14 23.40 2.00 -27.40
CA CYS A 14 22.04 2.27 -27.87
C CYS A 14 21.02 1.16 -27.62
N ALA A 15 20.38 1.18 -26.45
CA ALA A 15 19.35 0.19 -26.13
C ALA A 15 18.00 0.91 -26.16
N ASP A 16 17.00 0.40 -25.43
CA ASP A 16 15.69 1.05 -25.43
C ASP A 16 15.71 2.49 -24.93
N ILE A 17 16.03 2.66 -23.64
CA ILE A 17 16.06 3.98 -23.02
C ILE A 17 16.97 4.91 -23.79
N ALA A 18 17.72 4.35 -24.73
CA ALA A 18 18.60 5.16 -25.56
C ALA A 18 17.71 6.05 -26.41
N ARG A 19 16.63 5.46 -26.94
CA ARG A 19 15.70 6.19 -27.81
C ARG A 19 15.00 7.35 -27.10
N LYS A 20 14.09 7.01 -26.18
CA LYS A 20 13.34 8.02 -25.43
C LYS A 20 14.24 9.17 -25.00
N VAL A 21 15.44 8.84 -24.53
CA VAL A 21 16.35 9.89 -24.10
C VAL A 21 16.98 10.63 -25.30
N SER A 22 16.89 10.04 -26.49
CA SER A 22 17.43 10.70 -27.69
C SER A 22 16.48 11.87 -27.92
N ARG A 23 15.19 11.62 -27.67
CA ARG A 23 14.16 12.64 -27.80
C ARG A 23 14.31 13.60 -26.60
N ALA A 24 14.89 13.10 -25.52
CA ALA A 24 15.10 13.91 -24.33
C ALA A 24 16.04 15.02 -24.78
N ILE A 25 17.34 14.73 -24.76
CA ILE A 25 18.35 15.68 -25.17
C ILE A 25 17.78 16.55 -26.29
N HIS A 26 17.15 15.89 -27.26
CA HIS A 26 16.54 16.57 -28.39
C HIS A 26 15.66 17.75 -27.98
N LEU A 27 14.58 17.46 -27.25
CA LEU A 27 13.63 18.48 -26.80
C LEU A 27 14.17 19.55 -25.86
N ALA A 28 15.19 19.21 -25.07
CA ALA A 28 15.76 20.20 -24.16
C ALA A 28 16.41 21.30 -25.00
N PRO A 29 15.93 22.54 -24.86
CA PRO A 29 16.45 23.70 -25.61
C PRO A 29 17.91 24.05 -25.32
N ASN A 30 18.42 23.55 -24.21
CA ASN A 30 19.80 23.84 -23.82
C ASN A 30 20.72 22.66 -24.14
N ALA A 31 20.17 21.64 -24.81
CA ALA A 31 20.97 20.47 -25.14
C ALA A 31 20.78 19.99 -26.56
N THR A 32 21.85 19.38 -27.08
CA THR A 32 21.86 18.84 -28.42
C THR A 32 22.56 17.48 -28.44
N ILE A 33 22.01 16.55 -29.21
CA ILE A 33 22.58 15.21 -29.31
C ILE A 33 23.66 15.27 -30.41
N SER A 34 24.87 14.83 -30.10
CA SER A 34 25.96 14.90 -31.07
C SER A 34 27.07 13.87 -30.91
N GLY A 35 26.72 12.62 -30.64
CA GLY A 35 27.74 11.60 -30.48
C GLY A 35 27.23 10.26 -29.97
N VAL A 36 26.44 9.58 -30.79
CA VAL A 36 25.88 8.27 -30.43
C VAL A 36 26.83 7.14 -30.79
N ALA A 37 27.39 6.49 -29.76
CA ALA A 37 28.33 5.39 -29.97
C ALA A 37 27.75 4.01 -29.63
N SER A 38 28.14 3.00 -30.42
CA SER A 38 27.67 1.64 -30.22
C SER A 38 28.83 0.65 -30.27
N ARG A 39 28.56 -0.61 -29.90
CA ARG A 39 29.58 -1.64 -29.92
C ARG A 39 29.91 -2.04 -31.37
N SER A 40 29.26 -1.37 -32.31
CA SER A 40 29.46 -1.60 -33.73
C SER A 40 28.79 -0.45 -34.45
N LEU A 41 29.49 0.18 -35.39
CA LEU A 41 28.90 1.30 -36.11
C LEU A 41 27.88 0.88 -37.16
N GLU A 42 27.23 -0.24 -36.90
CA GLU A 42 26.19 -0.76 -37.78
C GLU A 42 24.87 -0.23 -37.24
N LYS A 43 24.58 -0.59 -35.99
CA LYS A 43 23.36 -0.17 -35.30
C LYS A 43 23.44 1.31 -34.92
N ALA A 44 24.63 1.77 -34.58
CA ALA A 44 24.84 3.17 -34.20
C ALA A 44 24.21 4.07 -35.25
N LYS A 45 24.39 3.71 -36.52
CA LYS A 45 23.85 4.46 -37.65
C LYS A 45 22.32 4.43 -37.68
N ALA A 46 21.75 3.24 -37.83
CA ALA A 46 20.29 3.09 -37.88
C ALA A 46 19.62 3.76 -36.69
N PHE A 47 20.20 3.62 -35.50
CA PHE A 47 19.63 4.26 -34.31
C PHE A 47 19.48 5.75 -34.63
N ALA A 48 20.57 6.35 -35.13
CA ALA A 48 20.59 7.76 -35.50
C ALA A 48 19.51 8.03 -36.53
N THR A 49 19.47 7.20 -37.57
CA THR A 49 18.49 7.32 -38.62
C THR A 49 17.11 7.11 -37.98
N ALA A 50 16.85 5.87 -37.58
CA ALA A 50 15.60 5.47 -36.95
C ALA A 50 15.01 6.52 -36.02
N ASN A 51 15.85 7.30 -35.35
CA ASN A 51 15.36 8.32 -34.44
C ASN A 51 15.60 9.76 -34.89
N ASN A 52 15.56 9.98 -36.20
CA ASN A 52 15.76 11.33 -36.76
C ASN A 52 16.89 12.09 -36.06
N TYR A 53 18.13 11.69 -36.34
CA TYR A 53 19.28 12.36 -35.73
C TYR A 53 19.83 13.53 -36.55
N PRO A 54 20.45 14.51 -35.88
CA PRO A 54 21.01 15.68 -36.57
C PRO A 54 22.05 15.26 -37.60
N GLU A 55 22.12 16.00 -38.70
CA GLU A 55 23.05 15.72 -39.77
C GLU A 55 24.48 15.51 -39.27
N SER A 56 25.04 16.54 -38.64
CA SER A 56 26.40 16.50 -38.14
C SER A 56 26.62 15.63 -36.91
N THR A 57 25.60 14.85 -36.52
CA THR A 57 25.76 13.99 -35.34
C THR A 57 26.88 13.00 -35.62
N LYS A 58 27.99 13.17 -34.92
CA LYS A 58 29.14 12.29 -35.11
C LYS A 58 28.78 10.89 -34.62
N ILE A 59 29.07 9.89 -35.44
CA ILE A 59 28.79 8.49 -35.10
C ILE A 59 30.08 7.70 -34.96
N HIS A 60 30.29 7.13 -33.77
CA HIS A 60 31.48 6.35 -33.51
C HIS A 60 31.19 4.85 -33.49
N GLY A 61 32.19 4.04 -33.85
CA GLY A 61 32.01 2.60 -33.88
C GLY A 61 32.46 1.88 -32.62
N SER A 62 32.66 2.64 -31.53
CA SER A 62 33.09 2.07 -30.25
C SER A 62 32.88 3.10 -29.12
N TYR A 63 33.03 2.66 -27.87
CA TYR A 63 32.85 3.56 -26.73
C TYR A 63 34.08 4.45 -26.53
N GLU A 64 35.26 3.87 -26.68
CA GLU A 64 36.51 4.60 -26.53
C GLU A 64 36.59 5.78 -27.50
N SER A 65 36.05 5.58 -28.69
CA SER A 65 36.06 6.62 -29.72
C SER A 65 35.24 7.83 -29.30
N LEU A 66 34.12 7.56 -28.63
CA LEU A 66 33.22 8.61 -28.19
C LEU A 66 33.83 9.37 -27.01
N LEU A 67 34.64 8.67 -26.22
CA LEU A 67 35.28 9.27 -25.05
C LEU A 67 36.41 10.21 -25.45
N GLU A 68 36.65 10.34 -26.75
CA GLU A 68 37.71 11.20 -27.24
C GLU A 68 37.23 12.32 -28.16
N ASP A 69 35.97 12.24 -28.56
CA ASP A 69 35.35 13.25 -29.44
C ASP A 69 35.78 14.65 -29.03
N PRO A 70 36.29 15.45 -29.99
CA PRO A 70 36.73 16.82 -29.72
C PRO A 70 35.61 17.84 -29.55
N GLU A 71 34.37 17.37 -29.49
CA GLU A 71 33.22 18.26 -29.33
C GLU A 71 32.17 17.61 -28.44
N ILE A 72 32.61 17.01 -27.34
CA ILE A 72 31.73 16.33 -26.40
C ILE A 72 32.32 16.36 -24.99
N ASP A 73 31.48 16.62 -24.01
CA ASP A 73 31.91 16.66 -22.61
C ASP A 73 30.86 15.93 -21.77
N ALA A 74 29.63 15.92 -22.25
CA ALA A 74 28.51 15.28 -21.56
C ALA A 74 28.18 13.89 -22.09
N LEU A 75 28.19 12.91 -21.21
CA LEU A 75 27.89 11.53 -21.58
C LEU A 75 26.66 10.93 -20.88
N TYR A 76 25.74 10.41 -21.69
CA TYR A 76 24.56 9.72 -21.17
C TYR A 76 25.07 8.30 -21.16
N VAL A 77 24.88 7.57 -20.06
CA VAL A 77 25.37 6.20 -19.98
C VAL A 77 24.28 5.14 -19.68
N PRO A 78 23.59 4.66 -20.73
CA PRO A 78 22.52 3.65 -20.61
C PRO A 78 23.10 2.23 -20.65
N LEU A 79 24.10 1.96 -19.83
CA LEU A 79 24.73 0.65 -19.84
C LEU A 79 24.27 -0.29 -18.74
N PRO A 80 24.30 -1.61 -18.99
CA PRO A 80 23.88 -2.59 -17.97
C PRO A 80 24.58 -2.24 -16.68
N THR A 81 23.87 -2.37 -15.57
CA THR A 81 24.39 -2.05 -14.25
C THR A 81 25.85 -2.46 -14.03
N SER A 82 26.21 -3.67 -14.44
CA SER A 82 27.56 -4.18 -14.24
C SER A 82 28.70 -3.43 -14.94
N LEU A 83 28.40 -2.58 -15.92
CA LEU A 83 29.44 -1.84 -16.61
C LEU A 83 29.61 -0.39 -16.13
N HIS A 84 28.96 -0.04 -15.03
CA HIS A 84 29.05 1.32 -14.54
C HIS A 84 30.33 1.62 -13.77
N VAL A 85 30.63 0.80 -12.77
CA VAL A 85 31.80 1.03 -11.94
C VAL A 85 33.10 1.02 -12.74
N GLU A 86 32.99 0.81 -14.05
CA GLU A 86 34.15 0.78 -14.94
C GLU A 86 34.13 1.91 -15.96
N TRP A 87 33.02 2.04 -16.67
CA TRP A 87 32.89 3.07 -17.70
C TRP A 87 32.56 4.46 -17.20
N ALA A 88 31.77 4.55 -16.14
CA ALA A 88 31.41 5.85 -15.59
C ALA A 88 32.71 6.49 -15.12
N ILE A 89 33.47 5.73 -14.34
CA ILE A 89 34.76 6.19 -13.82
C ILE A 89 35.70 6.40 -15.01
N LYS A 90 35.44 5.67 -16.11
CA LYS A 90 36.25 5.79 -17.32
C LYS A 90 35.95 7.07 -18.06
N ALA A 91 34.70 7.52 -18.03
CA ALA A 91 34.36 8.75 -18.72
C ALA A 91 34.87 9.97 -17.94
N ALA A 92 34.86 9.86 -16.62
CA ALA A 92 35.29 10.94 -15.75
C ALA A 92 36.79 11.21 -15.83
N GLU A 93 37.58 10.13 -15.87
CA GLU A 93 39.03 10.28 -15.95
C GLU A 93 39.40 11.02 -17.23
N LYS A 94 38.46 11.08 -18.17
CA LYS A 94 38.66 11.79 -19.43
C LYS A 94 37.92 13.14 -19.36
N GLY A 95 37.68 13.59 -18.12
CA GLY A 95 37.03 14.85 -17.87
C GLY A 95 35.64 15.08 -18.46
N LYS A 96 34.85 14.02 -18.63
CA LYS A 96 33.52 14.21 -19.18
C LYS A 96 32.43 14.04 -18.13
N HIS A 97 31.45 14.93 -18.19
CA HIS A 97 30.32 14.91 -17.26
C HIS A 97 29.39 13.77 -17.70
N ILE A 98 28.96 12.96 -16.73
CA ILE A 98 28.12 11.81 -17.02
C ILE A 98 26.76 11.70 -16.34
N LEU A 99 25.74 11.47 -17.14
CA LEU A 99 24.38 11.25 -16.66
C LEU A 99 24.33 9.72 -16.60
N LEU A 100 24.38 9.17 -15.38
CA LEU A 100 24.38 7.71 -15.19
C LEU A 100 22.98 7.10 -15.02
N GLU A 101 22.60 6.22 -15.97
CA GLU A 101 21.30 5.55 -15.95
C GLU A 101 21.09 4.74 -14.69
N LYS A 102 19.92 4.89 -14.08
CA LYS A 102 19.59 4.17 -12.86
C LYS A 102 19.42 2.69 -13.15
N PRO A 103 19.88 1.81 -12.23
CA PRO A 103 20.53 2.18 -10.96
C PRO A 103 21.95 2.65 -11.24
N VAL A 104 22.59 3.28 -10.25
CA VAL A 104 23.94 3.79 -10.45
C VAL A 104 25.07 2.77 -10.58
N ALA A 105 25.02 1.71 -9.78
CA ALA A 105 26.05 0.67 -9.83
C ALA A 105 25.58 -0.56 -9.08
N MSE A 106 26.41 -1.59 -9.05
CA MSE A 106 26.07 -2.84 -8.37
C MSE A 106 26.15 -2.72 -6.85
O MSE A 106 25.94 -3.70 -6.13
CB MSE A 106 26.99 -3.98 -8.83
CG MSE A 106 26.90 -4.34 -10.31
SE MSE A 106 25.16 -5.00 -10.84
CE MSE A 106 24.92 -6.30 -9.44
N ASN A 107 26.44 -1.52 -6.35
CA ASN A 107 26.52 -1.26 -4.92
C ASN A 107 27.16 0.08 -4.63
N VAL A 108 26.85 0.64 -3.46
CA VAL A 108 27.38 1.94 -3.06
C VAL A 108 28.91 1.97 -3.17
N THR A 109 29.57 0.91 -2.71
CA THR A 109 31.04 0.82 -2.79
C THR A 109 31.47 1.14 -4.23
N GLU A 110 30.72 0.59 -5.19
CA GLU A 110 30.98 0.82 -6.61
C GLU A 110 30.55 2.23 -7.03
N PHE A 111 29.54 2.79 -6.36
CA PHE A 111 29.09 4.13 -6.72
C PHE A 111 30.11 5.17 -6.24
N ASP A 112 30.46 5.14 -4.96
CA ASP A 112 31.42 6.09 -4.43
C ASP A 112 32.64 6.15 -5.33
N LYS A 113 33.22 5.00 -5.62
CA LYS A 113 34.38 4.95 -6.50
C LYS A 113 34.13 5.84 -7.73
N ILE A 114 32.92 5.81 -8.26
CA ILE A 114 32.57 6.61 -9.43
C ILE A 114 32.34 8.06 -9.01
N VAL A 115 31.89 8.24 -7.78
CA VAL A 115 31.63 9.58 -7.26
C VAL A 115 32.97 10.27 -7.04
N ASP A 116 33.75 9.72 -6.11
CA ASP A 116 35.06 10.27 -5.80
C ASP A 116 35.92 10.42 -7.05
N ALA A 117 35.79 9.46 -7.98
CA ALA A 117 36.55 9.49 -9.23
C ALA A 117 36.08 10.62 -10.13
N CYS A 118 34.85 11.09 -9.92
CA CYS A 118 34.28 12.19 -10.70
C CYS A 118 34.64 13.53 -10.04
N GLU A 119 34.92 13.48 -8.74
CA GLU A 119 35.30 14.67 -7.98
C GLU A 119 36.70 15.11 -8.39
N ALA A 120 37.63 14.18 -8.34
CA ALA A 120 39.02 14.43 -8.70
C ALA A 120 39.12 15.15 -10.05
N ASN A 121 38.21 14.80 -10.96
CA ASN A 121 38.19 15.37 -12.30
C ASN A 121 37.22 16.52 -12.52
N GLY A 122 36.54 16.95 -11.45
CA GLY A 122 35.59 18.04 -11.58
C GLY A 122 34.54 17.89 -12.68
N VAL A 123 33.61 16.96 -12.48
CA VAL A 123 32.53 16.74 -13.45
C VAL A 123 31.20 16.53 -12.74
N GLN A 124 30.12 16.92 -13.41
CA GLN A 124 28.77 16.82 -12.84
C GLN A 124 28.00 15.56 -13.24
N ILE A 125 27.81 14.64 -12.30
CA ILE A 125 27.07 13.42 -12.60
C ILE A 125 25.62 13.55 -12.14
N MSE A 126 24.69 13.05 -12.96
CA MSE A 126 23.26 13.12 -12.67
C MSE A 126 22.62 11.73 -12.93
O MSE A 126 22.65 11.22 -14.06
CB MSE A 126 22.62 14.22 -13.55
CG MSE A 126 21.30 14.83 -13.02
SE MSE A 126 20.90 16.74 -13.41
CE MSE A 126 19.58 16.53 -14.80
N ASP A 127 22.05 11.12 -11.87
CA ASP A 127 21.41 9.79 -11.97
C ASP A 127 20.45 9.79 -13.15
N GLY A 128 19.91 8.62 -13.48
CA GLY A 128 18.96 8.52 -14.58
C GLY A 128 17.48 8.45 -14.22
N THR A 129 17.15 8.46 -12.92
CA THR A 129 15.76 8.43 -12.46
C THR A 129 15.03 9.63 -13.09
N MSE A 130 14.27 9.40 -14.16
CA MSE A 130 13.59 10.51 -14.83
C MSE A 130 12.18 10.86 -14.34
O MSE A 130 11.29 11.05 -15.18
CB MSE A 130 13.52 10.29 -16.35
CG MSE A 130 12.84 9.01 -16.78
SE MSE A 130 12.36 9.06 -18.66
CE MSE A 130 14.09 8.55 -19.41
N TRP A 131 11.98 10.98 -13.02
CA TRP A 131 10.63 11.33 -12.53
C TRP A 131 10.57 12.64 -11.76
N VAL A 132 11.53 12.87 -10.86
CA VAL A 132 11.55 14.08 -10.05
C VAL A 132 11.71 15.39 -10.83
N HIS A 133 11.80 15.31 -12.16
CA HIS A 133 11.92 16.52 -12.96
C HIS A 133 10.59 17.06 -13.45
N ASN A 134 9.57 16.20 -13.43
CA ASN A 134 8.23 16.61 -13.82
C ASN A 134 7.82 17.72 -12.86
N PRO A 135 7.17 18.78 -13.38
CA PRO A 135 6.71 19.92 -12.59
C PRO A 135 5.97 19.51 -11.30
N ARG A 136 5.19 18.44 -11.39
CA ARG A 136 4.41 17.93 -10.26
C ARG A 136 5.21 17.60 -9.02
N THR A 137 6.42 17.06 -9.21
CA THR A 137 7.23 16.67 -8.07
C THR A 137 7.53 17.84 -7.14
N ALA A 138 7.62 19.04 -7.70
CA ALA A 138 7.89 20.23 -6.90
C ALA A 138 6.63 20.65 -6.16
N LEU A 139 5.52 20.79 -6.90
CA LEU A 139 4.25 21.21 -6.32
C LEU A 139 3.64 20.03 -5.59
N LEU A 140 4.52 19.16 -5.07
CA LEU A 140 4.14 17.98 -4.31
C LEU A 140 5.06 17.85 -3.11
N LYS A 141 6.31 18.28 -3.26
CA LYS A 141 7.26 18.26 -2.16
C LYS A 141 6.75 19.32 -1.20
N GLU A 142 6.08 20.31 -1.76
CA GLU A 142 5.51 21.40 -0.98
C GLU A 142 4.38 20.89 -0.09
N PHE A 143 3.48 20.09 -0.67
CA PHE A 143 2.36 19.54 0.08
C PHE A 143 2.86 18.77 1.30
N LEU A 144 3.82 17.87 1.09
CA LEU A 144 4.39 17.09 2.17
C LEU A 144 5.14 18.00 3.13
N SER A 145 5.24 19.27 2.79
CA SER A 145 5.94 20.25 3.64
C SER A 145 4.96 21.16 4.40
N ASP A 146 3.69 21.13 4.00
CA ASP A 146 2.68 21.97 4.65
C ASP A 146 2.29 21.39 6.02
N SER A 147 2.88 21.93 7.07
CA SER A 147 2.61 21.45 8.42
C SER A 147 1.14 21.60 8.78
N GLU A 148 0.35 22.10 7.83
CA GLU A 148 -1.07 22.30 8.05
C GLU A 148 -1.93 21.46 7.10
N ARG A 149 -1.85 21.74 5.80
CA ARG A 149 -2.63 20.99 4.82
C ARG A 149 -2.23 19.53 4.77
N PHE A 150 -1.06 19.22 5.34
CA PHE A 150 -0.56 17.84 5.36
C PHE A 150 -0.17 17.39 6.77
N GLY A 151 0.50 18.27 7.50
CA GLY A 151 0.90 17.94 8.86
C GLY A 151 2.23 17.22 9.04
N GLN A 152 2.21 16.15 9.83
CA GLN A 152 3.42 15.36 10.11
C GLN A 152 3.38 13.96 9.50
N LEU A 153 4.45 13.61 8.76
CA LEU A 153 4.57 12.31 8.13
C LEU A 153 4.66 11.19 9.15
N LYS A 154 3.96 10.09 8.90
CA LYS A 154 4.00 8.98 9.82
C LYS A 154 4.59 7.76 9.11
N THR A 155 4.10 7.50 7.90
CA THR A 155 4.61 6.37 7.12
C THR A 155 4.47 6.62 5.62
N VAL A 156 5.08 5.76 4.82
CA VAL A 156 4.98 5.90 3.38
C VAL A 156 5.13 4.56 2.66
N GLN A 157 4.10 4.21 1.90
CA GLN A 157 4.04 2.98 1.13
C GLN A 157 4.25 3.27 -0.36
N SER A 158 5.23 2.64 -0.98
CA SER A 158 5.46 2.87 -2.39
C SER A 158 5.79 1.59 -3.18
N CYS A 159 5.44 1.58 -4.46
CA CYS A 159 5.74 0.41 -5.28
C CYS A 159 5.64 0.62 -6.78
N PHE A 160 6.33 -0.24 -7.50
CA PHE A 160 6.31 -0.25 -8.95
C PHE A 160 6.28 -1.72 -9.40
N SER A 161 5.16 -2.12 -10.00
CA SER A 161 5.00 -3.48 -10.47
C SER A 161 4.73 -3.51 -11.96
N PHE A 162 5.16 -4.60 -12.60
CA PHE A 162 4.95 -4.80 -14.03
C PHE A 162 5.34 -6.24 -14.25
N ALA A 163 4.67 -6.90 -15.18
CA ALA A 163 4.92 -8.31 -15.44
C ALA A 163 5.52 -8.56 -16.81
N GLY A 164 6.79 -8.97 -16.83
CA GLY A 164 7.44 -9.24 -18.09
C GLY A 164 6.81 -10.37 -18.88
N ASP A 165 7.06 -10.41 -20.20
CA ASP A 165 6.52 -11.47 -21.04
C ASP A 165 7.54 -12.61 -21.12
N GLU A 166 7.11 -13.78 -21.57
CA GLU A 166 8.00 -14.92 -21.67
C GLU A 166 9.38 -14.53 -22.21
N ASP A 167 9.38 -13.62 -23.17
CA ASP A 167 10.63 -13.14 -23.75
C ASP A 167 11.46 -12.37 -22.72
N PHE A 168 10.76 -11.63 -21.84
CA PHE A 168 11.41 -10.86 -20.80
C PHE A 168 12.09 -11.75 -19.74
N LEU A 169 11.29 -12.61 -19.11
CA LEU A 169 11.81 -13.49 -18.08
C LEU A 169 12.87 -14.41 -18.62
N LYS A 170 13.02 -14.40 -19.94
CA LYS A 170 14.00 -15.23 -20.58
C LYS A 170 15.23 -14.41 -21.00
N ASN A 171 15.03 -13.47 -21.91
CA ASN A 171 16.14 -12.68 -22.44
C ASN A 171 16.34 -11.22 -22.00
N ASP A 172 16.11 -10.92 -20.73
CA ASP A 172 16.29 -9.54 -20.28
C ASP A 172 17.51 -9.35 -19.37
N ILE A 173 18.29 -8.30 -19.62
CA ILE A 173 19.49 -8.05 -18.83
C ILE A 173 19.16 -7.78 -17.36
N ARG A 174 17.89 -7.50 -17.09
CA ARG A 174 17.43 -7.21 -15.73
C ARG A 174 17.08 -8.45 -14.89
N VAL A 175 17.86 -9.52 -15.05
CA VAL A 175 17.68 -10.76 -14.30
C VAL A 175 19.04 -11.45 -14.32
N LYS A 176 19.71 -11.35 -15.47
CA LYS A 176 21.04 -11.93 -15.68
C LYS A 176 21.95 -11.43 -14.56
N PRO A 177 22.39 -12.33 -13.68
CA PRO A 177 23.26 -11.91 -12.58
C PRO A 177 24.47 -11.09 -13.02
N GLY A 178 24.94 -11.33 -14.25
CA GLY A 178 26.09 -10.62 -14.76
C GLY A 178 25.88 -9.25 -15.40
N LEU A 179 24.63 -8.93 -15.77
CA LEU A 179 24.33 -7.65 -16.39
C LEU A 179 23.64 -6.72 -15.41
N ASP A 180 22.32 -6.59 -15.50
CA ASP A 180 21.57 -5.76 -14.56
C ASP A 180 21.14 -6.67 -13.43
N GLY A 181 22.14 -7.23 -12.74
CA GLY A 181 21.93 -8.17 -11.67
C GLY A 181 21.08 -7.83 -10.46
N LEU A 182 20.69 -6.57 -10.27
CA LEU A 182 19.87 -6.24 -9.10
C LEU A 182 18.39 -6.57 -9.34
N GLY A 183 18.08 -7.00 -10.57
CA GLY A 183 16.72 -7.37 -10.92
C GLY A 183 15.61 -6.38 -10.60
N ALA A 184 14.48 -6.90 -10.14
CA ALA A 184 13.34 -6.07 -9.81
C ALA A 184 13.61 -5.20 -8.59
N LEU A 185 14.39 -5.72 -7.65
CA LEU A 185 14.71 -4.98 -6.44
C LEU A 185 15.53 -3.75 -6.75
N GLY A 186 16.31 -3.82 -7.83
CA GLY A 186 17.14 -2.69 -8.22
C GLY A 186 16.63 -1.90 -9.41
N ASP A 187 15.73 -2.49 -10.20
CA ASP A 187 15.19 -1.80 -11.35
C ASP A 187 13.86 -1.10 -11.04
N ALA A 188 13.09 -1.67 -10.12
CA ALA A 188 11.81 -1.09 -9.76
C ALA A 188 11.74 -0.59 -8.31
N GLY A 189 12.18 -1.42 -7.38
CA GLY A 189 12.15 -1.02 -5.97
C GLY A 189 12.91 0.27 -5.75
N TRP A 190 13.82 0.54 -6.68
CA TRP A 190 14.66 1.72 -6.70
C TRP A 190 13.85 3.00 -6.81
N TYR A 191 12.73 2.94 -7.51
CA TYR A 191 11.88 4.11 -7.71
C TYR A 191 11.01 4.38 -6.49
N ALA A 192 10.45 3.32 -5.94
CA ALA A 192 9.60 3.45 -4.77
C ALA A 192 10.49 4.03 -3.69
N ILE A 193 11.69 3.46 -3.54
CA ILE A 193 12.65 3.92 -2.57
C ILE A 193 12.88 5.44 -2.73
N ARG A 194 13.02 5.89 -3.97
CA ARG A 194 13.25 7.31 -4.23
C ARG A 194 12.12 8.20 -3.72
N ALA A 195 10.93 7.63 -3.58
CA ALA A 195 9.80 8.43 -3.08
C ALA A 195 9.90 8.41 -1.57
N THR A 196 10.25 7.24 -1.03
CA THR A 196 10.40 7.04 0.39
C THR A 196 11.46 7.96 1.00
N LEU A 197 12.65 7.96 0.40
CA LEU A 197 13.74 8.81 0.90
C LEU A 197 13.38 10.29 0.74
N LEU A 198 12.70 10.59 -0.35
CA LEU A 198 12.28 11.96 -0.63
C LEU A 198 11.25 12.44 0.39
N ALA A 199 10.11 11.75 0.47
CA ALA A 199 9.06 12.10 1.41
C ALA A 199 9.57 12.27 2.83
N ASN A 200 10.70 11.62 3.14
CA ASN A 200 11.32 11.68 4.46
C ASN A 200 12.47 12.69 4.53
N ASN A 201 12.56 13.54 3.52
CA ASN A 201 13.61 14.56 3.46
C ASN A 201 15.02 13.98 3.33
N PHE A 202 15.19 13.05 2.39
CA PHE A 202 16.50 12.45 2.10
C PHE A 202 17.21 11.88 3.32
N GLU A 203 16.43 11.52 4.33
CA GLU A 203 16.99 10.96 5.55
C GLU A 203 16.91 9.45 5.57
N LEU A 204 18.07 8.80 5.52
CA LEU A 204 18.11 7.34 5.57
C LEU A 204 17.37 6.86 6.80
N PRO A 205 16.67 5.71 6.69
CA PRO A 205 15.93 5.17 7.83
C PRO A 205 16.96 4.53 8.78
N LYS A 206 16.64 4.43 10.06
CA LYS A 206 17.58 3.84 11.01
C LYS A 206 18.00 2.47 10.50
N THR A 207 17.01 1.60 10.31
CA THR A 207 17.28 0.27 9.80
C THR A 207 16.39 0.03 8.59
N VAL A 208 16.48 -1.17 8.02
CA VAL A 208 15.69 -1.55 6.86
C VAL A 208 15.50 -3.05 6.96
N THR A 209 14.26 -3.51 6.80
CA THR A 209 13.97 -4.94 6.91
C THR A 209 13.19 -5.50 5.73
N ALA A 210 13.69 -6.61 5.17
CA ALA A 210 13.03 -7.26 4.04
C ALA A 210 12.09 -8.35 4.51
N PHE A 211 10.81 -8.27 4.15
CA PHE A 211 9.86 -9.28 4.55
C PHE A 211 9.83 -10.48 3.60
N PRO A 212 9.39 -11.64 4.10
CA PRO A 212 9.27 -12.89 3.33
C PRO A 212 8.48 -12.73 2.03
N GLY A 213 8.63 -13.71 1.12
CA GLY A 213 7.92 -13.67 -0.15
C GLY A 213 8.81 -13.38 -1.35
N ALA A 214 9.96 -12.76 -1.11
CA ALA A 214 10.90 -12.46 -2.18
C ALA A 214 11.05 -13.65 -3.12
N VAL A 215 10.92 -13.40 -4.43
CA VAL A 215 11.06 -14.46 -5.44
C VAL A 215 12.34 -14.34 -6.24
N LEU A 216 13.14 -15.41 -6.18
CA LEU A 216 14.40 -15.48 -6.91
C LEU A 216 14.21 -16.34 -8.16
N ASN A 217 14.93 -16.00 -9.23
CA ASN A 217 14.84 -16.79 -10.45
C ASN A 217 15.92 -17.86 -10.31
N GLU A 218 16.03 -18.77 -11.28
CA GLU A 218 17.03 -19.84 -11.18
C GLU A 218 18.50 -19.40 -11.22
N ALA A 219 18.76 -18.13 -10.89
CA ALA A 219 20.14 -17.62 -10.87
C ALA A 219 20.42 -16.80 -9.61
N GLY A 220 19.42 -16.72 -8.73
CA GLY A 220 19.60 -16.00 -7.48
C GLY A 220 19.36 -14.49 -7.50
N VAL A 221 18.64 -14.02 -8.53
CA VAL A 221 18.33 -12.59 -8.62
C VAL A 221 16.87 -12.37 -8.20
N ILE A 222 16.49 -11.10 -8.02
CA ILE A 222 15.13 -10.78 -7.61
C ILE A 222 14.13 -10.58 -8.74
N LEU A 223 12.96 -11.17 -8.57
CA LEU A 223 11.87 -11.04 -9.52
C LEU A 223 10.75 -10.30 -8.80
N SER A 224 10.70 -10.46 -7.48
CA SER A 224 9.72 -9.76 -6.65
C SER A 224 10.20 -9.74 -5.21
N CYS A 225 9.77 -8.69 -4.49
CA CYS A 225 10.11 -8.50 -3.08
C CYS A 225 10.04 -7.02 -2.74
N GLY A 226 9.93 -6.72 -1.44
CA GLY A 226 9.87 -5.34 -0.98
C GLY A 226 10.53 -5.20 0.39
N ALA A 227 10.14 -4.19 1.18
CA ALA A 227 10.73 -4.04 2.51
C ALA A 227 10.18 -2.88 3.31
N SER A 228 10.19 -3.03 4.64
CA SER A 228 9.73 -1.96 5.51
C SER A 228 10.95 -1.25 6.08
N LEU A 229 10.90 0.07 6.17
CA LEU A 229 12.01 0.84 6.69
C LEU A 229 11.56 1.40 8.04
N SER A 230 12.51 1.62 8.94
CA SER A 230 12.16 2.15 10.26
C SER A 230 13.08 3.25 10.77
N TRP A 231 12.51 4.43 10.97
CA TRP A 231 13.25 5.58 11.48
C TRP A 231 13.21 5.55 13.02
N GLU A 232 12.72 4.45 13.58
CA GLU A 232 12.64 4.24 15.03
C GLU A 232 11.97 5.34 15.87
N ASP A 233 11.14 6.17 15.24
CA ASP A 233 10.47 7.24 15.98
C ASP A 233 8.98 7.37 15.65
N GLY A 234 8.35 6.27 15.28
CA GLY A 234 6.94 6.30 14.95
C GLY A 234 6.78 6.30 13.43
N ARG A 235 7.87 6.60 12.73
CA ARG A 235 7.90 6.63 11.28
C ARG A 235 8.41 5.31 10.71
N THR A 236 7.71 4.80 9.70
CA THR A 236 8.09 3.56 9.05
C THR A 236 7.70 3.74 7.60
N ALA A 237 7.95 2.71 6.80
CA ALA A 237 7.58 2.77 5.39
C ALA A 237 7.81 1.38 4.81
N THR A 238 7.17 1.12 3.68
CA THR A 238 7.34 -0.17 3.02
C THR A 238 7.53 0.08 1.53
N ILE A 239 7.96 -0.95 0.83
CA ILE A 239 8.16 -0.85 -0.61
C ILE A 239 7.86 -2.21 -1.16
N TYR A 240 7.58 -2.26 -2.45
CA TYR A 240 7.27 -3.50 -3.14
C TYR A 240 7.67 -3.32 -4.60
N CYS A 241 8.39 -4.31 -5.14
CA CYS A 241 8.82 -4.27 -6.53
C CYS A 241 8.74 -5.67 -7.13
N SER A 242 8.74 -5.78 -8.46
CA SER A 242 8.63 -7.08 -9.14
C SER A 242 8.58 -7.03 -10.67
N PHE A 243 8.77 -8.19 -11.28
CA PHE A 243 8.71 -8.37 -12.73
C PHE A 243 7.56 -9.34 -13.01
N LEU A 244 6.87 -9.75 -11.95
CA LEU A 244 5.78 -10.72 -12.07
C LEU A 244 4.38 -10.13 -11.95
N ALA A 245 4.20 -9.13 -11.09
CA ALA A 245 2.90 -8.51 -10.90
C ALA A 245 2.56 -7.60 -12.07
N ASN A 246 1.27 -7.34 -12.25
CA ASN A 246 0.83 -6.49 -13.35
C ASN A 246 1.06 -5.01 -13.11
N LEU A 247 1.24 -4.29 -14.21
CA LEU A 247 1.50 -2.86 -14.21
C LEU A 247 0.65 -2.10 -13.19
N THR A 248 1.35 -1.41 -12.28
CA THR A 248 0.73 -0.66 -11.20
C THR A 248 1.84 0.22 -10.61
N MSE A 249 1.50 1.45 -10.24
CA MSE A 249 2.47 2.38 -9.66
C MSE A 249 1.73 3.06 -8.53
O MSE A 249 0.52 3.11 -8.57
CB MSE A 249 2.94 3.44 -10.67
CG MSE A 249 3.75 2.92 -11.84
SE MSE A 249 4.10 4.40 -13.06
CE MSE A 249 2.26 4.88 -13.37
N GLU A 250 2.46 3.60 -7.55
CA GLU A 250 1.82 4.32 -6.46
C GLU A 250 2.73 4.71 -5.31
N ILE A 251 2.44 5.88 -4.75
CA ILE A 251 3.15 6.38 -3.58
C ILE A 251 2.08 6.64 -2.56
N THR A 252 2.26 6.17 -1.33
CA THR A 252 1.30 6.47 -0.28
C THR A 252 2.10 7.05 0.89
N ALA A 253 1.77 8.29 1.24
CA ALA A 253 2.43 8.96 2.36
C ALA A 253 1.35 9.37 3.33
N ILE A 254 1.35 8.76 4.51
CA ILE A 254 0.35 9.07 5.52
C ILE A 254 0.84 10.13 6.51
N GLY A 255 0.26 11.32 6.40
CA GLY A 255 0.66 12.40 7.28
C GLY A 255 -0.25 12.46 8.50
N THR A 256 -0.05 13.48 9.31
CA THR A 256 -0.86 13.68 10.51
C THR A 256 -2.10 14.50 10.16
N LYS A 257 -2.07 15.14 9.00
CA LYS A 257 -3.20 15.97 8.58
C LYS A 257 -3.56 15.82 7.10
N GLY A 258 -2.93 14.87 6.41
CA GLY A 258 -3.23 14.65 5.00
C GLY A 258 -2.68 13.39 4.36
N THR A 259 -3.02 13.18 3.09
CA THR A 259 -2.57 12.02 2.33
C THR A 259 -2.01 12.49 0.98
N LEU A 260 -1.44 11.58 0.20
CA LEU A 260 -0.89 11.95 -1.10
C LEU A 260 -1.00 10.85 -2.15
N ARG A 261 -2.00 10.93 -3.02
CA ARG A 261 -2.15 9.91 -4.05
C ARG A 261 -1.72 10.34 -5.45
N VAL A 262 -0.93 9.48 -6.10
CA VAL A 262 -0.42 9.71 -7.44
C VAL A 262 -0.27 8.33 -8.07
N HIS A 263 -0.16 8.29 -9.39
CA HIS A 263 0.02 7.03 -10.08
C HIS A 263 0.84 7.24 -11.35
N ASP A 264 2.07 7.72 -11.13
CA ASP A 264 3.05 7.99 -12.16
C ASP A 264 4.41 7.86 -11.48
N PHE A 265 4.96 9.00 -11.06
CA PHE A 265 6.26 9.09 -10.39
C PHE A 265 7.37 8.18 -10.91
N ILE A 266 7.14 7.59 -12.08
CA ILE A 266 8.12 6.73 -12.74
C ILE A 266 7.62 6.62 -14.17
N ILE A 267 6.56 7.37 -14.47
CA ILE A 267 5.90 7.41 -15.77
C ILE A 267 4.43 7.83 -15.64
N PRO A 268 4.07 9.04 -16.11
CA PRO A 268 2.67 9.46 -16.01
C PRO A 268 1.86 8.85 -17.14
N TYR A 269 0.54 8.87 -17.02
CA TYR A 269 -0.32 8.29 -18.05
C TYR A 269 -0.10 9.02 -19.37
N LYS A 270 -0.24 10.35 -19.35
CA LYS A 270 -0.05 11.17 -20.54
C LYS A 270 1.06 12.19 -20.24
N GLU A 271 1.79 12.63 -21.25
CA GLU A 271 2.86 13.58 -21.00
C GLU A 271 2.38 15.03 -20.90
N THR A 272 1.31 15.37 -21.60
CA THR A 272 0.80 16.73 -21.57
C THR A 272 0.47 17.20 -20.15
N GLU A 273 0.46 16.29 -19.18
CA GLU A 273 0.12 16.69 -17.81
C GLU A 273 0.49 15.67 -16.71
N ALA A 274 0.31 16.10 -15.47
CA ALA A 274 0.59 15.28 -14.30
C ALA A 274 -0.44 15.55 -13.20
N SER A 275 -1.36 14.61 -13.00
CA SER A 275 -2.42 14.73 -12.01
C SER A 275 -2.05 14.02 -10.70
N PHE A 276 -2.79 14.30 -9.64
CA PHE A 276 -2.56 13.69 -8.33
C PHE A 276 -3.68 14.08 -7.35
N THR A 277 -3.76 13.40 -6.22
CA THR A 277 -4.83 13.67 -5.26
C THR A 277 -4.37 13.83 -3.82
N THR A 278 -5.14 14.60 -3.04
CA THR A 278 -4.82 14.82 -1.63
C THR A 278 -6.04 15.11 -0.78
N SER A 279 -5.84 15.14 0.53
CA SER A 279 -6.93 15.39 1.47
C SER A 279 -6.37 15.78 2.84
N THR A 280 -6.89 16.85 3.41
CA THR A 280 -6.43 17.31 4.71
C THR A 280 -7.45 16.96 5.79
N LYS A 281 -7.01 16.29 6.84
CA LYS A 281 -7.89 15.89 7.94
C LYS A 281 -9.04 15.06 7.41
N ALA A 282 -9.12 13.80 7.81
CA ALA A 282 -10.19 12.97 7.31
C ALA A 282 -11.15 12.52 8.40
N TRP A 283 -12.38 13.02 8.34
CA TRP A 283 -13.40 12.66 9.31
C TRP A 283 -14.72 12.35 8.62
N PHE A 284 -15.57 11.57 9.29
CA PHE A 284 -16.87 11.17 8.73
C PHE A 284 -17.98 12.18 9.03
N ASN A 285 -19.19 11.86 8.59
CA ASN A 285 -20.35 12.69 8.87
C ASN A 285 -20.80 12.21 10.23
N ASP A 286 -21.94 12.70 10.70
CA ASP A 286 -22.44 12.32 12.02
C ASP A 286 -22.61 10.83 12.29
N LEU A 287 -23.37 10.14 11.44
CA LEU A 287 -23.60 8.73 11.66
C LEU A 287 -22.64 7.82 10.89
N VAL A 288 -21.51 8.37 10.46
CA VAL A 288 -20.52 7.60 9.73
C VAL A 288 -21.21 6.88 8.57
N THR A 289 -21.97 7.64 7.81
CA THR A 289 -22.70 7.15 6.66
C THR A 289 -22.11 7.84 5.43
N ALA A 290 -21.08 8.65 5.69
CA ALA A 290 -20.41 9.39 4.63
C ALA A 290 -19.19 10.12 5.15
N TRP A 291 -18.28 10.47 4.24
CA TRP A 291 -17.07 11.23 4.56
C TRP A 291 -17.44 12.69 4.36
N VAL A 292 -16.88 13.57 5.17
CA VAL A 292 -17.20 14.98 5.03
C VAL A 292 -16.87 15.40 3.60
N SER A 293 -15.67 15.04 3.16
CA SER A 293 -15.23 15.39 1.81
C SER A 293 -14.11 14.46 1.31
N PRO A 294 -14.40 13.71 0.23
CA PRO A 294 -13.38 12.80 -0.30
C PRO A 294 -12.13 13.59 -0.74
N PRO A 295 -11.07 12.88 -1.14
CA PRO A 295 -9.83 13.53 -1.58
C PRO A 295 -10.02 14.52 -2.73
N SER A 296 -9.02 15.38 -2.91
CA SER A 296 -9.03 16.40 -3.94
C SER A 296 -8.03 16.11 -5.06
N GLU A 297 -8.50 16.26 -6.30
CA GLU A 297 -7.67 16.04 -7.49
C GLU A 297 -6.95 17.30 -7.98
N HIS A 298 -5.68 17.16 -8.32
CA HIS A 298 -4.86 18.27 -8.82
C HIS A 298 -4.07 17.84 -10.05
N THR A 299 -4.16 18.63 -11.11
CA THR A 299 -3.44 18.32 -12.35
C THR A 299 -2.52 19.45 -12.76
N VAL A 300 -1.41 19.12 -13.41
CA VAL A 300 -0.46 20.13 -13.88
C VAL A 300 -0.21 19.90 -15.38
N LYS A 301 -0.36 20.97 -16.16
CA LYS A 301 -0.17 20.91 -17.61
C LYS A 301 1.31 21.09 -17.96
N THR A 302 2.01 19.99 -18.20
CA THR A 302 3.42 20.04 -18.56
C THR A 302 3.61 20.17 -20.08
N GLU A 303 3.95 21.37 -20.53
CA GLU A 303 4.15 21.66 -21.95
C GLU A 303 5.42 20.98 -22.45
N LEU A 304 6.36 20.79 -21.53
CA LEU A 304 7.64 20.15 -21.83
C LEU A 304 7.67 18.76 -21.21
N PRO A 305 7.94 17.72 -22.01
CA PRO A 305 8.00 16.34 -21.54
C PRO A 305 8.86 16.16 -20.28
N GLN A 306 8.90 14.95 -19.75
CA GLN A 306 9.68 14.69 -18.54
C GLN A 306 11.14 14.61 -18.93
N GLU A 307 11.59 13.45 -19.38
CA GLU A 307 12.97 13.24 -19.79
C GLU A 307 13.53 14.50 -20.45
N ALA A 308 12.65 15.25 -21.11
CA ALA A 308 13.05 16.49 -21.77
C ALA A 308 13.40 17.52 -20.70
N CYS A 309 12.45 17.78 -19.80
CA CYS A 309 12.65 18.72 -18.73
C CYS A 309 13.84 18.26 -17.88
N MSE A 310 14.14 16.96 -17.96
CA MSE A 310 15.26 16.40 -17.22
C MSE A 310 16.55 16.88 -17.85
O MSE A 310 17.45 17.34 -17.15
CB MSE A 310 15.26 14.86 -17.26
CG MSE A 310 16.52 14.23 -16.62
SE MSE A 310 16.55 12.30 -16.68
CE MSE A 310 16.80 12.08 -18.58
N VAL A 311 16.63 16.77 -19.18
CA VAL A 311 17.79 17.19 -19.94
C VAL A 311 18.05 18.69 -19.81
N ARG A 312 17.02 19.46 -19.45
CA ARG A 312 17.15 20.90 -19.31
C ARG A 312 17.73 21.21 -17.94
N GLU A 313 18.15 20.18 -17.23
CA GLU A 313 18.76 20.38 -15.92
C GLU A 313 20.15 19.79 -15.88
N PHE A 314 20.46 18.91 -16.81
CA PHE A 314 21.79 18.30 -16.83
C PHE A 314 22.73 19.25 -17.58
N ALA A 315 22.25 19.80 -18.68
CA ALA A 315 23.05 20.71 -19.48
C ALA A 315 23.44 21.95 -18.66
N ARG A 316 23.08 21.96 -17.38
CA ARG A 316 23.41 23.07 -16.49
C ARG A 316 24.91 23.37 -16.45
N LEU A 317 25.71 22.53 -17.11
CA LEU A 317 27.15 22.74 -17.20
C LEU A 317 27.92 22.70 -15.87
N VAL A 318 29.05 23.39 -15.87
CA VAL A 318 29.98 23.54 -14.74
C VAL A 318 30.05 22.34 -13.82
N TYR A 331 24.32 16.91 -4.20
CA TYR A 331 22.98 16.36 -4.02
C TYR A 331 22.69 15.19 -4.95
N TRP A 332 22.72 15.45 -6.26
CA TRP A 332 22.42 14.42 -7.23
C TRP A 332 23.25 13.19 -6.94
N PRO A 333 24.58 13.35 -6.85
CA PRO A 333 25.31 12.11 -6.56
C PRO A 333 25.04 11.67 -5.13
N SER A 334 24.64 12.62 -4.30
CA SER A 334 24.34 12.32 -2.91
C SER A 334 23.15 11.39 -2.74
N ILE A 335 21.95 11.86 -3.10
CA ILE A 335 20.74 11.05 -2.97
C ILE A 335 20.87 9.72 -3.71
N SER A 336 21.77 9.67 -4.70
CA SER A 336 21.99 8.44 -5.44
C SER A 336 22.62 7.39 -4.51
N ARG A 337 23.47 7.85 -3.60
CA ARG A 337 24.15 6.95 -2.67
C ARG A 337 23.18 6.45 -1.60
N LYS A 338 22.30 7.31 -1.13
CA LYS A 338 21.35 6.88 -0.10
C LYS A 338 20.42 5.87 -0.74
N THR A 339 20.12 6.09 -2.02
CA THR A 339 19.23 5.20 -2.74
C THR A 339 19.89 3.83 -2.95
N GLN A 340 21.12 3.82 -3.46
CA GLN A 340 21.81 2.55 -3.65
C GLN A 340 21.91 1.88 -2.27
N LEU A 341 22.17 2.68 -1.24
CA LEU A 341 22.26 2.17 0.12
C LEU A 341 21.01 1.41 0.54
N VAL A 342 19.86 2.07 0.50
CA VAL A 342 18.62 1.43 0.88
C VAL A 342 18.46 0.23 -0.05
N VAL A 343 18.92 0.40 -1.28
CA VAL A 343 18.88 -0.65 -2.27
C VAL A 343 19.67 -1.86 -1.76
N ASP A 344 20.91 -1.65 -1.32
CA ASP A 344 21.75 -2.73 -0.81
C ASP A 344 21.22 -3.32 0.50
N ALA A 345 20.80 -2.44 1.40
CA ALA A 345 20.25 -2.88 2.68
C ALA A 345 19.17 -3.92 2.41
N VAL A 346 18.25 -3.58 1.52
CA VAL A 346 17.17 -4.51 1.17
C VAL A 346 17.69 -5.83 0.62
N LYS A 347 18.71 -5.75 -0.24
CA LYS A 347 19.32 -6.93 -0.84
C LYS A 347 20.08 -7.72 0.24
N GLU A 348 20.74 -7.00 1.12
CA GLU A 348 21.50 -7.64 2.20
C GLU A 348 20.53 -8.41 3.11
N SER A 349 19.40 -7.77 3.40
CA SER A 349 18.39 -8.38 4.26
C SER A 349 17.86 -9.69 3.72
N VAL A 350 17.61 -9.76 2.42
CA VAL A 350 17.12 -10.99 1.81
C VAL A 350 18.23 -12.03 1.93
N ASP A 351 19.47 -11.62 1.65
CA ASP A 351 20.63 -12.52 1.74
C ASP A 351 20.75 -13.19 3.10
N LYS A 352 20.54 -12.43 4.17
CA LYS A 352 20.65 -12.98 5.53
C LYS A 352 19.29 -13.42 6.08
N ASN A 353 18.47 -13.98 5.20
CA ASN A 353 17.14 -14.48 5.54
C ASN A 353 16.20 -13.48 6.22
N TYR A 354 16.14 -12.28 5.65
CA TYR A 354 15.24 -11.23 6.14
C TYR A 354 15.60 -10.59 7.48
N GLN A 355 16.88 -10.54 7.79
CA GLN A 355 17.34 -9.91 9.03
C GLN A 355 17.17 -8.41 8.91
N GLN A 356 17.00 -7.75 10.05
CA GLN A 356 16.85 -6.31 10.09
C GLN A 356 18.24 -5.73 9.80
N ILE A 357 18.34 -4.83 8.83
CA ILE A 357 19.62 -4.25 8.50
C ILE A 357 19.72 -2.82 8.99
N SER A 358 20.69 -2.58 9.86
CA SER A 358 20.90 -1.25 10.41
C SER A 358 21.76 -0.46 9.46
N LEU A 359 21.36 0.79 9.20
CA LEU A 359 22.12 1.66 8.31
C LEU A 359 22.99 2.59 9.17
N SER A 360 23.59 2.02 10.21
CA SER A 360 24.47 2.76 11.13
C SER A 360 23.86 4.02 11.75
N GLN B 6 -38.98 -11.17 9.90
CA GLN B 6 -39.46 -10.26 10.99
C GLN B 6 -38.74 -10.57 12.31
N ILE B 7 -37.41 -10.67 12.25
CA ILE B 7 -36.60 -10.94 13.45
C ILE B 7 -36.43 -9.70 14.31
N ARG B 8 -36.61 -9.89 15.61
CA ARG B 8 -36.49 -8.80 16.58
C ARG B 8 -35.13 -8.80 17.27
N ILE B 9 -34.39 -7.71 17.11
CA ILE B 9 -33.07 -7.58 17.70
C ILE B 9 -33.00 -6.66 18.92
N GLY B 10 -32.35 -7.14 19.97
CA GLY B 10 -32.20 -6.34 21.16
C GLY B 10 -30.82 -5.70 21.08
N VAL B 11 -30.62 -4.58 21.75
CA VAL B 11 -29.31 -3.92 21.72
C VAL B 11 -28.65 -4.04 23.08
N MSE B 12 -27.59 -4.84 23.17
CA MSE B 12 -26.87 -5.04 24.43
C MSE B 12 -25.72 -4.07 24.65
O MSE B 12 -24.56 -4.39 24.38
CB MSE B 12 -26.36 -6.48 24.52
CG MSE B 12 -25.71 -6.80 25.85
SE MSE B 12 -25.96 -8.65 26.36
CE MSE B 12 -27.78 -8.54 26.97
N GLY B 13 -26.05 -2.89 25.16
CA GLY B 13 -25.03 -1.87 25.40
C GLY B 13 -25.38 -0.61 24.63
N CYS B 14 -25.31 0.54 25.27
CA CYS B 14 -25.64 1.80 24.60
C CYS B 14 -24.42 2.67 24.24
N ALA B 15 -23.35 2.02 23.78
CA ALA B 15 -22.13 2.72 23.40
C ALA B 15 -22.30 3.37 22.03
N ASP B 16 -21.45 4.34 21.74
CA ASP B 16 -21.51 5.08 20.47
C ASP B 16 -21.81 4.30 19.19
N ILE B 17 -21.06 3.24 18.91
CA ILE B 17 -21.31 2.51 17.68
C ILE B 17 -22.73 1.97 17.59
N ALA B 18 -23.34 1.65 18.74
CA ALA B 18 -24.71 1.15 18.73
C ALA B 18 -25.64 2.16 18.07
N ARG B 19 -25.30 3.45 18.20
CA ARG B 19 -26.11 4.50 17.62
C ARG B 19 -26.36 4.24 16.15
N LYS B 20 -25.29 4.17 15.36
CA LYS B 20 -25.43 3.91 13.93
C LYS B 20 -26.16 2.57 13.82
N VAL B 21 -25.68 1.58 14.57
CA VAL B 21 -26.29 0.26 14.55
C VAL B 21 -27.79 0.38 14.83
N SER B 22 -28.15 1.23 15.77
CA SER B 22 -29.57 1.41 16.08
C SER B 22 -30.36 1.78 14.82
N ARG B 23 -29.76 2.63 13.98
CA ARG B 23 -30.43 3.04 12.75
C ARG B 23 -30.44 1.83 11.84
N ALA B 24 -29.27 1.26 11.66
CA ALA B 24 -29.10 0.08 10.84
C ALA B 24 -30.17 -0.93 11.19
N ILE B 25 -30.27 -1.24 12.47
CA ILE B 25 -31.20 -2.23 12.97
C ILE B 25 -32.60 -2.12 12.40
N HIS B 26 -32.95 -1.00 11.78
CA HIS B 26 -34.28 -0.95 11.21
C HIS B 26 -34.49 -0.31 9.84
N LEU B 27 -33.49 -0.43 8.99
CA LEU B 27 -33.61 0.00 7.61
C LEU B 27 -33.50 -1.41 7.06
N ALA B 28 -33.02 -2.28 7.95
CA ALA B 28 -32.77 -3.69 7.75
C ALA B 28 -33.20 -4.33 6.45
N PRO B 29 -34.52 -4.44 6.18
CA PRO B 29 -35.67 -4.04 6.98
C PRO B 29 -36.13 -5.20 7.85
N ASN B 30 -36.24 -6.38 7.22
CA ASN B 30 -36.68 -7.61 7.89
C ASN B 30 -36.33 -7.70 9.37
N ALA B 31 -35.28 -7.02 9.79
CA ALA B 31 -34.93 -7.04 11.20
C ALA B 31 -35.90 -6.08 11.86
N THR B 32 -35.75 -5.85 13.15
CA THR B 32 -36.65 -4.94 13.83
C THR B 32 -36.13 -4.69 15.24
N ILE B 33 -36.29 -3.46 15.71
CA ILE B 33 -35.84 -3.09 17.05
C ILE B 33 -36.98 -3.50 17.98
N SER B 34 -36.66 -4.29 19.01
CA SER B 34 -37.68 -4.74 19.95
C SER B 34 -37.17 -4.68 21.38
N GLY B 35 -35.85 -4.55 21.54
CA GLY B 35 -35.28 -4.50 22.86
C GLY B 35 -33.96 -3.76 22.90
N VAL B 36 -33.71 -3.11 24.03
CA VAL B 36 -32.50 -2.36 24.24
C VAL B 36 -32.08 -2.59 25.68
N ALA B 37 -30.79 -2.80 25.89
CA ALA B 37 -30.29 -3.05 27.23
C ALA B 37 -29.01 -2.27 27.52
N SER B 38 -28.97 -1.66 28.70
CA SER B 38 -27.80 -0.90 29.14
C SER B 38 -27.51 -1.39 30.55
N ARG B 39 -26.43 -0.90 31.14
CA ARG B 39 -26.08 -1.27 32.51
C ARG B 39 -26.95 -0.42 33.43
N SER B 40 -27.28 0.78 32.95
CA SER B 40 -28.12 1.72 33.68
C SER B 40 -29.48 1.87 32.99
N LEU B 41 -30.54 1.75 33.78
CA LEU B 41 -31.89 1.89 33.24
C LEU B 41 -32.03 3.25 32.56
N GLU B 42 -31.66 4.30 33.28
CA GLU B 42 -31.75 5.67 32.76
C GLU B 42 -31.03 5.80 31.43
N LYS B 43 -30.08 4.90 31.18
CA LYS B 43 -29.32 4.92 29.94
C LYS B 43 -30.14 4.37 28.77
N ALA B 44 -30.64 3.16 28.91
CA ALA B 44 -31.44 2.55 27.85
C ALA B 44 -32.63 3.47 27.54
N LYS B 45 -33.31 3.90 28.60
CA LYS B 45 -34.45 4.79 28.49
C LYS B 45 -34.06 6.02 27.68
N ALA B 46 -32.96 6.67 28.07
CA ALA B 46 -32.47 7.86 27.39
C ALA B 46 -32.09 7.51 25.95
N PHE B 47 -31.38 6.39 25.79
CA PHE B 47 -30.95 5.94 24.47
C PHE B 47 -32.15 5.67 23.56
N ALA B 48 -33.09 4.86 24.05
CA ALA B 48 -34.27 4.51 23.28
C ALA B 48 -35.05 5.71 22.73
N THR B 49 -35.33 6.69 23.59
CA THR B 49 -36.08 7.87 23.20
C THR B 49 -35.26 8.78 22.29
N ALA B 50 -34.00 8.99 22.65
CA ALA B 50 -33.10 9.83 21.87
C ALA B 50 -33.03 9.37 20.42
N ASN B 51 -32.78 8.09 20.22
CA ASN B 51 -32.65 7.51 18.89
C ASN B 51 -33.94 7.10 18.20
N ASN B 52 -35.07 7.63 18.67
CA ASN B 52 -36.37 7.35 18.07
C ASN B 52 -36.78 5.87 18.10
N TYR B 53 -36.55 5.21 19.22
CA TYR B 53 -36.90 3.80 19.40
C TYR B 53 -38.38 3.69 19.72
N PRO B 54 -39.07 2.71 19.11
CA PRO B 54 -40.50 2.50 19.32
C PRO B 54 -40.94 2.10 20.74
N GLU B 55 -42.05 2.69 21.17
CA GLU B 55 -42.64 2.45 22.49
C GLU B 55 -42.59 0.96 22.80
N SER B 56 -42.79 0.14 21.77
CA SER B 56 -42.78 -1.31 21.90
C SER B 56 -41.48 -1.90 22.45
N THR B 57 -40.39 -1.15 22.39
CA THR B 57 -39.10 -1.63 22.88
C THR B 57 -39.05 -1.68 24.41
N LYS B 58 -38.96 -2.89 24.97
CA LYS B 58 -38.94 -3.06 26.43
C LYS B 58 -37.65 -2.69 27.16
N ILE B 59 -37.30 -1.40 27.18
CA ILE B 59 -36.09 -0.92 27.83
C ILE B 59 -35.62 -1.76 29.03
N HIS B 60 -34.37 -2.20 28.96
CA HIS B 60 -33.76 -3.05 29.99
C HIS B 60 -32.57 -2.43 30.74
N GLY B 61 -32.53 -2.65 32.05
CA GLY B 61 -31.46 -2.11 32.87
C GLY B 61 -30.38 -3.13 33.22
N SER B 62 -30.25 -4.17 32.40
CA SER B 62 -29.21 -5.19 32.65
C SER B 62 -29.06 -6.16 31.49
N TYR B 63 -27.82 -6.62 31.29
CA TYR B 63 -27.54 -7.57 30.22
C TYR B 63 -28.29 -8.86 30.55
N GLU B 64 -28.25 -9.23 31.83
CA GLU B 64 -28.93 -10.43 32.30
C GLU B 64 -30.40 -10.36 31.89
N SER B 65 -31.05 -9.26 32.24
CA SER B 65 -32.45 -9.07 31.91
C SER B 65 -32.77 -9.18 30.41
N LEU B 66 -31.98 -8.48 29.58
CA LEU B 66 -32.23 -8.54 28.13
C LEU B 66 -32.15 -9.99 27.64
N LEU B 67 -31.38 -10.83 28.33
CA LEU B 67 -31.25 -12.23 27.96
C LEU B 67 -32.36 -13.06 28.60
N GLU B 68 -33.43 -12.38 29.00
CA GLU B 68 -34.56 -13.04 29.63
C GLU B 68 -35.90 -12.59 29.07
N ASP B 69 -36.00 -12.51 27.75
CA ASP B 69 -37.25 -12.11 27.11
C ASP B 69 -37.59 -13.01 25.93
N PRO B 70 -38.86 -13.40 25.79
CA PRO B 70 -39.34 -14.27 24.71
C PRO B 70 -39.94 -13.54 23.51
N GLU B 71 -39.39 -12.38 23.18
CA GLU B 71 -39.87 -11.59 22.05
C GLU B 71 -38.69 -10.98 21.27
N ILE B 72 -37.55 -11.68 21.31
CA ILE B 72 -36.31 -11.26 20.65
C ILE B 72 -35.51 -12.51 20.27
N ASP B 73 -34.94 -12.54 19.08
CA ASP B 73 -34.14 -13.69 18.65
C ASP B 73 -32.63 -13.47 18.73
N ALA B 74 -32.21 -12.23 18.93
CA ALA B 74 -30.78 -11.91 19.00
C ALA B 74 -30.55 -10.49 19.47
N LEU B 75 -29.45 -10.31 20.18
CA LEU B 75 -29.10 -9.02 20.73
C LEU B 75 -27.82 -8.46 20.13
N TYR B 76 -27.92 -7.33 19.45
CA TYR B 76 -26.74 -6.71 18.87
C TYR B 76 -25.82 -6.45 20.05
N VAL B 77 -24.56 -6.85 19.93
CA VAL B 77 -23.62 -6.67 21.03
C VAL B 77 -22.47 -5.74 20.69
N PRO B 78 -22.60 -4.44 21.02
CA PRO B 78 -21.57 -3.45 20.75
C PRO B 78 -20.61 -3.36 21.93
N LEU B 79 -20.81 -4.26 22.90
CA LEU B 79 -19.97 -4.28 24.10
C LEU B 79 -18.50 -4.17 23.76
N PRO B 80 -17.67 -3.70 24.70
CA PRO B 80 -16.24 -3.58 24.45
C PRO B 80 -15.75 -4.97 24.07
N THR B 81 -14.59 -5.04 23.42
CA THR B 81 -14.00 -6.31 23.01
C THR B 81 -14.02 -7.34 24.14
N SER B 82 -13.32 -7.02 25.22
CA SER B 82 -13.21 -7.90 26.38
C SER B 82 -14.52 -8.32 27.07
N LEU B 83 -15.66 -7.92 26.55
CA LEU B 83 -16.93 -8.32 27.16
C LEU B 83 -17.50 -9.54 26.43
N HIS B 84 -17.00 -9.79 25.23
CA HIS B 84 -17.50 -10.92 24.45
C HIS B 84 -17.03 -12.22 25.08
N VAL B 85 -16.31 -12.09 26.18
CA VAL B 85 -15.80 -13.25 26.89
C VAL B 85 -16.86 -13.87 27.79
N GLU B 86 -17.94 -13.13 28.05
CA GLU B 86 -19.02 -13.63 28.89
C GLU B 86 -20.43 -13.45 28.33
N TRP B 87 -20.67 -12.38 27.57
CA TRP B 87 -22.01 -12.16 27.05
C TRP B 87 -22.34 -12.80 25.71
N ALA B 88 -21.32 -13.24 24.98
CA ALA B 88 -21.57 -13.92 23.72
C ALA B 88 -21.88 -15.37 24.10
N ILE B 89 -21.41 -15.75 25.29
CA ILE B 89 -21.63 -17.10 25.78
C ILE B 89 -22.91 -17.19 26.62
N LYS B 90 -23.08 -16.26 27.54
CA LYS B 90 -24.30 -16.25 28.36
C LYS B 90 -25.53 -16.00 27.50
N ALA B 91 -25.35 -15.30 26.38
CA ALA B 91 -26.45 -14.99 25.46
C ALA B 91 -26.74 -16.18 24.55
N ALA B 92 -25.68 -16.82 24.06
CA ALA B 92 -25.86 -17.98 23.19
C ALA B 92 -26.67 -18.99 23.99
N GLU B 93 -26.39 -19.06 25.29
CA GLU B 93 -27.07 -19.99 26.18
C GLU B 93 -28.55 -19.65 26.37
N LYS B 94 -28.92 -18.40 26.11
CA LYS B 94 -30.31 -18.00 26.26
C LYS B 94 -30.99 -17.95 24.90
N GLY B 95 -30.61 -18.86 24.02
CA GLY B 95 -31.19 -18.92 22.69
C GLY B 95 -31.09 -17.61 21.93
N LYS B 96 -30.06 -16.82 22.22
CA LYS B 96 -29.89 -15.54 21.54
C LYS B 96 -28.88 -15.61 20.41
N HIS B 97 -29.32 -15.37 19.17
CA HIS B 97 -28.40 -15.35 18.03
C HIS B 97 -27.45 -14.18 18.26
N ILE B 98 -26.35 -14.12 17.53
CA ILE B 98 -25.43 -13.03 17.79
C ILE B 98 -24.79 -12.24 16.66
N LEU B 99 -24.89 -10.92 16.76
CA LEU B 99 -24.27 -10.01 15.83
C LEU B 99 -23.24 -9.33 16.73
N LEU B 100 -22.03 -9.92 16.75
CA LEU B 100 -20.94 -9.47 17.59
C LEU B 100 -20.04 -8.47 16.87
N GLU B 101 -19.87 -7.28 17.44
CA GLU B 101 -19.04 -6.27 16.81
C GLU B 101 -17.62 -6.78 16.75
N LYS B 102 -16.82 -6.16 15.91
CA LYS B 102 -15.43 -6.55 15.77
C LYS B 102 -14.60 -5.61 16.64
N PRO B 103 -13.39 -6.03 17.06
CA PRO B 103 -12.79 -7.35 16.78
C PRO B 103 -13.31 -8.32 17.84
N VAL B 104 -13.78 -9.50 17.40
CA VAL B 104 -14.35 -10.50 18.30
C VAL B 104 -13.77 -10.58 19.71
N ALA B 105 -12.73 -11.40 19.89
CA ALA B 105 -12.13 -11.58 21.22
C ALA B 105 -10.71 -11.03 21.37
N MSE B 106 -10.09 -11.31 22.52
CA MSE B 106 -8.73 -10.88 22.81
C MSE B 106 -7.72 -11.88 22.26
O MSE B 106 -6.51 -11.69 22.40
CB MSE B 106 -8.55 -10.71 24.32
CG MSE B 106 -9.23 -9.48 24.90
SE MSE B 106 -8.49 -7.82 24.22
CE MSE B 106 -6.98 -7.67 25.42
N ASN B 107 -8.22 -12.96 21.67
CA ASN B 107 -7.41 -14.01 21.07
C ASN B 107 -8.34 -15.06 20.47
N VAL B 108 -7.78 -15.99 19.71
CA VAL B 108 -8.57 -17.01 19.05
C VAL B 108 -9.15 -18.09 19.99
N THR B 109 -8.56 -18.23 21.18
CA THR B 109 -9.04 -19.21 22.16
C THR B 109 -10.36 -18.73 22.76
N GLU B 110 -10.43 -17.45 23.08
CA GLU B 110 -11.64 -16.89 23.65
C GLU B 110 -12.73 -17.01 22.61
N PHE B 111 -12.38 -16.74 21.35
CA PHE B 111 -13.38 -16.81 20.30
C PHE B 111 -13.88 -18.24 20.11
N ASP B 112 -12.97 -19.21 20.15
CA ASP B 112 -13.37 -20.61 19.98
C ASP B 112 -14.43 -20.96 21.01
N LYS B 113 -14.27 -20.45 22.23
CA LYS B 113 -15.25 -20.74 23.27
C LYS B 113 -16.58 -20.09 22.92
N ILE B 114 -16.51 -18.88 22.37
CA ILE B 114 -17.72 -18.17 21.99
C ILE B 114 -18.43 -19.00 20.93
N VAL B 115 -17.67 -19.46 19.94
CA VAL B 115 -18.21 -20.27 18.84
C VAL B 115 -18.84 -21.55 19.36
N ASP B 116 -18.31 -22.08 20.46
CA ASP B 116 -18.82 -23.31 21.07
C ASP B 116 -20.27 -23.20 21.51
N ALA B 117 -20.58 -22.15 22.28
CA ALA B 117 -21.93 -21.96 22.75
C ALA B 117 -22.89 -21.83 21.57
N CYS B 118 -22.55 -20.95 20.63
CA CYS B 118 -23.40 -20.75 19.46
C CYS B 118 -23.66 -22.07 18.72
N GLU B 119 -22.60 -22.83 18.46
CA GLU B 119 -22.72 -24.12 17.77
C GLU B 119 -23.54 -25.05 18.64
N ALA B 120 -23.31 -24.98 19.94
CA ALA B 120 -24.01 -25.81 20.90
C ALA B 120 -25.50 -25.46 21.01
N ASN B 121 -25.84 -24.19 20.91
CA ASN B 121 -27.23 -23.77 21.03
C ASN B 121 -27.92 -23.53 19.69
N GLY B 122 -27.16 -23.64 18.60
CA GLY B 122 -27.73 -23.45 17.29
C GLY B 122 -28.02 -22.02 16.89
N VAL B 123 -27.42 -21.04 17.57
CA VAL B 123 -27.66 -19.65 17.18
C VAL B 123 -26.54 -19.10 16.32
N GLN B 124 -26.90 -18.69 15.10
CA GLN B 124 -25.95 -18.11 14.15
C GLN B 124 -25.25 -16.94 14.79
N ILE B 125 -23.95 -16.81 14.52
CA ILE B 125 -23.17 -15.69 15.04
C ILE B 125 -22.54 -15.01 13.84
N MSE B 126 -22.33 -13.70 13.97
CA MSE B 126 -21.72 -12.91 12.90
C MSE B 126 -21.06 -11.67 13.50
O MSE B 126 -21.57 -11.11 14.47
CB MSE B 126 -22.79 -12.49 11.88
CG MSE B 126 -22.21 -11.67 10.72
SE MSE B 126 -23.53 -11.06 9.42
CE MSE B 126 -24.00 -12.79 8.67
N ASP B 127 -19.92 -11.25 12.95
CA ASP B 127 -19.25 -10.07 13.46
C ASP B 127 -19.72 -8.86 12.67
N GLY B 128 -19.50 -7.67 13.23
CA GLY B 128 -19.94 -6.45 12.56
C GLY B 128 -19.19 -5.89 11.35
N THR B 129 -18.37 -6.70 10.70
CA THR B 129 -17.62 -6.22 9.52
C THR B 129 -18.60 -5.93 8.38
N MSE B 130 -19.17 -4.73 8.42
CA MSE B 130 -20.15 -4.27 7.46
C MSE B 130 -19.78 -4.02 6.00
O MSE B 130 -20.64 -4.19 5.12
CB MSE B 130 -20.81 -3.01 8.04
CG MSE B 130 -19.94 -2.26 9.07
SE MSE B 130 -20.76 -0.59 9.60
CE MSE B 130 -20.58 -0.67 11.53
N TRP B 131 -18.54 -3.63 5.70
CA TRP B 131 -18.18 -3.35 4.31
C TRP B 131 -18.17 -4.53 3.34
N VAL B 132 -18.43 -5.75 3.82
CA VAL B 132 -18.42 -6.90 2.93
C VAL B 132 -19.81 -7.22 2.34
N HIS B 133 -20.85 -6.75 3.01
CA HIS B 133 -22.20 -6.96 2.51
C HIS B 133 -22.50 -5.95 1.41
N ASN B 134 -21.64 -4.94 1.30
CA ASN B 134 -21.78 -3.90 0.30
C ASN B 134 -21.86 -4.56 -1.09
N PRO B 135 -22.72 -4.03 -1.97
CA PRO B 135 -22.84 -4.62 -3.31
C PRO B 135 -21.50 -4.66 -4.05
N ARG B 136 -20.92 -3.49 -4.29
CA ARG B 136 -19.64 -3.37 -4.97
C ARG B 136 -18.74 -4.59 -4.70
N THR B 137 -18.69 -4.99 -3.43
CA THR B 137 -17.87 -6.12 -3.01
C THR B 137 -18.15 -7.42 -3.77
N ALA B 138 -19.25 -7.48 -4.50
CA ALA B 138 -19.55 -8.68 -5.29
C ALA B 138 -18.68 -8.55 -6.54
N LEU B 139 -18.61 -7.33 -7.08
CA LEU B 139 -17.82 -7.05 -8.25
C LEU B 139 -16.32 -7.08 -7.91
N LEU B 140 -15.93 -6.47 -6.78
CA LEU B 140 -14.53 -6.48 -6.37
C LEU B 140 -14.12 -7.94 -6.21
N LYS B 141 -14.99 -8.76 -5.62
CA LYS B 141 -14.70 -10.16 -5.44
C LYS B 141 -14.79 -10.87 -6.80
N GLU B 142 -15.66 -10.35 -7.66
CA GLU B 142 -15.83 -10.91 -8.99
C GLU B 142 -14.55 -10.68 -9.81
N PHE B 143 -14.03 -9.45 -9.74
CA PHE B 143 -12.81 -9.08 -10.44
C PHE B 143 -11.63 -9.97 -10.04
N LEU B 144 -11.27 -9.93 -8.76
CA LEU B 144 -10.16 -10.76 -8.29
C LEU B 144 -10.39 -12.23 -8.67
N SER B 145 -11.63 -12.58 -9.01
CA SER B 145 -11.99 -13.95 -9.39
C SER B 145 -11.61 -14.30 -10.83
N ASP B 146 -11.82 -13.37 -11.75
CA ASP B 146 -11.51 -13.58 -13.17
C ASP B 146 -10.01 -13.74 -13.43
N SER B 147 -9.66 -14.85 -14.08
CA SER B 147 -8.27 -15.16 -14.37
C SER B 147 -7.73 -14.44 -15.60
N GLU B 148 -8.60 -13.80 -16.36
CA GLU B 148 -8.16 -13.07 -17.55
C GLU B 148 -8.14 -11.58 -17.27
N ARG B 149 -8.96 -11.15 -16.32
CA ARG B 149 -9.06 -9.75 -15.94
C ARG B 149 -8.08 -9.43 -14.80
N PHE B 150 -7.98 -10.34 -13.84
CA PHE B 150 -7.07 -10.14 -12.71
C PHE B 150 -5.95 -11.18 -12.60
N GLY B 151 -6.22 -12.41 -13.03
CA GLY B 151 -5.21 -13.46 -12.98
C GLY B 151 -4.93 -14.01 -11.57
N GLN B 152 -3.75 -14.62 -11.41
CA GLN B 152 -3.32 -15.18 -10.13
C GLN B 152 -2.79 -14.05 -9.25
N LEU B 153 -3.20 -14.04 -7.98
CA LEU B 153 -2.75 -13.01 -7.05
C LEU B 153 -1.24 -13.01 -6.89
N LYS B 154 -0.68 -11.80 -6.82
CA LYS B 154 0.76 -11.63 -6.61
C LYS B 154 0.92 -11.01 -5.24
N THR B 155 0.03 -10.09 -4.89
CA THR B 155 0.09 -9.47 -3.58
C THR B 155 -1.14 -8.61 -3.24
N VAL B 156 -1.43 -8.47 -1.95
CA VAL B 156 -2.54 -7.63 -1.52
C VAL B 156 -1.89 -6.59 -0.63
N GLN B 157 -2.48 -5.39 -0.59
CA GLN B 157 -1.99 -4.27 0.23
C GLN B 157 -3.20 -3.50 0.76
N SER B 158 -3.37 -3.55 2.09
CA SER B 158 -4.49 -2.87 2.72
C SER B 158 -4.07 -1.87 3.77
N CYS B 159 -4.60 -0.66 3.63
CA CYS B 159 -4.29 0.40 4.56
C CYS B 159 -5.55 0.98 5.17
N PHE B 160 -5.42 1.51 6.37
CA PHE B 160 -6.51 2.14 7.11
C PHE B 160 -5.98 2.65 8.45
N SER B 161 -6.04 3.96 8.62
CA SER B 161 -5.60 4.57 9.86
C SER B 161 -6.33 5.87 10.07
N PHE B 162 -5.95 6.57 11.12
CA PHE B 162 -6.51 7.88 11.43
C PHE B 162 -5.90 8.43 12.72
N ALA B 163 -6.16 9.71 12.98
CA ALA B 163 -5.62 10.35 14.17
C ALA B 163 -6.76 10.84 15.08
N GLY B 164 -6.97 10.14 16.19
CA GLY B 164 -8.03 10.51 17.11
C GLY B 164 -7.84 11.86 17.78
N ASP B 165 -8.94 12.45 18.25
CA ASP B 165 -8.89 13.75 18.92
C ASP B 165 -8.28 13.63 20.31
N GLU B 166 -8.22 14.76 21.03
CA GLU B 166 -7.65 14.80 22.38
C GLU B 166 -8.39 13.86 23.32
N ASP B 167 -9.71 13.85 23.22
CA ASP B 167 -10.53 12.98 24.07
C ASP B 167 -10.27 11.51 23.73
N PHE B 168 -10.12 11.20 22.45
CA PHE B 168 -9.86 9.83 22.04
C PHE B 168 -8.53 9.36 22.60
N LEU B 169 -7.47 10.12 22.31
CA LEU B 169 -6.13 9.79 22.77
C LEU B 169 -6.17 9.10 24.12
N LYS B 170 -6.78 9.77 25.10
CA LYS B 170 -6.87 9.23 26.45
C LYS B 170 -8.23 8.70 26.90
N ASN B 171 -9.30 9.13 26.23
CA ASN B 171 -10.64 8.71 26.64
C ASN B 171 -11.43 7.93 25.60
N ASP B 172 -10.99 6.71 25.32
CA ASP B 172 -11.67 5.84 24.38
C ASP B 172 -11.42 4.38 24.78
N ILE B 173 -12.45 3.55 24.65
CA ILE B 173 -12.32 2.16 25.03
C ILE B 173 -11.28 1.42 24.19
N ARG B 174 -10.96 1.96 23.02
CA ARG B 174 -9.98 1.35 22.12
C ARG B 174 -8.54 1.59 22.50
N VAL B 175 -8.31 2.32 23.58
CA VAL B 175 -6.95 2.57 24.03
C VAL B 175 -6.81 2.02 25.44
N LYS B 176 -7.83 1.25 25.84
CA LYS B 176 -7.90 0.63 27.16
C LYS B 176 -7.82 -0.90 27.11
N PRO B 177 -6.67 -1.47 27.54
CA PRO B 177 -6.42 -2.91 27.54
C PRO B 177 -7.54 -3.74 28.19
N GLY B 178 -8.34 -3.10 29.03
CA GLY B 178 -9.43 -3.78 29.70
C GLY B 178 -10.59 -4.07 28.76
N LEU B 179 -11.12 -3.03 28.12
CA LEU B 179 -12.23 -3.19 27.18
C LEU B 179 -11.72 -3.60 25.79
N ASP B 180 -11.70 -2.65 24.86
CA ASP B 180 -11.20 -2.93 23.51
C ASP B 180 -9.68 -2.82 23.56
N GLY B 181 -9.03 -3.81 24.19
CA GLY B 181 -7.59 -3.80 24.36
C GLY B 181 -6.64 -4.16 23.22
N LEU B 182 -7.16 -4.43 22.03
CA LEU B 182 -6.28 -4.78 20.92
C LEU B 182 -5.82 -3.55 20.16
N GLY B 183 -6.27 -2.39 20.61
CA GLY B 183 -5.85 -1.14 19.98
C GLY B 183 -6.21 -0.95 18.52
N ALA B 184 -5.30 -0.30 17.79
CA ALA B 184 -5.49 0.00 16.38
C ALA B 184 -5.55 -1.26 15.50
N LEU B 185 -5.00 -2.37 16.02
CA LEU B 185 -4.98 -3.64 15.31
C LEU B 185 -6.38 -4.24 15.21
N GLY B 186 -7.07 -4.30 16.35
CA GLY B 186 -8.41 -4.85 16.36
C GLY B 186 -9.47 -3.90 15.82
N ASP B 187 -9.19 -2.60 15.88
CA ASP B 187 -10.14 -1.61 15.41
C ASP B 187 -9.95 -1.25 13.94
N ALA B 188 -8.69 -1.20 13.50
CA ALA B 188 -8.39 -0.86 12.13
C ALA B 188 -7.65 -1.98 11.38
N GLY B 189 -6.60 -2.53 11.97
CA GLY B 189 -5.88 -3.61 11.32
C GLY B 189 -6.87 -4.69 10.94
N TRP B 190 -7.82 -4.91 11.85
CA TRP B 190 -8.90 -5.87 11.69
C TRP B 190 -9.45 -5.84 10.25
N TYR B 191 -9.61 -4.62 9.72
CA TYR B 191 -10.15 -4.43 8.38
C TYR B 191 -9.14 -4.70 7.29
N ALA B 192 -7.90 -4.25 7.50
CA ALA B 192 -6.85 -4.45 6.52
C ALA B 192 -6.57 -5.94 6.32
N ILE B 193 -6.86 -6.71 7.36
CA ILE B 193 -6.66 -8.13 7.31
C ILE B 193 -7.81 -8.80 6.55
N ARG B 194 -9.05 -8.47 6.93
CA ARG B 194 -10.21 -9.08 6.27
C ARG B 194 -10.11 -8.93 4.77
N ALA B 195 -9.67 -7.77 4.32
CA ALA B 195 -9.53 -7.50 2.91
C ALA B 195 -8.46 -8.40 2.29
N THR B 196 -7.38 -8.69 3.02
CA THR B 196 -6.35 -9.55 2.45
C THR B 196 -6.92 -10.95 2.35
N LEU B 197 -7.67 -11.36 3.36
CA LEU B 197 -8.28 -12.68 3.35
C LEU B 197 -9.35 -12.76 2.28
N LEU B 198 -9.99 -11.64 1.97
CA LEU B 198 -11.02 -11.65 0.93
C LEU B 198 -10.38 -11.87 -0.45
N ALA B 199 -9.24 -11.22 -0.70
CA ALA B 199 -8.55 -11.39 -1.96
C ALA B 199 -8.02 -12.82 -2.11
N ASN B 200 -7.33 -13.29 -1.08
CA ASN B 200 -6.72 -14.63 -1.06
C ASN B 200 -7.71 -15.75 -0.89
N ASN B 201 -8.91 -15.58 -1.46
CA ASN B 201 -9.97 -16.57 -1.40
C ASN B 201 -10.23 -17.13 0.00
N PHE B 202 -9.84 -16.36 1.02
CA PHE B 202 -10.05 -16.72 2.41
C PHE B 202 -9.15 -17.81 2.94
N GLU B 203 -7.92 -17.83 2.43
CA GLU B 203 -6.92 -18.80 2.86
C GLU B 203 -6.00 -18.15 3.89
N LEU B 204 -5.74 -18.85 5.00
CA LEU B 204 -4.83 -18.31 6.01
C LEU B 204 -3.41 -18.34 5.48
N PRO B 205 -2.60 -17.31 5.79
CA PRO B 205 -1.25 -17.43 5.25
C PRO B 205 -0.59 -18.58 6.03
N LYS B 206 0.54 -19.09 5.57
CA LYS B 206 1.23 -20.18 6.26
C LYS B 206 1.66 -19.67 7.62
N THR B 207 2.55 -18.67 7.56
CA THR B 207 3.11 -18.04 8.75
C THR B 207 3.08 -16.55 8.44
N VAL B 208 3.13 -15.75 9.51
CA VAL B 208 3.10 -14.29 9.42
C VAL B 208 4.32 -13.72 10.14
N THR B 209 4.63 -12.45 9.92
CA THR B 209 5.79 -11.84 10.57
C THR B 209 5.52 -10.36 10.74
N ALA B 210 5.43 -9.90 11.99
CA ALA B 210 5.17 -8.49 12.24
C ALA B 210 6.39 -7.68 11.83
N PHE B 211 6.16 -6.47 11.34
CA PHE B 211 7.25 -5.58 10.91
C PHE B 211 7.79 -4.74 12.08
N PRO B 212 9.00 -4.18 11.92
CA PRO B 212 9.59 -3.36 12.99
C PRO B 212 8.85 -2.04 13.15
N GLY B 213 8.97 -1.41 14.30
CA GLY B 213 8.30 -0.14 14.53
C GLY B 213 6.98 -0.23 15.28
N ALA B 214 6.74 -1.35 15.95
CA ALA B 214 5.51 -1.50 16.70
C ALA B 214 5.50 -0.43 17.81
N VAL B 215 4.31 0.06 18.15
CA VAL B 215 4.17 1.09 19.17
C VAL B 215 3.23 0.65 20.29
N LEU B 216 3.73 0.73 21.51
CA LEU B 216 2.96 0.33 22.68
C LEU B 216 2.90 1.49 23.66
N ASN B 217 1.68 1.85 24.10
CA ASN B 217 1.56 2.92 25.08
C ASN B 217 2.22 2.39 26.36
N GLU B 218 2.07 3.11 27.47
CA GLU B 218 2.66 2.65 28.73
C GLU B 218 2.04 1.32 29.15
N ALA B 219 0.80 1.09 28.71
CA ALA B 219 0.07 -0.13 29.05
C ALA B 219 0.23 -1.30 28.08
N GLY B 220 1.15 -1.19 27.13
CA GLY B 220 1.36 -2.28 26.20
C GLY B 220 0.47 -2.22 24.97
N VAL B 221 -0.73 -1.68 25.12
CA VAL B 221 -1.65 -1.55 24.01
C VAL B 221 -0.88 -0.95 22.84
N ILE B 222 -1.06 -1.55 21.66
CA ILE B 222 -0.38 -1.15 20.45
C ILE B 222 -0.97 0.08 19.77
N LEU B 223 -0.09 0.92 19.22
CA LEU B 223 -0.52 2.14 18.54
C LEU B 223 -0.09 2.08 17.07
N SER B 224 0.94 1.29 16.82
CA SER B 224 1.47 1.09 15.47
C SER B 224 2.22 -0.23 15.40
N CYS B 225 2.04 -0.94 14.30
CA CYS B 225 2.73 -2.19 14.09
C CYS B 225 2.34 -2.75 12.71
N GLY B 226 3.35 -3.16 11.96
CA GLY B 226 3.10 -3.69 10.64
C GLY B 226 3.24 -5.21 10.60
N ALA B 227 2.84 -5.81 9.47
CA ALA B 227 2.91 -7.26 9.32
C ALA B 227 3.09 -7.67 7.86
N SER B 228 3.45 -8.94 7.67
CA SER B 228 3.61 -9.50 6.35
C SER B 228 2.85 -10.83 6.34
N LEU B 229 2.38 -11.26 5.17
CA LEU B 229 1.69 -12.54 5.07
C LEU B 229 2.35 -13.40 3.99
N SER B 230 2.45 -14.69 4.27
CA SER B 230 3.06 -15.61 3.33
C SER B 230 2.15 -16.77 2.98
N TRP B 231 1.99 -17.01 1.68
CA TRP B 231 1.14 -18.09 1.20
C TRP B 231 1.94 -19.16 0.46
N GLU B 232 3.22 -18.87 0.24
CA GLU B 232 4.11 -19.78 -0.47
C GLU B 232 3.72 -19.94 -1.94
N ASP B 233 3.88 -18.87 -2.72
CA ASP B 233 3.54 -18.89 -4.14
C ASP B 233 4.29 -17.76 -4.83
N GLY B 234 4.20 -16.60 -4.20
CA GLY B 234 4.80 -15.39 -4.68
C GLY B 234 3.87 -14.34 -4.10
N ARG B 235 2.75 -14.84 -3.58
CA ARG B 235 1.75 -14.00 -2.95
C ARG B 235 2.27 -13.62 -1.57
N THR B 236 2.01 -12.39 -1.18
CA THR B 236 2.44 -11.90 0.12
C THR B 236 1.36 -10.95 0.58
N ALA B 237 1.64 -10.20 1.62
CA ALA B 237 0.66 -9.27 2.11
C ALA B 237 1.18 -8.34 3.19
N THR B 238 0.80 -7.08 3.07
CA THR B 238 1.18 -6.07 4.05
C THR B 238 -0.07 -5.41 4.64
N ILE B 239 -0.02 -5.10 5.93
CA ILE B 239 -1.13 -4.43 6.59
C ILE B 239 -0.56 -3.26 7.39
N TYR B 240 -1.30 -2.16 7.41
CA TYR B 240 -0.89 -0.98 8.16
C TYR B 240 -2.08 -0.45 8.97
N CYS B 241 -1.81 -0.14 10.24
CA CYS B 241 -2.86 0.35 11.14
C CYS B 241 -2.33 1.40 12.10
N SER B 242 -3.01 2.53 12.19
CA SER B 242 -2.57 3.59 13.08
C SER B 242 -3.71 4.35 13.72
N PHE B 243 -3.62 4.53 15.02
CA PHE B 243 -4.62 5.28 15.78
C PHE B 243 -4.12 6.71 15.98
N LEU B 244 -3.04 7.07 15.29
CA LEU B 244 -2.44 8.40 15.41
C LEU B 244 -1.82 8.92 14.10
N ALA B 245 -2.61 8.91 13.03
CA ALA B 245 -2.13 9.37 11.72
C ALA B 245 -3.30 9.54 10.76
N ASN B 246 -3.49 10.76 10.27
CA ASN B 246 -4.56 11.11 9.35
C ASN B 246 -5.34 9.94 8.75
N LEU B 247 -6.67 10.00 8.88
CA LEU B 247 -7.55 8.98 8.34
C LEU B 247 -7.24 8.69 6.87
N THR B 248 -7.06 7.41 6.55
CA THR B 248 -6.77 6.98 5.18
C THR B 248 -6.97 5.48 5.04
N MSE B 249 -7.99 5.08 4.29
CA MSE B 249 -8.29 3.67 4.04
C MSE B 249 -8.04 3.47 2.56
O MSE B 249 -7.87 4.47 1.84
CB MSE B 249 -9.75 3.38 4.37
CG MSE B 249 -10.72 4.18 3.54
SE MSE B 249 -12.53 4.24 4.25
CE MSE B 249 -12.12 5.07 5.94
N GLU B 250 -8.02 2.22 2.11
CA GLU B 250 -7.76 1.90 0.70
C GLU B 250 -7.28 0.45 0.55
N ILE B 251 -7.64 -0.17 -0.57
CA ILE B 251 -7.18 -1.54 -0.86
C ILE B 251 -6.42 -1.48 -2.19
N THR B 252 -5.34 -2.24 -2.27
CA THR B 252 -4.55 -2.34 -3.49
C THR B 252 -4.01 -3.77 -3.61
N ALA B 253 -4.66 -4.56 -4.47
CA ALA B 253 -4.28 -5.95 -4.69
C ALA B 253 -3.74 -6.18 -6.11
N ILE B 254 -2.64 -6.92 -6.23
CA ILE B 254 -2.05 -7.16 -7.53
C ILE B 254 -1.99 -8.63 -7.96
N GLY B 255 -2.40 -8.87 -9.21
CA GLY B 255 -2.40 -10.20 -9.75
C GLY B 255 -1.45 -10.34 -10.93
N THR B 256 -1.26 -11.57 -11.40
CA THR B 256 -0.37 -11.86 -12.52
C THR B 256 -0.67 -11.04 -13.79
N LYS B 257 -1.89 -10.53 -13.92
CA LYS B 257 -2.25 -9.70 -15.08
C LYS B 257 -3.37 -8.76 -14.69
N GLY B 258 -3.78 -8.82 -13.43
CA GLY B 258 -4.84 -7.97 -12.94
C GLY B 258 -4.41 -7.00 -11.85
N THR B 259 -4.77 -5.74 -12.04
CA THR B 259 -4.43 -4.68 -11.09
C THR B 259 -5.74 -4.09 -10.58
N LEU B 260 -5.97 -4.12 -9.27
CA LEU B 260 -7.20 -3.58 -8.73
C LEU B 260 -6.97 -2.68 -7.53
N ARG B 261 -7.79 -1.63 -7.42
CA ARG B 261 -7.68 -0.68 -6.32
C ARG B 261 -9.04 -0.10 -5.95
N VAL B 262 -9.23 0.14 -4.66
CA VAL B 262 -10.43 0.77 -4.15
C VAL B 262 -9.94 1.74 -3.07
N HIS B 263 -10.44 2.98 -3.10
CA HIS B 263 -10.01 4.01 -2.15
C HIS B 263 -10.88 4.24 -0.91
N ASP B 264 -12.10 3.73 -0.92
CA ASP B 264 -13.01 3.89 0.21
C ASP B 264 -13.66 2.55 0.54
N PHE B 265 -12.84 1.53 0.79
CA PHE B 265 -13.36 0.18 1.03
C PHE B 265 -14.06 -0.11 2.36
N ILE B 266 -13.77 0.68 3.40
CA ILE B 266 -14.40 0.44 4.70
C ILE B 266 -15.62 1.34 5.00
N ILE B 267 -15.48 2.62 4.72
CA ILE B 267 -16.55 3.59 4.94
C ILE B 267 -16.72 4.37 3.66
N PRO B 268 -17.62 3.90 2.77
CA PRO B 268 -17.88 4.55 1.49
C PRO B 268 -18.04 6.06 1.63
N TYR B 269 -17.58 6.81 0.64
CA TYR B 269 -17.70 8.27 0.65
C TYR B 269 -19.19 8.59 0.79
N LYS B 270 -19.99 7.94 -0.06
CA LYS B 270 -21.44 8.10 -0.06
C LYS B 270 -22.10 6.73 -0.02
N GLU B 271 -23.10 6.57 0.84
CA GLU B 271 -23.82 5.30 0.98
C GLU B 271 -24.52 4.93 -0.32
N THR B 272 -24.92 5.94 -1.08
CA THR B 272 -25.62 5.75 -2.33
C THR B 272 -24.84 4.95 -3.37
N GLU B 273 -23.55 5.24 -3.52
CA GLU B 273 -22.72 4.55 -4.50
C GLU B 273 -21.51 3.89 -3.83
N ALA B 274 -20.71 3.23 -4.64
CA ALA B 274 -19.48 2.56 -4.21
C ALA B 274 -18.54 2.56 -5.43
N SER B 275 -17.72 3.59 -5.51
CA SER B 275 -16.78 3.72 -6.62
C SER B 275 -15.39 3.18 -6.30
N PHE B 276 -14.88 2.32 -7.18
CA PHE B 276 -13.56 1.73 -7.03
C PHE B 276 -12.97 1.74 -8.43
N THR B 277 -11.65 1.57 -8.53
CA THR B 277 -11.00 1.57 -9.83
C THR B 277 -10.36 0.22 -10.16
N THR B 278 -10.48 -0.17 -11.42
CA THR B 278 -9.95 -1.42 -11.90
C THR B 278 -9.05 -1.17 -13.11
N SER B 279 -7.93 -1.89 -13.17
CA SER B 279 -6.99 -1.74 -14.27
C SER B 279 -6.69 -3.11 -14.84
N THR B 280 -6.41 -3.19 -16.14
CA THR B 280 -6.16 -4.48 -16.76
C THR B 280 -5.15 -4.49 -17.92
N LYS B 281 -4.26 -5.48 -17.90
CA LYS B 281 -3.25 -5.63 -18.95
C LYS B 281 -2.62 -4.28 -19.33
N ALA B 282 -2.37 -3.44 -18.33
CA ALA B 282 -1.80 -2.13 -18.59
C ALA B 282 -0.40 -2.19 -19.18
N TRP B 283 -0.13 -1.30 -20.12
CA TRP B 283 1.18 -1.26 -20.75
C TRP B 283 1.51 0.20 -21.08
N PHE B 284 2.70 0.43 -21.61
CA PHE B 284 3.12 1.78 -21.97
C PHE B 284 3.03 1.99 -23.47
N ASN B 285 2.92 3.25 -23.89
CA ASN B 285 2.85 3.56 -25.31
C ASN B 285 4.16 3.08 -25.92
N ASP B 286 4.27 3.12 -27.25
CA ASP B 286 5.47 2.63 -27.90
C ASP B 286 6.79 3.23 -27.42
N LEU B 287 6.75 4.46 -26.89
CA LEU B 287 7.97 5.11 -26.42
C LEU B 287 7.96 5.55 -24.95
N VAL B 288 7.33 4.76 -24.09
CA VAL B 288 7.22 5.05 -22.65
C VAL B 288 7.03 6.54 -22.34
N THR B 289 6.32 7.25 -23.21
CA THR B 289 6.05 8.66 -22.97
C THR B 289 4.61 8.83 -22.50
N ALA B 290 3.91 7.71 -22.41
CA ALA B 290 2.51 7.68 -21.98
C ALA B 290 1.98 6.27 -21.68
N TRP B 291 0.94 6.20 -20.86
CA TRP B 291 0.25 4.95 -20.53
C TRP B 291 -0.83 4.84 -21.59
N VAL B 292 -0.78 3.80 -22.42
CA VAL B 292 -1.79 3.65 -23.45
C VAL B 292 -3.20 3.77 -22.86
N SER B 293 -3.38 3.21 -21.66
CA SER B 293 -4.69 3.23 -21.01
C SER B 293 -4.65 3.34 -19.47
N PRO B 294 -5.02 4.52 -18.93
CA PRO B 294 -5.04 4.76 -17.49
C PRO B 294 -6.18 3.98 -16.82
N PRO B 295 -6.01 3.59 -15.54
CA PRO B 295 -7.02 2.83 -14.80
C PRO B 295 -8.48 3.21 -15.13
N SER B 296 -9.39 2.32 -14.78
CA SER B 296 -10.81 2.54 -15.02
C SER B 296 -11.59 2.63 -13.71
N GLU B 297 -12.36 3.70 -13.53
CA GLU B 297 -13.16 3.83 -12.33
C GLU B 297 -14.57 3.28 -12.56
N HIS B 298 -15.06 2.53 -11.59
CA HIS B 298 -16.38 1.94 -11.65
C HIS B 298 -17.09 2.31 -10.36
N THR B 299 -18.31 2.81 -10.47
CA THR B 299 -19.09 3.18 -9.30
C THR B 299 -20.41 2.42 -9.38
N VAL B 300 -20.89 1.94 -8.24
CA VAL B 300 -22.12 1.16 -8.19
C VAL B 300 -23.18 1.77 -7.27
N LYS B 301 -24.42 1.71 -7.70
CA LYS B 301 -25.52 2.23 -6.90
C LYS B 301 -25.84 1.16 -5.87
N THR B 302 -26.15 1.60 -4.64
CA THR B 302 -26.49 0.68 -3.55
C THR B 302 -27.71 1.25 -2.81
N GLU B 303 -28.91 0.78 -3.17
CA GLU B 303 -30.16 1.26 -2.57
C GLU B 303 -30.11 1.37 -1.04
N LEU B 304 -29.69 0.29 -0.38
CA LEU B 304 -29.61 0.27 1.08
C LEU B 304 -28.15 0.34 1.54
N PRO B 305 -27.86 1.14 2.59
CA PRO B 305 -26.49 1.29 3.12
C PRO B 305 -25.90 -0.01 3.68
N GLN B 306 -24.56 -0.06 3.73
CA GLN B 306 -23.80 -1.22 4.19
C GLN B 306 -24.23 -1.93 5.47
N GLU B 307 -24.42 -1.19 6.55
CA GLU B 307 -24.84 -1.81 7.80
C GLU B 307 -26.31 -2.21 7.68
N ALA B 308 -27.14 -1.29 7.21
CA ALA B 308 -28.56 -1.57 7.06
C ALA B 308 -28.78 -2.60 5.96
N CYS B 309 -27.68 -3.02 5.35
CA CYS B 309 -27.73 -4.02 4.29
C CYS B 309 -27.19 -5.32 4.85
N MSE B 310 -26.32 -5.22 5.84
CA MSE B 310 -25.71 -6.38 6.46
C MSE B 310 -26.70 -7.05 7.41
O MSE B 310 -26.78 -8.28 7.48
CB MSE B 310 -24.44 -5.97 7.22
CG MSE B 310 -23.85 -7.03 8.13
SE MSE B 310 -22.17 -6.44 8.86
CE MSE B 310 -22.79 -5.71 10.54
N VAL B 311 -27.45 -6.22 8.13
CA VAL B 311 -28.45 -6.68 9.09
C VAL B 311 -29.47 -7.58 8.37
N ARG B 312 -29.91 -7.15 7.19
CA ARG B 312 -30.87 -7.92 6.40
C ARG B 312 -30.42 -9.38 6.26
N GLU B 313 -29.17 -9.59 5.84
CA GLU B 313 -28.63 -10.95 5.69
C GLU B 313 -28.58 -11.65 7.04
N PHE B 314 -28.47 -10.88 8.12
CA PHE B 314 -28.43 -11.44 9.47
C PHE B 314 -29.83 -11.96 9.84
N ALA B 315 -30.80 -11.76 8.94
CA ALA B 315 -32.17 -12.20 9.18
C ALA B 315 -32.69 -13.03 8.03
N ILE B 321 -34.16 -19.84 10.55
CA ILE B 321 -33.79 -20.53 11.79
C ILE B 321 -34.92 -20.38 12.81
N LYS B 322 -35.34 -19.13 13.00
CA LYS B 322 -36.41 -18.78 13.94
C LYS B 322 -37.69 -18.50 13.17
N ASN B 323 -38.04 -19.42 12.27
CA ASN B 323 -39.25 -19.32 11.46
C ASN B 323 -39.42 -20.52 10.54
N ASN B 324 -38.98 -20.40 9.30
CA ASN B 324 -39.10 -21.50 8.33
C ASN B 324 -38.05 -22.59 8.49
N GLY B 325 -37.65 -22.83 9.74
CA GLY B 325 -36.69 -23.88 10.05
C GLY B 325 -35.33 -23.89 9.41
N ALA B 326 -34.65 -22.75 9.38
CA ALA B 326 -33.31 -22.67 8.82
C ALA B 326 -32.29 -23.22 9.83
N LYS B 327 -31.02 -23.17 9.44
CA LYS B 327 -29.92 -23.67 10.28
C LYS B 327 -28.72 -22.71 10.28
N PRO B 328 -27.77 -22.91 11.23
CA PRO B 328 -26.57 -22.07 11.34
C PRO B 328 -25.45 -22.36 10.32
N ASP B 329 -24.99 -21.30 9.67
CA ASP B 329 -23.92 -21.39 8.68
C ASP B 329 -22.60 -20.94 9.30
N GLY B 330 -21.54 -21.70 9.06
CA GLY B 330 -20.25 -21.36 9.63
C GLY B 330 -19.36 -20.42 8.85
N TYR B 331 -19.79 -19.99 7.65
CA TYR B 331 -18.99 -19.08 6.85
C TYR B 331 -18.60 -17.84 7.65
N TRP B 332 -19.56 -17.29 8.38
CA TRP B 332 -19.26 -16.09 9.14
C TRP B 332 -18.29 -16.36 10.30
N PRO B 333 -18.66 -17.28 11.23
CA PRO B 333 -17.71 -17.52 12.33
C PRO B 333 -16.33 -17.96 11.78
N SER B 334 -16.36 -18.77 10.72
CA SER B 334 -15.11 -19.23 10.11
C SER B 334 -14.18 -18.05 9.81
N ILE B 335 -14.42 -17.34 8.71
CA ILE B 335 -13.58 -16.19 8.37
C ILE B 335 -13.39 -15.32 9.61
N SER B 336 -14.41 -15.23 10.45
CA SER B 336 -14.32 -14.45 11.67
C SER B 336 -13.16 -14.96 12.52
N ARG B 337 -13.08 -16.29 12.67
CA ARG B 337 -12.01 -16.89 13.45
C ARG B 337 -10.68 -16.65 12.75
N LYS B 338 -10.69 -16.69 11.41
CA LYS B 338 -9.46 -16.46 10.66
C LYS B 338 -8.92 -15.05 10.88
N THR B 339 -9.79 -14.05 10.75
CA THR B 339 -9.38 -12.66 10.94
C THR B 339 -8.73 -12.43 12.31
N GLN B 340 -9.29 -13.02 13.36
CA GLN B 340 -8.75 -12.86 14.71
C GLN B 340 -7.35 -13.47 14.86
N LEU B 341 -7.11 -14.60 14.18
CA LEU B 341 -5.83 -15.29 14.24
C LEU B 341 -4.72 -14.42 13.69
N VAL B 342 -4.93 -13.87 12.50
CA VAL B 342 -3.90 -13.02 11.91
C VAL B 342 -3.67 -11.87 12.89
N VAL B 343 -4.74 -11.39 13.50
CA VAL B 343 -4.62 -10.31 14.46
C VAL B 343 -3.75 -10.74 15.65
N ASP B 344 -3.84 -12.00 16.04
CA ASP B 344 -3.04 -12.50 17.17
C ASP B 344 -1.59 -12.75 16.78
N ALA B 345 -1.39 -13.42 15.65
CA ALA B 345 -0.04 -13.71 15.18
C ALA B 345 0.69 -12.38 15.04
N VAL B 346 -0.03 -11.37 14.58
CA VAL B 346 0.56 -10.04 14.40
C VAL B 346 0.92 -9.43 15.74
N LYS B 347 0.44 -10.04 16.82
CA LYS B 347 0.70 -9.58 18.18
C LYS B 347 1.81 -10.44 18.79
N GLU B 348 1.75 -11.74 18.50
CA GLU B 348 2.73 -12.67 19.01
C GLU B 348 4.07 -12.47 18.30
N SER B 349 4.03 -11.90 17.09
CA SER B 349 5.25 -11.66 16.35
C SER B 349 6.03 -10.55 17.04
N VAL B 350 5.32 -9.49 17.44
CA VAL B 350 5.95 -8.38 18.14
C VAL B 350 6.45 -8.90 19.49
N ASP B 351 5.64 -9.71 20.17
CA ASP B 351 6.03 -10.27 21.46
C ASP B 351 7.33 -11.03 21.28
N LYS B 352 7.48 -11.73 20.16
CA LYS B 352 8.71 -12.46 19.90
C LYS B 352 9.69 -11.56 19.16
N ASN B 353 9.69 -10.28 19.53
CA ASN B 353 10.55 -9.29 18.92
C ASN B 353 10.57 -9.41 17.39
N TYR B 354 9.42 -9.12 16.79
CA TYR B 354 9.22 -9.17 15.35
C TYR B 354 9.70 -10.42 14.64
N GLN B 355 9.54 -11.58 15.27
CA GLN B 355 9.94 -12.83 14.63
C GLN B 355 8.82 -13.31 13.71
N GLN B 356 9.18 -14.08 12.71
CA GLN B 356 8.21 -14.62 11.78
C GLN B 356 7.39 -15.70 12.50
N ILE B 357 6.16 -15.36 12.87
CA ILE B 357 5.28 -16.29 13.57
C ILE B 357 4.62 -17.32 12.65
N SER B 358 4.66 -18.57 13.05
CA SER B 358 4.05 -19.66 12.27
C SER B 358 2.57 -19.69 12.58
N LEU B 359 1.79 -20.34 11.72
CA LEU B 359 0.34 -20.43 11.93
C LEU B 359 -0.19 -21.85 11.80
N SER B 360 0.70 -22.79 11.51
CA SER B 360 0.32 -24.20 11.36
C SER B 360 -0.41 -24.76 12.58
#